data_8V3W
#
_entry.id   8V3W
#
_cell.length_a   1.00
_cell.length_b   1.00
_cell.length_c   1.00
_cell.angle_alpha   90.00
_cell.angle_beta   90.00
_cell.angle_gamma   90.00
#
_symmetry.space_group_name_H-M   'P 1'
#
loop_
_entity.id
_entity.type
_entity.pdbx_description
1 polymer 'TRI-2 (CD1371)'
2 polymer 'TRI-1 (CD1372)'
3 polymer 'Spike (CD1369)'
4 polymer 'Tape measure protein (CD1366)'
5 polymer 'Tube tail (CD1367)'
6 polymer 'Sheath initiator (CD1370)'
7 polymer 'Sheath (CD1363)'
8 polymer 'Tube (CD1364)'
9 polymer 'Hub-Hydrolase (CD1368)'
#
loop_
_entity_poly.entity_id
_entity_poly.type
_entity_poly.pdbx_seq_one_letter_code
_entity_poly.pdbx_strand_id
1 'polypeptide(L)'
;MYSDQTYEVIKNRTLENINLDIYKGEGSFLNNMVSGNNLELSKIYLELSKMHKMAFIQDTYNQFLDKRVNEFGVYRKLGT
ESNGEVEFIGEKGTVINNGTIISYRDLLFVVIKDVTIGSEEGDNSPVQALEVGKKYNLPTNCEFKLVDNISGVTKITNTR
SFEGGTDIETDEELKERFYKIQRNQATSGNKAHYEEWALEVDGVYNVKVYPRWDGPGTVKVLIFGKNNQAVDTETIERCQ
QHIDEEKPIGPTITVVTPLPIEISISAVMKLEDGYTLDNVKESFLESINTYFRDIRGEIIYTKVMGILINTTGVHDLSNL
LINGSTDNITINEDKIPSVTTVNFSEVENQ
;
E,A,J,M,v,r,0,3,Y,U,e,h
2 'polypeptide(L)'
;MKLIDKLPSFDRNYIVEEIQGAYDTELNILKEDIDDTFNQLFVDTATWGLDMWEDILCIEKKELDFDTRRSNIKAKMRSR
GTSTIEVIKSICEAYTKSETDIKVYSDEFTFVLSFIANNCDYKTLLDCSDMIERVKPAHLLHYLEPIILDKSMVYCGGGM
VCSEEVKVHPYFEPIIKCSAVVNCGAGMISREEIKVYPLSIKCIENNCKINIAIANDTGVENVVVYPKSEVV
;
N,Q,4,6,i,l
3 'polypeptide(L)'
;MANPINEFIGIIREEGKYHNQPSFFIGKIKSKLPDLKIETNNIILEKEDILIDSWMIDRQLETFDTETNQEHQHEVKNPF
IDNFESGDMVIMFRIGEKFAVVSKLVSL
;
C,t,W
4 'polypeptide(L)'
;MGNVREEGINMYLTDNYTPKMNQIISVTDNFRRATVAVSLSTNVMASSIKNSIGSASNRVNSLNSSLRKVQTTASSVSST
MTKLSSSINAVSGVIGSLNGSIMRLAITIAMIIDYFNKLIQKKNEFNSNIMIILIFKAKSDEVEKTKNKLLGNLKKIGGK
IWNIVIKAKDMTKRVISSILGKLKQVEKRPYQGSINLKDMVSSAMGRILPKLMLFKNTFWSGVIAIKDMASGIISKVFPK
LRLFAGKVWSGAIAVKDMASGILGSIKGKISDLTNGATIGVAVKKGVDLLGQEQNQKVVLESVMKRNTGKVNQIDVDDYY
GSLVRMANDTPFDPEDVVAMGTKAKMISNITGGKKEKDITQAMVDVRALNMNTSSEQDVSAAFLSAAKGNMESLNTLVGE
NYKTFDEALEGISVKQMGLAKEMSNTIPGIISGAQTSINNGLKSIVKPFDDILGQGLKKIKTFIESGLGNLAGLSEKMAG
KIGNVMNGKIIIGNKYDQMQSRSVKNGKEFSDSTQYRISNEAEKRKMMVENKQERFENHAATMIGNAPKAIVNAGSTLLQ
NIDFTALIDSLLPVVNLVNNLLDSINNKSPIAQGLISIFGTIVTTAFQLIGPVVEAVSPIITRIFTFLGEYAPQINNFIE
TLGVIWKTVWETLGPLLETGWKIIEPILGAFFNILDKVCKIVKDICKWWQTMINKIKNGSITGTVLNLVEKSKKNYKDNP
YAGTKAGDSGKAYSGKKGNNAFGLNYVPYNDYQTRLHEGEMVLTKQEANQYRSRKNGGNINIAKLADTIVIREEADIEKI
TSKLVASIQLAQLGGVL
;
B,s,V
5 'polypeptide(L)'
;MEMWLRQAEDRFRFPVFPSSFSINGKAAVNSSSILKIGEIATFGGVALKSISISSFFPNKDYTFCDYTGFPSPYDCVNKI
EKWMKEGFILRFTITETNINMEVIIEGFSYEERDGTRDVYFTLDLKEYKRIKIPKVTPKQ
;
G,w,T,y,Z,o
6 'polypeptide(L)'
;MSTIFPFIGVPEDYILPKTEELPIFREVAWDFEKDEPILEKGDFKIIEKKEALKVWIYKCIKTNRYEHEIYSLEYGTELS
ELIGQKYTKGLTESEASRFIKEALLINPYILEVNVKSANFNRDILSANVKVSTIYGEVEINV
;
L,2,O,g,F,j
7 'polypeptide(L)'
;MAIGLPSINISFKELATTVKERSARGIIAMVLKDAKALGLNEIHEKEDIPVDLSAENKEYINLALMGNVNTPNKLLVYVI
EGEADIQTALDFLETKEFNYLCMPKAVEADKTAIKNWIIKLRDIDKVKVKAVLGKVVGNHEGIINFTTEDVLVGEKKYSV
DEFTSRVAGLIAGTPLSQSVTYTKLSDVVDIPKMTKVDAESRVNKGELILIKEAGAIRIARGVNSLTELTAEKGEMFQKI
KIVDTLDIIHSDIRKVIIDDYIGKVTNSYDNKCLLIVAIKSYLEELEKSALIESDSTVEIDFEAQKSYLKSKGVDLSYMT
LQEIKEANTGSKVFLKAKIKVLDAMEDIDLSIEI
;
c,D,S,K,AA,u,8,1,q,X,n,f
8 'polypeptide(L)'
;MANMEARNVMSGTWGELWLDGNKVAEVKKFQAKMEFTKEDIIIAGQMGTDTKYMGYKGKGSITLYHVSSRMHKLIGEKIK
RGSEPRFVAISKLNDPDSYGAERIAVKNIAFDDLTLADWEVGVKGEIEAPFTFTEYDFLDII
;
a,I,R,P,9,z,7,5,p,d,m,k
9 'polypeptide(L)'
;MIKIWVHIKNGSIYDITDIVDKVSWSGDYKSPSRTLEFSIIQSSFDNVFQQIDIPIASTVCFYVDEKELFRGMIINRSKD
SSSNEISFVSKDMGFLLTQSEVSYNFKDKLVEDIAKQVFAENRLSVGIIAKTNVKYTKMFIGVNGYDTIMSAYTEASKKT
KKKYMIEANLDKFNVIEKGTVTLSVMFEEGFNIINTTFSESMENVKNKVIVVDQYGSKISEKIDNEIFKEVNVIMQKVIQ
QQENQDVDIDSEFNGIEKSCSLKGYGDVSCITGRGVKVKDSYTKLVGLFYIDTDKHTWQNGEYQIELELNFQNLMDEKSA
GQDEPKEESNLGGEDYAGGKEFTAEFTAYCPRKEEGGDTDCRKKKLDPSKKTCAAPMVGKYEQTYYTKEFLNKHPLLNYG
DEIQVITGVSGRDGVYKVNDVGPAITIEKNGTYHIDILFGNVEEASKFGRRKGKIIIGGYSGNVSDKAKIVISEAKKHLG
KPYKWGGNGPSSFDCSGLMVYCFKKVNVSLPRTSNQQSKKGKKVEQKNLQAGDLVFFHNPVSHVGLYIGNGEFLHAPQKG
DVVKISKLSSRRDFNTARRVL
;
H,x,b
#
# COMPACT_ATOMS: atom_id res chain seq x y z
N MET A 1 -1.71 32.64 52.42
CA MET A 1 -2.22 33.54 53.44
C MET A 1 -3.71 33.25 53.68
N TYR A 2 -4.51 34.28 53.93
CA TYR A 2 -5.92 34.06 54.26
C TYR A 2 -6.65 33.38 53.12
N SER A 3 -6.40 33.80 51.88
CA SER A 3 -7.01 33.13 50.74
C SER A 3 -6.54 31.69 50.62
N ASP A 4 -5.24 31.45 50.88
CA ASP A 4 -4.69 30.11 50.76
C ASP A 4 -5.29 29.17 51.81
N GLN A 5 -5.55 29.67 53.02
CA GLN A 5 -6.08 28.81 54.07
C GLN A 5 -7.47 28.32 53.71
N THR A 6 -7.57 27.06 53.32
CA THR A 6 -8.83 26.48 52.87
C THR A 6 -9.06 25.16 53.59
N TYR A 7 -10.27 24.63 53.41
CA TYR A 7 -10.70 23.43 54.14
C TYR A 7 -9.74 22.27 53.90
N GLU A 8 -9.35 22.06 52.65
CA GLU A 8 -8.46 20.95 52.32
C GLU A 8 -7.10 21.11 52.99
N VAL A 9 -6.55 22.32 52.94
CA VAL A 9 -5.20 22.54 53.46
C VAL A 9 -5.19 22.42 54.98
N ILE A 10 -6.15 23.07 55.66
CA ILE A 10 -6.16 23.00 57.11
C ILE A 10 -6.47 21.59 57.57
N LYS A 11 -7.31 20.86 56.83
CA LYS A 11 -7.60 19.47 57.20
C LYS A 11 -6.36 18.60 57.07
N ASN A 12 -5.61 18.77 55.97
CA ASN A 12 -4.38 18.01 55.80
C ASN A 12 -3.39 18.32 56.92
N ARG A 13 -3.25 19.60 57.26
CA ARG A 13 -2.34 19.98 58.33
C ARG A 13 -2.78 19.39 59.68
N THR A 14 -4.08 19.44 59.96
CA THR A 14 -4.58 18.87 61.22
C THR A 14 -4.34 17.37 61.28
N LEU A 15 -4.57 16.67 60.18
CA LEU A 15 -4.38 15.22 60.18
C LEU A 15 -2.91 14.87 60.33
N GLU A 16 -2.02 15.67 59.75
CA GLU A 16 -0.60 15.42 59.93
C GLU A 16 -0.15 15.71 61.36
N ASN A 17 -0.71 16.74 61.99
CA ASN A 17 -0.30 17.07 63.35
C ASN A 17 -0.76 16.04 64.37
N ILE A 18 -1.91 15.41 64.15
CA ILE A 18 -2.40 14.38 65.06
C ILE A 18 -1.56 13.12 64.90
N ASN A 19 -1.22 12.50 66.03
CA ASN A 19 -0.35 11.33 66.05
C ASN A 19 -1.10 10.15 66.67
N LEU A 20 -1.67 9.29 65.83
CA LEU A 20 -2.22 8.01 66.24
C LEU A 20 -1.69 6.94 65.29
N ASP A 21 -1.98 5.69 65.63
CA ASP A 21 -1.60 4.55 64.81
C ASP A 21 -2.67 4.16 63.79
N ILE A 22 -3.87 4.72 63.89
CA ILE A 22 -5.00 4.35 63.05
C ILE A 22 -4.81 4.92 61.65
N TYR A 23 -5.69 4.51 60.74
CA TYR A 23 -5.60 4.92 59.34
C TYR A 23 -6.33 6.25 59.15
N LYS A 24 -5.70 7.16 58.41
CA LYS A 24 -6.23 8.51 58.21
C LYS A 24 -6.56 8.68 56.73
N GLY A 25 -7.83 8.57 56.40
CA GLY A 25 -8.27 8.71 55.02
C GLY A 25 -9.77 8.90 55.00
N GLU A 26 -10.31 9.06 53.80
CA GLU A 26 -11.74 9.29 53.65
C GLU A 26 -12.52 8.11 54.23
N GLY A 27 -13.45 8.41 55.13
CA GLY A 27 -14.26 7.40 55.75
C GLY A 27 -13.73 6.85 57.06
N SER A 28 -12.67 7.45 57.60
CA SER A 28 -12.10 7.01 58.87
C SER A 28 -12.82 7.68 60.03
N PHE A 29 -12.77 7.02 61.19
CA PHE A 29 -13.37 7.59 62.39
C PHE A 29 -12.66 8.88 62.78
N LEU A 30 -11.33 8.85 62.82
CA LEU A 30 -10.57 10.06 63.13
C LEU A 30 -10.82 11.14 62.08
N ASN A 31 -10.82 10.76 60.80
CA ASN A 31 -11.07 11.72 59.73
C ASN A 31 -12.48 12.29 59.85
N ASN A 32 -13.45 11.46 60.23
CA ASN A 32 -14.82 11.96 60.39
C ASN A 32 -14.90 12.97 61.53
N MET A 33 -14.24 12.69 62.66
CA MET A 33 -14.26 13.65 63.76
C MET A 33 -13.53 14.94 63.41
N VAL A 34 -12.39 14.85 62.73
CA VAL A 34 -11.60 16.05 62.43
C VAL A 34 -12.39 16.98 61.51
N SER A 35 -12.94 16.43 60.43
CA SER A 35 -13.79 17.21 59.55
C SER A 35 -15.08 17.59 60.27
N GLY A 36 -15.65 18.73 59.87
CA GLY A 36 -16.85 19.21 60.51
C GLY A 36 -16.61 20.48 61.29
N ASN A 37 -15.43 20.60 61.92
CA ASN A 37 -15.01 21.85 62.51
C ASN A 37 -14.03 22.62 61.64
N ASN A 38 -13.27 21.93 60.79
CA ASN A 38 -12.37 22.62 59.88
C ASN A 38 -13.14 23.40 58.82
N LEU A 39 -14.29 22.88 58.38
CA LEU A 39 -15.12 23.61 57.45
C LEU A 39 -15.60 24.92 58.04
N GLU A 40 -15.99 24.91 59.31
CA GLU A 40 -16.39 26.14 59.97
C GLU A 40 -15.22 27.10 60.12
N LEU A 41 -14.00 26.58 60.33
CA LEU A 41 -12.84 27.46 60.39
C LEU A 41 -12.60 28.13 59.04
N SER A 42 -12.76 27.37 57.95
CA SER A 42 -12.63 27.96 56.62
C SER A 42 -13.68 29.04 56.40
N LYS A 43 -14.90 28.80 56.89
CA LYS A 43 -15.93 29.84 56.81
C LYS A 43 -15.55 31.07 57.61
N ILE A 44 -14.97 30.88 58.80
CA ILE A 44 -14.62 31.98 59.69
C ILE A 44 -13.51 32.83 59.07
N TYR A 45 -12.58 32.19 58.36
CA TYR A 45 -11.47 32.93 57.76
C TYR A 45 -11.97 34.04 56.84
N LEU A 46 -13.07 33.81 56.13
CA LEU A 46 -13.56 34.82 55.19
C LEU A 46 -14.07 36.06 55.92
N GLU A 47 -14.82 35.88 57.01
CA GLU A 47 -15.24 37.02 57.80
C GLU A 47 -14.04 37.74 58.41
N LEU A 48 -13.04 36.97 58.84
CA LEU A 48 -11.82 37.58 59.36
C LEU A 48 -11.16 38.46 58.30
N SER A 49 -11.15 37.99 57.05
CA SER A 49 -10.64 38.82 55.96
C SER A 49 -11.48 40.07 55.78
N LYS A 50 -12.81 39.93 55.83
CA LYS A 50 -13.69 41.05 55.55
C LYS A 50 -13.59 42.16 56.60
N MET A 51 -13.27 41.80 57.84
CA MET A 51 -13.36 42.77 58.93
C MET A 51 -12.51 44.02 58.70
N HIS A 52 -11.30 43.86 58.15
CA HIS A 52 -10.45 45.01 57.89
C HIS A 52 -11.07 45.97 56.88
N LYS A 53 -11.63 45.43 55.79
CA LYS A 53 -12.30 46.31 54.84
C LYS A 53 -13.55 46.93 55.47
N MET A 54 -14.16 46.23 56.43
CA MET A 54 -15.28 46.82 57.17
C MET A 54 -14.84 48.06 57.94
N ALA A 55 -13.67 48.00 58.58
CA ALA A 55 -13.32 49.00 59.58
C ALA A 55 -13.03 50.37 58.95
N PHE A 56 -12.24 50.41 57.89
CA PHE A 56 -11.61 51.66 57.47
C PHE A 56 -12.62 52.61 56.82
N ILE A 57 -12.15 53.79 56.45
CA ILE A 57 -13.03 54.84 55.95
C ILE A 57 -13.08 54.93 54.43
N GLN A 58 -12.09 54.36 53.72
CA GLN A 58 -12.11 54.42 52.26
C GLN A 58 -13.29 53.64 51.71
N ASP A 59 -13.59 52.48 52.30
CA ASP A 59 -14.69 51.61 51.87
C ASP A 59 -15.44 51.16 53.11
N THR A 60 -16.48 51.90 53.50
CA THR A 60 -17.23 51.58 54.72
C THR A 60 -18.74 51.31 54.57
N TYR A 61 -19.22 51.19 53.35
CA TYR A 61 -20.66 50.97 53.07
C TYR A 61 -21.42 52.21 53.53
N ASN A 62 -22.53 52.08 54.26
CA ASN A 62 -23.43 53.18 54.56
C ASN A 62 -23.53 53.51 56.04
N GLN A 63 -23.79 52.51 56.90
CA GLN A 63 -23.97 52.82 58.31
C GLN A 63 -22.65 52.94 59.06
N PHE A 64 -21.68 52.08 58.75
CA PHE A 64 -20.37 52.20 59.39
C PHE A 64 -19.68 53.47 58.94
N LEU A 65 -19.85 53.85 57.67
CA LEU A 65 -19.33 55.13 57.20
C LEU A 65 -19.93 56.27 58.00
N ASP A 66 -21.23 56.20 58.26
CA ASP A 66 -21.90 57.24 59.04
C ASP A 66 -21.33 57.31 60.46
N LYS A 67 -21.11 56.16 61.09
CA LYS A 67 -20.54 56.15 62.43
C LYS A 67 -19.13 56.76 62.44
N ARG A 68 -18.30 56.35 61.49
CA ARG A 68 -16.91 56.81 61.49
C ARG A 68 -16.82 58.29 61.17
N VAL A 69 -17.70 58.81 60.31
CA VAL A 69 -17.68 60.25 60.06
C VAL A 69 -18.26 61.01 61.24
N ASN A 70 -19.27 60.45 61.92
CA ASN A 70 -19.80 61.09 63.12
C ASN A 70 -18.74 61.17 64.21
N GLU A 71 -17.80 60.23 64.22
CA GLU A 71 -16.69 60.32 65.17
C GLU A 71 -15.93 61.63 65.00
N PHE A 72 -15.64 62.01 63.75
CA PHE A 72 -14.97 63.27 63.49
C PHE A 72 -15.90 64.47 63.66
N GLY A 73 -17.19 64.30 63.40
CA GLY A 73 -18.16 65.37 63.54
C GLY A 73 -18.91 65.73 62.28
N VAL A 74 -18.50 65.22 61.12
CA VAL A 74 -19.20 65.50 59.87
C VAL A 74 -20.48 64.67 59.82
N TYR A 75 -21.54 65.25 59.25
CA TYR A 75 -22.83 64.61 59.19
C TYR A 75 -23.31 64.49 57.74
N ARG A 76 -24.01 63.41 57.45
CA ARG A 76 -24.55 63.22 56.11
C ARG A 76 -25.74 64.13 55.87
N LYS A 77 -25.77 64.74 54.69
CA LYS A 77 -26.85 65.65 54.35
C LYS A 77 -28.16 64.89 54.16
N LEU A 78 -29.23 65.45 54.71
CA LEU A 78 -30.56 64.87 54.59
C LEU A 78 -31.32 65.37 53.37
N GLY A 79 -30.74 66.28 52.60
CA GLY A 79 -31.39 66.79 51.42
C GLY A 79 -32.45 67.84 51.75
N THR A 80 -33.11 68.32 50.69
CA THR A 80 -34.16 69.31 50.82
C THR A 80 -35.28 68.99 49.84
N GLU A 81 -36.50 69.20 50.29
CA GLU A 81 -37.66 68.99 49.42
C GLU A 81 -37.75 70.08 48.37
N SER A 82 -38.52 69.80 47.31
CA SER A 82 -38.74 70.76 46.24
C SER A 82 -39.92 71.66 46.56
N ASN A 83 -39.79 72.95 46.25
CA ASN A 83 -40.81 73.94 46.52
C ASN A 83 -41.24 74.61 45.22
N GLY A 84 -42.55 74.84 45.09
CA GLY A 84 -43.09 75.46 43.89
C GLY A 84 -44.46 76.06 44.17
N GLU A 85 -45.01 76.69 43.14
CA GLU A 85 -46.30 77.35 43.22
C GLU A 85 -47.18 76.88 42.07
N VAL A 86 -48.42 76.50 42.39
CA VAL A 86 -49.37 76.00 41.42
C VAL A 86 -50.56 76.94 41.36
N GLU A 87 -51.45 76.69 40.40
CA GLU A 87 -52.65 77.48 40.20
C GLU A 87 -53.87 76.57 40.30
N PHE A 88 -54.93 77.08 40.92
CA PHE A 88 -56.15 76.32 41.16
C PHE A 88 -57.28 76.88 40.32
N ILE A 89 -58.02 76.00 39.64
CA ILE A 89 -59.08 76.37 38.74
C ILE A 89 -60.34 75.59 39.11
N GLY A 90 -61.47 76.28 39.22
CA GLY A 90 -62.71 75.60 39.53
C GLY A 90 -63.82 76.57 39.90
N GLU A 91 -64.73 76.10 40.73
CA GLU A 91 -65.84 76.92 41.20
C GLU A 91 -65.34 78.07 42.06
N LYS A 92 -65.89 79.25 41.81
CA LYS A 92 -65.51 80.42 42.60
C LYS A 92 -66.08 80.32 44.02
N GLY A 93 -65.28 80.74 45.00
CA GLY A 93 -65.66 80.67 46.39
C GLY A 93 -65.23 79.41 47.11
N THR A 94 -64.74 78.41 46.40
CA THR A 94 -64.26 77.20 47.04
C THR A 94 -63.02 77.50 47.86
N VAL A 95 -62.96 76.94 49.06
CA VAL A 95 -61.88 77.19 50.01
C VAL A 95 -61.11 75.90 50.24
N ILE A 96 -59.80 75.95 50.07
CA ILE A 96 -58.91 74.83 50.34
C ILE A 96 -58.00 75.22 51.48
N ASN A 97 -58.03 74.45 52.56
CA ASN A 97 -57.25 74.76 53.75
C ASN A 97 -55.83 74.20 53.64
N ASN A 98 -54.96 74.69 54.52
CA ASN A 98 -53.58 74.23 54.54
C ASN A 98 -53.51 72.77 54.99
N GLY A 99 -52.49 72.07 54.48
CA GLY A 99 -52.32 70.66 54.76
C GLY A 99 -52.93 69.73 53.75
N THR A 100 -53.68 70.25 52.79
CA THR A 100 -54.26 69.40 51.75
C THR A 100 -53.16 68.79 50.90
N ILE A 101 -53.38 67.55 50.46
CA ILE A 101 -52.38 66.78 49.74
C ILE A 101 -52.79 66.66 48.27
N ILE A 102 -51.86 66.98 47.38
CA ILE A 102 -52.05 66.87 45.94
C ILE A 102 -51.00 65.92 45.40
N SER A 103 -51.30 65.30 44.25
CA SER A 103 -50.43 64.28 43.69
C SER A 103 -50.35 64.43 42.18
N TYR A 104 -49.13 64.26 41.68
CA TYR A 104 -48.82 64.24 40.27
C TYR A 104 -48.10 62.89 40.18
N ARG A 105 -48.54 62.02 39.27
CA ARG A 105 -47.98 60.68 39.12
C ARG A 105 -48.02 59.95 40.47
N ASP A 106 -46.88 59.38 40.87
CA ASP A 106 -46.80 58.65 42.14
C ASP A 106 -46.24 59.53 43.28
N LEU A 107 -45.94 60.78 42.96
CA LEU A 107 -45.38 61.71 43.93
C LEU A 107 -46.50 62.36 44.73
N LEU A 108 -46.13 62.89 45.89
CA LEU A 108 -47.09 63.51 46.80
C LEU A 108 -46.60 64.91 47.18
N PHE A 109 -47.53 65.85 47.20
CA PHE A 109 -47.22 67.24 47.52
C PHE A 109 -48.26 67.77 48.50
N VAL A 110 -47.87 68.81 49.23
CA VAL A 110 -48.72 69.39 50.28
C VAL A 110 -48.88 70.88 50.00
N VAL A 111 -50.09 71.39 50.27
CA VAL A 111 -50.39 72.81 50.16
C VAL A 111 -50.05 73.49 51.48
N ILE A 112 -49.39 74.64 51.39
CA ILE A 112 -48.91 75.36 52.57
C ILE A 112 -49.88 76.47 52.98
N LYS A 113 -50.24 77.33 52.04
CA LYS A 113 -51.06 78.51 52.34
C LYS A 113 -52.45 78.35 51.75
N ASP A 114 -53.45 78.83 52.48
CA ASP A 114 -54.83 78.72 52.03
C ASP A 114 -55.06 79.60 50.81
N VAL A 115 -55.82 79.09 49.85
CA VAL A 115 -56.21 79.83 48.66
C VAL A 115 -57.70 79.63 48.42
N THR A 116 -58.38 80.70 48.03
CA THR A 116 -59.79 80.64 47.67
C THR A 116 -59.91 80.91 46.17
N ILE A 117 -60.60 80.02 45.46
CA ILE A 117 -60.69 80.12 44.01
C ILE A 117 -61.51 81.35 43.64
N GLY A 118 -60.92 82.23 42.84
CA GLY A 118 -61.54 83.48 42.49
C GLY A 118 -61.34 84.61 43.48
N SER A 119 -60.62 84.36 44.57
CA SER A 119 -60.41 85.40 45.57
C SER A 119 -59.44 86.46 45.06
N GLU A 120 -59.53 87.65 45.66
CA GLU A 120 -58.72 88.78 45.22
C GLU A 120 -57.23 88.55 45.45
N GLU A 121 -56.85 87.65 46.36
CA GLU A 121 -55.44 87.37 46.60
C GLU A 121 -54.81 86.56 45.48
N GLY A 122 -55.61 85.99 44.59
CA GLY A 122 -55.11 85.15 43.51
C GLY A 122 -55.48 83.69 43.73
N ASP A 123 -55.13 82.89 42.73
CA ASP A 123 -55.41 81.45 42.73
C ASP A 123 -54.13 80.62 42.82
N ASN A 124 -53.06 81.17 43.38
CA ASN A 124 -51.78 80.51 43.46
C ASN A 124 -51.37 80.33 44.91
N SER A 125 -50.95 79.10 45.26
CA SER A 125 -50.54 78.76 46.61
C SER A 125 -49.20 78.05 46.60
N PRO A 126 -48.33 78.33 47.56
CA PRO A 126 -47.05 77.61 47.61
C PRO A 126 -47.27 76.13 47.87
N VAL A 127 -46.40 75.32 47.26
CA VAL A 127 -46.47 73.86 47.37
C VAL A 127 -45.07 73.34 47.68
N GLN A 128 -44.98 72.45 48.66
CA GLN A 128 -43.73 71.84 49.08
C GLN A 128 -43.81 70.33 48.93
N ALA A 129 -42.74 69.72 48.43
CA ALA A 129 -42.70 68.28 48.26
C ALA A 129 -42.67 67.58 49.60
N LEU A 130 -43.40 66.46 49.71
CA LEU A 130 -43.48 65.76 50.98
C LEU A 130 -42.14 65.10 51.34
N GLU A 131 -41.50 64.45 50.38
CA GLU A 131 -40.23 63.78 50.59
C GLU A 131 -39.11 64.55 49.88
N VAL A 132 -37.88 64.12 50.13
CA VAL A 132 -36.71 64.71 49.53
C VAL A 132 -36.29 63.86 48.32
N GLY A 133 -35.69 64.51 47.35
CA GLY A 133 -35.23 63.85 46.14
C GLY A 133 -35.34 64.76 44.94
N LYS A 134 -34.43 64.57 43.99
CA LYS A 134 -34.46 65.34 42.75
C LYS A 134 -35.65 65.00 41.88
N LYS A 135 -36.28 63.84 42.11
CA LYS A 135 -37.46 63.47 41.34
C LYS A 135 -38.64 64.38 41.63
N TYR A 136 -38.58 65.19 42.69
CA TYR A 136 -39.65 66.10 43.05
C TYR A 136 -39.53 67.44 42.35
N ASN A 137 -38.50 67.65 41.52
CA ASN A 137 -38.34 68.90 40.77
C ASN A 137 -39.17 68.82 39.49
N LEU A 138 -40.49 68.94 39.67
CA LEU A 138 -41.39 68.88 38.54
C LEU A 138 -41.18 70.08 37.62
N PRO A 139 -41.21 69.87 36.30
CA PRO A 139 -41.06 71.00 35.37
C PRO A 139 -42.32 71.83 35.27
N THR A 140 -42.33 72.82 34.38
CA THR A 140 -43.52 73.61 34.15
C THR A 140 -44.59 72.78 33.46
N ASN A 141 -45.84 73.23 33.60
CA ASN A 141 -47.00 72.60 32.97
C ASN A 141 -47.20 71.17 33.49
N CYS A 142 -47.42 71.08 34.80
CA CYS A 142 -47.78 69.82 35.46
C CYS A 142 -49.21 69.92 35.97
N GLU A 143 -50.03 68.94 35.60
CA GLU A 143 -51.47 68.95 35.89
C GLU A 143 -51.70 68.05 37.11
N PHE A 144 -51.84 68.67 38.27
CA PHE A 144 -51.92 67.94 39.53
C PHE A 144 -53.32 67.40 39.77
N LYS A 145 -53.42 66.47 40.72
CA LYS A 145 -54.69 65.88 41.12
C LYS A 145 -54.76 65.80 42.64
N LEU A 146 -55.91 66.16 43.19
CA LEU A 146 -56.11 66.12 44.63
C LEU A 146 -56.15 64.66 45.10
N VAL A 147 -55.35 64.36 46.12
CA VAL A 147 -55.39 63.03 46.72
C VAL A 147 -56.74 62.80 47.40
N ASP A 148 -57.23 63.80 48.13
CA ASP A 148 -58.54 63.75 48.76
C ASP A 148 -59.47 64.69 48.01
N ASN A 149 -60.59 64.16 47.54
CA ASN A 149 -61.50 64.93 46.70
C ASN A 149 -62.09 66.10 47.47
N ILE A 150 -62.06 67.28 46.84
CA ILE A 150 -62.68 68.49 47.39
C ILE A 150 -63.58 69.05 46.31
N SER A 151 -64.87 69.20 46.62
CA SER A 151 -65.83 69.68 45.63
C SER A 151 -65.54 71.11 45.24
N GLY A 152 -65.84 71.45 44.00
CA GLY A 152 -65.63 72.78 43.47
C GLY A 152 -64.28 73.01 42.83
N VAL A 153 -63.34 72.07 42.98
CA VAL A 153 -62.03 72.17 42.35
C VAL A 153 -62.04 71.30 41.11
N THR A 154 -61.66 71.88 39.98
CA THR A 154 -61.65 71.18 38.70
C THR A 154 -60.25 70.89 38.19
N LYS A 155 -59.38 71.90 38.13
CA LYS A 155 -58.06 71.75 37.54
C LYS A 155 -57.01 72.38 38.45
N ILE A 156 -55.91 71.67 38.64
CA ILE A 156 -54.75 72.17 39.37
C ILE A 156 -53.54 72.06 38.45
N THR A 157 -52.85 73.18 38.25
CA THR A 157 -51.66 73.21 37.40
C THR A 157 -50.74 74.31 37.89
N ASN A 158 -49.46 74.19 37.52
CA ASN A 158 -48.44 75.12 37.95
C ASN A 158 -47.97 75.97 36.78
N THR A 159 -47.63 77.22 37.06
CA THR A 159 -47.12 78.15 36.05
C THR A 159 -45.60 78.26 36.05
N ARG A 160 -44.93 77.85 37.12
CA ARG A 160 -43.48 77.86 37.21
C ARG A 160 -42.97 76.50 37.64
N SER A 161 -41.76 76.17 37.19
CA SER A 161 -41.17 74.88 37.49
C SER A 161 -40.83 74.77 38.97
N PHE A 162 -41.07 73.59 39.54
CA PHE A 162 -40.65 73.33 40.91
C PHE A 162 -39.13 73.24 40.99
N GLU A 163 -38.57 73.81 42.06
CA GLU A 163 -37.13 73.74 42.31
C GLU A 163 -36.90 73.50 43.80
N GLY A 164 -35.65 73.24 44.14
CA GLY A 164 -35.24 73.02 45.51
C GLY A 164 -35.06 71.57 45.91
N GLY A 165 -35.53 70.63 45.08
CA GLY A 165 -35.40 69.22 45.42
C GLY A 165 -33.95 68.78 45.34
N THR A 166 -33.50 68.08 46.37
CA THR A 166 -32.13 67.57 46.45
C THR A 166 -32.15 66.14 46.97
N ASP A 167 -31.08 65.42 46.68
CA ASP A 167 -30.95 64.02 47.07
C ASP A 167 -30.03 63.88 48.29
N ILE A 168 -30.07 62.70 48.90
CA ILE A 168 -29.17 62.38 49.99
C ILE A 168 -27.76 62.18 49.45
N GLU A 169 -26.76 62.60 50.22
CA GLU A 169 -25.39 62.55 49.74
C GLU A 169 -24.90 61.11 49.61
N THR A 170 -24.32 60.78 48.46
CA THR A 170 -23.78 59.45 48.23
C THR A 170 -22.48 59.25 48.99
N ASP A 171 -22.04 58.00 49.05
CA ASP A 171 -20.85 57.66 49.83
C ASP A 171 -19.60 58.31 49.27
N GLU A 172 -19.45 58.30 47.94
CA GLU A 172 -18.26 58.91 47.33
C GLU A 172 -18.20 60.40 47.61
N GLU A 173 -19.34 61.09 47.51
CA GLU A 173 -19.36 62.52 47.78
C GLU A 173 -18.98 62.82 49.23
N LEU A 174 -19.55 62.06 50.17
CA LEU A 174 -19.24 62.29 51.58
C LEU A 174 -17.77 62.01 51.88
N LYS A 175 -17.22 60.94 51.31
CA LYS A 175 -15.81 60.63 51.53
C LYS A 175 -14.92 61.72 50.97
N GLU A 176 -15.23 62.20 49.76
CA GLU A 176 -14.42 63.27 49.16
C GLU A 176 -14.51 64.54 50.00
N ARG A 177 -15.71 64.88 50.47
CA ARG A 177 -15.86 66.07 51.31
C ARG A 177 -15.07 65.92 52.61
N PHE A 178 -15.10 64.75 53.22
CA PHE A 178 -14.36 64.54 54.47
C PHE A 178 -12.86 64.67 54.23
N TYR A 179 -12.36 64.06 53.16
CA TYR A 179 -10.93 64.15 52.88
C TYR A 179 -10.53 65.59 52.57
N LYS A 180 -11.36 66.30 51.82
CA LYS A 180 -11.08 67.69 51.50
C LYS A 180 -11.02 68.54 52.77
N ILE A 181 -11.98 68.35 53.67
CA ILE A 181 -11.98 69.12 54.91
C ILE A 181 -10.75 68.80 55.74
N GLN A 182 -10.43 67.51 55.90
CA GLN A 182 -9.36 67.13 56.80
C GLN A 182 -7.99 67.52 56.27
N ARG A 183 -7.79 67.42 54.95
CA ARG A 183 -6.49 67.76 54.38
C ARG A 183 -6.14 69.22 54.59
N ASN A 184 -7.12 70.11 54.44
CA ASN A 184 -6.85 71.54 54.55
C ASN A 184 -6.50 71.93 55.98
N GLN A 185 -5.50 72.80 56.11
CA GLN A 185 -5.10 73.38 57.39
C GLN A 185 -5.26 74.90 57.31
N ALA A 186 -5.92 75.47 58.32
CA ALA A 186 -6.25 76.89 58.29
C ALA A 186 -5.86 77.55 59.59
N THR A 187 -5.07 78.62 59.50
CA THR A 187 -4.84 79.55 60.59
C THR A 187 -5.65 80.81 60.29
N SER A 188 -6.72 80.99 61.04
CA SER A 188 -7.71 82.03 60.75
C SER A 188 -7.26 83.43 61.16
N GLY A 189 -6.00 83.60 61.55
CA GLY A 189 -5.55 84.87 62.09
C GLY A 189 -5.12 85.92 61.09
N ASN A 190 -4.13 85.61 60.25
CA ASN A 190 -3.49 86.61 59.42
C ASN A 190 -4.47 87.23 58.42
N LYS A 191 -4.17 88.48 58.05
CA LYS A 191 -5.04 89.23 57.15
C LYS A 191 -5.09 88.63 55.76
N ALA A 192 -3.96 88.11 55.26
CA ALA A 192 -3.92 87.59 53.90
C ALA A 192 -4.91 86.43 53.71
N HIS A 193 -5.25 85.73 54.79
CA HIS A 193 -6.19 84.63 54.68
C HIS A 193 -7.60 85.10 54.34
N TYR A 194 -8.01 86.26 54.85
CA TYR A 194 -9.32 86.80 54.47
C TYR A 194 -9.37 87.08 52.97
N GLU A 195 -8.31 87.70 52.43
CA GLU A 195 -8.23 87.92 50.99
C GLU A 195 -8.24 86.59 50.25
N GLU A 196 -7.56 85.59 50.81
CA GLU A 196 -7.53 84.27 50.18
C GLU A 196 -8.93 83.67 50.09
N TRP A 197 -9.67 83.66 51.20
CA TRP A 197 -11.00 83.06 51.17
C TRP A 197 -11.92 83.85 50.24
N ALA A 198 -11.83 85.18 50.28
CA ALA A 198 -12.65 85.99 49.39
C ALA A 198 -12.34 85.71 47.92
N LEU A 199 -11.05 85.54 47.60
CA LEU A 199 -10.66 85.24 46.22
C LEU A 199 -11.03 83.83 45.80
N GLU A 200 -11.15 82.89 46.75
CA GLU A 200 -11.59 81.55 46.41
C GLU A 200 -12.97 81.58 45.79
N VAL A 201 -13.85 82.45 46.29
CA VAL A 201 -15.22 82.51 45.82
C VAL A 201 -15.27 83.00 44.38
N ASP A 202 -16.27 82.53 43.63
CA ASP A 202 -16.36 82.76 42.20
C ASP A 202 -16.75 84.22 41.92
N GLY A 203 -16.37 84.69 40.73
CA GLY A 203 -16.70 86.03 40.29
C GLY A 203 -15.87 87.13 40.89
N VAL A 204 -14.81 86.80 41.60
CA VAL A 204 -14.00 87.78 42.31
C VAL A 204 -12.60 87.78 41.69
N TYR A 205 -12.10 88.97 41.39
CA TYR A 205 -10.81 89.13 40.75
C TYR A 205 -9.88 90.07 41.50
N ASN A 206 -10.35 90.75 42.54
CA ASN A 206 -9.50 91.55 43.42
C ASN A 206 -10.22 91.71 44.75
N VAL A 207 -9.44 91.77 45.82
CA VAL A 207 -10.00 91.87 47.17
C VAL A 207 -9.18 92.86 47.98
N LYS A 208 -9.87 93.70 48.75
CA LYS A 208 -9.25 94.56 49.75
C LYS A 208 -9.90 94.30 51.09
N VAL A 209 -9.07 94.25 52.14
CA VAL A 209 -9.52 93.96 53.49
C VAL A 209 -9.21 95.17 54.37
N TYR A 210 -10.20 95.62 55.13
CA TYR A 210 -10.03 96.78 56.00
C TYR A 210 -10.03 96.36 57.46
N PRO A 211 -8.88 96.32 58.12
CA PRO A 211 -8.86 96.01 59.55
C PRO A 211 -9.27 97.22 60.38
N ARG A 212 -10.07 96.96 61.42
CA ARG A 212 -10.44 97.97 62.41
C ARG A 212 -11.18 99.14 61.77
N TRP A 213 -12.27 98.80 61.06
CA TRP A 213 -13.04 99.79 60.33
C TRP A 213 -14.26 100.29 61.10
N ASP A 214 -14.86 99.46 61.94
CA ASP A 214 -16.06 99.83 62.68
C ASP A 214 -15.93 99.42 64.15
N GLY A 215 -14.79 99.76 64.76
CA GLY A 215 -14.52 99.40 66.13
C GLY A 215 -13.68 98.16 66.24
N PRO A 216 -13.37 97.74 67.47
CA PRO A 216 -12.55 96.55 67.66
C PRO A 216 -13.25 95.29 67.15
N GLY A 217 -12.46 94.35 66.65
CA GLY A 217 -12.98 93.10 66.15
C GLY A 217 -13.86 93.23 64.92
N THR A 218 -13.47 94.10 63.99
CA THR A 218 -14.22 94.32 62.75
C THR A 218 -13.29 94.16 61.57
N VAL A 219 -13.75 93.44 60.56
CA VAL A 219 -13.04 93.29 59.29
C VAL A 219 -14.00 93.62 58.17
N LYS A 220 -13.61 94.55 57.31
CA LYS A 220 -14.36 94.89 56.12
C LYS A 220 -13.60 94.41 54.90
N VAL A 221 -14.29 93.71 53.99
CA VAL A 221 -13.68 93.10 52.83
C VAL A 221 -14.27 93.73 51.57
N LEU A 222 -13.39 94.13 50.65
CA LEU A 222 -13.78 94.81 49.42
C LEU A 222 -13.43 93.90 48.24
N ILE A 223 -14.39 93.09 47.82
CA ILE A 223 -14.22 92.25 46.66
C ILE A 223 -14.57 93.05 45.41
N PHE A 224 -14.03 92.61 44.27
CA PHE A 224 -14.26 93.27 43.00
C PHE A 224 -14.63 92.23 41.94
N GLY A 225 -15.37 92.68 40.93
CA GLY A 225 -15.70 91.84 39.79
C GLY A 225 -14.56 91.81 38.80
N LYS A 226 -14.91 91.47 37.55
CA LYS A 226 -13.92 91.48 36.48
C LYS A 226 -13.54 92.91 36.12
N ASN A 227 -12.24 93.16 36.03
CA ASN A 227 -11.69 94.46 35.67
C ASN A 227 -12.22 95.54 36.62
N ASN A 228 -12.14 95.23 37.92
CA ASN A 228 -12.47 96.19 38.98
C ASN A 228 -13.88 96.77 38.81
N GLN A 229 -14.84 95.92 38.48
CA GLN A 229 -16.24 96.32 38.39
C GLN A 229 -17.00 95.87 39.62
N ALA A 230 -18.19 96.48 39.79
CA ALA A 230 -19.05 96.13 40.91
C ALA A 230 -19.61 94.72 40.74
N VAL A 231 -19.68 93.99 41.84
CA VAL A 231 -20.19 92.64 41.84
C VAL A 231 -21.70 92.67 42.09
N ASP A 232 -22.37 91.60 41.68
CA ASP A 232 -23.81 91.49 41.89
C ASP A 232 -24.11 91.20 43.35
N THR A 233 -25.38 91.39 43.72
CA THR A 233 -25.80 91.16 45.10
C THR A 233 -25.60 89.71 45.51
N GLU A 234 -25.89 88.78 44.60
CA GLU A 234 -25.72 87.35 44.90
C GLU A 234 -24.26 87.01 45.15
N THR A 235 -23.34 87.62 44.39
CA THR A 235 -21.92 87.38 44.62
C THR A 235 -21.50 87.88 46.00
N ILE A 236 -22.01 89.04 46.41
CA ILE A 236 -21.74 89.56 47.74
C ILE A 236 -22.25 88.57 48.80
N GLU A 237 -23.46 88.06 48.60
CA GLU A 237 -24.04 87.13 49.57
C GLU A 237 -23.22 85.85 49.65
N ARG A 238 -22.88 85.27 48.50
CA ARG A 238 -22.16 84.00 48.50
C ARG A 238 -20.75 84.17 49.08
N CYS A 239 -20.09 85.29 48.80
CA CYS A 239 -18.83 85.60 49.47
C CYS A 239 -19.02 85.71 50.97
N GLN A 240 -20.11 86.36 51.39
CA GLN A 240 -20.40 86.52 52.82
C GLN A 240 -20.52 85.17 53.51
N GLN A 241 -21.35 84.28 52.95
CA GLN A 241 -21.51 82.96 53.56
C GLN A 241 -20.20 82.16 53.51
N HIS A 242 -19.43 82.28 52.42
CA HIS A 242 -18.18 81.53 52.35
C HIS A 242 -17.22 81.94 53.47
N ILE A 243 -16.97 83.24 53.61
CA ILE A 243 -16.04 83.67 54.65
C ILE A 243 -16.65 83.45 56.03
N ASP A 244 -17.98 83.48 56.14
CA ASP A 244 -18.62 83.19 57.42
C ASP A 244 -18.37 81.76 57.86
N GLU A 245 -18.49 80.81 56.92
CA GLU A 245 -18.13 79.43 57.24
C GLU A 245 -16.63 79.23 57.32
N GLU A 246 -15.84 80.21 56.91
CA GLU A 246 -14.39 80.11 57.03
C GLU A 246 -13.79 81.00 58.12
N LYS A 247 -14.60 81.84 58.76
CA LYS A 247 -14.07 82.76 59.77
C LYS A 247 -14.08 82.13 61.15
N PRO A 248 -13.21 82.60 62.05
CA PRO A 248 -13.28 82.15 63.44
C PRO A 248 -14.34 82.90 64.22
N ILE A 249 -14.38 82.70 65.52
CA ILE A 249 -15.35 83.35 66.39
C ILE A 249 -14.78 84.69 66.85
N GLY A 250 -15.64 85.70 66.89
CA GLY A 250 -15.29 86.97 67.51
C GLY A 250 -15.31 88.21 66.64
N PRO A 251 -14.76 88.16 65.40
CA PRO A 251 -14.81 89.35 64.56
C PRO A 251 -16.05 89.42 63.69
N THR A 252 -16.78 90.54 63.77
CA THR A 252 -17.93 90.74 62.91
C THR A 252 -17.48 91.10 61.50
N ILE A 253 -18.30 90.73 60.52
CA ILE A 253 -17.90 90.74 59.11
C ILE A 253 -18.93 91.49 58.29
N THR A 254 -18.46 92.42 57.46
CA THR A 254 -19.28 93.12 56.48
C THR A 254 -18.56 93.14 55.14
N VAL A 255 -19.31 92.85 54.07
CA VAL A 255 -18.79 92.88 52.72
C VAL A 255 -19.68 93.79 51.89
N VAL A 256 -19.06 94.63 51.07
CA VAL A 256 -19.78 95.64 50.30
C VAL A 256 -19.28 95.60 48.85
N THR A 257 -19.80 96.51 48.05
CA THR A 257 -19.57 96.59 46.62
C THR A 257 -19.22 98.02 46.25
N PRO A 258 -18.58 98.24 45.09
CA PRO A 258 -18.30 99.61 44.66
C PRO A 258 -19.56 100.45 44.51
N LEU A 259 -19.42 101.74 44.81
CA LEU A 259 -20.51 102.70 44.71
C LEU A 259 -20.13 103.82 43.75
N PRO A 260 -20.98 104.17 42.79
CA PRO A 260 -20.58 105.10 41.73
C PRO A 260 -20.48 106.55 42.21
N ILE A 261 -19.74 107.33 41.43
CA ILE A 261 -19.57 108.76 41.68
C ILE A 261 -20.21 109.53 40.54
N GLU A 262 -20.75 110.71 40.87
CA GLU A 262 -21.46 111.55 39.91
C GLU A 262 -20.47 112.49 39.24
N ILE A 263 -20.41 112.44 37.92
CA ILE A 263 -19.52 113.30 37.13
C ILE A 263 -20.37 114.11 36.16
N SER A 264 -20.27 115.44 36.25
CA SER A 264 -20.95 116.36 35.36
C SER A 264 -19.92 117.09 34.52
N ILE A 265 -20.14 117.13 33.20
CA ILE A 265 -19.20 117.75 32.28
C ILE A 265 -19.90 118.89 31.56
N SER A 266 -19.09 119.83 31.06
CA SER A 266 -19.61 121.00 30.38
C SER A 266 -18.49 121.61 29.54
N ALA A 267 -18.84 122.04 28.33
CA ALA A 267 -17.86 122.65 27.44
C ALA A 267 -18.58 123.48 26.40
N VAL A 268 -17.83 124.35 25.74
CA VAL A 268 -18.30 125.14 24.61
C VAL A 268 -17.48 124.72 23.39
N MET A 269 -18.15 124.20 22.37
CA MET A 269 -17.47 123.65 21.21
C MET A 269 -18.12 124.15 19.94
N LYS A 270 -17.33 124.16 18.87
CA LYS A 270 -17.81 124.46 17.53
C LYS A 270 -17.98 123.15 16.78
N LEU A 271 -19.13 122.99 16.14
CA LEU A 271 -19.50 121.75 15.48
C LEU A 271 -19.17 121.79 13.99
N GLU A 272 -19.12 120.60 13.40
CA GLU A 272 -18.97 120.48 11.96
C GLU A 272 -20.34 120.52 11.28
N ASP A 273 -20.32 120.75 9.99
CA ASP A 273 -21.55 120.73 9.20
C ASP A 273 -22.14 119.32 9.19
N GLY A 274 -23.47 119.24 9.27
CA GLY A 274 -24.14 117.97 9.25
C GLY A 274 -24.17 117.23 10.56
N TYR A 275 -23.66 117.82 11.64
CA TYR A 275 -23.64 117.19 12.95
C TYR A 275 -24.35 118.08 13.96
N THR A 276 -25.15 117.46 14.82
CA THR A 276 -25.91 118.14 15.85
C THR A 276 -25.36 117.76 17.22
N LEU A 277 -25.87 118.45 18.26
CA LEU A 277 -25.39 118.22 19.61
C LEU A 277 -25.69 116.82 20.10
N ASP A 278 -26.81 116.24 19.67
CA ASP A 278 -27.18 114.90 20.13
C ASP A 278 -26.20 113.84 19.66
N ASN A 279 -25.76 113.92 18.40
CA ASN A 279 -24.86 112.90 17.86
C ASN A 279 -23.51 112.95 18.55
N VAL A 280 -22.94 114.15 18.68
CA VAL A 280 -21.65 114.27 19.36
C VAL A 280 -21.79 113.89 20.83
N LYS A 281 -22.95 114.22 21.44
CA LYS A 281 -23.16 113.83 22.83
C LYS A 281 -23.17 112.32 22.99
N GLU A 282 -23.86 111.61 22.09
CA GLU A 282 -23.91 110.15 22.20
C GLU A 282 -22.55 109.52 21.94
N SER A 283 -21.81 110.01 20.92
CA SER A 283 -20.49 109.46 20.66
C SER A 283 -19.54 109.73 21.83
N PHE A 284 -19.62 110.93 22.40
CA PHE A 284 -18.76 111.27 23.53
C PHE A 284 -19.13 110.47 24.76
N LEU A 285 -20.42 110.22 24.98
CA LEU A 285 -20.80 109.42 26.14
C LEU A 285 -20.28 107.99 25.98
N GLU A 286 -20.34 107.44 24.76
CA GLU A 286 -19.78 106.11 24.54
C GLU A 286 -18.28 106.08 24.83
N SER A 287 -17.55 107.03 24.25
CA SER A 287 -16.09 107.06 24.42
C SER A 287 -15.72 107.28 25.89
N ILE A 288 -16.43 108.19 26.58
CA ILE A 288 -16.11 108.47 27.97
C ILE A 288 -16.50 107.31 28.87
N ASN A 289 -17.54 106.56 28.50
CA ASN A 289 -17.88 105.36 29.26
C ASN A 289 -16.76 104.32 29.15
N THR A 290 -16.25 104.12 27.93
CA THR A 290 -15.11 103.21 27.79
C THR A 290 -13.91 103.71 28.59
N TYR A 291 -13.63 105.01 28.51
CA TYR A 291 -12.48 105.57 29.21
C TYR A 291 -12.63 105.44 30.72
N PHE A 292 -13.82 105.71 31.26
CA PHE A 292 -14.07 105.50 32.68
C PHE A 292 -13.93 104.05 33.07
N ARG A 293 -14.32 103.13 32.18
CA ARG A 293 -14.14 101.72 32.45
C ARG A 293 -12.66 101.37 32.59
N ASP A 294 -11.81 101.91 31.71
CA ASP A 294 -10.43 101.46 31.66
C ASP A 294 -9.48 102.19 32.60
N ILE A 295 -9.89 103.32 33.19
CA ILE A 295 -8.94 104.16 33.93
C ILE A 295 -8.88 103.73 35.40
N ARG A 296 -7.67 103.47 35.87
CA ARG A 296 -7.41 103.21 37.29
C ARG A 296 -6.89 104.48 37.95
N GLY A 297 -7.28 104.67 39.21
CA GLY A 297 -6.84 105.84 39.94
C GLY A 297 -7.64 107.09 39.58
N GLU A 298 -6.98 108.24 39.68
CA GLU A 298 -7.64 109.51 39.48
C GLU A 298 -7.90 109.77 38.00
N ILE A 299 -8.90 110.63 37.73
CA ILE A 299 -9.26 110.95 36.35
C ILE A 299 -8.20 111.88 35.75
N ILE A 300 -8.21 111.97 34.43
CA ILE A 300 -7.26 112.81 33.69
C ILE A 300 -8.05 113.85 32.90
N TYR A 301 -7.69 115.12 33.06
CA TYR A 301 -8.38 116.19 32.35
C TYR A 301 -8.00 116.22 30.87
N THR A 302 -6.70 116.02 30.58
CA THR A 302 -6.26 116.07 29.19
C THR A 302 -6.78 114.89 28.39
N LYS A 303 -6.85 113.71 29.00
CA LYS A 303 -7.57 112.61 28.34
C LYS A 303 -9.01 112.99 28.07
N VAL A 304 -9.63 113.75 28.98
CA VAL A 304 -11.03 114.12 28.78
C VAL A 304 -11.17 115.01 27.54
N MET A 305 -10.36 116.07 27.43
CA MET A 305 -10.55 116.90 26.24
C MET A 305 -10.03 116.22 24.98
N GLY A 306 -9.07 115.31 25.09
CA GLY A 306 -8.67 114.55 23.93
C GLY A 306 -9.79 113.67 23.41
N ILE A 307 -10.44 112.93 24.31
CA ILE A 307 -11.55 112.08 23.89
C ILE A 307 -12.73 112.93 23.45
N LEU A 308 -12.81 114.18 23.92
CA LEU A 308 -13.87 115.07 23.47
C LEU A 308 -13.60 115.60 22.06
N ILE A 309 -12.35 115.99 21.77
CA ILE A 309 -12.04 116.54 20.46
C ILE A 309 -12.09 115.45 19.40
N ASN A 310 -11.64 114.22 19.74
CA ASN A 310 -11.72 113.15 18.75
C ASN A 310 -13.16 112.74 18.46
N THR A 311 -14.10 113.06 19.34
CA THR A 311 -15.50 112.74 19.07
C THR A 311 -15.95 113.43 17.79
N THR A 312 -16.54 112.66 16.88
CA THR A 312 -16.84 113.15 15.56
C THR A 312 -17.86 114.29 15.62
N GLY A 313 -17.62 115.32 14.83
CA GLY A 313 -18.47 116.50 14.80
C GLY A 313 -17.91 117.70 15.53
N VAL A 314 -16.83 117.53 16.28
CA VAL A 314 -16.23 118.62 17.06
C VAL A 314 -15.11 119.22 16.24
N HIS A 315 -15.29 120.46 15.80
CA HIS A 315 -14.20 121.14 15.10
C HIS A 315 -13.26 121.84 16.07
N ASP A 316 -13.83 122.52 17.06
CA ASP A 316 -13.06 123.19 18.09
C ASP A 316 -13.87 123.14 19.38
N LEU A 317 -13.18 123.26 20.51
CA LEU A 317 -13.87 123.31 21.79
C LEU A 317 -13.08 124.22 22.72
N SER A 318 -13.78 124.77 23.72
CA SER A 318 -13.16 125.59 24.73
C SER A 318 -14.00 125.53 26.00
N ASN A 319 -13.37 125.88 27.12
CA ASN A 319 -14.06 126.03 28.41
C ASN A 319 -14.63 124.69 28.89
N LEU A 320 -13.79 123.65 28.86
CA LEU A 320 -14.19 122.33 29.32
C LEU A 320 -14.03 122.26 30.83
N LEU A 321 -15.12 121.96 31.53
CA LEU A 321 -15.14 121.86 32.99
C LEU A 321 -15.65 120.49 33.39
N ILE A 322 -14.97 119.84 34.33
CA ILE A 322 -15.43 118.59 34.93
C ILE A 322 -15.80 118.89 36.38
N ASN A 323 -17.08 118.71 36.70
CA ASN A 323 -17.62 119.03 38.03
C ASN A 323 -17.32 120.47 38.43
N GLY A 324 -17.43 121.38 37.47
CA GLY A 324 -17.20 122.79 37.71
C GLY A 324 -15.74 123.21 37.73
N SER A 325 -14.81 122.30 37.44
CA SER A 325 -13.40 122.64 37.49
C SER A 325 -12.65 121.83 36.44
N THR A 326 -11.44 122.29 36.13
CA THR A 326 -10.58 121.62 35.18
C THR A 326 -9.53 120.72 35.85
N ASP A 327 -9.59 120.58 37.17
CA ASP A 327 -8.61 119.79 37.89
C ASP A 327 -8.85 118.29 37.69
N ASN A 328 -7.82 117.51 37.97
CA ASN A 328 -7.97 116.07 38.05
C ASN A 328 -8.81 115.68 39.27
N ILE A 329 -9.75 114.76 39.06
CA ILE A 329 -10.63 114.29 40.12
C ILE A 329 -10.10 112.94 40.60
N THR A 330 -9.85 112.84 41.90
CA THR A 330 -9.40 111.59 42.49
C THR A 330 -10.56 110.65 42.69
N ILE A 331 -10.34 109.37 42.41
CA ILE A 331 -11.35 108.32 42.59
C ILE A 331 -10.91 107.45 43.76
N ASN A 332 -11.73 107.42 44.81
CA ASN A 332 -11.44 106.58 45.95
C ASN A 332 -11.74 105.11 45.61
N GLU A 333 -11.47 104.25 46.58
CA GLU A 333 -11.70 102.81 46.47
C GLU A 333 -13.18 102.49 46.35
N ASP A 334 -13.49 101.40 45.64
CA ASP A 334 -14.87 100.98 45.41
C ASP A 334 -15.72 102.13 44.85
N LYS A 335 -15.15 102.85 43.89
CA LYS A 335 -15.83 103.98 43.26
C LYS A 335 -15.56 103.95 41.76
N ILE A 336 -16.61 104.09 40.96
CA ILE A 336 -16.51 104.14 39.51
C ILE A 336 -17.32 105.34 39.00
N PRO A 337 -16.69 106.33 38.37
CA PRO A 337 -17.43 107.50 37.89
C PRO A 337 -18.46 107.15 36.84
N SER A 338 -19.56 107.88 36.87
CA SER A 338 -20.62 107.77 35.87
C SER A 338 -21.03 109.16 35.42
N VAL A 339 -21.38 109.29 34.13
CA VAL A 339 -21.78 110.58 33.58
C VAL A 339 -23.19 110.89 34.05
N THR A 340 -23.36 112.06 34.66
CA THR A 340 -24.66 112.51 35.16
C THR A 340 -25.27 113.61 34.33
N THR A 341 -24.51 114.67 34.03
CA THR A 341 -25.04 115.81 33.29
C THR A 341 -23.98 116.32 32.32
N VAL A 342 -24.40 116.54 31.07
CA VAL A 342 -23.53 117.07 30.02
C VAL A 342 -24.18 118.31 29.45
N ASN A 343 -23.55 119.47 29.67
CA ASN A 343 -24.08 120.75 29.21
C ASN A 343 -23.20 121.26 28.08
N PHE A 344 -23.64 121.03 26.84
CA PHE A 344 -22.90 121.43 25.66
C PHE A 344 -23.60 122.60 24.98
N SER A 345 -22.85 123.66 24.71
CA SER A 345 -23.36 124.86 24.08
C SER A 345 -22.49 125.19 22.87
N GLU A 346 -23.12 125.31 21.71
CA GLU A 346 -22.40 125.65 20.48
C GLU A 346 -22.07 127.14 20.44
N MET B 1 -9.85 40.11 74.66
CA MET B 1 -10.18 38.82 75.24
C MET B 1 -9.53 37.68 74.47
N TYR B 2 -8.93 38.00 73.33
CA TYR B 2 -8.21 36.98 72.58
C TYR B 2 -6.94 36.55 73.32
N SER B 3 -6.26 37.49 73.98
CA SER B 3 -5.06 37.16 74.72
C SER B 3 -5.35 36.28 75.93
N ASP B 4 -6.59 36.32 76.45
CA ASP B 4 -6.95 35.45 77.55
C ASP B 4 -6.91 33.99 77.13
N GLN B 5 -7.49 33.67 75.98
CA GLN B 5 -7.48 32.30 75.48
C GLN B 5 -6.09 31.93 75.00
N THR B 6 -5.57 30.80 75.47
CA THR B 6 -4.28 30.29 75.05
C THR B 6 -4.40 28.80 74.79
N TYR B 7 -3.30 28.19 74.35
CA TYR B 7 -3.30 26.78 73.99
C TYR B 7 -3.76 25.91 75.17
N GLU B 8 -3.12 26.09 76.33
CA GLU B 8 -3.40 25.22 77.46
C GLU B 8 -4.83 25.40 77.96
N VAL B 9 -5.31 26.64 78.02
CA VAL B 9 -6.65 26.89 78.57
C VAL B 9 -7.71 26.23 77.71
N ILE B 10 -7.62 26.43 76.39
CA ILE B 10 -8.63 25.86 75.50
C ILE B 10 -8.51 24.34 75.47
N LYS B 11 -7.29 23.81 75.52
CA LYS B 11 -7.12 22.37 75.53
C LYS B 11 -7.77 21.76 76.77
N ASN B 12 -7.52 22.34 77.94
CA ASN B 12 -8.13 21.84 79.16
C ASN B 12 -9.65 21.96 79.11
N ARG B 13 -10.16 23.10 78.60
CA ARG B 13 -11.60 23.29 78.54
C ARG B 13 -12.27 22.27 77.63
N THR B 14 -11.67 22.01 76.47
CA THR B 14 -12.23 21.01 75.57
C THR B 14 -12.18 19.61 76.18
N LEU B 15 -11.06 19.26 76.80
CA LEU B 15 -10.97 17.94 77.42
C LEU B 15 -11.95 17.79 78.58
N GLU B 16 -12.27 18.88 79.26
CA GLU B 16 -13.25 18.83 80.34
C GLU B 16 -14.69 18.77 79.82
N ASN B 17 -14.97 19.41 78.68
CA ASN B 17 -16.35 19.49 78.22
C ASN B 17 -16.89 18.18 77.67
N ILE B 18 -16.04 17.17 77.45
CA ILE B 18 -16.51 15.87 76.96
C ILE B 18 -16.88 15.02 78.17
N ASN B 19 -18.16 14.66 78.25
CA ASN B 19 -18.68 13.89 79.38
C ASN B 19 -18.68 12.40 79.04
N LEU B 20 -17.47 11.85 78.97
CA LEU B 20 -17.26 10.46 78.63
C LEU B 20 -16.38 9.79 79.68
N ASP B 21 -16.49 8.48 79.78
CA ASP B 21 -15.71 7.68 80.72
C ASP B 21 -14.33 7.31 80.18
N ILE B 22 -14.01 7.71 78.96
CA ILE B 22 -12.73 7.34 78.37
C ILE B 22 -11.61 8.05 79.12
N TYR B 23 -10.55 7.31 79.44
CA TYR B 23 -9.43 7.90 80.15
C TYR B 23 -8.69 8.88 79.26
N LYS B 24 -8.35 10.04 79.84
CA LYS B 24 -7.58 11.08 79.14
C LYS B 24 -6.21 11.18 79.79
N GLY B 25 -5.17 11.11 78.98
CA GLY B 25 -3.83 11.18 79.49
C GLY B 25 -2.82 11.24 78.37
N GLU B 26 -1.54 11.19 78.75
CA GLU B 26 -0.48 11.21 77.76
C GLU B 26 -0.47 9.93 76.95
N GLY B 27 -0.28 10.05 75.65
CA GLY B 27 -0.33 8.90 74.78
C GLY B 27 -1.71 8.27 74.73
N SER B 28 -2.77 9.09 74.70
CA SER B 28 -4.13 8.63 74.63
C SER B 28 -4.76 9.13 73.34
N PHE B 29 -5.72 8.36 72.82
CA PHE B 29 -6.35 8.69 71.55
C PHE B 29 -7.08 10.03 71.64
N LEU B 30 -7.94 10.19 72.64
CA LEU B 30 -8.72 11.41 72.77
C LEU B 30 -7.82 12.62 73.01
N ASN B 31 -6.81 12.47 73.87
CA ASN B 31 -5.91 13.58 74.16
C ASN B 31 -5.16 14.02 72.90
N ASN B 32 -4.63 13.04 72.15
CA ASN B 32 -3.90 13.36 70.93
C ASN B 32 -4.80 14.07 69.92
N MET B 33 -6.02 13.56 69.74
CA MET B 33 -6.95 14.19 68.80
C MET B 33 -7.27 15.61 69.22
N VAL B 34 -7.55 15.82 70.50
CA VAL B 34 -7.93 17.15 70.99
C VAL B 34 -6.77 18.12 70.81
N SER B 35 -5.55 17.68 71.12
CA SER B 35 -4.39 18.56 70.93
C SER B 35 -4.19 18.93 69.47
N GLY B 36 -4.33 17.94 68.58
CA GLY B 36 -4.18 18.22 67.16
C GLY B 36 -5.20 19.21 66.64
N ASN B 37 -6.44 19.10 67.11
CA ASN B 37 -7.44 20.11 66.74
C ASN B 37 -7.11 21.47 67.35
N ASN B 38 -6.71 21.49 68.62
CA ASN B 38 -6.59 22.74 69.34
C ASN B 38 -5.39 23.57 68.87
N LEU B 39 -4.38 22.95 68.28
CA LEU B 39 -3.29 23.75 67.70
C LEU B 39 -3.82 24.66 66.60
N GLU B 40 -4.52 24.08 65.63
CA GLU B 40 -5.14 24.88 64.57
C GLU B 40 -6.19 25.81 65.14
N LEU B 41 -6.81 25.42 66.25
CA LEU B 41 -7.78 26.29 66.91
C LEU B 41 -7.13 27.58 67.40
N SER B 42 -6.01 27.45 68.12
CA SER B 42 -5.33 28.61 68.71
C SER B 42 -4.60 29.44 67.68
N LYS B 43 -4.27 28.86 66.52
CA LYS B 43 -3.70 29.66 65.45
C LYS B 43 -4.61 30.84 65.11
N ILE B 44 -5.92 30.64 65.16
CA ILE B 44 -6.86 31.70 64.80
C ILE B 44 -6.81 32.82 65.83
N TYR B 45 -6.64 32.50 67.12
CA TYR B 45 -6.53 33.54 68.13
C TYR B 45 -5.24 34.33 67.95
N LEU B 46 -4.15 33.63 67.63
CA LEU B 46 -2.89 34.33 67.36
C LEU B 46 -3.07 35.30 66.19
N GLU B 47 -3.70 34.83 65.11
CA GLU B 47 -3.90 35.68 63.94
C GLU B 47 -4.85 36.83 64.23
N LEU B 48 -5.82 36.64 65.11
CA LEU B 48 -6.70 37.73 65.50
C LEU B 48 -5.95 38.80 66.28
N SER B 49 -5.05 38.38 67.17
CA SER B 49 -4.21 39.35 67.87
C SER B 49 -3.36 40.15 66.89
N LYS B 50 -2.71 39.45 65.96
CA LYS B 50 -1.91 40.16 64.96
C LYS B 50 -2.78 41.10 64.14
N MET B 51 -4.00 40.69 63.83
CA MET B 51 -4.90 41.51 63.03
C MET B 51 -5.27 42.79 63.76
N HIS B 52 -5.56 42.71 65.06
CA HIS B 52 -5.89 43.90 65.82
C HIS B 52 -4.70 44.84 65.92
N LYS B 53 -3.51 44.30 66.21
CA LYS B 53 -2.32 45.13 66.26
C LYS B 53 -2.05 45.78 64.91
N MET B 54 -2.34 45.07 63.83
CA MET B 54 -2.25 45.65 62.50
C MET B 54 -3.26 46.77 62.31
N ALA B 55 -4.46 46.59 62.87
CA ALA B 55 -5.51 47.59 62.70
C ALA B 55 -5.13 48.92 63.35
N PHE B 56 -4.60 48.87 64.58
CA PHE B 56 -4.22 50.13 65.22
C PHE B 56 -2.79 50.57 64.96
N ILE B 57 -2.07 49.91 64.05
CA ILE B 57 -0.81 50.40 63.49
C ILE B 57 0.22 50.76 64.55
N GLN B 58 0.25 50.00 65.64
CA GLN B 58 1.15 50.35 66.74
C GLN B 58 2.60 50.02 66.42
N ASP B 59 2.86 48.94 65.68
CA ASP B 59 4.24 48.53 65.46
C ASP B 59 4.36 47.80 64.13
N THR B 60 5.61 47.54 63.74
CA THR B 60 6.05 46.68 62.62
C THR B 60 5.46 47.12 61.28
N TYR B 61 5.19 48.42 61.15
CA TYR B 61 5.11 49.11 59.86
C TYR B 61 4.10 48.45 58.91
N ASN B 62 2.91 48.22 59.45
CA ASN B 62 1.87 47.56 58.68
C ASN B 62 1.30 48.49 57.61
N GLN B 63 0.84 47.90 56.52
CA GLN B 63 0.46 48.66 55.34
C GLN B 63 -0.69 49.62 55.57
N PHE B 64 -1.47 49.43 56.64
CA PHE B 64 -2.64 50.25 56.89
C PHE B 64 -2.30 51.61 57.49
N LEU B 65 -1.02 51.87 57.79
CA LEU B 65 -0.62 53.19 58.26
C LEU B 65 -0.94 54.27 57.25
N ASP B 66 -0.80 53.96 55.96
CA ASP B 66 -1.09 54.94 54.92
C ASP B 66 -2.54 55.39 55.02
N LYS B 67 -3.47 54.44 55.16
CA LYS B 67 -4.88 54.79 55.24
C LYS B 67 -5.20 55.51 56.54
N ARG B 68 -4.60 55.09 57.66
CA ARG B 68 -4.85 55.79 58.92
C ARG B 68 -4.35 57.24 58.86
N VAL B 69 -3.18 57.44 58.27
CA VAL B 69 -2.64 58.79 58.10
C VAL B 69 -3.54 59.62 57.20
N ASN B 70 -4.01 59.03 56.10
CA ASN B 70 -4.91 59.76 55.21
C ASN B 70 -6.21 60.10 55.92
N GLU B 71 -6.64 59.26 56.86
CA GLU B 71 -7.73 59.64 57.75
C GLU B 71 -7.36 60.88 58.55
N PHE B 72 -6.14 60.91 59.09
CA PHE B 72 -5.73 62.07 59.88
C PHE B 72 -5.43 63.27 59.00
N GLY B 73 -4.80 63.06 57.85
CA GLY B 73 -4.54 64.14 56.91
C GLY B 73 -3.09 64.35 56.52
N VAL B 74 -2.14 63.61 57.08
CA VAL B 74 -0.74 63.78 56.67
C VAL B 74 -0.52 63.14 55.29
N TYR B 75 0.54 63.56 54.62
CA TYR B 75 0.86 63.05 53.31
C TYR B 75 2.37 62.85 53.27
N ARG B 76 2.83 61.93 52.42
CA ARG B 76 4.24 61.62 52.29
C ARG B 76 4.90 62.52 51.24
N LYS B 77 6.05 63.10 51.58
CA LYS B 77 6.77 63.91 50.61
C LYS B 77 7.28 63.04 49.47
N LEU B 78 7.04 63.49 48.24
CA LEU B 78 7.56 62.80 47.07
C LEU B 78 9.02 63.12 46.80
N GLY B 79 9.54 64.19 47.38
CA GLY B 79 10.91 64.60 47.18
C GLY B 79 11.00 65.85 46.31
N THR B 80 12.24 66.28 46.09
CA THR B 80 12.54 67.45 45.28
C THR B 80 13.68 67.13 44.33
N GLU B 81 13.57 67.61 43.10
CA GLU B 81 14.58 67.37 42.09
C GLU B 81 15.63 68.46 42.10
N SER B 82 16.84 68.09 41.69
CA SER B 82 17.97 69.01 41.71
C SER B 82 17.91 69.96 40.52
N ASN B 83 18.29 71.22 40.76
CA ASN B 83 18.43 72.21 39.71
C ASN B 83 19.88 72.68 39.67
N GLY B 84 20.34 73.04 38.47
CA GLY B 84 21.71 73.48 38.31
C GLY B 84 21.87 74.23 37.01
N GLU B 85 23.11 74.66 36.76
CA GLU B 85 23.44 75.35 35.53
C GLU B 85 24.80 74.87 35.04
N VAL B 86 24.90 74.66 33.73
CA VAL B 86 26.14 74.21 33.10
C VAL B 86 26.56 75.21 32.05
N GLU B 87 27.83 75.15 31.68
CA GLU B 87 28.40 76.02 30.66
C GLU B 87 28.76 75.18 29.44
N PHE B 88 28.26 75.59 28.28
CA PHE B 88 28.52 74.88 27.02
C PHE B 88 29.71 75.54 26.33
N ILE B 89 30.77 74.76 26.11
CA ILE B 89 31.95 75.21 25.39
C ILE B 89 32.01 74.47 24.07
N GLY B 90 32.19 75.20 22.97
CA GLY B 90 32.24 74.58 21.66
C GLY B 90 32.21 75.60 20.54
N GLU B 91 31.80 75.12 19.37
CA GLU B 91 31.71 75.97 18.19
C GLU B 91 30.73 77.11 18.43
N LYS B 92 31.12 78.31 17.98
CA LYS B 92 30.25 79.47 18.11
C LYS B 92 29.09 79.38 17.13
N GLY B 93 27.89 79.75 17.60
CA GLY B 93 26.71 79.75 16.78
C GLY B 93 25.80 78.55 16.95
N THR B 94 26.23 77.52 17.68
CA THR B 94 25.39 76.36 17.90
C THR B 94 24.22 76.70 18.81
N VAL B 95 23.12 75.98 18.64
CA VAL B 95 21.88 76.21 19.38
C VAL B 95 21.56 74.95 20.16
N ILE B 96 21.52 75.06 21.49
CA ILE B 96 21.16 73.95 22.37
C ILE B 96 19.74 74.19 22.86
N ASN B 97 18.79 73.42 22.33
CA ASN B 97 17.38 73.68 22.53
C ASN B 97 16.91 73.17 23.89
N ASN B 98 15.66 73.51 24.22
CA ASN B 98 15.04 73.04 25.44
C ASN B 98 14.80 71.53 25.36
N GLY B 99 14.91 70.87 26.52
CA GLY B 99 14.73 69.44 26.59
C GLY B 99 15.95 68.63 26.23
N THR B 100 17.08 69.27 25.97
CA THR B 100 18.29 68.55 25.60
C THR B 100 18.78 67.69 26.77
N ILE B 101 19.19 66.47 26.47
CA ILE B 101 19.56 65.49 27.47
C ILE B 101 21.07 65.47 27.61
N ILE B 102 21.55 65.68 28.83
CA ILE B 102 22.97 65.56 29.16
C ILE B 102 23.12 64.55 30.29
N SER B 103 24.24 63.83 30.29
CA SER B 103 24.42 62.68 31.17
C SER B 103 25.72 62.81 31.95
N TYR B 104 25.62 62.60 33.27
CA TYR B 104 26.78 62.43 34.14
C TYR B 104 26.65 61.08 34.82
N ARG B 105 27.58 60.16 34.52
CA ARG B 105 27.57 58.79 35.05
C ARG B 105 26.22 58.16 34.74
N ASP B 106 25.57 57.50 35.69
CA ASP B 106 24.24 56.96 35.46
C ASP B 106 23.16 58.03 35.48
N LEU B 107 23.41 59.15 36.16
CA LEU B 107 22.42 60.21 36.26
C LEU B 107 22.17 60.86 34.89
N LEU B 108 20.94 61.33 34.71
CA LEU B 108 20.53 61.99 33.48
C LEU B 108 19.96 63.35 33.81
N PHE B 109 20.18 64.31 32.93
CA PHE B 109 19.78 65.69 33.14
C PHE B 109 19.06 66.21 31.89
N VAL B 110 18.38 67.33 32.05
CA VAL B 110 17.63 67.95 30.96
C VAL B 110 17.93 69.45 30.96
N VAL B 111 18.13 69.99 29.76
CA VAL B 111 18.34 71.43 29.59
C VAL B 111 17.00 72.13 29.60
N ILE B 112 16.94 73.31 30.21
CA ILE B 112 15.69 74.02 30.41
C ILE B 112 15.53 75.18 29.44
N LYS B 113 16.61 75.90 29.12
CA LYS B 113 16.53 77.11 28.33
C LYS B 113 17.36 76.98 27.06
N ASP B 114 16.82 77.50 25.95
CA ASP B 114 17.52 77.48 24.68
C ASP B 114 18.72 78.42 24.75
N VAL B 115 19.92 77.86 24.69
CA VAL B 115 21.16 78.62 24.82
C VAL B 115 21.96 78.50 23.54
N THR B 116 22.52 79.62 23.09
CA THR B 116 23.35 79.68 21.91
C THR B 116 24.79 80.00 22.31
N ILE B 117 25.72 79.14 21.91
CA ILE B 117 27.12 79.30 22.28
C ILE B 117 27.71 80.49 21.55
N GLY B 118 28.36 81.38 22.29
CA GLY B 118 28.97 82.56 21.70
C GLY B 118 28.03 83.72 21.46
N SER B 119 26.84 83.70 22.04
CA SER B 119 25.85 84.76 21.88
C SER B 119 25.92 85.73 23.05
N GLU B 120 25.17 86.83 22.92
CA GLU B 120 25.12 87.86 23.96
C GLU B 120 24.40 87.41 25.22
N GLU B 121 23.64 86.32 25.15
CA GLU B 121 22.86 85.83 26.28
C GLU B 121 23.64 84.88 27.17
N GLY B 122 24.90 84.61 26.86
CA GLY B 122 25.71 83.70 27.65
C GLY B 122 25.57 82.26 27.21
N ASP B 123 26.56 81.46 27.61
CA ASP B 123 26.58 80.04 27.27
C ASP B 123 26.01 79.16 28.37
N ASN B 124 25.58 79.76 29.49
CA ASN B 124 25.03 79.00 30.60
C ASN B 124 23.52 78.81 30.43
N SER B 125 23.05 77.62 30.75
CA SER B 125 21.63 77.29 30.72
C SER B 125 21.27 76.53 31.98
N PRO B 126 20.07 76.73 32.51
CA PRO B 126 19.63 75.94 33.67
C PRO B 126 19.53 74.47 33.33
N VAL B 127 19.82 73.63 34.32
CA VAL B 127 19.81 72.18 34.16
C VAL B 127 19.05 71.60 35.35
N GLN B 128 18.14 70.67 35.06
CA GLN B 128 17.26 70.08 36.06
C GLN B 128 17.48 68.59 36.15
N ALA B 129 17.29 68.04 37.35
CA ALA B 129 17.38 66.60 37.54
C ALA B 129 16.20 65.91 36.87
N LEU B 130 16.48 64.84 36.14
CA LEU B 130 15.44 64.07 35.48
C LEU B 130 14.75 63.08 36.40
N GLU B 131 15.33 62.80 37.57
CA GLU B 131 14.73 61.92 38.56
C GLU B 131 14.94 62.52 39.94
N VAL B 132 14.14 62.05 40.89
CA VAL B 132 14.18 62.57 42.26
C VAL B 132 15.26 61.85 43.06
N GLY B 133 15.91 62.59 43.94
CA GLY B 133 16.92 62.04 44.83
C GLY B 133 18.01 63.04 45.12
N LYS B 134 18.72 62.80 46.23
CA LYS B 134 19.86 63.64 46.59
C LYS B 134 21.07 63.34 45.72
N LYS B 135 21.09 62.20 45.04
CA LYS B 135 22.20 61.84 44.17
C LYS B 135 22.36 62.78 42.99
N TYR B 136 21.36 63.62 42.71
CA TYR B 136 21.44 64.60 41.65
C TYR B 136 22.01 65.94 42.12
N ASN B 137 22.31 66.08 43.41
CA ASN B 137 22.98 67.28 43.93
C ASN B 137 24.48 67.11 43.70
N LEU B 138 24.92 67.43 42.49
CA LEU B 138 26.30 67.23 42.10
C LEU B 138 27.21 68.29 42.70
N PRO B 139 28.47 67.96 42.92
CA PRO B 139 29.45 68.96 43.35
C PRO B 139 29.89 69.83 42.17
N THR B 140 30.77 70.78 42.46
CA THR B 140 31.20 71.74 41.45
C THR B 140 32.17 71.09 40.46
N ASN B 141 32.22 71.67 39.26
CA ASN B 141 33.16 71.29 38.22
C ASN B 141 32.99 69.81 37.84
N CYS B 142 31.82 69.49 37.31
CA CYS B 142 31.51 68.15 36.81
C CYS B 142 31.44 68.18 35.30
N GLU B 143 31.97 67.13 34.66
CA GLU B 143 31.97 67.03 33.21
C GLU B 143 30.73 66.27 32.77
N PHE B 144 29.99 66.86 31.82
CA PHE B 144 28.77 66.27 31.31
C PHE B 144 28.93 65.88 29.85
N LYS B 145 28.09 64.93 29.43
CA LYS B 145 28.12 64.40 28.07
C LYS B 145 26.72 64.49 27.45
N LEU B 146 26.69 64.63 26.13
CA LEU B 146 25.43 64.72 25.40
C LEU B 146 25.00 63.33 24.95
N VAL B 147 23.82 62.91 25.39
CA VAL B 147 23.31 61.58 25.01
C VAL B 147 23.07 61.53 23.51
N ASP B 148 22.41 62.56 22.96
CA ASP B 148 22.25 62.72 21.53
C ASP B 148 23.29 63.74 21.06
N ASN B 149 24.22 63.29 20.21
CA ASN B 149 25.34 64.13 19.83
C ASN B 149 24.87 65.34 19.03
N ILE B 150 25.34 66.51 19.41
CA ILE B 150 25.07 67.76 18.70
C ILE B 150 26.39 68.30 18.18
N SER B 151 26.45 68.56 16.87
CA SER B 151 27.66 69.06 16.27
C SER B 151 27.99 70.46 16.79
N GLY B 152 29.26 70.69 17.08
CA GLY B 152 29.73 71.98 17.52
C GLY B 152 29.82 72.18 19.02
N VAL B 153 29.55 71.15 19.82
CA VAL B 153 29.63 71.23 21.27
C VAL B 153 30.76 70.32 21.74
N THR B 154 31.68 70.87 22.53
CA THR B 154 32.84 70.12 23.00
C THR B 154 32.85 69.88 24.50
N LYS B 155 32.51 70.88 25.31
CA LYS B 155 32.61 70.77 26.75
C LYS B 155 31.33 71.24 27.43
N ILE B 156 30.90 70.48 28.43
CA ILE B 156 29.76 70.84 29.28
C ILE B 156 30.21 70.73 30.72
N THR B 157 30.37 71.87 31.39
CA THR B 157 30.78 71.90 32.78
C THR B 157 29.93 72.89 33.54
N ASN B 158 29.80 72.65 34.84
CA ASN B 158 29.00 73.49 35.73
C ASN B 158 29.91 74.33 36.61
N THR B 159 29.66 75.64 36.65
CA THR B 159 30.47 76.53 37.45
C THR B 159 30.11 76.48 38.93
N ARG B 160 28.98 75.90 39.28
CA ARG B 160 28.53 75.82 40.67
C ARG B 160 27.93 74.44 40.94
N SER B 161 27.84 74.09 42.21
CA SER B 161 27.28 72.80 42.59
C SER B 161 25.77 72.78 42.41
N PHE B 162 25.27 71.63 41.94
CA PHE B 162 23.83 71.46 41.77
C PHE B 162 23.14 71.36 43.13
N GLU B 163 21.93 71.88 43.20
CA GLU B 163 21.16 71.91 44.44
C GLU B 163 19.70 71.60 44.14
N GLY B 164 18.96 71.24 45.20
CA GLY B 164 17.54 71.01 45.11
C GLY B 164 17.11 69.57 45.11
N GLY B 165 18.06 68.63 45.00
CA GLY B 165 17.70 67.22 44.93
C GLY B 165 17.60 66.54 46.27
N THR B 166 16.44 65.95 46.57
CA THR B 166 16.25 65.18 47.79
C THR B 166 15.51 63.89 47.47
N ASP B 167 15.76 62.88 48.29
CA ASP B 167 15.11 61.59 48.13
C ASP B 167 13.65 61.66 48.59
N ILE B 168 12.89 60.62 48.25
CA ILE B 168 11.51 60.53 48.69
C ILE B 168 11.45 60.37 50.21
N GLU B 169 10.36 60.85 50.81
CA GLU B 169 10.20 60.78 52.25
C GLU B 169 10.11 59.33 52.69
N THR B 170 11.02 58.93 53.58
CA THR B 170 10.98 57.58 54.12
C THR B 170 9.83 57.44 55.11
N ASP B 171 9.34 56.20 55.25
CA ASP B 171 8.27 55.95 56.20
C ASP B 171 8.69 56.26 57.63
N GLU B 172 10.00 56.18 57.92
CA GLU B 172 10.48 56.59 59.23
C GLU B 172 10.21 58.07 59.46
N GLU B 173 10.58 58.91 58.50
CA GLU B 173 10.27 60.33 58.60
C GLU B 173 8.77 60.57 58.59
N LEU B 174 8.01 59.76 57.86
CA LEU B 174 6.57 59.89 57.85
C LEU B 174 5.99 59.67 59.24
N LYS B 175 6.40 58.60 59.91
CA LYS B 175 5.92 58.32 61.26
C LYS B 175 6.37 59.38 62.24
N GLU B 176 7.63 59.82 62.15
CA GLU B 176 8.10 60.83 63.08
C GLU B 176 7.35 62.14 62.90
N ARG B 177 7.08 62.52 61.64
CA ARG B 177 6.32 63.74 61.40
C ARG B 177 4.89 63.60 61.90
N PHE B 178 4.26 62.45 61.68
CA PHE B 178 2.91 62.24 62.18
C PHE B 178 2.86 62.36 63.70
N TYR B 179 3.82 61.73 64.38
CA TYR B 179 3.82 61.76 65.83
C TYR B 179 4.14 63.15 66.38
N LYS B 180 5.05 63.89 65.73
CA LYS B 180 5.35 65.23 66.23
C LYS B 180 4.22 66.21 65.93
N ILE B 181 3.49 66.01 64.84
CA ILE B 181 2.28 66.79 64.60
C ILE B 181 1.23 66.48 65.67
N GLN B 182 1.07 65.20 66.01
CA GLN B 182 0.09 64.84 67.02
C GLN B 182 0.45 65.41 68.39
N ARG B 183 1.74 65.39 68.74
CA ARG B 183 2.17 65.90 70.03
C ARG B 183 1.91 67.40 70.15
N ASN B 184 2.24 68.16 69.11
CA ASN B 184 2.10 69.60 69.15
C ASN B 184 0.64 70.00 69.00
N GLN B 185 0.25 71.06 69.70
CA GLN B 185 -1.09 71.63 69.63
C GLN B 185 -1.01 72.99 68.96
N ALA B 186 -1.73 73.15 67.85
CA ALA B 186 -1.77 74.41 67.12
C ALA B 186 -3.20 74.72 66.75
N THR B 187 -3.68 75.89 67.18
CA THR B 187 -5.02 76.34 66.87
C THR B 187 -4.98 77.83 66.55
N SER B 188 -5.99 78.30 65.85
CA SER B 188 -6.01 79.69 65.37
C SER B 188 -6.11 80.65 66.55
N GLY B 189 -5.00 81.29 66.90
CA GLY B 189 -5.01 82.33 67.91
C GLY B 189 -4.95 81.84 69.34
N ASN B 190 -4.80 80.55 69.58
CA ASN B 190 -4.71 80.05 70.94
C ASN B 190 -3.32 80.33 71.52
N LYS B 191 -3.19 80.09 72.83
CA LYS B 191 -1.98 80.45 73.54
C LYS B 191 -0.77 79.68 73.02
N ALA B 192 -0.94 78.40 72.70
CA ALA B 192 0.16 77.62 72.16
C ALA B 192 0.63 78.18 70.82
N HIS B 193 -0.30 78.68 70.01
CA HIS B 193 0.09 79.29 68.74
C HIS B 193 0.95 80.53 68.97
N TYR B 194 0.60 81.33 69.98
CA TYR B 194 1.43 82.48 70.33
C TYR B 194 2.81 82.03 70.81
N GLU B 195 2.86 80.95 71.59
CA GLU B 195 4.14 80.40 72.01
C GLU B 195 4.99 80.04 70.79
N GLU B 196 4.38 79.37 69.82
CA GLU B 196 5.11 78.97 68.62
C GLU B 196 5.59 80.19 67.83
N TRP B 197 4.73 81.20 67.67
CA TRP B 197 5.11 82.41 66.95
C TRP B 197 6.29 83.10 67.63
N ALA B 198 6.26 83.21 68.96
CA ALA B 198 7.39 83.81 69.66
C ALA B 198 8.63 82.94 69.57
N LEU B 199 8.46 81.62 69.52
CA LEU B 199 9.60 80.71 69.43
C LEU B 199 10.27 80.74 68.07
N GLU B 200 9.53 81.13 67.02
CA GLU B 200 10.11 81.16 65.68
C GLU B 200 11.29 82.11 65.59
N VAL B 201 11.17 83.31 66.18
CA VAL B 201 12.14 84.37 65.93
C VAL B 201 13.43 84.08 66.70
N ASP B 202 14.56 84.33 66.02
CA ASP B 202 15.86 84.16 66.65
C ASP B 202 16.04 85.14 67.79
N GLY B 203 16.85 84.74 68.77
CA GLY B 203 17.06 85.52 69.97
C GLY B 203 16.09 85.25 71.10
N VAL B 204 15.13 84.35 70.89
CA VAL B 204 14.17 83.96 71.91
C VAL B 204 14.35 82.49 72.19
N TYR B 205 14.52 82.14 73.47
CA TYR B 205 14.75 80.76 73.87
C TYR B 205 13.63 80.18 74.72
N ASN B 206 12.89 81.00 75.45
CA ASN B 206 11.77 80.53 76.25
C ASN B 206 10.64 81.55 76.18
N VAL B 207 9.41 81.06 76.15
CA VAL B 207 8.24 81.89 75.87
C VAL B 207 7.20 81.69 76.97
N LYS B 208 6.63 82.79 77.44
CA LYS B 208 5.51 82.77 78.36
C LYS B 208 4.42 83.69 77.83
N VAL B 209 3.22 83.15 77.64
CA VAL B 209 2.11 83.92 77.11
C VAL B 209 0.99 84.11 78.12
N TYR B 210 0.54 85.34 78.27
CA TYR B 210 -0.52 85.66 79.21
C TYR B 210 -1.75 86.16 78.46
N PRO B 211 -2.92 85.57 78.76
CA PRO B 211 -4.19 85.91 78.11
C PRO B 211 -4.95 86.96 78.90
N ARG B 212 -5.42 87.99 78.20
CA ARG B 212 -6.18 89.09 78.79
C ARG B 212 -5.45 89.78 79.95
N TRP B 213 -4.15 89.97 79.80
CA TRP B 213 -3.36 90.64 80.82
C TRP B 213 -3.81 92.06 81.10
N ASP B 214 -4.46 92.71 80.13
CA ASP B 214 -5.08 94.03 80.30
C ASP B 214 -6.52 94.00 79.81
N GLY B 215 -7.26 92.97 80.21
CA GLY B 215 -8.66 92.85 79.84
C GLY B 215 -8.85 92.10 78.54
N PRO B 216 -10.07 92.15 78.01
CA PRO B 216 -10.36 91.44 76.75
C PRO B 216 -9.57 92.03 75.59
N GLY B 217 -9.22 91.16 74.64
CA GLY B 217 -8.52 91.59 73.45
C GLY B 217 -7.05 91.87 73.66
N THR B 218 -6.47 91.50 74.79
CA THR B 218 -5.07 91.73 75.09
C THR B 218 -4.38 90.40 75.34
N VAL B 219 -3.21 90.21 74.75
CA VAL B 219 -2.39 89.04 74.98
C VAL B 219 -0.98 89.49 75.32
N LYS B 220 -0.42 88.93 76.40
CA LYS B 220 0.91 89.28 76.86
C LYS B 220 1.88 88.16 76.53
N VAL B 221 3.00 88.50 75.90
CA VAL B 221 4.04 87.55 75.53
C VAL B 221 5.31 87.91 76.28
N LEU B 222 5.85 86.95 77.04
CA LEU B 222 7.13 87.11 77.71
C LEU B 222 8.14 86.19 77.04
N ILE B 223 9.23 86.78 76.53
CA ILE B 223 10.27 86.03 75.85
C ILE B 223 11.53 86.04 76.71
N PHE B 224 12.35 85.02 76.52
CA PHE B 224 13.59 84.87 77.26
C PHE B 224 14.73 84.54 76.30
N GLY B 225 15.90 85.08 76.57
CA GLY B 225 17.07 84.79 75.78
C GLY B 225 17.75 83.52 76.26
N LYS B 226 19.05 83.44 75.99
CA LYS B 226 19.82 82.29 76.43
C LYS B 226 19.80 82.20 77.96
N ASN B 227 19.67 80.97 78.47
CA ASN B 227 19.82 80.69 79.90
C ASN B 227 18.92 81.56 80.75
N ASN B 228 17.69 81.78 80.28
CA ASN B 228 16.67 82.52 81.03
C ASN B 228 17.14 83.92 81.40
N GLN B 229 17.71 84.62 80.41
CA GLN B 229 18.19 85.98 80.61
C GLN B 229 17.32 86.98 79.85
N ALA B 230 17.60 88.25 80.08
CA ALA B 230 16.85 89.31 79.42
C ALA B 230 17.16 89.36 77.93
N VAL B 231 16.17 89.75 77.14
CA VAL B 231 16.30 89.90 75.70
C VAL B 231 16.57 91.36 75.38
N ASP B 232 17.23 91.60 74.24
CA ASP B 232 17.57 92.95 73.82
C ASP B 232 16.41 93.60 73.07
N THR B 233 16.54 94.91 72.85
CA THR B 233 15.45 95.67 72.25
C THR B 233 15.21 95.25 70.80
N GLU B 234 16.26 94.97 70.04
CA GLU B 234 16.08 94.54 68.66
C GLU B 234 15.35 93.20 68.59
N THR B 235 15.71 92.27 69.48
CA THR B 235 15.01 90.99 69.51
C THR B 235 13.54 91.18 69.85
N ILE B 236 13.25 92.08 70.80
CA ILE B 236 11.86 92.36 71.14
C ILE B 236 11.11 92.93 69.94
N GLU B 237 11.74 93.87 69.23
CA GLU B 237 11.09 94.47 68.06
C GLU B 237 10.83 93.44 66.97
N ARG B 238 11.82 92.57 66.71
CA ARG B 238 11.62 91.53 65.71
C ARG B 238 10.54 90.55 66.13
N CYS B 239 10.51 90.18 67.41
CA CYS B 239 9.50 89.25 67.90
C CYS B 239 8.10 89.85 67.78
N GLN B 240 7.94 91.12 68.16
CA GLN B 240 6.62 91.74 68.07
C GLN B 240 6.20 91.94 66.62
N GLN B 241 7.13 92.30 65.74
CA GLN B 241 6.77 92.45 64.33
C GLN B 241 6.34 91.11 63.74
N HIS B 242 7.05 90.03 64.09
CA HIS B 242 6.68 88.71 63.59
C HIS B 242 5.32 88.28 64.14
N ILE B 243 5.09 88.51 65.44
CA ILE B 243 3.80 88.16 66.03
C ILE B 243 2.67 88.93 65.35
N ASP B 244 2.86 90.24 65.18
CA ASP B 244 1.83 91.05 64.52
C ASP B 244 1.58 90.57 63.10
N GLU B 245 2.65 90.16 62.40
CA GLU B 245 2.48 89.65 61.05
C GLU B 245 1.73 88.33 61.02
N GLU B 246 1.83 87.54 62.10
CA GLU B 246 1.12 86.26 62.14
C GLU B 246 -0.08 86.25 63.09
N LYS B 247 -0.32 87.31 63.85
CA LYS B 247 -1.42 87.33 64.80
C LYS B 247 -2.75 87.52 64.08
N PRO B 248 -3.85 87.21 64.76
CA PRO B 248 -5.17 87.57 64.23
C PRO B 248 -5.42 89.07 64.30
N ILE B 249 -6.44 89.51 63.58
CA ILE B 249 -6.80 90.92 63.50
C ILE B 249 -7.75 91.24 64.64
N GLY B 250 -7.33 92.14 65.53
CA GLY B 250 -8.15 92.52 66.65
C GLY B 250 -7.47 92.49 68.01
N PRO B 251 -6.64 91.49 68.30
CA PRO B 251 -5.90 91.50 69.57
C PRO B 251 -4.83 92.57 69.59
N THR B 252 -4.39 92.89 70.81
CA THR B 252 -3.23 93.75 71.04
C THR B 252 -2.20 92.95 71.80
N ILE B 253 -0.98 92.88 71.26
CA ILE B 253 0.08 92.06 71.82
C ILE B 253 1.21 92.96 72.28
N THR B 254 1.78 92.64 73.45
CA THR B 254 2.87 93.38 74.03
C THR B 254 4.00 92.42 74.41
N VAL B 255 5.24 92.90 74.33
CA VAL B 255 6.43 92.12 74.63
C VAL B 255 7.24 92.87 75.68
N VAL B 256 7.69 92.16 76.71
CA VAL B 256 8.51 92.72 77.78
C VAL B 256 9.58 91.70 78.16
N THR B 257 10.48 92.09 79.05
CA THR B 257 11.48 91.21 79.63
C THR B 257 11.56 91.45 81.13
N PRO B 258 11.89 90.41 81.91
CA PRO B 258 11.99 90.59 83.36
C PRO B 258 13.38 91.03 83.82
N LEU B 259 13.57 91.15 85.13
CA LEU B 259 14.84 91.54 85.71
C LEU B 259 15.54 90.32 86.27
N PRO B 260 16.66 89.88 85.71
CA PRO B 260 17.34 88.70 86.25
C PRO B 260 17.93 88.96 87.63
N ILE B 261 17.95 87.92 88.45
CA ILE B 261 18.56 87.95 89.77
C ILE B 261 19.81 87.10 89.73
N GLU B 262 20.94 87.68 90.12
CA GLU B 262 22.20 86.94 90.13
C GLU B 262 22.21 85.93 91.27
N ILE B 263 22.50 84.67 90.94
CA ILE B 263 22.61 83.61 91.94
C ILE B 263 23.97 82.93 91.74
N SER B 264 24.52 82.44 92.85
CA SER B 264 25.81 81.76 92.84
C SER B 264 25.63 80.39 93.50
N ILE B 265 26.14 79.35 92.84
CA ILE B 265 25.95 77.97 93.26
C ILE B 265 27.31 77.34 93.48
N SER B 266 27.53 76.80 94.68
CA SER B 266 28.78 76.15 95.05
C SER B 266 28.47 74.81 95.69
N ALA B 267 29.25 73.79 95.33
CA ALA B 267 29.02 72.45 95.86
C ALA B 267 30.29 71.63 95.74
N VAL B 268 30.43 70.67 96.64
CA VAL B 268 31.44 69.62 96.56
C VAL B 268 30.73 68.30 96.32
N MET B 269 31.06 67.65 95.20
CA MET B 269 30.33 66.46 94.79
C MET B 269 31.25 65.46 94.11
N LYS B 270 30.97 64.18 94.31
CA LYS B 270 31.70 63.11 93.65
C LYS B 270 30.96 62.72 92.38
N LEU B 271 31.67 62.68 91.27
CA LEU B 271 31.08 62.36 89.97
C LEU B 271 31.16 60.87 89.69
N GLU B 272 30.16 60.38 88.96
CA GLU B 272 30.14 58.98 88.56
C GLU B 272 31.24 58.72 87.53
N ASP B 273 31.45 57.44 87.23
CA ASP B 273 32.45 57.05 86.25
C ASP B 273 32.07 57.56 84.86
N GLY B 274 33.06 58.07 84.14
CA GLY B 274 32.85 58.48 82.76
C GLY B 274 32.23 59.84 82.56
N TYR B 275 32.13 60.66 83.60
CA TYR B 275 31.54 61.99 83.49
C TYR B 275 32.49 63.00 84.10
N THR B 276 32.75 64.08 83.36
CA THR B 276 33.59 65.17 83.83
C THR B 276 32.70 66.32 84.33
N LEU B 277 33.37 67.37 84.82
CA LEU B 277 32.64 68.48 85.43
C LEU B 277 31.86 69.29 84.42
N ASP B 278 32.33 69.36 83.17
CA ASP B 278 31.69 70.21 82.17
C ASP B 278 30.29 69.70 81.81
N ASN B 279 30.16 68.40 81.57
CA ASN B 279 28.88 67.84 81.16
C ASN B 279 27.85 67.97 82.28
N VAL B 280 28.24 67.66 83.51
CA VAL B 280 27.31 67.77 84.63
C VAL B 280 26.97 69.22 84.88
N LYS B 281 27.94 70.13 84.72
CA LYS B 281 27.66 71.55 84.87
C LYS B 281 26.62 72.01 83.86
N GLU B 282 26.76 71.59 82.61
CA GLU B 282 25.79 71.97 81.59
C GLU B 282 24.40 71.38 81.90
N SER B 283 24.36 70.11 82.30
CA SER B 283 23.07 69.47 82.58
C SER B 283 22.38 70.15 83.76
N PHE B 284 23.14 70.45 84.82
CA PHE B 284 22.58 71.17 85.95
C PHE B 284 22.16 72.58 85.56
N LEU B 285 22.88 73.20 84.62
CA LEU B 285 22.47 74.51 84.13
C LEU B 285 21.10 74.45 83.49
N GLU B 286 20.88 73.48 82.59
CA GLU B 286 19.57 73.36 81.96
C GLU B 286 18.50 73.03 82.98
N SER B 287 18.80 72.13 83.92
CA SER B 287 17.81 71.73 84.92
C SER B 287 17.42 72.93 85.79
N ILE B 288 18.40 73.69 86.26
CA ILE B 288 18.10 74.83 87.11
C ILE B 288 17.43 75.94 86.30
N ASN B 289 17.71 76.03 85.00
CA ASN B 289 17.00 76.99 84.16
C ASN B 289 15.53 76.65 84.08
N THR B 290 15.21 75.38 83.82
CA THR B 290 13.80 74.99 83.76
C THR B 290 13.13 75.11 85.13
N TYR B 291 13.89 74.88 86.21
CA TYR B 291 13.34 75.08 87.55
C TYR B 291 13.02 76.55 87.79
N PHE B 292 13.95 77.44 87.43
CA PHE B 292 13.75 78.87 87.61
C PHE B 292 12.60 79.38 86.75
N ARG B 293 12.39 78.77 85.59
CA ARG B 293 11.24 79.16 84.78
C ARG B 293 9.93 78.63 85.35
N ASP B 294 9.95 77.44 85.94
CA ASP B 294 8.75 76.86 86.51
C ASP B 294 8.56 77.16 87.99
N ILE B 295 9.47 77.94 88.60
CA ILE B 295 9.35 78.24 90.02
C ILE B 295 8.43 79.44 90.22
N ARG B 296 7.69 79.42 91.32
CA ARG B 296 6.92 80.56 91.80
C ARG B 296 7.19 80.69 93.29
N GLY B 297 7.50 81.91 93.73
CA GLY B 297 7.72 82.16 95.13
C GLY B 297 9.18 82.40 95.49
N GLU B 298 9.82 81.41 96.12
CA GLU B 298 11.19 81.53 96.59
C GLU B 298 12.00 80.32 96.14
N ILE B 299 13.29 80.53 95.90
CA ILE B 299 14.16 79.43 95.52
C ILE B 299 14.36 78.52 96.74
N ILE B 300 13.89 77.29 96.63
CA ILE B 300 13.90 76.34 97.75
C ILE B 300 15.19 75.55 97.68
N TYR B 301 16.01 75.65 98.73
CA TYR B 301 17.32 75.02 98.74
C TYR B 301 17.21 73.50 98.54
N THR B 302 16.20 72.87 99.15
CA THR B 302 16.05 71.43 99.01
C THR B 302 15.67 71.04 97.59
N LYS B 303 14.82 71.84 96.93
CA LYS B 303 14.53 71.57 95.53
C LYS B 303 15.78 71.72 94.67
N VAL B 304 16.66 72.67 95.01
CA VAL B 304 17.91 72.82 94.26
C VAL B 304 18.81 71.60 94.46
N MET B 305 18.92 71.11 95.70
CA MET B 305 19.72 69.91 95.90
C MET B 305 19.12 68.70 95.20
N GLY B 306 17.79 68.64 95.13
CA GLY B 306 17.16 67.56 94.39
C GLY B 306 17.43 67.63 92.90
N ILE B 307 17.37 68.84 92.34
CA ILE B 307 17.64 69.00 90.90
C ILE B 307 19.13 68.82 90.60
N LEU B 308 19.99 68.98 91.61
CA LEU B 308 21.42 68.74 91.40
C LEU B 308 21.75 67.26 91.51
N ILE B 309 21.18 66.56 92.49
CA ILE B 309 21.53 65.16 92.70
C ILE B 309 21.02 64.30 91.55
N ASN B 310 19.87 64.63 90.97
CA ASN B 310 19.32 63.84 89.88
C ASN B 310 20.06 64.03 88.57
N THR B 311 20.96 65.00 88.51
CA THR B 311 21.77 65.19 87.30
C THR B 311 22.59 63.93 87.02
N THR B 312 22.58 63.50 85.77
CA THR B 312 23.31 62.29 85.40
C THR B 312 24.81 62.47 85.63
N GLY B 313 25.44 61.44 86.18
CA GLY B 313 26.84 61.49 86.53
C GLY B 313 27.13 61.93 87.95
N VAL B 314 26.10 62.15 88.76
CA VAL B 314 26.26 62.54 90.16
C VAL B 314 26.02 61.33 91.04
N HIS B 315 26.93 61.10 92.00
CA HIS B 315 26.77 60.04 92.98
C HIS B 315 26.56 60.56 94.39
N ASP B 316 27.30 61.59 94.80
CA ASP B 316 27.10 62.21 96.11
C ASP B 316 27.62 63.63 96.07
N LEU B 317 27.03 64.48 96.91
CA LEU B 317 27.38 65.89 96.98
C LEU B 317 27.39 66.32 98.45
N SER B 318 28.09 67.42 98.72
CA SER B 318 28.18 67.93 100.08
C SER B 318 28.34 69.45 100.03
N ASN B 319 28.05 70.08 101.17
CA ASN B 319 28.14 71.54 101.38
C ASN B 319 27.62 72.33 100.17
N LEU B 320 26.37 72.05 99.81
CA LEU B 320 25.70 72.85 98.79
C LEU B 320 25.35 74.22 99.35
N LEU B 321 25.59 75.26 98.56
CA LEU B 321 25.31 76.63 98.95
C LEU B 321 24.74 77.41 97.78
N ILE B 322 23.71 78.20 98.05
CA ILE B 322 23.19 79.17 97.09
C ILE B 322 23.43 80.56 97.69
N ASN B 323 24.17 81.39 96.95
CA ASN B 323 24.65 82.68 97.46
C ASN B 323 25.38 82.52 98.79
N GLY B 324 26.10 81.41 98.95
CA GLY B 324 26.87 81.15 100.14
C GLY B 324 26.07 80.66 101.34
N SER B 325 24.78 80.44 101.19
CA SER B 325 23.92 80.03 102.29
C SER B 325 22.99 78.92 101.84
N THR B 326 22.35 78.28 102.80
CA THR B 326 21.37 77.23 102.54
C THR B 326 19.94 77.69 102.77
N ASP B 327 19.71 79.00 102.90
CA ASP B 327 18.40 79.53 103.25
C ASP B 327 17.64 79.94 102.00
N ASN B 328 16.32 79.78 102.06
CA ASN B 328 15.46 80.15 100.94
C ASN B 328 15.50 81.65 100.70
N ILE B 329 15.60 82.04 99.43
CA ILE B 329 15.73 83.43 99.02
C ILE B 329 14.48 83.84 98.27
N THR B 330 13.87 84.94 98.71
CA THR B 330 12.60 85.37 98.11
C THR B 330 12.84 85.96 96.72
N ILE B 331 11.99 85.56 95.78
CA ILE B 331 11.99 86.11 94.43
C ILE B 331 10.86 87.15 94.40
N ASN B 332 11.25 88.43 94.46
CA ASN B 332 10.28 89.51 94.53
C ASN B 332 9.62 89.70 93.15
N GLU B 333 8.67 90.62 93.11
CA GLU B 333 7.93 90.90 91.87
C GLU B 333 8.85 91.48 90.82
N ASP B 334 8.45 91.31 89.56
CA ASP B 334 9.23 91.71 88.37
C ASP B 334 10.69 91.27 88.48
N LYS B 335 10.94 90.16 89.17
CA LYS B 335 12.27 89.61 89.36
C LYS B 335 12.27 88.14 89.00
N ILE B 336 13.34 87.69 88.35
CA ILE B 336 13.50 86.29 88.00
C ILE B 336 14.89 85.82 88.44
N PRO B 337 15.02 84.62 88.99
CA PRO B 337 16.35 84.11 89.33
C PRO B 337 17.15 83.81 88.07
N SER B 338 18.47 83.96 88.19
CA SER B 338 19.37 83.75 87.05
C SER B 338 20.72 83.25 87.57
N VAL B 339 21.25 82.25 86.90
CA VAL B 339 22.56 81.71 87.26
C VAL B 339 23.64 82.64 86.74
N THR B 340 24.51 83.09 87.62
CA THR B 340 25.66 83.91 87.27
C THR B 340 26.99 83.18 87.39
N THR B 341 27.14 82.36 88.43
CA THR B 341 28.38 81.62 88.66
C THR B 341 28.04 80.20 89.11
N VAL B 342 28.85 79.25 88.65
CA VAL B 342 28.74 77.86 89.05
C VAL B 342 30.12 77.40 89.52
N ASN B 343 30.21 77.00 90.79
CA ASN B 343 31.46 76.56 91.39
C ASN B 343 31.31 75.12 91.85
N PHE B 344 31.95 74.20 91.13
CA PHE B 344 31.85 72.77 91.43
C PHE B 344 33.25 72.18 91.58
N SER B 345 33.43 71.39 92.64
CA SER B 345 34.70 70.74 92.92
C SER B 345 34.44 69.30 93.37
N GLU B 346 35.37 68.41 93.03
CA GLU B 346 35.26 67.01 93.42
C GLU B 346 36.05 66.75 94.69
N MET C 1 -25.52 19.90 68.43
CA MET C 1 -26.83 20.15 67.85
C MET C 1 -26.71 20.81 66.48
N LYS C 2 -25.49 21.22 66.13
CA LYS C 2 -25.23 21.82 64.84
C LYS C 2 -24.15 21.10 64.05
N LEU C 3 -23.08 20.64 64.70
CA LEU C 3 -22.03 19.94 63.98
C LEU C 3 -22.41 18.51 63.63
N ILE C 4 -23.31 17.90 64.40
CA ILE C 4 -23.74 16.54 64.12
C ILE C 4 -24.58 16.44 62.86
N ASP C 5 -25.07 17.56 62.34
CA ASP C 5 -25.88 17.54 61.13
C ASP C 5 -25.06 17.31 59.87
N LYS C 6 -23.75 17.45 59.95
CA LYS C 6 -22.88 17.23 58.79
C LYS C 6 -22.41 15.79 58.66
N LEU C 7 -22.88 14.89 59.51
CA LEU C 7 -22.39 13.53 59.47
C LEU C 7 -23.50 12.56 59.09
N PRO C 8 -23.16 11.42 58.49
CA PRO C 8 -24.19 10.43 58.13
C PRO C 8 -24.95 9.93 59.34
N SER C 9 -26.08 9.28 59.07
CA SER C 9 -27.07 9.00 60.10
C SER C 9 -26.63 7.94 61.09
N PHE C 10 -25.64 7.11 60.76
CA PHE C 10 -25.19 6.12 61.72
C PHE C 10 -24.35 6.71 62.84
N ASP C 11 -23.98 7.99 62.73
CA ASP C 11 -23.19 8.67 63.76
C ASP C 11 -24.06 9.34 64.81
N ARG C 12 -25.27 8.86 65.02
CA ARG C 12 -26.21 9.44 65.98
C ARG C 12 -26.07 8.82 67.37
N ASN C 13 -24.95 8.17 67.67
CA ASN C 13 -24.73 7.62 69.00
C ASN C 13 -24.28 8.71 69.97
N TYR C 14 -24.27 8.36 71.26
CA TYR C 14 -24.01 9.36 72.29
C TYR C 14 -22.57 9.84 72.28
N ILE C 15 -21.62 8.96 71.93
CA ILE C 15 -20.21 9.34 71.96
C ILE C 15 -19.93 10.46 70.97
N VAL C 16 -20.34 10.27 69.72
CA VAL C 16 -20.12 11.28 68.69
C VAL C 16 -20.89 12.54 69.03
N GLU C 17 -22.09 12.40 69.61
CA GLU C 17 -22.88 13.57 69.96
C GLU C 17 -22.17 14.42 71.00
N GLU C 18 -21.58 13.80 72.02
CA GLU C 18 -20.81 14.57 73.00
C GLU C 18 -19.59 15.22 72.37
N ILE C 19 -18.87 14.45 71.54
CA ILE C 19 -17.65 14.96 70.93
C ILE C 19 -17.95 16.18 70.08
N GLN C 20 -19.07 16.17 69.36
CA GLN C 20 -19.43 17.29 68.50
C GLN C 20 -20.03 18.46 69.29
N GLY C 21 -20.77 18.20 70.37
CA GLY C 21 -21.28 19.30 71.17
C GLY C 21 -20.18 20.11 71.82
N ALA C 22 -19.09 19.45 72.21
CA ALA C 22 -17.95 20.19 72.75
C ALA C 22 -17.46 21.24 71.74
N TYR C 23 -17.23 20.82 70.50
CA TYR C 23 -16.77 21.76 69.48
C TYR C 23 -17.83 22.79 69.13
N ASP C 24 -19.11 22.44 69.28
CA ASP C 24 -20.16 23.44 69.12
C ASP C 24 -19.96 24.61 70.08
N THR C 25 -19.82 24.31 71.37
CA THR C 25 -19.63 25.38 72.34
C THR C 25 -18.32 26.14 72.07
N GLU C 26 -17.27 25.41 71.71
CA GLU C 26 -15.99 26.06 71.44
C GLU C 26 -16.11 27.06 70.29
N LEU C 27 -16.77 26.67 69.20
CA LEU C 27 -16.90 27.56 68.06
C LEU C 27 -17.81 28.74 68.36
N ASN C 28 -18.83 28.55 69.20
CA ASN C 28 -19.61 29.70 69.66
C ASN C 28 -18.74 30.69 70.40
N ILE C 29 -17.86 30.20 71.26
CA ILE C 29 -16.92 31.07 71.97
C ILE C 29 -16.06 31.84 70.98
N LEU C 30 -15.53 31.15 69.98
CA LEU C 30 -14.64 31.79 69.01
C LEU C 30 -15.35 32.90 68.25
N LYS C 31 -16.58 32.64 67.79
CA LYS C 31 -17.27 33.67 67.02
C LYS C 31 -17.69 34.84 67.90
N GLU C 32 -18.04 34.60 69.16
CA GLU C 32 -18.36 35.74 70.03
C GLU C 32 -17.12 36.58 70.29
N ASP C 33 -15.95 35.95 70.42
CA ASP C 33 -14.72 36.72 70.60
C ASP C 33 -14.40 37.54 69.36
N ILE C 34 -14.62 36.96 68.17
CA ILE C 34 -14.40 37.73 66.94
C ILE C 34 -15.34 38.92 66.88
N ASP C 35 -16.60 38.73 67.27
CA ASP C 35 -17.55 39.84 67.29
C ASP C 35 -17.09 40.93 68.26
N ASP C 36 -16.60 40.55 69.44
CA ASP C 36 -16.12 41.54 70.40
C ASP C 36 -14.92 42.32 69.84
N THR C 37 -13.98 41.62 69.22
CA THR C 37 -12.81 42.30 68.66
C THR C 37 -13.22 43.26 67.56
N PHE C 38 -14.19 42.87 66.73
CA PHE C 38 -14.72 43.81 65.74
C PHE C 38 -15.36 45.02 66.39
N ASN C 39 -16.14 44.80 67.44
CA ASN C 39 -16.82 45.90 68.11
C ASN C 39 -15.83 46.87 68.75
N GLN C 40 -14.66 46.38 69.12
CA GLN C 40 -13.64 47.26 69.71
C GLN C 40 -13.09 48.28 68.72
N LEU C 41 -13.35 48.15 67.43
CA LEU C 41 -12.74 49.04 66.45
C LEU C 41 -13.44 50.38 66.30
N PHE C 42 -14.64 50.54 66.86
CA PHE C 42 -15.33 51.81 66.83
C PHE C 42 -15.12 52.55 68.15
N VAL C 43 -15.03 53.88 68.07
CA VAL C 43 -14.75 54.69 69.25
C VAL C 43 -15.88 54.52 70.27
N ASP C 44 -17.13 54.59 69.81
CA ASP C 44 -18.25 54.52 70.74
C ASP C 44 -18.33 53.16 71.42
N THR C 45 -18.14 52.08 70.68
CA THR C 45 -18.31 50.74 71.24
C THR C 45 -17.05 50.22 71.93
N ALA C 46 -15.93 50.93 71.83
CA ALA C 46 -14.68 50.41 72.38
C ALA C 46 -14.72 50.46 73.90
N THR C 47 -14.37 49.34 74.54
CA THR C 47 -14.24 49.30 75.99
C THR C 47 -12.81 49.02 76.43
N TRP C 48 -12.25 47.86 76.08
CA TRP C 48 -10.90 47.53 76.49
C TRP C 48 -9.87 47.86 75.42
N GLY C 49 -10.28 48.41 74.28
CA GLY C 49 -9.38 48.84 73.24
C GLY C 49 -9.12 50.34 73.20
N LEU C 50 -9.63 51.09 74.18
CA LEU C 50 -9.45 52.54 74.16
C LEU C 50 -7.98 52.92 74.29
N ASP C 51 -7.17 52.10 74.97
CA ASP C 51 -5.77 52.42 75.16
C ASP C 51 -5.03 52.50 73.83
N MET C 52 -5.46 51.73 72.83
CA MET C 52 -4.89 51.89 71.49
C MET C 52 -5.20 53.27 70.93
N TRP C 53 -6.42 53.76 71.16
CA TRP C 53 -6.75 55.12 70.76
C TRP C 53 -5.85 56.13 71.44
N GLU C 54 -5.60 55.94 72.74
CA GLU C 54 -4.70 56.84 73.44
C GLU C 54 -3.30 56.80 72.85
N ASP C 55 -2.80 55.60 72.55
CA ASP C 55 -1.47 55.46 71.96
C ASP C 55 -1.40 56.15 70.61
N ILE C 56 -2.49 56.11 69.83
CA ILE C 56 -2.52 56.82 68.56
C ILE C 56 -2.46 58.33 68.80
N LEU C 57 -3.27 58.83 69.72
CA LEU C 57 -3.39 60.27 69.91
C LEU C 57 -2.44 60.83 70.97
N CYS C 58 -1.60 59.99 71.56
CA CYS C 58 -0.51 60.43 72.45
C CYS C 58 -1.03 61.20 73.66
N ILE C 59 -2.14 60.75 74.23
CA ILE C 59 -2.71 61.35 75.42
C ILE C 59 -2.54 60.39 76.58
N GLU C 60 -2.13 60.91 77.73
CA GLU C 60 -1.87 60.11 78.92
C GLU C 60 -2.83 60.54 80.01
N LYS C 61 -3.56 59.58 80.57
CA LYS C 61 -4.67 59.89 81.47
C LYS C 61 -4.78 58.79 82.52
N LYS C 62 -5.42 59.15 83.63
CA LYS C 62 -5.73 58.23 84.72
C LYS C 62 -7.15 57.71 84.53
N GLU C 63 -7.32 56.39 84.66
CA GLU C 63 -8.58 55.76 84.36
C GLU C 63 -9.69 56.24 85.29
N LEU C 64 -10.73 56.86 84.71
CA LEU C 64 -11.89 57.30 85.46
C LEU C 64 -13.18 56.65 84.99
N ASP C 65 -13.49 56.73 83.71
CA ASP C 65 -14.74 56.18 83.19
C ASP C 65 -14.60 55.97 81.69
N PHE C 66 -15.54 55.21 81.14
CA PHE C 66 -15.53 54.93 79.71
C PHE C 66 -15.97 56.16 78.92
N ASP C 67 -17.05 56.80 79.36
CA ASP C 67 -17.59 57.95 78.64
C ASP C 67 -16.59 59.10 78.61
N THR C 68 -15.90 59.33 79.73
CA THR C 68 -14.91 60.40 79.77
C THR C 68 -13.77 60.13 78.79
N ARG C 69 -13.29 58.89 78.73
CA ARG C 69 -12.23 58.54 77.79
C ARG C 69 -12.68 58.75 76.36
N ARG C 70 -13.90 58.29 76.04
CA ARG C 70 -14.42 58.45 74.69
C ARG C 70 -14.58 59.92 74.33
N SER C 71 -15.07 60.72 75.28
CA SER C 71 -15.24 62.15 75.01
C SER C 71 -13.89 62.83 74.78
N ASN C 72 -12.89 62.50 75.59
CA ASN C 72 -11.58 63.10 75.39
C ASN C 72 -11.01 62.73 74.03
N ILE C 73 -11.15 61.46 73.64
CA ILE C 73 -10.67 61.01 72.33
C ILE C 73 -11.39 61.79 71.22
N LYS C 74 -12.72 61.84 71.31
CA LYS C 74 -13.51 62.49 70.27
C LYS C 74 -13.18 63.96 70.14
N ALA C 75 -13.08 64.66 71.28
CA ALA C 75 -12.76 66.08 71.26
C ALA C 75 -11.35 66.32 70.73
N LYS C 76 -10.41 65.42 71.02
CA LYS C 76 -9.08 65.54 70.42
C LYS C 76 -9.16 65.44 68.90
N MET C 77 -9.96 64.50 68.39
CA MET C 77 -10.09 64.41 66.93
C MET C 77 -10.77 65.65 66.34
N ARG C 78 -11.80 66.17 67.01
CA ARG C 78 -12.55 67.28 66.44
C ARG C 78 -11.79 68.60 66.56
N SER C 79 -10.92 68.74 67.55
CA SER C 79 -10.24 70.03 67.73
C SER C 79 -9.15 70.25 66.69
N ARG C 80 -8.58 69.19 66.15
CA ARG C 80 -7.50 69.31 65.19
C ARG C 80 -7.99 69.99 63.92
N GLY C 81 -7.10 70.77 63.31
CA GLY C 81 -7.38 71.40 62.03
C GLY C 81 -7.99 72.77 62.13
N THR C 82 -8.97 73.06 61.28
CA THR C 82 -9.59 74.38 61.26
C THR C 82 -10.42 74.60 62.51
N SER C 83 -10.36 75.83 63.02
CA SER C 83 -11.15 76.24 64.18
C SER C 83 -12.16 77.28 63.73
N THR C 84 -13.44 76.97 63.88
CA THR C 84 -14.52 77.87 63.51
C THR C 84 -15.59 77.80 64.60
N ILE C 85 -16.75 78.38 64.31
CA ILE C 85 -17.87 78.30 65.25
C ILE C 85 -18.31 76.85 65.42
N GLU C 86 -18.49 76.15 64.30
CA GLU C 86 -19.03 74.80 64.34
C GLU C 86 -18.09 73.81 65.02
N VAL C 87 -16.78 74.03 64.92
CA VAL C 87 -15.83 73.15 65.61
C VAL C 87 -16.01 73.25 67.12
N ILE C 88 -16.11 74.48 67.62
CA ILE C 88 -16.31 74.69 69.04
C ILE C 88 -17.66 74.12 69.49
N LYS C 89 -18.70 74.32 68.68
CA LYS C 89 -19.99 73.73 69.01
C LYS C 89 -19.91 72.21 69.04
N SER C 90 -19.16 71.61 68.11
CA SER C 90 -19.00 70.16 68.09
C SER C 90 -18.30 69.65 69.34
N ILE C 91 -17.25 70.36 69.77
CA ILE C 91 -16.57 69.95 71.00
C ILE C 91 -17.52 70.07 72.19
N CYS C 92 -18.26 71.18 72.26
CA CYS C 92 -19.16 71.42 73.38
C CYS C 92 -20.27 70.36 73.44
N GLU C 93 -20.78 69.93 72.28
CA GLU C 93 -21.80 68.88 72.29
C GLU C 93 -21.20 67.50 72.52
N ALA C 94 -19.97 67.27 72.06
CA ALA C 94 -19.30 66.00 72.37
C ALA C 94 -19.09 65.84 73.86
N TYR C 95 -18.92 66.96 74.57
CA TYR C 95 -18.79 66.87 76.02
C TYR C 95 -20.13 66.88 76.75
N THR C 96 -21.07 67.73 76.31
CA THR C 96 -22.34 67.92 77.01
C THR C 96 -23.48 67.07 76.44
N LYS C 97 -23.22 66.33 75.36
CA LYS C 97 -24.18 65.36 74.81
C LYS C 97 -25.54 66.00 74.53
N SER C 98 -25.53 67.21 73.97
CA SER C 98 -26.76 67.94 73.73
C SER C 98 -26.51 69.03 72.70
N GLU C 99 -27.61 69.62 72.22
CA GLU C 99 -27.51 70.75 71.31
C GLU C 99 -26.89 71.96 72.01
N THR C 100 -26.06 72.71 71.27
CA THR C 100 -25.35 73.85 71.82
C THR C 100 -25.56 75.04 70.90
N ASP C 101 -25.88 76.20 71.48
CA ASP C 101 -26.02 77.45 70.76
C ASP C 101 -25.02 78.44 71.31
N ILE C 102 -24.33 79.16 70.42
CA ILE C 102 -23.30 80.12 70.81
C ILE C 102 -23.75 81.52 70.42
N LYS C 103 -23.51 82.48 71.31
CA LYS C 103 -23.70 83.89 71.04
C LYS C 103 -22.38 84.61 71.25
N VAL C 104 -22.06 85.53 70.35
CA VAL C 104 -20.76 86.19 70.32
C VAL C 104 -20.93 87.67 70.60
N TYR C 105 -20.02 88.22 71.39
CA TYR C 105 -19.96 89.66 71.67
C TYR C 105 -18.66 90.20 71.11
N SER C 106 -18.73 90.77 69.90
CA SER C 106 -17.53 91.30 69.26
C SER C 106 -16.94 92.47 70.03
N ASP C 107 -17.79 93.39 70.51
CA ASP C 107 -17.31 94.58 71.17
C ASP C 107 -16.58 94.25 72.48
N GLU C 108 -17.13 93.34 73.27
CA GLU C 108 -16.54 92.97 74.54
C GLU C 108 -15.53 91.84 74.43
N PHE C 109 -15.34 91.29 73.23
CA PHE C 109 -14.43 90.16 73.00
C PHE C 109 -14.82 88.99 73.90
N THR C 110 -16.08 88.57 73.77
CA THR C 110 -16.65 87.53 74.61
C THR C 110 -17.60 86.69 73.78
N PHE C 111 -17.64 85.39 74.06
CA PHE C 111 -18.67 84.50 73.53
C PHE C 111 -19.18 83.63 74.66
N VAL C 112 -20.43 83.18 74.53
CA VAL C 112 -21.07 82.33 75.52
C VAL C 112 -21.62 81.09 74.82
N LEU C 113 -21.39 79.93 75.42
CA LEU C 113 -21.93 78.66 74.94
C LEU C 113 -23.10 78.27 75.83
N SER C 114 -24.26 78.10 75.23
CA SER C 114 -25.46 77.69 75.95
C SER C 114 -25.86 76.28 75.55
N PHE C 115 -26.29 75.50 76.54
CA PHE C 115 -26.64 74.10 76.33
C PHE C 115 -27.49 73.65 77.50
N ILE C 116 -28.19 72.53 77.31
CA ILE C 116 -29.06 71.97 78.34
C ILE C 116 -28.23 71.01 79.20
N ALA C 117 -28.15 71.31 80.49
CA ALA C 117 -27.34 70.53 81.42
C ALA C 117 -28.21 69.78 82.43
N ASN C 118 -29.34 69.25 81.96
CA ASN C 118 -30.20 68.43 82.82
C ASN C 118 -29.59 67.08 83.14
N ASN C 119 -28.54 66.68 82.42
CA ASN C 119 -27.87 65.41 82.65
C ASN C 119 -26.36 65.57 82.59
N CYS C 120 -25.85 66.73 82.97
CA CYS C 120 -24.44 67.06 82.87
C CYS C 120 -23.86 67.30 84.26
N ASP C 121 -22.69 66.74 84.51
CA ASP C 121 -22.04 66.84 85.81
C ASP C 121 -21.06 68.02 85.83
N TYR C 122 -20.64 68.39 87.04
CA TYR C 122 -19.73 69.52 87.19
C TYR C 122 -18.33 69.17 86.70
N LYS C 123 -17.87 67.94 86.97
CA LYS C 123 -16.51 67.56 86.57
C LYS C 123 -16.37 67.53 85.06
N THR C 124 -17.34 66.93 84.36
CA THR C 124 -17.27 66.92 82.90
C THR C 124 -17.37 68.33 82.33
N LEU C 125 -18.16 69.20 82.96
CA LEU C 125 -18.22 70.60 82.53
C LEU C 125 -16.87 71.29 82.69
N LEU C 126 -16.19 71.04 83.81
CA LEU C 126 -14.87 71.62 84.03
C LEU C 126 -13.88 71.12 82.98
N ASP C 127 -13.92 69.82 82.69
CA ASP C 127 -13.03 69.26 81.67
C ASP C 127 -13.32 69.88 80.30
N CYS C 128 -14.59 70.05 79.96
CA CYS C 128 -14.95 70.69 78.69
C CYS C 128 -14.45 72.13 78.64
N SER C 129 -14.58 72.87 79.74
CA SER C 129 -14.09 74.24 79.78
C SER C 129 -12.58 74.29 79.60
N ASP C 130 -11.86 73.36 80.22
CA ASP C 130 -10.41 73.32 80.06
C ASP C 130 -10.02 73.01 78.62
N MET C 131 -10.73 72.07 78.00
CA MET C 131 -10.51 71.77 76.59
C MET C 131 -10.71 73.01 75.73
N ILE C 132 -11.82 73.72 75.96
CA ILE C 132 -12.11 74.93 75.19
C ILE C 132 -11.03 75.98 75.41
N GLU C 133 -10.62 76.18 76.66
CA GLU C 133 -9.56 77.15 76.96
C GLU C 133 -8.29 76.81 76.22
N ARG C 134 -7.94 75.53 76.15
CA ARG C 134 -6.78 75.13 75.36
C ARG C 134 -7.00 75.42 73.87
N VAL C 135 -8.23 75.31 73.38
CA VAL C 135 -8.50 75.45 71.96
C VAL C 135 -8.85 76.89 71.59
N LYS C 136 -9.56 77.60 72.46
CA LYS C 136 -10.08 78.92 72.13
C LYS C 136 -8.94 79.89 71.83
N PRO C 137 -9.15 80.84 70.90
CA PRO C 137 -8.15 81.89 70.68
C PRO C 137 -7.89 82.69 71.95
N ALA C 138 -6.63 83.09 72.13
CA ALA C 138 -6.18 83.61 73.42
C ALA C 138 -6.89 84.91 73.79
N HIS C 139 -7.25 85.74 72.81
CA HIS C 139 -7.80 87.05 73.12
C HIS C 139 -9.26 87.01 73.58
N LEU C 140 -9.95 85.89 73.42
CA LEU C 140 -11.39 85.84 73.61
C LEU C 140 -11.74 85.37 75.02
N LEU C 141 -12.82 85.92 75.55
CA LEU C 141 -13.40 85.44 76.79
C LEU C 141 -14.38 84.31 76.49
N HIS C 142 -14.47 83.37 77.42
CA HIS C 142 -15.42 82.27 77.28
C HIS C 142 -16.22 82.14 78.56
N TYR C 143 -17.54 82.08 78.42
CA TYR C 143 -18.46 81.88 79.53
C TYR C 143 -19.42 80.76 79.19
N LEU C 144 -19.72 79.92 80.17
CA LEU C 144 -20.62 78.80 80.00
C LEU C 144 -22.01 79.14 80.54
N GLU C 145 -23.04 78.61 79.88
CA GLU C 145 -24.43 78.85 80.26
C GLU C 145 -25.19 77.52 80.32
N PRO C 146 -25.06 76.76 81.40
CA PRO C 146 -25.91 75.58 81.58
C PRO C 146 -27.36 75.98 81.80
N ILE C 147 -28.25 75.42 81.00
CA ILE C 147 -29.69 75.65 81.16
C ILE C 147 -30.28 74.43 81.86
N ILE C 148 -30.87 74.65 83.03
CA ILE C 148 -31.47 73.56 83.79
C ILE C 148 -32.97 73.52 83.57
N ALA D 2 15.78 31.79 -6.80
CA ALA D 2 16.90 31.49 -5.91
C ALA D 2 17.11 29.99 -5.76
N ASN D 3 18.24 29.51 -6.25
CA ASN D 3 18.62 28.12 -6.09
C ASN D 3 19.04 27.86 -4.64
N PRO D 4 18.45 26.86 -3.97
CA PRO D 4 18.77 26.64 -2.54
C PRO D 4 20.22 26.31 -2.26
N ILE D 5 20.93 25.65 -3.17
CA ILE D 5 22.33 25.31 -2.92
C ILE D 5 23.18 26.57 -2.82
N ASN D 6 22.97 27.53 -3.73
CA ASN D 6 23.71 28.78 -3.68
C ASN D 6 23.41 29.56 -2.41
N GLU D 7 22.15 29.55 -1.99
CA GLU D 7 21.78 30.22 -0.75
C GLU D 7 22.45 29.57 0.45
N PHE D 8 22.53 28.24 0.46
CA PHE D 8 23.23 27.53 1.53
C PHE D 8 24.70 27.90 1.57
N ILE D 9 25.35 27.96 0.40
CA ILE D 9 26.76 28.33 0.35
C ILE D 9 26.97 29.75 0.86
N GLY D 10 26.09 30.67 0.46
CA GLY D 10 26.17 32.04 0.97
C GLY D 10 25.97 32.11 2.47
N ILE D 11 25.06 31.30 3.00
CA ILE D 11 24.84 31.27 4.44
C ILE D 11 26.08 30.78 5.16
N ILE D 12 26.73 29.74 4.63
CA ILE D 12 27.96 29.25 5.24
C ILE D 12 29.03 30.33 5.23
N ARG D 13 29.21 31.00 4.08
CA ARG D 13 30.22 32.03 3.98
C ARG D 13 29.97 33.17 4.96
N GLU D 14 28.70 33.55 5.15
CA GLU D 14 28.39 34.64 6.07
C GLU D 14 28.56 34.23 7.53
N GLU D 15 28.05 33.04 7.90
CA GLU D 15 28.13 32.63 9.29
C GLU D 15 29.53 32.21 9.71
N GLY D 16 30.43 31.95 8.76
CA GLY D 16 31.80 31.65 9.13
C GLY D 16 32.57 32.84 9.67
N LYS D 17 32.02 34.04 9.55
CA LYS D 17 32.73 35.26 9.89
C LYS D 17 32.27 35.86 11.21
N TYR D 18 31.48 35.12 11.99
CA TYR D 18 30.84 35.69 13.16
C TYR D 18 31.84 36.02 14.26
N HIS D 19 32.84 35.17 14.46
CA HIS D 19 33.75 35.30 15.59
C HIS D 19 34.97 36.15 15.26
N ASN D 20 35.15 36.54 14.00
CA ASN D 20 36.35 37.26 13.60
C ASN D 20 36.37 38.68 14.15
N GLN D 21 37.58 39.16 14.43
CA GLN D 21 37.84 40.47 14.99
C GLN D 21 38.83 41.20 14.11
N PRO D 22 38.74 42.52 14.02
CA PRO D 22 39.66 43.27 13.15
C PRO D 22 41.09 43.16 13.64
N SER D 23 42.03 43.23 12.68
CA SER D 23 43.44 43.09 13.00
C SER D 23 43.96 44.29 13.78
N PHE D 24 43.64 45.51 13.32
CA PHE D 24 44.15 46.72 13.93
C PHE D 24 43.03 47.73 14.05
N PHE D 25 43.33 48.83 14.74
CA PHE D 25 42.40 49.93 14.91
C PHE D 25 43.10 51.23 14.56
N ILE D 26 42.32 52.22 14.13
CA ILE D 26 42.82 53.55 13.79
C ILE D 26 42.24 54.54 14.80
N GLY D 27 43.09 55.38 15.39
CA GLY D 27 42.62 56.34 16.37
C GLY D 27 43.22 57.73 16.23
N LYS D 28 42.50 58.74 16.72
CA LYS D 28 42.99 60.12 16.67
C LYS D 28 43.08 60.74 18.07
N ILE D 29 44.21 61.36 18.36
CA ILE D 29 44.49 61.99 19.65
C ILE D 29 43.68 63.25 19.95
N LYS D 30 43.32 63.44 21.23
CA LYS D 30 42.61 64.63 21.65
C LYS D 30 43.44 65.50 22.57
N SER D 31 44.37 64.89 23.30
CA SER D 31 45.26 65.63 24.19
C SER D 31 46.71 65.26 23.89
N LYS D 32 47.60 66.17 24.26
CA LYS D 32 49.01 66.03 23.93
C LYS D 32 49.62 64.83 24.66
N LEU D 33 50.87 64.53 24.32
CA LEU D 33 51.47 63.27 24.78
C LEU D 33 51.57 63.12 26.29
N PRO D 34 51.99 64.12 27.08
CA PRO D 34 52.12 63.88 28.52
C PRO D 34 50.84 63.34 29.17
N ASP D 35 49.68 63.83 28.76
CA ASP D 35 48.40 63.29 29.19
C ASP D 35 47.64 62.86 27.93
N LEU D 36 47.91 61.65 27.46
CA LEU D 36 47.44 61.20 26.16
C LEU D 36 46.00 60.70 26.23
N LYS D 37 45.19 61.11 25.25
CA LYS D 37 43.83 60.64 25.12
C LYS D 37 43.58 60.28 23.67
N ILE D 38 42.97 59.11 23.45
CA ILE D 38 42.75 58.59 22.10
C ILE D 38 41.29 58.21 21.92
N GLU D 39 40.71 58.59 20.77
CA GLU D 39 39.32 58.30 20.45
C GLU D 39 39.23 57.30 19.30
N THR D 40 38.52 56.20 19.52
CA THR D 40 38.25 55.22 18.48
C THR D 40 36.91 54.57 18.75
N ASN D 41 36.10 54.43 17.70
CA ASN D 41 34.79 53.76 17.79
C ASN D 41 33.94 54.35 18.90
N ASN D 42 33.92 55.68 18.99
CA ASN D 42 33.12 56.40 19.99
C ASN D 42 33.55 56.04 21.42
N ILE D 43 34.81 55.66 21.59
CA ILE D 43 35.38 55.33 22.88
C ILE D 43 36.64 56.16 23.06
N ILE D 44 36.79 56.79 24.21
CA ILE D 44 37.96 57.59 24.54
C ILE D 44 38.83 56.80 25.50
N LEU D 45 40.09 56.64 25.16
CA LEU D 45 41.03 55.90 25.98
C LEU D 45 41.82 56.84 26.89
N GLU D 46 42.09 56.37 28.10
CA GLU D 46 42.87 57.12 29.07
C GLU D 46 44.24 56.49 29.18
N LYS D 47 45.03 56.99 30.13
CA LYS D 47 46.36 56.42 30.28
C LYS D 47 46.33 55.05 30.94
N GLU D 48 45.23 54.68 31.58
CA GLU D 48 45.14 53.32 32.13
C GLU D 48 45.00 52.27 31.03
N ASP D 49 44.56 52.68 29.83
CA ASP D 49 44.23 51.75 28.76
C ASP D 49 45.23 51.74 27.60
N ILE D 50 46.40 52.35 27.76
CA ILE D 50 47.29 52.58 26.62
C ILE D 50 48.67 51.98 26.93
N LEU D 51 49.18 51.19 25.98
CA LEU D 51 50.58 50.78 25.95
C LEU D 51 51.22 51.45 24.74
N ILE D 52 52.38 52.07 24.94
CA ILE D 52 52.98 52.88 23.89
C ILE D 52 54.37 52.34 23.56
N ASP D 53 54.82 52.68 22.35
CA ASP D 53 56.17 52.34 21.91
C ASP D 53 57.19 53.09 22.76
N SER D 54 58.31 52.42 23.04
CA SER D 54 59.34 53.01 23.88
C SER D 54 59.99 54.22 23.22
N TRP D 55 60.20 54.18 21.90
CA TRP D 55 60.87 55.28 21.21
C TRP D 55 60.07 56.57 21.32
N MET D 56 58.74 56.47 21.39
CA MET D 56 57.92 57.68 21.52
C MET D 56 58.23 58.39 22.84
N ILE D 57 58.39 57.63 23.92
CA ILE D 57 58.73 58.23 25.20
C ILE D 57 60.17 58.71 25.21
N ASP D 58 61.07 57.94 24.61
CA ASP D 58 62.49 58.26 24.67
C ASP D 58 62.81 59.56 23.94
N ARG D 59 62.20 59.80 22.79
CA ARG D 59 62.57 60.93 21.95
C ARG D 59 62.16 62.28 22.54
N GLN D 60 61.32 62.30 23.58
CA GLN D 60 60.94 63.57 24.20
C GLN D 60 61.93 63.96 25.29
N LEU D 61 63.21 63.91 24.97
CA LEU D 61 64.27 64.36 25.85
C LEU D 61 64.61 65.80 25.49
N GLU D 62 64.58 66.69 26.48
CA GLU D 62 64.71 68.11 26.19
C GLU D 62 66.11 68.47 25.74
N THR D 63 67.13 68.02 26.45
CA THR D 63 68.48 68.50 26.20
C THR D 63 69.50 67.43 26.54
N PHE D 64 70.67 67.52 25.90
CA PHE D 64 71.81 66.68 26.22
C PHE D 64 73.08 67.46 25.94
N ASP D 65 74.21 66.96 26.46
CA ASP D 65 75.47 67.69 26.46
C ASP D 65 76.55 66.89 25.73
N THR D 66 77.56 67.62 25.24
CA THR D 66 78.71 67.02 24.58
C THR D 66 79.86 66.83 25.56
N GLU D 67 80.89 66.12 25.11
CA GLU D 67 82.10 65.90 25.90
C GLU D 67 82.95 67.16 25.95
N THR D 68 83.74 67.31 27.01
CA THR D 68 84.59 68.48 27.18
C THR D 68 85.80 68.39 26.25
N ASN D 69 86.22 69.55 25.78
CA ASN D 69 87.44 69.71 24.97
C ASN D 69 87.78 71.18 24.95
N GLN D 70 89.08 71.48 24.94
CA GLN D 70 89.57 72.85 25.02
C GLN D 70 89.03 73.56 26.26
N GLU D 71 88.83 72.80 27.34
CA GLU D 71 88.40 73.33 28.63
C GLU D 71 87.07 74.07 28.52
N HIS D 72 86.17 73.57 27.68
CA HIS D 72 84.84 74.13 27.56
C HIS D 72 83.90 73.08 26.99
N GLN D 73 82.60 73.27 27.26
CA GLN D 73 81.57 72.35 26.82
C GLN D 73 80.46 73.12 26.12
N HIS D 74 79.60 72.39 25.42
CA HIS D 74 78.45 72.96 24.76
C HIS D 74 77.20 72.18 25.13
N GLU D 75 76.07 72.86 25.05
CA GLU D 75 74.75 72.26 25.28
C GLU D 75 74.05 72.22 23.94
N VAL D 76 73.47 71.07 23.60
CA VAL D 76 72.77 70.91 22.33
C VAL D 76 71.31 70.56 22.61
N LYS D 77 70.40 71.29 21.98
CA LYS D 77 68.97 71.03 22.13
C LYS D 77 68.55 69.88 21.22
N ASN D 78 67.77 68.95 21.75
CA ASN D 78 67.32 67.81 20.96
C ASN D 78 66.36 68.27 19.88
N PRO D 79 66.63 68.00 18.61
CA PRO D 79 65.72 68.42 17.53
C PRO D 79 64.68 67.38 17.12
N PHE D 80 64.70 66.18 17.71
CA PHE D 80 63.78 65.12 17.33
C PHE D 80 62.54 65.07 18.21
N ILE D 81 62.38 66.01 19.15
CA ILE D 81 61.24 66.00 20.04
C ILE D 81 59.96 66.27 19.24
N ASP D 82 58.93 65.46 19.48
CA ASP D 82 57.67 65.61 18.76
C ASP D 82 56.56 65.18 19.72
N ASN D 83 55.73 66.13 20.11
CA ASN D 83 54.52 65.86 20.86
C ASN D 83 53.33 65.85 19.91
N PHE D 84 52.53 64.79 19.96
CA PHE D 84 51.42 64.68 19.02
C PHE D 84 50.42 65.80 19.21
N GLU D 85 49.99 66.39 18.11
CA GLU D 85 48.96 67.43 18.15
C GLU D 85 47.59 66.80 18.04
N SER D 86 46.58 67.56 18.44
CA SER D 86 45.21 67.08 18.39
C SER D 86 44.75 66.92 16.95
N GLY D 87 44.26 65.73 16.61
CA GLY D 87 43.84 65.42 15.26
C GLY D 87 44.75 64.53 14.47
N ASP D 88 45.81 63.98 15.09
CA ASP D 88 46.72 63.10 14.38
C ASP D 88 46.20 61.67 14.36
N MET D 89 46.75 60.87 13.46
CA MET D 89 46.31 59.50 13.22
C MET D 89 47.36 58.52 13.71
N VAL D 90 46.91 57.44 14.35
CA VAL D 90 47.81 56.41 14.86
C VAL D 90 47.27 55.04 14.48
N ILE D 91 48.18 54.06 14.48
CA ILE D 91 47.87 52.66 14.25
C ILE D 91 48.06 51.92 15.57
N MET D 92 47.05 51.15 15.97
CA MET D 92 47.06 50.54 17.30
C MET D 92 46.52 49.12 17.24
N PHE D 93 47.06 48.26 18.11
CA PHE D 93 46.70 46.86 18.18
C PHE D 93 46.18 46.53 19.57
N ARG D 94 45.10 45.75 19.63
CA ARG D 94 44.41 45.49 20.89
C ARG D 94 44.98 44.25 21.55
N ILE D 95 45.42 44.38 22.79
CA ILE D 95 46.04 43.31 23.55
C ILE D 95 45.27 43.18 24.86
N GLY D 96 44.41 42.17 24.96
CA GLY D 96 43.64 41.98 26.16
C GLY D 96 42.63 43.08 26.40
N GLU D 97 42.88 43.92 27.40
CA GLU D 97 41.97 44.99 27.76
C GLU D 97 42.50 46.38 27.44
N LYS D 98 43.70 46.49 26.88
CA LYS D 98 44.28 47.78 26.54
C LYS D 98 44.87 47.74 25.14
N PHE D 99 44.92 48.91 24.52
CA PHE D 99 45.44 49.06 23.17
C PHE D 99 46.91 49.44 23.19
N ALA D 100 47.63 48.95 22.19
CA ALA D 100 49.07 49.20 22.05
C ALA D 100 49.30 50.10 20.85
N VAL D 101 49.92 51.25 21.09
CA VAL D 101 50.16 52.23 20.04
C VAL D 101 51.53 51.97 19.43
N VAL D 102 51.56 51.71 18.13
CA VAL D 102 52.77 51.26 17.45
C VAL D 102 53.46 52.40 16.73
N SER D 103 52.73 53.17 15.92
CA SER D 103 53.34 54.27 15.18
C SER D 103 52.28 55.29 14.82
N LYS D 104 52.76 56.47 14.43
CA LYS D 104 51.91 57.56 13.96
C LYS D 104 52.11 57.72 12.46
N LEU D 105 51.01 57.88 11.72
CA LEU D 105 51.03 57.89 10.28
C LEU D 105 50.78 59.29 9.75
N VAL D 106 51.59 59.71 8.79
CA VAL D 106 51.37 60.97 8.07
C VAL D 106 51.45 60.71 6.59
N SER D 107 50.74 61.53 5.81
CA SER D 107 50.83 61.46 4.36
C SER D 107 52.08 62.17 3.89
N LEU D 108 52.93 61.45 3.18
CA LEU D 108 54.18 62.02 2.65
C LEU D 108 54.06 62.46 1.21
N ALA E 795 14.78 15.06 -6.68
CA ALA E 795 14.26 16.37 -6.34
C ALA E 795 14.01 16.49 -4.84
N ASP E 796 14.04 15.35 -4.15
CA ASP E 796 13.84 15.36 -2.71
C ASP E 796 14.90 16.19 -2.01
N ILE E 797 16.15 16.09 -2.48
CA ILE E 797 17.23 16.85 -1.87
C ILE E 797 16.99 18.34 -2.02
N GLU E 798 16.43 18.77 -3.15
CA GLU E 798 16.14 20.19 -3.34
C GLU E 798 15.10 20.69 -2.37
N LYS E 799 14.02 19.92 -2.15
CA LYS E 799 13.00 20.33 -1.20
C LYS E 799 13.53 20.37 0.21
N ILE E 800 14.34 19.37 0.58
CA ILE E 800 14.94 19.36 1.92
C ILE E 800 15.85 20.56 2.11
N THR E 801 16.65 20.89 1.09
CA THR E 801 17.53 22.04 1.17
C THR E 801 16.75 23.33 1.29
N SER E 802 15.64 23.44 0.56
CA SER E 802 14.81 24.64 0.65
C SER E 802 14.26 24.82 2.06
N LYS E 803 13.76 23.74 2.65
CA LYS E 803 13.23 23.83 4.00
C LYS E 803 14.31 24.19 5.01
N LEU E 804 15.49 23.58 4.87
CA LEU E 804 16.59 23.89 5.77
C LEU E 804 17.01 25.35 5.66
N VAL E 805 17.09 25.87 4.43
CA VAL E 805 17.48 27.27 4.24
C VAL E 805 16.45 28.20 4.86
N ALA E 806 15.16 27.93 4.67
CA ALA E 806 14.13 28.78 5.26
C ALA E 806 14.23 28.78 6.78
N SER E 807 14.41 27.60 7.37
CA SER E 807 14.52 27.51 8.83
C SER E 807 15.73 28.29 9.34
N ILE E 808 16.87 28.16 8.66
CA ILE E 808 18.08 28.86 9.09
C ILE E 808 17.89 30.37 9.00
N GLN E 809 17.24 30.85 7.94
CA GLN E 809 17.03 32.28 7.80
C GLN E 809 16.11 32.82 8.88
N LEU E 810 15.04 32.09 9.20
CA LEU E 810 14.17 32.51 10.30
C LEU E 810 14.94 32.58 11.61
N ALA E 811 15.76 31.56 11.89
CA ALA E 811 16.53 31.54 13.13
C ALA E 811 17.53 32.69 13.17
N GLN E 812 18.14 33.03 12.03
CA GLN E 812 19.06 34.16 11.98
C GLN E 812 18.34 35.46 12.31
N LEU E 813 17.13 35.64 11.77
CA LEU E 813 16.36 36.84 12.09
C LEU E 813 16.03 36.89 13.58
N GLY E 814 15.65 35.75 14.16
CA GLY E 814 15.29 35.74 15.57
C GLY E 814 16.45 35.96 16.52
N GLY E 815 17.68 35.72 16.08
CA GLY E 815 18.85 35.85 16.93
C GLY E 815 19.21 34.55 17.59
N VAL E 816 20.48 34.14 17.48
CA VAL E 816 20.96 32.89 18.06
C VAL E 816 22.19 33.22 18.90
N LEU E 817 22.19 32.73 20.14
CA LEU E 817 23.30 32.95 21.04
C LEU E 817 24.51 32.14 20.63
N MET F 1 -33.46 -9.44 27.15
CA MET F 1 -32.42 -8.41 27.26
C MET F 1 -32.89 -7.09 26.67
N GLU F 2 -32.33 -5.99 27.18
CA GLU F 2 -32.67 -4.65 26.71
C GLU F 2 -31.39 -3.92 26.35
N MET F 3 -31.52 -2.93 25.48
CA MET F 3 -30.40 -2.11 25.04
C MET F 3 -30.70 -0.64 25.31
N TRP F 4 -29.77 0.05 25.97
CA TRP F 4 -29.94 1.44 26.34
C TRP F 4 -28.74 2.27 25.92
N LEU F 5 -29.01 3.51 25.51
CA LEU F 5 -27.99 4.54 25.35
C LEU F 5 -28.45 5.74 26.17
N ARG F 6 -27.61 6.20 27.10
CA ARG F 6 -28.01 7.23 28.05
C ARG F 6 -26.97 8.33 28.12
N GLN F 7 -27.43 9.57 28.13
CA GLN F 7 -26.59 10.74 28.31
C GLN F 7 -27.09 11.46 29.57
N ALA F 8 -26.41 11.24 30.68
CA ALA F 8 -26.83 11.74 32.00
C ALA F 8 -28.25 11.23 32.25
N GLU F 9 -29.24 12.09 32.49
CA GLU F 9 -30.59 11.64 32.75
C GLU F 9 -31.39 11.37 31.48
N ASP F 10 -30.88 11.78 30.32
CA ASP F 10 -31.58 11.59 29.05
C ASP F 10 -31.30 10.18 28.54
N ARG F 11 -32.32 9.34 28.46
CA ARG F 11 -32.15 7.93 28.13
C ARG F 11 -32.97 7.54 26.92
N PHE F 12 -32.43 6.62 26.13
CA PHE F 12 -33.08 6.10 24.94
C PHE F 12 -32.97 4.58 24.94
N ARG F 13 -34.09 3.90 24.70
CA ARG F 13 -34.12 2.44 24.66
C ARG F 13 -34.55 1.99 23.27
N PHE F 14 -33.79 1.06 22.70
CA PHE F 14 -34.00 0.64 21.32
C PHE F 14 -35.28 -0.18 21.20
N PRO F 15 -36.16 0.13 20.24
CA PRO F 15 -37.45 -0.56 20.16
C PRO F 15 -37.39 -1.99 19.62
N VAL F 16 -36.44 -2.30 18.74
CA VAL F 16 -36.28 -3.64 18.20
C VAL F 16 -34.88 -4.12 18.53
N PHE F 17 -34.77 -5.22 19.28
CA PHE F 17 -33.49 -5.79 19.68
C PHE F 17 -32.85 -6.50 18.48
N PRO F 18 -31.54 -6.32 18.27
CA PRO F 18 -30.91 -6.82 17.06
C PRO F 18 -30.79 -8.33 17.05
N SER F 19 -30.40 -8.84 15.88
CA SER F 19 -30.27 -10.28 15.68
C SER F 19 -29.01 -10.83 16.34
N SER F 20 -27.95 -10.02 16.46
CA SER F 20 -26.74 -10.46 17.14
C SER F 20 -25.91 -9.24 17.53
N PHE F 21 -24.96 -9.46 18.42
CA PHE F 21 -24.01 -8.44 18.85
C PHE F 21 -22.68 -9.10 19.23
N SER F 22 -21.58 -8.42 18.93
CA SER F 22 -20.24 -8.96 19.17
C SER F 22 -19.29 -7.88 19.64
N ILE F 23 -18.43 -8.23 20.59
CA ILE F 23 -17.45 -7.32 21.17
C ILE F 23 -16.06 -7.74 20.71
N ASN F 24 -15.26 -6.78 20.26
CA ASN F 24 -13.92 -7.05 19.74
C ASN F 24 -12.86 -6.44 20.66
N GLY F 25 -11.88 -7.25 21.04
CA GLY F 25 -10.78 -6.77 21.85
C GLY F 25 -9.45 -7.30 21.35
N LYS F 26 -8.42 -6.46 21.49
CA LYS F 26 -7.08 -6.79 21.00
C LYS F 26 -6.05 -6.33 22.02
N ALA F 27 -4.83 -6.85 21.88
CA ALA F 27 -3.70 -6.41 22.66
C ALA F 27 -2.50 -6.27 21.74
N ALA F 28 -1.62 -5.33 22.07
CA ALA F 28 -0.44 -5.05 21.26
C ALA F 28 0.74 -5.88 21.75
N VAL F 29 1.51 -6.41 20.79
CA VAL F 29 2.68 -7.24 21.09
C VAL F 29 3.86 -6.73 20.26
N ASN F 30 4.95 -6.39 20.93
CA ASN F 30 6.14 -5.86 20.27
C ASN F 30 7.13 -6.99 20.01
N SER F 31 7.59 -7.10 18.78
CA SER F 31 8.47 -8.17 18.35
C SER F 31 9.86 -7.63 18.04
N SER F 32 10.88 -8.38 18.47
CA SER F 32 12.26 -8.12 18.13
C SER F 32 12.91 -9.42 17.69
N SER F 33 14.01 -9.30 16.96
CA SER F 33 14.75 -10.46 16.47
C SER F 33 16.18 -10.37 16.99
N ILE F 34 16.62 -11.43 17.65
CA ILE F 34 17.93 -11.47 18.29
C ILE F 34 18.79 -12.49 17.56
N LEU F 35 20.05 -12.15 17.37
CA LEU F 35 20.95 -12.96 16.55
C LEU F 35 21.01 -14.40 17.08
N LYS F 36 20.79 -15.35 16.17
CA LYS F 36 21.00 -16.78 16.37
C LYS F 36 20.04 -17.41 17.37
N ILE F 37 19.04 -16.67 17.84
CA ILE F 37 18.02 -17.27 18.71
C ILE F 37 16.65 -17.14 18.05
N GLY F 38 16.45 -16.07 17.30
CA GLY F 38 15.19 -15.86 16.60
C GLY F 38 14.33 -14.75 17.17
N GLU F 39 13.02 -14.85 16.95
CA GLU F 39 12.09 -13.80 17.33
C GLU F 39 11.69 -13.90 18.80
N ILE F 40 11.53 -12.75 19.44
CA ILE F 40 10.98 -12.66 20.80
C ILE F 40 9.92 -11.57 20.82
N ALA F 41 9.08 -11.61 21.85
CA ALA F 41 7.94 -10.70 21.92
C ALA F 41 7.70 -10.29 23.37
N THR F 42 7.13 -9.09 23.55
CA THR F 42 6.78 -8.58 24.86
C THR F 42 5.42 -7.88 24.79
N PHE F 43 4.76 -7.81 25.94
CA PHE F 43 3.46 -7.17 26.03
C PHE F 43 3.59 -5.66 25.88
N GLY F 44 2.62 -5.06 25.20
CA GLY F 44 2.71 -3.64 24.89
C GLY F 44 1.51 -2.78 25.26
N GLY F 45 0.44 -3.38 25.76
CA GLY F 45 -0.74 -2.62 26.11
C GLY F 45 -1.98 -3.08 25.38
N VAL F 46 -3.15 -2.79 25.95
CA VAL F 46 -4.42 -3.25 25.41
C VAL F 46 -5.09 -2.12 24.65
N ALA F 47 -5.89 -2.46 23.66
CA ALA F 47 -6.59 -1.49 22.83
C ALA F 47 -8.03 -1.31 23.33
N LEU F 48 -8.74 -0.38 22.71
CA LEU F 48 -10.11 -0.09 23.07
C LEU F 48 -11.08 -1.04 22.37
N LYS F 49 -12.13 -1.44 23.08
CA LYS F 49 -13.13 -2.32 22.50
C LYS F 49 -14.00 -1.57 21.49
N SER F 50 -14.59 -2.34 20.58
CA SER F 50 -15.52 -1.78 19.60
C SER F 50 -16.71 -2.70 19.44
N ILE F 51 -17.84 -2.12 19.08
CA ILE F 51 -19.13 -2.81 18.99
C ILE F 51 -19.95 -2.17 17.90
N SER F 52 -20.62 -2.99 17.09
CA SER F 52 -21.47 -2.51 16.00
C SER F 52 -22.85 -3.11 16.11
N ILE F 53 -23.86 -2.29 15.82
CA ILE F 53 -25.27 -2.66 15.97
C ILE F 53 -26.01 -2.41 14.67
N SER F 54 -26.84 -3.38 14.27
CA SER F 54 -27.69 -3.25 13.09
C SER F 54 -29.11 -3.67 13.44
N SER F 55 -30.08 -2.83 13.14
CA SER F 55 -31.50 -3.07 13.39
C SER F 55 -32.28 -2.02 12.62
N PHE F 56 -33.57 -1.88 12.93
CA PHE F 56 -34.38 -0.84 12.30
C PHE F 56 -35.29 -0.17 13.32
N PHE F 57 -35.70 1.06 13.00
CA PHE F 57 -36.68 1.79 13.79
C PHE F 57 -38.07 1.61 13.17
N PRO F 58 -39.01 0.96 13.84
CA PRO F 58 -40.29 0.66 13.20
C PRO F 58 -41.18 1.88 13.07
N ASN F 59 -42.02 1.87 12.03
CA ASN F 59 -43.00 2.92 11.78
C ASN F 59 -44.39 2.56 12.28
N LYS F 60 -44.55 1.43 12.95
CA LYS F 60 -45.85 1.04 13.49
C LYS F 60 -45.61 0.08 14.64
N ASP F 61 -46.65 -0.14 15.44
CA ASP F 61 -46.56 -1.00 16.61
C ASP F 61 -46.62 -2.46 16.18
N TYR F 62 -45.46 -3.10 16.09
CA TYR F 62 -45.34 -4.49 15.71
C TYR F 62 -45.52 -5.40 16.93
N THR F 63 -45.77 -6.68 16.66
CA THR F 63 -45.90 -7.65 17.73
C THR F 63 -44.56 -7.93 18.42
N PHE F 64 -43.46 -7.88 17.67
CA PHE F 64 -42.15 -8.24 18.19
C PHE F 64 -41.41 -7.05 18.81
N CYS F 65 -42.05 -5.90 18.92
CA CYS F 65 -41.39 -4.73 19.49
C CYS F 65 -41.17 -4.91 20.99
N ASP F 66 -40.13 -4.26 21.50
CA ASP F 66 -39.73 -4.43 22.89
C ASP F 66 -40.74 -3.79 23.85
N TYR F 67 -41.30 -2.64 23.46
CA TYR F 67 -42.26 -1.93 24.30
C TYR F 67 -43.10 -1.05 23.39
N THR F 68 -44.01 -0.29 24.01
CA THR F 68 -44.89 0.63 23.29
C THR F 68 -44.66 2.04 23.77
N GLY F 69 -44.64 2.99 22.85
CA GLY F 69 -44.47 4.39 23.19
C GLY F 69 -43.22 5.02 22.64
N PHE F 70 -42.48 4.29 21.80
CA PHE F 70 -41.26 4.82 21.24
C PHE F 70 -41.57 5.92 20.21
N PRO F 71 -40.62 6.80 19.94
CA PRO F 71 -40.85 7.90 19.00
C PRO F 71 -40.84 7.42 17.55
N SER F 72 -41.05 8.38 16.65
CA SER F 72 -41.04 8.11 15.22
C SER F 72 -39.63 7.79 14.76
N PRO F 73 -39.48 7.11 13.61
CA PRO F 73 -38.14 6.74 13.14
C PRO F 73 -37.20 7.92 12.98
N TYR F 74 -37.66 9.01 12.39
CA TYR F 74 -36.77 10.14 12.16
C TYR F 74 -36.51 10.95 13.41
N ASP F 75 -37.38 10.83 14.43
CA ASP F 75 -37.06 11.40 15.74
C ASP F 75 -35.86 10.69 16.37
N CYS F 76 -35.86 9.35 16.32
CA CYS F 76 -34.71 8.60 16.80
C CYS F 76 -33.46 8.95 16.01
N VAL F 77 -33.60 9.05 14.69
CA VAL F 77 -32.45 9.38 13.84
C VAL F 77 -31.88 10.73 14.22
N ASN F 78 -32.76 11.73 14.40
CA ASN F 78 -32.31 13.07 14.75
C ASN F 78 -31.62 13.11 16.11
N LYS F 79 -32.17 12.40 17.09
CA LYS F 79 -31.57 12.40 18.42
C LYS F 79 -30.16 11.80 18.39
N ILE F 80 -30.01 10.64 17.75
CA ILE F 80 -28.70 10.00 17.70
C ILE F 80 -27.72 10.82 16.86
N GLU F 81 -28.20 11.45 15.78
CA GLU F 81 -27.32 12.28 14.96
C GLU F 81 -26.82 13.49 15.73
N LYS F 82 -27.68 14.11 16.54
CA LYS F 82 -27.21 15.22 17.36
C LYS F 82 -26.16 14.76 18.36
N TRP F 83 -26.38 13.60 18.99
CA TRP F 83 -25.37 13.06 19.90
C TRP F 83 -24.04 12.86 19.20
N MET F 84 -24.06 12.31 17.99
CA MET F 84 -22.80 12.11 17.26
C MET F 84 -22.17 13.45 16.87
N LYS F 85 -22.99 14.43 16.53
CA LYS F 85 -22.46 15.74 16.11
C LYS F 85 -21.71 16.44 17.22
N GLU F 86 -22.26 16.43 18.44
CA GLU F 86 -21.59 17.18 19.49
C GLU F 86 -20.45 16.41 20.16
N GLY F 87 -20.26 15.14 19.85
CA GLY F 87 -19.22 14.37 20.50
C GLY F 87 -19.46 14.11 21.98
N PHE F 88 -20.70 13.82 22.36
CA PHE F 88 -21.02 13.53 23.75
C PHE F 88 -20.43 12.18 24.18
N ILE F 89 -20.13 12.08 25.47
CA ILE F 89 -19.71 10.80 26.05
C ILE F 89 -20.95 10.12 26.61
N LEU F 90 -21.26 8.94 26.09
CA LEU F 90 -22.50 8.25 26.42
C LEU F 90 -22.21 6.97 27.18
N ARG F 91 -23.26 6.38 27.74
CA ARG F 91 -23.18 5.12 28.45
C ARG F 91 -24.03 4.08 27.74
N PHE F 92 -23.42 2.95 27.37
CA PHE F 92 -24.08 1.91 26.60
C PHE F 92 -24.13 0.64 27.43
N THR F 93 -25.32 0.06 27.56
CA THR F 93 -25.51 -1.10 28.41
C THR F 93 -26.46 -2.08 27.76
N ILE F 94 -26.11 -3.36 27.83
CA ILE F 94 -26.99 -4.47 27.45
C ILE F 94 -27.25 -5.27 28.71
N THR F 95 -28.53 -5.38 29.08
CA THR F 95 -28.87 -6.05 30.32
C THR F 95 -28.66 -7.55 30.19
N GLU F 96 -28.40 -8.19 31.33
CA GLU F 96 -28.11 -9.61 31.45
C GLU F 96 -26.78 -10.01 30.82
N THR F 97 -25.89 -9.05 30.59
CA THR F 97 -24.52 -9.36 30.17
C THR F 97 -23.53 -8.58 31.00
N ASN F 98 -22.26 -8.59 30.59
CA ASN F 98 -21.22 -7.80 31.24
C ASN F 98 -20.90 -6.52 30.48
N ILE F 99 -21.79 -6.08 29.60
CA ILE F 99 -21.55 -4.93 28.72
C ILE F 99 -22.18 -3.71 29.37
N ASN F 100 -21.35 -2.84 29.95
CA ASN F 100 -21.83 -1.62 30.58
C ASN F 100 -20.63 -0.66 30.66
N MET F 101 -20.55 0.27 29.72
CA MET F 101 -19.35 1.07 29.61
C MET F 101 -19.65 2.39 28.93
N GLU F 102 -18.71 3.32 29.05
CA GLU F 102 -18.80 4.62 28.40
C GLU F 102 -18.20 4.53 27.00
N VAL F 103 -18.89 5.14 26.03
CA VAL F 103 -18.54 5.01 24.62
C VAL F 103 -18.65 6.35 23.93
N ILE F 104 -18.24 6.36 22.66
CA ILE F 104 -18.38 7.51 21.77
C ILE F 104 -18.77 6.99 20.39
N ILE F 105 -19.62 7.74 19.70
CA ILE F 105 -20.18 7.29 18.42
C ILE F 105 -19.21 7.63 17.29
N GLU F 106 -18.88 6.63 16.49
CA GLU F 106 -17.98 6.76 15.35
C GLU F 106 -18.70 6.87 14.02
N GLY F 107 -19.82 6.19 13.85
CA GLY F 107 -20.52 6.21 12.58
C GLY F 107 -22.00 5.96 12.75
N PHE F 108 -22.77 6.48 11.80
CA PHE F 108 -24.21 6.30 11.79
C PHE F 108 -24.70 6.36 10.36
N SER F 109 -25.30 5.28 9.90
CA SER F 109 -25.85 5.19 8.54
C SER F 109 -27.27 4.66 8.63
N TYR F 110 -28.16 5.22 7.81
CA TYR F 110 -29.55 4.79 7.82
C TYR F 110 -30.09 4.78 6.40
N GLU F 111 -31.13 3.98 6.17
CA GLU F 111 -31.66 3.80 4.83
C GLU F 111 -33.10 3.32 4.89
N GLU F 112 -33.79 3.48 3.76
CA GLU F 112 -35.12 2.93 3.53
C GLU F 112 -35.06 2.07 2.29
N ARG F 113 -35.63 0.85 2.35
CA ARG F 113 -35.46 -0.08 1.26
C ARG F 113 -36.70 -0.91 0.93
N ASP F 114 -37.89 -0.56 1.43
CA ASP F 114 -39.09 -1.29 1.06
C ASP F 114 -40.29 -0.34 1.16
N GLY F 115 -41.48 -0.92 1.14
CA GLY F 115 -42.72 -0.18 1.18
C GLY F 115 -43.33 0.05 2.54
N THR F 116 -42.58 -0.18 3.61
CA THR F 116 -43.11 -0.10 4.97
C THR F 116 -42.76 1.17 5.70
N ARG F 117 -41.84 1.98 5.16
CA ARG F 117 -41.34 3.21 5.78
C ARG F 117 -40.56 2.94 7.07
N ASP F 118 -40.01 1.74 7.23
CA ASP F 118 -39.09 1.47 8.33
C ASP F 118 -37.68 1.92 7.95
N VAL F 119 -36.90 2.30 8.95
CA VAL F 119 -35.57 2.86 8.75
C VAL F 119 -34.54 1.91 9.34
N TYR F 120 -33.73 1.29 8.47
CA TYR F 120 -32.64 0.43 8.90
C TYR F 120 -31.39 1.26 9.17
N PHE F 121 -30.64 0.87 10.19
CA PHE F 121 -29.49 1.66 10.61
C PHE F 121 -28.31 0.76 10.97
N THR F 122 -27.13 1.39 11.06
CA THR F 122 -25.93 0.74 11.56
C THR F 122 -25.17 1.75 12.42
N LEU F 123 -24.84 1.36 13.65
CA LEU F 123 -24.22 2.24 14.63
C LEU F 123 -22.90 1.66 15.09
N ASP F 124 -21.84 2.45 15.02
CA ASP F 124 -20.50 2.04 15.45
C ASP F 124 -20.11 2.82 16.70
N LEU F 125 -19.73 2.09 17.75
CA LEU F 125 -19.34 2.67 19.03
C LEU F 125 -17.92 2.26 19.39
N LYS F 126 -17.27 3.11 20.18
CA LYS F 126 -15.91 2.86 20.62
C LYS F 126 -15.77 3.18 22.10
N GLU F 127 -15.04 2.33 22.81
CA GLU F 127 -14.83 2.52 24.24
C GLU F 127 -14.07 3.81 24.50
N TYR F 128 -14.42 4.49 25.59
CA TYR F 128 -13.82 5.76 25.95
C TYR F 128 -13.10 5.66 27.29
N LYS F 129 -11.86 6.13 27.33
CA LYS F 129 -11.06 6.18 28.55
C LYS F 129 -10.56 7.59 28.76
N ARG F 130 -10.75 8.12 29.96
CA ARG F 130 -10.25 9.44 30.31
C ARG F 130 -8.82 9.35 30.81
N ILE F 131 -8.02 10.37 30.49
CA ILE F 131 -6.61 10.39 30.88
C ILE F 131 -6.49 11.07 32.25
N LYS F 132 -5.64 10.51 33.09
CA LYS F 132 -5.41 11.02 34.44
C LYS F 132 -4.11 11.82 34.45
N ILE F 133 -4.20 13.10 34.78
CA ILE F 133 -3.04 13.97 34.88
C ILE F 133 -2.64 14.09 36.34
N PRO F 134 -1.46 13.63 36.74
CA PRO F 134 -1.07 13.71 38.15
C PRO F 134 -0.69 15.12 38.56
N LYS F 135 -0.85 15.38 39.85
CA LYS F 135 -0.57 16.69 40.44
C LYS F 135 0.22 16.49 41.72
N VAL F 136 0.74 17.60 42.26
CA VAL F 136 1.43 17.57 43.53
C VAL F 136 1.41 18.96 44.16
N SER G 2 21.37 11.70 45.26
CA SER G 2 20.95 12.80 44.41
C SER G 2 21.83 12.90 43.16
N THR G 3 22.82 12.02 43.06
CA THR G 3 23.78 12.03 41.96
C THR G 3 23.46 11.02 40.87
N ILE G 4 22.92 9.86 41.24
CA ILE G 4 22.72 8.81 40.25
C ILE G 4 21.62 9.17 39.27
N PHE G 5 21.66 8.55 38.09
CA PHE G 5 20.72 8.76 37.00
C PHE G 5 20.11 7.40 36.69
N PRO G 6 19.01 7.04 37.33
CA PRO G 6 18.55 5.64 37.28
C PRO G 6 17.60 5.34 36.14
N PHE G 7 17.48 6.26 35.18
CA PHE G 7 16.44 6.10 34.16
C PHE G 7 16.84 5.12 33.07
N ILE G 8 18.12 5.02 32.73
CA ILE G 8 18.58 3.98 31.82
C ILE G 8 18.88 2.69 32.57
N GLY G 9 19.57 2.80 33.70
CA GLY G 9 19.83 1.64 34.54
C GLY G 9 20.47 2.08 35.84
N VAL G 10 20.27 1.28 36.87
CA VAL G 10 20.79 1.62 38.19
C VAL G 10 22.19 1.07 38.33
N PRO G 11 23.11 1.79 39.00
CA PRO G 11 24.45 1.24 39.22
C PRO G 11 24.39 -0.01 40.07
N GLU G 12 25.35 -0.90 39.80
CA GLU G 12 25.39 -2.20 40.46
C GLU G 12 25.72 -2.09 41.95
N ASP G 13 26.54 -1.12 42.35
CA ASP G 13 26.84 -0.95 43.78
C ASP G 13 25.69 -0.30 44.53
N TYR G 14 24.94 0.58 43.87
CA TYR G 14 23.85 1.31 44.51
C TYR G 14 22.80 0.34 45.05
N ILE G 15 22.37 0.58 46.29
CA ILE G 15 21.34 -0.21 46.94
C ILE G 15 20.05 0.59 46.95
N LEU G 16 18.95 -0.07 46.61
CA LEU G 16 17.66 0.59 46.68
C LEU G 16 17.33 0.92 48.13
N PRO G 17 16.79 2.10 48.42
CA PRO G 17 16.55 2.46 49.83
C PRO G 17 15.56 1.53 50.52
N LYS G 18 14.41 1.29 49.91
CA LYS G 18 13.38 0.46 50.50
C LYS G 18 12.44 0.00 49.41
N THR G 19 11.61 -0.98 49.73
CA THR G 19 10.47 -1.34 48.90
C THR G 19 9.23 -0.69 49.50
N GLU G 20 8.33 -0.25 48.63
CA GLU G 20 7.18 0.54 49.05
C GLU G 20 6.02 -0.38 49.35
N GLU G 21 5.56 -0.36 50.60
CA GLU G 21 4.43 -1.18 51.03
C GLU G 21 3.55 -0.36 51.96
N LEU G 22 2.30 -0.75 52.04
CA LEU G 22 1.37 -0.05 52.91
C LEU G 22 1.52 -0.56 54.34
N PRO G 23 1.34 0.31 55.34
CA PRO G 23 1.33 -0.14 56.73
C PRO G 23 0.12 -1.02 57.01
N ILE G 24 0.11 -1.58 58.23
CA ILE G 24 -0.99 -2.45 58.63
C ILE G 24 -2.23 -1.62 58.86
N PHE G 25 -3.31 -1.96 58.16
CA PHE G 25 -4.56 -1.21 58.27
C PHE G 25 -5.15 -1.39 59.65
N ARG G 26 -5.43 -0.28 60.34
CA ARG G 26 -5.96 -0.31 61.69
C ARG G 26 -7.09 0.71 61.80
N GLU G 27 -8.10 0.37 62.61
CA GLU G 27 -9.29 1.18 62.71
C GLU G 27 -9.95 0.96 64.07
N VAL G 28 -10.65 1.99 64.54
CA VAL G 28 -11.42 1.87 65.78
C VAL G 28 -12.56 0.89 65.57
N ALA G 29 -12.70 -0.06 66.50
CA ALA G 29 -13.70 -1.11 66.36
C ALA G 29 -15.11 -0.53 66.47
N TRP G 30 -16.04 -1.15 65.74
CA TRP G 30 -17.41 -0.68 65.60
C TRP G 30 -18.33 -1.89 65.67
N ASP G 31 -19.47 -1.74 66.33
CA ASP G 31 -20.45 -2.81 66.42
C ASP G 31 -21.66 -2.46 65.55
N PHE G 32 -22.15 -3.44 64.81
CA PHE G 32 -23.08 -3.17 63.72
C PHE G 32 -24.54 -3.24 64.14
N GLU G 33 -24.86 -4.01 65.17
CA GLU G 33 -26.25 -4.11 65.62
C GLU G 33 -26.70 -2.90 66.41
N LYS G 34 -25.76 -2.10 66.92
CA LYS G 34 -26.10 -0.92 67.70
C LYS G 34 -25.52 0.36 67.12
N ASP G 35 -24.61 0.27 66.16
CA ASP G 35 -24.06 1.44 65.45
C ASP G 35 -23.34 2.38 66.42
N GLU G 36 -22.31 1.84 67.08
CA GLU G 36 -21.53 2.58 68.05
C GLU G 36 -20.07 2.16 67.97
N PRO G 37 -19.14 3.02 68.37
CA PRO G 37 -17.79 2.56 68.68
C PRO G 37 -17.78 1.75 69.96
N ILE G 38 -16.77 0.91 70.11
CA ILE G 38 -16.68 -0.05 71.20
C ILE G 38 -15.63 0.42 72.20
N LEU G 39 -15.99 0.41 73.47
CA LEU G 39 -15.10 0.80 74.56
C LEU G 39 -14.55 -0.44 75.24
N GLU G 40 -13.24 -0.46 75.47
CA GLU G 40 -12.55 -1.59 76.09
C GLU G 40 -11.66 -1.08 77.21
N LYS G 41 -11.94 -1.55 78.43
CA LYS G 41 -11.22 -1.13 79.63
C LYS G 41 -11.19 0.40 79.74
N GLY G 42 -12.34 1.02 79.50
CA GLY G 42 -12.45 2.47 79.55
C GLY G 42 -11.66 3.20 78.49
N ASP G 43 -11.58 2.63 77.29
CA ASP G 43 -10.91 3.28 76.17
C ASP G 43 -11.38 2.65 74.88
N PHE G 44 -11.13 3.34 73.76
CA PHE G 44 -11.48 2.81 72.46
C PHE G 44 -10.64 1.60 72.12
N LYS G 45 -11.28 0.57 71.56
CA LYS G 45 -10.61 -0.66 71.18
C LYS G 45 -10.24 -0.60 69.71
N ILE G 46 -9.00 -0.98 69.39
CA ILE G 46 -8.48 -0.91 68.02
C ILE G 46 -8.35 -2.34 67.49
N ILE G 47 -8.86 -2.56 66.29
CA ILE G 47 -8.68 -3.82 65.58
C ILE G 47 -7.84 -3.54 64.34
N GLU G 48 -7.47 -4.60 63.61
CA GLU G 48 -6.57 -4.46 62.49
C GLU G 48 -6.93 -5.42 61.36
N LYS G 49 -6.43 -5.07 60.17
CA LYS G 49 -6.53 -5.89 58.96
C LYS G 49 -7.99 -6.15 58.61
N LYS G 50 -8.43 -7.41 58.51
CA LYS G 50 -9.67 -7.73 57.83
C LYS G 50 -10.88 -7.13 58.55
N GLU G 51 -10.87 -7.14 59.88
CA GLU G 51 -11.99 -6.57 60.63
C GLU G 51 -12.08 -5.06 60.43
N ALA G 52 -10.94 -4.39 60.41
CA ALA G 52 -10.93 -2.95 60.13
C ALA G 52 -11.47 -2.68 58.72
N LEU G 53 -11.09 -3.51 57.76
CA LEU G 53 -11.61 -3.36 56.41
C LEU G 53 -13.12 -3.58 56.38
N LYS G 54 -13.63 -4.52 57.19
CA LYS G 54 -15.07 -4.70 57.29
C LYS G 54 -15.74 -3.43 57.80
N VAL G 55 -15.17 -2.80 58.83
CA VAL G 55 -15.74 -1.57 59.35
C VAL G 55 -15.77 -0.48 58.29
N TRP G 56 -14.65 -0.33 57.57
CA TRP G 56 -14.59 0.70 56.54
C TRP G 56 -15.59 0.44 55.43
N ILE G 57 -15.74 -0.83 55.03
CA ILE G 57 -16.69 -1.18 53.96
C ILE G 57 -18.11 -0.88 54.39
N TYR G 58 -18.45 -1.23 55.63
CA TYR G 58 -19.79 -0.95 56.14
C TYR G 58 -20.07 0.55 56.11
N LYS G 59 -19.13 1.36 56.59
CA LYS G 59 -19.32 2.80 56.60
C LYS G 59 -19.44 3.35 55.18
N CYS G 60 -18.65 2.84 54.24
CA CYS G 60 -18.70 3.34 52.88
C CYS G 60 -20.02 3.00 52.19
N ILE G 61 -20.52 1.79 52.41
CA ILE G 61 -21.79 1.41 51.79
C ILE G 61 -22.94 2.20 52.38
N LYS G 62 -22.88 2.48 53.69
CA LYS G 62 -24.03 3.07 54.36
C LYS G 62 -24.24 4.56 54.05
N THR G 63 -23.31 5.22 53.38
CA THR G 63 -23.42 6.67 53.15
C THR G 63 -23.87 6.98 51.73
N ASN G 64 -24.47 8.15 51.57
CA ASN G 64 -24.89 8.66 50.27
C ASN G 64 -23.75 9.47 49.64
N ARG G 65 -23.84 9.65 48.31
CA ARG G 65 -22.68 10.13 47.58
C ARG G 65 -22.51 11.64 47.68
N TYR G 66 -23.50 12.40 47.20
CA TYR G 66 -23.37 13.86 47.14
C TYR G 66 -24.06 14.57 48.30
N GLU G 67 -24.50 13.85 49.32
CA GLU G 67 -25.36 14.46 50.34
C GLU G 67 -24.57 15.40 51.25
N HIS G 68 -23.33 15.04 51.59
CA HIS G 68 -22.60 15.75 52.63
C HIS G 68 -21.50 16.60 52.04
N GLU G 69 -21.38 17.83 52.58
CA GLU G 69 -20.40 18.78 52.06
C GLU G 69 -18.98 18.43 52.47
N ILE G 70 -18.82 17.75 53.61
CA ILE G 70 -17.47 17.43 54.09
C ILE G 70 -16.77 16.45 53.17
N TYR G 71 -17.50 15.51 52.56
CA TYR G 71 -16.90 14.51 51.72
C TYR G 71 -16.60 15.05 50.32
N SER G 72 -15.79 14.31 49.59
CA SER G 72 -15.48 14.63 48.20
C SER G 72 -16.50 13.97 47.29
N LEU G 73 -16.32 14.12 45.97
CA LEU G 73 -17.25 13.55 45.02
C LEU G 73 -17.07 12.05 44.82
N GLU G 74 -15.98 11.48 45.33
CA GLU G 74 -15.72 10.05 45.15
C GLU G 74 -16.35 9.19 46.23
N TYR G 75 -16.42 9.68 47.46
CA TYR G 75 -16.88 8.87 48.58
C TYR G 75 -18.40 8.78 48.61
N GLY G 76 -18.92 7.58 48.83
CA GLY G 76 -20.33 7.34 48.93
C GLY G 76 -20.82 6.36 47.88
N THR G 77 -22.14 6.20 47.82
CA THR G 77 -22.77 5.24 46.95
C THR G 77 -24.11 5.79 46.49
N GLU G 78 -24.49 5.49 45.24
CA GLU G 78 -25.71 6.00 44.63
C GLU G 78 -26.87 5.02 44.72
N LEU G 79 -26.83 4.06 45.66
CA LEU G 79 -27.86 3.03 45.71
C LEU G 79 -29.24 3.58 46.05
N SER G 80 -29.31 4.80 46.57
CA SER G 80 -30.60 5.39 46.91
C SER G 80 -31.41 5.82 45.70
N GLU G 81 -30.81 5.84 44.52
CA GLU G 81 -31.52 6.20 43.30
C GLU G 81 -32.32 5.04 42.72
N LEU G 82 -32.15 3.83 43.24
CA LEU G 82 -32.84 2.66 42.73
C LEU G 82 -34.13 2.34 43.47
N ILE G 83 -34.34 2.93 44.66
CA ILE G 83 -35.49 2.59 45.48
C ILE G 83 -36.76 3.05 44.79
N GLY G 84 -37.73 2.15 44.66
CA GLY G 84 -38.98 2.45 44.01
C GLY G 84 -39.10 2.01 42.57
N GLN G 85 -38.12 1.26 42.06
CA GLN G 85 -38.14 0.72 40.70
C GLN G 85 -38.20 1.83 39.66
N LYS G 86 -37.32 2.82 39.81
CA LYS G 86 -37.24 3.89 38.82
C LYS G 86 -36.79 3.34 37.48
N TYR G 87 -35.87 2.39 37.48
CA TYR G 87 -35.43 1.70 36.28
C TYR G 87 -36.13 0.34 36.17
N THR G 88 -35.93 -0.32 35.03
CA THR G 88 -36.37 -1.70 34.89
C THR G 88 -35.48 -2.61 35.74
N LYS G 89 -35.81 -3.90 35.76
CA LYS G 89 -35.11 -4.82 36.64
C LYS G 89 -33.68 -5.09 36.17
N GLY G 90 -33.50 -5.33 34.88
CA GLY G 90 -32.15 -5.58 34.36
C GLY G 90 -31.24 -4.37 34.49
N LEU G 91 -31.77 -3.19 34.16
CA LEU G 91 -31.00 -1.97 34.35
C LEU G 91 -30.68 -1.75 35.83
N THR G 92 -31.61 -2.09 36.71
CA THR G 92 -31.35 -1.99 38.15
C THR G 92 -30.19 -2.89 38.55
N GLU G 93 -30.17 -4.13 38.06
CA GLU G 93 -29.08 -5.04 38.41
C GLU G 93 -27.74 -4.51 37.93
N SER G 94 -27.68 -4.06 36.67
CA SER G 94 -26.44 -3.54 36.13
C SER G 94 -25.96 -2.34 36.93
N GLU G 95 -26.87 -1.41 37.22
CA GLU G 95 -26.50 -0.20 37.95
C GLU G 95 -26.02 -0.53 39.36
N ALA G 96 -26.69 -1.45 40.04
CA ALA G 96 -26.29 -1.79 41.40
C ALA G 96 -24.88 -2.37 41.43
N SER G 97 -24.60 -3.30 40.51
CA SER G 97 -23.26 -3.87 40.44
C SER G 97 -22.21 -2.79 40.19
N ARG G 98 -22.46 -1.92 39.21
CA ARG G 98 -21.48 -0.89 38.88
C ARG G 98 -21.29 0.09 40.05
N PHE G 99 -22.38 0.48 40.71
CA PHE G 99 -22.29 1.41 41.84
C PHE G 99 -21.43 0.83 42.94
N ILE G 100 -21.68 -0.43 43.32
CA ILE G 100 -20.91 -1.02 44.42
C ILE G 100 -19.44 -1.12 44.05
N LYS G 101 -19.14 -1.58 42.84
CA LYS G 101 -17.74 -1.72 42.43
C LYS G 101 -17.02 -0.38 42.46
N GLU G 102 -17.61 0.64 41.84
CA GLU G 102 -16.94 1.93 41.75
C GLU G 102 -16.81 2.60 43.12
N ALA G 103 -17.78 2.39 44.02
CA ALA G 103 -17.66 2.95 45.35
C ALA G 103 -16.55 2.28 46.15
N LEU G 104 -16.47 0.94 46.09
CA LEU G 104 -15.48 0.25 46.90
C LEU G 104 -14.06 0.39 46.37
N LEU G 105 -13.89 0.53 45.06
CA LEU G 105 -12.52 0.46 44.57
C LEU G 105 -11.65 1.68 44.91
N ILE G 106 -12.08 2.68 45.68
CA ILE G 106 -11.20 3.81 45.98
C ILE G 106 -10.23 3.51 47.12
N ASN G 107 -10.49 2.49 47.91
CA ASN G 107 -9.56 2.12 48.98
C ASN G 107 -8.33 1.44 48.38
N PRO G 108 -7.12 1.92 48.69
CA PRO G 108 -5.92 1.29 48.13
C PRO G 108 -5.66 -0.12 48.66
N TYR G 109 -6.29 -0.51 49.76
CA TYR G 109 -6.10 -1.84 50.33
C TYR G 109 -7.03 -2.89 49.72
N ILE G 110 -7.94 -2.48 48.85
CA ILE G 110 -8.89 -3.39 48.21
C ILE G 110 -8.50 -3.54 46.75
N LEU G 111 -8.36 -4.78 46.29
CA LEU G 111 -7.78 -5.08 44.99
C LEU G 111 -8.81 -5.37 43.91
N GLU G 112 -9.86 -6.11 44.22
CA GLU G 112 -10.86 -6.45 43.21
C GLU G 112 -12.18 -6.76 43.89
N VAL G 113 -13.28 -6.34 43.26
CA VAL G 113 -14.63 -6.55 43.77
C VAL G 113 -15.45 -7.25 42.70
N ASN G 114 -16.25 -8.23 43.11
CA ASN G 114 -17.12 -8.97 42.21
C ASN G 114 -18.50 -9.09 42.82
N VAL G 115 -19.52 -8.74 42.05
CA VAL G 115 -20.92 -8.85 42.45
C VAL G 115 -21.50 -10.00 41.64
N LYS G 116 -21.64 -11.17 42.26
CA LYS G 116 -21.90 -12.40 41.52
C LYS G 116 -23.39 -12.69 41.40
N SER G 117 -24.07 -12.90 42.52
CA SER G 117 -25.47 -13.31 42.50
C SER G 117 -26.37 -12.09 42.59
N ALA G 118 -27.60 -12.25 42.10
CA ALA G 118 -28.59 -11.17 42.15
C ALA G 118 -29.96 -11.77 41.93
N ASN G 119 -30.87 -11.56 42.87
CA ASN G 119 -32.19 -12.17 42.84
C ASN G 119 -33.23 -11.16 43.26
N PHE G 120 -34.42 -11.25 42.67
CA PHE G 120 -35.55 -10.39 43.00
C PHE G 120 -36.64 -11.24 43.65
N ASN G 121 -36.98 -10.91 44.89
CA ASN G 121 -38.03 -11.61 45.62
C ASN G 121 -38.87 -10.56 46.34
N ARG G 122 -40.13 -10.44 45.94
CA ARG G 122 -41.05 -9.40 46.43
C ARG G 122 -40.36 -8.05 46.21
N ASP G 123 -40.19 -7.22 47.24
CA ASP G 123 -39.57 -5.92 47.12
C ASP G 123 -38.12 -5.91 47.58
N ILE G 124 -37.48 -7.08 47.67
CA ILE G 124 -36.13 -7.22 48.18
C ILE G 124 -35.21 -7.64 47.05
N LEU G 125 -34.06 -6.97 46.94
CA LEU G 125 -32.99 -7.35 46.03
C LEU G 125 -31.82 -7.90 46.84
N SER G 126 -31.38 -9.10 46.51
CA SER G 126 -30.27 -9.75 47.19
C SER G 126 -29.10 -9.89 46.23
N ALA G 127 -27.88 -9.82 46.79
CA ALA G 127 -26.68 -9.98 45.98
C ALA G 127 -25.55 -10.50 46.86
N ASN G 128 -24.55 -11.10 46.22
CA ASN G 128 -23.35 -11.58 46.89
C ASN G 128 -22.15 -10.81 46.36
N VAL G 129 -21.39 -10.22 47.28
CA VAL G 129 -20.22 -9.41 46.95
C VAL G 129 -18.99 -10.09 47.52
N LYS G 130 -17.96 -10.23 46.68
CA LYS G 130 -16.70 -10.82 47.10
C LYS G 130 -15.60 -9.80 46.94
N VAL G 131 -14.91 -9.48 48.04
CA VAL G 131 -13.87 -8.47 48.08
C VAL G 131 -12.53 -9.16 48.29
N SER G 132 -11.54 -8.82 47.48
CA SER G 132 -10.19 -9.36 47.59
C SER G 132 -9.24 -8.26 48.02
N THR G 133 -8.51 -8.51 49.11
CA THR G 133 -7.58 -7.55 49.68
C THR G 133 -6.16 -8.08 49.56
N ILE G 134 -5.20 -7.26 50.02
CA ILE G 134 -3.80 -7.68 49.98
C ILE G 134 -3.54 -8.76 51.01
N TYR G 135 -4.18 -8.69 52.16
CA TYR G 135 -4.02 -9.70 53.20
C TYR G 135 -4.75 -10.99 52.81
N ALA H 2 -66.64 34.19 6.14
CA ALA H 2 -66.07 35.29 5.37
C ALA H 2 -64.64 34.98 4.97
N ILE H 3 -64.34 35.16 3.69
CA ILE H 3 -63.02 34.87 3.14
C ILE H 3 -62.22 36.15 3.09
N GLY H 4 -61.05 36.16 3.73
CA GLY H 4 -60.25 37.36 3.81
C GLY H 4 -58.88 37.21 3.18
N LEU H 5 -57.97 38.12 3.49
CA LEU H 5 -56.62 38.05 2.95
C LEU H 5 -55.86 36.88 3.58
N PRO H 6 -54.89 36.31 2.86
CA PRO H 6 -54.03 35.29 3.47
C PRO H 6 -53.23 35.88 4.62
N SER H 7 -52.98 35.05 5.63
CA SER H 7 -52.37 35.55 6.85
C SER H 7 -51.62 34.44 7.56
N ILE H 8 -50.87 34.82 8.59
CA ILE H 8 -50.17 33.90 9.48
C ILE H 8 -50.77 34.07 10.87
N ASN H 9 -51.22 32.97 11.45
CA ASN H 9 -51.81 32.98 12.78
C ASN H 9 -50.85 32.29 13.74
N ILE H 10 -50.48 32.99 14.81
CA ILE H 10 -49.53 32.49 15.79
C ILE H 10 -50.20 32.46 17.15
N SER H 11 -50.05 31.35 17.86
CA SER H 11 -50.50 31.20 19.23
C SER H 11 -49.39 30.58 20.05
N PHE H 12 -49.32 30.96 21.32
CA PHE H 12 -48.25 30.53 22.21
C PHE H 12 -48.78 29.56 23.26
N LYS H 13 -47.92 28.61 23.63
CA LYS H 13 -48.29 27.56 24.56
C LYS H 13 -47.09 27.25 25.45
N GLU H 14 -47.38 26.66 26.61
CA GLU H 14 -46.35 26.27 27.55
C GLU H 14 -45.75 24.92 27.17
N LEU H 15 -44.44 24.79 27.35
CA LEU H 15 -43.75 23.53 27.07
C LEU H 15 -43.75 22.67 28.33
N ALA H 16 -44.45 21.55 28.27
CA ALA H 16 -44.45 20.57 29.34
C ALA H 16 -43.73 19.31 28.86
N THR H 17 -42.77 18.86 29.66
CA THR H 17 -42.01 17.66 29.29
C THR H 17 -42.85 16.39 29.48
N THR H 18 -43.67 16.36 30.52
CA THR H 18 -44.50 15.20 30.80
C THR H 18 -45.61 15.08 29.76
N VAL H 19 -46.09 13.84 29.57
CA VAL H 19 -47.15 13.54 28.62
C VAL H 19 -48.32 12.94 29.37
N LYS H 20 -49.53 13.36 29.01
CA LYS H 20 -50.72 12.93 29.72
C LYS H 20 -50.95 11.43 29.58
N GLU H 21 -51.37 10.80 30.67
CA GLU H 21 -51.55 9.35 30.70
C GLU H 21 -52.85 8.95 30.01
N ARG H 22 -52.78 7.86 29.23
CA ARG H 22 -53.88 7.44 28.39
C ARG H 22 -54.86 6.49 29.05
N SER H 23 -54.48 5.89 30.18
CA SER H 23 -55.31 4.84 30.78
C SER H 23 -56.51 5.44 31.50
N ALA H 24 -57.44 4.56 31.89
CA ALA H 24 -58.61 4.99 32.65
C ALA H 24 -58.22 5.49 34.03
N ARG H 25 -57.14 4.97 34.59
CA ARG H 25 -56.58 5.56 35.80
C ARG H 25 -56.02 6.95 35.48
N GLY H 26 -55.79 7.73 36.52
CA GLY H 26 -55.41 9.11 36.35
C GLY H 26 -56.56 10.08 36.31
N ILE H 27 -57.80 9.59 36.37
CA ILE H 27 -58.96 10.47 36.48
C ILE H 27 -59.17 10.76 37.96
N ILE H 28 -59.01 12.02 38.34
CA ILE H 28 -59.11 12.44 39.73
C ILE H 28 -60.41 13.24 39.90
N ALA H 29 -61.12 12.97 40.99
CA ALA H 29 -62.33 13.69 41.33
C ALA H 29 -62.07 14.57 42.54
N MET H 30 -62.37 15.86 42.42
CA MET H 30 -62.16 16.82 43.49
C MET H 30 -63.47 17.49 43.84
N VAL H 31 -63.73 17.65 45.13
CA VAL H 31 -64.92 18.32 45.62
C VAL H 31 -64.47 19.59 46.34
N LEU H 32 -64.89 20.74 45.83
CA LEU H 32 -64.54 22.03 46.42
C LEU H 32 -65.80 22.88 46.55
N LYS H 33 -65.93 23.55 47.69
CA LYS H 33 -67.12 24.33 48.00
C LYS H 33 -66.90 25.78 47.60
N ASP H 34 -67.71 26.26 46.65
CA ASP H 34 -67.66 27.63 46.18
C ASP H 34 -69.09 28.14 46.01
N ALA H 35 -69.24 29.45 46.03
CA ALA H 35 -70.55 30.08 45.95
C ALA H 35 -70.89 30.61 44.57
N LYS H 36 -70.01 30.44 43.58
CA LYS H 36 -70.20 31.03 42.27
C LYS H 36 -70.47 30.03 41.16
N ALA H 37 -69.58 29.05 40.97
CA ALA H 37 -69.68 28.17 39.80
C ALA H 37 -70.92 27.28 39.89
N LEU H 38 -71.02 26.48 40.95
CA LEU H 38 -72.21 25.67 41.23
C LEU H 38 -72.52 24.71 40.08
N GLY H 39 -71.61 23.76 39.87
CA GLY H 39 -71.83 22.75 38.85
C GLY H 39 -70.66 21.81 38.76
N LEU H 40 -70.66 20.99 37.71
CA LEU H 40 -69.56 20.11 37.39
C LEU H 40 -68.81 20.61 36.16
N ASN H 41 -67.49 20.51 36.21
CA ASN H 41 -66.62 20.86 35.09
C ASN H 41 -65.58 19.76 34.91
N GLU H 42 -65.22 19.50 33.65
CA GLU H 42 -64.16 18.57 33.31
C GLU H 42 -62.98 19.35 32.76
N ILE H 43 -61.86 19.31 33.49
CA ILE H 43 -60.69 20.12 33.18
C ILE H 43 -59.65 19.20 32.55
N HIS H 44 -59.33 19.45 31.29
CA HIS H 44 -58.30 18.70 30.60
C HIS H 44 -56.94 19.40 30.58
N GLU H 45 -56.91 20.71 30.79
CA GLU H 45 -55.66 21.45 30.73
C GLU H 45 -55.86 22.74 31.52
N LYS H 46 -54.80 23.54 31.60
CA LYS H 46 -54.86 24.77 32.38
C LYS H 46 -55.73 25.83 31.71
N GLU H 47 -55.70 25.90 30.37
CA GLU H 47 -56.39 26.98 29.66
C GLU H 47 -57.91 26.91 29.78
N ASP H 48 -58.48 25.77 30.18
CA ASP H 48 -59.93 25.63 30.29
C ASP H 48 -60.41 25.58 31.73
N ILE H 49 -59.69 26.22 32.64
CA ILE H 49 -60.19 26.43 34.00
C ILE H 49 -61.22 27.56 33.97
N PRO H 50 -62.40 27.37 34.57
CA PRO H 50 -63.42 28.42 34.51
C PRO H 50 -62.96 29.70 35.21
N VAL H 51 -63.33 30.83 34.62
CA VAL H 51 -63.08 32.15 35.18
C VAL H 51 -64.05 32.35 36.33
N ASP H 52 -63.88 33.43 37.10
CA ASP H 52 -64.71 33.82 38.24
C ASP H 52 -64.76 32.73 39.31
N LEU H 53 -63.77 31.84 39.32
CA LEU H 53 -63.57 30.91 40.42
C LEU H 53 -62.45 31.43 41.29
N SER H 54 -62.61 31.27 42.60
CA SER H 54 -61.70 31.90 43.56
C SER H 54 -60.26 31.46 43.30
N ALA H 55 -59.32 32.38 43.56
CA ALA H 55 -57.91 32.09 43.32
C ALA H 55 -57.41 30.94 44.20
N GLU H 56 -57.99 30.78 45.39
CA GLU H 56 -57.61 29.67 46.25
C GLU H 56 -57.96 28.33 45.62
N ASN H 57 -59.17 28.20 45.10
CA ASN H 57 -59.54 26.97 44.41
C ASN H 57 -58.75 26.82 43.12
N LYS H 58 -58.37 27.93 42.50
CA LYS H 58 -57.49 27.86 41.33
C LYS H 58 -56.14 27.26 41.70
N GLU H 59 -55.59 27.64 42.86
CA GLU H 59 -54.31 27.08 43.28
C GLU H 59 -54.44 25.61 43.60
N TYR H 60 -55.58 25.19 44.20
CA TYR H 60 -55.78 23.76 44.42
C TYR H 60 -55.86 22.99 43.11
N ILE H 61 -56.58 23.54 42.12
CA ILE H 61 -56.68 22.87 40.83
C ILE H 61 -55.31 22.78 40.16
N ASN H 62 -54.51 23.85 40.26
CA ASN H 62 -53.17 23.81 39.68
C ASN H 62 -52.30 22.78 40.37
N LEU H 63 -52.43 22.65 41.70
CA LEU H 63 -51.69 21.62 42.41
C LEU H 63 -52.08 20.22 41.93
N ALA H 64 -53.37 20.00 41.73
CA ALA H 64 -53.83 18.70 41.26
C ALA H 64 -53.36 18.41 39.84
N LEU H 65 -53.28 19.43 38.98
CA LEU H 65 -52.92 19.21 37.58
C LEU H 65 -51.49 18.74 37.42
N MET H 66 -50.63 18.96 38.40
CA MET H 66 -49.24 18.50 38.31
C MET H 66 -49.16 17.00 38.57
N GLY H 67 -48.29 16.33 37.81
CA GLY H 67 -48.11 14.90 37.93
C GLY H 67 -46.67 14.55 38.21
N ASN H 68 -46.43 13.25 38.42
CA ASN H 68 -45.09 12.79 38.72
C ASN H 68 -44.27 12.58 37.45
N VAL H 69 -44.66 11.61 36.63
CA VAL H 69 -43.96 11.30 35.39
C VAL H 69 -44.91 11.56 34.24
N ASN H 70 -46.21 11.49 34.53
CA ASN H 70 -47.25 11.81 33.58
C ASN H 70 -48.25 12.75 34.24
N THR H 71 -48.91 13.56 33.45
CA THR H 71 -49.95 14.41 34.01
C THR H 71 -51.26 13.63 34.12
N PRO H 72 -52.14 14.02 35.04
CA PRO H 72 -53.43 13.34 35.16
C PRO H 72 -54.22 13.38 33.87
N ASN H 73 -54.93 12.29 33.59
CA ASN H 73 -55.71 12.19 32.36
C ASN H 73 -56.80 13.24 32.31
N LYS H 74 -57.52 13.42 33.43
CA LYS H 74 -58.66 14.33 33.46
C LYS H 74 -58.94 14.69 34.91
N LEU H 75 -59.70 15.78 35.08
CA LEU H 75 -60.15 16.23 36.39
C LEU H 75 -61.65 16.40 36.38
N LEU H 76 -62.29 15.98 37.46
CA LEU H 76 -63.72 16.20 37.68
C LEU H 76 -63.86 17.05 38.94
N VAL H 77 -64.33 18.28 38.76
CA VAL H 77 -64.52 19.21 39.87
C VAL H 77 -66.02 19.41 40.06
N TYR H 78 -66.52 19.11 41.25
CA TYR H 78 -67.92 19.29 41.60
C TYR H 78 -68.02 20.46 42.56
N VAL H 79 -68.63 21.55 42.12
CA VAL H 79 -68.75 22.76 42.91
C VAL H 79 -70.04 22.69 43.72
N ILE H 80 -69.91 22.95 45.02
CA ILE H 80 -71.01 22.77 45.96
C ILE H 80 -71.16 24.03 46.80
N GLU H 81 -72.40 24.40 47.08
CA GLU H 81 -72.67 25.51 47.99
C GLU H 81 -72.31 25.11 49.42
N GLY H 82 -71.85 26.11 50.20
CA GLY H 82 -71.45 25.84 51.57
C GLY H 82 -72.56 25.23 52.40
N GLU H 83 -73.79 25.71 52.21
CA GLU H 83 -74.93 25.13 52.93
C GLU H 83 -75.28 23.75 52.39
N ALA H 84 -74.97 23.47 51.13
CA ALA H 84 -75.33 22.19 50.54
C ALA H 84 -74.57 21.05 51.22
N ASP H 85 -75.20 19.89 51.26
CA ASP H 85 -74.65 18.74 51.95
C ASP H 85 -73.68 17.97 51.06
N ILE H 86 -72.68 17.36 51.70
CA ILE H 86 -71.74 16.51 50.99
C ILE H 86 -72.43 15.30 50.39
N GLN H 87 -73.54 14.87 50.97
CA GLN H 87 -74.22 13.66 50.52
C GLN H 87 -74.73 13.82 49.09
N THR H 88 -75.17 15.03 48.73
CA THR H 88 -75.62 15.27 47.37
C THR H 88 -74.47 15.10 46.38
N ALA H 89 -73.29 15.63 46.71
CA ALA H 89 -72.13 15.45 45.84
C ALA H 89 -71.75 13.98 45.73
N LEU H 90 -71.78 13.25 46.85
CA LEU H 90 -71.45 11.83 46.82
C LEU H 90 -72.44 11.05 45.97
N ASP H 91 -73.73 11.35 46.11
CA ASP H 91 -74.74 10.66 45.32
C ASP H 91 -74.58 10.95 43.84
N PHE H 92 -74.25 12.19 43.48
CA PHE H 92 -73.97 12.50 42.09
C PHE H 92 -72.74 11.74 41.60
N LEU H 93 -71.69 11.66 42.43
CA LEU H 93 -70.44 11.06 42.00
C LEU H 93 -70.52 9.54 41.89
N GLU H 94 -71.49 8.91 42.56
CA GLU H 94 -71.62 7.45 42.46
C GLU H 94 -71.73 7.00 41.01
N THR H 95 -72.40 7.78 40.16
CA THR H 95 -72.63 7.36 38.78
C THR H 95 -71.36 7.48 37.94
N LYS H 96 -70.59 8.55 38.12
CA LYS H 96 -69.40 8.77 37.32
C LYS H 96 -68.31 7.77 37.68
N GLU H 97 -67.29 7.70 36.83
CA GLU H 97 -66.15 6.84 37.03
C GLU H 97 -64.90 7.67 37.26
N PHE H 98 -64.03 7.19 38.15
CA PHE H 98 -62.82 7.92 38.52
C PHE H 98 -61.92 6.96 39.30
N ASN H 99 -60.72 7.42 39.60
CA ASN H 99 -59.76 6.66 40.39
C ASN H 99 -59.72 7.12 41.85
N TYR H 100 -59.39 8.39 42.06
CA TYR H 100 -59.15 8.93 43.40
C TYR H 100 -60.05 10.13 43.66
N LEU H 101 -60.40 10.31 44.93
CA LEU H 101 -61.24 11.41 45.37
C LEU H 101 -60.53 12.19 46.46
N CYS H 102 -60.59 13.52 46.39
CA CYS H 102 -59.97 14.38 47.38
C CYS H 102 -60.89 15.58 47.65
N MET H 103 -60.83 16.08 48.88
CA MET H 103 -61.61 17.24 49.29
C MET H 103 -60.71 18.18 50.09
N PRO H 104 -60.21 19.26 49.46
CA PRO H 104 -59.24 20.13 50.15
C PRO H 104 -59.79 20.79 51.41
N LYS H 105 -61.10 20.93 51.55
CA LYS H 105 -61.70 21.54 52.73
C LYS H 105 -62.77 20.61 53.27
N ALA H 106 -62.50 19.96 54.40
CA ALA H 106 -63.43 18.97 54.92
C ALA H 106 -63.38 18.95 56.44
N VAL H 107 -64.56 18.94 57.06
CA VAL H 107 -64.68 18.85 58.51
C VAL H 107 -64.67 17.38 58.89
N GLU H 108 -64.49 17.09 60.19
CA GLU H 108 -64.46 15.70 60.65
C GLU H 108 -65.72 14.94 60.22
N ALA H 109 -66.89 15.59 60.28
CA ALA H 109 -68.11 14.95 59.81
C ALA H 109 -68.04 14.64 58.33
N ASP H 110 -67.52 15.59 57.53
CA ASP H 110 -67.34 15.33 56.11
C ASP H 110 -66.39 14.18 55.87
N LYS H 111 -65.30 14.13 56.62
CA LYS H 111 -64.33 13.05 56.45
C LYS H 111 -64.93 11.69 56.78
N THR H 112 -65.69 11.60 57.87
CA THR H 112 -66.28 10.32 58.21
C THR H 112 -67.37 9.92 57.22
N ALA H 113 -68.11 10.89 56.69
CA ALA H 113 -69.10 10.58 55.65
C ALA H 113 -68.41 10.02 54.42
N ILE H 114 -67.32 10.64 53.98
CA ILE H 114 -66.60 10.15 52.81
C ILE H 114 -66.04 8.77 53.07
N LYS H 115 -65.50 8.54 54.26
CA LYS H 115 -64.94 7.23 54.59
C LYS H 115 -66.01 6.16 54.55
N ASN H 116 -67.16 6.42 55.16
CA ASN H 116 -68.25 5.43 55.17
C ASN H 116 -68.75 5.17 53.76
N TRP H 117 -68.86 6.23 52.94
CA TRP H 117 -69.27 6.05 51.56
C TRP H 117 -68.30 5.17 50.79
N ILE H 118 -67.00 5.39 50.96
CA ILE H 118 -66.01 4.59 50.26
C ILE H 118 -66.10 3.14 50.69
N ILE H 119 -66.21 2.89 52.00
CA ILE H 119 -66.33 1.51 52.48
C ILE H 119 -67.54 0.84 51.86
N LYS H 120 -68.69 1.51 51.92
CA LYS H 120 -69.93 0.91 51.41
C LYS H 120 -69.84 0.63 49.93
N LEU H 121 -69.33 1.58 49.15
CA LEU H 121 -69.22 1.38 47.71
C LEU H 121 -68.26 0.24 47.38
N ARG H 122 -67.15 0.16 48.09
CA ARG H 122 -66.12 -0.82 47.75
C ARG H 122 -66.55 -2.24 48.15
N ASP H 123 -67.17 -2.39 49.32
CA ASP H 123 -67.44 -3.72 49.84
C ASP H 123 -68.81 -4.26 49.43
N ILE H 124 -69.84 -3.43 49.44
CA ILE H 124 -71.19 -3.91 49.14
C ILE H 124 -71.49 -3.84 47.65
N ASP H 125 -71.33 -2.67 47.04
CA ASP H 125 -71.70 -2.47 45.65
C ASP H 125 -70.63 -2.92 44.67
N LYS H 126 -69.48 -3.36 45.16
CA LYS H 126 -68.39 -3.85 44.32
C LYS H 126 -67.98 -2.83 43.26
N VAL H 127 -67.72 -1.61 43.71
CA VAL H 127 -67.17 -0.55 42.88
C VAL H 127 -65.81 -0.16 43.44
N LYS H 128 -64.79 -0.16 42.59
CA LYS H 128 -63.42 0.07 43.02
C LYS H 128 -63.10 1.55 42.92
N VAL H 129 -63.16 2.26 44.05
CA VAL H 129 -62.80 3.67 44.13
C VAL H 129 -61.95 3.88 45.38
N LYS H 130 -61.24 5.01 45.41
CA LYS H 130 -60.33 5.32 46.50
C LYS H 130 -60.41 6.80 46.83
N ALA H 131 -59.96 7.13 48.04
CA ALA H 131 -59.94 8.51 48.50
C ALA H 131 -58.63 8.80 49.22
N VAL H 132 -58.18 10.04 49.12
CA VAL H 132 -57.01 10.53 49.86
C VAL H 132 -57.51 11.56 50.86
N LEU H 133 -57.28 11.31 52.14
CA LEU H 133 -57.79 12.14 53.21
C LEU H 133 -56.67 12.46 54.20
N GLY H 134 -56.85 13.54 54.96
CA GLY H 134 -55.88 13.99 55.93
C GLY H 134 -56.29 13.63 57.34
N LYS H 135 -55.41 12.93 58.04
CA LYS H 135 -55.59 12.56 59.45
C LYS H 135 -56.88 11.78 59.67
N VAL H 136 -57.06 10.71 58.90
CA VAL H 136 -58.22 9.83 59.02
C VAL H 136 -57.71 8.41 59.19
N VAL H 137 -58.09 7.77 60.28
CA VAL H 137 -57.79 6.36 60.51
C VAL H 137 -58.89 5.57 59.81
N GLY H 138 -58.56 5.00 58.64
CA GLY H 138 -59.56 4.33 57.84
C GLY H 138 -59.56 2.82 58.00
N ASN H 139 -58.37 2.25 58.19
CA ASN H 139 -58.21 0.79 58.32
C ASN H 139 -58.83 0.06 57.14
N HIS H 140 -58.61 0.58 55.94
CA HIS H 140 -59.16 -0.01 54.74
C HIS H 140 -58.25 0.29 53.56
N GLU H 141 -58.21 -0.64 52.60
CA GLU H 141 -57.36 -0.49 51.44
C GLU H 141 -57.79 0.67 50.54
N GLY H 142 -59.03 1.10 50.63
CA GLY H 142 -59.53 2.19 49.82
C GLY H 142 -59.26 3.58 50.33
N ILE H 143 -58.63 3.71 51.49
CA ILE H 143 -58.37 5.01 52.12
C ILE H 143 -56.87 5.22 52.19
N ILE H 144 -56.42 6.39 51.75
CA ILE H 144 -55.01 6.79 51.83
C ILE H 144 -54.93 7.91 52.86
N ASN H 145 -54.11 7.71 53.88
CA ASN H 145 -54.04 8.58 55.05
C ASN H 145 -52.76 9.41 55.00
N PHE H 146 -52.90 10.69 54.65
CA PHE H 146 -51.77 11.59 54.50
C PHE H 146 -51.70 12.50 55.70
N THR H 147 -50.63 12.38 56.50
CA THR H 147 -50.48 13.12 57.76
C THR H 147 -49.15 13.85 57.79
N THR H 148 -49.12 15.05 57.20
CA THR H 148 -47.97 15.95 57.31
C THR H 148 -48.51 17.36 57.49
N GLU H 149 -48.15 17.99 58.60
CA GLU H 149 -48.90 19.16 59.07
C GLU H 149 -48.69 20.38 58.17
N ASP H 150 -47.44 20.70 57.84
CA ASP H 150 -47.14 21.91 57.11
C ASP H 150 -46.27 21.60 55.90
N VAL H 151 -46.66 22.11 54.74
CA VAL H 151 -45.86 22.00 53.53
C VAL H 151 -45.68 23.40 52.98
N LEU H 152 -44.43 23.82 52.83
CA LEU H 152 -44.11 25.18 52.40
C LEU H 152 -43.61 25.09 50.95
N VAL H 153 -44.41 25.62 50.03
CA VAL H 153 -44.04 25.68 48.63
C VAL H 153 -44.05 27.15 48.20
N GLY H 154 -43.04 27.55 47.43
CA GLY H 154 -42.92 28.93 47.04
C GLY H 154 -42.78 29.85 48.24
N GLU H 155 -43.85 30.58 48.55
CA GLU H 155 -43.85 31.50 49.68
C GLU H 155 -45.02 31.29 50.63
N LYS H 156 -45.90 30.33 50.38
CA LYS H 156 -47.09 30.14 51.19
C LYS H 156 -47.08 28.74 51.82
N LYS H 157 -47.86 28.60 52.88
CA LYS H 157 -47.93 27.36 53.65
C LYS H 157 -49.27 26.67 53.40
N TYR H 158 -49.23 25.36 53.19
CA TYR H 158 -50.40 24.55 52.94
C TYR H 158 -50.66 23.63 54.12
N SER H 159 -51.93 23.45 54.46
CA SER H 159 -52.30 22.57 55.55
C SER H 159 -52.28 21.11 55.10
N VAL H 160 -52.60 20.20 56.02
CA VAL H 160 -52.59 18.78 55.70
C VAL H 160 -53.69 18.45 54.69
N ASP H 161 -54.84 19.12 54.78
CA ASP H 161 -55.94 18.86 53.86
C ASP H 161 -55.72 19.51 52.50
N GLU H 162 -55.02 20.63 52.45
CA GLU H 162 -54.84 21.35 51.19
C GLU H 162 -53.90 20.62 50.25
N PHE H 163 -52.93 19.88 50.79
CA PHE H 163 -51.94 19.19 49.97
C PHE H 163 -52.44 17.86 49.43
N THR H 164 -53.65 17.44 49.80
CA THR H 164 -54.17 16.17 49.31
C THR H 164 -54.39 16.21 47.80
N SER H 165 -54.65 17.39 47.24
CA SER H 165 -54.76 17.50 45.79
C SER H 165 -53.42 17.18 45.12
N ARG H 166 -52.33 17.74 45.66
CA ARG H 166 -51.02 17.42 45.13
C ARG H 166 -50.72 15.93 45.29
N VAL H 167 -51.08 15.35 46.44
CA VAL H 167 -50.82 13.93 46.67
C VAL H 167 -51.60 13.07 45.69
N ALA H 168 -52.86 13.41 45.45
CA ALA H 168 -53.68 12.64 44.52
C ALA H 168 -53.14 12.73 43.11
N GLY H 169 -52.72 13.94 42.68
CA GLY H 169 -52.09 14.06 41.38
C GLY H 169 -50.81 13.25 41.29
N LEU H 170 -50.03 13.22 42.38
CA LEU H 170 -48.81 12.43 42.40
C LEU H 170 -49.10 10.96 42.21
N ILE H 171 -50.09 10.43 42.92
CA ILE H 171 -50.40 9.01 42.83
C ILE H 171 -50.97 8.68 41.46
N ALA H 172 -51.78 9.57 40.89
CA ALA H 172 -52.38 9.31 39.59
C ALA H 172 -51.42 9.56 38.43
N GLY H 173 -50.30 10.22 38.67
CA GLY H 173 -49.35 10.48 37.61
C GLY H 173 -48.23 9.46 37.47
N THR H 174 -48.08 8.56 38.42
CA THR H 174 -46.99 7.60 38.32
C THR H 174 -47.47 6.33 37.60
N PRO H 175 -46.61 5.73 36.78
CA PRO H 175 -46.99 4.50 36.08
C PRO H 175 -47.09 3.33 37.05
N LEU H 176 -47.77 2.28 36.60
CA LEU H 176 -47.98 1.11 37.43
C LEU H 176 -46.75 0.20 37.48
N SER H 177 -45.77 0.39 36.60
CA SER H 177 -44.54 -0.38 36.71
C SER H 177 -43.66 0.10 37.86
N GLN H 178 -43.82 1.35 38.29
CA GLN H 178 -43.08 1.92 39.39
C GLN H 178 -43.89 1.82 40.68
N SER H 179 -43.37 2.42 41.75
CA SER H 179 -44.12 2.65 42.97
C SER H 179 -43.82 4.07 43.43
N VAL H 180 -44.75 4.62 44.22
CA VAL H 180 -44.62 6.01 44.68
C VAL H 180 -43.55 6.18 45.74
N THR H 181 -43.00 5.10 46.27
CA THR H 181 -42.01 5.19 47.33
C THR H 181 -40.76 5.94 46.86
N TYR H 182 -40.29 6.86 47.70
CA TYR H 182 -39.08 7.66 47.48
C TYR H 182 -39.22 8.64 46.33
N THR H 183 -40.44 8.94 45.90
CA THR H 183 -40.65 9.97 44.89
C THR H 183 -40.42 11.34 45.51
N LYS H 184 -39.59 12.15 44.87
CA LYS H 184 -39.22 13.45 45.42
C LYS H 184 -40.02 14.58 44.77
N LEU H 185 -40.33 15.59 45.57
CA LEU H 185 -41.09 16.75 45.14
C LEU H 185 -40.16 17.94 45.03
N SER H 186 -39.97 18.45 43.82
CA SER H 186 -39.10 19.60 43.61
C SER H 186 -39.74 20.89 44.09
N ASP H 187 -41.06 20.96 44.14
CA ASP H 187 -41.75 22.18 44.55
C ASP H 187 -41.53 22.48 46.02
N VAL H 188 -41.62 21.45 46.87
CA VAL H 188 -41.56 21.66 48.31
C VAL H 188 -40.19 22.19 48.70
N VAL H 189 -40.19 23.18 49.59
CA VAL H 189 -38.96 23.84 50.03
C VAL H 189 -38.46 23.27 51.35
N ASP H 190 -39.34 23.17 52.34
CA ASP H 190 -38.95 22.58 53.62
C ASP H 190 -40.20 22.08 54.33
N ILE H 191 -39.98 21.24 55.34
CA ILE H 191 -41.06 20.65 56.13
C ILE H 191 -40.65 20.61 57.59
N PRO H 192 -41.63 20.50 58.49
CA PRO H 192 -41.30 20.40 59.92
C PRO H 192 -40.39 19.21 60.21
N LYS H 193 -39.44 19.43 61.12
CA LYS H 193 -38.48 18.40 61.46
C LYS H 193 -39.14 17.26 62.24
N MET H 194 -38.73 16.03 61.92
CA MET H 194 -39.15 14.86 62.66
C MET H 194 -38.00 13.87 62.69
N THR H 195 -37.88 13.14 63.80
CA THR H 195 -36.80 12.19 63.97
C THR H 195 -37.10 10.88 63.24
N LYS H 196 -36.06 10.06 63.10
CA LYS H 196 -36.18 8.81 62.35
C LYS H 196 -37.15 7.83 63.03
N VAL H 197 -37.07 7.73 64.35
CA VAL H 197 -37.96 6.83 65.07
C VAL H 197 -39.41 7.29 64.91
N ASP H 198 -39.63 8.61 64.90
CA ASP H 198 -40.97 9.13 64.65
C ASP H 198 -41.50 8.69 63.30
N ALA H 199 -40.69 8.85 62.25
CA ALA H 199 -41.13 8.48 60.91
C ALA H 199 -41.42 6.99 60.82
N GLU H 200 -40.56 6.16 61.42
CA GLU H 200 -40.79 4.73 61.41
C GLU H 200 -42.09 4.37 62.12
N SER H 201 -42.35 4.99 63.28
CA SER H 201 -43.57 4.68 64.01
C SER H 201 -44.81 5.12 63.23
N ARG H 202 -44.74 6.28 62.57
CA ARG H 202 -45.86 6.72 61.76
C ARG H 202 -46.11 5.76 60.61
N VAL H 203 -45.05 5.30 59.94
CA VAL H 203 -45.22 4.38 58.82
C VAL H 203 -45.82 3.07 59.31
N ASN H 204 -45.38 2.56 60.46
CA ASN H 204 -45.95 1.32 60.98
C ASN H 204 -47.45 1.45 61.26
N LYS H 205 -47.92 2.67 61.52
CA LYS H 205 -49.34 2.89 61.77
C LYS H 205 -50.17 3.04 60.50
N GLY H 206 -49.54 3.01 59.33
CA GLY H 206 -50.28 3.11 58.09
C GLY H 206 -50.54 4.53 57.64
N GLU H 207 -49.51 5.38 57.70
CA GLU H 207 -49.62 6.76 57.28
C GLU H 207 -48.64 7.04 56.14
N LEU H 208 -49.05 7.92 55.24
CA LEU H 208 -48.23 8.36 54.12
C LEU H 208 -47.65 9.72 54.46
N ILE H 209 -46.32 9.79 54.62
CA ILE H 209 -45.66 10.97 55.13
C ILE H 209 -44.55 11.41 54.20
N LEU H 210 -44.15 12.67 54.33
CA LEU H 210 -43.03 13.24 53.61
C LEU H 210 -41.82 13.27 54.54
N ILE H 211 -40.66 12.85 54.03
CA ILE H 211 -39.44 12.81 54.81
C ILE H 211 -38.31 13.46 54.01
N LYS H 212 -37.26 13.83 54.73
CA LYS H 212 -36.04 14.37 54.14
C LYS H 212 -34.97 13.30 54.19
N GLU H 213 -34.53 12.84 53.03
CA GLU H 213 -33.56 11.75 52.96
C GLU H 213 -32.77 11.86 51.68
N ALA H 214 -31.48 11.54 51.76
CA ALA H 214 -30.58 11.54 50.61
C ALA H 214 -30.56 12.90 49.91
N GLY H 215 -30.55 13.97 50.71
CA GLY H 215 -30.44 15.31 50.17
C GLY H 215 -31.61 15.78 49.33
N ALA H 216 -32.82 15.40 49.70
CA ALA H 216 -34.02 15.82 48.98
C ALA H 216 -35.22 15.63 49.90
N ILE H 217 -36.39 16.06 49.42
CA ILE H 217 -37.64 15.87 50.11
C ILE H 217 -38.49 14.90 49.29
N ARG H 218 -38.88 13.79 49.90
CA ARG H 218 -39.59 12.74 49.21
C ARG H 218 -40.55 12.08 50.20
N ILE H 219 -41.35 11.17 49.70
CA ILE H 219 -42.29 10.45 50.56
C ILE H 219 -41.59 9.20 51.08
N ALA H 220 -42.01 8.75 52.27
CA ALA H 220 -41.33 7.66 52.93
C ALA H 220 -41.65 6.32 52.27
N ARG H 221 -42.92 5.93 52.25
CA ARG H 221 -43.30 4.63 51.72
C ARG H 221 -44.75 4.69 51.24
N GLY H 222 -45.02 3.94 50.18
CA GLY H 222 -46.34 3.91 49.57
C GLY H 222 -47.28 2.87 50.16
N VAL H 223 -47.79 3.13 51.37
CA VAL H 223 -48.71 2.22 52.04
C VAL H 223 -50.03 2.94 52.26
N ASN H 224 -51.10 2.15 52.38
CA ASN H 224 -52.43 2.66 52.62
C ASN H 224 -52.79 2.49 54.10
N SER H 225 -54.05 2.76 54.43
CA SER H 225 -54.46 2.87 55.82
C SER H 225 -54.56 1.52 56.54
N LEU H 226 -54.62 0.42 55.80
CA LEU H 226 -54.88 -0.88 56.44
C LEU H 226 -53.74 -1.28 57.36
N THR H 227 -54.09 -1.68 58.58
CA THR H 227 -53.11 -2.10 59.57
C THR H 227 -53.31 -3.52 60.07
N GLU H 228 -54.55 -3.92 60.33
CA GLU H 228 -54.83 -5.25 60.84
C GLU H 228 -55.02 -6.23 59.68
N LEU H 229 -54.28 -7.33 59.71
CA LEU H 229 -54.27 -8.31 58.63
C LEU H 229 -54.88 -9.62 59.09
N THR H 230 -55.70 -10.20 58.23
CA THR H 230 -56.33 -11.49 58.47
C THR H 230 -55.75 -12.52 57.49
N ALA H 231 -56.30 -13.73 57.56
CA ALA H 231 -55.93 -14.75 56.58
C ALA H 231 -56.39 -14.37 55.18
N GLU H 232 -57.58 -13.75 55.09
CA GLU H 232 -58.12 -13.38 53.79
C GLU H 232 -57.32 -12.24 53.16
N LYS H 233 -56.99 -11.22 53.94
CA LYS H 233 -56.24 -10.07 53.46
C LYS H 233 -54.82 -10.13 53.98
N GLY H 234 -53.89 -10.52 53.13
CA GLY H 234 -52.50 -10.65 53.52
C GLY H 234 -51.77 -9.32 53.50
N GLU H 235 -50.47 -9.40 53.76
CA GLU H 235 -49.64 -8.20 53.78
C GLU H 235 -49.54 -7.52 52.42
N MET H 236 -49.88 -8.22 51.34
CA MET H 236 -49.78 -7.63 50.01
C MET H 236 -50.85 -6.58 49.77
N PHE H 237 -51.92 -6.57 50.55
CA PHE H 237 -52.97 -5.58 50.41
C PHE H 237 -52.66 -4.26 51.08
N GLN H 238 -51.51 -4.14 51.74
CA GLN H 238 -51.09 -2.88 52.33
C GLN H 238 -50.39 -1.96 51.35
N LYS H 239 -50.08 -2.43 50.15
CA LYS H 239 -49.31 -1.67 49.18
C LYS H 239 -50.24 -1.00 48.17
N ILE H 240 -49.94 0.25 47.84
CA ILE H 240 -50.77 1.01 46.90
C ILE H 240 -50.68 0.40 45.50
N LYS H 241 -49.48 -0.01 45.09
CA LYS H 241 -49.29 -0.51 43.73
C LYS H 241 -50.09 -1.78 43.48
N ILE H 242 -50.10 -2.70 44.44
CA ILE H 242 -50.80 -3.96 44.28
C ILE H 242 -52.29 -3.72 44.10
N VAL H 243 -52.87 -2.88 44.97
CA VAL H 243 -54.30 -2.61 44.91
C VAL H 243 -54.66 -1.91 43.61
N ASP H 244 -53.81 -0.98 43.17
CA ASP H 244 -54.06 -0.29 41.91
C ASP H 244 -54.06 -1.27 40.74
N THR H 245 -53.10 -2.20 40.73
CA THR H 245 -53.05 -3.21 39.67
C THR H 245 -54.29 -4.09 39.69
N LEU H 246 -54.74 -4.51 40.87
CA LEU H 246 -55.93 -5.35 40.95
C LEU H 246 -57.15 -4.61 40.43
N ASP H 247 -57.29 -3.32 40.77
CA ASP H 247 -58.43 -2.56 40.30
C ASP H 247 -58.39 -2.37 38.79
N ILE H 248 -57.21 -2.15 38.22
CA ILE H 248 -57.09 -2.05 36.76
C ILE H 248 -57.52 -3.35 36.10
N ILE H 249 -57.07 -4.48 36.64
CA ILE H 249 -57.46 -5.78 36.07
C ILE H 249 -58.97 -5.95 36.11
N HIS H 250 -59.57 -5.67 37.27
CA HIS H 250 -61.01 -5.80 37.43
C HIS H 250 -61.75 -4.96 36.41
N SER H 251 -61.39 -3.68 36.31
CA SER H 251 -62.11 -2.77 35.41
C SER H 251 -61.96 -3.20 33.95
N ASP H 252 -60.75 -3.58 33.53
CA ASP H 252 -60.54 -3.93 32.14
C ASP H 252 -61.32 -5.19 31.76
N ILE H 253 -61.29 -6.22 32.60
CA ILE H 253 -62.01 -7.45 32.27
C ILE H 253 -63.51 -7.17 32.24
N ARG H 254 -64.00 -6.36 33.18
CA ARG H 254 -65.42 -6.02 33.17
C ARG H 254 -65.81 -5.30 31.88
N LYS H 255 -64.96 -4.36 31.44
CA LYS H 255 -65.24 -3.64 30.20
C LYS H 255 -65.31 -4.59 29.01
N VAL H 256 -64.36 -5.51 28.92
CA VAL H 256 -64.36 -6.45 27.79
C VAL H 256 -65.63 -7.29 27.79
N ILE H 257 -65.98 -7.85 28.95
CA ILE H 257 -67.13 -8.73 29.03
C ILE H 257 -68.41 -7.98 28.66
N ILE H 258 -68.58 -6.77 29.22
CA ILE H 258 -69.81 -6.02 28.96
C ILE H 258 -69.89 -5.59 27.50
N ASP H 259 -68.76 -5.17 26.92
CA ASP H 259 -68.79 -4.67 25.56
C ASP H 259 -69.10 -5.76 24.55
N ASP H 260 -68.53 -6.96 24.72
CA ASP H 260 -68.55 -7.92 23.62
C ASP H 260 -69.45 -9.13 23.81
N TYR H 261 -69.92 -9.43 25.02
CA TYR H 261 -70.56 -10.73 25.21
C TYR H 261 -71.92 -10.70 25.89
N ILE H 262 -72.15 -9.74 26.79
CA ILE H 262 -73.36 -9.77 27.61
C ILE H 262 -74.57 -9.48 26.72
N GLY H 263 -75.47 -10.46 26.60
CA GLY H 263 -76.71 -10.30 25.87
C GLY H 263 -76.61 -10.40 24.36
N LYS H 264 -75.42 -10.62 23.82
CA LYS H 264 -75.24 -10.68 22.37
C LYS H 264 -74.89 -12.08 21.87
N VAL H 265 -74.59 -13.01 22.76
CA VAL H 265 -74.03 -14.31 22.38
C VAL H 265 -74.76 -15.40 23.15
N THR H 266 -75.13 -16.47 22.45
CA THR H 266 -75.82 -17.58 23.10
C THR H 266 -74.88 -18.34 24.01
N ASN H 267 -75.44 -18.93 25.06
CA ASN H 267 -74.64 -19.58 26.10
C ASN H 267 -74.41 -21.05 25.70
N SER H 268 -73.36 -21.28 24.93
CA SER H 268 -72.93 -22.62 24.57
C SER H 268 -71.46 -22.78 24.92
N TYR H 269 -70.97 -24.02 24.83
CA TYR H 269 -69.60 -24.31 25.23
C TYR H 269 -68.59 -23.62 24.32
N ASP H 270 -68.89 -23.56 23.01
CA ASP H 270 -67.96 -22.94 22.07
C ASP H 270 -67.77 -21.45 22.37
N ASN H 271 -68.85 -20.76 22.72
CA ASN H 271 -68.73 -19.35 23.05
C ASN H 271 -67.98 -19.16 24.36
N LYS H 272 -68.11 -20.09 25.31
CA LYS H 272 -67.30 -20.04 26.51
C LYS H 272 -65.82 -20.16 26.18
N CYS H 273 -65.47 -21.03 25.22
CA CYS H 273 -64.09 -21.13 24.80
C CYS H 273 -63.60 -19.83 24.17
N LEU H 274 -64.46 -19.19 23.36
CA LEU H 274 -64.09 -17.90 22.77
C LEU H 274 -63.81 -16.86 23.85
N LEU H 275 -64.67 -16.80 24.86
CA LEU H 275 -64.48 -15.84 25.97
C LEU H 275 -63.18 -16.12 26.72
N ILE H 276 -62.89 -17.40 26.97
CA ILE H 276 -61.65 -17.76 27.66
C ILE H 276 -60.45 -17.30 26.86
N VAL H 277 -60.49 -17.49 25.54
CA VAL H 277 -59.38 -17.05 24.70
C VAL H 277 -59.19 -15.54 24.80
N ALA H 278 -60.29 -14.79 24.79
CA ALA H 278 -60.18 -13.32 24.88
C ALA H 278 -59.57 -12.88 26.21
N ILE H 279 -60.00 -13.49 27.32
CA ILE H 279 -59.47 -13.11 28.62
C ILE H 279 -57.99 -13.45 28.71
N LYS H 280 -57.60 -14.63 28.21
CA LYS H 280 -56.20 -15.01 28.21
C LYS H 280 -55.37 -14.03 27.38
N SER H 281 -55.92 -13.55 26.27
CA SER H 281 -55.22 -12.57 25.46
C SER H 281 -54.95 -11.29 26.26
N TYR H 282 -55.97 -10.80 26.98
CA TYR H 282 -55.75 -9.61 27.79
C TYR H 282 -54.68 -9.85 28.86
N LEU H 283 -54.74 -11.01 29.51
CA LEU H 283 -53.75 -11.30 30.55
C LEU H 283 -52.34 -11.36 29.97
N GLU H 284 -52.19 -11.88 28.75
CA GLU H 284 -50.88 -11.89 28.12
C GLU H 284 -50.41 -10.47 27.78
N GLU H 285 -51.34 -9.61 27.36
CA GLU H 285 -50.99 -8.21 27.16
C GLU H 285 -50.44 -7.60 28.45
N LEU H 286 -51.05 -7.93 29.59
CA LEU H 286 -50.51 -7.47 30.87
C LEU H 286 -49.18 -8.13 31.19
N GLU H 287 -48.97 -9.37 30.77
CA GLU H 287 -47.72 -10.06 31.03
C GLU H 287 -46.55 -9.40 30.31
N LYS H 288 -46.78 -8.92 29.08
CA LYS H 288 -45.69 -8.30 28.34
C LYS H 288 -45.17 -7.05 29.04
N SER H 289 -46.07 -6.25 29.60
CA SER H 289 -45.64 -5.23 30.54
C SER H 289 -45.21 -5.91 31.84
N ALA H 290 -44.48 -5.17 32.66
CA ALA H 290 -43.92 -5.75 33.88
C ALA H 290 -44.94 -5.88 35.01
N LEU H 291 -46.24 -5.86 34.70
CA LEU H 291 -47.25 -5.79 35.76
C LEU H 291 -47.42 -7.13 36.48
N ILE H 292 -47.44 -8.24 35.75
CA ILE H 292 -47.67 -9.55 36.35
C ILE H 292 -46.63 -10.54 35.84
N GLU H 293 -46.64 -11.72 36.44
CA GLU H 293 -45.69 -12.78 36.11
C GLU H 293 -46.01 -13.40 34.76
N SER H 294 -45.09 -14.25 34.28
CA SER H 294 -45.12 -14.70 32.90
C SER H 294 -46.15 -15.79 32.64
N ASP H 295 -46.41 -16.68 33.59
CA ASP H 295 -47.29 -17.83 33.37
C ASP H 295 -48.62 -17.61 34.07
N SER H 296 -49.70 -17.53 33.30
CA SER H 296 -51.04 -17.36 33.82
C SER H 296 -51.98 -18.33 33.10
N THR H 297 -53.08 -18.69 33.76
CA THR H 297 -54.01 -19.66 33.21
C THR H 297 -55.44 -19.19 33.40
N VAL H 298 -56.29 -19.54 32.44
CA VAL H 298 -57.73 -19.33 32.51
C VAL H 298 -58.41 -20.64 32.15
N GLU H 299 -59.46 -20.99 32.90
CA GLU H 299 -60.07 -22.31 32.76
C GLU H 299 -61.55 -22.25 33.14
N ILE H 300 -62.25 -23.31 32.77
CA ILE H 300 -63.62 -23.53 33.23
C ILE H 300 -63.59 -24.00 34.67
N ASP H 301 -64.47 -23.44 35.50
CA ASP H 301 -64.55 -23.83 36.91
C ASP H 301 -65.43 -25.08 37.00
N PHE H 302 -64.80 -26.23 37.23
CA PHE H 302 -65.53 -27.50 37.22
C PHE H 302 -66.39 -27.68 38.45
N GLU H 303 -65.87 -27.33 39.63
CA GLU H 303 -66.61 -27.52 40.87
C GLU H 303 -67.87 -26.65 40.89
N ALA H 304 -67.76 -25.42 40.41
CA ALA H 304 -68.92 -24.53 40.40
C ALA H 304 -70.02 -25.07 39.49
N GLN H 305 -69.64 -25.58 38.33
CA GLN H 305 -70.62 -26.17 37.42
C GLN H 305 -71.27 -27.40 38.04
N LYS H 306 -70.47 -28.23 38.72
CA LYS H 306 -71.03 -29.39 39.41
C LYS H 306 -72.03 -28.98 40.47
N SER H 307 -71.70 -27.96 41.26
CA SER H 307 -72.61 -27.50 42.30
C SER H 307 -73.90 -26.93 41.71
N TYR H 308 -73.79 -26.16 40.62
CA TYR H 308 -74.98 -25.62 39.99
C TYR H 308 -75.87 -26.74 39.45
N LEU H 309 -75.27 -27.75 38.82
CA LEU H 309 -76.06 -28.85 38.29
C LEU H 309 -76.71 -29.65 39.41
N LYS H 310 -75.99 -29.87 40.51
CA LYS H 310 -76.58 -30.55 41.66
C LYS H 310 -77.76 -29.76 42.21
N SER H 311 -77.61 -28.44 42.32
CA SER H 311 -78.70 -27.62 42.84
C SER H 311 -79.92 -27.70 41.93
N LYS H 312 -79.71 -27.67 40.62
CA LYS H 312 -80.84 -27.81 39.69
C LYS H 312 -81.49 -29.18 39.77
N GLY H 313 -80.78 -30.18 40.30
CA GLY H 313 -81.34 -31.51 40.48
C GLY H 313 -80.99 -32.54 39.44
N VAL H 314 -80.05 -32.24 38.52
CA VAL H 314 -79.67 -33.20 37.49
C VAL H 314 -78.84 -34.32 38.11
N ASP H 315 -79.03 -35.54 37.62
CA ASP H 315 -78.34 -36.71 38.14
C ASP H 315 -76.93 -36.76 37.57
N LEU H 316 -75.94 -36.42 38.40
CA LEU H 316 -74.56 -36.31 37.94
C LEU H 316 -73.82 -37.64 37.90
N SER H 317 -74.36 -38.70 38.52
CA SER H 317 -73.61 -39.94 38.61
C SER H 317 -73.51 -40.64 37.25
N TYR H 318 -74.56 -40.53 36.43
CA TYR H 318 -74.59 -41.25 35.17
C TYR H 318 -73.74 -40.60 34.09
N MET H 319 -73.57 -39.28 34.13
CA MET H 319 -72.84 -38.59 33.10
C MET H 319 -71.33 -38.64 33.36
N THR H 320 -70.57 -38.42 32.29
CA THR H 320 -69.11 -38.42 32.36
C THR H 320 -68.56 -37.00 32.42
N LEU H 321 -67.25 -36.92 32.65
CA LEU H 321 -66.61 -35.63 32.91
C LEU H 321 -66.75 -34.68 31.73
N GLN H 322 -66.59 -35.20 30.51
CA GLN H 322 -66.79 -34.36 29.33
C GLN H 322 -68.20 -33.82 29.27
N GLU H 323 -69.19 -34.64 29.64
CA GLU H 323 -70.57 -34.18 29.66
C GLU H 323 -70.81 -33.18 30.78
N ILE H 324 -70.12 -33.32 31.91
CA ILE H 324 -70.24 -32.31 32.97
C ILE H 324 -69.70 -30.98 32.47
N LYS H 325 -68.56 -31.00 31.79
CA LYS H 325 -67.95 -29.76 31.31
C LYS H 325 -68.84 -29.05 30.32
N GLU H 326 -69.47 -29.79 29.41
CA GLU H 326 -70.20 -29.21 28.28
C GLU H 326 -71.71 -29.15 28.52
N ALA H 327 -72.15 -29.38 29.75
CA ALA H 327 -73.58 -29.34 30.04
C ALA H 327 -74.11 -27.91 29.94
N ASN H 328 -75.39 -27.80 29.60
CA ASN H 328 -76.04 -26.50 29.52
C ASN H 328 -76.28 -25.94 30.92
N THR H 329 -76.06 -24.63 31.08
CA THR H 329 -76.18 -23.99 32.37
C THR H 329 -77.21 -22.86 32.42
N GLY H 330 -77.74 -22.44 31.28
CA GLY H 330 -78.80 -21.45 31.29
C GLY H 330 -78.37 -20.06 31.69
N SER H 331 -77.61 -19.40 30.82
CA SER H 331 -77.24 -17.99 30.94
C SER H 331 -76.24 -17.72 32.05
N LYS H 332 -75.52 -18.74 32.53
CA LYS H 332 -74.53 -18.56 33.57
C LYS H 332 -73.20 -19.20 33.15
N VAL H 333 -72.10 -18.54 33.47
CA VAL H 333 -70.76 -18.98 33.10
C VAL H 333 -69.88 -18.97 34.34
N PHE H 334 -69.06 -20.02 34.49
CA PHE H 334 -68.15 -20.15 35.62
C PHE H 334 -66.73 -20.31 35.11
N LEU H 335 -65.83 -19.44 35.58
CA LEU H 335 -64.43 -19.48 35.17
C LEU H 335 -63.53 -19.31 36.38
N LYS H 336 -62.25 -19.65 36.20
CA LYS H 336 -61.23 -19.45 37.21
C LYS H 336 -59.92 -19.07 36.54
N ALA H 337 -59.03 -18.43 37.30
CA ALA H 337 -57.77 -17.98 36.74
C ALA H 337 -56.72 -17.90 37.83
N LYS H 338 -55.46 -17.91 37.41
CA LYS H 338 -54.31 -17.79 38.31
C LYS H 338 -53.37 -16.72 37.78
N ILE H 339 -53.03 -15.75 38.64
CA ILE H 339 -52.05 -14.72 38.31
C ILE H 339 -51.14 -14.51 39.50
N LYS H 340 -50.00 -13.86 39.24
CA LYS H 340 -49.10 -13.42 40.30
C LYS H 340 -48.68 -12.00 39.98
N VAL H 341 -48.80 -11.11 40.97
CA VAL H 341 -48.61 -9.67 40.77
C VAL H 341 -47.24 -9.27 41.26
N LEU H 342 -46.51 -8.53 40.43
CA LEU H 342 -45.17 -8.07 40.77
C LEU H 342 -45.23 -6.87 41.70
N ASP H 343 -44.12 -6.65 42.41
CA ASP H 343 -43.95 -5.51 43.29
C ASP H 343 -42.64 -4.81 42.95
N ALA H 344 -42.58 -3.51 43.26
CA ALA H 344 -41.37 -2.75 43.04
C ALA H 344 -40.32 -3.09 44.10
N MET H 345 -39.07 -2.86 43.75
CA MET H 345 -37.97 -3.13 44.68
C MET H 345 -37.79 -1.97 45.64
N GLU H 346 -37.76 -2.28 46.94
CA GLU H 346 -37.65 -1.24 47.96
C GLU H 346 -36.66 -1.57 49.08
N ASP H 347 -35.99 -2.71 49.04
CA ASP H 347 -34.99 -3.05 50.04
C ASP H 347 -33.83 -3.77 49.36
N ILE H 348 -32.65 -3.67 49.97
CA ILE H 348 -31.45 -4.32 49.46
C ILE H 348 -30.80 -5.11 50.59
N ASP H 349 -30.50 -6.37 50.33
CA ASP H 349 -29.82 -7.24 51.29
C ASP H 349 -28.47 -7.67 50.70
N LEU H 350 -27.38 -7.17 51.28
CA LEU H 350 -26.04 -7.46 50.81
C LEU H 350 -25.36 -8.47 51.72
N SER H 351 -24.83 -9.53 51.13
CA SER H 351 -24.02 -10.52 51.82
C SER H 351 -22.60 -10.38 51.31
N ILE H 352 -21.71 -9.82 52.14
CA ILE H 352 -20.36 -9.46 51.73
C ILE H 352 -19.40 -10.49 52.32
N GLU H 353 -18.46 -10.96 51.49
CA GLU H 353 -17.51 -11.99 51.88
C GLU H 353 -16.12 -11.38 52.03
N ILE H 354 -15.68 -11.21 53.26
CA ILE H 354 -14.32 -10.81 53.60
C ILE H 354 -13.95 -9.45 53.02
N ASN I 3 -93.87 -69.28 15.95
CA ASN I 3 -94.14 -67.87 15.74
C ASN I 3 -93.86 -67.47 14.29
N MET I 4 -92.90 -68.15 13.68
CA MET I 4 -92.50 -67.85 12.30
C MET I 4 -93.35 -68.69 11.36
N GLU I 5 -94.19 -68.03 10.57
CA GLU I 5 -95.05 -68.68 9.60
C GLU I 5 -94.81 -68.10 8.22
N ALA I 6 -95.04 -68.92 7.20
CA ALA I 6 -94.87 -68.44 5.83
C ALA I 6 -95.87 -67.36 5.46
N ARG I 7 -96.98 -67.25 6.19
CA ARG I 7 -97.94 -66.20 5.91
C ARG I 7 -97.43 -64.82 6.32
N ASN I 8 -96.46 -64.76 7.23
CA ASN I 8 -95.99 -63.49 7.76
C ASN I 8 -94.94 -62.82 6.88
N VAL I 9 -94.45 -63.50 5.85
CA VAL I 9 -93.47 -62.90 4.94
C VAL I 9 -94.18 -61.85 4.09
N MET I 10 -93.70 -60.61 4.17
CA MET I 10 -94.35 -59.51 3.48
C MET I 10 -94.24 -59.67 1.97
N SER I 11 -95.34 -59.40 1.27
CA SER I 11 -95.38 -59.45 -0.17
C SER I 11 -95.30 -58.04 -0.74
N GLY I 12 -94.56 -57.89 -1.84
CA GLY I 12 -94.36 -56.59 -2.44
C GLY I 12 -95.56 -56.02 -3.15
N THR I 13 -96.59 -56.84 -3.38
CA THR I 13 -97.82 -56.34 -4.00
C THR I 13 -98.52 -55.32 -3.11
N TRP I 14 -98.32 -55.39 -1.80
CA TRP I 14 -98.92 -54.44 -0.87
C TRP I 14 -97.99 -53.27 -0.57
N GLY I 15 -97.46 -52.64 -1.60
CA GLY I 15 -96.57 -51.50 -1.44
C GLY I 15 -97.17 -50.26 -2.10
N GLU I 16 -96.99 -49.11 -1.45
CA GLU I 16 -97.49 -47.84 -1.96
C GLU I 16 -96.39 -46.78 -1.82
N LEU I 17 -96.37 -45.83 -2.75
CA LEU I 17 -95.33 -44.82 -2.79
C LEU I 17 -95.93 -43.43 -3.00
N TRP I 18 -95.44 -42.46 -2.24
CA TRP I 18 -95.76 -41.05 -2.43
C TRP I 18 -94.48 -40.33 -2.82
N LEU I 19 -94.52 -39.63 -3.94
CA LEU I 19 -93.37 -38.87 -4.43
C LEU I 19 -93.75 -37.41 -4.57
N ASP I 20 -93.04 -36.55 -3.85
CA ASP I 20 -93.28 -35.11 -3.87
C ASP I 20 -94.73 -34.79 -3.47
N GLY I 21 -95.25 -35.56 -2.52
CA GLY I 21 -96.57 -35.32 -1.99
C GLY I 21 -97.72 -35.87 -2.82
N ASN I 22 -97.44 -36.46 -3.96
CA ASN I 22 -98.48 -37.03 -4.82
C ASN I 22 -98.32 -38.55 -4.87
N LYS I 23 -99.45 -39.24 -4.90
CA LYS I 23 -99.43 -40.69 -4.92
C LYS I 23 -99.19 -41.21 -6.34
N VAL I 24 -98.27 -42.14 -6.48
CA VAL I 24 -98.01 -42.79 -7.76
C VAL I 24 -98.69 -44.16 -7.75
N ALA I 25 -99.42 -44.45 -8.82
CA ALA I 25 -100.16 -45.70 -8.92
C ALA I 25 -99.54 -46.70 -9.87
N GLU I 26 -98.62 -46.27 -10.73
CA GLU I 26 -97.96 -47.15 -11.67
C GLU I 26 -96.63 -47.65 -11.17
N VAL I 27 -96.32 -47.44 -9.88
CA VAL I 27 -95.06 -47.93 -9.33
C VAL I 27 -94.98 -49.43 -9.48
N LYS I 28 -93.80 -49.91 -9.88
CA LYS I 28 -93.54 -51.34 -10.00
C LYS I 28 -92.60 -51.86 -8.94
N LYS I 29 -91.58 -51.08 -8.54
CA LYS I 29 -90.72 -51.47 -7.44
C LYS I 29 -90.02 -50.24 -6.88
N PHE I 30 -89.72 -50.29 -5.58
CA PHE I 30 -89.04 -49.23 -4.87
C PHE I 30 -87.93 -49.81 -4.02
N GLN I 31 -86.82 -49.09 -3.92
CA GLN I 31 -85.64 -49.59 -3.25
C GLN I 31 -84.79 -48.43 -2.76
N ALA I 32 -84.29 -48.55 -1.53
CA ALA I 32 -83.42 -47.53 -0.93
C ALA I 32 -82.49 -48.20 0.05
N LYS I 33 -81.20 -47.82 0.01
CA LYS I 33 -80.21 -48.48 0.83
C LYS I 33 -79.11 -47.50 1.22
N MET I 34 -78.45 -47.80 2.34
CA MET I 34 -77.30 -47.04 2.83
C MET I 34 -76.07 -47.94 2.80
N GLU I 35 -75.02 -47.51 2.12
CA GLU I 35 -73.79 -48.28 2.01
C GLU I 35 -72.70 -47.59 2.83
N PHE I 36 -72.20 -48.28 3.85
CA PHE I 36 -71.22 -47.67 4.74
C PHE I 36 -69.84 -47.66 4.10
N THR I 37 -69.06 -46.65 4.45
CA THR I 37 -67.67 -46.53 4.03
C THR I 37 -66.77 -46.99 5.18
N LYS I 38 -65.90 -47.95 4.90
CA LYS I 38 -65.01 -48.50 5.92
C LYS I 38 -63.56 -48.37 5.48
N GLU I 39 -62.67 -48.29 6.47
CA GLU I 39 -61.23 -48.21 6.23
C GLU I 39 -60.54 -49.32 7.00
N ASP I 40 -59.65 -50.05 6.32
CA ASP I 40 -58.91 -51.12 6.98
C ASP I 40 -57.82 -50.55 7.86
N ILE I 41 -57.67 -51.11 9.06
CA ILE I 41 -56.68 -50.66 10.03
C ILE I 41 -56.00 -51.88 10.62
N ILE I 42 -54.67 -51.93 10.55
CA ILE I 42 -53.88 -53.03 11.08
C ILE I 42 -53.27 -52.61 12.40
N ILE I 43 -53.51 -53.39 13.44
CA ILE I 43 -53.05 -53.10 14.79
C ILE I 43 -51.91 -54.07 15.11
N ALA I 44 -50.81 -53.53 15.64
CA ALA I 44 -49.65 -54.36 15.96
C ALA I 44 -50.00 -55.42 16.99
N GLY I 45 -49.60 -56.66 16.72
CA GLY I 45 -49.86 -57.77 17.61
C GLY I 45 -51.15 -58.51 17.38
N GLN I 46 -52.02 -58.04 16.48
CA GLN I 46 -53.27 -58.70 16.17
C GLN I 46 -53.25 -59.21 14.74
N MET I 47 -53.59 -60.49 14.58
CA MET I 47 -53.53 -61.11 13.26
C MET I 47 -54.73 -60.73 12.39
N GLY I 48 -55.89 -60.48 13.00
CA GLY I 48 -57.08 -60.12 12.24
C GLY I 48 -57.19 -58.63 12.02
N THR I 49 -57.55 -58.25 10.79
CA THR I 49 -57.65 -56.85 10.39
C THR I 49 -59.02 -56.28 10.76
N ASP I 50 -59.01 -55.07 11.34
CA ASP I 50 -60.22 -54.38 11.77
C ASP I 50 -60.53 -53.22 10.84
N THR I 51 -61.66 -52.56 11.08
CA THR I 51 -62.14 -51.48 10.24
C THR I 51 -62.63 -50.31 11.08
N LYS I 52 -62.60 -49.12 10.48
CA LYS I 52 -63.13 -47.90 11.07
C LYS I 52 -64.21 -47.34 10.16
N TYR I 53 -65.31 -46.89 10.76
CA TYR I 53 -66.50 -46.46 10.04
C TYR I 53 -66.46 -44.97 9.76
N MET I 54 -66.72 -44.59 8.51
CA MET I 54 -66.60 -43.21 8.04
C MET I 54 -67.90 -42.51 7.72
N GLY I 55 -68.93 -43.23 7.32
CA GLY I 55 -70.13 -42.60 6.81
C GLY I 55 -70.81 -43.53 5.84
N TYR I 56 -71.71 -42.95 5.05
CA TYR I 56 -72.53 -43.75 4.18
C TYR I 56 -72.93 -42.94 2.95
N LYS I 57 -73.37 -43.65 1.93
CA LYS I 57 -73.96 -43.06 0.74
C LYS I 57 -75.32 -43.70 0.51
N GLY I 58 -76.32 -42.88 0.23
CA GLY I 58 -77.67 -43.37 0.01
C GLY I 58 -77.91 -43.59 -1.47
N LYS I 59 -78.35 -44.80 -1.81
CA LYS I 59 -78.62 -45.17 -3.19
C LYS I 59 -79.98 -45.84 -3.28
N GLY I 60 -80.64 -45.65 -4.41
CA GLY I 60 -81.93 -46.26 -4.63
C GLY I 60 -82.38 -46.08 -6.06
N SER I 61 -83.56 -46.63 -6.36
CA SER I 61 -84.13 -46.53 -7.69
C SER I 61 -85.63 -46.74 -7.62
N ILE I 62 -86.32 -46.29 -8.66
CA ILE I 62 -87.75 -46.47 -8.83
C ILE I 62 -88.00 -47.03 -10.22
N THR I 63 -88.91 -48.00 -10.32
CA THR I 63 -89.39 -48.51 -11.59
C THR I 63 -90.90 -48.35 -11.65
N LEU I 64 -91.41 -47.87 -12.78
CA LEU I 64 -92.83 -47.66 -12.94
C LEU I 64 -93.24 -47.86 -14.39
N TYR I 65 -94.51 -48.22 -14.58
CA TYR I 65 -95.05 -48.37 -15.92
C TYR I 65 -95.17 -47.02 -16.60
N HIS I 66 -94.96 -47.00 -17.91
CA HIS I 66 -94.98 -45.76 -18.68
C HIS I 66 -96.43 -45.40 -19.00
N VAL I 67 -97.02 -44.54 -18.17
CA VAL I 67 -98.41 -44.13 -18.30
C VAL I 67 -98.55 -42.64 -18.55
N SER I 68 -97.77 -41.84 -17.83
CA SER I 68 -97.80 -40.40 -17.97
C SER I 68 -96.38 -39.88 -17.88
N SER I 69 -96.17 -38.66 -18.36
CA SER I 69 -94.86 -38.03 -18.30
C SER I 69 -94.68 -37.32 -16.96
N ARG I 70 -94.54 -38.11 -15.90
CA ARG I 70 -94.35 -37.58 -14.55
C ARG I 70 -92.97 -37.00 -14.26
N MET I 71 -91.93 -37.65 -14.77
CA MET I 71 -90.57 -37.23 -14.49
C MET I 71 -90.15 -36.02 -15.33
N HIS I 72 -90.64 -35.93 -16.58
CA HIS I 72 -90.37 -34.75 -17.39
C HIS I 72 -90.84 -33.50 -16.68
N LYS I 73 -92.12 -33.45 -16.30
CA LYS I 73 -92.65 -32.30 -15.58
C LYS I 73 -91.95 -32.08 -14.27
N LEU I 74 -91.45 -33.15 -13.65
CA LEU I 74 -90.74 -32.98 -12.39
C LEU I 74 -89.44 -32.21 -12.57
N ILE I 75 -88.61 -32.61 -13.55
CA ILE I 75 -87.23 -32.11 -13.49
C ILE I 75 -86.63 -31.52 -14.77
N GLY I 76 -87.27 -31.68 -15.92
CA GLY I 76 -86.58 -31.36 -17.17
C GLY I 76 -86.10 -29.93 -17.37
N GLU I 77 -87.04 -28.98 -17.35
CA GLU I 77 -86.72 -27.59 -17.61
C GLU I 77 -85.76 -27.03 -16.56
N LYS I 78 -85.97 -27.40 -15.30
CA LYS I 78 -85.06 -26.97 -14.25
C LYS I 78 -83.66 -27.54 -14.48
N ILE I 79 -83.57 -28.79 -14.92
CA ILE I 79 -82.26 -29.39 -15.14
C ILE I 79 -81.51 -28.65 -16.23
N LYS I 80 -82.20 -28.26 -17.31
CA LYS I 80 -81.55 -27.34 -18.25
C LYS I 80 -81.15 -26.02 -17.63
N ARG I 81 -82.02 -25.42 -16.83
CA ARG I 81 -81.75 -24.04 -16.45
C ARG I 81 -80.58 -23.93 -15.49
N GLY I 82 -80.17 -25.04 -14.89
CA GLY I 82 -79.07 -25.06 -13.94
C GLY I 82 -79.46 -25.23 -12.50
N SER I 83 -80.74 -25.46 -12.20
CA SER I 83 -81.22 -25.62 -10.84
C SER I 83 -81.64 -27.08 -10.63
N GLU I 84 -81.09 -27.71 -9.60
CA GLU I 84 -81.39 -29.11 -9.32
C GLU I 84 -82.39 -29.20 -8.17
N PRO I 85 -83.60 -29.70 -8.41
CA PRO I 85 -84.57 -29.84 -7.31
C PRO I 85 -84.31 -31.08 -6.48
N ARG I 86 -84.85 -31.06 -5.26
CA ARG I 86 -84.79 -32.17 -4.32
C ARG I 86 -86.19 -32.51 -3.87
N PHE I 87 -86.45 -33.80 -3.64
CA PHE I 87 -87.79 -34.28 -3.34
C PHE I 87 -87.79 -35.12 -2.07
N VAL I 88 -89.00 -35.46 -1.62
CA VAL I 88 -89.20 -36.35 -0.48
C VAL I 88 -90.11 -37.49 -0.93
N ALA I 89 -89.71 -38.73 -0.65
CA ALA I 89 -90.50 -39.89 -0.99
C ALA I 89 -90.95 -40.61 0.27
N ILE I 90 -92.18 -41.12 0.24
CA ILE I 90 -92.73 -41.90 1.33
C ILE I 90 -93.09 -43.27 0.80
N SER I 91 -92.57 -44.32 1.43
CA SER I 91 -92.85 -45.70 1.05
C SER I 91 -93.60 -46.39 2.17
N LYS I 92 -94.65 -47.12 1.82
CA LYS I 92 -95.48 -47.85 2.77
C LYS I 92 -95.60 -49.30 2.36
N LEU I 93 -95.56 -50.20 3.35
CA LEU I 93 -95.69 -51.63 3.11
C LEU I 93 -96.60 -52.20 4.19
N ASN I 94 -97.82 -52.56 3.83
CA ASN I 94 -98.82 -53.04 4.78
C ASN I 94 -99.45 -54.32 4.25
N ASP I 95 -98.97 -55.47 4.73
CA ASP I 95 -99.51 -56.77 4.34
C ASP I 95 -100.56 -57.20 5.36
N PRO I 96 -101.75 -57.59 4.91
CA PRO I 96 -102.81 -57.99 5.86
C PRO I 96 -102.42 -59.16 6.75
N ASP I 97 -101.59 -60.08 6.27
CA ASP I 97 -101.19 -61.25 7.03
C ASP I 97 -99.90 -61.03 7.84
N SER I 98 -99.37 -59.82 7.85
CA SER I 98 -98.17 -59.50 8.60
C SER I 98 -98.52 -58.92 9.97
N TYR I 99 -97.50 -58.74 10.79
CA TYR I 99 -97.71 -58.18 12.12
C TYR I 99 -98.15 -56.73 12.06
N GLY I 100 -97.56 -55.96 11.16
CA GLY I 100 -97.89 -54.55 11.06
C GLY I 100 -97.39 -53.96 9.76
N ALA I 101 -97.35 -52.63 9.72
CA ALA I 101 -96.92 -51.90 8.55
C ALA I 101 -95.52 -51.33 8.75
N GLU I 102 -94.96 -50.82 7.65
CA GLU I 102 -93.63 -50.21 7.65
C GLU I 102 -93.68 -49.01 6.73
N ARG I 103 -93.42 -47.81 7.27
CA ARG I 103 -93.60 -46.57 6.54
C ARG I 103 -92.39 -45.67 6.75
N ILE I 104 -91.55 -45.54 5.72
CA ILE I 104 -90.30 -44.79 5.83
C ILE I 104 -90.33 -43.62 4.86
N ALA I 105 -89.85 -42.47 5.32
CA ALA I 105 -89.72 -41.29 4.49
C ALA I 105 -88.25 -41.07 4.14
N VAL I 106 -87.96 -40.91 2.85
CA VAL I 106 -86.61 -40.69 2.35
C VAL I 106 -86.51 -39.25 1.87
N LYS I 107 -85.49 -38.54 2.34
CA LYS I 107 -85.41 -37.10 2.14
C LYS I 107 -84.16 -36.72 1.36
N ASN I 108 -84.23 -35.54 0.72
CA ASN I 108 -83.13 -34.95 -0.02
C ASN I 108 -82.74 -35.79 -1.23
N ILE I 109 -83.76 -36.23 -1.97
CA ILE I 109 -83.55 -37.13 -3.10
C ILE I 109 -83.10 -36.34 -4.32
N ALA I 110 -82.05 -36.82 -4.97
CA ALA I 110 -81.56 -36.25 -6.22
C ALA I 110 -81.50 -37.35 -7.26
N PHE I 111 -82.16 -37.15 -8.40
CA PHE I 111 -82.23 -38.18 -9.42
C PHE I 111 -80.95 -38.22 -10.26
N ASP I 112 -80.78 -39.32 -10.98
CA ASP I 112 -79.57 -39.58 -11.74
C ASP I 112 -79.72 -39.30 -13.23
N ASP I 113 -80.94 -39.36 -13.77
CA ASP I 113 -81.17 -39.08 -15.18
C ASP I 113 -82.65 -38.82 -15.39
N LEU I 114 -83.01 -38.49 -16.64
CA LEU I 114 -84.39 -38.24 -17.06
C LEU I 114 -84.64 -38.93 -18.40
N THR I 115 -85.55 -39.91 -18.42
CA THR I 115 -85.76 -40.69 -19.62
C THR I 115 -86.71 -39.96 -20.57
N LEU I 116 -86.21 -39.64 -21.76
CA LEU I 116 -87.02 -38.91 -22.72
C LEU I 116 -87.85 -39.85 -23.59
N ALA I 117 -87.21 -40.82 -24.22
CA ALA I 117 -87.91 -41.75 -25.09
C ALA I 117 -87.24 -43.12 -25.01
N ASP I 118 -88.07 -44.16 -24.93
CA ASP I 118 -87.56 -45.53 -24.93
C ASP I 118 -88.72 -46.44 -25.34
N TRP I 119 -88.73 -46.86 -26.60
CA TRP I 119 -89.78 -47.76 -27.05
C TRP I 119 -89.25 -48.69 -28.13
N GLU I 120 -89.78 -49.90 -28.13
CA GLU I 120 -89.45 -50.93 -29.11
C GLU I 120 -90.74 -51.61 -29.55
N VAL I 121 -90.85 -51.91 -30.85
CA VAL I 121 -92.10 -52.44 -31.38
C VAL I 121 -92.41 -53.77 -30.72
N GLY I 122 -93.65 -53.92 -30.25
CA GLY I 122 -94.07 -55.14 -29.59
C GLY I 122 -93.68 -55.27 -28.14
N VAL I 123 -93.32 -54.17 -27.49
CA VAL I 123 -92.88 -54.18 -26.10
C VAL I 123 -93.62 -53.08 -25.35
N LYS I 124 -94.11 -53.40 -24.15
CA LYS I 124 -94.75 -52.40 -23.32
C LYS I 124 -93.70 -51.47 -22.69
N GLY I 125 -94.16 -50.31 -22.25
CA GLY I 125 -93.27 -49.28 -21.76
C GLY I 125 -92.96 -49.41 -20.27
N GLU I 126 -91.71 -49.11 -19.93
CA GLU I 126 -91.26 -49.09 -18.54
C GLU I 126 -90.16 -48.06 -18.40
N ILE I 127 -90.06 -47.47 -17.21
CA ILE I 127 -89.06 -46.44 -16.92
C ILE I 127 -88.38 -46.78 -15.62
N GLU I 128 -87.05 -46.71 -15.62
CA GLU I 128 -86.25 -46.91 -14.42
C GLU I 128 -85.53 -45.62 -14.07
N ALA I 129 -85.54 -45.25 -12.79
CA ALA I 129 -85.01 -43.97 -12.33
C ALA I 129 -84.19 -44.14 -11.07
N PRO I 130 -82.86 -44.23 -11.18
CA PRO I 130 -82.02 -44.26 -9.98
C PRO I 130 -81.87 -42.88 -9.35
N PHE I 131 -81.51 -42.87 -8.07
CA PHE I 131 -81.37 -41.62 -7.33
C PHE I 131 -80.39 -41.82 -6.17
N THR I 132 -80.13 -40.72 -5.46
CA THR I 132 -79.32 -40.73 -4.25
C THR I 132 -80.02 -39.88 -3.20
N PHE I 133 -79.75 -40.15 -1.93
CA PHE I 133 -80.37 -39.43 -0.84
C PHE I 133 -79.39 -39.27 0.31
N THR I 134 -79.81 -38.55 1.35
CA THR I 134 -78.96 -38.25 2.49
C THR I 134 -79.61 -38.56 3.84
N GLU I 135 -80.91 -38.33 3.99
CA GLU I 135 -81.58 -38.46 5.28
C GLU I 135 -82.79 -39.38 5.15
N TYR I 136 -83.30 -39.82 6.30
CA TYR I 136 -84.49 -40.66 6.34
C TYR I 136 -85.11 -40.56 7.73
N ASP I 137 -86.38 -40.96 7.82
CA ASP I 137 -87.12 -40.94 9.07
C ASP I 137 -87.99 -42.18 9.18
N PHE I 138 -88.22 -42.61 10.41
CA PHE I 138 -88.96 -43.84 10.70
C PHE I 138 -90.37 -43.51 11.14
N LEU I 139 -91.35 -44.11 10.47
CA LEU I 139 -92.75 -44.08 10.90
C LEU I 139 -93.28 -45.51 10.86
N ASP I 140 -94.01 -45.90 11.90
CA ASP I 140 -94.65 -47.21 11.94
C ASP I 140 -93.67 -48.33 11.64
N ILE I 141 -92.75 -48.57 12.58
CA ILE I 141 -91.85 -49.72 12.47
C ILE I 141 -92.53 -50.97 13.02
N ILE I 142 -91.96 -52.13 12.75
CA ILE I 142 -92.44 -53.38 13.33
C ILE I 142 -91.45 -53.88 14.36
N ASN J 3 -74.67 -22.58 8.04
CA ASN J 3 -74.87 -23.89 7.44
C ASN J 3 -74.36 -23.91 6.00
N MET J 4 -74.02 -25.10 5.52
CA MET J 4 -73.54 -25.27 4.15
C MET J 4 -74.36 -26.35 3.46
N GLU J 5 -74.74 -26.08 2.22
CA GLU J 5 -75.36 -27.05 1.33
C GLU J 5 -74.39 -27.41 0.23
N ALA J 6 -74.48 -28.65 -0.25
CA ALA J 6 -73.63 -29.05 -1.36
C ALA J 6 -73.98 -28.30 -2.64
N ARG J 7 -75.19 -27.77 -2.74
CA ARG J 7 -75.59 -27.03 -3.94
C ARG J 7 -74.94 -25.66 -4.02
N ASN J 8 -74.38 -25.16 -2.92
CA ASN J 8 -73.86 -23.80 -2.89
C ASN J 8 -72.43 -23.68 -3.42
N VAL J 9 -71.77 -24.80 -3.73
CA VAL J 9 -70.42 -24.74 -4.26
C VAL J 9 -70.47 -24.27 -5.72
N MET J 10 -69.65 -23.30 -6.05
CA MET J 10 -69.70 -22.69 -7.38
C MET J 10 -69.08 -23.63 -8.41
N SER J 11 -69.79 -23.86 -9.50
CA SER J 11 -69.28 -24.64 -10.62
C SER J 11 -68.63 -23.73 -11.63
N GLY J 12 -67.47 -24.16 -12.15
CA GLY J 12 -66.71 -23.32 -13.05
C GLY J 12 -67.30 -23.20 -14.44
N THR J 13 -68.27 -24.04 -14.79
CA THR J 13 -68.94 -23.90 -16.08
C THR J 13 -69.67 -22.58 -16.19
N TRP J 14 -70.03 -21.97 -15.07
CA TRP J 14 -70.77 -20.72 -15.04
C TRP J 14 -69.89 -19.49 -15.03
N GLY J 15 -68.64 -19.59 -15.49
CA GLY J 15 -67.76 -18.45 -15.56
C GLY J 15 -67.84 -17.72 -16.90
N GLU J 16 -67.48 -16.44 -16.87
CA GLU J 16 -67.41 -15.62 -18.07
C GLU J 16 -66.22 -14.68 -17.97
N LEU J 17 -65.69 -14.28 -19.13
CA LEU J 17 -64.50 -13.47 -19.20
C LEU J 17 -64.62 -12.42 -20.29
N TRP J 18 -64.24 -11.19 -19.96
CA TRP J 18 -64.10 -10.10 -20.91
C TRP J 18 -62.65 -9.67 -20.96
N LEU J 19 -62.10 -9.54 -22.16
CA LEU J 19 -60.70 -9.16 -22.33
C LEU J 19 -60.63 -7.97 -23.28
N ASP J 20 -60.16 -6.84 -22.76
CA ASP J 20 -60.06 -5.59 -23.52
C ASP J 20 -61.43 -5.13 -24.03
N GLY J 21 -62.49 -5.50 -23.31
CA GLY J 21 -63.83 -5.10 -23.67
C GLY J 21 -64.60 -6.06 -24.54
N ASN J 22 -64.00 -7.15 -24.99
CA ASN J 22 -64.64 -8.11 -25.88
C ASN J 22 -64.85 -9.44 -25.17
N LYS J 23 -66.04 -10.00 -25.32
CA LYS J 23 -66.35 -11.27 -24.67
C LYS J 23 -65.58 -12.41 -25.31
N VAL J 24 -65.04 -13.28 -24.46
CA VAL J 24 -64.25 -14.42 -24.91
C VAL J 24 -65.09 -15.67 -24.67
N ALA J 25 -65.74 -16.16 -25.72
CA ALA J 25 -66.63 -17.30 -25.60
C ALA J 25 -65.91 -18.64 -25.52
N GLU J 26 -64.62 -18.69 -25.84
CA GLU J 26 -63.88 -19.94 -25.87
C GLU J 26 -62.96 -20.11 -24.66
N VAL J 27 -63.22 -19.39 -23.57
CA VAL J 27 -62.39 -19.50 -22.38
C VAL J 27 -62.55 -20.88 -21.75
N LYS J 28 -61.45 -21.38 -21.18
CA LYS J 28 -61.42 -22.67 -20.50
C LYS J 28 -61.20 -22.54 -19.00
N LYS J 29 -60.25 -21.71 -18.58
CA LYS J 29 -60.04 -21.43 -17.16
C LYS J 29 -59.40 -20.06 -17.01
N PHE J 30 -59.50 -19.52 -15.80
CA PHE J 30 -58.97 -18.21 -15.48
C PHE J 30 -58.43 -18.22 -14.05
N GLN J 31 -57.22 -17.70 -13.88
CA GLN J 31 -56.58 -17.62 -12.57
C GLN J 31 -56.06 -16.22 -12.33
N ALA J 32 -56.12 -15.79 -11.08
CA ALA J 32 -55.56 -14.50 -10.66
C ALA J 32 -55.32 -14.55 -9.16
N LYS J 33 -54.11 -14.18 -8.74
CA LYS J 33 -53.73 -14.35 -7.35
C LYS J 33 -52.69 -13.32 -6.94
N MET J 34 -52.82 -12.81 -5.72
CA MET J 34 -51.87 -11.86 -5.15
C MET J 34 -50.93 -12.59 -4.20
N GLU J 35 -49.62 -12.35 -4.34
CA GLU J 35 -48.61 -12.96 -3.50
C GLU J 35 -47.95 -11.92 -2.61
N PHE J 36 -47.77 -12.26 -1.34
CA PHE J 36 -47.20 -11.35 -0.35
C PHE J 36 -45.79 -11.77 0.00
N THR J 37 -44.90 -10.79 0.13
CA THR J 37 -43.50 -11.04 0.46
C THR J 37 -43.27 -10.77 1.94
N LYS J 38 -42.59 -11.70 2.61
CA LYS J 38 -42.34 -11.62 4.03
C LYS J 38 -40.84 -11.60 4.31
N GLU J 39 -40.47 -10.98 5.42
CA GLU J 39 -39.10 -10.97 5.90
C GLU J 39 -39.06 -11.56 7.29
N ASP J 40 -38.17 -12.51 7.52
CA ASP J 40 -38.05 -13.16 8.82
C ASP J 40 -37.37 -12.25 9.83
N ILE J 41 -37.89 -12.24 11.05
CA ILE J 41 -37.35 -11.44 12.14
C ILE J 41 -36.84 -12.37 13.22
N ILE J 42 -35.55 -12.25 13.55
CA ILE J 42 -34.90 -13.09 14.55
C ILE J 42 -34.25 -12.17 15.58
N ILE J 43 -34.53 -12.42 16.85
CA ILE J 43 -34.06 -11.57 17.94
C ILE J 43 -33.18 -12.41 18.85
N ALA J 44 -31.98 -11.91 19.15
CA ALA J 44 -31.07 -12.64 20.02
C ALA J 44 -31.64 -12.71 21.43
N GLY J 45 -31.63 -13.93 21.99
CA GLY J 45 -32.22 -14.16 23.30
C GLY J 45 -33.65 -14.66 23.28
N GLN J 46 -34.30 -14.69 22.11
CA GLN J 46 -35.66 -15.18 21.97
C GLN J 46 -35.67 -16.36 21.02
N MET J 47 -36.42 -17.41 21.38
CA MET J 47 -36.44 -18.61 20.57
C MET J 47 -37.34 -18.50 19.36
N GLY J 48 -38.43 -17.74 19.44
CA GLY J 48 -39.37 -17.65 18.36
C GLY J 48 -38.89 -16.83 17.18
N THR J 49 -39.61 -16.96 16.07
CA THR J 49 -39.32 -16.24 14.83
C THR J 49 -40.61 -15.61 14.32
N ASP J 50 -40.53 -14.34 13.91
CA ASP J 50 -41.68 -13.58 13.46
C ASP J 50 -41.40 -13.02 12.06
N THR J 51 -42.40 -12.35 11.49
CA THR J 51 -42.30 -11.85 10.12
C THR J 51 -42.87 -10.43 10.03
N LYS J 52 -42.57 -9.76 8.92
CA LYS J 52 -43.20 -8.50 8.54
C LYS J 52 -43.38 -8.49 7.02
N TYR J 53 -44.49 -7.90 6.58
CA TYR J 53 -44.77 -7.83 5.15
C TYR J 53 -43.88 -6.80 4.45
N MET J 54 -43.40 -7.15 3.27
CA MET J 54 -42.53 -6.29 2.46
C MET J 54 -43.25 -5.68 1.28
N GLY J 55 -43.96 -6.49 0.49
CA GLY J 55 -44.63 -6.00 -0.69
C GLY J 55 -45.59 -7.06 -1.21
N TYR J 56 -46.11 -6.82 -2.41
CA TYR J 56 -46.98 -7.81 -3.03
C TYR J 56 -46.81 -7.77 -4.55
N LYS J 57 -47.25 -8.85 -5.20
CA LYS J 57 -47.18 -9.00 -6.64
C LYS J 57 -48.39 -9.81 -7.10
N GLY J 58 -48.77 -9.64 -8.35
CA GLY J 58 -49.92 -10.33 -8.92
C GLY J 58 -49.53 -11.26 -10.05
N LYS J 59 -50.17 -12.44 -10.10
CA LYS J 59 -49.90 -13.45 -11.11
C LYS J 59 -51.19 -14.15 -11.49
N GLY J 60 -51.22 -14.68 -12.71
CA GLY J 60 -52.40 -15.39 -13.19
C GLY J 60 -52.14 -15.95 -14.58
N SER J 61 -53.17 -16.57 -15.13
CA SER J 61 -53.07 -17.15 -16.47
C SER J 61 -54.45 -17.39 -17.06
N ILE J 62 -54.48 -17.56 -18.38
CA ILE J 62 -55.70 -17.81 -19.15
C ILE J 62 -55.47 -19.01 -20.06
N THR J 63 -56.49 -19.84 -20.22
CA THR J 63 -56.46 -20.96 -21.16
C THR J 63 -57.69 -20.89 -22.06
N LEU J 64 -57.47 -21.00 -23.36
CA LEU J 64 -58.56 -20.92 -24.34
C LEU J 64 -58.52 -22.13 -25.26
N TYR J 65 -59.68 -22.44 -25.83
CA TYR J 65 -59.73 -23.29 -27.01
C TYR J 65 -59.24 -22.50 -28.22
N HIS J 66 -58.57 -23.19 -29.13
CA HIS J 66 -58.00 -22.54 -30.32
C HIS J 66 -59.05 -22.55 -31.42
N VAL J 67 -59.75 -21.44 -31.58
CA VAL J 67 -60.73 -21.27 -32.66
C VAL J 67 -60.40 -20.11 -33.57
N SER J 68 -59.48 -19.23 -33.19
CA SER J 68 -59.13 -18.06 -34.00
C SER J 68 -57.80 -17.53 -33.49
N SER J 69 -57.30 -16.50 -34.17
CA SER J 69 -56.04 -15.85 -33.78
C SER J 69 -56.33 -14.57 -32.98
N ARG J 70 -56.90 -14.78 -31.79
CA ARG J 70 -57.26 -13.65 -30.94
C ARG J 70 -56.02 -13.00 -30.34
N MET J 71 -55.09 -13.80 -29.83
CA MET J 71 -53.96 -13.26 -29.09
C MET J 71 -53.00 -12.51 -30.01
N HIS J 72 -52.80 -13.02 -31.23
CA HIS J 72 -51.91 -12.32 -32.16
C HIS J 72 -52.47 -10.96 -32.55
N LYS J 73 -53.78 -10.89 -32.79
CA LYS J 73 -54.42 -9.60 -33.06
C LYS J 73 -54.31 -8.67 -31.86
N LEU J 74 -54.49 -9.22 -30.66
CA LEU J 74 -54.43 -8.40 -29.45
C LEU J 74 -53.04 -7.80 -29.27
N ILE J 75 -52.01 -8.63 -29.39
CA ILE J 75 -50.64 -8.13 -29.26
C ILE J 75 -50.22 -7.42 -30.55
N GLY J 76 -50.36 -8.09 -31.68
CA GLY J 76 -49.94 -7.50 -32.94
C GLY J 76 -48.45 -7.22 -32.95
N GLU J 77 -48.11 -6.01 -33.38
CA GLU J 77 -46.74 -5.56 -33.47
C GLU J 77 -46.33 -4.65 -32.32
N LYS J 78 -47.17 -4.56 -31.28
CA LYS J 78 -46.90 -3.63 -30.20
C LYS J 78 -45.61 -3.99 -29.46
N ILE J 79 -45.39 -5.27 -29.19
CA ILE J 79 -44.16 -5.69 -28.51
C ILE J 79 -42.96 -5.47 -29.42
N LYS J 80 -43.09 -5.81 -30.69
CA LYS J 80 -41.98 -5.70 -31.63
C LYS J 80 -41.54 -4.26 -31.80
N ARG J 81 -42.49 -3.33 -31.89
CA ARG J 81 -42.13 -1.93 -32.12
C ARG J 81 -41.54 -1.28 -30.88
N GLY J 82 -41.86 -1.80 -29.70
CA GLY J 82 -41.25 -1.33 -28.47
C GLY J 82 -42.14 -0.58 -27.51
N SER J 83 -43.44 -0.54 -27.75
CA SER J 83 -44.34 0.06 -26.78
C SER J 83 -44.58 -0.91 -25.62
N GLU J 84 -45.43 -0.52 -24.68
CA GLU J 84 -45.71 -1.31 -23.49
C GLU J 84 -47.22 -1.51 -23.37
N PRO J 85 -47.76 -2.49 -24.08
CA PRO J 85 -49.21 -2.71 -24.03
C PRO J 85 -49.65 -3.26 -22.68
N ARG J 86 -50.76 -2.72 -22.17
CA ARG J 86 -51.38 -3.17 -20.94
C ARG J 86 -52.87 -3.37 -21.19
N PHE J 87 -53.45 -4.35 -20.51
CA PHE J 87 -54.83 -4.74 -20.77
C PHE J 87 -55.61 -4.85 -19.47
N VAL J 88 -56.94 -4.85 -19.61
CA VAL J 88 -57.87 -4.99 -18.50
C VAL J 88 -58.75 -6.21 -18.77
N ALA J 89 -58.90 -7.06 -17.77
CA ALA J 89 -59.74 -8.24 -17.88
C ALA J 89 -60.80 -8.22 -16.78
N ILE J 90 -61.98 -8.74 -17.11
CA ILE J 90 -63.12 -8.80 -16.19
C ILE J 90 -63.63 -10.22 -16.16
N SER J 91 -63.71 -10.81 -14.97
CA SER J 91 -64.18 -12.17 -14.79
C SER J 91 -65.46 -12.18 -13.98
N LYS J 92 -66.38 -13.07 -14.34
CA LYS J 92 -67.65 -13.20 -13.65
C LYS J 92 -67.91 -14.66 -13.36
N LEU J 93 -68.47 -14.94 -12.18
CA LEU J 93 -68.84 -16.30 -11.76
C LEU J 93 -70.24 -16.22 -11.15
N ASN J 94 -71.23 -16.71 -11.88
CA ASN J 94 -72.64 -16.57 -11.49
C ASN J 94 -73.32 -17.94 -11.58
N ASP J 95 -73.21 -18.72 -10.53
CA ASP J 95 -73.88 -20.01 -10.45
C ASP J 95 -75.32 -19.81 -9.98
N PRO J 96 -76.31 -20.32 -10.71
CA PRO J 96 -77.71 -20.10 -10.30
C PRO J 96 -78.04 -20.65 -8.94
N ASP J 97 -77.38 -21.72 -8.49
CA ASP J 97 -77.68 -22.34 -7.21
C ASP J 97 -76.90 -21.72 -6.05
N SER J 98 -75.94 -20.86 -6.32
CA SER J 98 -75.18 -20.22 -5.24
C SER J 98 -75.94 -19.02 -4.70
N TYR J 99 -75.32 -18.32 -3.75
CA TYR J 99 -75.98 -17.17 -3.13
C TYR J 99 -76.06 -15.99 -4.08
N GLY J 100 -75.01 -15.74 -4.85
CA GLY J 100 -74.98 -14.56 -5.69
C GLY J 100 -73.87 -14.66 -6.72
N ALA J 101 -73.54 -13.51 -7.30
CA ALA J 101 -72.51 -13.40 -8.32
C ALA J 101 -71.22 -12.87 -7.72
N GLU J 102 -70.16 -12.92 -8.53
CA GLU J 102 -68.85 -12.43 -8.14
C GLU J 102 -68.18 -11.86 -9.38
N ARG J 103 -67.97 -10.55 -9.41
CA ARG J 103 -67.38 -9.87 -10.56
C ARG J 103 -66.14 -9.10 -10.11
N ILE J 104 -65.02 -9.38 -10.76
CA ILE J 104 -63.74 -8.78 -10.41
C ILE J 104 -63.10 -8.22 -11.67
N ALA J 105 -62.51 -7.03 -11.56
CA ALA J 105 -61.76 -6.42 -12.63
C ALA J 105 -60.27 -6.52 -12.32
N VAL J 106 -59.51 -7.13 -13.22
CA VAL J 106 -58.07 -7.28 -13.09
C VAL J 106 -57.42 -6.33 -14.08
N LYS J 107 -56.59 -5.42 -13.57
CA LYS J 107 -56.13 -4.29 -14.37
C LYS J 107 -54.61 -4.30 -14.49
N ASN J 108 -54.13 -3.65 -15.55
CA ASN J 108 -52.71 -3.44 -15.82
C ASN J 108 -51.98 -4.77 -16.06
N ILE J 109 -52.48 -5.52 -17.02
CA ILE J 109 -52.03 -6.88 -17.31
C ILE J 109 -50.93 -6.84 -18.36
N ALA J 110 -49.84 -7.56 -18.10
CA ALA J 110 -48.76 -7.76 -19.06
C ALA J 110 -48.56 -9.25 -19.28
N PHE J 111 -48.61 -9.69 -20.54
CA PHE J 111 -48.51 -11.10 -20.85
C PHE J 111 -47.05 -11.57 -20.90
N ASP J 112 -46.86 -12.87 -20.73
CA ASP J 112 -45.53 -13.45 -20.62
C ASP J 112 -44.96 -13.94 -21.95
N ASP J 113 -45.80 -14.44 -22.85
CA ASP J 113 -45.31 -14.93 -24.13
C ASP J 113 -46.47 -14.94 -25.13
N LEU J 114 -46.17 -15.42 -26.34
CA LEU J 114 -47.15 -15.50 -27.42
C LEU J 114 -46.93 -16.79 -28.18
N THR J 115 -48.01 -17.52 -28.42
CA THR J 115 -47.94 -18.81 -29.10
C THR J 115 -48.37 -18.64 -30.55
N LEU J 116 -47.49 -19.01 -31.47
CA LEU J 116 -47.76 -18.88 -32.89
C LEU J 116 -48.39 -20.15 -33.45
N ALA J 117 -47.77 -21.30 -33.21
CA ALA J 117 -48.28 -22.58 -33.70
C ALA J 117 -48.02 -23.64 -32.64
N ASP J 118 -49.03 -24.48 -32.40
CA ASP J 118 -48.88 -25.60 -31.47
C ASP J 118 -49.93 -26.64 -31.83
N TRP J 119 -49.57 -27.58 -32.72
CA TRP J 119 -50.53 -28.58 -33.15
C TRP J 119 -49.84 -29.94 -33.25
N GLU J 120 -50.67 -30.98 -33.26
CA GLU J 120 -50.24 -32.36 -33.36
C GLU J 120 -51.37 -33.16 -34.00
N VAL J 121 -51.02 -34.21 -34.73
CA VAL J 121 -52.04 -35.01 -35.41
C VAL J 121 -52.85 -35.77 -34.38
N GLY J 122 -54.17 -35.68 -34.47
CA GLY J 122 -55.06 -36.35 -33.55
C GLY J 122 -55.26 -35.68 -32.22
N VAL J 123 -54.90 -34.41 -32.07
CA VAL J 123 -55.04 -33.67 -30.82
C VAL J 123 -55.77 -32.37 -31.11
N LYS J 124 -56.74 -32.03 -30.27
CA LYS J 124 -57.45 -30.76 -30.39
C LYS J 124 -56.63 -29.64 -29.76
N GLY J 125 -56.68 -28.45 -30.38
CA GLY J 125 -55.77 -27.39 -30.00
C GLY J 125 -56.25 -26.57 -28.82
N GLU J 126 -55.27 -26.06 -28.07
CA GLU J 126 -55.51 -25.20 -26.91
C GLU J 126 -54.39 -24.18 -26.81
N ILE J 127 -54.67 -23.08 -26.10
CA ILE J 127 -53.71 -22.01 -25.89
C ILE J 127 -53.62 -21.73 -24.40
N GLU J 128 -52.40 -21.54 -23.90
CA GLU J 128 -52.15 -21.14 -22.53
C GLU J 128 -51.35 -19.85 -22.50
N ALA J 129 -51.74 -18.91 -21.64
CA ALA J 129 -51.18 -17.57 -21.64
C ALA J 129 -51.05 -17.01 -20.23
N PRO J 130 -49.89 -17.12 -19.61
CA PRO J 130 -49.67 -16.52 -18.30
C PRO J 130 -49.42 -15.02 -18.37
N PHE J 131 -49.60 -14.36 -17.23
CA PHE J 131 -49.45 -12.90 -17.16
C PHE J 131 -49.15 -12.47 -15.74
N THR J 132 -48.87 -11.17 -15.59
CA THR J 132 -48.73 -10.52 -14.29
C THR J 132 -49.52 -9.21 -14.31
N PHE J 133 -49.94 -8.75 -13.13
CA PHE J 133 -50.76 -7.56 -13.02
C PHE J 133 -50.40 -6.84 -11.71
N THR J 134 -50.99 -5.67 -11.50
CA THR J 134 -50.67 -4.84 -10.35
C THR J 134 -51.85 -4.47 -9.46
N GLU J 135 -53.06 -4.37 -10.00
CA GLU J 135 -54.18 -3.90 -9.18
C GLU J 135 -55.48 -4.56 -9.62
N TYR J 136 -56.46 -4.54 -8.72
CA TYR J 136 -57.73 -5.20 -8.96
C TYR J 136 -58.85 -4.43 -8.27
N ASP J 137 -60.08 -4.65 -8.74
CA ASP J 137 -61.27 -4.03 -8.19
C ASP J 137 -62.37 -5.07 -8.08
N PHE J 138 -63.18 -4.96 -7.04
CA PHE J 138 -64.32 -5.85 -6.84
C PHE J 138 -65.61 -5.11 -7.20
N LEU J 139 -66.32 -5.62 -8.21
CA LEU J 139 -67.57 -5.02 -8.64
C LEU J 139 -68.78 -5.65 -7.95
N ASP J 140 -68.82 -6.98 -7.91
CA ASP J 140 -69.89 -7.71 -7.25
C ASP J 140 -69.28 -8.65 -6.22
N ILE J 141 -69.80 -8.62 -5.00
CA ILE J 141 -69.25 -9.39 -3.89
C ILE J 141 -70.31 -10.33 -3.38
N ILE J 142 -69.86 -11.40 -2.74
CA ILE J 142 -70.79 -12.40 -2.21
C ILE J 142 -70.36 -12.86 -0.83
N ILE K 3 -90.97 11.18 -24.39
CA ILE K 3 -89.66 10.89 -24.95
C ILE K 3 -89.09 12.13 -25.65
N GLY K 4 -87.95 12.61 -25.18
CA GLY K 4 -87.34 13.80 -25.73
C GLY K 4 -85.96 13.56 -26.28
N LEU K 5 -85.07 14.53 -26.14
CA LEU K 5 -83.70 14.34 -26.55
C LEU K 5 -82.98 13.42 -25.57
N PRO K 6 -81.90 12.76 -26.01
CA PRO K 6 -81.07 12.00 -25.07
C PRO K 6 -80.56 12.90 -23.95
N SER K 7 -80.63 12.38 -22.72
CA SER K 7 -80.31 13.14 -21.53
C SER K 7 -79.03 12.59 -20.91
N ILE K 8 -78.03 13.46 -20.76
CA ILE K 8 -76.76 13.11 -20.15
C ILE K 8 -76.47 14.22 -19.14
N ASN K 9 -76.87 14.00 -17.89
CA ASN K 9 -76.74 15.02 -16.85
C ASN K 9 -75.90 14.48 -15.71
N ILE K 10 -74.90 15.27 -15.32
CA ILE K 10 -74.01 14.96 -14.21
C ILE K 10 -74.27 16.00 -13.13
N SER K 11 -74.66 15.56 -11.95
CA SER K 11 -75.06 16.44 -10.86
C SER K 11 -74.04 16.37 -9.74
N PHE K 12 -73.74 17.52 -9.15
CA PHE K 12 -72.84 17.62 -8.01
C PHE K 12 -73.65 18.03 -6.78
N LYS K 13 -73.42 17.35 -5.67
CA LYS K 13 -74.16 17.60 -4.45
C LYS K 13 -73.34 17.15 -3.24
N GLU K 14 -73.77 17.58 -2.06
CA GLU K 14 -73.02 17.30 -0.85
C GLU K 14 -73.32 15.90 -0.32
N LEU K 15 -72.38 15.39 0.48
CA LEU K 15 -72.52 14.06 1.04
C LEU K 15 -73.68 14.00 2.03
N ALA K 16 -74.41 12.89 1.99
CA ALA K 16 -75.60 12.71 2.81
C ALA K 16 -75.37 11.60 3.84
N THR K 17 -76.00 11.78 5.01
CA THR K 17 -75.87 10.81 6.09
C THR K 17 -76.51 9.47 5.70
N THR K 18 -75.92 8.39 6.21
CA THR K 18 -76.36 7.04 5.87
C THR K 18 -77.42 6.57 6.88
N VAL K 19 -78.57 6.18 6.35
CA VAL K 19 -79.69 5.75 7.18
C VAL K 19 -79.42 4.37 7.75
N LYS K 20 -79.87 4.14 8.98
CA LYS K 20 -79.73 2.84 9.62
C LYS K 20 -80.43 1.75 8.81
N GLU K 21 -79.85 0.56 8.83
CA GLU K 21 -80.36 -0.54 8.03
C GLU K 21 -81.71 -1.03 8.53
N ARG K 22 -82.54 -1.46 7.57
CA ARG K 22 -83.87 -1.97 7.84
C ARG K 22 -83.81 -3.36 8.47
N SER K 23 -84.95 -3.87 8.91
CA SER K 23 -85.08 -5.19 9.49
C SER K 23 -86.13 -5.99 8.74
N ALA K 24 -86.01 -7.32 8.81
CA ALA K 24 -86.96 -8.19 8.12
C ALA K 24 -88.20 -8.47 8.96
N ARG K 25 -88.08 -8.47 10.29
CA ARG K 25 -89.19 -8.76 11.17
C ARG K 25 -89.46 -7.58 12.08
N GLY K 26 -90.65 -7.57 12.66
CA GLY K 26 -91.03 -6.56 13.62
C GLY K 26 -92.04 -5.57 13.09
N ILE K 27 -93.30 -5.76 13.44
CA ILE K 27 -94.38 -4.86 13.07
C ILE K 27 -94.96 -4.27 14.35
N ILE K 28 -95.04 -2.94 14.42
CA ILE K 28 -95.56 -2.24 15.57
C ILE K 28 -96.86 -1.56 15.16
N ALA K 29 -97.88 -1.66 16.02
CA ALA K 29 -99.14 -0.96 15.84
C ALA K 29 -99.22 0.17 16.84
N MET K 30 -99.43 1.39 16.34
CA MET K 30 -99.49 2.59 17.16
C MET K 30 -100.89 3.20 17.10
N VAL K 31 -101.40 3.63 18.25
CA VAL K 31 -102.70 4.27 18.36
C VAL K 31 -102.48 5.71 18.78
N LEU K 32 -103.03 6.65 18.00
CA LEU K 32 -102.84 8.07 18.22
C LEU K 32 -104.20 8.77 18.19
N LYS K 33 -104.24 9.96 18.80
CA LYS K 33 -105.44 10.79 18.82
C LYS K 33 -105.12 12.15 18.21
N ASP K 34 -105.70 12.42 17.04
CA ASP K 34 -105.54 13.70 16.37
C ASP K 34 -106.77 13.95 15.51
N ALA K 35 -107.02 15.21 15.19
CA ALA K 35 -108.25 15.60 14.53
C ALA K 35 -108.24 15.32 13.03
N LYS K 36 -107.08 15.08 12.42
CA LYS K 36 -107.00 14.92 10.98
C LYS K 36 -106.17 13.69 10.65
N ALA K 37 -106.25 13.28 9.38
CA ALA K 37 -105.60 12.08 8.87
C ALA K 37 -106.00 10.85 9.68
N LEU K 38 -107.31 10.69 9.87
CA LEU K 38 -107.84 9.57 10.63
C LEU K 38 -107.71 8.27 9.83
N GLY K 39 -107.87 7.15 10.54
CA GLY K 39 -107.76 5.85 9.93
C GLY K 39 -106.33 5.33 9.93
N LEU K 40 -106.19 4.11 9.40
CA LEU K 40 -104.88 3.45 9.39
C LEU K 40 -103.90 4.19 8.49
N ASN K 41 -102.65 4.26 8.95
CA ASN K 41 -101.57 4.85 8.18
C ASN K 41 -100.37 3.92 8.21
N GLU K 42 -99.54 4.01 7.18
CA GLU K 42 -98.40 3.14 6.99
C GLU K 42 -97.13 3.97 6.96
N ILE K 43 -96.07 3.49 7.63
CA ILE K 43 -94.79 4.16 7.65
C ILE K 43 -93.64 3.16 7.51
N HIS K 44 -93.06 3.07 6.32
CA HIS K 44 -91.84 2.30 6.11
C HIS K 44 -90.59 3.10 6.40
N GLU K 45 -90.60 4.40 6.13
CA GLU K 45 -89.43 5.25 6.26
C GLU K 45 -89.79 6.47 7.09
N LYS K 46 -88.82 6.92 7.90
CA LYS K 46 -89.08 8.01 8.84
C LYS K 46 -89.44 9.31 8.14
N GLU K 47 -89.01 9.49 6.88
CA GLU K 47 -89.33 10.73 6.19
C GLU K 47 -90.80 10.81 5.83
N ASP K 48 -91.45 9.68 5.60
CA ASP K 48 -92.84 9.66 5.13
C ASP K 48 -93.77 9.66 6.34
N ILE K 49 -94.13 10.85 6.80
CA ILE K 49 -95.10 11.03 7.87
C ILE K 49 -96.18 11.95 7.34
N PRO K 50 -97.45 11.76 7.71
CA PRO K 50 -98.49 12.72 7.29
C PRO K 50 -98.17 14.11 7.82
N VAL K 51 -98.25 15.09 6.91
CA VAL K 51 -97.83 16.45 7.26
C VAL K 51 -98.80 17.09 8.23
N ASP K 52 -100.09 16.86 8.05
CA ASP K 52 -101.10 17.55 8.85
C ASP K 52 -101.13 17.09 10.31
N LEU K 53 -100.41 16.02 10.65
CA LEU K 53 -100.40 15.55 12.03
C LEU K 53 -99.66 16.52 12.93
N SER K 54 -100.01 16.49 14.21
CA SER K 54 -99.39 17.36 15.20
C SER K 54 -97.91 17.02 15.37
N ALA K 55 -97.15 17.99 15.86
CA ALA K 55 -95.71 17.79 16.07
C ALA K 55 -95.44 16.78 17.17
N GLU K 56 -96.27 16.76 18.22
CA GLU K 56 -96.08 15.79 19.29
C GLU K 56 -96.25 14.36 18.81
N ASN K 57 -97.28 14.12 17.98
CA ASN K 57 -97.45 12.79 17.42
C ASN K 57 -96.30 12.45 16.49
N LYS K 58 -95.80 13.43 15.74
CA LYS K 58 -94.66 13.18 14.86
C LYS K 58 -93.43 12.81 15.66
N GLU K 59 -93.21 13.45 16.81
CA GLU K 59 -92.08 13.08 17.64
C GLU K 59 -92.26 11.70 18.27
N TYR K 60 -93.51 11.32 18.60
CA TYR K 60 -93.75 9.95 19.04
C TYR K 60 -93.37 8.95 17.95
N ILE K 61 -93.76 9.24 16.71
CA ILE K 61 -93.45 8.34 15.61
C ILE K 61 -91.95 8.27 15.39
N ASN K 62 -91.26 9.40 15.53
CA ASN K 62 -89.80 9.41 15.39
C ASN K 62 -89.15 8.55 16.47
N LEU K 63 -89.66 8.65 17.71
CA LEU K 63 -89.15 7.79 18.78
C LEU K 63 -89.36 6.33 18.45
N ALA K 64 -90.54 5.98 17.92
CA ALA K 64 -90.78 4.59 17.53
C ALA K 64 -89.80 4.15 16.45
N LEU K 65 -89.52 5.02 15.50
CA LEU K 65 -88.64 4.68 14.38
C LEU K 65 -87.16 4.75 14.75
N MET K 66 -86.82 5.21 15.95
CA MET K 66 -85.43 5.18 16.39
C MET K 66 -84.85 3.78 16.29
N GLY K 67 -85.40 2.84 17.06
CA GLY K 67 -85.09 1.44 16.87
C GLY K 67 -83.80 0.99 17.55
N ASN K 68 -83.19 -0.04 16.96
CA ASN K 68 -82.02 -0.71 17.50
C ASN K 68 -81.10 -1.00 16.31
N VAL K 69 -80.20 -1.97 16.46
CA VAL K 69 -79.21 -2.33 15.44
C VAL K 69 -79.83 -2.37 14.05
N ASN K 70 -81.12 -2.68 13.96
CA ASN K 70 -81.90 -2.47 12.75
C ASN K 70 -83.19 -1.74 13.11
N THR K 71 -83.66 -0.90 12.19
CA THR K 71 -84.94 -0.23 12.37
C THR K 71 -86.08 -1.23 12.15
N PRO K 72 -87.19 -1.05 12.86
CA PRO K 72 -88.30 -2.00 12.73
C PRO K 72 -88.82 -2.08 11.30
N ASN K 73 -89.32 -3.27 10.94
CA ASN K 73 -89.68 -3.54 9.55
C ASN K 73 -90.70 -2.54 9.03
N LYS K 74 -91.80 -2.36 9.74
CA LYS K 74 -92.79 -1.37 9.34
C LYS K 74 -93.63 -1.00 10.55
N LEU K 75 -94.29 0.15 10.45
CA LEU K 75 -95.05 0.72 11.55
C LEU K 75 -96.46 1.02 11.07
N LEU K 76 -97.45 0.53 11.81
CA LEU K 76 -98.85 0.78 11.51
C LEU K 76 -99.37 1.81 12.49
N VAL K 77 -99.86 2.94 11.98
CA VAL K 77 -100.34 4.04 12.80
C VAL K 77 -101.84 4.17 12.56
N TYR K 78 -102.62 4.02 13.63
CA TYR K 78 -104.06 4.19 13.58
C TYR K 78 -104.42 5.43 14.38
N VAL K 79 -105.11 6.37 13.73
CA VAL K 79 -105.41 7.67 14.30
C VAL K 79 -106.92 7.80 14.45
N ILE K 80 -107.35 8.37 15.58
CA ILE K 80 -108.76 8.66 15.82
C ILE K 80 -108.87 10.12 16.25
N GLU K 81 -110.07 10.68 16.04
CA GLU K 81 -110.27 12.10 16.31
C GLU K 81 -110.11 12.42 17.78
N GLY K 82 -110.72 11.62 18.65
CA GLY K 82 -110.80 11.94 20.06
C GLY K 82 -112.25 11.84 20.49
N GLU K 83 -112.50 11.64 21.78
CA GLU K 83 -113.83 11.30 22.28
C GLU K 83 -114.35 10.03 21.61
N ALA K 84 -113.44 9.12 21.29
CA ALA K 84 -113.77 7.84 20.67
C ALA K 84 -113.21 6.71 21.50
N ASP K 85 -114.01 5.66 21.69
CA ASP K 85 -113.61 4.55 22.55
C ASP K 85 -112.47 3.78 21.92
N ILE K 86 -111.55 3.31 22.77
CA ILE K 86 -110.42 2.53 22.29
C ILE K 86 -110.87 1.19 21.72
N GLN K 87 -112.02 0.68 22.17
CA GLN K 87 -112.48 -0.62 21.70
C GLN K 87 -112.77 -0.61 20.20
N THR K 88 -113.15 0.54 19.64
CA THR K 88 -113.33 0.62 18.20
C THR K 88 -112.01 0.38 17.47
N ALA K 89 -110.94 1.00 17.96
CA ALA K 89 -109.63 0.78 17.37
C ALA K 89 -109.19 -0.67 17.55
N LEU K 90 -109.47 -1.27 18.71
CA LEU K 90 -109.12 -2.66 18.92
C LEU K 90 -109.86 -3.57 17.96
N ASP K 91 -111.17 -3.34 17.78
CA ASP K 91 -111.97 -4.14 16.88
C ASP K 91 -111.45 -4.03 15.45
N PHE K 92 -111.05 -2.83 15.04
CA PHE K 92 -110.43 -2.71 13.72
C PHE K 92 -109.10 -3.46 13.66
N LEU K 93 -108.30 -3.37 14.73
CA LEU K 93 -106.96 -3.94 14.71
C LEU K 93 -106.95 -5.46 14.81
N GLU K 94 -108.07 -6.09 15.15
CA GLU K 94 -108.10 -7.56 15.18
C GLU K 94 -107.79 -8.14 13.81
N THR K 95 -108.26 -7.50 12.74
CA THR K 95 -108.04 -8.02 11.40
C THR K 95 -106.58 -7.99 11.02
N LYS K 96 -105.89 -6.90 11.32
CA LYS K 96 -104.52 -6.73 10.86
C LYS K 96 -103.57 -7.65 11.63
N GLU K 97 -102.33 -7.72 11.15
CA GLU K 97 -101.29 -8.51 11.80
C GLU K 97 -100.20 -7.58 12.31
N PHE K 98 -99.75 -7.84 13.55
CA PHE K 98 -98.74 -7.02 14.19
C PHE K 98 -98.12 -7.84 15.31
N ASN K 99 -97.00 -7.33 15.83
CA ASN K 99 -96.28 -7.99 16.90
C ASN K 99 -96.41 -7.26 18.23
N TYR K 100 -96.17 -5.94 18.24
CA TYR K 100 -96.21 -5.14 19.45
C TYR K 100 -97.13 -3.96 19.26
N LEU K 101 -97.86 -3.60 20.32
CA LEU K 101 -98.80 -2.50 20.28
C LEU K 101 -98.55 -1.57 21.46
N CYS K 102 -98.65 -0.27 21.22
CA CYS K 102 -98.40 0.72 22.26
C CYS K 102 -99.32 1.92 22.05
N MET K 103 -99.74 2.53 23.16
CA MET K 103 -100.54 3.75 23.14
C MET K 103 -99.93 4.76 24.11
N PRO K 104 -99.32 5.84 23.61
CA PRO K 104 -98.66 6.79 24.53
C PRO K 104 -99.60 7.49 25.49
N LYS K 105 -100.88 7.67 25.15
CA LYS K 105 -101.79 8.54 25.89
C LYS K 105 -102.91 7.77 26.59
N ALA K 106 -102.59 6.63 27.18
CA ALA K 106 -103.61 5.78 27.78
C ALA K 106 -103.87 6.17 29.23
N VAL K 107 -105.15 6.34 29.58
CA VAL K 107 -105.58 6.45 30.97
C VAL K 107 -105.73 5.04 31.52
N GLU K 108 -105.94 4.92 32.84
CA GLU K 108 -106.00 3.60 33.46
C GLU K 108 -107.11 2.74 32.85
N ALA K 109 -108.22 3.37 32.45
CA ALA K 109 -109.29 2.61 31.79
C ALA K 109 -108.82 2.05 30.46
N ASP K 110 -108.11 2.86 29.67
CA ASP K 110 -107.58 2.38 28.40
C ASP K 110 -106.57 1.26 28.62
N LYS K 111 -105.72 1.40 29.65
CA LYS K 111 -104.75 0.36 29.94
C LYS K 111 -105.44 -0.94 30.31
N THR K 112 -106.49 -0.87 31.14
CA THR K 112 -107.23 -2.08 31.51
C THR K 112 -107.88 -2.71 30.28
N ALA K 113 -108.47 -1.89 29.42
CA ALA K 113 -109.10 -2.43 28.21
C ALA K 113 -108.09 -3.10 27.31
N ILE K 114 -106.92 -2.48 27.12
CA ILE K 114 -105.89 -3.06 26.26
C ILE K 114 -105.38 -4.37 26.84
N LYS K 115 -105.16 -4.40 28.17
CA LYS K 115 -104.71 -5.63 28.80
C LYS K 115 -105.71 -6.76 28.60
N ASN K 116 -107.00 -6.46 28.83
CA ASN K 116 -108.03 -7.49 28.66
C ASN K 116 -108.10 -7.96 27.21
N TRP K 117 -108.01 -7.02 26.27
CA TRP K 117 -108.03 -7.38 24.85
C TRP K 117 -106.87 -8.28 24.48
N ILE K 118 -105.66 -7.95 24.94
CA ILE K 118 -104.48 -8.74 24.62
C ILE K 118 -104.61 -10.14 25.20
N ILE K 119 -105.04 -10.23 26.46
CA ILE K 119 -105.12 -11.56 27.08
C ILE K 119 -106.21 -12.39 26.42
N LYS K 120 -107.31 -11.76 26.00
CA LYS K 120 -108.35 -12.50 25.29
C LYS K 120 -107.86 -13.01 23.94
N LEU K 121 -107.10 -12.18 23.20
CA LEU K 121 -106.56 -12.63 21.93
C LEU K 121 -105.58 -13.78 22.11
N ARG K 122 -104.73 -13.71 23.13
CA ARG K 122 -103.71 -14.75 23.30
C ARG K 122 -104.31 -16.05 23.80
N ASP K 123 -105.29 -15.98 24.71
CA ASP K 123 -105.79 -17.18 25.35
C ASP K 123 -106.99 -17.80 24.65
N ILE K 124 -107.77 -17.02 23.91
CA ILE K 124 -108.99 -17.50 23.27
C ILE K 124 -108.92 -17.41 21.75
N ASP K 125 -108.58 -16.24 21.23
CA ASP K 125 -108.49 -16.05 19.79
C ASP K 125 -107.29 -16.76 19.17
N LYS K 126 -106.36 -17.25 20.00
CA LYS K 126 -105.20 -18.01 19.53
C LYS K 126 -104.35 -17.20 18.55
N VAL K 127 -104.17 -15.92 18.85
CA VAL K 127 -103.26 -15.04 18.10
C VAL K 127 -102.23 -14.51 19.09
N LYS K 128 -100.95 -14.71 18.77
CA LYS K 128 -99.86 -14.37 19.68
C LYS K 128 -99.40 -12.95 19.39
N VAL K 129 -99.81 -12.02 20.25
CA VAL K 129 -99.45 -10.60 20.15
C VAL K 129 -99.04 -10.11 21.53
N LYS K 130 -98.33 -8.97 21.54
CA LYS K 130 -97.81 -8.40 22.77
C LYS K 130 -98.12 -6.92 22.84
N ALA K 131 -98.21 -6.40 24.06
CA ALA K 131 -98.44 -4.99 24.32
C ALA K 131 -97.40 -4.48 25.30
N VAL K 132 -96.87 -3.28 25.03
CA VAL K 132 -95.98 -2.58 25.94
C VAL K 132 -96.78 -1.48 26.62
N LEU K 133 -96.94 -1.60 27.93
CA LEU K 133 -97.76 -0.68 28.70
C LEU K 133 -96.94 -0.01 29.80
N GLY K 134 -97.41 1.14 30.26
CA GLY K 134 -96.70 1.91 31.25
C GLY K 134 -96.68 1.32 32.65
N LYS K 135 -97.82 1.33 33.32
CA LYS K 135 -97.90 0.89 34.72
C LYS K 135 -99.06 -0.08 34.86
N VAL K 136 -98.81 -1.35 34.56
CA VAL K 136 -99.82 -2.40 34.64
C VAL K 136 -99.24 -3.58 35.38
N VAL K 137 -100.00 -4.09 36.35
CA VAL K 137 -99.55 -5.20 37.18
C VAL K 137 -100.04 -6.55 36.62
N GLY K 138 -100.32 -6.60 35.32
CA GLY K 138 -100.80 -7.84 34.74
C GLY K 138 -99.80 -8.97 34.92
N ASN K 139 -100.32 -10.16 35.19
CA ASN K 139 -99.52 -11.34 35.48
C ASN K 139 -99.38 -12.25 34.26
N HIS K 140 -99.30 -11.67 33.08
CA HIS K 140 -99.32 -12.43 31.84
C HIS K 140 -98.03 -12.22 31.06
N GLU K 141 -97.61 -13.26 30.35
CA GLU K 141 -96.43 -13.17 29.49
C GLU K 141 -96.67 -12.31 28.26
N GLY K 142 -97.93 -11.95 27.97
CA GLY K 142 -98.19 -11.14 26.80
C GLY K 142 -97.79 -9.69 26.98
N ILE K 143 -98.00 -9.14 28.16
CA ILE K 143 -97.79 -7.71 28.40
C ILE K 143 -96.46 -7.49 29.08
N ILE K 144 -95.81 -6.37 28.74
CA ILE K 144 -94.52 -5.97 29.29
C ILE K 144 -94.72 -4.68 30.05
N ASN K 145 -94.29 -4.65 31.31
CA ASN K 145 -94.53 -3.54 32.22
C ASN K 145 -93.26 -2.70 32.33
N PHE K 146 -93.25 -1.53 31.68
CA PHE K 146 -92.10 -0.63 31.69
C PHE K 146 -92.36 0.49 32.68
N THR K 147 -91.67 0.45 33.82
CA THR K 147 -91.86 1.41 34.90
C THR K 147 -90.59 2.23 35.08
N THR K 148 -90.54 3.38 34.40
CA THR K 148 -89.46 4.35 34.59
C THR K 148 -90.01 5.71 34.18
N GLU K 149 -89.91 6.68 35.07
CA GLU K 149 -90.56 7.98 34.90
C GLU K 149 -89.53 9.07 34.64
N ASP K 150 -89.98 10.12 33.97
CA ASP K 150 -89.24 11.37 33.84
C ASP K 150 -87.87 11.15 33.20
N VAL K 151 -87.89 10.68 31.96
CA VAL K 151 -86.67 10.49 31.19
C VAL K 151 -86.41 11.75 30.36
N LEU K 152 -85.15 12.15 30.30
CA LEU K 152 -84.75 13.37 29.61
C LEU K 152 -84.13 12.99 28.26
N VAL K 153 -84.71 13.50 27.18
CA VAL K 153 -84.23 13.23 25.83
C VAL K 153 -84.02 14.58 25.15
N GLY K 154 -82.81 15.10 25.23
CA GLY K 154 -82.50 16.38 24.61
C GLY K 154 -83.25 17.55 25.21
N GLU K 155 -83.27 17.63 26.54
CA GLU K 155 -83.84 18.72 27.33
C GLU K 155 -85.37 18.62 27.39
N LYS K 156 -85.96 17.54 26.90
CA LYS K 156 -87.39 17.32 26.99
C LYS K 156 -87.70 16.17 27.93
N LYS K 157 -88.76 16.34 28.72
CA LYS K 157 -89.18 15.34 29.69
C LYS K 157 -90.29 14.47 29.12
N TYR K 158 -90.10 13.16 29.16
CA TYR K 158 -91.07 12.20 28.67
C TYR K 158 -91.57 11.36 29.83
N SER K 159 -92.90 11.22 29.94
CA SER K 159 -93.49 10.47 31.02
C SER K 159 -93.34 8.97 30.80
N VAL K 160 -93.80 8.18 31.76
CA VAL K 160 -93.64 6.73 31.69
C VAL K 160 -94.46 6.15 30.54
N ASP K 161 -95.65 6.70 30.30
CA ASP K 161 -96.46 6.21 29.18
C ASP K 161 -95.91 6.68 27.85
N GLU K 162 -95.18 7.79 27.84
CA GLU K 162 -94.70 8.38 26.59
C GLU K 162 -93.52 7.62 25.98
N PHE K 163 -92.68 7.01 26.82
CA PHE K 163 -91.46 6.36 26.35
C PHE K 163 -91.69 4.91 25.94
N THR K 164 -92.91 4.40 26.11
CA THR K 164 -93.20 3.05 25.67
C THR K 164 -93.03 2.90 24.16
N SER K 165 -93.17 4.01 23.42
CA SER K 165 -92.91 3.96 21.99
C SER K 165 -91.45 3.65 21.69
N ARG K 166 -90.53 4.31 22.39
CA ARG K 166 -89.11 4.01 22.22
C ARG K 166 -88.80 2.60 22.67
N VAL K 167 -89.42 2.14 23.76
CA VAL K 167 -89.17 0.78 24.23
C VAL K 167 -89.64 -0.25 23.22
N ALA K 168 -90.84 -0.05 22.66
CA ALA K 168 -91.36 -0.98 21.65
C ALA K 168 -90.50 -0.97 20.40
N GLY K 169 -90.05 0.21 19.97
CA GLY K 169 -89.15 0.27 18.83
C GLY K 169 -87.84 -0.45 19.07
N LEU K 170 -87.31 -0.34 20.30
CA LEU K 170 -86.06 -1.03 20.63
C LEU K 170 -86.26 -2.54 20.63
N ILE K 171 -87.37 -3.01 21.19
CA ILE K 171 -87.63 -4.45 21.20
C ILE K 171 -87.82 -4.97 19.78
N ALA K 172 -88.55 -4.25 18.95
CA ALA K 172 -88.82 -4.73 17.59
C ALA K 172 -87.56 -4.79 16.74
N GLY K 173 -86.58 -3.96 17.03
CA GLY K 173 -85.36 -3.89 16.24
C GLY K 173 -84.26 -4.84 16.62
N THR K 174 -84.49 -5.71 17.58
CA THR K 174 -83.49 -6.66 18.03
C THR K 174 -83.58 -7.96 17.23
N PRO K 175 -82.46 -8.46 16.69
CA PRO K 175 -82.49 -9.76 16.01
C PRO K 175 -82.81 -10.89 16.98
N LEU K 176 -83.30 -11.98 16.40
CA LEU K 176 -83.78 -13.10 17.20
C LEU K 176 -82.66 -13.74 18.01
N SER K 177 -81.42 -13.68 17.52
CA SER K 177 -80.30 -14.28 18.24
C SER K 177 -80.02 -13.57 19.56
N GLN K 178 -80.20 -12.26 19.59
CA GLN K 178 -79.76 -11.44 20.71
C GLN K 178 -80.90 -11.15 21.67
N SER K 179 -80.53 -10.57 22.82
CA SER K 179 -81.48 -10.16 23.84
C SER K 179 -81.24 -8.69 24.16
N VAL K 180 -82.24 -8.06 24.76
CA VAL K 180 -82.19 -6.62 25.01
C VAL K 180 -81.57 -6.32 26.37
N THR K 181 -81.03 -7.34 27.03
CA THR K 181 -80.38 -7.12 28.32
C THR K 181 -79.12 -6.30 28.13
N TYR K 182 -79.01 -5.21 28.90
CA TYR K 182 -77.84 -4.34 28.95
C TYR K 182 -77.58 -3.62 27.63
N THR K 183 -78.63 -3.23 26.91
CA THR K 183 -78.49 -2.42 25.70
C THR K 183 -78.60 -0.95 26.07
N LYS K 184 -77.62 -0.16 25.64
CA LYS K 184 -77.50 1.22 26.09
C LYS K 184 -78.24 2.17 25.16
N LEU K 185 -78.80 3.22 25.76
CA LEU K 185 -79.53 4.26 25.04
C LEU K 185 -78.67 5.52 25.00
N SER K 186 -78.16 5.87 23.82
CA SER K 186 -77.31 7.04 23.71
C SER K 186 -78.10 8.34 23.79
N ASP K 187 -79.37 8.31 23.38
CA ASP K 187 -80.17 9.52 23.36
C ASP K 187 -80.61 9.96 24.76
N VAL K 188 -80.83 9.01 25.67
CA VAL K 188 -81.20 9.35 27.03
C VAL K 188 -80.03 10.00 27.73
N VAL K 189 -80.28 11.11 28.43
CA VAL K 189 -79.23 11.83 29.11
C VAL K 189 -79.30 11.70 30.63
N ASP K 190 -80.49 11.58 31.21
CA ASP K 190 -80.60 11.44 32.66
C ASP K 190 -81.89 10.74 33.03
N ILE K 191 -81.86 10.08 34.19
CA ILE K 191 -83.04 9.47 34.78
C ILE K 191 -83.02 9.71 36.28
N PRO K 192 -84.18 9.63 36.94
CA PRO K 192 -84.22 9.81 38.39
C PRO K 192 -83.38 8.78 39.12
N LYS K 193 -82.85 9.19 40.27
CA LYS K 193 -81.95 8.35 41.05
C LYS K 193 -82.67 7.14 41.62
N MET K 194 -82.00 5.99 41.56
CA MET K 194 -82.51 4.74 42.11
C MET K 194 -81.35 3.93 42.66
N THR K 195 -81.60 3.19 43.73
CA THR K 195 -80.57 2.39 44.38
C THR K 195 -80.61 0.95 43.86
N LYS K 196 -79.54 0.21 44.16
CA LYS K 196 -79.40 -1.16 43.66
C LYS K 196 -80.49 -2.06 44.22
N VAL K 197 -80.78 -1.94 45.52
CA VAL K 197 -81.77 -2.80 46.15
C VAL K 197 -83.16 -2.55 45.55
N ASP K 198 -83.51 -1.28 45.34
CA ASP K 198 -84.81 -0.97 44.76
C ASP K 198 -84.94 -1.52 43.35
N ALA K 199 -83.89 -1.38 42.54
CA ALA K 199 -83.91 -1.90 41.19
C ALA K 199 -84.03 -3.42 41.18
N GLU K 200 -83.31 -4.09 42.08
CA GLU K 200 -83.40 -5.54 42.18
C GLU K 200 -84.81 -5.98 42.56
N SER K 201 -85.42 -5.29 43.52
CA SER K 201 -86.79 -5.64 43.91
C SER K 201 -87.77 -5.41 42.77
N ARG K 202 -87.58 -4.32 42.01
CA ARG K 202 -88.46 -4.06 40.87
C ARG K 202 -88.33 -5.14 39.82
N VAL K 203 -87.11 -5.58 39.53
CA VAL K 203 -86.93 -6.66 38.56
C VAL K 203 -87.54 -7.95 39.07
N ASN K 204 -87.43 -8.20 40.38
CA ASN K 204 -88.07 -9.37 40.96
C ASN K 204 -89.58 -9.30 40.88
N LYS K 205 -90.14 -8.09 40.85
CA LYS K 205 -91.59 -7.96 40.75
C LYS K 205 -92.11 -8.01 39.31
N GLY K 206 -91.23 -8.08 38.33
CA GLY K 206 -91.64 -8.23 36.96
C GLY K 206 -91.67 -6.98 36.12
N GLU K 207 -90.82 -6.00 36.41
CA GLU K 207 -90.80 -4.75 35.67
C GLU K 207 -89.55 -4.66 34.79
N LEU K 208 -89.69 -3.97 33.67
CA LEU K 208 -88.57 -3.62 32.80
C LEU K 208 -88.25 -2.15 33.02
N ILE K 209 -87.01 -1.86 33.42
CA ILE K 209 -86.63 -0.55 33.91
C ILE K 209 -85.38 -0.07 33.18
N LEU K 210 -85.05 1.19 33.42
CA LEU K 210 -83.80 1.78 32.96
C LEU K 210 -82.87 1.95 34.15
N ILE K 211 -81.57 1.83 33.90
CA ILE K 211 -80.57 1.87 34.97
C ILE K 211 -79.30 2.51 34.45
N LYS K 212 -78.48 3.01 35.38
CA LYS K 212 -77.19 3.61 35.07
C LYS K 212 -76.10 2.61 35.42
N GLU K 213 -75.32 2.22 34.42
CA GLU K 213 -74.31 1.19 34.65
C GLU K 213 -73.21 1.30 33.59
N ALA K 214 -71.97 1.08 34.04
CA ALA K 214 -70.81 1.05 33.16
C ALA K 214 -70.71 2.32 32.31
N GLY K 215 -70.97 3.46 32.95
CA GLY K 215 -70.86 4.74 32.27
C GLY K 215 -71.85 4.95 31.15
N ALA K 216 -73.09 4.51 31.32
CA ALA K 216 -74.15 4.71 30.34
C ALA K 216 -75.47 4.35 31.00
N ILE K 217 -76.55 4.51 30.24
CA ILE K 217 -77.89 4.12 30.69
C ILE K 217 -78.37 2.99 29.79
N ARG K 218 -78.80 1.89 30.41
CA ARG K 218 -79.11 0.69 29.65
C ARG K 218 -80.22 -0.08 30.34
N ILE K 219 -80.85 -0.97 29.57
CA ILE K 219 -81.91 -1.83 30.09
C ILE K 219 -81.31 -2.79 31.11
N ALA K 220 -81.93 -2.88 32.29
CA ALA K 220 -81.41 -3.77 33.32
C ALA K 220 -81.60 -5.23 32.94
N ARG K 221 -82.81 -5.61 32.56
CA ARG K 221 -83.12 -7.00 32.26
C ARG K 221 -84.27 -7.07 31.27
N GLY K 222 -84.36 -8.18 30.57
CA GLY K 222 -85.35 -8.36 29.52
C GLY K 222 -86.49 -9.29 29.89
N VAL K 223 -87.05 -9.12 31.08
CA VAL K 223 -88.12 -9.98 31.55
C VAL K 223 -89.47 -9.31 31.29
N ASN K 224 -90.51 -10.13 31.18
CA ASN K 224 -91.88 -9.65 31.09
C ASN K 224 -92.53 -9.70 32.47
N SER K 225 -93.83 -9.46 32.52
CA SER K 225 -94.54 -9.23 33.76
C SER K 225 -95.03 -10.50 34.46
N LEU K 226 -94.69 -11.68 33.94
CA LEU K 226 -95.15 -12.91 34.56
C LEU K 226 -94.37 -13.19 35.84
N THR K 227 -95.09 -13.43 36.93
CA THR K 227 -94.44 -13.61 38.22
C THR K 227 -94.87 -14.90 38.92
N GLU K 228 -96.08 -15.37 38.63
CA GLU K 228 -96.62 -16.59 39.24
C GLU K 228 -96.34 -17.76 38.31
N LEU K 229 -95.57 -18.73 38.80
CA LEU K 229 -95.12 -19.85 37.99
C LEU K 229 -95.80 -21.13 38.43
N THR K 230 -96.34 -21.88 37.47
CA THR K 230 -96.98 -23.15 37.73
C THR K 230 -96.01 -24.29 37.44
N ALA K 231 -96.51 -25.52 37.61
CA ALA K 231 -95.66 -26.69 37.39
C ALA K 231 -95.27 -26.83 35.92
N GLU K 232 -96.18 -26.50 35.01
CA GLU K 232 -95.94 -26.66 33.59
C GLU K 232 -95.46 -25.40 32.90
N LYS K 233 -95.64 -24.22 33.52
CA LYS K 233 -95.24 -22.98 32.86
C LYS K 233 -93.73 -22.78 32.92
N GLY K 234 -93.17 -22.65 34.13
CA GLY K 234 -91.74 -22.61 34.31
C GLY K 234 -91.14 -21.24 34.13
N GLU K 235 -89.86 -21.14 34.50
CA GLU K 235 -89.16 -19.86 34.52
C GLU K 235 -88.77 -19.40 33.13
N MET K 236 -88.58 -20.32 32.18
CA MET K 236 -88.17 -19.94 30.83
C MET K 236 -89.18 -19.04 30.14
N PHE K 237 -90.42 -19.02 30.62
CA PHE K 237 -91.47 -18.19 30.03
C PHE K 237 -91.42 -16.74 30.48
N GLN K 238 -90.48 -16.36 31.35
CA GLN K 238 -90.37 -14.99 31.80
C GLN K 238 -89.40 -14.17 30.96
N LYS K 239 -88.78 -14.76 29.94
CA LYS K 239 -87.83 -14.05 29.10
C LYS K 239 -88.50 -13.62 27.81
N ILE K 240 -88.17 -12.41 27.36
CA ILE K 240 -88.78 -11.87 26.14
C ILE K 240 -88.33 -12.66 24.92
N LYS K 241 -87.04 -13.02 24.86
CA LYS K 241 -86.49 -13.69 23.69
C LYS K 241 -87.13 -15.05 23.47
N ILE K 242 -87.33 -15.82 24.55
CA ILE K 242 -87.91 -17.15 24.44
C ILE K 242 -89.36 -17.05 23.95
N VAL K 243 -90.13 -16.12 24.52
CA VAL K 243 -91.52 -15.98 24.12
C VAL K 243 -91.59 -15.52 22.66
N ASP K 244 -90.66 -14.68 22.24
CA ASP K 244 -90.64 -14.21 20.86
C ASP K 244 -90.41 -15.37 19.89
N THR K 245 -89.41 -16.22 20.16
CA THR K 245 -89.16 -17.33 19.24
C THR K 245 -90.32 -18.33 19.26
N LEU K 246 -90.90 -18.57 20.44
CA LEU K 246 -92.06 -19.47 20.51
C LEU K 246 -93.23 -18.93 19.70
N ASP K 247 -93.46 -17.62 19.76
CA ASP K 247 -94.56 -17.05 19.00
C ASP K 247 -94.32 -17.13 17.50
N ILE K 248 -93.06 -16.96 17.07
CA ILE K 248 -92.76 -17.11 15.65
C ILE K 248 -93.05 -18.54 15.19
N ILE K 249 -92.61 -19.52 15.99
CA ILE K 249 -92.87 -20.92 15.63
C ILE K 249 -94.38 -21.17 15.55
N HIS K 250 -95.13 -20.67 16.54
CA HIS K 250 -96.58 -20.87 16.54
C HIS K 250 -97.22 -20.28 15.29
N SER K 251 -96.84 -19.05 14.95
CA SER K 251 -97.44 -18.39 13.79
C SER K 251 -97.16 -19.17 12.52
N ASP K 252 -95.91 -19.58 12.31
CA ASP K 252 -95.58 -20.29 11.08
C ASP K 252 -96.32 -21.63 10.98
N ILE K 253 -96.34 -22.39 12.08
CA ILE K 253 -96.98 -23.70 12.02
C ILE K 253 -98.48 -23.56 11.79
N ARG K 254 -99.11 -22.62 12.49
CA ARG K 254 -100.55 -22.41 12.26
C ARG K 254 -100.82 -21.96 10.83
N LYS K 255 -99.95 -21.11 10.28
CA LYS K 255 -100.13 -20.66 8.90
C LYS K 255 -100.12 -21.82 7.93
N VAL K 256 -99.10 -22.69 8.01
CA VAL K 256 -99.03 -23.79 7.06
C VAL K 256 -100.19 -24.76 7.27
N ILE K 257 -100.52 -25.06 8.53
CA ILE K 257 -101.60 -26.01 8.81
C ILE K 257 -102.91 -25.50 8.24
N ILE K 258 -103.22 -24.22 8.47
CA ILE K 258 -104.47 -23.66 7.95
C ILE K 258 -104.45 -23.63 6.43
N ASP K 259 -103.33 -23.22 5.84
CA ASP K 259 -103.29 -23.02 4.39
C ASP K 259 -103.47 -24.33 3.65
N ASP K 260 -102.90 -25.42 4.14
CA ASP K 260 -102.81 -26.62 3.32
C ASP K 260 -103.70 -27.79 3.74
N TYR K 261 -104.30 -27.78 4.94
CA TYR K 261 -104.94 -29.00 5.41
C TYR K 261 -106.34 -28.83 6.00
N ILE K 262 -106.71 -27.67 6.52
CA ILE K 262 -108.02 -27.54 7.15
C ILE K 262 -109.08 -27.45 6.05
N GLY K 263 -110.06 -28.36 6.10
CA GLY K 263 -111.11 -28.40 5.12
C GLY K 263 -110.67 -28.72 3.71
N LYS K 264 -109.46 -29.21 3.52
CA LYS K 264 -108.90 -29.43 2.19
C LYS K 264 -108.80 -30.90 1.80
N VAL K 265 -108.48 -31.78 2.75
CA VAL K 265 -108.27 -33.19 2.47
C VAL K 265 -109.07 -34.02 3.47
N THR K 266 -109.37 -35.25 3.08
CA THR K 266 -110.07 -36.16 3.97
C THR K 266 -109.17 -36.58 5.13
N ASN K 267 -109.79 -36.91 6.26
CA ASN K 267 -109.06 -37.21 7.48
C ASN K 267 -108.71 -38.70 7.51
N SER K 268 -107.69 -39.06 6.73
CA SER K 268 -107.18 -40.41 6.70
C SER K 268 -105.80 -40.46 7.33
N TYR K 269 -105.34 -41.68 7.62
CA TYR K 269 -104.05 -41.87 8.29
C TYR K 269 -102.90 -41.42 7.41
N ASP K 270 -102.99 -41.66 6.10
CA ASP K 270 -101.94 -41.26 5.18
C ASP K 270 -101.75 -39.74 5.18
N ASN K 271 -102.86 -39.00 5.22
CA ASN K 271 -102.77 -37.54 5.24
C ASN K 271 -102.19 -37.05 6.56
N LYS K 272 -102.46 -37.75 7.66
CA LYS K 272 -101.80 -37.42 8.92
C LYS K 272 -100.29 -37.61 8.82
N CYS K 273 -99.85 -38.70 8.18
CA CYS K 273 -98.42 -38.91 8.01
C CYS K 273 -97.80 -37.82 7.14
N LEU K 274 -98.51 -37.43 6.08
CA LEU K 274 -98.02 -36.34 5.23
C LEU K 274 -97.89 -35.04 6.01
N LEU K 275 -98.88 -34.72 6.84
CA LEU K 275 -98.82 -33.51 7.65
C LEU K 275 -97.64 -33.57 8.63
N ILE K 276 -97.41 -34.73 9.24
CA ILE K 276 -96.27 -34.91 10.13
C ILE K 276 -94.97 -34.63 9.38
N VAL K 277 -94.85 -35.14 8.16
CA VAL K 277 -93.65 -34.94 7.37
C VAL K 277 -93.44 -33.46 7.08
N ALA K 278 -94.51 -32.75 6.74
CA ALA K 278 -94.39 -31.32 6.46
C ALA K 278 -93.92 -30.54 7.69
N ILE K 279 -94.51 -30.84 8.85
CA ILE K 279 -94.11 -30.14 10.07
C ILE K 279 -92.66 -30.44 10.42
N LYS K 280 -92.25 -31.70 10.25
CA LYS K 280 -90.87 -32.09 10.53
C LYS K 280 -89.90 -31.37 9.61
N SER K 281 -90.27 -31.21 8.33
CA SER K 281 -89.42 -30.47 7.40
C SER K 281 -89.27 -29.01 7.82
N TYR K 282 -90.37 -28.39 8.27
CA TYR K 282 -90.27 -27.02 8.75
C TYR K 282 -89.34 -26.92 9.95
N LEU K 283 -89.46 -27.86 10.88
CA LEU K 283 -88.60 -27.85 12.06
C LEU K 283 -87.14 -28.05 11.67
N GLU K 284 -86.88 -28.87 10.65
CA GLU K 284 -85.52 -29.06 10.17
C GLU K 284 -84.96 -27.77 9.60
N GLU K 285 -85.78 -27.03 8.85
CA GLU K 285 -85.33 -25.73 8.36
C GLU K 285 -84.98 -24.82 9.52
N LEU K 286 -85.84 -24.79 10.54
CA LEU K 286 -85.56 -23.96 11.71
C LEU K 286 -84.25 -24.37 12.39
N GLU K 287 -83.99 -25.68 12.48
CA GLU K 287 -82.74 -26.15 13.05
C GLU K 287 -81.55 -25.69 12.23
N LYS K 288 -81.67 -25.74 10.90
CA LYS K 288 -80.59 -25.28 10.05
C LYS K 288 -80.32 -23.79 10.25
N SER K 289 -81.37 -23.01 10.47
CA SER K 289 -81.22 -21.58 10.71
C SER K 289 -80.62 -21.25 12.07
N ALA K 290 -80.45 -22.24 12.94
CA ALA K 290 -79.81 -22.12 14.25
C ALA K 290 -80.68 -21.40 15.28
N LEU K 291 -81.99 -21.33 15.07
CA LEU K 291 -82.88 -20.77 16.08
C LEU K 291 -83.19 -21.76 17.19
N ILE K 292 -83.26 -23.05 16.88
CA ILE K 292 -83.54 -24.09 17.86
C ILE K 292 -82.44 -25.14 17.78
N GLU K 293 -82.41 -26.01 18.78
CA GLU K 293 -81.42 -27.06 18.84
C GLU K 293 -81.84 -28.24 17.98
N SER K 294 -80.86 -29.07 17.63
CA SER K 294 -81.10 -30.21 16.74
C SER K 294 -81.79 -31.34 17.49
N ASP K 295 -82.17 -32.38 16.75
CA ASP K 295 -82.79 -33.60 17.28
C ASP K 295 -84.21 -33.35 17.78
N SER K 296 -85.00 -32.62 17.01
CA SER K 296 -86.41 -32.42 17.31
C SER K 296 -87.26 -33.53 16.69
N THR K 297 -88.35 -33.88 17.36
CA THR K 297 -89.19 -34.99 16.95
C THR K 297 -90.64 -34.54 16.79
N VAL K 298 -91.34 -35.17 15.86
CA VAL K 298 -92.76 -34.98 15.64
C VAL K 298 -93.39 -36.35 15.48
N GLU K 299 -94.53 -36.57 16.13
CA GLU K 299 -95.05 -37.92 16.24
C GLU K 299 -96.53 -37.90 16.56
N ILE K 300 -97.23 -38.95 16.12
CA ILE K 300 -98.63 -39.14 16.47
C ILE K 300 -98.78 -39.26 17.97
N ASP K 301 -99.74 -38.55 18.54
CA ASP K 301 -100.01 -38.62 19.97
C ASP K 301 -100.91 -39.82 20.25
N PHE K 302 -100.32 -40.89 20.81
CA PHE K 302 -101.08 -42.11 21.05
C PHE K 302 -102.03 -41.97 22.23
N GLU K 303 -101.57 -41.35 23.32
CA GLU K 303 -102.37 -41.30 24.54
C GLU K 303 -103.64 -40.48 24.34
N ALA K 304 -103.52 -39.32 23.68
CA ALA K 304 -104.70 -38.48 23.45
C ALA K 304 -105.71 -39.19 22.56
N GLN K 305 -105.24 -39.86 21.52
CA GLN K 305 -106.14 -40.59 20.63
C GLN K 305 -106.83 -41.72 21.37
N LYS K 306 -106.09 -42.43 22.22
CA LYS K 306 -106.68 -43.51 23.01
C LYS K 306 -107.75 -42.98 23.96
N SER K 307 -107.46 -41.85 24.63
CA SER K 307 -108.43 -41.26 25.54
C SER K 307 -109.68 -40.80 24.78
N TYR K 308 -109.50 -40.20 23.62
CA TYR K 308 -110.65 -39.78 22.81
C TYR K 308 -111.49 -40.98 22.40
N LEU K 309 -110.84 -42.06 21.95
CA LEU K 309 -111.59 -43.25 21.57
C LEU K 309 -112.36 -43.83 22.75
N LYS K 310 -111.73 -43.86 23.93
CA LYS K 310 -112.45 -44.29 25.12
C LYS K 310 -113.66 -43.41 25.41
N SER K 311 -113.47 -42.09 25.29
CA SER K 311 -114.58 -41.17 25.54
C SER K 311 -115.72 -41.40 24.58
N LYS K 312 -115.41 -41.70 23.32
CA LYS K 312 -116.45 -41.97 22.32
C LYS K 312 -117.20 -43.27 22.59
N GLY K 313 -116.72 -44.10 23.50
CA GLY K 313 -117.42 -45.31 23.90
C GLY K 313 -117.12 -46.55 23.09
N VAL K 314 -116.11 -46.52 22.22
CA VAL K 314 -115.78 -47.72 21.47
C VAL K 314 -115.14 -48.75 22.39
N ASP K 315 -115.24 -50.02 21.99
CA ASP K 315 -114.69 -51.12 22.79
C ASP K 315 -113.19 -51.21 22.50
N LEU K 316 -112.39 -50.74 23.46
CA LEU K 316 -110.95 -50.69 23.28
C LEU K 316 -110.28 -52.03 23.58
N SER K 317 -111.00 -52.99 24.16
CA SER K 317 -110.42 -54.28 24.45
C SER K 317 -110.27 -55.09 23.16
N TYR K 318 -109.33 -56.04 23.19
CA TYR K 318 -109.04 -56.90 22.04
C TYR K 318 -108.69 -56.08 20.81
N MET K 319 -107.89 -55.03 21.00
CA MET K 319 -107.46 -54.16 19.92
C MET K 319 -105.94 -54.03 19.96
N THR K 320 -105.30 -54.21 18.82
CA THR K 320 -103.85 -54.11 18.72
C THR K 320 -103.43 -52.64 18.70
N LEU K 321 -102.17 -52.40 19.03
CA LEU K 321 -101.65 -51.04 19.07
C LEU K 321 -101.75 -50.38 17.70
N GLN K 322 -101.46 -51.12 16.64
CA GLN K 322 -101.60 -50.56 15.29
C GLN K 322 -103.06 -50.24 14.97
N GLU K 323 -103.98 -51.07 15.45
CA GLU K 323 -105.40 -50.81 15.23
C GLU K 323 -105.83 -49.50 15.89
N ILE K 324 -105.34 -49.25 17.11
CA ILE K 324 -105.69 -48.01 17.80
C ILE K 324 -105.02 -46.82 17.12
N LYS K 325 -103.77 -46.99 16.70
CA LYS K 325 -103.04 -45.89 16.06
C LYS K 325 -103.71 -45.44 14.78
N GLU K 326 -104.24 -46.37 14.00
CA GLU K 326 -104.83 -46.07 12.70
C GLU K 326 -106.36 -46.01 12.74
N ALA K 327 -106.95 -46.02 13.93
CA ALA K 327 -108.41 -45.95 14.03
C ALA K 327 -108.91 -44.59 13.57
N ASN K 328 -110.09 -44.59 12.96
CA ASN K 328 -110.72 -43.34 12.53
C ASN K 328 -111.12 -42.51 13.75
N THR K 329 -110.89 -41.20 13.65
CA THR K 329 -111.14 -40.28 14.76
C THR K 329 -111.95 -39.08 14.30
N GLY K 330 -112.88 -39.28 13.37
CA GLY K 330 -113.71 -38.19 12.91
C GLY K 330 -112.96 -37.13 12.15
N SER K 331 -113.00 -35.89 12.64
CA SER K 331 -112.28 -34.78 12.03
C SER K 331 -111.15 -34.26 12.91
N LYS K 332 -110.76 -34.99 13.94
CA LYS K 332 -109.74 -34.57 14.88
C LYS K 332 -108.39 -35.16 14.50
N VAL K 333 -107.33 -34.43 14.85
CA VAL K 333 -105.95 -34.89 14.68
C VAL K 333 -105.20 -34.60 15.98
N PHE K 334 -104.49 -35.61 16.49
CA PHE K 334 -103.70 -35.48 17.72
C PHE K 334 -102.23 -35.63 17.38
N LEU K 335 -101.42 -34.66 17.81
CA LEU K 335 -99.99 -34.66 17.53
C LEU K 335 -99.23 -34.19 18.76
N LYS K 336 -97.94 -34.46 18.78
CA LYS K 336 -97.06 -33.94 19.82
C LYS K 336 -95.65 -33.81 19.26
N ALA K 337 -94.85 -32.95 19.89
CA ALA K 337 -93.52 -32.65 19.40
C ALA K 337 -92.61 -32.30 20.57
N LYS K 338 -91.32 -32.19 20.27
CA LYS K 338 -90.31 -31.86 21.27
C LYS K 338 -89.23 -31.01 20.62
N ILE K 339 -88.88 -29.89 21.25
CA ILE K 339 -87.87 -28.97 20.75
C ILE K 339 -87.03 -28.49 21.93
N LYS K 340 -86.01 -27.69 21.64
CA LYS K 340 -85.13 -27.15 22.65
C LYS K 340 -84.58 -25.80 22.17
N VAL K 341 -84.59 -24.81 23.06
CA VAL K 341 -84.15 -23.45 22.74
C VAL K 341 -83.13 -23.01 23.78
N LEU K 342 -82.17 -22.20 23.34
CA LEU K 342 -81.09 -21.72 24.20
C LEU K 342 -81.34 -20.27 24.63
N ASP K 343 -80.52 -19.83 25.58
CA ASP K 343 -80.57 -18.47 26.10
C ASP K 343 -79.19 -17.83 26.02
N ALA K 344 -79.16 -16.51 25.99
CA ALA K 344 -77.92 -15.77 25.83
C ALA K 344 -77.20 -15.61 27.16
N MET K 345 -75.92 -15.23 27.07
CA MET K 345 -75.11 -15.01 28.27
C MET K 345 -75.59 -13.78 29.02
N GLU K 346 -75.81 -13.91 30.32
CA GLU K 346 -76.21 -12.77 31.14
C GLU K 346 -75.55 -12.71 32.51
N ASP K 347 -74.90 -13.77 32.98
CA ASP K 347 -74.22 -13.76 34.28
C ASP K 347 -72.91 -14.50 34.16
N ILE K 348 -71.86 -13.94 34.74
CA ILE K 348 -70.52 -14.49 34.63
C ILE K 348 -69.83 -14.44 35.99
N ASP K 349 -69.19 -15.53 36.38
CA ASP K 349 -68.40 -15.61 37.60
C ASP K 349 -66.95 -15.90 37.23
N LEU K 350 -66.03 -15.07 37.69
CA LEU K 350 -64.61 -15.25 37.42
C LEU K 350 -63.84 -15.15 38.74
N SER K 351 -63.39 -16.28 39.24
CA SER K 351 -62.64 -16.36 40.49
C SER K 351 -61.15 -16.38 40.17
N ILE K 352 -60.40 -15.44 40.74
CA ILE K 352 -58.99 -15.25 40.42
C ILE K 352 -58.18 -15.48 41.68
N GLU K 353 -57.15 -16.32 41.58
CA GLU K 353 -56.23 -16.58 42.68
C GLU K 353 -54.95 -15.80 42.45
N ILE K 354 -54.56 -15.00 43.43
CA ILE K 354 -53.38 -14.16 43.31
C ILE K 354 -52.24 -14.74 44.14
N MET L 1 -10.05 26.39 25.46
CA MET L 1 -10.43 27.67 24.87
C MET L 1 -9.21 28.50 24.49
N ILE L 2 -8.96 28.63 23.19
CA ILE L 2 -7.88 29.46 22.67
C ILE L 2 -8.50 30.49 21.74
N LYS L 3 -8.08 31.74 21.88
CA LYS L 3 -8.56 32.84 21.06
C LYS L 3 -7.38 33.55 20.42
N ILE L 4 -7.54 33.95 19.16
CA ILE L 4 -6.53 34.69 18.43
C ILE L 4 -7.17 35.98 17.91
N TRP L 5 -6.52 37.11 18.19
CA TRP L 5 -6.97 38.42 17.74
C TRP L 5 -5.87 39.07 16.92
N VAL L 6 -6.26 39.82 15.89
CA VAL L 6 -5.32 40.47 14.98
C VAL L 6 -5.66 41.95 14.89
N HIS L 7 -4.64 42.80 15.04
CA HIS L 7 -4.77 44.25 14.92
C HIS L 7 -4.18 44.70 13.59
N ILE L 8 -4.96 45.42 12.79
CA ILE L 8 -4.53 45.88 11.48
C ILE L 8 -4.15 47.36 11.59
N LYS L 9 -3.37 47.82 10.61
CA LYS L 9 -2.76 49.14 10.70
C LYS L 9 -3.80 50.26 10.77
N ASN L 10 -4.88 50.15 10.00
CA ASN L 10 -5.85 51.25 9.97
C ASN L 10 -6.53 51.47 11.31
N GLY L 11 -6.63 50.44 12.15
CA GLY L 11 -7.38 50.52 13.39
C GLY L 11 -8.43 49.44 13.57
N SER L 12 -8.60 48.50 12.63
CA SER L 12 -9.58 47.45 12.77
C SER L 12 -9.03 46.29 13.59
N ILE L 13 -9.91 45.60 14.31
CA ILE L 13 -9.56 44.46 15.14
C ILE L 13 -10.50 43.31 14.79
N TYR L 14 -9.93 42.14 14.54
CA TYR L 14 -10.69 40.96 14.14
C TYR L 14 -10.45 39.81 15.10
N ASP L 15 -11.50 39.02 15.33
CA ASP L 15 -11.41 37.75 16.05
C ASP L 15 -11.49 36.64 15.01
N ILE L 16 -10.39 35.92 14.82
CA ILE L 16 -10.28 34.96 13.73
C ILE L 16 -10.23 33.52 14.25
N THR L 17 -10.78 33.26 15.44
CA THR L 17 -10.71 31.92 16.00
C THR L 17 -11.46 30.90 15.16
N ASP L 18 -12.57 31.30 14.55
CA ASP L 18 -13.39 30.38 13.77
C ASP L 18 -12.76 30.01 12.43
N ILE L 19 -11.69 30.68 12.03
CA ILE L 19 -11.04 30.42 10.76
C ILE L 19 -9.72 29.66 10.92
N VAL L 20 -9.13 29.66 12.10
CA VAL L 20 -7.82 29.05 12.30
C VAL L 20 -7.89 27.54 12.12
N ASP L 21 -6.87 26.98 11.49
CA ASP L 21 -6.78 25.56 11.19
C ASP L 21 -5.77 24.82 12.06
N LYS L 22 -4.68 25.47 12.45
CA LYS L 22 -3.61 24.83 13.21
C LYS L 22 -2.81 25.92 13.91
N VAL L 23 -2.32 25.62 15.11
CA VAL L 23 -1.55 26.57 15.91
C VAL L 23 -0.33 25.87 16.49
N SER L 24 0.79 26.60 16.57
CA SER L 24 2.01 26.09 17.19
C SER L 24 2.71 27.20 17.96
N TRP L 25 3.24 26.86 19.13
CA TRP L 25 3.85 27.83 20.04
C TRP L 25 5.10 27.19 20.64
N SER L 26 6.24 27.85 20.51
CA SER L 26 7.50 27.22 20.89
C SER L 26 8.55 28.25 21.26
N GLY L 27 9.61 27.77 21.90
CA GLY L 27 10.75 28.62 22.25
C GLY L 27 11.94 27.77 22.61
N ASP L 28 13.11 28.41 22.63
CA ASP L 28 14.36 27.74 22.95
C ASP L 28 15.20 28.64 23.85
N TYR L 29 16.11 28.02 24.60
CA TYR L 29 16.90 28.76 25.57
C TYR L 29 18.09 29.48 24.96
N LYS L 30 18.38 29.27 23.68
CA LYS L 30 19.50 29.92 23.01
C LYS L 30 19.07 31.08 22.13
N SER L 31 17.80 31.47 22.17
CA SER L 31 17.30 32.64 21.46
C SER L 31 16.43 33.47 22.38
N PRO L 32 16.42 34.79 22.22
CA PRO L 32 15.64 35.65 23.12
C PRO L 32 14.17 35.78 22.75
N SER L 33 13.74 35.26 21.60
CA SER L 33 12.37 35.47 21.14
C SER L 33 11.66 34.14 20.94
N ARG L 34 10.36 34.15 21.22
CA ARG L 34 9.48 33.02 21.01
C ARG L 34 8.76 33.19 19.68
N THR L 35 8.19 32.10 19.17
CA THR L 35 7.57 32.11 17.86
C THR L 35 6.17 31.51 17.93
N LEU L 36 5.32 31.96 17.01
CA LEU L 36 3.95 31.47 16.89
C LEU L 36 3.63 31.26 15.42
N GLU L 37 3.10 30.09 15.08
CA GLU L 37 2.74 29.76 13.72
C GLU L 37 1.30 29.29 13.66
N PHE L 38 0.55 29.78 12.67
CA PHE L 38 -0.84 29.40 12.53
C PHE L 38 -1.26 29.50 11.08
N SER L 39 -2.38 28.87 10.75
CA SER L 39 -2.93 28.83 9.40
C SER L 39 -4.42 29.11 9.44
N ILE L 40 -4.92 29.70 8.35
CA ILE L 40 -6.34 29.98 8.21
C ILE L 40 -6.82 29.41 6.88
N ILE L 41 -8.13 29.19 6.79
CA ILE L 41 -8.75 28.65 5.60
C ILE L 41 -9.23 29.80 4.73
N GLN L 42 -8.75 29.83 3.48
CA GLN L 42 -9.08 30.88 2.52
C GLN L 42 -9.00 30.30 1.13
N SER L 43 -10.09 30.41 0.37
CA SER L 43 -10.14 29.87 -0.98
C SER L 43 -10.38 31.00 -1.97
N SER L 44 -9.61 30.99 -3.06
CA SER L 44 -9.81 31.95 -4.14
C SER L 44 -10.76 31.43 -5.20
N PHE L 45 -10.84 30.12 -5.37
CA PHE L 45 -11.77 29.52 -6.33
C PHE L 45 -13.21 29.78 -5.90
N ASP L 46 -13.53 29.62 -4.62
CA ASP L 46 -14.89 29.75 -4.12
C ASP L 46 -15.07 31.14 -3.51
N ASN L 47 -16.17 31.81 -3.90
CA ASN L 47 -16.44 33.14 -3.38
C ASN L 47 -16.83 33.11 -1.91
N VAL L 48 -17.42 32.00 -1.45
CA VAL L 48 -17.90 31.92 -0.08
C VAL L 48 -16.74 31.92 0.90
N PHE L 49 -15.62 31.31 0.52
CA PHE L 49 -14.51 31.08 1.44
C PHE L 49 -13.45 32.18 1.39
N GLN L 50 -13.71 33.27 0.68
CA GLN L 50 -12.82 34.42 0.73
C GLN L 50 -12.91 35.09 2.09
N GLN L 51 -11.76 35.44 2.64
CA GLN L 51 -11.67 36.04 3.97
C GLN L 51 -11.00 37.40 3.89
N ILE L 52 -10.79 38.00 5.06
CA ILE L 52 -10.04 39.23 5.17
C ILE L 52 -8.55 38.97 4.92
N ASP L 53 -7.82 40.04 4.62
CA ASP L 53 -6.38 39.93 4.46
C ASP L 53 -5.67 40.51 5.68
N ILE L 54 -4.59 39.87 6.07
CA ILE L 54 -3.77 40.29 7.20
C ILE L 54 -2.39 40.65 6.67
N PRO L 55 -2.09 41.93 6.52
CA PRO L 55 -0.82 42.34 5.93
C PRO L 55 0.37 42.06 6.85
N ILE L 56 1.56 42.12 6.26
CA ILE L 56 2.79 41.94 7.01
C ILE L 56 2.91 43.02 8.08
N ALA L 57 3.50 42.66 9.22
CA ALA L 57 3.82 43.57 10.31
C ALA L 57 2.56 44.10 10.99
N SER L 58 1.62 43.20 11.25
CA SER L 58 0.45 43.49 12.06
C SER L 58 0.47 42.61 13.30
N THR L 59 -0.08 43.12 14.39
CA THR L 59 0.04 42.45 15.68
C THR L 59 -0.98 41.34 15.84
N VAL L 60 -0.54 40.22 16.43
CA VAL L 60 -1.38 39.08 16.71
C VAL L 60 -1.27 38.73 18.18
N CYS L 61 -2.41 38.46 18.82
CA CYS L 61 -2.49 38.18 20.24
C CYS L 61 -3.07 36.79 20.47
N PHE L 62 -2.48 36.04 21.40
CA PHE L 62 -2.86 34.66 21.67
C PHE L 62 -3.33 34.52 23.10
N TYR L 63 -4.54 33.99 23.28
CA TYR L 63 -5.17 33.84 24.59
C TYR L 63 -5.51 32.38 24.82
N VAL L 64 -5.19 31.88 26.02
CA VAL L 64 -5.64 30.57 26.46
C VAL L 64 -6.26 30.73 27.84
N ASP L 65 -7.53 30.32 27.96
CA ASP L 65 -8.28 30.43 29.21
C ASP L 65 -8.29 31.87 29.73
N GLU L 66 -8.59 32.81 28.83
CA GLU L 66 -8.70 34.23 29.16
C GLU L 66 -7.41 34.79 29.75
N LYS L 67 -6.28 34.29 29.28
CA LYS L 67 -4.98 34.77 29.69
C LYS L 67 -4.13 34.98 28.45
N GLU L 68 -3.44 36.11 28.38
CA GLU L 68 -2.62 36.44 27.22
C GLU L 68 -1.22 35.87 27.42
N LEU L 69 -0.79 35.04 26.46
CA LEU L 69 0.50 34.40 26.52
C LEU L 69 1.51 34.90 25.48
N PHE L 70 1.04 35.46 24.38
CA PHE L 70 1.92 35.83 23.27
C PHE L 70 1.40 37.11 22.62
N ARG L 71 2.32 38.00 22.27
CA ARG L 71 2.00 39.18 21.47
C ARG L 71 3.20 39.45 20.58
N GLY L 72 2.98 39.49 19.27
CA GLY L 72 4.11 39.63 18.37
C GLY L 72 3.73 40.14 17.00
N MET L 73 4.74 40.27 16.15
CA MET L 73 4.62 40.81 14.82
C MET L 73 4.61 39.70 13.78
N ILE L 74 3.86 39.92 12.70
CA ILE L 74 3.80 38.97 11.60
C ILE L 74 4.96 39.23 10.65
N ILE L 75 5.69 38.18 10.29
CA ILE L 75 6.96 38.31 9.57
C ILE L 75 6.90 37.66 8.19
N ASN L 76 6.29 36.48 8.08
CA ASN L 76 6.17 35.79 6.81
C ASN L 76 4.71 35.53 6.49
N ARG L 77 4.40 35.47 5.20
CA ARG L 77 3.05 35.18 4.72
C ARG L 77 3.16 34.41 3.42
N SER L 78 2.38 33.35 3.28
CA SER L 78 2.51 32.46 2.12
C SER L 78 1.15 31.92 1.72
N LYS L 79 0.96 31.72 0.42
CA LYS L 79 -0.31 31.25 -0.12
C LYS L 79 -0.04 30.24 -1.21
N ASP L 80 -0.62 29.05 -1.07
CA ASP L 80 -0.51 27.98 -2.05
C ASP L 80 -1.82 27.90 -2.85
N SER L 81 -1.69 27.82 -4.18
CA SER L 81 -2.88 27.87 -5.02
C SER L 81 -3.66 26.56 -5.01
N SER L 82 -2.98 25.43 -4.80
CA SER L 82 -3.68 24.15 -4.77
C SER L 82 -4.50 24.02 -3.50
N SER L 83 -3.92 24.34 -2.36
CA SER L 83 -4.59 24.18 -1.07
C SER L 83 -5.29 25.46 -0.68
N ASN L 84 -6.44 25.32 -0.01
CA ASN L 84 -7.22 26.49 0.43
C ASN L 84 -6.76 26.91 1.82
N GLU L 85 -5.53 27.43 1.88
CA GLU L 85 -4.92 27.80 3.15
C GLU L 85 -3.92 28.92 2.94
N ILE L 86 -3.77 29.76 3.96
CA ILE L 86 -2.73 30.78 4.03
C ILE L 86 -1.95 30.58 5.32
N SER L 87 -0.63 30.65 5.24
CA SER L 87 0.26 30.37 6.36
C SER L 87 0.94 31.64 6.86
N PHE L 88 1.15 31.72 8.16
CA PHE L 88 1.78 32.87 8.80
C PHE L 88 2.85 32.41 9.77
N VAL L 89 3.86 33.26 9.96
CA VAL L 89 4.88 33.06 10.97
C VAL L 89 5.04 34.36 11.74
N SER L 90 5.02 34.29 13.06
CA SER L 90 5.09 35.45 13.92
C SER L 90 6.25 35.32 14.88
N LYS L 91 6.77 36.46 15.33
CA LYS L 91 7.90 36.48 16.24
C LYS L 91 7.63 37.41 17.42
N ASP L 92 8.20 37.05 18.56
CA ASP L 92 8.13 37.86 19.76
C ASP L 92 8.83 39.20 19.54
N MET L 93 8.72 40.08 20.54
CA MET L 93 9.41 41.36 20.47
C MET L 93 10.90 41.23 20.74
N GLY L 94 11.35 40.08 21.25
CA GLY L 94 12.72 39.92 21.71
C GLY L 94 13.78 40.07 20.63
N PHE L 95 13.40 39.99 19.35
CA PHE L 95 14.40 40.12 18.30
C PHE L 95 14.88 41.55 18.10
N LEU L 96 14.25 42.53 18.77
CA LEU L 96 14.71 43.90 18.68
C LEU L 96 16.04 44.13 19.39
N LEU L 97 16.41 43.24 20.31
CA LEU L 97 17.69 43.38 21.01
C LEU L 97 18.87 43.18 20.07
N THR L 98 18.79 42.16 19.20
CA THR L 98 19.92 41.83 18.33
C THR L 98 20.11 42.85 17.20
N GLN L 99 19.16 43.76 16.99
CA GLN L 99 19.35 44.80 15.98
C GLN L 99 20.31 45.87 16.48
N SER L 100 20.25 46.20 17.77
CA SER L 100 21.12 47.22 18.34
C SER L 100 22.58 46.78 18.31
N GLU L 101 23.47 47.76 18.18
CA GLU L 101 24.91 47.49 18.07
C GLU L 101 25.65 48.72 18.56
N VAL L 102 26.10 48.71 19.81
CA VAL L 102 26.72 49.86 20.44
C VAL L 102 28.06 49.46 21.03
N SER L 103 28.92 50.46 21.24
CA SER L 103 30.23 50.28 21.83
C SER L 103 30.26 50.90 23.21
N TYR L 104 30.68 50.12 24.21
CA TYR L 104 30.64 50.52 25.60
C TYR L 104 32.02 50.37 26.22
N ASN L 105 32.22 51.04 27.35
CA ASN L 105 33.44 50.94 28.15
C ASN L 105 33.02 50.85 29.61
N PHE L 106 33.02 49.64 30.15
CA PHE L 106 32.52 49.38 31.50
C PHE L 106 33.67 49.15 32.46
N LYS L 107 33.66 49.89 33.58
CA LYS L 107 34.68 49.74 34.61
C LYS L 107 33.99 49.59 35.96
N ASP L 108 34.17 48.42 36.58
CA ASP L 108 33.73 48.17 37.96
C ASP L 108 32.23 48.44 38.12
N LYS L 109 31.43 47.94 37.19
CA LYS L 109 30.00 48.16 37.17
C LYS L 109 29.27 46.91 37.61
N LEU L 110 28.15 47.11 38.32
CA LEU L 110 27.28 45.99 38.64
C LEU L 110 26.63 45.46 37.37
N VAL L 111 26.46 44.13 37.33
CA VAL L 111 25.90 43.51 36.13
C VAL L 111 24.47 43.99 35.89
N GLU L 112 23.70 44.16 36.97
CA GLU L 112 22.35 44.68 36.85
C GLU L 112 22.34 46.07 36.23
N ASP L 113 23.28 46.93 36.65
CA ASP L 113 23.37 48.26 36.07
C ASP L 113 23.76 48.20 34.59
N ILE L 114 24.60 47.24 34.22
CA ILE L 114 24.96 47.07 32.81
C ILE L 114 23.73 46.72 31.99
N ALA L 115 22.94 45.75 32.47
CA ALA L 115 21.73 45.38 31.76
C ALA L 115 20.74 46.54 31.69
N LYS L 116 20.60 47.29 32.78
CA LYS L 116 19.70 48.42 32.79
C LYS L 116 20.13 49.48 31.79
N GLN L 117 21.43 49.78 31.73
CA GLN L 117 21.91 50.77 30.77
C GLN L 117 21.71 50.31 29.33
N VAL L 118 21.96 49.02 29.05
CA VAL L 118 21.76 48.53 27.69
C VAL L 118 20.29 48.65 27.30
N PHE L 119 19.39 48.29 28.21
CA PHE L 119 17.96 48.42 27.90
C PHE L 119 17.56 49.87 27.73
N ALA L 120 18.20 50.79 28.45
CA ALA L 120 17.85 52.20 28.35
C ALA L 120 18.40 52.86 27.09
N GLU L 121 19.57 52.44 26.60
CA GLU L 121 20.18 53.11 25.46
C GLU L 121 19.31 53.01 24.22
N ASN L 122 18.91 51.79 23.86
CA ASN L 122 17.90 51.57 22.84
C ASN L 122 16.58 51.37 23.56
N ARG L 123 15.70 52.36 23.46
CA ARG L 123 14.60 52.54 24.40
C ARG L 123 13.68 51.33 24.48
N LEU L 124 13.71 50.64 25.61
CA LEU L 124 12.91 49.44 25.82
C LEU L 124 12.41 49.41 27.26
N SER L 125 11.24 48.80 27.45
CA SER L 125 10.62 48.71 28.76
C SER L 125 11.16 47.51 29.53
N VAL L 126 11.44 47.71 30.82
CA VAL L 126 12.03 46.70 31.67
C VAL L 126 11.01 46.28 32.70
N GLY L 127 10.72 44.97 32.76
CA GLY L 127 9.85 44.45 33.79
C GLY L 127 10.57 44.24 35.10
N ILE L 128 11.55 43.34 35.10
CA ILE L 128 12.33 43.04 36.31
C ILE L 128 13.65 42.46 35.87
N ILE L 129 14.70 42.73 36.65
CA ILE L 129 16.05 42.27 36.35
C ILE L 129 16.59 41.53 37.56
N ALA L 130 17.14 40.34 37.34
CA ALA L 130 17.69 39.55 38.44
C ALA L 130 18.85 40.28 39.09
N LYS L 131 18.94 40.16 40.41
CA LYS L 131 19.93 40.87 41.21
C LYS L 131 21.12 39.97 41.50
N THR L 132 22.32 40.52 41.33
CA THR L 132 23.55 39.82 41.67
C THR L 132 24.64 40.85 41.95
N ASN L 133 25.26 40.75 43.12
CA ASN L 133 26.27 41.73 43.53
C ASN L 133 27.65 41.28 43.06
N VAL L 134 27.80 41.25 41.74
CA VAL L 134 29.05 40.91 41.08
C VAL L 134 29.42 42.05 40.15
N LYS L 135 30.66 42.53 40.27
CA LYS L 135 31.13 43.64 39.46
C LYS L 135 31.91 43.13 38.26
N TYR L 136 31.77 43.83 37.14
CA TYR L 136 32.29 43.39 35.86
C TYR L 136 33.05 44.54 35.20
N THR L 137 34.06 44.19 34.41
CA THR L 137 34.87 45.17 33.69
C THR L 137 35.19 44.63 32.30
N LYS L 138 34.72 45.32 31.27
CA LYS L 138 34.86 44.80 29.92
C LYS L 138 34.76 45.96 28.93
N MET L 139 35.33 45.74 27.74
CA MET L 139 35.27 46.69 26.64
C MET L 139 34.54 46.01 25.48
N PHE L 140 33.41 46.59 25.07
CA PHE L 140 32.58 46.01 24.02
C PHE L 140 32.66 46.91 22.79
N ILE L 141 33.10 46.32 21.67
CA ILE L 141 33.20 47.02 20.40
C ILE L 141 32.45 46.21 19.35
N GLY L 142 31.42 46.79 18.76
CA GLY L 142 30.65 46.12 17.73
C GLY L 142 29.98 44.84 18.18
N VAL L 143 29.30 44.88 19.32
CA VAL L 143 28.62 43.70 19.87
C VAL L 143 27.16 44.05 20.12
N ASN L 144 26.30 43.05 19.92
CA ASN L 144 24.88 43.21 20.17
C ASN L 144 24.60 43.52 21.64
N GLY L 145 23.41 44.04 21.91
CA GLY L 145 22.97 44.17 23.29
C GLY L 145 22.72 42.83 23.94
N TYR L 146 22.13 41.89 23.19
CA TYR L 146 21.87 40.56 23.70
C TYR L 146 23.16 39.86 24.11
N ASP L 147 24.17 39.92 23.24
CA ASP L 147 25.46 39.31 23.55
C ASP L 147 26.13 39.99 24.73
N THR L 148 26.05 41.32 24.80
CA THR L 148 26.63 42.05 25.93
C THR L 148 26.02 41.58 27.25
N ILE L 149 24.69 41.55 27.32
CA ILE L 149 24.02 41.18 28.56
C ILE L 149 24.32 39.73 28.91
N MET L 150 24.32 38.84 27.92
CA MET L 150 24.59 37.44 28.19
C MET L 150 26.02 37.23 28.68
N SER L 151 26.98 37.94 28.10
CA SER L 151 28.37 37.81 28.56
C SER L 151 28.52 38.29 30.00
N ALA L 152 27.92 39.44 30.33
CA ALA L 152 28.00 39.92 31.70
C ALA L 152 27.37 38.95 32.68
N TYR L 153 26.21 38.38 32.31
CA TYR L 153 25.55 37.49 33.25
C TYR L 153 26.23 36.13 33.34
N THR L 154 26.92 35.71 32.28
CA THR L 154 27.75 34.52 32.39
C THR L 154 28.89 34.75 33.39
N GLU L 155 29.51 35.93 33.33
CA GLU L 155 30.56 36.23 34.30
C GLU L 155 30.00 36.26 35.72
N ALA L 156 28.79 36.80 35.90
CA ALA L 156 28.16 36.74 37.22
C ALA L 156 27.87 35.30 37.64
N SER L 157 27.45 34.47 36.68
CA SER L 157 27.15 33.07 36.96
C SER L 157 28.39 32.29 37.36
N LYS L 158 29.57 32.75 36.93
CA LYS L 158 30.79 32.09 37.39
C LYS L 158 30.94 32.14 38.91
N LYS L 159 30.32 33.11 39.56
CA LYS L 159 30.34 33.21 41.02
C LYS L 159 29.06 32.71 41.68
N THR L 160 27.89 33.04 41.12
CA THR L 160 26.65 32.69 41.81
C THR L 160 26.23 31.23 41.62
N LYS L 161 26.91 30.48 40.74
CA LYS L 161 26.53 29.10 40.42
C LYS L 161 25.08 29.02 39.94
N LYS L 162 24.73 29.89 39.01
CA LYS L 162 23.37 30.00 38.51
C LYS L 162 23.38 30.10 37.00
N LYS L 163 22.19 30.06 36.41
CA LYS L 163 21.99 30.26 34.99
C LYS L 163 20.93 31.34 34.79
N TYR L 164 21.11 32.15 33.75
CA TYR L 164 20.21 33.27 33.51
C TYR L 164 19.77 33.27 32.04
N MET L 165 18.63 33.92 31.79
CA MET L 165 18.06 34.00 30.46
C MET L 165 17.31 35.31 30.31
N ILE L 166 17.06 35.69 29.07
CA ILE L 166 16.33 36.91 28.73
C ILE L 166 14.99 36.54 28.15
N GLU L 167 13.92 37.08 28.73
CA GLU L 167 12.56 36.76 28.33
C GLU L 167 11.79 38.03 28.07
N ALA L 168 11.06 38.08 26.96
CA ALA L 168 10.22 39.21 26.59
C ALA L 168 8.77 38.77 26.73
N ASN L 169 8.12 39.21 27.80
CA ASN L 169 6.75 38.81 28.10
C ASN L 169 5.82 39.99 27.83
N LEU L 170 4.95 39.83 26.83
CA LEU L 170 4.03 40.89 26.37
C LEU L 170 4.88 42.10 26.02
N ASP L 171 4.76 43.24 26.70
CA ASP L 171 5.50 44.44 26.36
C ASP L 171 6.67 44.70 27.31
N LYS L 172 7.09 43.71 28.08
CA LYS L 172 8.14 43.91 29.08
C LYS L 172 9.32 42.99 28.81
N PHE L 173 10.51 43.45 29.20
CA PHE L 173 11.74 42.67 29.13
C PHE L 173 12.15 42.28 30.54
N ASN L 174 12.52 41.01 30.72
CA ASN L 174 12.88 40.48 32.02
C ASN L 174 14.20 39.72 31.93
N VAL L 175 14.91 39.68 33.05
CA VAL L 175 16.06 38.80 33.22
C VAL L 175 15.81 37.95 34.45
N ILE L 176 15.74 36.63 34.27
CA ILE L 176 15.42 35.71 35.36
C ILE L 176 16.46 34.62 35.41
N GLU L 177 16.53 33.95 36.56
CA GLU L 177 17.41 32.81 36.75
C GLU L 177 16.63 31.52 36.57
N LYS L 178 17.23 30.56 35.88
CA LYS L 178 16.52 29.36 35.47
C LYS L 178 16.21 28.47 36.67
N GLY L 179 15.03 27.85 36.63
CA GLY L 179 14.65 26.85 37.60
C GLY L 179 14.07 27.38 38.89
N THR L 180 13.95 28.70 39.05
CA THR L 180 13.39 29.24 40.29
C THR L 180 11.95 28.81 40.48
N VAL L 181 11.17 28.81 39.41
CA VAL L 181 9.80 28.31 39.44
C VAL L 181 9.81 26.83 39.10
N THR L 182 9.20 26.02 39.96
CA THR L 182 9.01 24.61 39.72
C THR L 182 7.53 24.33 39.55
N LEU L 183 7.17 23.63 38.48
CA LEU L 183 5.78 23.41 38.15
C LEU L 183 5.14 22.41 39.11
N SER L 184 3.83 22.53 39.26
CA SER L 184 3.08 21.61 40.12
C SER L 184 2.87 20.26 39.45
N VAL L 185 2.78 20.21 38.13
CA VAL L 185 2.48 18.98 37.41
C VAL L 185 3.73 18.10 37.35
N MET L 186 3.51 16.80 37.50
CA MET L 186 4.58 15.81 37.44
C MET L 186 4.26 14.81 36.34
N PHE L 187 5.28 14.39 35.61
CA PHE L 187 5.10 13.43 34.53
C PHE L 187 5.38 12.02 35.06
N GLU L 188 4.39 11.15 34.94
CA GLU L 188 4.50 9.76 35.37
C GLU L 188 4.19 8.84 34.20
N GLU L 189 4.80 7.66 34.22
CA GLU L 189 4.67 6.75 33.08
C GLU L 189 3.23 6.29 32.89
N GLY L 190 2.54 5.96 33.97
CA GLY L 190 1.20 5.44 33.82
C GLY L 190 0.09 6.45 33.69
N PHE L 191 0.41 7.75 33.64
CA PHE L 191 -0.62 8.78 33.66
C PHE L 191 -0.63 9.66 32.43
N ASN L 192 0.46 10.37 32.12
CA ASN L 192 0.38 11.41 31.11
C ASN L 192 1.61 11.46 30.20
N ILE L 193 2.29 10.34 30.00
CA ILE L 193 3.47 10.28 29.16
C ILE L 193 3.17 9.45 27.93
N ILE L 194 3.44 10.00 26.75
CA ILE L 194 3.29 9.24 25.51
C ILE L 194 4.55 8.45 25.19
N ASN L 195 5.71 9.11 25.22
CA ASN L 195 6.98 8.44 24.95
C ASN L 195 8.11 9.27 25.53
N THR L 196 9.22 8.59 25.84
CA THR L 196 10.41 9.25 26.35
C THR L 196 11.64 8.58 25.75
N THR L 197 12.75 9.33 25.73
CA THR L 197 14.03 8.80 25.29
C THR L 197 15.11 9.42 26.16
N PHE L 198 15.82 8.59 26.91
CA PHE L 198 16.88 9.04 27.79
C PHE L 198 18.23 8.78 27.15
N SER L 199 19.17 9.70 27.35
CA SER L 199 20.49 9.61 26.75
C SER L 199 21.56 10.02 27.75
N GLU L 200 22.77 9.51 27.55
CA GLU L 200 23.95 9.92 28.28
C GLU L 200 25.10 10.05 27.30
N SER L 201 25.95 11.05 27.51
CA SER L 201 27.00 11.35 26.55
C SER L 201 28.27 11.77 27.27
N MET L 202 29.39 11.55 26.60
CA MET L 202 30.73 11.83 27.13
C MET L 202 31.48 12.83 26.28
N GLU L 203 30.90 13.27 25.16
CA GLU L 203 31.65 13.99 24.13
C GLU L 203 32.22 15.30 24.64
N ASN L 204 31.47 16.03 25.48
CA ASN L 204 31.85 17.37 25.90
C ASN L 204 32.44 17.41 27.31
N VAL L 205 33.14 16.36 27.70
CA VAL L 205 33.72 16.25 29.04
C VAL L 205 35.06 16.95 29.07
N LYS L 206 35.33 17.66 30.17
CA LYS L 206 36.63 18.28 30.41
C LYS L 206 37.03 18.02 31.86
N ASN L 207 38.25 17.51 32.07
CA ASN L 207 38.71 17.23 33.42
C ASN L 207 40.13 17.70 33.68
N LYS L 208 40.70 18.53 32.81
CA LYS L 208 41.98 19.15 33.05
C LYS L 208 41.95 20.59 32.56
N VAL L 209 42.52 21.49 33.35
CA VAL L 209 42.56 22.91 33.02
C VAL L 209 44.00 23.39 33.10
N ILE L 210 44.45 24.08 32.06
CA ILE L 210 45.78 24.65 31.98
C ILE L 210 45.66 26.15 31.83
N VAL L 211 46.38 26.89 32.67
CA VAL L 211 46.40 28.35 32.62
C VAL L 211 47.70 28.80 32.00
N VAL L 212 47.62 29.78 31.10
CA VAL L 212 48.79 30.35 30.45
C VAL L 212 48.77 31.86 30.70
N ASP L 213 49.95 32.44 30.71
CA ASP L 213 50.07 33.87 30.94
C ASP L 213 49.74 34.61 29.64
N GLN L 214 49.78 35.95 29.66
CA GLN L 214 49.46 36.71 28.46
C GLN L 214 50.47 36.50 27.32
N TYR L 215 51.48 35.63 27.49
CA TYR L 215 52.55 35.42 26.51
C TYR L 215 52.55 34.03 25.90
N GLY L 216 51.63 33.17 26.28
CA GLY L 216 51.63 31.82 25.78
C GLY L 216 52.28 30.79 26.69
N SER L 217 53.08 31.19 27.68
CA SER L 217 53.77 30.24 28.54
C SER L 217 52.88 29.74 29.67
N LYS L 218 53.00 28.46 30.02
CA LYS L 218 52.14 27.84 31.01
C LYS L 218 52.61 28.16 32.43
N ILE L 219 51.65 28.40 33.33
CA ILE L 219 51.96 28.77 34.71
C ILE L 219 51.46 27.71 35.71
N SER L 220 50.27 27.15 35.48
CA SER L 220 49.72 26.20 36.42
C SER L 220 48.75 25.26 35.70
N GLU L 221 48.39 24.18 36.39
CA GLU L 221 47.47 23.18 35.86
C GLU L 221 46.74 22.52 37.03
N LYS L 222 45.62 21.86 36.70
CA LYS L 222 44.82 21.20 37.72
C LYS L 222 44.04 20.05 37.09
N ILE L 223 43.77 19.02 37.89
CA ILE L 223 42.99 17.86 37.49
C ILE L 223 41.85 17.68 38.48
N ASP L 224 40.66 17.39 37.96
CA ASP L 224 39.51 17.10 38.79
C ASP L 224 39.39 15.58 38.98
N ASN L 225 39.45 15.14 40.24
CA ASN L 225 39.48 13.71 40.51
C ASN L 225 38.12 13.06 40.34
N GLU L 226 37.04 13.76 40.67
CA GLU L 226 35.71 13.14 40.63
C GLU L 226 35.32 12.80 39.20
N ILE L 227 35.59 13.69 38.25
CA ILE L 227 35.32 13.38 36.84
C ILE L 227 36.30 12.34 36.34
N PHE L 228 37.57 12.45 36.73
CA PHE L 228 38.58 11.49 36.28
C PHE L 228 38.26 10.08 36.76
N LYS L 229 37.54 9.94 37.86
CA LYS L 229 37.12 8.61 38.32
C LYS L 229 36.15 7.99 37.33
N GLU L 230 35.25 8.79 36.77
CA GLU L 230 34.27 8.26 35.82
C GLU L 230 34.91 7.92 34.49
N VAL L 231 35.79 8.78 33.99
CA VAL L 231 36.45 8.60 32.70
C VAL L 231 37.94 8.46 32.94
N ASN L 232 38.52 7.34 32.49
CA ASN L 232 39.93 7.10 32.74
C ASN L 232 40.81 8.08 31.99
N VAL L 233 40.28 8.74 30.97
CA VAL L 233 41.08 9.58 30.09
C VAL L 233 41.18 11.00 30.63
N ILE L 234 42.22 11.70 30.19
CA ILE L 234 42.41 13.11 30.46
C ILE L 234 42.04 13.89 29.20
N MET L 235 41.06 14.79 29.32
CA MET L 235 40.69 15.70 28.25
C MET L 235 40.94 17.11 28.75
N GLN L 236 41.93 17.77 28.17
CA GLN L 236 42.44 19.02 28.71
C GLN L 236 41.75 20.23 28.09
N LYS L 237 41.82 21.35 28.80
CA LYS L 237 41.31 22.63 28.35
C LYS L 237 42.35 23.70 28.66
N VAL L 238 42.49 24.67 27.77
CA VAL L 238 43.48 25.72 27.91
C VAL L 238 42.77 27.06 27.99
N ILE L 239 43.02 27.82 29.05
CA ILE L 239 42.49 29.16 29.20
C ILE L 239 43.66 30.11 29.46
N GLN L 240 43.47 31.37 29.08
CA GLN L 240 44.51 32.38 29.19
C GLN L 240 44.03 33.50 30.11
N GLN L 241 44.88 33.91 31.03
CA GLN L 241 44.61 35.02 31.92
C GLN L 241 45.44 36.22 31.51
N GLN L 242 44.82 37.40 31.56
CA GLN L 242 45.52 38.64 31.27
C GLN L 242 46.13 39.17 32.57
N GLU L 243 46.59 40.43 32.55
CA GLU L 243 47.27 40.97 33.72
C GLU L 243 46.30 41.29 34.84
N ASN L 244 45.12 41.78 34.51
CA ASN L 244 44.18 42.29 35.50
C ASN L 244 43.09 41.30 35.88
N GLN L 245 43.23 40.03 35.48
CA GLN L 245 42.25 39.01 35.82
C GLN L 245 42.95 37.80 36.42
N ASP L 246 42.35 37.22 37.45
CA ASP L 246 42.82 35.98 38.07
C ASP L 246 41.69 34.97 37.94
N VAL L 247 41.86 34.02 37.01
CA VAL L 247 40.78 33.12 36.65
C VAL L 247 40.56 32.09 37.76
N ASP L 248 39.35 31.55 37.82
CA ASP L 248 39.03 30.43 38.70
C ASP L 248 38.95 29.16 37.86
N ILE L 249 39.77 28.17 38.23
CA ILE L 249 39.87 26.95 37.43
C ILE L 249 38.59 26.11 37.57
N ASP L 250 38.05 26.02 38.79
CA ASP L 250 37.01 25.03 39.08
C ASP L 250 35.74 25.23 38.26
N SER L 251 35.55 26.41 37.67
CA SER L 251 34.37 26.64 36.84
C SER L 251 34.48 26.01 35.46
N GLU L 252 35.69 25.73 34.99
CA GLU L 252 35.89 25.27 33.62
C GLU L 252 35.71 23.77 33.44
N PHE L 253 35.63 23.00 34.53
CA PHE L 253 35.42 21.56 34.40
C PHE L 253 33.99 21.26 33.95
N ASN L 254 33.84 20.21 33.16
CA ASN L 254 32.56 19.78 32.65
C ASN L 254 32.47 18.26 32.73
N GLY L 255 31.30 17.76 33.14
CA GLY L 255 31.10 16.35 33.36
C GLY L 255 30.20 15.70 32.32
N ILE L 256 29.69 14.53 32.66
CA ILE L 256 28.80 13.79 31.76
C ILE L 256 27.43 14.46 31.71
N GLU L 257 26.85 14.51 30.51
CA GLU L 257 25.56 15.15 30.29
C GLU L 257 24.47 14.09 30.16
N LYS L 258 23.37 14.27 30.89
CA LYS L 258 22.24 13.36 30.87
C LYS L 258 20.99 14.13 30.52
N SER L 259 20.20 13.62 29.58
CA SER L 259 19.09 14.36 28.99
C SER L 259 17.88 13.45 28.86
N CYS L 260 16.76 14.06 28.49
CA CYS L 260 15.52 13.34 28.22
C CYS L 260 14.74 14.08 27.15
N SER L 261 14.06 13.33 26.30
CA SER L 261 13.18 13.88 25.27
C SER L 261 11.78 13.33 25.54
N LEU L 262 10.85 14.21 25.92
CA LEU L 262 9.56 13.80 26.44
C LEU L 262 8.44 14.36 25.59
N LYS L 263 7.41 13.54 25.37
CA LYS L 263 6.18 13.95 24.71
C LYS L 263 4.99 13.47 25.53
N GLY L 264 4.07 14.36 25.84
CA GLY L 264 2.96 14.00 26.69
C GLY L 264 1.92 15.10 26.80
N TYR L 265 1.16 15.02 27.89
CA TYR L 265 0.06 15.95 28.15
C TYR L 265 0.37 16.81 29.35
N GLY L 266 0.14 18.11 29.21
CA GLY L 266 0.40 19.05 30.27
C GLY L 266 -0.39 20.31 30.05
N ASP L 267 0.04 21.39 30.71
CA ASP L 267 -0.59 22.68 30.59
C ASP L 267 0.37 23.68 29.93
N VAL L 268 -0.08 24.93 29.83
CA VAL L 268 0.67 25.96 29.11
C VAL L 268 1.73 26.56 30.03
N SER L 269 1.89 25.97 31.21
CA SER L 269 2.89 26.44 32.16
C SER L 269 4.27 25.82 31.94
N CYS L 270 4.37 24.80 31.10
CA CYS L 270 5.64 24.11 30.85
C CYS L 270 6.35 24.79 29.70
N ILE L 271 7.20 25.77 30.02
CA ILE L 271 7.92 26.54 29.03
C ILE L 271 9.39 26.61 29.42
N THR L 272 10.21 27.06 28.48
CA THR L 272 11.66 27.07 28.65
C THR L 272 12.05 27.94 29.84
N GLY L 273 12.93 27.41 30.68
CA GLY L 273 13.43 28.14 31.83
C GLY L 273 12.83 27.74 33.16
N ARG L 274 12.02 26.69 33.22
CA ARG L 274 11.39 26.24 34.44
C ARG L 274 11.82 24.81 34.76
N GLY L 275 11.63 24.43 36.02
CA GLY L 275 11.95 23.10 36.47
C GLY L 275 10.72 22.20 36.46
N VAL L 276 10.94 20.92 36.15
CA VAL L 276 9.88 19.93 36.07
C VAL L 276 10.36 18.65 36.74
N LYS L 277 9.40 17.80 37.10
CA LYS L 277 9.68 16.56 37.81
C LYS L 277 9.19 15.36 37.00
N VAL L 278 10.05 14.36 36.87
CA VAL L 278 9.73 13.12 36.16
C VAL L 278 9.97 11.95 37.11
N LYS L 279 9.01 11.03 37.17
CA LYS L 279 9.09 9.89 38.07
C LYS L 279 9.62 8.67 37.33
N ASP L 280 10.57 7.98 37.93
CA ASP L 280 11.12 6.76 37.36
C ASP L 280 10.19 5.59 37.66
N SER L 281 9.92 4.77 36.64
CA SER L 281 8.93 3.71 36.80
C SER L 281 9.45 2.54 37.63
N TYR L 282 10.70 2.12 37.38
CA TYR L 282 11.19 0.91 38.03
C TYR L 282 11.48 1.14 39.52
N THR L 283 12.19 2.22 39.85
CA THR L 283 12.59 2.47 41.22
C THR L 283 11.66 3.40 41.98
N LYS L 284 10.65 3.97 41.32
CA LYS L 284 9.73 4.93 41.94
C LYS L 284 10.48 6.11 42.54
N LEU L 285 11.53 6.56 41.84
CA LEU L 285 12.30 7.72 42.25
C LEU L 285 11.98 8.90 41.34
N VAL L 286 12.04 10.10 41.91
CA VAL L 286 11.69 11.33 41.22
C VAL L 286 12.95 12.13 40.97
N GLY L 287 13.08 12.67 39.76
CA GLY L 287 14.21 13.49 39.39
C GLY L 287 13.77 14.87 38.96
N LEU L 288 14.65 15.86 39.13
CA LEU L 288 14.37 17.23 38.75
C LEU L 288 15.10 17.55 37.45
N PHE L 289 14.38 18.17 36.51
CA PHE L 289 14.93 18.53 35.21
C PHE L 289 14.66 20.00 34.93
N TYR L 290 15.50 20.59 34.09
CA TYR L 290 15.31 21.95 33.61
C TYR L 290 14.90 21.92 32.15
N ILE L 291 13.89 22.71 31.79
CA ILE L 291 13.38 22.71 30.43
C ILE L 291 14.26 23.60 29.55
N ASP L 292 14.75 23.05 28.45
CA ASP L 292 15.57 23.78 27.49
C ASP L 292 14.83 24.15 26.23
N THR L 293 13.90 23.31 25.78
CA THR L 293 13.14 23.55 24.56
C THR L 293 11.74 22.98 24.74
N ASP L 294 10.75 23.66 24.17
CA ASP L 294 9.37 23.26 24.33
C ASP L 294 8.60 23.61 23.07
N LYS L 295 7.48 22.91 22.87
CA LYS L 295 6.63 23.13 21.70
C LYS L 295 5.22 22.66 22.03
N HIS L 296 4.24 23.55 21.82
CA HIS L 296 2.83 23.26 22.09
C HIS L 296 2.07 23.33 20.77
N THR L 297 1.22 22.34 20.52
CA THR L 297 0.45 22.28 19.29
C THR L 297 -1.01 22.00 19.57
N TRP L 298 -1.88 22.74 18.88
CA TRP L 298 -3.32 22.52 18.88
C TRP L 298 -3.75 22.17 17.47
N GLN L 299 -4.37 20.99 17.31
CA GLN L 299 -4.82 20.56 16.00
C GLN L 299 -5.83 19.42 16.12
N ASN L 300 -6.95 19.55 15.42
CA ASN L 300 -8.01 18.53 15.38
C ASN L 300 -8.57 18.24 16.77
N GLY L 301 -8.64 19.26 17.62
CA GLY L 301 -9.21 19.06 18.94
C GLY L 301 -8.34 18.29 19.91
N GLU L 302 -7.03 18.25 19.70
CA GLU L 302 -6.12 17.62 20.65
C GLU L 302 -4.90 18.51 20.85
N TYR L 303 -4.30 18.39 22.04
CA TYR L 303 -3.24 19.28 22.49
C TYR L 303 -2.13 18.45 23.11
N GLN L 304 -0.91 18.59 22.58
CA GLN L 304 0.24 17.81 23.02
C GLN L 304 1.45 18.72 23.20
N ILE L 305 2.41 18.25 24.00
CA ILE L 305 3.62 19.01 24.30
C ILE L 305 4.84 18.15 24.00
N GLU L 306 5.94 18.81 23.62
CA GLU L 306 7.23 18.17 23.42
C GLU L 306 8.31 18.98 24.12
N LEU L 307 9.08 18.33 25.00
CA LEU L 307 10.07 19.02 25.81
C LEU L 307 11.44 18.38 25.64
N GLU L 308 12.48 19.21 25.77
CA GLU L 308 13.86 18.76 25.86
C GLU L 308 14.36 19.09 27.25
N LEU L 309 14.67 18.07 28.04
CA LEU L 309 14.93 18.22 29.46
C LEU L 309 16.39 17.92 29.79
N ASN L 310 16.91 18.65 30.77
CA ASN L 310 18.28 18.53 31.24
C ASN L 310 18.26 18.16 32.72
N PHE L 311 18.94 17.08 33.06
CA PHE L 311 18.84 16.50 34.41
C PHE L 311 19.69 17.28 35.40
N GLN L 312 19.10 17.61 36.55
CA GLN L 312 19.80 18.31 37.62
C GLN L 312 20.24 17.39 38.75
N ASN L 313 19.28 16.75 39.42
CA ASN L 313 19.60 15.86 40.53
C ASN L 313 18.35 15.07 40.91
N LEU L 314 18.55 14.07 41.76
CA LEU L 314 17.45 13.26 42.25
C LEU L 314 16.79 13.96 43.44
N MET L 315 15.47 14.09 43.39
CA MET L 315 14.74 14.69 44.50
C MET L 315 14.86 13.81 45.72
N ASP L 316 15.23 14.42 46.85
CA ASP L 316 15.47 13.66 48.06
C ASP L 316 14.15 13.15 48.63
N GLU L 317 14.13 11.88 49.01
CA GLU L 317 12.95 11.31 49.67
C GLU L 317 12.64 12.09 50.94
N LYS L 318 11.37 12.45 51.10
CA LYS L 318 10.91 13.32 52.19
C LYS L 318 11.66 14.64 52.08
N SER L 319 12.44 15.06 53.07
CA SER L 319 13.15 16.32 53.01
C SER L 319 14.65 16.06 53.16
N ALA L 320 15.44 16.68 52.28
CA ALA L 320 16.89 16.47 52.30
C ALA L 320 17.52 17.04 53.57
N GLY L 321 17.42 18.36 53.75
CA GLY L 321 17.88 18.98 54.97
C GLY L 321 16.92 18.90 56.13
N GLN L 322 15.70 18.40 55.87
CA GLN L 322 14.64 18.29 56.87
C GLN L 322 14.40 19.63 57.56
N ASP L 323 13.96 20.60 56.77
CA ASP L 323 13.63 21.91 57.30
C ASP L 323 12.42 21.80 58.21
N GLU L 324 12.61 22.11 59.49
CA GLU L 324 11.48 22.14 60.38
C GLU L 324 11.09 23.57 60.72
N PRO L 325 9.79 23.85 60.88
CA PRO L 325 9.38 25.21 61.30
C PRO L 325 9.87 25.53 62.71
N LYS L 326 10.80 26.48 62.81
CA LYS L 326 11.45 26.79 64.08
C LYS L 326 10.47 27.62 64.93
N GLU L 327 9.88 26.98 65.93
CA GLU L 327 8.93 27.62 66.81
C GLU L 327 9.35 27.44 68.26
N GLU L 328 8.99 28.41 69.10
CA GLU L 328 9.18 28.27 70.53
C GLU L 328 8.23 27.21 71.08
N SER L 329 8.64 26.57 72.17
CA SER L 329 7.80 25.56 72.79
C SER L 329 6.50 26.18 73.31
N ASN L 330 6.59 27.37 73.90
CA ASN L 330 5.43 28.11 74.38
C ASN L 330 5.39 29.47 73.70
N LEU L 331 4.22 29.84 73.17
CA LEU L 331 4.07 31.15 72.55
C LEU L 331 4.22 32.26 73.56
N GLY L 332 3.63 32.09 74.74
CA GLY L 332 3.72 33.09 75.79
C GLY L 332 3.77 32.45 77.16
N GLY L 333 4.59 33.00 78.06
CA GLY L 333 4.79 32.41 79.37
C GLY L 333 5.49 31.08 79.29
N GLU L 334 6.76 31.09 78.88
CA GLU L 334 7.52 29.86 78.72
C GLU L 334 8.10 29.39 80.04
N ASP L 335 8.42 28.10 80.09
CA ASP L 335 9.08 27.48 81.25
C ASP L 335 8.28 27.68 82.54
N TYR L 336 6.96 27.55 82.46
CA TYR L 336 6.12 27.51 83.65
C TYR L 336 6.11 26.09 84.19
N ALA L 337 6.74 25.90 85.35
CA ALA L 337 6.86 24.58 85.95
C ALA L 337 6.90 24.72 87.46
N GLY L 338 6.66 23.61 88.15
CA GLY L 338 6.58 23.62 89.60
C GLY L 338 5.26 24.09 90.16
N GLY L 339 4.23 24.19 89.32
CA GLY L 339 2.95 24.72 89.72
C GLY L 339 2.05 23.73 90.44
N LYS L 340 2.31 23.52 91.72
CA LYS L 340 1.49 22.61 92.52
C LYS L 340 0.02 23.02 92.42
N GLU L 341 -0.84 22.02 92.28
CA GLU L 341 -2.25 22.24 91.99
C GLU L 341 -3.07 22.00 93.26
N PHE L 342 -3.88 22.99 93.64
CA PHE L 342 -4.73 22.90 94.82
C PHE L 342 -6.18 23.15 94.43
N THR L 343 -7.07 22.35 95.03
CA THR L 343 -8.50 22.58 94.87
C THR L 343 -8.91 23.87 95.56
N ALA L 344 -9.78 24.64 94.92
CA ALA L 344 -10.15 25.96 95.40
C ALA L 344 -11.66 26.16 95.32
N GLU L 345 -12.14 27.07 96.17
CA GLU L 345 -13.53 27.52 96.18
C GLU L 345 -13.57 29.01 95.87
N PHE L 346 -14.40 29.40 94.91
CA PHE L 346 -14.42 30.76 94.39
C PHE L 346 -15.65 31.51 94.88
N THR L 347 -15.43 32.71 95.40
CA THR L 347 -16.49 33.59 95.86
C THR L 347 -16.44 34.90 95.08
N ALA L 348 -17.61 35.47 94.83
CA ALA L 348 -17.72 36.70 94.06
C ALA L 348 -17.59 37.92 94.95
N TYR L 349 -16.96 38.96 94.41
CA TYR L 349 -16.72 40.19 95.14
C TYR L 349 -17.33 41.39 94.42
N CYS L 350 -18.08 42.19 95.18
CA CYS L 350 -18.71 43.38 94.62
C CYS L 350 -18.13 44.60 95.35
N PRO L 351 -17.77 45.65 94.60
CA PRO L 351 -17.22 46.79 95.31
C PRO L 351 -18.33 47.70 95.81
N ARG L 352 -18.50 47.71 97.13
CA ARG L 352 -19.52 48.52 97.77
C ARG L 352 -18.90 49.34 98.89
N LYS L 353 -19.26 50.61 98.96
CA LYS L 353 -18.71 51.49 99.99
C LYS L 353 -19.26 51.15 101.37
N GLU L 354 -20.56 50.84 101.44
CA GLU L 354 -21.17 50.57 102.74
C GLU L 354 -20.55 49.36 103.43
N GLU L 355 -20.27 48.31 102.67
CA GLU L 355 -19.64 47.12 103.24
C GLU L 355 -18.21 47.41 103.67
N GLY L 356 -17.48 48.20 102.89
CA GLY L 356 -16.09 48.48 103.19
C GLY L 356 -15.16 47.43 102.61
N GLY L 357 -13.86 47.65 102.85
CA GLY L 357 -12.85 46.76 102.32
C GLY L 357 -12.52 46.95 100.86
N ASP L 358 -13.01 48.02 100.24
CA ASP L 358 -12.71 48.27 98.83
C ASP L 358 -11.24 48.60 98.59
N THR L 359 -10.50 48.94 99.64
CA THR L 359 -9.07 49.20 99.52
C THR L 359 -8.28 47.90 99.65
N ASP L 360 -7.14 47.86 98.95
CA ASP L 360 -6.27 46.70 98.93
C ASP L 360 -5.21 46.82 100.02
N CYS L 361 -4.17 45.98 99.95
CA CYS L 361 -3.08 46.03 100.92
C CYS L 361 -2.42 47.40 100.93
N ARG L 362 -2.35 48.06 99.78
CA ARG L 362 -1.74 49.39 99.67
C ARG L 362 -2.78 50.51 99.62
N LYS L 363 -4.04 50.20 99.92
CA LYS L 363 -5.12 51.20 100.00
C LYS L 363 -5.30 51.95 98.69
N LYS L 364 -5.43 51.19 97.60
CA LYS L 364 -5.73 51.76 96.29
C LYS L 364 -7.03 51.16 95.77
N LYS L 365 -7.77 51.97 95.02
CA LYS L 365 -9.08 51.56 94.52
C LYS L 365 -8.96 50.37 93.58
N LEU L 366 -9.81 49.38 93.78
CA LEU L 366 -9.75 48.15 92.99
C LEU L 366 -10.17 48.40 91.55
N ASP L 367 -9.46 47.75 90.63
CA ASP L 367 -9.74 47.82 89.20
C ASP L 367 -10.20 46.45 88.72
N PRO L 368 -11.41 46.31 88.20
CA PRO L 368 -11.87 44.99 87.74
C PRO L 368 -11.02 44.41 86.61
N SER L 369 -10.44 45.26 85.77
CA SER L 369 -9.64 44.77 84.65
C SER L 369 -8.33 44.12 85.08
N LYS L 370 -7.91 44.35 86.33
CA LYS L 370 -6.66 43.76 86.80
C LYS L 370 -6.77 42.26 87.07
N LYS L 371 -8.00 41.73 87.21
CA LYS L 371 -8.22 40.33 87.56
C LYS L 371 -7.51 39.97 88.87
N THR L 372 -7.55 40.89 89.83
CA THR L 372 -6.97 40.65 91.14
C THR L 372 -7.95 39.84 92.00
N CYS L 373 -7.41 39.21 93.04
CA CYS L 373 -8.17 38.29 93.88
C CYS L 373 -7.73 38.41 95.32
N ALA L 374 -8.51 37.80 96.21
CA ALA L 374 -8.21 37.73 97.63
C ALA L 374 -7.92 36.28 98.01
N ALA L 375 -6.71 36.08 98.52
CA ALA L 375 -6.21 34.79 98.99
C ALA L 375 -5.54 35.07 100.33
N PRO L 376 -5.43 34.04 101.19
CA PRO L 376 -4.82 34.31 102.49
C PRO L 376 -3.38 34.82 102.39
N MET L 377 -3.08 35.85 103.18
CA MET L 377 -1.76 36.46 103.21
C MET L 377 -1.14 36.15 104.56
N VAL L 378 0.12 35.71 104.54
CA VAL L 378 0.80 35.32 105.77
C VAL L 378 0.64 36.42 106.81
N GLY L 379 0.00 36.08 107.93
CA GLY L 379 -0.18 37.02 109.02
C GLY L 379 -1.50 37.77 109.03
N LYS L 380 -2.38 37.52 108.05
CA LYS L 380 -3.68 38.19 108.03
C LYS L 380 -4.71 37.43 108.86
N TYR L 381 -4.97 36.17 108.51
CA TYR L 381 -5.96 35.35 109.20
C TYR L 381 -5.35 33.98 109.48
N GLU L 382 -5.11 33.68 110.75
CA GLU L 382 -4.52 32.42 111.18
C GLU L 382 -5.48 31.70 112.11
N GLN L 383 -5.78 30.45 111.79
CA GLN L 383 -6.64 29.60 112.60
C GLN L 383 -5.79 28.67 113.44
N THR L 384 -6.45 27.75 114.16
CA THR L 384 -5.73 26.84 115.04
C THR L 384 -5.04 25.71 114.29
N TYR L 385 -5.63 25.21 113.21
CA TYR L 385 -5.07 24.09 112.48
C TYR L 385 -3.95 24.48 111.52
N TYR L 386 -3.62 25.77 111.44
CA TYR L 386 -2.51 26.23 110.60
C TYR L 386 -1.18 25.88 111.27
N THR L 387 -0.90 24.59 111.29
CA THR L 387 0.33 24.08 111.87
C THR L 387 1.49 24.23 110.89
N LYS L 388 2.71 24.08 111.42
CA LYS L 388 3.90 24.16 110.56
C LYS L 388 3.88 23.07 109.50
N GLU L 389 3.49 21.85 109.88
CA GLU L 389 3.31 20.79 108.90
C GLU L 389 2.25 21.16 107.88
N PHE L 390 1.12 21.68 108.36
CA PHE L 390 0.04 22.09 107.45
C PHE L 390 0.49 23.26 106.56
N LEU L 391 1.19 24.23 107.13
CA LEU L 391 1.64 25.37 106.35
C LEU L 391 2.63 24.94 105.28
N ASN L 392 3.56 24.05 105.62
CA ASN L 392 4.47 23.52 104.61
C ASN L 392 3.74 22.70 103.57
N LYS L 393 2.65 22.03 103.96
CA LYS L 393 1.88 21.25 103.02
C LYS L 393 0.94 22.12 102.20
N HIS L 394 0.37 23.16 102.82
CA HIS L 394 -0.50 24.13 102.15
C HIS L 394 0.10 25.50 102.36
N PRO L 395 0.96 25.97 101.46
CA PRO L 395 1.68 27.24 101.71
C PRO L 395 0.79 28.46 101.54
N LEU L 396 0.91 29.39 102.48
CA LEU L 396 0.23 30.67 102.39
C LEU L 396 0.92 31.57 101.38
N LEU L 397 0.13 32.35 100.65
CA LEU L 397 0.67 33.18 99.58
C LEU L 397 1.17 34.51 100.12
N ASN L 398 1.77 35.30 99.21
CA ASN L 398 2.29 36.61 99.52
C ASN L 398 1.66 37.66 98.61
N TYR L 399 1.82 38.92 98.99
CA TYR L 399 1.26 40.01 98.22
C TYR L 399 1.94 40.14 96.87
N GLY L 400 1.13 40.34 95.83
CA GLY L 400 1.63 40.48 94.48
C GLY L 400 1.92 39.18 93.76
N ASP L 401 1.66 38.03 94.37
CA ASP L 401 1.94 36.75 93.74
C ASP L 401 0.96 36.48 92.61
N GLU L 402 1.45 35.83 91.56
CA GLU L 402 0.66 35.51 90.39
C GLU L 402 0.27 34.04 90.42
N ILE L 403 -1.04 33.78 90.48
CA ILE L 403 -1.57 32.43 90.59
C ILE L 403 -2.51 32.18 89.41
N GLN L 404 -2.65 30.91 89.03
CA GLN L 404 -3.48 30.51 87.90
C GLN L 404 -4.83 30.04 88.44
N VAL L 405 -5.91 30.66 87.96
CA VAL L 405 -7.25 30.41 88.46
C VAL L 405 -8.07 29.79 87.34
N ILE L 406 -8.73 28.67 87.63
CA ILE L 406 -9.57 27.96 86.67
C ILE L 406 -10.95 27.81 87.32
N THR L 407 -11.85 28.74 87.04
CA THR L 407 -13.20 28.67 87.56
C THR L 407 -14.14 27.85 86.69
N GLY L 408 -13.68 27.38 85.54
CA GLY L 408 -14.55 26.70 84.60
C GLY L 408 -15.36 27.61 83.72
N VAL L 409 -15.02 28.90 83.66
CA VAL L 409 -15.78 29.90 82.92
C VAL L 409 -14.87 30.52 81.87
N SER L 410 -15.43 30.76 80.69
CA SER L 410 -14.69 31.44 79.63
C SER L 410 -14.50 32.91 80.00
N GLY L 411 -13.24 33.31 80.20
CA GLY L 411 -12.91 34.66 80.59
C GLY L 411 -12.64 34.83 82.07
N ARG L 412 -13.21 33.98 82.91
CA ARG L 412 -12.95 34.00 84.35
C ARG L 412 -11.78 33.12 84.74
N ASP L 413 -11.10 32.50 83.77
CA ASP L 413 -9.93 31.68 84.01
C ASP L 413 -8.69 32.41 83.54
N GLY L 414 -7.62 32.34 84.33
CA GLY L 414 -6.37 32.97 83.96
C GLY L 414 -5.52 33.22 85.18
N VAL L 415 -4.44 33.97 84.96
CA VAL L 415 -3.53 34.33 86.04
C VAL L 415 -4.14 35.45 86.86
N TYR L 416 -4.18 35.27 88.18
CA TYR L 416 -4.74 36.24 89.10
C TYR L 416 -3.67 36.68 90.09
N LYS L 417 -3.55 37.99 90.29
CA LYS L 417 -2.57 38.54 91.22
C LYS L 417 -3.23 38.72 92.58
N VAL L 418 -2.51 38.29 93.63
CA VAL L 418 -3.03 38.36 95.00
C VAL L 418 -2.84 39.77 95.53
N ASN L 419 -3.85 40.61 95.38
CA ASN L 419 -3.80 41.98 95.88
C ASN L 419 -4.99 42.35 96.76
N ASP L 420 -6.17 41.82 96.46
CA ASP L 420 -7.38 42.16 97.21
C ASP L 420 -7.32 41.59 98.62
N VAL L 421 -7.93 42.31 99.56
CA VAL L 421 -7.97 41.94 100.97
C VAL L 421 -9.40 41.57 101.32
N GLY L 422 -9.60 40.33 101.75
CA GLY L 422 -10.93 39.86 102.11
C GLY L 422 -11.02 39.25 103.49
N PRO L 423 -12.03 39.66 104.27
CA PRO L 423 -12.25 39.12 105.61
C PRO L 423 -12.62 37.64 105.53
N ALA L 424 -12.14 36.86 106.50
CA ALA L 424 -12.41 35.42 106.57
C ALA L 424 -12.02 34.66 105.31
N ILE L 425 -10.89 35.04 104.72
CA ILE L 425 -10.39 34.38 103.51
C ILE L 425 -9.21 33.52 103.94
N THR L 426 -9.42 32.20 104.00
CA THR L 426 -8.48 31.27 104.62
C THR L 426 -8.43 29.99 103.80
N ILE L 427 -7.92 28.92 104.40
CA ILE L 427 -7.88 27.59 103.82
C ILE L 427 -8.56 26.63 104.78
N GLU L 428 -9.44 25.77 104.25
CA GLU L 428 -10.12 24.79 105.08
C GLU L 428 -9.15 23.72 105.57
N LYS L 429 -9.67 22.84 106.43
CA LYS L 429 -8.85 21.77 107.00
C LYS L 429 -8.46 20.75 105.93
N ASN L 430 -9.36 20.43 105.00
CA ASN L 430 -9.03 19.50 103.94
C ASN L 430 -8.02 20.08 102.96
N GLY L 431 -7.84 21.39 102.96
CA GLY L 431 -6.90 22.05 102.07
C GLY L 431 -7.52 22.86 100.95
N THR L 432 -8.84 23.01 100.93
CA THR L 432 -9.48 23.82 99.89
C THR L 432 -9.21 25.29 100.13
N TYR L 433 -8.81 26.00 99.08
CA TYR L 433 -8.43 27.40 99.18
C TYR L 433 -9.61 28.29 98.81
N HIS L 434 -9.91 29.27 99.66
CA HIS L 434 -10.94 30.26 99.36
C HIS L 434 -10.31 31.39 98.57
N ILE L 435 -10.69 31.51 97.30
CA ILE L 435 -10.16 32.53 96.41
C ILE L 435 -11.32 33.41 95.98
N ASP L 436 -11.24 34.70 96.30
CA ASP L 436 -12.32 35.64 96.01
C ASP L 436 -12.05 36.32 94.67
N ILE L 437 -12.97 36.15 93.74
CA ILE L 437 -12.84 36.73 92.40
C ILE L 437 -13.47 38.12 92.40
N LEU L 438 -12.73 39.10 91.93
CA LEU L 438 -13.23 40.47 91.86
C LEU L 438 -14.20 40.63 90.69
N PHE L 439 -15.26 41.39 90.91
CA PHE L 439 -16.24 41.68 89.89
C PHE L 439 -16.53 43.18 89.86
N GLY L 440 -16.96 43.66 88.69
CA GLY L 440 -17.16 45.08 88.48
C GLY L 440 -18.57 45.57 88.70
N ASN L 441 -19.52 44.67 88.96
CA ASN L 441 -20.90 45.06 89.16
C ASN L 441 -21.61 43.99 89.96
N VAL L 442 -22.80 44.34 90.44
CA VAL L 442 -23.59 43.43 91.27
C VAL L 442 -24.03 42.21 90.46
N GLU L 443 -24.49 42.44 89.23
CA GLU L 443 -25.12 41.37 88.46
C GLU L 443 -24.14 40.25 88.16
N GLU L 444 -22.91 40.59 87.76
CA GLU L 444 -21.92 39.55 87.46
C GLU L 444 -21.60 38.73 88.69
N ALA L 445 -21.43 39.38 89.84
CA ALA L 445 -21.16 38.66 91.08
C ALA L 445 -22.31 37.75 91.46
N SER L 446 -23.55 38.25 91.33
CA SER L 446 -24.71 37.44 91.66
C SER L 446 -24.82 36.23 90.74
N LYS L 447 -24.53 36.41 89.45
CA LYS L 447 -24.54 35.29 88.52
C LYS L 447 -23.46 34.27 88.87
N PHE L 448 -22.26 34.75 89.22
CA PHE L 448 -21.16 33.83 89.51
C PHE L 448 -21.44 33.03 90.79
N GLY L 449 -21.91 33.70 91.84
CA GLY L 449 -22.23 33.02 93.09
C GLY L 449 -21.01 32.36 93.70
N ARG L 450 -21.22 31.19 94.28
CA ARG L 450 -20.15 30.39 94.87
C ARG L 450 -19.99 29.11 94.07
N ARG L 451 -18.79 28.88 93.55
CA ARG L 451 -18.46 27.69 92.80
C ARG L 451 -17.17 27.08 93.32
N LYS L 452 -16.91 25.85 92.90
CA LYS L 452 -15.71 25.12 93.26
C LYS L 452 -14.82 24.94 92.03
N GLY L 453 -13.53 25.02 92.23
CA GLY L 453 -12.58 24.90 91.13
C GLY L 453 -11.20 24.50 91.59
N LYS L 454 -10.19 25.00 90.88
CA LYS L 454 -8.80 24.66 91.18
C LYS L 454 -7.92 25.87 90.85
N ILE L 455 -6.87 26.04 91.63
CA ILE L 455 -5.89 27.09 91.41
C ILE L 455 -4.49 26.50 91.46
N ILE L 456 -3.55 27.22 90.87
CA ILE L 456 -2.15 26.82 90.81
C ILE L 456 -1.30 27.97 91.32
N ILE L 457 -0.39 27.66 92.25
CA ILE L 457 0.48 28.67 92.85
C ILE L 457 1.92 28.18 92.83
N GLY L 458 2.84 29.13 92.89
CA GLY L 458 4.26 28.82 93.03
C GLY L 458 4.85 28.02 91.89
N GLY L 459 4.40 28.26 90.66
CA GLY L 459 4.99 27.60 89.51
C GLY L 459 5.65 28.56 88.55
N TYR L 460 6.97 28.55 88.48
CA TYR L 460 7.71 29.46 87.62
C TYR L 460 9.17 29.06 87.58
N SER L 461 9.75 29.10 86.37
CA SER L 461 11.19 28.97 86.20
C SER L 461 11.82 30.22 85.63
N GLY L 462 11.30 30.73 84.51
CA GLY L 462 11.79 31.96 83.93
C GLY L 462 13.23 31.91 83.46
N ASN L 463 13.64 30.80 82.85
CA ASN L 463 14.97 30.63 82.31
C ASN L 463 14.93 30.67 80.79
N VAL L 464 16.12 30.75 80.19
CA VAL L 464 16.26 30.77 78.74
C VAL L 464 16.93 29.48 78.24
N SER L 465 18.16 29.22 78.67
CA SER L 465 18.85 27.99 78.29
C SER L 465 19.94 27.70 79.31
N ASP L 466 20.32 26.43 79.40
CA ASP L 466 21.34 26.01 80.35
C ASP L 466 22.71 26.58 79.97
N LYS L 467 23.02 26.62 78.67
CA LYS L 467 24.31 27.13 78.22
C LYS L 467 24.49 28.61 78.53
N ALA L 468 23.39 29.36 78.67
CA ALA L 468 23.48 30.77 78.99
C ALA L 468 24.16 31.00 80.33
N LYS L 469 23.84 30.18 81.33
CA LYS L 469 24.48 30.29 82.63
C LYS L 469 25.99 30.07 82.52
N ILE L 470 26.40 29.04 81.77
CA ILE L 470 27.81 28.74 81.63
C ILE L 470 28.54 29.89 80.95
N VAL L 471 27.96 30.41 79.86
CA VAL L 471 28.59 31.50 79.13
C VAL L 471 28.71 32.73 80.01
N ILE L 472 27.64 33.07 80.74
CA ILE L 472 27.64 34.25 81.59
C ILE L 472 28.69 34.10 82.70
N SER L 473 28.77 32.91 83.31
CA SER L 473 29.76 32.70 84.35
C SER L 473 31.17 32.83 83.81
N GLU L 474 31.42 32.29 82.62
CA GLU L 474 32.75 32.40 82.02
C GLU L 474 33.11 33.86 81.73
N ALA L 475 32.14 34.61 81.19
CA ALA L 475 32.38 36.02 80.91
C ALA L 475 32.66 36.81 82.19
N LYS L 476 31.97 36.48 83.27
CA LYS L 476 32.32 37.07 84.56
C LYS L 476 33.70 36.62 85.03
N LYS L 477 34.09 35.38 84.68
CA LYS L 477 35.40 34.89 85.05
C LYS L 477 36.51 35.71 84.41
N HIS L 478 36.26 36.25 83.22
CA HIS L 478 37.25 37.07 82.54
C HIS L 478 37.14 38.57 82.83
N LEU L 479 36.48 38.95 83.92
CA LEU L 479 36.38 40.36 84.26
C LEU L 479 37.73 40.95 84.68
N GLY L 480 38.03 42.15 84.19
CA GLY L 480 39.24 42.84 84.55
C GLY L 480 40.51 42.40 83.84
N LYS L 481 40.39 41.48 82.90
CA LYS L 481 41.57 41.00 82.16
C LYS L 481 42.15 42.13 81.33
N PRO L 482 43.49 42.21 81.24
CA PRO L 482 44.09 43.27 80.44
C PRO L 482 43.72 43.10 78.97
N TYR L 483 43.37 44.21 78.32
CA TYR L 483 42.98 44.19 76.91
C TYR L 483 44.15 44.01 75.96
N LYS L 484 43.88 43.41 74.81
CA LYS L 484 44.89 43.21 73.78
C LYS L 484 44.16 42.94 72.46
N TRP L 485 44.54 43.68 71.42
CA TRP L 485 43.90 43.52 70.13
C TRP L 485 44.40 42.25 69.45
N GLY L 486 43.45 41.40 69.03
CA GLY L 486 43.82 40.15 68.40
C GLY L 486 44.29 39.06 69.33
N GLY L 487 43.91 39.14 70.60
CA GLY L 487 44.31 38.13 71.55
C GLY L 487 43.10 37.34 72.02
N ASN L 488 43.19 36.02 71.90
CA ASN L 488 42.08 35.16 72.32
C ASN L 488 42.62 34.05 73.21
N GLY L 489 43.07 34.43 74.40
CA GLY L 489 43.58 33.49 75.38
C GLY L 489 43.16 33.94 76.76
N PRO L 490 42.98 32.99 77.68
CA PRO L 490 42.58 33.39 79.03
C PRO L 490 43.37 34.56 79.59
N SER L 491 44.61 34.77 79.12
CA SER L 491 45.41 35.88 79.64
C SER L 491 44.82 37.23 79.27
N SER L 492 44.52 37.44 77.98
CA SER L 492 43.98 38.69 77.50
C SER L 492 42.95 38.43 76.41
N PHE L 493 41.95 39.30 76.33
CA PHE L 493 40.90 39.18 75.34
C PHE L 493 40.71 40.49 74.62
N ASP L 494 40.38 40.40 73.34
CA ASP L 494 39.89 41.55 72.60
C ASP L 494 38.37 41.58 72.69
N CYS L 495 37.75 42.46 71.90
CA CYS L 495 36.31 42.67 72.02
C CYS L 495 35.52 41.43 71.64
N SER L 496 35.93 40.73 70.57
CA SER L 496 35.20 39.57 70.10
C SER L 496 35.74 38.25 70.64
N GLY L 497 37.02 38.20 71.02
CA GLY L 497 37.58 36.96 71.54
C GLY L 497 36.90 36.49 72.81
N LEU L 498 36.33 37.41 73.58
CA LEU L 498 35.64 37.05 74.81
C LEU L 498 34.48 36.09 74.52
N MET L 499 33.58 36.50 73.63
CA MET L 499 32.44 35.64 73.31
C MET L 499 32.85 34.45 72.45
N VAL L 500 33.92 34.59 71.68
CA VAL L 500 34.45 33.41 70.98
C VAL L 500 34.79 32.33 71.99
N TYR L 501 35.55 32.69 73.03
CA TYR L 501 35.92 31.73 74.06
C TYR L 501 34.68 31.24 74.80
N CYS L 502 33.79 32.16 75.17
CA CYS L 502 32.64 31.79 75.99
C CYS L 502 31.71 30.82 75.27
N PHE L 503 31.40 31.10 74.01
CA PHE L 503 30.51 30.22 73.26
C PHE L 503 31.23 28.97 72.75
N LYS L 504 32.55 29.01 72.58
CA LYS L 504 33.29 27.77 72.34
C LYS L 504 33.21 26.85 73.55
N LYS L 505 33.14 27.43 74.76
CA LYS L 505 32.96 26.62 75.95
C LYS L 505 31.60 25.95 76.02
N VAL L 506 30.64 26.35 75.17
CA VAL L 506 29.36 25.68 75.09
C VAL L 506 29.14 25.18 73.67
N ASN L 507 30.25 24.87 72.98
CA ASN L 507 30.22 24.23 71.67
C ASN L 507 29.50 25.08 70.62
N VAL L 508 29.57 26.40 70.76
CA VAL L 508 28.96 27.33 69.82
C VAL L 508 30.09 28.05 69.09
N SER L 509 30.23 27.75 67.80
CA SER L 509 31.29 28.36 66.99
C SER L 509 30.76 29.60 66.29
N LEU L 510 31.50 30.71 66.43
CA LEU L 510 31.12 31.98 65.84
C LEU L 510 32.30 32.59 65.10
N PRO L 511 32.01 33.53 64.17
CA PRO L 511 33.08 34.18 63.40
C PRO L 511 34.03 34.91 64.33
N ARG L 512 35.32 34.87 64.00
CA ARG L 512 36.32 35.51 64.84
C ARG L 512 36.11 37.00 64.95
N THR L 513 35.74 37.64 63.84
CA THR L 513 35.51 39.07 63.87
C THR L 513 34.04 39.37 64.15
N SER L 514 33.80 40.38 64.97
CA SER L 514 32.45 40.68 65.43
C SER L 514 31.55 41.15 64.30
N ASN L 515 32.12 41.75 63.25
CA ASN L 515 31.30 42.15 62.12
C ASN L 515 30.61 40.95 61.48
N GLN L 516 31.36 39.88 61.23
CA GLN L 516 30.75 38.65 60.77
C GLN L 516 29.86 38.03 61.83
N GLN L 517 30.19 38.23 63.10
CA GLN L 517 29.36 37.72 64.19
C GLN L 517 27.97 38.33 64.15
N SER L 518 27.86 39.57 63.65
CA SER L 518 26.55 40.18 63.48
C SER L 518 25.70 39.44 62.46
N LYS L 519 26.34 38.74 61.53
CA LYS L 519 25.64 38.03 60.46
C LYS L 519 25.37 36.56 60.78
N LYS L 520 25.25 36.22 62.07
CA LYS L 520 24.96 34.85 62.48
C LYS L 520 23.77 34.84 63.42
N GLY L 521 22.92 33.84 63.26
CA GLY L 521 21.82 33.61 64.16
C GLY L 521 20.61 34.48 63.86
N LYS L 522 19.53 34.20 64.58
CA LYS L 522 18.28 34.94 64.42
C LYS L 522 18.45 36.36 64.92
N LYS L 523 17.77 37.29 64.25
CA LYS L 523 17.78 38.68 64.70
C LYS L 523 17.04 38.82 66.03
N VAL L 524 17.54 39.71 66.88
CA VAL L 524 16.97 39.98 68.19
C VAL L 524 16.73 41.48 68.31
N GLU L 525 15.56 41.85 68.83
CA GLU L 525 15.21 43.24 69.03
C GLU L 525 15.69 43.72 70.40
N GLN L 526 15.65 45.04 70.59
CA GLN L 526 16.08 45.62 71.87
C GLN L 526 15.09 45.28 72.99
N LYS L 527 13.80 45.24 72.66
CA LYS L 527 12.80 44.86 73.66
C LYS L 527 12.75 43.35 73.89
N ASN L 528 13.24 42.56 72.95
CA ASN L 528 13.31 41.11 73.10
C ASN L 528 14.69 40.64 73.52
N LEU L 529 15.45 41.49 74.20
CA LEU L 529 16.79 41.12 74.66
C LEU L 529 16.68 40.29 75.93
N GLN L 530 17.40 39.18 75.97
CA GLN L 530 17.43 38.29 77.11
C GLN L 530 18.87 38.00 77.50
N ALA L 531 19.05 37.29 78.61
CA ALA L 531 20.39 36.94 79.06
C ALA L 531 21.06 36.03 78.05
N GLY L 532 22.30 36.38 77.68
CA GLY L 532 23.06 35.62 76.71
C GLY L 532 23.06 36.20 75.31
N ASP L 533 22.27 37.24 75.05
CA ASP L 533 22.23 37.85 73.74
C ASP L 533 23.51 38.62 73.44
N LEU L 534 23.74 38.88 72.16
CA LEU L 534 24.88 39.66 71.70
C LEU L 534 24.39 40.98 71.15
N VAL L 535 25.05 42.07 71.55
CA VAL L 535 24.63 43.42 71.19
C VAL L 535 25.73 44.08 70.36
N PHE L 536 25.33 44.70 69.26
CA PHE L 536 26.23 45.44 68.37
C PHE L 536 25.70 46.84 68.21
N PHE L 537 26.59 47.83 68.33
CA PHE L 537 26.17 49.22 68.33
C PHE L 537 26.66 50.02 67.13
N HIS L 538 27.96 50.32 67.03
CA HIS L 538 28.38 51.15 65.90
C HIS L 538 28.23 50.39 64.58
N ASN L 539 28.14 51.16 63.50
CA ASN L 539 28.19 50.55 62.17
C ASN L 539 29.44 49.71 61.95
N PRO L 540 30.65 50.10 62.41
CA PRO L 540 31.71 49.10 62.55
C PRO L 540 31.62 48.48 63.94
N VAL L 541 31.62 47.16 64.05
CA VAL L 541 31.47 46.58 65.37
C VAL L 541 32.88 46.47 65.95
N SER L 542 33.37 47.58 66.51
CA SER L 542 34.68 47.56 67.15
C SER L 542 34.65 46.76 68.43
N HIS L 543 33.57 46.89 69.20
CA HIS L 543 33.36 46.06 70.37
C HIS L 543 31.92 45.60 70.43
N VAL L 544 31.75 44.30 70.62
CA VAL L 544 30.44 43.65 70.77
C VAL L 544 30.29 43.32 72.24
N GLY L 545 29.07 43.43 72.76
CA GLY L 545 28.81 43.06 74.13
C GLY L 545 28.02 41.78 74.26
N LEU L 546 28.11 41.14 75.42
CA LEU L 546 27.29 39.98 75.74
C LEU L 546 26.22 40.41 76.72
N TYR L 547 24.96 40.42 76.28
CA TYR L 547 23.87 40.94 77.09
C TYR L 547 23.47 39.92 78.16
N ILE L 548 23.48 40.36 79.42
CA ILE L 548 23.15 39.51 80.55
C ILE L 548 21.82 39.88 81.17
N GLY L 549 21.06 40.78 80.54
CA GLY L 549 19.81 41.24 81.10
C GLY L 549 19.99 42.41 82.04
N ASN L 550 18.86 42.88 82.55
CA ASN L 550 18.80 43.97 83.53
C ASN L 550 19.42 45.26 83.01
N GLY L 551 19.50 45.41 81.68
CA GLY L 551 20.15 46.57 81.12
C GLY L 551 21.65 46.61 81.27
N GLU L 552 22.27 45.45 81.51
CA GLU L 552 23.71 45.35 81.64
C GLU L 552 24.24 44.29 80.69
N PHE L 553 25.53 44.42 80.35
CA PHE L 553 26.16 43.49 79.42
C PHE L 553 27.67 43.54 79.63
N LEU L 554 28.33 42.43 79.30
CA LEU L 554 29.76 42.27 79.51
C LEU L 554 30.48 42.34 78.17
N HIS L 555 31.68 42.93 78.19
CA HIS L 555 32.42 43.19 76.97
C HIS L 555 33.85 43.59 77.34
N ALA L 556 34.70 43.66 76.32
CA ALA L 556 36.01 44.27 76.45
C ALA L 556 35.97 45.62 75.73
N PRO L 557 36.05 46.74 76.45
CA PRO L 557 35.77 48.04 75.82
C PRO L 557 36.74 48.40 74.71
N GLN L 558 38.04 48.51 75.04
CA GLN L 558 39.06 48.87 74.07
C GLN L 558 40.45 48.77 74.69
N LYS L 559 41.48 49.09 73.91
CA LYS L 559 42.83 49.10 74.44
C LYS L 559 42.96 50.15 75.53
N GLY L 560 43.59 49.76 76.64
CA GLY L 560 43.70 50.60 77.81
C GLY L 560 42.61 50.37 78.85
N ASP L 561 41.49 49.78 78.47
CA ASP L 561 40.43 49.41 79.38
C ASP L 561 40.46 47.91 79.63
N VAL L 562 39.71 47.48 80.65
CA VAL L 562 39.68 46.09 81.07
C VAL L 562 38.24 45.61 81.07
N VAL L 563 38.08 44.29 81.09
CA VAL L 563 36.76 43.69 80.99
C VAL L 563 35.93 44.07 82.22
N LYS L 564 34.72 44.57 81.98
CA LYS L 564 33.86 45.08 83.03
C LYS L 564 32.41 44.91 82.57
N ILE L 565 31.49 45.55 83.29
CA ILE L 565 30.06 45.48 83.01
C ILE L 565 29.57 46.88 82.68
N SER L 566 28.85 47.01 81.56
CA SER L 566 28.36 48.30 81.09
C SER L 566 26.84 48.31 81.08
N LYS L 567 26.27 49.49 81.26
CA LYS L 567 24.83 49.67 81.19
C LYS L 567 24.43 49.92 79.74
N LEU L 568 23.40 49.20 79.29
CA LEU L 568 23.03 49.21 77.87
C LEU L 568 22.56 50.59 77.42
N SER L 569 21.83 51.29 78.28
CA SER L 569 21.30 52.60 77.90
C SER L 569 22.41 53.61 77.62
N SER L 570 23.57 53.46 78.28
CA SER L 570 24.68 54.36 78.05
C SER L 570 25.25 54.23 76.64
N ARG L 571 24.88 53.18 75.91
CA ARG L 571 25.31 52.97 74.53
C ARG L 571 24.14 53.35 73.64
N ARG L 572 24.05 54.65 73.31
CA ARG L 572 22.96 55.16 72.49
C ARG L 572 23.00 54.64 71.06
N ASP L 573 24.11 54.01 70.67
CA ASP L 573 24.43 53.69 69.29
C ASP L 573 23.92 52.32 68.84
N PHE L 574 22.93 51.76 69.53
CA PHE L 574 22.49 50.39 69.28
C PHE L 574 22.06 50.19 67.83
N ASN L 575 22.52 49.09 67.23
CA ASN L 575 22.25 48.82 65.82
C ASN L 575 21.39 47.58 65.63
N THR L 576 21.82 46.41 66.14
CA THR L 576 21.02 45.19 66.04
C THR L 576 21.53 44.21 67.08
N ALA L 577 20.86 43.06 67.16
CA ALA L 577 21.20 42.04 68.15
C ALA L 577 20.92 40.67 67.57
N ARG L 578 21.68 39.67 68.03
CA ARG L 578 21.55 38.31 67.54
C ARG L 578 21.57 37.33 68.71
N ARG L 579 20.97 36.15 68.46
CA ARG L 579 20.96 35.05 69.42
C ARG L 579 21.47 33.80 68.71
N VAL L 580 22.42 33.11 69.33
CA VAL L 580 22.95 31.87 68.78
C VAL L 580 22.81 30.69 69.73
N LEU L 581 22.36 30.90 70.96
CA LEU L 581 22.09 29.79 71.87
C LEU L 581 20.72 29.20 71.60
N ALA M 2 -44.22 -5.52 60.87
CA ALA M 2 -44.83 -4.42 60.15
C ALA M 2 -44.00 -4.03 58.93
N ILE M 3 -44.30 -2.87 58.37
CA ILE M 3 -43.58 -2.33 57.22
C ILE M 3 -42.93 -1.02 57.66
N GLY M 4 -41.62 -0.92 57.45
CA GLY M 4 -40.89 0.25 57.88
C GLY M 4 -40.23 1.01 56.75
N LEU M 5 -39.29 1.88 57.07
CA LEU M 5 -38.61 2.67 56.05
C LEU M 5 -37.70 1.77 55.21
N PRO M 6 -37.48 2.13 53.95
CA PRO M 6 -36.51 1.39 53.13
C PRO M 6 -35.11 1.48 53.74
N SER M 7 -34.36 0.39 53.65
CA SER M 7 -33.06 0.32 54.30
C SER M 7 -32.15 -0.65 53.57
N ILE M 8 -30.85 -0.51 53.84
CA ILE M 8 -29.82 -1.41 53.34
C ILE M 8 -29.36 -2.29 54.50
N ASN M 9 -29.30 -3.60 54.26
CA ASN M 9 -28.82 -4.55 55.26
C ASN M 9 -27.55 -5.21 54.77
N ILE M 10 -26.54 -5.26 55.63
CA ILE M 10 -25.24 -5.83 55.31
C ILE M 10 -24.95 -6.96 56.29
N SER M 11 -24.56 -8.11 55.77
CA SER M 11 -24.11 -9.23 56.58
C SER M 11 -22.77 -9.70 56.05
N PHE M 12 -21.86 -10.06 56.96
CA PHE M 12 -20.51 -10.45 56.60
C PHE M 12 -20.35 -11.96 56.71
N LYS M 13 -19.48 -12.50 55.86
CA LYS M 13 -19.24 -13.94 55.80
C LYS M 13 -17.78 -14.18 55.46
N GLU M 14 -17.32 -15.39 55.77
CA GLU M 14 -15.97 -15.79 55.41
C GLU M 14 -15.90 -16.11 53.92
N LEU M 15 -14.70 -16.00 53.36
CA LEU M 15 -14.47 -16.30 51.95
C LEU M 15 -13.83 -17.69 51.87
N ALA M 16 -14.61 -18.66 51.40
CA ALA M 16 -14.16 -20.04 51.29
C ALA M 16 -14.04 -20.41 49.81
N THR M 17 -12.83 -20.70 49.36
CA THR M 17 -12.62 -21.11 47.98
C THR M 17 -13.24 -22.48 47.71
N THR M 18 -13.17 -23.37 48.70
CA THR M 18 -13.73 -24.70 48.55
C THR M 18 -15.26 -24.65 48.46
N VAL M 19 -15.82 -25.60 47.72
CA VAL M 19 -17.26 -25.71 47.55
C VAL M 19 -17.72 -27.02 48.17
N LYS M 20 -18.84 -26.96 48.88
CA LYS M 20 -19.39 -28.15 49.50
C LYS M 20 -19.75 -29.19 48.45
N GLU M 21 -19.55 -30.46 48.77
CA GLU M 21 -19.82 -31.53 47.82
C GLU M 21 -21.24 -32.03 47.95
N ARG M 22 -21.83 -32.41 46.82
CA ARG M 22 -23.26 -32.71 46.75
C ARG M 22 -23.58 -34.17 46.99
N SER M 23 -22.62 -35.08 46.80
CA SER M 23 -22.91 -36.50 46.87
C SER M 23 -23.30 -36.91 48.29
N ALA M 24 -23.81 -38.13 48.41
CA ALA M 24 -24.12 -38.70 49.72
C ALA M 24 -22.87 -38.91 50.56
N ARG M 25 -21.70 -38.94 49.92
CA ARG M 25 -20.46 -38.87 50.67
C ARG M 25 -20.30 -37.48 51.28
N GLY M 26 -19.36 -37.37 52.20
CA GLY M 26 -19.21 -36.15 52.94
C GLY M 26 -20.03 -36.06 54.21
N ILE M 27 -20.82 -37.08 54.51
CA ILE M 27 -21.56 -37.14 55.77
C ILE M 27 -20.70 -37.88 56.78
N ILE M 28 -20.35 -37.20 57.86
CA ILE M 28 -19.50 -37.75 58.91
C ILE M 28 -20.31 -37.80 60.20
N ALA M 29 -20.35 -38.97 60.82
CA ALA M 29 -21.00 -39.14 62.11
C ALA M 29 -19.94 -39.11 63.20
N MET M 30 -20.05 -38.15 64.11
CA MET M 30 -19.09 -38.00 65.20
C MET M 30 -19.80 -38.13 66.53
N VAL M 31 -19.29 -39.02 67.36
CA VAL M 31 -19.85 -39.30 68.69
C VAL M 31 -18.90 -38.71 69.73
N LEU M 32 -19.44 -37.91 70.64
CA LEU M 32 -18.64 -37.29 71.68
C LEU M 32 -19.45 -37.20 72.95
N LYS M 33 -18.78 -37.25 74.10
CA LYS M 33 -19.45 -37.33 75.39
C LYS M 33 -19.47 -35.96 76.06
N ASP M 34 -20.65 -35.35 76.11
CA ASP M 34 -20.88 -34.09 76.81
C ASP M 34 -22.18 -34.20 77.59
N ALA M 35 -22.19 -33.63 78.80
CA ALA M 35 -23.37 -33.69 79.65
C ALA M 35 -24.41 -32.64 79.26
N LYS M 36 -23.99 -31.56 78.61
CA LYS M 36 -24.86 -30.39 78.49
C LYS M 36 -25.87 -30.52 77.34
N ALA M 37 -25.44 -30.95 76.16
CA ALA M 37 -26.29 -30.84 74.98
C ALA M 37 -27.43 -31.86 75.02
N LEU M 38 -27.10 -33.15 75.05
CA LEU M 38 -28.08 -34.23 75.05
C LEU M 38 -29.05 -34.12 73.88
N GLY M 39 -28.50 -34.03 72.67
CA GLY M 39 -29.33 -33.99 71.48
C GLY M 39 -28.50 -34.17 70.23
N LEU M 40 -29.18 -34.59 69.17
CA LEU M 40 -28.56 -34.71 67.85
C LEU M 40 -28.55 -33.36 67.16
N ASN M 41 -27.43 -33.04 66.53
CA ASN M 41 -27.27 -31.77 65.82
C ASN M 41 -26.72 -32.02 64.44
N GLU M 42 -27.37 -31.46 63.43
CA GLU M 42 -26.88 -31.50 62.06
C GLU M 42 -26.23 -30.15 61.73
N ILE M 43 -24.93 -30.17 61.46
CA ILE M 43 -24.14 -28.97 61.26
C ILE M 43 -23.79 -28.87 59.79
N HIS M 44 -24.18 -27.76 59.17
CA HIS M 44 -23.81 -27.49 57.78
C HIS M 44 -22.73 -26.44 57.65
N GLU M 45 -22.52 -25.61 58.67
CA GLU M 45 -21.53 -24.55 58.66
C GLU M 45 -21.14 -24.24 60.11
N LYS M 46 -20.09 -23.43 60.26
CA LYS M 46 -19.60 -23.11 61.59
C LYS M 46 -20.60 -22.27 62.39
N GLU M 47 -21.41 -21.46 61.70
CA GLU M 47 -22.28 -20.52 62.40
C GLU M 47 -23.32 -21.23 63.27
N ASP M 48 -23.67 -22.46 62.94
CA ASP M 48 -24.76 -23.16 63.62
C ASP M 48 -24.26 -24.16 64.66
N ILE M 49 -22.98 -24.11 65.03
CA ILE M 49 -22.53 -24.96 66.14
C ILE M 49 -23.25 -24.54 67.41
N PRO M 50 -23.85 -25.47 68.15
CA PRO M 50 -24.63 -25.07 69.33
C PRO M 50 -23.76 -24.40 70.39
N VAL M 51 -24.36 -23.43 71.08
CA VAL M 51 -23.70 -22.66 72.13
C VAL M 51 -23.65 -23.48 73.41
N ASP M 52 -22.93 -22.97 74.41
CA ASP M 52 -22.75 -23.61 75.72
C ASP M 52 -22.29 -25.06 75.60
N LEU M 53 -21.52 -25.34 74.57
CA LEU M 53 -20.85 -26.62 74.40
C LEU M 53 -19.36 -26.41 74.67
N SER M 54 -18.74 -27.34 75.40
CA SER M 54 -17.36 -27.16 75.84
C SER M 54 -16.43 -26.93 74.67
N ALA M 55 -15.55 -25.93 74.80
CA ALA M 55 -14.72 -25.50 73.67
C ALA M 55 -13.82 -26.62 73.16
N GLU M 56 -13.46 -27.55 74.05
CA GLU M 56 -12.67 -28.71 73.62
C GLU M 56 -13.39 -29.52 72.56
N ASN M 57 -14.72 -29.62 72.67
CA ASN M 57 -15.51 -30.27 71.63
C ASN M 57 -15.72 -29.38 70.41
N LYS M 58 -15.84 -28.07 70.63
CA LYS M 58 -16.01 -27.16 69.49
C LYS M 58 -14.79 -27.20 68.58
N GLU M 59 -13.59 -27.36 69.15
CA GLU M 59 -12.40 -27.45 68.32
C GLU M 59 -12.40 -28.73 67.50
N TYR M 60 -12.92 -29.83 68.03
CA TYR M 60 -13.08 -31.04 67.23
C TYR M 60 -14.07 -30.82 66.09
N ILE M 61 -15.18 -30.14 66.38
CA ILE M 61 -16.13 -29.84 65.32
C ILE M 61 -15.46 -29.04 64.21
N ASN M 62 -14.70 -28.01 64.59
CA ASN M 62 -14.06 -27.17 63.60
C ASN M 62 -12.99 -27.92 62.82
N LEU M 63 -12.29 -28.86 63.47
CA LEU M 63 -11.37 -29.72 62.73
C LEU M 63 -12.10 -30.53 61.68
N ALA M 64 -13.25 -31.12 62.06
CA ALA M 64 -13.99 -31.94 61.12
C ALA M 64 -14.56 -31.12 59.96
N LEU M 65 -14.91 -29.85 60.21
CA LEU M 65 -15.47 -29.03 59.14
C LEU M 65 -14.51 -28.76 57.99
N MET M 66 -13.21 -28.86 58.22
CA MET M 66 -12.24 -28.61 57.15
C MET M 66 -12.11 -29.84 56.26
N GLY M 67 -12.06 -29.61 54.95
CA GLY M 67 -11.89 -30.68 53.99
C GLY M 67 -10.69 -30.41 53.10
N ASN M 68 -10.34 -31.42 52.31
CA ASN M 68 -9.15 -31.32 51.48
C ASN M 68 -9.39 -30.43 50.26
N VAL M 69 -10.27 -30.87 49.36
CA VAL M 69 -10.61 -30.10 48.18
C VAL M 69 -12.04 -29.57 48.23
N ASN M 70 -12.94 -30.28 48.90
CA ASN M 70 -14.30 -29.83 49.13
C ASN M 70 -14.59 -29.92 50.62
N THR M 71 -15.49 -29.08 51.10
CA THR M 71 -15.93 -29.20 52.48
C THR M 71 -16.93 -30.35 52.61
N PRO M 72 -16.96 -30.99 53.77
CA PRO M 72 -17.90 -32.11 53.96
C PRO M 72 -19.34 -31.67 53.77
N ASN M 73 -20.15 -32.58 53.21
CA ASN M 73 -21.54 -32.26 52.90
C ASN M 73 -22.32 -31.93 54.17
N LYS M 74 -22.15 -32.73 55.21
CA LYS M 74 -22.94 -32.58 56.42
C LYS M 74 -22.23 -33.30 57.54
N LEU M 75 -22.59 -32.95 58.78
CA LEU M 75 -22.00 -33.57 59.96
C LEU M 75 -23.10 -33.89 60.95
N LEU M 76 -23.06 -35.11 61.50
CA LEU M 76 -24.02 -35.57 62.52
C LEU M 76 -23.25 -35.79 63.82
N VAL M 77 -23.49 -34.93 64.80
CA VAL M 77 -22.89 -35.09 66.12
C VAL M 77 -23.95 -35.65 67.06
N TYR M 78 -23.63 -36.76 67.71
CA TYR M 78 -24.51 -37.41 68.66
C TYR M 78 -23.81 -37.42 70.02
N VAL M 79 -24.33 -36.63 70.95
CA VAL M 79 -23.73 -36.48 72.27
C VAL M 79 -24.26 -37.55 73.21
N ILE M 80 -23.40 -38.02 74.10
CA ILE M 80 -23.71 -39.12 75.01
C ILE M 80 -23.25 -38.73 76.40
N GLU M 81 -24.03 -39.15 77.41
CA GLU M 81 -23.61 -38.95 78.79
C GLU M 81 -22.42 -39.82 79.13
N GLY M 82 -21.56 -39.31 80.01
CA GLY M 82 -20.35 -40.03 80.36
C GLY M 82 -20.64 -41.39 80.98
N GLU M 83 -21.70 -41.48 81.78
CA GLU M 83 -22.06 -42.75 82.39
C GLU M 83 -22.74 -43.69 81.41
N ALA M 84 -23.47 -43.15 80.43
CA ALA M 84 -24.23 -43.98 79.51
C ALA M 84 -23.31 -44.79 78.61
N ASP M 85 -23.78 -45.96 78.21
CA ASP M 85 -23.05 -46.84 77.32
C ASP M 85 -23.12 -46.34 75.88
N ILE M 86 -22.08 -46.68 75.11
CA ILE M 86 -22.05 -46.30 73.70
C ILE M 86 -22.98 -47.17 72.86
N GLN M 87 -23.42 -48.33 73.39
CA GLN M 87 -24.29 -49.20 72.62
C GLN M 87 -25.58 -48.50 72.23
N THR M 88 -26.11 -47.63 73.10
CA THR M 88 -27.30 -46.88 72.75
C THR M 88 -27.04 -45.95 71.57
N ALA M 89 -25.88 -45.30 71.57
CA ALA M 89 -25.52 -44.42 70.45
C ALA M 89 -25.40 -45.22 69.15
N LEU M 90 -24.77 -46.39 69.21
CA LEU M 90 -24.63 -47.22 68.01
C LEU M 90 -25.99 -47.72 67.52
N ASP M 91 -26.86 -48.14 68.44
CA ASP M 91 -28.20 -48.58 68.07
C ASP M 91 -28.98 -47.45 67.41
N PHE M 92 -28.84 -46.23 67.93
CA PHE M 92 -29.49 -45.10 67.29
C PHE M 92 -28.91 -44.85 65.90
N LEU M 93 -27.59 -44.92 65.76
CA LEU M 93 -26.96 -44.56 64.50
C LEU M 93 -27.16 -45.61 63.42
N GLU M 94 -27.54 -46.84 63.79
CA GLU M 94 -27.79 -47.87 62.79
C GLU M 94 -28.80 -47.40 61.74
N THR M 95 -29.85 -46.72 62.15
CA THR M 95 -30.90 -46.33 61.21
C THR M 95 -30.45 -45.18 60.31
N LYS M 96 -29.71 -44.22 60.85
CA LYS M 96 -29.24 -43.10 60.05
C LYS M 96 -28.20 -43.56 59.03
N GLU M 97 -27.97 -42.71 58.03
CA GLU M 97 -27.03 -43.00 56.96
C GLU M 97 -25.82 -42.08 57.05
N PHE M 98 -24.64 -42.63 56.78
CA PHE M 98 -23.38 -41.90 56.86
C PHE M 98 -22.32 -42.72 56.15
N ASN M 99 -21.11 -42.18 56.09
CA ASN M 99 -19.96 -42.87 55.51
C ASN M 99 -18.90 -43.21 56.54
N TYR M 100 -18.42 -42.23 57.29
CA TYR M 100 -17.33 -42.41 58.23
C TYR M 100 -17.79 -42.03 59.63
N LEU M 101 -17.33 -42.79 60.62
CA LEU M 101 -17.67 -42.56 62.01
C LEU M 101 -16.39 -42.40 62.81
N CYS M 102 -16.30 -41.32 63.59
CA CYS M 102 -15.14 -41.03 64.41
C CYS M 102 -15.56 -40.66 65.81
N MET M 103 -14.73 -41.03 66.79
CA MET M 103 -14.97 -40.74 68.20
C MET M 103 -13.68 -40.22 68.82
N PRO M 104 -13.57 -38.90 69.02
CA PRO M 104 -12.30 -38.34 69.51
C PRO M 104 -11.85 -38.88 70.85
N LYS M 105 -12.78 -39.24 71.74
CA LYS M 105 -12.44 -39.84 73.02
C LYS M 105 -12.96 -41.27 73.04
N ALA M 106 -12.08 -42.22 73.34
CA ALA M 106 -12.45 -43.63 73.29
C ALA M 106 -11.48 -44.46 74.11
N VAL M 107 -12.01 -45.26 75.02
CA VAL M 107 -11.22 -46.25 75.74
C VAL M 107 -11.06 -47.48 74.86
N GLU M 108 -10.22 -48.42 75.29
CA GLU M 108 -10.00 -49.64 74.52
C GLU M 108 -11.29 -50.41 74.31
N ALA M 109 -12.11 -50.54 75.35
CA ALA M 109 -13.37 -51.26 75.23
C ALA M 109 -14.31 -50.56 74.26
N ASP M 110 -14.33 -49.22 74.28
CA ASP M 110 -15.16 -48.48 73.34
C ASP M 110 -14.73 -48.75 71.90
N LYS M 111 -13.43 -48.73 71.65
CA LYS M 111 -12.93 -49.02 70.29
C LYS M 111 -13.27 -50.46 69.89
N THR M 112 -13.17 -51.41 70.83
CA THR M 112 -13.53 -52.78 70.51
C THR M 112 -15.00 -52.90 70.14
N ALA M 113 -15.88 -52.21 70.88
CA ALA M 113 -17.29 -52.23 70.57
C ALA M 113 -17.56 -51.63 69.20
N ILE M 114 -16.91 -50.51 68.88
CA ILE M 114 -17.11 -49.89 67.57
C ILE M 114 -16.64 -50.82 66.46
N LYS M 115 -15.49 -51.46 66.65
CA LYS M 115 -14.98 -52.38 65.64
C LYS M 115 -15.95 -53.54 65.41
N ASN M 116 -16.42 -54.16 66.49
CA ASN M 116 -17.34 -55.29 66.35
C ASN M 116 -18.63 -54.85 65.66
N TRP M 117 -19.15 -53.68 66.03
CA TRP M 117 -20.37 -53.17 65.42
C TRP M 117 -20.17 -52.94 63.93
N ILE M 118 -19.05 -52.35 63.53
CA ILE M 118 -18.79 -52.09 62.12
C ILE M 118 -18.70 -53.41 61.35
N ILE M 119 -17.97 -54.38 61.90
CA ILE M 119 -17.82 -55.67 61.23
C ILE M 119 -19.19 -56.31 61.01
N LYS M 120 -19.99 -56.39 62.07
CA LYS M 120 -21.30 -57.02 61.95
C LYS M 120 -22.18 -56.30 60.95
N LEU M 121 -22.31 -54.97 61.11
CA LEU M 121 -23.19 -54.20 60.23
C LEU M 121 -22.74 -54.28 58.77
N ARG M 122 -21.44 -54.48 58.53
CA ARG M 122 -20.97 -54.51 57.16
C ARG M 122 -21.19 -55.87 56.52
N ASP M 123 -20.69 -56.95 57.14
CA ASP M 123 -20.69 -58.22 56.41
C ASP M 123 -21.97 -59.03 56.56
N ILE M 124 -22.74 -58.84 57.61
CA ILE M 124 -23.98 -59.59 57.82
C ILE M 124 -25.20 -58.82 57.38
N ASP M 125 -25.36 -57.58 57.84
CA ASP M 125 -26.51 -56.78 57.48
C ASP M 125 -26.35 -56.07 56.14
N LYS M 126 -25.19 -56.21 55.50
CA LYS M 126 -24.94 -55.63 54.18
C LYS M 126 -25.20 -54.12 54.17
N VAL M 127 -24.69 -53.44 55.18
CA VAL M 127 -24.75 -51.99 55.28
C VAL M 127 -23.32 -51.46 55.20
N LYS M 128 -23.06 -50.59 54.24
CA LYS M 128 -21.71 -50.14 53.94
C LYS M 128 -21.37 -48.93 54.81
N VAL M 129 -20.58 -49.17 55.86
CA VAL M 129 -20.14 -48.12 56.78
C VAL M 129 -18.67 -48.36 57.12
N LYS M 130 -17.96 -47.29 57.42
CA LYS M 130 -16.55 -47.33 57.76
C LYS M 130 -16.29 -46.50 59.00
N ALA M 131 -15.17 -46.80 59.68
CA ALA M 131 -14.79 -46.09 60.89
C ALA M 131 -13.31 -45.77 60.86
N VAL M 132 -12.95 -44.60 61.36
CA VAL M 132 -11.55 -44.17 61.50
C VAL M 132 -11.19 -44.27 62.98
N LEU M 133 -10.27 -45.17 63.31
CA LEU M 133 -9.92 -45.43 64.70
C LEU M 133 -8.41 -45.31 64.88
N GLY M 134 -8.00 -45.03 66.12
CA GLY M 134 -6.59 -44.86 66.45
C GLY M 134 -6.04 -46.08 67.15
N LYS M 135 -4.94 -46.61 66.58
CA LYS M 135 -4.18 -47.70 67.17
C LYS M 135 -5.03 -48.95 67.38
N VAL M 136 -5.89 -49.27 66.41
CA VAL M 136 -6.72 -50.46 66.46
C VAL M 136 -6.38 -51.34 65.27
N VAL M 137 -6.04 -52.59 65.53
CA VAL M 137 -5.70 -53.56 64.49
C VAL M 137 -7.00 -54.27 64.09
N GLY M 138 -7.59 -53.85 62.98
CA GLY M 138 -8.89 -54.36 62.57
C GLY M 138 -8.83 -55.48 61.55
N ASN M 139 -7.83 -55.46 60.68
CA ASN M 139 -7.69 -56.45 59.60
C ASN M 139 -8.95 -56.51 58.73
N HIS M 140 -9.52 -55.35 58.46
CA HIS M 140 -10.77 -55.28 57.70
C HIS M 140 -10.77 -54.04 56.83
N GLU M 141 -11.58 -54.09 55.78
CA GLU M 141 -11.69 -52.95 54.86
C GLU M 141 -12.46 -51.79 55.46
N GLY M 142 -13.35 -52.06 56.41
CA GLY M 142 -14.14 -51.02 57.02
C GLY M 142 -13.48 -50.26 58.15
N ILE M 143 -12.22 -50.56 58.45
CA ILE M 143 -11.49 -49.94 59.55
C ILE M 143 -10.29 -49.20 58.99
N ILE M 144 -10.13 -47.94 59.40
CA ILE M 144 -8.96 -47.14 59.07
C ILE M 144 -8.16 -46.96 60.36
N ASN M 145 -6.88 -47.31 60.32
CA ASN M 145 -6.01 -47.29 61.49
C ASN M 145 -5.02 -46.14 61.35
N PHE M 146 -5.24 -45.07 62.13
CA PHE M 146 -4.39 -43.89 62.11
C PHE M 146 -3.51 -43.91 63.36
N THR M 147 -2.20 -44.11 63.17
CA THR M 147 -1.26 -44.25 64.27
C THR M 147 -0.15 -43.20 64.13
N THR M 148 -0.41 -42.02 64.70
CA THR M 148 0.61 -40.98 64.80
C THR M 148 0.39 -40.24 66.12
N GLU M 149 1.40 -40.26 66.98
CA GLU M 149 1.20 -39.93 68.39
C GLU M 149 0.86 -38.45 68.58
N ASP M 150 1.78 -37.56 68.22
CA ASP M 150 1.65 -36.15 68.57
C ASP M 150 1.59 -35.30 67.30
N VAL M 151 0.59 -34.43 67.24
CA VAL M 151 0.40 -33.53 66.09
C VAL M 151 0.27 -32.11 66.64
N LEU M 152 1.20 -31.24 66.26
CA LEU M 152 1.24 -29.89 66.76
C LEU M 152 0.52 -28.98 65.76
N VAL M 153 -0.66 -28.50 66.14
CA VAL M 153 -1.46 -27.60 65.31
C VAL M 153 -1.53 -26.27 66.04
N GLY M 154 -1.08 -25.21 65.38
CA GLY M 154 -1.00 -23.92 66.03
C GLY M 154 0.00 -23.95 67.17
N GLU M 155 -0.49 -23.97 68.40
CA GLU M 155 0.36 -24.03 69.58
C GLU M 155 0.02 -25.18 70.52
N LYS M 156 -0.98 -26.00 70.18
CA LYS M 156 -1.45 -27.07 71.06
C LYS M 156 -1.27 -28.41 70.37
N LYS M 157 -1.13 -29.45 71.19
CA LYS M 157 -0.86 -30.79 70.70
C LYS M 157 -2.11 -31.66 70.82
N TYR M 158 -2.47 -32.31 69.72
CA TYR M 158 -3.56 -33.27 69.69
C TYR M 158 -3.00 -34.67 69.78
N SER M 159 -3.76 -35.57 70.40
CA SER M 159 -3.33 -36.95 70.55
C SER M 159 -3.76 -37.76 69.33
N VAL M 160 -3.45 -39.06 69.36
CA VAL M 160 -3.76 -39.92 68.22
C VAL M 160 -5.26 -40.06 68.01
N ASP M 161 -6.06 -39.91 69.06
CA ASP M 161 -7.51 -40.07 68.96
C ASP M 161 -8.23 -38.78 68.64
N GLU M 162 -7.69 -37.64 69.06
CA GLU M 162 -8.32 -36.36 68.78
C GLU M 162 -8.17 -35.94 67.33
N PHE M 163 -7.21 -36.50 66.61
CA PHE M 163 -6.98 -36.14 65.22
C PHE M 163 -7.78 -36.98 64.23
N THR M 164 -8.47 -38.03 64.69
CA THR M 164 -9.27 -38.83 63.78
C THR M 164 -10.40 -38.01 63.17
N SER M 165 -10.85 -36.96 63.86
CA SER M 165 -11.83 -36.06 63.26
C SER M 165 -11.25 -35.37 62.03
N ARG M 166 -10.01 -34.91 62.14
CA ARG M 166 -9.36 -34.27 61.00
C ARG M 166 -9.18 -35.24 59.84
N VAL M 167 -8.80 -36.48 60.16
CA VAL M 167 -8.60 -37.48 59.11
C VAL M 167 -9.91 -37.84 58.43
N ALA M 168 -10.98 -37.99 59.20
CA ALA M 168 -12.28 -38.27 58.62
C ALA M 168 -12.74 -37.13 57.71
N GLY M 169 -12.57 -35.89 58.16
CA GLY M 169 -12.89 -34.76 57.31
C GLY M 169 -12.05 -34.73 56.04
N LEU M 170 -10.77 -35.07 56.16
CA LEU M 170 -9.89 -35.12 55.00
C LEU M 170 -10.39 -36.14 53.98
N ILE M 171 -10.69 -37.36 54.43
CA ILE M 171 -11.11 -38.41 53.52
C ILE M 171 -12.47 -38.07 52.90
N ALA M 172 -13.36 -37.45 53.67
CA ALA M 172 -14.69 -37.16 53.16
C ALA M 172 -14.67 -36.04 52.12
N GLY M 173 -13.71 -35.13 52.21
CA GLY M 173 -13.62 -33.99 51.32
C GLY M 173 -12.78 -34.19 50.07
N THR M 174 -12.32 -35.40 49.81
CA THR M 174 -11.52 -35.67 48.63
C THR M 174 -12.42 -36.17 47.50
N PRO M 175 -12.32 -35.60 46.29
CA PRO M 175 -13.08 -36.14 45.16
C PRO M 175 -12.64 -37.57 44.86
N LEU M 176 -13.60 -38.37 44.38
CA LEU M 176 -13.33 -39.79 44.16
C LEU M 176 -12.42 -40.03 42.97
N SER M 177 -12.20 -39.03 42.11
CA SER M 177 -11.25 -39.19 41.02
C SER M 177 -9.80 -39.15 41.50
N GLN M 178 -9.57 -38.70 42.72
CA GLN M 178 -8.25 -38.61 43.30
C GLN M 178 -8.04 -39.76 44.30
N SER M 179 -6.87 -39.74 44.95
CA SER M 179 -6.62 -40.58 46.09
C SER M 179 -6.00 -39.72 47.19
N VAL M 180 -6.12 -40.20 48.43
CA VAL M 180 -5.66 -39.42 49.58
C VAL M 180 -4.17 -39.51 49.78
N THR M 181 -3.47 -40.33 48.99
CA THR M 181 -2.03 -40.47 49.11
C THR M 181 -1.33 -39.14 48.84
N TYR M 182 -0.35 -38.81 49.69
CA TYR M 182 0.50 -37.62 49.52
C TYR M 182 -0.28 -36.32 49.60
N THR M 183 -1.40 -36.30 50.31
CA THR M 183 -2.12 -35.07 50.57
C THR M 183 -1.47 -34.34 51.73
N LYS M 184 -1.11 -33.07 51.52
CA LYS M 184 -0.36 -32.30 52.50
C LYS M 184 -1.29 -31.46 53.36
N LEU M 185 -0.95 -31.35 54.65
CA LEU M 185 -1.74 -30.61 55.63
C LEU M 185 -0.99 -29.32 55.97
N SER M 186 -1.65 -28.18 55.74
CA SER M 186 -1.03 -26.90 56.08
C SER M 186 -1.07 -26.63 57.58
N ASP M 187 -2.08 -27.17 58.28
CA ASP M 187 -2.23 -26.88 59.70
C ASP M 187 -1.06 -27.43 60.52
N VAL M 188 -0.62 -28.65 60.22
CA VAL M 188 0.38 -29.31 61.04
C VAL M 188 1.70 -28.58 60.91
N VAL M 189 2.31 -28.26 62.06
CA VAL M 189 3.59 -27.56 62.09
C VAL M 189 4.75 -28.55 62.08
N ASP M 190 4.67 -29.57 62.93
CA ASP M 190 5.72 -30.58 62.96
C ASP M 190 5.20 -31.84 63.65
N ILE M 191 5.93 -32.93 63.47
CA ILE M 191 5.58 -34.23 64.03
C ILE M 191 6.84 -34.88 64.59
N PRO M 192 6.67 -35.87 65.48
CA PRO M 192 7.85 -36.57 65.98
C PRO M 192 8.68 -37.18 64.85
N LYS M 193 9.99 -37.05 64.97
CA LYS M 193 10.88 -37.54 63.92
C LYS M 193 10.81 -39.05 63.82
N MET M 194 10.89 -39.56 62.60
CA MET M 194 10.82 -40.98 62.34
C MET M 194 11.58 -41.27 61.05
N THR M 195 12.16 -42.47 60.99
CA THR M 195 13.00 -42.84 59.87
C THR M 195 12.15 -43.36 58.71
N LYS M 196 12.80 -43.59 57.57
CA LYS M 196 12.11 -44.10 56.40
C LYS M 196 11.81 -45.59 56.52
N VAL M 197 12.74 -46.37 57.10
CA VAL M 197 12.53 -47.80 57.25
C VAL M 197 11.36 -48.06 58.20
N ASP M 198 11.29 -47.30 59.30
CA ASP M 198 10.16 -47.43 60.21
C ASP M 198 8.85 -47.09 59.52
N ALA M 199 8.85 -46.04 58.70
CA ALA M 199 7.64 -45.66 57.98
C ALA M 199 7.21 -46.77 57.02
N GLU M 200 8.16 -47.37 56.30
CA GLU M 200 7.82 -48.45 55.39
C GLU M 200 7.26 -49.65 56.15
N SER M 201 7.87 -50.00 57.29
CA SER M 201 7.37 -51.13 58.07
C SER M 201 5.96 -50.85 58.59
N ARG M 202 5.71 -49.63 59.05
CA ARG M 202 4.39 -49.27 59.54
C ARG M 202 3.36 -49.33 58.43
N VAL M 203 3.73 -48.86 57.23
CA VAL M 203 2.80 -48.90 56.10
C VAL M 203 2.50 -50.35 55.71
N ASN M 204 3.51 -51.22 55.77
CA ASN M 204 3.28 -52.63 55.48
C ASN M 204 2.30 -53.26 56.46
N LYS M 205 2.24 -52.75 57.69
CA LYS M 205 1.30 -53.27 58.67
C LYS M 205 -0.13 -52.83 58.42
N GLY M 206 -0.34 -51.87 57.52
CA GLY M 206 -1.68 -51.40 57.21
C GLY M 206 -2.11 -50.16 57.95
N GLU M 207 -1.18 -49.33 58.40
CA GLU M 207 -1.52 -48.14 59.17
C GLU M 207 -1.48 -46.89 58.29
N LEU M 208 -2.33 -45.94 58.63
CA LEU M 208 -2.37 -44.64 57.98
C LEU M 208 -1.55 -43.66 58.83
N ILE M 209 -0.45 -43.17 58.28
CA ILE M 209 0.52 -42.39 59.03
C ILE M 209 0.76 -41.06 58.34
N LEU M 210 1.41 -40.15 59.07
CA LEU M 210 1.86 -38.88 58.54
C LEU M 210 3.39 -38.88 58.46
N ILE M 211 3.92 -38.34 57.36
CA ILE M 211 5.35 -38.25 57.15
C ILE M 211 5.71 -36.84 56.70
N LYS M 212 7.00 -36.53 56.77
CA LYS M 212 7.55 -35.28 56.27
C LYS M 212 8.35 -35.60 55.02
N GLU M 213 7.81 -35.21 53.86
CA GLU M 213 8.41 -35.56 52.58
C GLU M 213 8.20 -34.44 51.59
N ALA M 214 9.23 -34.18 50.79
CA ALA M 214 9.21 -33.16 49.73
C ALA M 214 8.84 -31.78 50.28
N GLY M 215 9.41 -31.43 51.42
CA GLY M 215 9.22 -30.11 51.99
C GLY M 215 7.82 -29.81 52.47
N ALA M 216 7.12 -30.81 53.00
CA ALA M 216 5.79 -30.61 53.55
C ALA M 216 5.41 -31.84 54.36
N ILE M 217 4.45 -31.67 55.25
CA ILE M 217 3.90 -32.77 56.02
C ILE M 217 2.67 -33.31 55.31
N ARG M 218 2.66 -34.61 55.05
CA ARG M 218 1.62 -35.24 54.25
C ARG M 218 1.47 -36.68 54.70
N ILE M 219 0.37 -37.31 54.30
CA ILE M 219 0.19 -38.70 54.65
C ILE M 219 0.95 -39.59 53.68
N ALA M 220 1.27 -40.80 54.11
CA ALA M 220 2.13 -41.68 53.33
C ALA M 220 1.37 -42.36 52.20
N ARG M 221 0.37 -43.16 52.55
CA ARG M 221 -0.37 -43.92 51.55
C ARG M 221 -1.79 -44.18 52.05
N GLY M 222 -2.74 -44.15 51.12
CA GLY M 222 -4.14 -44.37 51.45
C GLY M 222 -4.52 -45.82 51.53
N VAL M 223 -4.14 -46.50 52.60
CA VAL M 223 -4.45 -47.91 52.80
C VAL M 223 -5.34 -48.05 54.01
N ASN M 224 -6.19 -49.07 54.00
CA ASN M 224 -6.98 -49.43 55.16
C ASN M 224 -6.29 -50.55 55.93
N SER M 225 -7.00 -51.12 56.91
CA SER M 225 -6.39 -52.03 57.86
C SER M 225 -6.19 -53.45 57.33
N LEU M 226 -6.87 -53.82 56.25
CA LEU M 226 -6.84 -55.21 55.79
C LEU M 226 -5.43 -55.60 55.39
N THR M 227 -4.97 -56.74 55.90
CA THR M 227 -3.61 -57.21 55.63
C THR M 227 -3.60 -58.66 55.17
N GLU M 228 -4.55 -59.46 55.64
CA GLU M 228 -4.64 -60.87 55.27
C GLU M 228 -5.48 -60.98 54.00
N LEU M 229 -4.86 -61.41 52.92
CA LEU M 229 -5.53 -61.51 51.63
C LEU M 229 -5.86 -62.97 51.33
N THR M 230 -7.10 -63.22 50.91
CA THR M 230 -7.54 -64.53 50.53
C THR M 230 -7.73 -64.58 49.01
N ALA M 231 -8.20 -65.73 48.51
CA ALA M 231 -8.48 -65.85 47.10
C ALA M 231 -9.64 -64.96 46.67
N GLU M 232 -10.61 -64.76 47.57
CA GLU M 232 -11.75 -63.91 47.25
C GLU M 232 -11.38 -62.43 47.27
N LYS M 233 -10.58 -62.01 48.25
CA LYS M 233 -10.22 -60.61 48.44
C LYS M 233 -8.80 -60.38 47.95
N GLY M 234 -8.67 -59.69 46.82
CA GLY M 234 -7.37 -59.39 46.27
C GLY M 234 -6.73 -58.18 46.92
N GLU M 235 -5.58 -57.78 46.36
CA GLU M 235 -4.87 -56.62 46.86
C GLU M 235 -5.60 -55.31 46.58
N MET M 236 -6.57 -55.31 45.68
CA MET M 236 -7.31 -54.09 45.37
C MET M 236 -8.20 -53.66 46.53
N PHE M 237 -8.52 -54.56 47.45
CA PHE M 237 -9.35 -54.22 48.59
C PHE M 237 -8.57 -53.54 49.72
N GLN M 238 -7.27 -53.32 49.54
CA GLN M 238 -6.46 -52.63 50.52
C GLN M 238 -6.45 -51.11 50.31
N LYS M 239 -7.04 -50.61 49.23
CA LYS M 239 -7.03 -49.19 48.91
C LYS M 239 -8.33 -48.54 49.33
N ILE M 240 -8.23 -47.33 49.88
CA ILE M 240 -9.42 -46.60 50.30
C ILE M 240 -10.26 -46.20 49.09
N LYS M 241 -9.62 -45.78 48.01
CA LYS M 241 -10.34 -45.30 46.83
C LYS M 241 -11.22 -46.38 46.22
N ILE M 242 -10.69 -47.60 46.10
CA ILE M 242 -11.45 -48.68 45.48
C ILE M 242 -12.68 -49.02 46.32
N VAL M 243 -12.50 -49.11 47.64
CA VAL M 243 -13.62 -49.45 48.53
C VAL M 243 -14.67 -48.34 48.49
N ASP M 244 -14.24 -47.09 48.45
CA ASP M 244 -15.18 -45.99 48.35
C ASP M 244 -15.99 -46.05 47.05
N THR M 245 -15.32 -46.34 45.93
CA THR M 245 -16.04 -46.45 44.67
C THR M 245 -17.05 -47.58 44.69
N LEU M 246 -16.67 -48.73 45.24
CA LEU M 246 -17.61 -49.85 45.32
C LEU M 246 -18.80 -49.49 46.19
N ASP M 247 -18.57 -48.81 47.31
CA ASP M 247 -19.66 -48.45 48.20
C ASP M 247 -20.61 -47.46 47.54
N ILE M 248 -20.08 -46.47 46.81
CA ILE M 248 -20.97 -45.51 46.16
C ILE M 248 -21.79 -46.20 45.07
N ILE M 249 -21.18 -47.16 44.36
CA ILE M 249 -21.93 -47.88 43.33
C ILE M 249 -23.07 -48.67 43.96
N HIS M 250 -22.77 -49.38 45.05
CA HIS M 250 -23.79 -50.15 45.76
C HIS M 250 -24.94 -49.24 46.18
N SER M 251 -24.61 -48.12 46.81
CA SER M 251 -25.64 -47.21 47.33
C SER M 251 -26.51 -46.65 46.20
N ASP M 252 -25.89 -46.22 45.10
CA ASP M 252 -26.66 -45.59 44.03
C ASP M 252 -27.57 -46.58 43.32
N ILE M 253 -27.06 -47.76 43.01
CA ILE M 253 -27.92 -48.74 42.33
C ILE M 253 -29.07 -49.15 43.24
N ARG M 254 -28.79 -49.34 44.54
CA ARG M 254 -29.87 -49.65 45.47
C ARG M 254 -30.91 -48.55 45.52
N LYS M 255 -30.47 -47.29 45.51
CA LYS M 255 -31.42 -46.18 45.56
C LYS M 255 -32.32 -46.18 44.33
N VAL M 256 -31.74 -46.38 43.14
CA VAL M 256 -32.53 -46.41 41.92
C VAL M 256 -33.57 -47.52 41.98
N ILE M 257 -33.12 -48.73 42.32
CA ILE M 257 -34.02 -49.88 42.31
C ILE M 257 -35.16 -49.68 43.31
N ILE M 258 -34.84 -49.24 44.52
CA ILE M 258 -35.87 -49.08 45.54
C ILE M 258 -36.83 -47.97 45.16
N ASP M 259 -36.33 -46.88 44.58
CA ASP M 259 -37.19 -45.74 44.30
C ASP M 259 -38.16 -46.02 43.16
N ASP M 260 -37.72 -46.73 42.12
CA ASP M 260 -38.52 -46.77 40.90
C ASP M 260 -39.19 -48.11 40.59
N TYR M 261 -38.78 -49.21 41.21
CA TYR M 261 -39.19 -50.52 40.72
C TYR M 261 -39.77 -51.48 41.74
N ILE M 262 -39.48 -51.32 43.04
CA ILE M 262 -39.95 -52.29 44.02
C ILE M 262 -41.43 -52.07 44.29
N GLY M 263 -42.26 -53.04 43.95
CA GLY M 263 -43.67 -53.00 44.25
C GLY M 263 -44.50 -52.11 43.37
N LYS M 264 -43.89 -51.45 42.38
CA LYS M 264 -44.61 -50.56 41.49
C LYS M 264 -44.81 -51.13 40.09
N VAL M 265 -44.08 -52.19 39.74
CA VAL M 265 -44.08 -52.73 38.39
C VAL M 265 -44.35 -54.23 38.47
N THR M 266 -45.13 -54.75 37.53
CA THR M 266 -45.32 -56.19 37.44
C THR M 266 -44.07 -56.86 36.86
N ASN M 267 -43.92 -58.14 37.17
CA ASN M 267 -42.72 -58.90 36.83
C ASN M 267 -42.91 -59.55 35.47
N SER M 268 -42.38 -58.91 34.43
CA SER M 268 -42.38 -59.47 33.09
C SER M 268 -41.03 -59.21 32.46
N TYR M 269 -40.81 -59.83 31.29
CA TYR M 269 -39.53 -59.68 30.61
C TYR M 269 -39.28 -58.25 30.16
N ASP M 270 -40.32 -57.58 29.68
CA ASP M 270 -40.17 -56.22 29.16
C ASP M 270 -39.73 -55.25 30.26
N ASN M 271 -40.31 -55.37 31.45
CA ASN M 271 -39.91 -54.51 32.55
C ASN M 271 -38.50 -54.84 33.03
N LYS M 272 -38.08 -56.09 32.90
CA LYS M 272 -36.69 -56.44 33.18
C LYS M 272 -35.75 -55.73 32.20
N CYS M 273 -36.13 -55.67 30.92
CA CYS M 273 -35.32 -54.95 29.95
C CYS M 273 -35.26 -53.45 30.28
N LEU M 274 -36.38 -52.89 30.72
CA LEU M 274 -36.38 -51.49 31.16
C LEU M 274 -35.41 -51.26 32.32
N LEU M 275 -35.43 -52.17 33.31
CA LEU M 275 -34.51 -52.05 34.44
C LEU M 275 -33.06 -52.15 33.99
N ILE M 276 -32.77 -53.06 33.07
CA ILE M 276 -31.42 -53.22 32.55
C ILE M 276 -30.96 -51.93 31.89
N VAL M 277 -31.85 -51.31 31.10
CA VAL M 277 -31.49 -50.05 30.44
C VAL M 277 -31.17 -48.97 31.45
N ALA M 278 -31.97 -48.88 32.52
CA ALA M 278 -31.70 -47.86 33.54
C ALA M 278 -30.35 -48.07 34.21
N ILE M 279 -30.05 -49.32 34.61
CA ILE M 279 -28.78 -49.60 35.27
C ILE M 279 -27.61 -49.31 34.35
N LYS M 280 -27.75 -49.68 33.07
CA LYS M 280 -26.68 -49.41 32.10
C LYS M 280 -26.46 -47.91 31.95
N SER M 281 -27.54 -47.13 31.96
CA SER M 281 -27.39 -45.68 31.86
C SER M 281 -26.61 -45.12 33.05
N TYR M 282 -26.89 -45.62 34.25
CA TYR M 282 -26.12 -45.18 35.41
C TYR M 282 -24.64 -45.56 35.28
N LEU M 283 -24.36 -46.76 34.80
CA LEU M 283 -22.97 -47.17 34.62
C LEU M 283 -22.26 -46.29 33.59
N GLU M 284 -22.94 -45.92 32.51
CA GLU M 284 -22.33 -45.01 31.53
C GLU M 284 -22.06 -43.65 32.15
N GLU M 285 -22.98 -43.16 32.98
CA GLU M 285 -22.73 -41.92 33.71
C GLU M 285 -21.43 -42.02 34.50
N LEU M 286 -21.23 -43.13 35.21
CA LEU M 286 -19.97 -43.33 35.94
C LEU M 286 -18.78 -43.40 34.98
N GLU M 287 -18.98 -44.00 33.81
CA GLU M 287 -17.90 -44.15 32.84
C GLU M 287 -17.41 -42.81 32.32
N LYS M 288 -18.31 -41.84 32.12
CA LYS M 288 -17.87 -40.56 31.59
C LYS M 288 -16.93 -39.86 32.56
N SER M 289 -17.21 -39.93 33.85
CA SER M 289 -16.22 -39.52 34.83
C SER M 289 -15.06 -40.52 34.86
N ALA M 290 -14.04 -40.20 35.63
CA ALA M 290 -12.83 -41.01 35.62
C ALA M 290 -12.89 -42.18 36.59
N LEU M 291 -14.08 -42.67 36.93
CA LEU M 291 -14.18 -43.64 38.02
C LEU M 291 -13.96 -45.07 37.57
N ILE M 292 -14.54 -45.47 36.43
CA ILE M 292 -14.44 -46.84 35.96
C ILE M 292 -14.09 -46.84 34.47
N GLU M 293 -13.84 -48.04 33.95
CA GLU M 293 -13.40 -48.23 32.58
C GLU M 293 -14.55 -48.05 31.58
N SER M 294 -14.20 -48.03 30.30
CA SER M 294 -15.12 -47.57 29.26
C SER M 294 -16.19 -48.60 28.92
N ASP M 295 -15.86 -49.89 28.89
CA ASP M 295 -16.79 -50.92 28.43
C ASP M 295 -17.36 -51.66 29.63
N SER M 296 -18.68 -51.61 29.78
CA SER M 296 -19.38 -52.31 30.86
C SER M 296 -20.63 -52.95 30.27
N THR M 297 -21.08 -54.02 30.91
CA THR M 297 -22.22 -54.77 30.42
C THR M 297 -23.17 -55.07 31.57
N VAL M 298 -24.46 -55.01 31.29
CA VAL M 298 -25.51 -55.51 32.17
C VAL M 298 -26.33 -56.52 31.37
N GLU M 299 -26.58 -57.68 31.96
CA GLU M 299 -27.15 -58.79 31.21
C GLU M 299 -28.04 -59.61 32.13
N ILE M 300 -28.91 -60.42 31.50
CA ILE M 300 -29.72 -61.37 32.25
C ILE M 300 -28.84 -62.53 32.69
N ASP M 301 -28.99 -62.95 33.94
CA ASP M 301 -28.24 -64.08 34.47
C ASP M 301 -28.96 -65.37 34.10
N PHE M 302 -28.39 -66.12 33.14
CA PHE M 302 -29.06 -67.31 32.62
C PHE M 302 -28.99 -68.48 33.61
N GLU M 303 -27.83 -68.69 34.22
CA GLU M 303 -27.66 -69.84 35.11
C GLU M 303 -28.51 -69.72 36.36
N ALA M 304 -28.59 -68.51 36.93
CA ALA M 304 -29.42 -68.32 38.12
C ALA M 304 -30.89 -68.60 37.82
N GLN M 305 -31.38 -68.13 36.68
CA GLN M 305 -32.75 -68.42 36.28
C GLN M 305 -32.95 -69.92 36.08
N LYS M 306 -31.98 -70.59 35.45
CA LYS M 306 -32.07 -72.03 35.26
C LYS M 306 -32.17 -72.76 36.60
N SER M 307 -31.33 -72.37 37.56
CA SER M 307 -31.35 -73.02 38.86
C SER M 307 -32.67 -72.78 39.58
N TYR M 308 -33.20 -71.55 39.51
CA TYR M 308 -34.49 -71.28 40.13
C TYR M 308 -35.61 -72.11 39.51
N LEU M 309 -35.60 -72.23 38.18
CA LEU M 309 -36.62 -73.04 37.51
C LEU M 309 -36.48 -74.51 37.88
N LYS M 310 -35.25 -75.00 37.98
CA LYS M 310 -35.04 -76.39 38.42
C LYS M 310 -35.58 -76.60 39.82
N SER M 311 -35.32 -75.64 40.72
CA SER M 311 -35.80 -75.75 42.09
C SER M 311 -37.32 -75.77 42.14
N LYS M 312 -37.97 -74.97 41.29
CA LYS M 312 -39.42 -75.00 41.22
C LYS M 312 -39.97 -76.28 40.60
N GLY M 313 -39.11 -77.10 40.01
CA GLY M 313 -39.53 -78.36 39.42
C GLY M 313 -39.94 -78.30 37.97
N VAL M 314 -39.80 -77.16 37.31
CA VAL M 314 -40.17 -77.02 35.90
C VAL M 314 -39.26 -77.89 35.04
N ASP M 315 -39.82 -78.43 33.96
CA ASP M 315 -39.08 -79.30 33.05
C ASP M 315 -38.25 -78.46 32.10
N LEU M 316 -36.93 -78.60 32.18
CA LEU M 316 -36.02 -77.77 31.41
C LEU M 316 -35.65 -78.36 30.06
N SER M 317 -35.82 -79.67 29.88
CA SER M 317 -35.31 -80.32 28.67
C SER M 317 -36.09 -79.90 27.44
N TYR M 318 -37.42 -79.78 27.55
CA TYR M 318 -38.25 -79.51 26.39
C TYR M 318 -38.15 -78.06 25.92
N MET M 319 -37.84 -77.13 26.83
CA MET M 319 -37.90 -75.72 26.54
C MET M 319 -36.70 -75.28 25.69
N THR M 320 -36.80 -74.07 25.15
CA THR M 320 -35.77 -73.45 24.33
C THR M 320 -35.07 -72.36 25.13
N LEU M 321 -33.92 -71.93 24.62
CA LEU M 321 -33.14 -70.89 25.31
C LEU M 321 -33.95 -69.61 25.46
N GLN M 322 -34.63 -69.19 24.40
CA GLN M 322 -35.49 -68.01 24.50
C GLN M 322 -36.62 -68.24 25.48
N GLU M 323 -37.18 -69.45 25.49
CA GLU M 323 -38.23 -69.77 26.45
C GLU M 323 -37.71 -69.74 27.88
N ILE M 324 -36.48 -70.20 28.11
CA ILE M 324 -35.88 -70.12 29.43
C ILE M 324 -35.68 -68.67 29.85
N LYS M 325 -35.20 -67.84 28.92
CA LYS M 325 -34.93 -66.44 29.23
C LYS M 325 -36.20 -65.72 29.66
N GLU M 326 -37.33 -65.98 29.00
CA GLU M 326 -38.55 -65.24 29.20
C GLU M 326 -39.54 -65.93 30.14
N ALA M 327 -39.10 -66.97 30.83
CA ALA M 327 -40.00 -67.67 31.75
C ALA M 327 -40.34 -66.79 32.95
N ASN M 328 -41.55 -67.00 33.48
CA ASN M 328 -41.98 -66.26 34.66
C ASN M 328 -41.34 -66.85 35.91
N THR M 329 -40.75 -65.99 36.73
CA THR M 329 -40.01 -66.42 37.91
C THR M 329 -40.65 -65.96 39.21
N GLY M 330 -41.84 -65.36 39.16
CA GLY M 330 -42.57 -65.06 40.37
C GLY M 330 -41.91 -64.09 41.30
N SER M 331 -41.84 -62.81 40.92
CA SER M 331 -41.41 -61.71 41.78
C SER M 331 -39.93 -61.75 42.12
N LYS M 332 -39.10 -62.42 41.31
CA LYS M 332 -37.66 -62.47 41.55
C LYS M 332 -36.92 -62.16 40.25
N VAL M 333 -35.82 -61.43 40.36
CA VAL M 333 -35.02 -60.99 39.22
C VAL M 333 -33.57 -61.42 39.43
N PHE M 334 -32.91 -61.85 38.37
CA PHE M 334 -31.50 -62.20 38.39
C PHE M 334 -30.78 -61.44 37.29
N LEU M 335 -29.66 -60.78 37.64
CA LEU M 335 -28.91 -59.98 36.69
C LEU M 335 -27.42 -60.21 36.88
N LYS M 336 -26.66 -59.77 35.88
CA LYS M 336 -25.20 -59.86 35.90
C LYS M 336 -24.63 -58.54 35.39
N ALA M 337 -23.38 -58.26 35.77
CA ALA M 337 -22.71 -57.06 35.31
C ALA M 337 -21.20 -57.26 35.34
N LYS M 338 -20.50 -56.42 34.59
CA LYS M 338 -19.04 -56.43 34.53
C LYS M 338 -18.53 -55.00 34.53
N ILE M 339 -17.65 -54.68 35.48
CA ILE M 339 -17.03 -53.36 35.53
C ILE M 339 -15.55 -53.54 35.86
N LYS M 340 -14.78 -52.47 35.64
CA LYS M 340 -13.38 -52.39 36.02
C LYS M 340 -13.14 -51.04 36.65
N VAL M 341 -12.58 -51.03 37.86
CA VAL M 341 -12.44 -49.82 38.67
C VAL M 341 -11.04 -49.25 38.49
N LEU M 342 -10.97 -47.95 38.23
CA LEU M 342 -9.70 -47.26 38.04
C LEU M 342 -9.03 -46.98 39.38
N ASP M 343 -7.70 -46.84 39.34
CA ASP M 343 -6.90 -46.53 40.51
C ASP M 343 -6.01 -45.33 40.21
N ALA M 344 -5.68 -44.58 41.27
CA ALA M 344 -4.87 -43.40 41.11
C ALA M 344 -3.41 -43.75 40.86
N MET M 345 -2.67 -42.79 40.30
CA MET M 345 -1.26 -42.99 39.99
C MET M 345 -0.43 -42.72 41.25
N GLU M 346 0.36 -43.71 41.65
CA GLU M 346 1.15 -43.60 42.87
C GLU M 346 2.60 -44.04 42.72
N ASP M 347 2.99 -44.60 41.57
CA ASP M 347 4.37 -45.01 41.36
C ASP M 347 4.77 -44.70 39.92
N ILE M 348 6.06 -44.44 39.73
CA ILE M 348 6.61 -44.12 38.42
C ILE M 348 7.78 -45.05 38.13
N ASP M 349 7.75 -45.73 36.98
CA ASP M 349 8.83 -46.59 36.51
C ASP M 349 9.42 -45.98 35.25
N LEU M 350 10.68 -45.58 35.32
CA LEU M 350 11.37 -44.97 34.20
C LEU M 350 12.40 -45.93 33.63
N SER M 351 12.36 -46.13 32.32
CA SER M 351 13.36 -46.89 31.59
C SER M 351 14.13 -45.91 30.71
N ILE M 352 15.38 -45.65 31.06
CA ILE M 352 16.19 -44.64 30.41
C ILE M 352 17.17 -45.35 29.48
N GLU M 353 17.09 -45.05 28.19
CA GLU M 353 18.01 -45.60 27.20
C GLU M 353 19.21 -44.68 27.04
N ILE M 354 20.38 -45.29 27.10
CA ILE M 354 21.71 -44.66 27.01
C ILE M 354 21.73 -43.34 27.80
N ASN N 3 -66.76 -95.85 6.72
CA ASN N 3 -67.39 -95.05 7.74
C ASN N 3 -68.23 -93.92 7.14
N MET N 4 -67.89 -93.53 5.91
CA MET N 4 -68.58 -92.45 5.24
C MET N 4 -69.85 -92.97 4.58
N GLU N 5 -71.00 -92.46 5.02
CA GLU N 5 -72.29 -92.78 4.43
C GLU N 5 -72.97 -91.50 3.98
N ALA N 6 -73.87 -91.63 3.02
CA ALA N 6 -74.55 -90.47 2.47
C ALA N 6 -75.46 -89.78 3.49
N ARG N 7 -75.90 -90.50 4.51
CA ARG N 7 -76.77 -89.91 5.52
C ARG N 7 -76.05 -88.91 6.41
N ASN N 8 -74.72 -89.03 6.52
CA ASN N 8 -73.96 -88.22 7.46
C ASN N 8 -73.70 -86.81 6.99
N VAL N 9 -74.09 -86.46 5.76
CA VAL N 9 -73.89 -85.11 5.27
C VAL N 9 -74.90 -84.18 5.93
N MET N 10 -74.42 -83.07 6.47
CA MET N 10 -75.28 -82.15 7.21
C MET N 10 -76.17 -81.35 6.25
N SER N 11 -77.44 -81.23 6.63
CA SER N 11 -78.41 -80.45 5.85
C SER N 11 -78.56 -79.07 6.47
N GLY N 12 -78.70 -78.07 5.60
CA GLY N 12 -78.82 -76.70 6.07
C GLY N 12 -80.11 -76.38 6.79
N THR N 13 -81.12 -77.23 6.63
CA THR N 13 -82.40 -77.00 7.32
C THR N 13 -82.26 -77.12 8.83
N TRP N 14 -81.24 -77.82 9.32
CA TRP N 14 -81.00 -77.94 10.75
C TRP N 14 -80.00 -76.90 11.24
N GLY N 15 -80.23 -75.63 10.91
CA GLY N 15 -79.36 -74.55 11.34
C GLY N 15 -80.12 -73.53 12.15
N GLU N 16 -79.46 -72.99 13.17
CA GLU N 16 -80.04 -71.97 14.04
C GLU N 16 -79.02 -70.86 14.25
N LEU N 17 -79.53 -69.68 14.60
CA LEU N 17 -78.68 -68.50 14.75
C LEU N 17 -79.18 -67.64 15.89
N TRP N 18 -78.26 -67.18 16.74
CA TRP N 18 -78.53 -66.20 17.77
C TRP N 18 -77.75 -64.94 17.44
N LEU N 19 -78.44 -63.81 17.35
CA LEU N 19 -77.82 -62.52 17.08
C LEU N 19 -78.11 -61.59 18.24
N ASP N 20 -77.04 -61.09 18.87
CA ASP N 20 -77.15 -60.22 20.05
C ASP N 20 -77.90 -60.90 21.18
N GLY N 21 -77.79 -62.22 21.28
CA GLY N 21 -78.45 -62.96 22.33
C GLY N 21 -79.89 -63.32 22.07
N ASN N 22 -80.44 -62.94 20.92
CA ASN N 22 -81.83 -63.21 20.58
C ASN N 22 -81.88 -64.16 19.39
N LYS N 23 -82.72 -65.18 19.51
CA LYS N 23 -82.89 -66.13 18.42
C LYS N 23 -83.60 -65.47 17.24
N VAL N 24 -83.11 -65.74 16.03
CA VAL N 24 -83.72 -65.25 14.80
C VAL N 24 -84.26 -66.45 14.04
N ALA N 25 -85.59 -66.51 13.92
CA ALA N 25 -86.25 -67.68 13.35
C ALA N 25 -86.51 -67.56 11.86
N GLU N 26 -86.39 -66.36 11.29
CA GLU N 26 -86.58 -66.14 9.87
C GLU N 26 -85.29 -66.24 9.08
N VAL N 27 -84.23 -66.78 9.68
CA VAL N 27 -82.94 -66.85 9.00
C VAL N 27 -83.03 -67.84 7.85
N LYS N 28 -82.43 -67.46 6.71
CA LYS N 28 -82.39 -68.32 5.53
C LYS N 28 -81.02 -68.97 5.33
N LYS N 29 -79.95 -68.20 5.46
CA LYS N 29 -78.61 -68.76 5.36
C LYS N 29 -77.63 -67.90 6.13
N PHE N 30 -76.56 -68.55 6.61
CA PHE N 30 -75.51 -67.91 7.39
C PHE N 30 -74.15 -68.37 6.88
N GLN N 31 -73.19 -67.46 6.92
CA GLN N 31 -71.84 -67.76 6.42
C GLN N 31 -70.84 -66.85 7.11
N ALA N 32 -69.65 -67.39 7.35
CA ALA N 32 -68.58 -66.64 8.00
C ALA N 32 -67.24 -67.14 7.47
N LYS N 33 -66.33 -66.20 7.20
CA LYS N 33 -65.17 -66.52 6.37
C LYS N 33 -63.96 -65.72 6.80
N MET N 34 -62.82 -66.43 6.90
CA MET N 34 -61.52 -65.84 7.12
C MET N 34 -60.64 -66.08 5.90
N GLU N 35 -60.16 -65.01 5.27
CA GLU N 35 -59.34 -65.09 4.07
C GLU N 35 -57.91 -64.66 4.40
N PHE N 36 -56.97 -65.58 4.25
CA PHE N 36 -55.59 -65.31 4.63
C PHE N 36 -54.93 -64.34 3.66
N THR N 37 -54.06 -63.49 4.19
CA THR N 37 -53.23 -62.62 3.38
C THR N 37 -51.87 -63.28 3.19
N LYS N 38 -51.44 -63.39 1.93
CA LYS N 38 -50.20 -64.08 1.59
C LYS N 38 -49.35 -63.19 0.71
N GLU N 39 -48.04 -63.33 0.85
CA GLU N 39 -47.06 -62.55 0.10
C GLU N 39 -46.11 -63.47 -0.63
N ASP N 40 -45.94 -63.26 -1.92
CA ASP N 40 -45.01 -64.05 -2.72
C ASP N 40 -43.57 -63.72 -2.34
N ILE N 41 -42.74 -64.76 -2.20
CA ILE N 41 -41.32 -64.58 -1.93
C ILE N 41 -40.54 -65.52 -2.82
N ILE N 42 -39.61 -64.97 -3.61
CA ILE N 42 -38.75 -65.73 -4.49
C ILE N 42 -37.40 -65.90 -3.83
N ILE N 43 -36.92 -67.14 -3.77
CA ILE N 43 -35.67 -67.50 -3.10
C ILE N 43 -34.64 -67.90 -4.16
N ALA N 44 -33.42 -67.43 -4.00
CA ALA N 44 -32.37 -67.73 -4.97
C ALA N 44 -32.09 -69.23 -5.05
N GLY N 45 -31.95 -69.72 -6.28
CA GLY N 45 -31.66 -71.12 -6.51
C GLY N 45 -32.84 -72.05 -6.49
N GLN N 46 -34.06 -71.54 -6.38
CA GLN N 46 -35.26 -72.35 -6.25
C GLN N 46 -36.27 -71.94 -7.31
N MET N 47 -36.81 -72.91 -8.03
CA MET N 47 -37.71 -72.60 -9.13
C MET N 47 -39.13 -72.31 -8.66
N GLY N 48 -39.55 -72.91 -7.55
CA GLY N 48 -40.90 -72.72 -7.06
C GLY N 48 -41.01 -71.50 -6.15
N THR N 49 -42.04 -70.69 -6.38
CA THR N 49 -42.27 -69.48 -5.60
C THR N 49 -43.05 -69.82 -4.34
N ASP N 50 -42.52 -69.42 -3.19
CA ASP N 50 -43.14 -69.67 -1.90
C ASP N 50 -43.89 -68.43 -1.42
N THR N 51 -44.51 -68.54 -0.25
CA THR N 51 -45.34 -67.48 0.30
C THR N 51 -45.06 -67.30 1.77
N LYS N 52 -45.37 -66.11 2.27
CA LYS N 52 -45.32 -65.78 3.69
C LYS N 52 -46.72 -65.39 4.14
N TYR N 53 -47.12 -65.90 5.31
CA TYR N 53 -48.45 -65.65 5.85
C TYR N 53 -48.43 -64.37 6.68
N MET N 54 -49.38 -63.48 6.40
CA MET N 54 -49.36 -62.13 6.95
C MET N 54 -50.55 -61.79 7.84
N GLY N 55 -51.67 -62.49 7.72
CA GLY N 55 -52.85 -62.17 8.49
C GLY N 55 -54.08 -62.68 7.78
N TYR N 56 -55.24 -62.25 8.28
CA TYR N 56 -56.50 -62.68 7.68
C TYR N 56 -57.53 -61.57 7.82
N LYS N 57 -58.60 -61.70 7.03
CA LYS N 57 -59.75 -60.81 7.09
C LYS N 57 -61.01 -61.66 7.24
N GLY N 58 -61.85 -61.30 8.21
CA GLY N 58 -63.08 -62.04 8.43
C GLY N 58 -64.27 -61.47 7.69
N LYS N 59 -64.92 -62.28 6.85
CA LYS N 59 -66.05 -61.84 6.05
C LYS N 59 -67.22 -62.79 6.22
N GLY N 60 -68.43 -62.27 6.07
CA GLY N 60 -69.60 -63.11 6.19
C GLY N 60 -70.84 -62.39 5.70
N SER N 61 -71.96 -63.11 5.74
CA SER N 61 -73.24 -62.54 5.30
C SER N 61 -74.37 -63.30 5.97
N ILE N 62 -75.52 -62.64 6.04
CA ILE N 62 -76.76 -63.22 6.56
C ILE N 62 -77.89 -62.91 5.58
N THR N 63 -78.73 -63.91 5.33
CA THR N 63 -79.95 -63.73 4.55
C THR N 63 -81.14 -64.18 5.37
N LEU N 64 -82.18 -63.36 5.41
CA LEU N 64 -83.35 -63.69 6.21
C LEU N 64 -84.61 -63.16 5.53
N TYR N 65 -85.73 -63.81 5.80
CA TYR N 65 -87.01 -63.35 5.28
C TYR N 65 -87.42 -62.04 5.93
N HIS N 66 -88.15 -61.23 5.18
CA HIS N 66 -88.57 -59.91 5.66
C HIS N 66 -89.85 -60.08 6.47
N VAL N 67 -89.71 -60.17 7.78
CA VAL N 67 -90.82 -60.37 8.69
C VAL N 67 -91.01 -59.18 9.61
N SER N 68 -89.93 -58.57 10.08
CA SER N 68 -90.01 -57.42 10.97
C SER N 68 -88.82 -56.50 10.70
N SER N 69 -88.79 -55.40 11.45
CA SER N 69 -87.70 -54.45 11.36
C SER N 69 -86.68 -54.81 12.43
N ARG N 70 -85.76 -55.69 12.10
CA ARG N 70 -84.71 -56.09 13.02
C ARG N 70 -83.45 -55.24 12.86
N MET N 71 -82.92 -55.17 11.64
CA MET N 71 -81.68 -54.43 11.41
C MET N 71 -81.87 -52.94 11.65
N HIS N 72 -83.04 -52.40 11.30
CA HIS N 72 -83.36 -51.02 11.62
C HIS N 72 -83.12 -50.74 13.09
N LYS N 73 -83.87 -51.44 13.95
CA LYS N 73 -83.74 -51.27 15.40
C LYS N 73 -82.32 -51.53 15.88
N LEU N 74 -81.60 -52.42 15.20
CA LEU N 74 -80.25 -52.74 15.65
C LEU N 74 -79.29 -51.59 15.43
N ILE N 75 -79.32 -50.95 14.26
CA ILE N 75 -78.20 -50.07 13.92
C ILE N 75 -78.55 -48.67 13.41
N GLY N 76 -79.81 -48.41 13.05
CA GLY N 76 -80.12 -47.18 12.34
C GLY N 76 -79.76 -45.85 12.99
N GLU N 77 -80.37 -45.57 14.15
CA GLU N 77 -80.14 -44.30 14.82
C GLU N 77 -78.68 -44.14 15.23
N LYS N 78 -78.07 -45.21 15.74
CA LYS N 78 -76.68 -45.14 16.16
C LYS N 78 -75.76 -44.84 14.99
N ILE N 79 -76.02 -45.46 13.83
CA ILE N 79 -75.21 -45.21 12.66
C ILE N 79 -75.37 -43.76 12.21
N LYS N 80 -76.59 -43.23 12.27
CA LYS N 80 -76.77 -41.82 11.91
C LYS N 80 -75.98 -40.91 12.85
N ARG N 81 -75.99 -41.21 14.15
CA ARG N 81 -75.30 -40.35 15.10
C ARG N 81 -73.79 -40.37 14.92
N GLY N 82 -73.25 -41.49 14.43
CA GLY N 82 -71.81 -41.64 14.27
C GLY N 82 -71.18 -42.69 15.16
N SER N 83 -71.97 -43.45 15.93
CA SER N 83 -71.45 -44.50 16.79
C SER N 83 -71.74 -45.85 16.15
N GLU N 84 -70.70 -46.65 15.95
CA GLU N 84 -70.83 -47.93 15.28
C GLU N 84 -70.87 -49.06 16.31
N PRO N 85 -71.97 -49.80 16.42
CA PRO N 85 -72.01 -50.91 17.37
C PRO N 85 -71.35 -52.16 16.82
N ARG N 86 -71.08 -53.09 17.74
CA ARG N 86 -70.52 -54.40 17.39
C ARG N 86 -71.34 -55.48 18.08
N PHE N 87 -71.44 -56.64 17.43
CA PHE N 87 -72.35 -57.69 17.88
C PHE N 87 -71.62 -59.03 17.95
N VAL N 88 -72.32 -60.01 18.49
CA VAL N 88 -71.85 -61.39 18.61
C VAL N 88 -72.93 -62.29 18.04
N ALA N 89 -72.53 -63.21 17.18
CA ALA N 89 -73.47 -64.17 16.59
C ALA N 89 -73.05 -65.59 16.97
N ILE N 90 -74.05 -66.44 17.18
CA ILE N 90 -73.84 -67.85 17.51
C ILE N 90 -74.60 -68.68 16.50
N SER N 91 -73.92 -69.62 15.85
CA SER N 91 -74.52 -70.47 14.85
C SER N 91 -74.41 -71.92 15.26
N LYS N 92 -75.52 -72.66 15.12
CA LYS N 92 -75.59 -74.06 15.49
C LYS N 92 -76.04 -74.88 14.30
N LEU N 93 -75.40 -76.03 14.11
CA LEU N 93 -75.76 -76.97 13.05
C LEU N 93 -75.86 -78.35 13.67
N ASN N 94 -77.07 -78.90 13.75
CA ASN N 94 -77.32 -80.16 14.46
C ASN N 94 -78.30 -81.02 13.64
N ASP N 95 -77.75 -81.88 12.79
CA ASP N 95 -78.49 -82.84 11.98
C ASP N 95 -78.61 -84.16 12.72
N PRO N 96 -79.81 -84.70 12.92
CA PRO N 96 -79.94 -85.97 13.66
C PRO N 96 -79.18 -87.13 13.04
N ASP N 97 -78.94 -87.12 11.72
CA ASP N 97 -78.22 -88.20 11.08
C ASP N 97 -76.71 -88.05 11.14
N SER N 98 -76.20 -86.93 11.62
CA SER N 98 -74.77 -86.69 11.64
C SER N 98 -74.14 -87.21 12.91
N TYR N 99 -72.80 -87.14 12.97
CA TYR N 99 -72.07 -87.58 14.15
C TYR N 99 -72.39 -86.70 15.36
N GLY N 100 -72.49 -85.40 15.15
CA GLY N 100 -72.73 -84.49 16.26
C GLY N 100 -73.07 -83.11 15.77
N ALA N 101 -73.05 -82.15 16.69
CA ALA N 101 -73.40 -80.77 16.40
C ALA N 101 -72.15 -79.92 16.20
N GLU N 102 -72.36 -78.74 15.65
CA GLU N 102 -71.32 -77.74 15.45
C GLU N 102 -71.89 -76.42 16.02
N ARG N 103 -71.12 -75.73 16.85
CA ARG N 103 -71.58 -74.48 17.44
C ARG N 103 -70.42 -73.51 17.55
N ILE N 104 -70.37 -72.54 16.64
CA ILE N 104 -69.28 -71.56 16.61
C ILE N 104 -69.85 -70.18 16.92
N ALA N 105 -69.13 -69.43 17.74
CA ALA N 105 -69.48 -68.06 18.10
C ALA N 105 -68.55 -67.09 17.37
N VAL N 106 -69.14 -66.12 16.67
CA VAL N 106 -68.40 -65.13 15.91
C VAL N 106 -68.52 -63.80 16.64
N LYS N 107 -67.39 -63.11 16.80
CA LYS N 107 -67.31 -61.94 17.67
C LYS N 107 -66.79 -60.72 16.90
N ASN N 108 -67.15 -59.54 17.42
CA ASN N 108 -66.71 -58.25 16.88
C ASN N 108 -67.25 -58.02 15.46
N ILE N 109 -68.56 -58.20 15.30
CA ILE N 109 -69.19 -58.11 13.99
C ILE N 109 -69.57 -56.67 13.71
N ALA N 110 -69.20 -56.19 12.53
CA ALA N 110 -69.59 -54.87 12.05
C ALA N 110 -70.28 -55.03 10.70
N PHE N 111 -71.48 -54.49 10.58
CA PHE N 111 -72.26 -54.66 9.36
C PHE N 111 -71.79 -53.70 8.27
N ASP N 112 -72.18 -54.00 7.04
CA ASP N 112 -71.69 -53.30 5.86
C ASP N 112 -72.68 -52.31 5.28
N ASP N 113 -73.98 -52.53 5.46
CA ASP N 113 -74.98 -51.65 4.88
C ASP N 113 -76.26 -51.77 5.68
N LEU N 114 -77.25 -50.95 5.32
CA LEU N 114 -78.57 -50.99 5.93
C LEU N 114 -79.62 -50.86 4.86
N THR N 115 -80.43 -51.89 4.68
CA THR N 115 -81.49 -51.90 3.67
C THR N 115 -82.74 -51.27 4.28
N LEU N 116 -83.15 -50.11 3.76
CA LEU N 116 -84.34 -49.45 4.28
C LEU N 116 -85.61 -50.01 3.65
N ALA N 117 -85.66 -50.07 2.32
CA ALA N 117 -86.84 -50.57 1.63
C ALA N 117 -86.41 -51.30 0.37
N ASP N 118 -87.07 -52.42 0.10
CA ASP N 118 -86.83 -53.18 -1.13
C ASP N 118 -88.06 -54.05 -1.39
N TRP N 119 -88.89 -53.62 -2.33
CA TRP N 119 -90.05 -54.42 -2.68
C TRP N 119 -90.38 -54.26 -4.16
N GLU N 120 -90.91 -55.32 -4.74
CA GLU N 120 -91.40 -55.33 -6.12
C GLU N 120 -92.72 -56.09 -6.13
N VAL N 121 -93.64 -55.65 -6.98
CA VAL N 121 -94.94 -56.32 -7.05
C VAL N 121 -94.76 -57.76 -7.51
N GLY N 122 -95.44 -58.68 -6.84
CA GLY N 122 -95.39 -60.08 -7.19
C GLY N 122 -94.17 -60.82 -6.71
N VAL N 123 -93.39 -60.28 -5.77
CA VAL N 123 -92.18 -60.90 -5.27
C VAL N 123 -92.22 -60.85 -3.75
N LYS N 124 -91.87 -61.97 -3.11
CA LYS N 124 -91.75 -62.00 -1.65
C LYS N 124 -90.48 -61.31 -1.21
N GLY N 125 -90.50 -60.76 0.01
CA GLY N 125 -89.41 -59.93 0.50
C GLY N 125 -88.31 -60.73 1.18
N GLU N 126 -87.07 -60.35 0.90
CA GLU N 126 -85.90 -60.96 1.51
C GLU N 126 -84.87 -59.87 1.76
N ILE N 127 -83.97 -60.13 2.71
CA ILE N 127 -82.94 -59.17 3.10
C ILE N 127 -81.59 -59.86 3.16
N GLU N 128 -80.59 -59.26 2.53
CA GLU N 128 -79.22 -59.73 2.60
C GLU N 128 -78.37 -58.70 3.34
N ALA N 129 -77.54 -59.17 4.28
CA ALA N 129 -76.74 -58.28 5.12
C ALA N 129 -75.33 -58.84 5.27
N PRO N 130 -74.34 -58.27 4.58
CA PRO N 130 -72.95 -58.67 4.78
C PRO N 130 -72.33 -57.98 5.98
N PHE N 131 -71.22 -58.53 6.46
CA PHE N 131 -70.56 -58.00 7.65
C PHE N 131 -69.08 -58.35 7.62
N THR N 132 -68.37 -57.91 8.66
CA THR N 132 -66.96 -58.17 8.88
C THR N 132 -66.77 -58.55 10.33
N PHE N 133 -65.78 -59.41 10.60
CA PHE N 133 -65.49 -59.83 11.97
C PHE N 133 -64.00 -60.09 12.11
N THR N 134 -63.54 -60.19 13.36
CA THR N 134 -62.13 -60.40 13.66
C THR N 134 -61.84 -61.54 14.62
N GLU N 135 -62.83 -62.17 15.24
CA GLU N 135 -62.58 -63.18 16.25
C GLU N 135 -63.64 -64.27 16.19
N TYR N 136 -63.33 -65.42 16.76
CA TYR N 136 -64.33 -66.46 17.00
C TYR N 136 -63.85 -67.42 18.07
N ASP N 137 -64.74 -68.32 18.46
CA ASP N 137 -64.48 -69.34 19.47
C ASP N 137 -65.18 -70.63 19.07
N PHE N 138 -64.55 -71.76 19.38
CA PHE N 138 -65.10 -73.07 19.11
C PHE N 138 -65.88 -73.59 20.31
N LEU N 139 -67.11 -74.02 20.07
CA LEU N 139 -67.88 -74.79 21.03
C LEU N 139 -68.46 -76.00 20.30
N ASP N 140 -68.60 -77.11 21.01
CA ASP N 140 -69.22 -78.31 20.46
C ASP N 140 -68.63 -78.69 19.11
N ILE N 141 -67.30 -78.66 19.01
CA ILE N 141 -66.65 -79.03 17.76
C ILE N 141 -66.69 -80.54 17.61
N ILE N 142 -67.05 -81.02 16.42
CA ILE N 142 -67.12 -82.45 16.18
C ILE N 142 -65.72 -83.05 16.15
N ASN O 3 -53.70 -51.33 25.24
CA ASN O 3 -54.74 -51.84 24.36
C ASN O 3 -55.35 -50.73 23.51
N MET O 4 -55.43 -50.97 22.20
CA MET O 4 -55.98 -50.01 21.27
C MET O 4 -57.10 -50.66 20.47
N GLU O 5 -58.12 -49.87 20.16
CA GLU O 5 -59.22 -50.28 19.31
C GLU O 5 -59.19 -49.49 18.01
N ALA O 6 -59.74 -50.09 16.95
CA ALA O 6 -59.83 -49.40 15.67
C ALA O 6 -60.78 -48.21 15.75
N ARG O 7 -61.80 -48.27 16.60
CA ARG O 7 -62.78 -47.22 16.72
C ARG O 7 -62.21 -45.93 17.33
N ASN O 8 -61.04 -45.98 17.95
CA ASN O 8 -60.48 -44.83 18.64
C ASN O 8 -59.71 -43.89 17.73
N VAL O 9 -59.53 -44.24 16.46
CA VAL O 9 -58.83 -43.36 15.53
C VAL O 9 -59.78 -42.25 15.11
N MET O 10 -59.32 -41.01 15.23
CA MET O 10 -60.19 -39.86 14.96
C MET O 10 -60.42 -39.70 13.47
N SER O 11 -61.68 -39.55 13.09
CA SER O 11 -62.04 -39.26 11.71
C SER O 11 -62.08 -37.76 11.50
N GLY O 12 -61.57 -37.32 10.35
CA GLY O 12 -61.49 -35.90 10.09
C GLY O 12 -62.79 -35.23 9.74
N THR O 13 -63.86 -36.01 9.54
CA THR O 13 -65.17 -35.45 9.27
C THR O 13 -65.75 -34.72 10.48
N TRP O 14 -65.19 -34.95 11.67
CA TRP O 14 -65.71 -34.37 12.90
C TRP O 14 -64.96 -33.12 13.34
N GLY O 15 -64.14 -32.55 12.47
CA GLY O 15 -63.44 -31.34 12.81
C GLY O 15 -64.28 -30.09 12.63
N GLU O 16 -63.86 -29.02 13.31
CA GLU O 16 -64.52 -27.72 13.23
C GLU O 16 -63.47 -26.63 13.33
N LEU O 17 -63.76 -25.49 12.71
CA LEU O 17 -62.83 -24.38 12.67
C LEU O 17 -63.54 -23.07 12.95
N TRP O 18 -62.91 -22.23 13.78
CA TRP O 18 -63.33 -20.85 13.99
C TRP O 18 -62.21 -19.94 13.53
N LEU O 19 -62.54 -18.93 12.74
CA LEU O 19 -61.55 -17.99 12.21
C LEU O 19 -62.02 -16.58 12.55
N ASP O 20 -61.28 -15.92 13.43
CA ASP O 20 -61.61 -14.58 13.91
C ASP O 20 -62.99 -14.53 14.56
N GLY O 21 -63.34 -15.59 15.28
CA GLY O 21 -64.57 -15.65 16.03
C GLY O 21 -65.81 -16.08 15.25
N ASN O 22 -65.67 -16.37 13.96
CA ASN O 22 -66.79 -16.79 13.12
C ASN O 22 -66.60 -18.23 12.72
N LYS O 23 -67.67 -19.01 12.78
CA LYS O 23 -67.60 -20.41 12.39
C LYS O 23 -67.52 -20.54 10.87
N VAL O 24 -66.66 -21.44 10.40
CA VAL O 24 -66.42 -21.69 8.99
C VAL O 24 -66.98 -23.06 8.67
N ALA O 25 -68.15 -23.10 8.03
CA ALA O 25 -68.81 -24.36 7.74
C ALA O 25 -68.33 -25.02 6.45
N GLU O 26 -67.54 -24.32 5.64
CA GLU O 26 -67.06 -24.85 4.37
C GLU O 26 -65.61 -25.35 4.45
N VAL O 27 -65.09 -25.55 5.65
CA VAL O 27 -63.70 -25.99 5.82
C VAL O 27 -63.54 -27.39 5.26
N LYS O 28 -62.38 -27.65 4.66
CA LYS O 28 -62.02 -28.95 4.09
C LYS O 28 -60.88 -29.63 4.83
N LYS O 29 -59.84 -28.90 5.20
CA LYS O 29 -58.77 -29.45 6.00
C LYS O 29 -58.02 -28.33 6.69
N PHE O 30 -57.32 -28.69 7.77
CA PHE O 30 -56.58 -27.73 8.58
C PHE O 30 -55.26 -28.35 9.03
N GLN O 31 -54.17 -27.60 8.89
CA GLN O 31 -52.86 -28.04 9.33
C GLN O 31 -52.22 -26.97 10.19
N ALA O 32 -51.44 -27.41 11.18
CA ALA O 32 -50.65 -26.49 12.00
C ALA O 32 -49.53 -27.28 12.65
N LYS O 33 -48.29 -26.84 12.44
CA LYS O 33 -47.13 -27.60 12.85
C LYS O 33 -46.04 -26.63 13.30
N MET O 34 -45.24 -27.08 14.28
CA MET O 34 -44.11 -26.30 14.79
C MET O 34 -42.81 -27.00 14.42
N GLU O 35 -41.90 -26.27 13.79
CA GLU O 35 -40.64 -26.82 13.29
C GLU O 35 -39.47 -26.28 14.08
N PHE O 36 -38.60 -27.16 14.53
CA PHE O 36 -37.44 -26.81 15.35
C PHE O 36 -36.19 -26.75 14.48
N THR O 37 -35.33 -25.78 14.78
CA THR O 37 -34.07 -25.58 14.06
C THR O 37 -32.91 -26.11 14.91
N LYS O 38 -32.02 -26.87 14.27
CA LYS O 38 -30.92 -27.54 14.95
C LYS O 38 -29.59 -27.10 14.37
N GLU O 39 -28.54 -27.22 15.18
CA GLU O 39 -27.16 -26.96 14.76
C GLU O 39 -26.31 -28.17 15.11
N ASP O 40 -25.51 -28.63 14.15
CA ASP O 40 -24.69 -29.81 14.36
C ASP O 40 -23.42 -29.46 15.15
N ILE O 41 -23.11 -30.30 16.13
CA ILE O 41 -21.93 -30.10 16.98
C ILE O 41 -20.94 -31.21 16.66
N ILE O 42 -19.74 -30.82 16.26
CA ILE O 42 -18.67 -31.74 15.87
C ILE O 42 -17.45 -31.42 16.71
N ILE O 43 -16.84 -32.45 17.30
CA ILE O 43 -15.71 -32.31 18.22
C ILE O 43 -14.53 -33.10 17.67
N ALA O 44 -13.37 -32.45 17.60
CA ALA O 44 -12.17 -33.11 17.12
C ALA O 44 -11.74 -34.21 18.08
N GLY O 45 -11.47 -35.39 17.55
CA GLY O 45 -11.10 -36.54 18.35
C GLY O 45 -12.24 -37.48 18.69
N GLN O 46 -13.49 -37.10 18.39
CA GLN O 46 -14.64 -37.94 18.61
C GLN O 46 -15.35 -38.20 17.29
N MET O 47 -15.86 -39.41 17.11
CA MET O 47 -16.50 -39.77 15.85
C MET O 47 -17.95 -39.31 15.77
N GLY O 48 -18.67 -39.29 16.89
CA GLY O 48 -20.09 -39.00 16.85
C GLY O 48 -20.42 -37.53 16.71
N THR O 49 -21.61 -37.26 16.17
CA THR O 49 -22.09 -35.90 15.92
C THR O 49 -23.38 -35.68 16.72
N ASP O 50 -23.46 -34.54 17.39
CA ASP O 50 -24.59 -34.19 18.25
C ASP O 50 -25.21 -32.87 17.78
N THR O 51 -26.33 -32.50 18.40
CA THR O 51 -27.09 -31.32 18.00
C THR O 51 -27.54 -30.52 19.21
N LYS O 52 -27.82 -29.24 18.97
CA LYS O 52 -28.51 -28.38 19.93
C LYS O 52 -29.58 -27.57 19.21
N TYR O 53 -30.66 -27.28 19.92
CA TYR O 53 -31.76 -26.49 19.37
C TYR O 53 -31.38 -25.03 19.27
N MET O 54 -31.91 -24.35 18.26
CA MET O 54 -31.66 -22.94 18.01
C MET O 54 -32.90 -22.09 18.09
N GLY O 55 -34.02 -22.55 17.56
CA GLY O 55 -35.25 -21.79 17.56
C GLY O 55 -36.34 -22.61 16.92
N TYR O 56 -37.52 -22.00 16.80
CA TYR O 56 -38.67 -22.68 16.22
C TYR O 56 -39.49 -21.70 15.39
N LYS O 57 -40.31 -22.27 14.50
CA LYS O 57 -41.17 -21.52 13.61
C LYS O 57 -42.45 -22.29 13.39
N GLY O 58 -43.53 -21.59 13.06
CA GLY O 58 -44.84 -22.21 12.87
C GLY O 58 -45.31 -22.09 11.43
N LYS O 59 -45.91 -23.17 10.93
CA LYS O 59 -46.43 -23.23 9.57
C LYS O 59 -47.76 -23.96 9.57
N GLY O 60 -48.59 -23.65 8.57
CA GLY O 60 -49.88 -24.31 8.46
C GLY O 60 -50.57 -23.89 7.18
N SER O 61 -51.80 -24.38 7.01
CA SER O 61 -52.61 -24.00 5.86
C SER O 61 -54.06 -24.38 6.11
N ILE O 62 -54.95 -23.77 5.32
CA ILE O 62 -56.39 -24.03 5.36
C ILE O 62 -56.87 -24.29 3.95
N THR O 63 -57.92 -25.09 3.82
CA THR O 63 -58.55 -25.37 2.53
C THR O 63 -60.06 -25.28 2.69
N LEU O 64 -60.70 -24.56 1.76
CA LEU O 64 -62.14 -24.29 1.85
C LEU O 64 -62.83 -24.61 0.53
N TYR O 65 -64.10 -24.99 0.63
CA TYR O 65 -64.96 -24.96 -0.55
C TYR O 65 -65.27 -23.52 -0.90
N HIS O 66 -65.41 -23.24 -2.19
CA HIS O 66 -65.67 -21.88 -2.66
C HIS O 66 -67.17 -21.65 -2.69
N VAL O 67 -67.71 -21.04 -1.64
CA VAL O 67 -69.12 -20.66 -1.59
C VAL O 67 -69.32 -19.17 -1.42
N SER O 68 -68.30 -18.41 -1.05
CA SER O 68 -68.40 -16.96 -0.88
C SER O 68 -67.00 -16.37 -0.90
N SER O 69 -66.92 -15.05 -0.80
CA SER O 69 -65.65 -14.35 -0.81
C SER O 69 -65.23 -13.99 0.62
N ARG O 70 -64.98 -15.03 1.42
CA ARG O 70 -64.67 -14.84 2.82
C ARG O 70 -63.28 -14.24 3.03
N MET O 71 -62.28 -14.74 2.29
CA MET O 71 -60.91 -14.28 2.49
C MET O 71 -60.74 -12.83 2.09
N HIS O 72 -61.39 -12.40 1.01
CA HIS O 72 -61.25 -11.01 0.59
C HIS O 72 -61.84 -10.06 1.62
N LYS O 73 -63.01 -10.39 2.16
CA LYS O 73 -63.60 -9.54 3.19
C LYS O 73 -62.75 -9.55 4.46
N LEU O 74 -62.17 -10.71 4.78
CA LEU O 74 -61.30 -10.80 5.96
C LEU O 74 -60.07 -9.92 5.79
N ILE O 75 -59.43 -9.98 4.63
CA ILE O 75 -58.22 -9.18 4.41
C ILE O 75 -58.59 -7.74 4.09
N GLY O 76 -59.49 -7.54 3.12
CA GLY O 76 -59.87 -6.20 2.73
C GLY O 76 -58.71 -5.43 2.14
N GLU O 77 -58.58 -4.17 2.55
CA GLU O 77 -57.49 -3.31 2.13
C GLU O 77 -56.39 -3.22 3.16
N LYS O 78 -56.39 -4.08 4.17
CA LYS O 78 -55.42 -3.97 5.24
C LYS O 78 -54.01 -4.17 4.73
N ILE O 79 -53.81 -5.13 3.82
CA ILE O 79 -52.49 -5.33 3.23
C ILE O 79 -52.13 -4.17 2.31
N LYS O 80 -53.09 -3.71 1.50
CA LYS O 80 -52.82 -2.64 0.55
C LYS O 80 -52.50 -1.33 1.28
N ARG O 81 -53.20 -1.05 2.38
CA ARG O 81 -52.98 0.18 3.12
C ARG O 81 -51.70 0.16 3.97
N GLY O 82 -51.01 -0.97 4.03
CA GLY O 82 -49.74 -1.02 4.72
C GLY O 82 -49.79 -1.43 6.17
N SER O 83 -50.98 -1.69 6.71
CA SER O 83 -51.05 -2.22 8.06
C SER O 83 -50.65 -3.69 8.06
N GLU O 84 -50.52 -4.26 9.26
CA GLU O 84 -50.10 -5.65 9.44
C GLU O 84 -51.19 -6.41 10.18
N PRO O 85 -52.11 -7.05 9.46
CA PRO O 85 -53.19 -7.78 10.13
C PRO O 85 -52.77 -9.16 10.62
N ARG O 86 -53.32 -9.54 11.77
CA ARG O 86 -53.08 -10.82 12.40
C ARG O 86 -54.41 -11.43 12.83
N PHE O 87 -54.46 -12.75 12.93
CA PHE O 87 -55.72 -13.44 13.17
C PHE O 87 -55.53 -14.57 14.18
N VAL O 88 -56.65 -15.05 14.71
CA VAL O 88 -56.69 -16.14 15.68
C VAL O 88 -57.59 -17.23 15.12
N ALA O 89 -57.14 -18.48 15.21
CA ALA O 89 -57.90 -19.63 14.74
C ALA O 89 -58.04 -20.66 15.83
N ILE O 90 -59.22 -21.27 15.93
CA ILE O 90 -59.51 -22.32 16.91
C ILE O 90 -60.03 -23.53 16.17
N SER O 91 -59.38 -24.69 16.38
CA SER O 91 -59.77 -25.92 15.72
C SER O 91 -60.14 -26.96 16.77
N LYS O 92 -61.25 -27.65 16.52
CA LYS O 92 -61.79 -28.67 17.42
C LYS O 92 -61.93 -29.98 16.67
N LEU O 93 -61.62 -31.08 17.34
CA LEU O 93 -61.76 -32.41 16.76
C LEU O 93 -62.46 -33.29 17.79
N ASN O 94 -63.72 -33.65 17.52
CA ASN O 94 -64.57 -34.35 18.48
C ASN O 94 -65.25 -35.53 17.80
N ASP O 95 -64.56 -36.67 17.79
CA ASP O 95 -65.09 -37.94 17.29
C ASP O 95 -65.87 -38.64 18.39
N PRO O 96 -67.12 -39.01 18.16
CA PRO O 96 -67.91 -39.66 19.22
C PRO O 96 -67.30 -40.96 19.73
N ASP O 97 -66.61 -41.70 18.87
CA ASP O 97 -66.05 -42.99 19.23
C ASP O 97 -64.67 -42.89 19.88
N SER O 98 -64.11 -41.68 20.00
CA SER O 98 -62.81 -41.50 20.62
C SER O 98 -62.95 -41.25 22.11
N TYR O 99 -61.81 -41.02 22.77
CA TYR O 99 -61.82 -40.78 24.22
C TYR O 99 -62.44 -39.43 24.55
N GLY O 100 -62.10 -38.40 23.78
CA GLY O 100 -62.57 -37.07 24.09
C GLY O 100 -62.32 -36.11 22.95
N ALA O 101 -62.37 -34.83 23.27
CA ALA O 101 -62.16 -33.77 22.29
C ALA O 101 -60.76 -33.19 22.42
N GLU O 102 -60.34 -32.51 21.36
CA GLU O 102 -59.05 -31.86 21.30
C GLU O 102 -59.23 -30.49 20.69
N ARG O 103 -58.99 -29.44 21.48
CA ARG O 103 -59.24 -28.07 21.06
C ARG O 103 -57.97 -27.25 21.22
N ILE O 104 -57.54 -26.61 20.14
CA ILE O 104 -56.30 -25.83 20.11
C ILE O 104 -56.63 -24.44 19.58
N ALA O 105 -55.94 -23.44 20.12
CA ALA O 105 -56.02 -22.07 19.63
C ALA O 105 -54.69 -21.69 19.00
N VAL O 106 -54.73 -21.27 17.74
CA VAL O 106 -53.54 -20.86 16.99
C VAL O 106 -53.58 -19.35 16.87
N LYS O 107 -52.53 -18.68 17.32
CA LYS O 107 -52.56 -17.23 17.46
C LYS O 107 -51.46 -16.58 16.63
N ASN O 108 -51.74 -15.32 16.25
CA ASN O 108 -50.82 -14.46 15.51
C ASN O 108 -50.54 -15.01 14.11
N ILE O 109 -51.61 -15.19 13.36
CA ILE O 109 -51.57 -15.82 12.05
C ILE O 109 -51.35 -14.76 10.98
N ALA O 110 -50.43 -15.02 10.06
CA ALA O 110 -50.18 -14.16 8.91
C ALA O 110 -50.34 -14.96 7.63
N PHE O 111 -51.31 -14.60 6.80
CA PHE O 111 -51.57 -15.33 5.57
C PHE O 111 -50.52 -15.02 4.51
N ASP O 112 -50.36 -15.96 3.57
CA ASP O 112 -49.28 -15.94 2.60
C ASP O 112 -49.68 -15.37 1.25
N ASP O 113 -50.95 -15.48 0.85
CA ASP O 113 -51.41 -14.98 -0.43
C ASP O 113 -52.92 -14.81 -0.38
N LEU O 114 -53.48 -14.30 -1.47
CA LEU O 114 -54.93 -14.13 -1.62
C LEU O 114 -55.34 -14.54 -3.02
N THR O 115 -56.31 -15.44 -3.12
CA THR O 115 -56.81 -15.91 -4.40
C THR O 115 -58.04 -15.10 -4.78
N LEU O 116 -58.01 -14.49 -5.96
CA LEU O 116 -59.12 -13.69 -6.44
C LEU O 116 -60.06 -14.49 -7.31
N ALA O 117 -59.53 -15.27 -8.25
CA ALA O 117 -60.35 -16.10 -9.12
C ALA O 117 -59.54 -17.31 -9.54
N ASP O 118 -60.15 -18.49 -9.45
CA ASP O 118 -59.53 -19.72 -9.94
C ASP O 118 -60.67 -20.69 -10.28
N TRP O 119 -61.09 -20.67 -11.53
CA TRP O 119 -62.18 -21.52 -11.98
C TRP O 119 -61.84 -22.14 -13.33
N GLU O 120 -62.52 -23.25 -13.62
CA GLU O 120 -62.33 -24.00 -14.86
C GLU O 120 -63.64 -24.68 -15.19
N VAL O 121 -63.92 -24.82 -16.49
CA VAL O 121 -65.20 -25.39 -16.90
C VAL O 121 -65.27 -26.86 -16.49
N GLY O 122 -66.36 -27.23 -15.83
CA GLY O 122 -66.57 -28.60 -15.40
C GLY O 122 -65.87 -29.00 -14.12
N VAL O 123 -65.40 -28.05 -13.32
CA VAL O 123 -64.67 -28.34 -12.09
C VAL O 123 -65.25 -27.49 -10.97
N LYS O 124 -65.42 -28.09 -9.79
CA LYS O 124 -65.94 -27.37 -8.63
C LYS O 124 -64.81 -26.64 -7.91
N GLY O 125 -65.15 -25.49 -7.33
CA GLY O 125 -64.13 -24.56 -6.84
C GLY O 125 -63.68 -24.82 -5.41
N GLU O 126 -62.38 -24.58 -5.18
CA GLU O 126 -61.78 -24.69 -3.86
C GLU O 126 -60.74 -23.60 -3.69
N ILE O 127 -60.45 -23.27 -2.42
CA ILE O 127 -59.50 -22.23 -2.05
C ILE O 127 -58.48 -22.83 -1.11
N GLU O 128 -57.21 -22.47 -1.30
CA GLU O 128 -56.12 -22.91 -0.43
C GLU O 128 -55.40 -21.68 0.12
N ALA O 129 -55.13 -21.68 1.44
CA ALA O 129 -54.60 -20.51 2.12
C ALA O 129 -53.54 -20.89 3.13
N PRO O 130 -52.26 -20.87 2.75
CA PRO O 130 -51.18 -21.12 3.71
C PRO O 130 -50.90 -19.91 4.59
N PHE O 131 -50.28 -20.17 5.75
CA PHE O 131 -49.99 -19.11 6.70
C PHE O 131 -48.82 -19.51 7.58
N THR O 132 -48.40 -18.56 8.43
CA THR O 132 -47.42 -18.79 9.47
C THR O 132 -47.92 -18.18 10.77
N PHE O 133 -47.49 -18.73 11.91
CA PHE O 133 -47.95 -18.28 13.21
C PHE O 133 -46.78 -18.34 14.19
N THR O 134 -47.01 -17.85 15.41
CA THR O 134 -45.96 -17.75 16.41
C THR O 134 -46.25 -18.46 17.73
N GLU O 135 -47.50 -18.65 18.12
CA GLU O 135 -47.78 -19.30 19.39
C GLU O 135 -49.12 -20.00 19.37
N TYR O 136 -49.34 -20.86 20.37
CA TYR O 136 -50.52 -21.69 20.44
C TYR O 136 -50.86 -21.99 21.90
N ASP O 137 -52.12 -22.34 22.14
CA ASP O 137 -52.60 -22.75 23.45
C ASP O 137 -53.44 -24.01 23.31
N PHE O 138 -53.44 -24.84 24.34
CA PHE O 138 -54.26 -26.04 24.38
C PHE O 138 -55.42 -25.82 25.34
N LEU O 139 -56.63 -26.07 24.86
CA LEU O 139 -57.83 -25.90 25.67
C LEU O 139 -58.45 -27.20 26.13
N ASP O 140 -58.42 -28.23 25.29
CA ASP O 140 -58.90 -29.56 25.64
C ASP O 140 -57.87 -30.59 25.21
N ILE O 141 -57.47 -31.45 26.13
CA ILE O 141 -56.45 -32.46 25.90
C ILE O 141 -57.09 -33.83 26.00
N ILE O 142 -56.88 -34.66 24.99
CA ILE O 142 -57.43 -36.00 24.94
C ILE O 142 -56.44 -37.02 25.48
N ILE P 3 -84.82 -14.13 40.19
CA ILE P 3 -84.07 -13.51 39.10
C ILE P 3 -83.88 -12.01 39.32
N GLY P 4 -82.64 -11.63 39.62
CA GLY P 4 -82.33 -10.23 39.85
C GLY P 4 -81.60 -9.59 38.70
N LEU P 5 -80.74 -8.62 39.01
CA LEU P 5 -79.95 -7.96 38.00
C LEU P 5 -78.87 -8.91 37.47
N PRO P 6 -78.40 -8.71 36.24
CA PRO P 6 -77.27 -9.51 35.75
C PRO P 6 -76.06 -9.33 36.65
N SER P 7 -75.43 -10.46 36.97
CA SER P 7 -74.36 -10.51 37.95
C SER P 7 -73.03 -10.73 37.25
N ILE P 8 -72.12 -9.76 37.37
CA ILE P 8 -70.77 -9.86 36.81
C ILE P 8 -69.82 -9.54 37.96
N ASN P 9 -69.38 -10.57 38.68
CA ASN P 9 -68.53 -10.37 39.83
C ASN P 9 -67.19 -11.06 39.61
N ILE P 10 -66.12 -10.30 39.82
CA ILE P 10 -64.75 -10.79 39.73
C ILE P 10 -64.15 -10.72 41.12
N SER P 11 -63.73 -11.86 41.64
CA SER P 11 -63.25 -11.95 43.01
C SER P 11 -61.76 -12.29 43.03
N PHE P 12 -61.06 -11.74 44.02
CA PHE P 12 -59.65 -12.03 44.24
C PHE P 12 -59.50 -12.76 45.55
N LYS P 13 -58.78 -13.88 45.53
CA LYS P 13 -58.56 -14.68 46.72
C LYS P 13 -57.16 -15.27 46.68
N GLU P 14 -56.74 -15.83 47.80
CA GLU P 14 -55.41 -16.40 47.93
C GLU P 14 -55.37 -17.82 47.39
N LEU P 15 -54.17 -18.26 47.05
CA LEU P 15 -53.98 -19.61 46.50
C LEU P 15 -54.30 -20.66 47.55
N ALA P 16 -54.98 -21.72 47.13
CA ALA P 16 -55.42 -22.79 48.02
C ALA P 16 -54.67 -24.07 47.69
N THR P 17 -54.54 -24.94 48.70
CA THR P 17 -53.85 -26.20 48.53
C THR P 17 -54.66 -27.14 47.65
N THR P 18 -53.96 -28.08 47.02
CA THR P 18 -54.58 -29.04 46.11
C THR P 18 -54.72 -30.38 46.83
N VAL P 19 -55.96 -30.85 46.99
CA VAL P 19 -56.19 -32.13 47.65
C VAL P 19 -55.84 -33.26 46.70
N LYS P 20 -55.61 -34.43 47.28
CA LYS P 20 -55.22 -35.59 46.50
C LYS P 20 -56.40 -36.12 45.69
N GLU P 21 -56.10 -36.76 44.57
CA GLU P 21 -57.14 -37.24 43.68
C GLU P 21 -57.87 -38.44 44.28
N ARG P 22 -59.10 -38.64 43.81
CA ARG P 22 -59.98 -39.69 44.29
C ARG P 22 -59.64 -41.03 43.62
N SER P 23 -60.28 -42.09 44.12
CA SER P 23 -60.14 -43.42 43.55
C SER P 23 -61.51 -43.99 43.23
N ALA P 24 -61.57 -44.77 42.15
CA ALA P 24 -62.80 -45.40 41.72
C ALA P 24 -63.08 -46.72 42.43
N ARG P 25 -62.14 -47.21 43.24
CA ARG P 25 -62.30 -48.47 43.95
C ARG P 25 -61.82 -48.33 45.38
N GLY P 26 -62.38 -49.15 46.26
CA GLY P 26 -61.94 -49.19 47.64
C GLY P 26 -62.90 -48.53 48.61
N ILE P 27 -63.66 -49.33 49.33
CA ILE P 27 -64.62 -48.84 50.31
C ILE P 27 -64.24 -49.37 51.68
N ILE P 28 -64.18 -48.49 52.67
CA ILE P 28 -63.79 -48.83 54.04
C ILE P 28 -64.99 -48.60 54.94
N ALA P 29 -65.22 -49.54 55.87
CA ALA P 29 -66.25 -49.41 56.87
C ALA P 29 -65.59 -49.35 58.25
N MET P 30 -65.93 -48.34 59.03
CA MET P 30 -65.40 -48.15 60.37
C MET P 30 -66.52 -48.20 61.39
N VAL P 31 -66.26 -48.90 62.49
CA VAL P 31 -67.21 -49.01 63.60
C VAL P 31 -66.69 -48.16 64.75
N LEU P 32 -67.46 -47.13 65.11
CA LEU P 32 -67.07 -46.19 66.14
C LEU P 32 -68.10 -46.21 67.27
N LYS P 33 -67.71 -45.66 68.42
CA LYS P 33 -68.56 -45.59 69.60
C LYS P 33 -68.58 -44.17 70.13
N ASP P 34 -69.72 -43.49 69.97
CA ASP P 34 -69.88 -42.12 70.46
C ASP P 34 -71.31 -41.94 70.96
N ALA P 35 -71.48 -40.97 71.87
CA ALA P 35 -72.79 -40.76 72.49
C ALA P 35 -73.83 -40.28 71.48
N LYS P 36 -73.45 -39.45 70.53
CA LYS P 36 -74.38 -38.86 69.58
C LYS P 36 -73.90 -39.13 68.16
N ALA P 37 -74.67 -38.64 67.19
CA ALA P 37 -74.42 -38.88 65.77
C ALA P 37 -74.36 -40.38 65.46
N LEU P 38 -75.48 -41.04 65.72
CA LEU P 38 -75.57 -42.48 65.61
C LEU P 38 -75.96 -42.90 64.20
N GLY P 39 -75.78 -44.19 63.93
CA GLY P 39 -76.19 -44.75 62.66
C GLY P 39 -75.16 -44.57 61.57
N LEU P 40 -75.57 -44.98 60.36
CA LEU P 40 -74.69 -44.94 59.20
C LEU P 40 -74.36 -43.50 58.82
N ASN P 41 -73.16 -43.32 58.29
CA ASN P 41 -72.71 -42.03 57.78
C ASN P 41 -71.89 -42.28 56.51
N GLU P 42 -71.95 -41.34 55.58
CA GLU P 42 -71.23 -41.41 54.32
C GLU P 42 -70.25 -40.25 54.24
N ILE P 43 -68.98 -40.55 54.00
CA ILE P 43 -67.93 -39.55 53.95
C ILE P 43 -67.22 -39.68 52.61
N HIS P 44 -67.45 -38.71 51.73
CA HIS P 44 -66.79 -38.68 50.43
C HIS P 44 -65.56 -37.79 50.43
N GLU P 45 -65.65 -36.64 51.09
CA GLU P 45 -64.56 -35.68 51.19
C GLU P 45 -64.12 -35.54 52.64
N LYS P 46 -62.82 -35.22 52.80
CA LYS P 46 -62.23 -35.18 54.13
C LYS P 46 -62.81 -34.06 54.99
N GLU P 47 -63.13 -32.92 54.37
CA GLU P 47 -63.65 -31.79 55.14
C GLU P 47 -64.97 -32.13 55.82
N ASP P 48 -65.80 -32.97 55.19
CA ASP P 48 -67.15 -33.22 55.67
C ASP P 48 -67.12 -34.33 56.70
N ILE P 49 -67.04 -33.95 57.97
CA ILE P 49 -67.21 -34.87 59.09
C ILE P 49 -68.27 -34.26 60.00
N PRO P 50 -69.14 -35.04 60.60
CA PRO P 50 -70.15 -34.46 61.51
C PRO P 50 -69.49 -33.66 62.63
N VAL P 51 -70.06 -32.48 62.89
CA VAL P 51 -69.51 -31.60 63.90
C VAL P 51 -69.77 -32.15 65.30
N ASP P 52 -70.78 -33.01 65.44
CA ASP P 52 -71.15 -33.54 66.74
C ASP P 52 -70.08 -34.49 67.27
N LEU P 53 -69.38 -35.19 66.40
CA LEU P 53 -68.47 -36.25 66.81
C LEU P 53 -67.33 -35.71 67.66
N SER P 54 -66.72 -36.61 68.42
CA SER P 54 -65.58 -36.28 69.26
C SER P 54 -64.34 -36.03 68.42
N ALA P 55 -63.36 -35.35 69.02
CA ALA P 55 -62.14 -35.00 68.30
C ALA P 55 -61.31 -36.25 67.99
N GLU P 56 -61.29 -37.21 68.91
CA GLU P 56 -60.52 -38.44 68.68
C GLU P 56 -61.11 -39.26 67.53
N ASN P 57 -62.44 -39.33 67.45
CA ASN P 57 -63.07 -40.01 66.32
C ASN P 57 -62.78 -39.28 65.02
N LYS P 58 -62.78 -37.94 65.06
CA LYS P 58 -62.45 -37.17 63.87
C LYS P 58 -61.01 -37.44 63.42
N GLU P 59 -60.09 -37.57 64.38
CA GLU P 59 -58.71 -37.87 64.01
C GLU P 59 -58.58 -39.29 63.46
N TYR P 60 -59.37 -40.24 63.97
CA TYR P 60 -59.40 -41.57 63.37
C TYR P 60 -59.87 -41.50 61.92
N ILE P 61 -60.92 -40.72 61.67
CA ILE P 61 -61.45 -40.60 60.32
C ILE P 61 -60.42 -39.95 59.40
N ASN P 62 -59.71 -38.95 59.90
CA ASN P 62 -58.66 -38.31 59.10
C ASN P 62 -57.52 -39.28 58.81
N LEU P 63 -57.14 -40.08 59.80
CA LEU P 63 -56.14 -41.11 59.57
C LEU P 63 -56.57 -42.07 58.47
N ALA P 64 -57.84 -42.46 58.48
CA ALA P 64 -58.36 -43.31 57.40
C ALA P 64 -58.28 -42.59 56.06
N LEU P 65 -58.65 -41.31 56.03
CA LEU P 65 -58.74 -40.56 54.79
C LEU P 65 -57.38 -40.17 54.23
N MET P 66 -56.30 -40.34 54.99
CA MET P 66 -54.96 -40.10 54.44
C MET P 66 -54.72 -40.96 53.21
N GLY P 67 -54.71 -42.27 53.38
CA GLY P 67 -54.65 -43.20 52.27
C GLY P 67 -53.30 -43.38 51.60
N ASN P 68 -53.31 -43.40 50.28
CA ASN P 68 -52.14 -43.66 49.45
C ASN P 68 -52.21 -42.69 48.28
N VAL P 69 -51.51 -43.03 47.19
CA VAL P 69 -51.47 -42.23 45.97
C VAL P 69 -52.85 -41.68 45.60
N ASN P 70 -53.91 -42.44 45.88
CA ASN P 70 -55.27 -41.96 45.73
C ASN P 70 -56.03 -42.10 47.05
N THR P 71 -56.94 -41.17 47.28
CA THR P 71 -57.82 -41.24 48.44
C THR P 71 -58.85 -42.36 48.22
N PRO P 72 -59.23 -43.09 49.28
CA PRO P 72 -60.21 -44.16 49.11
C PRO P 72 -61.53 -43.65 48.55
N ASN P 73 -62.25 -44.55 47.86
CA ASN P 73 -63.47 -44.15 47.17
C ASN P 73 -64.48 -43.53 48.12
N LYS P 74 -64.79 -44.21 49.21
CA LYS P 74 -65.77 -43.69 50.16
C LYS P 74 -65.58 -44.39 51.49
N LEU P 75 -66.09 -43.75 52.55
CA LEU P 75 -65.95 -44.25 53.91
C LEU P 75 -67.32 -44.35 54.55
N LEU P 76 -67.63 -45.50 55.14
CA LEU P 76 -68.89 -45.73 55.82
C LEU P 76 -68.63 -45.80 57.31
N VAL P 77 -69.16 -44.84 58.05
CA VAL P 77 -68.94 -44.74 59.49
C VAL P 77 -70.24 -45.15 60.18
N TYR P 78 -70.17 -46.21 60.98
CA TYR P 78 -71.29 -46.67 61.77
C TYR P 78 -70.98 -46.46 63.25
N VAL P 79 -71.80 -45.66 63.93
CA VAL P 79 -71.54 -45.22 65.29
C VAL P 79 -72.63 -45.77 66.20
N ILE P 80 -72.22 -46.24 67.37
CA ILE P 80 -73.15 -46.76 68.38
C ILE P 80 -72.89 -46.01 69.68
N GLU P 81 -73.93 -45.92 70.51
CA GLU P 81 -73.86 -45.07 71.70
C GLU P 81 -72.93 -45.64 72.75
N GLY P 82 -72.70 -46.95 72.73
CA GLY P 82 -71.88 -47.57 73.75
C GLY P 82 -72.65 -48.62 74.51
N GLU P 83 -71.95 -49.47 75.27
CA GLU P 83 -72.55 -50.62 75.93
C GLU P 83 -73.43 -51.46 74.99
N ALA P 84 -73.23 -51.33 73.68
CA ALA P 84 -74.04 -52.02 72.68
C ALA P 84 -73.19 -53.04 71.96
N ASP P 85 -73.73 -54.25 71.81
CA ASP P 85 -72.97 -55.35 71.25
C ASP P 85 -72.56 -55.05 69.81
N ILE P 86 -71.34 -55.47 69.45
CA ILE P 86 -70.83 -55.27 68.10
C ILE P 86 -71.63 -56.06 67.08
N GLN P 87 -72.29 -57.14 67.50
CA GLN P 87 -73.04 -57.98 66.57
C GLN P 87 -74.17 -57.21 65.91
N THR P 88 -74.74 -56.21 66.58
CA THR P 88 -75.73 -55.36 65.92
C THR P 88 -75.12 -54.61 64.75
N ALA P 89 -73.91 -54.07 64.95
CA ALA P 89 -73.23 -53.37 63.86
C ALA P 89 -72.93 -54.33 62.72
N LEU P 90 -72.50 -55.55 63.03
CA LEU P 90 -72.24 -56.53 61.98
C LEU P 90 -73.52 -56.87 61.21
N ASP P 91 -74.62 -57.06 61.93
CA ASP P 91 -75.89 -57.37 61.29
C ASP P 91 -76.32 -56.25 60.35
N PHE P 92 -76.16 -54.99 60.78
CA PHE P 92 -76.48 -53.89 59.87
C PHE P 92 -75.55 -53.87 58.68
N LEU P 93 -74.25 -54.10 58.90
CA LEU P 93 -73.28 -54.04 57.83
C LEU P 93 -73.43 -55.16 56.82
N GLU P 94 -74.17 -56.22 57.17
CA GLU P 94 -74.40 -57.30 56.20
C GLU P 94 -75.10 -56.78 54.95
N THR P 95 -76.10 -55.91 55.10
CA THR P 95 -76.84 -55.43 53.95
C THR P 95 -76.06 -54.43 53.10
N LYS P 96 -75.02 -53.83 53.67
CA LYS P 96 -74.19 -52.88 52.94
C LYS P 96 -73.05 -53.59 52.21
N GLU P 97 -72.47 -52.90 51.24
CA GLU P 97 -71.35 -53.42 50.48
C GLU P 97 -70.09 -52.61 50.78
N PHE P 98 -68.98 -53.32 50.98
CA PHE P 98 -67.73 -52.69 51.36
C PHE P 98 -66.60 -53.66 51.04
N ASN P 99 -65.37 -53.18 51.18
CA ASN P 99 -64.19 -53.99 50.91
C ASN P 99 -63.39 -54.31 52.17
N TYR P 100 -63.10 -53.31 52.99
CA TYR P 100 -62.32 -53.49 54.20
C TYR P 100 -63.08 -52.98 55.41
N LEU P 101 -62.95 -53.67 56.53
CA LEU P 101 -63.59 -53.29 57.77
C LEU P 101 -62.54 -53.13 58.86
N CYS P 102 -62.67 -52.09 59.67
CA CYS P 102 -61.75 -51.85 60.77
C CYS P 102 -62.48 -51.11 61.88
N MET P 103 -61.89 -51.15 63.07
CA MET P 103 -62.42 -50.41 64.20
C MET P 103 -61.31 -50.16 65.22
N PRO P 104 -61.06 -48.90 65.59
CA PRO P 104 -59.89 -48.57 66.41
C PRO P 104 -60.01 -48.96 67.87
N LYS P 105 -61.19 -49.33 68.36
CA LYS P 105 -61.41 -49.54 69.79
C LYS P 105 -61.89 -50.95 70.09
N ALA P 106 -61.26 -51.95 69.50
CA ALA P 106 -61.69 -53.33 69.64
C ALA P 106 -61.01 -54.01 70.82
N VAL P 107 -61.80 -54.55 71.73
CA VAL P 107 -61.31 -55.42 72.80
C VAL P 107 -61.22 -56.84 72.27
N GLU P 108 -60.59 -57.73 73.04
CA GLU P 108 -60.27 -59.07 72.53
C GLU P 108 -61.52 -59.85 72.13
N ALA P 109 -62.56 -59.83 72.96
CA ALA P 109 -63.79 -60.53 72.60
C ALA P 109 -64.42 -59.93 71.35
N ASP P 110 -64.30 -58.60 71.23
CA ASP P 110 -64.81 -57.90 70.07
C ASP P 110 -64.02 -58.37 68.85
N LYS P 111 -62.70 -58.48 69.00
CA LYS P 111 -61.85 -58.95 67.91
C LYS P 111 -62.25 -60.34 67.47
N THR P 112 -62.52 -61.24 68.43
CA THR P 112 -62.94 -62.59 68.09
C THR P 112 -64.27 -62.59 67.34
N ALA P 113 -65.21 -61.75 67.79
CA ALA P 113 -66.49 -61.64 67.10
C ALA P 113 -66.30 -61.20 65.66
N ILE P 114 -65.45 -60.18 65.45
CA ILE P 114 -65.22 -59.68 64.09
C ILE P 114 -64.57 -60.75 63.23
N LYS P 115 -63.59 -61.46 63.77
CA LYS P 115 -62.91 -62.49 62.99
C LYS P 115 -63.88 -63.61 62.60
N ASN P 116 -64.73 -64.04 63.54
CA ASN P 116 -65.70 -65.07 63.23
C ASN P 116 -66.71 -64.59 62.19
N TRP P 117 -67.13 -63.33 62.28
CA TRP P 117 -68.04 -62.78 61.28
C TRP P 117 -67.40 -62.79 59.90
N ILE P 118 -66.13 -62.39 59.82
CA ILE P 118 -65.45 -62.34 58.53
C ILE P 118 -65.34 -63.74 57.94
N ILE P 119 -64.95 -64.72 58.76
CA ILE P 119 -64.83 -66.08 58.26
C ILE P 119 -66.18 -66.62 57.79
N LYS P 120 -67.24 -66.36 58.56
CA LYS P 120 -68.56 -66.83 58.16
C LYS P 120 -68.99 -66.19 56.84
N LEU P 121 -68.75 -64.90 56.67
CA LEU P 121 -69.13 -64.24 55.43
C LEU P 121 -68.36 -64.81 54.24
N ARG P 122 -67.05 -65.03 54.41
CA ARG P 122 -66.23 -65.47 53.29
C ARG P 122 -66.51 -66.93 52.93
N ASP P 123 -66.79 -67.78 53.92
CA ASP P 123 -66.88 -69.22 53.67
C ASP P 123 -68.29 -69.71 53.42
N ILE P 124 -69.31 -69.11 54.02
CA ILE P 124 -70.69 -69.59 53.93
C ILE P 124 -71.56 -68.65 53.10
N ASP P 125 -71.49 -67.35 53.39
CA ASP P 125 -72.33 -66.39 52.67
C ASP P 125 -71.84 -66.10 51.26
N LYS P 126 -70.65 -66.59 50.90
CA LYS P 126 -70.09 -66.40 49.56
C LYS P 126 -69.97 -64.91 49.20
N VAL P 127 -69.50 -64.12 50.16
CA VAL P 127 -69.20 -62.71 49.94
C VAL P 127 -67.76 -62.46 50.33
N LYS P 128 -66.99 -61.84 49.44
CA LYS P 128 -65.55 -61.67 49.63
C LYS P 128 -65.28 -60.29 50.23
N VAL P 129 -65.04 -60.26 51.54
CA VAL P 129 -64.70 -59.04 52.25
C VAL P 129 -63.52 -59.32 53.16
N LYS P 130 -62.82 -58.26 53.56
CA LYS P 130 -61.62 -58.37 54.37
C LYS P 130 -61.72 -57.42 55.56
N ALA P 131 -60.90 -57.70 56.58
CA ALA P 131 -60.84 -56.88 57.77
C ALA P 131 -59.40 -56.77 58.25
N VAL P 132 -59.00 -55.57 58.66
CA VAL P 132 -57.66 -55.31 59.17
C VAL P 132 -57.75 -55.20 60.68
N LEU P 133 -57.11 -56.13 61.38
CA LEU P 133 -57.22 -56.23 62.83
C LEU P 133 -55.86 -56.02 63.47
N GLY P 134 -55.87 -55.62 64.73
CA GLY P 134 -54.66 -55.29 65.44
C GLY P 134 -53.78 -56.48 65.78
N LYS P 135 -54.22 -57.33 66.70
CA LYS P 135 -53.40 -58.45 67.18
C LYS P 135 -54.26 -59.71 67.17
N VAL P 136 -54.37 -60.35 66.03
CA VAL P 136 -55.16 -61.57 65.88
C VAL P 136 -54.31 -62.61 65.16
N VAL P 137 -54.29 -63.82 65.70
CA VAL P 137 -53.46 -64.89 65.15
C VAL P 137 -54.24 -65.75 64.17
N GLY P 138 -55.33 -65.21 63.62
CA GLY P 138 -56.15 -65.98 62.69
C GLY P 138 -55.36 -66.44 61.47
N ASN P 139 -55.75 -67.60 60.96
CA ASN P 139 -55.03 -68.27 59.88
C ASN P 139 -55.68 -68.05 58.51
N HIS P 140 -56.66 -67.18 58.42
CA HIS P 140 -57.42 -67.02 57.20
C HIS P 140 -56.80 -65.96 56.30
N GLU P 141 -57.24 -65.95 55.04
CA GLU P 141 -56.81 -64.93 54.08
C GLU P 141 -57.68 -63.69 54.11
N GLY P 142 -58.73 -63.69 54.93
CA GLY P 142 -59.64 -62.57 54.98
C GLY P 142 -59.27 -61.51 56.00
N ILE P 143 -58.40 -61.86 56.94
CA ILE P 143 -58.01 -60.94 58.00
C ILE P 143 -56.52 -60.68 57.91
N ILE P 144 -56.13 -59.44 58.19
CA ILE P 144 -54.74 -59.00 58.10
C ILE P 144 -54.27 -58.64 59.50
N ASN P 145 -53.16 -59.25 59.92
CA ASN P 145 -52.60 -59.06 61.26
C ASN P 145 -51.51 -58.00 61.21
N PHE P 146 -51.79 -56.83 61.78
CA PHE P 146 -50.85 -55.70 61.78
C PHE P 146 -50.34 -55.50 63.20
N THR P 147 -49.13 -55.97 63.47
CA THR P 147 -48.57 -55.95 64.82
C THR P 147 -47.41 -54.95 64.88
N THR P 148 -47.74 -53.70 65.22
CA THR P 148 -46.75 -52.67 65.49
C THR P 148 -47.33 -51.72 66.52
N GLU P 149 -46.58 -51.47 67.59
CA GLU P 149 -47.07 -50.73 68.73
C GLU P 149 -46.29 -49.43 68.89
N ASP P 150 -46.94 -48.46 69.53
CA ASP P 150 -46.31 -47.18 69.90
C ASP P 150 -45.70 -46.48 68.69
N VAL P 151 -46.56 -46.07 67.77
CA VAL P 151 -46.16 -45.35 66.58
C VAL P 151 -46.38 -43.86 66.82
N LEU P 152 -45.36 -43.05 66.52
CA LEU P 152 -45.42 -41.62 66.75
C LEU P 152 -45.82 -40.91 65.47
N VAL P 153 -46.90 -40.14 65.54
CA VAL P 153 -47.35 -39.29 64.44
C VAL P 153 -47.82 -37.98 65.04
N GLY P 154 -47.19 -36.88 64.66
CA GLY P 154 -47.57 -35.58 65.19
C GLY P 154 -47.42 -35.48 66.69
N GLU P 155 -46.26 -35.89 67.20
CA GLU P 155 -45.97 -36.03 68.63
C GLU P 155 -47.16 -36.59 69.41
N LYS P 156 -47.79 -37.64 68.88
CA LYS P 156 -48.86 -38.35 69.55
C LYS P 156 -48.65 -39.84 69.41
N LYS P 157 -48.91 -40.58 70.49
CA LYS P 157 -48.74 -42.03 70.50
C LYS P 157 -50.03 -42.70 70.06
N TYR P 158 -49.93 -43.64 69.13
CA TYR P 158 -51.06 -44.42 68.66
C TYR P 158 -50.82 -45.89 69.00
N SER P 159 -51.86 -46.55 69.50
CA SER P 159 -51.75 -47.96 69.82
C SER P 159 -51.83 -48.79 68.53
N VAL P 160 -51.56 -50.09 68.68
CA VAL P 160 -51.59 -50.98 67.53
C VAL P 160 -52.98 -51.03 66.93
N ASP P 161 -54.01 -51.15 67.77
CA ASP P 161 -55.39 -51.15 67.30
C ASP P 161 -55.79 -49.82 66.68
N GLU P 162 -55.06 -48.74 66.99
CA GLU P 162 -55.46 -47.42 66.56
C GLU P 162 -55.00 -47.11 65.13
N PHE P 163 -53.90 -47.71 64.69
CA PHE P 163 -53.37 -47.47 63.36
C PHE P 163 -53.99 -48.35 62.28
N THR P 164 -54.89 -49.26 62.65
CA THR P 164 -55.57 -50.06 61.62
C THR P 164 -56.34 -49.18 60.67
N SER P 165 -56.77 -48.00 61.12
CA SER P 165 -57.43 -47.04 60.24
C SER P 165 -56.50 -46.60 59.11
N ARG P 166 -55.30 -46.18 59.46
CA ARG P 166 -54.35 -45.73 58.44
C ARG P 166 -53.94 -46.87 57.53
N VAL P 167 -53.78 -48.08 58.09
CA VAL P 167 -53.41 -49.23 57.27
C VAL P 167 -54.50 -49.55 56.26
N ALA P 168 -55.76 -49.53 56.70
CA ALA P 168 -56.87 -49.78 55.78
C ALA P 168 -56.94 -48.72 54.70
N GLY P 169 -56.74 -47.44 55.08
CA GLY P 169 -56.72 -46.40 54.09
C GLY P 169 -55.61 -46.56 53.07
N LEU P 170 -54.43 -46.98 53.53
CA LEU P 170 -53.31 -47.20 52.63
C LEU P 170 -53.60 -48.34 51.66
N ILE P 171 -54.12 -49.46 52.17
CA ILE P 171 -54.38 -50.62 51.33
C ILE P 171 -55.48 -50.29 50.31
N ALA P 172 -56.52 -49.58 50.74
CA ALA P 172 -57.61 -49.25 49.83
C ALA P 172 -57.25 -48.16 48.83
N GLY P 173 -56.21 -47.39 49.09
CA GLY P 173 -55.78 -46.34 48.19
C GLY P 173 -54.77 -46.75 47.15
N THR P 174 -54.44 -48.02 47.06
CA THR P 174 -53.42 -48.53 46.15
C THR P 174 -54.06 -49.03 44.86
N PRO P 175 -53.54 -48.65 43.69
CA PRO P 175 -54.11 -49.18 42.44
C PRO P 175 -53.90 -50.67 42.32
N LEU P 176 -54.80 -51.31 41.56
CA LEU P 176 -54.78 -52.77 41.42
C LEU P 176 -53.51 -53.27 40.75
N SER P 177 -52.82 -52.43 40.00
CA SER P 177 -51.61 -52.86 39.32
C SER P 177 -50.42 -53.00 40.26
N GLN P 178 -50.38 -52.21 41.33
CA GLN P 178 -49.22 -52.14 42.21
C GLN P 178 -49.43 -53.01 43.44
N SER P 179 -48.46 -52.96 44.36
CA SER P 179 -48.52 -53.61 45.65
C SER P 179 -48.12 -52.60 46.73
N VAL P 180 -48.29 -53.00 48.00
CA VAL P 180 -48.01 -52.10 49.11
C VAL P 180 -46.63 -52.33 49.72
N THR P 181 -45.82 -53.20 49.14
CA THR P 181 -44.50 -53.48 49.70
C THR P 181 -43.59 -52.27 49.57
N TYR P 182 -42.95 -51.91 50.68
CA TYR P 182 -41.96 -50.82 50.72
C TYR P 182 -42.58 -49.46 50.39
N THR P 183 -43.85 -49.26 50.72
CA THR P 183 -44.48 -47.95 50.60
C THR P 183 -44.18 -47.14 51.85
N LYS P 184 -43.59 -45.97 51.68
CA LYS P 184 -43.10 -45.18 52.80
C LYS P 184 -44.19 -44.26 53.35
N LEU P 185 -44.22 -44.13 54.67
CA LEU P 185 -45.17 -43.28 55.37
C LEU P 185 -44.47 -41.99 55.76
N SER P 186 -44.93 -40.87 55.21
CA SER P 186 -44.29 -39.59 55.50
C SER P 186 -44.68 -39.04 56.85
N ASP P 187 -45.91 -39.29 57.32
CA ASP P 187 -46.38 -38.71 58.57
C ASP P 187 -45.72 -39.35 59.78
N VAL P 188 -45.30 -40.61 59.68
CA VAL P 188 -44.68 -41.29 60.81
C VAL P 188 -43.28 -40.74 61.04
N VAL P 189 -42.91 -40.55 62.30
CA VAL P 189 -41.61 -40.00 62.66
C VAL P 189 -40.73 -41.03 63.35
N ASP P 190 -41.30 -41.92 64.16
CA ASP P 190 -40.49 -42.90 64.87
C ASP P 190 -41.31 -44.14 65.20
N ILE P 191 -40.63 -45.27 65.24
CA ILE P 191 -41.23 -46.55 65.66
C ILE P 191 -40.26 -47.22 66.63
N PRO P 192 -40.76 -48.13 67.47
CA PRO P 192 -39.88 -48.82 68.41
C PRO P 192 -38.79 -49.60 67.70
N LYS P 193 -37.62 -49.65 68.32
CA LYS P 193 -36.46 -50.30 67.73
C LYS P 193 -36.70 -51.79 67.58
N MET P 194 -36.24 -52.34 66.46
CA MET P 194 -36.42 -53.75 66.13
C MET P 194 -35.17 -54.24 65.40
N THR P 195 -34.93 -55.54 65.44
CA THR P 195 -33.79 -56.16 64.78
C THR P 195 -34.25 -56.96 63.57
N LYS P 196 -33.31 -57.19 62.65
CA LYS P 196 -33.65 -57.79 61.36
C LYS P 196 -34.15 -59.22 61.54
N VAL P 197 -33.52 -60.00 62.41
CA VAL P 197 -33.92 -61.39 62.60
C VAL P 197 -35.35 -61.45 63.14
N ASP P 198 -35.66 -60.58 64.11
CA ASP P 198 -37.02 -60.54 64.65
C ASP P 198 -38.04 -60.20 63.58
N ALA P 199 -37.73 -59.18 62.76
CA ALA P 199 -38.65 -58.79 61.70
C ALA P 199 -38.87 -59.93 60.71
N GLU P 200 -37.79 -60.64 60.36
CA GLU P 200 -37.92 -61.77 59.45
C GLU P 200 -38.81 -62.85 60.04
N SER P 201 -38.63 -63.16 61.32
CA SER P 201 -39.48 -64.16 61.97
C SER P 201 -40.94 -63.72 61.97
N ARG P 202 -41.19 -62.45 62.28
CA ARG P 202 -42.57 -61.95 62.32
C ARG P 202 -43.22 -62.00 60.95
N VAL P 203 -42.49 -61.61 59.90
CA VAL P 203 -43.04 -61.68 58.56
C VAL P 203 -43.34 -63.12 58.17
N ASN P 204 -42.46 -64.05 58.56
CA ASN P 204 -42.73 -65.47 58.31
C ASN P 204 -43.99 -65.92 59.03
N LYS P 205 -44.19 -65.47 60.26
CA LYS P 205 -45.34 -65.90 61.05
C LYS P 205 -46.66 -65.37 60.52
N GLY P 206 -46.64 -64.44 59.57
CA GLY P 206 -47.84 -63.94 58.96
C GLY P 206 -48.30 -62.57 59.43
N GLU P 207 -47.37 -61.69 59.77
CA GLU P 207 -47.70 -60.38 60.32
C GLU P 207 -47.30 -59.28 59.36
N LEU P 208 -48.13 -58.25 59.26
CA LEU P 208 -47.82 -57.05 58.48
C LEU P 208 -47.28 -56.02 59.45
N ILE P 209 -45.99 -55.67 59.30
CA ILE P 209 -45.29 -54.84 60.25
C ILE P 209 -44.72 -53.62 59.54
N LEU P 210 -44.26 -52.66 60.34
CA LEU P 210 -43.53 -51.49 59.86
C LEU P 210 -42.05 -51.71 60.13
N ILE P 211 -41.21 -51.09 59.29
CA ILE P 211 -39.77 -51.26 59.39
C ILE P 211 -39.08 -49.96 59.01
N LYS P 212 -37.87 -49.77 59.53
CA LYS P 212 -37.01 -48.65 59.19
C LYS P 212 -36.01 -49.11 58.15
N GLU P 213 -36.07 -48.52 56.96
CA GLU P 213 -35.18 -48.93 55.88
C GLU P 213 -35.06 -47.79 54.88
N ALA P 214 -33.87 -47.64 54.32
CA ALA P 214 -33.60 -46.67 53.25
C ALA P 214 -33.97 -45.26 53.66
N GLY P 215 -33.69 -44.91 54.91
CA GLY P 215 -33.92 -43.57 55.40
C GLY P 215 -35.38 -43.15 55.45
N ALA P 216 -36.28 -44.08 55.76
CA ALA P 216 -37.69 -43.78 55.92
C ALA P 216 -38.34 -44.93 56.67
N ILE P 217 -39.65 -44.83 56.86
CA ILE P 217 -40.44 -45.87 57.51
C ILE P 217 -41.43 -46.38 56.48
N ARG P 218 -41.42 -47.69 56.23
CA ARG P 218 -42.19 -48.25 55.14
C ARG P 218 -42.68 -49.64 55.52
N ILE P 219 -43.62 -50.15 54.72
CA ILE P 219 -44.16 -51.49 54.92
C ILE P 219 -43.12 -52.53 54.55
N ALA P 220 -43.06 -53.61 55.30
CA ALA P 220 -42.09 -54.68 55.03
C ALA P 220 -42.55 -55.57 53.89
N ARG P 221 -43.65 -56.29 54.08
CA ARG P 221 -44.18 -57.20 53.08
C ARG P 221 -45.70 -57.09 53.05
N GLY P 222 -46.27 -57.35 51.88
CA GLY P 222 -47.71 -57.26 51.70
C GLY P 222 -48.42 -58.58 51.84
N VAL P 223 -48.09 -59.33 52.89
CA VAL P 223 -48.69 -60.65 53.11
C VAL P 223 -49.86 -60.52 54.07
N ASN P 224 -50.77 -61.49 54.01
CA ASN P 224 -51.86 -61.60 54.95
C ASN P 224 -51.55 -62.69 55.97
N SER P 225 -52.53 -63.04 56.78
CA SER P 225 -52.32 -63.87 57.97
C SER P 225 -52.35 -65.36 57.69
N LEU P 226 -52.57 -65.79 56.45
CA LEU P 226 -52.60 -67.21 56.16
C LEU P 226 -51.20 -67.81 56.25
N THR P 227 -51.07 -68.92 56.99
CA THR P 227 -49.75 -69.50 57.24
C THR P 227 -49.71 -70.98 56.88
N GLU P 228 -50.84 -71.67 56.93
CA GLU P 228 -50.92 -73.08 56.60
C GLU P 228 -51.31 -73.23 55.14
N LEU P 229 -50.47 -73.90 54.36
CA LEU P 229 -50.66 -74.04 52.93
C LEU P 229 -50.98 -75.48 52.59
N THR P 230 -52.05 -75.69 51.81
CA THR P 230 -52.39 -77.02 51.33
C THR P 230 -51.97 -77.15 49.87
N ALA P 231 -52.17 -78.35 49.32
CA ALA P 231 -51.82 -78.59 47.93
C ALA P 231 -52.65 -77.74 47.00
N GLU P 232 -53.97 -77.67 47.23
CA GLU P 232 -54.85 -76.91 46.35
C GLU P 232 -54.77 -75.41 46.58
N LYS P 233 -54.31 -74.97 47.76
CA LYS P 233 -54.25 -73.54 48.03
C LYS P 233 -52.98 -72.92 47.47
N GLY P 234 -51.82 -73.31 47.99
CA GLY P 234 -50.55 -72.83 47.48
C GLY P 234 -50.10 -71.53 48.12
N GLU P 235 -48.89 -71.13 47.75
CA GLU P 235 -48.25 -69.96 48.33
C GLU P 235 -48.75 -68.65 47.73
N MET P 236 -49.40 -68.69 46.56
CA MET P 236 -49.89 -67.48 45.93
C MET P 236 -51.03 -66.84 46.71
N PHE P 237 -51.65 -67.56 47.62
CA PHE P 237 -52.78 -67.04 48.39
C PHE P 237 -52.34 -66.25 49.62
N GLN P 238 -51.04 -66.11 49.84
CA GLN P 238 -50.53 -65.34 50.97
C GLN P 238 -50.27 -63.88 50.61
N LYS P 239 -50.57 -63.45 49.39
CA LYS P 239 -50.30 -62.08 48.97
C LYS P 239 -51.60 -61.28 48.88
N ILE P 240 -51.53 -60.03 49.32
CA ILE P 240 -52.73 -59.19 49.38
C ILE P 240 -53.23 -58.87 47.98
N LYS P 241 -52.31 -58.58 47.05
CA LYS P 241 -52.68 -58.18 45.70
C LYS P 241 -53.44 -59.28 44.96
N ILE P 242 -52.96 -60.52 45.06
CA ILE P 242 -53.61 -61.65 44.40
C ILE P 242 -55.02 -61.84 44.93
N VAL P 243 -55.19 -61.77 46.25
CA VAL P 243 -56.51 -61.95 46.84
C VAL P 243 -57.44 -60.82 46.42
N ASP P 244 -56.90 -59.59 46.32
CA ASP P 244 -57.71 -58.46 45.91
C ASP P 244 -58.27 -58.66 44.51
N THR P 245 -57.40 -59.02 43.55
CA THR P 245 -57.89 -59.20 42.19
C THR P 245 -58.83 -60.40 42.09
N LEU P 246 -58.57 -61.46 42.84
CA LEU P 246 -59.49 -62.60 42.85
C LEU P 246 -60.86 -62.19 43.37
N ASP P 247 -60.90 -61.37 44.42
CA ASP P 247 -62.18 -60.94 44.97
C ASP P 247 -62.94 -60.06 43.99
N ILE P 248 -62.23 -59.20 43.27
CA ILE P 248 -62.89 -58.38 42.25
C ILE P 248 -63.52 -59.26 41.18
N ILE P 249 -62.76 -60.26 40.70
CA ILE P 249 -63.28 -61.17 39.69
C ILE P 249 -64.53 -61.88 40.21
N HIS P 250 -64.45 -62.37 41.46
CA HIS P 250 -65.58 -63.08 42.06
C HIS P 250 -66.82 -62.21 42.11
N SER P 251 -66.67 -60.98 42.60
CA SER P 251 -67.82 -60.10 42.74
C SER P 251 -68.45 -59.78 41.39
N ASP P 252 -67.62 -59.49 40.38
CA ASP P 252 -68.18 -59.13 39.08
C ASP P 252 -68.92 -60.31 38.44
N ILE P 253 -68.32 -61.50 38.48
CA ILE P 253 -68.97 -62.67 37.88
C ILE P 253 -70.26 -62.99 38.62
N ARG P 254 -70.23 -62.94 39.95
CA ARG P 254 -71.45 -63.19 40.71
C ARG P 254 -72.55 -62.20 40.37
N LYS P 255 -72.18 -60.93 40.22
CA LYS P 255 -73.17 -59.92 39.88
C LYS P 255 -73.83 -60.23 38.55
N VAL P 256 -73.04 -60.53 37.51
CA VAL P 256 -73.66 -60.76 36.21
C VAL P 256 -74.52 -62.02 36.24
N ILE P 257 -74.05 -63.08 36.91
CA ILE P 257 -74.80 -64.33 36.94
C ILE P 257 -76.13 -64.13 37.65
N ILE P 258 -76.11 -63.45 38.80
CA ILE P 258 -77.35 -63.24 39.54
C ILE P 258 -78.30 -62.32 38.78
N ASP P 259 -77.76 -61.29 38.13
CA ASP P 259 -78.62 -60.31 37.48
C ASP P 259 -79.30 -60.88 36.25
N ASP P 260 -78.59 -61.68 35.44
CA ASP P 260 -79.10 -61.99 34.12
C ASP P 260 -79.67 -63.40 33.95
N TYR P 261 -79.36 -64.35 34.82
CA TYR P 261 -79.68 -65.74 34.53
C TYR P 261 -80.42 -66.50 35.63
N ILE P 262 -80.28 -66.11 36.91
CA ILE P 262 -80.91 -66.89 37.97
C ILE P 262 -82.42 -66.69 37.90
N GLY P 263 -83.16 -67.77 37.66
CA GLY P 263 -84.60 -67.73 37.55
C GLY P 263 -85.14 -67.04 36.31
N LYS P 264 -84.31 -66.32 35.56
CA LYS P 264 -84.79 -65.58 34.40
C LYS P 264 -85.02 -66.49 33.20
N VAL P 265 -84.20 -67.53 33.03
CA VAL P 265 -84.22 -68.35 31.84
C VAL P 265 -84.39 -69.82 32.23
N THR P 266 -84.91 -70.60 31.28
CA THR P 266 -85.04 -72.04 31.50
C THR P 266 -83.68 -72.71 31.38
N ASN P 267 -83.53 -73.82 32.09
CA ASN P 267 -82.25 -74.53 32.16
C ASN P 267 -82.14 -75.45 30.94
N SER P 268 -81.56 -74.92 29.87
CA SER P 268 -81.34 -75.68 28.64
C SER P 268 -79.91 -75.50 28.20
N TYR P 269 -79.46 -76.40 27.33
CA TYR P 269 -78.08 -76.37 26.85
C TYR P 269 -77.75 -75.06 26.13
N ASP P 270 -78.71 -74.55 25.36
CA ASP P 270 -78.48 -73.31 24.62
C ASP P 270 -78.24 -72.14 25.57
N ASN P 271 -79.01 -72.05 26.65
CA ASN P 271 -78.81 -71.00 27.63
C ASN P 271 -77.47 -71.16 28.34
N LYS P 272 -77.04 -72.39 28.57
CA LYS P 272 -75.71 -72.61 29.13
C LYS P 272 -74.63 -72.08 28.20
N CYS P 273 -74.78 -72.32 26.89
CA CYS P 273 -73.82 -71.78 25.94
C CYS P 273 -73.80 -70.25 25.95
N LEU P 274 -74.99 -69.64 26.04
CA LEU P 274 -75.06 -68.18 26.11
C LEU P 274 -74.35 -67.66 27.37
N LEU P 275 -74.55 -68.33 28.49
CA LEU P 275 -73.85 -67.94 29.73
C LEU P 275 -72.34 -68.08 29.57
N ILE P 276 -71.90 -69.15 28.92
CA ILE P 276 -70.46 -69.33 28.69
C ILE P 276 -69.91 -68.18 27.88
N VAL P 277 -70.62 -67.78 26.83
CA VAL P 277 -70.18 -66.66 25.99
C VAL P 277 -70.10 -65.38 26.81
N ALA P 278 -71.09 -65.15 27.68
CA ALA P 278 -71.08 -63.94 28.50
C ALA P 278 -69.87 -63.90 29.43
N ILE P 279 -69.59 -65.02 30.10
CA ILE P 279 -68.45 -65.07 31.01
C ILE P 279 -67.15 -64.86 30.24
N LYS P 280 -67.05 -65.49 29.06
CA LYS P 280 -65.83 -65.35 28.26
C LYS P 280 -65.63 -63.91 27.81
N SER P 281 -66.72 -63.21 27.47
CA SER P 281 -66.60 -61.80 27.10
C SER P 281 -66.11 -60.96 28.27
N TYR P 282 -66.62 -61.23 29.47
CA TYR P 282 -66.11 -60.51 30.63
C TYR P 282 -64.62 -60.77 30.85
N LEU P 283 -64.20 -62.03 30.71
CA LEU P 283 -62.79 -62.36 30.89
C LEU P 283 -61.92 -61.69 29.85
N GLU P 284 -62.41 -61.58 28.61
CA GLU P 284 -61.67 -60.88 27.58
C GLU P 284 -61.55 -59.39 27.90
N GLU P 285 -62.62 -58.79 28.43
CA GLU P 285 -62.52 -57.41 28.90
C GLU P 285 -61.46 -57.27 29.97
N LEU P 286 -61.39 -58.22 30.90
CA LEU P 286 -60.34 -58.18 31.93
C LEU P 286 -58.96 -58.29 31.31
N GLU P 287 -58.80 -59.16 30.31
CA GLU P 287 -57.50 -59.31 29.65
C GLU P 287 -57.07 -58.02 28.97
N LYS P 288 -58.01 -57.32 28.33
CA LYS P 288 -57.67 -56.06 27.67
C LYS P 288 -57.25 -55.00 28.69
N SER P 289 -57.80 -55.04 29.90
CA SER P 289 -57.43 -54.12 30.96
C SER P 289 -56.08 -54.45 31.58
N ALA P 290 -55.47 -55.58 31.21
CA ALA P 290 -54.14 -56.01 31.64
C ALA P 290 -54.11 -56.47 33.09
N LEU P 291 -55.25 -56.84 33.67
CA LEU P 291 -55.23 -57.41 35.02
C LEU P 291 -54.74 -58.86 35.00
N ILE P 292 -55.16 -59.64 34.01
CA ILE P 292 -54.77 -61.03 33.89
C ILE P 292 -54.11 -61.24 32.54
N GLU P 293 -53.54 -62.42 32.35
CA GLU P 293 -52.85 -62.76 31.12
C GLU P 293 -53.83 -63.31 30.08
N SER P 294 -53.36 -63.36 28.83
CA SER P 294 -54.17 -63.78 27.71
C SER P 294 -54.38 -65.30 27.73
N ASP P 295 -55.23 -65.76 26.81
CA ASP P 295 -55.51 -67.18 26.60
C ASP P 295 -56.17 -67.82 27.83
N SER P 296 -57.28 -67.21 28.26
CA SER P 296 -58.11 -67.77 29.30
C SER P 296 -59.32 -68.45 28.68
N THR P 297 -59.74 -69.57 29.26
CA THR P 297 -60.78 -70.40 28.67
C THR P 297 -61.95 -70.60 29.63
N VAL P 298 -63.12 -70.84 29.07
CA VAL P 298 -64.32 -71.22 29.81
C VAL P 298 -65.00 -72.35 29.05
N GLU P 299 -65.48 -73.37 29.77
CA GLU P 299 -66.11 -74.49 29.10
C GLU P 299 -66.96 -75.26 30.10
N ILE P 300 -67.74 -76.21 29.57
CA ILE P 300 -68.59 -77.07 30.39
C ILE P 300 -67.72 -78.05 31.17
N ASP P 301 -67.98 -78.17 32.47
CA ASP P 301 -67.27 -79.11 33.33
C ASP P 301 -67.86 -80.50 33.11
N PHE P 302 -67.18 -81.32 32.32
CA PHE P 302 -67.75 -82.60 31.90
C PHE P 302 -67.72 -83.63 33.03
N GLU P 303 -66.60 -83.72 33.76
CA GLU P 303 -66.48 -84.73 34.80
C GLU P 303 -67.50 -84.52 35.90
N ALA P 304 -67.72 -83.27 36.31
CA ALA P 304 -68.71 -82.99 37.35
C ALA P 304 -70.11 -83.35 36.88
N GLN P 305 -70.43 -83.04 35.62
CA GLN P 305 -71.73 -83.41 35.08
C GLN P 305 -71.91 -84.92 35.04
N LYS P 306 -70.87 -85.65 34.65
CA LYS P 306 -70.94 -87.11 34.63
C LYS P 306 -71.15 -87.67 36.02
N SER P 307 -70.44 -87.12 37.01
CA SER P 307 -70.62 -87.57 38.39
C SER P 307 -72.04 -87.30 38.88
N TYR P 308 -72.57 -86.12 38.56
CA TYR P 308 -73.95 -85.80 38.97
C TYR P 308 -74.94 -86.76 38.32
N LEU P 309 -74.78 -87.02 37.02
CA LEU P 309 -75.69 -87.93 36.34
C LEU P 309 -75.61 -89.33 36.91
N LYS P 310 -74.41 -89.78 37.26
CA LYS P 310 -74.26 -91.08 37.91
C LYS P 310 -74.92 -91.09 39.28
N SER P 311 -74.83 -89.98 40.02
CA SER P 311 -75.48 -89.90 41.31
C SER P 311 -76.99 -90.02 41.20
N LYS P 312 -77.57 -89.44 40.14
CA LYS P 312 -79.01 -89.54 39.94
C LYS P 312 -79.44 -90.96 39.57
N GLY P 313 -78.50 -91.85 39.27
CA GLY P 313 -78.83 -93.22 38.95
C GLY P 313 -79.13 -93.50 37.50
N VAL P 314 -78.93 -92.54 36.60
CA VAL P 314 -79.16 -92.82 35.19
C VAL P 314 -78.03 -93.72 34.66
N ASP P 315 -78.35 -94.48 33.62
CA ASP P 315 -77.39 -95.41 33.05
C ASP P 315 -76.47 -94.67 32.08
N LEU P 316 -75.17 -94.84 32.27
CA LEU P 316 -74.18 -94.18 31.43
C LEU P 316 -73.73 -95.03 30.25
N SER P 317 -74.11 -96.30 30.20
CA SER P 317 -73.72 -97.16 29.10
C SER P 317 -74.52 -96.84 27.85
N TYR P 318 -73.91 -97.14 26.70
CA TYR P 318 -74.56 -96.95 25.39
C TYR P 318 -74.99 -95.50 25.20
N MET P 319 -74.17 -94.56 25.66
CA MET P 319 -74.46 -93.14 25.54
C MET P 319 -73.27 -92.43 24.94
N THR P 320 -73.52 -91.59 23.94
CA THR P 320 -72.47 -90.82 23.30
C THR P 320 -72.02 -89.68 24.21
N LEU P 321 -70.81 -89.16 23.93
CA LEU P 321 -70.30 -88.05 24.71
C LEU P 321 -71.17 -86.81 24.58
N GLN P 322 -71.67 -86.54 23.37
CA GLN P 322 -72.57 -85.41 23.18
C GLN P 322 -73.87 -85.60 23.94
N GLU P 323 -74.34 -86.84 24.04
CA GLU P 323 -75.55 -87.11 24.80
C GLU P 323 -75.37 -86.79 26.28
N ILE P 324 -74.21 -87.18 26.84
CA ILE P 324 -73.92 -86.84 28.23
C ILE P 324 -73.78 -85.32 28.40
N LYS P 325 -73.08 -84.67 27.47
CA LYS P 325 -72.84 -83.24 27.58
C LYS P 325 -74.14 -82.44 27.54
N GLU P 326 -75.07 -82.84 26.68
CA GLU P 326 -76.33 -82.11 26.50
C GLU P 326 -77.47 -82.65 27.36
N ALA P 327 -77.21 -83.62 28.23
CA ALA P 327 -78.26 -84.16 29.08
C ALA P 327 -78.73 -83.13 30.09
N ASN P 328 -80.00 -83.23 30.47
CA ASN P 328 -80.60 -82.28 31.40
C ASN P 328 -80.20 -82.61 32.84
N THR P 329 -79.89 -81.56 33.60
CA THR P 329 -79.46 -81.68 34.98
C THR P 329 -80.34 -80.88 35.92
N GLY P 330 -81.66 -80.94 35.71
CA GLY P 330 -82.59 -80.26 36.59
C GLY P 330 -82.45 -78.76 36.58
N SER P 331 -81.90 -78.21 37.67
CA SER P 331 -81.62 -76.79 37.77
C SER P 331 -80.15 -76.47 37.97
N LYS P 332 -79.27 -77.47 37.93
CA LYS P 332 -77.86 -77.27 38.19
C LYS P 332 -77.08 -76.98 36.90
N VAL P 333 -76.01 -76.21 37.04
CA VAL P 333 -75.10 -75.87 35.95
C VAL P 333 -73.68 -76.08 36.44
N PHE P 334 -72.86 -76.75 35.61
CA PHE P 334 -71.48 -77.03 35.95
C PHE P 334 -70.56 -76.37 34.92
N LEU P 335 -69.60 -75.57 35.40
CA LEU P 335 -68.66 -74.86 34.54
C LEU P 335 -67.27 -74.91 35.15
N LYS P 336 -66.27 -74.57 34.33
CA LYS P 336 -64.90 -74.46 34.79
C LYS P 336 -64.15 -73.49 33.88
N ALA P 337 -63.04 -72.96 34.39
CA ALA P 337 -62.30 -71.93 33.67
C ALA P 337 -60.83 -71.98 34.09
N LYS P 338 -60.03 -71.12 33.46
CA LYS P 338 -58.59 -71.05 33.74
C LYS P 338 -58.11 -69.63 33.51
N ILE P 339 -57.32 -69.10 34.45
CA ILE P 339 -56.77 -67.75 34.37
C ILE P 339 -55.32 -67.79 34.84
N LYS P 340 -54.63 -66.67 34.66
CA LYS P 340 -53.25 -66.51 35.07
C LYS P 340 -53.03 -65.08 35.54
N VAL P 341 -52.47 -64.91 36.73
CA VAL P 341 -52.24 -63.61 37.34
C VAL P 341 -50.76 -63.45 37.62
N LEU P 342 -50.22 -62.28 37.28
CA LEU P 342 -48.81 -61.99 37.49
C LEU P 342 -48.59 -61.30 38.84
N ASP P 343 -47.32 -61.25 39.24
CA ASP P 343 -46.91 -60.63 40.49
C ASP P 343 -45.96 -59.46 40.19
N ALA P 344 -45.66 -58.69 41.22
CA ALA P 344 -44.83 -57.51 41.10
C ALA P 344 -43.39 -57.79 41.53
N MET P 345 -42.47 -56.96 41.06
CA MET P 345 -41.07 -57.08 41.43
C MET P 345 -40.89 -56.76 42.91
N GLU P 346 -40.27 -57.68 43.65
CA GLU P 346 -39.98 -57.46 45.05
C GLU P 346 -38.59 -57.90 45.48
N ASP P 347 -37.93 -58.79 44.75
CA ASP P 347 -36.60 -59.26 45.08
C ASP P 347 -35.72 -59.18 43.85
N ILE P 348 -34.54 -58.57 43.99
CA ILE P 348 -33.62 -58.39 42.87
C ILE P 348 -32.24 -58.86 43.29
N ASP P 349 -31.63 -59.70 42.45
CA ASP P 349 -30.31 -60.27 42.71
C ASP P 349 -29.37 -59.83 41.59
N LEU P 350 -28.39 -59.00 41.93
CA LEU P 350 -27.42 -58.49 40.97
C LEU P 350 -26.03 -58.96 41.36
N SER P 351 -25.34 -59.60 40.42
CA SER P 351 -23.99 -60.10 40.63
C SER P 351 -23.03 -59.33 39.73
N ILE P 352 -22.01 -58.71 40.33
CA ILE P 352 -21.08 -57.85 39.63
C ILE P 352 -19.69 -58.44 39.72
N GLU P 353 -19.01 -58.54 38.59
CA GLU P 353 -17.63 -59.00 38.52
C GLU P 353 -16.72 -57.79 38.36
N ILE P 354 -15.77 -57.65 39.27
CA ILE P 354 -14.84 -56.53 39.23
C ILE P 354 -13.47 -57.01 38.78
N MET Q 1 43.66 -19.64 72.09
CA MET Q 1 42.87 -20.71 71.52
C MET Q 1 42.78 -20.66 70.00
N TYR Q 2 42.54 -19.46 69.44
CA TYR Q 2 42.55 -19.36 67.99
C TYR Q 2 43.95 -19.61 67.42
N SER Q 3 44.98 -19.15 68.13
CA SER Q 3 46.34 -19.43 67.71
C SER Q 3 46.68 -20.91 67.85
N ASP Q 4 46.08 -21.57 68.83
CA ASP Q 4 46.37 -22.99 69.04
C ASP Q 4 45.93 -23.84 67.86
N GLN Q 5 44.76 -23.55 67.30
CA GLN Q 5 44.26 -24.29 66.14
C GLN Q 5 44.97 -23.78 64.89
N THR Q 6 45.83 -24.62 64.31
CA THR Q 6 46.55 -24.28 63.10
C THR Q 6 46.14 -25.21 61.97
N TYR Q 7 46.63 -24.89 60.77
CA TYR Q 7 46.24 -25.62 59.58
C TYR Q 7 46.55 -27.11 59.71
N GLU Q 8 47.79 -27.44 60.10
CA GLU Q 8 48.21 -28.83 60.16
C GLU Q 8 47.40 -29.60 61.20
N VAL Q 9 47.17 -29.00 62.36
CA VAL Q 9 46.48 -29.69 63.44
C VAL Q 9 45.03 -30.00 63.04
N ILE Q 10 44.33 -29.02 62.49
CA ILE Q 10 42.93 -29.25 62.12
C ILE Q 10 42.84 -30.22 60.96
N LYS Q 11 43.78 -30.16 60.01
CA LYS Q 11 43.78 -31.11 58.91
C LYS Q 11 43.98 -32.54 59.43
N ASN Q 12 44.92 -32.72 60.35
CA ASN Q 12 45.14 -34.05 60.93
C ASN Q 12 43.91 -34.52 61.71
N ARG Q 13 43.29 -33.62 62.47
CA ARG Q 13 42.10 -34.01 63.24
C ARG Q 13 40.96 -34.43 62.32
N THR Q 14 40.73 -33.67 61.25
CA THR Q 14 39.68 -34.04 60.31
C THR Q 14 39.97 -35.37 59.64
N LEU Q 15 41.23 -35.59 59.23
CA LEU Q 15 41.57 -36.85 58.59
C LEU Q 15 41.40 -38.02 59.55
N GLU Q 16 41.78 -37.85 60.81
CA GLU Q 16 41.69 -38.93 61.78
C GLU Q 16 40.24 -39.20 62.18
N ASN Q 17 39.38 -38.18 62.13
CA ASN Q 17 37.98 -38.38 62.54
C ASN Q 17 37.21 -39.28 61.57
N ILE Q 18 37.71 -39.49 60.36
CA ILE Q 18 37.05 -40.34 59.38
C ILE Q 18 37.54 -41.76 59.59
N ASN Q 19 36.66 -42.63 60.09
CA ASN Q 19 37.00 -44.02 60.37
C ASN Q 19 36.53 -44.88 59.18
N LEU Q 20 37.32 -44.87 58.12
CA LEU Q 20 37.02 -45.63 56.92
C LEU Q 20 38.27 -46.37 56.46
N ASP Q 21 38.04 -47.44 55.68
CA ASP Q 21 39.14 -48.28 55.23
C ASP Q 21 39.96 -47.65 54.12
N ILE Q 22 39.46 -46.61 53.47
CA ILE Q 22 40.20 -45.99 52.38
C ILE Q 22 41.47 -45.31 52.90
N TYR Q 23 42.35 -44.97 51.97
CA TYR Q 23 43.68 -44.48 52.29
C TYR Q 23 43.69 -42.95 52.37
N LYS Q 24 44.46 -42.43 53.31
CA LYS Q 24 44.70 -41.00 53.43
C LYS Q 24 46.18 -40.72 53.26
N GLY Q 25 46.52 -39.86 52.31
CA GLY Q 25 47.91 -39.53 52.07
C GLY Q 25 48.05 -38.63 50.86
N GLU Q 26 49.30 -38.40 50.48
CA GLU Q 26 49.58 -37.51 49.36
C GLU Q 26 48.93 -38.04 48.09
N GLY Q 27 48.28 -37.15 47.35
CA GLY Q 27 47.62 -37.55 46.12
C GLY Q 27 46.47 -38.49 46.31
N SER Q 28 45.67 -38.29 47.35
CA SER Q 28 44.49 -39.09 47.62
C SER Q 28 43.24 -38.22 47.51
N PHE Q 29 42.12 -38.87 47.15
CA PHE Q 29 40.86 -38.14 47.00
C PHE Q 29 40.47 -37.43 48.29
N LEU Q 30 40.41 -38.19 49.39
CA LEU Q 30 39.98 -37.64 50.66
C LEU Q 30 40.96 -36.59 51.17
N ASN Q 31 42.26 -36.85 51.03
CA ASN Q 31 43.27 -35.90 51.51
C ASN Q 31 43.13 -34.56 50.78
N ASN Q 32 42.99 -34.60 49.46
CA ASN Q 32 42.89 -33.37 48.70
C ASN Q 32 41.62 -32.60 49.04
N MET Q 33 40.47 -33.30 49.12
CA MET Q 33 39.23 -32.63 49.47
C MET Q 33 39.32 -32.01 50.87
N VAL Q 34 39.89 -32.76 51.82
CA VAL Q 34 39.98 -32.29 53.20
C VAL Q 34 40.87 -31.05 53.28
N SER Q 35 42.01 -31.06 52.58
CA SER Q 35 42.88 -29.88 52.60
C SER Q 35 42.19 -28.67 51.98
N GLY Q 36 41.50 -28.88 50.86
CA GLY Q 36 40.80 -27.78 50.22
C GLY Q 36 39.74 -27.15 51.10
N ASN Q 37 39.06 -27.98 51.91
CA ASN Q 37 38.09 -27.41 52.85
C ASN Q 37 38.77 -26.75 54.04
N ASN Q 38 39.84 -27.36 54.56
CA ASN Q 38 40.45 -26.84 55.76
C ASN Q 38 41.16 -25.52 55.55
N LEU Q 39 41.57 -25.21 54.31
CA LEU Q 39 42.09 -23.87 54.06
C LEU Q 39 41.07 -22.80 54.44
N GLU Q 40 39.85 -22.93 53.90
CA GLU Q 40 38.78 -22.01 54.25
C GLU Q 40 38.40 -22.11 55.72
N LEU Q 41 38.54 -23.30 56.31
CA LEU Q 41 38.25 -23.45 57.73
C LEU Q 41 39.20 -22.61 58.59
N SER Q 42 40.50 -22.65 58.27
CA SER Q 42 41.51 -21.92 59.03
C SER Q 42 41.50 -20.42 58.75
N LYS Q 43 41.00 -20.01 57.58
CA LYS Q 43 40.83 -18.59 57.32
C LYS Q 43 40.02 -17.91 58.42
N ILE Q 44 38.99 -18.60 58.93
CA ILE Q 44 38.14 -18.03 59.96
C ILE Q 44 38.92 -17.83 61.26
N TYR Q 45 39.75 -18.79 61.64
CA TYR Q 45 40.55 -18.64 62.85
C TYR Q 45 41.53 -17.47 62.72
N LEU Q 46 42.15 -17.34 61.55
CA LEU Q 46 43.05 -16.22 61.33
C LEU Q 46 42.30 -14.89 61.44
N GLU Q 47 41.10 -14.83 60.86
CA GLU Q 47 40.32 -13.60 60.94
C GLU Q 47 39.89 -13.31 62.38
N LEU Q 48 39.58 -14.35 63.15
CA LEU Q 48 39.23 -14.17 64.55
C LEU Q 48 40.40 -13.58 65.33
N SER Q 49 41.61 -14.06 65.06
CA SER Q 49 42.80 -13.49 65.68
C SER Q 49 42.94 -12.01 65.34
N LYS Q 50 42.81 -11.67 64.05
CA LYS Q 50 42.93 -10.27 63.65
C LYS Q 50 41.85 -9.41 64.30
N MET Q 51 40.63 -9.95 64.40
CA MET Q 51 39.52 -9.26 65.03
C MET Q 51 39.83 -8.94 66.49
N HIS Q 52 40.34 -9.94 67.22
CA HIS Q 52 40.66 -9.73 68.63
C HIS Q 52 41.78 -8.72 68.78
N LYS Q 53 42.78 -8.77 67.90
CA LYS Q 53 43.86 -7.78 67.96
C LYS Q 53 43.32 -6.37 67.73
N MET Q 54 42.44 -6.20 66.75
CA MET Q 54 41.87 -4.88 66.51
C MET Q 54 41.05 -4.39 67.69
N ALA Q 55 40.35 -5.32 68.37
CA ALA Q 55 39.47 -4.92 69.47
C ALA Q 55 40.24 -4.23 70.59
N PHE Q 56 41.42 -4.74 70.92
CA PHE Q 56 42.21 -4.19 72.03
C PHE Q 56 43.32 -3.26 71.54
N ILE Q 57 43.17 -2.70 70.34
CA ILE Q 57 44.07 -1.70 69.75
C ILE Q 57 45.53 -1.96 70.11
N GLN Q 58 46.04 -3.14 69.72
CA GLN Q 58 47.43 -3.43 70.05
C GLN Q 58 48.40 -2.76 69.11
N ASP Q 59 48.14 -2.79 67.80
CA ASP Q 59 49.16 -2.38 66.83
C ASP Q 59 48.49 -1.93 65.53
N THR Q 60 49.35 -1.47 64.61
CA THR Q 60 49.04 -1.27 63.18
C THR Q 60 47.81 -0.40 62.93
N TYR Q 61 47.50 0.51 63.85
CA TYR Q 61 46.41 1.48 63.66
C TYR Q 61 45.10 0.74 63.37
N ASN Q 62 44.60 0.09 64.41
CA ASN Q 62 43.24 -0.43 64.38
C ASN Q 62 42.28 0.73 64.61
N GLN Q 63 41.24 0.81 63.78
CA GLN Q 63 40.37 1.98 63.72
C GLN Q 63 39.60 2.17 65.01
N PHE Q 64 39.79 1.28 65.98
CA PHE Q 64 39.06 1.30 67.23
C PHE Q 64 39.80 2.06 68.33
N LEU Q 65 40.96 2.63 68.03
CA LEU Q 65 41.65 3.45 69.01
C LEU Q 65 40.85 4.71 69.33
N ASP Q 66 40.20 5.29 68.32
CA ASP Q 66 39.43 6.51 68.53
C ASP Q 66 38.30 6.28 69.51
N LYS Q 67 37.56 5.17 69.36
CA LYS Q 67 36.45 4.90 70.26
C LYS Q 67 36.94 4.57 71.66
N ARG Q 68 38.07 3.86 71.77
CA ARG Q 68 38.61 3.55 73.09
C ARG Q 68 39.07 4.80 73.82
N VAL Q 69 39.71 5.72 73.11
CA VAL Q 69 40.16 6.94 73.78
C VAL Q 69 38.99 7.88 74.04
N ASN Q 70 37.92 7.80 73.25
CA ASN Q 70 36.69 8.49 73.62
C ASN Q 70 36.08 7.89 74.87
N GLU Q 71 36.20 6.57 75.04
CA GLU Q 71 35.81 5.94 76.28
C GLU Q 71 36.62 6.48 77.46
N PHE Q 72 37.92 6.65 77.26
CA PHE Q 72 38.82 7.08 78.32
C PHE Q 72 38.94 8.60 78.42
N GLY Q 73 38.18 9.35 77.63
CA GLY Q 73 38.14 10.79 77.73
C GLY Q 73 39.12 11.54 76.84
N VAL Q 74 40.08 10.84 76.25
CA VAL Q 74 41.07 11.50 75.40
C VAL Q 74 40.40 12.04 74.14
N TYR Q 75 40.84 13.22 73.71
CA TYR Q 75 40.32 13.86 72.51
C TYR Q 75 41.47 14.24 71.59
N ARG Q 76 41.26 14.06 70.29
CA ARG Q 76 42.24 14.51 69.31
C ARG Q 76 42.16 16.03 69.16
N LYS Q 77 43.28 16.61 68.71
CA LYS Q 77 43.38 18.05 68.50
C LYS Q 77 43.49 18.34 67.02
N LEU Q 78 42.65 19.26 66.53
CA LEU Q 78 42.59 19.59 65.11
C LEU Q 78 43.62 20.63 64.70
N GLY Q 79 44.41 21.15 65.63
CA GLY Q 79 45.35 22.20 65.35
C GLY Q 79 44.78 23.58 65.68
N THR Q 80 45.69 24.55 65.75
CA THR Q 80 45.33 25.93 66.01
C THR Q 80 45.60 26.78 64.77
N GLU Q 81 44.77 27.80 64.57
CA GLU Q 81 44.91 28.68 63.42
C GLU Q 81 46.08 29.62 63.61
N SER Q 82 46.80 29.89 62.53
CA SER Q 82 47.91 30.83 62.57
C SER Q 82 47.40 32.26 62.71
N ASN Q 83 48.08 33.05 63.52
CA ASN Q 83 47.71 34.44 63.77
C ASN Q 83 48.84 35.37 63.35
N GLY Q 84 48.46 36.58 62.97
CA GLY Q 84 49.44 37.55 62.52
C GLY Q 84 48.82 38.91 62.30
N GLU Q 85 49.62 39.81 61.74
CA GLU Q 85 49.20 41.17 61.45
C GLU Q 85 49.82 41.62 60.14
N VAL Q 86 49.07 42.37 59.35
CA VAL Q 86 49.53 42.82 58.04
C VAL Q 86 49.46 44.34 57.98
N GLU Q 87 50.17 44.88 56.99
CA GLU Q 87 50.29 46.33 56.79
C GLU Q 87 49.53 46.71 55.53
N PHE Q 88 48.68 47.73 55.64
CA PHE Q 88 47.87 48.21 54.52
C PHE Q 88 48.49 49.49 53.97
N ILE Q 89 49.00 49.43 52.75
CA ILE Q 89 49.56 50.59 52.07
C ILE Q 89 48.59 51.00 50.96
N GLY Q 90 48.11 52.23 51.04
CA GLY Q 90 47.15 52.71 50.06
C GLY Q 90 46.78 54.15 50.30
N GLU Q 91 45.63 54.54 49.74
CA GLU Q 91 45.19 55.92 49.82
C GLU Q 91 44.64 56.24 51.20
N LYS Q 92 44.96 57.43 51.71
CA LYS Q 92 44.48 57.85 53.01
C LYS Q 92 42.97 58.04 52.98
N GLY Q 93 42.31 57.62 54.05
CA GLY Q 93 40.86 57.69 54.16
C GLY Q 93 40.15 56.41 53.77
N THR Q 94 40.84 55.50 53.08
CA THR Q 94 40.25 54.21 52.76
C THR Q 94 40.21 53.33 54.00
N VAL Q 95 39.03 52.82 54.32
CA VAL Q 95 38.81 52.01 55.51
C VAL Q 95 38.62 50.56 55.07
N ILE Q 96 39.28 49.65 55.76
CA ILE Q 96 39.15 48.22 55.51
C ILE Q 96 38.24 47.64 56.58
N ASN Q 97 37.06 47.16 56.19
CA ASN Q 97 36.07 46.71 57.14
C ASN Q 97 36.49 45.41 57.81
N ASN Q 98 36.02 45.23 59.04
CA ASN Q 98 36.30 44.00 59.77
C ASN Q 98 35.67 42.81 59.06
N GLY Q 99 36.48 41.79 58.82
CA GLY Q 99 36.03 40.63 58.08
C GLY Q 99 36.44 40.62 56.62
N THR Q 100 37.14 41.65 56.15
CA THR Q 100 37.62 41.65 54.77
C THR Q 100 38.55 40.47 54.53
N ILE Q 101 38.34 39.77 53.42
CA ILE Q 101 39.05 38.53 53.14
C ILE Q 101 40.19 38.82 52.16
N ILE Q 102 41.34 38.21 52.44
CA ILE Q 102 42.51 38.26 51.58
C ILE Q 102 43.04 36.84 51.42
N SER Q 103 43.99 36.68 50.51
CA SER Q 103 44.54 35.36 50.21
C SER Q 103 46.05 35.44 50.03
N TYR Q 104 46.71 34.31 50.33
CA TYR Q 104 48.13 34.12 50.03
C TYR Q 104 48.22 32.82 49.23
N ARG Q 105 48.33 32.94 47.91
CA ARG Q 105 48.36 31.79 47.00
C ARG Q 105 47.11 30.97 47.30
N ASP Q 106 47.24 29.67 47.56
CA ASP Q 106 46.08 28.85 47.91
C ASP Q 106 45.52 29.18 49.29
N LEU Q 107 46.32 29.79 50.14
CA LEU Q 107 45.88 30.12 51.49
C LEU Q 107 45.03 31.39 51.48
N LEU Q 108 44.13 31.48 52.47
CA LEU Q 108 43.21 32.60 52.60
C LEU Q 108 43.20 33.10 54.04
N PHE Q 109 43.02 34.41 54.19
CA PHE Q 109 43.11 35.06 55.49
C PHE Q 109 42.03 36.12 55.62
N VAL Q 110 41.70 36.46 56.87
CA VAL Q 110 40.64 37.42 57.19
C VAL Q 110 41.21 38.50 58.11
N VAL Q 111 40.81 39.74 57.88
CA VAL Q 111 41.25 40.86 58.71
C VAL Q 111 40.40 40.91 59.97
N ILE Q 112 41.05 41.20 61.10
CA ILE Q 112 40.40 41.15 62.40
C ILE Q 112 40.05 42.53 62.96
N LYS Q 113 40.64 43.60 62.44
CA LYS Q 113 40.42 44.94 62.96
C LYS Q 113 40.00 45.88 61.84
N ASP Q 114 39.09 46.80 62.17
CA ASP Q 114 38.73 47.89 61.28
C ASP Q 114 39.89 48.89 61.19
N VAL Q 115 40.59 48.88 60.06
CA VAL Q 115 41.80 49.66 59.88
C VAL Q 115 41.58 50.66 58.74
N THR Q 116 42.04 51.88 58.95
CA THR Q 116 41.99 52.93 57.95
C THR Q 116 43.39 53.42 57.64
N ILE Q 117 43.67 53.61 56.34
CA ILE Q 117 45.02 53.91 55.89
C ILE Q 117 45.40 55.33 56.26
N GLY Q 118 46.62 55.50 56.78
CA GLY Q 118 47.14 56.81 57.14
C GLY Q 118 46.68 57.34 58.48
N SER Q 119 45.92 56.56 59.25
CA SER Q 119 45.33 57.05 60.48
C SER Q 119 46.37 57.17 61.59
N GLU Q 120 45.97 57.86 62.66
CA GLU Q 120 46.82 57.95 63.85
C GLU Q 120 46.96 56.61 64.55
N GLU Q 121 46.10 55.65 64.24
CA GLU Q 121 46.19 54.30 64.77
C GLU Q 121 47.15 53.41 64.00
N GLY Q 122 47.73 53.92 62.92
CA GLY Q 122 48.55 53.10 62.04
C GLY Q 122 47.71 52.34 61.04
N ASP Q 123 48.39 51.71 60.09
CA ASP Q 123 47.72 50.95 59.04
C ASP Q 123 47.87 49.45 59.23
N ASN Q 124 48.17 49.01 60.46
CA ASN Q 124 48.40 47.61 60.77
C ASN Q 124 47.17 47.02 61.44
N SER Q 125 46.77 45.83 60.99
CA SER Q 125 45.58 45.16 61.50
C SER Q 125 45.88 43.68 61.70
N PRO Q 126 45.46 43.10 62.81
CA PRO Q 126 45.69 41.66 63.03
C PRO Q 126 44.93 40.83 61.99
N VAL Q 127 45.51 39.68 61.65
CA VAL Q 127 44.98 38.80 60.62
C VAL Q 127 45.10 37.36 61.10
N GLN Q 128 44.04 36.59 60.90
CA GLN Q 128 43.99 35.19 61.31
C GLN Q 128 43.65 34.30 60.14
N ALA Q 129 44.31 33.15 60.07
CA ALA Q 129 44.04 32.17 59.02
C ALA Q 129 42.65 31.56 59.18
N LEU Q 130 42.03 31.25 58.04
CA LEU Q 130 40.71 30.64 58.04
C LEU Q 130 40.74 29.16 58.41
N GLU Q 131 41.89 28.50 58.25
CA GLU Q 131 41.99 27.07 58.46
C GLU Q 131 43.20 26.73 59.31
N VAL Q 132 43.12 25.60 60.00
CA VAL Q 132 44.20 25.09 60.83
C VAL Q 132 45.28 24.47 59.95
N GLY Q 133 46.45 24.23 60.53
CA GLY Q 133 47.55 23.63 59.80
C GLY Q 133 48.82 24.45 59.90
N LYS Q 134 49.97 23.76 59.92
CA LYS Q 134 51.26 24.42 59.95
C LYS Q 134 51.58 25.11 58.63
N LYS Q 135 50.83 24.84 57.56
CA LYS Q 135 51.04 25.53 56.29
C LYS Q 135 50.71 27.00 56.39
N TYR Q 136 49.87 27.40 57.34
CA TYR Q 136 49.51 28.80 57.52
C TYR Q 136 50.50 29.57 58.38
N ASN Q 137 51.52 28.91 58.92
CA ASN Q 137 52.61 29.59 59.62
C ASN Q 137 53.47 30.30 58.57
N LEU Q 138 52.99 31.47 58.14
CA LEU Q 138 53.62 32.20 57.06
C LEU Q 138 55.00 32.73 57.49
N PRO Q 139 55.92 32.90 56.54
CA PRO Q 139 57.16 33.61 56.85
C PRO Q 139 56.95 35.11 56.85
N THR Q 140 58.04 35.88 56.96
CA THR Q 140 57.95 37.33 56.96
C THR Q 140 58.01 37.88 55.54
N ASN Q 141 57.54 39.13 55.40
CA ASN Q 141 57.58 39.87 54.13
C ASN Q 141 56.89 39.09 53.01
N CYS Q 142 55.59 38.89 53.17
CA CYS Q 142 54.76 38.21 52.18
C CYS Q 142 53.74 39.17 51.61
N GLU Q 143 53.45 39.03 50.31
CA GLU Q 143 52.48 39.86 49.64
C GLU Q 143 51.12 39.18 49.66
N PHE Q 144 50.11 39.91 50.12
CA PHE Q 144 48.76 39.38 50.30
C PHE Q 144 47.84 39.98 49.25
N LYS Q 145 47.08 39.13 48.57
CA LYS Q 145 46.15 39.55 47.54
C LYS Q 145 44.73 39.49 48.07
N LEU Q 146 43.95 40.53 47.80
CA LEU Q 146 42.58 40.59 48.27
C LEU Q 146 41.66 39.80 47.35
N VAL Q 147 40.88 38.89 47.94
CA VAL Q 147 39.89 38.15 47.16
C VAL Q 147 38.83 39.08 46.62
N ASP Q 148 38.36 40.03 47.44
CA ASP Q 148 37.36 41.00 47.06
C ASP Q 148 38.02 42.36 46.90
N ASN Q 149 37.75 43.03 45.77
CA ASN Q 149 38.43 44.28 45.45
C ASN Q 149 37.85 45.42 46.27
N ILE Q 150 38.74 46.22 46.87
CA ILE Q 150 38.37 47.43 47.58
C ILE Q 150 39.21 48.58 47.04
N SER Q 151 38.57 49.70 46.72
CA SER Q 151 39.29 50.84 46.18
C SER Q 151 40.18 51.48 47.25
N GLY Q 152 41.27 52.08 46.78
CA GLY Q 152 42.18 52.80 47.65
C GLY Q 152 43.37 52.00 48.14
N VAL Q 153 43.36 50.68 47.99
CA VAL Q 153 44.44 49.84 48.47
C VAL Q 153 45.41 49.58 47.32
N THR Q 154 46.70 49.47 47.68
CA THR Q 154 47.75 49.18 46.71
C THR Q 154 48.51 47.90 47.04
N LYS Q 155 48.98 47.76 48.28
CA LYS Q 155 49.82 46.64 48.68
C LYS Q 155 49.52 46.28 50.11
N ILE Q 156 49.50 44.97 50.41
CA ILE Q 156 49.24 44.49 51.75
C ILE Q 156 50.34 43.49 52.09
N THR Q 157 51.03 43.71 53.21
CA THR Q 157 52.13 42.83 53.58
C THR Q 157 52.24 42.76 55.10
N ASN Q 158 52.96 41.75 55.57
CA ASN Q 158 53.20 41.55 56.99
C ASN Q 158 54.66 41.82 57.30
N THR Q 159 54.91 42.49 58.43
CA THR Q 159 56.28 42.82 58.82
C THR Q 159 57.04 41.63 59.37
N ARG Q 160 56.35 40.61 59.88
CA ARG Q 160 57.03 39.47 60.48
C ARG Q 160 56.18 38.22 60.29
N SER Q 161 56.81 37.08 60.52
CA SER Q 161 56.23 35.79 60.15
C SER Q 161 54.97 35.48 60.96
N PHE Q 162 54.01 34.84 60.30
CA PHE Q 162 52.83 34.34 60.99
C PHE Q 162 53.20 33.15 61.86
N GLU Q 163 52.57 33.04 63.04
CA GLU Q 163 52.84 31.96 63.96
C GLU Q 163 51.53 31.38 64.48
N GLY Q 164 51.62 30.16 65.01
CA GLY Q 164 50.51 29.51 65.67
C GLY Q 164 49.81 28.43 64.86
N GLY Q 165 50.03 28.39 63.54
CA GLY Q 165 49.39 27.39 62.71
C GLY Q 165 49.88 26.00 63.05
N THR Q 166 48.95 25.10 63.37
CA THR Q 166 49.29 23.74 63.77
C THR Q 166 48.34 22.75 63.10
N ASP Q 167 48.87 21.56 62.80
CA ASP Q 167 48.11 20.54 62.11
C ASP Q 167 47.26 19.73 63.11
N ILE Q 168 46.35 18.93 62.54
CA ILE Q 168 45.55 18.02 63.34
C ILE Q 168 46.46 17.01 64.02
N GLU Q 169 46.09 16.63 65.25
CA GLU Q 169 46.91 15.69 66.03
C GLU Q 169 46.90 14.31 65.37
N THR Q 170 48.07 13.88 64.92
CA THR Q 170 48.17 12.59 64.25
C THR Q 170 47.97 11.45 65.25
N ASP Q 171 47.61 10.28 64.71
CA ASP Q 171 47.18 9.17 65.56
C ASP Q 171 48.32 8.62 66.42
N GLU Q 172 49.55 8.60 65.89
CA GLU Q 172 50.67 8.12 66.68
C GLU Q 172 50.90 9.01 67.91
N GLU Q 173 50.83 10.32 67.71
CA GLU Q 173 50.91 11.24 68.84
C GLU Q 173 49.77 11.02 69.82
N LEU Q 174 48.57 10.74 69.30
CA LEU Q 174 47.43 10.46 70.16
C LEU Q 174 47.68 9.24 71.02
N LYS Q 175 48.18 8.15 70.41
CA LYS Q 175 48.48 6.94 71.17
C LYS Q 175 49.54 7.19 72.21
N GLU Q 176 50.61 7.93 71.84
CA GLU Q 176 51.66 8.21 72.79
C GLU Q 176 51.14 9.03 73.97
N ARG Q 177 50.34 10.07 73.69
CA ARG Q 177 49.79 10.88 74.76
C ARG Q 177 48.88 10.06 75.65
N PHE Q 178 48.06 9.19 75.05
CA PHE Q 178 47.20 8.32 75.85
C PHE Q 178 48.02 7.43 76.78
N TYR Q 179 49.11 6.87 76.26
CA TYR Q 179 49.97 6.03 77.10
C TYR Q 179 50.58 6.83 78.23
N LYS Q 180 51.06 8.05 77.94
CA LYS Q 180 51.68 8.86 78.98
C LYS Q 180 50.66 9.26 80.04
N ILE Q 181 49.44 9.61 79.63
CA ILE Q 181 48.42 9.97 80.61
C ILE Q 181 48.03 8.78 81.45
N GLN Q 182 47.97 7.58 80.85
CA GLN Q 182 47.68 6.39 81.63
C GLN Q 182 48.79 6.07 82.61
N ARG Q 183 50.04 6.38 82.26
CA ARG Q 183 51.12 6.21 83.22
C ARG Q 183 50.97 7.18 84.39
N ASN Q 184 50.51 8.39 84.12
CA ASN Q 184 50.30 9.38 85.17
C ASN Q 184 49.04 9.06 85.97
N GLN Q 185 49.09 9.33 87.27
CA GLN Q 185 47.95 9.14 88.17
C GLN Q 185 47.56 10.51 88.71
N ALA Q 186 46.57 11.13 88.08
CA ALA Q 186 46.13 12.48 88.43
C ALA Q 186 44.79 12.36 89.15
N THR Q 187 44.80 12.60 90.47
CA THR Q 187 43.61 12.51 91.28
C THR Q 187 43.56 13.69 92.24
N SER Q 188 42.35 13.98 92.72
CA SER Q 188 42.08 15.22 93.44
C SER Q 188 42.93 15.35 94.71
N GLY Q 189 43.90 16.27 94.68
CA GLY Q 189 44.67 16.64 95.84
C GLY Q 189 45.80 15.71 96.21
N ASN Q 190 46.02 14.63 95.47
CA ASN Q 190 46.97 13.63 95.90
C ASN Q 190 48.41 14.15 95.76
N LYS Q 191 49.34 13.37 96.32
CA LYS Q 191 50.76 13.72 96.25
C LYS Q 191 51.21 13.90 94.81
N ALA Q 192 50.70 13.07 93.90
CA ALA Q 192 51.04 13.21 92.49
C ALA Q 192 50.53 14.54 91.94
N HIS Q 193 49.36 15.00 92.39
CA HIS Q 193 48.89 16.32 91.97
C HIS Q 193 49.83 17.42 92.46
N TYR Q 194 50.30 17.33 93.71
CA TYR Q 194 51.28 18.29 94.20
C TYR Q 194 52.54 18.27 93.33
N GLU Q 195 53.03 17.07 93.01
CA GLU Q 195 54.19 16.96 92.15
C GLU Q 195 53.96 17.63 90.79
N GLU Q 196 52.79 17.36 90.19
CA GLU Q 196 52.49 17.92 88.89
C GLU Q 196 52.41 19.44 88.94
N TRP Q 197 51.67 19.97 89.92
CA TRP Q 197 51.57 21.42 90.09
C TRP Q 197 52.93 22.06 90.31
N ALA Q 198 53.83 21.34 90.99
CA ALA Q 198 55.17 21.90 91.23
C ALA Q 198 56.03 21.87 89.97
N LEU Q 199 55.95 20.80 89.17
CA LEU Q 199 56.82 20.71 88.00
C LEU Q 199 56.39 21.65 86.88
N GLU Q 200 55.13 22.10 86.87
CA GLU Q 200 54.70 23.06 85.85
C GLU Q 200 55.50 24.35 85.93
N VAL Q 201 56.00 24.69 87.12
CA VAL Q 201 56.62 25.99 87.36
C VAL Q 201 58.06 25.98 86.87
N ASP Q 202 58.50 27.13 86.38
CA ASP Q 202 59.87 27.30 85.94
C ASP Q 202 60.81 27.29 87.14
N GLY Q 203 62.07 26.91 86.87
CA GLY Q 203 63.07 26.86 87.91
C GLY Q 203 62.98 25.65 88.83
N VAL Q 204 62.07 24.72 88.55
CA VAL Q 204 61.93 23.49 89.33
C VAL Q 204 62.10 22.31 88.39
N TYR Q 205 63.11 21.51 88.65
CA TYR Q 205 63.40 20.35 87.80
C TYR Q 205 63.13 19.02 88.51
N ASN Q 206 62.99 19.04 89.84
CA ASN Q 206 62.71 17.83 90.61
C ASN Q 206 61.79 18.20 91.76
N VAL Q 207 60.86 17.31 92.09
CA VAL Q 207 59.86 17.57 93.12
C VAL Q 207 59.81 16.39 94.07
N LYS Q 208 59.84 16.68 95.38
CA LYS Q 208 59.58 15.69 96.42
C LYS Q 208 58.54 16.26 97.37
N VAL Q 209 57.55 15.43 97.72
CA VAL Q 209 56.40 15.87 98.49
C VAL Q 209 56.38 15.13 99.82
N TYR Q 210 56.26 15.87 100.92
CA TYR Q 210 56.25 15.30 102.26
C TYR Q 210 54.91 15.57 102.93
N PRO Q 211 53.98 14.63 102.93
CA PRO Q 211 52.69 14.84 103.59
C PRO Q 211 52.83 14.84 105.10
N ARG Q 212 51.89 15.54 105.76
CA ARG Q 212 51.75 15.64 107.22
C ARG Q 212 53.09 15.83 107.93
N TRP Q 213 53.98 16.62 107.32
CA TRP Q 213 55.26 16.93 107.97
C TRP Q 213 55.05 17.71 109.26
N ASP Q 214 54.02 18.54 109.33
CA ASP Q 214 53.73 19.35 110.50
C ASP Q 214 52.35 19.01 111.04
N GLY Q 215 52.04 17.73 111.13
CA GLY Q 215 50.73 17.30 111.52
C GLY Q 215 49.76 17.31 110.35
N PRO Q 216 48.50 16.98 110.60
CA PRO Q 216 47.52 16.91 109.52
C PRO Q 216 47.28 18.28 108.89
N GLY Q 217 46.98 18.27 107.59
CA GLY Q 217 46.75 19.50 106.87
C GLY Q 217 47.99 20.29 106.55
N THR Q 218 49.17 19.65 106.58
CA THR Q 218 50.43 20.30 106.26
C THR Q 218 51.16 19.49 105.21
N VAL Q 219 51.58 20.13 104.13
CA VAL Q 219 52.31 19.49 103.04
C VAL Q 219 53.65 20.20 102.88
N LYS Q 220 54.73 19.43 102.92
CA LYS Q 220 56.07 19.96 102.74
C LYS Q 220 56.52 19.67 101.31
N VAL Q 221 56.78 20.73 100.55
CA VAL Q 221 57.17 20.62 99.15
C VAL Q 221 58.68 20.84 99.05
N LEU Q 222 59.39 19.80 98.61
CA LEU Q 222 60.83 19.84 98.44
C LEU Q 222 61.11 19.89 96.94
N ILE Q 223 61.62 21.02 96.46
CA ILE Q 223 61.91 21.22 95.05
C ILE Q 223 63.42 21.31 94.86
N PHE Q 224 63.86 20.99 93.65
CA PHE Q 224 65.28 20.96 93.33
C PHE Q 224 65.54 21.73 92.05
N GLY Q 225 66.72 22.35 91.99
CA GLY Q 225 67.12 23.09 90.81
C GLY Q 225 67.80 22.21 89.78
N LYS Q 226 68.27 22.87 88.71
CA LYS Q 226 68.99 22.16 87.67
C LYS Q 226 70.27 21.55 88.25
N ASN Q 227 70.53 20.29 87.90
CA ASN Q 227 71.64 19.52 88.44
C ASN Q 227 71.53 19.36 89.96
N ASN Q 228 70.29 19.26 90.45
CA ASN Q 228 70.01 19.10 91.89
C ASN Q 228 70.66 20.22 92.70
N GLN Q 229 70.38 21.46 92.32
CA GLN Q 229 70.88 22.63 93.03
C GLN Q 229 69.74 23.27 93.81
N ALA Q 230 70.12 24.26 94.64
CA ALA Q 230 69.14 24.97 95.45
C ALA Q 230 68.24 25.82 94.57
N VAL Q 231 66.98 25.91 94.98
CA VAL Q 231 65.98 26.71 94.27
C VAL Q 231 65.95 28.10 94.90
N ASP Q 232 65.99 29.13 94.05
CA ASP Q 232 66.09 30.50 94.53
C ASP Q 232 64.81 30.91 95.25
N THR Q 233 64.91 32.00 96.02
CA THR Q 233 63.79 32.47 96.82
C THR Q 233 62.62 32.93 95.95
N GLU Q 234 62.91 33.65 94.87
CA GLU Q 234 61.84 34.09 93.97
C GLU Q 234 61.17 32.91 93.29
N THR Q 235 61.97 31.93 92.85
CA THR Q 235 61.40 30.72 92.25
C THR Q 235 60.56 29.95 93.26
N ILE Q 236 61.03 29.86 94.51
CA ILE Q 236 60.23 29.25 95.56
C ILE Q 236 58.92 30.00 95.74
N GLU Q 237 58.97 31.33 95.66
CA GLU Q 237 57.75 32.13 95.83
C GLU Q 237 56.76 31.87 94.71
N ARG Q 238 57.22 31.84 93.46
CA ARG Q 238 56.28 31.61 92.36
C ARG Q 238 55.73 30.19 92.41
N CYS Q 239 56.55 29.22 92.78
CA CYS Q 239 56.05 27.86 92.97
C CYS Q 239 55.00 27.82 94.07
N GLN Q 240 55.23 28.55 95.17
CA GLN Q 240 54.29 28.57 96.28
C GLN Q 240 52.97 29.19 95.85
N GLN Q 241 53.00 30.30 95.12
CA GLN Q 241 51.74 30.91 94.70
C GLN Q 241 51.02 30.03 93.69
N HIS Q 242 51.77 29.35 92.81
CA HIS Q 242 51.14 28.47 91.84
C HIS Q 242 50.44 27.31 92.54
N ILE Q 243 51.12 26.68 93.51
CA ILE Q 243 50.48 25.57 94.21
C ILE Q 243 49.31 26.06 95.04
N ASP Q 244 49.43 27.25 95.65
CA ASP Q 244 48.32 27.83 96.40
C ASP Q 244 47.11 28.03 95.51
N GLU Q 245 47.33 28.53 94.28
CA GLU Q 245 46.23 28.61 93.32
C GLU Q 245 45.70 27.22 92.99
N GLU Q 246 46.56 26.21 92.96
CA GLU Q 246 46.15 24.85 92.60
C GLU Q 246 45.97 23.93 93.81
N LYS Q 247 46.21 24.40 95.03
CA LYS Q 247 46.01 23.55 96.19
C LYS Q 247 44.54 23.58 96.62
N PRO Q 248 44.05 22.50 97.22
CA PRO Q 248 42.68 22.52 97.76
C PRO Q 248 42.54 23.53 98.89
N ILE Q 249 41.30 23.92 99.15
CA ILE Q 249 40.99 24.92 100.17
C ILE Q 249 41.08 24.26 101.55
N GLY Q 250 41.98 24.77 102.38
CA GLY Q 250 42.17 24.25 103.72
C GLY Q 250 43.59 23.82 104.05
N PRO Q 251 44.26 23.12 103.14
CA PRO Q 251 45.67 22.77 103.38
C PRO Q 251 46.57 24.00 103.41
N THR Q 252 47.73 23.82 104.03
CA THR Q 252 48.78 24.84 104.07
C THR Q 252 50.06 24.24 103.51
N ILE Q 253 50.71 24.96 102.61
CA ILE Q 253 51.86 24.46 101.87
C ILE Q 253 53.12 25.16 102.36
N THR Q 254 54.14 24.38 102.68
CA THR Q 254 55.44 24.87 103.09
C THR Q 254 56.50 24.36 102.13
N VAL Q 255 57.37 25.25 101.66
CA VAL Q 255 58.37 24.93 100.66
C VAL Q 255 59.75 25.21 101.25
N VAL Q 256 60.67 24.25 101.09
CA VAL Q 256 62.05 24.41 101.51
C VAL Q 256 62.97 23.98 100.37
N THR Q 257 64.20 24.50 100.41
CA THR Q 257 65.18 24.25 99.37
C THR Q 257 66.34 23.43 99.92
N PRO Q 258 66.95 22.57 99.10
CA PRO Q 258 68.07 21.76 99.57
C PRO Q 258 69.35 22.59 99.71
N LEU Q 259 70.34 21.98 100.34
CA LEU Q 259 71.65 22.59 100.52
C LEU Q 259 72.71 21.72 99.86
N PRO Q 260 73.52 22.27 98.97
CA PRO Q 260 74.40 21.45 98.14
C PRO Q 260 75.61 20.91 98.90
N ILE Q 261 76.20 19.87 98.32
CA ILE Q 261 77.48 19.31 98.75
C ILE Q 261 78.42 19.35 97.56
N GLU Q 262 79.56 20.02 97.72
CA GLU Q 262 80.53 20.13 96.63
C GLU Q 262 81.35 18.85 96.55
N ILE Q 263 81.36 18.24 95.36
CA ILE Q 263 82.08 17.00 95.12
C ILE Q 263 82.96 17.15 93.89
N SER Q 264 84.19 16.66 93.99
CA SER Q 264 85.12 16.61 92.87
C SER Q 264 85.16 15.19 92.33
N ILE Q 265 84.91 15.04 91.03
CA ILE Q 265 84.92 13.75 90.37
C ILE Q 265 86.01 13.75 89.30
N SER Q 266 86.75 12.65 89.22
CA SER Q 266 87.87 12.55 88.30
C SER Q 266 88.13 11.08 87.99
N ALA Q 267 88.32 10.77 86.72
CA ALA Q 267 88.61 9.40 86.32
C ALA Q 267 89.28 9.40 84.95
N VAL Q 268 89.91 8.28 84.63
CA VAL Q 268 90.52 8.04 83.32
C VAL Q 268 89.66 7.00 82.60
N MET Q 269 89.22 7.33 81.39
CA MET Q 269 88.31 6.48 80.65
C MET Q 269 88.81 6.29 79.22
N LYS Q 270 88.35 5.21 78.60
CA LYS Q 270 88.54 4.96 77.19
C LYS Q 270 87.19 5.05 76.49
N LEU Q 271 87.11 5.86 75.44
CA LEU Q 271 85.86 6.08 74.73
C LEU Q 271 85.72 5.13 73.56
N GLU Q 272 84.48 4.72 73.29
CA GLU Q 272 84.20 3.96 72.09
C GLU Q 272 84.29 4.87 70.86
N ASP Q 273 84.29 4.26 69.69
CA ASP Q 273 84.39 5.02 68.45
C ASP Q 273 83.13 5.86 68.24
N GLY Q 274 83.32 7.12 67.87
CA GLY Q 274 82.22 8.00 67.53
C GLY Q 274 81.65 8.84 68.65
N TYR Q 275 82.29 8.84 69.83
CA TYR Q 275 81.83 9.64 70.95
C TYR Q 275 82.94 10.57 71.42
N THR Q 276 82.55 11.66 72.06
CA THR Q 276 83.46 12.68 72.56
C THR Q 276 83.36 12.77 74.08
N LEU Q 277 84.30 13.50 74.67
CA LEU Q 277 84.32 13.67 76.11
C LEU Q 277 83.16 14.53 76.60
N ASP Q 278 82.71 15.49 75.79
CA ASP Q 278 81.61 16.34 76.22
C ASP Q 278 80.31 15.55 76.37
N ASN Q 279 80.03 14.64 75.43
CA ASN Q 279 78.83 13.81 75.53
C ASN Q 279 78.89 12.90 76.75
N VAL Q 280 80.05 12.30 77.00
CA VAL Q 280 80.22 11.49 78.20
C VAL Q 280 79.98 12.32 79.44
N LYS Q 281 80.52 13.54 79.47
CA LYS Q 281 80.37 14.41 80.64
C LYS Q 281 78.90 14.76 80.88
N GLU Q 282 78.18 15.13 79.83
CA GLU Q 282 76.78 15.54 80.02
C GLU Q 282 75.91 14.36 80.43
N SER Q 283 76.10 13.20 79.79
CA SER Q 283 75.34 12.01 80.17
C SER Q 283 75.66 11.60 81.60
N PHE Q 284 76.92 11.69 82.00
CA PHE Q 284 77.30 11.39 83.37
C PHE Q 284 76.66 12.38 84.34
N LEU Q 285 76.60 13.66 83.96
CA LEU Q 285 75.95 14.65 84.81
C LEU Q 285 74.50 14.28 85.05
N GLU Q 286 73.78 13.94 83.98
CA GLU Q 286 72.38 13.57 84.13
C GLU Q 286 72.22 12.32 84.99
N SER Q 287 73.04 11.30 84.72
CA SER Q 287 72.93 10.04 85.46
C SER Q 287 73.26 10.22 86.94
N ILE Q 288 74.29 11.01 87.25
CA ILE Q 288 74.68 11.22 88.63
C ILE Q 288 73.67 12.09 89.36
N ASN Q 289 73.03 13.04 88.67
CA ASN Q 289 71.94 13.76 89.30
C ASN Q 289 70.77 12.83 89.62
N THR Q 290 70.47 11.91 88.69
CA THR Q 290 69.40 10.95 88.93
C THR Q 290 69.72 10.06 90.13
N TYR Q 291 70.97 9.62 90.24
CA TYR Q 291 71.39 8.86 91.40
C TYR Q 291 71.36 9.69 92.66
N PHE Q 292 71.63 11.00 92.55
CA PHE Q 292 71.61 11.87 93.73
C PHE Q 292 70.21 12.01 94.30
N ARG Q 293 69.20 12.23 93.43
CA ARG Q 293 67.87 12.47 93.99
C ARG Q 293 67.31 11.25 94.71
N ASP Q 294 67.63 10.04 94.25
CA ASP Q 294 67.07 8.85 94.87
C ASP Q 294 67.83 8.35 96.09
N ILE Q 295 69.04 8.86 96.33
CA ILE Q 295 69.91 8.29 97.36
C ILE Q 295 69.54 8.87 98.72
N ARG Q 296 69.71 8.03 99.74
CA ARG Q 296 69.64 8.44 101.14
C ARG Q 296 70.77 7.78 101.89
N GLY Q 297 71.39 8.53 102.80
CA GLY Q 297 72.48 7.99 103.60
C GLY Q 297 73.84 8.53 103.20
N GLU Q 298 74.63 7.72 102.50
CA GLU Q 298 75.97 8.09 102.09
C GLU Q 298 76.14 7.83 100.61
N ILE Q 299 76.89 8.70 99.94
CA ILE Q 299 77.24 8.43 98.55
C ILE Q 299 78.21 7.25 98.51
N ILE Q 300 78.03 6.39 97.52
CA ILE Q 300 78.72 5.10 97.47
C ILE Q 300 79.62 5.09 96.25
N TYR Q 301 80.90 4.80 96.47
CA TYR Q 301 81.88 4.84 95.39
C TYR Q 301 81.54 3.86 94.29
N THR Q 302 81.10 2.65 94.66
CA THR Q 302 80.86 1.59 93.68
C THR Q 302 79.57 1.83 92.88
N LYS Q 303 78.52 2.37 93.51
CA LYS Q 303 77.40 2.81 92.69
C LYS Q 303 77.84 3.85 91.68
N VAL Q 304 78.72 4.77 92.09
CA VAL Q 304 79.21 5.79 91.17
C VAL Q 304 79.98 5.15 90.02
N MET Q 305 80.84 4.18 90.32
CA MET Q 305 81.59 3.52 89.26
C MET Q 305 80.65 2.78 88.31
N GLY Q 306 79.62 2.14 88.85
CA GLY Q 306 78.66 1.45 88.00
C GLY Q 306 77.89 2.41 87.10
N ILE Q 307 77.42 3.52 87.66
CA ILE Q 307 76.69 4.50 86.86
C ILE Q 307 77.58 5.10 85.79
N LEU Q 308 78.83 5.42 86.15
CA LEU Q 308 79.76 5.98 85.18
C LEU Q 308 80.06 5.00 84.06
N ILE Q 309 80.23 3.71 84.39
CA ILE Q 309 80.59 2.76 83.36
C ILE Q 309 79.38 2.39 82.50
N ASN Q 310 78.18 2.45 83.06
CA ASN Q 310 76.97 2.22 82.28
C ASN Q 310 76.69 3.35 81.31
N THR Q 311 77.37 4.49 81.46
CA THR Q 311 77.15 5.63 80.60
C THR Q 311 77.55 5.30 79.16
N THR Q 312 76.70 5.69 78.21
CA THR Q 312 76.98 5.41 76.81
C THR Q 312 78.11 6.29 76.32
N GLY Q 313 79.11 5.66 75.69
CA GLY Q 313 80.31 6.36 75.25
C GLY Q 313 81.56 5.99 76.01
N VAL Q 314 81.44 5.30 77.14
CA VAL Q 314 82.58 4.94 77.98
C VAL Q 314 82.83 3.44 77.83
N HIS Q 315 83.97 3.09 77.24
CA HIS Q 315 84.37 1.70 77.05
C HIS Q 315 85.16 1.16 78.23
N ASP Q 316 85.71 2.04 79.06
CA ASP Q 316 86.53 1.65 80.19
C ASP Q 316 86.61 2.82 81.16
N LEU Q 317 86.88 2.52 82.43
CA LEU Q 317 87.25 3.57 83.37
C LEU Q 317 88.43 3.09 84.20
N SER Q 318 89.19 4.05 84.71
CA SER Q 318 90.30 3.77 85.59
C SER Q 318 90.59 5.03 86.41
N ASN Q 319 91.19 4.83 87.58
CA ASN Q 319 91.60 5.93 88.45
C ASN Q 319 90.41 6.85 88.77
N LEU Q 320 89.42 6.27 89.45
CA LEU Q 320 88.20 6.99 89.83
C LEU Q 320 88.36 7.50 91.26
N LEU Q 321 88.23 8.81 91.44
CA LEU Q 321 88.39 9.44 92.75
C LEU Q 321 87.20 10.32 93.04
N ILE Q 322 86.55 10.07 94.18
CA ILE Q 322 85.49 10.93 94.69
C ILE Q 322 86.07 11.72 95.85
N ASN Q 323 86.22 13.04 95.67
CA ASN Q 323 86.88 13.90 96.64
C ASN Q 323 88.26 13.37 96.99
N GLY Q 324 88.99 12.91 95.97
CA GLY Q 324 90.33 12.44 96.15
C GLY Q 324 90.46 11.16 96.95
N SER Q 325 89.42 10.32 96.96
CA SER Q 325 89.46 9.08 97.72
C SER Q 325 88.47 8.09 97.10
N THR Q 326 88.65 6.83 97.46
CA THR Q 326 87.76 5.74 97.02
C THR Q 326 86.84 5.28 98.14
N ASP Q 327 86.52 6.16 99.08
CA ASP Q 327 85.69 5.83 100.23
C ASP Q 327 84.31 6.48 100.10
N ASN Q 328 83.36 5.95 100.85
CA ASN Q 328 82.02 6.51 100.87
C ASN Q 328 82.01 7.84 101.61
N ILE Q 329 81.26 8.80 101.07
CA ILE Q 329 81.12 10.13 101.66
C ILE Q 329 79.75 10.22 102.32
N THR Q 330 79.74 10.43 103.62
CA THR Q 330 78.47 10.48 104.35
C THR Q 330 77.72 11.77 104.04
N ILE Q 331 76.44 11.64 103.74
CA ILE Q 331 75.56 12.78 103.48
C ILE Q 331 74.72 13.01 104.72
N ASN Q 332 74.77 14.23 105.25
CA ASN Q 332 74.08 14.55 106.49
C ASN Q 332 72.72 15.16 106.19
N GLU Q 333 71.99 15.51 107.26
CA GLU Q 333 70.64 16.00 107.12
C GLU Q 333 70.63 17.38 106.48
N ASP Q 334 69.62 17.64 105.65
CA ASP Q 334 69.48 18.89 104.91
C ASP Q 334 70.68 19.13 103.99
N LYS Q 335 71.30 18.06 103.51
CA LYS Q 335 72.43 18.16 102.61
C LYS Q 335 72.20 17.27 101.40
N ILE Q 336 72.55 17.78 100.22
CA ILE Q 336 72.42 17.00 98.99
C ILE Q 336 73.71 17.12 98.19
N PRO Q 337 74.23 16.02 97.63
CA PRO Q 337 75.41 16.13 96.77
C PRO Q 337 75.11 16.97 95.54
N SER Q 338 76.12 17.72 95.11
CA SER Q 338 76.01 18.62 93.97
C SER Q 338 77.30 18.54 93.15
N VAL Q 339 77.18 18.10 91.89
CA VAL Q 339 78.35 18.02 91.03
C VAL Q 339 78.92 19.42 90.84
N THR Q 340 80.25 19.51 90.91
CA THR Q 340 80.94 20.80 90.81
C THR Q 340 81.91 20.85 89.66
N THR Q 341 82.77 19.84 89.51
CA THR Q 341 83.76 19.81 88.45
C THR Q 341 83.82 18.40 87.86
N VAL Q 342 84.13 18.35 86.57
CA VAL Q 342 84.24 17.09 85.84
C VAL Q 342 85.60 17.08 85.17
N ASN Q 343 86.58 16.44 85.79
CA ASN Q 343 87.92 16.30 85.24
C ASN Q 343 88.03 14.88 84.68
N PHE Q 344 87.97 14.76 83.36
CA PHE Q 344 88.04 13.47 82.68
C PHE Q 344 89.24 13.47 81.74
N SER Q 345 90.02 12.39 81.79
CA SER Q 345 91.17 12.21 80.91
C SER Q 345 90.97 10.96 80.07
N GLU Q 346 91.23 11.07 78.78
CA GLU Q 346 91.16 9.93 77.88
C GLU Q 346 92.54 9.30 77.70
N MET R 1 35.83 -8.83 52.88
CA MET R 1 35.00 -8.04 53.80
C MET R 1 33.75 -8.89 53.99
N TYR R 2 33.30 -9.00 55.24
CA TYR R 2 32.35 -10.04 55.63
C TYR R 2 31.10 -10.06 54.74
N SER R 3 30.68 -8.89 54.25
CA SER R 3 29.46 -8.82 53.45
C SER R 3 29.60 -9.56 52.13
N ASP R 4 30.71 -9.37 51.41
CA ASP R 4 30.86 -10.03 50.13
C ASP R 4 31.09 -11.53 50.30
N GLN R 5 31.69 -11.94 51.42
CA GLN R 5 31.86 -13.37 51.67
C GLN R 5 30.49 -14.02 51.82
N THR R 6 30.09 -14.78 50.80
CA THR R 6 28.78 -15.39 50.76
C THR R 6 28.94 -16.87 50.44
N TYR R 7 27.82 -17.59 50.47
CA TYR R 7 27.84 -19.03 50.24
C TYR R 7 28.38 -19.36 48.85
N GLU R 8 27.96 -18.60 47.84
CA GLU R 8 28.42 -18.86 46.48
C GLU R 8 29.92 -18.62 46.36
N VAL R 9 30.41 -17.50 46.90
CA VAL R 9 31.83 -17.18 46.77
C VAL R 9 32.69 -18.19 47.52
N ILE R 10 32.28 -18.54 48.75
CA ILE R 10 33.03 -19.52 49.53
C ILE R 10 33.08 -20.86 48.80
N LYS R 11 31.92 -21.30 48.29
CA LYS R 11 31.88 -22.59 47.59
C LYS R 11 32.75 -22.56 46.34
N ASN R 12 32.68 -21.47 45.56
CA ASN R 12 33.47 -21.39 44.34
C ASN R 12 34.96 -21.43 44.65
N ARG R 13 35.39 -20.68 45.67
CA ARG R 13 36.81 -20.69 46.03
C ARG R 13 37.25 -22.06 46.52
N THR R 14 36.41 -22.70 47.34
CA THR R 14 36.78 -24.02 47.86
C THR R 14 36.91 -25.03 46.73
N LEU R 15 35.98 -25.01 45.77
CA LEU R 15 36.07 -25.93 44.64
C LEU R 15 37.29 -25.64 43.79
N GLU R 16 37.62 -24.37 43.59
CA GLU R 16 38.81 -24.03 42.82
C GLU R 16 40.07 -24.51 43.52
N ASN R 17 40.10 -24.50 44.85
CA ASN R 17 41.30 -24.94 45.55
C ASN R 17 41.54 -26.44 45.42
N ILE R 18 40.48 -27.23 45.31
CA ILE R 18 40.63 -28.68 45.26
C ILE R 18 41.22 -29.08 43.92
N ASN R 19 42.29 -29.88 43.95
CA ASN R 19 42.98 -30.33 42.75
C ASN R 19 42.60 -31.80 42.49
N LEU R 20 41.45 -31.99 41.85
CA LEU R 20 40.99 -33.31 41.42
C LEU R 20 40.65 -33.26 39.93
N ASP R 21 40.68 -34.43 39.31
CA ASP R 21 40.39 -34.54 37.89
C ASP R 21 38.90 -34.62 37.59
N ILE R 22 38.08 -35.02 38.58
CA ILE R 22 36.67 -35.29 38.35
C ILE R 22 35.90 -34.01 38.08
N TYR R 23 34.66 -34.15 37.62
CA TYR R 23 33.83 -33.03 37.23
C TYR R 23 33.23 -32.37 38.47
N LYS R 24 33.38 -31.05 38.56
CA LYS R 24 32.89 -30.27 39.70
C LYS R 24 31.75 -29.39 39.21
N GLY R 25 30.53 -29.77 39.57
CA GLY R 25 29.36 -29.01 39.16
C GLY R 25 28.18 -29.41 40.02
N GLU R 26 27.08 -28.69 39.83
CA GLU R 26 25.89 -28.96 40.62
C GLU R 26 25.42 -30.39 40.38
N GLY R 27 25.17 -31.11 41.46
CA GLY R 27 24.74 -32.49 41.38
C GLY R 27 25.85 -33.52 41.39
N SER R 28 27.11 -33.12 41.56
CA SER R 28 28.21 -34.05 41.59
C SER R 28 28.49 -34.50 43.02
N PHE R 29 29.27 -35.59 43.14
CA PHE R 29 29.61 -36.11 44.46
C PHE R 29 30.47 -35.12 45.24
N LEU R 30 31.53 -34.61 44.62
CA LEU R 30 32.42 -33.69 45.31
C LEU R 30 31.70 -32.40 45.70
N ASN R 31 30.87 -31.89 44.79
CA ASN R 31 30.08 -30.70 45.10
C ASN R 31 29.12 -30.97 46.26
N ASN R 32 28.47 -32.12 46.27
CA ASN R 32 27.56 -32.45 47.36
C ASN R 32 28.30 -32.55 48.69
N MET R 33 29.48 -33.15 48.68
CA MET R 33 30.24 -33.28 49.93
C MET R 33 30.70 -31.93 50.45
N VAL R 34 31.23 -31.08 49.56
CA VAL R 34 31.75 -29.79 49.99
C VAL R 34 30.63 -28.88 50.48
N SER R 35 29.52 -28.84 49.74
CA SER R 35 28.40 -28.01 50.14
C SER R 35 27.76 -28.54 51.43
N GLY R 36 27.27 -27.63 52.24
CA GLY R 36 26.66 -28.00 53.51
C GLY R 36 27.36 -27.39 54.69
N ASN R 37 28.69 -27.37 54.68
CA ASN R 37 29.43 -26.66 55.72
C ASN R 37 29.91 -25.29 55.27
N ASN R 38 30.01 -25.05 53.95
CA ASN R 38 30.26 -23.70 53.47
C ASN R 38 29.06 -22.78 53.74
N LEU R 39 27.86 -23.33 53.65
CA LEU R 39 26.68 -22.57 54.06
C LEU R 39 26.76 -22.20 55.52
N GLU R 40 27.25 -23.12 56.36
CA GLU R 40 27.43 -22.82 57.77
C GLU R 40 28.47 -21.72 57.99
N LEU R 41 29.55 -21.73 57.21
CA LEU R 41 30.53 -20.65 57.33
C LEU R 41 29.93 -19.30 56.94
N SER R 42 29.13 -19.29 55.87
CA SER R 42 28.44 -18.06 55.49
C SER R 42 27.51 -17.60 56.60
N LYS R 43 26.86 -18.54 57.30
CA LYS R 43 26.06 -18.19 58.46
C LYS R 43 26.91 -17.56 59.55
N ILE R 44 28.07 -18.14 59.83
CA ILE R 44 28.94 -17.70 60.92
C ILE R 44 29.47 -16.30 60.66
N TYR R 45 29.71 -15.95 59.40
CA TYR R 45 30.28 -14.63 59.10
C TYR R 45 29.39 -13.50 59.58
N LEU R 46 28.06 -13.66 59.53
CA LEU R 46 27.18 -12.59 59.98
C LEU R 46 27.29 -12.36 61.49
N GLU R 47 27.34 -13.44 62.28
CA GLU R 47 27.56 -13.29 63.71
C GLU R 47 28.90 -12.65 63.99
N LEU R 48 29.92 -13.03 63.23
CA LEU R 48 31.23 -12.40 63.38
C LEU R 48 31.15 -10.90 63.12
N SER R 49 30.34 -10.51 62.12
CA SER R 49 30.14 -9.08 61.87
C SER R 49 29.46 -8.39 63.04
N LYS R 50 28.44 -9.02 63.62
CA LYS R 50 27.68 -8.37 64.69
C LYS R 50 28.47 -8.27 65.98
N MET R 51 29.46 -9.16 66.17
CA MET R 51 30.15 -9.23 67.45
C MET R 51 30.86 -7.92 67.78
N HIS R 52 31.59 -7.37 66.81
CA HIS R 52 32.35 -6.15 67.09
C HIS R 52 31.41 -4.97 67.36
N LYS R 53 30.22 -4.99 66.76
CA LYS R 53 29.23 -3.97 67.09
C LYS R 53 28.77 -4.11 68.54
N MET R 54 28.42 -5.33 68.97
CA MET R 54 27.97 -5.42 70.36
C MET R 54 29.10 -5.34 71.37
N ALA R 55 30.36 -5.28 70.92
CA ALA R 55 31.47 -5.18 71.87
C ALA R 55 31.57 -3.78 72.48
N PHE R 56 31.36 -2.73 71.69
CA PHE R 56 31.70 -1.37 72.10
C PHE R 56 30.73 -0.85 73.17
N ILE R 57 30.90 0.43 73.52
CA ILE R 57 30.11 1.09 74.55
C ILE R 57 29.05 1.99 73.92
N GLN R 58 29.33 2.49 72.71
CA GLN R 58 28.37 3.37 72.05
C GLN R 58 27.08 2.63 71.71
N ASP R 59 27.21 1.36 71.31
CA ASP R 59 26.07 0.51 70.93
C ASP R 59 26.27 -0.85 71.59
N THR R 60 25.82 -0.97 72.84
CA THR R 60 25.95 -2.23 73.60
C THR R 60 24.62 -2.90 73.98
N TYR R 61 23.52 -2.42 73.41
CA TYR R 61 22.17 -2.93 73.73
C TYR R 61 21.90 -2.69 75.22
N ASN R 62 21.35 -3.66 75.94
CA ASN R 62 20.88 -3.47 77.29
C ASN R 62 21.72 -4.17 78.35
N GLN R 63 21.91 -5.48 78.23
CA GLN R 63 22.55 -6.23 79.31
C GLN R 63 24.07 -6.04 79.28
N PHE R 64 24.68 -6.19 78.10
CA PHE R 64 26.12 -5.97 78.00
C PHE R 64 26.47 -4.52 78.29
N LEU R 65 25.59 -3.59 77.95
CA LEU R 65 25.78 -2.20 78.36
C LEU R 65 25.81 -2.09 79.88
N ASP R 66 24.93 -2.82 80.56
CA ASP R 66 24.96 -2.84 82.02
C ASP R 66 26.27 -3.38 82.54
N LYS R 67 26.78 -4.46 81.94
CA LYS R 67 28.06 -5.00 82.38
C LYS R 67 29.18 -3.98 82.20
N ARG R 68 29.21 -3.30 81.05
CA ARG R 68 30.28 -2.34 80.79
C ARG R 68 30.23 -1.16 81.76
N VAL R 69 29.03 -0.61 81.99
CA VAL R 69 28.93 0.53 82.90
C VAL R 69 29.23 0.10 84.33
N ASN R 70 28.82 -1.12 84.71
CA ASN R 70 29.17 -1.63 86.04
C ASN R 70 30.67 -1.81 86.17
N GLU R 71 31.35 -2.11 85.06
CA GLU R 71 32.81 -2.05 85.06
C GLU R 71 33.27 -0.63 85.36
N PHE R 72 32.63 0.37 84.74
CA PHE R 72 32.92 1.75 85.11
C PHE R 72 32.30 2.17 86.43
N GLY R 73 31.37 1.39 86.97
CA GLY R 73 30.77 1.67 88.26
C GLY R 73 29.47 2.44 88.18
N VAL R 74 29.12 2.98 87.02
CA VAL R 74 27.86 3.69 86.88
C VAL R 74 26.72 2.68 86.86
N TYR R 75 25.70 2.94 87.67
CA TYR R 75 24.55 2.06 87.77
C TYR R 75 23.33 2.72 87.12
N ARG R 76 22.48 1.89 86.53
CA ARG R 76 21.24 2.38 85.96
C ARG R 76 20.31 2.86 87.08
N LYS R 77 19.68 4.00 86.86
CA LYS R 77 18.78 4.57 87.86
C LYS R 77 17.37 4.04 87.67
N LEU R 78 16.81 3.48 88.73
CA LEU R 78 15.45 3.00 88.73
C LEU R 78 14.52 4.09 89.25
N GLY R 79 13.27 4.03 88.80
CA GLY R 79 12.31 5.02 89.23
C GLY R 79 11.92 4.87 90.69
N THR R 80 11.31 5.92 91.22
CA THR R 80 10.75 5.92 92.56
C THR R 80 9.25 6.21 92.45
N GLU R 81 8.46 5.48 93.24
CA GLU R 81 7.02 5.63 93.20
C GLU R 81 6.62 7.03 93.69
N SER R 82 5.49 7.51 93.20
CA SER R 82 5.01 8.82 93.57
C SER R 82 4.48 8.82 95.00
N ASN R 83 4.45 10.02 95.59
CA ASN R 83 3.92 10.22 96.93
C ASN R 83 2.79 11.23 96.88
N GLY R 84 1.74 10.99 97.66
CA GLY R 84 0.60 11.87 97.65
C GLY R 84 -0.25 11.67 98.89
N GLU R 85 -1.29 12.50 99.00
CA GLU R 85 -2.20 12.46 100.14
C GLU R 85 -3.63 12.55 99.63
N VAL R 86 -4.50 11.71 100.18
CA VAL R 86 -5.91 11.71 99.82
C VAL R 86 -6.74 11.89 101.08
N GLU R 87 -8.02 12.21 100.89
CA GLU R 87 -8.96 12.40 101.98
C GLU R 87 -10.03 11.31 101.92
N PHE R 88 -10.44 10.83 103.10
CA PHE R 88 -11.49 9.83 103.22
C PHE R 88 -12.71 10.48 103.83
N ILE R 89 -13.85 10.36 103.14
CA ILE R 89 -15.11 10.95 103.59
C ILE R 89 -16.13 9.82 103.73
N GLY R 90 -16.85 9.83 104.85
CA GLY R 90 -17.85 8.80 105.09
C GLY R 90 -18.43 8.94 106.49
N GLU R 91 -18.89 7.81 107.02
CA GLU R 91 -19.40 7.79 108.38
C GLU R 91 -18.26 7.97 109.38
N LYS R 92 -18.56 8.65 110.48
CA LYS R 92 -17.58 8.84 111.55
C LYS R 92 -17.27 7.50 112.22
N GLY R 93 -15.99 7.26 112.48
CA GLY R 93 -15.54 6.10 113.21
C GLY R 93 -14.96 4.99 112.36
N THR R 94 -15.17 5.02 111.05
CA THR R 94 -14.60 3.99 110.18
C THR R 94 -13.08 4.12 110.19
N VAL R 95 -12.40 3.00 110.41
CA VAL R 95 -10.96 2.97 110.63
C VAL R 95 -10.29 2.38 109.40
N ILE R 96 -9.34 3.11 108.84
CA ILE R 96 -8.62 2.71 107.64
C ILE R 96 -7.18 2.47 108.05
N ASN R 97 -6.77 1.20 108.03
CA ASN R 97 -5.47 0.80 108.54
C ASN R 97 -4.42 0.84 107.45
N ASN R 98 -3.15 0.80 107.88
CA ASN R 98 -2.04 0.83 106.94
C ASN R 98 -2.04 -0.43 106.07
N GLY R 99 -1.52 -0.30 104.86
CA GLY R 99 -1.55 -1.37 103.89
C GLY R 99 -2.81 -1.42 103.05
N THR R 100 -3.79 -0.59 103.36
CA THR R 100 -5.01 -0.54 102.55
C THR R 100 -4.70 0.05 101.19
N ILE R 101 -5.28 -0.53 100.14
CA ILE R 101 -4.97 -0.18 98.76
C ILE R 101 -6.14 0.57 98.15
N ILE R 102 -5.84 1.74 97.58
CA ILE R 102 -6.83 2.51 96.83
C ILE R 102 -6.47 2.45 95.36
N SER R 103 -7.45 2.73 94.51
CA SER R 103 -7.27 2.64 93.07
C SER R 103 -7.89 3.83 92.37
N TYR R 104 -7.19 4.34 91.36
CA TYR R 104 -7.75 5.27 90.39
C TYR R 104 -7.42 4.74 89.00
N ARG R 105 -8.43 4.63 88.14
CA ARG R 105 -8.30 4.04 86.81
C ARG R 105 -7.75 2.62 87.01
N ASP R 106 -6.59 2.27 86.44
CA ASP R 106 -5.98 0.97 86.63
C ASP R 106 -4.74 1.04 87.50
N LEU R 107 -4.47 2.19 88.12
CA LEU R 107 -3.32 2.35 88.98
C LEU R 107 -3.71 2.11 90.44
N LEU R 108 -2.77 1.58 91.20
CA LEU R 108 -3.00 1.17 92.58
C LEU R 108 -2.10 1.95 93.52
N PHE R 109 -2.61 2.26 94.71
CA PHE R 109 -1.88 3.02 95.71
C PHE R 109 -2.16 2.46 97.08
N VAL R 110 -1.25 2.71 98.02
CA VAL R 110 -1.33 2.15 99.37
C VAL R 110 -1.45 3.28 100.39
N VAL R 111 -2.31 3.09 101.38
CA VAL R 111 -2.45 4.03 102.49
C VAL R 111 -1.36 3.74 103.51
N ILE R 112 -0.59 4.76 103.85
CA ILE R 112 0.61 4.57 104.67
C ILE R 112 0.28 4.60 106.16
N LYS R 113 -0.50 5.58 106.60
CA LYS R 113 -0.73 5.82 108.02
C LYS R 113 -2.17 5.50 108.40
N ASP R 114 -2.35 4.91 109.57
CA ASP R 114 -3.67 4.67 110.11
C ASP R 114 -4.43 5.99 110.25
N VAL R 115 -5.66 6.02 109.74
CA VAL R 115 -6.49 7.22 109.75
C VAL R 115 -7.92 6.82 110.07
N THR R 116 -8.59 7.64 110.88
CA THR R 116 -9.98 7.44 111.25
C THR R 116 -10.81 8.61 110.73
N ILE R 117 -11.95 8.29 110.13
CA ILE R 117 -12.84 9.32 109.61
C ILE R 117 -13.53 10.03 110.78
N GLY R 118 -13.53 11.36 110.74
CA GLY R 118 -14.11 12.13 111.81
C GLY R 118 -13.25 12.27 113.05
N SER R 119 -12.01 11.79 113.01
CA SER R 119 -11.10 11.91 114.13
C SER R 119 -10.46 13.29 114.16
N GLU R 120 -9.84 13.62 115.30
CA GLU R 120 -9.26 14.94 115.46
C GLU R 120 -8.03 15.16 114.60
N GLU R 121 -7.22 14.12 114.40
CA GLU R 121 -6.00 14.29 113.61
C GLU R 121 -6.27 14.53 112.13
N GLY R 122 -7.50 14.34 111.68
CA GLY R 122 -7.87 14.58 110.30
C GLY R 122 -8.19 13.29 109.56
N ASP R 123 -8.72 13.48 108.36
CA ASP R 123 -9.08 12.37 107.48
C ASP R 123 -8.08 12.17 106.34
N ASN R 124 -6.93 12.83 106.39
CA ASN R 124 -5.93 12.77 105.35
C ASN R 124 -4.77 11.89 105.79
N SER R 125 -4.40 10.94 104.93
CA SER R 125 -3.33 9.99 105.17
C SER R 125 -2.42 9.93 103.95
N PRO R 126 -1.15 9.60 104.14
CA PRO R 126 -0.25 9.53 102.99
C PRO R 126 -0.59 8.40 102.04
N VAL R 127 -0.27 8.59 100.78
CA VAL R 127 -0.56 7.64 99.71
C VAL R 127 0.71 7.41 98.91
N GLN R 128 1.04 6.14 98.67
CA GLN R 128 2.23 5.76 97.93
C GLN R 128 1.84 4.85 96.77
N ALA R 129 2.46 5.08 95.61
CA ALA R 129 2.19 4.26 94.44
C ALA R 129 2.80 2.87 94.61
N LEU R 130 2.04 1.85 94.18
CA LEU R 130 2.55 0.48 94.29
C LEU R 130 3.64 0.18 93.29
N GLU R 131 3.72 0.95 92.21
CA GLU R 131 4.75 0.76 91.20
C GLU R 131 5.32 2.11 90.79
N VAL R 132 6.59 2.09 90.38
CA VAL R 132 7.28 3.30 89.96
C VAL R 132 6.69 3.78 88.65
N GLY R 133 7.06 4.98 88.22
CA GLY R 133 6.61 5.51 86.94
C GLY R 133 6.13 6.95 87.04
N LYS R 134 6.24 7.66 85.93
CA LYS R 134 5.71 9.02 85.84
C LYS R 134 4.20 9.04 85.64
N LYS R 135 3.60 7.92 85.24
CA LYS R 135 2.17 7.88 85.00
C LYS R 135 1.35 7.97 86.29
N TYR R 136 1.98 7.76 87.44
CA TYR R 136 1.28 7.77 88.71
C TYR R 136 1.13 9.17 89.30
N ASN R 137 1.69 10.20 88.65
CA ASN R 137 1.59 11.57 89.13
C ASN R 137 0.22 12.13 88.74
N LEU R 138 -0.79 11.68 89.49
CA LEU R 138 -2.16 12.03 89.18
C LEU R 138 -2.44 13.50 89.48
N PRO R 139 -3.32 14.14 88.71
CA PRO R 139 -3.72 15.51 89.03
C PRO R 139 -4.65 15.57 90.23
N THR R 140 -5.14 16.76 90.57
CA THR R 140 -6.00 16.86 91.73
C THR R 140 -7.44 16.48 91.37
N ASN R 141 -8.27 16.40 92.41
CA ASN R 141 -9.69 16.10 92.27
C ASN R 141 -9.92 14.77 91.54
N CYS R 142 -9.07 13.80 91.82
CA CYS R 142 -9.22 12.45 91.28
C CYS R 142 -9.92 11.58 92.32
N GLU R 143 -11.01 10.94 91.91
CA GLU R 143 -11.81 10.11 92.81
C GLU R 143 -11.22 8.71 92.85
N PHE R 144 -10.58 8.37 93.97
CA PHE R 144 -9.99 7.06 94.15
C PHE R 144 -11.06 6.08 94.63
N LYS R 145 -10.85 4.80 94.33
CA LYS R 145 -11.77 3.75 94.71
C LYS R 145 -11.01 2.68 95.48
N LEU R 146 -11.71 2.03 96.40
CA LEU R 146 -11.10 1.06 97.30
C LEU R 146 -11.27 -0.35 96.73
N VAL R 147 -10.17 -1.11 96.70
CA VAL R 147 -10.17 -2.43 96.08
C VAL R 147 -11.02 -3.41 96.89
N ASP R 148 -10.86 -3.43 98.21
CA ASP R 148 -11.67 -4.24 99.10
C ASP R 148 -12.65 -3.32 99.84
N ASN R 149 -13.94 -3.59 99.71
CA ASN R 149 -14.96 -2.67 100.19
C ASN R 149 -14.98 -2.66 101.72
N ILE R 150 -14.79 -1.48 102.29
CA ILE R 150 -14.78 -1.28 103.74
C ILE R 150 -15.98 -0.41 104.11
N SER R 151 -16.85 -0.94 104.95
CA SER R 151 -18.09 -0.24 105.29
C SER R 151 -17.80 1.07 106.02
N GLY R 152 -18.52 2.11 105.61
CA GLY R 152 -18.40 3.43 106.24
C GLY R 152 -17.61 4.45 105.45
N VAL R 153 -16.91 4.04 104.39
CA VAL R 153 -16.15 4.96 103.55
C VAL R 153 -16.96 5.24 102.29
N THR R 154 -17.17 6.52 101.99
CA THR R 154 -18.01 6.93 100.86
C THR R 154 -17.18 7.29 99.64
N LYS R 155 -16.32 8.30 99.76
CA LYS R 155 -15.57 8.81 98.62
C LYS R 155 -14.13 9.09 99.02
N ILE R 156 -13.21 8.78 98.11
CA ILE R 156 -11.80 9.10 98.26
C ILE R 156 -11.44 10.14 97.21
N THR R 157 -10.68 11.15 97.61
CA THR R 157 -10.23 12.17 96.66
C THR R 157 -8.91 12.75 97.15
N ASN R 158 -8.15 13.30 96.21
CA ASN R 158 -6.88 13.95 96.50
C ASN R 158 -7.06 15.46 96.42
N THR R 159 -6.40 16.18 97.33
CA THR R 159 -6.52 17.63 97.39
C THR R 159 -5.43 18.35 96.62
N ARG R 160 -4.30 17.70 96.39
CA ARG R 160 -3.20 18.27 95.61
C ARG R 160 -2.81 17.28 94.52
N SER R 161 -1.78 17.64 93.77
CA SER R 161 -1.26 16.79 92.71
C SER R 161 -0.22 15.81 93.26
N PHE R 162 -0.12 14.65 92.60
CA PHE R 162 0.85 13.66 93.00
C PHE R 162 2.22 13.99 92.40
N GLU R 163 3.26 13.76 93.19
CA GLU R 163 4.63 14.08 92.79
C GLU R 163 5.58 13.03 93.33
N GLY R 164 6.76 12.96 92.71
CA GLY R 164 7.78 12.01 93.10
C GLY R 164 7.93 10.82 92.18
N GLY R 165 6.96 10.59 91.28
CA GLY R 165 7.07 9.49 90.34
C GLY R 165 8.26 9.69 89.39
N THR R 166 9.01 8.62 89.17
CA THR R 166 10.18 8.68 88.32
C THR R 166 10.20 7.43 87.44
N ASP R 167 10.64 7.60 86.19
CA ASP R 167 10.72 6.49 85.25
C ASP R 167 12.11 5.87 85.27
N ILE R 168 12.23 4.73 84.58
CA ILE R 168 13.52 4.07 84.47
C ILE R 168 14.40 4.81 83.48
N GLU R 169 15.64 5.07 83.87
CA GLU R 169 16.60 5.71 82.99
C GLU R 169 16.96 4.75 81.85
N THR R 170 16.91 5.26 80.62
CA THR R 170 17.12 4.43 79.45
C THR R 170 18.62 4.28 79.18
N ASP R 171 18.96 3.73 78.01
CA ASP R 171 20.36 3.51 77.66
C ASP R 171 21.03 4.78 77.19
N GLU R 172 20.32 5.62 76.42
CA GLU R 172 20.92 6.84 75.90
C GLU R 172 21.29 7.80 77.02
N GLU R 173 20.41 7.95 78.02
CA GLU R 173 20.72 8.79 79.16
C GLU R 173 21.91 8.25 79.94
N LEU R 174 21.98 6.92 80.09
CA LEU R 174 23.11 6.31 80.77
C LEU R 174 24.42 6.61 80.03
N LYS R 175 24.41 6.46 78.71
CA LYS R 175 25.62 6.73 77.94
C LYS R 175 26.01 8.19 78.03
N GLU R 176 25.03 9.10 77.95
CA GLU R 176 25.35 10.53 78.05
C GLU R 176 25.93 10.88 79.41
N ARG R 177 25.34 10.35 80.48
CA ARG R 177 25.86 10.62 81.81
C ARG R 177 27.27 10.06 81.98
N PHE R 178 27.51 8.84 81.50
CA PHE R 178 28.84 8.26 81.56
C PHE R 178 29.86 9.10 80.77
N TYR R 179 29.49 9.53 79.56
CA TYR R 179 30.40 10.31 78.74
C TYR R 179 30.72 11.64 79.41
N LYS R 180 29.72 12.30 79.98
CA LYS R 180 29.97 13.58 80.65
C LYS R 180 30.79 13.39 81.92
N ILE R 181 30.61 12.27 82.62
CA ILE R 181 31.40 12.01 83.83
C ILE R 181 32.86 11.78 83.48
N GLN R 182 33.12 10.94 82.48
CA GLN R 182 34.50 10.64 82.12
C GLN R 182 35.18 11.85 81.51
N ARG R 183 34.45 12.62 80.68
CA ARG R 183 35.03 13.83 80.10
C ARG R 183 35.35 14.85 81.19
N ASN R 184 34.45 14.99 82.17
CA ASN R 184 34.65 15.97 83.24
C ASN R 184 35.84 15.59 84.10
N GLN R 185 36.67 16.58 84.43
CA GLN R 185 37.81 16.42 85.32
C GLN R 185 37.52 17.25 86.56
N ALA R 186 37.55 16.61 87.73
CA ALA R 186 37.23 17.26 88.99
C ALA R 186 38.40 17.05 89.96
N THR R 187 39.32 18.01 90.00
CA THR R 187 40.33 18.03 91.04
C THR R 187 39.85 18.85 92.23
N SER R 188 40.49 18.65 93.36
CA SER R 188 40.11 19.33 94.59
C SER R 188 40.76 20.68 94.75
N GLY R 189 41.69 21.04 93.87
CA GLY R 189 42.56 22.17 94.14
C GLY R 189 41.94 23.55 94.09
N ASN R 190 41.62 24.06 92.90
CA ASN R 190 41.29 25.47 92.82
C ASN R 190 39.90 25.72 93.40
N LYS R 191 39.65 26.99 93.70
CA LYS R 191 38.37 27.38 94.29
C LYS R 191 37.22 27.33 93.29
N ALA R 192 37.52 27.19 91.99
CA ALA R 192 36.47 27.31 90.98
C ALA R 192 35.50 26.14 91.00
N HIS R 193 35.92 24.98 91.51
CA HIS R 193 35.00 23.84 91.54
C HIS R 193 33.78 24.13 92.40
N TYR R 194 33.97 24.86 93.50
CA TYR R 194 32.84 25.12 94.39
C TYR R 194 31.80 26.00 93.72
N GLU R 195 32.23 27.09 93.07
CA GLU R 195 31.27 27.94 92.38
C GLU R 195 30.65 27.20 91.19
N GLU R 196 31.43 26.36 90.50
CA GLU R 196 30.86 25.57 89.42
C GLU R 196 29.75 24.65 89.93
N TRP R 197 30.03 23.89 90.99
CA TRP R 197 29.05 22.96 91.53
C TRP R 197 27.82 23.72 92.03
N ALA R 198 28.02 24.87 92.65
CA ALA R 198 26.88 25.68 93.07
C ALA R 198 26.06 26.13 91.87
N LEU R 199 26.72 26.49 90.77
CA LEU R 199 26.01 26.94 89.58
C LEU R 199 25.26 25.80 88.89
N GLU R 200 25.74 24.57 89.06
CA GLU R 200 25.05 23.42 88.47
C GLU R 200 23.62 23.28 88.99
N VAL R 201 23.33 23.82 90.17
CA VAL R 201 22.00 23.73 90.75
C VAL R 201 21.14 24.87 90.20
N ASP R 202 19.93 24.55 89.78
CA ASP R 202 19.02 25.54 89.23
C ASP R 202 18.52 26.48 90.31
N GLY R 203 18.10 27.68 89.90
CA GLY R 203 17.62 28.70 90.80
C GLY R 203 18.70 29.54 91.43
N VAL R 204 19.95 29.40 91.01
CA VAL R 204 21.07 30.14 91.56
C VAL R 204 21.71 30.95 90.45
N TYR R 205 22.04 32.20 90.75
CA TYR R 205 22.58 33.13 89.75
C TYR R 205 23.93 33.71 90.11
N ASN R 206 24.22 33.92 91.40
CA ASN R 206 25.52 34.42 91.84
C ASN R 206 25.98 33.58 93.03
N VAL R 207 27.28 33.31 93.10
CA VAL R 207 27.85 32.43 94.10
C VAL R 207 29.09 33.08 94.70
N LYS R 208 29.14 33.13 96.03
CA LYS R 208 30.33 33.58 96.76
C LYS R 208 30.74 32.50 97.75
N VAL R 209 32.04 32.30 97.91
CA VAL R 209 32.59 31.26 98.77
C VAL R 209 33.56 31.89 99.75
N TYR R 210 33.44 31.50 101.03
CA TYR R 210 34.30 32.04 102.09
C TYR R 210 35.14 30.91 102.68
N PRO R 211 36.42 30.83 102.34
CA PRO R 211 37.27 29.79 102.94
C PRO R 211 37.43 29.99 104.43
N ARG R 212 37.62 28.87 105.14
CA ARG R 212 37.86 28.83 106.58
C ARG R 212 36.96 29.78 107.37
N TRP R 213 35.68 29.83 107.00
CA TRP R 213 34.74 30.72 107.68
C TRP R 213 34.54 30.34 109.14
N ASP R 214 34.66 29.05 109.46
CA ASP R 214 34.45 28.57 110.82
C ASP R 214 35.65 27.76 111.30
N GLY R 215 36.85 28.16 110.90
CA GLY R 215 38.06 27.47 111.26
C GLY R 215 38.57 26.61 110.13
N PRO R 216 39.70 25.93 110.36
CA PRO R 216 40.24 25.04 109.33
C PRO R 216 39.27 23.91 109.01
N GLY R 217 39.24 23.52 107.74
CA GLY R 217 38.32 22.50 107.29
C GLY R 217 36.87 22.94 107.18
N THR R 218 36.63 24.24 107.07
CA THR R 218 35.28 24.79 106.97
C THR R 218 35.17 25.67 105.72
N VAL R 219 34.05 25.54 105.01
CA VAL R 219 33.77 26.31 103.81
C VAL R 219 32.33 26.81 103.88
N LYS R 220 32.13 28.09 103.59
CA LYS R 220 30.81 28.71 103.58
C LYS R 220 30.53 29.25 102.19
N VAL R 221 29.60 28.62 101.48
CA VAL R 221 29.21 29.04 100.14
C VAL R 221 27.98 29.92 100.25
N LEU R 222 27.86 30.89 99.35
CA LEU R 222 26.82 31.92 99.39
C LEU R 222 26.16 31.99 98.02
N ILE R 223 24.95 31.46 97.91
CA ILE R 223 24.23 31.40 96.63
C ILE R 223 23.26 32.58 96.55
N PHE R 224 23.02 33.04 95.32
CA PHE R 224 22.14 34.17 95.06
C PHE R 224 21.15 33.82 93.97
N GLY R 225 19.91 34.23 94.16
CA GLY R 225 18.85 34.01 93.18
C GLY R 225 18.84 35.09 92.12
N LYS R 226 17.70 35.17 91.42
CA LYS R 226 17.52 36.18 90.39
C LYS R 226 17.65 37.57 91.00
N ASN R 227 18.44 38.43 90.35
CA ASN R 227 18.74 39.77 90.85
C ASN R 227 19.35 39.71 92.25
N ASN R 228 20.15 38.66 92.50
CA ASN R 228 20.89 38.49 93.75
C ASN R 228 19.95 38.52 94.95
N GLN R 229 18.79 37.90 94.81
CA GLN R 229 17.76 37.91 95.85
C GLN R 229 17.78 36.60 96.63
N ALA R 230 16.94 36.54 97.66
CA ALA R 230 16.89 35.37 98.53
C ALA R 230 16.36 34.16 97.78
N VAL R 231 17.01 33.02 97.99
CA VAL R 231 16.59 31.76 97.39
C VAL R 231 15.72 31.00 98.38
N ASP R 232 14.90 30.10 97.85
CA ASP R 232 14.02 29.32 98.70
C ASP R 232 14.80 28.20 99.40
N THR R 233 14.14 27.58 100.38
CA THR R 233 14.76 26.47 101.09
C THR R 233 15.01 25.28 100.18
N GLU R 234 14.15 25.07 99.18
CA GLU R 234 14.33 23.95 98.26
C GLU R 234 15.61 24.10 97.44
N THR R 235 15.84 25.28 96.88
CA THR R 235 17.06 25.52 96.12
C THR R 235 18.30 25.38 97.00
N ILE R 236 18.21 25.87 98.24
CA ILE R 236 19.34 25.77 99.17
C ILE R 236 19.64 24.31 99.47
N GLU R 237 18.60 23.51 99.73
CA GLU R 237 18.81 22.09 100.00
C GLU R 237 19.40 21.38 98.79
N ARG R 238 18.89 21.68 97.60
CA ARG R 238 19.41 21.05 96.40
C ARG R 238 20.87 21.42 96.18
N CYS R 239 21.23 22.69 96.37
CA CYS R 239 22.61 23.10 96.22
C CYS R 239 23.51 22.43 97.24
N GLN R 240 23.04 22.33 98.49
CA GLN R 240 23.81 21.64 99.52
C GLN R 240 24.07 20.19 99.12
N GLN R 241 23.01 19.47 98.72
CA GLN R 241 23.17 18.06 98.36
C GLN R 241 24.08 17.89 97.15
N HIS R 242 23.93 18.74 96.14
CA HIS R 242 24.77 18.61 94.95
C HIS R 242 26.23 18.87 95.28
N ILE R 243 26.51 19.96 96.01
CA ILE R 243 27.88 20.29 96.38
C ILE R 243 28.48 19.18 97.22
N ASP R 244 27.68 18.57 98.10
CA ASP R 244 28.16 17.44 98.88
C ASP R 244 28.50 16.26 97.97
N GLU R 245 27.66 16.03 96.94
CA GLU R 245 27.91 14.93 96.01
C GLU R 245 29.14 15.18 95.14
N GLU R 246 29.54 16.43 94.95
CA GLU R 246 30.72 16.73 94.15
C GLU R 246 31.96 17.09 94.96
N LYS R 247 31.81 17.42 96.24
CA LYS R 247 32.97 17.84 97.02
C LYS R 247 33.86 16.64 97.33
N PRO R 248 35.17 16.86 97.46
CA PRO R 248 36.07 15.79 97.88
C PRO R 248 36.12 15.64 99.39
N ILE R 249 37.01 14.77 99.88
CA ILE R 249 37.11 14.54 101.31
C ILE R 249 37.82 15.71 101.99
N GLY R 250 37.31 16.12 103.15
CA GLY R 250 37.99 17.08 103.99
C GLY R 250 37.21 18.31 104.42
N PRO R 251 36.47 18.95 103.50
CA PRO R 251 35.74 20.16 103.90
C PRO R 251 34.29 19.92 104.29
N THR R 252 33.75 20.79 105.13
CA THR R 252 32.33 20.85 105.43
C THR R 252 31.70 22.05 104.73
N ILE R 253 30.47 21.87 104.27
CA ILE R 253 29.81 22.83 103.39
C ILE R 253 28.59 23.40 104.10
N THR R 254 28.46 24.73 104.08
CA THR R 254 27.31 25.43 104.62
C THR R 254 26.83 26.44 103.60
N VAL R 255 25.52 26.44 103.34
CA VAL R 255 24.90 27.37 102.39
C VAL R 255 23.73 28.06 103.09
N VAL R 256 23.62 29.38 102.91
CA VAL R 256 22.64 30.19 103.58
C VAL R 256 22.02 31.15 102.58
N THR R 257 21.14 32.02 103.07
CA THR R 257 20.36 32.95 102.27
C THR R 257 20.49 34.36 102.84
N PRO R 258 20.32 35.39 102.01
CA PRO R 258 20.42 36.77 102.50
C PRO R 258 19.31 37.11 103.49
N LEU R 259 19.65 38.02 104.40
CA LEU R 259 18.74 38.48 105.43
C LEU R 259 18.56 39.99 105.31
N PRO R 260 17.30 40.45 105.35
CA PRO R 260 16.99 41.89 105.24
C PRO R 260 17.51 42.69 106.41
N ILE R 261 17.93 43.92 106.14
CA ILE R 261 18.45 44.82 107.18
C ILE R 261 17.35 45.82 107.50
N GLU R 262 17.06 45.99 108.79
CA GLU R 262 16.00 46.89 109.21
C GLU R 262 16.45 48.34 109.08
N ILE R 263 15.65 49.14 108.39
CA ILE R 263 15.96 50.55 108.14
C ILE R 263 14.79 51.39 108.63
N SER R 264 15.10 52.44 109.40
CA SER R 264 14.10 53.38 109.89
C SER R 264 14.43 54.77 109.34
N ILE R 265 13.43 55.43 108.78
CA ILE R 265 13.58 56.74 108.15
C ILE R 265 12.68 57.73 108.87
N SER R 266 13.25 58.88 109.25
CA SER R 266 12.51 59.93 109.93
C SER R 266 12.89 61.27 109.33
N ALA R 267 11.90 62.16 109.16
CA ALA R 267 12.16 63.46 108.57
C ALA R 267 11.06 64.44 108.98
N VAL R 268 11.37 65.72 108.81
CA VAL R 268 10.40 66.81 108.98
C VAL R 268 10.27 67.51 107.64
N MET R 269 9.03 67.61 107.14
CA MET R 269 8.81 68.12 105.81
C MET R 269 7.58 69.02 105.77
N LYS R 270 7.53 69.86 104.74
CA LYS R 270 6.37 70.68 104.43
C LYS R 270 5.76 70.18 103.12
N LEU R 271 4.47 69.88 103.16
CA LEU R 271 3.78 69.26 102.04
C LEU R 271 3.10 70.32 101.17
N GLU R 272 2.94 69.98 99.89
CA GLU R 272 2.21 70.85 98.98
C GLU R 272 0.72 70.79 99.27
N ASP R 273 -0.01 71.75 98.73
CA ASP R 273 -1.44 71.85 98.96
C ASP R 273 -2.17 70.66 98.36
N GLY R 274 -3.16 70.15 99.09
CA GLY R 274 -3.96 69.03 98.64
C GLY R 274 -3.33 67.67 98.85
N TYR R 275 -2.11 67.62 99.39
CA TYR R 275 -1.41 66.37 99.64
C TYR R 275 -1.28 66.15 101.14
N THR R 276 -1.62 64.94 101.58
CA THR R 276 -1.49 64.56 102.98
C THR R 276 -0.19 63.77 103.18
N LEU R 277 0.05 63.36 104.42
CA LEU R 277 1.24 62.59 104.72
C LEU R 277 1.20 61.19 104.14
N ASP R 278 0.01 60.58 104.07
CA ASP R 278 -0.10 59.18 103.67
C ASP R 278 0.29 58.98 102.20
N ASN R 279 -0.16 59.87 101.32
CA ASN R 279 0.12 59.69 99.89
C ASN R 279 1.61 59.81 99.60
N VAL R 280 2.25 60.85 100.15
CA VAL R 280 3.69 60.99 99.96
C VAL R 280 4.43 59.86 100.66
N LYS R 281 3.90 59.34 101.77
CA LYS R 281 4.52 58.19 102.41
C LYS R 281 4.52 56.98 101.48
N GLU R 282 3.39 56.72 100.82
CA GLU R 282 3.30 55.60 99.90
C GLU R 282 4.24 55.78 98.71
N SER R 283 4.27 56.99 98.14
CA SER R 283 5.13 57.24 96.99
C SER R 283 6.59 57.09 97.36
N PHE R 284 6.98 57.62 98.52
CA PHE R 284 8.35 57.44 98.99
C PHE R 284 8.66 55.97 99.24
N LEU R 285 7.71 55.21 99.79
CA LEU R 285 7.95 53.79 100.01
C LEU R 285 8.24 53.09 98.70
N GLU R 286 7.45 53.39 97.67
CA GLU R 286 7.67 52.74 96.36
C GLU R 286 9.03 53.12 95.79
N SER R 287 9.34 54.43 95.79
CA SER R 287 10.61 54.87 95.21
C SER R 287 11.79 54.31 95.98
N ILE R 288 11.70 54.27 97.31
CA ILE R 288 12.81 53.80 98.12
C ILE R 288 12.99 52.30 97.99
N ASN R 289 11.90 51.53 97.83
CA ASN R 289 12.09 50.10 97.60
C ASN R 289 12.69 49.84 96.23
N THR R 290 12.32 50.64 95.23
CA THR R 290 12.97 50.53 93.93
C THR R 290 14.46 50.84 94.03
N TYR R 291 14.81 51.90 94.76
CA TYR R 291 16.23 52.24 94.94
C TYR R 291 16.97 51.13 95.67
N PHE R 292 16.37 50.56 96.71
CA PHE R 292 16.99 49.45 97.42
C PHE R 292 17.17 48.25 96.50
N ARG R 293 16.23 48.04 95.57
CA ARG R 293 16.43 47.02 94.55
C ARG R 293 17.65 47.33 93.69
N ASP R 294 17.83 48.60 93.34
CA ASP R 294 18.95 48.99 92.49
C ASP R 294 20.23 49.28 93.27
N ILE R 295 20.18 49.34 94.60
CA ILE R 295 21.35 49.73 95.37
C ILE R 295 22.32 48.57 95.47
N ARG R 296 23.61 48.89 95.63
CA ARG R 296 24.65 47.91 95.87
C ARG R 296 25.54 48.40 97.01
N GLY R 297 25.82 47.52 97.96
CA GLY R 297 26.70 47.90 99.06
C GLY R 297 26.07 48.92 99.98
N GLU R 298 26.87 49.92 100.34
CA GLU R 298 26.43 50.92 101.30
C GLU R 298 25.29 51.77 100.77
N ILE R 299 24.44 52.23 101.67
CA ILE R 299 23.37 53.18 101.33
C ILE R 299 23.94 54.59 101.39
N ILE R 300 23.52 55.42 100.43
CA ILE R 300 24.03 56.79 100.32
C ILE R 300 22.95 57.74 100.82
N TYR R 301 23.33 58.60 101.77
CA TYR R 301 22.37 59.54 102.34
C TYR R 301 21.85 60.53 101.30
N THR R 302 22.72 60.97 100.40
CA THR R 302 22.31 61.97 99.41
C THR R 302 21.22 61.42 98.48
N LYS R 303 21.34 60.16 98.09
CA LYS R 303 20.29 59.57 97.27
C LYS R 303 18.99 59.47 98.07
N VAL R 304 19.10 59.22 99.37
CA VAL R 304 17.90 59.11 100.21
C VAL R 304 17.16 60.43 100.27
N MET R 305 17.86 61.52 100.60
CA MET R 305 17.09 62.76 100.74
C MET R 305 16.73 63.35 99.38
N GLY R 306 17.48 63.00 98.33
CA GLY R 306 17.04 63.34 96.98
C GLY R 306 15.76 62.64 96.59
N ILE R 307 15.62 61.36 96.98
CA ILE R 307 14.41 60.64 96.61
C ILE R 307 13.24 61.07 97.48
N LEU R 308 13.56 61.62 98.65
CA LEU R 308 12.55 62.12 99.56
C LEU R 308 12.02 63.49 99.08
N ILE R 309 12.91 64.31 98.52
CA ILE R 309 12.52 65.62 98.01
C ILE R 309 11.88 65.53 96.64
N ASN R 310 12.18 64.49 95.87
CA ASN R 310 11.60 64.30 94.54
C ASN R 310 10.30 63.52 94.57
N THR R 311 9.79 63.19 95.76
CA THR R 311 8.49 62.57 95.87
C THR R 311 7.40 63.56 95.45
N THR R 312 6.35 63.04 94.84
CA THR R 312 5.24 63.89 94.40
C THR R 312 4.43 64.35 95.60
N GLY R 313 4.27 65.67 95.72
CA GLY R 313 3.44 66.26 96.75
C GLY R 313 4.16 66.91 97.90
N VAL R 314 5.47 66.69 98.04
CA VAL R 314 6.24 67.27 99.14
C VAL R 314 6.89 68.56 98.65
N HIS R 315 6.80 69.61 99.47
CA HIS R 315 7.26 70.94 99.10
C HIS R 315 8.64 71.27 99.65
N ASP R 316 8.91 70.94 100.91
CA ASP R 316 10.20 71.22 101.52
C ASP R 316 10.50 70.14 102.55
N LEU R 317 11.78 70.01 102.90
CA LEU R 317 12.26 68.95 103.76
C LEU R 317 13.19 69.51 104.82
N SER R 318 13.37 68.74 105.89
CA SER R 318 14.30 69.08 106.97
C SER R 318 14.49 67.89 107.89
N ASN R 319 15.70 67.77 108.42
CA ASN R 319 16.00 66.86 109.54
C ASN R 319 15.75 65.39 109.17
N LEU R 320 16.23 64.98 108.00
CA LEU R 320 16.15 63.57 107.65
C LEU R 320 17.17 62.77 108.45
N LEU R 321 16.70 61.70 109.10
CA LEU R 321 17.57 60.82 109.86
C LEU R 321 17.39 59.40 109.34
N ILE R 322 18.50 58.76 108.99
CA ILE R 322 18.51 57.39 108.51
C ILE R 322 18.96 56.52 109.67
N ASN R 323 18.01 55.81 110.28
CA ASN R 323 18.26 55.00 111.48
C ASN R 323 18.86 55.86 112.59
N GLY R 324 18.39 57.10 112.69
CA GLY R 324 18.86 58.02 113.70
C GLY R 324 20.12 58.77 113.34
N SER R 325 20.67 58.58 112.14
CA SER R 325 21.90 59.25 111.75
C SER R 325 21.84 59.58 110.27
N THR R 326 22.70 60.51 109.86
CA THR R 326 22.81 60.91 108.46
C THR R 326 23.96 60.25 107.72
N ASP R 327 24.74 59.41 108.40
CA ASP R 327 25.90 58.79 107.78
C ASP R 327 25.48 57.59 106.93
N ASN R 328 26.37 57.21 106.03
CA ASN R 328 26.10 56.09 105.12
C ASN R 328 25.99 54.79 105.91
N ILE R 329 25.03 53.96 105.51
CA ILE R 329 24.83 52.64 106.10
C ILE R 329 25.55 51.65 105.19
N THR R 330 26.73 51.18 105.63
CA THR R 330 27.45 50.16 104.89
C THR R 330 26.78 48.81 105.07
N ILE R 331 26.45 48.16 103.96
CA ILE R 331 25.75 46.88 103.97
C ILE R 331 26.75 45.77 103.70
N ASN R 332 26.78 44.78 104.57
CA ASN R 332 27.62 43.61 104.37
C ASN R 332 27.06 42.75 103.24
N GLU R 333 27.83 41.75 102.85
CA GLU R 333 27.36 40.80 101.83
C GLU R 333 26.24 39.94 102.40
N ASP R 334 25.41 39.42 101.50
CA ASP R 334 24.30 38.55 101.85
C ASP R 334 23.31 39.30 102.75
N LYS R 335 23.04 40.55 102.40
CA LYS R 335 22.09 41.38 103.13
C LYS R 335 21.50 42.44 102.20
N ILE R 336 20.27 42.84 102.50
CA ILE R 336 19.60 43.88 101.72
C ILE R 336 18.89 44.84 102.67
N PRO R 337 18.76 46.10 102.24
CA PRO R 337 18.06 47.07 103.09
C PRO R 337 16.56 46.97 102.92
N SER R 338 15.84 47.02 104.03
CA SER R 338 14.38 46.94 104.04
C SER R 338 13.81 48.01 104.95
N VAL R 339 12.75 48.66 104.50
CA VAL R 339 12.08 49.67 105.31
C VAL R 339 11.36 49.00 106.47
N THR R 340 11.44 49.63 107.64
CA THR R 340 10.77 49.10 108.83
C THR R 340 9.69 50.04 109.35
N THR R 341 10.04 51.29 109.67
CA THR R 341 9.10 52.26 110.21
C THR R 341 9.45 53.64 109.69
N VAL R 342 8.43 54.39 109.30
CA VAL R 342 8.59 55.76 108.82
C VAL R 342 8.05 56.70 109.90
N ASN R 343 8.80 57.75 110.18
CA ASN R 343 8.42 58.78 111.14
C ASN R 343 8.45 60.12 110.40
N PHE R 344 7.34 60.47 109.76
CA PHE R 344 7.21 61.72 109.01
C PHE R 344 6.23 62.63 109.73
N SER R 345 6.67 63.86 110.02
CA SER R 345 5.86 64.83 110.74
C SER R 345 5.79 66.13 109.95
N GLU R 346 4.56 66.62 109.75
CA GLU R 346 4.35 67.88 109.06
C GLU R 346 4.88 69.06 109.87
N MET S 1 24.86 -35.78 62.39
CA MET S 1 23.44 -35.95 62.63
C MET S 1 22.69 -34.65 62.35
N LYS S 2 23.44 -33.60 62.05
CA LYS S 2 22.87 -32.30 61.69
C LYS S 2 23.20 -31.88 60.28
N LEU S 3 24.45 -32.05 59.83
CA LEU S 3 24.81 -31.69 58.47
C LEU S 3 24.19 -32.66 57.46
N ILE S 4 23.96 -33.90 57.87
CA ILE S 4 23.44 -34.90 56.95
C ILE S 4 21.98 -34.65 56.59
N ASP S 5 21.27 -33.84 57.38
CA ASP S 5 19.88 -33.52 57.08
C ASP S 5 19.73 -32.53 55.93
N LYS S 6 20.83 -31.99 55.43
CA LYS S 6 20.79 -31.04 54.32
C LYS S 6 20.95 -31.71 52.96
N LEU S 7 21.06 -33.03 52.91
CA LEU S 7 21.29 -33.77 51.70
C LEU S 7 20.10 -34.64 51.34
N PRO S 8 19.93 -34.99 50.07
CA PRO S 8 18.83 -35.88 49.68
C PRO S 8 18.95 -37.25 50.34
N SER S 9 17.88 -38.03 50.23
CA SER S 9 17.71 -39.23 51.02
C SER S 9 18.51 -40.43 50.51
N PHE S 10 19.17 -40.33 49.36
CA PHE S 10 20.06 -41.39 48.90
C PHE S 10 21.47 -41.26 49.45
N ASP S 11 21.74 -40.24 50.25
CA ASP S 11 23.06 -40.02 50.83
C ASP S 11 23.18 -40.59 52.24
N ARG S 12 22.31 -41.52 52.60
CA ARG S 12 22.29 -42.08 53.95
C ARG S 12 23.25 -43.25 54.13
N ASN S 13 24.16 -43.47 53.20
CA ASN S 13 25.14 -44.54 53.35
C ASN S 13 26.19 -44.16 54.39
N TYR S 14 26.86 -45.19 54.93
CA TYR S 14 27.76 -44.98 56.07
C TYR S 14 28.97 -44.13 55.70
N ILE S 15 29.42 -44.19 54.44
CA ILE S 15 30.57 -43.38 54.02
C ILE S 15 30.25 -41.90 54.12
N VAL S 16 29.12 -41.49 53.54
CA VAL S 16 28.70 -40.09 53.61
C VAL S 16 28.45 -39.69 55.06
N GLU S 17 27.91 -40.62 55.86
CA GLU S 17 27.62 -40.32 57.25
C GLU S 17 28.91 -39.99 58.02
N GLU S 18 29.96 -40.79 57.82
CA GLU S 18 31.22 -40.51 58.48
C GLU S 18 31.81 -39.19 58.02
N ILE S 19 31.80 -38.96 56.71
CA ILE S 19 32.38 -37.73 56.17
C ILE S 19 31.67 -36.50 56.73
N GLN S 20 30.34 -36.58 56.85
CA GLN S 20 29.60 -35.43 57.37
C GLN S 20 29.75 -35.29 58.88
N GLY S 21 29.90 -36.40 59.60
CA GLY S 21 30.10 -36.30 61.04
C GLY S 21 31.40 -35.62 61.41
N ALA S 22 32.45 -35.87 60.63
CA ALA S 22 33.72 -35.18 60.89
C ALA S 22 33.54 -33.67 60.84
N TYR S 23 32.85 -33.17 59.82
CA TYR S 23 32.65 -31.73 59.70
C TYR S 23 31.65 -31.22 60.74
N ASP S 24 30.72 -32.06 61.18
CA ASP S 24 29.87 -31.69 62.32
C ASP S 24 30.71 -31.37 63.54
N THR S 25 31.64 -32.27 63.89
CA THR S 25 32.48 -32.03 65.06
C THR S 25 33.35 -30.80 64.86
N GLU S 26 33.90 -30.61 63.66
CA GLU S 26 34.74 -29.45 63.41
C GLU S 26 33.96 -28.16 63.59
N LEU S 27 32.74 -28.10 63.06
CA LEU S 27 31.92 -26.90 63.21
C LEU S 27 31.57 -26.65 64.67
N ASN S 28 31.28 -27.71 65.43
CA ASN S 28 31.01 -27.51 66.85
C ASN S 28 32.20 -26.90 67.57
N ILE S 29 33.40 -27.40 67.26
CA ILE S 29 34.61 -26.84 67.87
C ILE S 29 34.76 -25.37 67.51
N LEU S 30 34.53 -25.03 66.24
CA LEU S 30 34.69 -23.64 65.82
C LEU S 30 33.70 -22.72 66.53
N LYS S 31 32.45 -23.16 66.67
CA LYS S 31 31.47 -22.33 67.36
C LYS S 31 31.84 -22.15 68.83
N GLU S 32 32.33 -23.22 69.47
CA GLU S 32 32.76 -23.09 70.86
C GLU S 32 33.91 -22.09 71.00
N ASP S 33 34.85 -22.13 70.06
CA ASP S 33 35.96 -21.19 70.09
C ASP S 33 35.48 -19.76 69.89
N ILE S 34 34.53 -19.55 68.99
CA ILE S 34 33.99 -18.20 68.79
C ILE S 34 33.32 -17.69 70.05
N ASP S 35 32.54 -18.56 70.71
CA ASP S 35 31.89 -18.14 71.95
C ASP S 35 32.91 -17.79 73.03
N ASP S 36 33.97 -18.60 73.15
CA ASP S 36 35.01 -18.29 74.14
C ASP S 36 35.70 -16.96 73.83
N THR S 37 35.99 -16.71 72.55
CA THR S 37 36.63 -15.46 72.18
C THR S 37 35.73 -14.28 72.51
N PHE S 38 34.42 -14.41 72.27
CA PHE S 38 33.50 -13.35 72.66
C PHE S 38 33.50 -13.13 74.16
N ASN S 39 33.48 -14.22 74.94
CA ASN S 39 33.52 -14.09 76.38
C ASN S 39 34.79 -13.39 76.85
N GLN S 40 35.88 -13.53 76.10
CA GLN S 40 37.14 -12.91 76.49
C GLN S 40 37.12 -11.38 76.40
N LEU S 41 36.11 -10.78 75.77
CA LEU S 41 36.13 -9.33 75.60
C LEU S 41 35.85 -8.60 76.92
N PHE S 42 34.90 -9.09 77.71
CA PHE S 42 34.52 -8.41 78.94
C PHE S 42 35.52 -8.68 80.05
N VAL S 43 35.63 -7.73 80.97
CA VAL S 43 36.61 -7.84 82.06
C VAL S 43 36.30 -9.03 82.95
N ASP S 44 35.05 -9.12 83.39
CA ASP S 44 34.61 -10.17 84.31
C ASP S 44 34.75 -11.62 83.81
N THR S 45 34.37 -11.82 82.56
CA THR S 45 34.50 -13.09 81.86
C THR S 45 35.91 -13.55 81.44
N ALA S 46 36.77 -12.60 81.03
CA ALA S 46 38.05 -12.93 80.42
C ALA S 46 38.99 -13.59 81.41
N THR S 47 39.64 -14.67 80.98
CA THR S 47 40.69 -15.31 81.76
C THR S 47 42.03 -15.27 81.04
N TRP S 48 42.13 -15.83 79.84
CA TRP S 48 43.39 -15.80 79.10
C TRP S 48 43.57 -14.52 78.31
N GLY S 49 42.50 -13.73 78.13
CA GLY S 49 42.61 -12.42 77.53
C GLY S 49 42.81 -11.30 78.53
N LEU S 50 42.97 -11.62 79.81
CA LEU S 50 43.17 -10.60 80.83
C LEU S 50 44.46 -9.83 80.58
N ASP S 51 45.52 -10.53 80.18
CA ASP S 51 46.83 -9.89 80.05
C ASP S 51 46.82 -8.78 79.01
N MET S 52 45.92 -8.84 78.04
CA MET S 52 45.90 -7.85 76.98
C MET S 52 45.25 -6.54 77.42
N TRP S 53 44.58 -6.52 78.58
CA TRP S 53 44.21 -5.25 79.18
C TRP S 53 45.41 -4.57 79.83
N GLU S 54 46.38 -5.35 80.31
CA GLU S 54 47.58 -4.77 80.89
C GLU S 54 48.32 -3.88 79.91
N ASP S 55 48.27 -4.24 78.61
CA ASP S 55 48.90 -3.41 77.60
C ASP S 55 48.19 -2.07 77.41
N ILE S 56 46.92 -1.98 77.79
CA ILE S 56 46.17 -0.74 77.63
C ILE S 56 46.06 0.07 78.93
N LEU S 57 46.27 -0.56 80.08
CA LEU S 57 46.20 0.12 81.37
C LEU S 57 47.56 0.26 82.04
N CYS S 58 48.63 -0.18 81.38
CA CYS S 58 50.00 -0.02 81.87
C CYS S 58 50.17 -0.60 83.27
N ILE S 59 49.52 -1.73 83.53
CA ILE S 59 49.62 -2.36 84.85
C ILE S 59 51.04 -2.88 85.09
N GLU S 60 51.59 -3.62 84.12
CA GLU S 60 52.96 -4.13 84.15
C GLU S 60 53.28 -4.82 85.48
N LYS S 61 52.58 -5.91 85.75
CA LYS S 61 52.87 -6.70 86.93
C LYS S 61 52.38 -8.13 86.70
N LYS S 62 52.85 -9.02 87.57
CA LYS S 62 52.50 -10.43 87.52
C LYS S 62 51.65 -10.78 88.73
N GLU S 63 50.56 -11.49 88.51
CA GLU S 63 49.73 -12.00 89.59
C GLU S 63 49.33 -13.43 89.26
N LEU S 64 49.05 -14.21 90.31
CA LEU S 64 48.71 -15.62 90.13
C LEU S 64 47.22 -15.85 89.88
N ASP S 65 46.35 -15.05 90.50
CA ASP S 65 44.92 -15.26 90.41
C ASP S 65 44.28 -14.31 89.41
N PHE S 66 43.31 -14.81 88.65
CA PHE S 66 42.58 -13.98 87.71
C PHE S 66 41.78 -12.89 88.43
N ASP S 67 41.19 -13.23 89.57
CA ASP S 67 40.34 -12.29 90.29
C ASP S 67 41.11 -11.05 90.73
N THR S 68 42.34 -11.25 91.21
CA THR S 68 43.14 -10.12 91.64
C THR S 68 43.44 -9.19 90.48
N ARG S 69 43.81 -9.76 89.32
CA ARG S 69 44.07 -8.93 88.15
C ARG S 69 42.83 -8.19 87.71
N ARG S 70 41.67 -8.85 87.76
CA ARG S 70 40.42 -8.18 87.43
C ARG S 70 40.17 -7.01 88.37
N SER S 71 40.43 -7.20 89.67
CA SER S 71 40.18 -6.14 90.64
C SER S 71 41.15 -4.97 90.44
N ASN S 72 42.41 -5.26 90.15
CA ASN S 72 43.36 -4.18 89.84
C ASN S 72 42.95 -3.44 88.58
N ILE S 73 42.45 -4.17 87.58
CA ILE S 73 41.98 -3.54 86.36
C ILE S 73 40.82 -2.60 86.66
N LYS S 74 39.88 -3.07 87.48
CA LYS S 74 38.75 -2.24 87.88
C LYS S 74 39.22 -1.01 88.65
N ALA S 75 40.22 -1.18 89.52
CA ALA S 75 40.74 -0.06 90.29
C ALA S 75 41.38 0.99 89.37
N LYS S 76 42.28 0.55 88.50
CA LYS S 76 42.92 1.48 87.58
C LYS S 76 41.90 2.17 86.70
N MET S 77 40.82 1.47 86.35
CA MET S 77 39.80 1.96 85.46
C MET S 77 38.74 2.79 86.18
N ARG S 78 38.74 2.78 87.51
CA ARG S 78 37.85 3.59 88.34
C ARG S 78 38.52 4.84 88.88
N SER S 79 39.71 4.71 89.46
CA SER S 79 40.40 5.79 90.15
C SER S 79 40.80 6.93 89.22
N ARG S 80 40.74 6.71 87.91
CA ARG S 80 41.04 7.76 86.96
C ARG S 80 39.98 8.87 87.04
N GLY S 81 40.42 10.10 86.79
CA GLY S 81 39.48 11.21 86.72
C GLY S 81 39.15 11.75 88.09
N THR S 82 37.85 11.81 88.39
CA THR S 82 37.38 12.41 89.63
C THR S 82 37.81 11.58 90.84
N SER S 83 38.15 12.28 91.93
CA SER S 83 38.53 11.66 93.19
C SER S 83 37.75 12.34 94.31
N THR S 84 36.54 11.87 94.56
CA THR S 84 35.65 12.41 95.58
C THR S 84 35.40 11.39 96.68
N ILE S 85 34.59 11.77 97.67
CA ILE S 85 34.34 10.90 98.81
C ILE S 85 33.61 9.63 98.37
N GLU S 86 32.51 9.79 97.64
CA GLU S 86 31.67 8.64 97.32
C GLU S 86 32.36 7.71 96.34
N VAL S 87 33.04 8.25 95.33
CA VAL S 87 33.67 7.39 94.34
C VAL S 87 34.85 6.64 94.95
N ILE S 88 35.61 7.30 95.84
CA ILE S 88 36.70 6.62 96.52
C ILE S 88 36.16 5.53 97.43
N LYS S 89 35.08 5.82 98.15
CA LYS S 89 34.47 4.80 99.00
C LYS S 89 33.94 3.64 98.16
N SER S 90 33.46 3.91 96.95
CA SER S 90 32.96 2.84 96.09
C SER S 90 34.11 2.00 95.55
N ILE S 91 35.25 2.62 95.27
CA ILE S 91 36.44 1.86 94.87
C ILE S 91 36.89 0.96 96.02
N CYS S 92 36.87 1.49 97.24
CA CYS S 92 37.19 0.66 98.40
C CYS S 92 36.17 -0.45 98.59
N GLU S 93 34.90 -0.18 98.25
CA GLU S 93 33.88 -1.22 98.24
C GLU S 93 34.21 -2.32 97.24
N ALA S 94 34.65 -1.92 96.04
CA ALA S 94 34.98 -2.89 95.01
C ALA S 94 36.16 -3.77 95.44
N TYR S 95 37.18 -3.16 96.05
CA TYR S 95 38.31 -3.93 96.53
C TYR S 95 37.92 -4.86 97.68
N THR S 96 37.25 -4.32 98.70
CA THR S 96 36.92 -5.09 99.88
C THR S 96 35.69 -5.99 99.68
N LYS S 97 34.97 -5.83 98.57
CA LYS S 97 33.77 -6.61 98.28
C LYS S 97 32.71 -6.44 99.35
N SER S 98 32.66 -5.26 99.97
CA SER S 98 31.67 -4.96 100.98
C SER S 98 31.45 -3.45 101.02
N GLU S 99 30.32 -3.05 101.59
CA GLU S 99 29.99 -1.63 101.68
C GLU S 99 30.95 -0.92 102.64
N THR S 100 31.39 0.28 102.24
CA THR S 100 32.32 1.07 103.02
C THR S 100 31.71 2.45 103.31
N ASP S 101 31.87 2.90 104.54
CA ASP S 101 31.38 4.20 104.99
C ASP S 101 32.56 5.05 105.42
N ILE S 102 32.67 6.25 104.87
CA ILE S 102 33.79 7.16 105.13
C ILE S 102 33.31 8.25 106.07
N LYS S 103 33.95 8.36 107.23
CA LYS S 103 33.67 9.42 108.19
C LYS S 103 34.83 10.39 108.20
N VAL S 104 34.53 11.67 107.96
CA VAL S 104 35.54 12.70 107.76
C VAL S 104 35.55 13.62 108.97
N TYR S 105 36.75 13.96 109.43
CA TYR S 105 36.95 14.85 110.56
C TYR S 105 37.73 16.06 110.07
N SER S 106 37.01 17.14 109.73
CA SER S 106 37.64 18.32 109.14
C SER S 106 38.64 18.96 110.09
N ASP S 107 38.30 19.05 111.38
CA ASP S 107 39.19 19.67 112.34
C ASP S 107 40.48 18.88 112.49
N GLU S 108 40.38 17.55 112.50
CA GLU S 108 41.55 16.68 112.61
C GLU S 108 42.19 16.39 111.26
N PHE S 109 41.56 16.79 110.15
CA PHE S 109 42.06 16.51 108.81
C PHE S 109 42.32 15.02 108.63
N THR S 110 41.38 14.20 109.09
CA THR S 110 41.53 12.75 109.05
C THR S 110 40.22 12.11 108.65
N PHE S 111 40.29 11.14 107.74
CA PHE S 111 39.14 10.36 107.33
C PHE S 111 39.36 8.90 107.71
N VAL S 112 38.27 8.20 108.04
CA VAL S 112 38.31 6.80 108.42
C VAL S 112 37.30 6.04 107.57
N LEU S 113 37.72 4.89 107.04
CA LEU S 113 36.84 4.03 106.26
C LEU S 113 36.34 2.90 107.16
N SER S 114 35.02 2.84 107.33
CA SER S 114 34.37 1.76 108.07
C SER S 114 33.66 0.85 107.09
N PHE S 115 33.88 -0.45 107.23
CA PHE S 115 33.41 -1.39 106.22
C PHE S 115 33.40 -2.79 106.83
N ILE S 116 33.24 -3.80 105.97
CA ILE S 116 33.26 -5.20 106.36
C ILE S 116 34.44 -5.87 105.67
N ALA S 117 35.25 -6.58 106.45
CA ALA S 117 36.43 -7.26 105.92
C ALA S 117 36.32 -8.76 106.16
N ASN S 118 35.11 -9.31 106.05
CA ASN S 118 34.92 -10.75 106.19
C ASN S 118 35.62 -11.50 105.06
N ASN S 119 35.41 -11.07 103.83
CA ASN S 119 35.98 -11.72 102.66
C ASN S 119 37.17 -10.94 102.08
N CYS S 120 37.70 -9.97 102.82
CA CYS S 120 38.81 -9.14 102.35
C CYS S 120 40.06 -9.48 103.13
N ASP S 121 41.11 -9.91 102.43
CA ASP S 121 42.38 -10.21 103.07
C ASP S 121 43.06 -8.93 103.54
N TYR S 122 43.78 -9.03 104.66
CA TYR S 122 44.46 -7.86 105.20
C TYR S 122 45.50 -7.31 104.24
N LYS S 123 46.16 -8.19 103.48
CA LYS S 123 47.13 -7.72 102.50
C LYS S 123 46.44 -7.03 101.32
N THR S 124 45.30 -7.59 100.87
CA THR S 124 44.52 -6.92 99.84
C THR S 124 43.99 -5.58 100.34
N LEU S 125 43.56 -5.54 101.61
CA LEU S 125 43.12 -4.28 102.20
C LEU S 125 44.27 -3.29 102.26
N LEU S 126 45.49 -3.76 102.53
CA LEU S 126 46.64 -2.87 102.56
C LEU S 126 46.98 -2.35 101.16
N ASP S 127 46.85 -3.20 100.14
CA ASP S 127 47.05 -2.74 98.77
C ASP S 127 46.02 -1.68 98.41
N CYS S 128 44.76 -1.91 98.77
CA CYS S 128 43.73 -0.91 98.55
C CYS S 128 44.05 0.38 99.29
N SER S 129 44.54 0.25 100.53
CA SER S 129 44.90 1.42 101.32
C SER S 129 46.02 2.20 100.68
N ASP S 130 47.02 1.51 100.11
CA ASP S 130 48.13 2.21 99.46
C ASP S 130 47.69 2.90 98.17
N MET S 131 46.83 2.23 97.39
CA MET S 131 46.27 2.90 96.22
C MET S 131 45.48 4.14 96.63
N ILE S 132 44.68 4.03 97.70
CA ILE S 132 43.95 5.16 98.24
C ILE S 132 44.91 6.23 98.75
N GLU S 133 46.06 5.79 99.26
CA GLU S 133 47.08 6.72 99.72
C GLU S 133 47.54 7.60 98.57
N ARG S 134 47.81 6.97 97.43
CA ARG S 134 48.28 7.73 96.27
C ARG S 134 47.15 8.40 95.49
N VAL S 135 45.89 8.16 95.81
CA VAL S 135 44.80 8.95 95.24
C VAL S 135 44.29 10.01 96.21
N LYS S 136 44.29 9.73 97.51
CA LYS S 136 43.75 10.69 98.47
C LYS S 136 44.62 11.95 98.51
N PRO S 137 44.05 13.07 98.96
CA PRO S 137 44.87 14.26 99.19
C PRO S 137 45.97 14.00 100.21
N ALA S 138 47.14 14.58 99.95
CA ALA S 138 48.33 14.29 100.77
C ALA S 138 48.16 14.80 102.19
N HIS S 139 47.63 16.01 102.36
CA HIS S 139 47.54 16.61 103.69
C HIS S 139 46.64 15.81 104.61
N LEU S 140 45.53 15.28 104.07
CA LEU S 140 44.60 14.51 104.89
C LEU S 140 45.25 13.23 105.38
N LEU S 141 44.74 12.72 106.50
CA LEU S 141 45.22 11.49 107.11
C LEU S 141 44.16 10.39 106.98
N HIS S 142 44.62 9.18 106.72
CA HIS S 142 43.73 8.03 106.53
C HIS S 142 43.94 7.01 107.63
N TYR S 143 42.86 6.32 107.98
CA TYR S 143 42.93 5.16 108.88
C TYR S 143 41.98 4.09 108.35
N LEU S 144 42.45 2.84 108.39
CA LEU S 144 41.64 1.71 107.96
C LEU S 144 40.95 1.10 109.19
N GLU S 145 39.63 0.92 109.08
CA GLU S 145 38.82 0.40 110.18
C GLU S 145 38.00 -0.77 109.66
N PRO S 146 38.64 -1.93 109.48
CA PRO S 146 37.87 -3.12 109.05
C PRO S 146 37.06 -3.66 110.21
N ILE S 147 35.77 -3.84 109.97
CA ILE S 147 34.84 -4.40 110.96
C ILE S 147 34.42 -5.77 110.46
N ILE S 148 35.04 -6.81 111.00
CA ILE S 148 34.74 -8.18 110.59
C ILE S 148 33.41 -8.62 111.17
N MET T 1 9.18 46.55 -39.63
CA MET T 1 9.56 47.20 -40.88
C MET T 1 8.81 46.46 -42.00
N TYR T 2 9.39 46.34 -43.20
CA TYR T 2 8.63 45.80 -44.32
C TYR T 2 8.19 44.36 -44.06
N SER T 3 9.09 43.55 -43.51
CA SER T 3 8.71 42.17 -43.17
C SER T 3 7.65 42.15 -42.08
N ASP T 4 7.75 43.05 -41.10
CA ASP T 4 6.79 43.08 -40.01
C ASP T 4 5.40 43.47 -40.50
N GLN T 5 5.33 44.38 -41.48
CA GLN T 5 4.04 44.83 -41.97
C GLN T 5 3.29 43.70 -42.67
N THR T 6 2.28 43.15 -42.00
CA THR T 6 1.54 42.01 -42.50
C THR T 6 0.05 42.28 -42.41
N TYR T 7 -0.73 41.40 -43.03
CA TYR T 7 -2.18 41.58 -43.13
C TYR T 7 -2.81 41.74 -41.76
N GLU T 8 -2.41 40.90 -40.80
CA GLU T 8 -2.98 40.96 -39.46
C GLU T 8 -2.67 42.29 -38.78
N VAL T 9 -1.41 42.74 -38.88
CA VAL T 9 -1.01 43.96 -38.19
C VAL T 9 -1.67 45.18 -38.81
N ILE T 10 -1.63 45.29 -40.14
CA ILE T 10 -2.22 46.47 -40.77
C ILE T 10 -3.73 46.48 -40.58
N LYS T 11 -4.36 45.30 -40.58
CA LYS T 11 -5.80 45.25 -40.33
C LYS T 11 -6.13 45.71 -38.91
N ASN T 12 -5.36 45.26 -37.93
CA ASN T 12 -5.59 45.71 -36.56
C ASN T 12 -5.41 47.22 -36.43
N ARG T 13 -4.37 47.76 -37.06
CA ARG T 13 -4.13 49.19 -37.01
C ARG T 13 -5.26 49.96 -37.68
N THR T 14 -5.73 49.49 -38.84
CA THR T 14 -6.82 50.15 -39.53
C THR T 14 -8.09 50.14 -38.69
N LEU T 15 -8.41 49.01 -38.07
CA LEU T 15 -9.62 48.94 -37.26
C LEU T 15 -9.52 49.82 -36.03
N GLU T 16 -8.33 49.93 -35.45
CA GLU T 16 -8.17 50.84 -34.30
C GLU T 16 -8.30 52.29 -34.73
N ASN T 17 -7.79 52.64 -35.92
CA ASN T 17 -7.85 54.04 -36.36
C ASN T 17 -9.27 54.46 -36.70
N ILE T 18 -10.11 53.55 -37.20
CA ILE T 18 -11.49 53.88 -37.52
C ILE T 18 -12.28 54.05 -36.23
N ASN T 19 -13.14 55.08 -36.18
CA ASN T 19 -13.91 55.40 -34.99
C ASN T 19 -15.40 55.35 -35.31
N LEU T 20 -16.03 54.23 -34.99
CA LEU T 20 -17.47 54.09 -35.01
C LEU T 20 -17.93 53.46 -33.69
N ASP T 21 -19.23 53.37 -33.50
CA ASP T 21 -19.81 52.75 -32.32
C ASP T 21 -20.12 51.27 -32.53
N ILE T 22 -20.03 50.77 -33.76
CA ILE T 22 -20.40 49.40 -34.07
C ILE T 22 -19.34 48.44 -33.56
N TYR T 23 -19.64 47.14 -33.63
CA TYR T 23 -18.75 46.11 -33.13
C TYR T 23 -17.73 45.73 -34.21
N LYS T 24 -16.47 45.61 -33.80
CA LYS T 24 -15.37 45.33 -34.72
C LYS T 24 -14.79 43.96 -34.38
N GLY T 25 -15.17 42.95 -35.15
CA GLY T 25 -14.69 41.61 -34.94
C GLY T 25 -14.98 40.78 -36.18
N GLU T 26 -14.58 39.52 -36.13
CA GLU T 26 -14.78 38.63 -37.26
C GLU T 26 -16.26 38.50 -37.58
N GLY T 27 -16.62 38.77 -38.83
CA GLY T 27 -18.00 38.70 -39.25
C GLY T 27 -18.77 40.00 -39.17
N SER T 28 -18.10 41.12 -38.91
CA SER T 28 -18.76 42.42 -38.84
C SER T 28 -18.82 43.06 -40.23
N PHE T 29 -19.80 43.95 -40.40
CA PHE T 29 -19.91 44.67 -41.67
C PHE T 29 -18.70 45.55 -41.90
N LEU T 30 -18.32 46.33 -40.89
CA LEU T 30 -17.13 47.17 -41.00
C LEU T 30 -15.88 46.33 -41.19
N ASN T 31 -15.77 45.23 -40.45
CA ASN T 31 -14.62 44.34 -40.58
C ASN T 31 -14.58 43.71 -41.97
N ASN T 32 -15.75 43.35 -42.52
CA ASN T 32 -15.79 42.80 -43.86
C ASN T 32 -15.33 43.83 -44.89
N MET T 33 -15.76 45.08 -44.75
CA MET T 33 -15.34 46.10 -45.71
C MET T 33 -13.86 46.42 -45.60
N VAL T 34 -13.32 46.50 -44.38
CA VAL T 34 -11.92 46.86 -44.20
C VAL T 34 -11.03 45.80 -44.82
N SER T 35 -11.28 44.54 -44.50
CA SER T 35 -10.53 43.44 -45.11
C SER T 35 -10.86 43.34 -46.60
N GLY T 36 -9.90 42.86 -47.37
CA GLY T 36 -10.08 42.78 -48.81
C GLY T 36 -9.16 43.73 -49.54
N ASN T 37 -8.92 44.91 -48.97
CA ASN T 37 -7.91 45.82 -49.50
C ASN T 37 -6.62 45.76 -48.69
N ASN T 38 -6.69 45.40 -47.42
CA ASN T 38 -5.48 45.25 -46.62
C ASN T 38 -4.64 44.06 -47.10
N LEU T 39 -5.30 43.00 -47.55
CA LEU T 39 -4.58 41.85 -48.09
C LEU T 39 -3.76 42.25 -49.33
N GLU T 40 -4.36 43.07 -50.20
CA GLU T 40 -3.63 43.54 -51.37
C GLU T 40 -2.48 44.46 -50.96
N LEU T 41 -2.63 45.23 -49.88
CA LEU T 41 -1.52 46.04 -49.41
C LEU T 41 -0.38 45.16 -48.91
N SER T 42 -0.70 44.08 -48.20
CA SER T 42 0.33 43.15 -47.78
C SER T 42 1.03 42.53 -48.98
N LYS T 43 0.28 42.23 -50.03
CA LYS T 43 0.90 41.74 -51.27
C LYS T 43 1.81 42.79 -51.88
N ILE T 44 1.38 44.05 -51.88
CA ILE T 44 2.15 45.13 -52.50
C ILE T 44 3.46 45.36 -51.76
N TYR T 45 3.44 45.20 -50.44
CA TYR T 45 4.65 45.42 -49.65
C TYR T 45 5.80 44.55 -50.12
N LEU T 46 5.52 43.33 -50.56
CA LEU T 46 6.58 42.43 -50.98
C LEU T 46 7.26 42.92 -52.26
N GLU T 47 6.48 43.36 -53.24
CA GLU T 47 7.08 43.94 -54.45
C GLU T 47 7.85 45.20 -54.10
N LEU T 48 7.33 46.00 -53.17
CA LEU T 48 8.05 47.20 -52.74
C LEU T 48 9.39 46.83 -52.14
N SER T 49 9.46 45.75 -51.37
CA SER T 49 10.73 45.25 -50.86
C SER T 49 11.64 44.82 -52.00
N LYS T 50 11.09 44.13 -52.98
CA LYS T 50 11.91 43.54 -54.04
C LYS T 50 12.52 44.58 -54.98
N MET T 51 11.87 45.74 -55.14
CA MET T 51 12.32 46.68 -56.17
C MET T 51 13.76 47.14 -55.96
N HIS T 52 14.17 47.36 -54.71
CA HIS T 52 15.55 47.78 -54.46
C HIS T 52 16.56 46.72 -54.90
N LYS T 53 16.28 45.45 -54.61
CA LYS T 53 17.18 44.41 -55.08
C LYS T 53 17.15 44.30 -56.59
N MET T 54 16.02 44.65 -57.23
CA MET T 54 16.01 44.72 -58.69
C MET T 54 16.95 45.79 -59.21
N ALA T 55 16.97 46.96 -58.55
CA ALA T 55 17.59 48.13 -59.16
C ALA T 55 19.10 48.01 -59.28
N PHE T 56 19.77 47.55 -58.24
CA PHE T 56 21.21 47.73 -58.14
C PHE T 56 21.96 46.76 -59.06
N ILE T 57 23.29 46.88 -59.07
CA ILE T 57 24.12 46.12 -60.01
C ILE T 57 24.73 44.86 -59.38
N GLN T 58 24.79 44.76 -58.06
CA GLN T 58 25.36 43.57 -57.44
C GLN T 58 24.50 42.34 -57.75
N ASP T 59 23.17 42.50 -57.71
CA ASP T 59 22.22 41.42 -57.95
C ASP T 59 21.15 41.95 -58.90
N THR T 60 21.35 41.81 -60.21
CA THR T 60 20.39 42.33 -61.19
C THR T 60 19.71 41.34 -62.15
N TYR T 61 19.90 40.05 -61.92
CA TYR T 61 19.34 39.00 -62.79
C TYR T 61 20.03 39.10 -64.15
N ASN T 62 19.28 39.07 -65.26
CA ASN T 62 19.88 38.97 -66.59
C ASN T 62 19.61 40.17 -67.47
N GLN T 63 18.36 40.59 -67.63
CA GLN T 63 18.09 41.69 -68.55
C GLN T 63 18.32 43.06 -67.91
N PHE T 64 17.96 43.23 -66.63
CA PHE T 64 18.25 44.48 -65.95
C PHE T 64 19.75 44.68 -65.82
N LEU T 65 20.48 43.58 -65.56
CA LEU T 65 21.94 43.67 -65.54
C LEU T 65 22.47 44.15 -66.88
N ASP T 66 21.91 43.63 -67.97
CA ASP T 66 22.34 44.05 -69.31
C ASP T 66 22.08 45.53 -69.52
N LYS T 67 20.90 46.00 -69.11
CA LYS T 67 20.58 47.43 -69.27
C LYS T 67 21.54 48.29 -68.47
N ARG T 68 21.80 47.92 -67.22
CA ARG T 68 22.63 48.75 -66.36
C ARG T 68 24.09 48.75 -66.83
N VAL T 69 24.57 47.63 -67.35
CA VAL T 69 25.94 47.64 -67.88
C VAL T 69 26.01 48.38 -69.20
N ASN T 70 24.95 48.31 -70.02
CA ASN T 70 24.93 49.08 -71.26
C ASN T 70 24.93 50.57 -70.97
N GLU T 71 24.39 50.97 -69.82
CA GLU T 71 24.48 52.37 -69.42
C GLU T 71 25.93 52.83 -69.35
N PHE T 72 26.80 52.03 -68.73
CA PHE T 72 28.22 52.38 -68.67
C PHE T 72 28.92 52.16 -70.01
N GLY T 73 28.47 51.20 -70.79
CA GLY T 73 29.05 50.92 -72.10
C GLY T 73 29.58 49.51 -72.29
N VAL T 74 29.68 48.72 -71.23
CA VAL T 74 30.16 47.35 -71.34
C VAL T 74 29.06 46.47 -71.92
N TYR T 75 29.44 45.51 -72.75
CA TYR T 75 28.49 44.65 -73.43
C TYR T 75 28.77 43.19 -73.09
N ARG T 76 27.71 42.40 -73.00
CA ARG T 76 27.85 40.98 -72.73
C ARG T 76 28.38 40.24 -73.95
N LYS T 77 29.33 39.35 -73.73
CA LYS T 77 29.93 38.60 -74.82
C LYS T 77 28.91 37.63 -75.41
N LEU T 78 28.89 37.54 -76.74
CA LEU T 78 27.99 36.63 -77.44
C LEU T 78 28.63 35.28 -77.72
N GLY T 79 29.88 35.08 -77.32
CA GLY T 79 30.54 33.81 -77.54
C GLY T 79 31.02 33.64 -78.97
N THR T 80 31.61 32.47 -79.22
CA THR T 80 32.13 32.13 -80.54
C THR T 80 31.85 30.66 -80.81
N GLU T 81 31.50 30.36 -82.06
CA GLU T 81 31.26 28.99 -82.46
C GLU T 81 32.59 28.23 -82.55
N SER T 82 32.48 26.90 -82.54
CA SER T 82 33.64 26.03 -82.66
C SER T 82 33.94 25.74 -84.13
N ASN T 83 35.23 25.73 -84.47
CA ASN T 83 35.69 25.52 -85.83
C ASN T 83 36.63 24.33 -85.88
N GLY T 84 36.49 23.51 -86.91
CA GLY T 84 37.32 22.32 -87.06
C GLY T 84 37.31 21.85 -88.50
N GLU T 85 38.08 20.79 -88.74
CA GLU T 85 38.25 20.23 -90.08
C GLU T 85 37.95 18.74 -90.04
N VAL T 86 37.12 18.29 -90.98
CA VAL T 86 36.70 16.89 -91.06
C VAL T 86 37.18 16.32 -92.39
N GLU T 87 37.03 15.00 -92.52
CA GLU T 87 37.43 14.27 -93.72
C GLU T 87 36.22 13.54 -94.29
N PHE T 88 36.10 13.54 -95.62
CA PHE T 88 34.97 12.95 -96.31
C PHE T 88 35.42 11.71 -97.07
N ILE T 89 34.68 10.62 -96.91
CA ILE T 89 35.01 9.33 -97.52
C ILE T 89 33.79 8.82 -98.27
N GLY T 90 34.00 8.39 -99.51
CA GLY T 90 32.90 7.85 -100.30
C GLY T 90 33.29 7.67 -101.76
N GLU T 91 32.28 7.78 -102.62
CA GLU T 91 32.50 7.64 -104.05
C GLU T 91 33.36 8.79 -104.58
N LYS T 92 34.32 8.44 -105.44
CA LYS T 92 35.17 9.46 -106.04
C LYS T 92 34.40 10.28 -107.05
N GLY T 93 34.67 11.58 -107.07
CA GLY T 93 33.98 12.50 -107.95
C GLY T 93 32.75 13.16 -107.36
N THR T 94 32.29 12.71 -106.21
CA THR T 94 31.14 13.35 -105.58
C THR T 94 31.50 14.75 -105.14
N VAL T 95 30.59 15.69 -105.38
CA VAL T 95 30.80 17.10 -105.09
C VAL T 95 29.81 17.52 -104.01
N ILE T 96 30.32 18.13 -102.95
CA ILE T 96 29.51 18.69 -101.88
C ILE T 96 29.73 20.20 -101.88
N ASN T 97 28.64 20.95 -102.01
CA ASN T 97 28.72 22.40 -102.08
C ASN T 97 28.72 23.02 -100.69
N ASN T 98 29.11 24.29 -100.63
CA ASN T 98 29.12 25.03 -99.37
C ASN T 98 27.69 25.23 -98.87
N GLY T 99 27.55 25.31 -97.55
CA GLY T 99 26.26 25.43 -96.92
C GLY T 99 25.62 24.12 -96.52
N THR T 100 26.22 22.99 -96.89
CA THR T 100 25.67 21.70 -96.49
C THR T 100 25.78 21.54 -94.98
N ILE T 101 24.77 20.88 -94.39
CA ILE T 101 24.66 20.74 -92.94
C ILE T 101 24.96 19.30 -92.56
N ILE T 102 25.84 19.13 -91.58
CA ILE T 102 26.21 17.83 -91.04
C ILE T 102 25.91 17.84 -89.54
N SER T 103 25.68 16.65 -88.99
CA SER T 103 25.25 16.53 -87.61
C SER T 103 25.96 15.36 -86.93
N TYR T 104 26.34 15.60 -85.68
CA TYR T 104 26.91 14.60 -84.81
C TYR T 104 25.96 14.72 -83.62
N ARG T 105 25.36 13.61 -83.20
CA ARG T 105 24.39 13.62 -82.10
C ARG T 105 23.29 14.65 -82.36
N ASP T 106 23.00 15.50 -81.39
CA ASP T 106 21.97 16.53 -81.52
C ASP T 106 22.50 17.89 -81.99
N LEU T 107 23.81 17.98 -82.20
CA LEU T 107 24.45 19.21 -82.63
C LEU T 107 24.41 19.31 -84.14
N LEU T 108 24.58 20.54 -84.64
CA LEU T 108 24.49 20.81 -86.06
C LEU T 108 25.72 21.61 -86.50
N PHE T 109 26.26 21.25 -87.67
CA PHE T 109 27.46 21.85 -88.21
C PHE T 109 27.27 22.15 -89.68
N VAL T 110 28.05 23.12 -90.18
CA VAL T 110 27.93 23.59 -91.55
C VAL T 110 29.29 23.50 -92.23
N VAL T 111 29.28 23.15 -93.52
CA VAL T 111 30.48 23.08 -94.35
C VAL T 111 30.71 24.44 -94.99
N ILE T 112 31.97 24.88 -95.00
CA ILE T 112 32.32 26.21 -95.50
C ILE T 112 32.81 26.18 -96.93
N LYS T 113 33.81 25.36 -97.25
CA LYS T 113 34.36 25.31 -98.60
C LYS T 113 33.98 24.00 -99.28
N ASP T 114 33.84 24.06 -100.60
CA ASP T 114 33.51 22.88 -101.37
C ASP T 114 34.67 21.89 -101.38
N VAL T 115 34.34 20.61 -101.26
CA VAL T 115 35.32 19.53 -101.35
C VAL T 115 34.78 18.46 -102.28
N THR T 116 35.66 17.91 -103.11
CA THR T 116 35.33 16.82 -104.01
C THR T 116 36.06 15.57 -103.55
N ILE T 117 35.32 14.48 -103.37
CA ILE T 117 35.92 13.26 -102.83
C ILE T 117 36.87 12.67 -103.85
N GLY T 118 38.12 12.46 -103.44
CA GLY T 118 39.15 12.00 -104.34
C GLY T 118 39.86 13.09 -105.13
N SER T 119 39.47 14.35 -104.95
CA SER T 119 40.09 15.42 -105.69
C SER T 119 41.51 15.69 -105.19
N GLU T 120 42.31 16.30 -106.08
CA GLU T 120 43.71 16.55 -105.77
C GLU T 120 43.89 17.53 -104.61
N GLU T 121 42.89 18.38 -104.34
CA GLU T 121 42.98 19.32 -103.23
C GLU T 121 42.86 18.64 -101.87
N GLY T 122 42.43 17.39 -101.82
CA GLY T 122 42.23 16.67 -100.58
C GLY T 122 40.76 16.45 -100.30
N ASP T 123 40.51 15.73 -99.20
CA ASP T 123 39.16 15.38 -98.78
C ASP T 123 38.79 16.04 -97.45
N ASN T 124 39.42 17.17 -97.12
CA ASN T 124 39.21 17.84 -95.85
C ASN T 124 38.65 19.24 -96.08
N SER T 125 37.58 19.57 -95.35
CA SER T 125 36.96 20.88 -95.41
C SER T 125 36.74 21.41 -93.99
N PRO T 126 37.05 22.68 -93.75
CA PRO T 126 36.76 23.25 -92.43
C PRO T 126 35.28 23.27 -92.14
N VAL T 127 34.94 23.10 -90.87
CA VAL T 127 33.55 23.01 -90.41
C VAL T 127 33.39 23.95 -89.22
N GLN T 128 32.33 24.76 -89.25
CA GLN T 128 32.04 25.72 -88.21
C GLN T 128 30.74 25.35 -87.52
N ALA T 129 30.72 25.48 -86.20
CA ALA T 129 29.51 25.20 -85.44
C ALA T 129 28.42 26.21 -85.78
N LEU T 130 27.18 25.73 -85.85
CA LEU T 130 26.07 26.62 -86.17
C LEU T 130 25.77 27.56 -85.00
N GLU T 131 25.74 27.04 -83.78
CA GLU T 131 25.47 27.83 -82.58
C GLU T 131 26.74 27.96 -81.75
N VAL T 132 26.66 28.79 -80.73
CA VAL T 132 27.78 29.02 -79.82
C VAL T 132 27.59 28.14 -78.59
N GLY T 133 28.70 27.76 -77.97
CA GLY T 133 28.70 26.94 -76.79
C GLY T 133 29.90 26.01 -76.75
N LYS T 134 30.35 25.71 -75.53
CA LYS T 134 31.47 24.80 -75.35
C LYS T 134 31.12 23.37 -75.74
N LYS T 135 29.83 23.04 -75.77
CA LYS T 135 29.41 21.70 -76.18
C LYS T 135 29.73 21.41 -77.63
N TYR T 136 30.06 22.44 -78.42
CA TYR T 136 30.41 22.27 -79.82
C TYR T 136 31.88 21.96 -80.02
N ASN T 137 32.67 21.90 -78.96
CA ASN T 137 34.09 21.55 -79.05
C ASN T 137 34.23 20.02 -79.08
N LEU T 138 33.89 19.45 -80.23
CA LEU T 138 33.98 18.01 -80.38
C LEU T 138 35.43 17.56 -80.34
N PRO T 139 35.73 16.42 -79.72
CA PRO T 139 37.11 15.92 -79.70
C PRO T 139 37.53 15.31 -81.02
N THR T 140 38.68 14.63 -81.03
CA THR T 140 39.08 13.88 -82.21
C THR T 140 38.22 12.62 -82.36
N ASN T 141 38.17 12.12 -83.59
CA ASN T 141 37.48 10.87 -83.92
C ASN T 141 35.98 10.96 -83.62
N CYS T 142 35.32 11.87 -84.34
CA CYS T 142 33.87 11.96 -84.34
C CYS T 142 33.34 11.61 -85.73
N GLU T 143 32.37 10.71 -85.78
CA GLU T 143 31.84 10.19 -87.04
C GLU T 143 30.54 10.93 -87.35
N PHE T 144 30.63 11.92 -88.24
CA PHE T 144 29.50 12.80 -88.51
C PHE T 144 28.50 12.13 -89.46
N LYS T 145 27.32 12.74 -89.54
CA LYS T 145 26.27 12.27 -90.44
C LYS T 145 25.63 13.47 -91.13
N LEU T 146 25.40 13.32 -92.44
CA LEU T 146 24.76 14.38 -93.21
C LEU T 146 23.31 14.55 -92.79
N VAL T 147 22.92 15.79 -92.49
CA VAL T 147 21.51 16.08 -92.19
C VAL T 147 20.65 15.85 -93.43
N ASP T 148 21.11 16.31 -94.58
CA ASP T 148 20.45 16.08 -95.85
C ASP T 148 21.25 15.09 -96.66
N ASN T 149 20.60 14.01 -97.08
CA ASN T 149 21.30 12.92 -97.75
C ASN T 149 21.88 13.38 -99.08
N ILE T 150 23.15 13.04 -99.31
CA ILE T 150 23.83 13.30 -100.58
C ILE T 150 24.43 12.00 -101.05
N SER T 151 24.06 11.56 -102.25
CA SER T 151 24.54 10.30 -102.77
C SER T 151 26.04 10.33 -103.01
N GLY T 152 26.68 9.18 -102.84
CA GLY T 152 28.10 9.05 -103.05
C GLY T 152 28.95 9.32 -101.83
N VAL T 153 28.38 9.83 -100.76
CA VAL T 153 29.09 10.06 -99.51
C VAL T 153 28.77 8.92 -98.55
N THR T 154 29.81 8.28 -98.02
CA THR T 154 29.65 7.14 -97.12
C THR T 154 30.02 7.47 -95.68
N LYS T 155 31.19 8.04 -95.45
CA LYS T 155 31.68 8.28 -94.10
C LYS T 155 32.23 9.71 -93.98
N ILE T 156 31.86 10.37 -92.89
CA ILE T 156 32.41 11.68 -92.54
C ILE T 156 33.01 11.58 -91.15
N THR T 157 34.29 11.96 -91.04
CA THR T 157 34.98 11.93 -89.77
C THR T 157 36.07 13.00 -89.78
N ASN T 158 36.50 13.40 -88.59
CA ASN T 158 37.47 14.46 -88.41
C ASN T 158 38.79 13.89 -87.92
N THR T 159 39.89 14.49 -88.38
CA THR T 159 41.23 14.08 -87.96
C THR T 159 41.81 14.96 -86.86
N ARG T 160 41.24 16.14 -86.63
CA ARG T 160 41.70 17.04 -85.58
C ARG T 160 40.51 17.50 -84.75
N SER T 161 40.77 17.75 -83.47
CA SER T 161 39.71 18.12 -82.54
C SER T 161 39.18 19.51 -82.85
N PHE T 162 37.86 19.66 -82.74
CA PHE T 162 37.24 20.97 -82.90
C PHE T 162 37.61 21.87 -81.73
N GLU T 163 37.89 23.14 -82.03
CA GLU T 163 38.17 24.13 -81.00
C GLU T 163 37.51 25.45 -81.39
N GLY T 164 37.54 26.39 -80.44
CA GLY T 164 36.97 27.72 -80.65
C GLY T 164 35.61 27.93 -80.04
N GLY T 165 34.94 26.86 -79.61
CA GLY T 165 33.62 27.01 -79.01
C GLY T 165 33.70 27.70 -77.66
N THR T 166 32.85 28.71 -77.47
CA THR T 166 32.80 29.46 -76.22
C THR T 166 31.34 29.67 -75.83
N ASP T 167 31.14 29.93 -74.53
CA ASP T 167 29.82 30.14 -73.97
C ASP T 167 29.55 31.63 -73.76
N ILE T 168 28.27 31.94 -73.53
CA ILE T 168 27.88 33.29 -73.18
C ILE T 168 28.35 33.61 -71.76
N GLU T 169 28.75 34.85 -71.53
CA GLU T 169 29.31 35.22 -70.23
C GLU T 169 28.24 35.19 -69.15
N THR T 170 28.55 34.52 -68.04
CA THR T 170 27.62 34.44 -66.92
C THR T 170 27.58 35.75 -66.15
N ASP T 171 26.58 35.87 -65.28
CA ASP T 171 26.36 37.13 -64.57
C ASP T 171 27.53 37.46 -63.65
N GLU T 172 28.05 36.46 -62.93
CA GLU T 172 29.16 36.70 -62.02
C GLU T 172 30.39 37.18 -62.77
N GLU T 173 30.69 36.55 -63.90
CA GLU T 173 31.85 36.96 -64.70
C GLU T 173 31.71 38.40 -65.17
N LEU T 174 30.51 38.75 -65.68
CA LEU T 174 30.30 40.11 -66.17
C LEU T 174 30.41 41.13 -65.06
N LYS T 175 29.83 40.83 -63.89
CA LYS T 175 29.91 41.75 -62.77
C LYS T 175 31.36 41.94 -62.31
N GLU T 176 32.12 40.84 -62.23
CA GLU T 176 33.52 40.95 -61.84
C GLU T 176 34.32 41.77 -62.85
N ARG T 177 34.07 41.54 -64.14
CA ARG T 177 34.77 42.31 -65.17
C ARG T 177 34.43 43.78 -65.08
N PHE T 178 33.16 44.10 -64.86
CA PHE T 178 32.76 45.50 -64.75
C PHE T 178 33.41 46.17 -63.54
N TYR T 179 33.41 45.49 -62.40
CA TYR T 179 34.04 46.07 -61.21
C TYR T 179 35.54 46.24 -61.42
N LYS T 180 36.18 45.25 -62.05
CA LYS T 180 37.61 45.34 -62.31
C LYS T 180 37.93 46.53 -63.21
N ILE T 181 37.13 46.71 -64.27
CA ILE T 181 37.37 47.84 -65.17
C ILE T 181 37.17 49.16 -64.45
N GLN T 182 36.07 49.28 -63.71
CA GLN T 182 35.73 50.58 -63.12
C GLN T 182 36.69 50.96 -62.00
N ARG T 183 37.13 49.98 -61.21
CA ARG T 183 38.04 50.28 -60.10
C ARG T 183 39.36 50.84 -60.59
N ASN T 184 39.90 50.29 -61.68
CA ASN T 184 41.21 50.72 -62.16
C ASN T 184 41.15 52.14 -62.70
N GLN T 185 42.19 52.92 -62.41
CA GLN T 185 42.37 54.26 -62.94
C GLN T 185 43.65 54.30 -63.77
N ALA T 186 43.60 54.95 -64.92
CA ALA T 186 44.73 54.93 -65.85
C ALA T 186 44.97 56.33 -66.40
N THR T 187 46.21 56.81 -66.24
CA THR T 187 46.72 57.96 -66.98
C THR T 187 47.68 57.42 -68.03
N SER T 188 47.23 57.43 -69.29
CA SER T 188 47.95 56.77 -70.37
C SER T 188 49.17 57.53 -70.85
N GLY T 189 49.59 58.57 -70.14
CA GLY T 189 50.65 59.44 -70.62
C GLY T 189 52.07 59.01 -70.33
N ASN T 190 52.40 58.87 -69.05
CA ASN T 190 53.78 58.69 -68.64
C ASN T 190 54.39 57.40 -69.20
N LYS T 191 55.71 57.42 -69.37
CA LYS T 191 56.43 56.32 -69.98
C LYS T 191 56.39 55.06 -69.12
N ALA T 192 56.48 55.20 -67.80
CA ALA T 192 56.52 54.04 -66.92
C ALA T 192 55.27 53.19 -67.06
N HIS T 193 54.16 53.79 -67.49
CA HIS T 193 52.93 53.04 -67.66
C HIS T 193 53.02 52.03 -68.80
N TYR T 194 53.72 52.38 -69.89
CA TYR T 194 53.93 51.41 -70.96
C TYR T 194 54.70 50.19 -70.47
N GLU T 195 55.76 50.43 -69.70
CA GLU T 195 56.50 49.32 -69.09
C GLU T 195 55.58 48.53 -68.15
N GLU T 196 54.72 49.23 -67.43
CA GLU T 196 53.79 48.55 -66.54
C GLU T 196 52.86 47.61 -67.29
N TRP T 197 52.21 48.10 -68.35
CA TRP T 197 51.28 47.23 -69.07
C TRP T 197 52.03 46.10 -69.75
N ALA T 198 53.22 46.37 -70.30
CA ALA T 198 54.00 45.31 -70.91
C ALA T 198 54.36 44.24 -69.90
N LEU T 199 54.70 44.65 -68.67
CA LEU T 199 55.04 43.69 -67.62
C LEU T 199 53.82 42.95 -67.08
N GLU T 200 52.62 43.55 -67.18
CA GLU T 200 51.42 42.86 -66.74
C GLU T 200 51.20 41.58 -67.54
N VAL T 201 51.55 41.60 -68.82
CA VAL T 201 51.36 40.45 -69.68
C VAL T 201 52.19 39.27 -69.15
N ASP T 202 51.80 38.06 -69.53
CA ASP T 202 52.52 36.88 -69.09
C ASP T 202 53.81 36.68 -69.88
N GLY T 203 54.76 35.97 -69.27
CA GLY T 203 55.98 35.58 -69.92
C GLY T 203 57.03 36.65 -70.07
N VAL T 204 56.87 37.81 -69.43
CA VAL T 204 57.80 38.92 -69.55
C VAL T 204 58.46 39.15 -68.20
N TYR T 205 59.77 39.39 -68.22
CA TYR T 205 60.51 39.63 -66.99
C TYR T 205 61.35 40.90 -67.04
N ASN T 206 61.41 41.59 -68.17
CA ASN T 206 62.05 42.89 -68.29
C ASN T 206 61.47 43.59 -69.51
N VAL T 207 61.37 44.92 -69.44
CA VAL T 207 60.80 45.71 -70.52
C VAL T 207 61.61 46.98 -70.70
N LYS T 208 61.85 47.35 -71.96
CA LYS T 208 62.44 48.64 -72.30
C LYS T 208 61.53 49.35 -73.29
N VAL T 209 61.36 50.66 -73.10
CA VAL T 209 60.50 51.48 -73.93
C VAL T 209 61.35 52.54 -74.61
N TYR T 210 61.17 52.68 -75.93
CA TYR T 210 61.93 53.65 -76.71
C TYR T 210 61.04 54.79 -77.16
N PRO T 211 61.13 55.97 -76.56
CA PRO T 211 60.34 57.11 -77.04
C PRO T 211 60.98 57.75 -78.26
N ARG T 212 60.13 58.11 -79.22
CA ARG T 212 60.55 58.85 -80.42
C ARG T 212 61.56 58.05 -81.24
N TRP T 213 61.16 56.84 -81.62
CA TRP T 213 62.06 55.95 -82.34
C TRP T 213 61.87 56.01 -83.86
N ASP T 214 60.64 56.25 -84.32
CA ASP T 214 60.32 56.26 -85.75
C ASP T 214 59.50 57.50 -86.10
N GLY T 215 59.98 58.66 -85.65
CA GLY T 215 59.30 59.91 -85.88
C GLY T 215 58.37 60.21 -84.72
N PRO T 216 57.54 61.26 -84.87
CA PRO T 216 56.60 61.71 -83.84
C PRO T 216 55.49 60.69 -83.53
N GLY T 217 55.08 60.66 -82.27
CA GLY T 217 54.04 59.75 -81.81
C GLY T 217 54.35 58.27 -81.99
N THR T 218 55.61 57.91 -81.80
CA THR T 218 56.03 56.52 -81.91
C THR T 218 56.59 56.05 -80.58
N VAL T 219 56.20 54.85 -80.16
CA VAL T 219 56.75 54.20 -78.99
C VAL T 219 57.14 52.78 -79.36
N LYS T 220 58.39 52.42 -79.08
CA LYS T 220 58.88 51.05 -79.27
C LYS T 220 59.14 50.43 -77.91
N VAL T 221 58.67 49.20 -77.73
CA VAL T 221 58.74 48.50 -76.46
C VAL T 221 59.59 47.24 -76.65
N LEU T 222 60.54 47.04 -75.74
CA LEU T 222 61.45 45.90 -75.78
C LEU T 222 61.14 44.99 -74.59
N ILE T 223 60.29 43.99 -74.82
CA ILE T 223 59.98 43.01 -73.80
C ILE T 223 61.03 41.90 -73.85
N PHE T 224 61.21 41.24 -72.71
CA PHE T 224 62.19 40.16 -72.58
C PHE T 224 61.54 38.97 -71.90
N GLY T 225 62.05 37.78 -72.22
CA GLY T 225 61.63 36.57 -71.57
C GLY T 225 62.34 36.37 -70.25
N LYS T 226 62.35 35.13 -69.78
CA LYS T 226 63.06 34.78 -68.55
C LYS T 226 64.56 34.91 -68.76
N ASN T 227 65.23 35.56 -67.81
CA ASN T 227 66.68 35.75 -67.84
C ASN T 227 67.14 36.39 -69.15
N ASN T 228 66.42 37.44 -69.57
CA ASN T 228 66.78 38.25 -70.72
C ASN T 228 66.93 37.41 -72.00
N GLN T 229 66.00 36.48 -72.20
CA GLN T 229 65.96 35.69 -73.42
C GLN T 229 64.87 36.20 -74.36
N ALA T 230 64.98 35.78 -75.62
CA ALA T 230 64.00 36.17 -76.62
C ALA T 230 62.65 35.51 -76.34
N VAL T 231 61.59 36.28 -76.55
CA VAL T 231 60.23 35.79 -76.34
C VAL T 231 59.71 35.15 -77.61
N ASP T 232 58.71 34.31 -77.46
CA ASP T 232 58.08 33.67 -78.61
C ASP T 232 57.22 34.66 -79.38
N THR T 233 56.86 34.29 -80.61
CA THR T 233 56.03 35.15 -81.44
C THR T 233 54.66 35.39 -80.80
N GLU T 234 54.08 34.36 -80.20
CA GLU T 234 52.76 34.50 -79.59
C GLU T 234 52.81 35.47 -78.41
N THR T 235 53.89 35.44 -77.62
CA THR T 235 54.01 36.40 -76.52
C THR T 235 54.08 37.82 -77.05
N ILE T 236 54.82 38.03 -78.14
CA ILE T 236 54.90 39.35 -78.76
C ILE T 236 53.50 39.79 -79.20
N GLU T 237 52.76 38.89 -79.83
CA GLU T 237 51.41 39.24 -80.29
C GLU T 237 50.49 39.58 -79.12
N ARG T 238 50.50 38.74 -78.09
CA ARG T 238 49.61 38.96 -76.95
C ARG T 238 49.95 40.25 -76.21
N CYS T 239 51.24 40.56 -76.06
CA CYS T 239 51.62 41.84 -75.49
C CYS T 239 51.18 42.99 -76.37
N GLN T 240 51.30 42.81 -77.69
CA GLN T 240 50.84 43.84 -78.64
C GLN T 240 49.36 44.14 -78.43
N GLN T 241 48.52 43.12 -78.43
CA GLN T 241 47.08 43.35 -78.21
C GLN T 241 46.81 43.93 -76.84
N HIS T 242 47.54 43.49 -75.81
CA HIS T 242 47.29 44.01 -74.47
C HIS T 242 47.55 45.51 -74.42
N ILE T 243 48.73 45.95 -74.87
CA ILE T 243 49.01 47.38 -74.83
C ILE T 243 48.13 48.14 -75.82
N ASP T 244 47.70 47.49 -76.91
CA ASP T 244 46.81 48.14 -77.84
C ASP T 244 45.46 48.43 -77.21
N GLU T 245 44.92 47.48 -76.44
CA GLU T 245 43.69 47.75 -75.69
C GLU T 245 43.94 48.62 -74.48
N GLU T 246 45.20 48.87 -74.12
CA GLU T 246 45.52 49.74 -73.00
C GLU T 246 46.10 51.09 -73.42
N LYS T 247 46.36 51.30 -74.71
CA LYS T 247 46.97 52.54 -75.16
C LYS T 247 45.91 53.59 -75.51
N PRO T 248 46.27 54.87 -75.47
CA PRO T 248 45.36 55.91 -75.94
C PRO T 248 45.41 56.05 -77.46
N ILE T 249 44.76 57.06 -77.98
CA ILE T 249 44.71 57.32 -79.41
C ILE T 249 45.90 58.19 -79.79
N GLY T 250 46.51 57.89 -80.94
CA GLY T 250 47.51 58.77 -81.52
C GLY T 250 48.91 58.21 -81.70
N PRO T 251 49.48 57.50 -80.71
CA PRO T 251 50.83 56.95 -80.90
C PRO T 251 50.83 55.56 -81.50
N THR T 252 51.55 55.37 -82.59
CA THR T 252 51.69 54.05 -83.19
C THR T 252 52.65 53.20 -82.36
N ILE T 253 52.42 51.89 -82.39
CA ILE T 253 53.06 50.96 -81.45
C ILE T 253 53.70 49.82 -82.23
N THR T 254 54.96 49.53 -81.91
CA THR T 254 55.67 48.37 -82.42
C THR T 254 56.39 47.67 -81.27
N VAL T 255 56.29 46.35 -81.24
CA VAL T 255 56.98 45.53 -80.25
C VAL T 255 57.79 44.48 -80.98
N VAL T 256 59.03 44.27 -80.54
CA VAL T 256 59.97 43.38 -81.20
C VAL T 256 60.61 42.48 -80.15
N THR T 257 61.54 41.66 -80.61
CA THR T 257 62.19 40.62 -79.82
C THR T 257 63.70 40.71 -80.04
N PRO T 258 64.49 40.13 -79.14
CA PRO T 258 65.96 40.15 -79.34
C PRO T 258 66.38 39.48 -80.64
N LEU T 259 67.47 39.99 -81.20
CA LEU T 259 68.05 39.50 -82.45
C LEU T 259 69.47 39.02 -82.20
N PRO T 260 69.81 37.78 -82.54
CA PRO T 260 71.13 37.24 -82.19
C PRO T 260 72.26 37.86 -83.01
N ILE T 261 73.46 37.76 -82.46
CA ILE T 261 74.69 38.26 -83.10
C ILE T 261 75.58 37.08 -83.43
N GLU T 262 76.32 37.22 -84.53
CA GLU T 262 77.18 36.14 -85.04
C GLU T 262 78.57 36.28 -84.41
N ILE T 263 79.01 35.21 -83.74
CA ILE T 263 80.32 35.19 -83.09
C ILE T 263 81.12 34.04 -83.68
N SER T 264 82.28 34.35 -84.25
CA SER T 264 83.20 33.36 -84.78
C SER T 264 84.47 33.35 -83.94
N ILE T 265 84.91 32.17 -83.54
CA ILE T 265 86.08 32.02 -82.69
C ILE T 265 87.12 31.19 -83.42
N SER T 266 88.38 31.36 -83.00
CA SER T 266 89.49 30.67 -83.63
C SER T 266 90.68 30.69 -82.67
N ALA T 267 91.38 29.56 -82.58
CA ALA T 267 92.55 29.48 -81.71
C ALA T 267 93.41 28.31 -82.14
N VAL T 268 94.67 28.35 -81.72
CA VAL T 268 95.63 27.27 -81.92
C VAL T 268 95.94 26.70 -80.54
N MET T 269 95.63 25.43 -80.35
CA MET T 269 95.77 24.81 -79.04
C MET T 269 96.43 23.44 -79.15
N LYS T 270 97.01 23.01 -78.03
CA LYS T 270 97.61 21.69 -77.90
C LYS T 270 96.64 20.78 -77.17
N LEU T 271 96.42 19.59 -77.71
CA LEU T 271 95.47 18.63 -77.17
C LEU T 271 96.18 17.62 -76.27
N GLU T 272 95.38 16.99 -75.41
CA GLU T 272 95.85 15.87 -74.61
C GLU T 272 95.71 14.56 -75.38
N ASP T 273 96.40 13.54 -74.90
CA ASP T 273 96.28 12.21 -75.48
C ASP T 273 94.86 11.68 -75.29
N GLY T 274 94.35 11.01 -76.33
CA GLY T 274 93.02 10.45 -76.28
C GLY T 274 91.89 11.42 -76.54
N TYR T 275 92.20 12.66 -76.91
CA TYR T 275 91.18 13.66 -77.19
C TYR T 275 91.37 14.23 -78.59
N THR T 276 90.26 14.38 -79.31
CA THR T 276 90.24 14.89 -80.67
C THR T 276 89.59 16.27 -80.72
N LEU T 277 89.64 16.88 -81.90
CA LEU T 277 89.09 18.22 -82.07
C LEU T 277 87.58 18.27 -81.84
N ASP T 278 86.87 17.22 -82.23
CA ASP T 278 85.42 17.22 -82.11
C ASP T 278 84.98 17.23 -80.65
N ASN T 279 85.65 16.47 -79.78
CA ASN T 279 85.25 16.40 -78.39
C ASN T 279 85.47 17.73 -77.67
N VAL T 280 86.65 18.32 -77.85
CA VAL T 280 86.91 19.61 -77.23
C VAL T 280 86.00 20.68 -77.83
N LYS T 281 85.71 20.58 -79.12
CA LYS T 281 84.80 21.53 -79.74
C LYS T 281 83.41 21.46 -79.13
N GLU T 282 82.89 20.24 -78.92
CA GLU T 282 81.56 20.10 -78.36
C GLU T 282 81.52 20.57 -76.89
N SER T 283 82.54 20.21 -76.11
CA SER T 283 82.56 20.65 -74.72
C SER T 283 82.67 22.17 -74.63
N PHE T 284 83.50 22.77 -75.49
CA PHE T 284 83.67 24.22 -75.48
C PHE T 284 82.40 24.91 -75.95
N LEU T 285 81.70 24.35 -76.94
CA LEU T 285 80.45 24.96 -77.37
C LEU T 285 79.42 24.93 -76.25
N GLU T 286 79.36 23.81 -75.51
CA GLU T 286 78.44 23.75 -74.38
C GLU T 286 78.77 24.81 -73.34
N SER T 287 80.05 24.89 -72.95
CA SER T 287 80.44 25.85 -71.92
C SER T 287 80.22 27.29 -72.39
N ILE T 288 80.56 27.59 -73.64
CA ILE T 288 80.40 28.96 -74.14
C ILE T 288 78.93 29.30 -74.32
N ASN T 289 78.08 28.32 -74.61
CA ASN T 289 76.64 28.58 -74.66
C ASN T 289 76.10 28.94 -73.30
N THR T 290 76.52 28.19 -72.27
CA THR T 290 76.13 28.55 -70.90
C THR T 290 76.61 29.95 -70.55
N TYR T 291 77.87 30.26 -70.92
CA TYR T 291 78.41 31.58 -70.64
C TYR T 291 77.59 32.65 -71.33
N PHE T 292 77.36 32.52 -72.63
CA PHE T 292 76.62 33.53 -73.39
C PHE T 292 75.22 33.69 -72.84
N ARG T 293 74.65 32.62 -72.29
CA ARG T 293 73.39 32.75 -71.57
C ARG T 293 73.54 33.63 -70.34
N ASP T 294 74.61 33.46 -69.56
CA ASP T 294 74.68 34.15 -68.28
C ASP T 294 75.30 35.54 -68.33
N ILE T 295 75.93 35.95 -69.43
CA ILE T 295 76.69 37.20 -69.46
C ILE T 295 75.78 38.37 -69.82
N ARG T 296 75.79 39.40 -68.98
CA ARG T 296 75.14 40.67 -69.27
C ARG T 296 76.18 41.68 -69.75
N GLY T 297 75.77 42.53 -70.68
CA GLY T 297 76.67 43.55 -71.19
C GLY T 297 77.64 43.00 -72.22
N GLU T 298 78.83 43.57 -72.26
CA GLU T 298 79.82 43.23 -73.27
C GLU T 298 80.50 41.90 -72.94
N ILE T 299 81.03 41.26 -73.98
CA ILE T 299 81.73 39.98 -73.82
C ILE T 299 83.10 40.22 -73.20
N ILE T 300 83.64 39.15 -72.61
CA ILE T 300 84.93 39.19 -71.91
C ILE T 300 85.89 38.24 -72.61
N TYR T 301 87.08 38.75 -72.98
CA TYR T 301 88.05 37.93 -73.68
C TYR T 301 88.74 36.94 -72.74
N THR T 302 89.13 37.39 -71.54
CA THR T 302 89.86 36.53 -70.63
C THR T 302 88.98 35.41 -70.09
N LYS T 303 87.70 35.70 -69.82
CA LYS T 303 86.78 34.60 -69.53
C LYS T 303 86.70 33.63 -70.69
N VAL T 304 86.80 34.13 -71.93
CA VAL T 304 86.71 33.24 -73.09
C VAL T 304 87.88 32.26 -73.09
N MET T 305 89.11 32.76 -72.93
CA MET T 305 90.20 31.80 -72.95
C MET T 305 90.22 30.96 -71.68
N GLY T 306 89.69 31.47 -70.57
CA GLY T 306 89.55 30.61 -69.39
C GLY T 306 88.62 29.45 -69.63
N ILE T 307 87.44 29.73 -70.19
CA ILE T 307 86.49 28.65 -70.48
C ILE T 307 87.03 27.74 -71.57
N LEU T 308 87.93 28.26 -72.42
CA LEU T 308 88.55 27.41 -73.44
C LEU T 308 89.59 26.48 -72.84
N ILE T 309 90.42 27.00 -71.93
CA ILE T 309 91.48 26.17 -71.35
C ILE T 309 90.88 25.12 -70.41
N ASN T 310 89.83 25.48 -69.66
CA ASN T 310 89.22 24.49 -68.78
C ASN T 310 88.52 23.38 -69.57
N THR T 311 88.18 23.62 -70.83
CA THR T 311 87.55 22.58 -71.64
C THR T 311 88.48 21.37 -71.73
N THR T 312 87.94 20.20 -71.41
CA THR T 312 88.76 19.01 -71.27
C THR T 312 89.44 18.65 -72.58
N GLY T 313 90.72 18.29 -72.50
CA GLY T 313 91.52 17.96 -73.66
C GLY T 313 92.47 19.05 -74.10
N VAL T 314 92.36 20.25 -73.54
CA VAL T 314 93.21 21.37 -73.94
C VAL T 314 94.41 21.41 -73.01
N HIS T 315 95.59 21.10 -73.56
CA HIS T 315 96.82 21.16 -72.77
C HIS T 315 97.44 22.55 -72.80
N ASP T 316 97.47 23.18 -73.97
CA ASP T 316 97.90 24.55 -74.10
C ASP T 316 97.11 25.17 -75.25
N LEU T 317 97.04 26.50 -75.26
CA LEU T 317 96.41 27.20 -76.38
C LEU T 317 97.13 28.51 -76.60
N SER T 318 97.04 29.01 -77.83
CA SER T 318 97.59 30.31 -78.18
C SER T 318 96.81 30.86 -79.36
N ASN T 319 96.90 32.19 -79.53
CA ASN T 319 96.31 32.87 -80.68
C ASN T 319 94.79 32.75 -80.68
N LEU T 320 94.18 33.00 -79.53
CA LEU T 320 92.72 32.97 -79.42
C LEU T 320 92.14 34.27 -79.96
N LEU T 321 91.29 34.16 -80.97
CA LEU T 321 90.76 35.30 -81.71
C LEU T 321 89.24 35.22 -81.77
N ILE T 322 88.57 36.31 -81.42
CA ILE T 322 87.12 36.39 -81.47
C ILE T 322 86.72 37.44 -82.51
N ASN T 323 86.02 36.99 -83.56
CA ASN T 323 85.55 37.87 -84.62
C ASN T 323 86.69 38.70 -85.22
N GLY T 324 87.84 38.06 -85.40
CA GLY T 324 88.97 38.73 -86.00
C GLY T 324 89.81 39.56 -85.04
N SER T 325 89.48 39.57 -83.75
CA SER T 325 90.24 40.37 -82.80
C SER T 325 90.18 39.73 -81.41
N THR T 326 91.08 40.17 -80.54
CA THR T 326 91.10 39.74 -79.15
C THR T 326 90.38 40.72 -78.23
N ASP T 327 89.76 41.76 -78.78
CA ASP T 327 89.12 42.78 -77.97
C ASP T 327 87.80 42.27 -77.39
N ASN T 328 87.33 42.98 -76.36
CA ASN T 328 86.00 42.71 -75.83
C ASN T 328 84.95 43.16 -76.83
N ILE T 329 83.91 42.34 -76.99
CA ILE T 329 82.83 42.61 -77.92
C ILE T 329 81.64 43.16 -77.14
N THR T 330 81.18 44.35 -77.52
CA THR T 330 80.02 44.95 -76.89
C THR T 330 78.74 44.35 -77.46
N ILE T 331 77.78 44.09 -76.59
CA ILE T 331 76.49 43.53 -76.98
C ILE T 331 75.44 44.62 -76.80
N ASN T 332 74.79 45.00 -77.90
CA ASN T 332 73.71 45.97 -77.82
C ASN T 332 72.45 45.30 -77.24
N GLU T 333 71.44 46.14 -77.04
CA GLU T 333 70.15 45.72 -76.49
C GLU T 333 69.41 44.77 -77.44
N ASP T 334 68.63 43.87 -76.86
CA ASP T 334 67.89 42.86 -77.63
C ASP T 334 68.81 42.08 -78.57
N LYS T 335 69.97 41.69 -78.04
CA LYS T 335 70.95 40.95 -78.82
C LYS T 335 71.61 39.90 -77.93
N ILE T 336 71.71 38.67 -78.43
CA ILE T 336 72.33 37.57 -77.71
C ILE T 336 73.31 36.87 -78.64
N PRO T 337 74.60 36.84 -78.32
CA PRO T 337 75.58 36.21 -79.21
C PRO T 337 75.34 34.72 -79.37
N SER T 338 75.65 34.23 -80.57
CA SER T 338 75.58 32.81 -80.88
C SER T 338 76.85 32.38 -81.61
N VAL T 339 77.30 31.16 -81.35
CA VAL T 339 78.51 30.64 -81.99
C VAL T 339 78.19 30.27 -83.43
N THR T 340 78.95 30.84 -84.37
CA THR T 340 78.76 30.60 -85.79
C THR T 340 79.84 29.73 -86.40
N THR T 341 81.11 30.04 -86.15
CA THR T 341 82.22 29.31 -86.76
C THR T 341 83.34 29.17 -85.74
N VAL T 342 83.86 27.95 -85.61
CA VAL T 342 84.96 27.64 -84.69
C VAL T 342 86.06 26.98 -85.50
N ASN T 343 87.19 27.68 -85.65
CA ASN T 343 88.33 27.21 -86.42
C ASN T 343 89.46 26.85 -85.47
N PHE T 344 89.55 25.57 -85.12
CA PHE T 344 90.58 25.06 -84.22
C PHE T 344 91.62 24.29 -85.01
N SER T 345 92.90 24.62 -84.79
CA SER T 345 94.00 23.98 -85.48
C SER T 345 95.01 23.51 -84.45
N GLU T 346 95.31 22.21 -84.46
CA GLU T 346 96.29 21.64 -83.54
C GLU T 346 97.70 21.96 -84.00
N MET U 1 5.36 61.12 -59.21
CA MET U 1 3.92 61.27 -59.13
C MET U 1 3.39 60.85 -57.76
N TYR U 2 4.27 60.28 -56.94
CA TYR U 2 3.88 59.93 -55.58
C TYR U 2 3.63 61.19 -54.74
N SER U 3 4.44 62.24 -54.95
CA SER U 3 4.24 63.48 -54.22
C SER U 3 2.95 64.19 -54.60
N ASP U 4 2.42 63.91 -55.79
CA ASP U 4 1.14 64.49 -56.19
C ASP U 4 0.01 63.97 -55.31
N GLN U 5 -0.03 62.66 -55.08
CA GLN U 5 -1.07 62.08 -54.25
C GLN U 5 -0.79 62.39 -52.79
N THR U 6 -1.78 62.93 -52.09
CA THR U 6 -1.68 63.23 -50.67
C THR U 6 -2.93 62.72 -49.97
N TYR U 7 -2.97 62.91 -48.65
CA TYR U 7 -4.08 62.42 -47.86
C TYR U 7 -5.41 63.00 -48.33
N GLU U 8 -5.47 64.33 -48.45
CA GLU U 8 -6.72 64.99 -48.79
C GLU U 8 -7.19 64.63 -50.19
N VAL U 9 -6.28 64.58 -51.15
CA VAL U 9 -6.67 64.32 -52.54
C VAL U 9 -7.26 62.93 -52.67
N ILE U 10 -6.60 61.93 -52.10
CA ILE U 10 -7.09 60.57 -52.21
C ILE U 10 -8.37 60.39 -51.41
N LYS U 11 -8.47 61.04 -50.25
CA LYS U 11 -9.70 60.94 -49.47
C LYS U 11 -10.89 61.51 -50.24
N ASN U 12 -10.72 62.68 -50.84
CA ASN U 12 -11.79 63.28 -51.63
C ASN U 12 -12.13 62.41 -52.84
N ARG U 13 -11.11 61.87 -53.51
CA ARG U 13 -11.36 61.04 -54.69
C ARG U 13 -12.14 59.79 -54.32
N THR U 14 -11.77 59.12 -53.23
CA THR U 14 -12.50 57.94 -52.80
C THR U 14 -13.93 58.28 -52.40
N LEU U 15 -14.12 59.37 -51.65
CA LEU U 15 -15.48 59.73 -51.26
C LEU U 15 -16.33 60.12 -52.46
N GLU U 16 -15.70 60.64 -53.52
CA GLU U 16 -16.45 60.97 -54.73
C GLU U 16 -16.75 59.73 -55.57
N ASN U 17 -15.88 58.72 -55.55
CA ASN U 17 -16.05 57.59 -56.46
C ASN U 17 -17.17 56.65 -56.02
N ILE U 18 -17.72 56.80 -54.82
CA ILE U 18 -18.83 55.96 -54.37
C ILE U 18 -20.13 56.61 -54.81
N ASN U 19 -20.87 55.92 -55.66
CA ASN U 19 -22.11 56.45 -56.24
C ASN U 19 -23.30 55.97 -55.40
N LEU U 20 -23.38 56.51 -54.19
CA LEU U 20 -24.44 56.16 -53.26
C LEU U 20 -25.12 57.43 -52.75
N ASP U 21 -26.35 57.26 -52.28
CA ASP U 21 -27.15 58.36 -51.76
C ASP U 21 -26.87 58.64 -50.28
N ILE U 22 -25.99 57.88 -49.65
CA ILE U 22 -25.71 58.08 -48.23
C ILE U 22 -25.01 59.41 -48.04
N TYR U 23 -25.44 60.17 -47.04
CA TYR U 23 -24.83 61.45 -46.74
C TYR U 23 -23.40 61.25 -46.23
N LYS U 24 -22.49 62.07 -46.74
CA LYS U 24 -21.11 62.08 -46.32
C LYS U 24 -20.80 63.39 -45.59
N GLY U 25 -20.24 63.28 -44.40
CA GLY U 25 -19.95 64.46 -43.62
C GLY U 25 -19.19 64.11 -42.36
N GLU U 26 -18.98 65.13 -41.54
CA GLU U 26 -18.26 64.92 -40.28
C GLU U 26 -19.10 64.08 -39.32
N GLY U 27 -18.44 63.13 -38.66
CA GLY U 27 -19.16 62.21 -37.80
C GLY U 27 -20.12 61.33 -38.55
N SER U 28 -19.72 60.85 -39.72
CA SER U 28 -20.54 59.95 -40.52
C SER U 28 -19.82 58.61 -40.68
N PHE U 29 -20.61 57.55 -40.81
CA PHE U 29 -20.06 56.20 -40.90
C PHE U 29 -19.14 56.06 -42.10
N LEU U 30 -19.63 56.43 -43.28
CA LEU U 30 -18.84 56.28 -44.50
C LEU U 30 -17.59 57.15 -44.46
N ASN U 31 -17.71 58.39 -44.00
CA ASN U 31 -16.56 59.28 -43.92
C ASN U 31 -15.50 58.74 -42.99
N ASN U 32 -15.92 58.29 -41.80
CA ASN U 32 -14.96 57.75 -40.84
C ASN U 32 -14.26 56.52 -41.39
N MET U 33 -15.01 55.62 -42.01
CA MET U 33 -14.42 54.41 -42.56
C MET U 33 -13.42 54.74 -43.67
N VAL U 34 -13.79 55.66 -44.56
CA VAL U 34 -12.91 56.01 -45.67
C VAL U 34 -11.63 56.66 -45.15
N SER U 35 -11.74 57.53 -44.15
CA SER U 35 -10.55 58.16 -43.59
C SER U 35 -9.64 57.12 -42.94
N GLY U 36 -10.22 56.18 -42.19
CA GLY U 36 -9.42 55.14 -41.57
C GLY U 36 -8.68 54.29 -42.58
N ASN U 37 -9.33 53.97 -43.70
CA ASN U 37 -8.63 53.25 -44.76
C ASN U 37 -7.55 54.11 -45.40
N ASN U 38 -7.85 55.37 -45.67
CA ASN U 38 -6.96 56.21 -46.47
C ASN U 38 -5.71 56.61 -45.72
N LEU U 39 -5.73 56.61 -44.39
CA LEU U 39 -4.49 56.85 -43.66
C LEU U 39 -3.45 55.79 -43.99
N GLU U 40 -3.82 54.52 -43.82
CA GLU U 40 -2.92 53.41 -44.18
C GLU U 40 -2.64 53.41 -45.67
N LEU U 41 -3.58 53.92 -46.47
CA LEU U 41 -3.34 54.03 -47.91
C LEU U 41 -2.19 54.98 -48.22
N SER U 42 -2.22 56.18 -47.64
CA SER U 42 -1.20 57.20 -47.91
C SER U 42 0.14 56.89 -47.25
N LYS U 43 0.13 56.05 -46.22
CA LYS U 43 1.41 55.60 -45.66
C LYS U 43 2.29 54.96 -46.74
N ILE U 44 1.68 54.24 -47.68
CA ILE U 44 2.47 53.59 -48.72
C ILE U 44 3.10 54.61 -49.65
N TYR U 45 2.40 55.71 -49.94
CA TYR U 45 2.99 56.76 -50.77
C TYR U 45 4.15 57.43 -50.05
N LEU U 46 3.99 57.69 -48.75
CA LEU U 46 5.08 58.26 -47.97
C LEU U 46 6.31 57.35 -48.02
N GLU U 47 6.08 56.04 -47.81
CA GLU U 47 7.19 55.10 -47.82
C GLU U 47 7.81 54.96 -49.20
N LEU U 48 7.01 55.10 -50.26
CA LEU U 48 7.56 55.09 -51.61
C LEU U 48 8.46 56.30 -51.87
N SER U 49 8.05 57.47 -51.39
CA SER U 49 8.90 58.65 -51.50
C SER U 49 10.23 58.43 -50.77
N LYS U 50 10.16 57.93 -49.54
CA LYS U 50 11.39 57.66 -48.79
C LYS U 50 12.24 56.63 -49.53
N MET U 51 11.61 55.63 -50.14
CA MET U 51 12.33 54.59 -50.85
C MET U 51 13.09 55.16 -52.04
N HIS U 52 12.45 56.04 -52.80
CA HIS U 52 13.12 56.64 -53.96
C HIS U 52 14.28 57.53 -53.52
N LYS U 53 14.06 58.35 -52.49
CA LYS U 53 15.15 59.18 -51.98
C LYS U 53 16.30 58.33 -51.48
N MET U 54 15.99 57.19 -50.85
CA MET U 54 17.02 56.24 -50.45
C MET U 54 17.74 55.66 -51.66
N ALA U 55 17.00 55.44 -52.74
CA ALA U 55 17.59 54.85 -53.94
C ALA U 55 18.64 55.79 -54.54
N PHE U 56 18.34 57.07 -54.64
CA PHE U 56 19.34 57.99 -55.21
C PHE U 56 20.27 58.62 -54.19
N ILE U 57 20.22 58.20 -52.92
CA ILE U 57 21.25 58.48 -51.93
C ILE U 57 21.56 59.97 -51.76
N GLN U 58 20.52 60.81 -51.87
CA GLN U 58 20.75 62.25 -51.82
C GLN U 58 21.03 62.73 -50.40
N ASP U 59 20.38 62.13 -49.39
CA ASP U 59 20.51 62.66 -48.04
C ASP U 59 20.37 61.54 -47.02
N THR U 60 20.68 61.88 -45.76
CA THR U 60 20.48 61.08 -44.55
C THR U 60 21.16 59.71 -44.61
N TYR U 61 22.28 59.64 -45.34
CA TYR U 61 23.31 58.62 -45.17
C TYR U 61 22.73 57.20 -45.23
N ASN U 62 21.95 56.96 -46.27
CA ASN U 62 21.31 55.67 -46.43
C ASN U 62 22.33 54.61 -46.81
N GLN U 63 22.06 53.36 -46.42
CA GLN U 63 23.04 52.29 -46.51
C GLN U 63 23.45 51.98 -47.95
N PHE U 64 22.66 52.39 -48.93
CA PHE U 64 22.94 52.05 -50.32
C PHE U 64 24.02 52.92 -50.95
N LEU U 65 24.55 53.91 -50.21
CA LEU U 65 25.66 54.71 -50.72
C LEU U 65 26.87 53.84 -51.00
N ASP U 66 27.11 52.83 -50.17
CA ASP U 66 28.25 51.95 -50.37
C ASP U 66 28.17 51.28 -51.74
N LYS U 67 26.98 50.75 -52.08
CA LYS U 67 26.82 50.08 -53.36
C LYS U 67 26.89 51.07 -54.52
N ARG U 68 26.31 52.26 -54.36
CA ARG U 68 26.40 53.24 -55.44
C ARG U 68 27.84 53.67 -55.69
N VAL U 69 28.59 53.88 -54.61
CA VAL U 69 30.01 54.23 -54.73
C VAL U 69 30.79 53.10 -55.40
N ASN U 70 30.52 51.86 -55.01
CA ASN U 70 31.19 50.74 -55.65
C ASN U 70 30.84 50.64 -57.12
N GLU U 71 29.62 51.04 -57.49
CA GLU U 71 29.30 51.22 -58.90
C GLU U 71 30.23 52.25 -59.54
N PHE U 72 30.41 53.39 -58.87
CA PHE U 72 31.27 54.43 -59.43
C PHE U 72 32.75 54.03 -59.36
N GLY U 73 33.16 53.38 -58.28
CA GLY U 73 34.53 52.90 -58.16
C GLY U 73 35.31 53.42 -56.98
N VAL U 74 34.76 54.33 -56.17
CA VAL U 74 35.49 54.80 -55.00
C VAL U 74 35.51 53.71 -53.93
N TYR U 75 36.48 53.82 -53.02
CA TYR U 75 36.59 52.88 -51.91
C TYR U 75 36.88 53.65 -50.64
N ARG U 76 36.63 53.00 -49.51
CA ARG U 76 36.83 53.60 -48.20
C ARG U 76 38.19 53.22 -47.64
N LYS U 77 38.90 54.19 -47.10
CA LYS U 77 40.18 53.94 -46.45
C LYS U 77 39.96 53.17 -45.15
N LEU U 78 40.72 52.10 -44.97
CA LEU U 78 40.69 51.36 -43.71
C LEU U 78 41.51 52.02 -42.62
N GLY U 79 42.38 52.95 -42.98
CA GLY U 79 43.25 53.62 -42.04
C GLY U 79 44.69 53.16 -42.16
N THR U 80 45.53 53.74 -41.31
CA THR U 80 46.95 53.40 -41.26
C THR U 80 47.37 53.23 -39.81
N GLU U 81 48.20 52.23 -39.55
CA GLU U 81 48.65 51.92 -38.20
C GLU U 81 49.93 52.66 -37.89
N SER U 82 50.13 52.95 -36.61
CA SER U 82 51.28 53.72 -36.16
C SER U 82 52.53 52.84 -36.09
N ASN U 83 53.66 53.43 -36.47
CA ASN U 83 54.97 52.80 -36.36
C ASN U 83 55.84 53.62 -35.44
N GLY U 84 56.74 52.95 -34.73
CA GLY U 84 57.61 53.63 -33.80
C GLY U 84 58.80 52.77 -33.43
N GLU U 85 59.64 53.31 -32.56
CA GLU U 85 60.81 52.60 -32.07
C GLU U 85 60.98 52.88 -30.58
N VAL U 86 61.33 51.85 -29.82
CA VAL U 86 61.51 51.95 -28.39
C VAL U 86 62.92 51.47 -28.04
N GLU U 87 63.38 51.87 -26.86
CA GLU U 87 64.67 51.46 -26.33
C GLU U 87 64.45 50.53 -25.15
N PHE U 88 65.07 49.35 -25.20
CA PHE U 88 64.98 48.38 -24.12
C PHE U 88 66.18 48.56 -23.20
N ILE U 89 65.92 48.89 -21.94
CA ILE U 89 66.94 49.04 -20.92
C ILE U 89 66.79 47.92 -19.92
N GLY U 90 67.88 47.21 -19.64
CA GLY U 90 67.82 46.10 -18.72
C GLY U 90 69.10 45.29 -18.70
N GLU U 91 68.97 44.04 -18.30
CA GLU U 91 70.11 43.14 -18.21
C GLU U 91 70.73 42.92 -19.59
N LYS U 92 72.06 42.93 -19.63
CA LYS U 92 72.78 42.71 -20.88
C LYS U 92 72.70 41.24 -21.28
N GLY U 93 72.49 41.00 -22.57
CA GLY U 93 72.40 39.66 -23.11
C GLY U 93 71.01 39.13 -23.34
N THR U 94 69.98 39.84 -22.88
CA THR U 94 68.61 39.40 -23.09
C THR U 94 68.22 39.54 -24.56
N VAL U 95 67.30 38.69 -25.00
CA VAL U 95 66.86 38.62 -26.39
C VAL U 95 65.37 38.92 -26.43
N ILE U 96 64.98 39.99 -27.11
CA ILE U 96 63.58 40.37 -27.29
C ILE U 96 63.18 40.00 -28.71
N ASN U 97 62.40 38.93 -28.85
CA ASN U 97 62.12 38.35 -30.15
C ASN U 97 61.04 39.13 -30.89
N ASN U 98 60.83 38.74 -32.15
CA ASN U 98 59.78 39.33 -32.96
C ASN U 98 58.41 38.94 -32.42
N GLY U 99 57.46 39.86 -32.54
CA GLY U 99 56.12 39.63 -32.05
C GLY U 99 55.91 39.89 -30.59
N THR U 100 56.92 40.40 -29.88
CA THR U 100 56.78 40.66 -28.46
C THR U 100 55.75 41.75 -28.22
N ILE U 101 54.92 41.58 -27.20
CA ILE U 101 53.81 42.46 -26.91
C ILE U 101 54.20 43.42 -25.81
N ILE U 102 54.10 44.72 -26.09
CA ILE U 102 54.32 45.77 -25.11
C ILE U 102 53.07 46.64 -25.06
N SER U 103 52.77 47.16 -23.86
CA SER U 103 51.50 47.82 -23.60
C SER U 103 51.72 49.19 -23.00
N TYR U 104 51.03 50.19 -23.56
CA TYR U 104 50.93 51.53 -22.99
C TYR U 104 49.45 51.84 -22.78
N ARG U 105 49.05 51.98 -21.52
CA ARG U 105 47.66 52.23 -21.13
C ARG U 105 46.79 51.12 -21.75
N ASP U 106 45.67 51.44 -22.38
CA ASP U 106 44.86 50.43 -23.06
C ASP U 106 45.47 49.98 -24.37
N LEU U 107 46.29 50.83 -24.99
CA LEU U 107 46.89 50.52 -26.29
C LEU U 107 47.86 49.35 -26.17
N LEU U 108 47.96 48.58 -27.24
CA LEU U 108 48.87 47.43 -27.31
C LEU U 108 49.77 47.58 -28.52
N PHE U 109 51.01 47.12 -28.40
CA PHE U 109 52.01 47.26 -29.44
C PHE U 109 52.69 45.92 -29.65
N VAL U 110 53.41 45.82 -30.77
CA VAL U 110 54.12 44.61 -31.14
C VAL U 110 55.53 44.98 -31.59
N VAL U 111 56.50 44.18 -31.14
CA VAL U 111 57.89 44.36 -31.56
C VAL U 111 58.08 43.70 -32.92
N ILE U 112 58.90 44.32 -33.76
CA ILE U 112 59.08 43.89 -35.14
C ILE U 112 60.40 43.15 -35.35
N LYS U 113 61.47 43.59 -34.70
CA LYS U 113 62.81 43.08 -34.96
C LYS U 113 63.40 42.48 -33.69
N ASP U 114 64.08 41.35 -33.84
CA ASP U 114 64.75 40.69 -32.73
C ASP U 114 65.92 41.54 -32.26
N VAL U 115 65.82 42.09 -31.06
CA VAL U 115 66.82 43.00 -30.51
C VAL U 115 67.42 42.40 -29.26
N THR U 116 68.74 42.48 -29.14
CA THR U 116 69.47 41.99 -27.98
C THR U 116 70.04 43.17 -27.21
N ILE U 117 69.73 43.23 -25.91
CA ILE U 117 70.16 44.34 -25.08
C ILE U 117 71.66 44.24 -24.84
N GLY U 118 72.38 45.33 -25.08
CA GLY U 118 73.81 45.36 -24.89
C GLY U 118 74.63 44.81 -26.03
N SER U 119 74.03 44.60 -27.19
CA SER U 119 74.72 44.07 -28.36
C SER U 119 75.16 45.21 -29.28
N GLU U 120 75.96 44.85 -30.29
CA GLU U 120 76.48 45.81 -31.24
C GLU U 120 75.41 46.36 -32.18
N GLU U 121 74.24 45.73 -32.24
CA GLU U 121 73.16 46.16 -33.12
C GLU U 121 72.24 47.21 -32.49
N GLY U 122 72.50 47.60 -31.26
CA GLY U 122 71.67 48.58 -30.58
C GLY U 122 70.51 47.94 -29.83
N ASP U 123 69.98 48.69 -28.88
CA ASP U 123 68.85 48.24 -28.06
C ASP U 123 67.51 48.70 -28.60
N ASN U 124 67.49 49.44 -29.69
CA ASN U 124 66.25 49.95 -30.28
C ASN U 124 65.71 48.95 -31.28
N SER U 125 64.38 48.78 -31.26
CA SER U 125 63.68 47.92 -32.20
C SER U 125 62.43 48.64 -32.69
N PRO U 126 62.04 48.42 -33.95
CA PRO U 126 60.80 49.02 -34.43
C PRO U 126 59.60 48.48 -33.69
N VAL U 127 58.59 49.34 -33.52
CA VAL U 127 57.36 49.00 -32.81
C VAL U 127 56.18 49.47 -33.66
N GLN U 128 55.19 48.59 -33.82
CA GLN U 128 54.05 48.85 -34.67
C GLN U 128 52.77 48.82 -33.86
N ALA U 129 51.79 49.62 -34.29
CA ALA U 129 50.48 49.64 -33.64
C ALA U 129 49.74 48.35 -33.92
N LEU U 130 49.15 47.76 -32.89
CA LEU U 130 48.38 46.53 -33.06
C LEU U 130 46.95 46.78 -33.53
N GLU U 131 46.48 48.02 -33.48
CA GLU U 131 45.17 48.36 -34.01
C GLU U 131 45.26 49.70 -34.74
N VAL U 132 44.26 49.96 -35.57
CA VAL U 132 44.25 51.16 -36.39
C VAL U 132 43.67 52.32 -35.59
N GLY U 133 44.20 53.51 -35.82
CA GLY U 133 43.69 54.72 -35.20
C GLY U 133 44.81 55.71 -34.94
N LYS U 134 44.42 56.98 -34.79
CA LYS U 134 45.38 58.02 -34.45
C LYS U 134 45.82 57.94 -32.99
N LYS U 135 45.06 57.24 -32.15
CA LYS U 135 45.40 57.11 -30.74
C LYS U 135 46.71 56.36 -30.52
N TYR U 136 47.22 55.67 -31.54
CA TYR U 136 48.50 54.99 -31.46
C TYR U 136 49.68 55.88 -31.83
N ASN U 137 49.43 57.12 -32.24
CA ASN U 137 50.50 58.09 -32.50
C ASN U 137 50.91 58.71 -31.16
N LEU U 138 51.77 58.01 -30.44
CA LEU U 138 52.15 58.44 -29.11
C LEU U 138 53.15 59.58 -29.16
N PRO U 139 53.18 60.42 -28.14
CA PRO U 139 54.21 61.46 -28.03
C PRO U 139 55.54 60.85 -27.57
N THR U 140 56.53 61.72 -27.45
CA THR U 140 57.88 61.27 -27.10
C THR U 140 57.96 60.91 -25.62
N ASN U 141 58.93 60.04 -25.31
CA ASN U 141 59.25 59.64 -23.94
C ASN U 141 58.05 59.03 -23.23
N CYS U 142 57.57 57.91 -23.78
CA CYS U 142 56.48 57.15 -23.19
C CYS U 142 57.03 55.87 -22.58
N GLU U 143 56.51 55.51 -21.40
CA GLU U 143 56.94 54.30 -20.71
C GLU U 143 56.05 53.13 -21.11
N PHE U 144 56.67 52.03 -21.52
CA PHE U 144 55.95 50.84 -21.96
C PHE U 144 56.19 49.69 -21.00
N LYS U 145 55.26 48.74 -21.02
CA LYS U 145 55.29 47.56 -20.16
C LYS U 145 55.16 46.30 -21.00
N LEU U 146 55.75 45.22 -20.50
CA LEU U 146 55.69 43.93 -21.18
C LEU U 146 54.49 43.14 -20.67
N VAL U 147 53.58 42.78 -21.58
CA VAL U 147 52.40 42.01 -21.18
C VAL U 147 52.83 40.64 -20.69
N ASP U 148 53.70 39.96 -21.41
CA ASP U 148 54.33 38.73 -20.96
C ASP U 148 55.71 39.07 -20.42
N ASN U 149 55.93 38.83 -19.13
CA ASN U 149 57.15 39.27 -18.48
C ASN U 149 58.36 38.51 -19.03
N ILE U 150 59.40 39.25 -19.38
CA ILE U 150 60.67 38.68 -19.83
C ILE U 150 61.73 39.06 -18.81
N SER U 151 62.43 38.06 -18.29
CA SER U 151 63.47 38.32 -17.30
C SER U 151 64.60 39.13 -17.92
N GLY U 152 65.09 40.11 -17.17
CA GLY U 152 66.23 40.91 -17.59
C GLY U 152 65.90 42.20 -18.30
N VAL U 153 64.62 42.57 -18.40
CA VAL U 153 64.21 43.81 -19.04
C VAL U 153 63.58 44.70 -17.98
N THR U 154 64.07 45.93 -17.86
CA THR U 154 63.60 46.86 -16.85
C THR U 154 62.85 48.06 -17.42
N LYS U 155 63.34 48.67 -18.49
CA LYS U 155 62.74 49.90 -19.00
C LYS U 155 62.53 49.80 -20.50
N ILE U 156 61.37 50.28 -20.94
CA ILE U 156 61.03 50.38 -22.36
C ILE U 156 60.55 51.79 -22.61
N THR U 157 61.37 52.60 -23.30
CA THR U 157 61.01 53.97 -23.62
C THR U 157 61.33 54.25 -25.08
N ASN U 158 60.61 55.21 -25.64
CA ASN U 158 60.76 55.61 -27.03
C ASN U 158 61.48 56.95 -27.08
N THR U 159 62.54 57.03 -27.89
CA THR U 159 63.30 58.26 -28.03
C THR U 159 62.61 59.26 -28.97
N ARG U 160 61.62 58.84 -29.74
CA ARG U 160 60.91 59.71 -30.66
C ARG U 160 59.43 59.40 -30.62
N SER U 161 58.63 60.34 -31.10
CA SER U 161 57.18 60.17 -31.12
C SER U 161 56.76 59.17 -32.18
N PHE U 162 55.77 58.35 -31.85
CA PHE U 162 55.23 57.39 -32.79
C PHE U 162 54.43 58.11 -33.88
N GLU U 163 54.49 57.55 -35.09
CA GLU U 163 53.83 58.14 -36.25
C GLU U 163 53.21 57.04 -37.09
N GLY U 164 52.30 57.45 -37.97
CA GLY U 164 51.69 56.55 -38.93
C GLY U 164 50.28 56.11 -38.59
N GLY U 165 49.79 56.40 -37.39
CA GLY U 165 48.47 55.96 -36.99
C GLY U 165 47.36 56.91 -37.37
N THR U 166 46.37 56.41 -38.12
CA THR U 166 45.19 57.20 -38.48
C THR U 166 43.95 56.35 -38.31
N ASP U 167 42.84 57.01 -38.01
CA ASP U 167 41.55 56.35 -37.86
C ASP U 167 41.00 55.93 -39.22
N ILE U 168 39.95 55.09 -39.18
CA ILE U 168 39.30 54.66 -40.40
C ILE U 168 38.59 55.84 -41.06
N GLU U 169 38.46 55.77 -42.39
CA GLU U 169 37.83 56.85 -43.14
C GLU U 169 36.36 56.97 -42.76
N THR U 170 35.97 58.14 -42.29
CA THR U 170 34.58 58.38 -41.93
C THR U 170 33.74 58.53 -43.19
N ASP U 171 32.44 58.23 -43.05
CA ASP U 171 31.53 58.37 -44.18
C ASP U 171 31.43 59.82 -44.64
N GLU U 172 31.65 60.77 -43.74
CA GLU U 172 31.71 62.18 -44.15
C GLU U 172 32.84 62.40 -45.13
N GLU U 173 34.04 61.93 -44.78
CA GLU U 173 35.16 62.06 -45.71
C GLU U 173 34.93 61.25 -46.97
N LEU U 174 34.25 60.10 -46.86
CA LEU U 174 33.94 59.30 -48.04
C LEU U 174 33.06 60.09 -49.00
N LYS U 175 32.00 60.71 -48.49
CA LYS U 175 31.11 61.49 -49.34
C LYS U 175 31.82 62.70 -49.93
N GLU U 176 32.62 63.40 -49.11
CA GLU U 176 33.32 64.57 -49.63
C GLU U 176 34.31 64.18 -50.72
N ARG U 177 35.03 63.06 -50.53
CA ARG U 177 35.95 62.59 -51.56
C ARG U 177 35.21 62.19 -52.82
N PHE U 178 34.08 61.51 -52.68
CA PHE U 178 33.29 61.14 -53.86
C PHE U 178 32.84 62.37 -54.63
N TYR U 179 32.34 63.37 -53.91
CA TYR U 179 31.84 64.57 -54.57
C TYR U 179 32.96 65.39 -55.20
N LYS U 180 34.13 65.46 -54.55
CA LYS U 180 35.22 66.22 -55.14
C LYS U 180 35.84 65.49 -56.33
N ILE U 181 35.83 64.15 -56.30
CA ILE U 181 36.25 63.40 -57.49
C ILE U 181 35.27 63.64 -58.63
N GLN U 182 33.97 63.65 -58.33
CA GLN U 182 32.97 63.88 -59.37
C GLN U 182 33.11 65.28 -59.96
N ARG U 183 33.36 66.28 -59.10
CA ARG U 183 33.46 67.65 -59.58
C ARG U 183 34.66 67.83 -60.52
N ASN U 184 35.80 67.25 -60.15
CA ASN U 184 37.02 67.41 -60.93
C ASN U 184 36.99 66.53 -62.17
N GLN U 185 37.54 67.05 -63.26
CA GLN U 185 37.64 66.33 -64.53
C GLN U 185 39.11 66.02 -64.80
N ALA U 186 39.42 64.73 -64.94
CA ALA U 186 40.77 64.28 -65.21
C ALA U 186 40.74 63.22 -66.30
N THR U 187 41.49 63.44 -67.37
CA THR U 187 41.58 62.49 -68.47
C THR U 187 43.02 62.46 -68.96
N SER U 188 43.39 61.39 -69.65
CA SER U 188 44.76 61.18 -70.08
C SER U 188 45.15 62.22 -71.13
N GLY U 189 45.93 63.21 -70.71
CA GLY U 189 46.47 64.19 -71.62
C GLY U 189 45.55 65.33 -72.02
N ASN U 190 44.38 65.42 -71.42
CA ASN U 190 43.48 66.52 -71.74
C ASN U 190 43.94 67.81 -71.05
N LYS U 191 43.30 68.91 -71.44
CA LYS U 191 43.73 70.24 -70.98
C LYS U 191 43.62 70.37 -69.47
N ALA U 192 42.56 69.83 -68.88
CA ALA U 192 42.40 69.90 -67.43
C ALA U 192 43.52 69.14 -66.72
N HIS U 193 43.96 68.03 -67.30
CA HIS U 193 45.07 67.30 -66.71
C HIS U 193 46.35 68.13 -66.72
N TYR U 194 46.58 68.87 -67.80
CA TYR U 194 47.72 69.79 -67.84
C TYR U 194 47.58 70.88 -66.79
N GLU U 195 46.36 71.39 -66.61
CA GLU U 195 46.13 72.38 -65.56
C GLU U 195 46.50 71.80 -64.19
N GLU U 196 46.09 70.57 -63.93
CA GLU U 196 46.40 69.95 -62.64
C GLU U 196 47.90 69.74 -62.47
N TRP U 197 48.58 69.28 -63.53
CA TRP U 197 50.02 69.06 -63.46
C TRP U 197 50.76 70.37 -63.18
N ALA U 198 50.35 71.45 -63.84
CA ALA U 198 50.98 72.74 -63.56
C ALA U 198 50.63 73.24 -62.16
N LEU U 199 49.43 72.92 -61.67
CA LEU U 199 49.02 73.37 -60.34
C LEU U 199 49.75 72.61 -59.23
N GLU U 200 50.24 71.41 -59.51
CA GLU U 200 50.91 70.64 -58.47
C GLU U 200 52.15 71.35 -57.93
N VAL U 201 52.95 71.93 -58.83
CA VAL U 201 54.27 72.42 -58.44
C VAL U 201 54.15 73.72 -57.66
N ASP U 202 54.96 73.85 -56.62
CA ASP U 202 54.98 75.06 -55.81
C ASP U 202 55.50 76.24 -56.64
N GLY U 203 55.03 77.44 -56.28
CA GLY U 203 55.36 78.63 -57.01
C GLY U 203 54.42 78.97 -58.14
N VAL U 204 53.40 78.15 -58.38
CA VAL U 204 52.40 78.40 -59.40
C VAL U 204 51.05 78.52 -58.72
N TYR U 205 50.34 79.61 -59.00
CA TYR U 205 49.04 79.88 -58.39
C TYR U 205 47.88 79.86 -59.36
N ASN U 206 48.13 80.15 -60.64
CA ASN U 206 47.08 80.12 -61.66
C ASN U 206 47.66 79.57 -62.95
N VAL U 207 46.85 78.80 -63.67
CA VAL U 207 47.31 78.03 -64.83
C VAL U 207 46.42 78.33 -66.02
N LYS U 208 47.04 78.56 -67.18
CA LYS U 208 46.34 78.67 -68.44
C LYS U 208 47.01 77.75 -69.45
N VAL U 209 46.22 76.87 -70.05
CA VAL U 209 46.74 75.85 -70.97
C VAL U 209 46.12 76.08 -72.34
N TYR U 210 46.96 76.13 -73.37
CA TYR U 210 46.54 76.40 -74.74
C TYR U 210 46.91 75.23 -75.65
N PRO U 211 46.01 74.28 -75.88
CA PRO U 211 46.30 73.21 -76.84
C PRO U 211 46.53 73.76 -78.25
N ARG U 212 47.51 73.20 -78.94
CA ARG U 212 47.81 73.52 -80.33
C ARG U 212 48.14 75.01 -80.49
N TRP U 213 49.19 75.44 -79.81
CA TRP U 213 49.65 76.82 -79.96
C TRP U 213 50.67 76.99 -81.08
N ASP U 214 51.39 75.93 -81.44
CA ASP U 214 52.30 75.90 -82.57
C ASP U 214 52.02 74.69 -83.46
N GLY U 215 50.74 74.46 -83.75
CA GLY U 215 50.34 73.36 -84.60
C GLY U 215 50.07 72.09 -83.83
N PRO U 216 49.94 70.99 -84.56
CA PRO U 216 49.67 69.70 -83.89
C PRO U 216 50.85 69.27 -83.01
N GLY U 217 50.52 68.57 -81.93
CA GLY U 217 51.53 68.05 -81.05
C GLY U 217 52.17 69.06 -80.13
N THR U 218 51.61 70.27 -80.02
CA THR U 218 52.15 71.32 -79.18
C THR U 218 51.10 71.73 -78.16
N VAL U 219 51.52 71.87 -76.91
CA VAL U 219 50.65 72.35 -75.84
C VAL U 219 51.36 73.50 -75.13
N LYS U 220 50.65 74.59 -74.90
CA LYS U 220 51.20 75.76 -74.24
C LYS U 220 50.63 75.91 -72.83
N VAL U 221 51.51 76.04 -71.87
CA VAL U 221 51.13 76.18 -70.47
C VAL U 221 51.57 77.56 -69.99
N LEU U 222 50.63 78.34 -69.47
CA LEU U 222 50.91 79.62 -68.86
C LEU U 222 50.66 79.52 -67.36
N ILE U 223 51.69 79.80 -66.57
CA ILE U 223 51.60 79.72 -65.12
C ILE U 223 51.69 81.13 -64.54
N PHE U 224 51.11 81.29 -63.35
CA PHE U 224 51.09 82.58 -62.66
C PHE U 224 51.50 82.37 -61.22
N GLY U 225 52.25 83.32 -60.67
CA GLY U 225 52.64 83.29 -59.28
C GLY U 225 51.56 83.89 -58.40
N LYS U 226 51.98 84.37 -57.24
CA LYS U 226 51.05 85.01 -56.32
C LYS U 226 50.42 86.24 -56.97
N ASN U 227 49.12 86.41 -56.73
CA ASN U 227 48.40 87.63 -57.13
C ASN U 227 48.57 87.94 -58.61
N ASN U 228 48.55 86.90 -59.45
CA ASN U 228 48.62 87.04 -60.89
C ASN U 228 49.86 87.81 -61.34
N GLN U 229 51.00 87.42 -60.79
CA GLN U 229 52.29 88.03 -61.12
C GLN U 229 53.16 87.06 -61.91
N ALA U 230 54.30 87.58 -62.36
CA ALA U 230 55.24 86.77 -63.12
C ALA U 230 55.90 85.73 -62.23
N VAL U 231 56.24 84.59 -62.84
CA VAL U 231 56.93 83.50 -62.16
C VAL U 231 58.42 83.59 -62.47
N ASP U 232 59.23 83.06 -61.56
CA ASP U 232 60.68 83.10 -61.73
C ASP U 232 61.16 81.92 -62.59
N THR U 233 62.44 82.00 -62.99
CA THR U 233 62.99 80.99 -63.89
C THR U 233 63.06 79.62 -63.24
N GLU U 234 63.40 79.56 -61.95
CA GLU U 234 63.47 78.27 -61.28
C GLU U 234 62.08 77.62 -61.19
N THR U 235 61.06 78.42 -60.91
CA THR U 235 59.70 77.88 -60.87
C THR U 235 59.30 77.37 -62.24
N ILE U 236 59.66 78.09 -63.31
CA ILE U 236 59.35 77.64 -64.66
C ILE U 236 60.05 76.32 -64.96
N GLU U 237 61.32 76.21 -64.56
CA GLU U 237 62.07 74.97 -64.82
C GLU U 237 61.47 73.80 -64.05
N ARG U 238 61.10 74.01 -62.78
CA ARG U 238 60.49 72.95 -62.01
C ARG U 238 59.14 72.55 -62.59
N CYS U 239 58.34 73.53 -63.01
CA CYS U 239 57.04 73.23 -63.60
C CYS U 239 57.19 72.44 -64.89
N GLN U 240 58.13 72.83 -65.75
CA GLN U 240 58.28 72.11 -67.01
C GLN U 240 58.84 70.71 -66.78
N GLN U 241 59.76 70.55 -65.83
CA GLN U 241 60.27 69.20 -65.57
C GLN U 241 59.18 68.31 -65.01
N HIS U 242 58.32 68.85 -64.12
CA HIS U 242 57.22 68.06 -63.60
C HIS U 242 56.24 67.69 -64.71
N ILE U 243 55.91 68.66 -65.58
CA ILE U 243 54.99 68.38 -66.68
C ILE U 243 55.58 67.29 -67.58
N ASP U 244 56.84 67.43 -67.97
CA ASP U 244 57.48 66.43 -68.82
C ASP U 244 57.49 65.07 -68.15
N GLU U 245 57.69 65.03 -66.83
CA GLU U 245 57.69 63.77 -66.13
C GLU U 245 56.30 63.14 -66.10
N GLU U 246 55.25 63.97 -66.12
CA GLU U 246 53.89 63.44 -66.11
C GLU U 246 53.17 63.54 -67.43
N LYS U 247 53.74 64.20 -68.43
CA LYS U 247 53.08 64.38 -69.71
C LYS U 247 53.10 63.07 -70.51
N PRO U 248 52.24 62.96 -71.53
CA PRO U 248 52.34 61.82 -72.45
C PRO U 248 53.58 61.92 -73.31
N ILE U 249 53.85 60.84 -74.06
CA ILE U 249 55.04 60.83 -74.92
C ILE U 249 54.71 61.23 -76.35
N GLY U 250 55.23 62.39 -76.75
CA GLY U 250 55.04 62.92 -78.09
C GLY U 250 54.77 64.40 -78.18
N PRO U 251 53.91 64.94 -77.30
CA PRO U 251 53.59 66.37 -77.29
C PRO U 251 54.72 67.23 -76.74
N THR U 252 54.79 68.49 -77.18
CA THR U 252 55.82 69.41 -76.70
C THR U 252 55.15 70.54 -75.94
N ILE U 253 55.63 70.81 -74.73
CA ILE U 253 55.05 71.86 -73.90
C ILE U 253 56.02 72.99 -73.58
N THR U 254 55.56 74.23 -73.73
CA THR U 254 56.37 75.41 -73.47
C THR U 254 55.79 76.24 -72.33
N VAL U 255 56.64 76.63 -71.39
CA VAL U 255 56.21 77.44 -70.25
C VAL U 255 56.75 78.85 -70.42
N VAL U 256 55.89 79.85 -70.23
CA VAL U 256 56.25 81.26 -70.32
C VAL U 256 55.54 82.02 -69.22
N THR U 257 55.85 83.32 -69.11
CA THR U 257 55.18 84.23 -68.20
C THR U 257 54.87 85.53 -68.93
N PRO U 258 53.77 86.20 -68.56
CA PRO U 258 53.44 87.47 -69.22
C PRO U 258 54.09 88.68 -68.56
N LEU U 259 53.77 89.87 -69.08
CA LEU U 259 54.32 91.11 -68.54
C LEU U 259 53.24 91.79 -67.70
N PRO U 260 53.42 91.89 -66.38
CA PRO U 260 52.40 92.56 -65.55
C PRO U 260 52.31 94.04 -65.84
N ILE U 261 51.10 94.58 -65.71
CA ILE U 261 50.84 96.01 -65.84
C ILE U 261 50.49 96.55 -64.46
N GLU U 262 51.20 97.59 -64.04
CA GLU U 262 50.95 98.19 -62.74
C GLU U 262 49.66 98.99 -62.77
N ILE U 263 48.76 98.70 -61.82
CA ILE U 263 47.50 99.44 -61.70
C ILE U 263 47.40 99.94 -60.27
N SER U 264 46.74 101.09 -60.12
CA SER U 264 46.53 101.71 -58.82
C SER U 264 45.04 101.96 -58.63
N ILE U 265 44.52 101.55 -57.48
CA ILE U 265 43.08 101.60 -57.20
C ILE U 265 42.87 102.46 -55.96
N SER U 266 42.02 103.47 -56.09
CA SER U 266 41.68 104.36 -54.98
C SER U 266 40.16 104.52 -54.93
N ALA U 267 39.61 104.50 -53.73
CA ALA U 267 38.17 104.66 -53.55
C ALA U 267 37.88 105.09 -52.12
N VAL U 268 36.82 105.87 -51.97
CA VAL U 268 36.27 106.23 -50.67
C VAL U 268 34.99 105.44 -50.48
N MET U 269 34.94 104.63 -49.42
CA MET U 269 33.94 103.60 -49.28
C MET U 269 33.57 103.41 -47.83
N LYS U 270 32.27 103.32 -47.56
CA LYS U 270 31.75 103.05 -46.22
C LYS U 270 31.61 101.55 -46.03
N LEU U 271 32.15 101.05 -44.93
CA LEU U 271 32.14 99.62 -44.64
C LEU U 271 30.93 99.23 -43.80
N GLU U 272 30.45 98.01 -44.02
CA GLU U 272 29.37 97.47 -43.22
C GLU U 272 29.84 97.20 -41.80
N ASP U 273 28.89 96.89 -40.92
CA ASP U 273 29.20 96.58 -39.54
C ASP U 273 30.03 95.31 -39.44
N GLY U 274 31.07 95.35 -38.60
CA GLY U 274 31.86 94.17 -38.32
C GLY U 274 32.93 93.84 -39.34
N TYR U 275 33.23 94.74 -40.27
CA TYR U 275 34.26 94.51 -41.27
C TYR U 275 35.23 95.67 -41.27
N THR U 276 36.52 95.36 -41.21
CA THR U 276 37.57 96.36 -41.27
C THR U 276 38.13 96.45 -42.69
N LEU U 277 39.09 97.36 -42.87
CA LEU U 277 39.62 97.63 -44.20
C LEU U 277 40.46 96.46 -44.73
N ASP U 278 41.11 95.71 -43.83
CA ASP U 278 42.02 94.66 -44.27
C ASP U 278 41.27 93.51 -44.95
N ASN U 279 40.16 93.06 -44.35
CA ASN U 279 39.43 91.94 -44.91
C ASN U 279 38.82 92.29 -46.26
N VAL U 280 38.21 93.48 -46.37
CA VAL U 280 37.63 93.89 -47.63
C VAL U 280 38.71 94.11 -48.68
N LYS U 281 39.86 94.64 -48.27
CA LYS U 281 40.98 94.81 -49.20
C LYS U 281 41.42 93.47 -49.75
N GLU U 282 41.55 92.46 -48.89
CA GLU U 282 41.95 91.14 -49.36
C GLU U 282 40.91 90.54 -50.30
N SER U 283 39.63 90.65 -49.93
CA SER U 283 38.58 90.08 -50.76
C SER U 283 38.52 90.75 -52.12
N PHE U 284 38.63 92.08 -52.15
CA PHE U 284 38.69 92.79 -53.42
C PHE U 284 39.94 92.43 -54.20
N LEU U 285 41.05 92.15 -53.51
CA LEU U 285 42.26 91.70 -54.20
C LEU U 285 42.01 90.39 -54.94
N GLU U 286 41.41 89.42 -54.25
CA GLU U 286 41.13 88.15 -54.93
C GLU U 286 40.13 88.33 -56.07
N SER U 287 39.11 89.15 -55.85
CA SER U 287 38.10 89.37 -56.89
C SER U 287 38.70 90.03 -58.11
N ILE U 288 39.52 91.06 -57.91
CA ILE U 288 40.14 91.74 -59.05
C ILE U 288 41.18 90.86 -59.70
N ASN U 289 41.82 89.97 -58.94
CA ASN U 289 42.74 89.01 -59.54
C ASN U 289 42.02 88.07 -60.49
N THR U 290 40.88 87.52 -60.04
CA THR U 290 40.13 86.63 -60.93
C THR U 290 39.54 87.40 -62.10
N TYR U 291 39.18 88.67 -61.91
CA TYR U 291 38.70 89.48 -63.02
C TYR U 291 39.81 89.72 -64.04
N PHE U 292 41.01 90.05 -63.56
CA PHE U 292 42.14 90.29 -64.45
C PHE U 292 42.55 89.02 -65.19
N ARG U 293 42.36 87.86 -64.54
CA ARG U 293 42.65 86.61 -65.23
C ARG U 293 41.58 86.28 -66.26
N ASP U 294 40.32 86.60 -65.98
CA ASP U 294 39.23 86.31 -66.90
C ASP U 294 38.91 87.46 -67.84
N ILE U 295 39.65 88.57 -67.77
CA ILE U 295 39.37 89.71 -68.64
C ILE U 295 40.07 89.53 -69.98
N ARG U 296 39.42 90.03 -71.02
CA ARG U 296 39.99 90.14 -72.35
C ARG U 296 39.67 91.54 -72.85
N GLY U 297 40.68 92.23 -73.37
CA GLY U 297 40.46 93.55 -73.93
C GLY U 297 40.99 94.68 -73.07
N GLU U 298 40.08 95.44 -72.45
CA GLU U 298 40.45 96.60 -71.67
C GLU U 298 39.78 96.54 -70.30
N ILE U 299 40.46 97.07 -69.29
CA ILE U 299 39.89 97.08 -67.94
C ILE U 299 38.73 98.07 -67.93
N ILE U 300 37.52 97.54 -67.73
CA ILE U 300 36.30 98.35 -67.78
C ILE U 300 36.02 98.88 -66.39
N TYR U 301 35.98 100.21 -66.27
CA TYR U 301 35.82 100.86 -64.97
C TYR U 301 34.55 100.43 -64.27
N THR U 302 33.46 100.27 -65.02
CA THR U 302 32.19 99.87 -64.42
C THR U 302 32.26 98.44 -63.90
N LYS U 303 32.94 97.54 -64.62
CA LYS U 303 33.11 96.20 -64.08
C LYS U 303 33.94 96.22 -62.81
N VAL U 304 34.91 97.12 -62.72
CA VAL U 304 35.70 97.23 -61.49
C VAL U 304 34.84 97.72 -60.33
N MET U 305 34.00 98.72 -60.58
CA MET U 305 33.12 99.17 -59.50
C MET U 305 32.12 98.10 -59.11
N GLY U 306 31.67 97.29 -60.07
CA GLY U 306 30.80 96.18 -59.74
C GLY U 306 31.49 95.12 -58.90
N ILE U 307 32.74 94.79 -59.23
CA ILE U 307 33.46 93.81 -58.45
C ILE U 307 33.88 94.36 -57.10
N LEU U 308 33.93 95.68 -56.95
CA LEU U 308 34.23 96.27 -55.64
C LEU U 308 32.99 96.34 -54.76
N ILE U 309 31.84 96.73 -55.34
CA ILE U 309 30.63 96.90 -54.54
C ILE U 309 30.14 95.56 -54.01
N ASN U 310 30.29 94.48 -54.79
CA ASN U 310 29.81 93.17 -54.36
C ASN U 310 30.68 92.53 -53.31
N THR U 311 31.83 93.11 -53.01
CA THR U 311 32.68 92.60 -51.93
C THR U 311 31.90 92.63 -50.62
N THR U 312 32.00 91.55 -49.85
CA THR U 312 31.29 91.48 -48.59
C THR U 312 31.82 92.53 -47.62
N GLY U 313 30.90 93.18 -46.91
CA GLY U 313 31.24 94.27 -46.04
C GLY U 313 31.18 95.64 -46.67
N VAL U 314 30.74 95.73 -47.93
CA VAL U 314 30.62 97.00 -48.64
C VAL U 314 29.18 97.46 -48.60
N HIS U 315 28.97 98.73 -48.24
CA HIS U 315 27.64 99.35 -48.29
C HIS U 315 27.55 100.46 -49.32
N ASP U 316 28.55 101.34 -49.39
CA ASP U 316 28.55 102.39 -50.39
C ASP U 316 29.98 102.84 -50.63
N LEU U 317 30.24 103.32 -51.85
CA LEU U 317 31.57 103.77 -52.25
C LEU U 317 31.42 105.02 -53.11
N SER U 318 32.50 105.80 -53.19
CA SER U 318 32.49 107.03 -53.97
C SER U 318 33.89 107.30 -54.51
N ASN U 319 33.93 108.16 -55.53
CA ASN U 319 35.16 108.59 -56.23
C ASN U 319 36.14 107.44 -56.42
N LEU U 320 35.65 106.38 -57.08
CA LEU U 320 36.53 105.29 -57.47
C LEU U 320 37.42 105.73 -58.62
N LEU U 321 38.70 105.36 -58.56
CA LEU U 321 39.66 105.72 -59.59
C LEU U 321 40.59 104.54 -59.87
N ILE U 322 40.86 104.31 -61.14
CA ILE U 322 41.91 103.37 -61.56
C ILE U 322 42.98 104.19 -62.28
N ASN U 323 44.20 104.12 -61.75
CA ASN U 323 45.31 104.98 -62.20
C ASN U 323 44.93 106.45 -62.16
N GLY U 324 44.10 106.83 -61.17
CA GLY U 324 43.68 108.20 -61.00
C GLY U 324 42.58 108.67 -61.93
N SER U 325 42.03 107.79 -62.75
CA SER U 325 41.01 108.15 -63.72
C SER U 325 39.91 107.11 -63.73
N THR U 326 38.80 107.44 -64.39
CA THR U 326 37.68 106.54 -64.54
C THR U 326 37.57 105.98 -65.95
N ASP U 327 38.59 106.15 -66.77
CA ASP U 327 38.54 105.77 -68.18
C ASP U 327 39.10 104.37 -68.39
N ASN U 328 38.54 103.67 -69.37
CA ASN U 328 39.00 102.33 -69.71
C ASN U 328 40.44 102.38 -70.23
N ILE U 329 41.25 101.42 -69.78
CA ILE U 329 42.67 101.37 -70.12
C ILE U 329 42.90 100.10 -70.94
N THR U 330 43.53 100.26 -72.11
CA THR U 330 43.75 99.14 -73.00
C THR U 330 44.82 98.21 -72.46
N ILE U 331 44.56 96.90 -72.54
CA ILE U 331 45.53 95.88 -72.18
C ILE U 331 46.11 95.37 -73.49
N ASN U 332 47.33 95.83 -73.82
CA ASN U 332 47.96 95.48 -75.09
C ASN U 332 48.42 94.03 -75.06
N GLU U 333 48.95 93.58 -76.20
CA GLU U 333 49.40 92.20 -76.33
C GLU U 333 50.59 91.93 -75.40
N ASP U 334 50.76 90.65 -75.06
CA ASP U 334 51.78 90.17 -74.12
C ASP U 334 51.81 91.02 -72.85
N LYS U 335 50.65 91.56 -72.46
CA LYS U 335 50.52 92.38 -71.27
C LYS U 335 49.35 91.88 -70.43
N ILE U 336 49.52 91.90 -69.12
CA ILE U 336 48.45 91.52 -68.19
C ILE U 336 48.31 92.58 -67.12
N PRO U 337 47.10 92.94 -66.71
CA PRO U 337 46.94 93.87 -65.59
C PRO U 337 47.38 93.25 -64.28
N SER U 338 47.86 94.10 -63.37
CA SER U 338 48.37 93.64 -62.10
C SER U 338 48.18 94.74 -61.06
N VAL U 339 47.69 94.36 -59.88
CA VAL U 339 47.48 95.31 -58.80
C VAL U 339 48.83 95.62 -58.15
N THR U 340 49.17 96.89 -58.07
CA THR U 340 50.38 97.35 -57.40
C THR U 340 50.10 98.10 -56.11
N THR U 341 49.04 98.91 -56.08
CA THR U 341 48.69 99.74 -54.94
C THR U 341 47.19 99.73 -54.74
N VAL U 342 46.77 99.61 -53.48
CA VAL U 342 45.36 99.70 -53.11
C VAL U 342 45.22 100.78 -52.05
N ASN U 343 44.42 101.81 -52.35
CA ASN U 343 44.19 102.92 -51.45
C ASN U 343 42.70 103.01 -51.15
N PHE U 344 42.33 102.67 -49.92
CA PHE U 344 40.93 102.69 -49.49
C PHE U 344 40.78 103.51 -48.22
N SER U 345 39.75 104.34 -48.18
CA SER U 345 39.47 105.19 -47.03
C SER U 345 37.97 105.20 -46.76
N GLU U 346 37.61 105.36 -45.49
CA GLU U 346 36.21 105.42 -45.09
C GLU U 346 35.76 106.87 -44.92
N MET V 1 -15.06 44.51 -59.35
CA MET V 1 -15.01 43.36 -60.23
C MET V 1 -13.88 42.41 -59.83
N LYS V 2 -13.03 42.85 -58.91
CA LYS V 2 -11.95 42.03 -58.39
C LYS V 2 -11.98 41.89 -56.88
N LEU V 3 -12.29 42.96 -56.14
CA LEU V 3 -12.30 42.87 -54.68
C LEU V 3 -13.55 42.15 -54.18
N ILE V 4 -14.65 42.20 -54.93
CA ILE V 4 -15.88 41.52 -54.50
C ILE V 4 -15.75 40.01 -54.52
N ASP V 5 -14.73 39.47 -55.19
CA ASP V 5 -14.57 38.02 -55.26
C ASP V 5 -14.06 37.42 -53.97
N LYS V 6 -13.56 38.23 -53.04
CA LYS V 6 -13.07 37.74 -51.76
C LYS V 6 -14.14 37.69 -50.68
N LEU V 7 -15.39 37.99 -51.02
CA LEU V 7 -16.42 38.05 -50.01
C LEU V 7 -17.48 36.98 -50.27
N PRO V 8 -18.16 36.51 -49.21
CA PRO V 8 -19.20 35.50 -49.40
C PRO V 8 -20.32 36.01 -50.30
N SER V 9 -21.14 35.07 -50.77
CA SER V 9 -22.06 35.33 -51.88
C SER V 9 -23.23 36.23 -51.49
N PHE V 10 -23.53 36.39 -50.20
CA PHE V 10 -24.61 37.29 -49.83
C PHE V 10 -24.23 38.76 -49.96
N ASP V 11 -22.96 39.06 -50.20
CA ASP V 11 -22.48 40.43 -50.36
C ASP V 11 -22.52 40.90 -51.81
N ARG V 12 -23.40 40.33 -52.63
CA ARG V 12 -23.53 40.68 -54.03
C ARG V 12 -24.52 41.81 -54.28
N ASN V 13 -24.85 42.59 -53.26
CA ASN V 13 -25.76 43.71 -53.44
C ASN V 13 -25.01 44.92 -54.00
N TYR V 14 -25.78 45.93 -54.42
CA TYR V 14 -25.21 47.07 -55.13
C TYR V 14 -24.34 47.94 -54.22
N ILE V 15 -24.69 48.06 -52.94
CA ILE V 15 -23.94 48.91 -52.03
C ILE V 15 -22.52 48.40 -51.88
N VAL V 16 -22.38 47.11 -51.57
CA VAL V 16 -21.05 46.51 -51.40
C VAL V 16 -20.29 46.56 -52.72
N GLU V 17 -20.99 46.37 -53.83
CA GLU V 17 -20.33 46.37 -55.13
C GLU V 17 -19.72 47.73 -55.43
N GLU V 18 -20.45 48.81 -55.15
CA GLU V 18 -19.89 50.15 -55.35
C GLU V 18 -18.71 50.40 -54.40
N ILE V 19 -18.88 50.03 -53.13
CA ILE V 19 -17.83 50.27 -52.14
C ILE V 19 -16.54 49.56 -52.55
N GLN V 20 -16.65 48.35 -53.09
CA GLN V 20 -15.46 47.61 -53.49
C GLN V 20 -14.89 48.09 -54.83
N GLY V 21 -15.74 48.53 -55.76
CA GLY V 21 -15.22 49.06 -57.02
C GLY V 21 -14.40 50.32 -56.83
N ALA V 22 -14.79 51.15 -55.86
CA ALA V 22 -13.97 52.32 -55.56
C ALA V 22 -12.54 51.92 -55.22
N TYR V 23 -12.39 50.97 -54.30
CA TYR V 23 -11.05 50.53 -53.91
C TYR V 23 -10.35 49.79 -55.04
N ASP V 24 -11.10 49.15 -55.94
CA ASP V 24 -10.49 48.57 -57.14
C ASP V 24 -9.74 49.63 -57.93
N THR V 25 -10.44 50.73 -58.26
CA THR V 25 -9.78 51.80 -59.03
C THR V 25 -8.62 52.39 -58.25
N GLU V 26 -8.79 52.59 -56.95
CA GLU V 26 -7.73 53.17 -56.15
C GLU V 26 -6.47 52.29 -56.18
N LEU V 27 -6.64 50.98 -56.02
CA LEU V 27 -5.48 50.09 -56.02
C LEU V 27 -4.82 50.02 -57.39
N ASN V 28 -5.61 50.10 -58.47
CA ASN V 28 -5.00 50.19 -59.79
C ASN V 28 -4.13 51.42 -59.90
N ILE V 29 -4.60 52.56 -59.38
CA ILE V 29 -3.80 53.78 -59.38
C ILE V 29 -2.49 53.55 -58.62
N LEU V 30 -2.59 52.93 -57.44
CA LEU V 30 -1.39 52.71 -56.62
C LEU V 30 -0.37 51.86 -57.35
N LYS V 31 -0.80 50.76 -57.96
CA LYS V 31 0.15 49.89 -58.61
C LYS V 31 0.75 50.53 -59.86
N GLU V 32 -0.03 51.33 -60.60
CA GLU V 32 0.57 52.03 -61.73
C GLU V 32 1.61 53.06 -61.27
N ASP V 33 1.36 53.71 -60.14
CA ASP V 33 2.36 54.65 -59.62
C ASP V 33 3.63 53.92 -59.18
N ILE V 34 3.48 52.75 -58.57
CA ILE V 34 4.66 51.97 -58.19
C ILE V 34 5.44 51.57 -59.44
N ASP V 35 4.74 51.16 -60.49
CA ASP V 35 5.41 50.81 -61.74
C ASP V 35 6.17 52.00 -62.31
N ASP V 36 5.56 53.18 -62.29
CA ASP V 36 6.24 54.37 -62.80
C ASP V 36 7.48 54.70 -61.98
N THR V 37 7.38 54.63 -60.65
CA THR V 37 8.54 54.93 -59.82
C THR V 37 9.67 53.93 -60.06
N PHE V 38 9.32 52.66 -60.25
CA PHE V 38 10.35 51.68 -60.61
C PHE V 38 10.98 52.01 -61.96
N ASN V 39 10.16 52.39 -62.94
CA ASN V 39 10.69 52.69 -64.26
C ASN V 39 11.61 53.91 -64.24
N GLN V 40 11.41 54.80 -63.28
CA GLN V 40 12.28 55.97 -63.17
C GLN V 40 13.71 55.63 -62.78
N LEU V 41 13.98 54.40 -62.33
CA LEU V 41 15.31 54.06 -61.82
C LEU V 41 16.32 53.72 -62.90
N PHE V 42 15.90 53.55 -64.14
CA PHE V 42 16.82 53.32 -65.25
C PHE V 42 17.07 54.62 -66.00
N VAL V 43 18.29 54.79 -66.51
CA VAL V 43 18.66 56.01 -67.21
C VAL V 43 17.80 56.20 -68.45
N ASP V 44 17.62 55.14 -69.22
CA ASP V 44 16.88 55.24 -70.48
C ASP V 44 15.41 55.59 -70.23
N THR V 45 14.78 54.93 -69.27
CA THR V 45 13.35 55.13 -69.04
C THR V 45 13.03 56.32 -68.17
N ALA V 46 14.04 56.99 -67.60
CA ALA V 46 13.77 58.08 -66.68
C ALA V 46 13.26 59.30 -67.43
N THR V 47 12.15 59.86 -66.94
CA THR V 47 11.61 61.09 -67.50
C THR V 47 11.63 62.23 -66.48
N TRP V 48 10.97 62.08 -65.33
CA TRP V 48 10.95 63.11 -64.32
C TRP V 48 11.93 62.86 -63.18
N GLY V 49 12.68 61.77 -63.23
CA GLY V 49 13.70 61.48 -62.26
C GLY V 49 15.12 61.80 -62.70
N LEU V 50 15.29 62.43 -63.86
CA LEU V 50 16.63 62.73 -64.36
C LEU V 50 17.37 63.70 -63.46
N ASP V 51 16.64 64.61 -62.79
CA ASP V 51 17.30 65.58 -61.93
C ASP V 51 18.07 64.90 -60.81
N MET V 52 17.61 63.73 -60.38
CA MET V 52 18.37 62.97 -59.38
C MET V 52 19.70 62.52 -59.95
N TRP V 53 19.70 62.09 -61.22
CA TRP V 53 20.95 61.76 -61.90
C TRP V 53 21.87 62.96 -61.96
N GLU V 54 21.32 64.14 -62.29
CA GLU V 54 22.14 65.34 -62.34
C GLU V 54 22.74 65.66 -60.97
N ASP V 55 21.93 65.53 -59.92
CA ASP V 55 22.44 65.78 -58.57
C ASP V 55 23.55 64.81 -58.21
N ILE V 56 23.44 63.55 -58.65
CA ILE V 56 24.52 62.60 -58.43
C ILE V 56 25.78 63.02 -59.19
N LEU V 57 25.62 63.44 -60.45
CA LEU V 57 26.76 63.73 -61.30
C LEU V 57 27.20 65.19 -61.26
N CYS V 58 26.52 66.03 -60.48
CA CYS V 58 26.94 67.41 -60.25
C CYS V 58 27.03 68.20 -61.55
N ILE V 59 26.09 67.99 -62.46
CA ILE V 59 26.01 68.72 -63.71
C ILE V 59 24.80 69.63 -63.68
N GLU V 60 24.99 70.87 -64.11
CA GLU V 60 23.93 71.89 -64.10
C GLU V 60 23.61 72.30 -65.52
N LYS V 61 22.34 72.19 -65.90
CA LYS V 61 21.95 72.36 -67.29
C LYS V 61 20.57 73.01 -67.35
N LYS V 62 20.29 73.61 -68.50
CA LYS V 62 19.00 74.20 -68.80
C LYS V 62 18.16 73.18 -69.57
N GLU V 63 16.91 73.01 -69.15
CA GLU V 63 16.06 71.95 -69.70
C GLU V 63 15.83 72.17 -71.19
N LEU V 64 16.25 71.20 -72.00
CA LEU V 64 16.00 71.22 -73.44
C LEU V 64 15.19 70.02 -73.90
N ASP V 65 15.61 68.80 -73.57
CA ASP V 65 14.92 67.60 -74.03
C ASP V 65 15.32 66.43 -73.15
N PHE V 66 14.55 65.35 -73.26
CA PHE V 66 14.86 64.13 -72.53
C PHE V 66 16.09 63.44 -73.10
N ASP V 67 16.14 63.31 -74.43
CA ASP V 67 17.23 62.57 -75.07
C ASP V 67 18.57 63.26 -74.81
N THR V 68 18.60 64.58 -74.88
CA THR V 68 19.85 65.32 -74.64
C THR V 68 20.31 65.12 -73.19
N ARG V 69 19.38 65.18 -72.24
CA ARG V 69 19.75 64.95 -70.84
C ARG V 69 20.32 63.55 -70.65
N ARG V 70 19.65 62.56 -71.22
CA ARG V 70 20.11 61.18 -71.08
C ARG V 70 21.48 61.00 -71.72
N SER V 71 21.70 61.61 -72.89
CA SER V 71 22.99 61.52 -73.56
C SER V 71 24.10 62.16 -72.72
N ASN V 72 23.83 63.34 -72.16
CA ASN V 72 24.83 64.00 -71.33
C ASN V 72 25.19 63.15 -70.12
N ILE V 73 24.16 62.59 -69.45
CA ILE V 73 24.41 61.73 -68.31
C ILE V 73 25.25 60.53 -68.72
N LYS V 74 24.84 59.85 -69.79
CA LYS V 74 25.52 58.63 -70.22
C LYS V 74 26.97 58.93 -70.59
N ALA V 75 27.21 59.99 -71.35
CA ALA V 75 28.58 60.34 -71.73
C ALA V 75 29.41 60.72 -70.52
N LYS V 76 28.79 61.35 -69.51
CA LYS V 76 29.52 61.62 -68.28
C LYS V 76 29.96 60.32 -67.61
N MET V 77 29.09 59.31 -67.56
CA MET V 77 29.50 58.04 -66.98
C MET V 77 30.60 57.37 -67.81
N ARG V 78 30.48 57.41 -69.14
CA ARG V 78 31.43 56.68 -69.97
C ARG V 78 32.79 57.37 -70.03
N SER V 79 32.84 58.69 -69.89
CA SER V 79 34.11 59.40 -70.03
C SER V 79 35.02 59.18 -68.82
N ARG V 80 34.44 58.91 -67.66
CA ARG V 80 35.23 58.75 -66.45
C ARG V 80 36.14 57.53 -66.54
N GLY V 81 37.33 57.65 -65.95
CA GLY V 81 38.25 56.54 -65.86
C GLY V 81 39.23 56.47 -67.01
N THR V 82 39.48 55.26 -67.50
CA THR V 82 40.45 55.07 -68.58
C THR V 82 39.94 55.66 -69.88
N SER V 83 40.86 56.28 -70.63
CA SER V 83 40.55 56.85 -71.94
C SER V 83 41.33 56.08 -72.99
N THR V 84 40.60 55.44 -73.91
CA THR V 84 41.19 54.67 -74.99
C THR V 84 40.41 54.97 -76.26
N ILE V 85 40.65 54.15 -77.29
CA ILE V 85 39.90 54.28 -78.54
C ILE V 85 38.42 53.98 -78.29
N GLU V 86 38.16 52.87 -77.59
CA GLU V 86 36.79 52.41 -77.42
C GLU V 86 35.98 53.36 -76.55
N VAL V 87 36.60 54.03 -75.59
CA VAL V 87 35.86 55.00 -74.78
C VAL V 87 35.36 56.15 -75.64
N ILE V 88 36.22 56.67 -76.50
CA ILE V 88 35.83 57.76 -77.39
C ILE V 88 34.75 57.29 -78.36
N LYS V 89 34.90 56.08 -78.90
CA LYS V 89 33.86 55.53 -79.78
C LYS V 89 32.54 55.40 -79.03
N SER V 90 32.59 54.98 -77.78
CA SER V 90 31.37 54.84 -76.98
C SER V 90 30.69 56.18 -76.76
N ILE V 91 31.47 57.21 -76.47
CA ILE V 91 30.89 58.54 -76.31
C ILE V 91 30.26 59.01 -77.62
N CYS V 92 30.98 58.82 -78.73
CA CYS V 92 30.49 59.28 -80.02
C CYS V 92 29.22 58.56 -80.42
N GLU V 93 29.11 57.27 -80.12
CA GLU V 93 27.88 56.55 -80.44
C GLU V 93 26.76 56.87 -79.46
N ALA V 94 27.08 57.16 -78.20
CA ALA V 94 26.08 57.59 -77.25
C ALA V 94 25.46 58.92 -77.68
N TYR V 95 26.23 59.75 -78.37
CA TYR V 95 25.68 61.00 -78.88
C TYR V 95 25.01 60.84 -80.24
N THR V 96 25.62 60.08 -81.15
CA THR V 96 25.16 59.97 -82.53
C THR V 96 24.27 58.75 -82.77
N LYS V 97 24.06 57.91 -81.76
CA LYS V 97 23.12 56.80 -81.80
C LYS V 97 23.35 55.90 -83.02
N SER V 98 24.62 55.63 -83.31
CA SER V 98 24.98 54.84 -84.50
C SER V 98 26.38 54.30 -84.33
N GLU V 99 26.73 53.37 -85.22
CA GLU V 99 28.08 52.82 -85.24
C GLU V 99 29.09 53.90 -85.62
N THR V 100 30.27 53.85 -85.01
CA THR V 100 31.31 54.83 -85.22
C THR V 100 32.62 54.14 -85.50
N ASP V 101 33.32 54.59 -86.53
CA ASP V 101 34.66 54.10 -86.87
C ASP V 101 35.65 55.26 -86.80
N ILE V 102 36.80 55.01 -86.19
CA ILE V 102 37.82 56.04 -86.00
C ILE V 102 39.06 55.67 -86.81
N LYS V 103 39.66 56.67 -87.44
CA LYS V 103 40.93 56.53 -88.14
C LYS V 103 41.91 57.55 -87.56
N VAL V 104 43.15 57.12 -87.35
CA VAL V 104 44.14 57.91 -86.62
C VAL V 104 45.29 58.26 -87.56
N TYR V 105 45.78 59.48 -87.44
CA TYR V 105 46.97 59.96 -88.16
C TYR V 105 48.05 60.27 -87.13
N SER V 106 48.97 59.32 -86.92
CA SER V 106 50.03 59.53 -85.95
C SER V 106 50.96 60.67 -86.38
N ASP V 107 51.32 60.70 -87.66
CA ASP V 107 52.29 61.70 -88.12
C ASP V 107 51.76 63.12 -88.00
N GLU V 108 50.49 63.33 -88.37
CA GLU V 108 49.90 64.65 -88.32
C GLU V 108 49.26 64.97 -86.98
N PHE V 109 49.27 64.02 -86.05
CA PHE V 109 48.64 64.18 -84.73
C PHE V 109 47.15 64.52 -84.89
N THR V 110 46.45 63.66 -85.63
CA THR V 110 45.05 63.90 -85.97
C THR V 110 44.31 62.57 -85.97
N PHE V 111 43.05 62.61 -85.55
CA PHE V 111 42.14 61.48 -85.67
C PHE V 111 40.79 61.99 -86.17
N VAL V 112 40.07 61.12 -86.87
CA VAL V 112 38.76 61.45 -87.42
C VAL V 112 37.76 60.39 -86.97
N LEU V 113 36.59 60.84 -86.55
CA LEU V 113 35.48 59.95 -86.21
C LEU V 113 34.47 59.99 -87.36
N SER V 114 34.15 58.81 -87.90
CA SER V 114 33.16 58.70 -88.95
C SER V 114 31.94 57.97 -88.41
N PHE V 115 30.76 58.45 -88.81
CA PHE V 115 29.50 57.88 -88.35
C PHE V 115 28.41 58.31 -89.33
N ILE V 116 27.28 57.61 -89.26
CA ILE V 116 26.15 57.89 -90.14
C ILE V 116 25.26 58.91 -89.45
N ALA V 117 25.07 60.06 -90.09
CA ALA V 117 24.31 61.16 -89.53
C ALA V 117 23.02 61.41 -90.31
N ASN V 118 22.37 60.32 -90.74
CA ASN V 118 21.08 60.44 -91.41
C ASN V 118 19.96 60.85 -90.47
N ASN V 119 20.19 60.78 -89.16
CA ASN V 119 19.20 61.17 -88.16
C ASN V 119 19.83 61.96 -87.03
N CYS V 120 20.87 62.73 -87.34
CA CYS V 120 21.62 63.48 -86.33
C CYS V 120 21.52 64.97 -86.64
N ASP V 121 21.30 65.76 -85.59
CA ASP V 121 21.13 67.19 -85.72
C ASP V 121 22.46 67.92 -85.54
N TYR V 122 22.48 69.19 -85.94
CA TYR V 122 23.70 69.99 -85.81
C TYR V 122 24.00 70.32 -84.36
N LYS V 123 22.97 70.63 -83.57
CA LYS V 123 23.20 71.01 -82.17
C LYS V 123 23.76 69.85 -81.36
N THR V 124 23.19 68.65 -81.54
CA THR V 124 23.72 67.49 -80.83
C THR V 124 25.13 67.15 -81.29
N LEU V 125 25.44 67.35 -82.57
CA LEU V 125 26.80 67.15 -83.05
C LEU V 125 27.76 68.14 -82.39
N LEU V 126 27.35 69.40 -82.26
CA LEU V 126 28.20 70.39 -81.61
C LEU V 126 28.43 70.02 -80.15
N ASP V 127 27.38 69.57 -79.46
CA ASP V 127 27.54 69.15 -78.07
C ASP V 127 28.49 67.96 -77.95
N CYS V 128 28.37 67.00 -78.87
CA CYS V 128 29.28 65.85 -78.87
C CYS V 128 30.71 66.29 -79.10
N SER V 129 30.92 67.23 -80.03
CA SER V 129 32.27 67.72 -80.29
C SER V 129 32.84 68.42 -79.07
N ASP V 130 32.03 69.22 -78.37
CA ASP V 130 32.50 69.89 -77.17
C ASP V 130 32.87 68.88 -76.09
N MET V 131 32.04 67.83 -75.93
CA MET V 131 32.35 66.76 -74.98
C MET V 131 33.69 66.12 -75.32
N ILE V 132 33.90 65.80 -76.61
CA ILE V 132 35.15 65.17 -77.04
C ILE V 132 36.33 66.09 -76.77
N GLU V 133 36.19 67.38 -77.10
CA GLU V 133 37.26 68.34 -76.87
C GLU V 133 37.62 68.40 -75.39
N ARG V 134 36.61 68.35 -74.51
CA ARG V 134 36.92 68.29 -73.09
C ARG V 134 37.64 66.99 -72.73
N VAL V 135 37.32 65.89 -73.41
CA VAL V 135 37.86 64.58 -73.04
C VAL V 135 39.17 64.29 -73.79
N LYS V 136 39.26 64.71 -75.05
CA LYS V 136 40.39 64.34 -75.89
C LYS V 136 41.70 64.86 -75.32
N PRO V 137 42.79 64.12 -75.50
CA PRO V 137 44.11 64.65 -75.09
C PRO V 137 44.44 65.94 -75.84
N ALA V 138 45.10 66.86 -75.12
CA ALA V 138 45.24 68.22 -75.61
C ALA V 138 46.02 68.31 -76.92
N HIS V 139 47.00 67.44 -77.12
CA HIS V 139 47.89 67.56 -78.26
C HIS V 139 47.27 67.08 -79.58
N LEU V 140 46.13 66.41 -79.53
CA LEU V 140 45.56 65.77 -80.71
C LEU V 140 44.52 66.66 -81.38
N LEU V 141 44.46 66.56 -82.70
CA LEU V 141 43.41 67.18 -83.48
C LEU V 141 42.22 66.23 -83.60
N HIS V 142 41.02 66.80 -83.64
CA HIS V 142 39.81 66.02 -83.79
C HIS V 142 38.97 66.61 -84.92
N TYR V 143 38.59 65.77 -85.87
CA TYR V 143 37.72 66.16 -86.97
C TYR V 143 36.56 65.18 -87.04
N LEU V 144 35.38 65.68 -87.34
CA LEU V 144 34.19 64.86 -87.47
C LEU V 144 33.90 64.56 -88.94
N GLU V 145 33.36 63.38 -89.20
CA GLU V 145 33.02 62.93 -90.55
C GLU V 145 31.59 62.39 -90.55
N PRO V 146 30.59 63.26 -90.65
CA PRO V 146 29.19 62.79 -90.75
C PRO V 146 28.92 62.28 -92.15
N ILE V 147 28.49 61.02 -92.24
CA ILE V 147 28.18 60.39 -93.51
C ILE V 147 26.67 60.44 -93.73
N ILE V 148 26.25 61.07 -94.82
CA ILE V 148 24.84 61.22 -95.12
C ILE V 148 24.41 60.19 -96.15
N ALA W 2 35.31 7.68 0.74
CA ALA W 2 35.07 8.98 1.36
C ALA W 2 33.76 8.99 2.14
N ASN W 3 33.87 9.15 3.44
CA ASN W 3 32.70 9.30 4.31
C ASN W 3 32.08 10.67 4.11
N PRO W 4 30.77 10.75 3.80
CA PRO W 4 30.18 12.06 3.50
C PRO W 4 30.24 13.07 4.64
N ILE W 5 30.20 12.61 5.90
CA ILE W 5 30.23 13.55 7.02
C ILE W 5 31.57 14.29 7.06
N ASN W 6 32.68 13.56 6.90
CA ASN W 6 33.99 14.20 6.90
C ASN W 6 34.13 15.17 5.73
N GLU W 7 33.58 14.82 4.57
CA GLU W 7 33.62 15.72 3.42
C GLU W 7 32.82 16.98 3.70
N PHE W 8 31.66 16.85 4.34
CA PHE W 8 30.87 18.02 4.71
C PHE W 8 31.63 18.93 5.68
N ILE W 9 32.30 18.34 6.67
CA ILE W 9 33.05 19.14 7.62
C ILE W 9 34.20 19.86 6.93
N GLY W 10 34.89 19.17 6.02
CA GLY W 10 35.95 19.83 5.26
C GLY W 10 35.43 20.95 4.38
N ILE W 11 34.24 20.76 3.79
CA ILE W 11 33.64 21.81 2.97
C ILE W 11 33.31 23.03 3.82
N ILE W 12 32.78 22.81 5.03
CA ILE W 12 32.50 23.94 5.92
C ILE W 12 33.79 24.67 6.26
N ARG W 13 34.84 23.93 6.61
CA ARG W 13 36.10 24.56 6.97
C ARG W 13 36.67 25.38 5.82
N GLU W 14 36.53 24.88 4.59
CA GLU W 14 37.07 25.61 3.44
C GLU W 14 36.23 26.84 3.09
N GLU W 15 34.91 26.69 3.06
CA GLU W 15 34.06 27.82 2.69
C GLU W 15 33.99 28.88 3.77
N GLY W 16 34.39 28.56 5.00
CA GLY W 16 34.42 29.59 6.03
C GLY W 16 35.51 30.62 5.84
N LYS W 17 36.45 30.37 4.93
CA LYS W 17 37.62 31.21 4.77
C LYS W 17 37.53 32.12 3.55
N TYR W 18 36.35 32.23 2.94
CA TYR W 18 36.22 32.91 1.66
C TYR W 18 36.44 34.41 1.80
N HIS W 19 35.92 35.01 2.86
CA HIS W 19 35.91 36.46 3.00
C HIS W 19 37.16 36.99 3.70
N ASN W 20 38.01 36.12 4.24
CA ASN W 20 39.15 36.56 5.01
C ASN W 20 40.20 37.23 4.14
N GLN W 21 40.90 38.20 4.72
CA GLN W 21 41.94 38.97 4.07
C GLN W 21 43.21 38.89 4.90
N PRO W 22 44.37 38.96 4.27
CA PRO W 22 45.63 38.85 5.03
C PRO W 22 45.82 40.02 5.97
N SER W 23 46.52 39.75 7.08
CA SER W 23 46.71 40.78 8.10
C SER W 23 47.64 41.88 7.61
N PHE W 24 48.77 41.50 7.01
CA PHE W 24 49.78 42.46 6.59
C PHE W 24 50.29 42.08 5.21
N PHE W 25 51.09 42.97 4.64
CA PHE W 25 51.70 42.76 3.34
C PHE W 25 53.20 43.04 3.44
N ILE W 26 53.97 42.40 2.57
CA ILE W 26 55.42 42.58 2.49
C ILE W 26 55.75 43.23 1.14
N GLY W 27 56.53 44.30 1.15
CA GLY W 27 56.86 44.98 -0.09
C GLY W 27 58.31 45.33 -0.30
N LYS W 28 58.70 45.49 -1.56
CA LYS W 28 60.07 45.84 -1.92
C LYS W 28 60.14 47.18 -2.64
N ILE W 29 61.02 48.06 -2.16
CA ILE W 29 61.22 49.39 -2.72
C ILE W 29 61.96 49.40 -4.07
N LYS W 30 61.61 50.32 -4.96
CA LYS W 30 62.28 50.43 -6.24
C LYS W 30 62.97 51.78 -6.40
N SER W 31 62.47 52.81 -5.74
CA SER W 31 63.06 54.14 -5.78
C SER W 31 63.30 54.65 -4.37
N LYS W 32 64.25 55.57 -4.25
CA LYS W 32 64.67 56.06 -2.94
C LYS W 32 63.54 56.82 -2.26
N LEU W 33 63.79 57.20 -1.01
CA LEU W 33 62.71 57.72 -0.16
C LEU W 33 62.06 58.99 -0.69
N PRO W 34 62.77 60.01 -1.17
CA PRO W 34 62.07 61.23 -1.62
C PRO W 34 60.98 60.97 -2.65
N ASP W 35 61.20 60.06 -3.59
CA ASP W 35 60.16 59.60 -4.52
C ASP W 35 60.02 58.10 -4.32
N LEU W 36 59.20 57.71 -3.36
CA LEU W 36 59.14 56.31 -2.93
C LEU W 36 58.22 55.51 -3.84
N LYS W 37 58.69 54.32 -4.23
CA LYS W 37 57.91 53.39 -5.02
C LYS W 37 58.03 52.01 -4.40
N ILE W 38 56.89 51.35 -4.20
CA ILE W 38 56.85 50.05 -3.54
C ILE W 38 56.12 49.04 -4.39
N GLU W 39 56.68 47.84 -4.51
CA GLU W 39 56.11 46.76 -5.31
C GLU W 39 55.62 45.63 -4.42
N THR W 40 54.36 45.25 -4.58
CA THR W 40 53.80 44.10 -3.88
C THR W 40 52.71 43.48 -4.73
N ASN W 41 52.71 42.16 -4.82
CA ASN W 41 51.70 41.40 -5.56
C ASN W 41 51.55 41.91 -7.00
N ASN W 42 52.68 42.14 -7.66
CA ASN W 42 52.72 42.64 -9.03
C ASN W 42 52.04 43.99 -9.17
N ILE W 43 52.05 44.78 -8.11
CA ILE W 43 51.45 46.12 -8.10
C ILE W 43 52.51 47.09 -7.60
N ILE W 44 52.66 48.20 -8.30
CA ILE W 44 53.61 49.26 -7.93
C ILE W 44 52.82 50.39 -7.30
N LEU W 45 53.22 50.79 -6.10
CA LEU W 45 52.57 51.88 -5.40
C LEU W 45 53.31 53.18 -5.64
N GLU W 46 52.55 54.27 -5.75
CA GLU W 46 53.08 55.60 -5.92
C GLU W 46 52.91 56.38 -4.63
N LYS W 47 53.25 57.66 -4.68
CA LYS W 47 53.11 58.45 -3.46
C LYS W 47 51.65 58.78 -3.15
N GLU W 48 50.76 58.66 -4.12
CA GLU W 48 49.35 58.86 -3.82
C GLU W 48 48.78 57.72 -2.98
N ASP W 49 49.44 56.55 -2.96
CA ASP W 49 48.91 55.35 -2.33
C ASP W 49 49.62 54.96 -1.04
N ILE W 50 50.45 55.83 -0.47
CA ILE W 50 51.32 55.44 0.63
C ILE W 50 51.12 56.37 1.82
N LEU W 51 50.93 55.79 3.00
CA LEU W 51 51.01 56.48 4.28
C LEU W 51 52.22 55.95 5.02
N ILE W 52 53.05 56.84 5.55
CA ILE W 52 54.32 56.43 6.12
C ILE W 52 54.41 56.85 7.58
N ASP W 53 55.28 56.16 8.31
CA ASP W 53 55.57 56.52 9.70
C ASP W 53 56.22 57.89 9.77
N SER W 54 55.89 58.64 10.81
CA SER W 54 56.42 59.99 10.96
C SER W 54 57.92 59.98 11.20
N TRP W 55 58.42 59.01 11.99
CA TRP W 55 59.84 58.98 12.30
C TRP W 55 60.69 58.79 11.06
N MET W 56 60.17 58.07 10.06
CA MET W 56 60.92 57.88 8.81
C MET W 56 61.17 59.22 8.12
N ILE W 57 60.16 60.10 8.11
CA ILE W 57 60.34 61.42 7.52
C ILE W 57 61.22 62.30 8.41
N ASP W 58 61.04 62.19 9.72
CA ASP W 58 61.74 63.09 10.63
C ASP W 58 63.25 62.88 10.61
N ARG W 59 63.68 61.62 10.55
CA ARG W 59 65.11 61.31 10.70
C ARG W 59 65.95 61.75 9.50
N GLN W 60 65.34 62.12 8.39
CA GLN W 60 66.11 62.61 7.25
C GLN W 60 66.36 64.10 7.33
N LEU W 61 66.83 64.54 8.50
CA LEU W 61 67.24 65.93 8.71
C LEU W 61 68.74 66.01 8.50
N GLU W 62 69.16 66.92 7.62
CA GLU W 62 70.56 66.94 7.20
C GLU W 62 71.48 67.41 8.31
N THR W 63 71.14 68.52 8.98
CA THR W 63 72.07 69.13 9.92
C THR W 63 71.31 69.81 11.05
N PHE W 64 71.98 69.95 12.19
CA PHE W 64 71.48 70.74 13.30
C PHE W 64 72.66 71.32 14.06
N ASP W 65 72.38 72.32 14.91
CA ASP W 65 73.41 73.12 15.55
C ASP W 65 73.31 73.02 17.07
N THR W 66 74.43 73.28 17.73
CA THR W 66 74.50 73.29 19.19
C THR W 66 74.34 74.72 19.72
N GLU W 67 74.19 74.83 21.04
CA GLU W 67 74.11 76.14 21.66
C GLU W 67 75.46 76.83 21.64
N THR W 68 75.43 78.14 21.84
CA THR W 68 76.66 78.92 21.90
C THR W 68 77.29 78.81 23.28
N ASN W 69 78.62 78.83 23.29
CA ASN W 69 79.42 78.85 24.50
C ASN W 69 80.84 79.24 24.11
N GLN W 70 81.50 79.99 24.98
CA GLN W 70 82.83 80.53 24.70
C GLN W 70 82.84 81.33 23.40
N GLU W 71 81.72 82.00 23.11
CA GLU W 71 81.59 82.89 21.96
C GLU W 71 81.87 82.17 20.65
N HIS W 72 81.45 80.91 20.56
CA HIS W 72 81.58 80.15 19.33
C HIS W 72 80.55 79.01 19.35
N GLN W 73 80.24 78.53 18.15
CA GLN W 73 79.26 77.46 17.96
C GLN W 73 79.87 76.38 17.07
N HIS W 74 79.19 75.24 17.05
CA HIS W 74 79.57 74.12 16.19
C HIS W 74 78.36 73.62 15.42
N GLU W 75 78.63 73.03 14.27
CA GLU W 75 77.63 72.41 13.42
C GLU W 75 77.85 70.91 13.47
N VAL W 76 76.79 70.16 13.79
CA VAL W 76 76.89 68.71 13.91
C VAL W 76 76.01 68.07 12.84
N LYS W 77 76.60 67.17 12.07
CA LYS W 77 75.87 66.47 11.02
C LYS W 77 75.09 65.29 11.61
N ASN W 78 73.87 65.12 11.15
CA ASN W 78 73.01 64.07 11.68
C ASN W 78 73.48 62.70 11.21
N PRO W 79 73.80 61.77 12.11
CA PRO W 79 74.26 60.45 11.71
C PRO W 79 73.16 59.39 11.58
N PHE W 80 71.91 59.73 11.87
CA PHE W 80 70.82 58.78 11.81
C PHE W 80 70.09 58.78 10.47
N ILE W 81 70.54 59.58 9.50
CA ILE W 81 69.84 59.68 8.23
C ILE W 81 69.96 58.37 7.47
N ASP W 82 68.84 57.88 6.96
CA ASP W 82 68.83 56.59 6.24
C ASP W 82 67.76 56.71 5.17
N ASN W 83 68.19 56.71 3.91
CA ASN W 83 67.29 56.62 2.76
C ASN W 83 67.28 55.18 2.28
N PHE W 84 66.08 54.61 2.14
CA PHE W 84 65.98 53.21 1.77
C PHE W 84 66.58 52.97 0.39
N GLU W 85 67.37 51.91 0.27
CA GLU W 85 67.95 51.52 -1.01
C GLU W 85 67.01 50.57 -1.74
N SER W 86 67.25 50.43 -3.03
CA SER W 86 66.41 49.55 -3.85
C SER W 86 66.65 48.10 -3.46
N GLY W 87 65.57 47.39 -3.17
CA GLY W 87 65.65 46.01 -2.75
C GLY W 87 65.43 45.74 -1.28
N ASP W 88 65.08 46.75 -0.49
CA ASP W 88 64.84 46.56 0.93
C ASP W 88 63.41 46.08 1.19
N MET W 89 63.20 45.52 2.37
CA MET W 89 61.94 44.89 2.74
C MET W 89 61.23 45.73 3.79
N VAL W 90 59.90 45.86 3.65
CA VAL W 90 59.09 46.64 4.58
C VAL W 90 57.85 45.85 4.95
N ILE W 91 57.28 46.21 6.10
CA ILE W 91 56.03 45.66 6.60
C ILE W 91 54.96 46.74 6.50
N MET W 92 53.83 46.41 5.89
CA MET W 92 52.83 47.42 5.56
C MET W 92 51.43 46.87 5.79
N PHE W 93 50.53 47.77 6.21
CA PHE W 93 49.15 47.43 6.54
C PHE W 93 48.21 48.24 5.65
N ARG W 94 47.15 47.58 5.18
CA ARG W 94 46.26 48.17 4.19
C ARG W 94 45.10 48.86 4.89
N ILE W 95 44.92 50.15 4.63
CA ILE W 95 43.89 50.96 5.25
C ILE W 95 43.07 51.59 4.13
N GLY W 96 41.89 51.04 3.89
CA GLY W 96 41.04 51.56 2.84
C GLY W 96 41.60 51.35 1.46
N GLU W 97 42.06 52.43 0.82
CA GLU W 97 42.58 52.37 -0.54
C GLU W 97 44.07 52.60 -0.61
N LYS W 98 44.75 52.83 0.52
CA LYS W 98 46.18 53.06 0.52
C LYS W 98 46.83 52.23 1.62
N PHE W 99 48.11 51.92 1.42
CA PHE W 99 48.88 51.11 2.35
C PHE W 99 49.67 51.99 3.30
N ALA W 100 49.83 51.52 4.53
CA ALA W 100 50.53 52.23 5.58
C ALA W 100 51.83 51.51 5.89
N VAL W 101 52.95 52.19 5.73
CA VAL W 101 54.27 51.60 5.93
C VAL W 101 54.70 51.83 7.38
N VAL W 102 54.93 50.75 8.10
CA VAL W 102 55.17 50.81 9.54
C VAL W 102 56.66 50.77 9.87
N SER W 103 57.39 49.81 9.31
CA SER W 103 58.80 49.69 9.63
C SER W 103 59.52 48.94 8.52
N LYS W 104 60.84 49.05 8.51
CA LYS W 104 61.70 48.34 7.58
C LYS W 104 62.45 47.26 8.33
N LEU W 105 62.50 46.07 7.75
CA LEU W 105 63.03 44.89 8.41
C LEU W 105 64.38 44.50 7.81
N VAL W 106 65.36 44.24 8.68
CA VAL W 106 66.65 43.72 8.27
C VAL W 106 66.99 42.50 9.12
N SER W 107 67.78 41.60 8.55
CA SER W 107 68.26 40.45 9.30
C SER W 107 69.43 40.87 10.16
N LEU W 108 69.29 40.71 11.47
CA LEU W 108 70.37 41.03 12.40
C LEU W 108 71.24 39.83 12.74
N ALA X 795 20.21 4.86 7.57
CA ALA X 795 21.10 5.03 6.43
C ALA X 795 20.59 6.13 5.51
N ASP X 796 19.35 6.55 5.71
CA ASP X 796 18.76 7.61 4.90
C ASP X 796 19.58 8.90 5.03
N ILE X 797 20.03 9.20 6.24
CA ILE X 797 20.81 10.42 6.46
C ILE X 797 22.11 10.37 5.67
N GLU X 798 22.72 9.18 5.56
CA GLU X 798 23.96 9.06 4.79
C GLU X 798 23.74 9.34 3.31
N LYS X 799 22.67 8.80 2.73
CA LYS X 799 22.37 9.07 1.32
C LYS X 799 22.05 10.54 1.09
N ILE X 800 21.29 11.15 2.01
CA ILE X 800 20.97 12.57 1.88
C ILE X 800 22.24 13.41 1.95
N THR X 801 23.15 13.07 2.88
CA THR X 801 24.41 13.80 2.99
C THR X 801 25.26 13.63 1.74
N SER X 802 25.28 12.42 1.18
CA SER X 802 26.05 12.19 -0.04
C SER X 802 25.54 13.05 -1.19
N LYS X 803 24.22 13.10 -1.37
CA LYS X 803 23.64 13.92 -2.42
C LYS X 803 23.93 15.41 -2.19
N LEU X 804 23.80 15.87 -0.95
CA LEU X 804 24.07 17.27 -0.65
C LEU X 804 25.53 17.63 -0.93
N VAL X 805 26.45 16.75 -0.55
CA VAL X 805 27.87 17.00 -0.79
C VAL X 805 28.16 17.07 -2.28
N ALA X 806 27.60 16.15 -3.06
CA ALA X 806 27.83 16.18 -4.50
C ALA X 806 27.30 17.46 -5.13
N SER X 807 26.10 17.88 -4.72
CA SER X 807 25.54 19.12 -5.26
C SER X 807 26.40 20.32 -4.90
N ILE X 808 26.88 20.39 -3.65
CA ILE X 808 27.69 21.52 -3.24
C ILE X 808 29.01 21.56 -4.01
N GLN X 809 29.62 20.39 -4.24
CA GLN X 809 30.87 20.36 -5.01
C GLN X 809 30.66 20.82 -6.45
N LEU X 810 29.59 20.36 -7.08
CA LEU X 810 29.31 20.83 -8.44
C LEU X 810 29.10 22.35 -8.47
N ALA X 811 28.36 22.88 -7.50
CA ALA X 811 28.14 24.32 -7.45
C ALA X 811 29.44 25.08 -7.23
N GLN X 812 30.34 24.55 -6.40
CA GLN X 812 31.64 25.18 -6.19
C GLN X 812 32.43 25.22 -7.48
N LEU X 813 32.43 24.12 -8.23
CA LEU X 813 33.14 24.12 -9.51
C LEU X 813 32.55 25.16 -10.46
N GLY X 814 31.22 25.26 -10.51
CA GLY X 814 30.59 26.21 -11.41
C GLY X 814 30.81 27.66 -11.05
N GLY X 815 31.12 27.94 -9.79
CA GLY X 815 31.29 29.31 -9.33
C GLY X 815 30.02 29.89 -8.75
N VAL X 816 30.08 30.43 -7.53
CA VAL X 816 28.94 31.00 -6.85
C VAL X 816 29.30 32.42 -6.44
N LEU X 817 28.42 33.37 -6.75
CA LEU X 817 28.64 34.76 -6.40
C LEU X 817 28.47 34.99 -4.91
N MET Y 1 -28.41 2.14 -33.65
CA MET Y 1 -27.26 2.99 -33.39
C MET Y 1 -26.01 2.46 -34.08
N GLU Y 2 -25.08 3.35 -34.36
CA GLU Y 2 -23.82 3.00 -35.02
C GLU Y 2 -22.66 3.51 -34.19
N MET Y 3 -21.51 2.87 -34.35
CA MET Y 3 -20.30 3.25 -33.65
C MET Y 3 -19.17 3.49 -34.64
N TRP Y 4 -18.53 4.65 -34.55
CA TRP Y 4 -17.50 5.06 -35.49
C TRP Y 4 -16.24 5.50 -34.77
N LEU Y 5 -15.09 5.18 -35.34
CA LEU Y 5 -13.80 5.74 -34.96
C LEU Y 5 -13.17 6.33 -36.20
N ARG Y 6 -12.83 7.61 -36.17
CA ARG Y 6 -12.39 8.32 -37.37
C ARG Y 6 -11.14 9.13 -37.08
N GLN Y 7 -10.20 9.05 -38.02
CA GLN Y 7 -8.97 9.86 -37.99
C GLN Y 7 -8.96 10.68 -39.27
N ALA Y 8 -9.34 11.95 -39.16
CA ALA Y 8 -9.50 12.85 -40.31
C ALA Y 8 -10.46 12.19 -41.29
N GLU Y 9 -10.09 11.95 -42.55
CA GLU Y 9 -10.98 11.33 -43.51
C GLU Y 9 -10.99 9.81 -43.44
N ASP Y 10 -10.07 9.20 -42.72
CA ASP Y 10 -10.00 7.75 -42.59
C ASP Y 10 -10.97 7.29 -41.50
N ARG Y 11 -12.00 6.54 -41.88
CA ARG Y 11 -13.06 6.18 -40.96
C ARG Y 11 -13.23 4.67 -40.88
N PHE Y 12 -13.61 4.21 -39.69
CA PHE Y 12 -13.85 2.79 -39.42
C PHE Y 12 -15.16 2.67 -38.65
N ARG Y 13 -16.02 1.75 -39.09
CA ARG Y 13 -17.30 1.51 -38.45
C ARG Y 13 -17.34 0.08 -37.95
N PHE Y 14 -17.71 -0.08 -36.69
CA PHE Y 14 -17.67 -1.40 -36.05
C PHE Y 14 -18.73 -2.32 -36.63
N PRO Y 15 -18.38 -3.56 -36.96
CA PRO Y 15 -19.36 -4.46 -37.61
C PRO Y 15 -20.39 -5.07 -36.68
N VAL Y 16 -20.05 -5.31 -35.42
CA VAL Y 16 -20.98 -5.86 -34.44
C VAL Y 16 -21.09 -4.87 -33.28
N PHE Y 17 -22.30 -4.35 -33.06
CA PHE Y 17 -22.54 -3.40 -31.97
C PHE Y 17 -22.52 -4.12 -30.62
N PRO Y 18 -21.91 -3.52 -29.61
CA PRO Y 18 -21.73 -4.22 -28.33
C PRO Y 18 -23.04 -4.36 -27.57
N SER Y 19 -22.95 -5.16 -26.51
CA SER Y 19 -24.11 -5.42 -25.67
C SER Y 19 -24.45 -4.24 -24.77
N SER Y 20 -23.47 -3.44 -24.37
CA SER Y 20 -23.71 -2.28 -23.53
C SER Y 20 -22.53 -1.33 -23.63
N PHE Y 21 -22.75 -0.09 -23.19
CA PHE Y 21 -21.70 0.91 -23.11
C PHE Y 21 -22.00 1.87 -21.96
N SER Y 22 -20.95 2.32 -21.27
CA SER Y 22 -21.09 3.20 -20.12
C SER Y 22 -20.00 4.26 -20.11
N ILE Y 23 -20.37 5.47 -19.69
CA ILE Y 23 -19.46 6.60 -19.60
C ILE Y 23 -19.24 6.93 -18.14
N ASN Y 24 -17.98 7.09 -17.74
CA ASN Y 24 -17.62 7.39 -16.35
C ASN Y 24 -17.12 8.82 -16.23
N GLY Y 25 -17.65 9.57 -15.27
CA GLY Y 25 -17.22 10.91 -15.01
C GLY Y 25 -17.04 11.17 -13.53
N LYS Y 26 -16.05 12.00 -13.21
CA LYS Y 26 -15.71 12.30 -11.82
C LYS Y 26 -15.35 13.77 -11.68
N ALA Y 27 -15.39 14.24 -10.45
CA ALA Y 27 -14.95 15.60 -10.12
C ALA Y 27 -14.15 15.55 -8.82
N ALA Y 28 -13.17 16.44 -8.72
CA ALA Y 28 -12.26 16.47 -7.58
C ALA Y 28 -12.79 17.40 -6.50
N VAL Y 29 -12.66 16.98 -5.24
CA VAL Y 29 -13.11 17.74 -4.09
C VAL Y 29 -12.00 17.78 -3.06
N ASN Y 30 -11.60 18.98 -2.66
CA ASN Y 30 -10.53 19.19 -1.71
C ASN Y 30 -11.10 19.40 -0.31
N SER Y 31 -10.61 18.63 0.66
CA SER Y 31 -11.15 18.63 2.01
C SER Y 31 -10.14 19.19 3.00
N SER Y 32 -10.64 19.99 3.94
CA SER Y 32 -9.85 20.52 5.04
C SER Y 32 -10.64 20.39 6.32
N SER Y 33 -9.94 20.48 7.45
CA SER Y 33 -10.54 20.37 8.76
C SER Y 33 -10.24 21.63 9.55
N ILE Y 34 -11.29 22.27 10.05
CA ILE Y 34 -11.18 23.48 10.86
C ILE Y 34 -11.49 23.14 12.30
N LEU Y 35 -10.76 23.77 13.22
CA LEU Y 35 -10.91 23.46 14.64
C LEU Y 35 -12.34 23.71 15.10
N LYS Y 36 -12.92 22.70 15.75
CA LYS Y 36 -14.19 22.76 16.48
C LYS Y 36 -15.41 22.95 15.58
N ILE Y 37 -15.25 22.91 14.26
CA ILE Y 37 -16.41 22.95 13.38
C ILE Y 37 -16.46 21.68 12.54
N GLY Y 38 -15.29 21.12 12.23
CA GLY Y 38 -15.22 19.88 11.48
C GLY Y 38 -14.72 20.03 10.06
N GLU Y 39 -15.14 19.12 9.18
CA GLU Y 39 -14.63 19.04 7.81
C GLU Y 39 -15.38 20.01 6.89
N ILE Y 40 -14.65 20.59 5.94
CA ILE Y 40 -15.23 21.39 4.87
C ILE Y 40 -14.61 20.95 3.55
N ALA Y 41 -15.27 21.32 2.46
CA ALA Y 41 -14.85 20.89 1.13
C ALA Y 41 -15.10 21.98 0.11
N THR Y 42 -14.28 21.99 -0.95
CA THR Y 42 -14.42 22.95 -2.03
C THR Y 42 -14.17 22.24 -3.36
N PHE Y 43 -14.74 22.82 -4.42
CA PHE Y 43 -14.62 22.26 -5.76
C PHE Y 43 -13.20 22.42 -6.29
N GLY Y 44 -12.72 21.41 -7.01
CA GLY Y 44 -11.34 21.39 -7.45
C GLY Y 44 -11.09 21.14 -8.93
N GLY Y 45 -12.13 20.88 -9.69
CA GLY Y 45 -11.96 20.62 -11.11
C GLY Y 45 -12.47 19.27 -11.55
N VAL Y 46 -12.76 19.11 -12.83
CA VAL Y 46 -13.36 17.89 -13.37
C VAL Y 46 -12.28 17.04 -14.02
N ALA Y 47 -12.50 15.73 -14.03
CA ALA Y 47 -11.57 14.79 -14.64
C ALA Y 47 -12.02 14.42 -16.04
N LEU Y 48 -11.20 13.64 -16.74
CA LEU Y 48 -11.50 13.22 -18.10
C LEU Y 48 -12.37 11.99 -18.11
N LYS Y 49 -13.32 11.94 -19.04
CA LYS Y 49 -14.21 10.80 -19.16
C LYS Y 49 -13.47 9.59 -19.71
N SER Y 50 -14.00 8.41 -19.44
CA SER Y 50 -13.45 7.16 -19.95
C SER Y 50 -14.57 6.24 -20.40
N ILE Y 51 -14.24 5.37 -21.35
CA ILE Y 51 -15.21 4.48 -21.98
C ILE Y 51 -14.48 3.20 -22.40
N SER Y 52 -15.13 2.06 -22.18
CA SER Y 52 -14.57 0.76 -22.54
C SER Y 52 -15.57 -0.04 -23.36
N ILE Y 53 -15.07 -0.71 -24.40
CA ILE Y 53 -15.91 -1.41 -25.37
C ILE Y 53 -15.44 -2.84 -25.51
N SER Y 54 -16.39 -3.78 -25.49
CA SER Y 54 -16.10 -5.20 -25.72
C SER Y 54 -17.05 -5.75 -26.78
N SER Y 55 -16.48 -6.42 -27.77
CA SER Y 55 -17.24 -7.04 -28.86
C SER Y 55 -16.29 -8.00 -29.57
N PHE Y 56 -16.68 -8.44 -30.76
CA PHE Y 56 -15.81 -9.27 -31.58
C PHE Y 56 -15.86 -8.83 -33.04
N PHE Y 57 -14.79 -9.13 -33.77
CA PHE Y 57 -14.73 -8.93 -35.21
C PHE Y 57 -15.11 -10.21 -35.92
N PRO Y 58 -16.19 -10.25 -36.69
CA PRO Y 58 -16.66 -11.52 -37.25
C PRO Y 58 -15.82 -11.98 -38.44
N ASN Y 59 -15.71 -13.29 -38.59
CA ASN Y 59 -15.00 -13.92 -39.68
C ASN Y 59 -15.91 -14.35 -40.83
N LYS Y 60 -17.20 -14.04 -40.75
CA LYS Y 60 -18.14 -14.38 -41.80
C LYS Y 60 -19.32 -13.43 -41.72
N ASP Y 61 -20.12 -13.40 -42.77
CA ASP Y 61 -21.28 -12.52 -42.85
C ASP Y 61 -22.41 -13.11 -42.03
N TYR Y 62 -22.57 -12.62 -40.81
CA TYR Y 62 -23.62 -13.05 -39.91
C TYR Y 62 -24.91 -12.29 -40.19
N THR Y 63 -26.01 -12.84 -39.67
CA THR Y 63 -27.31 -12.18 -39.81
C THR Y 63 -27.38 -10.91 -38.97
N PHE Y 64 -26.74 -10.89 -37.80
CA PHE Y 64 -26.83 -9.78 -36.87
C PHE Y 64 -25.81 -8.69 -37.12
N CYS Y 65 -25.01 -8.79 -38.19
CA CYS Y 65 -24.00 -7.78 -38.46
C CYS Y 65 -24.64 -6.45 -38.84
N ASP Y 66 -23.92 -5.37 -38.56
CA ASP Y 66 -24.45 -4.04 -38.81
C ASP Y 66 -24.54 -3.74 -40.30
N TYR Y 67 -23.58 -4.20 -41.09
CA TYR Y 67 -23.56 -3.96 -42.53
C TYR Y 67 -22.71 -5.04 -43.18
N THR Y 68 -22.53 -4.93 -44.49
CA THR Y 68 -21.74 -5.87 -45.26
C THR Y 68 -20.58 -5.16 -45.94
N GLY Y 69 -19.42 -5.79 -45.93
CA GLY Y 69 -18.26 -5.23 -46.60
C GLY Y 69 -17.12 -4.87 -45.66
N PHE Y 70 -17.22 -5.25 -44.39
CA PHE Y 70 -16.17 -4.96 -43.44
C PHE Y 70 -14.94 -5.83 -43.73
N PRO Y 71 -13.76 -5.38 -43.31
CA PRO Y 71 -12.54 -6.14 -43.58
C PRO Y 71 -12.42 -7.37 -42.68
N SER Y 72 -11.32 -8.09 -42.85
CA SER Y 72 -11.04 -9.28 -42.07
C SER Y 72 -10.75 -8.93 -40.61
N PRO Y 73 -10.89 -9.88 -39.70
CA PRO Y 73 -10.61 -9.59 -38.28
C PRO Y 73 -9.21 -9.03 -38.03
N TYR Y 74 -8.19 -9.61 -38.65
CA TYR Y 74 -6.84 -9.15 -38.37
C TYR Y 74 -6.50 -7.86 -39.11
N ASP Y 75 -7.24 -7.53 -40.16
CA ASP Y 75 -7.12 -6.20 -40.75
C ASP Y 75 -7.59 -5.12 -39.79
N CYS Y 76 -8.75 -5.35 -39.15
CA CYS Y 76 -9.21 -4.43 -38.12
C CYS Y 76 -8.22 -4.35 -36.97
N VAL Y 77 -7.69 -5.50 -36.55
CA VAL Y 77 -6.72 -5.52 -35.46
C VAL Y 77 -5.50 -4.68 -35.82
N ASN Y 78 -4.97 -4.86 -37.04
CA ASN Y 78 -3.78 -4.13 -37.45
C ASN Y 78 -4.04 -2.63 -37.54
N LYS Y 79 -5.20 -2.24 -38.07
CA LYS Y 79 -5.51 -0.82 -38.19
C LYS Y 79 -5.58 -0.14 -36.82
N ILE Y 80 -6.32 -0.75 -35.88
CA ILE Y 80 -6.44 -0.16 -34.56
C ILE Y 80 -5.10 -0.18 -33.83
N GLU Y 81 -4.31 -1.23 -34.01
CA GLU Y 81 -3.02 -1.30 -33.35
C GLU Y 81 -2.07 -0.22 -33.85
N LYS Y 82 -2.09 0.07 -35.16
CA LYS Y 82 -1.28 1.16 -35.67
C LYS Y 82 -1.72 2.50 -35.10
N TRP Y 83 -3.04 2.72 -35.03
CA TRP Y 83 -3.53 3.97 -34.42
C TRP Y 83 -3.03 4.11 -32.99
N MET Y 84 -3.08 3.04 -32.20
CA MET Y 84 -2.59 3.10 -30.83
C MET Y 84 -1.09 3.33 -30.78
N LYS Y 85 -0.35 2.71 -31.70
CA LYS Y 85 1.11 2.83 -31.69
C LYS Y 85 1.56 4.26 -31.93
N GLU Y 86 0.95 4.95 -32.90
CA GLU Y 86 1.46 6.28 -33.19
C GLU Y 86 0.90 7.37 -32.26
N GLY Y 87 -0.04 7.04 -31.38
CA GLY Y 87 -0.63 8.04 -30.51
C GLY Y 87 -1.48 9.06 -31.23
N PHE Y 88 -2.24 8.64 -32.23
CA PHE Y 88 -3.11 9.55 -32.97
C PHE Y 88 -4.27 10.03 -32.11
N ILE Y 89 -4.75 11.23 -32.41
CA ILE Y 89 -5.94 11.77 -31.78
C ILE Y 89 -7.13 11.46 -32.69
N LEU Y 90 -8.10 10.72 -32.16
CA LEU Y 90 -9.19 10.19 -32.95
C LEU Y 90 -10.51 10.80 -32.50
N ARG Y 91 -11.55 10.61 -33.29
CA ARG Y 91 -12.89 11.07 -32.96
C ARG Y 91 -13.81 9.86 -32.83
N PHE Y 92 -14.47 9.72 -31.68
CA PHE Y 92 -15.32 8.59 -31.37
C PHE Y 92 -16.75 9.05 -31.20
N THR Y 93 -17.67 8.40 -31.90
CA THR Y 93 -19.06 8.83 -31.91
C THR Y 93 -20.00 7.63 -31.90
N ILE Y 94 -21.03 7.72 -31.07
CA ILE Y 94 -22.15 6.79 -31.07
C ILE Y 94 -23.39 7.56 -31.48
N THR Y 95 -24.04 7.14 -32.56
CA THR Y 95 -25.17 7.89 -33.08
C THR Y 95 -26.39 7.72 -32.18
N GLU Y 96 -27.27 8.70 -32.23
CA GLU Y 96 -28.49 8.77 -31.43
C GLU Y 96 -28.22 8.94 -29.93
N THR Y 97 -27.01 9.36 -29.57
CA THR Y 97 -26.70 9.71 -28.19
C THR Y 97 -25.99 11.06 -28.15
N ASN Y 98 -25.47 11.44 -26.99
CA ASN Y 98 -24.71 12.67 -26.85
C ASN Y 98 -23.20 12.43 -26.85
N ILE Y 99 -22.76 11.25 -27.28
CA ILE Y 99 -21.37 10.84 -27.21
C ILE Y 99 -20.72 11.17 -28.56
N ASN Y 100 -19.91 12.24 -28.57
CA ASN Y 100 -19.21 12.66 -29.78
C ASN Y 100 -18.02 13.50 -29.34
N MET Y 101 -16.84 12.89 -29.27
CA MET Y 101 -15.71 13.58 -28.67
C MET Y 101 -14.40 13.03 -29.22
N GLU Y 102 -13.34 13.78 -28.98
CA GLU Y 102 -11.98 13.38 -29.32
C GLU Y 102 -11.39 12.56 -28.19
N VAL Y 103 -10.71 11.46 -28.56
CA VAL Y 103 -10.21 10.49 -27.60
C VAL Y 103 -8.80 10.07 -27.97
N ILE Y 104 -8.20 9.27 -27.09
CA ILE Y 104 -6.93 8.61 -27.33
C ILE Y 104 -7.03 7.19 -26.78
N ILE Y 105 -6.36 6.24 -27.44
CA ILE Y 105 -6.48 4.83 -27.09
C ILE Y 105 -5.48 4.51 -25.98
N GLU Y 106 -5.97 3.89 -24.91
CA GLU Y 106 -5.16 3.49 -23.78
C GLU Y 106 -4.78 2.01 -23.79
N GLY Y 107 -5.68 1.14 -24.27
CA GLY Y 107 -5.40 -0.27 -24.25
C GLY Y 107 -6.14 -1.00 -25.36
N PHE Y 108 -5.58 -2.14 -25.74
CA PHE Y 108 -6.19 -2.97 -26.77
C PHE Y 108 -5.78 -4.43 -26.52
N SER Y 109 -6.77 -5.29 -26.31
CA SER Y 109 -6.55 -6.70 -26.10
C SER Y 109 -7.46 -7.48 -27.03
N TYR Y 110 -6.95 -8.58 -27.60
CA TYR Y 110 -7.75 -9.41 -28.48
C TYR Y 110 -7.40 -10.87 -28.23
N GLU Y 111 -8.34 -11.75 -28.60
CA GLU Y 111 -8.17 -13.17 -28.31
C GLU Y 111 -9.05 -14.01 -29.23
N GLU Y 112 -8.73 -15.30 -29.29
CA GLU Y 112 -9.55 -16.30 -29.97
C GLU Y 112 -9.85 -17.42 -28.97
N ARG Y 113 -11.11 -17.84 -28.89
CA ARG Y 113 -11.49 -18.77 -27.83
C ARG Y 113 -12.48 -19.85 -28.27
N ASP Y 114 -12.71 -20.07 -29.56
CA ASP Y 114 -13.60 -21.12 -29.99
C ASP Y 114 -13.18 -21.60 -31.37
N GLY Y 115 -14.07 -22.33 -32.03
CA GLY Y 115 -13.81 -22.90 -33.33
C GLY Y 115 -14.28 -22.10 -34.52
N THR Y 116 -14.66 -20.84 -34.34
CA THR Y 116 -15.25 -20.04 -35.40
C THR Y 116 -14.28 -19.05 -36.02
N ARG Y 117 -13.11 -18.84 -35.42
CA ARG Y 117 -12.10 -17.88 -35.86
C ARG Y 117 -12.54 -16.43 -35.71
N ASP Y 118 -13.51 -16.14 -34.83
CA ASP Y 118 -13.84 -14.77 -34.48
C ASP Y 118 -12.86 -14.25 -33.43
N VAL Y 119 -12.63 -12.94 -33.44
CA VAL Y 119 -11.64 -12.32 -32.57
C VAL Y 119 -12.36 -11.37 -31.63
N TYR Y 120 -12.38 -11.71 -30.34
CA TYR Y 120 -12.94 -10.83 -29.31
C TYR Y 120 -11.91 -9.80 -28.88
N PHE Y 121 -12.38 -8.60 -28.54
CA PHE Y 121 -11.50 -7.49 -28.22
C PHE Y 121 -12.05 -6.66 -27.08
N THR Y 122 -11.16 -5.88 -26.47
CA THR Y 122 -11.54 -4.86 -25.50
C THR Y 122 -10.74 -3.60 -25.78
N LEU Y 123 -11.42 -2.46 -25.85
CA LEU Y 123 -10.82 -1.20 -26.24
C LEU Y 123 -11.09 -0.15 -25.18
N ASP Y 124 -10.02 0.49 -24.68
CA ASP Y 124 -10.12 1.52 -23.66
C ASP Y 124 -9.77 2.87 -24.25
N LEU Y 125 -10.68 3.83 -24.10
CA LEU Y 125 -10.50 5.16 -24.64
C LEU Y 125 -10.57 6.20 -23.53
N LYS Y 126 -9.85 7.30 -23.71
CA LYS Y 126 -9.81 8.38 -22.75
C LYS Y 126 -10.02 9.71 -23.46
N GLU Y 127 -10.78 10.59 -22.84
CA GLU Y 127 -11.07 11.90 -23.43
C GLU Y 127 -9.80 12.72 -23.53
N TYR Y 128 -9.69 13.50 -24.61
CA TYR Y 128 -8.51 14.30 -24.89
C TYR Y 128 -8.88 15.78 -24.88
N LYS Y 129 -8.11 16.59 -24.16
CA LYS Y 129 -8.27 18.04 -24.14
C LYS Y 129 -6.95 18.69 -24.48
N ARG Y 130 -6.98 19.65 -25.41
CA ARG Y 130 -5.79 20.39 -25.79
C ARG Y 130 -5.60 21.59 -24.86
N ILE Y 131 -4.36 21.91 -24.56
CA ILE Y 131 -4.04 23.01 -23.65
C ILE Y 131 -3.82 24.29 -24.45
N LYS Y 132 -4.33 25.38 -23.92
CA LYS Y 132 -4.28 26.69 -24.58
C LYS Y 132 -3.19 27.53 -23.95
N ILE Y 133 -2.21 27.94 -24.75
CA ILE Y 133 -1.14 28.81 -24.30
C ILE Y 133 -1.50 30.24 -24.70
N PRO Y 134 -1.69 31.15 -23.76
CA PRO Y 134 -2.02 32.52 -24.12
C PRO Y 134 -0.81 33.28 -24.66
N LYS Y 135 -1.08 34.28 -25.48
CA LYS Y 135 -0.05 35.08 -26.12
C LYS Y 135 -0.43 36.55 -26.01
N VAL Y 136 0.51 37.41 -26.36
CA VAL Y 136 0.25 38.86 -26.40
C VAL Y 136 1.24 39.54 -27.33
N SER Z 2 0.66 50.61 -9.12
CA SER Z 2 1.79 49.78 -9.55
C SER Z 2 2.59 49.26 -8.35
N THR Z 3 2.15 49.63 -7.15
CA THR Z 3 2.85 49.28 -5.92
C THR Z 3 2.25 48.05 -5.23
N ILE Z 4 0.92 47.89 -5.29
CA ILE Z 4 0.29 46.83 -4.53
C ILE Z 4 0.63 45.46 -5.12
N PHE Z 5 0.52 44.44 -4.28
CA PHE Z 5 0.81 43.05 -4.62
C PHE Z 5 -0.47 42.27 -4.31
N PRO Z 6 -1.37 42.13 -5.29
CA PRO Z 6 -2.71 41.62 -4.99
C PRO Z 6 -2.84 40.11 -5.07
N PHE Z 7 -1.73 39.40 -5.16
CA PHE Z 7 -1.81 37.96 -5.42
C PHE Z 7 -2.16 37.16 -4.18
N ILE Z 8 -1.73 37.59 -3.00
CA ILE Z 8 -2.18 36.95 -1.77
C ILE Z 8 -3.50 37.54 -1.30
N GLY Z 9 -3.61 38.86 -1.32
CA GLY Z 9 -4.85 39.53 -0.99
C GLY Z 9 -4.72 41.02 -1.25
N VAL Z 10 -5.87 41.65 -1.49
CA VAL Z 10 -5.88 43.06 -1.83
C VAL Z 10 -5.98 43.88 -0.55
N PRO Z 11 -5.32 45.04 -0.47
CA PRO Z 11 -5.46 45.89 0.71
C PRO Z 11 -6.89 46.38 0.85
N GLU Z 12 -7.29 46.56 2.11
CA GLU Z 12 -8.64 47.00 2.46
C GLU Z 12 -8.97 48.39 1.92
N ASP Z 13 -8.03 49.31 1.98
CA ASP Z 13 -8.30 50.67 1.50
C ASP Z 13 -8.36 50.73 -0.01
N TYR Z 14 -7.58 49.89 -0.70
CA TYR Z 14 -7.52 49.92 -2.14
C TYR Z 14 -8.88 49.65 -2.77
N ILE Z 15 -9.24 50.46 -3.75
CA ILE Z 15 -10.49 50.32 -4.49
C ILE Z 15 -10.18 49.71 -5.84
N LEU Z 16 -10.96 48.70 -6.23
CA LEU Z 16 -10.78 48.14 -7.56
C LEU Z 16 -11.16 49.18 -8.61
N PRO Z 17 -10.39 49.29 -9.70
CA PRO Z 17 -10.66 50.36 -10.67
C PRO Z 17 -12.02 50.24 -11.33
N LYS Z 18 -12.37 49.06 -11.83
CA LYS Z 18 -13.64 48.86 -12.52
C LYS Z 18 -13.93 47.37 -12.54
N THR Z 19 -15.17 47.04 -12.89
CA THR Z 19 -15.54 45.67 -13.22
C THR Z 19 -15.61 45.53 -14.74
N GLU Z 20 -15.13 44.39 -15.23
CA GLU Z 20 -14.94 44.20 -16.66
C GLU Z 20 -16.23 43.68 -17.29
N GLU Z 21 -16.78 44.44 -18.23
CA GLU Z 21 -18.01 44.05 -18.92
C GLU Z 21 -17.90 44.44 -20.38
N LEU Z 22 -18.67 43.74 -21.21
CA LEU Z 22 -18.65 44.07 -22.63
C LEU Z 22 -19.58 45.24 -22.91
N PRO Z 23 -19.24 46.07 -23.90
CA PRO Z 23 -20.15 47.14 -24.31
C PRO Z 23 -21.39 46.59 -24.98
N ILE Z 24 -22.32 47.49 -25.29
CA ILE Z 24 -23.57 47.09 -25.91
C ILE Z 24 -23.31 46.71 -27.36
N PHE Z 25 -23.67 45.47 -27.72
CA PHE Z 25 -23.44 44.97 -29.06
C PHE Z 25 -24.29 45.75 -30.06
N ARG Z 26 -23.64 46.31 -31.07
CA ARG Z 26 -24.31 47.11 -32.09
C ARG Z 26 -23.80 46.72 -33.47
N GLU Z 27 -24.70 46.77 -34.45
CA GLU Z 27 -24.38 46.30 -35.79
C GLU Z 27 -25.27 47.02 -36.79
N VAL Z 28 -24.77 47.16 -38.02
CA VAL Z 28 -25.55 47.73 -39.10
C VAL Z 28 -26.70 46.78 -39.43
N ALA Z 29 -27.90 47.32 -39.51
CA ALA Z 29 -29.09 46.49 -39.74
C ALA Z 29 -29.05 45.88 -41.13
N TRP Z 30 -29.63 44.68 -41.25
CA TRP Z 30 -29.59 43.89 -42.46
C TRP Z 30 -30.98 43.28 -42.66
N ASP Z 31 -31.42 43.18 -43.91
CA ASP Z 31 -32.69 42.56 -44.22
C ASP Z 31 -32.44 41.22 -44.92
N PHE Z 32 -33.21 40.21 -44.53
CA PHE Z 32 -32.88 38.83 -44.87
C PHE Z 32 -33.53 38.35 -46.16
N GLU Z 33 -34.69 38.90 -46.52
CA GLU Z 33 -35.36 38.47 -47.75
C GLU Z 33 -34.72 39.06 -49.01
N LYS Z 34 -33.91 40.11 -48.87
CA LYS Z 34 -33.24 40.71 -50.01
C LYS Z 34 -31.73 40.74 -49.88
N ASP Z 35 -31.17 40.44 -48.70
CA ASP Z 35 -29.73 40.35 -48.48
C ASP Z 35 -29.04 41.68 -48.82
N GLU Z 36 -29.42 42.70 -48.07
CA GLU Z 36 -28.87 44.05 -48.23
C GLU Z 36 -28.76 44.72 -46.88
N PRO Z 37 -27.86 45.68 -46.74
CA PRO Z 37 -27.95 46.62 -45.61
C PRO Z 37 -29.12 47.58 -45.84
N ILE Z 38 -29.61 48.14 -44.74
CA ILE Z 38 -30.83 48.96 -44.74
C ILE Z 38 -30.44 50.43 -44.60
N LEU Z 39 -31.02 51.27 -45.45
CA LEU Z 39 -30.78 52.71 -45.43
C LEU Z 39 -31.94 53.40 -44.73
N GLU Z 40 -31.63 54.30 -43.80
CA GLU Z 40 -32.63 55.01 -43.03
C GLU Z 40 -32.33 56.50 -43.06
N LYS Z 41 -33.26 57.28 -43.61
CA LYS Z 41 -33.09 58.73 -43.78
C LYS Z 41 -31.79 59.03 -44.53
N GLY Z 42 -31.52 58.25 -45.57
CA GLY Z 42 -30.31 58.44 -46.35
C GLY Z 42 -29.03 58.13 -45.61
N ASP Z 43 -29.05 57.14 -44.72
CA ASP Z 43 -27.85 56.73 -44.00
C ASP Z 43 -28.12 55.33 -43.46
N PHE Z 44 -27.04 54.63 -43.12
CA PHE Z 44 -27.16 53.28 -42.58
C PHE Z 44 -27.86 53.29 -41.23
N LYS Z 45 -28.76 52.34 -41.02
CA LYS Z 45 -29.50 52.23 -39.78
C LYS Z 45 -28.81 51.24 -38.85
N ILE Z 46 -28.66 51.62 -37.59
CA ILE Z 46 -27.96 50.82 -36.59
C ILE Z 46 -28.97 50.25 -35.61
N ILE Z 47 -28.88 48.94 -35.37
CA ILE Z 47 -29.66 48.28 -34.34
C ILE Z 47 -28.70 47.79 -33.26
N GLU Z 48 -29.26 47.27 -32.17
CA GLU Z 48 -28.44 46.87 -31.03
C GLU Z 48 -28.98 45.60 -30.38
N LYS Z 49 -28.09 44.95 -29.62
CA LYS Z 49 -28.40 43.79 -28.78
C LYS Z 49 -28.97 42.66 -29.63
N LYS Z 50 -30.17 42.16 -29.35
CA LYS Z 50 -30.60 40.86 -29.86
C LYS Z 50 -30.72 40.86 -31.38
N GLU Z 51 -31.19 41.95 -31.97
CA GLU Z 51 -31.31 42.02 -33.42
C GLU Z 51 -29.94 42.03 -34.09
N ALA Z 52 -28.99 42.75 -33.52
CA ALA Z 52 -27.62 42.71 -34.02
C ALA Z 52 -27.05 41.30 -33.94
N LEU Z 53 -27.32 40.61 -32.83
CA LEU Z 53 -26.86 39.23 -32.68
C LEU Z 53 -27.51 38.33 -33.74
N LYS Z 54 -28.77 38.59 -34.08
CA LYS Z 54 -29.42 37.84 -35.15
C LYS Z 54 -28.69 38.05 -36.47
N VAL Z 55 -28.33 39.29 -36.77
CA VAL Z 55 -27.62 39.58 -38.02
C VAL Z 55 -26.29 38.84 -38.04
N TRP Z 56 -25.55 38.89 -36.93
CA TRP Z 56 -24.25 38.23 -36.88
C TRP Z 56 -24.39 36.73 -37.04
N ILE Z 57 -25.40 36.13 -36.39
CA ILE Z 57 -25.62 34.69 -36.48
C ILE Z 57 -25.95 34.29 -37.91
N TYR Z 58 -26.82 35.05 -38.56
CA TYR Z 58 -27.17 34.76 -39.95
C TYR Z 58 -25.93 34.79 -40.84
N LYS Z 59 -25.09 35.83 -40.68
CA LYS Z 59 -23.89 35.92 -41.48
C LYS Z 59 -22.93 34.77 -41.21
N CYS Z 60 -22.80 34.37 -39.94
CA CYS Z 60 -21.87 33.29 -39.61
C CYS Z 60 -22.34 31.95 -40.15
N ILE Z 61 -23.64 31.68 -40.09
CA ILE Z 61 -24.15 30.42 -40.60
C ILE Z 61 -24.04 30.38 -42.13
N LYS Z 62 -24.25 31.52 -42.79
CA LYS Z 62 -24.31 31.52 -44.24
C LYS Z 62 -22.96 31.38 -44.93
N THR Z 63 -21.85 31.42 -44.20
CA THR Z 63 -20.53 31.38 -44.82
C THR Z 63 -19.88 30.00 -44.69
N ASN Z 64 -18.97 29.72 -45.63
CA ASN Z 64 -18.19 28.50 -45.60
C ASN Z 64 -16.90 28.72 -44.82
N ARG Z 65 -16.28 27.61 -44.39
CA ARG Z 65 -15.23 27.72 -43.39
C ARG Z 65 -13.88 28.08 -44.00
N TYR Z 66 -13.34 27.25 -44.88
CA TYR Z 66 -12.00 27.46 -45.42
C TYR Z 66 -11.99 28.11 -46.79
N GLU Z 67 -13.14 28.61 -47.26
CA GLU Z 67 -13.23 29.05 -48.65
C GLU Z 67 -12.48 30.36 -48.88
N HIS Z 68 -12.56 31.30 -47.95
CA HIS Z 68 -12.09 32.65 -48.16
C HIS Z 68 -10.78 32.90 -47.44
N GLU Z 69 -9.85 33.58 -48.14
CA GLU Z 69 -8.53 33.83 -47.58
C GLU Z 69 -8.56 34.92 -46.51
N ILE Z 70 -9.51 35.84 -46.57
CA ILE Z 70 -9.55 36.94 -45.61
C ILE Z 70 -9.85 36.44 -44.20
N TYR Z 71 -10.69 35.41 -44.07
CA TYR Z 71 -11.08 34.93 -42.76
C TYR Z 71 -10.01 34.03 -42.15
N SER Z 72 -10.14 33.77 -40.86
CA SER Z 72 -9.27 32.86 -40.14
C SER Z 72 -9.82 31.45 -40.25
N LEU Z 73 -9.16 30.50 -39.58
CA LEU Z 73 -9.62 29.11 -39.63
C LEU Z 73 -10.82 28.85 -38.72
N GLU Z 74 -11.16 29.78 -37.84
CA GLU Z 74 -12.27 29.58 -36.91
C GLU Z 74 -13.60 30.00 -37.50
N TYR Z 75 -13.63 31.04 -38.33
CA TYR Z 75 -14.89 31.58 -38.81
C TYR Z 75 -15.45 30.74 -39.94
N GLY Z 76 -16.75 30.45 -39.86
CA GLY Z 76 -17.44 29.71 -40.89
C GLY Z 76 -18.08 28.45 -40.35
N THR Z 77 -18.61 27.64 -41.26
CA THR Z 77 -19.35 26.44 -40.91
C THR Z 77 -19.12 25.39 -41.99
N GLU Z 78 -19.02 24.13 -41.57
CA GLU Z 78 -18.75 23.02 -42.47
C GLU Z 78 -20.00 22.29 -42.93
N LEU Z 79 -21.17 22.96 -42.91
CA LEU Z 79 -22.41 22.29 -43.26
C LEU Z 79 -22.48 21.89 -44.72
N SER Z 80 -21.61 22.43 -45.57
CA SER Z 80 -21.63 22.07 -46.99
C SER Z 80 -21.08 20.69 -47.27
N GLU Z 81 -20.42 20.06 -46.29
CA GLU Z 81 -19.88 18.71 -46.48
C GLU Z 81 -20.93 17.63 -46.30
N LEU Z 82 -22.13 17.98 -45.85
CA LEU Z 82 -23.19 17.01 -45.64
C LEU Z 82 -24.13 16.86 -46.82
N ILE Z 83 -24.12 17.81 -47.76
CA ILE Z 83 -25.06 17.78 -48.87
C ILE Z 83 -24.79 16.56 -49.73
N GLY Z 84 -25.85 15.81 -50.02
CA GLY Z 84 -25.76 14.63 -50.84
C GLY Z 84 -25.68 13.32 -50.10
N GLN Z 85 -25.85 13.33 -48.78
CA GLN Z 85 -25.83 12.13 -47.96
C GLN Z 85 -24.48 11.41 -48.06
N LYS Z 86 -23.40 12.17 -47.88
CA LYS Z 86 -22.08 11.55 -47.85
C LYS Z 86 -21.94 10.60 -46.65
N TYR Z 87 -22.49 10.99 -45.50
CA TYR Z 87 -22.52 10.14 -44.32
C TYR Z 87 -23.89 9.48 -44.19
N THR Z 88 -24.00 8.57 -43.21
CA THR Z 88 -25.29 8.01 -42.85
C THR Z 88 -26.13 9.07 -42.14
N LYS Z 89 -27.36 8.72 -41.80
CA LYS Z 89 -28.28 9.72 -41.24
C LYS Z 89 -27.92 10.08 -39.81
N GLY Z 90 -27.59 9.10 -38.97
CA GLY Z 90 -27.21 9.41 -37.61
C GLY Z 90 -25.92 10.18 -37.53
N LEU Z 91 -24.92 9.80 -38.33
CA LEU Z 91 -23.69 10.55 -38.39
C LEU Z 91 -23.93 11.97 -38.90
N THR Z 92 -24.84 12.12 -39.86
CA THR Z 92 -25.17 13.46 -40.35
C THR Z 92 -25.77 14.31 -39.24
N GLU Z 93 -26.68 13.75 -38.44
CA GLU Z 93 -27.26 14.51 -37.34
C GLU Z 93 -26.20 14.95 -36.34
N SER Z 94 -25.34 14.01 -35.93
CA SER Z 94 -24.29 14.34 -34.96
C SER Z 94 -23.38 15.43 -35.50
N GLU Z 95 -22.95 15.28 -36.75
CA GLU Z 95 -22.03 16.24 -37.33
C GLU Z 95 -22.66 17.61 -37.47
N ALA Z 96 -23.94 17.67 -37.87
CA ALA Z 96 -24.60 18.96 -37.99
C ALA Z 96 -24.66 19.68 -36.66
N SER Z 97 -25.06 18.95 -35.61
CA SER Z 97 -25.12 19.57 -34.28
C SER Z 97 -23.77 20.10 -33.86
N ARG Z 98 -22.73 19.28 -34.00
CA ARG Z 98 -21.40 19.71 -33.58
C ARG Z 98 -20.90 20.90 -34.38
N PHE Z 99 -21.12 20.88 -35.70
CA PHE Z 99 -20.69 21.99 -36.56
C PHE Z 99 -21.33 23.30 -36.12
N ILE Z 100 -22.65 23.28 -35.90
CA ILE Z 100 -23.35 24.52 -35.56
C ILE Z 100 -22.86 25.05 -34.21
N LYS Z 101 -22.74 24.15 -33.22
CA LYS Z 101 -22.28 24.59 -31.90
C LYS Z 101 -20.89 25.20 -31.97
N GLU Z 102 -19.95 24.52 -32.62
CA GLU Z 102 -18.57 24.99 -32.66
C GLU Z 102 -18.44 26.28 -33.46
N ALA Z 103 -19.28 26.46 -34.49
CA ALA Z 103 -19.24 27.71 -35.24
C ALA Z 103 -19.76 28.88 -34.41
N LEU Z 104 -20.89 28.69 -33.74
CA LEU Z 104 -21.50 29.80 -33.01
C LEU Z 104 -20.73 30.16 -31.74
N LEU Z 105 -20.07 29.20 -31.12
CA LEU Z 105 -19.53 29.55 -29.80
C LEU Z 105 -18.30 30.48 -29.84
N ILE Z 106 -17.83 31.03 -30.96
CA ILE Z 106 -16.68 31.91 -30.92
C ILE Z 106 -17.04 33.34 -30.55
N ASN Z 107 -18.31 33.71 -30.65
CA ASN Z 107 -18.72 35.06 -30.27
C ASN Z 107 -18.74 35.16 -28.76
N PRO Z 108 -18.04 36.13 -28.16
CA PRO Z 108 -18.02 36.24 -26.70
C PRO Z 108 -19.36 36.63 -26.09
N TYR Z 109 -20.31 37.14 -26.89
CA TYR Z 109 -21.62 37.52 -26.39
C TYR Z 109 -22.60 36.36 -26.35
N ILE Z 110 -22.21 35.19 -26.84
CA ILE Z 110 -23.07 34.01 -26.87
C ILE Z 110 -22.56 33.02 -25.85
N LEU Z 111 -23.44 32.53 -25.00
CA LEU Z 111 -23.06 31.74 -23.83
C LEU Z 111 -23.23 30.24 -24.01
N GLU Z 112 -24.31 29.81 -24.65
CA GLU Z 112 -24.56 28.38 -24.81
C GLU Z 112 -25.49 28.16 -26.00
N VAL Z 113 -25.23 27.09 -26.75
CA VAL Z 113 -26.01 26.74 -27.92
C VAL Z 113 -26.51 25.31 -27.77
N ASN Z 114 -27.77 25.08 -28.11
CA ASN Z 114 -28.39 23.76 -28.03
C ASN Z 114 -29.13 23.47 -29.33
N VAL Z 115 -28.86 22.32 -29.93
CA VAL Z 115 -29.56 21.86 -31.12
C VAL Z 115 -30.44 20.69 -30.69
N LYS Z 116 -31.73 20.95 -30.52
CA LYS Z 116 -32.61 20.03 -29.83
C LYS Z 116 -33.30 19.05 -30.78
N SER Z 117 -34.09 19.56 -31.72
CA SER Z 117 -34.87 18.71 -32.59
C SER Z 117 -34.12 18.45 -33.88
N ALA Z 118 -34.46 17.34 -34.53
CA ALA Z 118 -33.83 16.98 -35.81
C ALA Z 118 -34.72 15.95 -36.49
N ASN Z 119 -35.15 16.25 -37.72
CA ASN Z 119 -36.10 15.41 -38.44
C ASN Z 119 -35.67 15.31 -39.89
N PHE Z 120 -35.93 14.16 -40.50
CA PHE Z 120 -35.65 13.92 -41.91
C PHE Z 120 -36.97 13.75 -42.65
N ASN Z 121 -37.22 14.61 -43.63
CA ASN Z 121 -38.42 14.53 -44.46
C ASN Z 121 -38.00 14.79 -45.90
N ARG Z 122 -38.15 13.78 -46.76
CA ARG Z 122 -37.69 13.82 -48.15
C ARG Z 122 -36.21 14.19 -48.13
N ASP Z 123 -35.80 15.25 -48.83
CA ASP Z 123 -34.42 15.68 -48.87
C ASP Z 123 -34.14 16.87 -47.97
N ILE Z 124 -35.01 17.13 -47.00
CA ILE Z 124 -34.89 18.30 -46.13
C ILE Z 124 -34.57 17.83 -44.72
N LEU Z 125 -33.57 18.45 -44.10
CA LEU Z 125 -33.23 18.24 -42.70
C LEU Z 125 -33.64 19.48 -41.91
N SER Z 126 -34.44 19.28 -40.87
CA SER Z 126 -34.94 20.36 -40.04
C SER Z 126 -34.37 20.23 -38.64
N ALA Z 127 -34.12 21.37 -38.00
CA ALA Z 127 -33.59 21.37 -36.64
C ALA Z 127 -33.99 22.65 -35.93
N ASN Z 128 -33.98 22.60 -34.60
CA ASN Z 128 -34.28 23.74 -33.75
C ASN Z 128 -33.03 24.09 -32.96
N VAL Z 129 -32.63 25.35 -33.01
CA VAL Z 129 -31.43 25.84 -32.33
C VAL Z 129 -31.85 26.90 -31.32
N LYS Z 130 -31.37 26.77 -30.09
CA LYS Z 130 -31.65 27.73 -29.03
C LYS Z 130 -30.34 28.37 -28.58
N VAL Z 131 -30.26 29.69 -28.69
CA VAL Z 131 -29.07 30.46 -28.35
C VAL Z 131 -29.35 31.28 -27.11
N SER Z 132 -28.46 31.20 -26.13
CA SER Z 132 -28.55 31.98 -24.90
C SER Z 132 -27.45 33.03 -24.89
N THR Z 133 -27.83 34.29 -24.71
CA THR Z 133 -26.90 35.41 -24.68
C THR Z 133 -26.86 36.01 -23.28
N ILE Z 134 -26.02 37.02 -23.11
CA ILE Z 134 -25.93 37.70 -21.82
C ILE Z 134 -27.17 38.56 -21.58
N TYR Z 135 -27.71 39.16 -22.62
CA TYR Z 135 -28.94 39.95 -22.50
C TYR Z 135 -30.15 39.05 -22.31
N ALA AA 2 7.21 -27.38 -69.56
CA ALA AA 2 8.63 -27.53 -69.28
C ALA AA 2 8.97 -27.12 -67.87
N ILE AA 3 9.70 -27.97 -67.16
CA ILE AA 3 10.06 -27.75 -65.77
C ILE AA 3 11.45 -27.15 -65.73
N GLY AA 4 11.58 -25.97 -65.12
CA GLY AA 4 12.87 -25.31 -65.06
C GLY AA 4 13.37 -25.08 -63.66
N LEU AA 5 14.37 -24.20 -63.51
CA LEU AA 5 14.91 -23.91 -62.20
C LEU AA 5 13.90 -23.12 -61.37
N PRO AA 6 13.95 -23.25 -60.04
CA PRO AA 6 13.10 -22.41 -59.19
C PRO AA 6 13.44 -20.94 -59.37
N SER AA 7 12.43 -20.08 -59.24
CA SER AA 7 12.61 -18.67 -59.54
C SER AA 7 11.61 -17.83 -58.76
N ILE AA 8 11.82 -16.51 -58.82
CA ILE AA 8 10.90 -15.51 -58.27
C ILE AA 8 10.37 -14.70 -59.43
N ASN AA 9 9.05 -14.62 -59.55
CA ASN AA 9 8.40 -13.85 -60.60
C ASN AA 9 7.74 -12.63 -59.99
N ILE AA 10 8.09 -11.45 -60.49
CA ILE AA 10 7.60 -10.19 -59.97
C ILE AA 10 6.87 -9.45 -61.08
N SER AA 11 5.69 -8.94 -60.76
CA SER AA 11 4.91 -8.09 -61.66
C SER AA 11 4.41 -6.88 -60.88
N PHE AA 12 4.30 -5.76 -61.57
CA PHE AA 12 3.93 -4.50 -60.94
C PHE AA 12 2.55 -4.06 -61.39
N LYS AA 13 1.83 -3.43 -60.46
CA LYS AA 13 0.46 -3.00 -60.69
C LYS AA 13 0.23 -1.65 -60.02
N GLU AA 14 -0.79 -0.95 -60.49
CA GLU AA 14 -1.15 0.35 -59.94
C GLU AA 14 -2.00 0.18 -58.69
N LEU AA 15 -1.79 1.06 -57.70
CA LEU AA 15 -2.58 1.02 -56.47
C LEU AA 15 -3.80 1.92 -56.64
N ALA AA 16 -4.99 1.33 -56.64
CA ALA AA 16 -6.23 2.07 -56.68
C ALA AA 16 -6.93 1.93 -55.34
N THR AA 17 -7.33 3.05 -54.76
CA THR AA 17 -8.03 3.03 -53.48
C THR AA 17 -9.47 2.54 -53.63
N THR AA 18 -10.13 2.92 -54.72
CA THR AA 18 -11.50 2.50 -54.95
C THR AA 18 -11.56 1.02 -55.29
N VAL AA 19 -12.71 0.41 -55.00
CA VAL AA 19 -12.95 -1.01 -55.26
C VAL AA 19 -14.11 -1.13 -56.22
N LYS AA 20 -13.98 -2.04 -57.19
CA LYS AA 20 -14.98 -2.18 -58.24
C LYS AA 20 -16.32 -2.63 -57.66
N GLU AA 21 -17.40 -2.06 -58.20
CA GLU AA 21 -18.73 -2.34 -57.69
C GLU AA 21 -19.26 -3.68 -58.19
N ARG AA 22 -19.91 -4.41 -57.29
CA ARG AA 22 -20.32 -5.79 -57.57
C ARG AA 22 -21.69 -5.91 -58.21
N SER AA 23 -22.51 -4.87 -58.18
CA SER AA 23 -23.89 -4.99 -58.59
C SER AA 23 -24.01 -4.98 -60.12
N ALA AA 24 -25.21 -5.32 -60.59
CA ALA AA 24 -25.48 -5.28 -62.03
C ALA AA 24 -25.42 -3.86 -62.58
N ARG AA 25 -25.75 -2.87 -61.75
CA ARG AA 25 -25.48 -1.50 -62.13
C ARG AA 25 -23.97 -1.25 -62.18
N GLY AA 26 -23.59 -0.17 -62.84
CA GLY AA 26 -22.19 0.08 -63.08
C GLY AA 26 -21.69 -0.46 -64.40
N ILE AA 27 -22.52 -1.16 -65.16
CA ILE AA 27 -22.16 -1.59 -66.50
C ILE AA 27 -22.51 -0.44 -67.45
N ILE AA 28 -21.49 0.14 -68.07
CA ILE AA 28 -21.65 1.27 -68.98
C ILE AA 28 -21.39 0.78 -70.39
N ALA AA 29 -22.23 1.22 -71.33
CA ALA AA 29 -22.08 0.92 -72.74
C ALA AA 29 -21.66 2.18 -73.48
N MET AA 30 -20.58 2.08 -74.25
CA MET AA 30 -20.05 3.21 -75.00
C MET AA 30 -20.00 2.86 -76.48
N VAL AA 31 -20.41 3.80 -77.32
CA VAL AA 31 -20.36 3.66 -78.76
C VAL AA 31 -19.36 4.67 -79.30
N LEU AA 32 -18.29 4.18 -79.92
CA LEU AA 32 -17.26 5.03 -80.49
C LEU AA 32 -16.94 4.56 -81.89
N LYS AA 33 -16.83 5.51 -82.81
CA LYS AA 33 -16.62 5.21 -84.23
C LYS AA 33 -15.13 5.20 -84.54
N ASP AA 34 -14.62 4.05 -84.97
CA ASP AA 34 -13.23 3.88 -85.34
C ASP AA 34 -13.17 3.02 -86.59
N ALA AA 35 -12.06 3.14 -87.32
CA ALA AA 35 -11.89 2.43 -88.57
C ALA AA 35 -11.03 1.17 -88.45
N LYS AA 36 -10.57 0.83 -87.25
CA LYS AA 36 -9.63 -0.26 -87.09
C LYS AA 36 -10.19 -1.46 -86.33
N ALA AA 37 -10.70 -1.25 -85.11
CA ALA AA 37 -11.09 -2.37 -84.26
C ALA AA 37 -12.27 -3.14 -84.85
N LEU AA 38 -13.40 -2.44 -85.06
CA LEU AA 38 -14.57 -3.00 -85.73
C LEU AA 38 -15.10 -4.25 -85.03
N GLY AA 39 -15.59 -4.04 -83.81
CA GLY AA 39 -16.17 -5.13 -83.07
C GLY AA 39 -16.63 -4.68 -81.70
N LEU AA 40 -16.95 -5.66 -80.86
CA LEU AA 40 -17.29 -5.43 -79.46
C LEU AA 40 -16.17 -5.93 -78.56
N ASN AA 41 -15.86 -5.16 -77.51
CA ASN AA 41 -14.89 -5.55 -76.50
C ASN AA 41 -15.47 -5.27 -75.12
N GLU AA 42 -15.13 -6.13 -74.16
CA GLU AA 42 -15.50 -5.96 -72.77
C GLU AA 42 -14.24 -5.63 -71.97
N ILE AA 43 -14.19 -4.43 -71.43
CA ILE AA 43 -13.00 -3.92 -70.74
C ILE AA 43 -13.27 -3.97 -69.24
N HIS AA 44 -12.50 -4.79 -68.54
CA HIS AA 44 -12.60 -4.89 -67.08
C HIS AA 44 -11.55 -4.05 -66.36
N GLU AA 45 -10.45 -3.71 -67.02
CA GLU AA 45 -9.38 -2.97 -66.37
C GLU AA 45 -8.57 -2.28 -67.46
N LYS AA 46 -7.59 -1.48 -67.04
CA LYS AA 46 -6.83 -0.68 -67.99
C LYS AA 46 -5.91 -1.55 -68.85
N GLU AA 47 -5.35 -2.62 -68.26
CA GLU AA 47 -4.38 -3.44 -68.96
C GLU AA 47 -4.95 -4.20 -70.15
N ASP AA 48 -6.28 -4.32 -70.26
CA ASP AA 48 -6.88 -5.08 -71.34
C ASP AA 48 -7.56 -4.19 -72.38
N ILE AA 49 -7.12 -2.95 -72.50
CA ILE AA 49 -7.58 -2.08 -73.59
C ILE AA 49 -6.91 -2.52 -74.88
N PRO AA 50 -7.65 -2.72 -75.97
CA PRO AA 50 -7.03 -3.19 -77.21
C PRO AA 50 -6.01 -2.19 -77.76
N VAL AA 51 -4.92 -2.73 -78.30
CA VAL AA 51 -3.87 -1.95 -78.94
C VAL AA 51 -4.42 -1.51 -80.29
N ASP AA 52 -3.69 -0.63 -80.99
CA ASP AA 52 -4.02 -0.11 -82.32
C ASP AA 52 -5.38 0.58 -82.36
N LEU AA 53 -5.87 1.02 -81.20
CA LEU AA 53 -7.02 1.91 -81.12
C LEU AA 53 -6.52 3.33 -80.90
N SER AA 54 -7.18 4.30 -81.53
CA SER AA 54 -6.68 5.66 -81.53
C SER AA 54 -6.54 6.20 -80.11
N ALA AA 55 -5.53 7.05 -79.91
CA ALA AA 55 -5.27 7.59 -78.58
C ALA AA 55 -6.43 8.42 -78.06
N GLU AA 56 -7.18 9.06 -78.96
CA GLU AA 56 -8.35 9.82 -78.56
C GLU AA 56 -9.41 8.92 -77.93
N ASN AA 57 -9.72 7.80 -78.57
CA ASN AA 57 -10.66 6.87 -77.98
C ASN AA 57 -10.09 6.23 -76.72
N LYS AA 58 -8.76 6.10 -76.65
CA LYS AA 58 -8.14 5.63 -75.42
C LYS AA 58 -8.39 6.61 -74.28
N GLU AA 59 -8.30 7.91 -74.55
CA GLU AA 59 -8.54 8.89 -73.51
C GLU AA 59 -10.01 8.87 -73.08
N TYR AA 60 -10.93 8.66 -74.03
CA TYR AA 60 -12.33 8.52 -73.64
C TYR AA 60 -12.55 7.29 -72.76
N ILE AA 61 -11.94 6.16 -73.12
CA ILE AA 61 -12.09 4.95 -72.31
C ILE AA 61 -11.52 5.17 -70.92
N ASN AA 62 -10.37 5.85 -70.84
CA ASN AA 62 -9.77 6.14 -69.53
C ASN AA 62 -10.68 7.04 -68.70
N LEU AA 63 -11.30 8.03 -69.33
CA LEU AA 63 -12.25 8.87 -68.61
C LEU AA 63 -13.41 8.07 -68.06
N ALA AA 64 -13.95 7.15 -68.88
CA ALA AA 64 -15.06 6.33 -68.42
C ALA AA 64 -14.67 5.39 -67.30
N LEU AA 65 -13.42 4.88 -67.33
CA LEU AA 65 -12.99 3.91 -66.33
C LEU AA 65 -12.91 4.50 -64.93
N MET AA 66 -12.84 5.82 -64.81
CA MET AA 66 -12.77 6.45 -63.50
C MET AA 66 -14.14 6.51 -62.86
N GLY AA 67 -14.18 6.28 -61.54
CA GLY AA 67 -15.43 6.26 -60.81
C GLY AA 67 -15.38 7.23 -59.64
N ASN AA 68 -16.53 7.37 -58.97
CA ASN AA 68 -16.62 8.30 -57.86
C ASN AA 68 -16.10 7.68 -56.57
N VAL AA 69 -16.78 6.66 -56.07
CA VAL AA 69 -16.40 6.00 -54.82
C VAL AA 69 -16.05 4.55 -55.17
N ASN AA 70 -16.61 4.06 -56.26
CA ASN AA 70 -16.31 2.75 -56.79
C ASN AA 70 -16.03 2.87 -58.27
N THR AA 71 -15.23 1.96 -58.80
CA THR AA 71 -15.01 1.95 -60.24
C THR AA 71 -16.13 1.19 -60.95
N PRO AA 72 -16.39 1.52 -62.22
CA PRO AA 72 -17.44 0.81 -62.95
C PRO AA 72 -17.18 -0.69 -63.01
N ASN AA 73 -18.27 -1.46 -62.93
CA ASN AA 73 -18.14 -2.91 -62.93
C ASN AA 73 -17.55 -3.42 -64.24
N LYS AA 74 -18.01 -2.88 -65.37
CA LYS AA 74 -17.57 -3.36 -66.67
C LYS AA 74 -17.85 -2.29 -67.69
N LEU AA 75 -17.20 -2.41 -68.86
CA LEU AA 75 -17.42 -1.52 -69.99
C LEU AA 75 -17.74 -2.34 -71.23
N LEU AA 76 -18.71 -1.87 -72.00
CA LEU AA 76 -19.04 -2.45 -73.30
C LEU AA 76 -18.79 -1.39 -74.36
N VAL AA 77 -17.78 -1.62 -75.21
CA VAL AA 77 -17.43 -0.69 -76.27
C VAL AA 77 -17.76 -1.34 -77.60
N TYR AA 78 -18.61 -0.69 -78.38
CA TYR AA 78 -19.00 -1.16 -79.71
C TYR AA 78 -18.34 -0.26 -80.74
N VAL AA 79 -17.41 -0.83 -81.50
CA VAL AA 79 -16.66 -0.08 -82.51
C VAL AA 79 -17.40 -0.14 -83.82
N ILE AA 80 -17.60 1.01 -84.45
CA ILE AA 80 -18.45 1.15 -85.61
C ILE AA 80 -17.70 1.94 -86.68
N GLU AA 81 -17.87 1.54 -87.94
CA GLU AA 81 -17.31 2.29 -89.05
C GLU AA 81 -18.05 3.60 -89.23
N GLY AA 82 -17.32 4.62 -89.69
CA GLY AA 82 -17.92 5.94 -89.87
C GLY AA 82 -19.10 5.91 -90.81
N GLU AA 83 -19.00 5.15 -91.90
CA GLU AA 83 -20.12 5.03 -92.82
C GLU AA 83 -21.25 4.20 -92.23
N ALA AA 84 -20.95 3.30 -91.30
CA ALA AA 84 -21.97 2.43 -90.73
C ALA AA 84 -22.98 3.25 -89.93
N ASP AA 85 -24.21 2.77 -89.92
CA ASP AA 85 -25.31 3.48 -89.29
C ASP AA 85 -25.36 3.19 -87.79
N ILE AA 86 -25.81 4.19 -87.03
CA ILE AA 86 -25.99 4.00 -85.59
C ILE AA 86 -27.07 2.96 -85.30
N GLN AA 87 -28.00 2.77 -86.23
CA GLN AA 87 -29.11 1.84 -85.99
C GLN AA 87 -28.63 0.41 -85.83
N THR AA 88 -27.57 0.04 -86.55
CA THR AA 88 -27.00 -1.30 -86.40
C THR AA 88 -26.45 -1.50 -85.00
N ALA AA 89 -25.73 -0.50 -84.48
CA ALA AA 89 -25.21 -0.58 -83.12
C ALA AA 89 -26.35 -0.66 -82.10
N LEU AA 90 -27.40 0.14 -82.31
CA LEU AA 90 -28.53 0.11 -81.39
C LEU AA 90 -29.22 -1.25 -81.40
N ASP AA 91 -29.42 -1.81 -82.59
CA ASP AA 91 -30.06 -3.12 -82.71
C ASP AA 91 -29.22 -4.20 -82.05
N PHE AA 92 -27.90 -4.13 -82.21
CA PHE AA 92 -27.04 -5.08 -81.50
C PHE AA 92 -27.14 -4.90 -80.00
N LEU AA 93 -27.19 -3.65 -79.53
CA LEU AA 93 -27.17 -3.39 -78.09
C LEU AA 93 -28.49 -3.74 -77.42
N GLU AA 94 -29.59 -3.82 -78.18
CA GLU AA 94 -30.87 -4.18 -77.58
C GLU AA 94 -30.79 -5.49 -76.81
N THR AA 95 -30.00 -6.45 -77.29
CA THR AA 95 -29.94 -7.76 -76.65
C THR AA 95 -29.15 -7.72 -75.35
N LYS AA 96 -28.03 -7.00 -75.32
CA LYS AA 96 -27.19 -6.97 -74.15
C LYS AA 96 -27.86 -6.20 -73.01
N GLU AA 97 -27.29 -6.33 -71.82
CA GLU AA 97 -27.78 -5.63 -70.64
C GLU AA 97 -26.73 -4.63 -70.16
N PHE AA 98 -27.20 -3.49 -69.69
CA PHE AA 98 -26.33 -2.40 -69.25
C PHE AA 98 -27.18 -1.41 -68.47
N ASN AA 99 -26.50 -0.43 -67.87
CA ASN AA 99 -27.17 0.64 -67.14
C ASN AA 99 -27.26 1.93 -67.95
N TYR AA 100 -26.13 2.46 -68.38
CA TYR AA 100 -26.07 3.76 -69.03
C TYR AA 100 -25.38 3.64 -70.38
N LEU AA 101 -25.79 4.50 -71.32
CA LEU AA 101 -25.24 4.54 -72.66
C LEU AA 101 -24.75 5.96 -72.95
N CYS AA 102 -23.57 6.06 -73.57
CA CYS AA 102 -22.99 7.34 -73.94
C CYS AA 102 -22.31 7.23 -75.29
N MET AA 103 -22.28 8.34 -76.02
CA MET AA 103 -21.63 8.41 -77.33
C MET AA 103 -20.79 9.68 -77.39
N PRO AA 104 -19.47 9.58 -77.22
CA PRO AA 104 -18.63 10.79 -77.19
C PRO AA 104 -18.65 11.59 -78.48
N LYS AA 105 -19.03 10.99 -79.61
CA LYS AA 105 -19.13 11.71 -80.89
C LYS AA 105 -20.48 11.40 -81.49
N ALA AA 106 -21.36 12.40 -81.55
CA ALA AA 106 -22.70 12.19 -82.05
C ALA AA 106 -23.25 13.46 -82.68
N VAL AA 107 -23.84 13.31 -83.86
CA VAL AA 107 -24.48 14.42 -84.56
C VAL AA 107 -25.92 14.53 -84.07
N GLU AA 108 -26.59 15.65 -84.38
CA GLU AA 108 -27.97 15.85 -83.94
C GLU AA 108 -28.87 14.70 -84.37
N ALA AA 109 -28.68 14.19 -85.59
CA ALA AA 109 -29.46 13.04 -86.03
C ALA AA 109 -29.18 11.82 -85.17
N ASP AA 110 -27.90 11.59 -84.85
CA ASP AA 110 -27.55 10.48 -83.97
C ASP AA 110 -28.18 10.65 -82.60
N LYS AA 111 -28.15 11.87 -82.06
CA LYS AA 111 -28.73 12.11 -80.75
C LYS AA 111 -30.23 11.86 -80.74
N THR AA 112 -30.94 12.33 -81.78
CA THR AA 112 -32.39 12.10 -81.79
C THR AA 112 -32.71 10.63 -82.01
N ALA AA 113 -31.88 9.91 -82.77
CA ALA AA 113 -32.09 8.48 -82.92
C ALA AA 113 -31.94 7.77 -81.58
N ILE AA 114 -30.89 8.11 -80.83
CA ILE AA 114 -30.67 7.48 -79.53
C ILE AA 114 -31.81 7.81 -78.58
N LYS AA 115 -32.27 9.07 -78.60
CA LYS AA 115 -33.38 9.47 -77.73
C LYS AA 115 -34.64 8.68 -78.04
N ASN AA 116 -34.98 8.58 -79.34
CA ASN AA 116 -36.18 7.84 -79.72
C ASN AA 116 -36.06 6.37 -79.35
N TRP AA 117 -34.87 5.79 -79.55
CA TRP AA 117 -34.65 4.39 -79.18
C TRP AA 117 -34.85 4.18 -77.68
N ILE AA 118 -34.31 5.08 -76.86
CA ILE AA 118 -34.47 4.95 -75.41
C ILE AA 118 -35.94 5.05 -75.02
N ILE AA 119 -36.65 6.02 -75.59
CA ILE AA 119 -38.08 6.16 -75.28
C ILE AA 119 -38.82 4.88 -75.62
N LYS AA 120 -38.60 4.37 -76.84
CA LYS AA 120 -39.34 3.20 -77.30
C LYS AA 120 -39.03 1.98 -76.44
N LEU AA 121 -37.75 1.77 -76.14
CA LEU AA 121 -37.37 0.62 -75.31
C LEU AA 121 -37.96 0.73 -73.91
N ARG AA 122 -37.95 1.92 -73.33
CA ARG AA 122 -38.37 2.08 -71.94
C ARG AA 122 -39.88 1.97 -71.81
N ASP AA 123 -40.63 2.56 -72.74
CA ASP AA 123 -42.07 2.65 -72.59
C ASP AA 123 -42.83 1.49 -73.21
N ILE AA 124 -42.43 1.03 -74.39
CA ILE AA 124 -43.16 -0.03 -75.08
C ILE AA 124 -42.65 -1.40 -74.67
N ASP AA 125 -41.35 -1.66 -74.80
CA ASP AA 125 -40.79 -2.97 -74.56
C ASP AA 125 -40.48 -3.24 -73.09
N LYS AA 126 -40.69 -2.25 -72.21
CA LYS AA 126 -40.50 -2.42 -70.77
C LYS AA 126 -39.09 -2.90 -70.44
N VAL AA 127 -38.09 -2.22 -71.00
CA VAL AA 127 -36.69 -2.46 -70.67
C VAL AA 127 -36.14 -1.19 -70.04
N LYS AA 128 -35.50 -1.33 -68.89
CA LYS AA 128 -35.03 -0.18 -68.12
C LYS AA 128 -33.58 0.13 -68.50
N VAL AA 129 -33.40 1.13 -69.36
CA VAL AA 129 -32.08 1.59 -69.77
C VAL AA 129 -32.08 3.12 -69.77
N LYS AA 130 -30.88 3.69 -69.75
CA LYS AA 130 -30.73 5.14 -69.69
C LYS AA 130 -29.56 5.57 -70.57
N ALA AA 131 -29.56 6.85 -70.93
CA ALA AA 131 -28.49 7.42 -71.74
C ALA AA 131 -28.10 8.80 -71.20
N VAL AA 132 -26.82 9.13 -71.35
CA VAL AA 132 -26.30 10.45 -71.01
C VAL AA 132 -25.93 11.14 -72.31
N LEU AA 133 -26.54 12.28 -72.58
CA LEU AA 133 -26.36 13.00 -73.84
C LEU AA 133 -26.10 14.47 -73.55
N GLY AA 134 -25.47 15.13 -74.52
CA GLY AA 134 -25.13 16.54 -74.41
C GLY AA 134 -26.07 17.41 -75.22
N LYS AA 135 -26.66 18.40 -74.54
CA LYS AA 135 -27.55 19.38 -75.17
C LYS AA 135 -28.71 18.73 -75.90
N VAL AA 136 -29.43 17.86 -75.19
CA VAL AA 136 -30.61 17.19 -75.74
C VAL AA 136 -31.76 17.42 -74.77
N VAL AA 137 -32.84 18.01 -75.26
CA VAL AA 137 -34.07 18.16 -74.48
C VAL AA 137 -34.85 16.88 -74.66
N GLY AA 138 -34.82 16.02 -73.65
CA GLY AA 138 -35.43 14.70 -73.75
C GLY AA 138 -36.80 14.61 -73.12
N ASN AA 139 -37.00 15.35 -72.03
CA ASN AA 139 -38.27 15.35 -71.30
C ASN AA 139 -38.69 13.93 -70.91
N HIS AA 140 -37.73 13.14 -70.46
CA HIS AA 140 -38.00 11.77 -70.08
C HIS AA 140 -37.02 11.35 -68.99
N GLU AA 141 -37.50 10.48 -68.10
CA GLU AA 141 -36.68 10.02 -66.98
C GLU AA 141 -35.48 9.20 -67.43
N GLY AA 142 -35.51 8.65 -68.63
CA GLY AA 142 -34.42 7.86 -69.15
C GLY AA 142 -33.30 8.63 -69.82
N ILE AA 143 -33.40 9.95 -69.90
CA ILE AA 143 -32.41 10.78 -70.56
C ILE AA 143 -31.79 11.71 -69.53
N ILE AA 144 -30.46 11.77 -69.52
CA ILE AA 144 -29.72 12.68 -68.66
C ILE AA 144 -29.08 13.72 -69.56
N ASN AA 145 -29.38 14.99 -69.31
CA ASN AA 145 -29.00 16.10 -70.18
C ASN AA 145 -27.86 16.88 -69.55
N PHE AA 146 -26.65 16.70 -70.09
CA PHE AA 146 -25.44 17.32 -69.55
C PHE AA 146 -25.05 18.48 -70.46
N THR AA 147 -25.10 19.71 -69.94
CA THR AA 147 -24.85 20.92 -70.73
C THR AA 147 -23.80 21.78 -70.02
N THR AA 148 -22.53 21.50 -70.27
CA THR AA 148 -21.43 22.36 -69.86
C THR AA 148 -20.43 22.40 -71.00
N GLU AA 149 -20.16 23.60 -71.50
CA GLU AA 149 -19.53 23.73 -72.82
C GLU AA 149 -18.08 23.27 -72.81
N ASP AA 150 -17.28 23.74 -71.85
CA ASP AA 150 -15.85 23.48 -71.85
C ASP AA 150 -15.43 22.94 -70.49
N VAL AA 151 -14.69 21.85 -70.51
CA VAL AA 151 -14.10 21.28 -69.30
C VAL AA 151 -12.62 21.13 -69.55
N LEU AA 152 -11.80 21.76 -68.72
CA LEU AA 152 -10.35 21.76 -68.88
C LEU AA 152 -9.76 20.85 -67.81
N VAL AA 153 -9.21 19.72 -68.24
CA VAL AA 153 -8.52 18.79 -67.36
C VAL AA 153 -7.09 18.63 -67.85
N GLY AA 154 -6.15 18.61 -66.91
CA GLY AA 154 -4.74 18.54 -67.27
C GLY AA 154 -4.32 19.73 -68.11
N GLU AA 155 -4.13 19.50 -69.41
CA GLU AA 155 -3.74 20.56 -70.33
C GLU AA 155 -4.63 20.68 -71.55
N LYS AA 156 -5.65 19.84 -71.69
CA LYS AA 156 -6.48 19.81 -72.88
C LYS AA 156 -7.93 20.15 -72.53
N LYS AA 157 -8.68 20.55 -73.54
CA LYS AA 157 -10.08 20.97 -73.37
C LYS AA 157 -11.00 19.93 -73.98
N TYR AA 158 -12.06 19.59 -73.25
CA TYR AA 158 -13.05 18.61 -73.68
C TYR AA 158 -14.37 19.31 -73.98
N SER AA 159 -15.03 18.86 -75.05
CA SER AA 159 -16.32 19.43 -75.42
C SER AA 159 -17.43 18.87 -74.54
N VAL AA 160 -18.66 19.32 -74.79
CA VAL AA 160 -19.79 18.85 -73.98
C VAL AA 160 -20.05 17.38 -74.22
N ASP AA 161 -19.85 16.91 -75.46
CA ASP AA 161 -20.10 15.50 -75.78
C ASP AA 161 -18.98 14.60 -75.29
N GLU AA 162 -17.75 15.12 -75.21
CA GLU AA 162 -16.62 14.27 -74.85
C GLU AA 162 -16.61 13.93 -73.36
N PHE AA 163 -17.16 14.80 -72.52
CA PHE AA 163 -17.16 14.59 -71.08
C PHE AA 163 -18.30 13.68 -70.61
N THR AA 164 -19.18 13.26 -71.52
CA THR AA 164 -20.28 12.38 -71.13
C THR AA 164 -19.76 11.03 -70.64
N SER AA 165 -18.60 10.59 -71.13
CA SER AA 165 -18.02 9.36 -70.62
C SER AA 165 -17.64 9.50 -69.15
N ARG AA 166 -17.00 10.62 -68.80
CA ARG AA 166 -16.69 10.87 -67.40
C ARG AA 166 -17.95 10.97 -66.57
N VAL AA 167 -18.98 11.62 -67.10
CA VAL AA 167 -20.24 11.77 -66.35
C VAL AA 167 -20.89 10.41 -66.12
N ALA AA 168 -20.90 9.56 -67.15
CA ALA AA 168 -21.49 8.23 -67.01
C ALA AA 168 -20.73 7.39 -66.00
N GLY AA 169 -19.40 7.45 -66.04
CA GLY AA 169 -18.63 6.76 -65.03
C GLY AA 169 -18.90 7.28 -63.63
N LEU AA 170 -19.08 8.60 -63.51
CA LEU AA 170 -19.41 9.19 -62.21
C LEU AA 170 -20.73 8.65 -61.68
N ILE AA 171 -21.75 8.62 -62.53
CA ILE AA 171 -23.06 8.17 -62.08
C ILE AA 171 -23.04 6.68 -61.75
N ALA AA 172 -22.30 5.90 -62.54
CA ALA AA 172 -22.25 4.46 -62.30
C ALA AA 172 -21.32 4.09 -61.15
N GLY AA 173 -20.48 5.00 -60.70
CA GLY AA 173 -19.58 4.72 -59.60
C GLY AA 173 -20.08 5.09 -58.22
N THR AA 174 -21.19 5.82 -58.14
CA THR AA 174 -21.63 6.19 -56.81
C THR AA 174 -22.62 5.15 -56.27
N PRO AA 175 -22.58 4.86 -54.98
CA PRO AA 175 -23.54 3.92 -54.39
C PRO AA 175 -24.94 4.49 -54.37
N LEU AA 176 -25.92 3.59 -54.23
CA LEU AA 176 -27.31 3.99 -54.23
C LEU AA 176 -27.76 4.60 -52.90
N SER AA 177 -26.97 4.46 -51.85
CA SER AA 177 -27.32 5.13 -50.59
C SER AA 177 -27.04 6.62 -50.64
N GLN AA 178 -26.15 7.06 -51.53
CA GLN AA 178 -25.83 8.46 -51.70
C GLN AA 178 -26.63 9.06 -52.85
N SER AA 179 -26.33 10.30 -53.19
CA SER AA 179 -26.80 10.93 -54.41
C SER AA 179 -25.62 11.67 -55.04
N VAL AA 180 -25.71 11.89 -56.35
CA VAL AA 180 -24.62 12.51 -57.09
C VAL AA 180 -24.50 14.01 -56.85
N THR AA 181 -25.48 14.61 -56.18
CA THR AA 181 -25.46 16.04 -55.93
C THR AA 181 -24.25 16.45 -55.10
N TYR AA 182 -23.58 17.52 -55.53
CA TYR AA 182 -22.43 18.12 -54.87
C TYR AA 182 -21.20 17.24 -54.87
N THR AA 183 -21.16 16.23 -55.74
CA THR AA 183 -19.95 15.44 -55.92
C THR AA 183 -18.90 16.25 -56.66
N LYS AA 184 -17.69 16.32 -56.10
CA LYS AA 184 -16.66 17.16 -56.68
C LYS AA 184 -15.66 16.33 -57.49
N LEU AA 185 -15.16 16.94 -58.55
CA LEU AA 185 -14.21 16.32 -59.47
C LEU AA 185 -12.83 16.93 -59.25
N SER AA 186 -11.90 16.12 -58.76
CA SER AA 186 -10.54 16.61 -58.52
C SER AA 186 -9.77 16.80 -59.82
N ASP AA 187 -10.16 16.12 -60.89
CA ASP AA 187 -9.44 16.23 -62.16
C ASP AA 187 -9.63 17.60 -62.79
N VAL AA 188 -10.86 18.11 -62.79
CA VAL AA 188 -11.16 19.35 -63.50
C VAL AA 188 -10.41 20.51 -62.87
N VAL AA 189 -9.86 21.38 -63.71
CA VAL AA 189 -9.07 22.51 -63.26
C VAL AA 189 -9.89 23.80 -63.21
N ASP AA 190 -10.63 24.10 -64.28
CA ASP AA 190 -11.47 25.28 -64.30
C ASP AA 190 -12.56 25.10 -65.34
N ILE AA 191 -13.58 25.94 -65.24
CA ILE AA 191 -14.73 25.90 -66.15
C ILE AA 191 -15.18 27.32 -66.47
N PRO AA 192 -15.90 27.50 -67.58
CA PRO AA 192 -16.39 28.84 -67.92
C PRO AA 192 -17.27 29.41 -66.81
N LYS AA 193 -17.11 30.72 -66.59
CA LYS AA 193 -17.84 31.40 -65.53
C LYS AA 193 -19.33 31.51 -65.87
N MET AA 194 -20.17 31.30 -64.87
CA MET AA 194 -21.60 31.53 -65.00
C MET AA 194 -22.13 32.01 -63.66
N THR AA 195 -23.13 32.89 -63.72
CA THR AA 195 -23.68 33.51 -62.53
C THR AA 195 -24.66 32.56 -61.84
N LYS AA 196 -25.02 32.93 -60.61
CA LYS AA 196 -25.89 32.07 -59.79
C LYS AA 196 -27.28 31.95 -60.40
N VAL AA 197 -27.83 33.06 -60.91
CA VAL AA 197 -29.15 33.01 -61.52
C VAL AA 197 -29.14 32.14 -62.77
N ASP AA 198 -28.04 32.18 -63.52
CA ASP AA 198 -27.91 31.30 -64.69
C ASP AA 198 -27.96 29.84 -64.28
N ALA AA 199 -27.21 29.47 -63.24
CA ALA AA 199 -27.19 28.09 -62.79
C ALA AA 199 -28.56 27.65 -62.29
N GLU AA 200 -29.24 28.52 -61.54
CA GLU AA 200 -30.58 28.18 -61.05
C GLU AA 200 -31.56 27.97 -62.19
N SER AA 201 -31.54 28.88 -63.19
CA SER AA 201 -32.46 28.75 -64.30
C SER AA 201 -32.15 27.50 -65.13
N ARG AA 202 -30.87 27.18 -65.29
CA ARG AA 202 -30.51 25.96 -66.00
C ARG AA 202 -31.01 24.72 -65.25
N VAL AA 203 -30.86 24.69 -63.93
CA VAL AA 203 -31.33 23.55 -63.15
C VAL AA 203 -32.84 23.42 -63.26
N ASN AA 204 -33.57 24.54 -63.19
CA ASN AA 204 -35.03 24.49 -63.31
C ASN AA 204 -35.46 23.90 -64.65
N LYS AA 205 -34.63 23.99 -65.67
CA LYS AA 205 -34.94 23.42 -66.98
C LYS AA 205 -34.61 21.94 -67.09
N GLY AA 206 -34.03 21.34 -66.06
CA GLY AA 206 -33.72 19.93 -66.08
C GLY AA 206 -32.41 19.61 -66.75
N GLU AA 207 -31.35 20.33 -66.40
CA GLU AA 207 -30.03 20.09 -66.94
C GLU AA 207 -29.05 19.78 -65.81
N LEU AA 208 -28.09 18.92 -66.12
CA LEU AA 208 -27.04 18.53 -65.19
C LEU AA 208 -25.78 19.33 -65.52
N ILE AA 209 -25.36 20.19 -64.59
CA ILE AA 209 -24.30 21.15 -64.86
C ILE AA 209 -23.23 21.07 -63.78
N LEU AA 210 -22.05 21.59 -64.11
CA LEU AA 210 -20.94 21.71 -63.17
C LEU AA 210 -20.89 23.14 -62.67
N ILE AA 211 -20.72 23.31 -61.36
CA ILE AA 211 -20.65 24.63 -60.74
C ILE AA 211 -19.45 24.70 -59.82
N LYS AA 212 -19.05 25.92 -59.49
CA LYS AA 212 -17.99 26.19 -58.54
C LYS AA 212 -18.61 26.68 -57.25
N GLU AA 213 -18.47 25.91 -56.17
CA GLU AA 213 -19.10 26.24 -54.91
C GLU AA 213 -18.29 25.65 -53.77
N ALA AA 214 -18.21 26.38 -52.66
CA ALA AA 214 -17.51 25.95 -51.46
C ALA AA 214 -16.06 25.58 -51.75
N GLY AA 215 -15.41 26.39 -52.59
CA GLY AA 215 -14.00 26.21 -52.88
C GLY AA 215 -13.66 24.93 -53.62
N ALA AA 216 -14.50 24.51 -54.56
CA ALA AA 216 -14.24 23.32 -55.34
C ALA AA 216 -15.11 23.38 -56.60
N ILE AA 217 -14.91 22.39 -57.47
CA ILE AA 217 -15.71 22.22 -58.68
C ILE AA 217 -16.53 20.94 -58.52
N ARG AA 218 -17.85 21.08 -58.58
CA ARG AA 218 -18.75 19.97 -58.35
C ARG AA 218 -19.98 20.14 -59.22
N ILE AA 219 -20.84 19.15 -59.21
CA ILE AA 219 -22.08 19.22 -59.97
C ILE AA 219 -23.15 19.87 -59.10
N ALA AA 220 -24.09 20.54 -59.75
CA ALA AA 220 -25.10 21.31 -59.01
C ALA AA 220 -26.13 20.41 -58.35
N ARG AA 221 -26.85 19.62 -59.14
CA ARG AA 221 -27.92 18.79 -58.62
C ARG AA 221 -28.15 17.60 -59.54
N GLY AA 222 -28.50 16.47 -58.93
CA GLY AA 222 -28.73 15.25 -59.67
C GLY AA 222 -30.15 15.06 -60.17
N VAL AA 223 -30.52 15.82 -61.19
CA VAL AA 223 -31.86 15.73 -61.78
C VAL AA 223 -31.72 15.28 -63.23
N ASN AA 224 -32.79 14.68 -63.74
CA ASN AA 224 -32.83 14.20 -65.12
C ASN AA 224 -33.63 15.18 -65.98
N SER AA 225 -33.89 14.78 -67.23
CA SER AA 225 -34.40 15.70 -68.23
C SER AA 225 -35.88 16.03 -68.04
N LEU AA 226 -36.61 15.25 -67.27
CA LEU AA 226 -38.06 15.44 -67.17
C LEU AA 226 -38.40 16.77 -66.51
N THR AA 227 -39.29 17.53 -67.13
CA THR AA 227 -39.72 18.82 -66.63
C THR AA 227 -41.21 18.91 -66.36
N GLU AA 228 -42.04 18.39 -67.25
CA GLU AA 228 -43.48 18.46 -67.11
C GLU AA 228 -43.99 17.28 -66.29
N LEU AA 229 -44.75 17.57 -65.24
CA LEU AA 229 -45.20 16.57 -64.29
C LEU AA 229 -46.72 16.42 -64.36
N THR AA 230 -47.17 15.18 -64.36
CA THR AA 230 -48.59 14.84 -64.35
C THR AA 230 -48.95 14.21 -63.01
N ALA AA 231 -50.22 13.79 -62.90
CA ALA AA 231 -50.64 13.07 -61.70
C ALA AA 231 -49.95 11.71 -61.62
N GLU AA 232 -49.74 11.05 -62.76
CA GLU AA 232 -49.11 9.74 -62.76
C GLU AA 232 -47.64 9.82 -62.38
N LYS AA 233 -46.92 10.79 -62.93
CA LYS AA 233 -45.49 10.97 -62.68
C LYS AA 233 -45.30 12.19 -61.78
N GLY AA 234 -45.05 11.95 -60.49
CA GLY AA 234 -44.86 13.02 -59.55
C GLY AA 234 -43.47 13.58 -59.58
N GLU AA 235 -43.23 14.52 -58.66
CA GLU AA 235 -41.92 15.17 -58.57
C GLU AA 235 -40.80 14.20 -58.18
N MET AA 236 -41.15 13.03 -57.65
CA MET AA 236 -40.13 12.07 -57.26
C MET AA 236 -39.44 11.44 -58.45
N PHE AA 237 -40.04 11.50 -59.63
CA PHE AA 237 -39.44 10.92 -60.82
C PHE AA 237 -38.41 11.84 -61.48
N GLN AA 238 -38.21 13.03 -60.94
CA GLN AA 238 -37.18 13.93 -61.47
C GLN AA 238 -35.79 13.64 -60.90
N LYS AA 239 -35.68 12.75 -59.91
CA LYS AA 239 -34.42 12.49 -59.24
C LYS AA 239 -33.76 11.24 -59.79
N ILE AA 240 -32.45 11.32 -60.01
CA ILE AA 240 -31.70 10.20 -60.57
C ILE AA 240 -31.70 9.02 -59.60
N LYS AA 241 -31.52 9.29 -58.31
CA LYS AA 241 -31.41 8.22 -57.33
C LYS AA 241 -32.69 7.39 -57.25
N ILE AA 242 -33.86 8.05 -57.27
CA ILE AA 242 -35.12 7.32 -57.16
C ILE AA 242 -35.31 6.39 -58.36
N VAL AA 243 -35.05 6.91 -59.56
CA VAL AA 243 -35.25 6.11 -60.78
C VAL AA 243 -34.28 4.94 -60.79
N ASP AA 244 -33.04 5.18 -60.38
CA ASP AA 244 -32.07 4.10 -60.29
C ASP AA 244 -32.51 3.01 -59.32
N THR AA 245 -33.04 3.41 -58.16
CA THR AA 245 -33.52 2.44 -57.19
C THR AA 245 -34.68 1.62 -57.75
N LEU AA 246 -35.62 2.29 -58.43
CA LEU AA 246 -36.75 1.58 -59.00
C LEU AA 246 -36.30 0.57 -60.05
N ASP AA 247 -35.34 0.96 -60.89
CA ASP AA 247 -34.84 0.03 -61.91
C ASP AA 247 -34.12 -1.16 -61.29
N ILE AA 248 -33.36 -0.92 -60.22
CA ILE AA 248 -32.71 -2.03 -59.52
C ILE AA 248 -33.74 -3.01 -58.97
N ILE AA 249 -34.80 -2.48 -58.34
CA ILE AA 249 -35.85 -3.33 -57.80
C ILE AA 249 -36.48 -4.17 -58.91
N HIS AA 250 -36.81 -3.52 -60.02
CA HIS AA 250 -37.43 -4.21 -61.15
C HIS AA 250 -36.56 -5.34 -61.66
N SER AA 251 -35.27 -5.05 -61.89
CA SER AA 251 -34.36 -6.06 -62.43
C SER AA 251 -34.18 -7.23 -61.48
N ASP AA 252 -34.01 -6.95 -60.18
CA ASP AA 252 -33.76 -8.03 -59.23
C ASP AA 252 -34.97 -8.94 -59.07
N ILE AA 253 -36.17 -8.36 -58.97
CA ILE AA 253 -37.36 -9.21 -58.81
C ILE AA 253 -37.57 -10.03 -60.08
N ARG AA 254 -37.35 -9.42 -61.25
CA ARG AA 254 -37.49 -10.18 -62.49
C ARG AA 254 -36.50 -11.35 -62.54
N LYS AA 255 -35.26 -11.12 -62.12
CA LYS AA 255 -34.27 -12.18 -62.11
C LYS AA 255 -34.69 -13.32 -61.20
N VAL AA 256 -35.18 -13.00 -60.01
CA VAL AA 256 -35.60 -14.05 -59.07
C VAL AA 256 -36.73 -14.88 -59.69
N ILE AA 257 -37.75 -14.20 -60.21
CA ILE AA 257 -38.90 -14.90 -60.75
C ILE AA 257 -38.50 -15.81 -61.91
N ILE AA 258 -37.69 -15.29 -62.84
CA ILE AA 258 -37.32 -16.06 -64.01
C ILE AA 258 -36.44 -17.24 -63.62
N ASP AA 259 -35.52 -17.04 -62.67
CA ASP AA 259 -34.59 -18.10 -62.31
C ASP AA 259 -35.28 -19.25 -61.60
N ASP AA 260 -36.22 -18.96 -60.69
CA ASP AA 260 -36.66 -20.00 -59.77
C ASP AA 260 -38.07 -20.53 -60.00
N TYR AA 261 -38.94 -19.84 -60.76
CA TYR AA 261 -40.34 -20.23 -60.74
C TYR AA 261 -40.97 -20.44 -62.11
N ILE AA 262 -40.53 -19.70 -63.12
CA ILE AA 262 -41.23 -19.73 -64.40
C ILE AA 262 -41.03 -21.07 -65.08
N GLY AA 263 -42.12 -21.80 -65.28
CA GLY AA 263 -42.10 -23.06 -65.99
C GLY AA 263 -41.63 -24.25 -65.18
N LYS AA 264 -41.26 -24.07 -63.92
CA LYS AA 264 -40.74 -25.15 -63.11
C LYS AA 264 -41.67 -25.56 -61.97
N VAL AA 265 -42.73 -24.79 -61.73
CA VAL AA 265 -43.55 -24.96 -60.55
C VAL AA 265 -45.02 -24.88 -60.94
N THR AA 266 -45.84 -25.79 -60.43
CA THR AA 266 -47.26 -25.80 -60.76
C THR AA 266 -47.97 -24.62 -60.09
N ASN AA 267 -49.02 -24.15 -60.74
CA ASN AA 267 -49.75 -22.96 -60.28
C ASN AA 267 -50.81 -23.37 -59.27
N SER AA 268 -50.41 -23.44 -58.00
CA SER AA 268 -51.32 -23.69 -56.90
C SER AA 268 -51.12 -22.60 -55.86
N TYR AA 269 -52.04 -22.57 -54.87
CA TYR AA 269 -52.00 -21.53 -53.86
C TYR AA 269 -50.75 -21.62 -52.99
N ASP AA 270 -50.31 -22.84 -52.67
CA ASP AA 270 -49.13 -23.02 -51.82
C ASP AA 270 -47.87 -22.47 -52.48
N ASN AA 271 -47.73 -22.70 -53.80
CA ASN AA 271 -46.58 -22.16 -54.50
C ASN AA 271 -46.65 -20.64 -54.61
N LYS AA 272 -47.84 -20.07 -54.71
CA LYS AA 272 -47.99 -18.63 -54.64
C LYS AA 272 -47.51 -18.10 -53.30
N CYS AA 273 -47.83 -18.79 -52.22
CA CYS AA 273 -47.36 -18.37 -50.91
C CYS AA 273 -45.83 -18.44 -50.82
N LEU AA 274 -45.25 -19.49 -51.37
CA LEU AA 274 -43.79 -19.59 -51.41
C LEU AA 274 -43.17 -18.40 -52.16
N LEU AA 275 -43.76 -18.04 -53.30
CA LEU AA 275 -43.26 -16.91 -54.08
C LEU AA 275 -43.36 -15.61 -53.29
N ILE AA 276 -44.49 -15.41 -52.60
CA ILE AA 276 -44.68 -14.22 -51.80
C ILE AA 276 -43.60 -14.13 -50.73
N VAL AA 277 -43.29 -15.25 -50.10
CA VAL AA 277 -42.25 -15.27 -49.07
C VAL AA 277 -40.90 -14.87 -49.66
N ALA AA 278 -40.58 -15.39 -50.85
CA ALA AA 278 -39.29 -15.05 -51.47
C ALA AA 278 -39.20 -13.55 -51.79
N ILE AA 279 -40.26 -12.98 -52.35
CA ILE AA 279 -40.24 -11.56 -52.68
C ILE AA 279 -40.12 -10.71 -51.42
N LYS AA 280 -40.84 -11.08 -50.36
CA LYS AA 280 -40.75 -10.34 -49.10
C LYS AA 280 -39.34 -10.41 -48.54
N SER AA 281 -38.68 -11.56 -48.68
CA SER AA 281 -37.29 -11.68 -48.24
C SER AA 281 -36.38 -10.72 -48.98
N TYR AA 282 -36.55 -10.62 -50.31
CA TYR AA 282 -35.72 -9.67 -51.05
C TYR AA 282 -35.98 -8.22 -50.61
N LEU AA 283 -37.26 -7.88 -50.39
CA LEU AA 283 -37.58 -6.53 -49.94
C LEU AA 283 -36.98 -6.24 -48.57
N GLU AA 284 -36.95 -7.24 -47.69
CA GLU AA 284 -36.32 -7.03 -46.38
C GLU AA 284 -34.82 -6.84 -46.51
N GLU AA 285 -34.19 -7.59 -47.42
CA GLU AA 285 -32.78 -7.36 -47.71
C GLU AA 285 -32.54 -5.91 -48.13
N LEU AA 286 -33.42 -5.37 -48.96
CA LEU AA 286 -33.30 -3.96 -49.33
C LEU AA 286 -33.58 -3.03 -48.15
N GLU AA 287 -34.46 -3.44 -47.23
CA GLU AA 287 -34.76 -2.62 -46.07
C GLU AA 287 -33.57 -2.48 -45.14
N LYS AA 288 -32.77 -3.55 -45.01
CA LYS AA 288 -31.62 -3.48 -44.11
C LYS AA 288 -30.60 -2.45 -44.60
N SER AA 289 -30.38 -2.37 -45.91
CA SER AA 289 -29.70 -1.22 -46.46
C SER AA 289 -30.62 -0.01 -46.40
N ALA AA 290 -30.04 1.17 -46.56
CA ALA AA 290 -30.80 2.39 -46.39
C ALA AA 290 -31.66 2.75 -47.60
N LEU AA 291 -31.95 1.78 -48.48
CA LEU AA 291 -32.59 2.11 -49.75
C LEU AA 291 -34.07 2.43 -49.60
N ILE AA 292 -34.81 1.66 -48.79
CA ILE AA 292 -36.25 1.84 -48.64
C ILE AA 292 -36.62 1.84 -47.16
N GLU AA 293 -37.88 2.17 -46.90
CA GLU AA 293 -38.39 2.28 -45.54
C GLU AA 293 -38.54 0.90 -44.90
N SER AA 294 -38.83 0.92 -43.59
CA SER AA 294 -38.75 -0.31 -42.79
C SER AA 294 -39.93 -1.25 -42.99
N ASP AA 295 -41.13 -0.72 -43.21
CA ASP AA 295 -42.34 -1.55 -43.27
C ASP AA 295 -42.81 -1.70 -44.71
N SER AA 296 -42.78 -2.92 -45.21
CA SER AA 296 -43.22 -3.24 -46.57
C SER AA 296 -44.10 -4.48 -46.54
N THR AA 297 -44.99 -4.59 -47.52
CA THR AA 297 -45.95 -5.68 -47.55
C THR AA 297 -46.05 -6.25 -48.95
N VAL AA 298 -46.27 -7.56 -49.02
CA VAL AA 298 -46.59 -8.28 -50.25
C VAL AA 298 -47.81 -9.13 -49.99
N GLU AA 299 -48.73 -9.18 -50.97
CA GLU AA 299 -50.02 -9.82 -50.76
C GLU AA 299 -50.56 -10.34 -52.08
N ILE AA 300 -51.61 -11.14 -51.98
CA ILE AA 300 -52.38 -11.55 -53.15
C ILE AA 300 -53.31 -10.42 -53.55
N ASP AA 301 -53.38 -10.15 -54.86
CA ASP AA 301 -54.26 -9.10 -55.38
C ASP AA 301 -55.65 -9.68 -55.55
N PHE AA 302 -56.56 -9.31 -54.64
CA PHE AA 302 -57.90 -9.90 -54.62
C PHE AA 302 -58.76 -9.40 -55.78
N GLU AA 303 -58.70 -8.10 -56.05
CA GLU AA 303 -59.54 -7.53 -57.10
C GLU AA 303 -59.17 -8.09 -58.47
N ALA AA 304 -57.88 -8.25 -58.74
CA ALA AA 304 -57.45 -8.78 -60.03
C ALA AA 304 -57.93 -10.21 -60.22
N GLN AA 305 -57.85 -11.04 -59.17
CA GLN AA 305 -58.36 -12.40 -59.25
C GLN AA 305 -59.86 -12.42 -59.48
N LYS AA 306 -60.59 -11.53 -58.79
CA LYS AA 306 -62.03 -11.45 -59.01
C LYS AA 306 -62.36 -11.08 -60.45
N SER AA 307 -61.63 -10.11 -60.99
CA SER AA 307 -61.87 -9.69 -62.38
C SER AA 307 -61.58 -10.82 -63.36
N TYR AA 308 -60.48 -11.54 -63.13
CA TYR AA 308 -60.14 -12.66 -64.02
C TYR AA 308 -61.20 -13.76 -63.96
N LEU AA 309 -61.66 -14.09 -62.76
CA LEU AA 309 -62.70 -15.10 -62.63
C LEU AA 309 -64.01 -14.65 -63.27
N LYS AA 310 -64.38 -13.38 -63.10
CA LYS AA 310 -65.57 -12.86 -63.76
C LYS AA 310 -65.44 -12.96 -65.27
N SER AA 311 -64.28 -12.60 -65.81
CA SER AA 311 -64.08 -12.68 -67.25
C SER AA 311 -64.20 -14.11 -67.75
N LYS AA 312 -63.63 -15.07 -67.00
CA LYS AA 312 -63.79 -16.47 -67.39
C LYS AA 312 -65.23 -16.95 -67.27
N GLY AA 313 -66.07 -16.24 -66.54
CA GLY AA 313 -67.48 -16.57 -66.46
C GLY AA 313 -67.92 -17.37 -65.26
N VAL AA 314 -67.05 -17.55 -64.26
CA VAL AA 314 -67.43 -18.32 -63.07
C VAL AA 314 -68.38 -17.52 -62.19
N ASP AA 315 -69.33 -18.21 -61.59
CA ASP AA 315 -70.32 -17.56 -60.72
C ASP AA 315 -69.67 -17.25 -59.38
N LEU AA 316 -69.38 -15.97 -59.15
CA LEU AA 316 -68.69 -15.55 -57.94
C LEU AA 316 -69.61 -15.36 -56.74
N SER AA 317 -70.92 -15.31 -56.95
CA SER AA 317 -71.83 -15.00 -55.86
C SER AA 317 -71.93 -16.14 -54.85
N TYR AA 318 -71.86 -17.38 -55.34
CA TYR AA 318 -72.06 -18.53 -54.46
C TYR AA 318 -70.84 -18.85 -53.62
N MET AA 319 -69.64 -18.53 -54.09
CA MET AA 319 -68.43 -18.88 -53.38
C MET AA 319 -68.10 -17.84 -52.32
N THR AA 320 -67.27 -18.24 -51.35
CA THR AA 320 -66.86 -17.38 -50.25
C THR AA 320 -65.45 -16.84 -50.51
N LEU AA 321 -65.05 -15.91 -49.64
CA LEU AA 321 -63.81 -15.16 -49.87
C LEU AA 321 -62.59 -16.08 -49.87
N GLN AA 322 -62.55 -17.05 -48.95
CA GLN AA 322 -61.46 -18.02 -48.95
C GLN AA 322 -61.41 -18.78 -50.26
N GLU AA 323 -62.57 -19.12 -50.82
CA GLU AA 323 -62.62 -19.81 -52.10
C GLU AA 323 -62.20 -18.90 -53.25
N ILE AA 324 -62.53 -17.61 -53.18
CA ILE AA 324 -62.06 -16.68 -54.21
C ILE AA 324 -60.55 -16.59 -54.18
N LYS AA 325 -59.97 -16.50 -52.99
CA LYS AA 325 -58.52 -16.37 -52.87
C LYS AA 325 -57.80 -17.59 -53.44
N GLU AA 326 -58.32 -18.78 -53.16
CA GLU AA 326 -57.63 -20.02 -53.47
C GLU AA 326 -58.11 -20.67 -54.77
N ALA AA 327 -58.89 -19.96 -55.57
CA ALA AA 327 -59.40 -20.52 -56.81
C ALA AA 327 -58.28 -20.69 -57.83
N ASN AA 328 -58.45 -21.67 -58.71
CA ASN AA 328 -57.47 -21.91 -59.76
C ASN AA 328 -57.57 -20.83 -60.83
N THR AA 329 -56.42 -20.39 -61.32
CA THR AA 329 -56.36 -19.31 -62.31
C THR AA 329 -55.68 -19.69 -63.61
N GLY AA 330 -55.07 -20.87 -63.69
CA GLY AA 330 -54.52 -21.33 -64.95
C GLY AA 330 -53.31 -20.57 -65.44
N SER AA 331 -52.17 -20.77 -64.76
CA SER AA 331 -50.87 -20.27 -65.16
C SER AA 331 -50.71 -18.76 -65.01
N LYS AA 332 -51.56 -18.10 -64.22
CA LYS AA 332 -51.47 -16.67 -64.00
C LYS AA 332 -51.47 -16.37 -62.51
N VAL AA 333 -50.68 -15.37 -62.11
CA VAL AA 333 -50.52 -15.00 -60.71
C VAL AA 333 -50.71 -13.49 -60.59
N PHE AA 334 -51.41 -13.06 -59.55
CA PHE AA 334 -51.65 -11.65 -59.29
C PHE AA 334 -51.16 -11.29 -57.89
N LEU AA 335 -50.31 -10.27 -57.79
CA LEU AA 335 -49.75 -9.84 -56.52
C LEU AA 335 -49.77 -8.32 -56.44
N LYS AA 336 -49.59 -7.82 -55.22
CA LYS AA 336 -49.47 -6.39 -54.98
C LYS AA 336 -48.48 -6.16 -53.86
N ALA AA 337 -47.91 -4.96 -53.82
CA ALA AA 337 -46.89 -4.65 -52.82
C ALA AA 337 -46.92 -3.16 -52.51
N LYS AA 338 -46.38 -2.81 -51.35
CA LYS AA 338 -46.24 -1.42 -50.92
C LYS AA 338 -44.81 -1.18 -50.44
N ILE AA 339 -44.16 -0.16 -51.00
CA ILE AA 339 -42.83 0.26 -50.56
C ILE AA 339 -42.81 1.77 -50.49
N LYS AA 340 -41.80 2.29 -49.78
CA LYS AA 340 -41.50 3.71 -49.77
C LYS AA 340 -40.02 3.90 -49.94
N VAL AA 341 -39.63 4.76 -50.88
CA VAL AA 341 -38.24 4.90 -51.29
C VAL AA 341 -37.64 6.13 -50.62
N LEU AA 342 -36.45 5.97 -50.07
CA LEU AA 342 -35.76 7.05 -49.39
C LEU AA 342 -35.06 7.96 -50.39
N ASP AA 343 -34.77 9.18 -49.95
CA ASP AA 343 -34.03 10.15 -50.74
C ASP AA 343 -32.88 10.71 -49.90
N ALA AA 344 -31.84 11.16 -50.58
CA ALA AA 344 -30.71 11.77 -49.92
C ALA AA 344 -31.06 13.17 -49.43
N MET AA 345 -30.32 13.63 -48.42
CA MET AA 345 -30.54 14.96 -47.86
C MET AA 345 -29.83 16.01 -48.70
N GLU AA 346 -30.56 17.05 -49.10
CA GLU AA 346 -30.01 18.09 -49.95
C GLU AA 346 -30.39 19.50 -49.53
N ASP AA 347 -31.16 19.68 -48.47
CA ASP AA 347 -31.53 21.00 -47.98
C ASP AA 347 -31.54 20.99 -46.46
N ILE AA 348 -31.33 22.16 -45.86
CA ILE AA 348 -31.32 22.32 -44.41
C ILE AA 348 -32.22 23.50 -44.07
N ASP AA 349 -33.16 23.28 -43.14
CA ASP AA 349 -34.05 24.32 -42.64
C ASP AA 349 -33.79 24.53 -41.17
N LEU AA 350 -33.24 25.69 -40.81
CA LEU AA 350 -32.89 26.01 -39.44
C LEU AA 350 -33.89 26.99 -38.87
N SER AA 351 -34.45 26.65 -37.71
CA SER AA 351 -35.32 27.53 -36.94
C SER AA 351 -34.57 27.93 -35.68
N ILE AA 352 -34.10 29.17 -35.63
CA ILE AA 352 -33.23 29.65 -34.56
C ILE AA 352 -34.06 30.52 -33.62
N GLU AA 353 -33.89 30.30 -32.32
CA GLU AA 353 -34.63 31.01 -31.29
C GLU AA 353 -33.72 31.98 -30.57
N ILE AA 354 -33.86 33.27 -30.87
CA ILE AA 354 -33.20 34.35 -30.15
C ILE AA 354 -31.68 34.27 -30.21
N ASN BA 3 -95.79 -48.91 -47.98
CA ASN BA 3 -94.54 -49.03 -48.72
C ASN BA 3 -93.58 -50.01 -48.04
N MET BA 4 -93.64 -50.06 -46.72
CA MET BA 4 -92.77 -50.93 -45.93
C MET BA 4 -93.44 -52.29 -45.79
N GLU BA 5 -92.83 -53.31 -46.39
CA GLU BA 5 -93.33 -54.67 -46.32
C GLU BA 5 -92.24 -55.58 -45.78
N ALA BA 6 -92.67 -56.66 -45.13
CA ALA BA 6 -91.70 -57.62 -44.59
C ALA BA 6 -90.93 -58.32 -45.69
N ARG BA 7 -91.45 -58.33 -46.92
CA ARG BA 7 -90.71 -58.95 -48.02
C ARG BA 7 -89.48 -58.15 -48.43
N ASN BA 8 -89.47 -56.85 -48.15
CA ASN BA 8 -88.39 -55.98 -48.60
C ASN BA 8 -87.16 -56.02 -47.71
N VAL BA 9 -87.24 -56.68 -46.55
CA VAL BA 9 -86.08 -56.79 -45.67
C VAL BA 9 -85.07 -57.74 -46.32
N MET BA 10 -83.85 -57.25 -46.51
CA MET BA 10 -82.83 -58.04 -47.20
C MET BA 10 -82.39 -59.23 -46.36
N SER BA 11 -82.24 -60.37 -47.01
CA SER BA 11 -81.78 -61.60 -46.38
C SER BA 11 -80.31 -61.81 -46.71
N GLY BA 12 -79.54 -62.29 -45.74
CA GLY BA 12 -78.11 -62.48 -45.91
C GLY BA 12 -77.73 -63.66 -46.77
N THR BA 13 -78.68 -64.54 -47.10
CA THR BA 13 -78.37 -65.65 -47.99
C THR BA 13 -78.03 -65.17 -49.40
N TRP BA 14 -78.53 -64.00 -49.80
CA TRP BA 14 -78.23 -63.44 -51.11
C TRP BA 14 -77.02 -62.50 -51.05
N GLY BA 15 -75.92 -62.98 -50.47
CA GLY BA 15 -74.71 -62.19 -50.37
C GLY BA 15 -73.56 -62.89 -51.08
N GLU BA 16 -72.72 -62.10 -51.75
CA GLU BA 16 -71.55 -62.61 -52.46
C GLU BA 16 -70.35 -61.74 -52.15
N LEU BA 17 -69.17 -62.35 -52.15
CA LEU BA 17 -67.94 -61.66 -51.81
C LEU BA 17 -66.84 -61.96 -52.81
N TRP BA 18 -66.10 -60.93 -53.21
CA TRP BA 18 -64.90 -61.06 -54.01
C TRP BA 18 -63.72 -60.58 -53.17
N LEU BA 19 -62.70 -61.43 -53.02
CA LEU BA 19 -61.51 -61.08 -52.26
C LEU BA 19 -60.30 -61.22 -53.17
N ASP BA 20 -59.57 -60.12 -53.33
CA ASP BA 20 -58.37 -60.06 -54.17
C ASP BA 20 -58.68 -60.49 -55.61
N GLY BA 21 -59.86 -60.11 -56.09
CA GLY BA 21 -60.25 -60.38 -57.45
C GLY BA 21 -60.78 -61.77 -57.72
N ASN BA 22 -60.83 -62.63 -56.72
CA ASN BA 22 -61.35 -63.98 -56.87
C ASN BA 22 -62.61 -64.14 -56.03
N LYS BA 23 -63.57 -64.89 -56.57
CA LYS BA 23 -64.82 -65.12 -55.89
C LYS BA 23 -64.68 -66.23 -54.84
N VAL BA 24 -65.15 -65.96 -53.63
CA VAL BA 24 -65.17 -66.97 -52.57
C VAL BA 24 -66.58 -67.53 -52.49
N ALA BA 25 -66.68 -68.85 -52.43
CA ALA BA 25 -67.98 -69.51 -52.40
C ALA BA 25 -68.35 -70.07 -51.04
N GLU BA 26 -67.39 -70.20 -50.13
CA GLU BA 26 -67.64 -70.72 -48.80
C GLU BA 26 -67.85 -69.63 -47.77
N VAL BA 27 -68.05 -68.38 -48.23
CA VAL BA 27 -68.26 -67.29 -47.29
C VAL BA 27 -69.51 -67.56 -46.46
N LYS BA 28 -69.41 -67.30 -45.16
CA LYS BA 28 -70.53 -67.46 -44.25
C LYS BA 28 -71.08 -66.13 -43.76
N LYS BA 29 -70.23 -65.15 -43.50
CA LYS BA 29 -70.70 -63.81 -43.14
C LYS BA 29 -69.61 -62.80 -43.42
N PHE BA 30 -70.03 -61.57 -43.76
CA PHE BA 30 -69.13 -60.46 -44.03
C PHE BA 30 -69.63 -59.22 -43.31
N GLN BA 31 -68.68 -58.43 -42.81
CA GLN BA 31 -69.01 -57.28 -41.98
C GLN BA 31 -67.90 -56.25 -42.06
N ALA BA 32 -68.28 -54.98 -42.18
CA ALA BA 32 -67.33 -53.87 -42.23
C ALA BA 32 -67.98 -52.62 -41.67
N LYS BA 33 -67.26 -51.90 -40.81
CA LYS BA 33 -67.83 -50.76 -40.11
C LYS BA 33 -66.75 -49.70 -39.89
N MET BA 34 -67.20 -48.46 -39.76
CA MET BA 34 -66.33 -47.32 -39.43
C MET BA 34 -66.73 -46.78 -38.08
N GLU BA 35 -65.78 -46.68 -37.15
CA GLU BA 35 -66.04 -46.19 -35.81
C GLU BA 35 -65.39 -44.82 -35.65
N PHE BA 36 -66.20 -43.81 -35.43
CA PHE BA 36 -65.70 -42.44 -35.35
C PHE BA 36 -65.02 -42.20 -34.01
N THR BA 37 -64.03 -41.31 -34.01
CA THR BA 37 -63.36 -40.86 -32.80
C THR BA 37 -63.90 -39.49 -32.42
N LYS BA 38 -64.37 -39.36 -31.18
CA LYS BA 38 -64.95 -38.13 -30.69
C LYS BA 38 -64.21 -37.65 -29.44
N GLU BA 39 -64.26 -36.35 -29.22
CA GLU BA 39 -63.66 -35.72 -28.05
C GLU BA 39 -64.70 -34.87 -27.36
N ASP BA 40 -64.85 -35.04 -26.05
CA ASP BA 40 -65.78 -34.23 -25.28
C ASP BA 40 -65.23 -32.82 -25.10
N ILE BA 41 -66.10 -31.83 -25.30
CA ILE BA 41 -65.73 -30.43 -25.16
C ILE BA 41 -66.81 -29.73 -24.35
N ILE BA 42 -66.42 -29.07 -23.26
CA ILE BA 42 -67.34 -28.35 -22.39
C ILE BA 42 -67.24 -26.87 -22.71
N ILE BA 43 -68.38 -26.25 -22.97
CA ILE BA 43 -68.47 -24.85 -23.36
C ILE BA 43 -69.08 -24.07 -22.22
N ALA BA 44 -68.45 -22.96 -21.85
CA ALA BA 44 -68.93 -22.16 -20.73
C ALA BA 44 -70.35 -21.68 -20.97
N GLY BA 45 -71.20 -21.85 -19.95
CA GLY BA 45 -72.58 -21.43 -20.01
C GLY BA 45 -73.56 -22.45 -20.55
N GLN BA 46 -73.09 -23.59 -21.03
CA GLN BA 46 -73.96 -24.64 -21.57
C GLN BA 46 -73.87 -25.88 -20.69
N MET BA 47 -75.03 -26.41 -20.29
CA MET BA 47 -75.06 -27.60 -19.45
C MET BA 47 -74.82 -28.87 -20.25
N GLY BA 48 -75.21 -28.93 -21.51
CA GLY BA 48 -75.02 -30.12 -22.32
C GLY BA 48 -73.63 -30.18 -22.90
N THR BA 49 -72.99 -31.32 -22.76
CA THR BA 49 -71.63 -31.52 -23.27
C THR BA 49 -71.67 -31.88 -24.76
N ASP BA 50 -70.83 -31.24 -25.55
CA ASP BA 50 -70.74 -31.46 -26.99
C ASP BA 50 -69.48 -32.27 -27.31
N THR BA 51 -69.34 -32.62 -28.59
CA THR BA 51 -68.23 -33.44 -29.04
C THR BA 51 -67.62 -32.86 -30.31
N LYS BA 52 -66.35 -33.19 -30.52
CA LYS BA 52 -65.62 -32.82 -31.73
C LYS BA 52 -65.19 -34.10 -32.46
N TYR BA 53 -65.41 -34.14 -33.76
CA TYR BA 53 -65.13 -35.32 -34.58
C TYR BA 53 -63.72 -35.26 -35.12
N MET BA 54 -62.94 -36.33 -34.88
CA MET BA 54 -61.52 -36.29 -35.16
C MET BA 54 -61.04 -37.29 -36.21
N GLY BA 55 -61.82 -38.32 -36.49
CA GLY BA 55 -61.41 -39.33 -37.45
C GLY BA 55 -62.20 -40.60 -37.25
N TYR BA 56 -61.71 -41.67 -37.89
CA TYR BA 56 -62.39 -42.95 -37.78
C TYR BA 56 -61.39 -44.09 -37.94
N LYS BA 57 -61.82 -45.28 -37.52
CA LYS BA 57 -61.07 -46.51 -37.69
C LYS BA 57 -61.99 -47.55 -38.35
N GLY BA 58 -61.49 -48.24 -39.36
CA GLY BA 58 -62.26 -49.24 -40.06
C GLY BA 58 -61.95 -50.64 -39.53
N LYS BA 59 -63.01 -51.36 -39.17
CA LYS BA 59 -62.91 -52.69 -38.61
C LYS BA 59 -63.87 -53.63 -39.32
N GLY BA 60 -63.50 -54.90 -39.41
CA GLY BA 60 -64.36 -55.88 -40.05
C GLY BA 60 -63.84 -57.27 -39.80
N SER BA 61 -64.59 -58.25 -40.35
CA SER BA 61 -64.22 -59.65 -40.22
C SER BA 61 -64.88 -60.46 -41.32
N ILE BA 62 -64.33 -61.64 -41.57
CA ILE BA 62 -64.88 -62.60 -42.52
C ILE BA 62 -64.95 -63.96 -41.84
N THR BA 63 -66.04 -64.67 -42.06
CA THR BA 63 -66.17 -66.06 -41.62
C THR BA 63 -66.48 -66.92 -42.84
N LEU BA 64 -65.82 -68.07 -42.93
CA LEU BA 64 -66.03 -68.97 -44.05
C LEU BA 64 -65.81 -70.41 -43.63
N TYR BA 65 -66.44 -71.32 -44.36
CA TYR BA 65 -66.26 -72.75 -44.12
C TYR BA 65 -64.85 -73.18 -44.51
N HIS BA 66 -64.30 -74.13 -43.75
CA HIS BA 66 -62.95 -74.61 -44.01
C HIS BA 66 -62.97 -75.63 -45.13
N VAL BA 67 -62.66 -75.18 -46.35
CA VAL BA 67 -62.70 -76.01 -47.54
C VAL BA 67 -61.33 -76.08 -48.22
N SER BA 68 -60.65 -74.94 -48.28
CA SER BA 68 -59.34 -74.88 -48.91
C SER BA 68 -58.48 -73.93 -48.09
N SER BA 69 -57.16 -74.03 -48.27
CA SER BA 69 -56.22 -73.17 -47.58
C SER BA 69 -56.02 -71.87 -48.37
N ARG BA 70 -57.07 -71.04 -48.39
CA ARG BA 70 -57.04 -69.75 -49.07
C ARG BA 70 -56.21 -68.66 -48.40
N MET BA 71 -56.27 -68.60 -47.09
CA MET BA 71 -55.59 -67.54 -46.34
C MET BA 71 -54.09 -67.83 -46.20
N HIS BA 72 -53.71 -69.09 -46.06
CA HIS BA 72 -52.30 -69.44 -46.01
C HIS BA 72 -51.58 -68.96 -47.27
N LYS BA 73 -52.08 -69.36 -48.44
CA LYS BA 73 -51.50 -68.92 -49.69
C LYS BA 73 -51.55 -67.42 -49.84
N LEU BA 74 -52.56 -66.78 -49.26
CA LEU BA 74 -52.64 -65.33 -49.38
C LEU BA 74 -51.50 -64.63 -48.64
N ILE BA 75 -51.25 -65.01 -47.39
CA ILE BA 75 -50.41 -64.14 -46.57
C ILE BA 75 -49.25 -64.76 -45.80
N GLY BA 76 -49.16 -66.09 -45.71
CA GLY BA 76 -48.22 -66.68 -44.76
C GLY BA 76 -46.73 -66.38 -44.95
N GLU BA 77 -46.20 -66.76 -46.11
CA GLU BA 77 -44.78 -66.58 -46.37
C GLU BA 77 -44.39 -65.11 -46.36
N LYS BA 78 -45.24 -64.24 -46.91
CA LYS BA 78 -44.95 -62.81 -46.87
C LYS BA 78 -44.95 -62.29 -45.44
N ILE BA 79 -45.85 -62.79 -44.60
CA ILE BA 79 -45.90 -62.33 -43.21
C ILE BA 79 -44.60 -62.69 -42.49
N LYS BA 80 -44.08 -63.91 -42.72
CA LYS BA 80 -42.73 -64.19 -42.21
C LYS BA 80 -41.68 -63.26 -42.79
N ARG BA 81 -41.70 -63.04 -44.09
CA ARG BA 81 -40.54 -62.37 -44.69
C ARG BA 81 -40.44 -60.91 -44.27
N GLY BA 82 -41.50 -60.35 -43.72
CA GLY BA 82 -41.51 -58.98 -43.28
C GLY BA 82 -42.31 -58.03 -44.14
N SER BA 83 -42.99 -58.53 -45.18
CA SER BA 83 -43.78 -57.72 -46.08
C SER BA 83 -45.26 -57.99 -45.84
N GLU BA 84 -46.03 -56.94 -45.59
CA GLU BA 84 -47.45 -57.08 -45.30
C GLU BA 84 -48.25 -56.69 -46.54
N PRO BA 85 -48.98 -57.62 -47.16
CA PRO BA 85 -49.80 -57.27 -48.32
C PRO BA 85 -51.12 -56.63 -47.91
N ARG BA 86 -51.71 -55.92 -48.87
CA ARG BA 86 -53.01 -55.28 -48.72
C ARG BA 86 -53.93 -55.73 -49.86
N PHE BA 87 -55.21 -55.89 -49.56
CA PHE BA 87 -56.16 -56.45 -50.52
C PHE BA 87 -57.36 -55.53 -50.69
N VAL BA 88 -58.18 -55.85 -51.69
CA VAL BA 88 -59.43 -55.17 -51.97
C VAL BA 88 -60.55 -56.20 -51.96
N ALA BA 89 -61.61 -55.92 -51.20
CA ALA BA 89 -62.76 -56.81 -51.13
C ALA BA 89 -63.99 -56.12 -51.69
N ILE BA 90 -64.81 -56.89 -52.41
CA ILE BA 90 -66.06 -56.42 -52.97
C ILE BA 90 -67.18 -57.26 -52.38
N SER BA 91 -68.17 -56.60 -51.79
CA SER BA 91 -69.34 -57.27 -51.23
C SER BA 91 -70.59 -56.85 -51.99
N LYS BA 92 -71.42 -57.83 -52.32
CA LYS BA 92 -72.66 -57.59 -53.06
C LYS BA 92 -73.82 -58.20 -52.30
N LEU BA 93 -74.95 -57.51 -52.30
CA LEU BA 93 -76.17 -57.98 -51.65
C LEU BA 93 -77.35 -57.68 -52.57
N ASN BA 94 -77.92 -58.72 -53.18
CA ASN BA 94 -78.98 -58.56 -54.16
C ASN BA 94 -80.12 -59.52 -53.82
N ASP BA 95 -81.14 -59.03 -53.13
CA ASP BA 95 -82.32 -59.82 -52.79
C ASP BA 95 -83.38 -59.65 -53.87
N PRO BA 96 -83.93 -60.74 -54.42
CA PRO BA 96 -84.95 -60.60 -55.46
C PRO BA 96 -86.19 -59.82 -55.05
N ASP BA 97 -86.57 -59.87 -53.78
CA ASP BA 97 -87.74 -59.16 -53.29
C ASP BA 97 -87.43 -57.77 -52.75
N SER BA 98 -86.20 -57.29 -52.90
CA SER BA 98 -85.81 -55.97 -52.47
C SER BA 98 -85.93 -54.96 -53.60
N TYR BA 99 -85.76 -53.68 -53.27
CA TYR BA 99 -85.81 -52.63 -54.28
C TYR BA 99 -84.63 -52.73 -55.25
N GLY BA 100 -83.45 -53.03 -54.74
CA GLY BA 100 -82.28 -53.09 -55.59
C GLY BA 100 -81.13 -53.80 -54.89
N ALA BA 101 -79.95 -53.61 -55.45
CA ALA BA 101 -78.74 -54.24 -54.93
C ALA BA 101 -77.88 -53.23 -54.18
N GLU BA 102 -76.88 -53.75 -53.48
CA GLU BA 102 -75.93 -52.93 -52.74
C GLU BA 102 -74.54 -53.54 -52.90
N ARG BA 103 -73.61 -52.77 -53.47
CA ARG BA 103 -72.31 -53.30 -53.86
C ARG BA 103 -71.21 -52.33 -53.44
N ILE BA 104 -70.44 -52.69 -52.41
CA ILE BA 104 -69.44 -51.80 -51.84
C ILE BA 104 -68.07 -52.45 -51.98
N ALA BA 105 -67.07 -51.63 -52.31
CA ALA BA 105 -65.68 -52.08 -52.37
C ALA BA 105 -64.92 -51.52 -51.18
N VAL BA 106 -64.25 -52.40 -50.46
CA VAL BA 106 -63.45 -52.04 -49.29
C VAL BA 106 -61.98 -52.18 -49.67
N LYS BA 107 -61.21 -51.13 -49.41
CA LYS BA 107 -59.84 -51.04 -49.91
C LYS BA 107 -58.85 -50.93 -48.76
N ASN BA 108 -57.60 -51.32 -49.06
CA ASN BA 108 -56.48 -51.21 -48.13
C ASN BA 108 -56.66 -52.11 -46.91
N ILE BA 109 -57.06 -53.35 -47.17
CA ILE BA 109 -57.40 -54.28 -46.10
C ILE BA 109 -56.13 -54.95 -45.56
N ALA BA 110 -55.99 -54.97 -44.24
CA ALA BA 110 -54.89 -55.65 -43.57
C ALA BA 110 -55.47 -56.62 -42.55
N PHE BA 111 -55.08 -57.89 -42.65
CA PHE BA 111 -55.64 -58.91 -41.78
C PHE BA 111 -54.97 -58.89 -40.41
N ASP BA 112 -55.66 -59.50 -39.44
CA ASP BA 112 -55.23 -59.47 -38.05
C ASP BA 112 -54.50 -60.75 -37.62
N ASP BA 113 -54.73 -61.87 -38.30
CA ASP BA 113 -54.04 -63.10 -37.97
C ASP BA 113 -54.20 -64.08 -39.14
N LEU BA 114 -53.58 -65.26 -39.00
CA LEU BA 114 -53.62 -66.34 -39.99
C LEU BA 114 -53.82 -67.67 -39.27
N THR BA 115 -54.94 -68.33 -39.52
CA THR BA 115 -55.26 -69.54 -38.77
C THR BA 115 -54.58 -70.74 -39.42
N LEU BA 116 -53.69 -71.39 -38.66
CA LEU BA 116 -52.96 -72.53 -39.18
C LEU BA 116 -53.77 -73.81 -39.01
N ALA BA 117 -54.20 -74.11 -37.78
CA ALA BA 117 -54.93 -75.34 -37.50
C ALA BA 117 -55.96 -75.09 -36.42
N ASP BA 118 -57.15 -75.64 -36.61
CA ASP BA 118 -58.21 -75.55 -35.60
C ASP BA 118 -59.22 -76.66 -35.89
N TRP BA 119 -59.12 -77.76 -35.16
CA TRP BA 119 -60.07 -78.85 -35.35
C TRP BA 119 -60.34 -79.54 -34.03
N GLU BA 120 -61.59 -79.99 -33.88
CA GLU BA 120 -62.03 -80.74 -32.72
C GLU BA 120 -62.88 -81.90 -33.21
N VAL BA 121 -62.70 -83.08 -32.60
CA VAL BA 121 -63.36 -84.29 -33.09
C VAL BA 121 -64.87 -84.12 -33.00
N GLY BA 122 -65.56 -84.45 -34.08
CA GLY BA 122 -67.00 -84.32 -34.13
C GLY BA 122 -67.52 -82.93 -34.40
N VAL BA 123 -66.68 -82.03 -34.93
CA VAL BA 123 -67.06 -80.67 -35.23
C VAL BA 123 -66.59 -80.33 -36.65
N LYS BA 124 -67.45 -79.66 -37.41
CA LYS BA 124 -67.05 -79.19 -38.72
C LYS BA 124 -66.14 -77.98 -38.61
N GLY BA 125 -65.39 -77.71 -39.68
CA GLY BA 125 -64.38 -76.67 -39.66
C GLY BA 125 -64.93 -75.31 -40.05
N GLU BA 126 -64.42 -74.27 -39.38
CA GLU BA 126 -64.76 -72.89 -39.67
C GLU BA 126 -63.57 -72.01 -39.36
N ILE BA 127 -63.45 -70.91 -40.09
CA ILE BA 127 -62.34 -69.97 -39.93
C ILE BA 127 -62.90 -68.56 -39.83
N GLU BA 128 -62.43 -67.81 -38.84
CA GLU BA 128 -62.79 -66.41 -38.67
C GLU BA 128 -61.54 -65.55 -38.86
N ALA BA 129 -61.67 -64.45 -39.60
CA ALA BA 129 -60.55 -63.61 -39.97
C ALA BA 129 -60.91 -62.13 -39.83
N PRO BA 130 -60.55 -61.49 -38.72
CA PRO BA 130 -60.74 -60.05 -38.58
C PRO BA 130 -59.69 -59.26 -39.37
N PHE BA 131 -60.03 -58.02 -39.68
CA PHE BA 131 -59.15 -57.18 -40.48
C PHE BA 131 -59.44 -55.71 -40.17
N THR BA 132 -58.64 -54.82 -40.78
CA THR BA 132 -58.85 -53.38 -40.71
C THR BA 132 -58.69 -52.80 -42.11
N PHE BA 133 -59.31 -51.65 -42.35
CA PHE BA 133 -59.26 -51.00 -43.65
C PHE BA 133 -59.23 -49.49 -43.46
N THR BA 134 -59.09 -48.78 -44.57
CA THR BA 134 -59.00 -47.32 -44.56
C THR BA 134 -59.96 -46.63 -45.52
N GLU BA 135 -60.20 -47.20 -46.70
CA GLU BA 135 -60.98 -46.54 -47.74
C GLU BA 135 -62.11 -47.44 -48.21
N TYR BA 136 -63.08 -46.83 -48.89
CA TYR BA 136 -64.21 -47.57 -49.45
C TYR BA 136 -64.82 -46.77 -50.60
N ASP BA 137 -65.59 -47.46 -51.43
CA ASP BA 137 -66.25 -46.85 -52.58
C ASP BA 137 -67.65 -47.42 -52.73
N PHE BA 138 -68.54 -46.60 -53.26
CA PHE BA 138 -69.96 -46.94 -53.40
C PHE BA 138 -70.27 -47.32 -54.84
N LEU BA 139 -70.85 -48.50 -55.03
CA LEU BA 139 -71.41 -48.92 -56.30
C LEU BA 139 -72.82 -49.42 -56.03
N ASP BA 140 -73.77 -49.05 -56.88
CA ASP BA 140 -75.14 -49.57 -56.79
C ASP BA 140 -75.71 -49.41 -55.39
N ILE BA 141 -75.98 -48.17 -55.00
CA ILE BA 141 -76.68 -47.91 -53.74
C ILE BA 141 -78.18 -48.01 -53.96
N ILE BA 142 -78.93 -48.08 -52.86
CA ILE BA 142 -80.38 -48.04 -52.94
C ILE BA 142 -80.90 -46.71 -52.42
N ASN CA 3 -45.88 -38.20 -50.82
CA ASN CA 3 -46.88 -39.01 -50.13
C ASN CA 3 -46.23 -39.90 -49.07
N MET CA 4 -46.99 -40.25 -48.04
CA MET CA 4 -46.49 -41.11 -46.98
C MET CA 4 -47.43 -42.28 -46.80
N GLU CA 5 -46.86 -43.47 -46.70
CA GLU CA 5 -47.59 -44.68 -46.36
C GLU CA 5 -47.20 -45.13 -44.97
N ALA CA 6 -48.16 -45.71 -44.25
CA ALA CA 6 -47.87 -46.21 -42.90
C ALA CA 6 -46.85 -47.34 -42.93
N ARG CA 7 -46.73 -48.04 -44.06
CA ARG CA 7 -45.77 -49.14 -44.16
C ARG CA 7 -44.33 -48.65 -44.22
N ASN CA 8 -44.10 -47.37 -44.54
CA ASN CA 8 -42.76 -46.87 -44.77
C ASN CA 8 -42.02 -46.49 -43.49
N VAL CA 9 -42.70 -46.52 -42.34
CA VAL CA 9 -42.02 -46.20 -41.09
C VAL CA 9 -41.10 -47.35 -40.72
N MET CA 10 -39.86 -47.03 -40.36
CA MET CA 10 -38.88 -48.06 -40.08
C MET CA 10 -39.13 -48.69 -38.72
N SER CA 11 -39.14 -50.01 -38.67
CA SER CA 11 -39.30 -50.75 -37.44
C SER CA 11 -37.92 -51.07 -36.86
N GLY CA 12 -37.80 -50.94 -35.54
CA GLY CA 12 -36.51 -51.13 -34.90
C GLY CA 12 -36.06 -52.57 -34.79
N THR CA 13 -36.96 -53.53 -35.03
CA THR CA 13 -36.57 -54.94 -35.02
C THR CA 13 -35.58 -55.25 -36.13
N TRP CA 14 -35.58 -54.47 -37.21
CA TRP CA 14 -34.71 -54.70 -38.36
C TRP CA 14 -33.36 -54.00 -38.25
N GLY CA 15 -32.90 -53.71 -37.03
CA GLY CA 15 -31.60 -53.11 -36.84
C GLY CA 15 -30.50 -54.13 -36.60
N GLU CA 16 -29.27 -53.74 -36.89
CA GLU CA 16 -28.10 -54.57 -36.67
C GLU CA 16 -26.94 -53.69 -36.22
N LEU CA 17 -25.98 -54.31 -35.53
CA LEU CA 17 -24.86 -53.57 -34.94
C LEU CA 17 -23.58 -54.38 -35.06
N TRP CA 18 -22.51 -53.72 -35.47
CA TRP CA 18 -21.16 -54.27 -35.44
C TRP CA 18 -20.32 -53.43 -34.50
N LEU CA 19 -19.62 -54.09 -33.58
CA LEU CA 19 -18.79 -53.39 -32.59
C LEU CA 19 -17.40 -53.97 -32.63
N ASP CA 20 -16.42 -53.14 -33.01
CA ASP CA 20 -15.03 -53.53 -33.16
C ASP CA 20 -14.85 -54.63 -34.20
N GLY CA 21 -15.75 -54.69 -35.19
CA GLY CA 21 -15.67 -55.66 -36.24
C GLY CA 21 -16.47 -56.92 -36.03
N ASN CA 22 -17.10 -57.10 -34.87
CA ASN CA 22 -17.84 -58.32 -34.55
C ASN CA 22 -19.33 -58.00 -34.45
N LYS CA 23 -20.15 -58.89 -34.99
CA LYS CA 23 -21.60 -58.72 -34.93
C LYS CA 23 -22.10 -58.98 -33.53
N VAL CA 24 -22.99 -58.10 -33.05
CA VAL CA 24 -23.59 -58.21 -31.73
C VAL CA 24 -25.03 -58.67 -31.93
N ALA CA 25 -25.27 -59.96 -31.77
CA ALA CA 25 -26.59 -60.52 -31.99
C ALA CA 25 -27.57 -60.22 -30.86
N GLU CA 26 -27.10 -59.76 -29.71
CA GLU CA 26 -27.95 -59.52 -28.55
C GLU CA 26 -28.24 -58.04 -28.32
N VAL CA 27 -28.11 -57.21 -29.35
CA VAL CA 27 -28.39 -55.79 -29.20
C VAL CA 27 -29.88 -55.57 -28.95
N LYS CA 28 -30.19 -54.56 -28.16
CA LYS CA 28 -31.57 -54.17 -27.84
C LYS CA 28 -31.93 -52.80 -28.38
N LYS CA 29 -31.05 -51.81 -28.21
CA LYS CA 29 -31.26 -50.51 -28.81
C LYS CA 29 -29.91 -49.83 -29.02
N PHE CA 30 -29.92 -48.79 -29.84
CA PHE CA 30 -28.71 -48.05 -30.18
C PHE CA 30 -29.07 -46.59 -30.40
N GLN CA 31 -28.26 -45.70 -29.83
CA GLN CA 31 -28.46 -44.27 -29.97
C GLN CA 31 -27.16 -43.59 -30.34
N ALA CA 32 -27.26 -42.54 -31.15
CA ALA CA 32 -26.11 -41.72 -31.51
C ALA CA 32 -26.62 -40.37 -31.98
N LYS CA 33 -26.09 -39.29 -31.41
CA LYS CA 33 -26.63 -37.96 -31.63
C LYS CA 33 -25.54 -36.92 -31.48
N MET CA 34 -25.57 -35.90 -32.33
CA MET CA 34 -24.65 -34.77 -32.27
C MET CA 34 -25.34 -33.58 -31.63
N GLU CA 35 -24.66 -32.93 -30.68
CA GLU CA 35 -25.20 -31.76 -30.00
C GLU CA 35 -24.39 -30.52 -30.39
N PHE CA 36 -25.10 -29.42 -30.63
CA PHE CA 36 -24.48 -28.17 -31.05
C PHE CA 36 -24.54 -27.16 -29.91
N THR CA 37 -23.44 -26.44 -29.71
CA THR CA 37 -23.33 -25.43 -28.68
C THR CA 37 -23.55 -24.06 -29.29
N LYS CA 38 -24.41 -23.25 -28.67
CA LYS CA 38 -24.76 -21.93 -29.16
C LYS CA 38 -24.37 -20.87 -28.14
N GLU CA 39 -24.13 -19.66 -28.63
CA GLU CA 39 -23.87 -18.50 -27.80
C GLU CA 39 -24.88 -17.42 -28.13
N ASP CA 40 -25.51 -16.85 -27.09
CA ASP CA 40 -26.53 -15.82 -27.30
C ASP CA 40 -25.89 -14.48 -27.64
N ILE CA 41 -26.46 -13.80 -28.63
CA ILE CA 41 -25.97 -12.50 -29.06
C ILE CA 41 -27.03 -11.46 -28.72
N ILE CA 42 -26.64 -10.47 -27.93
CA ILE CA 42 -27.54 -9.41 -27.50
C ILE CA 42 -26.90 -8.08 -27.86
N ILE CA 43 -27.67 -7.21 -28.51
CA ILE CA 43 -27.19 -5.93 -29.01
C ILE CA 43 -27.96 -4.82 -28.33
N ALA CA 44 -27.25 -3.83 -27.80
CA ALA CA 44 -27.91 -2.69 -27.17
C ALA CA 44 -28.67 -1.88 -28.20
N GLY CA 45 -29.94 -1.59 -27.90
CA GLY CA 45 -30.80 -0.87 -28.82
C GLY CA 45 -31.66 -1.75 -29.70
N GLN CA 46 -31.49 -3.06 -29.66
CA GLN CA 46 -32.30 -3.99 -30.44
C GLN CA 46 -33.00 -4.95 -29.49
N MET CA 47 -34.27 -5.25 -29.78
CA MET CA 47 -35.06 -6.08 -28.89
C MET CA 47 -34.81 -7.58 -29.09
N GLY CA 48 -34.49 -7.99 -30.31
CA GLY CA 48 -34.31 -9.40 -30.59
C GLY CA 48 -33.01 -9.98 -30.05
N THR CA 49 -32.95 -11.30 -30.02
CA THR CA 49 -31.79 -12.05 -29.56
C THR CA 49 -31.44 -13.12 -30.58
N ASP CA 50 -30.16 -13.23 -30.91
CA ASP CA 50 -29.67 -14.13 -31.95
C ASP CA 50 -28.59 -15.03 -31.38
N THR CA 51 -28.11 -15.98 -32.19
CA THR CA 51 -27.13 -16.97 -31.74
C THR CA 51 -26.05 -17.15 -32.79
N LYS CA 52 -24.95 -17.77 -32.36
CA LYS CA 52 -23.90 -18.29 -33.24
C LYS CA 52 -23.43 -19.62 -32.69
N TYR CA 53 -23.10 -20.54 -33.61
CA TYR CA 53 -22.60 -21.85 -33.21
C TYR CA 53 -21.19 -21.74 -32.66
N MET CA 54 -20.90 -22.51 -31.61
CA MET CA 54 -19.59 -22.56 -30.99
C MET CA 54 -18.84 -23.84 -31.29
N GLY CA 55 -19.48 -25.00 -31.07
CA GLY CA 55 -18.84 -26.27 -31.31
C GLY CA 55 -19.86 -27.38 -31.28
N TYR CA 56 -19.39 -28.63 -31.27
CA TYR CA 56 -20.29 -29.75 -31.21
C TYR CA 56 -19.67 -30.91 -30.44
N LYS CA 57 -20.53 -31.80 -29.96
CA LYS CA 57 -20.13 -32.99 -29.21
C LYS CA 57 -21.08 -34.13 -29.56
N GLY CA 58 -20.59 -35.36 -29.41
CA GLY CA 58 -21.37 -36.55 -29.72
C GLY CA 58 -21.66 -37.37 -28.49
N LYS CA 59 -22.85 -37.98 -28.44
CA LYS CA 59 -23.28 -38.79 -27.32
C LYS CA 59 -24.15 -39.94 -27.83
N GLY CA 60 -24.20 -41.01 -27.04
CA GLY CA 60 -25.00 -42.17 -27.41
C GLY CA 60 -24.92 -43.23 -26.35
N SER CA 61 -25.57 -44.37 -26.63
CA SER CA 61 -25.57 -45.48 -25.69
C SER CA 61 -25.98 -46.76 -26.41
N ILE CA 62 -25.67 -47.88 -25.77
CA ILE CA 62 -26.02 -49.22 -26.27
C ILE CA 62 -26.67 -50.00 -25.14
N THR CA 63 -27.67 -50.81 -25.48
CA THR CA 63 -28.32 -51.70 -24.52
C THR CA 63 -28.31 -53.11 -25.08
N LEU CA 64 -27.89 -54.08 -24.27
CA LEU CA 64 -27.80 -55.47 -24.69
C LEU CA 64 -28.51 -56.38 -23.70
N TYR CA 65 -28.91 -57.55 -24.19
CA TYR CA 65 -29.26 -58.65 -23.31
C TYR CA 65 -27.97 -59.26 -22.75
N HIS CA 66 -28.04 -59.72 -21.52
CA HIS CA 66 -26.87 -60.29 -20.85
C HIS CA 66 -26.79 -61.78 -21.16
N VAL CA 67 -26.01 -62.13 -22.18
CA VAL CA 67 -25.76 -63.53 -22.53
C VAL CA 67 -24.31 -63.92 -22.42
N SER CA 68 -23.40 -62.96 -22.32
CA SER CA 68 -21.97 -63.26 -22.21
C SER CA 68 -21.28 -62.05 -21.62
N SER CA 69 -19.97 -62.19 -21.39
CA SER CA 69 -19.17 -61.11 -20.84
C SER CA 69 -18.41 -60.38 -21.96
N ARG CA 70 -19.19 -59.74 -22.83
CA ARG CA 70 -18.62 -59.09 -24.00
C ARG CA 70 -17.87 -57.82 -23.62
N MET CA 71 -18.48 -56.99 -22.78
CA MET CA 71 -17.89 -55.68 -22.48
C MET CA 71 -16.62 -55.82 -21.68
N HIS CA 72 -16.55 -56.79 -20.76
CA HIS CA 72 -15.34 -56.97 -19.98
C HIS CA 72 -14.18 -57.43 -20.86
N LYS CA 73 -14.43 -58.36 -21.79
CA LYS CA 73 -13.38 -58.77 -22.71
C LYS CA 73 -12.95 -57.61 -23.60
N LEU CA 74 -13.92 -56.80 -24.04
CA LEU CA 74 -13.60 -55.66 -24.90
C LEU CA 74 -12.71 -54.65 -24.17
N ILE CA 75 -13.10 -54.27 -22.96
CA ILE CA 75 -12.30 -53.32 -22.20
C ILE CA 75 -11.08 -54.02 -21.60
N GLY CA 76 -11.30 -55.14 -20.92
CA GLY CA 76 -10.21 -55.84 -20.29
C GLY CA 76 -9.51 -55.00 -19.25
N GLU CA 77 -8.18 -54.97 -19.34
CA GLU CA 77 -7.33 -54.21 -18.44
C GLU CA 77 -6.85 -52.91 -19.05
N LYS CA 78 -7.38 -52.53 -20.21
CA LYS CA 78 -6.87 -51.36 -20.92
C LYS CA 78 -7.05 -50.08 -20.12
N ILE CA 79 -8.20 -49.93 -19.47
CA ILE CA 79 -8.42 -48.75 -18.63
C ILE CA 79 -7.52 -48.79 -17.41
N LYS CA 80 -7.40 -49.97 -16.78
CA LYS CA 80 -6.61 -50.09 -15.56
C LYS CA 80 -5.14 -49.78 -15.81
N ARG CA 81 -4.59 -50.27 -16.91
CA ARG CA 81 -3.17 -50.07 -17.19
C ARG CA 81 -2.87 -48.63 -17.58
N GLY CA 82 -3.85 -47.91 -18.11
CA GLY CA 82 -3.70 -46.50 -18.39
C GLY CA 82 -3.66 -46.10 -19.84
N SER CA 83 -3.93 -47.01 -20.77
CA SER CA 83 -4.03 -46.63 -22.17
C SER CA 83 -5.37 -45.96 -22.43
N GLU CA 84 -5.63 -45.62 -23.69
CA GLU CA 84 -6.84 -44.91 -24.09
C GLU CA 84 -7.52 -45.67 -25.21
N PRO CA 85 -8.27 -46.72 -24.87
CA PRO CA 85 -8.94 -47.50 -25.91
C PRO CA 85 -10.05 -46.71 -26.59
N ARG CA 86 -10.11 -46.85 -27.92
CA ARG CA 86 -11.16 -46.24 -28.74
C ARG CA 86 -11.70 -47.31 -29.68
N PHE CA 87 -12.98 -47.19 -30.02
CA PHE CA 87 -13.66 -48.22 -30.77
C PHE CA 87 -14.45 -47.62 -31.92
N VAL CA 88 -14.86 -48.48 -32.85
CA VAL CA 88 -15.66 -48.12 -34.01
C VAL CA 88 -16.91 -48.98 -34.02
N ALA CA 89 -18.06 -48.35 -34.21
CA ALA CA 89 -19.33 -49.04 -34.28
C ALA CA 89 -20.02 -48.77 -35.61
N ILE CA 90 -20.73 -49.76 -36.11
CA ILE CA 90 -21.46 -49.65 -37.37
C ILE CA 90 -22.90 -50.12 -37.12
N SER CA 91 -23.86 -49.28 -37.48
CA SER CA 91 -25.26 -49.60 -37.28
C SER CA 91 -25.99 -49.60 -38.62
N LYS CA 92 -26.91 -50.54 -38.77
CA LYS CA 92 -27.66 -50.69 -40.01
C LYS CA 92 -29.13 -50.81 -39.67
N LEU CA 93 -29.98 -50.22 -40.50
CA LEU CA 93 -31.43 -50.28 -40.34
C LEU CA 93 -32.04 -50.55 -41.71
N ASN CA 94 -32.47 -51.78 -41.94
CA ASN CA 94 -32.90 -52.24 -43.26
C ASN CA 94 -34.29 -52.88 -43.14
N ASP CA 95 -35.32 -52.04 -43.16
CA ASP CA 95 -36.70 -52.53 -43.13
C ASP CA 95 -37.12 -52.95 -44.53
N PRO CA 96 -37.65 -54.16 -44.71
CA PRO CA 96 -38.04 -54.60 -46.06
C PRO CA 96 -39.11 -53.73 -46.71
N ASP CA 97 -40.00 -53.13 -45.93
CA ASP CA 97 -41.08 -52.33 -46.46
C ASP CA 97 -40.72 -50.86 -46.65
N SER CA 98 -39.56 -50.43 -46.17
CA SER CA 98 -39.13 -49.05 -46.36
C SER CA 98 -38.51 -48.87 -47.74
N TYR CA 99 -38.07 -47.64 -48.02
CA TYR CA 99 -37.47 -47.34 -49.32
C TYR CA 99 -36.11 -48.00 -49.49
N GLY CA 100 -35.29 -47.99 -48.44
CA GLY CA 100 -33.95 -48.52 -48.56
C GLY CA 100 -33.33 -48.73 -47.20
N ALA CA 101 -32.01 -48.90 -47.21
CA ALA CA 101 -31.24 -49.12 -46.00
C ALA CA 101 -30.56 -47.84 -45.53
N GLU CA 102 -30.01 -47.90 -44.32
CA GLU CA 102 -29.32 -46.77 -43.71
C GLU CA 102 -28.16 -47.33 -42.89
N ARG CA 103 -26.93 -47.07 -43.34
CA ARG CA 103 -25.74 -47.59 -42.67
C ARG CA 103 -24.85 -46.42 -42.26
N ILE CA 104 -24.50 -46.37 -40.98
CA ILE CA 104 -23.71 -45.29 -40.41
C ILE CA 104 -22.56 -45.91 -39.63
N ALA CA 105 -21.37 -45.31 -39.76
CA ALA CA 105 -20.22 -45.69 -38.96
C ALA CA 105 -19.98 -44.61 -37.91
N VAL CA 106 -19.97 -44.99 -36.65
CA VAL CA 106 -19.69 -44.10 -35.53
C VAL CA 106 -18.28 -44.40 -35.05
N LYS CA 107 -17.43 -43.39 -35.02
CA LYS CA 107 -16.00 -43.59 -34.82
C LYS CA 107 -15.49 -42.86 -33.60
N ASN CA 108 -14.41 -43.39 -33.03
CA ASN CA 108 -13.68 -42.79 -31.91
C ASN CA 108 -14.54 -42.77 -30.64
N ILE CA 109 -14.99 -43.96 -30.24
CA ILE CA 109 -15.94 -44.12 -29.16
C ILE CA 109 -15.21 -44.36 -27.85
N ALA CA 110 -15.61 -43.64 -26.80
CA ALA CA 110 -15.09 -43.82 -25.45
C ALA CA 110 -16.26 -44.13 -24.52
N PHE CA 111 -16.16 -45.24 -23.79
CA PHE CA 111 -17.25 -45.67 -22.92
C PHE CA 111 -17.20 -44.97 -21.57
N ASP CA 112 -18.36 -44.89 -20.91
CA ASP CA 112 -18.51 -44.11 -19.69
C ASP CA 112 -18.31 -44.92 -18.43
N ASP CA 113 -18.65 -46.21 -18.43
CA ASP CA 113 -18.46 -47.06 -17.26
C ASP CA 113 -18.44 -48.52 -17.71
N LEU CA 114 -18.36 -49.41 -16.73
CA LEU CA 114 -18.36 -50.85 -16.99
C LEU CA 114 -19.17 -51.53 -15.91
N THR CA 115 -20.02 -52.48 -16.31
CA THR CA 115 -20.91 -53.17 -15.39
C THR CA 115 -20.36 -54.56 -15.12
N LEU CA 116 -20.10 -54.86 -13.85
CA LEU CA 116 -19.55 -56.15 -13.45
C LEU CA 116 -20.64 -57.16 -13.12
N ALA CA 117 -21.55 -56.79 -12.23
CA ALA CA 117 -22.65 -57.65 -11.84
C ALA CA 117 -23.89 -56.82 -11.62
N ASP CA 118 -25.03 -57.30 -12.13
CA ASP CA 118 -26.31 -56.63 -11.91
C ASP CA 118 -27.42 -57.65 -12.08
N TRP CA 119 -27.82 -58.30 -11.00
CA TRP CA 119 -28.86 -59.32 -11.07
C TRP CA 119 -29.79 -59.21 -9.89
N GLU CA 120 -31.01 -59.73 -10.09
CA GLU CA 120 -32.06 -59.76 -9.08
C GLU CA 120 -32.89 -61.01 -9.32
N VAL CA 121 -33.44 -61.57 -8.24
CA VAL CA 121 -34.18 -62.81 -8.36
C VAL CA 121 -35.48 -62.57 -9.11
N GLY CA 122 -35.75 -63.42 -10.11
CA GLY CA 122 -36.94 -63.29 -10.91
C GLY CA 122 -36.92 -62.19 -11.96
N VAL CA 123 -35.74 -61.69 -12.32
CA VAL CA 123 -35.59 -60.63 -13.30
C VAL CA 123 -34.55 -61.05 -14.32
N LYS CA 124 -34.86 -60.86 -15.60
CA LYS CA 124 -33.92 -61.17 -16.68
C LYS CA 124 -32.87 -60.06 -16.80
N GLY CA 125 -31.66 -60.44 -17.19
CA GLY CA 125 -30.54 -59.52 -17.16
C GLY CA 125 -30.43 -58.64 -18.39
N GLU CA 126 -29.95 -57.41 -18.18
CA GLU CA 126 -29.71 -56.46 -19.25
C GLU CA 126 -28.52 -55.59 -18.88
N ILE CA 127 -27.89 -55.01 -19.90
CA ILE CA 127 -26.72 -54.17 -19.75
C ILE CA 127 -26.95 -52.87 -20.50
N GLU CA 128 -26.55 -51.76 -19.89
CA GLU CA 128 -26.63 -50.44 -20.51
C GLU CA 128 -25.25 -49.81 -20.49
N ALA CA 129 -24.87 -49.20 -21.61
CA ALA CA 129 -23.50 -48.72 -21.80
C ALA CA 129 -23.48 -47.41 -22.58
N PRO CA 130 -23.42 -46.27 -21.88
CA PRO CA 130 -23.30 -44.98 -22.57
C PRO CA 130 -21.87 -44.70 -23.03
N PHE CA 131 -21.74 -43.79 -23.99
CA PHE CA 131 -20.44 -43.44 -24.54
C PHE CA 131 -20.49 -42.05 -25.17
N THR CA 132 -19.32 -41.58 -25.60
CA THR CA 132 -19.18 -40.36 -26.37
C THR CA 132 -18.27 -40.63 -27.57
N PHE CA 133 -18.43 -39.83 -28.62
CA PHE CA 133 -17.67 -40.02 -29.84
C PHE CA 133 -17.40 -38.66 -30.47
N THR CA 134 -16.63 -38.65 -31.56
CA THR CA 134 -16.21 -37.41 -32.19
C THR CA 134 -16.54 -37.29 -33.67
N GLU CA 135 -16.67 -38.39 -34.40
CA GLU CA 135 -16.88 -38.28 -35.84
C GLU CA 135 -17.71 -39.45 -36.36
N TYR CA 136 -18.31 -39.26 -37.53
CA TYR CA 136 -19.19 -40.26 -38.11
C TYR CA 136 -19.11 -40.19 -39.63
N ASP CA 137 -19.49 -41.29 -40.27
CA ASP CA 137 -19.55 -41.42 -41.71
C ASP CA 137 -20.87 -42.07 -42.11
N PHE CA 138 -21.41 -41.67 -43.26
CA PHE CA 138 -22.60 -42.29 -43.82
C PHE CA 138 -22.21 -43.21 -44.95
N LEU CA 139 -22.51 -44.49 -44.81
CA LEU CA 139 -22.22 -45.47 -45.86
C LEU CA 139 -23.39 -45.66 -46.81
N ASP CA 140 -24.59 -45.85 -46.27
CA ASP CA 140 -25.81 -45.99 -47.05
C ASP CA 140 -26.81 -44.95 -46.60
N ILE CA 141 -27.39 -44.24 -47.57
CA ILE CA 141 -28.29 -43.13 -47.28
C ILE CA 141 -29.64 -43.41 -47.91
N ILE CA 142 -30.68 -42.79 -47.37
CA ILE CA 142 -32.02 -43.00 -47.86
C ILE CA 142 -32.79 -41.69 -47.93
N ILE DA 3 -9.52 -69.15 -64.22
CA ILE DA 3 -9.17 -68.92 -62.82
C ILE DA 3 -7.66 -68.99 -62.64
N GLY DA 4 -7.06 -67.88 -62.20
CA GLY DA 4 -5.62 -67.82 -62.02
C GLY DA 4 -5.23 -67.53 -60.59
N LEU DA 5 -4.14 -66.80 -60.40
CA LEU DA 5 -3.73 -66.41 -59.07
C LEU DA 5 -4.66 -65.34 -58.53
N PRO DA 6 -4.75 -65.20 -57.21
CA PRO DA 6 -5.50 -64.07 -56.65
C PRO DA 6 -4.96 -62.74 -57.16
N SER DA 7 -5.87 -61.85 -57.54
CA SER DA 7 -5.53 -60.59 -58.18
C SER DA 7 -5.83 -59.46 -57.22
N ILE DA 8 -4.80 -58.66 -56.92
CA ILE DA 8 -4.93 -57.50 -56.04
C ILE DA 8 -4.25 -56.35 -56.76
N ASN DA 9 -5.02 -55.57 -57.52
CA ASN DA 9 -4.48 -54.51 -58.35
C ASN DA 9 -5.09 -53.17 -57.96
N ILE DA 10 -4.23 -52.19 -57.74
CA ILE DA 10 -4.63 -50.83 -57.44
C ILE DA 10 -4.17 -49.96 -58.60
N SER DA 11 -5.10 -49.27 -59.24
CA SER DA 11 -4.81 -48.48 -60.42
C SER DA 11 -5.00 -47.00 -60.13
N PHE DA 12 -4.09 -46.19 -60.65
CA PHE DA 12 -4.14 -44.74 -60.51
C PHE DA 12 -4.48 -44.13 -61.86
N LYS DA 13 -5.41 -43.19 -61.87
CA LYS DA 13 -5.86 -42.56 -63.10
C LYS DA 13 -6.44 -41.19 -62.79
N GLU DA 14 -6.63 -40.40 -63.85
CA GLU DA 14 -7.06 -39.02 -63.68
C GLU DA 14 -8.58 -38.94 -63.51
N LEU DA 15 -9.02 -37.84 -62.90
CA LEU DA 15 -10.44 -37.62 -62.65
C LEU DA 15 -11.21 -37.48 -63.96
N ALA DA 16 -12.40 -38.08 -64.01
CA ALA DA 16 -13.23 -38.11 -65.21
C ALA DA 16 -14.49 -37.28 -65.01
N THR DA 17 -14.94 -36.67 -66.10
CA THR DA 17 -16.14 -35.85 -66.06
C THR DA 17 -17.38 -36.71 -65.76
N THR DA 18 -18.34 -36.11 -65.05
CA THR DA 18 -19.54 -36.82 -64.64
C THR DA 18 -20.64 -36.64 -65.67
N VAL DA 19 -21.16 -37.76 -66.16
CA VAL DA 19 -22.18 -37.76 -67.20
C VAL DA 19 -23.52 -37.34 -66.61
N LYS DA 20 -24.30 -36.61 -67.41
CA LYS DA 20 -25.63 -36.20 -67.00
C LYS DA 20 -26.52 -37.40 -66.71
N GLU DA 21 -27.40 -37.24 -65.72
CA GLU DA 21 -28.24 -38.33 -65.25
C GLU DA 21 -29.26 -38.75 -66.29
N ARG DA 22 -29.54 -40.05 -66.32
CA ARG DA 22 -30.51 -40.65 -67.24
C ARG DA 22 -31.93 -40.28 -66.82
N SER DA 23 -32.89 -40.65 -67.68
CA SER DA 23 -34.30 -40.43 -67.41
C SER DA 23 -35.07 -41.74 -67.53
N ALA DA 24 -36.23 -41.80 -66.86
CA ALA DA 24 -37.04 -43.00 -66.89
C ALA DA 24 -37.99 -43.04 -68.09
N ARG DA 25 -38.40 -41.89 -68.60
CA ARG DA 25 -39.32 -41.82 -69.72
C ARG DA 25 -38.69 -41.06 -70.88
N GLY DA 26 -39.26 -41.26 -72.07
CA GLY DA 26 -38.83 -40.54 -73.25
C GLY DA 26 -38.08 -41.40 -74.25
N ILE DA 27 -38.77 -41.83 -75.30
CA ILE DA 27 -38.19 -42.61 -76.37
C ILE DA 27 -38.31 -41.81 -77.66
N ILE DA 28 -37.19 -41.61 -78.35
CA ILE DA 28 -37.15 -40.87 -79.59
C ILE DA 28 -36.82 -41.83 -80.72
N ALA DA 29 -37.53 -41.69 -81.83
CA ALA DA 29 -37.26 -42.45 -83.05
C ALA DA 29 -36.61 -41.53 -84.06
N MET DA 30 -35.43 -41.91 -84.54
CA MET DA 30 -34.67 -41.13 -85.50
C MET DA 30 -34.57 -41.87 -86.82
N VAL DA 31 -34.75 -41.14 -87.92
CA VAL DA 31 -34.63 -41.68 -89.27
C VAL DA 31 -33.43 -41.01 -89.93
N LEU DA 32 -32.51 -41.82 -90.42
CA LEU DA 32 -31.28 -41.32 -91.02
C LEU DA 32 -31.05 -42.00 -92.37
N LYS DA 33 -30.25 -41.36 -93.21
CA LYS DA 33 -29.89 -41.89 -94.52
C LYS DA 33 -28.38 -42.03 -94.60
N ASP DA 34 -27.90 -43.27 -94.66
CA ASP DA 34 -26.48 -43.55 -94.82
C ASP DA 34 -26.34 -44.91 -95.48
N ALA DA 35 -25.20 -45.13 -96.12
CA ALA DA 35 -25.00 -46.31 -96.95
C ALA DA 35 -24.70 -47.58 -96.16
N LYS DA 36 -24.33 -47.47 -94.88
CA LYS DA 36 -23.92 -48.63 -94.09
C LYS DA 36 -24.63 -48.61 -92.75
N ALA DA 37 -24.55 -49.74 -92.06
CA ALA DA 37 -25.24 -49.95 -90.78
C ALA DA 37 -26.74 -49.67 -90.90
N LEU DA 38 -27.35 -50.27 -91.93
CA LEU DA 38 -28.77 -50.10 -92.17
C LEU DA 38 -29.58 -50.85 -91.12
N GLY DA 39 -30.87 -50.51 -91.05
CA GLY DA 39 -31.76 -51.13 -90.10
C GLY DA 39 -31.78 -50.42 -88.76
N LEU DA 40 -32.60 -50.95 -87.86
CA LEU DA 40 -32.78 -50.35 -86.55
C LEU DA 40 -31.50 -50.44 -85.72
N ASN DA 41 -31.21 -49.36 -85.00
CA ASN DA 41 -30.09 -49.30 -84.08
C ASN DA 41 -30.57 -48.74 -82.74
N GLU DA 42 -29.90 -49.13 -81.68
CA GLU DA 42 -30.25 -48.71 -80.32
C GLU DA 42 -29.10 -47.93 -79.71
N ILE DA 43 -29.41 -46.84 -79.02
CA ILE DA 43 -28.40 -46.03 -78.35
C ILE DA 43 -28.86 -45.65 -76.95
N HIS DA 44 -28.32 -46.30 -75.94
CA HIS DA 44 -28.57 -45.90 -74.55
C HIS DA 44 -27.59 -44.85 -74.06
N GLU DA 45 -26.35 -44.90 -74.54
CA GLU DA 45 -25.29 -44.02 -74.07
C GLU DA 45 -24.64 -43.36 -75.27
N LYS DA 46 -24.22 -42.11 -75.10
CA LYS DA 46 -23.68 -41.32 -76.20
C LYS DA 46 -22.39 -41.93 -76.76
N GLU DA 47 -21.66 -42.70 -75.95
CA GLU DA 47 -20.42 -43.27 -76.44
C GLU DA 47 -20.67 -44.38 -77.45
N ASP DA 48 -21.79 -45.10 -77.34
CA ASP DA 48 -22.06 -46.25 -78.19
C ASP DA 48 -22.78 -45.78 -79.45
N ILE DA 49 -22.01 -45.43 -80.46
CA ILE DA 49 -22.54 -45.07 -81.78
C ILE DA 49 -21.88 -45.99 -82.79
N PRO DA 50 -22.57 -46.43 -83.84
CA PRO DA 50 -21.89 -47.22 -84.88
C PRO DA 50 -20.74 -46.44 -85.50
N VAL DA 51 -19.58 -47.09 -85.61
CA VAL DA 51 -18.38 -46.40 -86.04
C VAL DA 51 -18.47 -46.03 -87.52
N ASP DA 52 -19.03 -46.91 -88.34
CA ASP DA 52 -19.02 -46.69 -89.79
C ASP DA 52 -19.96 -45.57 -90.23
N LEU DA 53 -20.80 -45.06 -89.34
CA LEU DA 53 -21.72 -43.99 -89.73
C LEU DA 53 -20.96 -42.70 -90.00
N SER DA 54 -21.55 -41.86 -90.85
CA SER DA 54 -20.94 -40.59 -91.21
C SER DA 54 -20.86 -39.66 -90.01
N ALA DA 55 -19.93 -38.71 -90.08
CA ALA DA 55 -19.74 -37.77 -88.97
C ALA DA 55 -20.94 -36.85 -88.81
N GLU DA 56 -21.59 -36.47 -89.90
CA GLU DA 56 -22.77 -35.60 -89.81
C GLU DA 56 -23.90 -36.30 -89.07
N ASN DA 57 -24.15 -37.57 -89.38
CA ASN DA 57 -25.17 -38.31 -88.65
C ASN DA 57 -24.78 -38.49 -87.19
N LYS DA 58 -23.49 -38.69 -86.92
CA LYS DA 58 -23.04 -38.81 -85.54
C LYS DA 58 -23.28 -37.52 -84.77
N GLU DA 59 -23.06 -36.36 -85.42
CA GLU DA 59 -23.34 -35.10 -84.75
C GLU DA 59 -24.83 -34.89 -84.54
N TYR DA 60 -25.67 -35.35 -85.47
CA TYR DA 60 -27.10 -35.31 -85.24
C TYR DA 60 -27.47 -36.13 -84.02
N ILE DA 61 -26.90 -37.32 -83.89
CA ILE DA 61 -27.20 -38.19 -82.75
C ILE DA 61 -26.71 -37.54 -81.46
N ASN DA 62 -25.55 -36.89 -81.50
CA ASN DA 62 -25.05 -36.19 -80.31
C ASN DA 62 -25.99 -35.06 -79.91
N LEU DA 63 -26.51 -34.32 -80.89
CA LEU DA 63 -27.50 -33.28 -80.60
C LEU DA 63 -28.74 -33.88 -79.94
N ALA DA 64 -29.21 -35.02 -80.45
CA ALA DA 64 -30.36 -35.67 -79.85
C ALA DA 64 -30.06 -36.08 -78.41
N LEU DA 65 -28.86 -36.57 -78.15
CA LEU DA 65 -28.49 -37.03 -76.82
C LEU DA 65 -28.11 -35.90 -75.88
N MET DA 66 -28.03 -34.65 -76.37
CA MET DA 66 -27.76 -33.53 -75.48
C MET DA 66 -28.80 -33.46 -74.36
N GLY DA 67 -30.06 -33.25 -74.71
CA GLY DA 67 -31.13 -33.43 -73.75
C GLY DA 67 -31.37 -32.22 -72.84
N ASN DA 68 -31.88 -32.51 -71.66
CA ASN DA 68 -32.31 -31.50 -70.68
C ASN DA 68 -31.85 -32.00 -69.32
N VAL DA 69 -32.49 -31.51 -68.25
CA VAL DA 69 -32.13 -31.84 -66.86
C VAL DA 69 -31.86 -33.34 -66.70
N ASN DA 70 -32.50 -34.16 -67.51
CA ASN DA 70 -32.11 -35.56 -67.66
C ASN DA 70 -32.00 -35.90 -69.14
N THR DA 71 -31.09 -36.80 -69.45
CA THR DA 71 -30.95 -37.27 -70.83
C THR DA 71 -32.10 -38.22 -71.17
N PRO DA 72 -32.50 -38.27 -72.44
CA PRO DA 72 -33.63 -39.13 -72.82
C PRO DA 72 -33.36 -40.60 -72.49
N ASN DA 73 -34.43 -41.33 -72.19
CA ASN DA 73 -34.29 -42.71 -71.73
C ASN DA 73 -33.53 -43.56 -72.73
N LYS DA 74 -33.97 -43.56 -74.00
CA LYS DA 74 -33.26 -44.30 -75.03
C LYS DA 74 -33.64 -43.73 -76.38
N LEU DA 75 -32.80 -44.01 -77.36
CA LEU DA 75 -32.92 -43.46 -78.71
C LEU DA 75 -32.94 -44.60 -79.70
N LEU DA 76 -33.94 -44.61 -80.58
CA LEU DA 76 -34.05 -45.61 -81.63
C LEU DA 76 -33.66 -44.95 -82.95
N VAL DA 77 -32.63 -45.50 -83.61
CA VAL DA 77 -32.11 -44.94 -84.83
C VAL DA 77 -32.36 -45.94 -85.95
N TYR DA 78 -33.11 -45.52 -86.96
CA TYR DA 78 -33.41 -46.34 -88.13
C TYR DA 78 -32.71 -45.72 -89.33
N VAL DA 79 -31.86 -46.52 -90.00
CA VAL DA 79 -31.01 -46.03 -91.08
C VAL DA 79 -31.42 -46.73 -92.37
N ILE DA 80 -31.47 -45.97 -93.46
CA ILE DA 80 -31.73 -46.51 -94.78
C ILE DA 80 -30.64 -46.03 -95.72
N GLU DA 81 -30.43 -46.79 -96.80
CA GLU DA 81 -29.33 -46.49 -97.72
C GLU DA 81 -29.53 -45.15 -98.41
N GLY DA 82 -30.73 -44.88 -98.90
CA GLY DA 82 -30.98 -43.74 -99.75
C GLY DA 82 -31.68 -44.21 -101.00
N GLU DA 83 -32.38 -43.31 -101.69
CA GLU DA 83 -33.27 -43.70 -102.79
C GLU DA 83 -34.32 -44.70 -102.30
N ALA DA 84 -34.74 -44.56 -101.05
CA ALA DA 84 -35.74 -45.43 -100.45
C ALA DA 84 -36.87 -44.59 -99.88
N ASP DA 85 -38.10 -45.03 -100.12
CA ASP DA 85 -39.26 -44.26 -99.69
C ASP DA 85 -39.37 -44.26 -98.17
N ILE DA 86 -39.80 -43.12 -97.63
CA ILE DA 86 -39.94 -42.99 -96.18
C ILE DA 86 -41.05 -43.91 -95.66
N GLN DA 87 -42.02 -44.24 -96.51
CA GLN DA 87 -43.13 -45.08 -96.06
C GLN DA 87 -42.68 -46.46 -95.63
N THR DA 88 -41.58 -46.97 -96.19
CA THR DA 88 -41.05 -48.24 -95.72
C THR DA 88 -40.59 -48.14 -94.27
N ALA DA 89 -39.89 -47.05 -93.94
CA ALA DA 89 -39.48 -46.82 -92.56
C ALA DA 89 -40.68 -46.63 -91.66
N LEU DA 90 -41.70 -45.92 -92.13
CA LEU DA 90 -42.91 -45.75 -91.32
C LEU DA 90 -43.59 -47.08 -91.04
N ASP DA 91 -43.73 -47.91 -92.08
CA ASP DA 91 -44.36 -49.21 -91.92
C ASP DA 91 -43.59 -50.08 -90.93
N PHE DA 92 -42.26 -50.02 -90.98
CA PHE DA 92 -41.49 -50.75 -89.97
C PHE DA 92 -41.71 -50.15 -88.58
N LEU DA 93 -41.77 -48.82 -88.48
CA LEU DA 93 -41.86 -48.16 -87.18
C LEU DA 93 -43.22 -48.29 -86.53
N GLU DA 94 -44.25 -48.72 -87.26
CA GLU DA 94 -45.55 -48.92 -86.63
C GLU DA 94 -45.48 -49.95 -85.51
N THR DA 95 -44.69 -51.01 -85.68
CA THR DA 95 -44.59 -52.05 -84.67
C THR DA 95 -43.97 -51.54 -83.38
N LYS DA 96 -42.90 -50.75 -83.48
CA LYS DA 96 -42.17 -50.34 -82.29
C LYS DA 96 -42.96 -49.32 -81.49
N GLU DA 97 -42.47 -49.02 -80.30
CA GLU DA 97 -43.08 -48.01 -79.43
C GLU DA 97 -42.12 -46.86 -79.23
N PHE DA 98 -42.65 -45.65 -79.34
CA PHE DA 98 -41.84 -44.43 -79.23
C PHE DA 98 -42.76 -43.28 -78.90
N ASN DA 99 -42.16 -42.17 -78.48
CA ASN DA 99 -42.90 -40.98 -78.10
C ASN DA 99 -42.77 -39.85 -79.11
N TYR DA 100 -41.56 -39.53 -79.55
CA TYR DA 100 -41.32 -38.45 -80.48
C TYR DA 100 -40.49 -38.96 -81.65
N LEU DA 101 -40.79 -38.44 -82.84
CA LEU DA 101 -40.11 -38.85 -84.06
C LEU DA 101 -39.64 -37.61 -84.81
N CYS DA 102 -38.43 -37.68 -85.36
CA CYS DA 102 -37.86 -36.54 -86.08
C CYS DA 102 -36.98 -37.04 -87.22
N MET DA 103 -36.96 -36.30 -88.31
CA MET DA 103 -36.13 -36.62 -89.48
C MET DA 103 -35.41 -35.36 -89.93
N PRO DA 104 -34.09 -35.26 -89.72
CA PRO DA 104 -33.38 -34.01 -90.06
C PRO DA 104 -33.40 -33.65 -91.53
N LYS DA 105 -33.52 -34.62 -92.44
CA LYS DA 105 -33.30 -34.39 -93.87
C LYS DA 105 -34.58 -34.57 -94.68
N ALA DA 106 -35.70 -34.06 -94.18
CA ALA DA 106 -36.99 -34.24 -94.85
C ALA DA 106 -37.24 -33.14 -95.88
N VAL DA 107 -37.61 -33.56 -97.08
CA VAL DA 107 -38.15 -32.65 -98.10
C VAL DA 107 -39.64 -32.48 -97.82
N GLU DA 108 -40.27 -31.54 -98.53
CA GLU DA 108 -41.68 -31.24 -98.26
C GLU DA 108 -42.56 -32.47 -98.46
N ALA DA 109 -42.22 -33.33 -99.42
CA ALA DA 109 -42.99 -34.56 -99.60
C ALA DA 109 -42.85 -35.47 -98.39
N ASP DA 110 -41.63 -35.61 -97.86
CA ASP DA 110 -41.43 -36.42 -96.67
C ASP DA 110 -42.16 -35.84 -95.47
N LYS DA 111 -42.15 -34.51 -95.35
CA LYS DA 111 -42.88 -33.87 -94.25
C LYS DA 111 -44.37 -34.13 -94.35
N THR DA 112 -44.92 -34.04 -95.56
CA THR DA 112 -46.35 -34.32 -95.74
C THR DA 112 -46.67 -35.76 -95.40
N ALA DA 113 -45.82 -36.70 -95.85
CA ALA DA 113 -46.05 -38.11 -95.56
C ALA DA 113 -46.00 -38.38 -94.06
N ILE DA 114 -45.02 -37.79 -93.38
CA ILE DA 114 -44.90 -37.99 -91.93
C ILE DA 114 -46.11 -37.41 -91.20
N LYS DA 115 -46.56 -36.22 -91.62
CA LYS DA 115 -47.72 -35.61 -90.99
C LYS DA 115 -48.96 -36.50 -91.16
N ASN DA 116 -49.18 -36.99 -92.38
CA ASN DA 116 -50.33 -37.84 -92.64
C ASN DA 116 -50.25 -39.13 -91.83
N TRP DA 117 -49.05 -39.72 -91.75
CA TRP DA 117 -48.87 -40.95 -90.98
C TRP DA 117 -49.17 -40.72 -89.50
N ILE DA 118 -48.66 -39.63 -88.94
CA ILE DA 118 -48.88 -39.34 -87.52
C ILE DA 118 -50.36 -39.13 -87.24
N ILE DA 119 -51.03 -38.35 -88.10
CA ILE DA 119 -52.44 -38.07 -87.85
C ILE DA 119 -53.28 -39.33 -88.01
N LYS DA 120 -52.90 -40.21 -88.95
CA LYS DA 120 -53.63 -41.47 -89.09
C LYS DA 120 -53.43 -42.37 -87.87
N LEU DA 121 -52.20 -42.43 -87.34
CA LEU DA 121 -51.97 -43.24 -86.15
C LEU DA 121 -52.75 -42.70 -84.96
N ARG DA 122 -52.79 -41.38 -84.79
CA ARG DA 122 -53.46 -40.82 -83.61
C ARG DA 122 -54.97 -40.92 -83.72
N ASP DA 123 -55.53 -40.72 -84.91
CA ASP DA 123 -56.98 -40.63 -85.05
C ASP DA 123 -57.65 -41.95 -85.39
N ILE DA 124 -56.93 -42.89 -86.01
CA ILE DA 124 -57.50 -44.17 -86.44
C ILE DA 124 -56.85 -45.35 -85.73
N ASP DA 125 -55.52 -45.42 -85.78
CA ASP DA 125 -54.81 -46.52 -85.15
C ASP DA 125 -54.83 -46.47 -83.63
N LYS DA 126 -55.27 -45.35 -83.05
CA LYS DA 126 -55.41 -45.21 -81.60
C LYS DA 126 -54.08 -45.42 -80.87
N VAL DA 127 -53.00 -44.90 -81.45
CA VAL DA 127 -51.69 -44.88 -80.80
C VAL DA 127 -51.26 -43.42 -80.69
N LYS DA 128 -50.93 -42.99 -79.47
CA LYS DA 128 -50.62 -41.59 -79.19
C LYS DA 128 -49.13 -41.37 -79.37
N VAL DA 129 -48.74 -40.77 -80.49
CA VAL DA 129 -47.36 -40.46 -80.81
C VAL DA 129 -47.29 -39.04 -81.34
N LYS DA 130 -46.08 -38.47 -81.31
CA LYS DA 130 -45.86 -37.09 -81.72
C LYS DA 130 -44.67 -37.00 -82.66
N ALA DA 131 -44.69 -35.98 -83.51
CA ALA DA 131 -43.60 -35.70 -84.44
C ALA DA 131 -43.19 -34.25 -84.33
N VAL DA 132 -41.87 -34.01 -84.35
CA VAL DA 132 -41.31 -32.67 -84.38
C VAL DA 132 -40.83 -32.40 -85.80
N LEU DA 133 -41.45 -31.43 -86.46
CA LEU DA 133 -41.17 -31.13 -87.86
C LEU DA 133 -40.72 -29.69 -88.01
N GLY DA 134 -40.04 -29.41 -89.11
CA GLY DA 134 -39.50 -28.09 -89.35
C GLY DA 134 -40.52 -27.02 -89.69
N LYS DA 135 -41.11 -27.09 -90.88
CA LYS DA 135 -42.01 -26.04 -91.36
C LYS DA 135 -43.28 -26.70 -91.87
N VAL DA 136 -44.21 -27.01 -90.97
CA VAL DA 136 -45.47 -27.65 -91.31
C VAL DA 136 -46.60 -26.88 -90.66
N VAL DA 137 -47.64 -26.58 -91.43
CA VAL DA 137 -48.77 -25.82 -90.96
C VAL DA 137 -49.90 -26.73 -90.47
N GLY DA 138 -49.56 -27.96 -90.09
CA GLY DA 138 -50.58 -28.89 -89.62
C GLY DA 138 -51.34 -28.33 -88.42
N ASN DA 139 -52.65 -28.56 -88.42
CA ASN DA 139 -53.55 -28.04 -87.39
C ASN DA 139 -53.86 -29.09 -86.34
N HIS DA 140 -52.90 -29.93 -86.00
CA HIS DA 140 -53.13 -31.06 -85.11
C HIS DA 140 -52.26 -30.95 -83.88
N GLU DA 141 -52.79 -31.44 -82.76
CA GLU DA 141 -52.04 -31.48 -81.51
C GLU DA 141 -50.92 -32.50 -81.54
N GLY DA 142 -50.90 -33.39 -82.53
CA GLY DA 142 -49.84 -34.39 -82.61
C GLY DA 142 -48.50 -33.81 -83.02
N ILE DA 143 -48.51 -32.87 -83.96
CA ILE DA 143 -47.26 -32.37 -84.54
C ILE DA 143 -46.89 -31.04 -83.91
N ILE DA 144 -45.59 -30.82 -83.76
CA ILE DA 144 -45.03 -29.60 -83.20
C ILE DA 144 -44.23 -28.90 -84.29
N ASN DA 145 -44.52 -27.63 -84.52
CA ASN DA 145 -43.96 -26.87 -85.63
C ASN DA 145 -42.88 -25.93 -85.10
N PHE DA 146 -41.61 -26.30 -85.31
CA PHE DA 146 -40.46 -25.52 -84.85
C PHE DA 146 -39.90 -24.70 -86.00
N THR DA 147 -40.14 -23.40 -85.97
CA THR DA 147 -39.73 -22.49 -87.04
C THR DA 147 -38.67 -21.53 -86.51
N THR DA 148 -37.40 -21.89 -86.68
CA THR DA 148 -36.28 -21.01 -86.37
C THR DA 148 -35.11 -21.46 -87.22
N GLU DA 149 -34.54 -20.53 -87.98
CA GLU DA 149 -33.54 -20.85 -88.99
C GLU DA 149 -32.17 -20.34 -88.59
N ASP DA 150 -31.13 -20.98 -89.12
CA ASP DA 150 -29.76 -20.49 -89.05
C ASP DA 150 -29.30 -20.28 -87.61
N VAL DA 151 -29.31 -21.37 -86.85
CA VAL DA 151 -28.81 -21.34 -85.48
C VAL DA 151 -27.33 -21.70 -85.48
N LEU DA 152 -26.56 -21.01 -84.65
CA LEU DA 152 -25.12 -21.20 -84.58
C LEU DA 152 -24.78 -22.00 -83.33
N VAL DA 153 -24.12 -23.14 -83.51
CA VAL DA 153 -23.73 -24.01 -82.42
C VAL DA 153 -22.23 -24.27 -82.58
N GLY DA 154 -21.42 -23.46 -81.92
CA GLY DA 154 -19.97 -23.63 -81.99
C GLY DA 154 -19.39 -23.40 -83.36
N GLU DA 155 -19.79 -22.30 -84.01
CA GLU DA 155 -19.30 -21.82 -85.29
C GLU DA 155 -19.88 -22.62 -86.46
N LYS DA 156 -20.84 -23.50 -86.21
CA LYS DA 156 -21.50 -24.26 -87.26
C LYS DA 156 -22.96 -23.81 -87.40
N LYS DA 157 -23.42 -23.73 -88.64
CA LYS DA 157 -24.78 -23.31 -88.96
C LYS DA 157 -25.67 -24.52 -89.15
N TYR DA 158 -26.78 -24.56 -88.42
CA TYR DA 158 -27.75 -25.64 -88.50
C TYR DA 158 -29.06 -25.08 -89.03
N SER DA 159 -29.65 -25.77 -90.01
CA SER DA 159 -30.89 -25.32 -90.63
C SER DA 159 -32.07 -25.63 -89.72
N VAL DA 160 -33.26 -25.20 -90.16
CA VAL DA 160 -34.46 -25.38 -89.34
C VAL DA 160 -34.81 -26.85 -89.20
N ASP DA 161 -34.61 -27.64 -90.26
CA ASP DA 161 -34.88 -29.07 -90.18
C ASP DA 161 -33.80 -29.80 -89.38
N GLU DA 162 -32.60 -29.23 -89.31
CA GLU DA 162 -31.49 -29.91 -88.66
C GLU DA 162 -31.56 -29.85 -87.14
N PHE DA 163 -32.15 -28.79 -86.58
CA PHE DA 163 -32.18 -28.58 -85.13
C PHE DA 163 -33.37 -29.25 -84.46
N THR DA 164 -34.25 -29.88 -85.24
CA THR DA 164 -35.37 -30.59 -84.65
C THR DA 164 -34.89 -31.75 -83.78
N SER DA 165 -33.70 -32.27 -84.05
CA SER DA 165 -33.13 -33.30 -83.19
C SER DA 165 -32.87 -32.75 -81.79
N ARG DA 166 -32.26 -31.57 -81.69
CA ARG DA 166 -32.03 -30.95 -80.39
C ARG DA 166 -33.35 -30.62 -79.71
N VAL DA 167 -34.33 -30.14 -80.47
CA VAL DA 167 -35.62 -29.80 -79.87
C VAL DA 167 -36.31 -31.05 -79.32
N ALA DA 168 -36.30 -32.15 -80.08
CA ALA DA 168 -36.92 -33.38 -79.61
C ALA DA 168 -36.20 -33.93 -78.38
N GLY DA 169 -34.86 -33.86 -78.38
CA GLY DA 169 -34.12 -34.29 -77.19
C GLY DA 169 -34.44 -33.44 -75.98
N LEU DA 170 -34.62 -32.14 -76.17
CA LEU DA 170 -34.96 -31.27 -75.05
C LEU DA 170 -36.35 -31.58 -74.52
N ILE DA 171 -37.32 -31.81 -75.41
CA ILE DA 171 -38.67 -32.14 -74.96
C ILE DA 171 -38.68 -33.47 -74.23
N ALA DA 172 -37.97 -34.48 -74.75
CA ALA DA 172 -37.99 -35.79 -74.13
C ALA DA 172 -37.34 -35.81 -72.76
N GLY DA 173 -36.40 -34.90 -72.49
CA GLY DA 173 -35.69 -34.87 -71.24
C GLY DA 173 -36.32 -34.07 -70.13
N THR DA 174 -37.50 -33.55 -70.33
CA THR DA 174 -38.18 -32.73 -69.34
C THR DA 174 -39.07 -33.61 -68.46
N PRO DA 175 -38.98 -33.48 -67.13
CA PRO DA 175 -39.89 -34.23 -66.26
C PRO DA 175 -41.33 -33.79 -66.43
N LEU DA 176 -42.24 -34.70 -66.07
CA LEU DA 176 -43.66 -34.45 -66.27
C LEU DA 176 -44.17 -33.27 -65.47
N SER DA 177 -43.53 -32.98 -64.34
CA SER DA 177 -43.97 -31.86 -63.51
C SER DA 177 -43.74 -30.52 -64.21
N GLN DA 178 -42.66 -30.40 -64.95
CA GLN DA 178 -42.21 -29.12 -65.50
C GLN DA 178 -42.68 -28.92 -66.93
N SER DA 179 -42.45 -27.71 -67.44
CA SER DA 179 -42.74 -27.35 -68.81
C SER DA 179 -41.49 -26.74 -69.43
N VAL DA 180 -41.46 -26.72 -70.76
CA VAL DA 180 -40.26 -26.28 -71.48
C VAL DA 180 -40.30 -24.79 -71.74
N THR DA 181 -41.26 -24.08 -71.17
CA THR DA 181 -41.33 -22.64 -71.35
C THR DA 181 -40.15 -21.97 -70.67
N TYR DA 182 -39.43 -21.14 -71.43
CA TYR DA 182 -38.31 -20.33 -70.93
C TYR DA 182 -37.12 -21.17 -70.48
N THR DA 183 -36.85 -22.28 -71.14
CA THR DA 183 -35.65 -23.08 -70.86
C THR DA 183 -34.53 -22.64 -71.78
N LYS DA 184 -33.37 -22.34 -71.21
CA LYS DA 184 -32.28 -21.73 -71.96
C LYS DA 184 -31.33 -22.78 -72.52
N LEU DA 185 -30.78 -22.48 -73.70
CA LEU DA 185 -29.83 -23.33 -74.40
C LEU DA 185 -28.44 -22.70 -74.30
N SER DA 186 -27.56 -23.34 -73.53
CA SER DA 186 -26.22 -22.78 -73.35
C SER DA 186 -25.35 -22.99 -74.59
N ASP DA 187 -25.64 -24.02 -75.38
CA ASP DA 187 -24.82 -24.30 -76.56
C ASP DA 187 -25.08 -23.33 -77.70
N VAL DA 188 -26.32 -22.84 -77.83
CA VAL DA 188 -26.62 -21.88 -78.88
C VAL DA 188 -25.95 -20.55 -78.58
N VAL DA 189 -25.29 -19.98 -79.58
CA VAL DA 189 -24.57 -18.73 -79.41
C VAL DA 189 -25.25 -17.55 -80.08
N ASP DA 190 -25.94 -17.75 -81.20
CA ASP DA 190 -26.62 -16.64 -81.86
C ASP DA 190 -27.79 -17.16 -82.69
N ILE DA 191 -28.77 -16.29 -82.89
CA ILE DA 191 -29.90 -16.55 -83.79
C ILE DA 191 -30.21 -15.28 -84.57
N PRO DA 192 -30.87 -15.41 -85.72
CA PRO DA 192 -31.24 -14.22 -86.49
C PRO DA 192 -32.15 -13.29 -85.71
N LYS DA 193 -32.02 -12.00 -86.01
CA LYS DA 193 -32.75 -10.98 -85.28
C LYS DA 193 -34.26 -11.08 -85.55
N MET DA 194 -35.04 -10.91 -84.49
CA MET DA 194 -36.50 -10.92 -84.57
C MET DA 194 -37.04 -9.90 -83.56
N THR DA 195 -38.19 -9.32 -83.89
CA THR DA 195 -38.81 -8.32 -83.04
C THR DA 195 -39.89 -8.95 -82.17
N LYS DA 196 -40.31 -8.20 -81.15
CA LYS DA 196 -41.30 -8.71 -80.20
C LYS DA 196 -42.64 -8.98 -80.87
N VAL DA 197 -43.09 -8.07 -81.73
CA VAL DA 197 -44.38 -8.23 -82.38
C VAL DA 197 -44.38 -9.45 -83.29
N ASP DA 198 -43.30 -9.65 -84.04
CA ASP DA 198 -43.22 -10.81 -84.93
C ASP DA 198 -43.23 -12.11 -84.14
N ALA DA 199 -42.47 -12.17 -83.04
CA ALA DA 199 -42.46 -13.36 -82.22
C ALA DA 199 -43.84 -13.63 -81.61
N GLU DA 200 -44.53 -12.58 -81.16
CA GLU DA 200 -45.87 -12.76 -80.62
C GLU DA 200 -46.83 -13.29 -81.68
N SER DA 201 -46.75 -12.76 -82.90
CA SER DA 201 -47.62 -13.26 -83.96
C SER DA 201 -47.31 -14.71 -84.30
N ARG DA 202 -46.03 -15.07 -84.32
CA ARG DA 202 -45.65 -16.45 -84.60
C ARG DA 202 -46.19 -17.40 -83.53
N VAL DA 203 -46.10 -17.00 -82.26
CA VAL DA 203 -46.63 -17.84 -81.18
C VAL DA 203 -48.15 -17.94 -81.32
N ASN DA 204 -48.80 -16.84 -81.70
CA ASN DA 204 -50.25 -16.89 -81.93
C ASN DA 204 -50.63 -17.80 -83.08
N LYS DA 205 -49.73 -17.96 -84.05
CA LYS DA 205 -50.02 -18.84 -85.19
C LYS DA 205 -49.71 -20.30 -84.90
N GLY DA 206 -49.14 -20.63 -83.76
CA GLY DA 206 -48.92 -22.00 -83.37
C GLY DA 206 -47.52 -22.54 -83.57
N GLU DA 207 -46.50 -21.68 -83.54
CA GLU DA 207 -45.14 -22.11 -83.76
C GLU DA 207 -44.35 -22.10 -82.45
N LEU DA 208 -43.38 -23.01 -82.36
CA LEU DA 208 -42.41 -23.04 -81.26
C LEU DA 208 -41.09 -22.48 -81.78
N ILE DA 209 -40.60 -21.43 -81.13
CA ILE DA 209 -39.50 -20.64 -81.64
C ILE DA 209 -38.43 -20.48 -80.57
N LEU DA 210 -37.29 -19.94 -80.99
CA LEU DA 210 -36.22 -19.53 -80.09
C LEU DA 210 -36.19 -18.01 -80.00
N ILE DA 211 -35.81 -17.49 -78.83
CA ILE DA 211 -35.87 -16.07 -78.58
C ILE DA 211 -34.72 -15.68 -77.65
N LYS DA 212 -34.37 -14.40 -77.67
CA LYS DA 212 -33.34 -13.84 -76.82
C LYS DA 212 -34.01 -13.09 -75.67
N GLU DA 213 -33.75 -13.52 -74.44
CA GLU DA 213 -34.42 -12.92 -73.29
C GLU DA 213 -33.61 -13.15 -72.03
N ALA DA 214 -33.57 -12.13 -71.18
CA ALA DA 214 -32.92 -12.22 -69.87
C ALA DA 214 -31.47 -12.67 -69.99
N GLY DA 215 -30.79 -12.14 -71.00
CA GLY DA 215 -29.38 -12.45 -71.21
C GLY DA 215 -29.09 -13.89 -71.56
N ALA DA 216 -29.92 -14.50 -72.37
CA ALA DA 216 -29.72 -15.88 -72.84
C ALA DA 216 -30.67 -16.13 -73.98
N ILE DA 217 -30.60 -17.34 -74.56
CA ILE DA 217 -31.51 -17.78 -75.60
C ILE DA 217 -32.32 -18.93 -75.06
N ARG DA 218 -33.65 -18.82 -75.15
CA ARG DA 218 -34.55 -19.77 -74.51
C ARG DA 218 -35.82 -19.93 -75.33
N ILE DA 219 -36.51 -21.03 -75.08
CA ILE DA 219 -37.79 -21.30 -75.74
C ILE DA 219 -38.82 -20.26 -75.30
N ALA DA 220 -39.51 -19.66 -76.28
CA ALA DA 220 -40.50 -18.65 -75.94
C ALA DA 220 -41.71 -19.27 -75.25
N ARG DA 221 -42.29 -20.32 -75.84
CA ARG DA 221 -43.49 -20.93 -75.30
C ARG DA 221 -43.55 -22.39 -75.71
N GLY DA 222 -44.31 -23.17 -74.96
CA GLY DA 222 -44.39 -24.60 -75.17
C GLY DA 222 -45.70 -25.06 -75.78
N VAL DA 223 -46.15 -24.38 -76.83
CA VAL DA 223 -47.41 -24.70 -77.48
C VAL DA 223 -47.15 -25.57 -78.71
N ASN DA 224 -48.15 -26.36 -79.07
CA ASN DA 224 -48.12 -27.14 -80.31
C ASN DA 224 -48.85 -26.37 -81.41
N SER DA 225 -49.09 -27.04 -82.53
CA SER DA 225 -49.54 -26.39 -83.75
C SER DA 225 -51.06 -26.27 -83.86
N LEU DA 226 -51.81 -26.65 -82.83
CA LEU DA 226 -53.27 -26.58 -82.89
C LEU DA 226 -53.73 -25.13 -82.73
N THR DA 227 -54.55 -24.66 -83.67
CA THR DA 227 -54.98 -23.26 -83.67
C THR DA 227 -56.50 -23.11 -83.75
N GLU DA 228 -57.17 -24.08 -84.35
CA GLU DA 228 -58.63 -24.04 -84.48
C GLU DA 228 -59.25 -24.83 -83.34
N LEU DA 229 -60.03 -24.14 -82.51
CA LEU DA 229 -60.58 -24.72 -81.29
C LEU DA 229 -62.08 -24.91 -81.43
N THR DA 230 -62.56 -26.09 -81.06
CA THR DA 230 -63.97 -26.41 -81.09
C THR DA 230 -64.57 -26.27 -79.70
N ALA DA 231 -65.87 -26.59 -79.60
CA ALA DA 231 -66.56 -26.45 -78.33
C ALA DA 231 -66.05 -27.45 -77.30
N GLU DA 232 -65.70 -28.66 -77.74
CA GLU DA 232 -65.25 -29.71 -76.83
C GLU DA 232 -63.74 -29.82 -76.72
N LYS DA 233 -62.99 -29.26 -77.67
CA LYS DA 233 -61.54 -29.40 -77.63
C LYS DA 233 -60.92 -28.46 -76.59
N GLY DA 234 -61.06 -27.16 -76.78
CA GLY DA 234 -60.66 -26.20 -75.78
C GLY DA 234 -59.19 -25.80 -75.87
N GLU DA 235 -58.84 -24.79 -75.09
CA GLU DA 235 -57.50 -24.21 -75.13
C GLU DA 235 -56.47 -25.08 -74.41
N MET DA 236 -56.89 -25.87 -73.43
CA MET DA 236 -55.95 -26.69 -72.67
C MET DA 236 -55.21 -27.69 -73.56
N PHE DA 237 -55.76 -28.00 -74.73
CA PHE DA 237 -55.14 -28.96 -75.64
C PHE DA 237 -54.00 -28.37 -76.45
N GLN DA 238 -53.69 -27.08 -76.28
CA GLN DA 238 -52.60 -26.45 -77.02
C GLN DA 238 -51.27 -26.49 -76.29
N LYS DA 239 -51.23 -27.07 -75.09
CA LYS DA 239 -50.00 -27.14 -74.30
C LYS DA 239 -49.36 -28.51 -74.44
N ILE DA 240 -48.03 -28.52 -74.55
CA ILE DA 240 -47.32 -29.78 -74.72
C ILE DA 240 -47.43 -30.64 -73.46
N LYS DA 241 -47.33 -30.01 -72.28
CA LYS DA 241 -47.33 -30.76 -71.03
C LYS DA 241 -48.65 -31.49 -70.79
N ILE DA 242 -49.78 -30.81 -71.07
CA ILE DA 242 -51.08 -31.42 -70.86
C ILE DA 242 -51.27 -32.61 -71.80
N VAL DA 243 -50.90 -32.44 -73.06
CA VAL DA 243 -51.05 -33.53 -74.02
C VAL DA 243 -50.15 -34.70 -73.64
N ASP DA 244 -48.96 -34.40 -73.10
CA ASP DA 244 -48.05 -35.45 -72.68
C ASP DA 244 -48.66 -36.29 -71.55
N THR DA 245 -49.18 -35.63 -70.52
CA THR DA 245 -49.75 -36.40 -69.41
C THR DA 245 -51.00 -37.15 -69.85
N LEU DA 246 -51.82 -36.55 -70.72
CA LEU DA 246 -52.99 -37.26 -71.23
C LEU DA 246 -52.59 -38.50 -72.02
N ASP DA 247 -51.54 -38.41 -72.83
CA ASP DA 247 -51.09 -39.56 -73.60
C ASP DA 247 -50.56 -40.66 -72.69
N ILE DA 248 -49.88 -40.28 -71.61
CA ILE DA 248 -49.41 -41.29 -70.67
C ILE DA 248 -50.59 -42.03 -70.04
N ILE DA 249 -51.60 -41.27 -69.61
CA ILE DA 249 -52.79 -41.89 -69.03
C ILE DA 249 -53.43 -42.84 -70.03
N HIS DA 250 -53.57 -42.39 -71.27
CA HIS DA 250 -54.20 -43.22 -72.30
C HIS DA 250 -53.42 -44.52 -72.51
N SER DA 251 -52.10 -44.42 -72.62
CA SER DA 251 -51.29 -45.61 -72.86
C SER DA 251 -51.43 -46.60 -71.72
N ASP DA 252 -51.34 -46.14 -70.48
CA ASP DA 252 -51.42 -47.06 -69.34
C ASP DA 252 -52.80 -47.73 -69.27
N ILE DA 253 -53.86 -46.95 -69.44
CA ILE DA 253 -55.20 -47.53 -69.32
C ILE DA 253 -55.45 -48.53 -70.43
N ARG DA 254 -55.06 -48.20 -71.67
CA ARG DA 254 -55.24 -49.16 -72.76
C ARG DA 254 -54.42 -50.41 -72.53
N LYS DA 255 -53.20 -50.27 -71.99
CA LYS DA 255 -52.36 -51.43 -71.73
C LYS DA 255 -53.03 -52.38 -70.76
N VAL DA 256 -53.50 -51.86 -69.61
CA VAL DA 256 -54.12 -52.75 -68.63
C VAL DA 256 -55.40 -53.37 -69.19
N ILE DA 257 -56.22 -52.56 -69.87
CA ILE DA 257 -57.48 -53.06 -70.40
C ILE DA 257 -57.24 -54.20 -71.39
N ILE DA 258 -56.28 -54.02 -72.30
CA ILE DA 258 -56.00 -55.05 -73.29
C ILE DA 258 -55.41 -56.28 -72.62
N ASP DA 259 -54.49 -56.08 -71.68
CA ASP DA 259 -53.79 -57.20 -71.07
C ASP DA 259 -54.74 -58.11 -70.28
N ASP DA 260 -55.70 -57.53 -69.58
CA ASP DA 260 -56.43 -58.33 -68.59
C ASP DA 260 -57.88 -58.63 -68.93
N TYR DA 261 -58.48 -57.99 -69.93
CA TYR DA 261 -59.93 -58.12 -70.09
C TYR DA 261 -60.44 -58.38 -71.50
N ILE DA 262 -59.71 -58.02 -72.55
CA ILE DA 262 -60.23 -58.22 -73.90
C ILE DA 262 -60.08 -59.69 -74.28
N GLY DA 263 -61.20 -60.32 -74.64
CA GLY DA 263 -61.21 -61.73 -74.99
C GLY DA 263 -60.86 -62.68 -73.87
N LYS DA 264 -60.85 -62.21 -72.62
CA LYS DA 264 -60.40 -63.01 -71.49
C LYS DA 264 -61.53 -63.47 -70.57
N VAL DA 265 -62.53 -62.63 -70.36
CA VAL DA 265 -63.61 -62.94 -69.43
C VAL DA 265 -64.94 -62.67 -70.11
N THR DA 266 -65.98 -63.34 -69.62
CA THR DA 266 -67.32 -63.14 -70.16
C THR DA 266 -67.85 -61.77 -69.75
N ASN DA 267 -68.72 -61.22 -70.61
CA ASN DA 267 -69.20 -59.85 -70.44
C ASN DA 267 -70.40 -59.86 -69.50
N SER DA 268 -70.11 -59.98 -68.22
CA SER DA 268 -71.12 -59.93 -67.17
C SER DA 268 -70.96 -58.65 -66.37
N TYR DA 269 -72.01 -58.32 -65.60
CA TYR DA 269 -72.02 -57.09 -64.83
C TYR DA 269 -70.94 -57.09 -63.74
N ASP DA 270 -70.72 -58.25 -63.12
CA ASP DA 270 -69.70 -58.36 -62.08
C ASP DA 270 -68.31 -58.04 -62.62
N ASN DA 271 -68.02 -58.52 -63.83
CA ASN DA 271 -66.72 -58.22 -64.43
C ASN DA 271 -66.58 -56.76 -64.80
N LYS DA 272 -67.69 -56.11 -65.18
CA LYS DA 272 -67.66 -54.67 -65.38
C LYS DA 272 -67.32 -53.95 -64.08
N CYS DA 273 -67.91 -54.37 -62.97
CA CYS DA 273 -67.58 -53.76 -61.69
C CYS DA 273 -66.12 -53.97 -61.33
N LEU DA 274 -65.60 -55.17 -61.58
CA LEU DA 274 -64.19 -55.44 -61.32
C LEU DA 274 -63.28 -54.55 -62.16
N LEU DA 275 -63.63 -54.36 -63.44
CA LEU DA 275 -62.84 -53.49 -64.30
C LEU DA 275 -62.87 -52.04 -63.80
N ILE DA 276 -64.05 -51.58 -63.36
CA ILE DA 276 -64.15 -50.24 -62.80
C ILE DA 276 -63.24 -50.10 -61.59
N VAL DA 277 -63.22 -51.10 -60.72
CA VAL DA 277 -62.37 -51.05 -59.53
C VAL DA 277 -60.91 -50.97 -59.92
N ALA DA 278 -60.49 -51.75 -60.93
CA ALA DA 278 -59.10 -51.71 -61.37
C ALA DA 278 -58.72 -50.34 -61.91
N ILE DA 279 -59.57 -49.75 -62.74
CA ILE DA 279 -59.25 -48.43 -63.30
C ILE DA 279 -59.21 -47.38 -62.20
N LYS DA 280 -60.13 -47.46 -61.24
CA LYS DA 280 -60.14 -46.51 -60.13
C LYS DA 280 -58.87 -46.63 -59.29
N SER DA 281 -58.39 -47.86 -59.09
CA SER DA 281 -57.14 -48.04 -58.35
C SER DA 281 -55.97 -47.41 -59.10
N TYR DA 282 -55.92 -47.58 -60.42
CA TYR DA 282 -54.85 -46.94 -61.19
C TYR DA 282 -54.91 -45.42 -61.06
N LEU DA 283 -56.12 -44.86 -61.16
CA LEU DA 283 -56.26 -43.41 -61.01
C LEU DA 283 -55.86 -42.94 -59.63
N GLU DA 284 -56.14 -43.74 -58.59
CA GLU DA 284 -55.71 -43.40 -57.24
C GLU DA 284 -54.20 -43.37 -57.14
N GLU DA 285 -53.53 -44.34 -57.78
CA GLU DA 285 -52.07 -44.31 -57.82
C GLU DA 285 -51.59 -43.03 -58.48
N LEU DA 286 -52.20 -42.65 -59.60
CA LEU DA 286 -51.81 -41.42 -60.27
C LEU DA 286 -52.00 -40.21 -59.37
N GLU DA 287 -53.11 -40.18 -58.62
CA GLU DA 287 -53.34 -39.08 -57.68
C GLU DA 287 -52.26 -39.03 -56.60
N LYS DA 288 -51.86 -40.20 -56.10
CA LYS DA 288 -50.79 -40.25 -55.10
C LYS DA 288 -49.48 -39.73 -55.66
N SER DA 289 -49.20 -40.03 -56.93
CA SER DA 289 -47.98 -39.56 -57.57
C SER DA 289 -47.99 -38.05 -57.85
N ALA DA 290 -49.13 -37.39 -57.66
CA ALA DA 290 -49.31 -35.94 -57.80
C ALA DA 290 -49.30 -35.47 -59.25
N LEU DA 291 -49.57 -36.37 -60.20
CA LEU DA 291 -49.70 -35.96 -61.59
C LEU DA 291 -51.07 -35.35 -61.88
N ILE DA 292 -52.12 -35.83 -61.22
CA ILE DA 292 -53.48 -35.32 -61.41
C ILE DA 292 -54.02 -34.91 -60.05
N GLU DA 293 -55.15 -34.20 -60.08
CA GLU DA 293 -55.80 -33.75 -58.86
C GLU DA 293 -56.65 -34.86 -58.26
N SER DA 294 -56.94 -34.72 -56.97
CA SER DA 294 -57.70 -35.73 -56.25
C SER DA 294 -59.18 -35.65 -56.59
N ASP DA 295 -59.95 -36.62 -56.07
CA ASP DA 295 -61.40 -36.70 -56.24
C ASP DA 295 -61.81 -37.03 -57.67
N SER DA 296 -61.14 -38.01 -58.29
CA SER DA 296 -61.51 -38.52 -59.59
C SER DA 296 -62.52 -39.66 -59.46
N THR DA 297 -63.42 -39.76 -60.44
CA THR DA 297 -64.51 -40.72 -60.39
C THR DA 297 -64.50 -41.58 -61.64
N VAL DA 298 -64.93 -42.84 -61.47
CA VAL DA 298 -65.11 -43.79 -62.56
C VAL DA 298 -66.45 -44.47 -62.35
N GLU DA 299 -67.23 -44.61 -63.43
CA GLU DA 299 -68.62 -44.99 -63.25
C GLU DA 299 -69.19 -45.54 -64.56
N ILE DA 300 -70.16 -46.46 -64.42
CA ILE DA 300 -70.88 -46.98 -65.58
C ILE DA 300 -71.58 -45.84 -66.30
N ASP DA 301 -71.47 -45.83 -67.63
CA ASP DA 301 -72.12 -44.81 -68.45
C ASP DA 301 -73.56 -45.23 -68.71
N PHE DA 302 -74.51 -44.60 -68.01
CA PHE DA 302 -75.91 -44.99 -68.14
C PHE DA 302 -76.51 -44.53 -69.46
N GLU DA 303 -76.21 -43.30 -69.89
CA GLU DA 303 -76.86 -42.74 -71.07
C GLU DA 303 -76.46 -43.49 -72.34
N ALA DA 304 -75.17 -43.79 -72.50
CA ALA DA 304 -74.72 -44.51 -73.68
C ALA DA 304 -75.32 -45.91 -73.72
N GLN DA 305 -75.37 -46.58 -72.57
CA GLN DA 305 -75.96 -47.91 -72.51
C GLN DA 305 -77.44 -47.88 -72.87
N LYS DA 306 -78.15 -46.86 -72.38
CA LYS DA 306 -79.56 -46.71 -72.70
C LYS DA 306 -79.77 -46.46 -74.20
N SER DA 307 -78.93 -45.59 -74.78
CA SER DA 307 -79.05 -45.31 -76.21
C SER DA 307 -78.76 -46.55 -77.05
N TYR DA 308 -77.75 -47.32 -76.65
CA TYR DA 308 -77.45 -48.56 -77.37
C TYR DA 308 -78.62 -49.54 -77.28
N LEU DA 309 -79.21 -49.68 -76.09
CA LEU DA 309 -80.35 -50.58 -75.95
C LEU DA 309 -81.52 -50.13 -76.81
N LYS DA 310 -81.77 -48.82 -76.85
CA LYS DA 310 -82.82 -48.29 -77.74
C LYS DA 310 -82.51 -48.61 -79.20
N SER DA 311 -81.25 -48.44 -79.60
CA SER DA 311 -80.87 -48.71 -80.99
C SER DA 311 -81.08 -50.18 -81.33
N LYS DA 312 -80.81 -51.07 -80.38
CA LYS DA 312 -81.01 -52.50 -80.61
C LYS DA 312 -82.48 -52.89 -80.71
N GLY DA 313 -83.40 -51.98 -80.38
CA GLY DA 313 -84.81 -52.22 -80.56
C GLY DA 313 -85.52 -52.89 -79.41
N VAL DA 314 -84.87 -53.04 -78.24
CA VAL DA 314 -85.56 -53.63 -77.11
C VAL DA 314 -86.60 -52.66 -76.57
N ASP DA 315 -87.61 -53.22 -75.89
CA ASP DA 315 -88.68 -52.41 -75.33
C ASP DA 315 -88.19 -51.81 -74.01
N LEU DA 316 -87.86 -50.53 -74.03
CA LEU DA 316 -87.33 -49.85 -72.86
C LEU DA 316 -88.40 -49.43 -71.87
N SER DA 317 -89.67 -49.50 -72.26
CA SER DA 317 -90.75 -49.13 -71.35
C SER DA 317 -90.94 -50.20 -70.29
N TYR DA 318 -91.50 -49.78 -69.16
CA TYR DA 318 -91.75 -50.67 -68.02
C TYR DA 318 -90.48 -51.37 -67.56
N MET DA 319 -89.38 -50.61 -67.51
CA MET DA 319 -88.09 -51.13 -67.09
C MET DA 319 -87.52 -50.23 -66.00
N THR DA 320 -87.07 -50.84 -64.91
CA THR DA 320 -86.51 -50.09 -63.81
C THR DA 320 -85.08 -49.66 -64.14
N LEU DA 321 -84.59 -48.65 -63.43
CA LEU DA 321 -83.24 -48.14 -63.65
C LEU DA 321 -82.20 -49.24 -63.43
N GLN DA 322 -82.39 -50.06 -62.39
CA GLN DA 322 -81.46 -51.16 -62.15
C GLN DA 322 -81.51 -52.19 -63.28
N GLU DA 323 -82.71 -52.42 -63.83
CA GLU DA 323 -82.83 -53.35 -64.94
C GLU DA 323 -82.05 -52.88 -66.16
N ILE DA 324 -82.10 -51.57 -66.44
CA ILE DA 324 -81.37 -51.03 -67.58
C ILE DA 324 -79.87 -51.04 -67.30
N LYS DA 325 -79.48 -50.73 -66.05
CA LYS DA 325 -78.07 -50.68 -65.71
C LYS DA 325 -77.41 -52.04 -65.86
N GLU DA 326 -78.11 -53.11 -65.50
CA GLU DA 326 -77.55 -54.45 -65.52
C GLU DA 326 -77.97 -55.26 -66.73
N ALA DA 327 -78.58 -54.63 -67.73
CA ALA DA 327 -79.00 -55.35 -68.92
C ALA DA 327 -77.80 -55.81 -69.74
N ASN DA 328 -77.95 -56.98 -70.36
CA ASN DA 328 -76.91 -57.51 -71.22
C ASN DA 328 -76.75 -56.67 -72.47
N THR DA 329 -75.50 -56.43 -72.87
CA THR DA 329 -75.20 -55.57 -74.02
C THR DA 329 -74.18 -56.23 -74.94
N GLY DA 330 -74.28 -57.54 -75.12
CA GLY DA 330 -73.39 -58.23 -76.04
C GLY DA 330 -71.94 -58.25 -75.60
N SER DA 331 -71.06 -57.66 -76.42
CA SER DA 331 -69.64 -57.59 -76.10
C SER DA 331 -69.17 -56.16 -75.86
N LYS DA 332 -70.08 -55.22 -75.66
CA LYS DA 332 -69.74 -53.82 -75.48
C LYS DA 332 -69.71 -53.45 -74.00
N VAL DA 333 -68.88 -52.48 -73.67
CA VAL DA 333 -68.80 -51.91 -72.33
C VAL DA 333 -68.78 -50.39 -72.44
N PHE DA 334 -69.61 -49.72 -71.66
CA PHE DA 334 -69.70 -48.26 -71.66
C PHE DA 334 -69.26 -47.73 -70.31
N LEU DA 335 -68.31 -46.79 -70.33
CA LEU DA 335 -67.75 -46.23 -69.11
C LEU DA 335 -67.53 -44.74 -69.29
N LYS DA 336 -67.37 -44.03 -68.17
CA LYS DA 336 -67.02 -42.63 -68.21
C LYS DA 336 -66.27 -42.28 -66.92
N ALA DA 337 -65.51 -41.19 -66.97
CA ALA DA 337 -64.68 -40.80 -65.85
C ALA DA 337 -64.50 -39.30 -65.84
N LYS DA 338 -63.89 -38.79 -64.77
CA LYS DA 338 -63.64 -37.37 -64.61
C LYS DA 338 -62.33 -37.19 -63.87
N ILE DA 339 -61.46 -36.31 -64.40
CA ILE DA 339 -60.16 -36.02 -63.82
C ILE DA 339 -59.90 -34.52 -63.92
N LYS DA 340 -58.77 -34.10 -63.38
CA LYS DA 340 -58.39 -32.68 -63.39
C LYS DA 340 -56.87 -32.58 -63.36
N VAL DA 341 -56.31 -31.74 -64.23
CA VAL DA 341 -54.87 -31.56 -64.36
C VAL DA 341 -54.54 -30.09 -64.23
N LEU DA 342 -53.37 -29.80 -63.65
CA LEU DA 342 -52.92 -28.43 -63.42
C LEU DA 342 -51.88 -28.02 -64.46
N ASP DA 343 -51.58 -26.72 -64.46
CA ASP DA 343 -50.58 -26.15 -65.35
C ASP DA 343 -49.57 -25.33 -64.54
N ALA DA 344 -48.38 -25.17 -65.09
CA ALA DA 344 -47.30 -24.50 -64.40
C ALA DA 344 -47.40 -22.98 -64.53
N MET DA 345 -46.65 -22.28 -63.68
CA MET DA 345 -46.65 -20.82 -63.70
C MET DA 345 -45.97 -20.31 -64.96
N GLU DA 346 -46.62 -19.40 -65.66
CA GLU DA 346 -46.02 -18.80 -66.85
C GLU DA 346 -46.25 -17.30 -66.99
N ASP DA 347 -47.15 -16.69 -66.23
CA ASP DA 347 -47.40 -15.26 -66.28
C ASP DA 347 -47.61 -14.73 -64.88
N ILE DA 348 -47.00 -13.58 -64.58
CA ILE DA 348 -47.04 -13.00 -63.24
C ILE DA 348 -47.27 -11.50 -63.35
N ASP DA 349 -48.17 -10.98 -62.53
CA ASP DA 349 -48.44 -9.54 -62.43
C ASP DA 349 -48.12 -9.07 -61.03
N LEU DA 350 -47.31 -8.03 -60.92
CA LEU DA 350 -46.91 -7.48 -59.63
C LEU DA 350 -47.07 -5.97 -59.66
N SER DA 351 -48.11 -5.47 -58.99
CA SER DA 351 -48.40 -4.05 -58.92
C SER DA 351 -47.84 -3.48 -57.61
N ILE DA 352 -46.96 -2.49 -57.73
CA ILE DA 352 -46.25 -1.94 -56.59
C ILE DA 352 -46.63 -0.48 -56.42
N GLU DA 353 -47.01 -0.11 -55.20
CA GLU DA 353 -47.34 1.27 -54.87
C GLU DA 353 -46.16 1.89 -54.15
N ILE DA 354 -45.68 3.02 -54.65
CA ILE DA 354 -44.52 3.68 -54.07
C ILE DA 354 -44.95 4.90 -53.27
N MET EA 1 10.98 18.91 -31.18
CA MET EA 1 12.20 18.37 -31.79
C MET EA 1 13.44 18.85 -31.06
N ILE EA 2 14.09 17.94 -30.33
CA ILE EA 2 15.32 18.24 -29.63
C ILE EA 2 16.39 17.27 -30.13
N LYS EA 3 17.57 17.80 -30.42
CA LYS EA 3 18.70 17.01 -30.92
C LYS EA 3 19.91 17.23 -30.02
N ILE EA 4 20.66 16.16 -29.79
CA ILE EA 4 21.90 16.22 -29.03
C ILE EA 4 23.02 15.63 -29.86
N TRP EA 5 24.12 16.36 -29.99
CA TRP EA 5 25.30 15.92 -30.73
C TRP EA 5 26.51 15.95 -29.82
N VAL EA 6 27.41 15.00 -30.00
CA VAL EA 6 28.60 14.88 -29.16
C VAL EA 6 29.83 14.82 -30.06
N HIS EA 7 30.83 15.64 -29.75
CA HIS EA 7 32.11 15.67 -30.46
C HIS EA 7 33.16 14.99 -29.61
N ILE EA 8 33.84 13.99 -30.17
CA ILE EA 8 34.85 13.23 -29.46
C ILE EA 8 36.22 13.74 -29.88
N LYS EA 9 37.23 13.43 -29.06
CA LYS EA 9 38.55 14.02 -29.22
C LYS EA 9 39.19 13.66 -30.55
N ASN EA 10 39.01 12.42 -31.00
CA ASN EA 10 39.69 12.00 -32.22
C ASN EA 10 39.20 12.74 -33.46
N GLY EA 11 37.97 13.23 -33.45
CA GLY EA 11 37.37 13.83 -34.63
C GLY EA 11 36.02 13.26 -35.02
N SER EA 12 35.49 12.28 -34.31
CA SER EA 12 34.19 11.70 -34.65
C SER EA 12 33.05 12.50 -34.04
N ILE EA 13 31.92 12.52 -34.75
CA ILE EA 13 30.72 13.23 -34.31
C ILE EA 13 29.55 12.26 -34.37
N TYR EA 14 28.78 12.19 -33.28
CA TYR EA 14 27.65 11.28 -33.16
C TYR EA 14 26.37 12.04 -32.88
N ASP EA 15 25.27 11.54 -33.44
CA ASP EA 15 23.93 11.99 -33.11
C ASP EA 15 23.30 10.94 -32.20
N ILE EA 16 23.04 11.32 -30.95
CA ILE EA 16 22.63 10.36 -29.94
C ILE EA 16 21.19 10.59 -29.47
N THR EA 17 20.37 11.23 -30.30
CA THR EA 17 19.01 11.54 -29.87
C THR EA 17 18.18 10.27 -29.64
N ASP EA 18 18.43 9.22 -30.41
CA ASP EA 18 17.64 8.00 -30.28
C ASP EA 18 17.99 7.19 -29.05
N ILE EA 19 19.04 7.55 -28.33
CA ILE EA 19 19.46 6.83 -27.14
C ILE EA 19 19.13 7.59 -25.85
N VAL EA 20 18.94 8.91 -25.92
CA VAL EA 20 18.74 9.72 -24.73
C VAL EA 20 17.44 9.34 -24.03
N ASP EA 21 17.49 9.32 -22.70
CA ASP EA 21 16.34 8.98 -21.87
C ASP EA 21 15.71 10.17 -21.16
N LYS EA 22 16.50 11.16 -20.77
CA LYS EA 22 16.00 12.28 -19.98
C LYS EA 22 16.95 13.46 -20.15
N VAL EA 23 16.40 14.67 -20.18
CA VAL EA 23 17.17 15.89 -20.38
C VAL EA 23 16.72 16.94 -19.38
N SER EA 24 17.68 17.71 -18.86
CA SER EA 24 17.39 18.83 -17.96
C SER EA 24 18.31 19.99 -18.29
N TRP EA 25 17.77 21.20 -18.23
CA TRP EA 25 18.48 22.43 -18.61
C TRP EA 25 18.08 23.53 -17.64
N SER EA 26 19.06 24.14 -16.99
CA SER EA 26 18.75 25.05 -15.89
C SER EA 26 19.86 26.08 -15.71
N GLY EA 27 19.51 27.15 -15.00
CA GLY EA 27 20.46 28.20 -14.69
C GLY EA 27 19.98 29.02 -13.51
N ASP EA 28 20.90 29.77 -12.93
CA ASP EA 28 20.58 30.63 -11.79
C ASP EA 28 21.31 31.96 -11.95
N TYR EA 29 20.78 32.99 -11.31
CA TYR EA 29 21.33 34.33 -11.49
C TYR EA 29 22.57 34.59 -10.64
N LYS EA 30 22.92 33.68 -9.73
CA LYS EA 30 24.09 33.86 -8.88
C LYS EA 30 25.29 33.06 -9.35
N SER EA 31 25.22 32.45 -10.53
CA SER EA 31 26.35 31.75 -11.11
C SER EA 31 26.50 32.13 -12.57
N PRO EA 32 27.73 32.15 -13.09
CA PRO EA 32 27.93 32.55 -14.49
C PRO EA 32 27.73 31.44 -15.51
N SER EA 33 27.51 30.21 -15.09
CA SER EA 33 27.44 29.09 -16.02
C SER EA 33 26.12 28.36 -15.90
N ARG EA 34 25.63 27.89 -17.04
CA ARG EA 34 24.44 27.05 -17.11
C ARG EA 34 24.86 25.59 -17.17
N THR EA 35 23.91 24.71 -16.88
CA THR EA 35 24.20 23.29 -16.76
C THR EA 35 23.21 22.47 -17.58
N LEU EA 36 23.68 21.31 -18.05
CA LEU EA 36 22.86 20.38 -18.81
C LEU EA 36 23.11 18.98 -18.31
N GLU EA 37 22.04 18.24 -18.04
CA GLU EA 37 22.13 16.87 -17.57
C GLU EA 37 21.29 15.96 -18.46
N PHE EA 38 21.85 14.81 -18.81
CA PHE EA 38 21.13 13.87 -19.66
C PHE EA 38 21.61 12.46 -19.36
N SER EA 39 20.80 11.48 -19.77
CA SER EA 39 21.07 10.07 -19.54
C SER EA 39 20.85 9.29 -20.83
N ILE EA 40 21.62 8.21 -21.00
CA ILE EA 40 21.47 7.31 -22.12
C ILE EA 40 21.38 5.89 -21.58
N ILE EA 41 20.87 4.98 -22.40
CA ILE EA 41 20.79 3.58 -22.02
C ILE EA 41 21.92 2.78 -22.62
N GLN EA 42 22.66 2.11 -21.76
CA GLN EA 42 23.79 1.25 -22.13
C GLN EA 42 23.76 0.07 -21.20
N SER EA 43 23.67 -1.13 -21.75
CA SER EA 43 23.59 -2.34 -20.96
C SER EA 43 24.83 -3.18 -21.20
N SER EA 44 25.46 -3.62 -20.10
CA SER EA 44 26.62 -4.49 -20.17
C SER EA 44 26.24 -5.96 -20.19
N PHE EA 45 25.10 -6.30 -19.59
CA PHE EA 45 24.62 -7.67 -19.62
C PHE EA 45 24.25 -8.10 -21.04
N ASP EA 46 23.56 -7.24 -21.77
CA ASP EA 46 23.06 -7.55 -23.11
C ASP EA 46 24.00 -6.97 -24.16
N ASN EA 47 24.38 -7.81 -25.13
CA ASN EA 47 25.29 -7.35 -26.18
C ASN EA 47 24.62 -6.37 -27.13
N VAL EA 48 23.30 -6.48 -27.30
CA VAL EA 48 22.60 -5.63 -28.25
C VAL EA 48 22.61 -4.18 -27.79
N PHE EA 49 22.55 -3.94 -26.48
CA PHE EA 49 22.37 -2.62 -25.92
C PHE EA 49 23.67 -1.93 -25.58
N GLN EA 50 24.81 -2.50 -25.96
CA GLN EA 50 26.09 -1.80 -25.81
C GLN EA 50 26.17 -0.65 -26.81
N GLN EA 51 26.65 0.50 -26.34
CA GLN EA 51 26.71 1.71 -27.13
C GLN EA 51 28.15 2.22 -27.21
N ILE EA 52 28.30 3.38 -27.85
CA ILE EA 52 29.58 4.08 -27.88
C ILE EA 52 29.91 4.64 -26.51
N ASP EA 53 31.17 4.97 -26.30
CA ASP EA 53 31.59 5.62 -25.07
C ASP EA 53 31.85 7.10 -25.31
N ILE EA 54 31.50 7.93 -24.35
CA ILE EA 54 31.69 9.36 -24.40
C ILE EA 54 32.63 9.74 -23.26
N PRO EA 55 33.92 9.96 -23.55
CA PRO EA 55 34.88 10.24 -22.48
C PRO EA 55 34.69 11.62 -21.89
N ILE EA 56 35.32 11.82 -20.73
CA ILE EA 56 35.27 13.10 -20.04
C ILE EA 56 35.87 14.20 -20.91
N ALA EA 57 35.30 15.40 -20.80
CA ALA EA 57 35.81 16.61 -21.45
C ALA EA 57 35.64 16.54 -22.96
N SER EA 58 34.46 16.11 -23.40
CA SER EA 58 34.07 16.17 -24.80
C SER EA 58 32.86 17.08 -24.94
N THR EA 59 32.75 17.72 -26.10
CA THR EA 59 31.75 18.75 -26.30
C THR EA 59 30.39 18.15 -26.63
N VAL EA 60 29.34 18.73 -26.03
CA VAL EA 60 27.96 18.32 -26.28
C VAL EA 60 27.15 19.54 -26.69
N CYS EA 61 26.34 19.38 -27.73
CA CYS EA 61 25.54 20.46 -28.31
C CYS EA 61 24.06 20.12 -28.19
N PHE EA 62 23.25 21.12 -27.84
CA PHE EA 62 21.82 20.94 -27.63
C PHE EA 62 21.04 21.84 -28.56
N TYR EA 63 20.13 21.23 -29.33
CA TYR EA 63 19.33 21.93 -30.34
C TYR EA 63 17.85 21.75 -30.05
N VAL EA 64 17.09 22.82 -30.16
CA VAL EA 64 15.63 22.76 -30.08
C VAL EA 64 15.07 23.57 -31.24
N ASP EA 65 14.27 22.92 -32.09
CA ASP EA 65 13.68 23.55 -33.27
C ASP EA 65 14.75 24.17 -34.15
N GLU EA 66 15.80 23.41 -34.41
CA GLU EA 66 16.88 23.81 -35.32
C GLU EA 66 17.62 25.05 -34.84
N LYS EA 67 17.70 25.23 -33.53
CA LYS EA 67 18.40 26.35 -32.93
C LYS EA 67 19.29 25.83 -31.81
N GLU EA 68 20.53 26.31 -31.78
CA GLU EA 68 21.49 25.86 -30.77
C GLU EA 68 21.34 26.71 -29.52
N LEU EA 69 21.08 26.05 -28.39
CA LEU EA 69 20.88 26.74 -27.12
C LEU EA 69 22.00 26.52 -26.11
N PHE EA 70 22.77 25.44 -26.24
CA PHE EA 70 23.76 25.09 -25.24
C PHE EA 70 24.95 24.44 -25.92
N ARG EA 71 26.15 24.78 -25.45
CA ARG EA 71 27.38 24.11 -25.86
C ARG EA 71 28.30 24.08 -24.66
N GLY EA 72 28.75 22.89 -24.26
CA GLY EA 72 29.54 22.79 -23.06
C GLY EA 72 30.36 21.52 -22.99
N MET EA 73 31.08 21.40 -21.90
CA MET EA 73 32.02 20.31 -21.64
C MET EA 73 31.41 19.30 -20.69
N ILE EA 74 31.78 18.03 -20.86
CA ILE EA 74 31.33 16.97 -19.97
C ILE EA 74 32.26 16.89 -18.77
N ILE EA 75 31.68 16.89 -17.57
CA ILE EA 75 32.43 17.02 -16.32
C ILE EA 75 32.35 15.76 -15.47
N ASN EA 76 31.17 15.17 -15.34
CA ASN EA 76 30.97 13.97 -14.54
C ASN EA 76 30.40 12.85 -15.38
N ARG EA 77 30.70 11.62 -14.98
CA ARG EA 77 30.19 10.43 -15.67
C ARG EA 77 30.02 9.33 -14.64
N SER EA 78 28.88 8.64 -14.70
CA SER EA 78 28.57 7.64 -13.69
C SER EA 78 27.81 6.47 -14.32
N LYS EA 79 28.07 5.27 -13.80
CA LYS EA 79 27.46 4.05 -14.34
C LYS EA 79 27.04 3.15 -13.18
N ASP EA 80 25.77 2.79 -13.16
CA ASP EA 80 25.21 1.89 -12.15
C ASP EA 80 25.03 0.51 -12.77
N SER EA 81 25.47 -0.53 -12.06
CA SER EA 81 25.44 -1.86 -12.64
C SER EA 81 24.05 -2.47 -12.65
N SER EA 82 23.20 -2.08 -11.68
CA SER EA 82 21.84 -2.61 -11.65
C SER EA 82 21.01 -2.05 -12.80
N SER EA 83 21.05 -0.74 -13.00
CA SER EA 83 20.25 -0.08 -14.01
C SER EA 83 21.03 0.03 -15.32
N ASN EA 84 20.33 -0.09 -16.44
CA ASN EA 84 20.96 0.00 -17.75
C ASN EA 84 20.97 1.45 -18.22
N GLU EA 85 21.78 2.26 -17.52
CA GLU EA 85 21.81 3.70 -17.77
C GLU EA 85 23.19 4.25 -17.43
N ILE EA 86 23.58 5.30 -18.14
CA ILE EA 86 24.79 6.06 -17.85
C ILE EA 86 24.38 7.53 -17.74
N SER EA 87 24.89 8.22 -16.72
CA SER EA 87 24.51 9.60 -16.43
C SER EA 87 25.68 10.54 -16.71
N PHE EA 88 25.35 11.72 -17.25
CA PHE EA 88 26.34 12.74 -17.58
C PHE EA 88 25.92 14.07 -16.97
N VAL EA 89 26.91 14.90 -16.64
CA VAL EA 89 26.68 16.27 -16.20
C VAL EA 89 27.59 17.17 -17.00
N SER EA 90 27.03 18.24 -17.56
CA SER EA 90 27.77 19.15 -18.41
C SER EA 90 27.67 20.57 -17.88
N LYS EA 91 28.66 21.39 -18.21
CA LYS EA 91 28.69 22.78 -17.76
C LYS EA 91 29.00 23.70 -18.91
N ASP EA 92 28.44 24.91 -18.84
CA ASP EA 92 28.71 25.96 -19.80
C ASP EA 92 30.18 26.36 -19.76
N MET EA 93 30.58 27.22 -20.70
CA MET EA 93 31.94 27.73 -20.71
C MET EA 93 32.16 28.77 -19.61
N GLY EA 94 31.09 29.26 -18.98
CA GLY EA 94 31.20 30.39 -18.06
C GLY EA 94 32.04 30.13 -16.83
N PHE EA 95 32.31 28.87 -16.51
CA PHE EA 95 33.11 28.60 -15.32
C PHE EA 95 34.59 28.92 -15.51
N LEU EA 96 34.99 29.34 -16.72
CA LEU EA 96 36.38 29.70 -16.95
C LEU EA 96 36.76 31.02 -16.32
N LEU EA 97 35.78 31.88 -16.01
CA LEU EA 97 36.07 33.16 -15.40
C LEU EA 97 36.61 32.99 -13.99
N THR EA 98 36.01 32.08 -13.21
CA THR EA 98 36.40 31.91 -11.81
C THR EA 98 37.75 31.23 -11.64
N GLN EA 99 38.33 30.67 -12.70
CA GLN EA 99 39.66 30.08 -12.59
C GLN EA 99 40.73 31.17 -12.57
N SER EA 100 40.53 32.26 -13.30
CA SER EA 100 41.50 33.34 -13.35
C SER EA 100 41.57 34.06 -12.02
N GLU EA 101 42.77 34.58 -11.70
CA GLU EA 101 43.01 35.25 -10.43
C GLU EA 101 44.16 36.24 -10.64
N VAL EA 102 43.82 37.52 -10.84
CA VAL EA 102 44.80 38.53 -11.18
C VAL EA 102 44.66 39.70 -10.22
N SER EA 103 45.73 40.50 -10.12
CA SER EA 103 45.77 41.69 -9.30
C SER EA 103 45.83 42.92 -10.21
N TYR EA 104 44.90 43.86 -9.99
CA TYR EA 104 44.75 45.04 -10.82
C TYR EA 104 44.82 46.29 -9.97
N ASN EA 105 45.07 47.41 -10.63
CA ASN EA 105 45.07 48.72 -10.00
C ASN EA 105 44.33 49.67 -10.92
N PHE EA 106 43.08 49.97 -10.61
CA PHE EA 106 42.20 50.74 -11.48
C PHE EA 106 42.02 52.14 -10.91
N LYS EA 107 42.24 53.15 -11.76
CA LYS EA 107 42.06 54.55 -11.38
C LYS EA 107 41.22 55.24 -12.44
N ASP EA 108 40.02 55.67 -12.05
CA ASP EA 108 39.17 56.52 -12.89
C ASP EA 108 38.89 55.87 -14.24
N LYS EA 109 38.52 54.60 -14.21
CA LYS EA 109 38.30 53.82 -15.42
C LYS EA 109 36.81 53.59 -15.63
N LEU EA 110 36.39 53.58 -16.89
CA LEU EA 110 35.03 53.20 -17.21
C LEU EA 110 34.82 51.72 -16.89
N VAL EA 111 33.63 51.40 -16.38
CA VAL EA 111 33.33 50.03 -15.99
C VAL EA 111 33.37 49.11 -17.19
N GLU EA 112 32.90 49.59 -18.34
CA GLU EA 112 32.97 48.79 -19.56
C GLU EA 112 34.41 48.48 -19.92
N ASP EA 113 35.30 49.46 -19.79
CA ASP EA 113 36.71 49.23 -20.07
C ASP EA 113 37.31 48.24 -19.09
N ILE EA 114 36.87 48.27 -17.83
CA ILE EA 114 37.34 47.30 -16.83
C ILE EA 114 36.95 45.90 -17.25
N ALA EA 115 35.70 45.71 -17.64
CA ALA EA 115 35.25 44.39 -18.08
C ALA EA 115 35.98 43.93 -19.33
N LYS EA 116 36.19 44.85 -20.28
CA LYS EA 116 36.91 44.52 -21.50
C LYS EA 116 38.34 44.09 -21.20
N GLN EA 117 39.02 44.81 -20.31
CA GLN EA 117 40.39 44.43 -19.96
C GLN EA 117 40.43 43.09 -19.24
N VAL EA 118 39.49 42.83 -18.34
CA VAL EA 118 39.47 41.55 -17.65
C VAL EA 118 39.27 40.41 -18.63
N PHE EA 119 38.35 40.58 -19.58
CA PHE EA 119 38.14 39.55 -20.59
C PHE EA 119 39.36 39.38 -21.48
N ALA EA 120 40.09 40.46 -21.75
CA ALA EA 120 41.26 40.38 -22.63
C ALA EA 120 42.47 39.74 -21.94
N GLU EA 121 42.63 39.93 -20.63
CA GLU EA 121 43.83 39.43 -19.97
C GLU EA 121 43.91 37.92 -20.04
N ASN EA 122 42.86 37.23 -19.64
CA ASN EA 122 42.73 35.80 -19.85
C ASN EA 122 41.87 35.62 -21.11
N ARG EA 123 42.51 35.20 -22.20
CA ARG EA 123 42.00 35.38 -23.54
C ARG EA 123 40.61 34.77 -23.74
N LEU EA 124 39.61 35.62 -23.92
CA LEU EA 124 38.23 35.18 -24.08
C LEU EA 124 37.51 36.08 -25.07
N SER EA 125 36.57 35.50 -25.80
CA SER EA 125 35.82 36.22 -26.83
C SER EA 125 34.65 36.96 -26.23
N VAL EA 126 34.44 38.19 -26.68
CA VAL EA 126 33.42 39.09 -26.13
C VAL EA 126 32.36 39.32 -27.20
N GLY EA 127 31.12 39.04 -26.87
CA GLY EA 127 30.02 39.33 -27.78
C GLY EA 127 29.57 40.77 -27.70
N ILE EA 128 29.08 41.19 -26.53
CA ILE EA 128 28.63 42.57 -26.34
C ILE EA 128 28.68 42.86 -24.85
N ILE EA 129 28.96 44.11 -24.52
CA ILE EA 129 29.08 44.56 -23.13
C ILE EA 129 28.16 45.75 -22.92
N ALA EA 130 27.36 45.70 -21.86
CA ALA EA 130 26.45 46.80 -21.58
C ALA EA 130 27.21 48.08 -21.28
N LYS EA 131 26.66 49.20 -21.75
CA LYS EA 131 27.32 50.50 -21.65
C LYS EA 131 26.79 51.28 -20.45
N THR EA 132 27.71 51.87 -19.70
CA THR EA 132 27.35 52.74 -18.59
C THR EA 132 28.49 53.72 -18.36
N ASN EA 133 28.18 55.02 -18.36
CA ASN EA 133 29.21 56.04 -18.21
C ASN EA 133 29.41 56.37 -16.73
N VAL EA 134 29.90 55.36 -16.00
CA VAL EA 134 30.22 55.48 -14.59
C VAL EA 134 31.67 55.08 -14.41
N LYS EA 135 32.44 55.92 -13.73
CA LYS EA 135 33.86 55.68 -13.51
C LYS EA 135 34.07 55.05 -12.14
N TYR EA 136 35.05 54.15 -12.06
CA TYR EA 136 35.28 53.35 -10.87
C TYR EA 136 36.76 53.39 -10.53
N THR EA 137 37.06 53.27 -9.23
CA THR EA 137 38.42 53.28 -8.74
C THR EA 137 38.54 52.24 -7.63
N LYS EA 138 39.38 51.23 -7.83
CA LYS EA 138 39.47 50.13 -6.89
C LYS EA 138 40.81 49.43 -7.04
N MET EA 139 41.21 48.74 -5.99
CA MET EA 139 42.43 47.94 -5.95
C MET EA 139 42.04 46.49 -5.71
N PHE EA 140 42.33 45.61 -6.66
CA PHE EA 140 41.95 44.21 -6.56
C PHE EA 140 43.19 43.37 -6.35
N ILE EA 141 43.22 42.62 -5.25
CA ILE EA 141 44.32 41.73 -4.92
C ILE EA 141 43.76 40.34 -4.66
N GLY EA 142 44.18 39.37 -5.46
CA GLY EA 142 43.72 38.00 -5.29
C GLY EA 142 42.23 37.80 -5.41
N VAL EA 143 41.63 38.36 -6.47
CA VAL EA 143 40.19 38.25 -6.69
C VAL EA 143 39.95 37.69 -8.08
N ASN EA 144 38.86 36.92 -8.20
CA ASN EA 144 38.45 36.35 -9.47
C ASN EA 144 38.13 37.44 -10.48
N GLY EA 145 38.13 37.06 -11.76
CA GLY EA 145 37.62 37.97 -12.78
C GLY EA 145 36.13 38.18 -12.66
N TYR EA 146 35.39 37.12 -12.37
CA TYR EA 146 33.95 37.22 -12.21
C TYR EA 146 33.59 38.17 -11.08
N ASP EA 147 34.28 38.03 -9.95
CA ASP EA 147 34.03 38.91 -8.81
C ASP EA 147 34.40 40.35 -9.12
N THR EA 148 35.52 40.55 -9.82
CA THR EA 148 35.92 41.89 -10.23
C THR EA 148 34.85 42.56 -11.06
N ILE EA 149 34.39 41.87 -12.10
CA ILE EA 149 33.40 42.45 -13.01
C ILE EA 149 32.09 42.72 -12.28
N MET EA 150 31.66 41.78 -11.44
CA MET EA 150 30.41 41.96 -10.72
C MET EA 150 30.50 43.13 -9.74
N SER EA 151 31.63 43.30 -9.06
CA SER EA 151 31.78 44.41 -8.14
C SER EA 151 31.73 45.75 -8.87
N ALA EA 152 32.44 45.84 -10.00
CA ALA EA 152 32.41 47.08 -10.77
C ALA EA 152 30.99 47.39 -11.25
N TYR EA 153 30.27 46.37 -11.72
CA TYR EA 153 28.93 46.65 -12.25
C TYR EA 153 27.93 46.92 -11.16
N THR EA 154 28.14 46.38 -9.95
CA THR EA 154 27.31 46.79 -8.82
C THR EA 154 27.52 48.27 -8.49
N GLU EA 155 28.78 48.71 -8.52
CA GLU EA 155 29.02 50.12 -8.28
C GLU EA 155 28.37 51.00 -9.36
N ALA EA 156 28.39 50.55 -10.61
CA ALA EA 156 27.67 51.27 -11.65
C ALA EA 156 26.16 51.24 -11.41
N SER EA 157 25.65 50.12 -10.93
CA SER EA 157 24.22 49.99 -10.67
C SER EA 157 23.77 50.88 -9.53
N LYS EA 158 24.67 51.25 -8.63
CA LYS EA 158 24.31 52.21 -7.60
C LYS EA 158 23.86 53.55 -8.19
N LYS EA 159 24.27 53.88 -9.41
CA LYS EA 159 23.84 55.09 -10.08
C LYS EA 159 22.78 54.84 -11.15
N THR EA 160 22.91 53.77 -11.93
CA THR EA 160 21.98 53.58 -13.04
C THR EA 160 20.64 53.00 -12.62
N LYS EA 161 20.48 52.56 -11.38
CA LYS EA 161 19.25 51.92 -10.90
C LYS EA 161 18.91 50.69 -11.75
N LYS EA 162 19.91 49.85 -11.99
CA LYS EA 162 19.77 48.71 -12.87
C LYS EA 162 20.41 47.48 -12.23
N LYS EA 163 20.22 46.34 -12.88
CA LYS EA 163 20.85 45.08 -12.47
C LYS EA 163 21.53 44.48 -13.68
N TYR EA 164 22.69 43.85 -13.46
CA TYR EA 164 23.49 43.30 -14.55
C TYR EA 164 23.87 41.87 -14.26
N MET EA 165 24.18 41.12 -15.31
CA MET EA 165 24.53 39.72 -15.20
C MET EA 165 25.51 39.36 -16.30
N ILE EA 166 26.22 38.25 -16.11
CA ILE EA 166 27.20 37.74 -17.06
C ILE EA 166 26.65 36.47 -17.67
N GLU EA 167 26.63 36.41 -19.00
CA GLU EA 167 26.06 35.29 -19.72
C GLU EA 167 27.04 34.81 -20.78
N ALA EA 168 27.24 33.50 -20.84
CA ALA EA 168 28.09 32.93 -21.86
C ALA EA 168 27.11 32.26 -22.80
N ASN EA 169 26.99 32.77 -24.01
CA ASN EA 169 26.09 32.19 -24.99
C ASN EA 169 27.01 31.57 -26.01
N LEU EA 170 26.93 30.26 -26.18
CA LEU EA 170 27.81 29.53 -27.11
C LEU EA 170 29.26 29.88 -26.75
N ASP EA 171 30.02 30.36 -27.72
CA ASP EA 171 31.42 30.73 -27.48
C ASP EA 171 31.65 32.22 -27.16
N LYS EA 172 30.57 32.98 -26.94
CA LYS EA 172 30.71 34.41 -26.68
C LYS EA 172 30.37 34.73 -25.23
N PHE EA 173 30.98 35.79 -24.73
CA PHE EA 173 30.71 36.30 -23.39
C PHE EA 173 29.98 37.64 -23.51
N ASN EA 174 28.92 37.80 -22.72
CA ASN EA 174 28.09 39.00 -22.78
C ASN EA 174 27.87 39.56 -21.39
N VAL EA 175 27.64 40.86 -21.31
CA VAL EA 175 27.17 41.53 -20.11
C VAL EA 175 25.90 42.28 -20.47
N ILE EA 176 24.78 41.89 -19.86
CA ILE EA 176 23.48 42.45 -20.19
C ILE EA 176 22.83 42.95 -18.90
N GLU EA 177 21.85 43.83 -19.07
CA GLU EA 177 21.06 44.32 -17.95
C GLU EA 177 19.75 43.55 -17.89
N LYS EA 178 19.33 43.19 -16.68
CA LYS EA 178 18.20 42.30 -16.49
C LYS EA 178 16.88 43.00 -16.86
N GLY EA 179 15.98 42.22 -17.44
CA GLY EA 179 14.63 42.69 -17.73
C GLY EA 179 14.46 43.49 -19.00
N THR EA 180 15.53 43.72 -19.77
CA THR EA 180 15.39 44.49 -21.00
C THR EA 180 14.48 43.78 -22.00
N VAL EA 181 14.62 42.47 -22.11
CA VAL EA 181 13.75 41.68 -22.98
C VAL EA 181 12.58 41.18 -22.17
N THR EA 182 11.36 41.44 -22.64
CA THR EA 182 10.15 40.93 -22.04
C THR EA 182 9.52 39.93 -22.98
N LEU EA 183 9.18 38.76 -22.45
CA LEU EA 183 8.67 37.68 -23.28
C LEU EA 183 7.25 37.97 -23.75
N SER EA 184 6.89 37.37 -24.88
CA SER EA 184 5.54 37.53 -25.41
C SER EA 184 4.53 36.68 -24.66
N VAL EA 185 4.94 35.55 -24.11
CA VAL EA 185 4.02 34.63 -23.45
C VAL EA 185 3.65 35.16 -22.07
N MET EA 186 2.38 35.02 -21.72
CA MET EA 186 1.86 35.43 -20.42
C MET EA 186 1.24 34.22 -19.73
N PHE EA 187 1.48 34.10 -18.43
CA PHE EA 187 0.95 32.99 -17.65
C PHE EA 187 -0.40 33.39 -17.06
N GLU EA 188 -1.43 32.60 -17.35
CA GLU EA 188 -2.77 32.82 -16.82
C GLU EA 188 -3.25 31.56 -16.12
N GLU EA 189 -4.10 31.75 -15.11
CA GLU EA 189 -4.53 30.62 -14.30
C GLU EA 189 -5.30 29.60 -15.11
N GLY EA 190 -6.19 30.04 -15.99
CA GLY EA 190 -7.00 29.10 -16.73
C GLY EA 190 -6.40 28.52 -17.98
N PHE EA 191 -5.14 28.84 -18.30
CA PHE EA 191 -4.57 28.45 -19.58
C PHE EA 191 -3.34 27.55 -19.45
N ASN EA 192 -2.29 27.99 -18.77
CA ASN EA 192 -1.03 27.25 -18.83
C ASN EA 192 -0.28 27.21 -17.50
N ILE EA 193 -0.99 27.26 -16.38
CA ILE EA 193 -0.37 27.23 -15.06
C ILE EA 193 -0.75 25.92 -14.38
N ILE EA 194 0.25 25.20 -13.88
CA ILE EA 194 0.00 23.99 -13.10
C ILE EA 194 -0.18 24.30 -11.63
N ASN EA 195 0.72 25.09 -11.06
CA ASN EA 195 0.60 25.49 -9.66
C ASN EA 195 1.46 26.73 -9.43
N THR EA 196 1.11 27.49 -8.40
CA THR EA 196 1.86 28.68 -8.00
C THR EA 196 1.87 28.77 -6.48
N THR EA 197 2.88 29.46 -5.95
CA THR EA 197 2.98 29.74 -4.52
C THR EA 197 3.55 31.13 -4.34
N PHE EA 198 2.75 32.02 -3.78
CA PHE EA 198 3.15 33.41 -3.57
C PHE EA 198 3.60 33.60 -2.13
N SER EA 199 4.63 34.41 -1.94
CA SER EA 199 5.19 34.65 -0.62
C SER EA 199 5.50 36.13 -0.43
N GLU EA 200 5.52 36.54 0.83
CA GLU EA 200 5.97 37.87 1.24
C GLU EA 200 6.81 37.71 2.50
N SER EA 201 7.88 38.49 2.60
CA SER EA 201 8.79 38.34 3.73
C SER EA 201 9.27 39.71 4.20
N MET EA 202 9.65 39.76 5.47
CA MET EA 202 10.10 40.97 6.12
C MET EA 202 11.51 40.83 6.68
N GLU EA 203 12.14 39.66 6.51
CA GLU EA 203 13.38 39.36 7.22
C GLU EA 203 14.52 40.29 6.86
N ASN EA 204 14.66 40.61 5.57
CA ASN EA 204 15.81 41.37 5.07
C ASN EA 204 15.49 42.85 4.87
N VAL EA 205 14.66 43.43 5.72
CA VAL EA 205 14.26 44.82 5.61
C VAL EA 205 15.32 45.69 6.30
N LYS EA 206 15.63 46.83 5.69
CA LYS EA 206 16.49 47.84 6.28
C LYS EA 206 15.88 49.21 6.06
N ASN EA 207 15.73 49.99 7.14
CA ASN EA 207 15.13 51.31 7.04
C ASN EA 207 15.88 52.39 7.81
N LYS EA 208 17.10 52.11 8.27
CA LYS EA 208 17.94 53.12 8.88
C LYS EA 208 19.38 52.90 8.42
N VAL EA 209 20.05 54.00 8.09
CA VAL EA 209 21.43 53.95 7.61
C VAL EA 209 22.28 54.88 8.46
N ILE EA 210 23.39 54.34 8.96
CA ILE EA 210 24.34 55.10 9.78
C ILE EA 210 25.68 55.11 9.07
N VAL EA 211 26.26 56.29 8.92
CA VAL EA 211 27.56 56.47 8.30
C VAL EA 211 28.59 56.76 9.37
N VAL EA 212 29.75 56.11 9.27
CA VAL EA 212 30.85 56.33 10.19
C VAL EA 212 32.05 56.75 9.39
N ASP EA 213 32.94 57.50 10.02
CA ASP EA 213 34.15 57.96 9.35
C ASP EA 213 35.17 56.81 9.35
N GLN EA 214 36.38 57.10 8.92
CA GLN EA 214 37.44 56.09 8.91
C GLN EA 214 37.73 55.60 10.33
N TYR EA 215 37.68 56.52 11.29
CA TYR EA 215 37.93 56.24 12.71
C TYR EA 215 36.93 55.32 13.41
N GLY EA 216 35.71 55.25 12.89
CA GLY EA 216 34.66 54.45 13.49
C GLY EA 216 33.62 55.29 14.21
N SER EA 217 33.89 56.58 14.32
CA SER EA 217 32.96 57.54 14.90
C SER EA 217 31.84 57.90 13.92
N LYS EA 218 30.63 58.07 14.44
CA LYS EA 218 29.46 58.32 13.61
C LYS EA 218 29.40 59.79 13.19
N ILE EA 219 28.99 60.03 11.95
CA ILE EA 219 28.90 61.38 11.41
C ILE EA 219 27.46 61.76 11.06
N SER EA 220 26.69 60.83 10.50
CA SER EA 220 25.33 61.15 10.08
C SER EA 220 24.47 59.90 10.10
N GLU EA 221 23.15 60.10 10.02
CA GLU EA 221 22.19 59.02 10.00
C GLU EA 221 20.95 59.47 9.22
N LYS EA 222 20.16 58.49 8.79
CA LYS EA 222 18.97 58.77 8.01
C LYS EA 222 17.95 57.66 8.20
N ILE EA 223 16.67 58.03 8.11
CA ILE EA 223 15.56 57.10 8.23
C ILE EA 223 14.66 57.27 7.02
N ASP EA 224 14.21 56.15 6.46
CA ASP EA 224 13.30 56.16 5.32
C ASP EA 224 11.87 56.03 5.82
N ASN EA 225 11.04 57.03 5.51
CA ASN EA 225 9.68 57.07 6.06
C ASN EA 225 8.75 56.07 5.39
N GLU EA 226 8.93 55.83 4.08
CA GLU EA 226 8.00 54.97 3.37
C GLU EA 226 8.09 53.53 3.85
N ILE EA 227 9.31 53.04 4.07
CA ILE EA 227 9.47 51.70 4.62
C ILE EA 227 9.06 51.67 6.09
N PHE EA 228 9.37 52.72 6.83
CA PHE EA 228 9.00 52.79 8.24
C PHE EA 228 7.49 52.79 8.43
N LYS EA 229 6.75 53.28 7.45
CA LYS EA 229 5.29 53.23 7.53
C LYS EA 229 4.79 51.79 7.52
N GLU EA 230 5.43 50.93 6.72
CA GLU EA 230 5.00 49.54 6.63
C GLU EA 230 5.38 48.75 7.87
N VAL EA 231 6.60 48.93 8.38
CA VAL EA 231 7.08 48.21 9.55
C VAL EA 231 7.35 49.23 10.66
N ASN EA 232 6.71 49.03 11.81
CA ASN EA 232 6.86 49.99 12.90
C ASN EA 232 8.25 49.97 13.50
N VAL EA 233 8.96 48.87 13.37
CA VAL EA 233 10.26 48.74 14.02
C VAL EA 233 11.35 49.34 13.15
N ILE EA 234 12.48 49.67 13.77
CA ILE EA 234 13.62 50.24 13.08
C ILE EA 234 14.71 49.18 13.01
N MET EA 235 15.18 48.88 11.80
CA MET EA 235 16.28 47.95 11.58
C MET EA 235 17.41 48.71 10.92
N GLN EA 236 18.51 48.88 11.64
CA GLN EA 236 19.57 49.79 11.23
C GLN EA 236 20.64 49.07 10.43
N LYS EA 237 21.37 49.85 9.64
CA LYS EA 237 22.50 49.38 8.86
C LYS EA 237 23.64 50.36 9.04
N VAL EA 238 24.87 49.86 9.07
CA VAL EA 238 26.05 50.67 9.29
C VAL EA 238 26.98 50.52 8.10
N ILE EA 239 27.33 51.63 7.48
CA ILE EA 239 28.30 51.66 6.38
C ILE EA 239 29.40 52.65 6.74
N GLN EA 240 30.59 52.41 6.20
CA GLN EA 240 31.77 53.21 6.49
C GLN EA 240 32.28 53.84 5.20
N GLN EA 241 32.57 55.13 5.27
CA GLN EA 241 33.15 55.85 4.14
C GLN EA 241 34.62 56.16 4.43
N GLN EA 242 35.45 55.98 3.41
CA GLN EA 242 36.86 56.31 3.49
C GLN EA 242 37.04 57.79 3.14
N GLU EA 243 38.29 58.21 2.95
CA GLU EA 243 38.56 59.62 2.71
C GLU EA 243 38.13 60.06 1.32
N ASN EA 244 38.32 59.19 0.33
CA ASN EA 244 38.12 59.55 -1.07
C ASN EA 244 36.78 59.09 -1.63
N GLN EA 245 35.85 58.69 -0.77
CA GLN EA 245 34.52 58.27 -1.22
C GLN EA 245 33.46 58.98 -0.41
N ASP EA 246 32.40 59.41 -1.08
CA ASP EA 246 31.22 60.01 -0.44
C ASP EA 246 30.02 59.13 -0.78
N VAL EA 247 29.58 58.34 0.20
CA VAL EA 247 28.58 57.32 -0.05
C VAL EA 247 27.20 57.97 -0.23
N ASP EA 248 26.33 57.27 -0.94
CA ASP EA 248 24.93 57.67 -1.07
C ASP EA 248 24.08 56.76 -0.19
N ILE EA 249 23.33 57.37 0.73
CA ILE EA 249 22.57 56.60 1.70
C ILE EA 249 21.39 55.90 1.04
N ASP EA 250 20.71 56.58 0.12
CA ASP EA 250 19.41 56.10 -0.37
C ASP EA 250 19.50 54.76 -1.08
N SER EA 251 20.68 54.33 -1.48
CA SER EA 251 20.81 53.02 -2.11
C SER EA 251 20.79 51.86 -1.12
N GLU EA 252 21.09 52.12 0.15
CA GLU EA 252 21.25 51.04 1.12
C GLU EA 252 19.93 50.57 1.73
N PHE EA 253 18.84 51.32 1.54
CA PHE EA 253 17.56 50.89 2.07
C PHE EA 253 17.01 49.69 1.32
N ASN EA 254 16.35 48.80 2.04
CA ASN EA 254 15.75 47.60 1.48
C ASN EA 254 14.34 47.43 2.03
N GLY EA 255 13.41 47.02 1.17
CA GLY EA 255 12.02 46.90 1.54
C GLY EA 255 11.54 45.47 1.63
N ILE EA 256 10.22 45.31 1.65
CA ILE EA 256 9.61 43.99 1.72
C ILE EA 256 9.79 43.26 0.39
N GLU EA 257 10.08 41.96 0.47
CA GLU EA 257 10.32 41.14 -0.71
C GLU EA 257 9.10 40.28 -1.00
N LYS EA 258 8.66 40.29 -2.26
CA LYS EA 258 7.52 39.52 -2.71
C LYS EA 258 7.93 38.66 -3.89
N SER EA 259 7.58 37.38 -3.86
CA SER EA 259 8.09 36.41 -4.82
C SER EA 259 6.98 35.49 -5.28
N CYS EA 260 7.30 34.63 -6.24
CA CYS EA 260 6.39 33.61 -6.73
C CYS EA 260 7.18 32.40 -7.18
N SER EA 261 6.61 31.22 -6.97
CA SER EA 261 7.19 29.96 -7.42
C SER EA 261 6.18 29.32 -8.36
N LEU EA 262 6.54 29.19 -9.64
CA LEU EA 262 5.59 28.83 -10.68
C LEU EA 262 6.03 27.58 -11.40
N LYS EA 263 5.06 26.73 -11.75
CA LYS EA 263 5.28 25.57 -12.60
C LYS EA 263 4.21 25.53 -13.67
N GLY EA 264 4.60 25.39 -14.93
CA GLY EA 264 3.63 25.42 -16.00
C GLY EA 264 4.24 25.11 -17.35
N TYR EA 265 3.54 25.55 -18.40
CA TYR EA 265 3.94 25.29 -19.78
C TYR EA 265 4.36 26.58 -20.46
N GLY EA 266 5.48 26.52 -21.16
CA GLY EA 266 6.01 27.65 -21.88
C GLY EA 266 6.96 27.19 -22.96
N ASP EA 267 7.79 28.12 -23.42
CA ASP EA 267 8.78 27.83 -24.45
C ASP EA 267 10.19 27.96 -23.89
N VAL EA 268 11.18 27.79 -24.75
CA VAL EA 268 12.58 27.77 -24.34
C VAL EA 268 13.11 29.19 -24.21
N SER EA 269 12.23 30.17 -24.31
CA SER EA 269 12.61 31.57 -24.18
C SER EA 269 12.60 32.06 -22.73
N CYS EA 270 12.00 31.31 -21.81
CA CYS EA 270 11.87 31.73 -20.42
C CYS EA 270 13.10 31.27 -19.65
N ILE EA 271 14.10 32.14 -19.59
CA ILE EA 271 15.37 31.83 -18.94
C ILE EA 271 15.75 32.99 -18.02
N THR EA 272 16.75 32.73 -17.18
CA THR EA 272 17.15 33.68 -16.15
C THR EA 272 17.60 35.00 -16.76
N GLY EA 273 17.10 36.10 -16.23
CA GLY EA 273 17.47 37.43 -16.70
C GLY EA 273 16.47 38.11 -17.59
N ARG EA 274 15.27 37.56 -17.75
CA ARG EA 274 14.23 38.14 -18.59
C ARG EA 274 13.00 38.45 -17.75
N GLY EA 275 12.16 39.33 -18.27
CA GLY EA 275 10.91 39.70 -17.62
C GLY EA 275 9.74 38.91 -18.16
N VAL EA 276 8.80 38.58 -17.28
CA VAL EA 276 7.63 37.79 -17.63
C VAL EA 276 6.41 38.41 -16.96
N LYS EA 277 5.23 38.03 -17.45
CA LYS EA 277 3.97 38.60 -16.99
C LYS EA 277 3.05 37.51 -16.46
N VAL EA 278 2.48 37.73 -15.28
CA VAL EA 278 1.55 36.81 -14.64
C VAL EA 278 0.26 37.56 -14.34
N LYS EA 279 -0.87 36.97 -14.68
CA LYS EA 279 -2.17 37.59 -14.51
C LYS EA 279 -2.83 37.11 -13.24
N ASP EA 280 -3.36 38.05 -12.45
CA ASP EA 280 -4.07 37.71 -11.23
C ASP EA 280 -5.49 37.29 -11.55
N SER EA 281 -5.94 36.19 -10.93
CA SER EA 281 -7.22 35.62 -11.30
C SER EA 281 -8.39 36.43 -10.73
N TYR EA 282 -8.29 36.86 -9.48
CA TYR EA 282 -9.43 37.50 -8.83
C TYR EA 282 -9.67 38.90 -9.37
N THR EA 283 -8.63 39.72 -9.49
CA THR EA 283 -8.78 41.11 -9.92
C THR EA 283 -8.52 41.33 -11.39
N LYS EA 284 -8.10 40.31 -12.13
CA LYS EA 284 -7.76 40.43 -13.55
C LYS EA 284 -6.70 41.51 -13.77
N LEU EA 285 -5.72 41.57 -12.87
CA LEU EA 285 -4.61 42.51 -12.97
C LEU EA 285 -3.34 41.75 -13.35
N VAL EA 286 -2.47 42.42 -14.08
CA VAL EA 286 -1.25 41.83 -14.62
C VAL EA 286 -0.05 42.45 -13.90
N GLY EA 287 0.89 41.60 -13.51
CA GLY EA 287 2.10 42.03 -12.85
C GLY EA 287 3.33 41.61 -13.63
N LEU EA 288 4.41 42.37 -13.46
CA LEU EA 288 5.68 42.10 -14.12
C LEU EA 288 6.65 41.48 -13.12
N PHE EA 289 7.31 40.40 -13.53
CA PHE EA 289 8.26 39.69 -12.68
C PHE EA 289 9.57 39.53 -13.43
N TYR EA 290 10.65 39.38 -12.67
CA TYR EA 290 11.97 39.08 -13.22
C TYR EA 290 12.32 37.63 -12.88
N ILE EA 291 12.85 36.90 -13.85
CA ILE EA 291 13.19 35.50 -13.64
C ILE EA 291 14.55 35.40 -12.96
N ASP EA 292 14.59 34.69 -11.83
CA ASP EA 292 15.82 34.48 -11.07
C ASP EA 292 16.38 33.08 -11.21
N THR EA 293 15.52 32.08 -11.40
CA THR EA 293 15.95 30.69 -11.55
C THR EA 293 14.97 30.00 -12.49
N ASP EA 294 15.48 29.07 -13.28
CA ASP EA 294 14.64 28.36 -14.23
C ASP EA 294 15.15 26.93 -14.38
N LYS EA 295 14.26 26.06 -14.88
CA LYS EA 295 14.61 24.67 -15.12
C LYS EA 295 13.64 24.09 -16.14
N HIS EA 296 14.18 23.50 -17.21
CA HIS EA 296 13.40 22.88 -18.28
C HIS EA 296 13.70 21.40 -18.30
N THR EA 297 12.67 20.57 -18.36
CA THR EA 297 12.82 19.13 -18.37
C THR EA 297 12.03 18.50 -19.51
N TRP EA 298 12.65 17.55 -20.19
CA TRP EA 298 12.00 16.72 -21.20
C TRP EA 298 12.05 15.27 -20.73
N GLN EA 299 10.89 14.64 -20.61
CA GLN EA 299 10.84 13.24 -20.19
C GLN EA 299 9.49 12.62 -20.50
N ASN EA 300 9.51 11.43 -21.12
CA ASN EA 300 8.30 10.68 -21.45
C ASN EA 300 7.38 11.46 -22.37
N GLY EA 301 7.94 12.26 -23.28
CA GLY EA 301 7.12 12.99 -24.21
C GLY EA 301 6.37 14.16 -23.63
N GLU EA 302 6.82 14.73 -22.52
CA GLU EA 302 6.21 15.92 -21.97
C GLU EA 302 7.28 16.90 -21.54
N TYR EA 303 6.93 18.19 -21.55
CA TYR EA 303 7.89 19.28 -21.33
C TYR EA 303 7.28 20.28 -20.37
N GLN EA 304 7.97 20.55 -19.26
CA GLN EA 304 7.48 21.44 -18.23
C GLN EA 304 8.59 22.38 -17.78
N ILE EA 305 8.19 23.51 -17.19
CA ILE EA 305 9.13 24.53 -16.72
C ILE EA 305 8.85 24.84 -15.26
N GLU EA 306 9.90 25.23 -14.54
CA GLU EA 306 9.80 25.72 -13.17
C GLU EA 306 10.60 27.00 -13.03
N LEU EA 307 9.95 28.05 -12.55
CA LEU EA 307 10.56 29.38 -12.46
C LEU EA 307 10.49 29.92 -11.04
N GLU EA 308 11.49 30.71 -10.67
CA GLU EA 308 11.48 31.50 -9.43
C GLU EA 308 11.44 32.96 -9.83
N LEU EA 309 10.35 33.64 -9.46
CA LEU EA 309 10.06 34.97 -9.96
C LEU EA 309 10.15 36.00 -8.85
N ASN EA 310 10.59 37.20 -9.22
CA ASN EA 310 10.71 38.33 -8.32
C ASN EA 310 9.85 39.48 -8.83
N PHE EA 311 8.97 39.99 -7.96
CA PHE EA 311 7.95 40.96 -8.38
C PHE EA 311 8.55 42.36 -8.52
N GLN EA 312 8.24 43.02 -9.64
CA GLN EA 312 8.70 44.38 -9.89
C GLN EA 312 7.62 45.42 -9.64
N ASN EA 313 6.51 45.35 -10.38
CA ASN EA 313 5.43 46.31 -10.23
C ASN EA 313 4.22 45.81 -11.02
N LEU EA 314 3.10 46.48 -10.80
CA LEU EA 314 1.87 46.15 -11.52
C LEU EA 314 1.87 46.86 -12.86
N MET EA 315 1.57 46.11 -13.92
CA MET EA 315 1.48 46.71 -15.23
C MET EA 315 0.29 47.66 -15.30
N ASP EA 316 0.53 48.87 -15.79
CA ASP EA 316 -0.51 49.88 -15.81
C ASP EA 316 -1.56 49.54 -16.85
N GLU EA 317 -2.83 49.67 -16.46
CA GLU EA 317 -3.92 49.46 -17.40
C GLU EA 317 -3.78 50.43 -18.57
N LYS EA 318 -3.91 49.90 -19.79
CA LYS EA 318 -3.69 50.64 -21.02
C LYS EA 318 -2.25 51.14 -20.99
N SER EA 319 -1.99 52.44 -21.03
CA SER EA 319 -0.63 52.98 -21.03
C SER EA 319 -0.46 53.90 -19.83
N ALA EA 320 0.65 53.71 -19.11
CA ALA EA 320 0.90 54.51 -17.90
C ALA EA 320 1.14 55.97 -18.25
N GLY EA 321 2.21 56.26 -19.00
CA GLY EA 321 2.45 57.61 -19.46
C GLY EA 321 1.67 57.99 -20.70
N GLN EA 322 0.95 57.03 -21.28
CA GLN EA 322 0.17 57.23 -22.50
C GLN EA 322 1.03 57.85 -23.60
N ASP EA 323 2.04 57.08 -24.03
CA ASP EA 323 2.90 57.53 -25.11
C ASP EA 323 2.09 57.59 -26.41
N GLU EA 324 1.95 58.79 -26.96
CA GLU EA 324 1.29 58.88 -28.25
C GLU EA 324 2.31 59.15 -29.34
N PRO EA 325 2.12 58.59 -30.54
CA PRO EA 325 3.03 58.89 -31.65
C PRO EA 325 2.97 60.35 -32.06
N LYS EA 326 4.05 61.09 -31.82
CA LYS EA 326 4.06 62.54 -32.04
C LYS EA 326 4.17 62.81 -33.54
N GLU EA 327 3.07 63.20 -34.15
CA GLU EA 327 3.02 63.48 -35.58
C GLU EA 327 2.47 64.88 -35.81
N GLU EA 328 2.91 65.49 -36.91
CA GLU EA 328 2.32 66.75 -37.33
C GLU EA 328 0.90 66.52 -37.84
N SER EA 329 0.07 67.56 -37.72
CA SER EA 329 -1.30 67.45 -38.20
C SER EA 329 -1.33 67.24 -39.72
N ASN EA 330 -0.47 67.95 -40.45
CA ASN EA 330 -0.36 67.80 -41.89
C ASN EA 330 1.07 67.41 -42.23
N LEU EA 331 1.23 66.37 -43.05
CA LEU EA 331 2.56 65.96 -43.48
C LEU EA 331 3.22 67.03 -44.34
N GLY EA 332 2.47 67.63 -45.25
CA GLY EA 332 2.99 68.69 -46.09
C GLY EA 332 1.94 69.74 -46.38
N GLY EA 333 2.36 71.01 -46.40
CA GLY EA 333 1.42 72.11 -46.57
C GLY EA 333 0.50 72.26 -45.38
N GLU EA 334 1.05 72.63 -44.25
CA GLU EA 334 0.27 72.74 -43.02
C GLU EA 334 -0.44 74.10 -42.95
N ASP EA 335 -1.50 74.14 -42.16
CA ASP EA 335 -2.27 75.37 -41.90
C ASP EA 335 -2.78 76.01 -43.19
N TYR EA 336 -3.28 75.18 -44.11
CA TYR EA 336 -4.00 75.69 -45.27
C TYR EA 336 -5.45 75.94 -44.88
N ALA EA 337 -5.84 77.21 -44.82
CA ALA EA 337 -7.18 77.59 -44.39
C ALA EA 337 -7.57 78.88 -45.08
N GLY EA 338 -8.87 79.18 -45.04
CA GLY EA 338 -9.40 80.32 -45.75
C GLY EA 338 -9.64 80.09 -47.23
N GLY EA 339 -9.61 78.84 -47.67
CA GLY EA 339 -9.68 78.50 -49.08
C GLY EA 339 -11.09 78.47 -49.63
N LYS EA 340 -11.64 79.64 -49.95
CA LYS EA 340 -12.97 79.69 -50.55
C LYS EA 340 -13.02 78.84 -51.81
N GLU EA 341 -14.13 78.12 -51.98
CA GLU EA 341 -14.27 77.13 -53.02
C GLU EA 341 -15.18 77.68 -54.13
N PHE EA 342 -14.69 77.66 -55.36
CA PHE EA 342 -15.44 78.14 -56.51
C PHE EA 342 -15.54 77.05 -57.56
N THR EA 343 -16.73 76.93 -58.18
CA THR EA 343 -16.91 76.04 -59.29
C THR EA 343 -16.15 76.55 -60.51
N ALA EA 344 -15.52 75.64 -61.25
CA ALA EA 344 -14.64 76.00 -62.34
C ALA EA 344 -14.90 75.14 -63.56
N GLU EA 345 -14.54 75.69 -64.72
CA GLU EA 345 -14.59 74.97 -66.00
C GLU EA 345 -13.19 74.91 -66.57
N PHE EA 346 -12.74 73.72 -66.96
CA PHE EA 346 -11.36 73.48 -67.34
C PHE EA 346 -11.26 73.29 -68.85
N THR EA 347 -10.32 74.01 -69.45
CA THR EA 347 -10.04 73.92 -70.88
C THR EA 347 -8.60 73.50 -71.10
N ALA EA 348 -8.38 72.74 -72.16
CA ALA EA 348 -7.06 72.21 -72.49
C ALA EA 348 -6.28 73.19 -73.34
N TYR EA 349 -4.95 73.16 -73.19
CA TYR EA 349 -4.06 74.06 -73.88
C TYR EA 349 -2.94 73.28 -74.55
N CYS EA 350 -2.60 73.66 -75.77
CA CYS EA 350 -1.50 73.05 -76.51
C CYS EA 350 -0.52 74.14 -76.93
N PRO EA 351 0.77 73.98 -76.68
CA PRO EA 351 1.73 75.00 -77.12
C PRO EA 351 1.97 74.93 -78.61
N ARG EA 352 1.37 75.85 -79.36
CA ARG EA 352 1.46 75.87 -80.81
C ARG EA 352 1.93 77.25 -81.26
N LYS EA 353 2.97 77.27 -82.10
CA LYS EA 353 3.54 78.54 -82.54
C LYS EA 353 2.58 79.31 -83.44
N GLU EA 354 1.87 78.61 -84.33
CA GLU EA 354 0.98 79.29 -85.26
C GLU EA 354 -0.14 80.02 -84.53
N GLU EA 355 -0.71 79.40 -83.51
CA GLU EA 355 -1.76 80.05 -82.74
C GLU EA 355 -1.24 81.25 -81.97
N GLY EA 356 -0.04 81.14 -81.41
CA GLY EA 356 0.52 82.20 -80.60
C GLY EA 356 0.11 82.09 -79.15
N GLY EA 357 0.61 83.04 -78.35
CA GLY EA 357 0.34 83.05 -76.93
C GLY EA 357 1.14 82.07 -76.11
N ASP EA 358 2.16 81.43 -76.70
CA ASP EA 358 2.98 80.49 -75.96
C ASP EA 358 3.82 81.15 -74.88
N THR EA 359 3.96 82.47 -74.92
CA THR EA 359 4.67 83.20 -73.89
C THR EA 359 3.73 83.58 -72.75
N ASP EA 360 4.29 83.63 -71.54
CA ASP EA 360 3.54 83.94 -70.34
C ASP EA 360 3.59 85.44 -70.07
N CYS EA 361 3.19 85.85 -68.85
CA CYS EA 361 3.25 87.26 -68.48
C CYS EA 361 4.65 87.82 -68.59
N ARG EA 362 5.67 87.00 -68.33
CA ARG EA 362 7.06 87.42 -68.42
C ARG EA 362 7.75 86.97 -69.70
N LYS EA 363 6.97 86.46 -70.67
CA LYS EA 363 7.50 86.06 -71.98
C LYS EA 363 8.57 84.99 -71.87
N LYS EA 364 8.26 83.93 -71.13
CA LYS EA 364 9.13 82.78 -71.02
C LYS EA 364 8.39 81.53 -71.52
N LYS EA 365 9.14 80.62 -72.12
CA LYS EA 365 8.55 79.43 -72.73
C LYS EA 365 7.88 78.56 -71.67
N LEU EA 366 6.67 78.12 -71.97
CA LEU EA 366 5.88 77.34 -71.02
C LEU EA 366 6.49 75.96 -70.81
N ASP EA 367 6.48 75.52 -69.54
CA ASP EA 367 6.96 74.20 -69.16
C ASP EA 367 5.79 73.37 -68.66
N PRO EA 368 5.45 72.26 -69.32
CA PRO EA 368 4.31 71.45 -68.85
C PRO EA 368 4.49 70.91 -67.44
N SER EA 369 5.72 70.65 -67.00
CA SER EA 369 5.95 70.10 -65.68
C SER EA 369 5.63 71.09 -64.57
N LYS EA 370 5.53 72.38 -64.89
CA LYS EA 370 5.23 73.38 -63.86
C LYS EA 370 3.79 73.31 -63.37
N LYS EA 371 2.90 72.66 -64.12
CA LYS EA 371 1.46 72.64 -63.83
C LYS EA 371 0.91 74.06 -63.71
N THR EA 372 1.39 74.94 -64.57
CA THR EA 372 0.87 76.30 -64.62
C THR EA 372 -0.46 76.32 -65.38
N CYS EA 373 -1.23 77.39 -65.15
CA CYS EA 373 -2.56 77.50 -65.71
C CYS EA 373 -2.83 78.94 -66.11
N ALA EA 374 -3.91 79.13 -66.87
CA ALA EA 374 -4.40 80.45 -67.24
C ALA EA 374 -5.69 80.73 -66.47
N ALA EA 375 -5.67 81.77 -65.66
CA ALA EA 375 -6.78 82.18 -64.82
C ALA EA 375 -6.99 83.68 -64.95
N PRO EA 376 -8.22 84.17 -64.75
CA PRO EA 376 -8.49 85.60 -64.95
C PRO EA 376 -7.66 86.46 -64.01
N MET EA 377 -6.94 87.42 -64.60
CA MET EA 377 -6.03 88.28 -63.88
C MET EA 377 -6.50 89.73 -63.98
N VAL EA 378 -6.18 90.53 -62.96
CA VAL EA 378 -6.76 91.86 -62.80
C VAL EA 378 -6.22 92.78 -63.88
N GLY EA 379 -7.11 93.28 -64.74
CA GLY EA 379 -6.73 94.21 -65.78
C GLY EA 379 -6.49 93.60 -67.14
N LYS EA 380 -6.60 92.29 -67.28
CA LYS EA 380 -6.40 91.64 -68.58
C LYS EA 380 -7.69 91.64 -69.40
N TYR EA 381 -8.75 91.04 -68.87
CA TYR EA 381 -10.03 90.95 -69.57
C TYR EA 381 -11.15 91.31 -68.59
N GLU EA 382 -11.80 92.44 -68.85
CA GLU EA 382 -12.87 92.94 -68.01
C GLU EA 382 -14.15 93.07 -68.84
N GLN EA 383 -15.23 92.48 -68.35
CA GLN EA 383 -16.53 92.55 -68.99
C GLN EA 383 -17.40 93.58 -68.28
N THR EA 384 -18.66 93.67 -68.69
CA THR EA 384 -19.56 94.67 -68.13
C THR EA 384 -20.07 94.28 -66.74
N TYR EA 385 -20.28 93.00 -66.49
CA TYR EA 385 -20.85 92.55 -65.23
C TYR EA 385 -19.81 92.46 -64.11
N TYR EA 386 -18.55 92.76 -64.40
CA TYR EA 386 -17.49 92.75 -63.38
C TYR EA 386 -17.62 93.99 -62.50
N THR EA 387 -18.69 93.99 -61.71
CA THR EA 387 -18.96 95.10 -60.79
C THR EA 387 -18.12 94.95 -59.53
N LYS EA 388 -18.07 96.04 -58.75
CA LYS EA 388 -17.33 96.01 -57.49
C LYS EA 388 -17.91 94.98 -56.53
N GLU EA 389 -19.24 94.90 -56.44
CA GLU EA 389 -19.88 93.85 -55.65
C GLU EA 389 -19.50 92.48 -56.19
N PHE EA 390 -19.56 92.31 -57.51
CA PHE EA 390 -19.21 91.03 -58.11
C PHE EA 390 -17.74 90.70 -57.90
N LEU EA 391 -16.86 91.69 -58.07
CA LEU EA 391 -15.43 91.46 -57.88
C LEU EA 391 -15.12 91.07 -56.44
N ASN EA 392 -15.74 91.75 -55.47
CA ASN EA 392 -15.56 91.36 -54.08
C ASN EA 392 -16.14 89.98 -53.80
N LYS EA 393 -17.20 89.61 -54.53
CA LYS EA 393 -17.79 88.29 -54.35
C LYS EA 393 -17.02 87.22 -55.10
N HIS EA 394 -16.51 87.56 -56.30
CA HIS EA 394 -15.68 86.66 -57.11
C HIS EA 394 -14.36 87.37 -57.37
N PRO EA 395 -13.35 87.17 -56.53
CA PRO EA 395 -12.12 87.94 -56.66
C PRO EA 395 -11.26 87.46 -57.83
N LEU EA 396 -10.74 88.42 -58.58
CA LEU EA 396 -9.78 88.12 -59.64
C LEU EA 396 -8.41 87.83 -59.04
N LEU EA 397 -7.69 86.91 -59.67
CA LEU EA 397 -6.41 86.46 -59.15
C LEU EA 397 -5.28 87.37 -59.61
N ASN EA 398 -4.08 87.09 -59.10
CA ASN EA 398 -2.87 87.83 -59.44
C ASN EA 398 -1.82 86.88 -60.00
N TYR EA 399 -0.80 87.45 -60.61
CA TYR EA 399 0.27 86.66 -61.20
C TYR EA 399 1.07 85.93 -60.12
N GLY EA 400 1.36 84.66 -60.38
CA GLY EA 400 2.13 83.86 -59.45
C GLY EA 400 1.34 83.24 -58.32
N ASP EA 401 0.03 83.46 -58.27
CA ASP EA 401 -0.77 82.91 -57.18
C ASP EA 401 -0.89 81.39 -57.31
N GLU EA 402 -0.92 80.72 -56.17
CA GLU EA 402 -1.02 79.26 -56.12
C GLU EA 402 -2.45 78.87 -55.78
N ILE EA 403 -3.10 78.18 -56.71
CA ILE EA 403 -4.48 77.75 -56.54
C ILE EA 403 -4.53 76.23 -56.65
N GLN EA 404 -5.50 75.63 -55.96
CA GLN EA 404 -5.68 74.19 -55.95
C GLN EA 404 -6.79 73.80 -56.92
N VAL EA 405 -6.46 72.91 -57.86
CA VAL EA 405 -7.32 72.56 -58.98
C VAL EA 405 -7.71 71.10 -58.85
N ILE EA 406 -9.01 70.82 -58.97
CA ILE EA 406 -9.55 69.46 -58.88
C ILE EA 406 -10.33 69.22 -60.16
N THR EA 407 -9.70 68.59 -61.15
CA THR EA 407 -10.36 68.26 -62.41
C THR EA 407 -11.07 66.92 -62.37
N GLY EA 408 -10.93 66.16 -61.28
CA GLY EA 408 -11.46 64.81 -61.23
C GLY EA 408 -10.59 63.76 -61.87
N VAL EA 409 -9.33 64.09 -62.16
CA VAL EA 409 -8.41 63.19 -62.87
C VAL EA 409 -7.22 62.93 -61.97
N SER EA 410 -6.73 61.68 -61.98
CA SER EA 410 -5.53 61.33 -61.25
C SER EA 410 -4.32 61.94 -61.94
N GLY EA 411 -3.63 62.85 -61.25
CA GLY EA 411 -2.49 63.55 -61.77
C GLY EA 411 -2.78 64.93 -62.32
N ARG EA 412 -4.02 65.19 -62.74
CA ARG EA 412 -4.43 66.51 -63.19
C ARG EA 412 -5.00 67.37 -62.06
N ASP EA 413 -4.98 66.85 -60.83
CA ASP EA 413 -5.42 67.60 -59.66
C ASP EA 413 -4.22 68.02 -58.82
N GLY EA 414 -4.25 69.24 -58.33
CA GLY EA 414 -3.18 69.73 -57.48
C GLY EA 414 -3.12 71.25 -57.49
N VAL EA 415 -2.05 71.76 -56.91
CA VAL EA 415 -1.82 73.20 -56.85
C VAL EA 415 -1.33 73.68 -58.21
N TYR EA 416 -1.97 74.72 -58.74
CA TYR EA 416 -1.63 75.29 -60.04
C TYR EA 416 -1.27 76.76 -59.85
N LYS EA 417 -0.17 77.18 -60.45
CA LYS EA 417 0.28 78.56 -60.37
C LYS EA 417 -0.25 79.35 -61.55
N VAL EA 418 -0.78 80.54 -61.27
CA VAL EA 418 -1.36 81.38 -62.31
C VAL EA 418 -0.26 82.13 -63.04
N ASN EA 419 0.21 81.54 -64.13
CA ASN EA 419 1.26 82.15 -64.94
C ASN EA 419 0.89 82.27 -66.41
N ASP EA 420 0.16 81.28 -66.96
CA ASP EA 420 -0.17 81.28 -68.37
C ASP EA 420 -1.17 82.39 -68.71
N VAL EA 421 -1.05 82.91 -69.93
CA VAL EA 421 -1.90 83.99 -70.42
C VAL EA 421 -2.78 83.42 -71.52
N GLY EA 422 -4.09 83.49 -71.32
CA GLY EA 422 -5.03 82.95 -72.28
C GLY EA 422 -6.12 83.90 -72.71
N PRO EA 423 -6.39 83.95 -74.02
CA PRO EA 423 -7.44 84.81 -74.56
C PRO EA 423 -8.81 84.35 -74.04
N ALA EA 424 -9.68 85.31 -73.77
CA ALA EA 424 -11.04 85.07 -73.28
C ALA EA 424 -11.11 84.25 -71.98
N ILE EA 425 -10.17 84.48 -71.07
CA ILE EA 425 -10.18 83.81 -69.79
C ILE EA 425 -10.83 84.76 -68.79
N THR EA 426 -12.07 84.46 -68.41
CA THR EA 426 -12.86 85.35 -67.57
C THR EA 426 -13.66 84.50 -66.57
N ILE EA 427 -14.66 85.11 -65.95
CA ILE EA 427 -15.59 84.43 -65.06
C ILE EA 427 -16.99 84.68 -65.57
N GLU EA 428 -17.79 83.62 -65.66
CA GLU EA 428 -19.17 83.76 -66.12
C GLU EA 428 -19.99 84.56 -65.10
N LYS EA 429 -21.23 84.86 -65.49
CA LYS EA 429 -22.12 85.64 -64.63
C LYS EA 429 -22.51 84.85 -63.38
N ASN EA 430 -22.73 83.54 -63.52
CA ASN EA 430 -23.06 82.73 -62.35
C ASN EA 430 -21.87 82.57 -61.41
N GLY EA 431 -20.66 82.85 -61.88
CA GLY EA 431 -19.47 82.73 -61.07
C GLY EA 431 -18.55 81.58 -61.40
N THR EA 432 -18.81 80.86 -62.49
CA THR EA 432 -17.94 79.76 -62.89
C THR EA 432 -16.63 80.32 -63.45
N TYR EA 433 -15.51 79.78 -62.97
CA TYR EA 433 -14.19 80.26 -63.36
C TYR EA 433 -13.65 79.43 -64.51
N HIS EA 434 -13.17 80.10 -65.56
CA HIS EA 434 -12.50 79.42 -66.67
C HIS EA 434 -11.03 79.28 -66.34
N ILE EA 435 -10.58 78.05 -66.11
CA ILE EA 435 -9.20 77.75 -65.78
C ILE EA 435 -8.64 76.86 -66.87
N ASP EA 436 -7.60 77.33 -67.54
CA ASP EA 436 -7.00 76.62 -68.66
C ASP EA 436 -5.84 75.78 -68.16
N ILE EA 437 -5.93 74.47 -68.34
CA ILE EA 437 -4.89 73.54 -67.91
C ILE EA 437 -3.87 73.40 -69.05
N LEU EA 438 -2.59 73.56 -68.72
CA LEU EA 438 -1.53 73.41 -69.71
C LEU EA 438 -1.27 71.94 -69.99
N PHE EA 439 -1.00 71.63 -71.25
CA PHE EA 439 -0.68 70.28 -71.67
C PHE EA 439 0.56 70.30 -72.55
N GLY EA 440 1.25 69.17 -72.59
CA GLY EA 440 2.52 69.08 -73.29
C GLY EA 440 2.44 68.54 -74.71
N ASN EA 441 1.26 68.10 -75.13
CA ASN EA 441 1.10 67.56 -76.48
C ASN EA 441 -0.37 67.65 -76.88
N VAL EA 442 -0.60 67.45 -78.18
CA VAL EA 442 -1.95 67.57 -78.72
C VAL EA 442 -2.87 66.48 -78.18
N GLU EA 443 -2.36 65.24 -78.09
CA GLU EA 443 -3.21 64.11 -77.73
C GLU EA 443 -3.78 64.25 -76.33
N GLU EA 444 -2.96 64.65 -75.36
CA GLU EA 444 -3.44 64.78 -74.00
C GLU EA 444 -4.52 65.84 -73.90
N ALA EA 445 -4.33 66.99 -74.55
CA ALA EA 445 -5.32 68.05 -74.55
C ALA EA 445 -6.61 67.59 -75.22
N SER EA 446 -6.50 66.90 -76.35
CA SER EA 446 -7.69 66.41 -77.05
C SER EA 446 -8.46 65.42 -76.21
N LYS EA 447 -7.74 64.55 -75.48
CA LYS EA 447 -8.41 63.64 -74.57
C LYS EA 447 -9.10 64.38 -73.44
N PHE EA 448 -8.44 65.39 -72.88
CA PHE EA 448 -9.01 66.13 -71.75
C PHE EA 448 -10.24 66.92 -72.19
N GLY EA 449 -10.16 67.61 -73.32
CA GLY EA 449 -11.29 68.37 -73.82
C GLY EA 449 -11.72 69.46 -72.86
N ARG EA 450 -13.03 69.65 -72.75
CA ARG EA 450 -13.62 70.62 -71.83
C ARG EA 450 -14.40 69.86 -70.76
N ARG EA 451 -14.07 70.11 -69.50
CA ARG EA 451 -14.75 69.48 -68.38
C ARG EA 451 -15.09 70.55 -67.34
N LYS EA 452 -15.94 70.16 -66.38
CA LYS EA 452 -16.35 71.01 -65.28
C LYS EA 452 -15.80 70.46 -63.98
N GLY EA 453 -15.37 71.36 -63.10
CA GLY EA 453 -14.79 70.97 -61.83
C GLY EA 453 -14.90 72.05 -60.80
N LYS EA 454 -13.89 72.12 -59.93
CA LYS EA 454 -13.86 73.10 -58.85
C LYS EA 454 -12.42 73.50 -58.58
N ILE EA 455 -12.23 74.77 -58.22
CA ILE EA 455 -10.92 75.28 -57.82
C ILE EA 455 -11.09 76.04 -56.52
N ILE EA 456 -9.98 76.20 -55.81
CA ILE EA 456 -9.93 76.90 -54.54
C ILE EA 456 -8.81 77.93 -54.61
N ILE EA 457 -9.10 79.15 -54.17
CA ILE EA 457 -8.13 80.24 -54.22
C ILE EA 457 -8.09 80.95 -52.87
N GLY EA 458 -6.96 81.61 -52.62
CA GLY EA 458 -6.83 82.47 -51.45
C GLY EA 458 -6.94 81.76 -50.12
N GLY EA 459 -6.42 80.54 -50.03
CA GLY EA 459 -6.39 79.84 -48.76
C GLY EA 459 -4.99 79.54 -48.27
N TYR EA 460 -4.56 80.23 -47.21
CA TYR EA 460 -3.22 80.07 -46.68
C TYR EA 460 -3.10 80.80 -45.35
N SER EA 461 -2.45 80.15 -44.39
CA SER EA 461 -2.06 80.79 -43.14
C SER EA 461 -0.54 80.83 -42.98
N GLY EA 462 0.13 79.68 -43.11
CA GLY EA 462 1.57 79.64 -43.03
C GLY EA 462 2.15 80.05 -41.70
N ASN EA 463 1.50 79.66 -40.61
CA ASN EA 463 1.96 79.97 -39.26
C ASN EA 463 2.53 78.71 -38.61
N VAL EA 464 3.16 78.88 -37.46
CA VAL EA 464 3.76 77.79 -36.70
C VAL EA 464 3.02 77.55 -35.39
N SER EA 465 3.00 78.55 -34.50
CA SER EA 465 2.29 78.42 -33.25
C SER EA 465 1.97 79.83 -32.73
N ASP EA 466 0.91 79.91 -31.92
CA ASP EA 466 0.49 81.20 -31.37
C ASP EA 466 1.53 81.74 -30.39
N LYS EA 467 2.13 80.86 -29.59
CA LYS EA 467 3.14 81.29 -28.63
C LYS EA 467 4.38 81.86 -29.30
N ALA EA 468 4.63 81.48 -30.56
CA ALA EA 468 5.81 81.98 -31.26
C ALA EA 468 5.75 83.49 -31.43
N LYS EA 469 4.56 84.04 -31.71
CA LYS EA 469 4.43 85.48 -31.85
C LYS EA 469 4.78 86.19 -30.55
N ILE EA 470 4.29 85.69 -29.42
CA ILE EA 470 4.59 86.29 -28.12
C ILE EA 470 6.09 86.20 -27.84
N VAL EA 471 6.67 85.04 -28.13
CA VAL EA 471 8.11 84.83 -28.04
C VAL EA 471 8.87 85.91 -28.80
N ILE EA 472 8.55 86.07 -30.08
CA ILE EA 472 9.30 86.98 -30.94
C ILE EA 472 9.09 88.42 -30.50
N SER EA 473 7.86 88.79 -30.16
CA SER EA 473 7.59 90.16 -29.73
C SER EA 473 8.34 90.50 -28.46
N GLU EA 474 8.37 89.58 -27.48
CA GLU EA 474 9.11 89.85 -26.24
C GLU EA 474 10.59 89.99 -26.52
N ALA EA 475 11.13 89.11 -27.38
CA ALA EA 475 12.55 89.19 -27.72
C ALA EA 475 12.88 90.52 -28.39
N LYS EA 476 11.99 91.01 -29.25
CA LYS EA 476 12.17 92.35 -29.81
C LYS EA 476 12.03 93.42 -28.74
N LYS EA 477 11.19 93.18 -27.74
CA LYS EA 477 11.02 94.15 -26.66
C LYS EA 477 12.32 94.33 -25.89
N HIS EA 478 13.16 93.30 -25.81
CA HIS EA 478 14.44 93.43 -25.13
C HIS EA 478 15.60 93.81 -26.04
N LEU EA 479 15.34 94.39 -27.21
CA LEU EA 479 16.42 94.80 -28.09
C LEU EA 479 17.19 95.98 -27.52
N GLY EA 480 18.52 95.94 -27.66
CA GLY EA 480 19.37 97.07 -27.38
C GLY EA 480 19.74 97.27 -25.92
N LYS EA 481 19.27 96.41 -25.02
CA LYS EA 481 19.59 96.57 -23.62
C LYS EA 481 21.03 96.16 -23.34
N PRO EA 482 21.69 96.81 -22.38
CA PRO EA 482 23.08 96.45 -22.06
C PRO EA 482 23.18 95.03 -21.54
N TYR EA 483 24.32 94.41 -21.83
CA TYR EA 483 24.57 93.01 -21.47
C TYR EA 483 25.03 92.90 -20.01
N LYS EA 484 24.81 91.73 -19.43
CA LYS EA 484 25.32 91.42 -18.10
C LYS EA 484 25.35 89.91 -17.95
N TRP EA 485 26.49 89.37 -17.54
CA TRP EA 485 26.64 87.93 -17.37
C TRP EA 485 25.91 87.48 -16.11
N GLY EA 486 25.02 86.50 -16.26
CA GLY EA 486 24.26 86.00 -15.13
C GLY EA 486 23.12 86.87 -14.69
N GLY EA 487 22.60 87.72 -15.57
CA GLY EA 487 21.50 88.59 -15.22
C GLY EA 487 20.18 88.15 -15.83
N ASN EA 488 19.20 87.86 -14.98
CA ASN EA 488 17.88 87.40 -15.40
C ASN EA 488 16.86 88.44 -14.95
N GLY EA 489 16.65 89.45 -15.78
CA GLY EA 489 15.70 90.49 -15.50
C GLY EA 489 15.50 91.42 -16.67
N PRO EA 490 14.37 92.13 -16.69
CA PRO EA 490 14.12 93.07 -17.79
C PRO EA 490 15.21 94.12 -17.94
N SER EA 491 15.94 94.44 -16.88
CA SER EA 491 16.98 95.46 -16.98
C SER EA 491 18.12 95.01 -17.89
N SER EA 492 18.66 93.82 -17.64
CA SER EA 492 19.77 93.30 -18.42
C SER EA 492 19.62 91.80 -18.60
N PHE EA 493 20.11 91.30 -19.73
CA PHE EA 493 20.03 89.89 -20.06
C PHE EA 493 21.40 89.38 -20.49
N ASP EA 494 21.67 88.13 -20.14
CA ASP EA 494 22.80 87.41 -20.70
C ASP EA 494 22.32 86.63 -21.92
N CYS EA 495 23.17 85.77 -22.47
CA CYS EA 495 22.84 85.08 -23.71
C CYS EA 495 21.65 84.16 -23.55
N SER EA 496 21.57 83.44 -22.44
CA SER EA 496 20.49 82.48 -22.22
C SER EA 496 19.31 83.05 -21.45
N GLY EA 497 19.54 84.08 -20.63
CA GLY EA 497 18.45 84.66 -19.86
C GLY EA 497 17.36 85.26 -20.73
N LEU EA 498 17.72 85.72 -21.93
CA LEU EA 498 16.73 86.27 -22.84
C LEU EA 498 15.64 85.26 -23.14
N MET EA 499 16.02 84.08 -23.61
CA MET EA 499 15.02 83.06 -23.93
C MET EA 499 14.44 82.42 -22.68
N VAL EA 500 15.17 82.40 -21.57
CA VAL EA 500 14.58 81.92 -20.33
C VAL EA 500 13.36 82.76 -19.97
N TYR EA 501 13.55 84.09 -19.93
CA TYR EA 501 12.43 85.01 -19.70
C TYR EA 501 11.37 84.84 -20.78
N CYS EA 502 11.80 84.79 -22.04
CA CYS EA 502 10.89 84.87 -23.16
C CYS EA 502 9.97 83.65 -23.22
N PHE EA 503 10.52 82.46 -23.03
CA PHE EA 503 9.71 81.24 -23.02
C PHE EA 503 9.00 81.03 -21.68
N LYS EA 504 9.52 81.60 -20.58
CA LYS EA 504 8.73 81.63 -19.35
C LYS EA 504 7.46 82.44 -19.54
N LYS EA 505 7.52 83.46 -20.40
CA LYS EA 505 6.32 84.24 -20.72
C LYS EA 505 5.29 83.43 -21.50
N VAL EA 506 5.66 82.28 -22.04
CA VAL EA 506 4.70 81.39 -22.70
C VAL EA 506 4.69 80.04 -22.01
N ASN EA 507 4.97 80.05 -20.70
CA ASN EA 507 4.87 78.87 -19.85
C ASN EA 507 5.77 77.74 -20.32
N VAL EA 508 6.89 78.07 -20.95
CA VAL EA 508 7.86 77.08 -21.41
C VAL EA 508 9.09 77.22 -20.54
N SER EA 509 9.30 76.25 -19.65
CA SER EA 509 10.45 76.27 -18.75
C SER EA 509 11.65 75.65 -19.44
N LEU EA 510 12.77 76.37 -19.44
CA LEU EA 510 13.98 75.92 -20.11
C LEU EA 510 15.13 75.88 -19.12
N PRO EA 511 16.19 75.12 -19.39
CA PRO EA 511 17.36 75.14 -18.51
C PRO EA 511 17.98 76.52 -18.46
N ARG EA 512 18.54 76.86 -17.29
CA ARG EA 512 19.11 78.19 -17.12
C ARG EA 512 20.31 78.40 -18.05
N THR EA 513 21.16 77.39 -18.17
CA THR EA 513 22.34 77.50 -19.00
C THR EA 513 22.06 76.93 -20.39
N SER EA 514 22.60 77.62 -21.40
CA SER EA 514 22.28 77.28 -22.79
C SER EA 514 22.82 75.91 -23.17
N ASN EA 515 23.91 75.46 -22.53
CA ASN EA 515 24.43 74.12 -22.82
C ASN EA 515 23.39 73.05 -22.53
N GLN EA 516 22.76 73.13 -21.35
CA GLN EA 516 21.66 72.23 -21.04
C GLN EA 516 20.46 72.51 -21.94
N GLN EA 517 20.28 73.77 -22.34
CA GLN EA 517 19.18 74.11 -23.23
C GLN EA 517 19.30 73.39 -24.57
N SER EA 518 20.53 73.10 -24.99
CA SER EA 518 20.72 72.32 -26.21
C SER EA 518 20.17 70.91 -26.07
N LYS EA 519 20.08 70.40 -24.83
CA LYS EA 519 19.62 69.05 -24.56
C LYS EA 519 18.13 68.97 -24.26
N LYS EA 520 17.33 69.91 -24.77
CA LYS EA 520 15.89 69.90 -24.55
C LYS EA 520 15.16 70.00 -25.90
N GLY EA 521 14.08 69.24 -26.02
CA GLY EA 521 13.22 69.33 -27.18
C GLY EA 521 13.74 68.54 -28.37
N LYS EA 522 12.88 68.48 -29.39
CA LYS EA 522 13.22 67.77 -30.61
C LYS EA 522 14.34 68.49 -31.36
N LYS EA 523 15.18 67.69 -32.03
CA LYS EA 523 16.25 68.26 -32.85
C LYS EA 523 15.66 68.95 -34.08
N VAL EA 524 16.29 70.07 -34.47
CA VAL EA 524 15.88 70.85 -35.63
C VAL EA 524 17.08 71.02 -36.54
N GLU EA 525 16.87 70.83 -37.84
CA GLU EA 525 17.92 70.98 -38.83
C GLU EA 525 18.00 72.44 -39.30
N GLN EA 526 19.08 72.76 -40.01
CA GLN EA 526 19.26 74.11 -40.51
C GLN EA 526 18.26 74.42 -41.63
N LYS EA 527 17.94 73.43 -42.47
CA LYS EA 527 16.94 73.62 -43.51
C LYS EA 527 15.51 73.57 -42.97
N ASN EA 528 15.31 72.97 -41.80
CA ASN EA 528 14.01 72.93 -41.15
C ASN EA 528 13.86 73.99 -40.07
N LEU EA 529 14.60 75.09 -40.17
CA LEU EA 529 14.51 76.15 -39.19
C LEU EA 529 13.29 77.03 -39.47
N GLN EA 530 12.51 77.31 -38.42
CA GLN EA 530 11.33 78.13 -38.51
C GLN EA 530 11.39 79.21 -37.44
N ALA EA 531 10.42 80.11 -37.48
CA ALA EA 531 10.36 81.17 -36.48
C ALA EA 531 10.14 80.59 -35.09
N GLY EA 532 10.95 81.03 -34.14
CA GLY EA 532 10.87 80.57 -32.77
C GLY EA 532 11.88 79.50 -32.40
N ASP EA 533 12.65 79.00 -33.36
CA ASP EA 533 13.64 77.97 -33.07
C ASP EA 533 14.82 78.56 -32.30
N LEU EA 534 15.57 77.66 -31.65
CA LEU EA 534 16.77 78.02 -30.92
C LEU EA 534 17.98 77.47 -31.67
N VAL EA 535 19.00 78.30 -31.83
CA VAL EA 535 20.17 77.97 -32.64
C VAL EA 535 21.41 77.94 -31.76
N PHE EA 536 22.22 76.90 -31.93
CA PHE EA 536 23.45 76.69 -31.17
C PHE EA 536 24.59 76.52 -32.15
N PHE EA 537 25.68 77.25 -31.92
CA PHE EA 537 26.81 77.27 -32.85
C PHE EA 537 28.10 76.75 -32.26
N HIS EA 538 28.76 77.52 -31.38
CA HIS EA 538 30.04 77.08 -30.89
C HIS EA 538 29.87 75.82 -30.04
N ASN EA 539 30.93 74.99 -30.02
CA ASN EA 539 30.87 73.79 -29.18
C ASN EA 539 30.61 74.11 -27.72
N PRO EA 540 31.15 75.18 -27.12
CA PRO EA 540 30.53 75.69 -25.89
C PRO EA 540 29.46 76.69 -26.27
N VAL EA 541 28.26 76.57 -25.73
CA VAL EA 541 27.23 77.51 -26.16
C VAL EA 541 27.36 78.72 -25.24
N SER EA 542 28.30 79.60 -25.57
CA SER EA 542 28.42 80.87 -24.84
C SER EA 542 27.24 81.77 -25.14
N HIS EA 543 26.77 81.74 -26.39
CA HIS EA 543 25.65 82.55 -26.82
C HIS EA 543 24.70 81.69 -27.66
N VAL EA 544 23.42 81.73 -27.32
CA VAL EA 544 22.38 81.01 -28.02
C VAL EA 544 21.45 82.05 -28.64
N GLY EA 545 21.01 81.80 -29.87
CA GLY EA 545 20.11 82.72 -30.52
C GLY EA 545 18.69 82.20 -30.62
N LEU EA 546 17.73 83.10 -30.81
CA LEU EA 546 16.34 82.74 -31.04
C LEU EA 546 16.04 83.01 -32.51
N TYR EA 547 15.82 81.94 -33.27
CA TYR EA 547 15.66 82.07 -34.71
C TYR EA 547 14.26 82.57 -35.05
N ILE EA 548 14.21 83.68 -35.79
CA ILE EA 548 12.94 84.30 -36.16
C ILE EA 548 12.64 84.13 -37.65
N GLY EA 549 13.42 83.31 -38.35
CA GLY EA 549 13.25 83.13 -39.77
C GLY EA 549 14.00 84.16 -40.59
N ASN EA 550 13.88 84.01 -41.90
CA ASN EA 550 14.46 84.92 -42.89
C ASN EA 550 15.98 85.02 -42.76
N GLY EA 551 16.61 84.01 -42.16
CA GLY EA 551 18.04 84.07 -41.94
C GLY EA 551 18.45 85.05 -40.87
N GLU EA 552 17.54 85.45 -39.99
CA GLU EA 552 17.83 86.35 -38.90
C GLU EA 552 17.36 85.74 -37.59
N PHE EA 553 17.97 86.20 -36.50
CA PHE EA 553 17.69 85.65 -35.18
C PHE EA 553 18.14 86.65 -34.12
N LEU EA 554 17.52 86.57 -32.95
CA LEU EA 554 17.76 87.50 -31.86
C LEU EA 554 18.55 86.82 -30.75
N HIS EA 555 19.43 87.58 -30.10
CA HIS EA 555 20.35 87.04 -29.11
C HIS EA 555 20.98 88.20 -28.35
N ALA EA 556 21.68 87.86 -27.28
CA ALA EA 556 22.58 88.78 -26.61
C ALA EA 556 24.01 88.37 -26.93
N PRO EA 557 24.77 89.16 -27.70
CA PRO EA 557 26.05 88.67 -28.22
C PRO EA 557 27.07 88.35 -27.12
N GLN EA 558 27.44 89.35 -26.32
CA GLN EA 558 28.44 89.17 -25.27
C GLN EA 558 28.54 90.44 -24.43
N LYS EA 559 29.43 90.41 -23.42
CA LYS EA 559 29.67 91.61 -22.63
C LYS EA 559 30.25 92.72 -23.51
N GLY EA 560 29.71 93.93 -23.35
CA GLY EA 560 30.06 95.05 -24.18
C GLY EA 560 29.17 95.26 -25.38
N ASP EA 561 28.42 94.25 -25.79
CA ASP EA 561 27.45 94.36 -26.86
C ASP EA 561 26.04 94.39 -26.28
N VAL EA 562 25.07 94.74 -27.11
CA VAL EA 562 23.68 94.88 -26.71
C VAL EA 562 22.82 94.00 -27.60
N VAL EA 563 21.60 93.74 -27.13
CA VAL EA 563 20.71 92.83 -27.83
C VAL EA 563 20.34 93.44 -29.19
N LYS EA 564 20.48 92.64 -30.24
CA LYS EA 564 20.27 93.10 -31.60
C LYS EA 564 19.74 91.93 -32.43
N ILE EA 565 19.77 92.11 -33.75
CA ILE EA 565 19.39 91.06 -34.70
C ILE EA 565 20.61 90.74 -35.55
N SER EA 566 20.92 89.45 -35.67
CA SER EA 566 22.07 88.99 -36.42
C SER EA 566 21.64 88.10 -37.57
N LYS EA 567 22.44 88.06 -38.62
CA LYS EA 567 22.16 87.20 -39.76
C LYS EA 567 22.77 85.82 -39.53
N LEU EA 568 21.98 84.78 -39.80
CA LEU EA 568 22.38 83.41 -39.45
C LEU EA 568 23.61 82.97 -40.22
N SER EA 569 23.71 83.36 -41.50
CA SER EA 569 24.84 82.92 -42.32
C SER EA 569 26.16 83.45 -41.78
N SER EA 570 26.15 84.61 -41.14
CA SER EA 570 27.38 85.19 -40.61
C SER EA 570 27.98 84.38 -39.48
N ARG EA 571 27.23 83.42 -38.92
CA ARG EA 571 27.74 82.55 -37.87
C ARG EA 571 27.99 81.18 -38.51
N ARG EA 572 29.21 81.00 -39.02
CA ARG EA 572 29.58 79.78 -39.73
C ARG EA 572 29.64 78.57 -38.82
N ASP EA 573 29.60 78.76 -37.51
CA ASP EA 573 29.91 77.71 -36.54
C ASP EA 573 28.69 76.89 -36.14
N PHE EA 574 27.63 76.87 -36.96
CA PHE EA 574 26.37 76.23 -36.58
C PHE EA 574 26.56 74.78 -36.16
N ASN EA 575 25.97 74.41 -35.02
CA ASN EA 575 26.14 73.07 -34.47
C ASN EA 575 24.83 72.29 -34.41
N THR EA 576 23.80 72.81 -33.76
CA THR EA 576 22.53 72.12 -33.66
C THR EA 576 21.43 73.14 -33.37
N ALA EA 577 20.19 72.65 -33.42
CA ALA EA 577 19.03 73.49 -33.18
C ALA EA 577 17.94 72.65 -32.52
N ARG EA 578 17.12 73.31 -31.69
CA ARG EA 578 16.06 72.63 -30.97
C ARG EA 578 14.78 73.45 -31.05
N ARG EA 579 13.65 72.75 -30.90
CA ARG EA 579 12.33 73.35 -30.84
C ARG EA 579 11.64 72.89 -29.57
N VAL EA 580 11.11 73.84 -28.81
CA VAL EA 580 10.38 73.52 -27.58
C VAL EA 580 8.95 74.03 -27.58
N LEU EA 581 8.55 74.82 -28.57
CA LEU EA 581 7.16 75.25 -28.69
C LEU EA 581 6.32 74.19 -29.40
N ALA FA 2 -40.44 24.38 -58.84
CA ALA FA 2 -39.39 23.62 -59.49
C ALA FA 2 -38.36 23.13 -58.48
N ILE FA 3 -37.23 22.65 -58.99
CA ILE FA 3 -36.12 22.18 -58.18
C ILE FA 3 -34.93 23.08 -58.46
N GLY FA 4 -34.35 23.64 -57.40
CA GLY FA 4 -33.25 24.57 -57.56
C GLY FA 4 -31.96 24.12 -56.89
N LEU FA 5 -31.03 25.04 -56.71
CA LEU FA 5 -29.77 24.70 -56.07
C LEU FA 5 -29.98 24.41 -54.58
N PRO FA 6 -29.14 23.55 -53.99
CA PRO FA 6 -29.20 23.33 -52.55
C PRO FA 6 -28.90 24.62 -51.79
N SER FA 7 -29.59 24.80 -50.66
CA SER FA 7 -29.47 26.05 -49.92
C SER FA 7 -29.78 25.82 -48.45
N ILE FA 8 -29.35 26.77 -47.63
CA ILE FA 8 -29.66 26.82 -46.20
C ILE FA 8 -30.72 27.90 -45.98
N ASN FA 9 -31.77 27.56 -45.22
CA ASN FA 9 -32.82 28.51 -44.88
C ASN FA 9 -32.83 28.72 -43.37
N ILE FA 10 -32.88 29.98 -42.96
CA ILE FA 10 -32.87 30.37 -41.55
C ILE FA 10 -34.12 31.18 -41.27
N SER FA 11 -34.82 30.81 -40.21
CA SER FA 11 -35.96 31.58 -39.71
C SER FA 11 -35.76 31.83 -38.23
N PHE FA 12 -36.12 33.02 -37.77
CA PHE FA 12 -35.91 33.42 -36.40
C PHE FA 12 -37.24 33.39 -35.63
N LYS FA 13 -37.13 33.09 -34.34
CA LYS FA 13 -38.30 32.99 -33.47
C LYS FA 13 -37.94 33.49 -32.09
N GLU FA 14 -38.97 33.86 -31.34
CA GLU FA 14 -38.78 34.25 -29.95
C GLU FA 14 -38.50 33.03 -29.09
N LEU FA 15 -37.83 33.26 -27.96
CA LEU FA 15 -37.53 32.19 -27.01
C LEU FA 15 -38.51 32.29 -25.86
N ALA FA 16 -39.45 31.34 -25.79
CA ALA FA 16 -40.48 31.32 -24.76
C ALA FA 16 -40.24 30.11 -23.85
N THR FA 17 -39.95 30.38 -22.58
CA THR FA 17 -39.76 29.28 -21.63
C THR FA 17 -41.06 28.54 -21.38
N THR FA 18 -42.18 29.26 -21.35
CA THR FA 18 -43.48 28.66 -21.12
C THR FA 18 -43.88 27.76 -22.28
N VAL FA 19 -44.63 26.71 -21.96
CA VAL FA 19 -45.10 25.74 -22.94
C VAL FA 19 -46.62 25.81 -22.98
N LYS FA 20 -47.18 25.78 -24.19
CA LYS FA 20 -48.62 25.81 -24.35
C LYS FA 20 -49.25 24.60 -23.68
N GLU FA 21 -50.43 24.80 -23.09
CA GLU FA 21 -51.10 23.73 -22.36
C GLU FA 21 -52.03 22.96 -23.29
N ARG FA 22 -52.13 21.65 -23.06
CA ARG FA 22 -52.81 20.75 -23.99
C ARG FA 22 -54.29 20.57 -23.69
N SER FA 23 -54.73 20.83 -22.46
CA SER FA 23 -56.10 20.53 -22.07
C SER FA 23 -57.07 21.41 -22.84
N ALA FA 24 -58.36 21.06 -22.75
CA ALA FA 24 -59.40 21.88 -23.33
C ALA FA 24 -59.53 23.22 -22.64
N ARG FA 25 -58.97 23.36 -21.44
CA ARG FA 25 -58.80 24.67 -20.85
C ARG FA 25 -57.75 25.45 -21.62
N GLY FA 26 -57.70 26.75 -21.36
CA GLY FA 26 -56.83 27.61 -22.12
C GLY FA 26 -57.46 28.21 -23.35
N ILE FA 27 -58.70 27.84 -23.67
CA ILE FA 27 -59.43 28.47 -24.76
C ILE FA 27 -60.17 29.68 -24.19
N ILE FA 28 -59.85 30.86 -24.70
CA ILE FA 28 -60.45 32.11 -24.25
C ILE FA 28 -61.21 32.72 -25.42
N ALA FA 29 -62.48 33.05 -25.19
CA ALA FA 29 -63.30 33.71 -26.18
C ALA FA 29 -63.32 35.20 -25.89
N MET FA 30 -62.82 36.00 -26.82
CA MET FA 30 -62.77 37.44 -26.67
C MET FA 30 -63.63 38.10 -27.74
N VAL FA 31 -64.55 38.96 -27.32
CA VAL FA 31 -65.44 39.68 -28.21
C VAL FA 31 -65.01 41.15 -28.22
N LEU FA 32 -64.82 41.70 -29.40
CA LEU FA 32 -64.39 43.08 -29.54
C LEU FA 32 -65.01 43.68 -30.79
N LYS FA 33 -65.28 44.98 -30.75
CA LYS FA 33 -66.04 45.66 -31.80
C LYS FA 33 -65.07 46.39 -32.74
N ASP FA 34 -64.92 45.85 -33.94
CA ASP FA 34 -64.12 46.48 -34.98
C ASP FA 34 -64.88 46.38 -36.30
N ALA FA 35 -64.84 47.46 -37.08
CA ALA FA 35 -65.55 47.47 -38.36
C ALA FA 35 -64.81 46.72 -39.47
N LYS FA 36 -63.50 46.58 -39.35
CA LYS FA 36 -62.70 46.15 -40.48
C LYS FA 36 -62.71 44.64 -40.69
N ALA FA 37 -62.54 43.85 -39.63
CA ALA FA 37 -62.29 42.43 -39.80
C ALA FA 37 -63.53 41.68 -40.25
N LEU FA 38 -64.59 41.71 -39.42
CA LEU FA 38 -65.85 41.01 -39.69
C LEU FA 38 -65.61 39.53 -39.99
N GLY FA 39 -64.90 38.86 -39.08
CA GLY FA 39 -64.69 37.43 -39.19
C GLY FA 39 -64.13 36.85 -37.92
N LEU FA 40 -64.33 35.55 -37.76
CA LEU FA 40 -63.79 34.82 -36.62
C LEU FA 40 -62.35 34.40 -36.90
N ASN FA 41 -61.50 34.54 -35.90
CA ASN FA 41 -60.08 34.23 -36.04
C ASN FA 41 -59.61 33.36 -34.89
N GLU FA 42 -58.96 32.24 -35.20
CA GLU FA 42 -58.34 31.39 -34.21
C GLU FA 42 -56.85 31.72 -34.17
N ILE FA 43 -56.39 32.21 -33.03
CA ILE FA 43 -55.02 32.66 -32.87
C ILE FA 43 -54.28 31.66 -32.00
N HIS FA 44 -53.21 31.08 -32.53
CA HIS FA 44 -52.36 30.19 -31.76
C HIS FA 44 -51.04 30.83 -31.37
N GLU FA 45 -50.67 31.93 -31.99
CA GLU FA 45 -49.42 32.64 -31.69
C GLU FA 45 -49.55 34.07 -32.19
N LYS FA 46 -48.57 34.89 -31.80
CA LYS FA 46 -48.59 36.30 -32.16
C LYS FA 46 -48.44 36.50 -33.68
N GLU FA 47 -47.74 35.59 -34.35
CA GLU FA 47 -47.43 35.81 -35.76
C GLU FA 47 -48.66 35.85 -36.64
N ASP FA 48 -49.75 35.18 -36.22
CA ASP FA 48 -50.93 35.05 -37.04
C ASP FA 48 -52.04 36.02 -36.67
N ILE FA 49 -51.74 37.04 -35.87
CA ILE FA 49 -52.75 38.09 -35.64
C ILE FA 49 -53.06 38.77 -36.95
N PRO FA 50 -54.33 38.93 -37.33
CA PRO FA 50 -54.66 39.53 -38.62
C PRO FA 50 -54.17 40.96 -38.74
N VAL FA 51 -53.75 41.34 -39.95
CA VAL FA 51 -53.24 42.66 -40.26
C VAL FA 51 -54.41 43.63 -40.42
N ASP FA 52 -54.10 44.92 -40.54
CA ASP FA 52 -55.08 46.01 -40.72
C ASP FA 52 -56.17 45.96 -39.65
N LEU FA 53 -55.80 45.52 -38.46
CA LEU FA 53 -56.66 45.59 -37.28
C LEU FA 53 -56.12 46.67 -36.35
N SER FA 54 -57.03 47.47 -35.77
CA SER FA 54 -56.62 48.62 -34.99
C SER FA 54 -55.69 48.20 -33.85
N ALA FA 55 -54.59 48.96 -33.69
CA ALA FA 55 -53.54 48.55 -32.76
C ALA FA 55 -54.05 48.49 -31.33
N GLU FA 56 -55.08 49.27 -31.01
CA GLU FA 56 -55.69 49.20 -29.69
C GLU FA 56 -56.24 47.80 -29.41
N ASN FA 57 -56.79 47.14 -30.43
CA ASN FA 57 -57.23 45.76 -30.29
C ASN FA 57 -56.07 44.77 -30.33
N LYS FA 58 -55.02 45.06 -31.11
CA LYS FA 58 -53.86 44.18 -31.15
C LYS FA 58 -53.19 44.11 -29.78
N GLU FA 59 -53.18 45.22 -29.05
CA GLU FA 59 -52.59 45.20 -27.72
C GLU FA 59 -53.41 44.33 -26.76
N TYR FA 60 -54.74 44.34 -26.90
CA TYR FA 60 -55.56 43.43 -26.09
C TYR FA 60 -55.26 41.98 -26.44
N ILE FA 61 -55.12 41.67 -27.73
CA ILE FA 61 -54.77 40.31 -28.12
C ILE FA 61 -53.45 39.90 -27.48
N ASN FA 62 -52.46 40.77 -27.55
CA ASN FA 62 -51.15 40.45 -26.99
C ASN FA 62 -51.21 40.30 -25.47
N LEU FA 63 -52.04 41.08 -24.80
CA LEU FA 63 -52.25 40.88 -23.37
C LEU FA 63 -52.80 39.49 -23.09
N ALA FA 64 -53.81 39.09 -23.87
CA ALA FA 64 -54.42 37.78 -23.64
C ALA FA 64 -53.47 36.63 -23.94
N LEU FA 65 -52.55 36.82 -24.90
CA LEU FA 65 -51.61 35.74 -25.24
C LEU FA 65 -50.65 35.40 -24.11
N MET FA 66 -50.43 36.29 -23.15
CA MET FA 66 -49.54 35.98 -22.04
C MET FA 66 -50.27 35.15 -20.98
N GLY FA 67 -49.57 34.14 -20.46
CA GLY FA 67 -50.11 33.30 -19.42
C GLY FA 67 -49.20 33.28 -18.20
N ASN FA 68 -49.70 32.69 -17.13
CA ASN FA 68 -48.94 32.69 -15.87
C ASN FA 68 -47.80 31.68 -15.91
N VAL FA 69 -48.13 30.39 -16.00
CA VAL FA 69 -47.13 29.35 -16.07
C VAL FA 69 -47.11 28.67 -17.43
N ASN FA 70 -48.25 28.60 -18.11
CA ASN FA 70 -48.35 28.11 -19.47
C ASN FA 70 -49.06 29.15 -20.32
N THR FA 71 -48.77 29.15 -21.60
CA THR FA 71 -49.51 30.00 -22.49
C THR FA 71 -50.89 29.40 -22.79
N PRO FA 72 -51.89 30.24 -23.04
CA PRO FA 72 -53.22 29.71 -23.36
C PRO FA 72 -53.20 28.81 -24.59
N ASN FA 73 -54.05 27.79 -24.57
CA ASN FA 73 -54.08 26.82 -25.65
C ASN FA 73 -54.48 27.47 -26.97
N LYS FA 74 -55.52 28.29 -26.95
CA LYS FA 74 -56.07 28.86 -28.17
C LYS FA 74 -56.88 30.09 -27.80
N LEU FA 75 -57.13 30.93 -28.78
CA LEU FA 75 -57.90 32.16 -28.57
C LEU FA 75 -58.90 32.31 -29.71
N LEU FA 76 -60.15 32.60 -29.36
CA LEU FA 76 -61.23 32.83 -30.32
C LEU FA 76 -61.67 34.28 -30.22
N VAL FA 77 -61.33 35.09 -31.21
CA VAL FA 77 -61.78 36.47 -31.28
C VAL FA 77 -62.94 36.57 -32.26
N TYR FA 78 -64.05 37.13 -31.81
CA TYR FA 78 -65.23 37.34 -32.62
C TYR FA 78 -65.51 38.84 -32.71
N VAL FA 79 -65.32 39.41 -33.89
CA VAL FA 79 -65.45 40.84 -34.10
C VAL FA 79 -66.89 41.17 -34.46
N ILE FA 80 -67.36 42.31 -33.98
CA ILE FA 80 -68.76 42.72 -34.11
C ILE FA 80 -68.79 44.18 -34.55
N GLU FA 81 -69.75 44.51 -35.41
CA GLU FA 81 -69.96 45.91 -35.79
C GLU FA 81 -70.48 46.71 -34.61
N GLY FA 82 -70.08 47.99 -34.57
CA GLY FA 82 -70.48 48.85 -33.46
C GLY FA 82 -71.98 49.02 -33.36
N GLU FA 83 -72.67 49.06 -34.50
CA GLU FA 83 -74.12 49.19 -34.49
C GLU FA 83 -74.80 47.87 -34.15
N ALA FA 84 -74.19 46.74 -34.52
CA ALA FA 84 -74.81 45.45 -34.32
C ALA FA 84 -74.91 45.10 -32.84
N ASP FA 85 -75.96 44.35 -32.50
CA ASP FA 85 -76.18 43.92 -31.13
C ASP FA 85 -75.24 42.78 -30.76
N ILE FA 86 -74.94 42.67 -29.46
CA ILE FA 86 -74.10 41.59 -28.96
C ILE FA 86 -74.86 40.27 -28.92
N GLN FA 87 -76.20 40.31 -28.99
CA GLN FA 87 -76.98 39.08 -28.92
C GLN FA 87 -76.62 38.12 -30.05
N THR FA 88 -76.33 38.66 -31.24
CA THR FA 88 -75.90 37.80 -32.33
C THR FA 88 -74.58 37.11 -32.01
N ALA FA 89 -73.64 37.85 -31.40
CA ALA FA 89 -72.36 37.24 -31.02
C ALA FA 89 -72.56 36.15 -29.98
N LEU FA 90 -73.42 36.39 -28.99
CA LEU FA 90 -73.68 35.38 -27.98
C LEU FA 90 -74.35 34.14 -28.57
N ASP FA 91 -75.33 34.35 -29.46
CA ASP FA 91 -76.00 33.24 -30.12
C ASP FA 91 -75.01 32.42 -30.94
N PHE FA 92 -74.09 33.09 -31.63
CA PHE FA 92 -73.06 32.36 -32.36
C PHE FA 92 -72.15 31.59 -31.42
N LEU FA 93 -71.74 32.21 -30.31
CA LEU FA 93 -70.77 31.57 -29.42
C LEU FA 93 -71.37 30.42 -28.63
N GLU FA 94 -72.70 30.35 -28.52
CA GLU FA 94 -73.32 29.24 -27.79
C GLU FA 94 -72.84 27.89 -28.29
N THR FA 95 -72.71 27.74 -29.61
CA THR FA 95 -72.36 26.43 -30.17
C THR FA 95 -70.90 26.09 -29.95
N LYS FA 96 -70.01 27.08 -30.07
CA LYS FA 96 -68.58 26.84 -29.88
C LYS FA 96 -68.30 26.54 -28.41
N GLU FA 97 -67.13 25.97 -28.16
CA GLU FA 97 -66.71 25.58 -26.82
C GLU FA 97 -65.55 26.45 -26.36
N PHE FA 98 -65.58 26.81 -25.08
CA PHE FA 98 -64.57 27.68 -24.47
C PHE FA 98 -64.71 27.58 -22.96
N ASN FA 99 -63.85 28.30 -22.25
CA ASN FA 99 -63.90 28.37 -20.80
C ASN FA 99 -64.24 29.76 -20.27
N TYR FA 100 -63.50 30.77 -20.69
CA TYR FA 100 -63.66 32.12 -20.19
C TYR FA 100 -63.97 33.05 -21.33
N LEU FA 101 -64.85 34.02 -21.08
CA LEU FA 101 -65.27 35.00 -22.06
C LEU FA 101 -65.02 36.40 -21.50
N CYS FA 102 -64.32 37.22 -22.27
CA CYS FA 102 -64.02 38.58 -21.86
C CYS FA 102 -64.29 39.56 -23.01
N MET FA 103 -64.74 40.76 -22.64
CA MET FA 103 -65.05 41.82 -23.59
C MET FA 103 -64.40 43.11 -23.12
N PRO FA 104 -63.29 43.54 -23.72
CA PRO FA 104 -62.58 44.72 -23.21
C PRO FA 104 -63.40 45.99 -23.21
N LYS FA 105 -64.33 46.15 -24.15
CA LYS FA 105 -65.22 47.30 -24.19
C LYS FA 105 -66.65 46.83 -23.94
N ALA FA 106 -67.31 47.44 -22.97
CA ALA FA 106 -68.64 46.99 -22.59
C ALA FA 106 -69.36 48.09 -21.83
N VAL FA 107 -70.57 48.41 -22.27
CA VAL FA 107 -71.46 49.31 -21.54
C VAL FA 107 -72.17 48.51 -20.46
N GLU FA 108 -72.89 49.21 -19.58
CA GLU FA 108 -73.62 48.54 -18.51
C GLU FA 108 -74.63 47.53 -19.08
N ALA FA 109 -75.36 47.91 -20.13
CA ALA FA 109 -76.34 47.00 -20.71
C ALA FA 109 -75.66 45.78 -21.32
N ASP FA 110 -74.50 45.96 -21.94
CA ASP FA 110 -73.76 44.84 -22.50
C ASP FA 110 -73.34 43.87 -21.40
N LYS FA 111 -72.84 44.39 -20.28
CA LYS FA 111 -72.46 43.53 -19.17
C LYS FA 111 -73.67 42.80 -18.60
N THR FA 112 -74.82 43.49 -18.50
CA THR FA 112 -76.02 42.83 -18.01
C THR FA 112 -76.44 41.69 -18.93
N ALA FA 113 -76.37 41.92 -20.25
CA ALA FA 113 -76.72 40.87 -21.19
C ALA FA 113 -75.78 39.68 -21.06
N ILE FA 114 -74.48 39.94 -20.94
CA ILE FA 114 -73.53 38.84 -20.79
C ILE FA 114 -73.80 38.06 -19.51
N LYS FA 115 -74.07 38.76 -18.42
CA LYS FA 115 -74.35 38.09 -17.15
C LYS FA 115 -75.58 37.20 -17.27
N ASN FA 116 -76.67 37.73 -17.82
CA ASN FA 116 -77.89 36.94 -17.95
C ASN FA 116 -77.67 35.72 -18.84
N TRP FA 117 -76.95 35.91 -19.95
CA TRP FA 117 -76.64 34.80 -20.85
C TRP FA 117 -75.84 33.72 -20.14
N ILE FA 118 -74.83 34.11 -19.38
CA ILE FA 118 -74.01 33.12 -18.67
C ILE FA 118 -74.86 32.36 -17.65
N ILE FA 119 -75.69 33.08 -16.90
CA ILE FA 119 -76.53 32.43 -15.90
C ILE FA 119 -77.44 31.40 -16.55
N LYS FA 120 -78.13 31.81 -17.61
CA LYS FA 120 -79.05 30.89 -18.29
C LYS FA 120 -78.33 29.68 -18.85
N LEU FA 121 -77.26 29.92 -19.62
CA LEU FA 121 -76.54 28.83 -20.25
C LEU FA 121 -75.94 27.89 -19.21
N ARG FA 122 -75.65 28.38 -18.01
CA ARG FA 122 -75.04 27.53 -17.01
C ARG FA 122 -76.08 26.68 -16.28
N ASP FA 123 -77.09 27.30 -15.67
CA ASP FA 123 -77.93 26.53 -14.78
C ASP FA 123 -79.11 25.83 -15.46
N ILE FA 124 -79.57 26.30 -16.61
CA ILE FA 124 -80.70 25.69 -17.32
C ILE FA 124 -80.24 24.75 -18.41
N ASP FA 125 -79.35 25.21 -19.29
CA ASP FA 125 -78.87 24.37 -20.39
C ASP FA 125 -77.72 23.47 -19.99
N LYS FA 126 -77.24 23.57 -18.74
CA LYS FA 126 -76.18 22.71 -18.22
C LYS FA 126 -74.93 22.76 -19.11
N VAL FA 127 -74.53 23.98 -19.48
CA VAL FA 127 -73.31 24.22 -20.23
C VAL FA 127 -72.39 25.04 -19.34
N LYS FA 128 -71.18 24.52 -19.10
CA LYS FA 128 -70.27 25.09 -18.11
C LYS FA 128 -69.41 26.16 -18.78
N VAL FA 129 -69.76 27.43 -18.54
CA VAL FA 129 -69.02 28.56 -19.09
C VAL FA 129 -68.90 29.63 -18.00
N LYS FA 130 -67.85 30.43 -18.10
CA LYS FA 130 -67.57 31.49 -17.13
C LYS FA 130 -67.22 32.77 -17.87
N ALA FA 131 -67.37 33.90 -17.17
CA ALA FA 131 -67.08 35.20 -17.74
C ALA FA 131 -66.34 36.06 -16.73
N VAL FA 132 -65.36 36.83 -17.21
CA VAL FA 132 -64.61 37.77 -16.40
C VAL FA 132 -65.10 39.17 -16.74
N LEU FA 133 -65.73 39.83 -15.78
CA LEU FA 133 -66.34 41.13 -16.00
C LEU FA 133 -65.83 42.14 -14.97
N GLY FA 134 -65.91 43.42 -15.33
CA GLY FA 134 -65.45 44.50 -14.48
C GLY FA 134 -66.61 45.21 -13.80
N LYS FA 135 -66.53 45.29 -12.48
CA LYS FA 135 -67.48 46.06 -11.66
C LYS FA 135 -68.91 45.58 -11.84
N VAL FA 136 -69.09 44.26 -11.93
CA VAL FA 136 -70.42 43.65 -12.04
C VAL FA 136 -70.65 42.75 -10.83
N VAL FA 137 -71.74 42.98 -10.11
CA VAL FA 137 -72.10 42.17 -8.96
C VAL FA 137 -72.97 41.03 -9.47
N GLY FA 138 -72.37 39.85 -9.63
CA GLY FA 138 -73.07 38.72 -10.22
C GLY FA 138 -73.69 37.77 -9.22
N ASN FA 139 -73.06 37.61 -8.06
CA ASN FA 139 -73.52 36.68 -7.03
C ASN FA 139 -73.66 35.26 -7.58
N HIS FA 140 -72.70 34.86 -8.41
CA HIS FA 140 -72.76 33.55 -9.06
C HIS FA 140 -71.35 33.01 -9.21
N GLU FA 141 -71.25 31.68 -9.35
CA GLU FA 141 -69.96 31.04 -9.52
C GLU FA 141 -69.40 31.27 -10.92
N GLY FA 142 -70.25 31.50 -11.90
CA GLY FA 142 -69.79 31.70 -13.26
C GLY FA 142 -69.32 33.09 -13.59
N ILE FA 143 -69.31 34.01 -12.63
CA ILE FA 143 -68.96 35.40 -12.86
C ILE FA 143 -67.74 35.74 -12.02
N ILE FA 144 -66.73 36.32 -12.66
CA ILE FA 144 -65.54 36.84 -12.00
C ILE FA 144 -65.59 38.36 -12.05
N ASN FA 145 -65.49 39.00 -10.88
CA ASN FA 145 -65.62 40.44 -10.76
C ASN FA 145 -64.25 41.03 -10.46
N PHE FA 146 -63.64 41.67 -11.45
CA PHE FA 146 -62.32 42.29 -11.31
C PHE FA 146 -62.51 43.79 -11.16
N THR FA 147 -62.22 44.33 -9.97
CA THR FA 147 -62.46 45.73 -9.66
C THR FA 147 -61.15 46.39 -9.22
N THR FA 148 -60.40 46.89 -10.20
CA THR FA 148 -59.20 47.69 -9.94
C THR FA 148 -59.10 48.74 -11.02
N GLU FA 149 -59.13 50.02 -10.63
CA GLU FA 149 -59.40 51.09 -11.58
C GLU FA 149 -58.27 51.25 -12.60
N ASP FA 150 -57.07 51.63 -12.13
CA ASP FA 150 -56.00 52.03 -13.02
C ASP FA 150 -54.82 51.08 -12.89
N VAL FA 151 -54.33 50.58 -14.02
CA VAL FA 151 -53.20 49.67 -14.06
C VAL FA 151 -52.20 50.23 -15.04
N LEU FA 152 -51.00 50.55 -14.56
CA LEU FA 152 -49.97 51.17 -15.38
C LEU FA 152 -49.03 50.09 -15.89
N VAL FA 153 -49.10 49.81 -17.18
CA VAL FA 153 -48.26 48.81 -17.83
C VAL FA 153 -47.37 49.55 -18.82
N GLY FA 154 -46.05 49.40 -18.66
CA GLY FA 154 -45.14 50.17 -19.48
C GLY FA 154 -45.25 51.66 -19.20
N GLU FA 155 -45.87 52.38 -20.13
CA GLU FA 155 -46.09 53.81 -19.97
C GLU FA 155 -47.55 54.22 -20.14
N LYS FA 156 -48.45 53.28 -20.37
CA LYS FA 156 -49.85 53.58 -20.65
C LYS FA 156 -50.74 52.95 -19.58
N LYS FA 157 -51.90 53.55 -19.37
CA LYS FA 157 -52.83 53.12 -18.34
C LYS FA 157 -54.01 52.39 -18.97
N TYR FA 158 -54.29 51.20 -18.46
CA TYR FA 158 -55.45 50.42 -18.85
C TYR FA 158 -56.56 50.61 -17.83
N SER FA 159 -57.81 50.57 -18.28
CA SER FA 159 -58.94 50.74 -17.39
C SER FA 159 -59.34 49.40 -16.80
N VAL FA 160 -60.41 49.41 -15.99
CA VAL FA 160 -60.85 48.20 -15.31
C VAL FA 160 -61.36 47.17 -16.32
N ASP FA 161 -61.84 47.61 -17.48
CA ASP FA 161 -62.40 46.70 -18.47
C ASP FA 161 -61.38 46.21 -19.47
N GLU FA 162 -60.35 47.01 -19.76
CA GLU FA 162 -59.34 46.61 -20.72
C GLU FA 162 -58.40 45.55 -20.16
N PHE FA 163 -58.32 45.41 -18.83
CA PHE FA 163 -57.43 44.46 -18.20
C PHE FA 163 -58.07 43.09 -17.98
N THR FA 164 -59.38 42.95 -18.23
CA THR FA 164 -60.00 41.64 -18.07
C THR FA 164 -59.42 40.62 -19.03
N SER FA 165 -58.88 41.07 -20.17
CA SER FA 165 -58.19 40.17 -21.07
C SER FA 165 -56.95 39.58 -20.39
N ARG FA 166 -56.19 40.42 -19.70
CA ARG FA 166 -55.01 39.94 -18.99
C ARG FA 166 -55.41 38.97 -17.88
N VAL FA 167 -56.49 39.27 -17.15
CA VAL FA 167 -56.92 38.40 -16.07
C VAL FA 167 -57.39 37.05 -16.60
N ALA FA 168 -58.14 37.06 -17.71
CA ALA FA 168 -58.57 35.81 -18.31
C ALA FA 168 -57.40 34.98 -18.79
N GLY FA 169 -56.40 35.62 -19.42
CA GLY FA 169 -55.21 34.90 -19.80
C GLY FA 169 -54.47 34.34 -18.60
N LEU FA 170 -54.41 35.10 -17.52
CA LEU FA 170 -53.77 34.62 -16.28
C LEU FA 170 -54.46 33.37 -15.75
N ILE FA 171 -55.79 33.41 -15.66
CA ILE FA 171 -56.52 32.28 -15.10
C ILE FA 171 -56.42 31.07 -16.01
N ALA FA 172 -56.42 31.28 -17.32
CA ALA FA 172 -56.40 30.15 -18.25
C ALA FA 172 -55.03 29.48 -18.29
N GLY FA 173 -53.95 30.22 -18.00
CA GLY FA 173 -52.61 29.70 -18.06
C GLY FA 173 -52.06 29.13 -16.77
N THR FA 174 -52.87 29.00 -15.74
CA THR FA 174 -52.44 28.43 -14.47
C THR FA 174 -52.77 26.95 -14.40
N PRO FA 175 -51.82 26.10 -14.04
CA PRO FA 175 -52.13 24.67 -13.87
C PRO FA 175 -53.15 24.47 -12.77
N LEU FA 176 -53.97 23.42 -12.92
CA LEU FA 176 -55.05 23.18 -11.98
C LEU FA 176 -54.55 22.69 -10.63
N SER FA 177 -53.30 22.25 -10.53
CA SER FA 177 -52.76 21.86 -9.23
C SER FA 177 -52.45 23.07 -8.36
N GLN FA 178 -52.41 24.25 -8.95
CA GLN FA 178 -52.12 25.49 -8.23
C GLN FA 178 -53.41 26.28 -8.03
N SER FA 179 -53.27 27.44 -7.41
CA SER FA 179 -54.34 28.42 -7.34
C SER FA 179 -53.79 29.77 -7.75
N VAL FA 180 -54.70 30.65 -8.18
CA VAL FA 180 -54.30 31.96 -8.69
C VAL FA 180 -53.98 32.95 -7.58
N THR FA 181 -54.19 32.57 -6.32
CA THR FA 181 -53.91 33.45 -5.20
C THR FA 181 -52.43 33.81 -5.13
N TYR FA 182 -52.15 35.10 -4.92
CA TYR FA 182 -50.79 35.60 -4.71
C TYR FA 182 -49.91 35.42 -5.95
N THR FA 183 -50.50 35.38 -7.14
CA THR FA 183 -49.72 35.36 -8.37
C THR FA 183 -49.29 36.77 -8.73
N LYS FA 184 -47.99 36.96 -8.93
CA LYS FA 184 -47.44 38.30 -9.14
C LYS FA 184 -47.30 38.60 -10.63
N LEU FA 185 -47.55 39.85 -10.99
CA LEU FA 185 -47.50 40.32 -12.37
C LEU FA 185 -46.26 41.19 -12.54
N SER FA 186 -45.37 40.80 -13.45
CA SER FA 186 -44.18 41.61 -13.71
C SER FA 186 -44.50 42.85 -14.53
N ASP FA 187 -45.53 42.78 -15.38
CA ASP FA 187 -45.85 43.89 -16.27
C ASP FA 187 -46.27 45.14 -15.49
N VAL FA 188 -47.09 44.96 -14.46
CA VAL FA 188 -47.65 46.09 -13.74
C VAL FA 188 -46.56 46.84 -13.00
N VAL FA 189 -46.50 48.15 -13.20
CA VAL FA 189 -45.50 48.98 -12.53
C VAL FA 189 -46.01 49.49 -11.20
N ASP FA 190 -47.23 50.02 -11.17
CA ASP FA 190 -47.81 50.50 -9.92
C ASP FA 190 -49.33 50.59 -10.06
N ILE FA 191 -49.99 50.68 -8.90
CA ILE FA 191 -51.45 50.75 -8.82
C ILE FA 191 -51.83 51.83 -7.82
N PRO FA 192 -53.06 52.31 -7.88
CA PRO FA 192 -53.51 53.30 -6.89
C PRO FA 192 -53.37 52.76 -5.48
N LYS FA 193 -52.88 53.61 -4.57
CA LYS FA 193 -52.66 53.18 -3.21
C LYS FA 193 -53.98 52.87 -2.52
N MET FA 194 -53.97 51.84 -1.68
CA MET FA 194 -55.16 51.41 -0.98
C MET FA 194 -54.75 50.71 0.29
N THR FA 195 -55.59 50.82 1.31
CA THR FA 195 -55.24 50.30 2.63
C THR FA 195 -55.55 48.81 2.72
N LYS FA 196 -55.14 48.22 3.85
CA LYS FA 196 -55.39 46.79 4.07
C LYS FA 196 -56.83 46.53 4.47
N VAL FA 197 -57.42 47.40 5.28
CA VAL FA 197 -58.81 47.21 5.71
C VAL FA 197 -59.75 47.31 4.52
N ASP FA 198 -59.49 48.26 3.62
CA ASP FA 198 -60.28 48.36 2.40
C ASP FA 198 -60.13 47.10 1.55
N ALA FA 199 -58.91 46.56 1.47
CA ALA FA 199 -58.70 45.33 0.71
C ALA FA 199 -59.48 44.17 1.30
N GLU FA 200 -59.47 44.04 2.63
CA GLU FA 200 -60.22 42.97 3.26
C GLU FA 200 -61.72 43.12 3.02
N SER FA 201 -62.23 44.35 3.12
CA SER FA 201 -63.65 44.56 2.88
C SER FA 201 -64.01 44.24 1.43
N ARG FA 202 -63.16 44.64 0.48
CA ARG FA 202 -63.43 44.36 -0.92
C ARG FA 202 -63.41 42.87 -1.20
N VAL FA 203 -62.45 42.15 -0.60
CA VAL FA 203 -62.37 40.71 -0.80
C VAL FA 203 -63.59 40.02 -0.21
N ASN FA 204 -64.06 40.49 0.95
CA ASN FA 204 -65.27 39.92 1.55
C ASN FA 204 -66.47 40.09 0.64
N LYS FA 205 -66.51 41.16 -0.16
CA LYS FA 205 -67.62 41.37 -1.08
C LYS FA 205 -67.58 40.42 -2.28
N GLY FA 206 -66.49 39.70 -2.49
CA GLY FA 206 -66.38 38.78 -3.59
C GLY FA 206 -65.71 39.32 -4.82
N GLU FA 207 -64.82 40.30 -4.68
CA GLU FA 207 -64.15 40.91 -5.82
C GLU FA 207 -62.73 40.38 -5.97
N LEU FA 208 -62.27 40.32 -7.21
CA LEU FA 208 -60.90 39.95 -7.54
C LEU FA 208 -60.09 41.23 -7.73
N ILE FA 209 -59.12 41.47 -6.86
CA ILE FA 209 -58.40 42.73 -6.82
C ILE FA 209 -56.90 42.46 -6.91
N LEU FA 210 -56.15 43.54 -7.15
CA LEU FA 210 -54.70 43.54 -7.13
C LEU FA 210 -54.22 44.32 -5.92
N ILE FA 211 -53.18 43.79 -5.25
CA ILE FA 211 -52.59 44.44 -4.09
C ILE FA 211 -51.08 44.47 -4.26
N LYS FA 212 -50.44 45.32 -3.47
CA LYS FA 212 -48.99 45.41 -3.39
C LYS FA 212 -48.56 44.76 -2.08
N GLU FA 213 -47.97 43.58 -2.15
CA GLU FA 213 -47.64 42.82 -0.96
C GLU FA 213 -46.36 42.03 -1.18
N ALA FA 214 -45.53 42.00 -0.14
CA ALA FA 214 -44.26 41.25 -0.15
C ALA FA 214 -43.35 41.68 -1.29
N GLY FA 215 -43.27 42.99 -1.52
CA GLY FA 215 -42.38 43.53 -2.52
C GLY FA 215 -42.71 43.18 -3.95
N ALA FA 216 -44.00 43.08 -4.28
CA ALA FA 216 -44.44 42.83 -5.65
C ALA FA 216 -45.93 43.11 -5.74
N ILE FA 217 -46.40 43.31 -6.96
CA ILE FA 217 -47.81 43.49 -7.25
C ILE FA 217 -48.41 42.15 -7.63
N ARG FA 218 -49.47 41.75 -6.94
CA ARG FA 218 -50.05 40.42 -7.10
C ARG FA 218 -51.52 40.51 -6.75
N ILE FA 219 -52.27 39.47 -7.13
CA ILE FA 219 -53.68 39.46 -6.79
C ILE FA 219 -53.85 38.96 -5.37
N ALA FA 220 -54.98 39.32 -4.75
CA ALA FA 220 -55.18 39.05 -3.34
C ALA FA 220 -55.64 37.61 -3.11
N ARG FA 221 -56.78 37.23 -3.66
CA ARG FA 221 -57.31 35.90 -3.44
C ARG FA 221 -58.16 35.47 -4.63
N GLY FA 222 -58.11 34.19 -4.94
CA GLY FA 222 -58.84 33.63 -6.07
C GLY FA 222 -60.28 33.28 -5.77
N VAL FA 223 -61.14 34.29 -5.68
CA VAL FA 223 -62.55 34.08 -5.37
C VAL FA 223 -63.38 34.54 -6.56
N ASN FA 224 -64.56 33.94 -6.71
CA ASN FA 224 -65.53 34.39 -7.68
C ASN FA 224 -66.58 35.28 -6.99
N SER FA 225 -67.65 35.59 -7.71
CA SER FA 225 -68.61 36.58 -7.24
C SER FA 225 -69.61 36.06 -6.22
N LEU FA 226 -69.74 34.74 -6.08
CA LEU FA 226 -70.77 34.19 -5.21
C LEU FA 226 -70.53 34.59 -3.76
N THR FA 227 -71.57 35.11 -3.11
CA THR FA 227 -71.47 35.56 -1.73
C THR FA 227 -72.57 34.97 -0.86
N GLU FA 228 -73.74 34.72 -1.44
CA GLU FA 228 -74.86 34.17 -0.71
C GLU FA 228 -74.77 32.65 -0.73
N LEU FA 229 -74.58 32.05 0.44
CA LEU FA 229 -74.40 30.61 0.56
C LEU FA 229 -75.69 29.99 1.09
N THR FA 230 -76.15 28.93 0.43
CA THR FA 230 -77.32 28.18 0.86
C THR FA 230 -76.87 26.83 1.41
N ALA FA 231 -77.84 26.00 1.78
CA ALA FA 231 -77.52 24.66 2.26
C ALA FA 231 -76.95 23.80 1.14
N GLU FA 232 -77.38 24.02 -0.10
CA GLU FA 232 -76.88 23.24 -1.22
C GLU FA 232 -75.47 23.67 -1.62
N LYS FA 233 -75.21 24.97 -1.63
CA LYS FA 233 -73.93 25.52 -2.07
C LYS FA 233 -73.10 25.93 -0.86
N GLY FA 234 -72.05 25.17 -0.58
CA GLY FA 234 -71.17 25.48 0.53
C GLY FA 234 -70.16 26.55 0.19
N GLU FA 235 -69.27 26.81 1.14
CA GLU FA 235 -68.22 27.80 0.94
C GLU FA 235 -67.18 27.34 -0.08
N MET FA 236 -67.15 26.05 -0.42
CA MET FA 236 -66.19 25.55 -1.39
C MET FA 236 -66.49 26.04 -2.80
N PHE FA 237 -67.71 26.50 -3.06
CA PHE FA 237 -68.07 27.01 -4.38
C PHE FA 237 -67.61 28.44 -4.59
N GLN FA 238 -67.00 29.07 -3.59
CA GLN FA 238 -66.49 30.43 -3.73
C GLN FA 238 -65.08 30.48 -4.29
N LYS FA 239 -64.43 29.33 -4.46
CA LYS FA 239 -63.06 29.28 -4.96
C LYS FA 239 -63.05 28.99 -6.45
N ILE FA 240 -62.16 29.66 -7.17
CA ILE FA 240 -62.05 29.46 -8.61
C ILE FA 240 -61.53 28.06 -8.92
N LYS FA 241 -60.57 27.58 -8.13
CA LYS FA 241 -59.95 26.29 -8.38
C LYS FA 241 -60.96 25.15 -8.27
N ILE FA 242 -61.83 25.19 -7.26
CA ILE FA 242 -62.81 24.13 -7.07
C ILE FA 242 -63.77 24.07 -8.25
N VAL FA 243 -64.26 25.23 -8.68
CA VAL FA 243 -65.20 25.29 -9.79
C VAL FA 243 -64.54 24.81 -11.08
N ASP FA 244 -63.29 25.19 -11.31
CA ASP FA 244 -62.58 24.73 -12.50
C ASP FA 244 -62.42 23.21 -12.50
N THR FA 245 -62.06 22.64 -11.34
CA THR FA 245 -61.91 21.18 -11.27
C THR FA 245 -63.24 20.48 -11.55
N LEU FA 246 -64.32 20.97 -10.96
CA LEU FA 246 -65.63 20.37 -11.21
C LEU FA 246 -66.00 20.45 -12.68
N ASP FA 247 -65.72 21.59 -13.32
CA ASP FA 247 -66.07 21.76 -14.72
C ASP FA 247 -65.27 20.82 -15.61
N ILE FA 248 -63.98 20.66 -15.34
CA ILE FA 248 -63.17 19.77 -16.18
C ILE FA 248 -63.63 18.32 -15.99
N ILE FA 249 -64.01 17.95 -14.77
CA ILE FA 249 -64.51 16.59 -14.55
C ILE FA 249 -65.78 16.35 -15.35
N HIS FA 250 -66.71 17.31 -15.28
CA HIS FA 250 -67.94 17.21 -16.05
C HIS FA 250 -67.66 17.05 -17.54
N SER FA 251 -66.80 17.92 -18.08
CA SER FA 251 -66.52 17.89 -19.51
C SER FA 251 -65.89 16.57 -19.94
N ASP FA 252 -64.92 16.07 -19.17
CA ASP FA 252 -64.22 14.85 -19.58
C ASP FA 252 -65.11 13.63 -19.50
N ILE FA 253 -65.88 13.48 -18.43
CA ILE FA 253 -66.76 12.31 -18.33
C ILE FA 253 -67.81 12.35 -19.44
N ARG FA 254 -68.34 13.54 -19.72
CA ARG FA 254 -69.29 13.67 -20.82
C ARG FA 254 -68.66 13.27 -22.15
N LYS FA 255 -67.42 13.69 -22.39
CA LYS FA 255 -66.75 13.35 -23.63
C LYS FA 255 -66.60 11.85 -23.78
N VAL FA 256 -66.15 11.18 -22.72
CA VAL FA 256 -65.99 9.72 -22.76
C VAL FA 256 -67.32 9.04 -23.08
N ILE FA 257 -68.36 9.41 -22.34
CA ILE FA 257 -69.65 8.74 -22.50
C ILE FA 257 -70.19 8.94 -23.92
N ILE FA 258 -70.13 10.18 -24.41
CA ILE FA 258 -70.68 10.46 -25.74
C ILE FA 258 -69.86 9.77 -26.82
N ASP FA 259 -68.54 9.71 -26.65
CA ASP FA 259 -67.70 9.16 -27.70
C ASP FA 259 -67.84 7.65 -27.81
N ASP FA 260 -67.96 6.94 -26.68
CA ASP FA 260 -67.79 5.49 -26.74
C ASP FA 260 -69.06 4.68 -26.50
N TYR FA 261 -70.14 5.26 -26.00
CA TYR FA 261 -71.24 4.44 -25.50
C TYR FA 261 -72.64 4.83 -25.98
N ILE FA 262 -72.88 6.08 -26.37
CA ILE FA 262 -74.23 6.50 -26.72
C ILE FA 262 -74.59 5.93 -28.09
N GLY FA 263 -75.58 5.05 -28.13
CA GLY FA 263 -76.09 4.52 -29.37
C GLY FA 263 -75.24 3.46 -30.02
N LYS FA 264 -74.11 3.07 -29.42
CA LYS FA 264 -73.24 2.06 -29.98
C LYS FA 264 -73.29 0.73 -29.24
N VAL FA 265 -73.86 0.70 -28.04
CA VAL FA 265 -73.86 -0.48 -27.19
C VAL FA 265 -75.28 -0.77 -26.75
N THR FA 266 -75.65 -2.05 -26.72
CA THR FA 266 -76.94 -2.44 -26.17
C THR FA 266 -76.94 -2.30 -24.65
N ASN FA 267 -78.14 -2.13 -24.09
CA ASN FA 267 -78.29 -1.85 -22.67
C ASN FA 267 -78.44 -3.16 -21.91
N SER FA 268 -77.35 -3.62 -21.32
CA SER FA 268 -77.35 -4.81 -20.48
C SER FA 268 -76.45 -4.55 -19.28
N TYR FA 269 -76.53 -5.45 -18.29
CA TYR FA 269 -75.77 -5.28 -17.06
C TYR FA 269 -74.27 -5.32 -17.31
N ASP FA 270 -73.83 -6.19 -18.22
CA ASP FA 270 -72.41 -6.33 -18.49
C ASP FA 270 -71.81 -5.05 -19.07
N ASN FA 271 -72.54 -4.40 -19.98
CA ASN FA 271 -72.06 -3.15 -20.55
C ASN FA 271 -72.07 -2.03 -19.51
N LYS FA 272 -73.02 -2.07 -18.57
CA LYS FA 272 -72.98 -1.14 -17.45
C LYS FA 272 -71.72 -1.32 -16.63
N CYS FA 273 -71.32 -2.57 -16.38
CA CYS FA 273 -70.08 -2.81 -15.66
C CYS FA 273 -68.88 -2.29 -16.44
N LEU FA 274 -68.89 -2.47 -17.76
CA LEU FA 274 -67.80 -1.93 -18.59
C LEU FA 274 -67.70 -0.41 -18.47
N LEU FA 275 -68.84 0.28 -18.55
CA LEU FA 275 -68.85 1.73 -18.40
C LEU FA 275 -68.36 2.17 -17.03
N ILE FA 276 -68.74 1.43 -15.99
CA ILE FA 276 -68.28 1.75 -14.64
C ILE FA 276 -66.76 1.63 -14.57
N VAL FA 277 -66.20 0.57 -15.18
CA VAL FA 277 -64.76 0.38 -15.15
C VAL FA 277 -64.05 1.55 -15.85
N ALA FA 278 -64.59 1.99 -16.98
CA ALA FA 278 -63.98 3.11 -17.69
C ALA FA 278 -63.99 4.39 -16.86
N ILE FA 279 -65.14 4.69 -16.23
CA ILE FA 279 -65.24 5.92 -15.44
C ILE FA 279 -64.31 5.86 -14.24
N LYS FA 280 -64.21 4.69 -13.61
CA LYS FA 280 -63.29 4.53 -12.49
C LYS FA 280 -61.84 4.73 -12.93
N SER FA 281 -61.50 4.26 -14.12
CA SER FA 281 -60.16 4.47 -14.63
C SER FA 281 -59.85 5.95 -14.80
N TYR FA 282 -60.81 6.71 -15.33
CA TYR FA 282 -60.59 8.15 -15.48
C TYR FA 282 -60.42 8.81 -14.11
N LEU FA 283 -61.22 8.41 -13.13
CA LEU FA 283 -61.09 8.99 -11.80
C LEU FA 283 -59.73 8.68 -11.18
N GLU FA 284 -59.22 7.46 -11.39
CA GLU FA 284 -57.89 7.14 -10.89
C GLU FA 284 -56.81 7.96 -11.59
N GLU FA 285 -56.98 8.21 -12.88
CA GLU FA 285 -56.08 9.11 -13.59
C GLU FA 285 -56.04 10.47 -12.90
N LEU FA 286 -57.22 11.00 -12.54
CA LEU FA 286 -57.24 12.26 -11.81
C LEU FA 286 -56.60 12.13 -10.43
N GLU FA 287 -56.77 10.98 -9.79
CA GLU FA 287 -56.22 10.76 -8.45
C GLU FA 287 -54.70 10.81 -8.46
N LYS FA 288 -54.06 10.27 -9.49
CA LYS FA 288 -52.60 10.25 -9.51
C LYS FA 288 -52.03 11.67 -9.52
N SER FA 289 -52.65 12.57 -10.27
CA SER FA 289 -52.34 13.98 -10.14
C SER FA 289 -52.86 14.50 -8.80
N ALA FA 290 -52.53 15.73 -8.48
CA ALA FA 290 -52.87 16.30 -7.19
C ALA FA 290 -54.27 16.90 -7.14
N LEU FA 291 -55.18 16.47 -8.00
CA LEU FA 291 -56.46 17.16 -8.14
C LEU FA 291 -57.49 16.70 -7.12
N ILE FA 292 -57.60 15.39 -6.89
CA ILE FA 292 -58.61 14.84 -5.99
C ILE FA 292 -57.98 13.84 -5.05
N GLU FA 293 -58.77 13.39 -4.07
CA GLU FA 293 -58.31 12.50 -3.02
C GLU FA 293 -58.16 11.07 -3.54
N SER FA 294 -57.57 10.22 -2.70
CA SER FA 294 -57.08 8.92 -3.15
C SER FA 294 -58.20 7.90 -3.36
N ASP FA 295 -59.21 7.88 -2.49
CA ASP FA 295 -60.23 6.85 -2.54
C ASP FA 295 -61.51 7.41 -3.16
N SER FA 296 -61.93 6.80 -4.28
CA SER FA 296 -63.15 7.19 -4.96
C SER FA 296 -63.89 5.93 -5.38
N THR FA 297 -65.20 6.05 -5.51
CA THR FA 297 -66.04 4.91 -5.83
C THR FA 297 -67.01 5.27 -6.95
N VAL FA 298 -67.25 4.32 -7.84
CA VAL FA 298 -68.31 4.38 -8.83
C VAL FA 298 -69.17 3.13 -8.65
N GLU FA 299 -70.49 3.31 -8.61
CA GLU FA 299 -71.37 2.23 -8.21
C GLU FA 299 -72.70 2.38 -8.95
N ILE FA 300 -73.46 1.28 -8.98
CA ILE FA 300 -74.82 1.32 -9.51
C ILE FA 300 -75.73 2.00 -8.50
N ASP FA 301 -76.60 2.87 -8.98
CA ASP FA 301 -77.55 3.57 -8.12
C ASP FA 301 -78.78 2.69 -7.91
N PHE FA 302 -78.91 2.13 -6.71
CA PHE FA 302 -79.97 1.17 -6.43
C PHE FA 302 -81.33 1.85 -6.29
N GLU FA 303 -81.39 2.98 -5.57
CA GLU FA 303 -82.67 3.63 -5.32
C GLU FA 303 -83.27 4.21 -6.59
N ALA FA 304 -82.44 4.78 -7.46
CA ALA FA 304 -82.96 5.32 -8.72
C ALA FA 304 -83.56 4.22 -9.59
N GLN FA 305 -82.89 3.07 -9.67
CA GLN FA 305 -83.42 1.95 -10.41
C GLN FA 305 -84.72 1.45 -9.79
N LYS FA 306 -84.78 1.39 -8.46
CA LYS FA 306 -86.01 0.98 -7.78
C LYS FA 306 -87.16 1.93 -8.12
N SER FA 307 -86.90 3.23 -8.10
CA SER FA 307 -87.95 4.20 -8.41
C SER FA 307 -88.41 4.07 -9.86
N TYR FA 308 -87.47 3.89 -10.79
CA TYR FA 308 -87.86 3.72 -12.18
C TYR FA 308 -88.71 2.47 -12.38
N LEU FA 309 -88.34 1.37 -11.73
CA LEU FA 309 -89.12 0.15 -11.83
C LEU FA 309 -90.51 0.32 -11.23
N LYS FA 310 -90.59 1.02 -10.10
CA LYS FA 310 -91.91 1.31 -9.51
C LYS FA 310 -92.75 2.14 -10.46
N SER FA 311 -92.15 3.14 -11.09
CA SER FA 311 -92.90 3.99 -12.03
C SER FA 311 -93.41 3.17 -13.21
N LYS FA 312 -92.61 2.22 -13.69
CA LYS FA 312 -93.06 1.36 -14.77
C LYS FA 312 -94.12 0.36 -14.33
N GLY FA 313 -94.37 0.23 -13.03
CA GLY FA 313 -95.40 -0.66 -12.53
C GLY FA 313 -94.95 -2.07 -12.22
N VAL FA 314 -93.66 -2.35 -12.34
CA VAL FA 314 -93.15 -3.69 -12.05
C VAL FA 314 -93.33 -4.02 -10.58
N ASP FA 315 -93.57 -5.29 -10.28
CA ASP FA 315 -93.79 -5.75 -8.92
C ASP FA 315 -92.44 -5.95 -8.22
N LEU FA 316 -92.19 -5.15 -7.19
CA LEU FA 316 -90.89 -5.15 -6.51
C LEU FA 316 -90.82 -6.14 -5.36
N SER FA 317 -91.96 -6.55 -4.80
CA SER FA 317 -91.93 -7.36 -3.57
C SER FA 317 -91.37 -8.75 -3.83
N TYR FA 318 -91.73 -9.37 -4.94
CA TYR FA 318 -91.31 -10.74 -5.19
C TYR FA 318 -89.84 -10.85 -5.58
N MET FA 319 -89.27 -9.81 -6.17
CA MET FA 319 -87.94 -9.90 -6.74
C MET FA 319 -86.88 -9.83 -5.64
N THR FA 320 -85.65 -10.18 -6.01
CA THR FA 320 -84.50 -10.20 -5.13
C THR FA 320 -83.58 -9.01 -5.44
N LEU FA 321 -82.68 -8.73 -4.51
CA LEU FA 321 -81.76 -7.60 -4.68
C LEU FA 321 -80.92 -7.76 -5.94
N GLN FA 322 -80.37 -8.95 -6.17
CA GLN FA 322 -79.65 -9.18 -7.41
C GLN FA 322 -80.56 -9.03 -8.62
N GLU FA 323 -81.81 -9.51 -8.51
CA GLU FA 323 -82.77 -9.36 -9.59
C GLU FA 323 -83.09 -7.89 -9.83
N ILE FA 324 -83.17 -7.08 -8.77
CA ILE FA 324 -83.39 -5.66 -8.93
C ILE FA 324 -82.22 -5.01 -9.64
N LYS FA 325 -81.00 -5.39 -9.25
CA LYS FA 325 -79.80 -4.79 -9.84
C LYS FA 325 -79.72 -5.05 -11.34
N GLU FA 326 -80.05 -6.26 -11.78
CA GLU FA 326 -79.86 -6.67 -13.16
C GLU FA 326 -81.11 -6.54 -14.01
N ALA FA 327 -82.15 -5.87 -13.53
CA ALA FA 327 -83.36 -5.70 -14.30
C ALA FA 327 -83.13 -4.80 -15.50
N ASN FA 328 -83.86 -5.06 -16.58
CA ASN FA 328 -83.77 -4.25 -17.78
C ASN FA 328 -84.54 -2.94 -17.57
N THR FA 329 -83.89 -1.82 -17.89
CA THR FA 329 -84.47 -0.50 -17.64
C THR FA 329 -84.75 0.27 -18.92
N GLY FA 330 -84.59 -0.36 -20.08
CA GLY FA 330 -84.98 0.27 -21.33
C GLY FA 330 -84.24 1.54 -21.68
N SER FA 331 -82.96 1.42 -22.03
CA SER FA 331 -82.16 2.50 -22.60
C SER FA 331 -81.85 3.61 -21.61
N LYS FA 332 -81.90 3.33 -20.30
CA LYS FA 332 -81.57 4.32 -19.28
C LYS FA 332 -80.61 3.72 -18.28
N VAL FA 333 -79.67 4.53 -17.79
CA VAL FA 333 -78.63 4.10 -16.86
C VAL FA 333 -78.62 5.02 -15.66
N PHE FA 334 -78.40 4.44 -14.48
CA PHE FA 334 -78.29 5.20 -13.24
C PHE FA 334 -76.99 4.81 -12.54
N LEU FA 335 -76.19 5.79 -12.14
CA LEU FA 335 -74.91 5.55 -11.49
C LEU FA 335 -74.71 6.52 -10.34
N LYS FA 336 -73.76 6.19 -9.47
CA LYS FA 336 -73.39 7.01 -8.32
C LYS FA 336 -71.88 7.08 -8.24
N ALA FA 337 -71.39 8.12 -7.56
CA ALA FA 337 -69.95 8.27 -7.38
C ALA FA 337 -69.68 9.13 -6.15
N LYS FA 338 -68.45 9.04 -5.64
CA LYS FA 338 -68.00 9.81 -4.50
C LYS FA 338 -66.57 10.28 -4.74
N ILE FA 339 -66.35 11.60 -4.64
CA ILE FA 339 -65.03 12.18 -4.78
C ILE FA 339 -64.82 13.22 -3.69
N LYS FA 340 -63.57 13.61 -3.51
CA LYS FA 340 -63.20 14.71 -2.63
C LYS FA 340 -62.17 15.56 -3.35
N VAL FA 341 -62.42 16.86 -3.43
CA VAL FA 341 -61.63 17.77 -4.25
C VAL FA 341 -60.63 18.51 -3.37
N LEU FA 342 -59.38 18.54 -3.80
CA LEU FA 342 -58.31 19.20 -3.06
C LEU FA 342 -58.34 20.71 -3.27
N ASP FA 343 -57.80 21.43 -2.29
CA ASP FA 343 -57.69 22.87 -2.35
C ASP FA 343 -56.25 23.28 -2.06
N ALA FA 344 -55.86 24.43 -2.61
CA ALA FA 344 -54.50 24.93 -2.46
C ALA FA 344 -54.26 25.45 -1.04
N MET FA 345 -52.99 25.52 -0.66
CA MET FA 345 -52.61 26.03 0.65
C MET FA 345 -52.56 27.55 0.60
N GLU FA 346 -53.33 28.21 1.46
CA GLU FA 346 -53.43 29.66 1.46
C GLU FA 346 -53.32 30.29 2.84
N ASP FA 347 -53.27 29.51 3.92
CA ASP FA 347 -53.15 30.04 5.26
C ASP FA 347 -52.22 29.14 6.07
N ILE FA 348 -51.56 29.73 7.05
CA ILE FA 348 -50.63 29.01 7.91
C ILE FA 348 -50.99 29.29 9.36
N ASP FA 349 -51.15 28.22 10.15
CA ASP FA 349 -51.45 28.30 11.58
C ASP FA 349 -50.27 27.70 12.34
N LEU FA 350 -49.55 28.53 13.08
CA LEU FA 350 -48.40 28.07 13.84
C LEU FA 350 -48.73 28.06 15.33
N SER FA 351 -48.44 26.95 15.98
CA SER FA 351 -48.53 26.82 17.43
C SER FA 351 -47.11 26.66 17.97
N ILE FA 352 -46.61 27.68 18.65
CA ILE FA 352 -45.24 27.71 19.12
C ILE FA 352 -45.23 27.42 20.61
N GLU FA 353 -44.52 26.36 20.98
CA GLU FA 353 -44.36 25.98 22.38
C GLU FA 353 -43.13 26.65 22.96
N ILE FA 354 -43.32 27.24 24.14
CA ILE FA 354 -42.32 27.98 24.93
C ILE FA 354 -41.47 28.86 24.02
N ASN GA 3 -107.46 -45.03 -10.90
CA ASN GA 3 -107.32 -44.42 -12.21
C ASN GA 3 -106.36 -45.22 -13.10
N MET GA 4 -105.48 -45.99 -12.48
CA MET GA 4 -104.49 -46.75 -13.21
C MET GA 4 -105.10 -48.09 -13.65
N GLU GA 5 -105.16 -48.30 -14.95
CA GLU GA 5 -105.63 -49.54 -15.54
C GLU GA 5 -104.54 -50.12 -16.45
N ALA GA 6 -104.60 -51.44 -16.66
CA ALA GA 6 -103.58 -52.09 -17.47
C ALA GA 6 -103.64 -51.66 -18.92
N ARG GA 7 -104.79 -51.18 -19.41
CA ARG GA 7 -104.89 -50.76 -20.80
C ARG GA 7 -104.11 -49.47 -21.08
N ASN GA 8 -103.84 -48.67 -20.05
CA ASN GA 8 -103.24 -47.36 -20.25
C ASN GA 8 -101.73 -47.42 -20.49
N VAL GA 9 -101.10 -48.58 -20.39
CA VAL GA 9 -99.67 -48.68 -20.63
C VAL GA 9 -99.40 -48.56 -22.12
N MET GA 10 -98.49 -47.65 -22.49
CA MET GA 10 -98.21 -47.40 -23.89
C MET GA 10 -97.43 -48.55 -24.51
N SER GA 11 -97.82 -48.93 -25.72
CA SER GA 11 -97.19 -50.03 -26.44
C SER GA 11 -96.22 -49.46 -27.48
N GLY GA 12 -95.09 -50.15 -27.66
CA GLY GA 12 -94.07 -49.68 -28.56
C GLY GA 12 -94.46 -49.75 -30.03
N THR GA 13 -95.46 -50.55 -30.36
CA THR GA 13 -95.91 -50.66 -31.75
C THR GA 13 -96.49 -49.37 -32.27
N TRP GA 14 -96.97 -48.50 -31.39
CA TRP GA 14 -97.52 -47.20 -31.80
C TRP GA 14 -96.48 -46.09 -31.72
N GLY GA 15 -95.33 -46.30 -32.34
CA GLY GA 15 -94.26 -45.32 -32.35
C GLY GA 15 -93.87 -44.94 -33.77
N GLU GA 16 -93.58 -43.66 -33.97
CA GLU GA 16 -93.17 -43.13 -35.27
C GLU GA 16 -91.94 -42.24 -35.09
N LEU GA 17 -91.17 -42.10 -36.16
CA LEU GA 17 -89.93 -41.33 -36.10
C LEU GA 17 -89.73 -40.56 -37.39
N TRP GA 18 -89.37 -39.29 -37.27
CA TRP GA 18 -88.96 -38.46 -38.39
C TRP GA 18 -87.49 -38.11 -38.22
N LEU GA 19 -86.68 -38.41 -39.21
CA LEU GA 19 -85.25 -38.11 -39.20
C LEU GA 19 -84.93 -37.20 -40.36
N ASP GA 20 -84.40 -36.00 -40.05
CA ASP GA 20 -84.10 -34.98 -41.05
C ASP GA 20 -85.33 -34.57 -41.84
N GLY GA 21 -86.49 -34.61 -41.20
CA GLY GA 21 -87.73 -34.22 -41.84
C GLY GA 21 -88.39 -35.28 -42.69
N ASN GA 22 -87.80 -36.47 -42.78
CA ASN GA 22 -88.35 -37.56 -43.59
C ASN GA 22 -88.78 -38.69 -42.67
N LYS GA 23 -89.98 -39.20 -42.90
CA LYS GA 23 -90.47 -40.31 -42.10
C LYS GA 23 -89.70 -41.58 -42.42
N VAL GA 24 -89.34 -42.33 -41.37
CA VAL GA 24 -88.67 -43.61 -41.50
C VAL GA 24 -89.63 -44.70 -41.04
N ALA GA 25 -90.06 -45.55 -41.98
CA ALA GA 25 -91.08 -46.55 -41.71
C ALA GA 25 -90.50 -47.89 -41.31
N GLU GA 26 -89.20 -48.11 -41.49
CA GLU GA 26 -88.56 -49.34 -41.10
C GLU GA 26 -87.95 -49.30 -39.71
N VAL GA 27 -88.29 -48.29 -38.91
CA VAL GA 27 -87.72 -48.16 -37.58
C VAL GA 27 -88.21 -49.31 -36.70
N LYS GA 28 -87.30 -49.86 -35.90
CA LYS GA 28 -87.62 -50.91 -34.93
C LYS GA 28 -87.70 -50.38 -33.50
N LYS GA 29 -86.73 -49.58 -33.07
CA LYS GA 29 -86.79 -49.00 -31.75
C LYS GA 29 -86.01 -47.68 -31.74
N PHE GA 30 -86.40 -46.80 -30.82
CA PHE GA 30 -85.78 -45.50 -30.64
C PHE GA 30 -85.57 -45.23 -29.17
N GLN GA 31 -84.49 -44.51 -28.85
CA GLN GA 31 -84.15 -44.23 -27.48
C GLN GA 31 -83.29 -42.97 -27.42
N ALA GA 32 -83.47 -42.19 -26.36
CA ALA GA 32 -82.72 -40.96 -26.14
C ALA GA 32 -82.54 -40.74 -24.65
N LYS GA 33 -81.35 -40.31 -24.25
CA LYS GA 33 -80.98 -40.38 -22.86
C LYS GA 33 -80.05 -39.24 -22.46
N MET GA 34 -80.37 -38.63 -21.32
CA MET GA 34 -79.52 -37.62 -20.67
C MET GA 34 -79.04 -38.15 -19.34
N GLU GA 35 -77.72 -38.25 -19.17
CA GLU GA 35 -77.12 -38.79 -17.95
C GLU GA 35 -76.42 -37.68 -17.20
N PHE GA 36 -76.87 -37.41 -15.97
CA PHE GA 36 -76.35 -36.29 -15.20
C PHE GA 36 -74.95 -36.58 -14.69
N THR GA 37 -74.11 -35.55 -14.69
CA THR GA 37 -72.79 -35.62 -14.08
C THR GA 37 -72.88 -35.11 -12.65
N LYS GA 38 -72.39 -35.90 -11.71
CA LYS GA 38 -72.49 -35.58 -10.29
C LYS GA 38 -71.12 -35.73 -9.64
N GLU GA 39 -70.88 -34.90 -8.62
CA GLU GA 39 -69.62 -34.89 -7.89
C GLU GA 39 -69.89 -35.08 -6.41
N ASP GA 40 -69.20 -36.02 -5.79
CA ASP GA 40 -69.34 -36.25 -4.36
C ASP GA 40 -68.73 -35.09 -3.59
N ILE GA 41 -69.42 -34.65 -2.55
CA ILE GA 41 -68.92 -33.60 -1.65
C ILE GA 41 -69.18 -34.02 -0.22
N ILE GA 42 -68.12 -34.09 0.58
CA ILE GA 42 -68.21 -34.43 1.99
C ILE GA 42 -68.18 -33.14 2.80
N ILE GA 43 -69.13 -33.00 3.71
CA ILE GA 43 -69.31 -31.81 4.53
C ILE GA 43 -68.98 -32.15 5.97
N ALA GA 44 -68.27 -31.24 6.65
CA ALA GA 44 -67.85 -31.48 8.02
C ALA GA 44 -69.05 -31.62 8.95
N GLY GA 45 -68.99 -32.60 9.84
CA GLY GA 45 -70.04 -32.82 10.81
C GLY GA 45 -71.23 -33.62 10.33
N GLN GA 46 -71.20 -34.12 9.10
CA GLN GA 46 -72.33 -34.80 8.49
C GLN GA 46 -71.91 -36.17 8.01
N MET GA 47 -72.66 -37.21 8.38
CA MET GA 47 -72.27 -38.58 8.06
C MET GA 47 -72.63 -38.96 6.62
N GLY GA 48 -73.68 -38.37 6.06
CA GLY GA 48 -74.11 -38.69 4.71
C GLY GA 48 -73.42 -37.83 3.68
N THR GA 49 -72.95 -38.47 2.61
CA THR GA 49 -72.25 -37.78 1.53
C THR GA 49 -73.24 -37.23 0.52
N ASP GA 50 -73.11 -35.94 0.20
CA ASP GA 50 -73.99 -35.27 -0.74
C ASP GA 50 -73.30 -35.11 -2.09
N THR GA 51 -74.02 -34.52 -3.04
CA THR GA 51 -73.52 -34.39 -4.41
C THR GA 51 -73.82 -33.00 -4.95
N LYS GA 52 -73.06 -32.61 -5.97
CA LYS GA 52 -73.27 -31.38 -6.71
C LYS GA 52 -73.51 -31.72 -8.18
N TYR GA 53 -74.49 -31.07 -8.79
CA TYR GA 53 -74.86 -31.32 -10.18
C TYR GA 53 -74.02 -30.45 -11.11
N MET GA 54 -73.40 -31.08 -12.11
CA MET GA 54 -72.45 -30.40 -12.97
C MET GA 54 -72.87 -30.29 -14.43
N GLY GA 55 -73.78 -31.14 -14.89
CA GLY GA 55 -74.17 -31.13 -16.29
C GLY GA 55 -74.68 -32.50 -16.70
N TYR GA 56 -74.86 -32.66 -18.02
CA TYR GA 56 -75.38 -33.91 -18.53
C TYR GA 56 -74.77 -34.22 -19.89
N LYS GA 57 -74.87 -35.48 -20.29
CA LYS GA 57 -74.49 -35.96 -21.61
C LYS GA 57 -75.66 -36.67 -22.25
N GLY GA 58 -75.98 -36.30 -23.49
CA GLY GA 58 -77.12 -36.89 -24.17
C GLY GA 58 -76.74 -38.08 -25.04
N LYS GA 59 -77.37 -39.24 -24.80
CA LYS GA 59 -77.04 -40.46 -25.52
C LYS GA 59 -78.30 -41.10 -26.05
N GLY GA 60 -78.17 -41.83 -27.16
CA GLY GA 60 -79.32 -42.50 -27.73
C GLY GA 60 -78.89 -43.49 -28.80
N SER GA 61 -79.88 -44.17 -29.36
CA SER GA 61 -79.63 -45.19 -30.37
C SER GA 61 -80.88 -45.38 -31.22
N ILE GA 62 -80.66 -45.87 -32.44
CA ILE GA 62 -81.74 -46.22 -33.36
C ILE GA 62 -81.47 -47.60 -33.93
N THR GA 63 -82.51 -48.41 -34.03
CA THR GA 63 -82.44 -49.71 -34.68
C THR GA 63 -83.51 -49.78 -35.76
N LEU GA 64 -83.14 -50.19 -36.96
CA LEU GA 64 -84.08 -50.24 -38.06
C LEU GA 64 -83.75 -51.43 -38.96
N TYR GA 65 -84.77 -51.92 -39.66
CA TYR GA 65 -84.59 -53.00 -40.60
C TYR GA 65 -83.79 -52.51 -41.81
N HIS GA 66 -83.00 -53.42 -42.39
CA HIS GA 66 -82.16 -53.08 -43.53
C HIS GA 66 -83.01 -53.17 -44.80
N VAL GA 67 -83.51 -52.02 -45.25
CA VAL GA 67 -84.35 -51.94 -46.43
C VAL GA 67 -83.68 -51.13 -47.53
N SER GA 68 -82.98 -50.05 -47.19
CA SER GA 68 -82.33 -49.20 -48.17
C SER GA 68 -81.05 -48.64 -47.58
N SER GA 69 -80.39 -47.77 -48.34
CA SER GA 69 -79.13 -47.15 -47.91
C SER GA 69 -79.44 -45.73 -47.42
N ARG GA 70 -79.94 -45.64 -46.20
CA ARG GA 70 -80.29 -44.35 -45.62
C ARG GA 70 -79.07 -43.66 -44.98
N MET GA 71 -78.38 -44.36 -44.08
CA MET GA 71 -77.27 -43.76 -43.37
C MET GA 71 -76.10 -43.47 -44.31
N HIS GA 72 -75.86 -44.34 -45.28
CA HIS GA 72 -74.85 -44.08 -46.30
C HIS GA 72 -75.06 -42.71 -46.92
N LYS GA 73 -76.23 -42.50 -47.54
CA LYS GA 73 -76.54 -41.22 -48.16
C LYS GA 73 -76.50 -40.08 -47.16
N LEU GA 74 -76.85 -40.34 -45.90
CA LEU GA 74 -76.88 -39.27 -44.92
C LEU GA 74 -75.48 -38.75 -44.61
N ILE GA 75 -74.52 -39.65 -44.38
CA ILE GA 75 -73.28 -39.17 -43.76
C ILE GA 75 -71.97 -39.57 -44.43
N GLY GA 76 -71.99 -40.54 -45.35
CA GLY GA 76 -70.75 -41.14 -45.82
C GLY GA 76 -69.71 -40.21 -46.44
N GLU GA 77 -70.06 -39.57 -47.55
CA GLU GA 77 -69.11 -38.72 -48.26
C GLU GA 77 -68.66 -37.56 -47.39
N LYS GA 78 -69.60 -36.94 -46.67
CA LYS GA 78 -69.25 -35.80 -45.82
C LYS GA 78 -68.28 -36.22 -44.72
N ILE GA 79 -68.51 -37.39 -44.12
CA ILE GA 79 -67.60 -37.86 -43.07
C ILE GA 79 -66.22 -38.12 -43.65
N LYS GA 80 -66.15 -38.68 -44.85
CA LYS GA 80 -64.85 -38.87 -45.49
C LYS GA 80 -64.14 -37.54 -45.70
N ARG GA 81 -64.87 -36.52 -46.16
CA ARG GA 81 -64.25 -35.23 -46.44
C ARG GA 81 -63.73 -34.54 -45.18
N GLY GA 82 -64.33 -34.82 -44.02
CA GLY GA 82 -63.97 -34.15 -42.79
C GLY GA 82 -65.02 -33.22 -42.23
N SER GA 83 -66.21 -33.17 -42.82
CA SER GA 83 -67.30 -32.32 -42.34
C SER GA 83 -68.36 -33.18 -41.67
N GLU GA 84 -68.69 -32.85 -40.41
CA GLU GA 84 -69.62 -33.64 -39.64
C GLU GA 84 -70.99 -32.98 -39.62
N PRO GA 85 -72.02 -33.59 -40.18
CA PRO GA 85 -73.36 -33.01 -40.15
C PRO GA 85 -74.06 -33.23 -38.82
N ARG GA 86 -75.13 -32.48 -38.61
CA ARG GA 86 -75.98 -32.59 -37.44
C ARG GA 86 -77.44 -32.65 -37.87
N PHE GA 87 -78.24 -33.40 -37.14
CA PHE GA 87 -79.61 -33.71 -37.54
C PHE GA 87 -80.59 -33.43 -36.42
N VAL GA 88 -81.88 -33.52 -36.76
CA VAL GA 88 -82.97 -33.36 -35.83
C VAL GA 88 -83.89 -34.57 -35.99
N ALA GA 89 -84.28 -35.18 -34.87
CA ALA GA 89 -85.21 -36.30 -34.88
C ALA GA 89 -86.46 -35.94 -34.10
N ILE GA 90 -87.60 -36.45 -34.57
CA ILE GA 90 -88.88 -36.25 -33.91
C ILE GA 90 -89.49 -37.62 -33.67
N SER GA 91 -89.84 -37.90 -32.41
CA SER GA 91 -90.40 -39.19 -32.02
C SER GA 91 -91.81 -38.99 -31.48
N LYS GA 92 -92.73 -39.82 -31.93
CA LYS GA 92 -94.13 -39.75 -31.53
C LYS GA 92 -94.57 -41.09 -30.98
N LEU GA 93 -95.33 -41.04 -29.88
CA LEU GA 93 -95.88 -42.24 -29.25
C LEU GA 93 -97.36 -41.97 -28.99
N ASN GA 94 -98.24 -42.67 -29.72
CA ASN GA 94 -99.68 -42.41 -29.66
C ASN GA 94 -100.44 -43.73 -29.65
N ASP GA 95 -100.73 -44.24 -28.46
CA ASP GA 95 -101.51 -45.46 -28.23
C ASP GA 95 -102.97 -45.09 -28.03
N PRO GA 96 -103.89 -45.67 -28.81
CA PRO GA 96 -105.32 -45.31 -28.66
C PRO GA 96 -105.88 -45.55 -27.27
N ASP GA 97 -105.32 -46.50 -26.51
CA ASP GA 97 -105.83 -46.79 -25.18
C ASP GA 97 -105.25 -45.88 -24.10
N SER GA 98 -104.26 -45.05 -24.41
CA SER GA 98 -103.62 -44.22 -23.41
C SER GA 98 -104.35 -42.87 -23.28
N TYR GA 99 -103.87 -42.07 -22.32
CA TYR GA 99 -104.47 -40.76 -22.10
C TYR GA 99 -104.23 -39.83 -23.28
N GLY GA 100 -103.04 -39.87 -23.86
CA GLY GA 100 -102.72 -38.98 -24.96
C GLY GA 100 -101.42 -39.37 -25.62
N ALA GA 101 -100.93 -38.48 -26.47
CA ALA GA 101 -99.70 -38.70 -27.22
C ALA GA 101 -98.51 -38.05 -26.54
N GLU GA 102 -97.32 -38.43 -27.01
CA GLU GA 102 -96.06 -37.84 -26.57
C GLU GA 102 -95.19 -37.58 -27.79
N ARG GA 103 -94.74 -36.34 -27.96
CA ARG GA 103 -94.01 -35.95 -29.16
C ARG GA 103 -92.81 -35.08 -28.75
N ILE GA 104 -91.63 -35.66 -28.74
CA ILE GA 104 -90.41 -34.98 -28.34
C ILE GA 104 -89.48 -34.83 -29.53
N ALA GA 105 -88.88 -33.65 -29.67
CA ALA GA 105 -87.90 -33.38 -30.72
C ALA GA 105 -86.51 -33.35 -30.11
N VAL GA 106 -85.59 -34.09 -30.71
CA VAL GA 106 -84.20 -34.18 -30.26
C VAL GA 106 -83.30 -33.48 -31.27
N LYS GA 107 -82.40 -32.62 -30.79
CA LYS GA 107 -81.66 -31.72 -31.64
C LYS GA 107 -80.15 -31.87 -31.45
N ASN GA 108 -79.41 -31.48 -32.48
CA ASN GA 108 -77.95 -31.50 -32.50
C ASN GA 108 -77.41 -32.93 -32.38
N ILE GA 109 -77.95 -33.80 -33.22
CA ILE GA 109 -77.60 -35.22 -33.17
C ILE GA 109 -76.34 -35.46 -33.99
N ALA GA 110 -75.38 -36.14 -33.39
CA ALA GA 110 -74.15 -36.56 -34.05
C ALA GA 110 -74.01 -38.07 -33.91
N PHE GA 111 -73.88 -38.78 -35.02
CA PHE GA 111 -73.85 -40.22 -35.00
C PHE GA 111 -72.47 -40.73 -34.59
N ASP GA 112 -72.42 -42.00 -34.19
CA ASP GA 112 -71.22 -42.59 -33.62
C ASP GA 112 -70.44 -43.48 -34.57
N ASP GA 113 -71.08 -44.08 -35.57
CA ASP GA 113 -70.40 -44.99 -36.48
C ASP GA 113 -71.19 -45.06 -37.77
N LEU GA 114 -70.66 -45.82 -38.73
CA LEU GA 114 -71.32 -46.07 -40.00
C LEU GA 114 -71.11 -47.54 -40.36
N THR GA 115 -72.21 -48.29 -40.44
CA THR GA 115 -72.16 -49.70 -40.82
C THR GA 115 -72.25 -49.79 -42.33
N LEU GA 116 -71.17 -50.27 -42.96
CA LEU GA 116 -71.17 -50.39 -44.42
C LEU GA 116 -71.83 -51.70 -44.86
N ALA GA 117 -71.41 -52.82 -44.30
CA ALA GA 117 -71.97 -54.11 -44.67
C ALA GA 117 -72.01 -55.01 -43.44
N ASP GA 118 -73.11 -55.74 -43.30
CA ASP GA 118 -73.24 -56.71 -42.21
C ASP GA 118 -74.29 -57.73 -42.65
N TRP GA 119 -73.85 -58.91 -43.06
CA TRP GA 119 -74.79 -59.96 -43.43
C TRP GA 119 -74.21 -61.33 -43.10
N GLU GA 120 -75.10 -62.25 -42.79
CA GLU GA 120 -74.77 -63.64 -42.55
C GLU GA 120 -75.83 -64.51 -43.23
N VAL GA 121 -75.43 -65.66 -43.75
CA VAL GA 121 -76.39 -66.53 -44.42
C VAL GA 121 -77.44 -67.01 -43.42
N GLY GA 122 -78.70 -66.96 -43.84
CA GLY GA 122 -79.79 -67.40 -43.01
C GLY GA 122 -80.24 -66.46 -41.93
N VAL GA 123 -79.86 -65.18 -42.01
CA VAL GA 123 -80.21 -64.18 -41.00
C VAL GA 123 -80.74 -62.94 -41.72
N LYS GA 124 -81.83 -62.38 -41.22
CA LYS GA 124 -82.36 -61.14 -41.77
C LYS GA 124 -81.51 -59.97 -41.30
N GLY GA 125 -81.51 -58.90 -42.11
CA GLY GA 125 -80.63 -57.77 -41.88
C GLY GA 125 -81.22 -56.72 -40.97
N GLU GA 126 -80.38 -56.21 -40.06
CA GLU GA 126 -80.75 -55.15 -39.14
C GLU GA 126 -79.57 -54.21 -38.97
N ILE GA 127 -79.87 -52.97 -38.58
CA ILE GA 127 -78.84 -51.94 -38.40
C ILE GA 127 -79.08 -51.23 -37.08
N GLU GA 128 -78.01 -51.10 -36.29
CA GLU GA 128 -78.04 -50.33 -35.04
C GLU GA 128 -77.14 -49.12 -35.18
N ALA GA 129 -77.63 -47.96 -34.76
CA ALA GA 129 -76.92 -46.69 -34.93
C ALA GA 129 -77.01 -45.85 -33.66
N PRO GA 130 -75.95 -45.79 -32.87
CA PRO GA 130 -75.94 -44.89 -31.71
C PRO GA 130 -75.59 -43.46 -32.09
N PHE GA 131 -75.89 -42.55 -31.17
CA PHE GA 131 -75.64 -41.13 -31.43
C PHE GA 131 -75.48 -40.39 -30.11
N THR GA 132 -75.23 -39.08 -30.24
CA THR GA 132 -75.11 -38.16 -29.13
C THR GA 132 -75.90 -36.90 -29.46
N PHE GA 133 -76.45 -36.25 -28.43
CA PHE GA 133 -77.22 -35.03 -28.63
C PHE GA 133 -77.06 -34.11 -27.43
N THR GA 134 -77.43 -32.84 -27.60
CA THR GA 134 -77.29 -31.84 -26.55
C THR GA 134 -78.55 -31.04 -26.24
N GLU GA 135 -79.63 -31.19 -26.99
CA GLU GA 135 -80.81 -30.36 -26.80
C GLU GA 135 -82.08 -31.16 -27.09
N TYR GA 136 -83.20 -30.67 -26.59
CA TYR GA 136 -84.51 -31.19 -26.99
C TYR GA 136 -85.58 -30.17 -26.67
N ASP GA 137 -86.81 -30.49 -27.11
CA ASP GA 137 -87.98 -29.66 -26.89
C ASP GA 137 -89.19 -30.55 -26.65
N PHE GA 138 -90.11 -30.09 -25.81
CA PHE GA 138 -91.34 -30.81 -25.51
C PHE GA 138 -92.48 -30.33 -26.41
N LEU GA 139 -93.15 -31.27 -27.06
CA LEU GA 139 -94.42 -31.04 -27.73
C LEU GA 139 -95.38 -32.12 -27.30
N ASP GA 140 -96.67 -31.78 -27.22
CA ASP GA 140 -97.71 -32.76 -26.91
C ASP GA 140 -97.38 -33.58 -25.67
N ILE GA 141 -96.90 -32.92 -24.62
CA ILE GA 141 -96.56 -33.63 -23.40
C ILE GA 141 -97.85 -33.98 -22.66
N ILE GA 142 -97.94 -35.25 -22.22
CA ILE GA 142 -99.14 -35.71 -21.52
C ILE GA 142 -99.28 -35.01 -20.18
N ASN HA 3 -70.91 -16.39 -29.41
CA ASN HA 3 -71.35 -17.77 -29.58
C ASN HA 3 -70.23 -18.63 -30.15
N MET HA 4 -70.00 -19.79 -29.52
CA MET HA 4 -68.97 -20.72 -29.94
C MET HA 4 -69.59 -22.11 -30.11
N GLU HA 5 -69.10 -22.82 -31.11
CA GLU HA 5 -69.52 -24.19 -31.38
C GLU HA 5 -68.35 -25.14 -31.13
N ALA HA 6 -68.68 -26.40 -30.83
CA ALA HA 6 -67.64 -27.40 -30.65
C ALA HA 6 -66.92 -27.70 -31.96
N ARG HA 7 -67.60 -27.56 -33.08
CA ARG HA 7 -67.01 -27.86 -34.39
C ARG HA 7 -65.94 -26.87 -34.80
N ASN HA 8 -65.85 -25.71 -34.14
CA ASN HA 8 -64.92 -24.68 -34.55
C ASN HA 8 -63.52 -24.87 -33.97
N VAL HA 9 -63.31 -25.88 -33.13
CA VAL HA 9 -61.98 -26.14 -32.58
C VAL HA 9 -61.13 -26.82 -33.64
N MET HA 10 -59.95 -26.28 -33.89
CA MET HA 10 -59.09 -26.78 -34.96
C MET HA 10 -58.46 -28.10 -34.55
N SER HA 11 -58.59 -29.10 -35.42
CA SER HA 11 -57.97 -30.40 -35.21
C SER HA 11 -56.58 -30.42 -35.84
N GLY HA 12 -55.63 -31.01 -35.14
CA GLY HA 12 -54.25 -31.00 -35.60
C GLY HA 12 -53.95 -31.92 -36.75
N THR HA 13 -54.88 -32.81 -37.11
CA THR HA 13 -54.69 -33.69 -38.27
C THR HA 13 -54.67 -32.91 -39.57
N TRP HA 14 -55.12 -31.66 -39.58
CA TRP HA 14 -55.22 -30.85 -40.78
C TRP HA 14 -54.05 -29.91 -40.96
N GLY HA 15 -52.98 -30.07 -40.17
CA GLY HA 15 -51.81 -29.24 -40.34
C GLY HA 15 -50.91 -29.69 -41.46
N GLU HA 16 -50.09 -28.76 -41.95
CA GLU HA 16 -49.13 -29.02 -43.00
C GLU HA 16 -47.87 -28.21 -42.75
N LEU HA 17 -46.73 -28.72 -43.23
CA LEU HA 17 -45.44 -28.10 -43.01
C LEU HA 17 -44.60 -28.10 -44.28
N TRP HA 18 -43.98 -26.95 -44.57
CA TRP HA 18 -42.99 -26.81 -45.62
C TRP HA 18 -41.67 -26.42 -44.96
N LEU HA 19 -40.60 -27.11 -45.29
CA LEU HA 19 -39.28 -26.85 -44.72
C LEU HA 19 -38.30 -26.63 -45.85
N ASP HA 20 -37.82 -25.39 -45.98
CA ASP HA 20 -36.92 -24.99 -47.06
C ASP HA 20 -37.55 -25.21 -48.43
N GLY HA 21 -38.86 -24.98 -48.52
CA GLY HA 21 -39.57 -25.06 -49.78
C GLY HA 21 -40.04 -26.44 -50.18
N ASN HA 22 -39.78 -27.47 -49.39
CA ASN HA 22 -40.18 -28.83 -49.70
C ASN HA 22 -41.22 -29.30 -48.70
N LYS HA 23 -42.30 -29.88 -49.21
CA LYS HA 23 -43.36 -30.37 -48.35
C LYS HA 23 -42.90 -31.59 -47.56
N VAL HA 24 -43.27 -31.63 -46.28
CA VAL HA 24 -42.88 -32.69 -45.35
C VAL HA 24 -44.14 -33.46 -45.01
N ALA HA 25 -44.31 -34.64 -45.60
CA ALA HA 25 -45.52 -35.43 -45.41
C ALA HA 25 -45.49 -36.29 -44.16
N GLU HA 26 -44.34 -36.44 -43.52
CA GLU HA 26 -44.20 -37.29 -42.35
C GLU HA 26 -44.21 -36.51 -41.05
N VAL HA 27 -44.65 -35.24 -41.07
CA VAL HA 27 -44.65 -34.42 -39.88
C VAL HA 27 -45.63 -34.97 -38.85
N LYS HA 28 -45.28 -34.84 -37.58
CA LYS HA 28 -46.12 -35.27 -36.47
C LYS HA 28 -46.63 -34.12 -35.61
N LYS HA 29 -45.78 -33.14 -35.29
CA LYS HA 29 -46.24 -31.95 -34.57
C LYS HA 29 -45.27 -30.81 -34.82
N PHE HA 30 -45.77 -29.59 -34.60
CA PHE HA 30 -45.00 -28.38 -34.82
C PHE HA 30 -45.32 -27.36 -33.72
N GLN HA 31 -44.27 -26.75 -33.16
CA GLN HA 31 -44.43 -25.72 -32.14
C GLN HA 31 -43.59 -24.51 -32.50
N ALA HA 32 -44.08 -23.33 -32.15
CA ALA HA 32 -43.34 -22.09 -32.34
C ALA HA 32 -43.90 -21.04 -31.40
N LYS HA 33 -43.04 -20.43 -30.59
CA LYS HA 33 -43.48 -19.55 -29.53
C LYS HA 33 -42.44 -18.45 -29.31
N MET HA 34 -42.92 -17.24 -29.00
CA MET HA 34 -42.08 -16.11 -28.67
C MET HA 34 -42.18 -15.83 -27.18
N GLU HA 35 -41.03 -15.70 -26.51
CA GLU HA 35 -40.96 -15.50 -25.06
C GLU HA 35 -40.40 -14.12 -24.76
N PHE HA 36 -41.10 -13.38 -23.90
CA PHE HA 36 -40.71 -12.02 -23.54
C PHE HA 36 -39.98 -12.01 -22.21
N THR HA 37 -38.94 -11.18 -22.11
CA THR HA 37 -38.15 -11.04 -20.90
C THR HA 37 -38.55 -9.79 -20.15
N LYS HA 38 -38.71 -9.91 -18.83
CA LYS HA 38 -39.20 -8.83 -17.98
C LYS HA 38 -38.19 -8.50 -16.90
N GLU HA 39 -38.25 -7.26 -16.42
CA GLU HA 39 -37.45 -6.81 -15.30
C GLU HA 39 -38.37 -6.21 -14.26
N ASP HA 40 -38.19 -6.62 -13.00
CA ASP HA 40 -39.04 -6.13 -11.92
C ASP HA 40 -38.63 -4.73 -11.49
N ILE HA 41 -39.62 -3.88 -11.25
CA ILE HA 41 -39.40 -2.50 -10.81
C ILE HA 41 -39.94 -2.36 -9.41
N ILE HA 42 -39.07 -1.96 -8.47
CA ILE HA 42 -39.42 -1.80 -7.08
C ILE HA 42 -39.07 -0.38 -6.66
N ILE HA 43 -40.01 0.30 -6.01
CA ILE HA 43 -39.88 1.70 -5.61
C ILE HA 43 -40.01 1.80 -4.10
N ALA HA 44 -39.06 2.48 -3.47
CA ALA HA 44 -39.08 2.64 -2.02
C ALA HA 44 -40.28 3.49 -1.61
N GLY HA 45 -41.02 3.00 -0.62
CA GLY HA 45 -42.21 3.67 -0.15
C GLY HA 45 -43.50 3.20 -0.78
N GLN HA 46 -43.45 2.35 -1.79
CA GLN HA 46 -44.63 1.79 -2.42
C GLN HA 46 -44.60 0.27 -2.28
N MET HA 47 -45.75 -0.32 -1.99
CA MET HA 47 -45.84 -1.75 -1.78
C MET HA 47 -45.83 -2.55 -3.09
N GLY HA 48 -46.44 -2.02 -4.15
CA GLY HA 48 -46.61 -2.81 -5.36
C GLY HA 48 -45.35 -2.91 -6.20
N THR HA 49 -45.29 -3.99 -6.97
CA THR HA 49 -44.16 -4.29 -7.84
C THR HA 49 -44.64 -4.32 -9.29
N ASP HA 50 -43.90 -3.66 -10.18
CA ASP HA 50 -44.23 -3.56 -11.59
C ASP HA 50 -43.11 -4.12 -12.45
N THR HA 51 -43.34 -4.17 -13.76
CA THR HA 51 -42.41 -4.77 -14.71
C THR HA 51 -42.28 -3.90 -15.95
N LYS HA 52 -41.16 -4.09 -16.65
CA LYS HA 52 -40.97 -3.53 -17.99
C LYS HA 52 -40.33 -4.59 -18.88
N TYR HA 53 -40.67 -4.55 -20.17
CA TYR HA 53 -40.13 -5.50 -21.13
C TYR HA 53 -38.69 -5.17 -21.48
N MET HA 54 -37.90 -6.21 -21.71
CA MET HA 54 -36.47 -6.09 -22.03
C MET HA 54 -36.13 -6.61 -23.42
N GLY HA 55 -36.70 -7.73 -23.83
CA GLY HA 55 -36.39 -8.32 -25.12
C GLY HA 55 -37.22 -9.57 -25.30
N TYR HA 56 -37.01 -10.24 -26.43
CA TYR HA 56 -37.76 -11.44 -26.75
C TYR HA 56 -36.86 -12.45 -27.44
N LYS HA 57 -37.29 -13.71 -27.40
CA LYS HA 57 -36.57 -14.82 -28.02
C LYS HA 57 -37.59 -15.82 -28.55
N GLY HA 58 -37.19 -16.59 -29.55
CA GLY HA 58 -38.06 -17.55 -30.20
C GLY HA 58 -37.60 -18.98 -30.00
N LYS HA 59 -38.55 -19.87 -29.73
CA LYS HA 59 -38.26 -21.28 -29.48
C LYS HA 59 -39.33 -22.14 -30.16
N GLY HA 60 -38.95 -23.38 -30.47
CA GLY HA 60 -39.88 -24.30 -31.11
C GLY HA 60 -39.24 -25.66 -31.28
N SER HA 61 -40.00 -26.57 -31.89
CA SER HA 61 -39.51 -27.91 -32.17
C SER HA 61 -40.36 -28.57 -33.23
N ILE HA 62 -39.81 -29.63 -33.84
CA ILE HA 62 -40.50 -30.45 -34.84
C ILE HA 62 -40.35 -31.91 -34.47
N THR HA 63 -41.35 -32.72 -34.85
CA THR HA 63 -41.31 -34.16 -34.67
C THR HA 63 -41.76 -34.82 -35.95
N LEU HA 64 -41.01 -35.84 -36.39
CA LEU HA 64 -41.27 -36.51 -37.66
C LEU HA 64 -41.30 -38.02 -37.47
N TYR HA 65 -42.06 -38.68 -38.33
CA TYR HA 65 -41.89 -40.12 -38.50
C TYR HA 65 -40.60 -40.39 -39.25
N HIS HA 66 -39.93 -41.48 -38.90
CA HIS HA 66 -38.64 -41.81 -39.50
C HIS HA 66 -38.88 -42.66 -40.74
N VAL HA 67 -38.86 -42.02 -41.91
CA VAL HA 67 -38.97 -42.72 -43.17
C VAL HA 67 -37.79 -42.48 -44.10
N SER HA 68 -36.94 -41.51 -43.82
CA SER HA 68 -35.75 -41.24 -44.64
C SER HA 68 -34.82 -40.36 -43.82
N SER HA 69 -33.66 -40.05 -44.40
CA SER HA 69 -32.66 -39.22 -43.72
C SER HA 69 -32.73 -37.79 -44.22
N ARG HA 70 -33.87 -37.14 -43.92
CA ARG HA 70 -34.11 -35.77 -44.38
C ARG HA 70 -33.23 -34.78 -43.65
N MET HA 71 -33.09 -34.91 -42.34
CA MET HA 71 -32.34 -33.92 -41.56
C MET HA 71 -30.87 -33.94 -41.88
N HIS HA 72 -30.29 -35.13 -42.09
CA HIS HA 72 -28.87 -35.19 -42.40
C HIS HA 72 -28.58 -34.54 -43.74
N LYS HA 73 -29.43 -34.80 -44.74
CA LYS HA 73 -29.23 -34.16 -46.04
C LYS HA 73 -29.46 -32.65 -45.95
N LEU HA 74 -30.42 -32.23 -45.13
CA LEU HA 74 -30.67 -30.80 -44.95
C LEU HA 74 -29.46 -30.11 -44.32
N ILE HA 75 -28.87 -30.72 -43.29
CA ILE HA 75 -27.72 -30.12 -42.64
C ILE HA 75 -26.46 -30.39 -43.45
N GLY HA 76 -26.21 -31.66 -43.78
CA GLY HA 76 -25.01 -32.00 -44.52
C GLY HA 76 -23.76 -31.73 -43.70
N GLU HA 77 -22.74 -31.19 -44.38
CA GLU HA 77 -21.50 -30.82 -43.73
C GLU HA 77 -21.44 -29.35 -43.35
N LYS HA 78 -22.56 -28.63 -43.49
CA LYS HA 78 -22.54 -27.18 -43.28
C LYS HA 78 -22.09 -26.83 -41.86
N ILE HA 79 -22.54 -27.60 -40.87
CA ILE HA 79 -22.11 -27.37 -39.50
C ILE HA 79 -20.64 -27.76 -39.33
N LYS HA 80 -20.24 -28.89 -39.91
CA LYS HA 80 -18.88 -29.37 -39.77
C LYS HA 80 -17.87 -28.41 -40.42
N ARG HA 81 -18.21 -27.86 -41.59
CA ARG HA 81 -17.31 -26.97 -42.29
C ARG HA 81 -17.22 -25.59 -41.64
N GLY HA 82 -18.04 -25.30 -40.65
CA GLY HA 82 -17.95 -24.05 -39.94
C GLY HA 82 -18.84 -22.94 -40.44
N SER HA 83 -19.65 -23.18 -41.47
CA SER HA 83 -20.62 -22.20 -41.89
C SER HA 83 -21.80 -22.18 -40.91
N GLU HA 84 -22.69 -21.22 -41.09
CA GLU HA 84 -23.84 -21.03 -40.21
C GLU HA 84 -25.11 -21.14 -41.05
N PRO HA 85 -25.71 -22.32 -41.15
CA PRO HA 85 -26.91 -22.48 -41.97
C PRO HA 85 -28.18 -22.05 -41.24
N ARG HA 86 -29.09 -21.46 -42.01
CA ARG HA 86 -30.38 -20.99 -41.51
C ARG HA 86 -31.48 -21.46 -42.47
N PHE HA 87 -32.69 -21.59 -41.95
CA PHE HA 87 -33.78 -22.18 -42.72
C PHE HA 87 -35.07 -21.41 -42.51
N VAL HA 88 -36.03 -21.66 -43.41
CA VAL HA 88 -37.35 -21.05 -43.38
C VAL HA 88 -38.39 -22.17 -43.33
N ALA HA 89 -39.38 -22.03 -42.46
CA ALA HA 89 -40.45 -23.01 -42.34
C ALA HA 89 -41.81 -22.33 -42.45
N ILE HA 90 -42.75 -22.97 -43.14
CA ILE HA 90 -44.10 -22.47 -43.31
C ILE HA 90 -45.09 -23.52 -42.83
N SER HA 91 -45.97 -23.14 -41.91
CA SER HA 91 -46.96 -24.05 -41.36
C SER HA 91 -48.36 -23.55 -41.67
N LYS HA 92 -49.24 -24.48 -42.03
CA LYS HA 92 -50.62 -24.18 -42.37
C LYS HA 92 -51.55 -25.06 -41.56
N LEU HA 93 -52.65 -24.48 -41.09
CA LEU HA 93 -53.68 -25.22 -40.36
C LEU HA 93 -55.03 -24.86 -40.97
N ASN HA 94 -55.68 -25.83 -41.61
CA ASN HA 94 -56.90 -25.60 -42.38
C ASN HA 94 -57.91 -26.69 -42.07
N ASP HA 95 -58.69 -26.50 -41.02
CA ASP HA 95 -59.79 -27.37 -40.64
C ASP HA 95 -61.04 -27.00 -41.44
N PRO HA 96 -61.65 -27.94 -42.16
CA PRO HA 96 -62.85 -27.60 -42.95
C PRO HA 96 -63.98 -27.05 -42.10
N ASP HA 97 -64.11 -27.49 -40.85
CA ASP HA 97 -65.20 -27.05 -39.99
C ASP HA 97 -64.93 -25.73 -39.29
N SER HA 98 -63.74 -25.17 -39.43
CA SER HA 98 -63.40 -23.91 -38.77
C SER HA 98 -63.72 -22.73 -39.67
N TYR HA 99 -63.43 -21.52 -39.17
CA TYR HA 99 -63.74 -20.31 -39.92
C TYR HA 99 -62.85 -20.17 -41.15
N GLY HA 100 -61.56 -20.46 -41.02
CA GLY HA 100 -60.66 -20.27 -42.12
C GLY HA 100 -59.33 -20.94 -41.87
N ALA HA 101 -58.33 -20.53 -42.65
CA ALA HA 101 -56.99 -21.07 -42.54
C ALA HA 101 -56.07 -20.11 -41.80
N GLU HA 102 -54.97 -20.66 -41.28
CA GLU HA 102 -53.98 -19.91 -40.55
C GLU HA 102 -52.60 -20.33 -41.06
N ARG HA 103 -51.90 -19.42 -41.72
CA ARG HA 103 -50.62 -19.71 -42.34
C ARG HA 103 -49.57 -18.75 -41.82
N ILE HA 104 -48.47 -19.30 -41.30
CA ILE HA 104 -47.40 -18.53 -40.67
C ILE HA 104 -46.08 -18.94 -41.29
N ALA HA 105 -45.19 -17.97 -41.48
CA ALA HA 105 -43.84 -18.22 -41.96
C ALA HA 105 -42.87 -17.95 -40.81
N VAL HA 106 -42.04 -18.94 -40.48
CA VAL HA 106 -41.05 -18.84 -39.42
C VAL HA 106 -39.69 -18.78 -40.08
N LYS HA 107 -38.92 -17.75 -39.77
CA LYS HA 107 -37.70 -17.44 -40.51
C LYS HA 107 -36.49 -17.42 -39.60
N ASN HA 108 -35.33 -17.69 -40.20
CA ASN HA 108 -34.03 -17.66 -39.54
C ASN HA 108 -33.93 -18.73 -38.45
N ILE HA 109 -34.11 -19.97 -38.86
CA ILE HA 109 -34.17 -21.11 -37.96
C ILE HA 109 -32.77 -21.70 -37.81
N ALA HA 110 -32.37 -21.95 -36.56
CA ALA HA 110 -31.14 -22.66 -36.25
C ALA HA 110 -31.48 -23.89 -35.41
N PHE HA 111 -31.19 -25.06 -35.95
CA PHE HA 111 -31.51 -26.30 -35.25
C PHE HA 111 -30.51 -26.55 -34.11
N ASP HA 112 -30.93 -27.38 -33.16
CA ASP HA 112 -30.21 -27.57 -31.91
C ASP HA 112 -29.33 -28.82 -31.89
N ASP HA 113 -29.69 -29.86 -32.64
CA ASP HA 113 -28.93 -31.10 -32.63
C ASP HA 113 -29.27 -31.89 -33.89
N LEU HA 114 -28.61 -33.03 -34.05
CA LEU HA 114 -28.85 -33.93 -35.18
C LEU HA 114 -28.82 -35.36 -34.67
N THR HA 115 -29.89 -36.11 -34.95
CA THR HA 115 -30.01 -37.50 -34.54
C THR HA 115 -29.56 -38.38 -35.69
N LEU HA 116 -28.57 -39.24 -35.44
CA LEU HA 116 -28.05 -40.14 -36.45
C LEU HA 116 -28.75 -41.49 -36.42
N ALA HA 117 -28.90 -42.07 -35.23
CA ALA HA 117 -29.58 -43.34 -35.08
C ALA HA 117 -30.25 -43.39 -33.73
N ASP HA 118 -31.51 -43.81 -33.70
CA ASP HA 118 -32.21 -44.05 -32.44
C ASP HA 118 -33.30 -45.09 -32.71
N TRP HA 119 -32.96 -46.36 -32.49
CA TRP HA 119 -33.89 -47.44 -32.75
C TRP HA 119 -33.85 -48.44 -31.60
N GLU HA 120 -34.92 -49.22 -31.50
CA GLU HA 120 -35.08 -50.23 -30.46
C GLU HA 120 -35.97 -51.33 -31.01
N VAL HA 121 -35.70 -52.57 -30.59
CA VAL HA 121 -36.45 -53.70 -31.12
C VAL HA 121 -37.90 -53.62 -30.66
N GLY HA 122 -38.83 -53.76 -31.60
CA GLY HA 122 -40.24 -53.70 -31.30
C GLY HA 122 -40.84 -52.32 -31.20
N VAL HA 123 -40.15 -51.27 -31.65
CA VAL HA 123 -40.61 -49.90 -31.54
C VAL HA 123 -40.46 -49.21 -32.88
N LYS HA 124 -41.45 -48.41 -33.27
CA LYS HA 124 -41.38 -47.64 -34.51
C LYS HA 124 -40.65 -46.33 -34.27
N GLY HA 125 -39.89 -45.90 -35.28
CA GLY HA 125 -38.95 -44.82 -35.11
C GLY HA 125 -39.55 -43.43 -35.31
N GLU HA 126 -39.03 -42.47 -34.54
CA GLU HA 126 -39.41 -41.08 -34.63
C GLU HA 126 -38.20 -40.19 -34.42
N ILE HA 127 -38.29 -38.96 -34.92
CA ILE HA 127 -37.22 -37.97 -34.83
C ILE HA 127 -37.78 -36.72 -34.17
N GLU HA 128 -36.98 -36.12 -33.29
CA GLU HA 128 -37.33 -34.85 -32.65
C GLU HA 128 -36.25 -33.82 -32.90
N ALA HA 129 -36.64 -32.60 -33.25
CA ALA HA 129 -35.70 -31.57 -33.67
C ALA HA 129 -36.07 -30.20 -33.11
N PRO HA 130 -35.51 -29.80 -31.97
CA PRO HA 130 -35.73 -28.44 -31.46
C PRO HA 130 -34.91 -27.41 -32.21
N PHE HA 131 -35.35 -26.16 -32.12
CA PHE HA 131 -34.70 -25.06 -32.83
C PHE HA 131 -34.97 -23.74 -32.11
N THR HA 132 -34.34 -22.68 -32.63
CA THR HA 132 -34.61 -21.30 -32.22
C THR HA 132 -34.70 -20.44 -33.47
N PHE HA 133 -35.44 -19.34 -33.39
CA PHE HA 133 -35.66 -18.45 -34.53
C PHE HA 133 -35.72 -17.01 -34.04
N THR HA 134 -35.78 -16.07 -34.98
CA THR HA 134 -35.73 -14.65 -34.65
C THR HA 134 -36.93 -13.83 -35.10
N GLU HA 135 -37.65 -14.25 -36.14
CA GLU HA 135 -38.77 -13.45 -36.62
C GLU HA 135 -39.77 -14.32 -37.36
N TYR HA 136 -40.94 -13.73 -37.64
CA TYR HA 136 -42.05 -14.46 -38.23
C TYR HA 136 -42.94 -13.51 -39.01
N ASP HA 137 -43.72 -14.07 -39.93
CA ASP HA 137 -44.70 -13.32 -40.71
C ASP HA 137 -46.01 -14.10 -40.78
N PHE HA 138 -47.11 -13.37 -40.81
CA PHE HA 138 -48.44 -13.95 -40.89
C PHE HA 138 -48.99 -13.78 -42.31
N LEU HA 139 -49.42 -14.87 -42.91
CA LEU HA 139 -49.94 -14.86 -44.28
C LEU HA 139 -51.45 -15.01 -44.34
N ASP HA 140 -52.05 -15.81 -43.47
CA ASP HA 140 -53.49 -15.98 -43.40
C ASP HA 140 -53.92 -15.91 -41.95
N ILE HA 141 -54.90 -15.06 -41.66
CA ILE HA 141 -55.38 -14.83 -40.30
C ILE HA 141 -56.82 -15.33 -40.22
N ILE HA 142 -57.11 -16.13 -39.20
CA ILE HA 142 -58.43 -16.70 -39.02
C ILE HA 142 -59.28 -15.84 -38.10
N ILE IA 3 -53.15 -16.36 -76.93
CA ILE IA 3 -51.99 -16.75 -76.14
C ILE IA 3 -50.70 -16.26 -76.77
N GLY IA 4 -50.06 -15.29 -76.12
CA GLY IA 4 -48.82 -14.74 -76.61
C GLY IA 4 -47.61 -15.18 -75.81
N LEU IA 5 -46.60 -14.32 -75.75
CA LEU IA 5 -45.41 -14.63 -74.97
C LEU IA 5 -45.72 -14.57 -73.48
N PRO IA 6 -44.95 -15.29 -72.66
CA PRO IA 6 -45.12 -15.17 -71.21
C PRO IA 6 -44.93 -13.73 -70.75
N SER IA 7 -45.83 -13.27 -69.90
CA SER IA 7 -45.89 -11.88 -69.48
C SER IA 7 -45.42 -11.77 -68.04
N ILE IA 8 -44.34 -11.02 -67.82
CA ILE IA 8 -43.82 -10.74 -66.49
C ILE IA 8 -43.65 -9.22 -66.42
N ASN IA 9 -44.68 -8.52 -65.96
CA ASN IA 9 -44.66 -7.07 -65.91
C ASN IA 9 -44.76 -6.60 -64.47
N ILE IA 10 -43.85 -5.71 -64.08
CA ILE IA 10 -43.83 -5.10 -62.77
C ILE IA 10 -44.08 -3.62 -62.97
N SER IA 11 -45.13 -3.10 -62.34
CA SER IA 11 -45.56 -1.72 -62.54
C SER IA 11 -45.41 -0.93 -61.25
N PHE IA 12 -45.07 0.35 -61.39
CA PHE IA 12 -44.96 1.27 -60.27
C PHE IA 12 -46.03 2.33 -60.41
N LYS IA 13 -46.79 2.56 -59.34
CA LYS IA 13 -47.86 3.56 -59.36
C LYS IA 13 -47.93 4.23 -57.99
N GLU IA 14 -48.71 5.31 -57.93
CA GLU IA 14 -48.83 6.07 -56.71
C GLU IA 14 -49.89 5.46 -55.78
N LEU IA 15 -49.78 5.78 -54.50
CA LEU IA 15 -50.70 5.25 -53.51
C LEU IA 15 -52.11 5.77 -53.74
N ALA IA 16 -53.09 4.89 -53.60
CA ALA IA 16 -54.49 5.21 -53.84
C ALA IA 16 -55.28 5.19 -52.54
N THR IA 17 -56.34 5.97 -52.50
CA THR IA 17 -57.18 6.04 -51.32
C THR IA 17 -57.93 4.73 -51.12
N THR IA 18 -58.32 4.47 -49.87
CA THR IA 18 -59.05 3.26 -49.51
C THR IA 18 -60.52 3.59 -49.33
N VAL IA 19 -61.37 2.97 -50.15
CA VAL IA 19 -62.81 3.20 -50.04
C VAL IA 19 -63.35 2.46 -48.82
N LYS IA 20 -64.52 2.89 -48.36
CA LYS IA 20 -65.13 2.30 -47.19
C LYS IA 20 -65.67 0.91 -47.51
N GLU IA 21 -65.75 0.08 -46.47
CA GLU IA 21 -66.18 -1.31 -46.65
C GLU IA 21 -67.67 -1.38 -46.94
N ARG IA 22 -68.07 -2.46 -47.60
CA ARG IA 22 -69.44 -2.70 -48.01
C ARG IA 22 -70.26 -3.26 -46.85
N SER IA 23 -71.57 -3.36 -47.07
CA SER IA 23 -72.49 -3.94 -46.10
C SER IA 23 -73.29 -5.06 -46.76
N ALA IA 24 -73.63 -6.06 -45.96
CA ALA IA 24 -74.43 -7.18 -46.44
C ALA IA 24 -75.93 -6.93 -46.36
N ARG IA 25 -76.36 -5.84 -45.75
CA ARG IA 25 -77.77 -5.52 -45.63
C ARG IA 25 -78.00 -4.05 -45.98
N GLY IA 26 -79.21 -3.75 -46.45
CA GLY IA 26 -79.58 -2.38 -46.72
C GLY IA 26 -79.65 -2.03 -48.20
N ILE IA 27 -80.86 -1.97 -48.74
CA ILE IA 27 -81.09 -1.64 -50.14
C ILE IA 27 -81.94 -0.38 -50.21
N ILE IA 28 -81.50 0.58 -51.01
CA ILE IA 28 -82.17 1.86 -51.16
C ILE IA 28 -82.66 1.98 -52.60
N ALA IA 29 -83.89 2.47 -52.76
CA ALA IA 29 -84.46 2.75 -54.06
C ALA IA 29 -84.70 4.24 -54.20
N MET IA 30 -84.19 4.84 -55.28
CA MET IA 30 -84.33 6.25 -55.55
C MET IA 30 -85.10 6.46 -56.86
N VAL IA 31 -86.04 7.41 -56.83
CA VAL IA 31 -86.83 7.77 -58.00
C VAL IA 31 -86.32 9.11 -58.51
N LEU IA 32 -85.78 9.11 -59.73
CA LEU IA 32 -85.21 10.31 -60.33
C LEU IA 32 -85.95 10.65 -61.61
N LYS IA 33 -85.76 11.90 -62.07
CA LYS IA 33 -86.40 12.40 -63.28
C LYS IA 33 -85.34 13.03 -64.18
N ASP IA 34 -85.04 12.36 -65.29
CA ASP IA 34 -84.08 12.86 -66.26
C ASP IA 34 -84.53 12.50 -67.67
N ALA IA 35 -84.07 13.28 -68.64
CA ALA IA 35 -84.50 13.08 -70.02
C ALA IA 35 -84.04 11.75 -70.60
N LYS IA 36 -82.82 11.31 -70.26
CA LYS IA 36 -82.26 10.09 -70.81
C LYS IA 36 -81.84 9.16 -69.68
N ALA IA 37 -81.31 8.00 -70.06
CA ALA IA 37 -80.93 6.94 -69.13
C ALA IA 37 -82.13 6.52 -68.27
N LEU IA 38 -83.15 6.01 -68.95
CA LEU IA 38 -84.41 5.67 -68.32
C LEU IA 38 -84.39 4.23 -67.79
N GLY IA 39 -85.36 3.92 -66.95
CA GLY IA 39 -85.52 2.58 -66.44
C GLY IA 39 -84.66 2.29 -65.23
N LEU IA 40 -84.70 1.02 -64.84
CA LEU IA 40 -83.97 0.58 -63.65
C LEU IA 40 -82.46 0.64 -63.87
N ASN IA 41 -81.75 0.90 -62.79
CA ASN IA 41 -80.28 0.89 -62.78
C ASN IA 41 -79.80 0.28 -61.47
N GLU IA 42 -78.66 -0.37 -61.53
CA GLU IA 42 -78.05 -1.01 -60.36
C GLU IA 42 -76.69 -0.37 -60.10
N ILE IA 43 -76.48 0.08 -58.88
CA ILE IA 43 -75.26 0.77 -58.50
C ILE IA 43 -74.65 0.05 -57.29
N HIS IA 44 -73.56 -0.66 -57.51
CA HIS IA 44 -72.86 -1.35 -56.44
C HIS IA 44 -71.71 -0.53 -55.90
N GLU IA 45 -70.95 0.11 -56.78
CA GLU IA 45 -69.80 0.92 -56.42
C GLU IA 45 -70.04 2.37 -56.81
N LYS IA 46 -69.44 3.29 -56.04
CA LYS IA 46 -69.70 4.71 -56.21
C LYS IA 46 -69.19 5.24 -57.53
N GLU IA 47 -68.07 4.72 -58.03
CA GLU IA 47 -67.52 5.21 -59.28
C GLU IA 47 -68.46 4.98 -60.45
N ASP IA 48 -69.24 3.91 -60.42
CA ASP IA 48 -70.06 3.52 -61.56
C ASP IA 48 -71.41 4.24 -61.49
N ILE IA 49 -71.50 5.36 -62.18
CA ILE IA 49 -72.76 6.06 -62.39
C ILE IA 49 -72.87 6.28 -63.90
N PRO IA 50 -74.06 6.18 -64.49
CA PRO IA 50 -74.18 6.43 -65.93
C PRO IA 50 -73.67 7.82 -66.29
N VAL IA 51 -72.90 7.89 -67.38
CA VAL IA 51 -72.32 9.15 -67.81
C VAL IA 51 -73.39 10.07 -68.38
N ASP IA 52 -74.50 9.50 -68.85
CA ASP IA 52 -75.56 10.28 -69.48
C ASP IA 52 -76.25 11.20 -68.47
N LEU IA 53 -76.31 10.78 -67.21
CA LEU IA 53 -77.13 11.47 -66.22
C LEU IA 53 -76.61 12.88 -65.95
N SER IA 54 -77.49 13.72 -65.42
CA SER IA 54 -77.14 15.09 -65.07
C SER IA 54 -76.23 15.12 -63.84
N ALA IA 55 -75.55 16.25 -63.68
CA ALA IA 55 -74.61 16.39 -62.56
C ALA IA 55 -75.33 16.41 -61.22
N GLU IA 56 -76.50 17.05 -61.17
CA GLU IA 56 -77.26 17.10 -59.93
C GLU IA 56 -77.74 15.72 -59.50
N ASN IA 57 -78.20 14.91 -60.45
CA ASN IA 57 -78.58 13.54 -60.14
C ASN IA 57 -77.38 12.74 -59.65
N LYS IA 58 -76.22 12.95 -60.27
CA LYS IA 58 -75.01 12.27 -59.82
C LYS IA 58 -74.65 12.67 -58.40
N GLU IA 59 -74.82 13.94 -58.06
CA GLU IA 59 -74.52 14.37 -56.70
C GLU IA 59 -75.53 13.81 -55.71
N TYR IA 60 -76.80 13.66 -56.12
CA TYR IA 60 -77.77 12.96 -55.27
C TYR IA 60 -77.33 11.52 -55.01
N ILE IA 61 -76.88 10.84 -56.06
CA ILE IA 61 -76.45 9.45 -55.91
C ILE IA 61 -75.23 9.37 -55.00
N ASN IA 62 -74.31 10.31 -55.13
CA ASN IA 62 -73.13 10.32 -54.27
C ASN IA 62 -73.53 10.58 -52.81
N LEU IA 63 -74.48 11.50 -52.59
CA LEU IA 63 -74.99 11.73 -51.25
C LEU IA 63 -75.56 10.46 -50.65
N ALA IA 64 -76.32 9.71 -51.46
CA ALA IA 64 -76.82 8.42 -50.98
C ALA IA 64 -75.68 7.46 -50.66
N LEU IA 65 -74.67 7.42 -51.51
CA LEU IA 65 -73.58 6.47 -51.39
C LEU IA 65 -72.61 6.80 -50.26
N MET IA 66 -72.71 8.00 -49.69
CA MET IA 66 -71.89 8.34 -48.52
C MET IA 66 -72.14 7.35 -47.39
N GLY IA 67 -73.35 7.31 -46.87
CA GLY IA 67 -73.75 6.30 -45.91
C GLY IA 67 -73.25 6.49 -44.49
N ASN IA 68 -72.79 5.40 -43.89
CA ASN IA 68 -72.37 5.35 -42.49
C ASN IA 68 -71.11 4.49 -42.45
N VAL IA 69 -70.81 3.94 -41.29
CA VAL IA 69 -69.64 3.08 -41.08
C VAL IA 69 -69.46 2.08 -42.22
N ASN IA 70 -70.56 1.62 -42.81
CA ASN IA 70 -70.51 0.79 -44.02
C ASN IA 70 -71.34 1.43 -45.11
N THR IA 71 -70.90 1.23 -46.35
CA THR IA 71 -71.65 1.67 -47.51
C THR IA 71 -72.88 0.79 -47.69
N PRO IA 72 -74.01 1.34 -48.13
CA PRO IA 72 -75.21 0.51 -48.33
C PRO IA 72 -74.96 -0.60 -49.33
N ASN IA 73 -75.70 -1.70 -49.16
CA ASN IA 73 -75.48 -2.90 -49.96
C ASN IA 73 -75.58 -2.60 -51.45
N LYS IA 74 -76.68 -1.99 -51.88
CA LYS IA 74 -76.87 -1.68 -53.29
C LYS IA 74 -77.89 -0.58 -53.42
N LEU IA 75 -77.87 0.10 -54.56
CA LEU IA 75 -78.76 1.21 -54.83
C LEU IA 75 -79.50 0.95 -56.14
N LEU IA 76 -80.82 1.10 -56.11
CA LEU IA 76 -81.66 0.92 -57.29
C LEU IA 76 -82.18 2.28 -57.74
N VAL IA 77 -81.77 2.72 -58.92
CA VAL IA 77 -82.12 4.02 -59.45
C VAL IA 77 -83.13 3.82 -60.58
N TYR IA 78 -84.32 4.38 -60.41
CA TYR IA 78 -85.37 4.33 -61.42
C TYR IA 78 -85.62 5.76 -61.93
N VAL IA 79 -85.43 5.96 -63.22
CA VAL IA 79 -85.45 7.28 -63.83
C VAL IA 79 -86.59 7.36 -64.84
N ILE IA 80 -87.31 8.48 -64.82
CA ILE IA 80 -88.41 8.73 -65.75
C ILE IA 80 -88.15 10.04 -66.48
N GLU IA 81 -88.70 10.14 -67.69
CA GLU IA 81 -88.34 11.26 -68.57
C GLU IA 81 -88.92 12.58 -68.09
N GLY IA 82 -90.02 12.54 -67.34
CA GLY IA 82 -90.66 13.76 -66.92
C GLY IA 82 -92.11 13.81 -67.38
N GLU IA 83 -92.94 14.58 -66.69
CA GLU IA 83 -94.38 14.64 -66.95
C GLU IA 83 -95.05 13.27 -66.81
N ALA IA 84 -94.37 12.33 -66.14
CA ALA IA 84 -94.85 10.97 -65.98
C ALA IA 84 -95.24 10.74 -64.53
N ASP IA 85 -96.41 10.14 -64.32
CA ASP IA 85 -96.93 9.94 -62.97
C ASP IA 85 -96.01 9.05 -62.16
N ILE IA 86 -95.88 9.37 -60.87
CA ILE IA 86 -95.07 8.58 -59.96
C ILE IA 86 -95.65 7.19 -59.76
N GLN IA 87 -96.96 7.04 -59.98
CA GLN IA 87 -97.61 5.74 -59.77
C GLN IA 87 -97.03 4.67 -60.68
N THR IA 88 -96.57 5.02 -61.87
CA THR IA 88 -95.90 4.05 -62.73
C THR IA 88 -94.63 3.54 -62.07
N ALA IA 89 -93.85 4.44 -61.48
CA ALA IA 89 -92.64 4.02 -60.78
C ALA IA 89 -92.97 3.13 -59.61
N LEU IA 90 -94.03 3.46 -58.85
CA LEU IA 90 -94.42 2.60 -57.74
C LEU IA 90 -94.85 1.22 -58.23
N ASP IA 91 -95.62 1.17 -59.32
CA ASP IA 91 -96.05 -0.10 -59.86
C ASP IA 91 -94.86 -0.96 -60.28
N PHE IA 92 -93.86 -0.34 -60.90
CA PHE IA 92 -92.67 -1.11 -61.24
C PHE IA 92 -91.92 -1.57 -60.00
N LEU IA 93 -91.79 -0.70 -58.99
CA LEU IA 93 -91.05 -1.02 -57.78
C LEU IA 93 -91.74 -2.09 -56.94
N GLU IA 94 -93.02 -2.35 -57.18
CA GLU IA 94 -93.70 -3.42 -56.44
C GLU IA 94 -93.00 -4.77 -56.65
N THR IA 95 -92.59 -5.07 -57.88
CA THR IA 95 -91.99 -6.37 -58.15
C THR IA 95 -90.57 -6.48 -57.63
N LYS IA 96 -89.90 -5.37 -57.36
CA LYS IA 96 -88.55 -5.38 -56.84
C LYS IA 96 -88.56 -5.43 -55.32
N GLU IA 97 -87.42 -5.81 -54.75
CA GLU IA 97 -87.27 -5.87 -53.30
C GLU IA 97 -86.28 -4.83 -52.82
N PHE IA 98 -86.63 -4.14 -51.75
CA PHE IA 98 -85.83 -3.04 -51.22
C PHE IA 98 -86.23 -2.81 -49.77
N ASN IA 99 -85.47 -1.95 -49.11
CA ASN IA 99 -85.71 -1.62 -47.70
C ASN IA 99 -86.21 -0.20 -47.51
N TYR IA 100 -85.54 0.78 -48.11
CA TYR IA 100 -85.88 2.19 -47.96
C TYR IA 100 -86.09 2.81 -49.33
N LEU IA 101 -87.06 3.72 -49.41
CA LEU IA 101 -87.38 4.43 -50.64
C LEU IA 101 -87.30 5.93 -50.38
N CYS IA 102 -86.72 6.66 -51.33
CA CYS IA 102 -86.62 8.11 -51.23
C CYS IA 102 -86.61 8.71 -52.63
N MET IA 103 -86.89 10.00 -52.69
CA MET IA 103 -86.80 10.74 -53.94
C MET IA 103 -86.59 12.23 -53.66
N PRO IA 104 -85.53 12.82 -54.22
CA PRO IA 104 -85.17 14.19 -53.83
C PRO IA 104 -86.08 15.28 -54.40
N LYS IA 105 -86.96 14.97 -55.35
CA LYS IA 105 -87.72 15.98 -56.06
C LYS IA 105 -89.22 15.78 -55.92
N ALA IA 106 -89.70 15.50 -54.71
CA ALA IA 106 -91.09 15.19 -54.49
C ALA IA 106 -91.90 16.45 -54.19
N VAL IA 107 -92.95 16.68 -54.97
CA VAL IA 107 -93.94 17.71 -54.68
C VAL IA 107 -94.97 17.12 -53.73
N GLU IA 108 -95.86 17.97 -53.20
CA GLU IA 108 -96.74 17.55 -52.12
C GLU IA 108 -97.67 16.41 -52.54
N ALA IA 109 -98.27 16.52 -53.73
CA ALA IA 109 -99.13 15.44 -54.22
C ALA IA 109 -98.33 14.15 -54.39
N ASP IA 110 -97.10 14.27 -54.90
CA ASP IA 110 -96.23 13.11 -55.04
C ASP IA 110 -95.91 12.53 -53.67
N LYS IA 111 -95.68 13.38 -52.67
CA LYS IA 111 -95.45 12.90 -51.31
C LYS IA 111 -96.65 12.13 -50.79
N THR IA 112 -97.85 12.65 -51.02
CA THR IA 112 -99.06 11.95 -50.57
C THR IA 112 -99.20 10.60 -51.26
N ALA IA 113 -98.91 10.55 -52.56
CA ALA IA 113 -98.99 9.28 -53.28
C ALA IA 113 -98.01 8.27 -52.70
N ILE IA 114 -96.78 8.71 -52.41
CA ILE IA 114 -95.78 7.79 -51.86
C ILE IA 114 -96.20 7.31 -50.48
N LYS IA 115 -96.73 8.21 -49.64
CA LYS IA 115 -97.15 7.81 -48.31
C LYS IA 115 -98.28 6.79 -48.37
N ASN IA 116 -99.27 7.03 -49.24
CA ASN IA 116 -100.37 6.09 -49.38
C ASN IA 116 -99.88 4.74 -49.89
N TRP IA 117 -98.94 4.75 -50.84
CA TRP IA 117 -98.37 3.51 -51.35
C TRP IA 117 -97.68 2.73 -50.24
N ILE IA 118 -96.91 3.42 -49.40
CA ILE IA 118 -96.19 2.75 -48.32
C ILE IA 118 -97.17 2.13 -47.33
N ILE IA 119 -98.21 2.88 -46.96
CA ILE IA 119 -99.19 2.35 -46.02
C ILE IA 119 -99.91 1.15 -46.61
N LYS IA 120 -100.28 1.23 -47.89
CA LYS IA 120 -100.95 0.09 -48.52
C LYS IA 120 -100.07 -1.14 -48.55
N LEU IA 121 -98.79 -0.97 -48.88
CA LEU IA 121 -97.88 -2.11 -48.92
C LEU IA 121 -97.71 -2.71 -47.53
N ARG IA 122 -97.56 -1.88 -46.50
CA ARG IA 122 -97.31 -2.41 -45.16
C ARG IA 122 -98.54 -3.06 -44.57
N ASP IA 123 -99.72 -2.53 -44.82
CA ASP IA 123 -100.92 -2.99 -44.12
C ASP IA 123 -101.71 -4.05 -44.87
N ILE IA 124 -101.71 -4.04 -46.20
CA ILE IA 124 -102.52 -4.95 -47.01
C ILE IA 124 -101.66 -5.99 -47.72
N ASP IA 125 -100.60 -5.54 -48.40
CA ASP IA 125 -99.76 -6.47 -49.15
C ASP IA 125 -98.85 -7.29 -48.27
N LYS IA 126 -98.77 -6.99 -46.97
CA LYS IA 126 -97.95 -7.75 -46.03
C LYS IA 126 -96.47 -7.76 -46.44
N VAL IA 127 -95.98 -6.62 -46.90
CA VAL IA 127 -94.56 -6.44 -47.20
C VAL IA 127 -94.05 -5.25 -46.39
N LYS IA 128 -92.95 -5.47 -45.67
CA LYS IA 128 -92.43 -4.49 -44.71
C LYS IA 128 -91.35 -3.66 -45.39
N VAL IA 129 -91.71 -2.45 -45.83
CA VAL IA 129 -90.78 -1.51 -46.43
C VAL IA 129 -91.00 -0.15 -45.80
N LYS IA 130 -89.99 0.72 -45.94
CA LYS IA 130 -90.02 2.05 -45.33
C LYS IA 130 -89.65 3.10 -46.36
N ALA IA 131 -90.01 4.35 -46.06
CA ALA IA 131 -89.71 5.48 -46.91
C ALA IA 131 -89.32 6.68 -46.07
N VAL IA 132 -88.28 7.40 -46.50
CA VAL IA 132 -87.81 8.59 -45.80
C VAL IA 132 -88.28 9.80 -46.59
N LEU IA 133 -89.16 10.60 -45.99
CA LEU IA 133 -89.80 11.70 -46.67
C LEU IA 133 -89.46 13.03 -46.00
N GLY IA 134 -89.53 14.10 -46.79
CA GLY IA 134 -89.12 15.41 -46.32
C GLY IA 134 -90.02 16.02 -45.26
N LYS IA 135 -91.24 16.41 -45.63
CA LYS IA 135 -92.15 17.10 -44.72
C LYS IA 135 -93.53 16.44 -44.81
N VAL IA 136 -93.71 15.35 -44.08
CA VAL IA 136 -94.98 14.63 -44.06
C VAL IA 136 -95.36 14.38 -42.61
N VAL IA 137 -96.62 14.65 -42.28
CA VAL IA 137 -97.11 14.52 -40.92
C VAL IA 137 -97.75 13.14 -40.68
N GLY IA 138 -97.40 12.16 -41.51
CA GLY IA 138 -97.99 10.85 -41.38
C GLY IA 138 -97.72 10.23 -40.02
N ASN IA 139 -98.67 9.43 -39.56
CA ASN IA 139 -98.66 8.86 -38.22
C ASN IA 139 -98.18 7.41 -38.20
N HIS IA 140 -97.67 6.90 -39.32
CA HIS IA 140 -97.34 5.49 -39.41
C HIS IA 140 -95.88 5.25 -39.00
N GLU IA 141 -95.56 3.97 -38.80
CA GLU IA 141 -94.19 3.55 -38.49
C GLU IA 141 -93.38 3.27 -39.74
N GLY IA 142 -93.99 3.36 -40.92
CA GLY IA 142 -93.31 3.05 -42.15
C GLY IA 142 -92.64 4.23 -42.81
N ILE IA 143 -93.01 5.44 -42.39
CA ILE IA 143 -92.46 6.66 -42.99
C ILE IA 143 -91.73 7.44 -41.92
N ILE IA 144 -90.64 8.09 -42.31
CA ILE IA 144 -89.79 8.85 -41.41
C ILE IA 144 -89.83 10.31 -41.83
N ASN IA 145 -90.17 11.19 -40.89
CA ASN IA 145 -90.31 12.61 -41.15
C ASN IA 145 -89.01 13.32 -40.76
N PHE IA 146 -88.27 13.80 -41.75
CA PHE IA 146 -87.00 14.48 -41.54
C PHE IA 146 -87.18 15.96 -41.88
N THR IA 147 -87.32 16.79 -40.85
CA THR IA 147 -87.62 18.21 -41.03
C THR IA 147 -86.41 19.05 -40.63
N THR IA 148 -85.53 19.30 -41.59
CA THR IA 148 -84.40 20.22 -41.43
C THR IA 148 -84.11 20.87 -42.76
N GLU IA 149 -84.06 22.21 -42.77
CA GLU IA 149 -83.97 22.98 -44.00
C GLU IA 149 -82.64 23.71 -44.06
N ASP IA 150 -82.21 24.00 -45.29
CA ASP IA 150 -81.03 24.84 -45.56
C ASP IA 150 -79.79 24.29 -44.86
N VAL IA 151 -79.37 23.11 -45.30
CA VAL IA 151 -78.16 22.46 -44.78
C VAL IA 151 -77.02 22.73 -45.75
N LEU IA 152 -75.88 23.17 -45.20
CA LEU IA 152 -74.72 23.51 -46.01
C LEU IA 152 -73.76 22.34 -46.06
N VAL IA 153 -73.44 21.90 -47.27
CA VAL IA 153 -72.42 20.87 -47.50
C VAL IA 153 -71.63 21.28 -48.73
N GLY IA 154 -70.33 21.48 -48.57
CA GLY IA 154 -69.49 21.87 -49.68
C GLY IA 154 -69.91 23.20 -50.29
N GLU IA 155 -70.10 24.20 -49.44
CA GLU IA 155 -70.64 25.51 -49.80
C GLU IA 155 -71.78 25.41 -50.81
N LYS IA 156 -72.71 24.49 -50.59
CA LYS IA 156 -73.91 24.35 -51.39
C LYS IA 156 -75.10 24.15 -50.48
N LYS IA 157 -76.22 24.78 -50.83
CA LYS IA 157 -77.45 24.67 -50.04
C LYS IA 157 -78.29 23.50 -50.54
N TYR IA 158 -78.72 22.66 -49.61
CA TYR IA 158 -79.60 21.54 -49.91
C TYR IA 158 -80.94 21.75 -49.22
N SER IA 159 -82.02 21.48 -49.95
CA SER IA 159 -83.34 21.61 -49.36
C SER IA 159 -83.65 20.41 -48.47
N VAL IA 160 -84.75 20.51 -47.73
CA VAL IA 160 -85.14 19.43 -46.83
C VAL IA 160 -85.41 18.15 -47.60
N ASP IA 161 -86.12 18.26 -48.73
CA ASP IA 161 -86.37 17.09 -49.56
C ASP IA 161 -85.10 16.55 -50.19
N GLU IA 162 -84.05 17.36 -50.27
CA GLU IA 162 -82.85 16.95 -50.99
C GLU IA 162 -81.93 16.09 -50.14
N PHE IA 163 -81.94 16.27 -48.82
CA PHE IA 163 -81.10 15.50 -47.92
C PHE IA 163 -81.69 14.15 -47.53
N THR IA 164 -82.90 13.82 -47.98
CA THR IA 164 -83.45 12.51 -47.69
C THR IA 164 -82.57 11.40 -48.26
N SER IA 165 -81.83 11.71 -49.31
CA SER IA 165 -80.87 10.75 -49.87
C SER IA 165 -79.79 10.40 -48.85
N ARG IA 166 -79.15 11.42 -48.28
CA ARG IA 166 -78.10 11.19 -47.29
C ARG IA 166 -78.65 10.51 -46.05
N VAL IA 167 -79.86 10.90 -45.62
CA VAL IA 167 -80.47 10.28 -44.45
C VAL IA 167 -80.72 8.80 -44.69
N ALA IA 168 -81.26 8.46 -45.86
CA ALA IA 168 -81.49 7.05 -46.19
C ALA IA 168 -80.19 6.28 -46.25
N GLY IA 169 -79.15 6.87 -46.83
CA GLY IA 169 -77.85 6.21 -46.86
C GLY IA 169 -77.30 5.98 -45.46
N LEU IA 170 -77.46 6.96 -44.58
CA LEU IA 170 -76.99 6.82 -43.20
C LEU IA 170 -77.73 5.70 -42.47
N ILE IA 171 -79.06 5.67 -42.61
CA ILE IA 171 -79.85 4.67 -41.93
C ILE IA 171 -79.53 3.27 -42.45
N ALA IA 172 -79.38 3.14 -43.77
CA ALA IA 172 -79.11 1.84 -44.36
C ALA IA 172 -77.68 1.36 -44.11
N GLY IA 173 -76.77 2.25 -43.77
CA GLY IA 173 -75.40 1.89 -43.50
C GLY IA 173 -75.07 1.54 -42.07
N THR IA 174 -76.05 1.51 -41.18
CA THR IA 174 -75.86 1.26 -39.76
C THR IA 174 -76.06 -0.23 -39.46
N PRO IA 175 -75.15 -0.86 -38.72
CA PRO IA 175 -75.33 -2.28 -38.38
C PRO IA 175 -76.55 -2.48 -37.49
N LEU IA 176 -77.11 -3.69 -37.56
CA LEU IA 176 -78.33 -4.02 -36.83
C LEU IA 176 -78.15 -3.91 -35.33
N SER IA 177 -76.92 -4.00 -34.83
CA SER IA 177 -76.68 -3.95 -33.39
C SER IA 177 -76.79 -2.53 -32.83
N GLN IA 178 -76.45 -1.51 -33.61
CA GLN IA 178 -76.35 -0.14 -33.14
C GLN IA 178 -77.61 0.64 -33.48
N SER IA 179 -77.59 1.93 -33.16
CA SER IA 179 -78.65 2.88 -33.48
C SER IA 179 -78.03 4.12 -34.11
N VAL IA 180 -78.88 5.01 -34.62
CA VAL IA 180 -78.40 6.20 -35.31
C VAL IA 180 -78.39 7.44 -34.42
N THR IA 181 -78.72 7.30 -33.13
CA THR IA 181 -78.75 8.45 -32.25
C THR IA 181 -77.35 9.03 -32.07
N TYR IA 182 -77.23 10.34 -32.22
CA TYR IA 182 -75.98 11.07 -31.98
C TYR IA 182 -74.86 10.65 -32.92
N THR IA 183 -75.19 10.23 -34.15
CA THR IA 183 -74.18 9.95 -35.15
C THR IA 183 -73.83 11.25 -35.86
N LYS IA 184 -72.55 11.61 -35.85
CA LYS IA 184 -72.12 12.91 -36.34
C LYS IA 184 -71.84 12.89 -37.84
N LEU IA 185 -72.21 13.97 -38.51
CA LEU IA 185 -72.00 14.14 -39.94
C LEU IA 185 -70.77 15.03 -40.16
N SER IA 186 -69.74 14.46 -40.77
CA SER IA 186 -68.51 15.22 -40.99
C SER IA 186 -68.64 16.20 -42.16
N ASP IA 187 -69.42 15.85 -43.18
CA ASP IA 187 -69.50 16.70 -44.37
C ASP IA 187 -70.30 17.97 -44.12
N VAL IA 188 -71.23 17.95 -43.16
CA VAL IA 188 -72.04 19.12 -42.89
C VAL IA 188 -71.22 20.18 -42.16
N VAL IA 189 -71.38 21.44 -42.55
CA VAL IA 189 -70.64 22.54 -41.97
C VAL IA 189 -71.52 23.44 -41.13
N ASP IA 190 -72.77 23.66 -41.53
CA ASP IA 190 -73.64 24.56 -40.78
C ASP IA 190 -75.11 24.22 -41.01
N ILE IA 191 -75.92 24.47 -40.00
CA ILE IA 191 -77.37 24.31 -40.07
C ILE IA 191 -78.01 25.55 -39.45
N PRO IA 192 -79.27 25.82 -39.79
CA PRO IA 192 -79.95 26.99 -39.20
C PRO IA 192 -80.02 26.89 -37.68
N LYS IA 193 -79.93 28.05 -37.04
CA LYS IA 193 -79.93 28.11 -35.59
C LYS IA 193 -81.27 27.65 -35.02
N MET IA 194 -81.21 26.90 -33.93
CA MET IA 194 -82.39 26.35 -33.27
C MET IA 194 -82.16 26.39 -31.76
N THR IA 195 -83.25 26.38 -31.00
CA THR IA 195 -83.18 26.38 -29.54
C THR IA 195 -83.59 25.02 -29.00
N LYS IA 196 -83.18 24.75 -27.75
CA LYS IA 196 -83.37 23.43 -27.16
C LYS IA 196 -84.85 23.10 -26.99
N VAL IA 197 -85.64 24.06 -26.53
CA VAL IA 197 -87.06 23.81 -26.30
C VAL IA 197 -87.76 23.44 -27.61
N ASP IA 198 -87.44 24.18 -28.68
CA ASP IA 198 -88.02 23.88 -29.98
C ASP IA 198 -87.64 22.48 -30.44
N ALA IA 199 -86.37 22.11 -30.30
CA ALA IA 199 -85.93 20.79 -30.73
C ALA IA 199 -86.62 19.70 -29.93
N GLU IA 200 -86.79 19.91 -28.62
CA GLU IA 200 -87.49 18.94 -27.80
C GLU IA 200 -88.95 18.78 -28.26
N SER IA 201 -89.61 19.88 -28.55
CA SER IA 201 -90.99 19.80 -29.04
C SER IA 201 -91.06 19.05 -30.36
N ARG IA 202 -90.13 19.34 -31.27
CA ARG IA 202 -90.14 18.68 -32.58
C ARG IA 202 -89.89 17.18 -32.44
N VAL IA 203 -88.94 16.79 -31.60
CA VAL IA 203 -88.68 15.37 -31.39
C VAL IA 203 -89.91 14.69 -30.78
N ASN IA 204 -90.60 15.37 -29.87
CA ASN IA 204 -91.84 14.82 -29.33
C ASN IA 204 -92.87 14.63 -30.42
N LYS IA 205 -92.99 15.60 -31.33
CA LYS IA 205 -94.01 15.55 -32.37
C LYS IA 205 -93.76 14.44 -33.39
N GLY IA 206 -92.59 13.81 -33.37
CA GLY IA 206 -92.30 12.70 -34.25
C GLY IA 206 -91.41 13.03 -35.43
N GLU IA 207 -90.47 13.95 -35.28
CA GLU IA 207 -89.62 14.39 -36.37
C GLU IA 207 -88.18 13.99 -36.12
N LEU IA 208 -87.49 13.56 -37.18
CA LEU IA 208 -86.06 13.27 -37.14
C LEU IA 208 -85.32 14.51 -37.61
N ILE IA 209 -84.61 15.16 -36.69
CA ILE IA 209 -84.00 16.46 -36.95
C ILE IA 209 -82.49 16.36 -36.74
N LEU IA 210 -81.80 17.40 -37.20
CA LEU IA 210 -80.38 17.57 -36.95
C LEU IA 210 -80.19 18.59 -35.84
N ILE IA 211 -79.07 18.48 -35.12
CA ILE IA 211 -78.80 19.33 -33.98
C ILE IA 211 -77.31 19.59 -33.89
N LYS IA 212 -76.96 20.72 -33.28
CA LYS IA 212 -75.57 21.06 -32.98
C LYS IA 212 -75.30 20.70 -31.53
N GLU IA 213 -74.37 19.77 -31.32
CA GLU IA 213 -74.07 19.32 -29.97
C GLU IA 213 -72.66 18.75 -29.93
N ALA IA 214 -71.97 18.98 -28.82
CA ALA IA 214 -70.65 18.39 -28.56
C ALA IA 214 -69.65 18.72 -29.65
N GLY IA 215 -69.72 19.95 -30.14
CA GLY IA 215 -68.77 20.40 -31.16
C GLY IA 215 -68.88 19.67 -32.47
N ALA IA 216 -70.09 19.28 -32.86
CA ALA IA 216 -70.32 18.62 -34.13
C ALA IA 216 -71.80 18.73 -34.46
N ILE IA 217 -72.19 18.19 -35.61
CA ILE IA 217 -73.57 18.14 -36.05
C ILE IA 217 -73.97 16.68 -36.14
N ARG IA 218 -75.04 16.31 -35.43
CA ARG IA 218 -75.39 14.91 -35.30
C ARG IA 218 -76.90 14.75 -35.23
N ILE IA 219 -77.35 13.51 -35.38
CA ILE IA 219 -78.77 13.19 -35.28
C ILE IA 219 -79.22 13.32 -33.84
N ALA IA 220 -80.44 13.81 -33.63
CA ALA IA 220 -80.95 13.99 -32.28
C ALA IA 220 -81.47 12.67 -31.71
N ARG IA 221 -82.50 12.09 -32.33
CA ARG IA 221 -83.09 10.85 -31.87
C ARG IA 221 -83.45 9.98 -33.07
N GLY IA 222 -83.46 8.67 -32.84
CA GLY IA 222 -83.75 7.73 -33.90
C GLY IA 222 -85.19 7.28 -33.93
N VAL IA 223 -86.12 8.21 -33.80
CA VAL IA 223 -87.54 7.89 -33.77
C VAL IA 223 -88.14 8.05 -35.16
N ASN IA 224 -89.25 7.34 -35.39
CA ASN IA 224 -90.03 7.48 -36.61
C ASN IA 224 -91.26 8.34 -36.31
N SER IA 225 -92.17 8.40 -37.29
CA SER IA 225 -93.26 9.37 -37.28
C SER IA 225 -94.49 8.93 -36.50
N LEU IA 226 -94.47 7.74 -35.89
CA LEU IA 226 -95.64 7.29 -35.14
C LEU IA 226 -95.77 8.06 -33.85
N THR IA 227 -96.97 8.58 -33.58
CA THR IA 227 -97.17 9.45 -32.42
C THR IA 227 -98.33 8.97 -31.55
N GLU IA 228 -99.30 8.28 -32.12
CA GLU IA 228 -100.45 7.79 -31.39
C GLU IA 228 -100.20 6.35 -30.98
N LEU IA 229 -100.23 6.09 -29.67
CA LEU IA 229 -99.90 4.79 -29.11
C LEU IA 229 -101.15 4.14 -28.54
N THR IA 230 -101.39 2.89 -28.93
CA THR IA 230 -102.48 2.11 -28.39
C THR IA 230 -101.94 1.13 -27.35
N ALA IA 231 -102.86 0.39 -26.72
CA ALA IA 231 -102.46 -0.58 -25.71
C ALA IA 231 -101.62 -1.69 -26.31
N GLU IA 232 -102.05 -2.22 -27.46
CA GLU IA 232 -101.33 -3.33 -28.09
C GLU IA 232 -100.07 -2.88 -28.80
N LYS IA 233 -99.96 -1.61 -29.19
CA LYS IA 233 -98.79 -1.15 -29.91
C LYS IA 233 -97.65 -0.81 -28.95
N GLY IA 234 -97.83 0.20 -28.13
CA GLY IA 234 -96.84 0.57 -27.14
C GLY IA 234 -95.79 1.52 -27.66
N GLU IA 235 -94.93 1.96 -26.74
CA GLU IA 235 -93.91 2.95 -27.04
C GLU IA 235 -92.70 2.36 -27.76
N MET IA 236 -92.52 1.04 -27.71
CA MET IA 236 -91.36 0.42 -28.35
C MET IA 236 -91.42 0.50 -29.86
N PHE IA 237 -92.58 0.79 -30.44
CA PHE IA 237 -92.73 0.85 -31.89
C PHE IA 237 -92.33 2.20 -32.48
N GLN IA 238 -91.91 3.16 -31.64
CA GLN IA 238 -91.49 4.46 -32.11
C GLN IA 238 -90.00 4.53 -32.42
N LYS IA 239 -89.26 3.42 -32.27
CA LYS IA 239 -87.83 3.41 -32.49
C LYS IA 239 -87.50 2.74 -33.82
N ILE IA 240 -86.52 3.31 -34.54
CA ILE IA 240 -86.17 2.80 -35.85
C ILE IA 240 -85.54 1.42 -35.76
N LYS IA 241 -84.67 1.21 -34.77
CA LYS IA 241 -83.94 -0.04 -34.64
C LYS IA 241 -84.89 -1.23 -34.39
N ILE IA 242 -85.87 -1.04 -33.51
CA ILE IA 242 -86.83 -2.11 -33.21
C ILE IA 242 -87.63 -2.48 -34.45
N VAL IA 243 -88.11 -1.48 -35.19
CA VAL IA 243 -88.88 -1.76 -36.39
C VAL IA 243 -88.01 -2.45 -37.43
N ASP IA 244 -86.74 -2.08 -37.52
CA ASP IA 244 -85.84 -2.72 -38.47
C ASP IA 244 -85.68 -4.21 -38.17
N THR IA 245 -85.40 -4.55 -36.91
CA THR IA 245 -85.22 -5.96 -36.59
C THR IA 245 -86.52 -6.74 -36.74
N LEU IA 246 -87.65 -6.11 -36.40
CA LEU IA 246 -88.94 -6.78 -36.61
C LEU IA 246 -89.18 -7.07 -38.09
N ASP IA 247 -88.84 -6.12 -38.96
CA ASP IA 247 -89.04 -6.33 -40.39
C ASP IA 247 -88.14 -7.42 -40.93
N ILE IA 248 -86.90 -7.49 -40.44
CA ILE IA 248 -86.00 -8.58 -40.85
C ILE IA 248 -86.60 -9.93 -40.47
N ILE IA 249 -87.10 -10.03 -39.23
CA ILE IA 249 -87.70 -11.28 -38.76
C ILE IA 249 -88.90 -11.65 -39.64
N HIS IA 250 -89.75 -10.65 -39.91
CA HIS IA 250 -90.95 -10.90 -40.72
C HIS IA 250 -90.58 -11.42 -42.09
N SER IA 251 -89.64 -10.76 -42.76
CA SER IA 251 -89.27 -11.18 -44.10
C SER IA 251 -88.69 -12.59 -44.12
N ASP IA 252 -87.82 -12.91 -43.17
CA ASP IA 252 -87.20 -14.24 -43.16
C ASP IA 252 -88.23 -15.34 -42.92
N ILE IA 253 -89.10 -15.14 -41.93
CA ILE IA 253 -90.11 -16.16 -41.64
C ILE IA 253 -91.07 -16.33 -42.81
N ARG IA 254 -91.50 -15.21 -43.41
CA ARG IA 254 -92.39 -15.29 -44.55
C ARG IA 254 -91.72 -16.05 -45.70
N LYS IA 255 -90.44 -15.80 -45.93
CA LYS IA 255 -89.74 -16.49 -47.00
C LYS IA 255 -89.74 -17.99 -46.78
N VAL IA 256 -89.37 -18.43 -45.57
CA VAL IA 256 -89.30 -19.88 -45.35
C VAL IA 256 -90.68 -20.51 -45.46
N ILE IA 257 -91.71 -19.85 -44.91
CA ILE IA 257 -93.05 -20.41 -44.94
C ILE IA 257 -93.55 -20.55 -46.37
N ILE IA 258 -93.35 -19.51 -47.18
CA ILE IA 258 -93.83 -19.57 -48.55
C ILE IA 258 -93.03 -20.60 -49.36
N ASP IA 259 -91.72 -20.66 -49.15
CA ASP IA 259 -90.90 -21.54 -49.96
C ASP IA 259 -91.16 -23.02 -49.67
N ASP IA 260 -91.38 -23.38 -48.40
CA ASP IA 260 -91.33 -24.79 -48.05
C ASP IA 260 -92.67 -25.44 -47.77
N TYR IA 261 -93.73 -24.68 -47.49
CA TYR IA 261 -94.95 -25.29 -46.97
C TYR IA 261 -96.24 -24.90 -47.69
N ILE IA 262 -96.32 -23.74 -48.33
CA ILE IA 262 -97.57 -23.34 -48.95
C ILE IA 262 -97.83 -24.21 -50.18
N GLY IA 263 -98.92 -24.97 -50.14
CA GLY IA 263 -99.28 -25.86 -51.23
C GLY IA 263 -98.41 -27.08 -51.41
N LYS IA 264 -97.25 -27.13 -50.76
CA LYS IA 264 -96.33 -28.25 -50.94
C LYS IA 264 -96.79 -29.49 -50.18
N VAL IA 265 -97.37 -29.31 -48.99
CA VAL IA 265 -97.68 -30.41 -48.10
C VAL IA 265 -99.15 -30.38 -47.75
N THR IA 266 -99.67 -31.55 -47.34
CA THR IA 266 -101.04 -31.64 -46.89
C THR IA 266 -101.18 -31.07 -45.49
N ASN IA 267 -102.37 -30.56 -45.19
CA ASN IA 267 -102.62 -29.88 -43.92
C ASN IA 267 -102.96 -30.94 -42.87
N SER IA 268 -101.93 -31.43 -42.20
CA SER IA 268 -102.08 -32.42 -41.15
C SER IA 268 -101.30 -31.96 -39.92
N TYR IA 269 -101.67 -32.54 -38.77
CA TYR IA 269 -101.05 -32.14 -37.50
C TYR IA 269 -99.54 -32.37 -37.52
N ASP IA 270 -99.11 -33.47 -38.13
CA ASP IA 270 -97.68 -33.78 -38.17
C ASP IA 270 -96.90 -32.72 -38.94
N ASN IA 271 -97.45 -32.27 -40.07
CA ASN IA 271 -96.80 -31.21 -40.82
C ASN IA 271 -96.79 -29.90 -40.05
N LYS IA 272 -97.83 -29.64 -39.25
CA LYS IA 272 -97.82 -28.46 -38.39
C LYS IA 272 -96.69 -28.54 -37.38
N CYS IA 273 -96.47 -29.72 -36.81
CA CYS IA 273 -95.35 -29.89 -35.87
C CYS IA 273 -94.01 -29.67 -36.57
N LEU IA 274 -93.87 -30.18 -37.79
CA LEU IA 274 -92.64 -29.94 -38.55
C LEU IA 274 -92.41 -28.45 -38.79
N LEU IA 275 -93.47 -27.72 -39.15
CA LEU IA 275 -93.36 -26.28 -39.34
C LEU IA 275 -92.94 -25.58 -38.05
N ILE IA 276 -93.52 -26.02 -36.93
CA ILE IA 276 -93.17 -25.43 -35.64
C ILE IA 276 -91.69 -25.62 -35.36
N VAL IA 277 -91.18 -26.83 -35.63
CA VAL IA 277 -89.76 -27.11 -35.40
C VAL IA 277 -88.89 -26.23 -36.29
N ALA IA 278 -89.29 -26.05 -37.55
CA ALA IA 278 -88.52 -25.21 -38.46
C ALA IA 278 -88.43 -23.77 -37.97
N ILE IA 279 -89.58 -23.21 -37.55
CA ILE IA 279 -89.58 -21.83 -37.06
C ILE IA 279 -88.74 -21.71 -35.80
N LYS IA 280 -88.84 -22.70 -34.91
CA LYS IA 280 -88.04 -22.66 -33.69
C LYS IA 280 -86.56 -22.71 -34.00
N SER IA 281 -86.16 -23.51 -34.99
CA SER IA 281 -84.75 -23.56 -35.38
C SER IA 281 -84.28 -22.20 -35.91
N TYR IA 282 -85.11 -21.54 -36.71
CA TYR IA 282 -84.73 -20.20 -37.18
C TYR IA 282 -84.57 -19.23 -36.01
N LEU IA 283 -85.50 -19.28 -35.05
CA LEU IA 283 -85.42 -18.38 -33.90
C LEU IA 283 -84.18 -18.67 -33.06
N GLU IA 284 -83.80 -19.94 -32.92
CA GLU IA 284 -82.58 -20.27 -32.20
C GLU IA 284 -81.35 -19.74 -32.93
N GLU IA 285 -81.35 -19.82 -34.26
CA GLU IA 285 -80.25 -19.21 -35.02
C GLU IA 285 -80.17 -17.72 -34.76
N LEU IA 286 -81.32 -17.04 -34.71
CA LEU IA 286 -81.32 -15.62 -34.38
C LEU IA 286 -80.77 -15.36 -32.98
N GLU IA 287 -81.15 -16.21 -32.02
CA GLU IA 287 -80.66 -16.04 -30.66
C GLU IA 287 -79.14 -16.18 -30.60
N LYS IA 288 -78.58 -17.13 -31.35
CA LYS IA 288 -77.14 -17.30 -31.37
C LYS IA 288 -76.44 -16.09 -31.97
N SER IA 289 -77.07 -15.42 -32.93
CA SER IA 289 -76.52 -14.21 -33.53
C SER IA 289 -76.63 -12.99 -32.62
N ALA IA 290 -77.30 -13.11 -31.47
CA ALA IA 290 -77.43 -12.08 -30.45
C ALA IA 290 -78.34 -10.93 -30.88
N LEU IA 291 -79.24 -11.15 -31.85
CA LEU IA 291 -80.22 -10.12 -32.17
C LEU IA 291 -81.33 -10.05 -31.15
N ILE IA 292 -81.78 -11.20 -30.66
CA ILE IA 292 -82.85 -11.28 -29.67
C ILE IA 292 -82.34 -12.04 -28.45
N GLU IA 293 -83.15 -12.03 -27.40
CA GLU IA 293 -82.80 -12.70 -26.16
C GLU IA 293 -83.22 -14.16 -26.19
N SER IA 294 -82.67 -14.93 -25.26
CA SER IA 294 -82.90 -16.36 -25.21
C SER IA 294 -84.29 -16.68 -24.65
N ASP IA 295 -84.63 -17.97 -24.70
CA ASP IA 295 -85.88 -18.50 -24.17
C ASP IA 295 -87.09 -17.95 -24.94
N SER IA 296 -87.06 -18.13 -26.26
CA SER IA 296 -88.19 -17.81 -27.12
C SER IA 296 -88.95 -19.09 -27.46
N THR IA 297 -90.27 -19.00 -27.53
CA THR IA 297 -91.12 -20.17 -27.68
C THR IA 297 -91.97 -20.08 -28.94
N VAL IA 298 -92.35 -21.24 -29.47
CA VAL IA 298 -93.31 -21.38 -30.56
C VAL IA 298 -94.25 -22.52 -30.21
N GLU IA 299 -95.55 -22.33 -30.43
CA GLU IA 299 -96.50 -23.37 -30.10
C GLU IA 299 -97.81 -23.13 -30.86
N ILE IA 300 -98.69 -24.13 -30.77
CA ILE IA 300 -100.00 -24.05 -31.40
C ILE IA 300 -100.88 -23.07 -30.64
N ASP IA 301 -101.53 -22.17 -31.38
CA ASP IA 301 -102.45 -21.20 -30.80
C ASP IA 301 -103.77 -21.93 -30.53
N PHE IA 302 -104.01 -22.28 -29.27
CA PHE IA 302 -105.15 -23.11 -28.93
C PHE IA 302 -106.46 -22.33 -28.96
N GLU IA 303 -106.47 -21.12 -28.38
CA GLU IA 303 -107.69 -20.34 -28.31
C GLU IA 303 -108.22 -19.98 -29.69
N ALA IA 304 -107.33 -19.60 -30.60
CA ALA IA 304 -107.75 -19.27 -31.97
C ALA IA 304 -108.33 -20.49 -32.67
N GLN IA 305 -107.71 -21.66 -32.49
CA GLN IA 305 -108.23 -22.88 -33.07
C GLN IA 305 -109.62 -23.21 -32.52
N LYS IA 306 -109.79 -23.06 -31.20
CA LYS IA 306 -111.08 -23.32 -30.59
C LYS IA 306 -112.14 -22.37 -31.13
N SER IA 307 -111.80 -21.09 -31.27
CA SER IA 307 -112.75 -20.12 -31.82
C SER IA 307 -113.12 -20.47 -33.25
N TYR IA 308 -112.13 -20.86 -34.06
CA TYR IA 308 -112.42 -21.24 -35.44
C TYR IA 308 -113.33 -22.46 -35.49
N LEU IA 309 -113.05 -23.48 -34.68
CA LEU IA 309 -113.89 -24.67 -34.67
C LEU IA 309 -115.30 -24.35 -34.23
N LYS IA 310 -115.45 -23.45 -33.24
CA LYS IA 310 -116.78 -23.02 -32.83
C LYS IA 310 -117.49 -22.28 -33.96
N SER IA 311 -116.75 -21.47 -34.72
CA SER IA 311 -117.35 -20.74 -35.84
C SER IA 311 -117.88 -21.70 -36.90
N LYS IA 312 -117.18 -22.81 -37.13
CA LYS IA 312 -117.63 -23.80 -38.10
C LYS IA 312 -118.88 -24.53 -37.63
N GLY IA 313 -119.28 -24.37 -36.37
CA GLY IA 313 -120.47 -24.99 -35.86
C GLY IA 313 -120.29 -26.38 -35.29
N VAL IA 314 -119.06 -26.88 -35.19
CA VAL IA 314 -118.86 -28.20 -34.59
C VAL IA 314 -119.13 -28.13 -33.09
N ASP IA 315 -119.48 -29.27 -32.52
CA ASP IA 315 -119.80 -29.34 -31.10
C ASP IA 315 -118.53 -29.50 -30.28
N LEU IA 316 -118.36 -28.65 -29.28
CA LEU IA 316 -117.18 -28.69 -28.44
C LEU IA 316 -117.36 -29.52 -27.18
N SER IA 317 -118.58 -29.95 -26.88
CA SER IA 317 -118.83 -30.75 -25.70
C SER IA 317 -118.34 -32.18 -25.90
N TYR IA 318 -118.01 -32.84 -24.78
CA TYR IA 318 -117.56 -34.23 -24.78
C TYR IA 318 -116.35 -34.43 -25.68
N MET IA 319 -115.43 -33.46 -25.68
CA MET IA 319 -114.23 -33.51 -26.50
C MET IA 319 -113.01 -33.24 -25.63
N THR IA 320 -112.00 -34.09 -25.77
CA THR IA 320 -110.77 -33.92 -25.02
C THR IA 320 -109.95 -32.76 -25.58
N LEU IA 321 -109.00 -32.27 -24.78
CA LEU IA 321 -108.13 -31.19 -25.23
C LEU IA 321 -107.28 -31.63 -26.41
N GLN IA 322 -106.76 -32.85 -26.38
CA GLN IA 322 -105.97 -33.35 -27.51
C GLN IA 322 -106.84 -33.48 -28.76
N GLU IA 323 -108.11 -33.83 -28.60
CA GLU IA 323 -109.00 -33.92 -29.75
C GLU IA 323 -109.19 -32.55 -30.41
N ILE IA 324 -109.36 -31.50 -29.60
CA ILE IA 324 -109.47 -30.15 -30.15
C ILE IA 324 -108.15 -29.75 -30.81
N LYS IA 325 -107.03 -30.03 -30.15
CA LYS IA 325 -105.73 -29.60 -30.65
C LYS IA 325 -105.42 -30.24 -32.00
N GLU IA 326 -105.74 -31.52 -32.16
CA GLU IA 326 -105.43 -32.26 -33.38
C GLU IA 326 -106.56 -32.26 -34.40
N ALA IA 327 -107.64 -31.55 -34.14
CA ALA IA 327 -108.75 -31.51 -35.09
C ALA IA 327 -108.35 -30.81 -36.38
N ASN IA 328 -108.96 -31.23 -37.48
CA ASN IA 328 -108.65 -30.68 -38.80
C ASN IA 328 -109.34 -29.33 -38.98
N THR IA 329 -108.60 -28.38 -39.56
CA THR IA 329 -109.06 -27.03 -39.76
C THR IA 329 -109.00 -26.63 -41.23
N GLY IA 330 -109.38 -27.54 -42.11
CA GLY IA 330 -109.38 -27.26 -43.54
C GLY IA 330 -107.99 -26.98 -44.08
N SER IA 331 -107.73 -25.73 -44.42
CA SER IA 331 -106.42 -25.30 -44.89
C SER IA 331 -105.76 -24.27 -43.99
N LYS IA 332 -106.37 -23.92 -42.86
CA LYS IA 332 -105.85 -22.90 -41.98
C LYS IA 332 -104.89 -23.47 -40.95
N VAL IA 333 -103.92 -22.64 -40.54
CA VAL IA 333 -102.95 -22.99 -39.50
C VAL IA 333 -102.87 -21.82 -38.53
N PHE IA 334 -102.93 -22.12 -37.23
CA PHE IA 334 -102.86 -21.11 -36.18
C PHE IA 334 -101.63 -21.35 -35.32
N LEU IA 335 -100.81 -20.31 -35.17
CA LEU IA 335 -99.57 -20.39 -34.39
C LEU IA 335 -99.41 -19.12 -33.57
N LYS IA 336 -98.52 -19.18 -32.58
CA LYS IA 336 -98.15 -18.03 -31.78
C LYS IA 336 -96.74 -18.22 -31.24
N ALA IA 337 -96.10 -17.12 -30.87
CA ALA IA 337 -94.71 -17.15 -30.43
C ALA IA 337 -94.45 -16.00 -29.46
N LYS IA 338 -93.23 -15.95 -28.94
CA LYS IA 338 -92.81 -14.92 -28.00
C LYS IA 338 -91.32 -14.66 -28.17
N ILE IA 339 -90.93 -13.38 -28.20
CA ILE IA 339 -89.54 -12.96 -28.33
C ILE IA 339 -89.30 -11.77 -27.41
N LYS IA 340 -88.04 -11.38 -27.32
CA LYS IA 340 -87.63 -10.23 -26.52
C LYS IA 340 -86.46 -9.53 -27.20
N VAL IA 341 -86.57 -8.22 -27.39
CA VAL IA 341 -85.58 -7.43 -28.09
C VAL IA 341 -85.08 -6.34 -27.15
N LEU IA 342 -83.76 -6.17 -27.09
CA LEU IA 342 -83.15 -5.16 -26.24
C LEU IA 342 -82.95 -3.85 -27.00
N ASP IA 343 -82.66 -2.80 -26.24
CA ASP IA 343 -82.43 -1.46 -26.76
C ASP IA 343 -81.01 -1.02 -26.42
N ALA IA 344 -80.61 0.12 -26.98
CA ALA IA 344 -79.26 0.66 -26.81
C ALA IA 344 -79.24 1.77 -25.77
N MET IA 345 -78.03 2.01 -25.24
CA MET IA 345 -77.84 3.08 -24.26
C MET IA 345 -78.03 4.43 -24.93
N GLU IA 346 -78.93 5.24 -24.38
CA GLU IA 346 -79.16 6.59 -24.89
C GLU IA 346 -79.27 7.65 -23.81
N ASP IA 347 -79.58 7.30 -22.56
CA ASP IA 347 -79.69 8.25 -21.47
C ASP IA 347 -78.88 7.74 -20.29
N ILE IA 348 -78.04 8.60 -19.72
CA ILE IA 348 -77.18 8.23 -18.60
C ILE IA 348 -77.33 9.27 -17.51
N ASP IA 349 -77.58 8.82 -16.28
CA ASP IA 349 -77.77 9.68 -15.13
C ASP IA 349 -76.70 9.35 -14.10
N LEU IA 350 -75.78 10.28 -13.86
CA LEU IA 350 -74.69 10.10 -12.92
C LEU IA 350 -74.81 11.14 -11.81
N SER IA 351 -74.84 10.68 -10.57
CA SER IA 351 -74.94 11.54 -9.39
C SER IA 351 -73.63 11.45 -8.61
N ILE IA 352 -73.00 12.59 -8.37
CA ILE IA 352 -71.69 12.65 -7.73
C ILE IA 352 -71.82 13.43 -6.42
N GLU IA 353 -71.30 12.86 -5.35
CA GLU IA 353 -71.26 13.51 -4.05
C GLU IA 353 -69.86 14.06 -3.81
N ILE IA 354 -69.77 15.36 -3.62
CA ILE IA 354 -68.48 16.01 -3.39
C ILE IA 354 -68.32 16.32 -1.91
N SER JA 2 9.14 57.87 26.59
CA SER JA 2 10.53 57.49 26.50
C SER JA 2 10.69 56.18 25.73
N THR JA 3 10.09 55.11 26.24
CA THR JA 3 10.22 53.79 25.66
C THR JA 3 9.25 53.65 24.48
N ILE JA 4 9.73 52.99 23.42
CA ILE JA 4 8.92 52.82 22.22
C ILE JA 4 7.86 51.76 22.45
N PHE JA 5 6.78 51.86 21.67
CA PHE JA 5 5.70 50.87 21.69
C PHE JA 5 5.70 50.14 20.35
N PRO JA 6 6.19 48.91 20.28
CA PRO JA 6 6.44 48.28 18.98
C PRO JA 6 5.23 47.58 18.39
N PHE JA 7 4.04 47.85 18.89
CA PHE JA 7 2.83 47.21 18.41
C PHE JA 7 1.91 48.22 17.75
N ILE JA 8 0.99 47.71 16.93
CA ILE JA 8 0.09 48.57 16.17
C ILE JA 8 -0.98 49.13 17.10
N GLY JA 9 -1.10 50.46 17.11
CA GLY JA 9 -2.12 51.11 17.91
C GLY JA 9 -1.57 51.75 19.17
N VAL JA 10 -2.34 51.68 20.25
CA VAL JA 10 -1.96 52.27 21.53
C VAL JA 10 -2.27 51.27 22.63
N PRO JA 11 -1.61 51.41 23.79
CA PRO JA 11 -1.84 50.46 24.89
C PRO JA 11 -3.30 50.30 25.28
N GLU JA 12 -4.16 51.28 24.99
CA GLU JA 12 -5.55 51.19 25.40
C GLU JA 12 -6.31 50.12 24.62
N ASP JA 13 -5.92 49.87 23.37
CA ASP JA 13 -6.63 48.90 22.54
C ASP JA 13 -6.39 47.46 22.97
N TYR JA 14 -5.43 47.20 23.84
CA TYR JA 14 -5.07 45.86 24.24
C TYR JA 14 -5.67 45.47 25.58
N ILE JA 15 -6.60 46.25 26.11
CA ILE JA 15 -7.31 45.89 27.33
C ILE JA 15 -8.56 45.12 26.92
N LEU JA 16 -8.66 43.88 27.37
CA LEU JA 16 -9.81 43.06 27.03
C LEU JA 16 -10.72 42.86 28.23
N PRO JA 17 -12.01 43.20 28.07
CA PRO JA 17 -13.03 43.07 29.11
C PRO JA 17 -13.33 41.61 29.41
N LYS JA 18 -13.61 41.30 30.67
CA LYS JA 18 -13.91 39.93 31.06
C LYS JA 18 -15.15 39.44 30.33
N THR JA 19 -15.04 38.29 29.68
CA THR JA 19 -16.18 37.71 29.01
C THR JA 19 -17.19 37.26 30.05
N GLU JA 20 -18.47 37.52 29.78
CA GLU JA 20 -19.52 37.19 30.73
C GLU JA 20 -20.70 36.61 29.97
N GLU JA 21 -21.62 36.03 30.73
CA GLU JA 21 -22.85 35.53 30.15
C GLU JA 21 -23.64 36.67 29.53
N LEU JA 22 -24.55 36.31 28.64
CA LEU JA 22 -25.37 37.31 27.98
C LEU JA 22 -26.24 38.03 29.01
N PRO JA 23 -26.37 39.36 28.92
CA PRO JA 23 -27.24 40.08 29.86
C PRO JA 23 -28.68 39.67 29.68
N ILE JA 24 -29.45 39.83 30.77
CA ILE JA 24 -30.82 39.34 30.79
C ILE JA 24 -31.64 40.00 29.69
N PHE JA 25 -32.35 39.19 28.93
CA PHE JA 25 -33.10 39.66 27.77
C PHE JA 25 -34.35 40.42 28.22
N ARG JA 26 -34.47 41.68 27.78
CA ARG JA 26 -35.57 42.55 28.17
C ARG JA 26 -36.11 43.29 26.95
N GLU JA 27 -37.43 43.50 26.92
CA GLU JA 27 -38.08 44.05 25.75
C GLU JA 27 -39.38 44.73 26.18
N VAL JA 28 -39.84 45.67 25.34
CA VAL JA 28 -41.12 46.32 25.57
C VAL JA 28 -42.26 45.34 25.34
N ALA JA 29 -43.23 45.35 26.25
CA ALA JA 29 -44.37 44.44 26.15
C ALA JA 29 -45.22 44.76 24.92
N TRP JA 30 -45.87 43.73 24.40
CA TRP JA 30 -46.65 43.83 23.17
C TRP JA 30 -47.99 43.12 23.36
N ASP JA 31 -49.02 43.64 22.70
CA ASP JA 31 -50.37 43.07 22.75
C ASP JA 31 -50.65 42.43 21.40
N PHE JA 32 -50.67 41.09 21.38
CA PHE JA 32 -50.80 40.37 20.12
C PHE JA 32 -52.19 40.50 19.51
N GLU JA 33 -53.24 40.58 20.35
CA GLU JA 33 -54.59 40.61 19.83
C GLU JA 33 -54.86 41.88 19.02
N LYS JA 34 -54.33 43.01 19.46
CA LYS JA 34 -54.57 44.29 18.80
C LYS JA 34 -53.34 44.87 18.13
N ASP JA 35 -52.18 44.23 18.26
CA ASP JA 35 -50.94 44.67 17.62
C ASP JA 35 -50.56 46.09 18.07
N GLU JA 36 -50.33 46.23 19.37
CA GLU JA 36 -49.95 47.51 19.97
C GLU JA 36 -49.01 47.26 21.13
N PRO JA 37 -48.09 48.20 21.39
CA PRO JA 37 -47.35 48.16 22.64
C PRO JA 37 -48.26 48.51 23.82
N ILE JA 38 -47.86 48.03 25.00
CA ILE JA 38 -48.69 48.12 26.20
C ILE JA 38 -48.12 49.18 27.13
N LEU JA 39 -48.99 50.10 27.56
CA LEU JA 39 -48.63 51.16 28.49
C LEU JA 39 -49.08 50.80 29.90
N GLU JA 40 -48.26 51.14 30.88
CA GLU JA 40 -48.53 50.83 32.29
C GLU JA 40 -48.13 52.01 33.15
N LYS JA 41 -49.09 52.56 33.89
CA LYS JA 41 -48.86 53.71 34.77
C LYS JA 41 -48.25 54.88 33.99
N GLY JA 42 -48.77 55.13 32.79
CA GLY JA 42 -48.27 56.21 31.97
C GLY JA 42 -46.85 56.04 31.48
N ASP JA 43 -46.45 54.81 31.15
CA ASP JA 43 -45.14 54.56 30.57
C ASP JA 43 -45.14 53.18 29.94
N PHE JA 44 -44.11 52.90 29.15
CA PHE JA 44 -43.96 51.60 28.53
C PHE JA 44 -43.66 50.54 29.59
N LYS JA 45 -44.19 49.34 29.37
CA LYS JA 45 -44.06 48.25 30.31
C LYS JA 45 -43.01 47.27 29.79
N ILE JA 46 -42.04 46.93 30.64
CA ILE JA 46 -40.89 46.13 30.25
C ILE JA 46 -41.04 44.74 30.86
N ILE JA 47 -40.92 43.71 30.01
CA ILE JA 47 -40.99 42.33 30.45
C ILE JA 47 -39.62 41.69 30.28
N GLU JA 48 -39.48 40.47 30.79
CA GLU JA 48 -38.17 39.86 30.96
C GLU JA 48 -38.20 38.41 30.53
N LYS JA 49 -37.04 37.91 30.09
CA LYS JA 49 -36.80 36.51 29.77
C LYS JA 49 -37.78 36.04 28.71
N LYS JA 50 -38.58 35.00 28.94
CA LYS JA 50 -39.26 34.28 27.87
C LYS JA 50 -40.36 35.11 27.23
N GLU JA 51 -41.02 35.98 28.00
CA GLU JA 51 -42.04 36.85 27.41
C GLU JA 51 -41.44 37.78 26.37
N ALA JA 52 -40.28 38.35 26.66
CA ALA JA 52 -39.57 39.17 25.69
C ALA JA 52 -39.21 38.36 24.46
N LEU JA 53 -38.80 37.10 24.67
CA LEU JA 53 -38.50 36.23 23.54
C LEU JA 53 -39.74 35.97 22.70
N LYS JA 54 -40.91 35.84 23.35
CA LYS JA 54 -42.14 35.68 22.59
C LYS JA 54 -42.40 36.88 21.71
N VAL JA 55 -42.20 38.08 22.25
CA VAL JA 55 -42.39 39.29 21.44
C VAL JA 55 -41.44 39.27 20.24
N TRP JA 56 -40.17 38.95 20.49
CA TRP JA 56 -39.19 38.96 19.42
C TRP JA 56 -39.51 37.93 18.35
N ILE JA 57 -39.94 36.73 18.76
CA ILE JA 57 -40.25 35.67 17.80
C ILE JA 57 -41.46 36.06 16.97
N TYR JA 58 -42.49 36.61 17.60
CA TYR JA 58 -43.68 37.06 16.87
C TYR JA 58 -43.28 38.08 15.81
N LYS JA 59 -42.51 39.09 16.21
CA LYS JA 59 -42.10 40.12 15.26
C LYS JA 59 -41.25 39.55 14.14
N CYS JA 60 -40.35 38.61 14.45
CA CYS JA 60 -39.49 38.04 13.42
C CYS JA 60 -40.29 37.22 12.41
N ILE JA 61 -41.23 36.41 12.88
CA ILE JA 61 -42.01 35.59 11.97
C ILE JA 61 -42.89 36.47 11.09
N LYS JA 62 -43.41 37.58 11.63
CA LYS JA 62 -44.38 38.36 10.89
C LYS JA 62 -43.81 39.11 9.69
N THR JA 63 -42.50 39.33 9.61
CA THR JA 63 -41.94 40.15 8.55
C THR JA 63 -41.45 39.31 7.37
N ASN JA 64 -41.38 39.95 6.21
CA ASN JA 64 -40.82 39.35 5.01
C ASN JA 64 -39.34 39.65 4.91
N ARG JA 65 -38.62 38.79 4.19
CA ARG JA 65 -37.16 38.75 4.30
C ARG JA 65 -36.50 39.93 3.60
N TYR JA 66 -36.78 40.12 2.31
CA TYR JA 66 -36.07 41.10 1.50
C TYR JA 66 -36.88 42.35 1.20
N GLU JA 67 -38.02 42.55 1.88
CA GLU JA 67 -38.93 43.62 1.48
C GLU JA 67 -38.44 44.99 1.93
N HIS JA 68 -37.81 45.09 3.09
CA HIS JA 68 -37.50 46.37 3.71
C HIS JA 68 -36.03 46.70 3.62
N GLU JA 69 -35.73 47.97 3.35
CA GLU JA 69 -34.35 48.42 3.18
C GLU JA 69 -33.61 48.51 4.51
N ILE JA 70 -34.33 48.76 5.60
CA ILE JA 70 -33.68 48.98 6.89
C ILE JA 70 -33.07 47.69 7.44
N TYR JA 71 -33.59 46.54 7.03
CA TYR JA 71 -33.12 45.27 7.54
C TYR JA 71 -32.01 44.69 6.67
N SER JA 72 -31.22 43.81 7.26
CA SER JA 72 -30.18 43.09 6.56
C SER JA 72 -30.77 41.93 5.78
N LEU JA 73 -29.92 41.15 5.13
CA LEU JA 73 -30.40 40.07 4.28
C LEU JA 73 -30.74 38.80 5.07
N GLU JA 74 -30.47 38.78 6.37
CA GLU JA 74 -30.72 37.60 7.19
C GLU JA 74 -31.96 37.72 8.07
N TYR JA 75 -32.59 38.89 8.13
CA TYR JA 75 -33.74 39.08 9.00
C TYR JA 75 -35.03 38.83 8.23
N GLY JA 76 -35.94 38.10 8.85
CA GLY JA 76 -37.24 37.82 8.26
C GLY JA 76 -37.35 36.37 7.81
N THR JA 77 -38.52 36.05 7.27
CA THR JA 77 -38.84 34.70 6.82
C THR JA 77 -39.33 34.76 5.39
N GLU JA 78 -39.36 33.60 4.73
CA GLU JA 78 -39.77 33.50 3.33
C GLU JA 78 -41.08 32.74 3.16
N LEU JA 79 -41.91 32.69 4.20
CA LEU JA 79 -43.14 31.89 4.13
C LEU JA 79 -44.13 32.40 3.10
N SER JA 80 -43.97 33.64 2.61
CA SER JA 80 -44.91 34.16 1.64
C SER JA 80 -44.75 33.52 0.26
N GLU JA 81 -43.60 32.90 -0.01
CA GLU JA 81 -43.40 32.24 -1.30
C GLU JA 81 -44.21 30.96 -1.42
N LEU JA 82 -44.70 30.42 -0.29
CA LEU JA 82 -45.44 29.17 -0.32
C LEU JA 82 -46.93 29.36 -0.53
N ILE JA 83 -47.45 30.58 -0.42
CA ILE JA 83 -48.89 30.81 -0.51
C ILE JA 83 -49.35 30.58 -1.94
N GLY JA 84 -50.42 29.82 -2.09
CA GLY JA 84 -50.98 29.52 -3.40
C GLY JA 84 -50.55 28.20 -3.98
N GLN JA 85 -49.82 27.38 -3.23
CA GLN JA 85 -49.35 26.07 -3.69
C GLN JA 85 -48.43 26.21 -4.90
N LYS JA 86 -47.37 27.01 -4.74
CA LYS JA 86 -46.38 27.13 -5.80
C LYS JA 86 -45.55 25.86 -5.94
N TYR JA 87 -45.51 25.01 -4.92
CA TYR JA 87 -44.83 23.74 -4.95
C TYR JA 87 -45.81 22.64 -4.56
N THR JA 88 -45.35 21.39 -4.68
CA THR JA 88 -46.14 20.27 -4.20
C THR JA 88 -46.23 20.31 -2.68
N LYS JA 89 -47.10 19.46 -2.12
CA LYS JA 89 -47.34 19.51 -0.68
C LYS JA 89 -46.10 19.14 0.12
N GLY JA 90 -45.40 18.08 -0.28
CA GLY JA 90 -44.21 17.68 0.45
C GLY JA 90 -43.10 18.71 0.40
N LEU JA 91 -42.88 19.29 -0.79
CA LEU JA 91 -41.86 20.33 -0.92
C LEU JA 91 -42.22 21.55 -0.08
N THR JA 92 -43.50 21.93 -0.06
CA THR JA 92 -43.91 23.05 0.78
C THR JA 92 -43.66 22.76 2.26
N GLU JA 93 -43.93 21.54 2.69
CA GLU JA 93 -43.70 21.18 4.09
C GLU JA 93 -42.22 21.29 4.45
N SER JA 94 -41.36 20.69 3.63
CA SER JA 94 -39.93 20.74 3.90
C SER JA 94 -39.41 22.17 3.91
N GLU JA 95 -39.84 22.96 2.93
CA GLU JA 95 -39.37 24.34 2.85
C GLU JA 95 -39.87 25.17 4.02
N ALA JA 96 -41.10 24.93 4.49
CA ALA JA 96 -41.59 25.66 5.65
C ALA JA 96 -40.76 25.35 6.88
N SER JA 97 -40.44 24.07 7.09
CA SER JA 97 -39.58 23.70 8.23
C SER JA 97 -38.24 24.42 8.15
N ARG JA 98 -37.60 24.39 6.97
CA ARG JA 98 -36.30 25.02 6.83
C ARG JA 98 -36.38 26.53 7.04
N PHE JA 99 -37.39 27.17 6.47
CA PHE JA 99 -37.52 28.62 6.60
C PHE JA 99 -37.65 29.03 8.06
N ILE JA 100 -38.53 28.34 8.81
CA ILE JA 100 -38.75 28.72 10.19
C ILE JA 100 -37.48 28.52 11.02
N LYS JA 101 -36.82 27.37 10.84
CA LYS JA 101 -35.60 27.11 11.60
C LYS JA 101 -34.53 28.17 11.32
N GLU JA 102 -34.25 28.41 10.04
CA GLU JA 102 -33.15 29.32 9.69
C GLU JA 102 -33.48 30.75 10.10
N ALA JA 103 -34.75 31.15 9.99
CA ALA JA 103 -35.13 32.49 10.41
C ALA JA 103 -34.97 32.68 11.90
N LEU JA 104 -35.40 31.70 12.71
CA LEU JA 104 -35.36 31.89 14.15
C LEU JA 104 -33.96 31.75 14.73
N LEU JA 105 -33.07 30.99 14.08
CA LEU JA 105 -31.83 30.64 14.75
C LEU JA 105 -30.81 31.78 14.81
N ILE JA 106 -31.06 32.96 14.23
CA ILE JA 106 -30.03 34.00 14.26
C ILE JA 106 -29.90 34.65 15.63
N ASN JA 107 -30.92 34.53 16.48
CA ASN JA 107 -30.85 35.13 17.80
C ASN JA 107 -29.92 34.31 18.70
N PRO JA 108 -28.91 34.92 19.32
CA PRO JA 108 -28.00 34.15 20.18
C PRO JA 108 -28.65 33.59 21.43
N TYR JA 109 -29.82 34.09 21.82
CA TYR JA 109 -30.51 33.57 23.00
C TYR JA 109 -31.32 32.31 22.71
N ILE JA 110 -31.36 31.87 21.46
CA ILE JA 110 -32.16 30.72 21.04
C ILE JA 110 -31.20 29.61 20.61
N LEU JA 111 -31.40 28.41 21.16
CA LEU JA 111 -30.45 27.32 20.99
C LEU JA 111 -30.84 26.34 19.88
N GLU JA 112 -32.09 25.89 19.85
CA GLU JA 112 -32.51 24.95 18.82
C GLU JA 112 -34.00 25.09 18.55
N VAL JA 113 -34.39 24.74 17.32
CA VAL JA 113 -35.77 24.86 16.86
C VAL JA 113 -36.16 23.55 16.16
N ASN JA 114 -37.36 23.07 16.45
CA ASN JA 114 -37.90 21.87 15.81
C ASN JA 114 -39.30 22.13 15.32
N VAL JA 115 -39.58 21.74 14.09
CA VAL JA 115 -40.92 21.76 13.51
C VAL JA 115 -41.34 20.31 13.35
N LYS JA 116 -42.32 19.88 14.13
CA LYS JA 116 -42.59 18.45 14.32
C LYS JA 116 -43.84 17.98 13.58
N SER JA 117 -44.99 18.58 13.84
CA SER JA 117 -46.24 18.15 13.25
C SER JA 117 -46.61 19.06 12.09
N ALA JA 118 -47.11 18.47 11.01
CA ALA JA 118 -47.50 19.24 9.84
C ALA JA 118 -48.66 18.53 9.17
N ASN JA 119 -49.78 19.24 9.00
CA ASN JA 119 -51.00 18.65 8.48
C ASN JA 119 -51.68 19.62 7.53
N PHE JA 120 -52.15 19.10 6.40
CA PHE JA 120 -52.88 19.88 5.41
C PHE JA 120 -54.36 19.57 5.55
N ASN JA 121 -55.15 20.55 5.97
CA ASN JA 121 -56.59 20.41 6.06
C ASN JA 121 -57.13 21.58 5.27
N ARG JA 122 -57.98 21.32 4.27
CA ARG JA 122 -58.52 22.39 3.43
C ARG JA 122 -57.38 23.24 2.85
N ASP JA 123 -57.46 24.54 3.09
CA ASP JA 123 -56.45 25.48 2.64
C ASP JA 123 -55.54 25.96 3.78
N ILE JA 124 -55.52 25.23 4.91
CA ILE JA 124 -54.75 25.64 6.07
C ILE JA 124 -53.63 24.64 6.30
N LEU JA 125 -52.45 25.16 6.64
CA LEU JA 125 -51.30 24.36 7.02
C LEU JA 125 -51.00 24.62 8.49
N SER JA 126 -50.97 23.56 9.29
CA SER JA 126 -50.74 23.66 10.73
C SER JA 126 -49.40 23.03 11.10
N ALA JA 127 -48.75 23.61 12.10
CA ALA JA 127 -47.44 23.12 12.53
C ALA JA 127 -47.24 23.39 14.01
N ASN JA 128 -46.33 22.61 14.61
CA ASN JA 128 -45.93 22.77 16.00
C ASN JA 128 -44.45 23.09 16.04
N VAL JA 129 -44.08 24.13 16.78
CA VAL JA 129 -42.70 24.61 16.85
C VAL JA 129 -42.26 24.61 18.30
N LYS JA 130 -41.11 23.99 18.58
CA LYS JA 130 -40.53 23.95 19.91
C LYS JA 130 -39.20 24.69 19.90
N VAL JA 131 -39.06 25.66 20.81
CA VAL JA 131 -37.88 26.51 20.87
C VAL JA 131 -37.21 26.31 22.22
N SER JA 132 -35.90 26.11 22.21
CA SER JA 132 -35.12 25.93 23.42
C SER JA 132 -34.17 27.12 23.58
N THR JA 133 -34.19 27.74 24.74
CA THR JA 133 -33.42 28.94 25.02
C THR JA 133 -32.38 28.64 26.10
N ILE JA 134 -31.67 29.70 26.51
CA ILE JA 134 -30.74 29.55 27.63
C ILE JA 134 -31.45 29.56 28.97
N TYR JA 135 -32.68 30.08 29.02
CA TYR JA 135 -33.47 30.03 30.25
C TYR JA 135 -34.34 28.77 30.29
N MET KA 1 -42.84 9.32 -1.93
CA MET KA 1 -41.93 10.44 -1.76
C MET KA 1 -41.53 11.01 -3.10
N GLU KA 2 -40.80 12.13 -3.07
CA GLU KA 2 -40.28 12.76 -4.27
C GLU KA 2 -38.83 13.11 -4.06
N MET KA 3 -38.09 13.22 -5.18
CA MET KA 3 -36.69 13.60 -5.16
C MET KA 3 -36.48 14.81 -6.08
N TRP KA 4 -35.81 15.83 -5.56
CA TRP KA 4 -35.61 17.09 -6.27
C TRP KA 4 -34.15 17.51 -6.21
N LEU KA 5 -33.66 18.06 -7.32
CA LEU KA 5 -32.37 18.76 -7.35
C LEU KA 5 -32.62 20.14 -7.91
N ARG KA 6 -32.24 21.17 -7.16
CA ARG KA 6 -32.56 22.55 -7.51
C ARG KA 6 -31.31 23.41 -7.50
N GLN KA 7 -31.14 24.22 -8.54
CA GLN KA 7 -30.11 25.24 -8.60
C GLN KA 7 -30.78 26.58 -8.76
N ALA KA 8 -30.77 27.38 -7.69
CA ALA KA 8 -31.51 28.65 -7.65
C ALA KA 8 -32.96 28.33 -8.01
N GLU KA 9 -33.53 28.95 -9.03
CA GLU KA 9 -34.90 28.68 -9.44
C GLU KA 9 -35.01 27.57 -10.48
N ASP KA 10 -33.90 26.95 -10.87
CA ASP KA 10 -33.89 25.90 -11.88
C ASP KA 10 -34.08 24.56 -11.18
N ARG KA 11 -35.28 24.01 -11.23
CA ARG KA 11 -35.64 22.82 -10.47
C ARG KA 11 -35.78 21.61 -11.39
N PHE KA 12 -35.32 20.47 -10.91
CA PHE KA 12 -35.42 19.21 -11.63
C PHE KA 12 -35.98 18.15 -10.67
N ARG KA 13 -36.94 17.38 -11.14
CA ARG KA 13 -37.56 16.33 -10.36
C ARG KA 13 -37.36 15.00 -11.07
N PHE KA 14 -36.88 13.99 -10.34
CA PHE KA 14 -36.54 12.71 -10.95
C PHE KA 14 -37.80 11.96 -11.39
N PRO KA 15 -37.86 11.47 -12.62
CA PRO KA 15 -39.09 10.79 -13.08
C PRO KA 15 -39.35 9.46 -12.39
N VAL KA 16 -38.33 8.69 -12.07
CA VAL KA 16 -38.48 7.37 -11.45
C VAL KA 16 -37.78 7.39 -10.10
N PHE KA 17 -38.51 7.09 -9.05
CA PHE KA 17 -37.95 7.04 -7.71
C PHE KA 17 -37.11 5.77 -7.54
N PRO KA 18 -35.94 5.86 -6.91
CA PRO KA 18 -35.03 4.72 -6.85
C PRO KA 18 -35.56 3.62 -5.95
N SER KA 19 -34.87 2.48 -6.00
CA SER KA 19 -35.24 1.33 -5.20
C SER KA 19 -34.86 1.47 -3.73
N SER KA 20 -33.82 2.25 -3.44
CA SER KA 20 -33.42 2.52 -2.06
C SER KA 20 -32.50 3.72 -2.04
N PHE KA 21 -32.33 4.30 -0.84
CA PHE KA 21 -31.42 5.41 -0.64
C PHE KA 21 -30.84 5.30 0.76
N SER KA 22 -29.60 5.79 0.94
CA SER KA 22 -28.93 5.67 2.22
C SER KA 22 -27.99 6.84 2.45
N ILE KA 23 -27.93 7.30 3.70
CA ILE KA 23 -27.07 8.40 4.13
C ILE KA 23 -25.93 7.81 4.94
N ASN KA 24 -24.70 8.26 4.66
CA ASN KA 24 -23.51 7.80 5.38
C ASN KA 24 -22.92 8.94 6.20
N GLY KA 25 -22.73 8.71 7.49
CA GLY KA 25 -22.17 9.72 8.36
C GLY KA 25 -21.08 9.14 9.25
N LYS KA 26 -20.08 9.97 9.54
CA LYS KA 26 -18.93 9.57 10.31
C LYS KA 26 -18.49 10.71 11.21
N ALA KA 27 -17.73 10.36 12.25
CA ALA KA 27 -17.09 11.33 13.12
C ALA KA 27 -15.63 10.99 13.24
N ALA KA 28 -14.79 12.02 13.32
CA ALA KA 28 -13.34 11.83 13.38
C ALA KA 28 -12.92 11.58 14.82
N VAL KA 29 -12.26 10.44 15.05
CA VAL KA 29 -11.78 10.06 16.38
C VAL KA 29 -10.26 9.95 16.32
N ASN KA 30 -9.57 10.80 17.08
CA ASN KA 30 -8.12 10.77 17.11
C ASN KA 30 -7.64 9.66 18.03
N SER KA 31 -6.58 8.96 17.61
CA SER KA 31 -6.01 7.88 18.38
C SER KA 31 -4.62 8.27 18.89
N SER KA 32 -4.39 8.01 20.18
CA SER KA 32 -3.09 8.21 20.79
C SER KA 32 -2.81 7.01 21.68
N SER KA 33 -1.80 7.12 22.53
CA SER KA 33 -1.46 6.04 23.44
C SER KA 33 -0.71 6.63 24.62
N ILE KA 34 -0.73 5.91 25.74
CA ILE KA 34 -0.02 6.30 26.95
C ILE KA 34 0.77 5.10 27.43
N LEU KA 35 2.01 5.34 27.86
CA LEU KA 35 2.86 4.25 28.32
C LEU KA 35 2.21 3.51 29.47
N LYS KA 36 2.18 2.18 29.36
CA LYS KA 36 1.66 1.26 30.37
C LYS KA 36 0.16 1.35 30.55
N ILE KA 37 -0.56 2.02 29.65
CA ILE KA 37 -2.02 2.12 29.76
C ILE KA 37 -2.67 1.62 28.48
N GLY KA 38 -1.99 1.77 27.35
CA GLY KA 38 -2.56 1.37 26.08
C GLY KA 38 -3.12 2.52 25.27
N GLU KA 39 -4.11 2.22 24.42
CA GLU KA 39 -4.63 3.19 23.48
C GLU KA 39 -5.71 4.07 24.11
N ILE KA 40 -5.75 5.34 23.69
CA ILE KA 40 -6.78 6.29 24.09
C ILE KA 40 -7.30 6.99 22.85
N ALA KA 41 -8.47 7.63 22.99
CA ALA KA 41 -9.13 8.27 21.86
C ALA KA 41 -9.73 9.61 22.30
N THR KA 42 -9.83 10.53 21.33
CA THR KA 42 -10.47 11.82 21.53
C THR KA 42 -11.36 12.14 20.33
N PHE KA 43 -12.23 13.13 20.51
CA PHE KA 43 -13.17 13.54 19.48
C PHE KA 43 -12.51 14.58 18.57
N GLY KA 44 -12.68 14.41 17.26
CA GLY KA 44 -12.06 15.30 16.30
C GLY KA 44 -12.98 15.95 15.29
N GLY KA 45 -14.25 16.12 15.62
CA GLY KA 45 -15.17 16.80 14.74
C GLY KA 45 -15.93 15.85 13.83
N VAL KA 46 -17.04 16.36 13.29
CA VAL KA 46 -17.93 15.58 12.44
C VAL KA 46 -17.53 15.76 10.98
N ALA KA 47 -17.78 14.72 10.18
CA ALA KA 47 -17.48 14.75 8.76
C ALA KA 47 -18.73 15.05 7.94
N LEU KA 48 -18.53 15.35 6.67
CA LEU KA 48 -19.63 15.63 5.76
C LEU KA 48 -20.33 14.34 5.35
N LYS KA 49 -21.65 14.41 5.23
CA LYS KA 49 -22.43 13.25 4.82
C LYS KA 49 -22.24 12.98 3.33
N SER KA 50 -22.72 11.82 2.89
CA SER KA 50 -22.69 11.47 1.48
C SER KA 50 -23.86 10.56 1.16
N ILE KA 51 -24.30 10.59 -0.09
CA ILE KA 51 -25.39 9.73 -0.55
C ILE KA 51 -25.15 9.38 -2.01
N SER KA 52 -25.58 8.18 -2.40
CA SER KA 52 -25.47 7.67 -3.76
C SER KA 52 -26.84 7.23 -4.24
N ILE KA 53 -27.17 7.56 -5.48
CA ILE KA 53 -28.49 7.32 -6.05
C ILE KA 53 -28.36 6.51 -7.33
N SER KA 54 -29.24 5.53 -7.53
CA SER KA 54 -29.24 4.68 -8.70
C SER KA 54 -30.66 4.53 -9.23
N SER KA 55 -30.86 4.85 -10.50
CA SER KA 55 -32.16 4.73 -11.17
C SER KA 55 -31.92 4.78 -12.67
N PHE KA 56 -32.99 5.02 -13.43
CA PHE KA 56 -32.88 5.22 -14.86
C PHE KA 56 -33.78 6.36 -15.31
N PHE KA 57 -33.48 6.90 -16.49
CA PHE KA 57 -34.31 7.92 -17.12
C PHE KA 57 -35.16 7.26 -18.19
N PRO KA 58 -36.48 7.24 -18.07
CA PRO KA 58 -37.31 6.53 -19.05
C PRO KA 58 -37.32 7.22 -20.40
N ASN KA 59 -37.43 6.41 -21.45
CA ASN KA 59 -37.60 6.89 -22.82
C ASN KA 59 -39.05 6.88 -23.26
N LYS KA 60 -39.98 6.53 -22.38
CA LYS KA 60 -41.40 6.53 -22.71
C LYS KA 60 -42.18 6.67 -21.41
N ASP KA 61 -43.47 6.95 -21.55
CA ASP KA 61 -44.33 7.12 -20.38
C ASP KA 61 -44.72 5.76 -19.81
N TYR KA 62 -44.31 5.49 -18.58
CA TYR KA 62 -44.58 4.24 -17.92
C TYR KA 62 -45.69 4.41 -16.90
N THR KA 63 -46.28 3.29 -16.49
CA THR KA 63 -47.33 3.34 -15.47
C THR KA 63 -46.78 3.65 -14.09
N PHE KA 64 -45.50 3.39 -13.86
CA PHE KA 64 -44.86 3.64 -12.57
C PHE KA 64 -44.11 4.95 -12.52
N CYS KA 65 -44.24 5.80 -13.53
CA CYS KA 65 -43.56 7.09 -13.53
C CYS KA 65 -44.21 8.03 -12.51
N ASP KA 66 -43.38 8.88 -11.91
CA ASP KA 66 -43.86 9.79 -10.87
C ASP KA 66 -44.81 10.84 -11.43
N TYR KA 67 -44.54 11.33 -12.64
CA TYR KA 67 -45.35 12.36 -13.27
C TYR KA 67 -45.09 12.34 -14.76
N THR KA 68 -45.97 13.00 -15.50
CA THR KA 68 -45.82 13.15 -16.94
C THR KA 68 -45.29 14.54 -17.28
N GLY KA 69 -44.51 14.61 -18.36
CA GLY KA 69 -43.95 15.87 -18.82
C GLY KA 69 -42.45 16.02 -18.62
N PHE KA 70 -41.76 14.96 -18.17
CA PHE KA 70 -40.33 15.03 -17.96
C PHE KA 70 -39.59 15.06 -19.29
N PRO KA 71 -38.36 15.57 -19.31
CA PRO KA 71 -37.61 15.66 -20.57
C PRO KA 71 -37.04 14.33 -21.05
N SER KA 72 -36.37 14.34 -22.19
CA SER KA 72 -35.75 13.17 -22.75
C SER KA 72 -34.56 12.72 -21.91
N PRO KA 73 -34.17 11.44 -21.99
CA PRO KA 73 -33.06 10.97 -21.15
C PRO KA 73 -31.77 11.77 -21.31
N TYR KA 74 -31.40 12.09 -22.55
CA TYR KA 74 -30.13 12.78 -22.75
C TYR KA 74 -30.22 14.27 -22.44
N ASP KA 75 -31.42 14.85 -22.40
CA ASP KA 75 -31.55 16.19 -21.84
C ASP KA 75 -31.25 16.21 -20.34
N CYS KA 76 -31.78 15.22 -19.60
CA CYS KA 76 -31.45 15.10 -18.19
C CYS KA 76 -29.97 14.87 -17.99
N VAL KA 77 -29.38 14.01 -18.81
CA VAL KA 77 -27.94 13.74 -18.72
C VAL KA 77 -27.15 15.02 -18.95
N ASN KA 78 -27.53 15.80 -19.97
CA ASN KA 78 -26.81 17.03 -20.28
C ASN KA 78 -26.92 18.04 -19.14
N LYS KA 79 -28.11 18.19 -18.56
CA LYS KA 79 -28.29 19.11 -17.45
C LYS KA 79 -27.40 18.75 -16.26
N ILE KA 80 -27.44 17.48 -15.84
CA ILE KA 80 -26.66 17.10 -14.67
C ILE KA 80 -25.17 17.17 -14.96
N GLU KA 81 -24.76 16.83 -16.19
CA GLU KA 81 -23.35 16.93 -16.54
C GLU KA 81 -22.86 18.37 -16.51
N LYS KA 82 -23.66 19.31 -17.01
CA LYS KA 82 -23.29 20.72 -16.93
C LYS KA 82 -23.13 21.17 -15.48
N TRP KA 83 -24.08 20.79 -14.62
CA TRP KA 83 -23.98 21.17 -13.22
C TRP KA 83 -22.73 20.61 -12.58
N MET KA 84 -22.40 19.34 -12.85
CA MET KA 84 -21.19 18.75 -12.29
C MET KA 84 -19.94 19.44 -12.81
N LYS KA 85 -19.92 19.78 -14.09
CA LYS KA 85 -18.74 20.41 -14.70
C LYS KA 85 -18.46 21.78 -14.10
N GLU KA 86 -19.49 22.61 -13.93
CA GLU KA 86 -19.23 23.96 -13.45
C GLU KA 86 -19.03 24.04 -11.94
N GLY KA 87 -19.26 22.96 -11.20
CA GLY KA 87 -19.12 22.99 -9.75
C GLY KA 87 -20.15 23.83 -9.02
N PHE KA 88 -21.40 23.76 -9.44
CA PHE KA 88 -22.47 24.52 -8.80
C PHE KA 88 -22.78 23.97 -7.41
N ILE KA 89 -23.36 24.82 -6.59
CA ILE KA 89 -23.90 24.43 -5.29
C ILE KA 89 -25.41 24.23 -5.46
N LEU KA 90 -25.89 23.06 -5.07
CA LEU KA 90 -27.27 22.67 -5.30
C LEU KA 90 -27.95 22.35 -3.98
N ARG KA 91 -29.27 22.27 -4.01
CA ARG KA 91 -30.06 21.82 -2.86
C ARG KA 91 -30.74 20.51 -3.21
N PHE KA 92 -30.54 19.50 -2.37
CA PHE KA 92 -31.06 18.15 -2.57
C PHE KA 92 -32.06 17.84 -1.46
N THR KA 93 -33.22 17.33 -1.84
CA THR KA 93 -34.28 17.06 -0.88
C THR KA 93 -35.04 15.80 -1.24
N ILE KA 94 -35.39 15.02 -0.23
CA ILE KA 94 -36.31 13.90 -0.36
C ILE KA 94 -37.48 14.17 0.57
N THR KA 95 -38.68 14.27 0.01
CA THR KA 95 -39.82 14.67 0.80
C THR KA 95 -40.22 13.57 1.77
N GLU KA 96 -40.86 13.99 2.87
CA GLU KA 96 -41.31 13.11 3.94
C GLU KA 96 -40.18 12.46 4.72
N THR KA 97 -38.97 13.00 4.64
CA THR KA 97 -37.83 12.52 5.42
C THR KA 97 -37.15 13.75 6.03
N ASN KA 98 -35.94 13.55 6.56
CA ASN KA 98 -35.16 14.64 7.12
C ASN KA 98 -34.01 15.07 6.23
N ILE KA 99 -34.04 14.69 4.95
CA ILE KA 99 -32.94 14.95 4.03
C ILE KA 99 -33.26 16.24 3.28
N ASN KA 100 -32.58 17.33 3.64
CA ASN KA 100 -32.73 18.60 2.96
C ASN KA 100 -31.47 19.41 3.23
N MET KA 101 -30.56 19.46 2.27
CA MET KA 101 -29.26 20.08 2.50
C MET KA 101 -28.66 20.51 1.17
N GLU KA 102 -27.57 21.27 1.27
CA GLU KA 102 -26.82 21.70 0.10
C GLU KA 102 -25.73 20.70 -0.22
N VAL KA 103 -25.54 20.43 -1.51
CA VAL KA 103 -24.64 19.37 -1.96
C VAL KA 103 -23.76 19.88 -3.08
N ILE KA 104 -22.78 19.06 -3.43
CA ILE KA 104 -21.95 19.25 -4.61
C ILE KA 104 -21.72 17.89 -5.25
N ILE KA 105 -21.74 17.85 -6.58
CA ILE KA 105 -21.70 16.57 -7.30
C ILE KA 105 -20.27 16.06 -7.39
N GLU KA 106 -20.07 14.78 -7.04
CA GLU KA 106 -18.77 14.15 -7.05
C GLU KA 106 -18.57 13.19 -8.21
N GLY KA 107 -19.62 12.53 -8.70
CA GLY KA 107 -19.48 11.60 -9.79
C GLY KA 107 -20.80 11.39 -10.49
N PHE KA 108 -20.72 11.07 -11.78
CA PHE KA 108 -21.92 10.84 -12.59
C PHE KA 108 -21.55 9.87 -13.70
N SER KA 109 -22.23 8.73 -13.73
CA SER KA 109 -22.01 7.70 -14.74
C SER KA 109 -23.36 7.26 -15.29
N TYR KA 110 -23.42 6.99 -16.59
CA TYR KA 110 -24.65 6.55 -17.22
C TYR KA 110 -24.34 5.49 -18.27
N GLU KA 111 -25.36 4.70 -18.62
CA GLU KA 111 -25.14 3.58 -19.54
C GLU KA 111 -26.45 3.13 -20.16
N GLU KA 112 -26.33 2.36 -21.24
CA GLU KA 112 -27.43 1.69 -21.91
C GLU KA 112 -27.13 0.20 -21.96
N ARG KA 113 -28.13 -0.62 -21.64
CA ARG KA 113 -27.86 -2.06 -21.53
C ARG KA 113 -29.00 -2.96 -22.01
N ASP KA 114 -29.98 -2.44 -22.75
CA ASP KA 114 -31.02 -3.30 -23.32
C ASP KA 114 -31.58 -2.61 -24.56
N GLY KA 115 -32.70 -3.12 -25.06
CA GLY KA 115 -33.33 -2.62 -26.25
C GLY KA 115 -34.39 -1.54 -26.07
N THR KA 116 -34.53 -0.99 -24.86
CA THR KA 116 -35.59 -0.03 -24.58
C THR KA 116 -35.17 1.43 -24.73
N ARG KA 117 -33.89 1.70 -24.90
CA ARG KA 117 -33.32 3.05 -24.97
C ARG KA 117 -33.49 3.82 -23.66
N ASP KA 118 -33.65 3.13 -22.55
CA ASP KA 118 -33.59 3.77 -21.24
C ASP KA 118 -32.14 3.95 -20.81
N VAL KA 119 -31.88 5.03 -20.07
CA VAL KA 119 -30.53 5.38 -19.63
C VAL KA 119 -30.45 5.19 -18.12
N TYR KA 120 -29.62 4.25 -17.68
CA TYR KA 120 -29.38 4.00 -16.25
C TYR KA 120 -28.22 4.85 -15.76
N PHE KA 121 -28.32 5.35 -14.54
CA PHE KA 121 -27.33 6.30 -14.02
C PHE KA 121 -26.99 5.99 -12.57
N THR KA 122 -25.87 6.54 -12.12
CA THR KA 122 -25.46 6.54 -10.73
C THR KA 122 -24.90 7.92 -10.39
N LEU KA 123 -25.39 8.52 -9.32
CA LEU KA 123 -25.04 9.89 -8.94
C LEU KA 123 -24.52 9.92 -7.52
N ASP KA 124 -23.36 10.55 -7.33
CA ASP KA 124 -22.72 10.65 -6.03
C ASP KA 124 -22.68 12.11 -5.59
N LEU KA 125 -23.26 12.40 -4.42
CA LEU KA 125 -23.38 13.75 -3.91
C LEU KA 125 -22.67 13.87 -2.57
N LYS KA 126 -22.14 15.06 -2.31
CA LYS KA 126 -21.42 15.33 -1.06
C LYS KA 126 -21.95 16.61 -0.44
N GLU KA 127 -22.12 16.59 0.88
CA GLU KA 127 -22.67 17.73 1.58
C GLU KA 127 -21.71 18.92 1.56
N TYR KA 128 -22.28 20.12 1.58
CA TYR KA 128 -21.51 21.36 1.49
C TYR KA 128 -21.78 22.23 2.71
N LYS KA 129 -20.73 22.87 3.22
CA LYS KA 129 -20.83 23.70 4.41
C LYS KA 129 -20.15 25.03 4.18
N ARG KA 130 -20.69 26.07 4.83
CA ARG KA 130 -20.17 27.42 4.74
C ARG KA 130 -19.62 27.84 6.11
N ILE KA 131 -18.55 28.63 6.10
CA ILE KA 131 -17.99 29.18 7.33
C ILE KA 131 -18.33 30.66 7.40
N LYS KA 132 -18.65 31.12 8.60
CA LYS KA 132 -18.91 32.53 8.83
C LYS KA 132 -17.63 33.35 8.71
N ILE KA 133 -17.77 34.57 8.21
CA ILE KA 133 -16.65 35.49 8.03
C ILE KA 133 -16.57 36.40 9.25
N PRO KA 134 -15.39 36.64 9.80
CA PRO KA 134 -15.29 37.50 10.99
C PRO KA 134 -15.70 38.94 10.70
N LYS KA 135 -16.20 39.61 11.74
CA LYS KA 135 -16.63 40.99 11.65
C LYS KA 135 -15.76 41.85 12.54
N VAL KA 136 -15.38 43.03 12.04
CA VAL KA 136 -14.56 43.94 12.82
C VAL KA 136 -15.38 44.47 13.99
N THR KA 137 -14.78 44.44 15.18
CA THR KA 137 -15.47 44.90 16.38
C THR KA 137 -15.72 46.41 16.28
N PRO KA 138 -16.90 46.88 16.74
CA PRO KA 138 -17.20 48.32 16.80
C PRO KA 138 -16.25 49.05 17.74
N MET LA 1 -29.59 80.61 10.11
CA MET LA 1 -30.63 79.60 10.27
C MET LA 1 -30.10 78.33 10.91
N TYR LA 2 -28.92 77.87 10.46
CA TYR LA 2 -28.34 76.68 11.09
C TYR LA 2 -27.93 76.96 12.53
N SER LA 3 -27.46 78.18 12.80
CA SER LA 3 -27.13 78.55 14.17
C SER LA 3 -28.38 78.65 15.05
N ASP LA 4 -29.51 79.03 14.45
CA ASP LA 4 -30.74 79.18 15.22
C ASP LA 4 -31.19 77.85 15.80
N GLN LA 5 -31.10 76.77 15.01
CA GLN LA 5 -31.48 75.44 15.48
C GLN LA 5 -30.38 74.90 16.37
N THR LA 6 -30.66 74.78 17.67
CA THR LA 6 -29.69 74.25 18.62
C THR LA 6 -30.23 72.96 19.22
N TYR LA 7 -29.36 72.30 19.99
CA TYR LA 7 -29.69 71.00 20.57
C TYR LA 7 -30.94 71.07 21.43
N GLU LA 8 -30.99 72.03 22.35
CA GLU LA 8 -32.11 72.11 23.28
C GLU LA 8 -33.42 72.40 22.55
N VAL LA 9 -33.38 73.31 21.58
CA VAL LA 9 -34.59 73.71 20.88
C VAL LA 9 -35.17 72.55 20.09
N ILE LA 10 -34.33 71.84 19.35
CA ILE LA 10 -34.83 70.73 18.54
C ILE LA 10 -35.30 69.59 19.43
N LYS LA 11 -34.60 69.35 20.54
CA LYS LA 11 -35.04 68.31 21.47
C LYS LA 11 -36.42 68.64 22.03
N ASN LA 12 -36.62 69.90 22.44
CA ASN LA 12 -37.93 70.31 22.95
C ASN LA 12 -39.00 70.20 21.87
N ARG LA 13 -38.69 70.59 20.63
CA ARG LA 13 -39.67 70.52 19.55
C ARG LA 13 -40.07 69.07 19.27
N THR LA 14 -39.09 68.17 19.22
CA THR LA 14 -39.40 66.76 19.00
C THR LA 14 -40.24 66.20 20.13
N LEU LA 15 -39.90 66.53 21.38
CA LEU LA 15 -40.68 66.03 22.50
C LEU LA 15 -42.11 66.56 22.47
N GLU LA 16 -42.28 67.84 22.12
CA GLU LA 16 -43.62 68.42 22.11
C GLU LA 16 -44.45 67.91 20.93
N ASN LA 17 -43.80 67.51 19.84
CA ASN LA 17 -44.55 67.05 18.67
C ASN LA 17 -45.24 65.70 18.91
N ILE LA 18 -44.82 64.96 19.93
CA ILE LA 18 -45.44 63.67 20.25
C ILE LA 18 -46.61 63.94 21.18
N ASN LA 19 -47.82 63.73 20.66
CA ASN LA 19 -49.05 63.94 21.43
C ASN LA 19 -49.51 62.59 21.98
N LEU LA 20 -48.87 62.17 23.07
CA LEU LA 20 -49.20 60.91 23.73
C LEU LA 20 -49.29 61.11 25.23
N ASP LA 21 -50.00 60.19 25.88
CA ASP LA 21 -50.25 60.29 27.31
C ASP LA 21 -49.04 59.91 28.15
N ILE LA 22 -48.04 59.26 27.57
CA ILE LA 22 -46.86 58.88 28.34
C ILE LA 22 -46.09 60.11 28.80
N TYR LA 23 -45.16 59.89 29.72
CA TYR LA 23 -44.44 60.97 30.38
C TYR LA 23 -43.12 61.25 29.68
N LYS LA 24 -42.77 62.52 29.60
CA LYS LA 24 -41.49 62.97 29.08
C LYS LA 24 -40.71 63.70 30.17
N GLY LA 25 -39.51 63.22 30.47
CA GLY LA 25 -38.71 63.85 31.50
C GLY LA 25 -37.45 63.06 31.75
N GLU LA 26 -36.71 63.49 32.79
CA GLU LA 26 -35.45 62.85 33.11
C GLU LA 26 -35.67 61.38 33.43
N GLY LA 27 -34.83 60.53 32.87
CA GLY LA 27 -34.94 59.10 33.10
C GLY LA 27 -36.20 58.48 32.54
N SER LA 28 -36.63 58.92 31.37
CA SER LA 28 -37.80 58.38 30.69
C SER LA 28 -37.37 57.71 29.38
N PHE LA 29 -38.14 56.70 28.98
CA PHE LA 29 -37.84 55.97 27.75
C PHE LA 29 -37.81 56.91 26.56
N LEU LA 30 -38.89 57.66 26.36
CA LEU LA 30 -39.01 58.54 25.21
C LEU LA 30 -37.97 59.65 25.25
N ASN LA 31 -37.74 60.22 26.43
CA ASN LA 31 -36.76 61.31 26.55
C ASN LA 31 -35.37 60.83 26.17
N ASN LA 32 -34.97 59.66 26.67
CA ASN LA 32 -33.64 59.14 26.37
C ASN LA 32 -33.48 58.82 24.89
N MET LA 33 -34.47 58.16 24.30
CA MET LA 33 -34.39 57.85 22.88
C MET LA 33 -34.32 59.11 22.04
N VAL LA 34 -35.15 60.11 22.38
CA VAL LA 34 -35.21 61.35 21.62
C VAL LA 34 -33.87 62.09 21.71
N SER LA 35 -33.28 62.16 22.90
CA SER LA 35 -31.98 62.82 23.02
C SER LA 35 -30.91 62.10 22.23
N GLY LA 36 -30.89 60.76 22.30
CA GLY LA 36 -29.92 60.00 21.55
C GLY LA 36 -30.01 60.22 20.05
N ASN LA 37 -31.23 60.38 19.53
CA ASN LA 37 -31.38 60.69 18.11
C ASN LA 37 -31.00 62.13 17.81
N ASN LA 38 -31.39 63.06 18.67
CA ASN LA 38 -31.19 64.47 18.36
C ASN LA 38 -29.72 64.86 18.39
N LEU LA 39 -28.88 64.14 19.13
CA LEU LA 39 -27.45 64.41 19.04
C LEU LA 39 -26.96 64.29 17.59
N GLU LA 40 -27.26 63.15 16.96
CA GLU LA 40 -26.90 62.96 15.57
C GLU LA 40 -27.63 63.93 14.66
N LEU LA 41 -28.86 64.32 15.04
CA LEU LA 41 -29.58 65.31 14.25
C LEU LA 41 -28.85 66.65 14.20
N SER LA 42 -28.36 67.12 15.36
CA SER LA 42 -27.70 68.42 15.45
C SER LA 42 -26.28 68.38 14.91
N LYS LA 43 -25.66 67.20 14.87
CA LYS LA 43 -24.35 67.09 14.21
C LYS LA 43 -24.40 67.64 12.79
N ILE LA 44 -25.51 67.39 12.08
CA ILE LA 44 -25.64 67.83 10.70
C ILE LA 44 -25.69 69.36 10.63
N TYR LA 45 -26.43 69.99 11.54
CA TYR LA 45 -26.48 71.46 11.56
C TYR LA 45 -25.11 72.05 11.83
N LEU LA 46 -24.38 71.47 12.78
CA LEU LA 46 -23.03 71.95 13.06
C LEU LA 46 -22.14 71.82 11.84
N GLU LA 47 -22.23 70.68 11.15
CA GLU LA 47 -21.42 70.48 9.94
C GLU LA 47 -21.81 71.45 8.85
N LEU LA 48 -23.10 71.76 8.73
CA LEU LA 48 -23.55 72.74 7.76
C LEU LA 48 -22.96 74.12 8.04
N SER LA 49 -22.92 74.50 9.32
CA SER LA 49 -22.28 75.75 9.70
C SER LA 49 -20.81 75.77 9.30
N LYS LA 50 -20.08 74.71 9.64
CA LYS LA 50 -18.67 74.63 9.27
C LYS LA 50 -18.49 74.68 7.76
N MET LA 51 -19.38 74.01 7.03
CA MET LA 51 -19.35 73.99 5.57
C MET LA 51 -19.50 75.39 5.00
N HIS LA 52 -20.48 76.13 5.49
CA HIS LA 52 -20.69 77.50 5.02
C HIS LA 52 -19.51 78.38 5.35
N LYS LA 53 -18.91 78.21 6.53
CA LYS LA 53 -17.72 78.99 6.88
C LYS LA 53 -16.58 78.70 5.92
N MET LA 54 -16.35 77.42 5.61
CA MET LA 54 -15.27 77.07 4.69
C MET LA 54 -15.54 77.64 3.30
N ALA LA 55 -16.80 77.68 2.87
CA ALA LA 55 -17.12 78.13 1.53
C ALA LA 55 -16.67 79.57 1.30
N PHE LA 56 -16.83 80.44 2.30
CA PHE LA 56 -16.52 81.85 2.15
C PHE LA 56 -15.18 82.23 2.78
N ILE LA 57 -14.29 81.24 2.97
CA ILE LA 57 -12.93 81.40 3.47
C ILE LA 57 -12.85 82.48 4.55
N GLN LA 58 -13.59 82.30 5.64
CA GLN LA 58 -13.56 83.31 6.70
C GLN LA 58 -12.33 83.17 7.57
N ASP LA 59 -11.98 81.95 7.99
CA ASP LA 59 -10.97 81.79 9.03
C ASP LA 59 -10.33 80.41 8.91
N THR LA 60 -9.34 80.19 9.78
CA THR LA 60 -8.77 78.87 10.11
C THR LA 60 -8.31 78.08 8.89
N TYR LA 61 -7.91 78.78 7.83
CA TYR LA 61 -7.28 78.16 6.65
C TYR LA 61 -8.20 77.08 6.07
N ASN LA 62 -9.30 77.56 5.50
CA ASN LA 62 -10.15 76.70 4.70
C ASN LA 62 -9.52 76.52 3.33
N GLN LA 63 -9.46 75.28 2.86
CA GLN LA 63 -8.68 74.93 1.67
C GLN LA 63 -9.22 75.60 0.40
N PHE LA 64 -10.29 76.36 0.53
CA PHE LA 64 -10.95 76.98 -0.60
C PHE LA 64 -10.46 78.39 -0.88
N LEU LA 65 -9.47 78.87 -0.12
CA LEU LA 65 -8.89 80.18 -0.41
C LEU LA 65 -8.16 80.17 -1.75
N ASP LA 66 -7.48 79.05 -2.05
CA ASP LA 66 -6.73 78.97 -3.29
C ASP LA 66 -7.64 79.12 -4.51
N LYS LA 67 -8.78 78.42 -4.49
CA LYS LA 67 -9.70 78.50 -5.63
C LYS LA 67 -10.34 79.88 -5.72
N ARG LA 68 -10.65 80.49 -4.57
CA ARG LA 68 -11.24 81.83 -4.60
C ARG LA 68 -10.25 82.87 -5.15
N VAL LA 69 -8.98 82.78 -4.75
CA VAL LA 69 -8.02 83.74 -5.27
C VAL LA 69 -7.68 83.44 -6.73
N ASN LA 70 -7.76 82.18 -7.15
CA ASN LA 70 -7.67 81.89 -8.58
C ASN LA 70 -8.84 82.48 -9.33
N GLU LA 71 -10.02 82.50 -8.71
CA GLU LA 71 -11.16 83.21 -9.28
C GLU LA 71 -10.84 84.69 -9.42
N PHE LA 72 -10.21 85.28 -8.41
CA PHE LA 72 -9.93 86.71 -8.39
C PHE LA 72 -8.60 87.08 -9.02
N GLY LA 73 -7.88 86.10 -9.59
CA GLY LA 73 -6.66 86.37 -10.31
C GLY LA 73 -5.39 86.30 -9.49
N VAL LA 74 -5.48 86.26 -8.17
CA VAL LA 74 -4.30 86.20 -7.32
C VAL LA 74 -3.58 84.88 -7.54
N TYR LA 75 -2.25 84.93 -7.55
CA TYR LA 75 -1.42 83.75 -7.71
C TYR LA 75 -0.39 83.69 -6.59
N ARG LA 76 -0.15 82.48 -6.09
CA ARG LA 76 0.90 82.28 -5.10
C ARG LA 76 2.27 82.34 -5.76
N LYS LA 77 3.28 82.64 -4.96
CA LYS LA 77 4.66 82.71 -5.43
C LYS LA 77 5.45 81.54 -4.85
N LEU LA 78 6.19 80.84 -5.71
CA LEU LA 78 7.02 79.73 -5.29
C LEU LA 78 8.39 80.17 -4.80
N GLY LA 79 8.71 81.45 -4.87
CA GLY LA 79 10.01 81.95 -4.48
C GLY LA 79 10.96 82.07 -5.67
N THR LA 80 12.07 82.75 -5.42
CA THR LA 80 13.11 82.99 -6.44
C THR LA 80 14.42 82.29 -6.06
N GLU LA 81 15.06 81.67 -7.04
CA GLU LA 81 16.29 80.93 -6.82
C GLU LA 81 17.42 81.88 -6.42
N SER LA 82 18.27 81.42 -5.51
CA SER LA 82 19.43 82.21 -5.11
C SER LA 82 20.48 82.23 -6.20
N ASN LA 83 21.10 83.39 -6.40
CA ASN LA 83 22.10 83.58 -7.43
C ASN LA 83 23.43 84.01 -6.81
N GLY LA 84 24.53 83.66 -7.47
CA GLY LA 84 25.83 83.99 -6.97
C GLY LA 84 26.91 83.63 -7.96
N GLU LA 85 28.16 83.71 -7.51
CA GLU LA 85 29.32 83.41 -8.33
C GLU LA 85 30.39 82.76 -7.46
N VAL LA 86 31.11 81.80 -8.03
CA VAL LA 86 32.12 81.05 -7.29
C VAL LA 86 33.46 81.17 -8.00
N GLU LA 87 34.52 80.83 -7.27
CA GLU LA 87 35.90 80.94 -7.74
C GLU LA 87 36.47 79.54 -7.93
N PHE LA 88 37.07 79.31 -9.10
CA PHE LA 88 37.64 78.01 -9.45
C PHE LA 88 39.15 78.08 -9.29
N ILE LA 89 39.69 77.34 -8.33
CA ILE LA 89 41.13 77.25 -8.11
C ILE LA 89 41.59 75.87 -8.55
N GLY LA 90 42.50 75.83 -9.51
CA GLY LA 90 42.98 74.56 -10.02
C GLY LA 90 44.05 74.75 -11.07
N GLU LA 91 44.24 73.70 -11.87
CA GLU LA 91 45.29 73.72 -12.89
C GLU LA 91 44.89 74.60 -14.07
N LYS LA 92 45.86 75.34 -14.59
CA LYS LA 92 45.61 76.20 -15.75
C LYS LA 92 45.33 75.36 -16.98
N GLY LA 93 44.37 75.81 -17.79
CA GLY LA 93 43.94 75.11 -18.98
C GLY LA 93 42.74 74.21 -18.78
N THR LA 94 42.38 73.92 -17.53
CA THR LA 94 41.17 73.15 -17.26
C THR LA 94 39.94 74.02 -17.44
N VAL LA 95 39.01 73.55 -18.27
CA VAL LA 95 37.80 74.28 -18.59
C VAL LA 95 36.62 73.61 -17.89
N ILE LA 96 35.78 74.41 -17.26
CA ILE LA 96 34.57 73.94 -16.60
C ILE LA 96 33.40 74.24 -17.53
N ASN LA 97 32.76 73.19 -18.04
CA ASN LA 97 31.70 73.36 -19.02
C ASN LA 97 30.45 73.96 -18.40
N ASN LA 98 29.70 74.67 -19.23
CA ASN LA 98 28.44 75.26 -18.79
C ASN LA 98 27.46 74.16 -18.41
N GLY LA 99 26.88 74.27 -17.22
CA GLY LA 99 25.99 73.25 -16.71
C GLY LA 99 26.63 72.28 -15.73
N THR LA 100 27.92 72.44 -15.46
CA THR LA 100 28.58 71.58 -14.48
C THR LA 100 27.92 71.74 -13.10
N ILE LA 101 27.64 70.62 -12.46
CA ILE LA 101 26.87 70.61 -11.22
C ILE LA 101 27.82 70.49 -10.04
N ILE LA 102 27.54 71.27 -8.99
CA ILE LA 102 28.27 71.22 -7.73
C ILE LA 102 27.24 71.19 -6.61
N SER LA 103 27.72 70.95 -5.39
CA SER LA 103 26.83 70.84 -4.24
C SER LA 103 27.43 71.54 -3.04
N TYR LA 104 26.54 71.99 -2.15
CA TYR LA 104 26.92 72.50 -0.83
C TYR LA 104 26.10 71.72 0.19
N ARG LA 105 26.72 70.73 0.83
CA ARG LA 105 26.04 69.85 1.78
C ARG LA 105 24.82 69.27 1.05
N ASP LA 106 23.61 69.36 1.61
CA ASP LA 106 22.42 68.89 0.93
C ASP LA 106 22.05 69.75 -0.27
N LEU LA 107 22.51 71.00 -0.31
CA LEU LA 107 22.17 71.90 -1.40
C LEU LA 107 23.03 71.59 -2.63
N LEU LA 108 22.48 71.92 -3.81
CA LEU LA 108 23.13 71.66 -5.08
C LEU LA 108 23.03 72.90 -5.96
N PHE LA 109 24.08 73.11 -6.77
CA PHE LA 109 24.21 74.31 -7.57
C PHE LA 109 24.77 73.96 -8.94
N VAL LA 110 24.52 74.84 -9.91
CA VAL LA 110 24.93 74.65 -11.29
C VAL LA 110 25.71 75.87 -11.76
N VAL LA 111 26.76 75.64 -12.54
CA VAL LA 111 27.60 76.71 -13.07
C VAL LA 111 26.93 77.28 -14.32
N ILE LA 112 26.98 78.60 -14.45
CA ILE LA 112 26.24 79.30 -15.51
C ILE LA 112 27.15 79.76 -16.66
N LYS LA 113 28.47 79.82 -16.46
CA LYS LA 113 29.39 80.32 -17.48
C LYS LA 113 30.49 79.30 -17.72
N ASP LA 114 30.91 79.20 -18.98
CA ASP LA 114 32.08 78.41 -19.35
C ASP LA 114 33.34 79.11 -18.86
N VAL LA 115 33.96 78.57 -17.83
CA VAL LA 115 35.09 79.18 -17.16
C VAL LA 115 36.30 78.28 -17.29
N THR LA 116 37.45 78.87 -17.57
CA THR LA 116 38.72 78.17 -17.65
C THR LA 116 39.71 78.77 -16.66
N ILE LA 117 40.41 77.89 -15.93
CA ILE LA 117 41.24 78.33 -14.82
C ILE LA 117 42.49 79.05 -15.34
N GLY LA 118 42.81 80.17 -14.70
CA GLY LA 118 43.99 80.94 -15.05
C GLY LA 118 43.84 81.85 -16.24
N SER LA 119 42.65 81.95 -16.82
CA SER LA 119 42.45 82.70 -18.05
C SER LA 119 42.48 84.20 -17.81
N GLU LA 120 42.58 84.96 -18.91
CA GLU LA 120 42.51 86.41 -18.84
C GLU LA 120 41.11 86.88 -18.43
N GLU LA 121 40.11 86.01 -18.52
CA GLU LA 121 38.75 86.31 -18.07
C GLU LA 121 38.56 86.09 -16.58
N GLY LA 122 39.58 85.60 -15.88
CA GLY LA 122 39.44 85.21 -14.49
C GLY LA 122 38.87 83.80 -14.36
N ASP LA 123 38.87 83.31 -13.13
CA ASP LA 123 38.36 81.97 -12.84
C ASP LA 123 37.01 82.00 -12.15
N ASN LA 124 36.28 83.11 -12.25
CA ASN LA 124 35.02 83.30 -11.57
C ASN LA 124 33.86 83.10 -12.54
N SER LA 125 32.85 82.34 -12.12
CA SER LA 125 31.72 82.00 -12.95
C SER LA 125 30.43 82.13 -12.13
N PRO LA 126 29.38 82.74 -12.67
CA PRO LA 126 28.13 82.84 -11.93
C PRO LA 126 27.52 81.46 -11.69
N VAL LA 127 26.83 81.33 -10.56
CA VAL LA 127 26.25 80.07 -10.11
C VAL LA 127 24.85 80.32 -9.59
N GLN LA 128 23.92 79.46 -9.96
CA GLN LA 128 22.52 79.58 -9.56
C GLN LA 128 22.05 78.30 -8.89
N ALA LA 129 21.25 78.47 -7.83
CA ALA LA 129 20.70 77.32 -7.11
C ALA LA 129 19.67 76.58 -7.98
N LEU LA 130 19.62 75.27 -7.80
CA LEU LA 130 18.67 74.44 -8.55
C LEU LA 130 17.25 74.56 -8.00
N GLU LA 131 17.08 74.98 -6.76
CA GLU LA 131 15.77 75.00 -6.12
C GLU LA 131 15.55 76.33 -5.42
N VAL LA 132 14.28 76.69 -5.26
CA VAL LA 132 13.88 77.91 -4.57
C VAL LA 132 13.97 77.70 -3.07
N GLY LA 133 13.91 78.79 -2.32
CA GLY LA 133 13.98 78.73 -0.87
C GLY LA 133 15.07 79.63 -0.30
N LYS LA 134 14.82 80.18 0.88
CA LYS LA 134 15.79 81.02 1.55
C LYS LA 134 16.98 80.22 2.08
N LYS LA 135 16.88 78.88 2.11
CA LYS LA 135 18.01 78.06 2.51
C LYS LA 135 19.18 78.17 1.54
N TYR LA 136 18.92 78.52 0.30
CA TYR LA 136 19.97 78.67 -0.71
C TYR LA 136 20.64 80.04 -0.68
N ASN LA 137 20.17 80.95 0.17
CA ASN LA 137 20.87 82.22 0.39
C ASN LA 137 22.12 81.94 1.20
N LEU LA 138 23.16 81.50 0.51
CA LEU LA 138 24.39 81.07 1.15
C LEU LA 138 25.12 82.26 1.78
N PRO LA 139 25.89 82.03 2.84
CA PRO LA 139 26.80 83.07 3.34
C PRO LA 139 28.04 83.19 2.48
N THR LA 140 29.03 83.96 2.93
CA THR LA 140 30.28 84.11 2.21
C THR LA 140 31.30 83.05 2.63
N ASN LA 141 32.28 82.83 1.75
CA ASN LA 141 33.41 81.93 2.00
C ASN LA 141 32.92 80.51 2.34
N CYS LA 142 32.30 79.88 1.36
CA CYS LA 142 31.83 78.51 1.48
C CYS LA 142 32.56 77.61 0.50
N GLU LA 143 32.83 76.37 0.93
CA GLU LA 143 33.49 75.39 0.07
C GLU LA 143 32.44 74.58 -0.67
N PHE LA 144 32.59 74.48 -1.98
CA PHE LA 144 31.64 73.81 -2.85
C PHE LA 144 32.25 72.52 -3.37
N LYS LA 145 31.52 71.42 -3.25
CA LYS LA 145 31.98 70.11 -3.69
C LYS LA 145 31.29 69.75 -4.99
N LEU LA 146 32.06 69.24 -5.96
CA LEU LA 146 31.52 68.88 -7.26
C LEU LA 146 30.88 67.51 -7.20
N VAL LA 147 29.62 67.43 -7.65
CA VAL LA 147 28.94 66.14 -7.71
C VAL LA 147 29.64 65.23 -8.72
N ASP LA 148 30.03 65.76 -9.87
CA ASP LA 148 30.72 65.03 -10.91
C ASP LA 148 32.17 65.45 -10.97
N ASN LA 149 33.08 64.48 -10.96
CA ASN LA 149 34.50 64.76 -10.86
C ASN LA 149 35.04 65.28 -12.19
N ILE LA 150 35.79 66.37 -12.14
CA ILE LA 150 36.49 66.92 -13.29
C ILE LA 150 37.96 67.11 -12.90
N SER LA 151 38.87 66.64 -13.76
CA SER LA 151 40.28 66.75 -13.49
C SER LA 151 40.76 68.20 -13.57
N GLY LA 152 41.79 68.51 -12.79
CA GLY LA 152 42.39 69.82 -12.80
C GLY LA 152 41.88 70.78 -11.74
N VAL LA 153 40.77 70.47 -11.08
CA VAL LA 153 40.18 71.34 -10.08
C VAL LA 153 40.66 70.92 -8.70
N THR LA 154 40.84 71.91 -7.83
CA THR LA 154 41.25 71.66 -6.44
C THR LA 154 40.26 72.20 -5.42
N LYS LA 155 39.84 73.45 -5.56
CA LYS LA 155 38.96 74.09 -4.59
C LYS LA 155 38.02 75.05 -5.31
N ILE LA 156 36.77 75.10 -4.85
CA ILE LA 156 35.76 75.97 -5.45
C ILE LA 156 35.10 76.72 -4.30
N THR LA 157 35.10 78.05 -4.39
CA THR LA 157 34.54 78.86 -3.31
C THR LA 157 33.97 80.15 -3.88
N ASN LA 158 33.14 80.81 -3.07
CA ASN LA 158 32.52 82.08 -3.43
C ASN LA 158 33.10 83.19 -2.56
N THR LA 159 33.34 84.36 -3.17
CA THR LA 159 33.91 85.48 -2.43
C THR LA 159 32.90 86.18 -1.53
N ARG LA 160 31.60 86.08 -1.83
CA ARG LA 160 30.61 86.76 -1.02
C ARG LA 160 29.31 85.95 -1.03
N SER LA 161 28.40 86.34 -0.14
CA SER LA 161 27.21 85.54 0.15
C SER LA 161 26.27 85.47 -1.04
N PHE LA 162 25.65 84.30 -1.21
CA PHE LA 162 24.61 84.14 -2.21
C PHE LA 162 23.36 84.89 -1.77
N GLU LA 163 22.65 85.48 -2.73
CA GLU LA 163 21.45 86.25 -2.46
C GLU LA 163 20.35 85.85 -3.43
N GLY LA 164 19.11 86.16 -3.04
CA GLY LA 164 17.95 85.99 -3.89
C GLY LA 164 17.09 84.78 -3.57
N GLY LA 165 17.60 83.82 -2.81
CA GLY LA 165 16.83 82.63 -2.48
C GLY LA 165 15.64 82.98 -1.62
N THR LA 166 14.43 82.62 -2.07
CA THR LA 166 13.21 82.95 -1.37
C THR LA 166 12.27 81.75 -1.36
N ASP LA 167 11.51 81.62 -0.27
CA ASP LA 167 10.61 80.50 -0.10
C ASP LA 167 9.29 80.72 -0.82
N ILE LA 168 8.51 79.65 -0.92
CA ILE LA 168 7.18 79.73 -1.48
C ILE LA 168 6.33 80.67 -0.63
N GLU LA 169 5.46 81.44 -1.29
CA GLU LA 169 4.63 82.40 -0.59
C GLU LA 169 3.68 81.68 0.35
N THR LA 170 3.85 81.90 1.65
CA THR LA 170 2.99 81.24 2.62
C THR LA 170 1.57 81.83 2.54
N ASP LA 171 0.61 81.02 2.97
CA ASP LA 171 -0.78 81.32 2.66
C ASP LA 171 -1.33 82.49 3.47
N GLU LA 172 -0.81 82.72 4.68
CA GLU LA 172 -1.20 83.91 5.43
C GLU LA 172 -0.78 85.17 4.69
N GLU LA 173 0.43 85.18 4.13
CA GLU LA 173 0.85 86.29 3.28
C GLU LA 173 -0.05 86.42 2.07
N LEU LA 174 -0.47 85.29 1.49
CA LEU LA 174 -1.38 85.31 0.35
C LEU LA 174 -2.70 85.98 0.72
N LYS LA 175 -3.27 85.61 1.87
CA LYS LA 175 -4.52 86.23 2.31
C LYS LA 175 -4.34 87.72 2.56
N GLU LA 176 -3.24 88.10 3.20
CA GLU LA 176 -3.01 89.52 3.46
C GLU LA 176 -2.86 90.30 2.16
N ARG LA 177 -2.11 89.76 1.21
CA ARG LA 177 -1.94 90.44 -0.08
C ARG LA 177 -3.27 90.55 -0.81
N PHE LA 178 -4.09 89.50 -0.77
CA PHE LA 178 -5.40 89.56 -1.40
C PHE LA 178 -6.25 90.65 -0.78
N TYR LA 179 -6.22 90.76 0.55
CA TYR LA 179 -6.98 91.80 1.22
C TYR LA 179 -6.49 93.19 0.83
N LYS LA 180 -5.17 93.38 0.77
CA LYS LA 180 -4.64 94.69 0.41
C LYS LA 180 -4.98 95.06 -1.03
N ILE LA 181 -4.89 94.08 -1.95
CA ILE LA 181 -5.24 94.36 -3.34
C ILE LA 181 -6.72 94.66 -3.47
N GLN LA 182 -7.56 93.97 -2.68
CA GLN LA 182 -8.99 94.27 -2.71
C GLN LA 182 -9.29 95.64 -2.16
N ARG LA 183 -8.52 96.11 -1.18
CA ARG LA 183 -8.68 97.48 -0.71
C ARG LA 183 -8.31 98.48 -1.79
N ASN LA 184 -7.29 98.17 -2.59
CA ASN LA 184 -6.87 99.06 -3.66
C ASN LA 184 -7.83 98.98 -4.83
N GLN LA 185 -8.03 100.11 -5.51
CA GLN LA 185 -8.88 100.17 -6.69
C GLN LA 185 -8.01 100.59 -7.88
N ALA LA 186 -7.60 99.62 -8.68
CA ALA LA 186 -6.74 99.85 -9.83
C ALA LA 186 -7.56 99.70 -11.09
N THR LA 187 -7.85 100.83 -11.75
CA THR LA 187 -8.57 100.84 -13.01
C THR LA 187 -7.81 101.71 -14.01
N SER LA 188 -8.05 101.46 -15.29
CA SER LA 188 -7.24 102.05 -16.35
C SER LA 188 -7.30 103.57 -16.35
N GLY LA 189 -6.18 104.20 -15.98
CA GLY LA 189 -6.01 105.63 -16.08
C GLY LA 189 -6.63 106.45 -14.96
N ASN LA 190 -7.24 105.82 -13.97
CA ASN LA 190 -7.98 106.57 -12.97
C ASN LA 190 -7.03 107.33 -12.04
N LYS LA 191 -7.63 108.19 -11.22
CA LYS LA 191 -6.85 108.97 -10.25
C LYS LA 191 -6.04 108.07 -9.34
N ALA LA 192 -6.61 106.92 -8.96
CA ALA LA 192 -5.87 105.97 -8.13
C ALA LA 192 -4.66 105.42 -8.88
N HIS LA 193 -4.77 105.22 -10.19
CA HIS LA 193 -3.61 104.81 -10.97
C HIS LA 193 -2.53 105.87 -10.96
N TYR LA 194 -2.92 107.14 -11.09
CA TYR LA 194 -1.94 108.22 -10.99
C TYR LA 194 -1.26 108.21 -9.63
N GLU LA 195 -2.04 108.05 -8.56
CA GLU LA 195 -1.47 107.98 -7.22
C GLU LA 195 -0.48 106.83 -7.12
N GLU LA 196 -0.85 105.66 -7.63
CA GLU LA 196 0.03 104.50 -7.52
C GLU LA 196 1.32 104.70 -8.30
N TRP LA 197 1.20 105.17 -9.55
CA TRP LA 197 2.38 105.44 -10.37
C TRP LA 197 3.28 106.48 -9.70
N ALA LA 198 2.70 107.44 -8.98
CA ALA LA 198 3.51 108.45 -8.33
C ALA LA 198 4.20 107.92 -7.08
N LEU LA 199 3.52 107.06 -6.30
CA LEU LA 199 4.14 106.58 -5.06
C LEU LA 199 5.23 105.55 -5.30
N GLU LA 200 5.24 104.90 -6.46
CA GLU LA 200 6.33 103.97 -6.77
C GLU LA 200 7.69 104.68 -6.79
N VAL LA 201 7.69 105.97 -7.10
CA VAL LA 201 8.94 106.70 -7.33
C VAL LA 201 9.55 107.10 -5.99
N ASP LA 202 10.88 107.09 -5.94
CA ASP LA 202 11.61 107.51 -4.76
C ASP LA 202 11.47 109.02 -4.56
N GLY LA 203 11.61 109.44 -3.30
CA GLY LA 203 11.50 110.85 -2.96
C GLY LA 203 10.08 111.37 -2.90
N VAL LA 204 9.08 110.52 -3.07
CA VAL LA 204 7.68 110.91 -2.99
C VAL LA 204 7.02 110.07 -1.91
N TYR LA 205 6.55 110.72 -0.86
CA TYR LA 205 5.92 110.03 0.25
C TYR LA 205 4.42 110.28 0.34
N ASN LA 206 3.90 111.29 -0.36
CA ASN LA 206 2.48 111.60 -0.36
C ASN LA 206 2.11 112.08 -1.76
N VAL LA 207 0.91 111.72 -2.22
CA VAL LA 207 0.45 112.02 -3.56
C VAL LA 207 -0.94 112.62 -3.50
N LYS LA 208 -1.14 113.74 -4.20
CA LYS LA 208 -2.46 114.31 -4.41
C LYS LA 208 -2.63 114.58 -5.90
N VAL LA 209 -3.77 114.20 -6.45
CA VAL LA 209 -4.03 114.25 -7.89
C VAL LA 209 -5.17 115.23 -8.16
N TYR LA 210 -4.94 116.16 -9.08
CA TYR LA 210 -5.93 117.18 -9.43
C TYR LA 210 -6.34 117.01 -10.89
N PRO LA 211 -7.48 116.37 -11.17
CA PRO LA 211 -7.91 116.22 -12.57
C PRO LA 211 -8.42 117.53 -13.16
N ARG LA 212 -8.33 117.63 -14.48
CA ARG LA 212 -8.82 118.74 -15.29
C ARG LA 212 -8.49 120.10 -14.68
N TRP LA 213 -7.30 120.23 -14.09
CA TRP LA 213 -6.88 121.51 -13.54
C TRP LA 213 -6.73 122.57 -14.63
N ASP LA 214 -6.31 122.15 -15.81
CA ASP LA 214 -6.15 123.08 -16.92
C ASP LA 214 -7.06 122.60 -18.04
N GLY LA 215 -8.34 122.49 -17.72
CA GLY LA 215 -9.29 121.99 -18.70
C GLY LA 215 -9.17 120.50 -18.90
N PRO LA 216 -9.92 119.96 -19.86
CA PRO LA 216 -9.86 118.52 -20.11
C PRO LA 216 -8.49 118.08 -20.61
N GLY LA 217 -8.13 116.85 -20.26
CA GLY LA 217 -6.85 116.30 -20.69
C GLY LA 217 -5.65 116.84 -19.96
N THR LA 218 -5.83 117.41 -18.78
CA THR LA 218 -4.72 117.89 -17.96
C THR LA 218 -4.86 117.32 -16.56
N VAL LA 219 -3.79 116.73 -16.05
CA VAL LA 219 -3.75 116.17 -14.71
C VAL LA 219 -2.65 116.87 -13.94
N LYS LA 220 -2.99 117.43 -12.78
CA LYS LA 220 -2.05 118.11 -11.92
C LYS LA 220 -1.65 117.16 -10.80
N VAL LA 221 -0.36 116.84 -10.73
CA VAL LA 221 0.16 115.89 -9.75
C VAL LA 221 0.84 116.68 -8.65
N LEU LA 222 0.31 116.56 -7.43
CA LEU LA 222 0.87 117.23 -6.26
C LEU LA 222 1.54 116.17 -5.40
N ILE LA 223 2.86 116.22 -5.31
CA ILE LA 223 3.63 115.25 -4.54
C ILE LA 223 4.24 115.96 -3.34
N PHE LA 224 4.54 115.17 -2.30
CA PHE LA 224 5.05 115.69 -1.05
C PHE LA 224 6.29 114.90 -0.64
N GLY LA 225 7.22 115.59 0.03
CA GLY LA 225 8.42 114.96 0.53
C GLY LA 225 8.22 114.37 1.92
N LYS LA 226 9.32 113.86 2.47
CA LYS LA 226 9.28 113.31 3.82
C LYS LA 226 8.92 114.41 4.82
N ASN LA 227 8.02 114.07 5.74
CA ASN LA 227 7.48 115.00 6.72
C ASN LA 227 6.73 116.16 6.06
N ASN LA 228 6.14 115.89 4.88
CA ASN LA 228 5.41 116.89 4.10
C ASN LA 228 6.32 118.08 3.77
N GLN LA 229 7.46 117.79 3.15
CA GLN LA 229 8.37 118.79 2.64
C GLN LA 229 8.29 118.89 1.12
N ALA LA 230 8.95 119.91 0.58
CA ALA LA 230 8.97 120.11 -0.85
C ALA LA 230 9.77 119.01 -1.54
N VAL LA 231 9.34 118.66 -2.75
CA VAL LA 231 9.99 117.65 -3.55
C VAL LA 231 10.99 118.33 -4.48
N ASP LA 232 12.21 117.81 -4.52
CA ASP LA 232 13.27 118.45 -5.28
C ASP LA 232 13.00 118.37 -6.78
N THR LA 233 13.71 119.21 -7.54
CA THR LA 233 13.48 119.31 -8.97
C THR LA 233 13.83 118.01 -9.69
N GLU LA 234 14.95 117.37 -9.32
CA GLU LA 234 15.32 116.11 -9.95
C GLU LA 234 14.32 115.01 -9.62
N THR LA 235 13.84 114.97 -8.36
CA THR LA 235 12.84 113.99 -7.98
C THR LA 235 11.53 114.25 -8.73
N ILE LA 236 11.16 115.52 -8.90
CA ILE LA 236 9.99 115.85 -9.71
C ILE LA 236 10.18 115.37 -11.14
N GLU LA 237 11.39 115.52 -11.68
CA GLU LA 237 11.67 115.09 -13.04
C GLU LA 237 11.52 113.58 -13.19
N ARG LA 238 12.07 112.82 -12.25
CA ARG LA 238 11.98 111.36 -12.38
C ARG LA 238 10.54 110.89 -12.18
N CYS LA 239 9.80 111.54 -11.27
CA CYS LA 239 8.39 111.22 -11.13
C CYS LA 239 7.64 111.53 -12.41
N GLN LA 240 7.96 112.65 -13.05
CA GLN LA 240 7.31 113.03 -14.29
C GLN LA 240 7.58 112.03 -15.40
N GLN LA 241 8.84 111.59 -15.55
CA GLN LA 241 9.13 110.64 -16.60
C GLN LA 241 8.51 109.28 -16.30
N HIS LA 242 8.45 108.89 -15.03
CA HIS LA 242 7.83 107.62 -14.68
C HIS LA 242 6.33 107.64 -14.99
N ILE LA 243 5.64 108.73 -14.62
CA ILE LA 243 4.22 108.78 -14.91
C ILE LA 243 4.00 108.88 -16.41
N ASP LA 244 4.86 109.61 -17.13
CA ASP LA 244 4.75 109.69 -18.58
C ASP LA 244 4.88 108.32 -19.21
N GLU LA 245 5.81 107.51 -18.73
CA GLU LA 245 5.88 106.12 -19.18
C GLU LA 245 4.62 105.35 -18.81
N GLU LA 246 4.01 105.68 -17.68
CA GLU LA 246 2.82 104.98 -17.21
C GLU LA 246 1.52 105.73 -17.47
N LYS LA 247 1.58 106.93 -18.05
CA LYS LA 247 0.34 107.66 -18.35
C LYS LA 247 -0.23 107.18 -19.68
N PRO LA 248 -1.55 107.26 -19.85
CA PRO LA 248 -2.15 106.93 -21.14
C PRO LA 248 -1.71 107.91 -22.22
N ILE LA 249 -1.85 107.48 -23.47
CA ILE LA 249 -1.43 108.28 -24.61
C ILE LA 249 -2.47 109.36 -24.87
N GLY LA 250 -2.04 110.62 -24.77
CA GLY LA 250 -2.93 111.75 -24.99
C GLY LA 250 -2.98 112.76 -23.85
N PRO LA 251 -3.07 112.28 -22.60
CA PRO LA 251 -3.03 113.22 -21.47
C PRO LA 251 -1.68 113.92 -21.35
N THR LA 252 -1.71 115.06 -20.66
CA THR LA 252 -0.52 115.83 -20.33
C THR LA 252 -0.44 116.00 -18.82
N ILE LA 253 0.72 115.74 -18.24
CA ILE LA 253 0.91 115.70 -16.80
C ILE LA 253 1.73 116.90 -16.36
N THR LA 254 1.23 117.62 -15.35
CA THR LA 254 1.93 118.75 -14.76
C THR LA 254 2.14 118.48 -13.28
N VAL LA 255 3.37 118.70 -12.81
CA VAL LA 255 3.76 118.39 -11.44
C VAL LA 255 4.25 119.68 -10.77
N VAL LA 256 3.74 119.94 -9.57
CA VAL LA 256 4.16 121.09 -8.76
C VAL LA 256 4.48 120.61 -7.36
N THR LA 257 5.26 121.42 -6.65
CA THR LA 257 5.72 121.07 -5.32
C THR LA 257 5.17 122.04 -4.29
N PRO LA 258 4.90 121.58 -3.07
CA PRO LA 258 4.38 122.47 -2.03
C PRO LA 258 5.48 123.36 -1.46
N LEU LA 259 5.05 124.36 -0.69
CA LEU LA 259 5.94 125.27 -0.01
C LEU LA 259 5.65 125.12 1.47
N PRO LA 260 6.67 124.78 2.27
CA PRO LA 260 6.57 124.56 3.71
C PRO LA 260 6.38 125.79 4.58
N ILE LA 261 5.64 125.62 5.67
CA ILE LA 261 5.43 126.66 6.67
C ILE LA 261 6.17 126.23 7.92
N GLU LA 262 7.06 127.09 8.42
CA GLU LA 262 7.85 126.78 9.60
C GLU LA 262 7.01 126.98 10.85
N ILE LA 263 6.89 125.94 11.67
CA ILE LA 263 6.11 125.98 12.89
C ILE LA 263 6.98 125.49 14.06
N SER LA 264 6.88 126.20 15.17
CA SER LA 264 7.54 125.81 16.41
C SER LA 264 6.50 125.18 17.33
N ILE LA 265 6.78 123.96 17.79
CA ILE LA 265 5.88 123.25 18.70
C ILE LA 265 6.63 123.00 20.00
N SER LA 266 5.94 123.22 21.11
CA SER LA 266 6.55 123.13 22.43
C SER LA 266 5.49 122.73 23.44
N ALA LA 267 5.82 121.79 24.32
CA ALA LA 267 4.82 121.26 25.23
C ALA LA 267 5.49 120.64 26.44
N VAL LA 268 4.72 120.55 27.53
CA VAL LA 268 5.12 119.82 28.73
C VAL LA 268 4.18 118.63 28.87
N MET LA 269 4.75 117.44 28.97
CA MET LA 269 3.96 116.21 28.96
C MET LA 269 4.50 115.24 29.99
N LYS LA 270 3.62 114.33 30.41
CA LYS LA 270 3.97 113.25 31.32
C LYS LA 270 3.87 111.92 30.56
N LEU LA 271 4.93 111.14 30.61
CA LEU LA 271 5.00 109.89 29.87
C LEU LA 271 4.54 108.72 30.73
N GLU LA 272 3.90 107.76 30.08
CA GLU LA 272 3.58 106.51 30.75
C GLU LA 272 4.85 105.68 30.95
N ASP LA 273 4.74 104.64 31.75
CA ASP LA 273 5.89 103.79 32.03
C ASP LA 273 6.32 103.03 30.77
N GLY LA 274 7.63 103.02 30.51
CA GLY LA 274 8.17 102.24 29.43
C GLY LA 274 8.33 102.97 28.11
N TYR LA 275 8.12 104.28 28.07
CA TYR LA 275 8.27 105.05 26.84
C TYR LA 275 9.26 106.19 27.07
N THR LA 276 9.88 106.64 25.98
CA THR LA 276 10.88 107.69 26.01
C THR LA 276 10.41 108.90 25.20
N LEU LA 277 11.13 110.00 25.36
CA LEU LA 277 10.77 111.23 24.65
C LEU LA 277 10.98 111.10 23.15
N ASP LA 278 11.97 110.33 22.71
CA ASP LA 278 12.22 110.16 21.29
C ASP LA 278 11.05 109.48 20.60
N ASN LA 279 10.49 108.44 21.23
CA ASN LA 279 9.38 107.71 20.63
C ASN LA 279 8.15 108.60 20.49
N VAL LA 280 7.83 109.36 21.53
CA VAL LA 280 6.68 110.25 21.45
C VAL LA 280 6.95 111.32 20.39
N LYS LA 281 8.20 111.78 20.27
CA LYS LA 281 8.51 112.78 19.24
C LYS LA 281 8.30 112.22 17.84
N GLU LA 282 8.77 111.00 17.57
CA GLU LA 282 8.63 110.45 16.23
C GLU LA 282 7.17 110.13 15.91
N SER LA 283 6.44 109.57 16.86
CA SER LA 283 5.02 109.30 16.63
C SER LA 283 4.24 110.59 16.43
N PHE LA 284 4.57 111.64 17.19
CA PHE LA 284 3.93 112.93 16.99
C PHE LA 284 4.26 113.48 15.62
N LEU LA 285 5.51 113.32 15.18
CA LEU LA 285 5.88 113.79 13.84
C LEU LA 285 5.01 113.12 12.78
N GLU LA 286 4.87 111.80 12.86
CA GLU LA 286 4.06 111.09 11.88
C GLU LA 286 2.60 111.54 11.95
N SER LA 287 2.05 111.63 13.15
CA SER LA 287 0.64 111.99 13.31
C SER LA 287 0.38 113.42 12.84
N ILE LA 288 1.28 114.35 13.13
CA ILE LA 288 1.09 115.74 12.72
C ILE LA 288 1.28 115.89 11.22
N ASN LA 289 2.15 115.09 10.60
CA ASN LA 289 2.23 115.10 9.14
C ASN LA 289 0.93 114.57 8.54
N THR LA 290 0.36 113.53 9.14
CA THR LA 290 -0.91 112.99 8.66
C THR LA 290 -2.01 114.04 8.77
N TYR LA 291 -2.04 114.76 9.89
CA TYR LA 291 -3.02 115.85 10.03
C TYR LA 291 -2.73 116.99 9.06
N PHE LA 292 -1.47 117.21 8.72
CA PHE LA 292 -1.12 118.28 7.78
C PHE LA 292 -1.64 117.99 6.38
N ARG LA 293 -1.45 116.75 5.90
CA ARG LA 293 -1.85 116.49 4.51
C ARG LA 293 -3.36 116.61 4.32
N ASP LA 294 -4.16 116.23 5.31
CA ASP LA 294 -5.61 116.26 5.14
C ASP LA 294 -6.24 117.61 5.41
N ILE LA 295 -5.51 118.56 6.01
CA ILE LA 295 -6.10 119.80 6.46
C ILE LA 295 -6.21 120.80 5.32
N ARG LA 296 -7.26 121.61 5.38
CA ARG LA 296 -7.43 122.78 4.51
C ARG LA 296 -7.94 123.94 5.35
N GLY LA 297 -7.41 125.12 5.08
CA GLY LA 297 -7.83 126.31 5.80
C GLY LA 297 -6.80 126.83 6.78
N GLU LA 298 -7.03 126.59 8.07
CA GLU LA 298 -6.12 127.05 9.12
C GLU LA 298 -5.78 125.89 10.04
N ILE LA 299 -4.53 125.88 10.52
CA ILE LA 299 -4.15 124.90 11.53
C ILE LA 299 -4.88 125.24 12.83
N ILE LA 300 -5.34 124.21 13.53
CA ILE LA 300 -6.25 124.38 14.65
C ILE LA 300 -5.55 123.89 15.92
N TYR LA 301 -5.51 124.74 16.94
CA TYR LA 301 -4.76 124.43 18.15
C TYR LA 301 -5.32 123.19 18.84
N THR LA 302 -6.65 123.08 18.93
CA THR LA 302 -7.25 121.99 19.68
C THR LA 302 -7.18 120.65 18.92
N LYS LA 303 -7.25 120.67 17.58
CA LYS LA 303 -6.94 119.44 16.86
C LYS LA 303 -5.52 118.98 17.15
N VAL LA 304 -4.57 119.91 17.19
CA VAL LA 304 -3.20 119.56 17.50
C VAL LA 304 -3.11 118.98 18.91
N MET LA 305 -3.82 119.60 19.86
CA MET LA 305 -3.83 119.08 21.22
C MET LA 305 -4.39 117.66 21.26
N GLY LA 306 -5.48 117.42 20.54
CA GLY LA 306 -6.05 116.09 20.52
C GLY LA 306 -5.13 115.05 19.89
N ILE LA 307 -4.51 115.40 18.77
CA ILE LA 307 -3.60 114.47 18.11
C ILE LA 307 -2.40 114.18 19.00
N LEU LA 308 -1.85 115.21 19.63
CA LEU LA 308 -0.70 115.00 20.52
C LEU LA 308 -1.08 114.17 21.73
N ILE LA 309 -2.28 114.39 22.29
CA ILE LA 309 -2.66 113.69 23.50
C ILE LA 309 -3.02 112.24 23.18
N ASN LA 310 -3.54 111.98 21.98
CA ASN LA 310 -3.82 110.62 21.53
C ASN LA 310 -2.57 109.82 21.23
N THR LA 311 -1.41 110.47 21.16
CA THR LA 311 -0.18 109.79 20.82
C THR LA 311 0.18 108.78 21.91
N THR LA 312 0.59 107.58 21.48
CA THR LA 312 0.94 106.54 22.42
C THR LA 312 2.25 106.88 23.12
N GLY LA 313 2.24 106.83 24.45
CA GLY LA 313 3.37 107.24 25.26
C GLY LA 313 3.17 108.49 26.06
N VAL LA 314 2.11 109.26 25.79
CA VAL LA 314 1.85 110.52 26.47
C VAL LA 314 0.67 110.33 27.40
N HIS LA 315 0.93 110.42 28.70
CA HIS LA 315 -0.10 110.28 29.73
C HIS LA 315 -0.76 111.61 30.08
N ASP LA 316 -0.08 112.72 29.82
CA ASP LA 316 -0.63 114.03 30.14
C ASP LA 316 0.06 115.05 29.25
N LEU LA 317 -0.59 116.20 29.08
CA LEU LA 317 0.00 117.28 28.32
C LEU LA 317 -0.34 118.61 29.00
N SER LA 318 0.59 119.56 28.91
CA SER LA 318 0.38 120.88 29.49
C SER LA 318 1.30 121.87 28.78
N ASN LA 319 0.92 123.13 28.81
CA ASN LA 319 1.71 124.22 28.24
C ASN LA 319 2.05 123.94 26.77
N LEU LA 320 1.00 123.92 25.94
CA LEU LA 320 1.14 123.66 24.51
C LEU LA 320 1.11 124.99 23.77
N LEU LA 321 2.16 125.26 23.01
CA LEU LA 321 2.29 126.51 22.26
C LEU LA 321 2.59 126.20 20.80
N ILE LA 322 1.76 126.72 19.90
CA ILE LA 322 2.02 126.67 18.46
C ILE LA 322 2.47 128.07 18.04
N ASN LA 323 3.72 128.19 17.64
CA ASN LA 323 4.34 129.47 17.32
C ASN LA 323 4.18 130.46 18.47
N GLY LA 324 4.36 129.96 19.69
CA GLY LA 324 4.28 130.79 20.86
C GLY LA 324 2.90 131.34 21.18
N SER LA 325 1.85 130.65 20.76
CA SER LA 325 0.49 131.12 21.01
C SER LA 325 -0.45 129.93 20.98
N THR LA 326 -1.66 130.15 21.53
CA THR LA 326 -2.72 129.16 21.52
C THR LA 326 -3.82 129.49 20.52
N ASP LA 327 -3.48 130.20 19.45
CA ASP LA 327 -4.44 130.62 18.44
C ASP LA 327 -4.23 129.85 17.15
N ASN LA 328 -5.27 129.83 16.33
CA ASN LA 328 -5.20 129.18 15.02
C ASN LA 328 -4.29 129.97 14.09
N ILE LA 329 -3.49 129.25 13.33
CA ILE LA 329 -2.58 129.85 12.36
C ILE LA 329 -3.15 129.63 10.97
N THR LA 330 -3.44 130.71 10.26
CA THR LA 330 -4.04 130.62 8.95
C THR LA 330 -3.03 130.11 7.93
N ILE LA 331 -3.43 129.13 7.13
CA ILE LA 331 -2.62 128.58 6.05
C ILE LA 331 -3.12 129.17 4.75
N ASN LA 332 -2.24 129.81 3.99
CA ASN LA 332 -2.63 130.48 2.77
C ASN LA 332 -2.42 129.55 1.58
N GLU LA 333 -2.74 130.06 0.38
CA GLU LA 333 -2.64 129.25 -0.82
C GLU LA 333 -1.19 128.96 -1.14
N ASP LA 334 -0.94 127.79 -1.71
CA ASP LA 334 0.41 127.38 -2.07
C ASP LA 334 1.31 127.19 -0.85
N LYS LA 335 0.70 127.08 0.33
CA LYS LA 335 1.46 126.89 1.57
C LYS LA 335 1.02 125.67 2.37
N ILE LA 336 2.00 124.94 2.91
CA ILE LA 336 1.71 123.76 3.71
C ILE LA 336 2.51 123.84 5.02
N PRO LA 337 1.90 123.51 6.15
CA PRO LA 337 2.67 123.48 7.40
C PRO LA 337 3.77 122.44 7.34
N SER LA 338 4.90 122.75 7.98
CA SER LA 338 6.07 121.88 8.00
C SER LA 338 6.68 121.93 9.39
N VAL LA 339 6.72 120.77 10.06
CA VAL LA 339 7.33 120.71 11.38
C VAL LA 339 8.81 121.06 11.28
N THR LA 340 9.27 121.86 12.23
CA THR LA 340 10.65 122.36 12.21
C THR LA 340 11.42 121.97 13.47
N THR LA 341 10.85 122.19 14.65
CA THR LA 341 11.53 121.91 15.90
C THR LA 341 10.55 121.24 16.87
N VAL LA 342 11.08 120.36 17.71
CA VAL LA 342 10.29 119.59 18.67
C VAL LA 342 10.92 119.81 20.03
N ASN LA 343 10.39 120.76 20.80
CA ASN LA 343 10.88 121.06 22.15
C ASN LA 343 9.88 120.49 23.14
N PHE LA 344 10.19 119.33 23.70
CA PHE LA 344 9.35 118.64 24.69
C PHE LA 344 10.07 118.55 26.02
N SER LA 345 9.36 118.86 27.10
CA SER LA 345 9.87 118.74 28.45
C SER LA 345 8.99 117.78 29.25
N GLU LA 346 9.64 116.88 29.97
CA GLU LA 346 8.92 115.93 30.82
C GLU LA 346 8.83 116.48 32.24
N MET MA 1 -15.93 61.62 7.98
CA MET MA 1 -15.71 62.04 6.60
C MET MA 1 -16.94 61.52 5.88
N TYR MA 2 -17.57 62.37 5.05
CA TYR MA 2 -18.91 62.09 4.53
C TYR MA 2 -19.03 60.70 3.94
N SER MA 3 -18.00 60.25 3.22
CA SER MA 3 -18.01 58.90 2.68
C SER MA 3 -17.99 57.86 3.78
N ASP MA 4 -17.21 58.10 4.84
CA ASP MA 4 -17.13 57.14 5.94
C ASP MA 4 -18.46 57.06 6.69
N GLN MA 5 -19.15 58.18 6.81
CA GLN MA 5 -20.46 58.19 7.47
C GLN MA 5 -21.47 57.44 6.64
N THR MA 6 -21.92 56.28 7.13
CA THR MA 6 -22.86 55.44 6.41
C THR MA 6 -24.01 55.09 7.34
N TYR MA 7 -25.01 54.39 6.80
CA TYR MA 7 -26.19 54.03 7.56
C TYR MA 7 -25.83 53.16 8.75
N GLU MA 8 -24.94 52.19 8.54
CA GLU MA 8 -24.54 51.30 9.63
C GLU MA 8 -23.81 52.05 10.73
N VAL MA 9 -22.89 52.94 10.36
CA VAL MA 9 -22.12 53.67 11.36
C VAL MA 9 -23.02 54.62 12.14
N ILE MA 10 -23.89 55.35 11.44
CA ILE MA 10 -24.81 56.26 12.12
C ILE MA 10 -25.71 55.50 13.08
N LYS MA 11 -26.27 54.38 12.62
CA LYS MA 11 -27.15 53.59 13.49
C LYS MA 11 -26.41 53.07 14.70
N ASN MA 12 -25.19 52.55 14.51
CA ASN MA 12 -24.43 52.00 15.62
C ASN MA 12 -24.11 53.08 16.65
N ARG MA 13 -23.68 54.26 16.19
CA ARG MA 13 -23.39 55.34 17.12
C ARG MA 13 -24.65 55.79 17.86
N THR MA 14 -25.77 55.92 17.14
CA THR MA 14 -27.00 56.34 17.79
C THR MA 14 -27.43 55.35 18.86
N LEU MA 15 -27.35 54.05 18.56
CA LEU MA 15 -27.73 53.04 19.53
C LEU MA 15 -26.79 53.06 20.73
N GLU MA 16 -25.49 53.28 20.50
CA GLU MA 16 -24.56 53.36 21.61
C GLU MA 16 -24.83 54.56 22.50
N ASN MA 17 -25.31 55.67 21.92
CA ASN MA 17 -25.57 56.86 22.73
C ASN MA 17 -26.77 56.68 23.64
N ILE MA 18 -27.75 55.88 23.25
CA ILE MA 18 -28.96 55.71 24.05
C ILE MA 18 -28.65 54.89 25.29
N ASN MA 19 -29.05 55.41 26.45
CA ASN MA 19 -28.79 54.75 27.74
C ASN MA 19 -30.10 54.12 28.23
N LEU MA 20 -30.39 52.93 27.72
CA LEU MA 20 -31.53 52.14 28.16
C LEU MA 20 -31.06 50.74 28.53
N ASP MA 21 -31.86 50.08 29.37
CA ASP MA 21 -31.56 48.73 29.83
C ASP MA 21 -31.99 47.66 28.84
N ILE MA 22 -32.94 47.95 27.96
CA ILE MA 22 -33.53 46.96 27.09
C ILE MA 22 -32.55 46.50 26.02
N TYR MA 23 -32.91 45.42 25.32
CA TYR MA 23 -32.03 44.79 24.35
C TYR MA 23 -32.07 45.56 23.04
N LYS MA 24 -30.89 45.89 22.52
CA LYS MA 24 -30.75 46.64 21.27
C LYS MA 24 -30.15 45.72 20.22
N GLY MA 25 -30.98 45.27 19.29
CA GLY MA 25 -30.54 44.38 18.23
C GLY MA 25 -31.57 44.37 17.14
N GLU MA 26 -31.22 43.70 16.04
CA GLU MA 26 -32.11 43.65 14.89
C GLU MA 26 -33.43 43.00 15.29
N GLY MA 27 -34.53 43.66 14.93
CA GLY MA 27 -35.85 43.16 15.27
C GLY MA 27 -36.42 43.64 16.58
N SER MA 28 -35.73 44.56 17.27
CA SER MA 28 -36.21 45.07 18.54
C SER MA 28 -37.04 46.34 18.34
N PHE MA 29 -37.79 46.71 19.37
CA PHE MA 29 -38.62 47.89 19.30
C PHE MA 29 -37.78 49.16 19.16
N LEU MA 30 -36.77 49.32 20.03
CA LEU MA 30 -35.93 50.51 19.97
C LEU MA 30 -35.16 50.59 18.66
N ASN MA 31 -34.64 49.45 18.19
CA ASN MA 31 -33.94 49.41 16.92
C ASN MA 31 -34.87 49.78 15.77
N ASN MA 32 -36.11 49.28 15.80
CA ASN MA 32 -37.07 49.64 14.76
C ASN MA 32 -37.39 51.13 14.78
N MET MA 33 -37.55 51.70 15.97
CA MET MA 33 -37.87 53.12 16.06
C MET MA 33 -36.73 53.99 15.57
N VAL MA 34 -35.50 53.68 15.99
CA VAL MA 34 -34.36 54.50 15.59
C VAL MA 34 -34.10 54.39 14.10
N SER MA 35 -34.13 53.18 13.57
CA SER MA 35 -33.90 52.98 12.14
C SER MA 35 -35.02 53.59 11.31
N GLY MA 36 -34.66 54.11 10.15
CA GLY MA 36 -35.63 54.75 9.28
C GLY MA 36 -35.31 56.20 9.01
N ASN MA 37 -34.88 56.94 10.04
CA ASN MA 37 -34.41 58.30 9.83
C ASN MA 37 -32.89 58.40 9.77
N ASN MA 38 -32.18 57.43 10.34
CA ASN MA 38 -30.73 57.35 10.12
C ASN MA 38 -30.41 57.03 8.67
N LEU MA 39 -31.24 56.20 8.03
CA LEU MA 39 -31.09 55.97 6.61
C LEU MA 39 -31.26 57.28 5.82
N GLU MA 40 -32.20 58.11 6.26
CA GLU MA 40 -32.39 59.41 5.62
C GLU MA 40 -31.17 60.31 5.82
N LEU MA 41 -30.56 60.27 7.00
CA LEU MA 41 -29.35 61.07 7.22
C LEU MA 41 -28.22 60.60 6.32
N SER MA 42 -28.07 59.28 6.18
CA SER MA 42 -27.07 58.75 5.26
C SER MA 42 -27.35 59.19 3.83
N LYS MA 43 -28.63 59.28 3.45
CA LYS MA 43 -28.98 59.83 2.15
C LYS MA 43 -28.54 61.28 2.03
N ILE MA 44 -28.81 62.09 3.06
CA ILE MA 44 -28.56 63.52 3.03
C ILE MA 44 -27.06 63.83 2.92
N TYR MA 45 -26.22 63.00 3.54
CA TYR MA 45 -24.79 63.25 3.51
C TYR MA 45 -24.23 63.30 2.09
N LEU MA 46 -24.78 62.50 1.17
CA LEU MA 46 -24.27 62.53 -0.20
C LEU MA 46 -24.59 63.85 -0.89
N GLU MA 47 -25.81 64.36 -0.73
CA GLU MA 47 -26.14 65.67 -1.29
C GLU MA 47 -25.26 66.75 -0.67
N LEU MA 48 -24.98 66.63 0.63
CA LEU MA 48 -24.08 67.58 1.26
C LEU MA 48 -22.71 67.54 0.62
N SER MA 49 -22.22 66.33 0.29
CA SER MA 49 -20.95 66.21 -0.40
C SER MA 49 -20.99 66.90 -1.76
N LYS MA 50 -22.08 66.71 -2.51
CA LYS MA 50 -22.15 67.24 -3.87
C LYS MA 50 -22.28 68.76 -3.90
N MET MA 51 -22.82 69.35 -2.82
CA MET MA 51 -23.11 70.79 -2.84
C MET MA 51 -21.83 71.61 -3.04
N HIS MA 52 -20.77 71.28 -2.31
CA HIS MA 52 -19.56 72.09 -2.42
C HIS MA 52 -18.91 71.95 -3.79
N LYS MA 53 -19.02 70.78 -4.42
CA LYS MA 53 -18.56 70.65 -5.79
C LYS MA 53 -19.35 71.55 -6.72
N MET MA 54 -20.68 71.54 -6.59
CA MET MA 54 -21.45 72.37 -7.52
C MET MA 54 -21.39 73.86 -7.17
N ALA MA 55 -20.78 74.22 -6.03
CA ALA MA 55 -20.70 75.64 -5.68
C ALA MA 55 -19.66 76.39 -6.50
N PHE MA 56 -18.50 75.78 -6.75
CA PHE MA 56 -17.34 76.49 -7.28
C PHE MA 56 -17.55 76.89 -8.74
N ILE MA 57 -16.51 77.47 -9.33
CA ILE MA 57 -16.54 77.96 -10.71
C ILE MA 57 -15.85 76.97 -11.64
N GLN MA 58 -14.89 76.21 -11.12
CA GLN MA 58 -14.18 75.25 -11.95
C GLN MA 58 -15.11 74.16 -12.45
N ASP MA 59 -16.05 73.72 -11.60
CA ASP MA 59 -17.00 72.66 -11.92
C ASP MA 59 -18.37 73.12 -11.45
N THR MA 60 -19.07 73.87 -12.30
CA THR MA 60 -20.41 74.38 -11.98
C THR MA 60 -21.55 73.87 -12.87
N TYR MA 61 -21.26 72.86 -13.69
CA TYR MA 61 -22.24 72.29 -14.63
C TYR MA 61 -22.65 73.39 -15.61
N ASN MA 62 -23.95 73.54 -15.89
CA ASN MA 62 -24.42 74.41 -16.96
C ASN MA 62 -25.15 75.65 -16.46
N GLN MA 63 -26.22 75.48 -15.68
CA GLN MA 63 -27.06 76.61 -15.32
C GLN MA 63 -26.41 77.46 -14.24
N PHE MA 64 -25.92 76.82 -13.18
CA PHE MA 64 -25.24 77.56 -12.12
C PHE MA 64 -23.97 78.21 -12.62
N LEU MA 65 -23.30 77.56 -13.59
CA LEU MA 65 -22.16 78.19 -14.25
C LEU MA 65 -22.59 79.47 -14.95
N ASP MA 66 -23.76 79.43 -15.61
CA ASP MA 66 -24.30 80.64 -16.24
C ASP MA 66 -24.55 81.73 -15.21
N LYS MA 67 -25.11 81.36 -14.05
CA LYS MA 67 -25.36 82.37 -13.03
C LYS MA 67 -24.06 82.99 -12.54
N ARG MA 68 -23.03 82.16 -12.31
CA ARG MA 68 -21.76 82.68 -11.81
C ARG MA 68 -21.09 83.61 -12.83
N VAL MA 69 -21.07 83.21 -14.10
CA VAL MA 69 -20.42 84.05 -15.10
C VAL MA 69 -21.23 85.33 -15.32
N ASN MA 70 -22.57 85.24 -15.25
CA ASN MA 70 -23.38 86.44 -15.35
C ASN MA 70 -23.14 87.36 -14.16
N GLU MA 71 -22.78 86.79 -13.01
CA GLU MA 71 -22.27 87.62 -11.92
C GLU MA 71 -20.99 88.32 -12.34
N PHE MA 72 -20.08 87.60 -13.01
CA PHE MA 72 -18.91 88.24 -13.58
C PHE MA 72 -19.21 89.05 -14.84
N GLY MA 73 -20.38 88.87 -15.44
CA GLY MA 73 -20.77 89.63 -16.61
C GLY MA 73 -20.46 88.95 -17.93
N VAL MA 74 -19.68 87.87 -17.91
CA VAL MA 74 -19.39 87.14 -19.13
C VAL MA 74 -20.63 86.35 -19.54
N TYR MA 75 -21.01 86.48 -20.81
CA TYR MA 75 -22.18 85.81 -21.34
C TYR MA 75 -21.75 84.69 -22.28
N ARG MA 76 -22.52 83.62 -22.30
CA ARG MA 76 -22.28 82.53 -23.24
C ARG MA 76 -22.54 83.00 -24.67
N LYS MA 77 -21.65 82.64 -25.57
CA LYS MA 77 -21.79 83.03 -26.98
C LYS MA 77 -22.62 81.99 -27.72
N LEU MA 78 -23.68 82.46 -28.37
CA LEU MA 78 -24.51 81.62 -29.20
C LEU MA 78 -24.03 81.69 -30.65
N GLY MA 79 -24.31 80.62 -31.39
CA GLY MA 79 -23.89 80.57 -32.77
C GLY MA 79 -24.66 81.53 -33.65
N THR MA 80 -24.12 81.78 -34.84
CA THR MA 80 -24.78 82.55 -35.87
C THR MA 80 -24.94 81.67 -37.11
N GLU MA 81 -26.10 81.77 -37.74
CA GLU MA 81 -26.39 80.94 -38.90
C GLU MA 81 -25.48 81.31 -40.06
N SER MA 82 -25.22 80.35 -40.93
CA SER MA 82 -24.35 80.58 -42.06
C SER MA 82 -25.04 81.46 -43.12
N ASN MA 83 -24.21 82.09 -43.94
CA ASN MA 83 -24.68 82.92 -45.04
C ASN MA 83 -24.11 82.39 -46.35
N GLY MA 84 -24.94 82.41 -47.39
CA GLY MA 84 -24.52 81.89 -48.68
C GLY MA 84 -25.40 82.41 -49.79
N GLU MA 85 -25.04 82.04 -51.01
CA GLU MA 85 -25.77 82.46 -52.21
C GLU MA 85 -25.95 81.26 -53.11
N VAL MA 86 -27.15 81.10 -53.65
CA VAL MA 86 -27.47 80.02 -54.58
C VAL MA 86 -28.00 80.62 -55.87
N GLU MA 87 -28.06 79.78 -56.91
CA GLU MA 87 -28.56 80.17 -58.22
C GLU MA 87 -29.84 79.38 -58.52
N PHE MA 88 -30.80 80.05 -59.15
CA PHE MA 88 -32.05 79.42 -59.56
C PHE MA 88 -32.07 79.33 -61.09
N ILE MA 89 -32.27 78.12 -61.60
CA ILE MA 89 -32.32 77.86 -63.03
C ILE MA 89 -33.66 77.26 -63.37
N GLY MA 90 -34.29 77.76 -64.42
CA GLY MA 90 -35.59 77.27 -64.84
C GLY MA 90 -36.16 78.11 -65.96
N GLU MA 91 -37.48 78.13 -66.04
CA GLU MA 91 -38.15 78.95 -67.04
C GLU MA 91 -38.00 80.42 -66.69
N LYS MA 92 -37.89 81.25 -67.73
CA LYS MA 92 -37.80 82.69 -67.54
C LYS MA 92 -39.12 83.22 -67.00
N GLY MA 93 -39.03 84.12 -66.01
CA GLY MA 93 -40.18 84.81 -65.48
C GLY MA 93 -40.67 84.29 -64.14
N THR MA 94 -40.23 83.11 -63.71
CA THR MA 94 -40.65 82.58 -62.42
C THR MA 94 -40.07 83.45 -61.31
N VAL MA 95 -40.94 83.85 -60.38
CA VAL MA 95 -40.59 84.83 -59.35
C VAL MA 95 -40.46 84.11 -58.02
N ILE MA 96 -39.31 84.28 -57.36
CA ILE MA 96 -39.02 83.64 -56.08
C ILE MA 96 -38.95 84.76 -55.05
N ASN MA 97 -39.94 84.81 -54.17
CA ASN MA 97 -40.06 85.90 -53.21
C ASN MA 97 -39.31 85.58 -51.92
N ASN MA 98 -39.10 86.63 -51.13
CA ASN MA 98 -38.39 86.48 -49.87
C ASN MA 98 -39.19 85.60 -48.91
N GLY MA 99 -38.48 84.90 -48.04
CA GLY MA 99 -39.09 83.95 -47.14
C GLY MA 99 -39.24 82.55 -47.71
N THR MA 100 -38.93 82.36 -48.99
CA THR MA 100 -38.96 81.03 -49.57
C THR MA 100 -37.85 80.18 -48.99
N ILE MA 101 -38.16 78.91 -48.70
CA ILE MA 101 -37.25 78.01 -48.02
C ILE MA 101 -36.72 76.98 -49.01
N ILE MA 102 -35.40 76.84 -49.04
CA ILE MA 102 -34.75 75.79 -49.82
C ILE MA 102 -34.16 74.78 -48.83
N SER MA 103 -33.91 73.58 -49.33
CA SER MA 103 -33.42 72.49 -48.48
C SER MA 103 -32.32 71.71 -49.20
N TYR MA 104 -31.29 71.35 -48.44
CA TYR MA 104 -30.31 70.36 -48.85
C TYR MA 104 -30.17 69.34 -47.74
N ARG MA 105 -30.27 68.06 -48.08
CA ARG MA 105 -30.27 66.96 -47.11
C ARG MA 105 -31.41 67.24 -46.14
N ASP MA 106 -31.16 67.37 -44.83
CA ASP MA 106 -32.19 67.69 -43.85
C ASP MA 106 -32.05 69.11 -43.32
N LEU MA 107 -31.18 69.91 -43.90
CA LEU MA 107 -30.98 71.29 -43.47
C LEU MA 107 -31.84 72.23 -44.31
N LEU MA 108 -32.29 73.31 -43.69
CA LEU MA 108 -33.23 74.25 -44.29
C LEU MA 108 -32.59 75.63 -44.37
N PHE MA 109 -32.91 76.36 -45.44
CA PHE MA 109 -32.36 77.69 -45.67
C PHE MA 109 -33.45 78.58 -46.25
N VAL MA 110 -33.28 79.89 -46.09
CA VAL MA 110 -34.28 80.88 -46.49
C VAL MA 110 -33.69 81.80 -47.55
N VAL MA 111 -34.49 82.10 -48.57
CA VAL MA 111 -34.10 83.07 -49.59
C VAL MA 111 -34.39 84.47 -49.10
N ILE MA 112 -33.38 85.33 -49.13
CA ILE MA 112 -33.47 86.64 -48.49
C ILE MA 112 -34.09 87.67 -49.43
N LYS MA 113 -33.61 87.74 -50.67
CA LYS MA 113 -33.99 88.81 -51.59
C LYS MA 113 -34.84 88.25 -52.73
N ASP MA 114 -35.85 89.03 -53.12
CA ASP MA 114 -36.66 88.70 -54.29
C ASP MA 114 -35.78 88.57 -55.53
N VAL MA 115 -35.95 87.48 -56.26
CA VAL MA 115 -35.16 87.19 -57.45
C VAL MA 115 -36.07 86.61 -58.53
N THR MA 116 -35.84 87.01 -59.77
CA THR MA 116 -36.59 86.51 -60.91
C THR MA 116 -35.64 85.80 -61.86
N ILE MA 117 -36.05 84.61 -62.33
CA ILE MA 117 -35.24 83.83 -63.25
C ILE MA 117 -35.24 84.52 -64.61
N GLY MA 118 -34.05 84.66 -65.19
CA GLY MA 118 -33.93 85.34 -66.47
C GLY MA 118 -33.99 86.85 -66.41
N SER MA 119 -34.03 87.41 -65.21
CA SER MA 119 -34.04 88.87 -65.04
C SER MA 119 -32.63 89.43 -65.20
N GLU MA 120 -32.55 90.75 -65.39
CA GLU MA 120 -31.27 91.38 -65.63
C GLU MA 120 -30.38 91.41 -64.38
N GLU MA 121 -30.98 91.54 -63.20
CA GLU MA 121 -30.19 91.61 -61.98
C GLU MA 121 -29.53 90.28 -61.63
N GLY MA 122 -29.92 89.19 -62.29
CA GLY MA 122 -29.32 87.89 -62.09
C GLY MA 122 -30.27 86.93 -61.40
N ASP MA 123 -29.84 85.67 -61.38
CA ASP MA 123 -30.61 84.59 -60.76
C ASP MA 123 -30.06 84.19 -59.40
N ASN MA 124 -29.16 84.99 -58.83
CA ASN MA 124 -28.51 84.67 -57.56
C ASN MA 124 -29.08 85.56 -56.46
N SER MA 125 -29.50 84.93 -55.36
CA SER MA 125 -30.09 85.59 -54.22
C SER MA 125 -29.42 85.09 -52.95
N PRO MA 126 -29.39 85.91 -51.90
CA PRO MA 126 -28.76 85.48 -50.65
C PRO MA 126 -29.53 84.35 -49.98
N VAL MA 127 -28.79 83.52 -49.25
CA VAL MA 127 -29.35 82.36 -48.57
C VAL MA 127 -28.86 82.38 -47.13
N GLN MA 128 -29.78 82.17 -46.19
CA GLN MA 128 -29.47 82.17 -44.76
C GLN MA 128 -29.98 80.88 -44.14
N ALA MA 129 -29.18 80.32 -43.25
CA ALA MA 129 -29.57 79.09 -42.56
C ALA MA 129 -30.65 79.38 -41.54
N LEU MA 130 -31.64 78.47 -41.46
CA LEU MA 130 -32.73 78.66 -40.50
C LEU MA 130 -32.28 78.40 -39.06
N GLU MA 131 -31.19 77.68 -38.86
CA GLU MA 131 -30.68 77.38 -37.54
C GLU MA 131 -29.17 77.57 -37.52
N VAL MA 132 -28.65 77.94 -36.36
CA VAL MA 132 -27.22 78.15 -36.17
C VAL MA 132 -26.51 76.80 -36.25
N GLY MA 133 -25.18 76.82 -36.31
CA GLY MA 133 -24.40 75.61 -36.32
C GLY MA 133 -23.33 75.62 -37.40
N LYS MA 134 -22.25 74.87 -37.15
CA LYS MA 134 -21.20 74.69 -38.14
C LYS MA 134 -21.58 73.69 -39.23
N LYS MA 135 -22.60 72.88 -39.00
CA LYS MA 135 -22.99 71.87 -39.99
C LYS MA 135 -23.63 72.48 -41.22
N TYR MA 136 -24.03 73.75 -41.16
CA TYR MA 136 -24.69 74.40 -42.28
C TYR MA 136 -23.71 75.00 -43.29
N ASN MA 137 -22.40 74.93 -43.03
CA ASN MA 137 -21.39 75.45 -43.96
C ASN MA 137 -21.20 74.43 -45.09
N LEU MA 138 -22.18 74.41 -45.98
CA LEU MA 138 -22.19 73.44 -47.07
C LEU MA 138 -21.09 73.75 -48.08
N PRO MA 139 -20.51 72.71 -48.69
CA PRO MA 139 -19.54 72.94 -49.76
C PRO MA 139 -20.21 73.40 -51.05
N THR MA 140 -19.45 73.57 -52.12
CA THR MA 140 -20.04 74.04 -53.36
C THR MA 140 -20.69 72.90 -54.13
N ASN MA 141 -21.39 73.29 -55.21
CA ASN MA 141 -22.04 72.33 -56.10
C ASN MA 141 -23.03 71.44 -55.36
N CYS MA 142 -23.71 72.00 -54.38
CA CYS MA 142 -24.75 71.29 -53.65
C CYS MA 142 -26.10 71.62 -54.25
N GLU MA 143 -26.86 70.59 -54.61
CA GLU MA 143 -28.16 70.76 -55.26
C GLU MA 143 -29.22 70.95 -54.18
N PHE MA 144 -29.71 72.17 -54.03
CA PHE MA 144 -30.76 72.47 -53.07
C PHE MA 144 -32.13 72.16 -53.66
N LYS MA 145 -33.08 71.85 -52.77
CA LYS MA 145 -34.43 71.52 -53.18
C LYS MA 145 -35.42 72.40 -52.43
N LEU MA 146 -36.54 72.68 -53.09
CA LEU MA 146 -37.57 73.56 -52.56
C LEU MA 146 -38.59 72.78 -51.72
N VAL MA 147 -38.93 73.31 -50.55
CA VAL MA 147 -39.89 72.65 -49.68
C VAL MA 147 -41.29 72.70 -50.28
N ASP MA 148 -41.69 73.86 -50.79
CA ASP MA 148 -42.97 74.03 -51.46
C ASP MA 148 -42.73 74.20 -52.95
N ASN MA 149 -43.39 73.37 -53.76
CA ASN MA 149 -43.08 73.30 -55.19
C ASN MA 149 -43.61 74.54 -55.89
N ILE MA 150 -42.71 75.25 -56.57
CA ILE MA 150 -43.04 76.48 -57.28
C ILE MA 150 -42.77 76.22 -58.77
N SER MA 151 -43.82 76.37 -59.58
CA SER MA 151 -43.71 76.06 -61.00
C SER MA 151 -42.74 77.00 -61.69
N GLY MA 152 -41.88 76.42 -62.54
CA GLY MA 152 -40.92 77.18 -63.31
C GLY MA 152 -39.49 77.12 -62.81
N VAL MA 153 -39.25 76.58 -61.62
CA VAL MA 153 -37.91 76.43 -61.07
C VAL MA 153 -37.46 74.99 -61.27
N THR MA 154 -36.29 74.81 -61.88
CA THR MA 154 -35.79 73.47 -62.20
C THR MA 154 -34.76 72.98 -61.18
N LYS MA 155 -33.66 73.69 -61.02
CA LYS MA 155 -32.57 73.25 -60.17
C LYS MA 155 -32.02 74.41 -59.36
N ILE MA 156 -31.66 74.13 -58.11
CA ILE MA 156 -31.01 75.08 -57.23
C ILE MA 156 -29.61 74.56 -56.94
N THR MA 157 -28.61 75.45 -57.00
CA THR MA 157 -27.24 75.08 -56.68
C THR MA 157 -26.51 76.29 -56.15
N ASN MA 158 -25.45 76.03 -55.40
CA ASN MA 158 -24.58 77.08 -54.86
C ASN MA 158 -23.28 77.11 -55.66
N THR MA 159 -22.78 78.32 -55.88
CA THR MA 159 -21.56 78.50 -56.66
C THR MA 159 -20.30 78.58 -55.81
N ARG MA 160 -20.44 78.94 -54.53
CA ARG MA 160 -19.33 79.00 -53.60
C ARG MA 160 -19.67 78.20 -52.36
N SER MA 161 -18.76 78.20 -51.40
CA SER MA 161 -18.96 77.50 -50.14
C SER MA 161 -19.71 78.39 -49.15
N PHE MA 162 -20.46 77.75 -48.26
CA PHE MA 162 -21.19 78.47 -47.22
C PHE MA 162 -20.25 78.80 -46.07
N GLU MA 163 -20.42 79.99 -45.50
CA GLU MA 163 -19.57 80.45 -44.41
C GLU MA 163 -20.39 81.27 -43.44
N GLY MA 164 -19.85 81.41 -42.23
CA GLY MA 164 -20.50 82.17 -41.17
C GLY MA 164 -21.17 81.34 -40.11
N GLY MA 165 -21.36 80.04 -40.34
CA GLY MA 165 -21.97 79.19 -39.33
C GLY MA 165 -21.08 79.08 -38.10
N THR MA 166 -21.71 79.19 -36.93
CA THR MA 166 -20.98 79.13 -35.66
C THR MA 166 -21.77 78.27 -34.69
N ASP MA 167 -21.05 77.51 -33.87
CA ASP MA 167 -21.66 76.64 -32.88
C ASP MA 167 -21.80 77.35 -31.53
N ILE MA 168 -22.51 76.70 -30.62
CA ILE MA 168 -22.65 77.23 -29.28
C ILE MA 168 -21.36 77.02 -28.50
N GLU MA 169 -20.89 78.07 -27.84
CA GLU MA 169 -19.72 77.96 -26.99
C GLU MA 169 -20.02 77.10 -25.77
N THR MA 170 -19.16 76.13 -25.50
CA THR MA 170 -19.39 75.18 -24.43
C THR MA 170 -18.96 75.77 -23.09
N ASP MA 171 -18.93 74.93 -22.05
CA ASP MA 171 -18.58 75.39 -20.71
C ASP MA 171 -17.07 75.57 -20.56
N GLU MA 172 -16.28 74.66 -21.13
CA GLU MA 172 -14.83 74.73 -20.97
C GLU MA 172 -14.27 75.98 -21.63
N GLU MA 173 -14.76 76.32 -22.82
CA GLU MA 173 -14.33 77.54 -23.49
C GLU MA 173 -14.72 78.77 -22.68
N LEU MA 174 -15.92 78.76 -22.10
CA LEU MA 174 -16.35 79.87 -21.26
C LEU MA 174 -15.42 80.04 -20.07
N LYS MA 175 -15.10 78.93 -19.40
CA LYS MA 175 -14.21 79.00 -18.24
C LYS MA 175 -12.82 79.50 -18.64
N GLU MA 176 -12.30 79.02 -19.77
CA GLU MA 176 -10.98 79.47 -20.21
C GLU MA 176 -10.98 80.95 -20.53
N ARG MA 177 -12.01 81.43 -21.22
CA ARG MA 177 -12.09 82.85 -21.54
C ARG MA 177 -12.20 83.70 -20.27
N PHE MA 178 -13.03 83.26 -19.33
CA PHE MA 178 -13.15 83.97 -18.05
C PHE MA 178 -11.82 84.01 -17.31
N TYR MA 179 -11.13 82.88 -17.25
CA TYR MA 179 -9.85 82.83 -16.54
C TYR MA 179 -8.83 83.74 -17.19
N LYS MA 180 -8.77 83.74 -18.53
CA LYS MA 180 -7.82 84.61 -19.21
C LYS MA 180 -8.18 86.08 -19.05
N ILE MA 181 -9.48 86.39 -18.99
CA ILE MA 181 -9.89 87.79 -18.81
C ILE MA 181 -9.51 88.28 -17.42
N GLN MA 182 -9.80 87.49 -16.39
CA GLN MA 182 -9.49 87.92 -15.04
C GLN MA 182 -8.00 87.95 -14.79
N ARG MA 183 -7.26 86.99 -15.34
CA ARG MA 183 -5.81 87.00 -15.19
C ARG MA 183 -5.20 88.20 -15.90
N ASN MA 184 -5.70 88.53 -17.08
CA ASN MA 184 -5.17 89.66 -17.84
C ASN MA 184 -5.45 90.97 -17.14
N GLN MA 185 -4.45 91.84 -17.11
CA GLN MA 185 -4.56 93.18 -16.55
C GLN MA 185 -4.38 94.15 -17.71
N ALA MA 186 -5.36 95.04 -17.90
CA ALA MA 186 -5.35 95.99 -19.02
C ALA MA 186 -5.52 97.40 -18.46
N THR MA 187 -4.40 98.08 -18.22
CA THR MA 187 -4.43 99.50 -17.91
C THR MA 187 -4.31 100.31 -19.19
N SER MA 188 -4.69 101.58 -19.10
CA SER MA 188 -4.65 102.47 -20.25
C SER MA 188 -3.31 103.15 -20.44
N GLY MA 189 -2.38 103.00 -19.49
CA GLY MA 189 -1.22 103.86 -19.46
C GLY MA 189 -0.18 103.65 -20.55
N ASN MA 190 0.58 102.57 -20.48
CA ASN MA 190 1.75 102.48 -21.33
C ASN MA 190 1.35 102.24 -22.79
N LYS MA 191 2.29 102.52 -23.69
CA LYS MA 191 2.04 102.34 -25.11
C LYS MA 191 2.02 100.88 -25.54
N ALA MA 192 2.50 99.97 -24.69
CA ALA MA 192 2.64 98.57 -25.07
C ALA MA 192 1.31 97.88 -25.28
N HIS MA 193 0.22 98.37 -24.66
CA HIS MA 193 -1.07 97.74 -24.85
C HIS MA 193 -1.51 97.79 -26.30
N TYR MA 194 -1.23 98.91 -26.98
CA TYR MA 194 -1.66 99.05 -28.37
C TYR MA 194 -0.96 98.05 -29.28
N GLU MA 195 0.36 97.92 -29.14
CA GLU MA 195 1.07 96.94 -29.96
C GLU MA 195 0.67 95.52 -29.58
N GLU MA 196 0.41 95.26 -28.29
CA GLU MA 196 -0.06 93.94 -27.90
C GLU MA 196 -1.39 93.61 -28.57
N TRP MA 197 -2.35 94.53 -28.50
CA TRP MA 197 -3.65 94.29 -29.12
C TRP MA 197 -3.52 94.13 -30.62
N ALA MA 198 -2.68 94.94 -31.26
CA ALA MA 198 -2.46 94.78 -32.69
C ALA MA 198 -1.88 93.40 -32.99
N LEU MA 199 -1.01 92.88 -32.12
CA LEU MA 199 -0.43 91.57 -32.33
C LEU MA 199 -1.44 90.45 -32.10
N GLU MA 200 -2.44 90.67 -31.23
CA GLU MA 200 -3.44 89.64 -30.98
C GLU MA 200 -4.19 89.25 -32.24
N VAL MA 201 -4.25 90.12 -33.23
CA VAL MA 201 -4.96 89.83 -34.48
C VAL MA 201 -4.03 89.06 -35.41
N ASP MA 202 -4.55 88.00 -36.01
CA ASP MA 202 -3.74 87.17 -36.91
C ASP MA 202 -3.46 87.91 -38.21
N GLY MA 203 -2.39 87.49 -38.88
CA GLY MA 203 -1.98 88.10 -40.12
C GLY MA 203 -1.12 89.33 -39.98
N VAL MA 204 -0.71 89.67 -38.76
CA VAL MA 204 0.09 90.85 -38.49
C VAL MA 204 1.40 90.42 -37.85
N TYR MA 205 2.50 91.01 -38.30
CA TYR MA 205 3.83 90.63 -37.85
C TYR MA 205 4.62 91.76 -37.22
N ASN MA 206 4.45 93.01 -37.68
CA ASN MA 206 5.14 94.15 -37.11
C ASN MA 206 4.13 95.28 -36.91
N VAL MA 207 4.28 96.02 -35.82
CA VAL MA 207 3.32 97.04 -35.42
C VAL MA 207 4.05 98.31 -35.03
N LYS MA 208 3.61 99.44 -35.60
CA LYS MA 208 4.11 100.77 -35.23
C LYS MA 208 2.93 101.65 -34.88
N VAL MA 209 3.10 102.48 -33.83
CA VAL MA 209 2.03 103.34 -33.34
C VAL MA 209 2.54 104.77 -33.30
N TYR MA 210 1.73 105.70 -33.80
CA TYR MA 210 2.08 107.11 -33.86
C TYR MA 210 1.14 107.91 -32.97
N PRO MA 211 1.58 108.34 -31.79
CA PRO MA 211 0.72 109.15 -30.93
C PRO MA 211 0.41 110.50 -31.57
N ARG MA 212 -0.78 111.02 -31.23
CA ARG MA 212 -1.28 112.32 -31.68
C ARG MA 212 -0.99 112.60 -33.15
N TRP MA 213 -1.20 111.59 -34.00
CA TRP MA 213 -0.96 111.77 -35.43
C TRP MA 213 -1.89 112.80 -36.05
N ASP MA 214 -3.10 112.95 -35.51
CA ASP MA 214 -4.09 113.87 -36.06
C ASP MA 214 -4.61 114.82 -34.98
N GLY MA 215 -3.73 115.23 -34.07
CA GLY MA 215 -4.11 116.09 -32.98
C GLY MA 215 -4.28 115.34 -31.69
N PRO MA 216 -4.62 116.04 -30.61
CA PRO MA 216 -4.87 115.37 -29.33
C PRO MA 216 -6.03 114.40 -29.45
N GLY MA 217 -5.92 113.29 -28.72
CA GLY MA 217 -6.95 112.26 -28.77
C GLY MA 217 -6.97 111.44 -30.03
N THR MA 218 -5.86 111.40 -30.77
CA THR MA 218 -5.76 110.64 -32.02
C THR MA 218 -4.58 109.69 -31.94
N VAL MA 219 -4.79 108.47 -32.42
CA VAL MA 219 -3.75 107.43 -32.44
C VAL MA 219 -3.79 106.75 -33.81
N LYS MA 220 -2.63 106.59 -34.42
CA LYS MA 220 -2.49 105.93 -35.71
C LYS MA 220 -1.61 104.70 -35.53
N VAL MA 221 -2.19 103.52 -35.66
CA VAL MA 221 -1.45 102.27 -35.55
C VAL MA 221 -1.10 101.79 -36.96
N LEU MA 222 0.05 101.13 -37.07
CA LEU MA 222 0.62 100.72 -38.35
C LEU MA 222 0.97 99.24 -38.27
N ILE MA 223 0.16 98.40 -38.90
CA ILE MA 223 0.35 96.94 -38.84
C ILE MA 223 1.13 96.50 -40.08
N PHE MA 224 1.89 95.42 -39.93
CA PHE MA 224 2.71 94.88 -41.01
C PHE MA 224 2.49 93.38 -41.10
N GLY MA 225 2.41 92.89 -42.34
CA GLY MA 225 2.25 91.48 -42.61
C GLY MA 225 3.57 90.74 -42.66
N LYS MA 226 3.54 89.56 -43.26
CA LYS MA 226 4.75 88.76 -43.41
C LYS MA 226 5.79 89.52 -44.23
N ASN MA 227 7.03 89.55 -43.73
CA ASN MA 227 8.12 90.32 -44.32
C ASN MA 227 7.73 91.79 -44.45
N ASN MA 228 6.98 92.29 -43.46
CA ASN MA 228 6.60 93.70 -43.38
C ASN MA 228 5.92 94.16 -44.67
N GLN MA 229 5.05 93.31 -45.22
CA GLN MA 229 4.38 93.59 -46.47
C GLN MA 229 2.95 94.07 -46.22
N ALA MA 230 2.27 94.44 -47.30
CA ALA MA 230 0.92 94.95 -47.20
C ALA MA 230 -0.05 93.88 -46.73
N VAL MA 231 -0.93 94.25 -45.81
CA VAL MA 231 -1.94 93.34 -45.31
C VAL MA 231 -3.24 93.57 -46.07
N ASP MA 232 -4.11 92.56 -46.04
CA ASP MA 232 -5.39 92.65 -46.73
C ASP MA 232 -6.37 93.51 -45.95
N THR MA 233 -7.49 93.85 -46.60
CA THR MA 233 -8.52 94.63 -45.94
C THR MA 233 -9.16 93.85 -44.79
N GLU MA 234 -9.24 92.52 -44.90
CA GLU MA 234 -9.85 91.73 -43.86
C GLU MA 234 -9.04 91.78 -42.56
N THR MA 235 -7.72 91.62 -42.66
CA THR MA 235 -6.88 91.71 -41.47
C THR MA 235 -6.92 93.11 -40.87
N ILE MA 236 -6.96 94.13 -41.73
CA ILE MA 236 -7.03 95.51 -41.23
C ILE MA 236 -8.33 95.73 -40.47
N GLU MA 237 -9.45 95.26 -41.03
CA GLU MA 237 -10.73 95.39 -40.35
C GLU MA 237 -10.74 94.65 -39.03
N ARG MA 238 -10.20 93.42 -39.02
CA ARG MA 238 -10.16 92.63 -37.79
C ARG MA 238 -9.33 93.33 -36.72
N CYS MA 239 -8.16 93.87 -37.12
CA CYS MA 239 -7.32 94.57 -36.16
C CYS MA 239 -8.02 95.81 -35.62
N GLN MA 240 -8.67 96.57 -36.51
CA GLN MA 240 -9.41 97.75 -36.07
C GLN MA 240 -10.49 97.38 -35.05
N GLN MA 241 -11.31 96.38 -35.37
CA GLN MA 241 -12.39 96.00 -34.46
C GLN MA 241 -11.85 95.50 -33.13
N HIS MA 242 -10.81 94.67 -33.15
CA HIS MA 242 -10.35 94.09 -31.90
C HIS MA 242 -9.70 95.16 -31.03
N ILE MA 243 -8.88 96.02 -31.63
CA ILE MA 243 -8.27 97.13 -30.89
C ILE MA 243 -9.34 98.04 -30.31
N ASP MA 244 -10.42 98.27 -31.07
CA ASP MA 244 -11.55 99.03 -30.52
C ASP MA 244 -12.16 98.32 -29.32
N GLU MA 245 -12.24 96.99 -29.39
CA GLU MA 245 -12.79 96.21 -28.29
C GLU MA 245 -11.89 96.22 -27.06
N GLU MA 246 -10.59 96.46 -27.22
CA GLU MA 246 -9.68 96.51 -26.09
C GLU MA 246 -9.27 97.92 -25.67
N LYS MA 247 -9.47 98.92 -26.51
CA LYS MA 247 -9.04 100.26 -26.17
C LYS MA 247 -9.92 100.86 -25.07
N PRO MA 248 -9.36 101.71 -24.21
CA PRO MA 248 -10.18 102.41 -23.22
C PRO MA 248 -10.84 103.65 -23.80
N ILE MA 249 -11.50 104.43 -22.95
CA ILE MA 249 -12.19 105.62 -23.40
C ILE MA 249 -11.17 106.73 -23.69
N GLY MA 250 -11.41 107.46 -24.79
CA GLY MA 250 -10.66 108.66 -25.07
C GLY MA 250 -9.97 108.74 -26.43
N PRO MA 251 -9.30 107.67 -26.88
CA PRO MA 251 -8.60 107.76 -28.17
C PRO MA 251 -9.40 107.24 -29.35
N THR MA 252 -9.10 107.74 -30.54
CA THR MA 252 -9.60 107.19 -31.79
C THR MA 252 -8.48 106.42 -32.47
N ILE MA 253 -8.86 105.36 -33.17
CA ILE MA 253 -7.90 104.39 -33.72
C ILE MA 253 -8.03 104.37 -35.24
N THR MA 254 -6.90 104.48 -35.93
CA THR MA 254 -6.84 104.37 -37.37
C THR MA 254 -5.72 103.41 -37.75
N VAL MA 255 -6.04 102.45 -38.63
CA VAL MA 255 -5.07 101.47 -39.10
C VAL MA 255 -5.08 101.47 -40.63
N VAL MA 256 -3.89 101.46 -41.23
CA VAL MA 256 -3.72 101.56 -42.67
C VAL MA 256 -2.69 100.53 -43.12
N THR MA 257 -2.39 100.57 -44.42
CA THR MA 257 -1.51 99.61 -45.08
C THR MA 257 -0.43 100.34 -45.87
N PRO MA 258 0.71 99.71 -46.08
CA PRO MA 258 1.77 100.36 -46.86
C PRO MA 258 1.38 100.58 -48.32
N LEU MA 259 1.96 101.65 -48.88
CA LEU MA 259 1.73 102.02 -50.27
C LEU MA 259 3.05 102.05 -51.02
N PRO MA 260 3.09 101.44 -52.20
CA PRO MA 260 4.30 101.39 -53.04
C PRO MA 260 4.73 102.75 -53.54
N ILE MA 261 6.04 102.96 -53.67
CA ILE MA 261 6.59 104.22 -54.16
C ILE MA 261 7.03 104.02 -55.62
N GLU MA 262 6.60 104.92 -56.49
CA GLU MA 262 6.90 104.81 -57.90
C GLU MA 262 8.37 105.15 -58.15
N ILE MA 263 9.08 104.25 -58.82
CA ILE MA 263 10.51 104.41 -59.11
C ILE MA 263 10.73 104.27 -60.61
N SER MA 264 11.45 105.22 -61.19
CA SER MA 264 11.81 105.18 -62.60
C SER MA 264 13.32 105.11 -62.74
N ILE MA 265 13.80 104.17 -63.55
CA ILE MA 265 15.22 103.93 -63.75
C ILE MA 265 15.56 104.17 -65.21
N SER MA 266 16.60 104.96 -65.46
CA SER MA 266 17.06 105.26 -66.80
C SER MA 266 18.57 105.15 -66.86
N ALA MA 267 19.09 104.61 -67.96
CA ALA MA 267 20.53 104.45 -68.11
C ALA MA 267 20.90 104.33 -69.58
N VAL MA 268 22.19 104.50 -69.85
CA VAL MA 268 22.79 104.23 -71.16
C VAL MA 268 23.83 103.14 -70.97
N MET MA 269 23.70 102.05 -71.73
CA MET MA 269 24.58 100.90 -71.51
C MET MA 269 25.04 100.34 -72.84
N LYS MA 270 26.13 99.57 -72.78
CA LYS MA 270 26.63 98.78 -73.88
C LYS MA 270 26.43 97.30 -73.55
N LEU MA 271 25.77 96.58 -74.45
CA LEU MA 271 25.41 95.19 -74.21
C LEU MA 271 26.43 94.26 -74.84
N GLU MA 272 26.58 93.07 -74.25
CA GLU MA 272 27.45 92.05 -74.80
C GLU MA 272 26.83 91.46 -76.06
N ASP MA 273 27.65 90.75 -76.83
CA ASP MA 273 27.22 90.18 -78.09
C ASP MA 273 26.17 89.10 -77.88
N GLY MA 274 25.11 89.15 -78.71
CA GLY MA 274 24.05 88.18 -78.64
C GLY MA 274 22.97 88.46 -77.62
N TYR MA 275 23.10 89.51 -76.83
CA TYR MA 275 22.09 89.91 -75.85
C TYR MA 275 21.41 91.19 -76.31
N THR MA 276 20.08 91.20 -76.24
CA THR MA 276 19.29 92.37 -76.58
C THR MA 276 18.94 93.15 -75.31
N LEU MA 277 18.21 94.24 -75.50
CA LEU MA 277 17.80 95.07 -74.36
C LEU MA 277 16.76 94.37 -73.50
N ASP MA 278 15.88 93.57 -74.11
CA ASP MA 278 14.76 92.98 -73.38
C ASP MA 278 15.23 91.97 -72.33
N ASN MA 279 16.20 91.12 -72.69
CA ASN MA 279 16.64 90.09 -71.76
C ASN MA 279 17.31 90.69 -70.52
N VAL MA 280 18.22 91.65 -70.75
CA VAL MA 280 18.86 92.33 -69.63
C VAL MA 280 17.84 93.14 -68.84
N LYS MA 281 16.81 93.68 -69.51
CA LYS MA 281 15.76 94.39 -68.80
C LYS MA 281 15.03 93.46 -67.84
N GLU MA 282 14.69 92.25 -68.30
CA GLU MA 282 14.01 91.29 -67.45
C GLU MA 282 14.90 90.88 -66.27
N SER MA 283 16.17 90.58 -66.55
CA SER MA 283 17.06 90.16 -65.48
C SER MA 283 17.25 91.26 -64.44
N PHE MA 284 17.42 92.50 -64.90
CA PHE MA 284 17.51 93.63 -63.98
C PHE MA 284 16.22 93.79 -63.19
N LEU MA 285 15.07 93.60 -63.83
CA LEU MA 285 13.81 93.73 -63.11
C LEU MA 285 13.74 92.72 -61.96
N GLU MA 286 14.12 91.47 -62.24
CA GLU MA 286 14.10 90.45 -61.20
C GLU MA 286 15.07 90.80 -60.07
N SER MA 287 16.30 91.15 -60.42
CA SER MA 287 17.30 91.44 -59.40
C SER MA 287 16.90 92.65 -58.56
N ILE MA 288 16.36 93.68 -59.21
CA ILE MA 288 15.99 94.91 -58.50
C ILE MA 288 14.77 94.68 -57.63
N ASN MA 289 13.83 93.84 -58.05
CA ASN MA 289 12.70 93.55 -57.15
C ASN MA 289 13.15 92.73 -55.95
N THR MA 290 14.11 91.82 -56.15
CA THR MA 290 14.67 91.10 -55.02
C THR MA 290 15.37 92.07 -54.06
N TYR MA 291 16.15 93.02 -54.60
CA TYR MA 291 16.81 93.99 -53.75
C TYR MA 291 15.81 94.86 -52.99
N PHE MA 292 14.74 95.29 -53.67
CA PHE MA 292 13.70 96.05 -53.00
C PHE MA 292 13.03 95.23 -51.90
N ARG MA 293 12.89 93.92 -52.11
CA ARG MA 293 12.43 93.06 -51.04
C ARG MA 293 13.39 93.08 -49.86
N ASP MA 294 14.70 93.07 -50.14
CA ASP MA 294 15.70 93.06 -49.08
C ASP MA 294 16.07 94.44 -48.57
N ILE MA 295 15.62 95.51 -49.22
CA ILE MA 295 16.05 96.85 -48.85
C ILE MA 295 15.29 97.32 -47.62
N ARG MA 296 15.93 98.20 -46.84
CA ARG MA 296 15.30 98.85 -45.70
C ARG MA 296 15.60 100.34 -45.75
N GLY MA 297 14.57 101.15 -45.55
CA GLY MA 297 14.78 102.59 -45.53
C GLY MA 297 15.15 103.13 -46.90
N GLU MA 298 16.14 104.01 -46.92
CA GLU MA 298 16.53 104.69 -48.14
C GLU MA 298 17.13 103.73 -49.15
N ILE MA 299 16.94 104.06 -50.43
CA ILE MA 299 17.57 103.32 -51.52
C ILE MA 299 18.97 103.88 -51.75
N ILE MA 300 19.92 102.99 -52.02
CA ILE MA 300 21.31 103.36 -52.20
C ILE MA 300 21.65 103.30 -53.68
N TYR MA 301 22.18 104.41 -54.22
CA TYR MA 301 22.50 104.48 -55.63
C TYR MA 301 23.57 103.47 -56.01
N THR MA 302 24.56 103.27 -55.14
CA THR MA 302 25.67 102.38 -55.47
C THR MA 302 25.19 100.94 -55.64
N LYS MA 303 24.26 100.50 -54.80
CA LYS MA 303 23.71 99.16 -54.99
C LYS MA 303 22.94 99.08 -56.30
N VAL MA 304 22.27 100.17 -56.68
CA VAL MA 304 21.50 100.18 -57.92
C VAL MA 304 22.41 100.00 -59.13
N MET MA 305 23.47 100.81 -59.23
CA MET MA 305 24.26 100.68 -60.45
C MET MA 305 25.18 99.45 -60.38
N GLY MA 306 25.48 98.95 -59.18
CA GLY MA 306 26.12 97.66 -59.08
C GLY MA 306 25.24 96.53 -59.58
N ILE MA 307 23.94 96.59 -59.29
CA ILE MA 307 23.07 95.51 -59.74
C ILE MA 307 22.76 95.65 -61.23
N LEU MA 308 22.94 96.86 -61.75
CA LEU MA 308 22.75 97.13 -63.17
C LEU MA 308 23.97 96.62 -63.96
N ILE MA 309 25.16 96.75 -63.39
CA ILE MA 309 26.38 96.29 -64.06
C ILE MA 309 26.59 94.79 -63.90
N ASN MA 310 26.04 94.19 -62.84
CA ASN MA 310 26.17 92.76 -62.61
C ASN MA 310 25.07 91.95 -63.28
N THR MA 311 24.19 92.60 -64.04
CA THR MA 311 23.19 91.88 -64.82
C THR MA 311 23.88 91.06 -65.91
N THR MA 312 23.31 89.90 -66.20
CA THR MA 312 23.88 89.02 -67.23
C THR MA 312 23.62 89.61 -68.61
N GLY MA 313 24.70 89.83 -69.38
CA GLY MA 313 24.60 90.28 -70.75
C GLY MA 313 24.97 91.72 -71.00
N VAL MA 314 25.14 92.53 -69.96
CA VAL MA 314 25.49 93.93 -70.13
C VAL MA 314 27.01 94.07 -70.03
N HIS MA 315 27.60 94.84 -70.94
CA HIS MA 315 29.04 94.99 -71.03
C HIS MA 315 29.56 96.26 -70.37
N ASP MA 316 28.89 97.40 -70.59
CA ASP MA 316 29.32 98.65 -69.99
C ASP MA 316 28.08 99.50 -69.71
N LEU MA 317 28.24 100.49 -68.83
CA LEU MA 317 27.14 101.30 -68.34
C LEU MA 317 27.54 102.76 -68.34
N SER MA 318 26.53 103.64 -68.35
CA SER MA 318 26.74 105.07 -68.27
C SER MA 318 25.41 105.77 -67.99
N ASN MA 319 25.49 106.88 -67.26
CA ASN MA 319 24.38 107.82 -67.11
C ASN MA 319 23.15 107.18 -66.47
N LEU MA 320 23.35 106.44 -65.38
CA LEU MA 320 22.20 105.92 -64.64
C LEU MA 320 21.53 107.05 -63.88
N LEU MA 321 20.22 107.16 -64.03
CA LEU MA 321 19.43 108.14 -63.30
C LEU MA 321 18.31 107.43 -62.57
N ILE MA 322 18.21 107.67 -61.26
CA ILE MA 322 17.17 107.09 -60.42
C ILE MA 322 16.13 108.17 -60.20
N ASN MA 323 15.00 108.05 -60.89
CA ASN MA 323 13.94 109.05 -60.85
C ASN MA 323 14.47 110.42 -61.27
N GLY MA 324 15.38 110.41 -62.25
CA GLY MA 324 15.98 111.64 -62.74
C GLY MA 324 17.16 112.15 -61.93
N SER MA 325 17.59 111.43 -60.91
CA SER MA 325 18.70 111.87 -60.08
C SER MA 325 19.52 110.67 -59.63
N THR MA 326 20.75 110.94 -59.20
CA THR MA 326 21.64 109.90 -58.69
C THR MA 326 21.69 109.86 -57.16
N ASP MA 327 20.93 110.72 -56.49
CA ASP MA 327 20.96 110.79 -55.04
C ASP MA 327 20.08 109.71 -54.43
N ASN MA 328 20.36 109.40 -53.16
CA ASN MA 328 19.62 108.36 -52.46
C ASN MA 328 18.15 108.76 -52.30
N ILE MA 329 17.27 107.78 -52.47
CA ILE MA 329 15.83 107.96 -52.29
C ILE MA 329 15.50 107.49 -50.88
N THR MA 330 15.29 108.44 -49.98
CA THR MA 330 14.89 108.10 -48.62
C THR MA 330 13.43 107.68 -48.60
N ILE MA 331 13.15 106.51 -48.05
CA ILE MA 331 11.81 105.94 -48.01
C ILE MA 331 11.24 106.12 -46.62
N ASN MA 332 10.05 106.72 -46.54
CA ASN MA 332 9.36 106.86 -45.27
C ASN MA 332 8.84 105.50 -44.80
N GLU MA 333 8.34 105.47 -43.57
CA GLU MA 333 7.73 104.26 -43.06
C GLU MA 333 6.41 103.98 -43.77
N ASP MA 334 6.02 102.70 -43.78
CA ASP MA 334 4.79 102.25 -44.41
C ASP MA 334 4.82 102.54 -45.92
N LYS MA 335 5.98 102.28 -46.54
CA LYS MA 335 6.15 102.46 -47.97
C LYS MA 335 7.22 101.51 -48.48
N ILE MA 336 7.09 101.11 -49.74
CA ILE MA 336 8.08 100.25 -50.38
C ILE MA 336 8.35 100.77 -51.79
N PRO MA 337 9.57 100.53 -52.28
CA PRO MA 337 9.89 100.97 -53.65
C PRO MA 337 9.43 99.97 -54.69
N SER MA 338 8.83 100.49 -55.75
CA SER MA 338 8.31 99.68 -56.83
C SER MA 338 8.75 100.25 -58.17
N VAL MA 339 9.17 99.38 -59.08
CA VAL MA 339 9.56 99.80 -60.41
C VAL MA 339 8.33 100.26 -61.18
N THR MA 340 8.47 101.36 -61.92
CA THR MA 340 7.38 101.88 -62.73
C THR MA 340 7.69 101.82 -64.22
N THR MA 341 8.78 102.45 -64.66
CA THR MA 341 9.14 102.50 -66.07
C THR MA 341 10.66 102.46 -66.19
N VAL MA 342 11.15 101.67 -67.13
CA VAL MA 342 12.58 101.57 -67.42
C VAL MA 342 12.84 102.28 -68.74
N ASN MA 343 13.89 103.09 -68.77
CA ASN MA 343 14.33 103.80 -69.96
C ASN MA 343 15.78 103.40 -70.20
N PHE MA 344 15.98 102.30 -70.93
CA PHE MA 344 17.30 101.78 -71.24
C PHE MA 344 17.55 101.95 -72.73
N SER MA 345 18.68 102.56 -73.07
CA SER MA 345 19.03 102.86 -74.46
C SER MA 345 20.42 102.34 -74.76
N GLU MA 346 20.56 101.60 -75.87
CA GLU MA 346 21.85 101.10 -76.29
C GLU MA 346 22.74 102.23 -76.79
N MET NA 1 -46.31 60.03 7.44
CA MET NA 1 -46.94 59.37 6.30
C MET NA 1 -45.92 58.88 5.28
N LYS NA 2 -44.65 59.20 5.51
CA LYS NA 2 -43.56 58.77 4.65
C LYS NA 2 -42.58 57.85 5.36
N LEU NA 3 -42.18 58.18 6.59
CA LEU NA 3 -41.27 57.31 7.32
C LEU NA 3 -41.94 56.01 7.75
N ILE NA 4 -43.26 56.03 7.92
CA ILE NA 4 -43.97 54.85 8.38
C ILE NA 4 -44.07 53.78 7.30
N ASP NA 5 -43.86 54.14 6.04
CA ASP NA 5 -43.91 53.17 4.95
C ASP NA 5 -42.67 52.29 4.90
N LYS NA 6 -41.67 52.54 5.73
CA LYS NA 6 -40.46 51.75 5.77
C LYS NA 6 -40.50 50.63 6.80
N LEU NA 7 -41.62 50.46 7.50
CA LEU NA 7 -41.75 49.48 8.56
C LEU NA 7 -42.75 48.40 8.19
N PRO NA 8 -42.65 47.22 8.80
CA PRO NA 8 -43.64 46.17 8.55
C PRO NA 8 -45.03 46.60 8.99
N SER NA 9 -46.02 45.83 8.55
CA SER NA 9 -47.41 46.24 8.62
C SER NA 9 -48.03 46.09 10.01
N PHE NA 10 -47.33 45.51 10.98
CA PHE NA 10 -47.84 45.47 12.34
C PHE NA 10 -47.49 46.72 13.14
N ASP NA 11 -46.78 47.67 12.53
CA ASP NA 11 -46.39 48.91 13.19
C ASP NA 11 -47.35 50.04 12.91
N ARG NA 12 -48.57 49.73 12.48
CA ARG NA 12 -49.54 50.75 12.10
C ARG NA 12 -50.35 51.28 13.29
N ASN NA 13 -49.94 51.00 14.52
CA ASN NA 13 -50.65 51.53 15.67
C ASN NA 13 -50.37 53.02 15.85
N TYR NA 14 -51.25 53.69 16.59
CA TYR NA 14 -51.19 55.14 16.69
C TYR NA 14 -49.93 55.63 17.40
N ILE NA 15 -49.41 54.85 18.35
CA ILE NA 15 -48.19 55.24 19.06
C ILE NA 15 -47.02 55.37 18.09
N VAL NA 16 -46.82 54.32 17.30
CA VAL NA 16 -45.73 54.33 16.32
C VAL NA 16 -45.96 55.41 15.29
N GLU NA 17 -47.23 55.64 14.91
CA GLU NA 17 -47.54 56.67 13.93
C GLU NA 17 -47.13 58.05 14.43
N GLU NA 18 -47.45 58.36 15.69
CA GLU NA 18 -47.05 59.65 16.24
C GLU NA 18 -45.54 59.78 16.31
N ILE NA 19 -44.86 58.73 16.79
CA ILE NA 19 -43.42 58.78 16.92
C ILE NA 19 -42.75 59.02 15.57
N GLN NA 20 -43.27 58.36 14.52
CA GLN NA 20 -42.67 58.53 13.19
C GLN NA 20 -43.03 59.88 12.58
N GLY NA 21 -44.22 60.40 12.87
CA GLY NA 21 -44.60 61.70 12.35
C GLY NA 21 -43.73 62.83 12.88
N ALA NA 22 -43.34 62.73 14.16
CA ALA NA 22 -42.43 63.75 14.70
C ALA NA 22 -41.14 63.83 13.89
N TYR NA 23 -40.55 62.67 13.59
CA TYR NA 23 -39.31 62.67 12.82
C TYR NA 23 -39.54 63.04 11.37
N ASP NA 24 -40.73 62.76 10.84
CA ASP NA 24 -41.09 63.27 9.51
C ASP NA 24 -40.99 64.78 9.46
N THR NA 25 -41.62 65.46 10.43
CA THR NA 25 -41.56 66.92 10.45
C THR NA 25 -40.14 67.41 10.64
N GLU NA 26 -39.37 66.76 11.52
CA GLU NA 26 -37.99 67.18 11.75
C GLU NA 26 -37.16 67.08 10.47
N LEU NA 27 -37.31 65.97 9.74
CA LEU NA 27 -36.56 65.81 8.50
C LEU NA 27 -36.97 66.84 7.46
N ASN NA 28 -38.27 67.14 7.37
CA ASN NA 28 -38.69 68.19 6.44
C ASN NA 28 -38.04 69.52 6.77
N ILE NA 29 -37.99 69.87 8.06
CA ILE NA 29 -37.35 71.12 8.48
C ILE NA 29 -35.87 71.11 8.07
N LEU NA 30 -35.20 69.99 8.30
CA LEU NA 30 -33.76 69.93 7.97
C LEU NA 30 -33.53 70.09 6.48
N LYS NA 31 -34.34 69.45 5.65
CA LYS NA 31 -34.17 69.59 4.20
C LYS NA 31 -34.43 71.02 3.76
N GLU NA 32 -35.44 71.66 4.33
CA GLU NA 32 -35.69 73.06 3.97
C GLU NA 32 -34.50 73.94 4.35
N ASP NA 33 -33.92 73.70 5.52
CA ASP NA 33 -32.75 74.47 5.94
C ASP NA 33 -31.58 74.25 5.00
N ILE NA 34 -31.36 73.00 4.57
CA ILE NA 34 -30.26 72.73 3.64
C ILE NA 34 -30.48 73.46 2.32
N ASP NA 35 -31.71 73.46 1.82
CA ASP NA 35 -32.00 74.16 0.57
C ASP NA 35 -31.76 75.66 0.72
N ASP NA 36 -32.18 76.24 1.85
CA ASP NA 36 -31.94 77.67 2.07
C ASP NA 36 -30.45 77.98 2.14
N THR NA 37 -29.68 77.11 2.82
CA THR NA 37 -28.24 77.34 2.91
C THR NA 37 -27.60 77.29 1.53
N PHE NA 38 -28.02 76.35 0.69
CA PHE NA 38 -27.50 76.30 -0.67
C PHE NA 38 -27.86 77.56 -1.45
N ASN NA 39 -29.11 78.02 -1.31
CA ASN NA 39 -29.51 79.26 -2.00
C ASN NA 39 -28.67 80.44 -1.54
N GLN NA 40 -28.20 80.42 -0.29
CA GLN NA 40 -27.40 81.53 0.22
C GLN NA 40 -26.03 81.66 -0.44
N LEU NA 41 -25.59 80.67 -1.21
CA LEU NA 41 -24.26 80.74 -1.80
C LEU NA 41 -24.16 81.81 -2.88
N PHE NA 42 -25.15 81.85 -3.77
CA PHE NA 42 -25.10 82.75 -4.92
C PHE NA 42 -25.43 84.18 -4.52
N VAL NA 43 -24.95 85.13 -5.32
CA VAL NA 43 -25.19 86.55 -5.02
C VAL NA 43 -26.68 86.88 -5.11
N ASP NA 44 -27.32 86.47 -6.21
CA ASP NA 44 -28.69 86.91 -6.46
C ASP NA 44 -29.65 86.38 -5.40
N THR NA 45 -29.49 85.11 -5.02
CA THR NA 45 -30.43 84.48 -4.10
C THR NA 45 -30.17 84.84 -2.64
N ALA NA 46 -28.91 85.05 -2.26
CA ALA NA 46 -28.57 85.24 -0.85
C ALA NA 46 -29.23 86.48 -0.28
N THR NA 47 -29.82 86.34 0.91
CA THR NA 47 -30.34 87.48 1.65
C THR NA 47 -29.62 87.65 2.98
N TRP NA 48 -29.65 86.64 3.86
CA TRP NA 48 -28.97 86.75 5.14
C TRP NA 48 -27.50 86.36 5.06
N GLY NA 49 -27.07 85.74 3.98
CA GLY NA 49 -25.67 85.49 3.72
C GLY NA 49 -24.97 86.56 2.93
N LEU NA 50 -25.68 87.66 2.63
CA LEU NA 50 -25.08 88.75 1.85
C LEU NA 50 -23.92 89.39 2.61
N ASP NA 51 -24.08 89.56 3.93
CA ASP NA 51 -23.08 90.28 4.71
C ASP NA 51 -21.72 89.58 4.67
N MET NA 52 -21.71 88.27 4.44
CA MET NA 52 -20.46 87.54 4.45
C MET NA 52 -19.65 87.74 3.17
N TRP NA 53 -20.26 88.27 2.10
CA TRP NA 53 -19.45 88.69 0.97
C TRP NA 53 -18.69 89.97 1.28
N GLU NA 54 -19.24 90.81 2.16
CA GLU NA 54 -18.57 92.04 2.56
C GLU NA 54 -17.21 91.76 3.17
N ASP NA 55 -17.07 90.64 3.88
CA ASP NA 55 -15.78 90.27 4.45
C ASP NA 55 -14.76 89.92 3.39
N ILE NA 56 -15.20 89.55 2.19
CA ILE NA 56 -14.28 89.17 1.12
C ILE NA 56 -14.09 90.28 0.09
N LEU NA 57 -15.00 91.25 0.01
CA LEU NA 57 -14.88 92.36 -0.93
C LEU NA 57 -14.58 93.68 -0.24
N CYS NA 58 -14.39 93.67 1.08
CA CYS NA 58 -13.99 94.87 1.84
C CYS NA 58 -14.96 96.03 1.61
N ILE NA 59 -16.24 95.73 1.52
CA ILE NA 59 -17.24 96.76 1.29
C ILE NA 59 -17.35 97.67 2.51
N GLU NA 60 -17.48 97.08 3.70
CA GLU NA 60 -17.52 97.80 4.98
C GLU NA 60 -18.51 98.97 4.95
N LYS NA 61 -19.79 98.65 4.77
CA LYS NA 61 -20.82 99.66 4.82
C LYS NA 61 -22.15 99.02 5.18
N LYS NA 62 -23.10 99.86 5.54
CA LYS NA 62 -24.44 99.45 5.97
C LYS NA 62 -25.47 99.97 4.97
N GLU NA 63 -26.36 99.07 4.54
CA GLU NA 63 -27.46 99.42 3.65
C GLU NA 63 -28.72 98.71 4.13
N LEU NA 64 -29.87 99.28 3.79
CA LEU NA 64 -31.15 98.71 4.21
C LEU NA 64 -31.68 97.64 3.27
N ASP NA 65 -31.49 97.79 1.96
CA ASP NA 65 -32.08 96.90 0.99
C ASP NA 65 -31.07 95.87 0.50
N PHE NA 66 -31.55 94.63 0.34
CA PHE NA 66 -30.69 93.56 -0.18
C PHE NA 66 -30.25 93.86 -1.60
N ASP NA 67 -31.15 94.41 -2.42
CA ASP NA 67 -30.83 94.66 -3.82
C ASP NA 67 -29.67 95.62 -3.97
N THR NA 68 -29.64 96.68 -3.16
CA THR NA 68 -28.54 97.64 -3.23
C THR NA 68 -27.21 96.98 -2.88
N ARG NA 69 -27.20 96.16 -1.84
CA ARG NA 69 -25.96 95.46 -1.48
C ARG NA 69 -25.53 94.51 -2.58
N ARG NA 70 -26.48 93.81 -3.18
CA ARG NA 70 -26.17 92.95 -4.32
C ARG NA 70 -25.55 93.74 -5.46
N SER NA 71 -26.09 94.93 -5.72
CA SER NA 71 -25.60 95.74 -6.84
C SER NA 71 -24.20 96.27 -6.55
N ASN NA 72 -23.93 96.73 -5.32
CA ASN NA 72 -22.58 97.16 -5.00
C ASN NA 72 -21.60 96.00 -5.04
N ILE NA 73 -22.06 94.80 -4.65
CA ILE NA 73 -21.22 93.61 -4.75
C ILE NA 73 -20.87 93.36 -6.21
N LYS NA 74 -21.86 93.42 -7.09
CA LYS NA 74 -21.62 93.24 -8.51
C LYS NA 74 -20.67 94.30 -9.05
N ALA NA 75 -20.81 95.54 -8.60
CA ALA NA 75 -19.93 96.61 -9.05
C ALA NA 75 -18.49 96.36 -8.62
N LYS NA 76 -18.28 96.09 -7.34
CA LYS NA 76 -16.94 95.82 -6.85
C LYS NA 76 -16.33 94.61 -7.56
N MET NA 77 -17.15 93.63 -7.90
CA MET NA 77 -16.70 92.39 -8.52
C MET NA 77 -16.58 92.50 -10.03
N ARG NA 78 -17.07 93.59 -10.62
CA ARG NA 78 -16.93 93.88 -12.05
C ARG NA 78 -15.81 94.88 -12.35
N SER NA 79 -15.77 96.00 -11.62
CA SER NA 79 -14.85 97.10 -11.90
C SER NA 79 -13.40 96.72 -11.70
N ARG NA 80 -13.13 95.58 -11.06
CA ARG NA 80 -11.76 95.12 -10.88
C ARG NA 80 -11.15 94.75 -12.24
N GLY NA 81 -9.84 94.97 -12.34
CA GLY NA 81 -9.13 94.55 -13.53
C GLY NA 81 -9.25 95.55 -14.65
N THR NA 82 -9.71 95.09 -15.81
CA THR NA 82 -9.77 95.93 -16.99
C THR NA 82 -10.80 97.03 -16.83
N SER NA 83 -10.50 98.21 -17.37
CA SER NA 83 -11.40 99.36 -17.35
C SER NA 83 -11.44 99.97 -18.76
N THR NA 84 -12.31 99.42 -19.60
CA THR NA 84 -12.46 99.84 -21.00
C THR NA 84 -13.83 100.45 -21.21
N ILE NA 85 -14.10 100.86 -22.45
CA ILE NA 85 -15.37 101.53 -22.76
C ILE NA 85 -16.55 100.59 -22.55
N GLU NA 86 -16.47 99.39 -23.13
CA GLU NA 86 -17.62 98.50 -23.12
C GLU NA 86 -17.88 97.96 -21.71
N VAL NA 87 -16.83 97.58 -20.99
CA VAL NA 87 -17.04 97.02 -19.66
C VAL NA 87 -17.55 98.08 -18.69
N ILE NA 88 -17.06 99.32 -18.81
CA ILE NA 88 -17.56 100.40 -17.98
C ILE NA 88 -19.01 100.69 -18.30
N LYS NA 89 -19.35 100.72 -19.60
CA LYS NA 89 -20.74 100.94 -19.98
C LYS NA 89 -21.64 99.79 -19.49
N SER NA 90 -21.11 98.57 -19.43
CA SER NA 90 -21.90 97.44 -18.95
C SER NA 90 -22.09 97.51 -17.43
N ILE NA 91 -21.08 98.00 -16.71
CA ILE NA 91 -21.24 98.22 -15.28
C ILE NA 91 -22.29 99.29 -15.03
N CYS NA 92 -22.28 100.36 -15.83
CA CYS NA 92 -23.32 101.37 -15.74
C CYS NA 92 -24.69 100.79 -16.10
N GLU NA 93 -24.72 99.84 -17.05
CA GLU NA 93 -25.96 99.13 -17.35
C GLU NA 93 -26.45 98.35 -16.15
N ALA NA 94 -25.54 97.66 -15.46
CA ALA NA 94 -25.92 96.86 -14.30
C ALA NA 94 -26.47 97.75 -13.19
N TYR NA 95 -25.84 98.90 -12.96
CA TYR NA 95 -26.35 99.81 -11.94
C TYR NA 95 -27.70 100.40 -12.35
N THR NA 96 -27.80 100.93 -13.55
CA THR NA 96 -29.02 101.61 -13.98
C THR NA 96 -30.11 100.65 -14.43
N LYS NA 97 -29.80 99.36 -14.57
CA LYS NA 97 -30.75 98.34 -15.01
C LYS NA 97 -31.31 98.66 -16.39
N SER NA 98 -30.51 99.30 -17.24
CA SER NA 98 -30.91 99.63 -18.59
C SER NA 98 -29.67 99.75 -19.46
N GLU NA 99 -29.88 99.66 -20.78
CA GLU NA 99 -28.77 99.74 -21.72
C GLU NA 99 -28.19 101.14 -21.74
N THR NA 100 -26.86 101.23 -21.75
CA THR NA 100 -26.14 102.49 -21.75
C THR NA 100 -25.24 102.58 -22.96
N ASP NA 101 -25.23 103.75 -23.60
CA ASP NA 101 -24.39 104.01 -24.76
C ASP NA 101 -23.44 105.15 -24.45
N ILE NA 102 -22.14 104.93 -24.65
CA ILE NA 102 -21.11 105.89 -24.31
C ILE NA 102 -20.64 106.55 -25.61
N LYS NA 103 -20.77 107.87 -25.68
CA LYS NA 103 -20.27 108.64 -26.81
C LYS NA 103 -19.05 109.43 -26.37
N VAL NA 104 -17.92 109.23 -27.05
CA VAL NA 104 -16.64 109.77 -26.66
C VAL NA 104 -16.26 110.89 -27.61
N TYR NA 105 -15.76 112.00 -27.05
CA TYR NA 105 -15.32 113.16 -27.82
C TYR NA 105 -13.83 113.34 -27.56
N SER NA 106 -13.00 112.82 -28.47
CA SER NA 106 -11.56 112.82 -28.27
C SER NA 106 -11.01 114.24 -28.21
N ASP NA 107 -11.51 115.14 -29.05
CA ASP NA 107 -11.01 116.51 -29.06
C ASP NA 107 -11.35 117.23 -27.76
N GLU NA 108 -12.56 117.03 -27.25
CA GLU NA 108 -13.00 117.64 -26.00
C GLU NA 108 -12.57 116.86 -24.77
N PHE NA 109 -12.01 115.66 -24.95
CA PHE NA 109 -11.59 114.79 -23.86
C PHE NA 109 -12.75 114.54 -22.90
N THR NA 110 -13.94 114.31 -23.45
CA THR NA 110 -15.15 114.17 -22.67
C THR NA 110 -15.98 113.01 -23.20
N PHE NA 111 -16.50 112.19 -22.29
CA PHE NA 111 -17.40 111.09 -22.63
C PHE NA 111 -18.75 111.34 -21.97
N VAL NA 112 -19.81 110.90 -22.63
CA VAL NA 112 -21.17 111.02 -22.12
C VAL NA 112 -21.85 109.66 -22.19
N LEU NA 113 -22.54 109.31 -21.11
CA LEU NA 113 -23.29 108.06 -21.05
C LEU NA 113 -24.76 108.34 -21.33
N SER NA 114 -25.29 107.73 -22.39
CA SER NA 114 -26.70 107.84 -22.75
C SER NA 114 -27.37 106.52 -22.43
N PHE NA 115 -28.50 106.58 -21.74
CA PHE NA 115 -29.12 105.36 -21.22
C PHE NA 115 -30.58 105.67 -20.87
N ILE NA 116 -31.20 104.74 -20.15
CA ILE NA 116 -32.57 104.87 -19.66
C ILE NA 116 -32.53 104.86 -18.15
N ALA NA 117 -33.18 105.86 -17.54
CA ALA NA 117 -33.23 105.98 -16.09
C ALA NA 117 -34.67 105.91 -15.59
N ASN NA 118 -35.49 105.07 -16.24
CA ASN NA 118 -36.87 104.88 -15.79
C ASN NA 118 -36.92 104.25 -14.42
N ASN NA 119 -36.16 103.17 -14.21
CA ASN NA 119 -36.13 102.45 -12.95
C ASN NA 119 -34.87 102.76 -12.13
N CYS NA 120 -34.13 103.80 -12.49
CA CYS NA 120 -32.89 104.15 -11.82
C CYS NA 120 -33.10 105.44 -11.04
N ASP NA 121 -32.87 105.38 -9.72
CA ASP NA 121 -32.97 106.57 -8.89
C ASP NA 121 -31.81 107.52 -9.17
N TYR NA 122 -32.09 108.81 -9.07
CA TYR NA 122 -31.04 109.81 -9.32
C TYR NA 122 -29.90 109.68 -8.33
N LYS NA 123 -30.19 109.32 -7.08
CA LYS NA 123 -29.13 109.11 -6.10
C LYS NA 123 -28.31 107.87 -6.43
N THR NA 124 -28.97 106.79 -6.86
CA THR NA 124 -28.25 105.60 -7.30
C THR NA 124 -27.42 105.90 -8.53
N LEU NA 125 -27.96 106.68 -9.46
CA LEU NA 125 -27.19 107.10 -10.63
C LEU NA 125 -25.99 107.93 -10.22
N LEU NA 126 -26.14 108.79 -9.21
CA LEU NA 126 -25.01 109.58 -8.73
C LEU NA 126 -23.96 108.71 -8.08
N ASP NA 127 -24.39 107.69 -7.33
CA ASP NA 127 -23.41 106.75 -6.77
C ASP NA 127 -22.65 106.04 -7.89
N CYS NA 128 -23.37 105.58 -8.92
CA CYS NA 128 -22.72 104.95 -10.05
C CYS NA 128 -21.74 105.91 -10.72
N SER NA 129 -22.15 107.19 -10.84
CA SER NA 129 -21.28 108.19 -11.44
C SER NA 129 -20.01 108.38 -10.64
N ASP NA 130 -20.12 108.41 -9.31
CA ASP NA 130 -18.93 108.54 -8.47
C ASP NA 130 -18.03 107.32 -8.60
N MET NA 131 -18.62 106.12 -8.66
CA MET NA 131 -17.81 104.91 -8.84
C MET NA 131 -17.06 104.93 -10.17
N ILE NA 132 -17.72 105.28 -11.27
CA ILE NA 132 -16.98 105.34 -12.54
C ILE NA 132 -15.98 106.48 -12.50
N GLU NA 133 -16.30 107.56 -11.78
CA GLU NA 133 -15.38 108.68 -11.63
C GLU NA 133 -14.06 108.22 -11.01
N ARG NA 134 -14.15 107.43 -9.93
CA ARG NA 134 -12.92 106.86 -9.39
C ARG NA 134 -12.42 105.70 -10.24
N VAL NA 135 -13.19 105.25 -11.22
CA VAL NA 135 -12.73 104.25 -12.19
C VAL NA 135 -12.23 104.89 -13.47
N LYS NA 136 -12.92 105.93 -13.95
CA LYS NA 136 -12.57 106.58 -15.20
C LYS NA 136 -11.20 107.26 -15.12
N PRO NA 137 -10.54 107.44 -16.25
CA PRO NA 137 -9.30 108.23 -16.26
C PRO NA 137 -9.54 109.65 -15.76
N ALA NA 138 -8.56 110.17 -15.01
CA ALA NA 138 -8.73 111.46 -14.35
C ALA NA 138 -8.86 112.60 -15.36
N HIS NA 139 -8.04 112.58 -16.41
CA HIS NA 139 -8.02 113.68 -17.36
C HIS NA 139 -9.35 113.79 -18.10
N LEU NA 140 -9.96 112.67 -18.46
CA LEU NA 140 -11.21 112.69 -19.20
C LEU NA 140 -12.34 113.25 -18.32
N LEU NA 141 -13.33 113.84 -18.99
CA LEU NA 141 -14.48 114.44 -18.33
C LEU NA 141 -15.72 113.60 -18.57
N HIS NA 142 -16.53 113.45 -17.54
CA HIS NA 142 -17.74 112.62 -17.59
C HIS NA 142 -18.98 113.48 -17.43
N TYR NA 143 -20.03 113.12 -18.15
CA TYR NA 143 -21.34 113.73 -18.01
C TYR NA 143 -22.39 112.64 -18.03
N LEU NA 144 -23.38 112.75 -17.15
CA LEU NA 144 -24.47 111.80 -17.07
C LEU NA 144 -25.66 112.33 -17.87
N GLU NA 145 -26.18 111.49 -18.76
CA GLU NA 145 -27.29 111.86 -19.65
C GLU NA 145 -28.39 110.82 -19.51
N PRO NA 146 -29.15 110.87 -18.41
CA PRO NA 146 -30.28 109.94 -18.27
C PRO NA 146 -31.43 110.36 -19.16
N ILE NA 147 -31.90 109.42 -19.98
CA ILE NA 147 -33.03 109.65 -20.88
C ILE NA 147 -34.18 108.80 -20.35
N ILE NA 148 -35.11 109.44 -19.64
CA ILE NA 148 -36.25 108.75 -19.06
C ILE NA 148 -37.25 108.40 -20.16
N MET OA 1 58.02 -20.72 3.84
CA MET OA 1 59.13 -21.57 4.26
C MET OA 1 58.68 -23.02 4.44
N TYR OA 2 59.23 -23.68 5.48
CA TYR OA 2 58.94 -25.08 5.69
C TYR OA 2 57.45 -25.33 5.93
N SER OA 3 56.82 -24.47 6.72
CA SER OA 3 55.38 -24.59 6.92
C SER OA 3 54.62 -24.33 5.61
N ASP OA 4 55.10 -23.35 4.83
CA ASP OA 4 54.42 -23.00 3.59
C ASP OA 4 54.52 -24.13 2.56
N GLN OA 5 55.65 -24.83 2.53
CA GLN OA 5 55.83 -25.90 1.54
C GLN OA 5 54.85 -27.03 1.80
N THR OA 6 53.81 -27.13 0.97
CA THR OA 6 52.75 -28.10 1.14
C THR OA 6 52.50 -28.83 -0.17
N TYR OA 7 51.70 -29.89 -0.08
CA TYR OA 7 51.45 -30.76 -1.24
C TYR OA 7 50.91 -29.96 -2.42
N GLU OA 8 49.95 -29.08 -2.16
CA GLU OA 8 49.34 -28.28 -3.23
C GLU OA 8 50.36 -27.37 -3.89
N VAL OA 9 51.18 -26.69 -3.08
CA VAL OA 9 52.13 -25.72 -3.63
C VAL OA 9 53.23 -26.42 -4.42
N ILE OA 10 53.81 -27.49 -3.84
CA ILE OA 10 54.90 -28.16 -4.55
C ILE OA 10 54.37 -28.84 -5.80
N LYS OA 11 53.14 -29.35 -5.76
CA LYS OA 11 52.57 -29.96 -6.95
C LYS OA 11 52.35 -28.93 -8.05
N ASN OA 12 51.84 -27.75 -7.69
CA ASN OA 12 51.67 -26.70 -8.68
C ASN OA 12 53.00 -26.29 -9.29
N ARG OA 13 54.03 -26.14 -8.44
CA ARG OA 13 55.35 -25.77 -8.95
C ARG OA 13 55.91 -26.85 -9.87
N THR OA 14 55.76 -28.11 -9.49
CA THR OA 14 56.26 -29.20 -10.32
C THR OA 14 55.56 -29.23 -11.67
N LEU OA 15 54.24 -29.04 -11.68
CA LEU OA 15 53.51 -29.08 -12.94
C LEU OA 15 53.88 -27.89 -13.83
N GLU OA 16 54.14 -26.73 -13.22
CA GLU OA 16 54.58 -25.58 -14.02
C GLU OA 16 55.98 -25.80 -14.59
N ASN OA 17 56.86 -26.45 -13.82
CA ASN OA 17 58.23 -26.65 -14.31
C ASN OA 17 58.28 -27.66 -15.45
N ILE OA 18 57.40 -28.66 -15.44
CA ILE OA 18 57.37 -29.64 -16.53
C ILE OA 18 56.83 -28.99 -17.79
N ASN OA 19 57.44 -29.31 -18.92
CA ASN OA 19 57.08 -28.72 -20.21
C ASN OA 19 56.67 -29.82 -21.18
N LEU OA 20 55.37 -30.07 -21.29
CA LEU OA 20 54.80 -30.91 -22.33
C LEU OA 20 53.63 -30.16 -22.97
N ASP OA 21 53.10 -30.76 -24.04
CA ASP OA 21 51.95 -30.20 -24.74
C ASP OA 21 50.63 -30.75 -24.22
N ILE OA 22 50.65 -31.76 -23.38
CA ILE OA 22 49.44 -32.43 -22.89
C ILE OA 22 48.74 -31.54 -21.87
N TYR OA 23 47.54 -31.96 -21.48
CA TYR OA 23 46.71 -31.19 -20.55
C TYR OA 23 47.09 -31.55 -19.11
N LYS OA 24 47.23 -30.54 -18.26
CA LYS OA 24 47.66 -30.71 -16.87
C LYS OA 24 46.51 -30.29 -15.96
N GLY OA 25 45.78 -31.27 -15.45
CA GLY OA 25 44.67 -31.02 -14.57
C GLY OA 25 44.29 -32.30 -13.86
N GLU OA 26 43.28 -32.21 -13.00
CA GLU OA 26 42.86 -33.37 -12.24
C GLU OA 26 42.39 -34.48 -13.18
N GLY OA 27 42.96 -35.67 -13.02
CA GLY OA 27 42.61 -36.79 -13.86
C GLY OA 27 43.51 -36.99 -15.07
N SER OA 28 44.60 -36.24 -15.18
CA SER OA 28 45.52 -36.37 -16.31
C SER OA 28 46.56 -37.45 -16.02
N PHE OA 29 47.10 -38.02 -17.09
CA PHE OA 29 48.15 -39.02 -16.95
C PHE OA 29 49.39 -38.42 -16.31
N LEU OA 30 49.83 -37.26 -16.83
CA LEU OA 30 50.98 -36.58 -16.24
C LEU OA 30 50.69 -36.15 -14.81
N ASN OA 31 49.49 -35.63 -14.56
CA ASN OA 31 49.11 -35.23 -13.22
C ASN OA 31 49.07 -36.43 -12.28
N ASN OA 32 48.60 -37.57 -12.77
CA ASN OA 32 48.59 -38.77 -11.95
C ASN OA 32 50.00 -39.21 -11.60
N MET OA 33 50.92 -39.14 -12.57
CA MET OA 33 52.30 -39.53 -12.29
C MET OA 33 52.99 -38.57 -11.33
N VAL OA 34 52.78 -37.27 -11.49
CA VAL OA 34 53.46 -36.29 -10.66
C VAL OA 34 53.03 -36.44 -9.20
N SER OA 35 51.73 -36.52 -8.97
CA SER OA 35 51.21 -36.77 -7.64
C SER OA 35 51.57 -38.17 -7.19
N GLY OA 36 51.71 -38.35 -5.88
CA GLY OA 36 52.11 -39.64 -5.35
C GLY OA 36 53.49 -39.60 -4.73
N ASN OA 37 54.40 -38.82 -5.32
CA ASN OA 37 55.69 -38.55 -4.71
C ASN OA 37 55.74 -37.19 -4.05
N ASN OA 38 54.94 -36.23 -4.51
CA ASN OA 38 54.90 -34.92 -3.86
C ASN OA 38 54.27 -35.01 -2.47
N LEU OA 39 53.28 -35.89 -2.29
CA LEU OA 39 52.71 -36.11 -0.97
C LEU OA 39 53.77 -36.60 0.01
N GLU OA 40 54.63 -37.53 -0.44
CA GLU OA 40 55.69 -38.01 0.42
C GLU OA 40 56.71 -36.91 0.72
N LEU OA 41 56.95 -36.01 -0.23
CA LEU OA 41 57.83 -34.88 0.05
C LEU OA 41 57.24 -33.97 1.10
N SER OA 42 55.93 -33.72 1.03
CA SER OA 42 55.28 -32.92 2.07
C SER OA 42 55.39 -33.60 3.42
N LYS OA 43 55.26 -34.94 3.45
CA LYS OA 43 55.47 -35.67 4.70
C LYS OA 43 56.90 -35.52 5.21
N ILE OA 44 57.87 -35.56 4.30
CA ILE OA 44 59.28 -35.51 4.67
C ILE OA 44 59.64 -34.14 5.25
N TYR OA 45 59.01 -33.09 4.72
CA TYR OA 45 59.31 -31.73 5.20
C TYR OA 45 59.07 -31.60 6.70
N LEU OA 46 58.06 -32.29 7.23
CA LEU OA 46 57.75 -32.16 8.65
C LEU OA 46 58.85 -32.77 9.52
N GLU OA 47 59.35 -33.95 9.15
CA GLU OA 47 60.47 -34.53 9.87
C GLU OA 47 61.71 -33.65 9.76
N LEU OA 48 61.92 -33.06 8.57
CA LEU OA 48 63.03 -32.14 8.40
C LEU OA 48 62.92 -30.96 9.36
N SER OA 49 61.70 -30.44 9.54
CA SER OA 49 61.48 -29.39 10.53
C SER OA 49 61.78 -29.88 11.93
N LYS OA 50 61.35 -31.10 12.26
CA LYS OA 50 61.47 -31.59 13.62
C LYS OA 50 62.91 -31.85 14.03
N MET OA 51 63.80 -32.17 13.08
CA MET OA 51 65.13 -32.61 13.44
C MET OA 51 65.90 -31.58 14.26
N HIS OA 52 65.73 -30.29 13.93
CA HIS OA 52 66.46 -29.25 14.68
C HIS OA 52 66.01 -29.19 16.13
N LYS OA 53 64.70 -29.26 16.37
CA LYS OA 53 64.25 -29.29 17.76
C LYS OA 53 64.69 -30.57 18.45
N MET OA 54 64.86 -31.65 17.69
CA MET OA 54 65.41 -32.88 18.27
C MET OA 54 66.84 -32.68 18.76
N ALA OA 55 67.65 -31.96 17.97
CA ALA OA 55 69.09 -31.96 18.21
C ALA OA 55 69.49 -31.23 19.49
N PHE OA 56 68.93 -30.03 19.72
CA PHE OA 56 69.50 -29.13 20.71
C PHE OA 56 69.21 -29.60 22.13
N ILE OA 57 69.72 -28.84 23.11
CA ILE OA 57 69.65 -29.24 24.51
C ILE OA 57 68.51 -28.57 25.27
N GLN OA 58 67.97 -27.45 24.76
CA GLN OA 58 66.86 -26.80 25.46
C GLN OA 58 65.63 -27.71 25.50
N ASP OA 59 65.36 -28.41 24.40
CA ASP OA 59 64.19 -29.30 24.28
C ASP OA 59 64.67 -30.58 23.63
N THR OA 60 65.09 -31.56 24.43
CA THR OA 60 65.61 -32.83 23.90
C THR OA 60 64.87 -34.13 24.26
N TYR OA 61 63.72 -34.01 24.91
CA TYR OA 61 62.93 -35.19 25.35
C TYR OA 61 63.73 -35.90 26.43
N ASN OA 62 63.87 -37.23 26.37
CA ASN OA 62 64.44 -38.01 27.47
C ASN OA 62 65.74 -38.72 27.12
N GLN OA 63 65.77 -39.48 26.03
CA GLN OA 63 66.98 -40.24 25.73
C GLN OA 63 68.02 -39.39 25.00
N PHE OA 64 67.59 -38.52 24.08
CA PHE OA 64 68.54 -37.63 23.42
C PHE OA 64 69.12 -36.64 24.43
N LEU OA 65 68.30 -36.17 25.37
CA LEU OA 65 68.82 -35.33 26.45
C LEU OA 65 69.88 -36.07 27.23
N ASP OA 66 69.65 -37.35 27.53
CA ASP OA 66 70.63 -38.14 28.26
C ASP OA 66 71.93 -38.26 27.48
N LYS OA 67 71.84 -38.51 26.17
CA LYS OA 67 73.06 -38.62 25.38
C LYS OA 67 73.83 -37.31 25.35
N ARG OA 68 73.13 -36.20 25.14
CA ARG OA 68 73.80 -34.92 25.02
C ARG OA 68 74.42 -34.48 26.35
N VAL OA 69 73.78 -34.79 27.47
CA VAL OA 69 74.38 -34.45 28.75
C VAL OA 69 75.54 -35.39 29.06
N ASN OA 70 75.44 -36.66 28.66
CA ASN OA 70 76.55 -37.58 28.85
C ASN OA 70 77.76 -37.15 28.05
N GLU OA 71 77.54 -36.47 26.92
CA GLU OA 71 78.67 -35.91 26.17
C GLU OA 71 79.50 -34.98 27.04
N PHE OA 72 78.85 -34.10 27.80
CA PHE OA 72 79.56 -33.22 28.71
C PHE OA 72 80.08 -33.94 29.94
N GLY OA 73 79.37 -34.98 30.39
CA GLY OA 73 79.78 -35.76 31.55
C GLY OA 73 78.77 -35.81 32.68
N VAL OA 74 77.72 -35.00 32.64
CA VAL OA 74 76.71 -35.01 33.69
C VAL OA 74 75.79 -36.21 33.51
N TYR OA 75 75.37 -36.80 34.62
CA TYR OA 75 74.56 -38.01 34.59
C TYR OA 75 73.24 -37.78 35.31
N ARG OA 76 72.18 -38.42 34.81
CA ARG OA 76 70.88 -38.31 35.44
C ARG OA 76 70.83 -39.13 36.73
N LYS OA 77 70.27 -38.53 37.77
CA LYS OA 77 70.17 -39.20 39.06
C LYS OA 77 69.21 -40.38 38.98
N LEU OA 78 69.60 -41.50 39.57
CA LEU OA 78 68.77 -42.69 39.61
C LEU OA 78 67.88 -42.75 40.85
N GLY OA 79 67.97 -41.76 41.74
CA GLY OA 79 67.14 -41.73 42.92
C GLY OA 79 67.65 -42.65 44.00
N THR OA 80 66.89 -42.69 45.10
CA THR OA 80 67.22 -43.53 46.24
C THR OA 80 65.95 -44.12 46.82
N GLU OA 81 66.01 -45.38 47.25
CA GLU OA 81 64.88 -46.03 47.88
C GLU OA 81 64.64 -45.46 49.27
N SER OA 82 63.44 -45.69 49.79
CA SER OA 82 63.08 -45.27 51.13
C SER OA 82 63.45 -46.34 52.15
N ASN OA 83 63.97 -45.90 53.29
CA ASN OA 83 64.42 -46.80 54.34
C ASN OA 83 63.70 -46.48 55.64
N GLY OA 84 63.30 -47.53 56.36
CA GLY OA 84 62.58 -47.36 57.60
C GLY OA 84 62.67 -48.59 58.47
N GLU OA 85 62.06 -48.51 59.65
CA GLU OA 85 62.08 -49.58 60.63
C GLU OA 85 60.66 -49.92 61.06
N VAL OA 86 60.34 -51.21 61.06
CA VAL OA 86 59.00 -51.69 61.41
C VAL OA 86 59.11 -52.58 62.65
N GLU OA 87 57.96 -52.96 63.19
CA GLU OA 87 57.87 -53.83 64.35
C GLU OA 87 57.07 -55.07 64.00
N PHE OA 88 57.50 -56.22 64.51
CA PHE OA 88 56.88 -57.50 64.22
C PHE OA 88 56.19 -58.04 65.47
N ILE OA 89 54.95 -58.48 65.32
CA ILE OA 89 54.13 -58.97 66.42
C ILE OA 89 53.59 -60.34 66.05
N GLY OA 90 53.72 -61.30 66.97
CA GLY OA 90 53.19 -62.63 66.72
C GLY OA 90 53.68 -63.64 67.74
N GLU OA 91 53.78 -64.89 67.31
CA GLU OA 91 54.24 -65.96 68.18
C GLU OA 91 55.71 -65.76 68.55
N LYS OA 92 56.02 -65.98 69.82
CA LYS OA 92 57.39 -65.85 70.30
C LYS OA 92 58.25 -67.00 69.78
N GLY OA 93 59.48 -66.68 69.41
CA GLY OA 93 60.40 -67.67 68.86
C GLY OA 93 60.39 -67.78 67.36
N THR OA 94 59.43 -67.16 66.68
CA THR OA 94 59.40 -67.19 65.22
C THR OA 94 60.59 -66.42 64.66
N VAL OA 95 61.22 -66.99 63.63
CA VAL OA 95 62.41 -66.43 63.02
C VAL OA 95 62.10 -66.04 61.59
N ILE OA 96 62.40 -64.80 61.23
CA ILE OA 96 62.26 -64.31 59.87
C ILE OA 96 63.65 -63.97 59.35
N ASN OA 97 64.04 -64.58 58.25
CA ASN OA 97 65.37 -64.39 57.68
C ASN OA 97 65.41 -63.18 56.76
N ASN OA 98 66.63 -62.73 56.47
CA ASN OA 98 66.83 -61.60 55.59
C ASN OA 98 66.37 -61.94 54.18
N GLY OA 99 65.92 -60.92 53.46
CA GLY OA 99 65.41 -61.09 52.11
C GLY OA 99 63.91 -61.32 52.02
N THR OA 100 63.23 -61.47 53.14
CA THR OA 100 61.78 -61.63 53.12
C THR OA 100 61.12 -60.35 52.61
N ILE OA 101 60.02 -60.52 51.88
CA ILE OA 101 59.34 -59.41 51.22
C ILE OA 101 58.03 -59.13 51.93
N ILE OA 102 57.80 -57.86 52.26
CA ILE OA 102 56.58 -57.39 52.87
C ILE OA 102 55.95 -56.35 51.97
N SER OA 103 54.63 -56.18 52.07
CA SER OA 103 53.90 -55.30 51.18
C SER OA 103 52.84 -54.52 51.94
N TYR OA 104 52.71 -53.24 51.59
CA TYR OA 104 51.60 -52.39 52.02
C TYR OA 104 50.98 -51.79 50.76
N ARG OA 105 49.69 -52.01 50.57
CA ARG OA 105 49.01 -51.55 49.36
C ARG OA 105 49.66 -52.24 48.16
N ASP OA 106 50.06 -51.48 47.13
CA ASP OA 106 50.67 -52.05 45.94
C ASP OA 106 52.21 -51.97 45.92
N LEU OA 107 52.78 -51.51 47.02
CA LEU OA 107 54.22 -51.33 47.14
C LEU OA 107 54.85 -52.59 47.72
N LEU OA 108 56.15 -52.72 47.51
CA LEU OA 108 56.89 -53.89 47.96
C LEU OA 108 58.12 -53.45 48.73
N PHE OA 109 58.38 -54.12 49.85
CA PHE OA 109 59.48 -53.80 50.74
C PHE OA 109 60.22 -55.08 51.10
N VAL OA 110 61.48 -54.93 51.47
CA VAL OA 110 62.36 -56.06 51.77
C VAL OA 110 62.93 -55.88 53.17
N VAL OA 111 63.04 -56.99 53.90
CA VAL OA 111 63.65 -57.02 55.23
C VAL OA 111 65.15 -57.22 55.07
N ILE OA 112 65.92 -56.43 55.81
CA ILE OA 112 67.39 -56.44 55.71
C ILE OA 112 68.02 -57.33 56.78
N LYS OA 113 67.66 -57.12 58.04
CA LYS OA 113 68.29 -57.81 59.15
C LYS OA 113 67.32 -58.78 59.79
N ASP OA 114 67.84 -59.93 60.22
CA ASP OA 114 67.00 -60.95 60.84
C ASP OA 114 66.49 -60.48 62.19
N VAL OA 115 65.23 -60.78 62.47
CA VAL OA 115 64.61 -60.48 63.75
C VAL OA 115 63.86 -61.71 64.22
N THR OA 116 63.93 -61.98 65.53
CA THR OA 116 63.18 -63.06 66.15
C THR OA 116 62.15 -62.46 67.09
N ILE OA 117 60.89 -62.86 66.92
CA ILE OA 117 59.80 -62.26 67.68
C ILE OA 117 59.96 -62.65 69.15
N GLY OA 118 60.01 -61.64 70.03
CA GLY OA 118 60.24 -61.85 71.43
C GLY OA 118 61.69 -61.97 71.84
N SER OA 119 62.62 -61.87 70.89
CA SER OA 119 64.04 -62.00 71.22
C SER OA 119 64.53 -60.76 71.96
N GLU OA 120 65.63 -60.94 72.70
CA GLU OA 120 66.17 -59.88 73.53
C GLU OA 120 66.68 -58.70 72.69
N GLU OA 121 67.01 -58.91 71.42
CA GLU OA 121 67.46 -57.82 70.57
C GLU OA 121 66.34 -56.88 70.17
N GLY OA 122 65.09 -57.25 70.41
CA GLY OA 122 63.95 -56.44 70.02
C GLY OA 122 63.18 -57.08 68.88
N ASP OA 123 62.08 -56.41 68.52
CA ASP OA 123 61.19 -56.86 67.46
C ASP OA 123 61.19 -55.90 66.27
N ASN OA 124 62.27 -55.15 66.10
CA ASN OA 124 62.36 -54.13 65.04
C ASN OA 124 63.50 -54.47 64.10
N SER OA 125 63.22 -54.44 62.80
CA SER OA 125 64.20 -54.74 61.77
C SER OA 125 64.21 -53.64 60.72
N PRO OA 126 65.38 -53.27 60.20
CA PRO OA 126 65.43 -52.28 59.13
C PRO OA 126 64.72 -52.78 57.87
N VAL OA 127 64.07 -51.86 57.16
CA VAL OA 127 63.33 -52.17 55.95
C VAL OA 127 63.69 -51.14 54.89
N GLN OA 128 64.01 -51.62 53.68
CA GLN OA 128 64.35 -50.77 52.55
C GLN OA 128 63.35 -50.99 51.42
N ALA OA 129 62.99 -49.90 50.75
CA ALA OA 129 62.08 -50.00 49.62
C ALA OA 129 62.76 -50.74 48.46
N LEU OA 130 61.97 -51.53 47.74
CA LEU OA 130 62.53 -52.28 46.61
C LEU OA 130 62.84 -51.36 45.44
N GLU OA 131 61.92 -50.46 45.11
CA GLU OA 131 62.10 -49.52 44.01
C GLU OA 131 62.33 -48.11 44.55
N VAL OA 132 62.67 -47.20 43.65
CA VAL OA 132 62.89 -45.81 43.99
C VAL OA 132 61.62 -45.02 43.68
N GLY OA 133 61.41 -43.96 44.43
CA GLY OA 133 60.24 -43.11 44.27
C GLY OA 133 59.80 -42.52 45.60
N LYS OA 134 59.23 -41.33 45.53
CA LYS OA 134 58.70 -40.68 46.74
C LYS OA 134 57.47 -41.38 47.28
N LYS OA 135 56.79 -42.18 46.45
CA LYS OA 135 55.63 -42.93 46.92
C LYS OA 135 56.00 -43.97 47.96
N TYR OA 136 57.28 -44.29 48.10
CA TYR OA 136 57.75 -45.27 49.07
C TYR OA 136 58.00 -44.65 50.44
N ASN OA 137 57.80 -43.35 50.60
CA ASN OA 137 57.96 -42.68 51.89
C ASN OA 137 56.68 -42.85 52.71
N LEU OA 138 56.49 -44.07 53.20
CA LEU OA 138 55.30 -44.37 53.99
C LEU OA 138 55.32 -43.58 55.30
N PRO OA 139 54.19 -43.06 55.75
CA PRO OA 139 54.15 -42.36 57.03
C PRO OA 139 54.15 -43.31 58.21
N THR OA 140 54.00 -42.77 59.42
CA THR OA 140 53.90 -43.60 60.61
C THR OA 140 52.57 -44.34 60.62
N ASN OA 141 52.55 -45.45 61.38
CA ASN OA 141 51.35 -46.27 61.57
C ASN OA 141 50.89 -46.88 60.23
N CYS OA 142 51.77 -47.68 59.65
CA CYS OA 142 51.46 -48.45 58.45
C CYS OA 142 51.48 -49.94 58.80
N GLU OA 143 50.39 -50.63 58.48
CA GLU OA 143 50.18 -52.02 58.86
C GLU OA 143 50.55 -52.91 57.68
N PHE OA 144 51.75 -53.47 57.70
CA PHE OA 144 52.27 -54.21 56.58
C PHE OA 144 51.72 -55.63 56.54
N LYS OA 145 51.90 -56.27 55.39
CA LYS OA 145 51.49 -57.66 55.18
C LYS OA 145 52.59 -58.42 54.47
N LEU OA 146 52.86 -59.65 54.93
CA LEU OA 146 53.88 -60.48 54.31
C LEU OA 146 53.42 -60.91 52.92
N VAL OA 147 54.29 -60.72 51.92
CA VAL OA 147 54.00 -61.22 50.58
C VAL OA 147 53.98 -62.74 50.57
N ASP OA 148 54.94 -63.35 51.24
CA ASP OA 148 55.00 -64.81 51.39
C ASP OA 148 54.66 -65.16 52.83
N ASN OA 149 53.66 -66.02 53.00
CA ASN OA 149 53.15 -66.32 54.33
C ASN OA 149 54.22 -67.02 55.17
N ILE OA 150 54.40 -66.56 56.40
CA ILE OA 150 55.29 -67.17 57.37
C ILE OA 150 54.50 -67.41 58.64
N SER OA 151 54.44 -68.65 59.10
CA SER OA 151 53.65 -68.99 60.27
C SER OA 151 54.25 -68.34 61.52
N GLY OA 152 53.36 -68.00 62.46
CA GLY OA 152 53.76 -67.40 63.70
C GLY OA 152 53.83 -65.88 63.69
N VAL OA 153 53.71 -65.25 62.53
CA VAL OA 153 53.67 -63.80 62.42
C VAL OA 153 52.23 -63.37 62.26
N THR OA 154 51.80 -62.44 63.11
CA THR OA 154 50.42 -61.94 63.09
C THR OA 154 50.31 -60.52 62.58
N LYS OA 155 51.10 -59.60 63.12
CA LYS OA 155 50.98 -58.19 62.79
C LYS OA 155 52.35 -57.59 62.51
N ILE OA 156 52.43 -56.79 61.44
CA ILE OA 156 53.63 -56.03 61.11
C ILE OA 156 53.23 -54.56 61.00
N THR OA 157 53.91 -53.71 61.76
CA THR OA 157 53.65 -52.28 61.74
C THR OA 157 54.92 -51.53 62.09
N ASN OA 158 54.96 -50.26 61.72
CA ASN OA 158 56.15 -49.43 61.90
C ASN OA 158 55.88 -48.37 62.96
N THR OA 159 56.91 -48.05 63.74
CA THR OA 159 56.83 -47.03 64.77
C THR OA 159 57.38 -45.68 64.32
N ARG OA 160 58.16 -45.64 63.25
CA ARG OA 160 58.70 -44.40 62.71
C ARG OA 160 58.43 -44.32 61.22
N SER OA 161 58.26 -43.10 60.73
CA SER OA 161 57.92 -42.89 59.33
C SER OA 161 59.10 -43.24 58.43
N PHE OA 162 58.79 -43.88 57.31
CA PHE OA 162 59.83 -44.17 56.31
C PHE OA 162 60.31 -42.89 55.65
N GLU OA 163 61.62 -42.80 55.43
CA GLU OA 163 62.21 -41.65 54.76
C GLU OA 163 63.29 -42.15 53.80
N GLY OA 164 63.80 -41.23 52.99
CA GLY OA 164 64.86 -41.52 52.04
C GLY OA 164 64.40 -41.75 50.62
N GLY OA 165 63.09 -41.90 50.39
CA GLY OA 165 62.60 -42.14 49.05
C GLY OA 165 62.76 -40.89 48.18
N THR OA 166 63.30 -41.09 46.98
CA THR OA 166 63.52 -39.99 46.04
C THR OA 166 63.12 -40.44 44.65
N ASP OA 167 62.82 -39.47 43.79
CA ASP OA 167 62.39 -39.71 42.42
C ASP OA 167 63.54 -39.48 41.44
N ILE OA 168 63.34 -39.98 40.22
CA ILE OA 168 64.28 -39.70 39.14
C ILE OA 168 64.17 -38.25 38.72
N GLU OA 169 65.31 -37.65 38.35
CA GLU OA 169 65.32 -36.22 38.04
C GLU OA 169 64.57 -35.94 36.74
N THR OA 170 63.68 -34.96 36.79
CA THR OA 170 62.91 -34.57 35.62
C THR OA 170 63.80 -33.79 34.65
N ASP OA 171 63.27 -33.60 33.44
CA ASP OA 171 64.06 -32.96 32.38
C ASP OA 171 64.38 -31.52 32.72
N GLU OA 172 63.41 -30.77 33.25
CA GLU OA 172 63.64 -29.37 33.58
C GLU OA 172 64.72 -29.24 34.64
N GLU OA 173 64.67 -30.10 35.67
CA GLU OA 173 65.67 -30.04 36.73
C GLU OA 173 67.07 -30.32 36.18
N LEU OA 174 67.19 -31.35 35.33
CA LEU OA 174 68.49 -31.69 34.78
C LEU OA 174 69.03 -30.57 33.90
N LYS OA 175 68.16 -29.97 33.07
CA LYS OA 175 68.60 -28.89 32.21
C LYS OA 175 69.05 -27.68 33.03
N GLU OA 176 68.29 -27.34 34.08
CA GLU OA 176 68.68 -26.23 34.93
C GLU OA 176 70.01 -26.50 35.64
N ARG OA 177 70.19 -27.73 36.14
CA ARG OA 177 71.46 -28.07 36.78
C ARG OA 177 72.61 -27.98 35.81
N PHE OA 178 72.43 -28.47 34.59
CA PHE OA 178 73.50 -28.41 33.59
C PHE OA 178 73.85 -26.97 33.25
N TYR OA 179 72.84 -26.12 33.04
CA TYR OA 179 73.11 -24.72 32.73
C TYR OA 179 73.81 -24.03 33.89
N LYS OA 180 73.37 -24.32 35.12
CA LYS OA 180 73.99 -23.73 36.30
C LYS OA 180 75.45 -24.13 36.40
N ILE OA 181 75.75 -25.41 36.18
CA ILE OA 181 77.13 -25.87 36.26
C ILE OA 181 77.97 -25.21 35.18
N GLN OA 182 77.48 -25.19 33.95
CA GLN OA 182 78.30 -24.72 32.84
C GLN OA 182 78.52 -23.21 32.90
N ARG OA 183 77.52 -22.46 33.34
CA ARG OA 183 77.67 -21.00 33.39
C ARG OA 183 78.77 -20.59 34.37
N ASN OA 184 78.84 -21.26 35.52
CA ASN OA 184 79.80 -20.87 36.55
C ASN OA 184 81.23 -21.14 36.10
N GLN OA 185 82.12 -20.20 36.40
CA GLN OA 185 83.55 -20.33 36.15
C GLN OA 185 84.28 -20.25 37.49
N ALA OA 186 85.19 -21.19 37.72
CA ALA OA 186 85.85 -21.30 39.01
C ALA OA 186 87.36 -21.45 38.83
N THR OA 187 88.11 -20.56 39.48
CA THR OA 187 89.55 -20.71 39.66
C THR OA 187 89.77 -21.12 41.11
N SER OA 188 90.10 -22.39 41.33
CA SER OA 188 90.16 -22.97 42.67
C SER OA 188 91.38 -22.56 43.46
N GLY OA 189 92.18 -21.63 42.96
CA GLY OA 189 93.44 -21.30 43.59
C GLY OA 189 93.39 -20.34 44.76
N ASN OA 190 92.87 -19.13 44.52
CA ASN OA 190 92.97 -18.05 45.48
C ASN OA 190 92.26 -18.40 46.79
N LYS OA 191 92.75 -17.79 47.87
CA LYS OA 191 92.21 -18.05 49.20
C LYS OA 191 90.76 -17.56 49.34
N ALA OA 192 90.42 -16.46 48.67
CA ALA OA 192 89.07 -15.90 48.82
C ALA OA 192 88.00 -16.87 48.34
N HIS OA 193 88.34 -17.79 47.42
CA HIS OA 193 87.36 -18.74 46.93
C HIS OA 193 86.94 -19.73 48.00
N TYR OA 194 87.85 -20.11 48.90
CA TYR OA 194 87.46 -20.97 50.02
C TYR OA 194 86.45 -20.28 50.91
N GLU OA 195 86.69 -19.00 51.23
CA GLU OA 195 85.73 -18.24 52.02
C GLU OA 195 84.40 -18.10 51.29
N GLU OA 196 84.46 -17.88 49.98
CA GLU OA 196 83.24 -17.76 49.18
C GLU OA 196 82.43 -19.06 49.24
N TRP OA 197 83.09 -20.19 49.02
CA TRP OA 197 82.39 -21.48 49.06
C TRP OA 197 81.80 -21.75 50.44
N ALA OA 198 82.57 -21.45 51.50
CA ALA OA 198 82.06 -21.65 52.84
C ALA OA 198 80.85 -20.76 53.12
N LEU OA 199 80.91 -19.50 52.67
CA LEU OA 199 79.81 -18.56 52.89
C LEU OA 199 78.59 -18.91 52.05
N GLU OA 200 78.76 -19.62 50.94
CA GLU OA 200 77.61 -20.06 50.15
C GLU OA 200 76.74 -21.01 50.95
N VAL OA 201 77.36 -21.89 51.75
CA VAL OA 201 76.60 -22.85 52.53
C VAL OA 201 75.73 -22.13 53.56
N ASP OA 202 74.57 -22.72 53.85
CA ASP OA 202 73.59 -22.09 54.70
C ASP OA 202 74.04 -22.08 56.16
N GLY OA 203 73.47 -21.15 56.93
CA GLY OA 203 73.76 -21.03 58.35
C GLY OA 203 75.10 -20.43 58.68
N VAL OA 204 75.81 -19.88 57.70
CA VAL OA 204 77.15 -19.35 57.90
C VAL OA 204 77.12 -17.85 57.69
N TYR OA 205 77.72 -17.11 58.62
CA TYR OA 205 77.72 -15.66 58.58
C TYR OA 205 79.10 -15.03 58.69
N ASN OA 206 80.15 -15.83 58.94
CA ASN OA 206 81.52 -15.37 58.90
C ASN OA 206 82.42 -16.58 58.68
N VAL OA 207 83.52 -16.38 57.98
CA VAL OA 207 84.45 -17.46 57.66
C VAL OA 207 85.88 -16.97 57.81
N LYS OA 208 86.74 -17.82 58.39
CA LYS OA 208 88.17 -17.59 58.42
C LYS OA 208 88.87 -18.81 57.83
N VAL OA 209 89.89 -18.57 57.01
CA VAL OA 209 90.65 -19.62 56.34
C VAL OA 209 92.08 -19.56 56.82
N TYR OA 210 92.63 -20.72 57.21
CA TYR OA 210 94.00 -20.79 57.72
C TYR OA 210 94.89 -21.51 56.72
N PRO OA 211 95.73 -20.80 55.97
CA PRO OA 211 96.66 -21.47 55.07
C PRO OA 211 97.85 -22.02 55.82
N ARG OA 212 98.27 -23.23 55.44
CA ARG OA 212 99.48 -23.86 55.95
C ARG OA 212 99.40 -24.09 57.46
N TRP OA 213 98.34 -24.79 57.88
CA TRP OA 213 98.09 -25.01 59.29
C TRP OA 213 98.61 -26.35 59.80
N ASP OA 214 98.60 -27.38 58.97
CA ASP OA 214 99.01 -28.73 59.37
C ASP OA 214 99.96 -29.33 58.33
N GLY OA 215 100.96 -28.55 57.94
CA GLY OA 215 101.91 -28.99 56.94
C GLY OA 215 101.55 -28.53 55.55
N PRO OA 216 102.34 -28.93 54.55
CA PRO OA 216 102.07 -28.51 53.18
C PRO OA 216 100.74 -29.04 52.66
N GLY OA 217 100.09 -28.23 51.83
CA GLY OA 217 98.82 -28.62 51.24
C GLY OA 217 97.69 -28.77 52.22
N THR OA 218 97.58 -27.87 53.20
CA THR OA 218 96.53 -27.92 54.20
C THR OA 218 95.81 -26.58 54.25
N VAL OA 219 94.49 -26.62 54.29
CA VAL OA 219 93.66 -25.44 54.48
C VAL OA 219 92.67 -25.72 55.58
N LYS OA 220 92.64 -24.86 56.60
CA LYS OA 220 91.68 -24.94 57.68
C LYS OA 220 90.71 -23.77 57.55
N VAL OA 221 89.42 -24.06 57.66
CA VAL OA 221 88.36 -23.08 57.46
C VAL OA 221 87.58 -22.94 58.76
N LEU OA 222 87.36 -21.69 59.18
CA LEU OA 222 86.65 -21.38 60.42
C LEU OA 222 85.35 -20.68 60.06
N ILE OA 223 84.28 -21.45 59.93
CA ILE OA 223 82.96 -20.89 59.68
C ILE OA 223 82.33 -20.52 61.02
N PHE OA 224 81.39 -19.58 60.97
CA PHE OA 224 80.71 -19.11 62.16
C PHE OA 224 79.20 -19.08 61.92
N GLY OA 225 78.44 -19.25 62.99
CA GLY OA 225 77.00 -19.13 62.93
C GLY OA 225 76.57 -17.68 62.99
N LYS OA 226 75.31 -17.48 63.37
CA LYS OA 226 74.79 -16.12 63.52
C LYS OA 226 75.44 -15.43 64.71
N ASN OA 227 75.93 -14.21 64.47
CA ASN OA 227 76.57 -13.36 65.49
C ASN OA 227 77.71 -14.16 66.15
N ASN OA 228 78.59 -14.69 65.30
CA ASN OA 228 79.83 -15.33 65.74
C ASN OA 228 79.58 -16.42 66.79
N GLN OA 229 78.54 -17.21 66.59
CA GLN OA 229 78.26 -18.35 67.45
C GLN OA 229 78.72 -19.66 66.81
N ALA OA 230 78.84 -20.68 67.64
CA ALA OA 230 79.24 -22.00 67.16
C ALA OA 230 78.15 -22.61 66.30
N VAL OA 231 78.57 -23.26 65.23
CA VAL OA 231 77.65 -23.91 64.30
C VAL OA 231 77.37 -25.33 64.78
N ASP OA 232 76.25 -25.89 64.32
CA ASP OA 232 75.91 -27.26 64.65
C ASP OA 232 76.80 -28.23 63.88
N THR OA 233 76.79 -29.49 64.32
CA THR OA 233 77.60 -30.52 63.67
C THR OA 233 77.15 -30.73 62.22
N GLU OA 234 75.84 -30.70 61.97
CA GLU OA 234 75.35 -30.91 60.62
C GLU OA 234 75.79 -29.78 59.69
N THR OA 235 75.82 -28.54 60.19
CA THR OA 235 76.30 -27.44 59.36
C THR OA 235 77.78 -27.62 59.02
N ILE OA 236 78.58 -28.07 59.97
CA ILE OA 236 79.98 -28.37 59.70
C ILE OA 236 80.08 -29.43 58.62
N GLU OA 237 79.28 -30.48 58.72
CA GLU OA 237 79.32 -31.54 57.72
C GLU OA 237 78.92 -31.03 56.34
N ARG OA 238 77.82 -30.27 56.27
CA ARG OA 238 77.34 -29.80 54.97
C ARG OA 238 78.33 -28.85 54.32
N CYS OA 239 78.95 -27.97 55.12
CA CYS OA 239 80.02 -27.13 54.59
C CYS OA 239 81.20 -27.96 54.11
N GLN OA 240 81.54 -29.01 54.87
CA GLN OA 240 82.63 -29.90 54.48
C GLN OA 240 82.36 -30.51 53.11
N GLN OA 241 81.19 -31.12 52.93
CA GLN OA 241 80.88 -31.72 51.63
C GLN OA 241 80.81 -30.66 50.53
N HIS OA 242 80.27 -29.48 50.83
CA HIS OA 242 80.18 -28.44 49.80
C HIS OA 242 81.56 -28.05 49.29
N ILE OA 243 82.47 -27.71 50.20
CA ILE OA 243 83.80 -27.31 49.75
C ILE OA 243 84.55 -28.50 49.16
N ASP OA 244 84.25 -29.72 49.63
CA ASP OA 244 84.87 -30.91 49.04
C ASP OA 244 84.48 -31.07 47.58
N GLU OA 245 83.20 -30.85 47.27
CA GLU OA 245 82.78 -30.87 45.87
C GLU OA 245 83.19 -29.61 45.12
N GLU OA 246 83.66 -28.58 45.83
CA GLU OA 246 84.16 -27.38 45.17
C GLU OA 246 85.68 -27.27 45.18
N LYS OA 247 86.38 -28.14 45.89
CA LYS OA 247 87.84 -28.02 46.01
C LYS OA 247 88.54 -28.74 44.88
N PRO OA 248 89.76 -28.33 44.55
CA PRO OA 248 90.57 -29.08 43.58
C PRO OA 248 91.26 -30.27 44.24
N ILE OA 249 92.12 -30.92 43.49
CA ILE OA 249 92.85 -32.08 43.98
C ILE OA 249 94.13 -31.61 44.67
N GLY OA 250 94.48 -32.24 45.79
CA GLY OA 250 95.77 -32.03 46.41
C GLY OA 250 95.78 -31.49 47.83
N PRO OA 251 94.97 -30.45 48.13
CA PRO OA 251 94.98 -29.94 49.51
C PRO OA 251 93.96 -30.64 50.41
N THR OA 252 94.41 -31.16 51.54
CA THR OA 252 93.52 -31.76 52.51
C THR OA 252 92.77 -30.66 53.27
N ILE OA 253 91.56 -30.98 53.71
CA ILE OA 253 90.61 -29.99 54.20
C ILE OA 253 90.06 -30.41 55.55
N THR OA 254 90.09 -29.49 56.51
CA THR OA 254 89.46 -29.67 57.81
C THR OA 254 88.65 -28.43 58.17
N VAL OA 255 87.45 -28.65 58.69
CA VAL OA 255 86.58 -27.58 59.15
C VAL OA 255 86.17 -27.86 60.59
N VAL OA 256 86.22 -26.84 61.42
CA VAL OA 256 85.95 -26.98 62.85
C VAL OA 256 84.98 -25.88 63.29
N THR OA 257 84.71 -25.85 64.59
CA THR OA 257 83.72 -24.98 65.20
C THR OA 257 84.35 -24.32 66.42
N PRO OA 258 83.77 -23.22 66.89
CA PRO OA 258 84.31 -22.56 68.09
C PRO OA 258 84.31 -23.47 69.31
N LEU OA 259 85.31 -23.26 70.17
CA LEU OA 259 85.49 -24.03 71.40
C LEU OA 259 85.43 -23.10 72.61
N PRO OA 260 84.57 -23.36 73.59
CA PRO OA 260 84.37 -22.42 74.69
C PRO OA 260 85.57 -22.38 75.64
N ILE OA 261 85.65 -21.26 76.37
CA ILE OA 261 86.69 -21.03 77.37
C ILE OA 261 86.05 -20.97 78.75
N GLU OA 262 86.79 -21.44 79.75
CA GLU OA 262 86.30 -21.52 81.13
C GLU OA 262 86.62 -20.21 81.84
N ILE OA 263 85.58 -19.56 82.38
CA ILE OA 263 85.72 -18.30 83.11
C ILE OA 263 85.17 -18.50 84.51
N SER OA 264 86.02 -18.28 85.51
CA SER OA 264 85.63 -18.34 86.91
C SER OA 264 85.71 -16.95 87.52
N ILE OA 265 84.66 -16.53 88.20
CA ILE OA 265 84.58 -15.21 88.80
C ILE OA 265 84.44 -15.35 90.31
N SER OA 266 84.83 -14.28 91.01
CA SER OA 266 84.79 -14.28 92.47
C SER OA 266 84.85 -12.84 92.95
N ALA OA 267 84.04 -12.53 93.96
CA ALA OA 267 84.01 -11.18 94.50
C ALA OA 267 83.39 -11.21 95.90
N VAL OA 268 83.66 -10.15 96.65
CA VAL OA 268 83.06 -9.93 97.96
C VAL OA 268 82.16 -8.71 97.86
N MET OA 269 80.88 -8.90 98.12
CA MET OA 269 79.89 -7.87 97.91
C MET OA 269 78.96 -7.74 99.11
N LYS OA 270 78.36 -6.57 99.24
CA LYS OA 270 77.35 -6.30 100.25
C LYS OA 270 75.97 -6.34 99.60
N LEU OA 271 75.06 -7.07 100.22
CA LEU OA 271 73.74 -7.30 99.66
C LEU OA 271 72.73 -6.33 100.25
N GLU OA 272 71.61 -6.16 99.54
CA GLU OA 272 70.48 -5.40 100.04
C GLU OA 272 69.56 -6.28 100.86
N ASP OA 273 68.69 -5.64 101.64
CA ASP OA 273 67.71 -6.37 102.40
C ASP OA 273 66.73 -7.08 101.47
N GLY OA 274 66.35 -8.30 101.83
CA GLY OA 274 65.42 -9.07 101.04
C GLY OA 274 66.03 -9.79 99.85
N TYR OA 275 67.35 -9.75 99.70
CA TYR OA 275 68.02 -10.42 98.60
C TYR OA 275 69.08 -11.38 99.13
N THR OA 276 69.14 -12.56 98.51
CA THR OA 276 70.07 -13.61 98.88
C THR OA 276 71.10 -13.81 97.77
N LEU OA 277 72.10 -14.62 98.05
CA LEU OA 277 73.18 -14.85 97.10
C LEU OA 277 72.68 -15.52 95.82
N ASP OA 278 71.66 -16.39 95.94
CA ASP OA 278 71.18 -17.11 94.77
C ASP OA 278 70.52 -16.18 93.76
N ASN OA 279 69.73 -15.21 94.23
CA ASN OA 279 69.03 -14.30 93.32
C ASN OA 279 70.01 -13.41 92.57
N VAL OA 280 70.96 -12.81 93.28
CA VAL OA 280 71.96 -11.99 92.62
C VAL OA 280 72.82 -12.84 91.71
N LYS OA 281 73.12 -14.07 92.11
CA LYS OA 281 73.90 -14.95 91.25
C LYS OA 281 73.18 -15.24 89.95
N GLU OA 282 71.87 -15.52 90.01
CA GLU OA 282 71.13 -15.82 88.79
C GLU OA 282 70.99 -14.59 87.89
N SER OA 283 70.70 -13.43 88.48
CA SER OA 283 70.61 -12.22 87.67
C SER OA 283 71.95 -11.88 87.03
N PHE OA 284 73.04 -12.04 87.80
CA PHE OA 284 74.37 -11.76 87.27
C PHE OA 284 74.76 -12.73 86.18
N LEU OA 285 74.40 -14.02 86.34
CA LEU OA 285 74.71 -14.98 85.30
C LEU OA 285 73.95 -14.65 84.02
N GLU OA 286 72.70 -14.23 84.14
CA GLU OA 286 71.95 -13.82 82.95
C GLU OA 286 72.62 -12.63 82.26
N SER OA 287 72.93 -11.59 83.03
CA SER OA 287 73.54 -10.39 82.45
C SER OA 287 74.91 -10.69 81.85
N ILE OA 288 75.72 -11.50 82.53
CA ILE OA 288 77.05 -11.81 82.03
C ILE OA 288 76.98 -12.73 80.82
N ASN OA 289 75.96 -13.57 80.73
CA ASN OA 289 75.77 -14.37 79.53
C ASN OA 289 75.45 -13.49 78.34
N THR OA 290 74.57 -12.52 78.53
CA THR OA 290 74.29 -11.57 77.45
C THR OA 290 75.55 -10.81 77.06
N TYR OA 291 76.32 -10.35 78.06
CA TYR OA 291 77.53 -9.58 77.79
C TYR OA 291 78.57 -10.42 77.05
N PHE OA 292 78.77 -11.67 77.46
CA PHE OA 292 79.67 -12.56 76.75
C PHE OA 292 79.19 -12.82 75.34
N ARG OA 293 77.86 -12.87 75.14
CA ARG OA 293 77.33 -13.03 73.80
C ARG OA 293 77.70 -11.85 72.91
N ASP OA 294 77.59 -10.63 73.43
CA ASP OA 294 77.73 -9.46 72.58
C ASP OA 294 79.16 -8.94 72.42
N ILE OA 295 80.12 -9.41 73.22
CA ILE OA 295 81.44 -8.80 73.23
C ILE OA 295 82.36 -9.48 72.22
N ARG OA 296 82.97 -8.67 71.35
CA ARG OA 296 83.99 -9.11 70.42
C ARG OA 296 85.37 -8.80 70.98
N GLY OA 297 86.33 -9.68 70.70
CA GLY OA 297 87.68 -9.47 71.19
C GLY OA 297 87.83 -9.82 72.65
N GLU OA 298 88.78 -9.14 73.30
CA GLU OA 298 89.13 -9.45 74.68
C GLU OA 298 88.05 -8.98 75.64
N ILE OA 299 88.01 -9.62 76.82
CA ILE OA 299 87.02 -9.26 77.83
C ILE OA 299 87.40 -7.93 78.48
N ILE OA 300 86.43 -7.32 79.15
CA ILE OA 300 86.61 -6.05 79.84
C ILE OA 300 86.34 -6.25 81.31
N TYR OA 301 87.30 -5.87 82.15
CA TYR OA 301 87.13 -6.01 83.60
C TYR OA 301 86.12 -4.99 84.13
N THR OA 302 86.17 -3.77 83.62
CA THR OA 302 85.28 -2.72 84.10
C THR OA 302 83.84 -2.97 83.68
N LYS OA 303 83.61 -3.47 82.47
CA LYS OA 303 82.27 -3.95 82.14
C LYS OA 303 81.83 -5.03 83.10
N VAL OA 304 82.75 -5.89 83.53
CA VAL OA 304 82.38 -6.97 84.45
C VAL OA 304 81.89 -6.40 85.78
N MET OA 305 82.65 -5.48 86.38
CA MET OA 305 82.16 -5.00 87.66
C MET OA 305 80.97 -4.06 87.51
N GLY OA 306 80.84 -3.38 86.36
CA GLY OA 306 79.63 -2.60 86.14
C GLY OA 306 78.40 -3.48 86.05
N ILE OA 307 78.47 -4.57 85.28
CA ILE OA 307 77.34 -5.47 85.18
C ILE OA 307 77.11 -6.18 86.49
N LEU OA 308 78.14 -6.30 87.33
CA LEU OA 308 77.96 -6.90 88.65
C LEU OA 308 77.26 -5.96 89.61
N ILE OA 309 77.64 -4.68 89.62
CA ILE OA 309 77.04 -3.72 90.54
C ILE OA 309 75.60 -3.44 90.14
N ASN OA 310 75.31 -3.37 88.83
CA ASN OA 310 73.93 -3.13 88.43
C ASN OA 310 73.02 -4.31 88.74
N THR OA 311 73.58 -5.50 88.95
CA THR OA 311 72.75 -6.64 89.30
C THR OA 311 72.01 -6.37 90.60
N THR OA 312 70.69 -6.58 90.57
CA THR OA 312 69.85 -6.17 91.70
C THR OA 312 70.23 -6.93 92.96
N GLY OA 313 70.27 -6.21 94.07
CA GLY OA 313 70.63 -6.77 95.35
C GLY OA 313 72.04 -6.45 95.81
N VAL OA 314 72.86 -5.87 94.94
CA VAL OA 314 74.26 -5.55 95.27
C VAL OA 314 74.31 -4.11 95.73
N HIS OA 315 74.60 -3.91 97.02
CA HIS OA 315 74.80 -2.56 97.54
C HIS OA 315 76.23 -2.08 97.36
N ASP OA 316 77.19 -2.96 97.65
CA ASP OA 316 78.59 -2.65 97.45
C ASP OA 316 79.29 -3.95 97.07
N LEU OA 317 80.44 -3.82 96.41
CA LEU OA 317 81.26 -4.99 96.13
C LEU OA 317 82.73 -4.58 96.16
N SER OA 318 83.58 -5.57 96.40
CA SER OA 318 85.02 -5.37 96.39
C SER OA 318 85.70 -6.69 96.09
N ASN OA 319 86.95 -6.61 95.65
CA ASN OA 319 87.81 -7.78 95.43
C ASN OA 319 87.25 -8.68 94.33
N LEU OA 320 86.90 -8.07 93.20
CA LEU OA 320 86.40 -8.82 92.05
C LEU OA 320 87.58 -9.37 91.26
N LEU OA 321 87.62 -10.69 91.11
CA LEU OA 321 88.69 -11.38 90.39
C LEU OA 321 88.08 -12.22 89.28
N ILE OA 322 88.66 -12.13 88.08
CA ILE OA 322 88.27 -12.97 86.95
C ILE OA 322 89.43 -13.92 86.67
N ASN OA 323 89.18 -15.22 86.83
CA ASN OA 323 90.22 -16.25 86.68
C ASN OA 323 91.42 -15.97 87.58
N GLY OA 324 91.14 -15.50 88.80
CA GLY OA 324 92.18 -15.23 89.76
C GLY OA 324 92.88 -13.90 89.58
N SER OA 325 92.46 -13.07 88.63
CA SER OA 325 93.12 -11.80 88.38
C SER OA 325 92.09 -10.77 87.93
N THR OA 326 92.48 -9.51 88.01
CA THR OA 326 91.64 -8.40 87.56
C THR OA 326 91.98 -7.92 86.16
N ASP OA 327 92.90 -8.59 85.48
CA ASP OA 327 93.33 -8.16 84.15
C ASP OA 327 92.27 -8.49 83.11
N ASN OA 328 92.37 -7.82 81.96
CA ASN OA 328 91.56 -8.19 80.80
C ASN OA 328 92.01 -9.53 80.24
N ILE OA 329 91.05 -10.37 79.91
CA ILE OA 329 91.30 -11.70 79.37
C ILE OA 329 91.09 -11.65 77.86
N THR OA 330 92.12 -12.03 77.11
CA THR OA 330 92.03 -12.06 75.66
C THR OA 330 91.30 -13.32 75.21
N ILE OA 331 90.45 -13.18 74.20
CA ILE OA 331 89.69 -14.29 73.64
C ILE OA 331 90.24 -14.57 72.25
N ASN OA 332 90.76 -15.78 72.06
CA ASN OA 332 91.26 -16.18 70.76
C ASN OA 332 90.09 -16.51 69.83
N GLU OA 333 90.43 -16.79 68.58
CA GLU OA 333 89.48 -17.14 67.53
C GLU OA 333 88.76 -18.45 67.82
N ASP OA 334 87.51 -18.54 67.37
CA ASP OA 334 86.68 -19.72 67.61
C ASP OA 334 86.61 -20.08 69.10
N LYS OA 335 86.43 -19.05 69.93
CA LYS OA 335 86.36 -19.23 71.37
C LYS OA 335 85.32 -18.28 71.94
N ILE OA 336 84.46 -18.81 72.81
CA ILE OA 336 83.41 -18.03 73.46
C ILE OA 336 83.42 -18.33 74.95
N PRO OA 337 83.70 -17.34 75.81
CA PRO OA 337 83.75 -17.61 77.25
C PRO OA 337 82.42 -18.08 77.81
N SER OA 338 82.51 -18.97 78.81
CA SER OA 338 81.35 -19.45 79.54
C SER OA 338 81.65 -19.42 81.03
N VAL OA 339 80.62 -19.14 81.82
CA VAL OA 339 80.78 -19.05 83.27
C VAL OA 339 80.88 -20.47 83.84
N THR OA 340 81.96 -20.74 84.58
CA THR OA 340 82.19 -22.04 85.18
C THR OA 340 81.98 -22.04 86.69
N THR OA 341 82.57 -21.09 87.40
CA THR OA 341 82.48 -21.06 88.86
C THR OA 341 82.33 -19.63 89.32
N VAL OA 342 81.37 -19.38 90.21
CA VAL OA 342 81.12 -18.07 90.79
C VAL OA 342 81.17 -18.22 92.30
N ASN OA 343 82.18 -17.60 92.92
CA ASN OA 343 82.38 -17.69 94.37
C ASN OA 343 82.07 -16.34 94.99
N PHE OA 344 80.85 -16.19 95.51
CA PHE OA 344 80.39 -14.95 96.10
C PHE OA 344 80.33 -15.11 97.61
N SER OA 345 80.94 -14.17 98.34
CA SER OA 345 80.95 -14.18 99.79
C SER OA 345 80.47 -12.83 100.30
N GLU OA 346 79.43 -12.83 101.12
CA GLU OA 346 78.89 -11.61 101.70
C GLU OA 346 79.78 -11.11 102.82
N MET PA 1 76.77 -37.00 2.94
CA MET PA 1 76.44 -37.72 1.71
C MET PA 1 75.43 -36.96 0.88
N TYR PA 2 74.89 -35.87 1.45
CA TYR PA 2 73.98 -35.03 0.69
C TYR PA 2 74.71 -34.32 -0.44
N SER PA 3 75.95 -33.88 -0.20
CA SER PA 3 76.72 -33.20 -1.24
C SER PA 3 77.07 -34.13 -2.38
N ASP PA 4 77.08 -35.44 -2.14
CA ASP PA 4 77.34 -36.40 -3.21
C ASP PA 4 76.22 -36.37 -4.25
N GLN PA 5 74.97 -36.41 -3.79
CA GLN PA 5 73.84 -36.38 -4.71
C GLN PA 5 73.67 -34.97 -5.29
N THR PA 6 73.58 -34.90 -6.60
CA THR PA 6 73.36 -33.63 -7.30
C THR PA 6 72.28 -33.83 -8.34
N TYR PA 7 71.97 -32.74 -9.06
CA TYR PA 7 70.90 -32.78 -10.06
C TYR PA 7 71.18 -33.83 -11.12
N GLU PA 8 72.37 -33.78 -11.72
CA GLU PA 8 72.68 -34.65 -12.84
C GLU PA 8 72.72 -36.12 -12.42
N VAL PA 9 73.30 -36.40 -11.25
CA VAL PA 9 73.46 -37.78 -10.81
C VAL PA 9 72.10 -38.43 -10.58
N ILE PA 10 71.22 -37.72 -9.86
CA ILE PA 10 69.91 -38.29 -9.57
C ILE PA 10 69.07 -38.38 -10.83
N LYS PA 11 69.19 -37.40 -11.73
CA LYS PA 11 68.45 -37.45 -12.99
C LYS PA 11 68.85 -38.67 -13.80
N ASN PA 12 70.16 -38.90 -13.94
CA ASN PA 12 70.63 -40.06 -14.68
C ASN PA 12 70.20 -41.35 -14.01
N ARG PA 13 70.29 -41.41 -12.68
CA ARG PA 13 69.91 -42.63 -11.97
C ARG PA 13 68.43 -42.95 -12.15
N THR PA 14 67.57 -41.93 -12.07
CA THR PA 14 66.15 -42.16 -12.27
C THR PA 14 65.86 -42.59 -13.71
N LEU PA 15 66.47 -41.92 -14.68
CA LEU PA 15 66.24 -42.31 -16.08
C LEU PA 15 66.74 -43.71 -16.36
N GLU PA 16 67.78 -44.15 -15.64
CA GLU PA 16 68.27 -45.52 -15.81
C GLU PA 16 67.38 -46.54 -15.11
N ASN PA 17 66.77 -46.18 -13.99
CA ASN PA 17 66.03 -47.15 -13.21
C ASN PA 17 64.69 -47.55 -13.83
N ILE PA 18 64.23 -46.86 -14.87
CA ILE PA 18 63.00 -47.23 -15.56
C ILE PA 18 63.33 -48.24 -16.64
N ASN PA 19 62.80 -49.44 -16.51
CA ASN PA 19 63.09 -50.53 -17.45
C ASN PA 19 62.00 -50.58 -18.52
N LEU PA 20 62.02 -49.57 -19.37
CA LEU PA 20 61.04 -49.43 -20.45
C LEU PA 20 61.76 -49.22 -21.76
N ASP PA 21 61.06 -49.53 -22.85
CA ASP PA 21 61.59 -49.40 -24.19
C ASP PA 21 61.40 -48.01 -24.78
N ILE PA 22 60.79 -47.10 -24.03
CA ILE PA 22 60.52 -45.76 -24.56
C ILE PA 22 61.84 -45.01 -24.70
N TYR PA 23 62.00 -44.33 -25.83
CA TYR PA 23 63.21 -43.57 -26.08
C TYR PA 23 63.31 -42.39 -25.13
N LYS PA 24 64.50 -42.19 -24.58
CA LYS PA 24 64.79 -41.06 -23.70
C LYS PA 24 65.76 -40.12 -24.38
N GLY PA 25 65.42 -38.84 -24.45
CA GLY PA 25 66.27 -37.88 -25.11
C GLY PA 25 65.75 -36.47 -24.91
N GLU PA 26 66.40 -35.54 -25.59
CA GLU PA 26 65.99 -34.14 -25.50
C GLU PA 26 64.65 -33.95 -26.19
N GLY PA 27 63.78 -33.17 -25.55
CA GLY PA 27 62.44 -32.99 -26.07
C GLY PA 27 61.62 -34.26 -26.08
N SER PA 28 61.75 -35.07 -25.03
CA SER PA 28 60.99 -36.31 -24.90
C SER PA 28 60.10 -36.21 -23.67
N PHE PA 29 58.97 -36.92 -23.74
CA PHE PA 29 57.98 -36.87 -22.66
C PHE PA 29 58.58 -37.35 -21.35
N LEU PA 30 59.19 -38.55 -21.36
CA LEU PA 30 59.72 -39.12 -20.13
C LEU PA 30 60.85 -38.27 -19.57
N ASN PA 31 61.75 -37.78 -20.44
CA ASN PA 31 62.86 -36.96 -19.98
C ASN PA 31 62.36 -35.67 -19.34
N ASN PA 32 61.41 -35.00 -20.00
CA ASN PA 32 60.88 -33.75 -19.45
C ASN PA 32 60.22 -33.99 -18.10
N MET PA 33 59.41 -35.04 -18.00
CA MET PA 33 58.74 -35.33 -16.74
C MET PA 33 59.75 -35.63 -15.63
N VAL PA 34 60.76 -36.44 -15.93
CA VAL PA 34 61.74 -36.81 -14.92
C VAL PA 34 62.53 -35.59 -14.47
N SER PA 35 62.91 -34.72 -15.40
CA SER PA 35 63.62 -33.50 -15.01
C SER PA 35 62.76 -32.60 -14.14
N GLY PA 36 61.48 -32.46 -14.49
CA GLY PA 36 60.60 -31.63 -13.68
C GLY PA 36 60.44 -32.16 -12.27
N ASN PA 37 60.36 -33.49 -12.12
CA ASN PA 37 60.32 -34.06 -10.78
C ASN PA 37 61.64 -33.88 -10.05
N ASN PA 38 62.76 -34.10 -10.73
CA ASN PA 38 64.05 -34.13 -10.05
C ASN PA 38 64.53 -32.76 -9.62
N LEU PA 39 64.03 -31.68 -10.24
CA LEU PA 39 64.37 -30.36 -9.72
C LEU PA 39 63.87 -30.19 -8.29
N GLU PA 40 62.58 -30.44 -8.07
CA GLU PA 40 62.01 -30.39 -6.72
C GLU PA 40 62.64 -31.44 -5.83
N LEU PA 41 63.09 -32.55 -6.42
CA LEU PA 41 63.78 -33.58 -5.65
C LEU PA 41 65.08 -33.05 -5.06
N SER PA 42 65.92 -32.41 -5.88
CA SER PA 42 67.22 -31.93 -5.43
C SER PA 42 67.12 -30.69 -4.56
N LYS PA 43 66.00 -29.96 -4.65
CA LYS PA 43 65.80 -28.86 -3.71
C LYS PA 43 65.90 -29.33 -2.26
N ILE PA 44 65.43 -30.55 -1.98
CA ILE PA 44 65.46 -31.06 -0.61
C ILE PA 44 66.91 -31.32 -0.17
N TYR PA 45 67.75 -31.80 -1.08
CA TYR PA 45 69.16 -32.01 -0.73
C TYR PA 45 69.85 -30.68 -0.47
N LEU PA 46 69.56 -29.67 -1.29
CA LEU PA 46 70.12 -28.34 -1.05
C LEU PA 46 69.71 -27.83 0.33
N GLU PA 47 68.42 -27.96 0.66
CA GLU PA 47 67.93 -27.48 1.94
C GLU PA 47 68.50 -28.29 3.10
N LEU PA 48 68.77 -29.58 2.89
CA LEU PA 48 69.42 -30.39 3.93
C LEU PA 48 70.85 -29.93 4.18
N SER PA 49 71.58 -29.60 3.12
CA SER PA 49 72.92 -29.05 3.30
C SER PA 49 72.89 -27.75 4.08
N LYS PA 50 71.99 -26.85 3.69
CA LYS PA 50 71.85 -25.59 4.44
C LYS PA 50 71.47 -25.87 5.89
N MET PA 51 70.62 -26.86 6.12
CA MET PA 51 70.17 -27.19 7.47
C MET PA 51 71.34 -27.64 8.34
N HIS PA 52 72.20 -28.51 7.79
CA HIS PA 52 73.34 -28.98 8.56
C HIS PA 52 74.33 -27.85 8.86
N LYS PA 53 74.61 -27.01 7.85
CA LYS PA 53 75.49 -25.86 8.08
C LYS PA 53 74.90 -24.93 9.13
N MET PA 54 73.58 -24.76 9.11
CA MET PA 54 72.90 -24.00 10.15
C MET PA 54 73.03 -24.66 11.51
N ALA PA 55 73.02 -25.99 11.55
CA ALA PA 55 73.13 -26.71 12.81
C ALA PA 55 74.48 -26.48 13.46
N PHE PA 56 75.57 -26.55 12.69
CA PHE PA 56 76.88 -26.35 13.29
C PHE PA 56 77.37 -24.91 13.26
N ILE PA 57 76.53 -23.96 12.86
CA ILE PA 57 76.75 -22.52 13.07
C ILE PA 57 78.10 -22.02 12.56
N GLN PA 58 78.55 -22.58 11.44
CA GLN PA 58 79.86 -22.20 10.93
C GLN PA 58 79.86 -20.81 10.29
N ASP PA 59 78.77 -20.42 9.63
CA ASP PA 59 78.80 -19.18 8.88
C ASP PA 59 77.40 -18.58 8.83
N THR PA 60 77.35 -17.32 8.34
CA THR PA 60 76.14 -16.55 8.00
C THR PA 60 75.18 -16.40 9.17
N TYR PA 61 75.72 -16.36 10.38
CA TYR PA 61 75.06 -15.80 11.56
C TYR PA 61 73.66 -16.39 11.77
N ASN PA 62 73.60 -17.71 11.77
CA ASN PA 62 72.32 -18.39 11.93
C ASN PA 62 71.85 -18.28 13.38
N GLN PA 63 70.52 -18.28 13.56
CA GLN PA 63 69.91 -17.97 14.84
C GLN PA 63 70.29 -18.96 15.94
N PHE PA 64 70.76 -20.14 15.58
CA PHE PA 64 71.05 -21.18 16.58
C PHE PA 64 72.38 -20.98 17.29
N LEU PA 65 73.15 -19.95 16.91
CA LEU PA 65 74.37 -19.63 17.64
C LEU PA 65 74.08 -19.29 19.09
N ASP PA 66 72.96 -18.62 19.35
CA ASP PA 66 72.61 -18.28 20.72
C ASP PA 66 72.49 -19.54 21.58
N LYS PA 67 71.79 -20.54 21.06
CA LYS PA 67 71.60 -21.78 21.82
C LYS PA 67 72.90 -22.55 21.95
N ARG PA 68 73.71 -22.59 20.89
CA ARG PA 68 75.00 -23.29 21.00
C ARG PA 68 75.91 -22.61 22.03
N VAL PA 69 75.93 -21.28 22.03
CA VAL PA 69 76.73 -20.55 23.01
C VAL PA 69 76.22 -20.81 24.42
N ASN PA 70 74.89 -20.79 24.61
CA ASN PA 70 74.34 -21.10 25.92
C ASN PA 70 74.67 -22.52 26.35
N GLU PA 71 74.79 -23.45 25.39
CA GLU PA 71 75.36 -24.75 25.71
C GLU PA 71 76.78 -24.62 26.24
N PHE PA 72 77.59 -23.81 25.57
CA PHE PA 72 78.97 -23.66 26.02
C PHE PA 72 79.06 -22.82 27.29
N GLY PA 73 78.23 -21.80 27.43
CA GLY PA 73 78.19 -21.00 28.64
C GLY PA 73 78.47 -19.52 28.46
N VAL PA 74 78.81 -19.05 27.26
CA VAL PA 74 79.03 -17.62 27.08
C VAL PA 74 77.69 -16.89 27.10
N TYR PA 75 77.76 -15.59 27.38
CA TYR PA 75 76.57 -14.75 27.41
C TYR PA 75 76.87 -13.43 26.71
N ARG PA 76 75.81 -12.74 26.32
CA ARG PA 76 75.93 -11.47 25.61
C ARG PA 76 75.81 -10.30 26.59
N LYS PA 77 76.70 -9.32 26.44
CA LYS PA 77 76.63 -8.11 27.25
C LYS PA 77 75.41 -7.29 26.85
N LEU PA 78 74.63 -6.85 27.84
CA LEU PA 78 73.52 -5.95 27.59
C LEU PA 78 73.97 -4.50 27.44
N GLY PA 79 75.19 -4.18 27.86
CA GLY PA 79 75.70 -2.82 27.80
C GLY PA 79 75.78 -2.19 29.18
N THR PA 80 76.24 -0.94 29.18
CA THR PA 80 76.36 -0.16 30.39
C THR PA 80 75.82 1.24 30.15
N GLU PA 81 75.10 1.77 31.14
CA GLU PA 81 74.48 3.08 31.03
C GLU PA 81 75.43 4.16 31.54
N SER PA 82 75.29 5.35 30.97
CA SER PA 82 76.17 6.47 31.31
C SER PA 82 75.76 7.09 32.64
N ASN PA 83 76.76 7.48 33.42
CA ASN PA 83 76.56 8.22 34.65
C ASN PA 83 77.24 9.58 34.54
N GLY PA 84 76.67 10.57 35.22
CA GLY PA 84 77.20 11.91 35.17
C GLY PA 84 76.67 12.75 36.30
N GLU PA 85 77.09 14.00 36.31
CA GLU PA 85 76.64 14.96 37.30
C GLU PA 85 76.41 16.32 36.64
N VAL PA 86 75.33 16.99 37.04
CA VAL PA 86 74.97 18.29 36.49
C VAL PA 86 74.87 19.29 37.63
N GLU PA 87 74.93 20.56 37.27
CA GLU PA 87 74.79 21.66 38.22
C GLU PA 87 73.48 22.38 37.95
N PHE PA 88 72.66 22.52 39.00
CA PHE PA 88 71.39 23.22 38.89
C PHE PA 88 71.58 24.67 39.30
N ILE PA 89 71.31 25.58 38.37
CA ILE PA 89 71.42 27.02 38.62
C ILE PA 89 70.01 27.61 38.55
N GLY PA 90 69.63 28.37 39.58
CA GLY PA 90 68.31 28.96 39.61
C GLY PA 90 68.00 29.55 40.97
N GLU PA 91 66.70 29.62 41.26
CA GLU PA 91 66.23 30.19 42.52
C GLU PA 91 66.74 29.38 43.70
N LYS PA 92 67.16 30.09 44.75
CA LYS PA 92 67.64 29.43 45.96
C LYS PA 92 66.46 28.84 46.74
N GLY PA 93 66.66 27.65 47.29
CA GLY PA 93 65.65 26.99 48.09
C GLY PA 93 64.82 25.95 47.37
N THR PA 94 64.96 25.83 46.05
CA THR PA 94 64.22 24.83 45.31
C THR PA 94 64.75 23.43 45.61
N VAL PA 95 63.88 22.44 45.48
CA VAL PA 95 64.20 21.04 45.78
C VAL PA 95 64.00 20.22 44.52
N ILE PA 96 65.08 19.60 44.04
CA ILE PA 96 65.03 18.73 42.86
C ILE PA 96 65.10 17.29 43.35
N ASN PA 97 63.96 16.59 43.29
CA ASN PA 97 63.84 15.29 43.92
C ASN PA 97 64.46 14.19 43.08
N ASN PA 98 64.50 12.99 43.65
CA ASN PA 98 64.99 11.82 42.94
C ASN PA 98 64.03 11.44 41.82
N GLY PA 99 64.59 10.94 40.72
CA GLY PA 99 63.82 10.54 39.57
C GLY PA 99 63.46 11.67 38.62
N THR PA 100 63.94 12.88 38.87
CA THR PA 100 63.61 14.01 38.00
C THR PA 100 64.17 13.79 36.61
N ILE PA 101 63.38 14.15 35.60
CA ILE PA 101 63.71 13.87 34.21
C ILE PA 101 64.29 15.13 33.58
N ILE PA 102 65.49 15.02 33.04
CA ILE PA 102 66.14 16.09 32.29
C ILE PA 102 66.49 15.56 30.91
N SER PA 103 66.42 16.45 29.92
CA SER PA 103 66.51 16.05 28.52
C SER PA 103 67.58 16.84 27.79
N TYR PA 104 68.45 16.14 27.07
CA TYR PA 104 69.39 16.74 26.13
C TYR PA 104 69.13 16.13 24.76
N ARG PA 105 68.67 16.95 23.82
CA ARG PA 105 68.33 16.52 22.46
C ARG PA 105 67.30 15.38 22.58
N ASP PA 106 67.46 14.28 21.85
CA ASP PA 106 66.57 13.14 21.99
C ASP PA 106 66.85 12.33 23.26
N LEU PA 107 68.07 12.40 23.78
CA LEU PA 107 68.42 11.63 24.96
C LEU PA 107 67.66 12.12 26.18
N LEU PA 108 67.39 11.19 27.09
CA LEU PA 108 66.69 11.47 28.33
C LEU PA 108 67.53 11.00 29.50
N PHE PA 109 67.46 11.75 30.60
CA PHE PA 109 68.27 11.47 31.78
C PHE PA 109 67.37 11.50 33.02
N VAL PA 110 67.91 10.98 34.11
CA VAL PA 110 67.20 10.90 35.38
C VAL PA 110 68.11 11.38 36.50
N VAL PA 111 67.56 12.17 37.41
CA VAL PA 111 68.29 12.63 38.58
C VAL PA 111 68.27 11.53 39.63
N ILE PA 112 69.38 11.38 40.35
CA ILE PA 112 69.54 10.28 41.30
C ILE PA 112 69.38 10.75 42.75
N LYS PA 113 69.87 11.94 43.08
CA LYS PA 113 69.92 12.40 44.46
C LYS PA 113 69.13 13.69 44.61
N ASP PA 114 68.40 13.78 45.72
CA ASP PA 114 67.62 14.98 46.03
C ASP PA 114 68.57 16.13 46.35
N VAL PA 115 68.60 17.14 45.47
CA VAL PA 115 69.51 18.27 45.60
C VAL PA 115 68.70 19.55 45.77
N THR PA 116 69.15 20.38 46.70
CA THR PA 116 68.52 21.67 46.96
C THR PA 116 69.46 22.79 46.53
N ILE PA 117 68.95 23.69 45.68
CA ILE PA 117 69.77 24.76 45.13
C ILE PA 117 70.05 25.79 46.22
N GLY PA 118 71.33 26.13 46.38
CA GLY PA 118 71.73 27.09 47.38
C GLY PA 118 71.91 26.54 48.77
N SER PA 119 71.97 25.22 48.92
CA SER PA 119 72.13 24.59 50.22
C SER PA 119 73.59 24.24 50.47
N GLU PA 120 73.87 23.80 51.70
CA GLU PA 120 75.22 23.44 52.10
C GLU PA 120 75.71 22.15 51.45
N GLU PA 121 74.82 21.37 50.85
CA GLU PA 121 75.18 20.10 50.22
C GLU PA 121 75.57 20.26 48.76
N GLY PA 122 75.57 21.47 48.22
CA GLY PA 122 75.92 21.70 46.84
C GLY PA 122 74.73 21.59 45.91
N ASP PA 123 74.88 22.17 44.72
CA ASP PA 123 73.84 22.15 43.71
C ASP PA 123 74.02 21.02 42.71
N ASN PA 124 75.06 20.20 42.85
CA ASN PA 124 75.33 19.12 41.93
C ASN PA 124 74.65 17.84 42.39
N SER PA 125 74.09 17.10 41.43
CA SER PA 125 73.46 15.82 41.69
C SER PA 125 73.89 14.83 40.63
N PRO PA 126 74.03 13.56 40.98
CA PRO PA 126 74.35 12.54 39.97
C PRO PA 126 73.23 12.41 38.95
N VAL PA 127 73.62 12.11 37.72
CA VAL PA 127 72.68 11.94 36.61
C VAL PA 127 73.04 10.67 35.86
N GLN PA 128 72.02 9.85 35.58
CA GLN PA 128 72.21 8.55 34.96
C GLN PA 128 71.49 8.50 33.62
N ALA PA 129 72.04 7.71 32.70
CA ALA PA 129 71.41 7.52 31.40
C ALA PA 129 70.15 6.68 31.56
N LEU PA 130 69.07 7.12 30.90
CA LEU PA 130 67.81 6.39 30.94
C LEU PA 130 67.76 5.24 29.94
N GLU PA 131 68.70 5.18 28.99
CA GLU PA 131 68.78 4.06 28.06
C GLU PA 131 70.25 3.71 27.85
N VAL PA 132 70.47 2.50 27.35
CA VAL PA 132 71.82 1.99 27.15
C VAL PA 132 72.37 2.49 25.82
N GLY PA 133 73.66 2.75 25.79
CA GLY PA 133 74.34 3.16 24.57
C GLY PA 133 75.48 4.12 24.88
N LYS PA 134 76.41 4.22 23.93
CA LYS PA 134 77.51 5.18 24.05
C LYS PA 134 77.05 6.60 23.76
N LYS PA 135 75.89 6.77 23.12
CA LYS PA 135 75.37 8.08 22.81
C LYS PA 135 75.03 8.88 24.05
N TYR PA 136 74.97 8.25 25.22
CA TYR PA 136 74.74 8.93 26.48
C TYR PA 136 76.02 9.41 27.15
N ASN PA 137 77.19 9.11 26.57
CA ASN PA 137 78.46 9.63 27.08
C ASN PA 137 78.66 11.03 26.51
N LEU PA 138 78.04 12.01 27.18
CA LEU PA 138 78.05 13.36 26.68
C LEU PA 138 79.39 14.04 26.96
N PRO PA 139 79.77 15.02 26.13
CA PRO PA 139 80.97 15.81 26.40
C PRO PA 139 80.66 16.86 27.48
N THR PA 140 81.69 17.64 27.81
CA THR PA 140 81.58 18.61 28.88
C THR PA 140 80.77 19.82 28.45
N ASN PA 141 80.18 20.49 29.44
CA ASN PA 141 79.44 21.75 29.26
C ASN PA 141 78.27 21.57 28.28
N CYS PA 142 77.33 20.71 28.68
CA CYS PA 142 76.11 20.48 27.93
C CYS PA 142 74.93 21.11 28.65
N GLU PA 143 74.02 21.71 27.89
CA GLU PA 143 72.84 22.35 28.45
C GLU PA 143 71.69 21.36 28.48
N PHE PA 144 71.06 21.22 29.65
CA PHE PA 144 69.96 20.28 29.83
C PHE PA 144 68.67 21.05 30.12
N LYS PA 145 67.55 20.37 29.84
CA LYS PA 145 66.22 20.93 30.01
C LYS PA 145 65.37 20.00 30.85
N LEU PA 146 64.42 20.59 31.59
CA LEU PA 146 63.53 19.83 32.44
C LEU PA 146 62.26 19.46 31.65
N VAL PA 147 62.00 18.16 31.52
CA VAL PA 147 60.81 17.71 30.79
C VAL PA 147 59.55 18.18 31.51
N ASP PA 148 59.50 17.98 32.83
CA ASP PA 148 58.43 18.53 33.66
C ASP PA 148 58.95 19.79 34.33
N ASN PA 149 58.35 20.92 34.02
CA ASN PA 149 58.88 22.20 34.48
C ASN PA 149 58.77 22.32 35.99
N ILE PA 150 59.87 22.73 36.62
CA ILE PA 150 59.93 22.98 38.05
C ILE PA 150 60.22 24.46 38.24
N SER PA 151 59.38 25.13 39.02
CA SER PA 151 59.57 26.56 39.26
C SER PA 151 60.87 26.80 40.03
N GLY PA 152 61.61 27.83 39.62
CA GLY PA 152 62.82 28.22 40.31
C GLY PA 152 64.10 27.62 39.77
N VAL PA 153 64.05 26.87 38.69
CA VAL PA 153 65.23 26.26 38.08
C VAL PA 153 65.47 26.95 36.74
N THR PA 154 66.68 27.45 36.55
CA THR PA 154 67.04 28.22 35.36
C THR PA 154 68.06 27.53 34.46
N LYS PA 155 69.12 26.95 35.01
CA LYS PA 155 70.19 26.38 34.20
C LYS PA 155 70.57 25.01 34.73
N ILE PA 156 70.79 24.07 33.81
CA ILE PA 156 71.27 22.74 34.13
C ILE PA 156 72.47 22.46 33.23
N THR PA 157 73.66 22.46 33.81
CA THR PA 157 74.89 22.20 33.07
C THR PA 157 75.76 21.22 33.85
N ASN PA 158 76.59 20.49 33.11
CA ASN PA 158 77.48 19.49 33.68
C ASN PA 158 78.91 20.02 33.64
N THR PA 159 79.59 19.96 34.78
CA THR PA 159 80.97 20.43 34.86
C THR PA 159 81.97 19.44 34.28
N ARG PA 160 81.56 18.19 34.07
CA ARG PA 160 82.44 17.16 33.54
C ARG PA 160 81.69 16.32 32.51
N SER PA 161 82.45 15.61 31.68
CA SER PA 161 81.85 14.77 30.65
C SER PA 161 81.21 13.53 31.26
N PHE PA 162 80.06 13.14 30.72
CA PHE PA 162 79.40 11.93 31.17
C PHE PA 162 80.17 10.70 30.72
N GLU PA 163 80.14 9.67 31.56
CA GLU PA 163 80.88 8.43 31.30
C GLU PA 163 80.02 7.24 31.71
N GLY PA 164 80.41 6.07 31.21
CA GLY PA 164 79.77 4.82 31.57
C GLY PA 164 78.82 4.26 30.54
N GLY PA 165 78.50 5.01 29.49
CA GLY PA 165 77.55 4.54 28.50
C GLY PA 165 78.18 3.73 27.38
N THR PA 166 77.71 2.51 27.17
CA THR PA 166 78.17 1.67 26.07
C THR PA 166 76.97 0.99 25.42
N ASP PA 167 77.12 0.68 24.14
CA ASP PA 167 76.07 0.00 23.39
C ASP PA 167 76.03 -1.48 23.75
N ILE PA 168 74.97 -2.14 23.30
CA ILE PA 168 74.82 -3.57 23.53
C ILE PA 168 75.87 -4.34 22.76
N GLU PA 169 76.24 -5.51 23.27
CA GLU PA 169 77.26 -6.33 22.64
C GLU PA 169 76.78 -6.83 21.28
N THR PA 170 77.53 -6.50 20.24
CA THR PA 170 77.18 -6.94 18.90
C THR PA 170 77.50 -8.43 18.73
N ASP PA 171 76.80 -9.07 17.80
CA ASP PA 171 77.04 -10.47 17.53
C ASP PA 171 78.45 -10.71 17.01
N GLU PA 172 79.04 -9.70 16.36
CA GLU PA 172 80.44 -9.81 15.95
C GLU PA 172 81.35 -9.95 17.18
N GLU PA 173 81.18 -9.08 18.16
CA GLU PA 173 81.95 -9.18 19.38
C GLU PA 173 81.62 -10.46 20.13
N LEU PA 174 80.37 -10.90 20.07
CA LEU PA 174 79.98 -12.16 20.71
C LEU PA 174 80.76 -13.33 20.12
N LYS PA 175 80.79 -13.42 18.79
CA LYS PA 175 81.53 -14.51 18.14
C LYS PA 175 83.02 -14.40 18.40
N GLU PA 176 83.58 -13.20 18.33
CA GLU PA 176 85.02 -13.06 18.57
C GLU PA 176 85.37 -13.46 20.00
N ARG PA 177 84.54 -13.07 20.97
CA ARG PA 177 84.79 -13.45 22.36
C ARG PA 177 84.66 -14.97 22.54
N PHE PA 178 83.65 -15.57 21.91
CA PHE PA 178 83.49 -17.01 22.01
C PHE PA 178 84.71 -17.74 21.45
N TYR PA 179 85.19 -17.29 20.29
CA TYR PA 179 86.33 -17.94 19.66
C TYR PA 179 87.62 -17.71 20.43
N LYS PA 180 87.81 -16.53 21.00
CA LYS PA 180 89.03 -16.29 21.76
C LYS PA 180 89.01 -17.02 23.10
N ILE PA 181 87.82 -17.19 23.70
CA ILE PA 181 87.70 -18.03 24.88
C ILE PA 181 88.02 -19.48 24.53
N GLN PA 182 87.52 -19.95 23.39
CA GLN PA 182 87.78 -21.33 22.99
C GLN PA 182 89.27 -21.55 22.70
N ARG PA 183 89.93 -20.57 22.07
CA ARG PA 183 91.34 -20.72 21.75
C ARG PA 183 92.19 -20.78 23.02
N ASN PA 184 91.91 -19.93 23.99
CA ASN PA 184 92.72 -19.86 25.20
C ASN PA 184 92.38 -21.01 26.14
N GLN PA 185 93.40 -21.53 26.81
CA GLN PA 185 93.26 -22.59 27.78
C GLN PA 185 93.54 -22.05 29.18
N ALA PA 186 92.55 -22.16 30.06
CA ALA PA 186 92.67 -21.69 31.44
C ALA PA 186 92.11 -22.76 32.37
N THR PA 187 92.92 -23.18 33.33
CA THR PA 187 92.50 -24.16 34.32
C THR PA 187 93.11 -23.77 35.66
N SER PA 188 92.53 -24.29 36.74
CA SER PA 188 92.92 -23.89 38.09
C SER PA 188 94.33 -24.39 38.38
N GLY PA 189 95.30 -23.47 38.34
CA GLY PA 189 96.66 -23.78 38.73
C GLY PA 189 97.51 -24.46 37.69
N ASN PA 190 97.02 -24.61 36.46
CA ASN PA 190 97.83 -25.24 35.42
C ASN PA 190 98.86 -24.24 34.89
N LYS PA 191 99.77 -24.76 34.06
CA LYS PA 191 100.90 -23.97 33.60
C LYS PA 191 100.44 -22.76 32.76
N ALA PA 192 99.42 -22.95 31.93
CA ALA PA 192 98.91 -21.84 31.14
C ALA PA 192 98.33 -20.74 32.02
N HIS PA 193 97.70 -21.12 33.14
CA HIS PA 193 97.19 -20.12 34.06
C HIS PA 193 98.33 -19.30 34.66
N TYR PA 194 99.45 -19.95 34.98
CA TYR PA 194 100.61 -19.22 35.45
C TYR PA 194 101.16 -18.28 34.38
N GLU PA 195 101.17 -18.75 33.12
CA GLU PA 195 101.57 -17.88 32.02
C GLU PA 195 100.70 -16.64 31.96
N GLU PA 196 99.38 -16.82 32.08
CA GLU PA 196 98.47 -15.68 32.03
C GLU PA 196 98.70 -14.73 33.20
N TRP PA 197 98.87 -15.29 34.41
CA TRP PA 197 99.11 -14.45 35.58
C TRP PA 197 100.38 -13.63 35.43
N ALA PA 198 101.44 -14.24 34.92
CA ALA PA 198 102.68 -13.48 34.70
C ALA PA 198 102.51 -12.47 33.58
N LEU PA 199 101.68 -12.78 32.58
CA LEU PA 199 101.46 -11.85 31.47
C LEU PA 199 100.62 -10.65 31.87
N GLU PA 200 99.81 -10.77 32.92
CA GLU PA 200 98.97 -9.65 33.33
C GLU PA 200 99.79 -8.43 33.72
N VAL PA 201 100.87 -8.63 34.48
CA VAL PA 201 101.56 -7.51 35.10
C VAL PA 201 102.39 -6.76 34.07
N ASP PA 202 102.38 -5.43 34.16
CA ASP PA 202 103.16 -4.60 33.27
C ASP PA 202 104.66 -4.82 33.51
N GLY PA 203 105.43 -4.63 32.45
CA GLY PA 203 106.86 -4.88 32.50
C GLY PA 203 107.27 -6.28 32.13
N VAL PA 204 106.32 -7.17 31.83
CA VAL PA 204 106.60 -8.53 31.39
C VAL PA 204 106.04 -8.70 29.98
N TYR PA 205 106.87 -9.16 29.06
CA TYR PA 205 106.49 -9.33 27.67
C TYR PA 205 106.47 -10.78 27.21
N ASN PA 206 107.25 -11.66 27.85
CA ASN PA 206 107.27 -13.07 27.50
C ASN PA 206 107.44 -13.89 28.77
N VAL PA 207 106.77 -15.04 28.83
CA VAL PA 207 106.66 -15.82 30.05
C VAL PA 207 107.07 -17.26 29.76
N LYS PA 208 107.89 -17.82 30.65
CA LYS PA 208 108.22 -19.24 30.63
C LYS PA 208 107.98 -19.82 32.01
N VAL PA 209 107.17 -20.87 32.08
CA VAL PA 209 106.75 -21.47 33.34
C VAL PA 209 107.25 -22.91 33.39
N TYR PA 210 107.92 -23.26 34.47
CA TYR PA 210 108.43 -24.61 34.64
C TYR PA 210 107.74 -25.22 35.84
N PRO PA 211 107.11 -26.38 35.65
CA PRO PA 211 106.42 -27.05 36.75
C PRO PA 211 107.36 -28.04 37.40
N ARG PA 212 107.52 -27.95 38.72
CA ARG PA 212 108.42 -28.86 39.42
C ARG PA 212 109.88 -28.61 39.05
N TRP PA 213 110.35 -27.40 39.38
CA TRP PA 213 111.75 -27.08 39.18
C TRP PA 213 112.61 -27.41 40.38
N ASP PA 214 112.04 -27.44 41.58
CA ASP PA 214 112.71 -27.88 42.80
C ASP PA 214 111.87 -28.92 43.53
N GLY PA 215 111.39 -29.92 42.78
CA GLY PA 215 110.62 -30.99 43.36
C GLY PA 215 109.13 -30.69 43.38
N PRO PA 216 108.37 -31.50 44.11
CA PRO PA 216 106.92 -31.28 44.19
C PRO PA 216 106.60 -29.97 44.89
N GLY PA 217 105.48 -29.36 44.47
CA GLY PA 217 105.02 -28.14 45.08
C GLY PA 217 105.79 -26.89 44.70
N THR PA 218 106.62 -26.95 43.67
CA THR PA 218 107.42 -25.81 43.22
C THR PA 218 107.08 -25.52 41.77
N VAL PA 219 106.88 -24.24 41.46
CA VAL PA 219 106.66 -23.78 40.10
C VAL PA 219 107.62 -22.63 39.81
N LYS PA 220 108.31 -22.70 38.68
CA LYS PA 220 109.28 -21.69 38.29
C LYS PA 220 108.70 -20.84 37.17
N VAL PA 221 108.76 -19.53 37.33
CA VAL PA 221 108.25 -18.57 36.34
C VAL PA 221 109.42 -17.74 35.84
N LEU PA 222 109.63 -17.74 34.53
CA LEU PA 222 110.64 -16.89 33.89
C LEU PA 222 109.92 -15.81 33.08
N ILE PA 223 110.20 -14.56 33.41
CA ILE PA 223 109.57 -13.43 32.73
C ILE PA 223 110.62 -12.71 31.91
N PHE PA 224 110.16 -12.04 30.85
CA PHE PA 224 111.03 -11.32 29.94
C PHE PA 224 110.45 -9.94 29.69
N GLY PA 225 111.33 -8.94 29.60
CA GLY PA 225 110.92 -7.60 29.29
C GLY PA 225 110.79 -7.39 27.79
N LYS PA 226 110.94 -6.14 27.38
CA LYS PA 226 110.89 -5.82 25.95
C LYS PA 226 112.01 -6.55 25.21
N ASN PA 227 111.68 -7.07 24.03
CA ASN PA 227 112.66 -7.61 23.09
C ASN PA 227 113.54 -8.68 23.75
N ASN PA 228 112.91 -9.53 24.58
CA ASN PA 228 113.59 -10.67 25.20
C ASN PA 228 114.80 -10.22 26.02
N GLN PA 229 114.61 -9.19 26.84
CA GLN PA 229 115.66 -8.66 27.69
C GLN PA 229 115.37 -8.94 29.15
N ALA PA 230 116.34 -8.61 29.99
CA ALA PA 230 116.20 -8.81 31.43
C ALA PA 230 115.17 -7.86 32.01
N VAL PA 231 114.47 -8.33 33.05
CA VAL PA 231 113.49 -7.55 33.77
C VAL PA 231 114.14 -6.95 35.01
N ASP PA 232 113.59 -5.82 35.48
CA ASP PA 232 114.13 -5.14 36.64
C ASP PA 232 113.56 -5.73 37.93
N THR PA 233 114.15 -5.33 39.06
CA THR PA 233 113.77 -5.91 40.35
C THR PA 233 112.34 -5.53 40.74
N GLU PA 234 111.93 -4.29 40.46
CA GLU PA 234 110.57 -3.89 40.79
C GLU PA 234 109.55 -4.67 39.99
N THR PA 235 109.82 -4.90 38.70
CA THR PA 235 108.92 -5.71 37.90
C THR PA 235 108.83 -7.13 38.44
N ILE PA 236 109.96 -7.70 38.86
CA ILE PA 236 109.96 -9.04 39.42
C ILE PA 236 109.13 -9.08 40.70
N GLU PA 237 109.29 -8.07 41.56
CA GLU PA 237 108.53 -8.03 42.82
C GLU PA 237 107.03 -7.90 42.55
N ARG PA 238 106.65 -7.03 41.60
CA ARG PA 238 105.24 -6.88 41.26
C ARG PA 238 104.68 -8.17 40.68
N CYS PA 239 105.45 -8.82 39.79
CA CYS PA 239 104.99 -10.07 39.19
C CYS PA 239 104.80 -11.16 40.25
N GLN PA 240 105.75 -11.28 41.17
CA GLN PA 240 105.63 -12.33 42.18
C GLN PA 240 104.48 -12.02 43.15
N GLN PA 241 104.28 -10.75 43.51
CA GLN PA 241 103.16 -10.44 44.39
C GLN PA 241 101.83 -10.71 43.71
N HIS PA 242 101.73 -10.40 42.40
CA HIS PA 242 100.51 -10.70 41.68
C HIS PA 242 100.27 -12.19 41.58
N ILE PA 243 101.32 -12.96 41.28
CA ILE PA 243 101.19 -14.41 41.19
C ILE PA 243 100.74 -14.97 42.53
N ASP PA 244 101.39 -14.56 43.61
CA ASP PA 244 101.02 -15.05 44.94
C ASP PA 244 99.59 -14.69 45.27
N GLU PA 245 99.15 -13.49 44.86
CA GLU PA 245 97.78 -13.10 45.12
C GLU PA 245 96.78 -13.92 44.31
N GLU PA 246 97.19 -14.43 43.15
CA GLU PA 246 96.30 -15.26 42.35
C GLU PA 246 96.65 -16.74 42.34
N LYS PA 247 97.76 -17.15 42.94
CA LYS PA 247 98.16 -18.54 42.93
C LYS PA 247 97.32 -19.37 43.89
N PRO PA 248 97.34 -20.70 43.73
CA PRO PA 248 96.72 -21.56 44.74
C PRO PA 248 97.54 -21.61 46.02
N ILE PA 249 96.90 -22.12 47.07
CA ILE PA 249 97.51 -22.19 48.39
C ILE PA 249 98.28 -23.50 48.50
N GLY PA 250 99.59 -23.41 48.69
CA GLY PA 250 100.42 -24.59 48.81
C GLY PA 250 101.66 -24.62 47.94
N PRO PA 251 101.58 -24.18 46.68
CA PRO PA 251 102.78 -24.12 45.85
C PRO PA 251 103.73 -23.02 46.31
N THR PA 252 104.97 -23.14 45.86
CA THR PA 252 105.98 -22.10 46.04
C THR PA 252 106.45 -21.65 44.67
N ILE PA 253 106.38 -20.35 44.42
CA ILE PA 253 106.68 -19.76 43.12
C ILE PA 253 107.90 -18.87 43.24
N THR PA 254 108.77 -18.93 42.25
CA THR PA 254 109.98 -18.11 42.20
C THR PA 254 110.08 -17.43 40.84
N VAL PA 255 110.66 -16.24 40.83
CA VAL PA 255 110.84 -15.45 39.62
C VAL PA 255 112.31 -15.10 39.47
N VAL PA 256 112.86 -15.26 38.27
CA VAL PA 256 114.24 -14.94 37.95
C VAL PA 256 114.29 -14.32 36.56
N THR PA 257 115.48 -13.86 36.17
CA THR PA 257 115.75 -13.37 34.83
C THR PA 257 117.06 -13.95 34.33
N PRO PA 258 117.20 -14.16 33.01
CA PRO PA 258 118.45 -14.71 32.47
C PRO PA 258 119.47 -13.63 32.13
N LEU PA 259 120.60 -14.05 31.57
CA LEU PA 259 121.66 -13.14 31.17
C LEU PA 259 121.62 -12.95 29.66
N PRO PA 260 121.29 -11.76 29.16
CA PRO PA 260 121.25 -11.57 27.71
C PRO PA 260 122.64 -11.63 27.10
N ILE PA 261 122.69 -12.13 25.87
CA ILE PA 261 123.93 -12.19 25.07
C ILE PA 261 123.80 -11.18 23.94
N GLU PA 262 124.78 -10.30 23.82
CA GLU PA 262 124.76 -9.29 22.77
C GLU PA 262 125.08 -9.94 21.43
N ILE PA 263 124.22 -9.71 20.44
CA ILE PA 263 124.43 -10.20 19.09
C ILE PA 263 124.32 -9.02 18.13
N SER PA 264 125.08 -9.10 17.05
CA SER PA 264 125.08 -8.07 16.01
C SER PA 264 124.78 -8.71 14.68
N ILE PA 265 123.84 -8.12 13.93
CA ILE PA 265 123.35 -8.68 12.68
C ILE PA 265 123.59 -7.68 11.57
N SER PA 266 124.28 -8.11 10.53
CA SER PA 266 124.54 -7.29 9.35
C SER PA 266 124.19 -8.08 8.09
N ALA PA 267 123.58 -7.40 7.13
CA ALA PA 267 123.21 -8.04 5.88
C ALA PA 267 122.97 -6.98 4.82
N VAL PA 268 123.28 -7.33 3.58
CA VAL PA 268 122.97 -6.51 2.41
C VAL PA 268 121.80 -7.17 1.70
N MET PA 269 120.70 -6.43 1.54
CA MET PA 269 119.43 -7.02 1.18
C MET PA 269 118.62 -6.04 0.34
N LYS PA 270 118.06 -6.54 -0.76
CA LYS PA 270 117.18 -5.76 -1.62
C LYS PA 270 115.75 -5.91 -1.14
N LEU PA 271 115.06 -4.78 -0.98
CA LEU PA 271 113.69 -4.77 -0.47
C LEU PA 271 112.68 -4.82 -1.59
N GLU PA 272 111.55 -5.45 -1.31
CA GLU PA 272 110.44 -5.49 -2.26
C GLU PA 272 109.84 -4.09 -2.42
N ASP PA 273 108.95 -3.97 -3.40
CA ASP PA 273 108.29 -2.70 -3.64
C ASP PA 273 107.39 -2.32 -2.46
N GLY PA 274 107.44 -1.05 -2.07
CA GLY PA 274 106.54 -0.55 -1.07
C GLY PA 274 106.94 -0.81 0.37
N TYR PA 275 108.17 -1.28 0.61
CA TYR PA 275 108.63 -1.56 1.96
C TYR PA 275 109.96 -0.85 2.19
N THR PA 276 110.06 -0.11 3.28
CA THR PA 276 111.29 0.56 3.66
C THR PA 276 112.04 -0.27 4.70
N LEU PA 277 113.21 0.24 5.11
CA LEU PA 277 114.08 -0.52 6.00
C LEU PA 277 113.51 -0.64 7.40
N ASP PA 278 112.73 0.35 7.86
CA ASP PA 278 112.25 0.34 9.23
C ASP PA 278 111.26 -0.80 9.46
N ASN PA 279 110.31 -0.98 8.55
CA ASN PA 279 109.30 -2.02 8.74
C ASN PA 279 109.92 -3.41 8.71
N VAL PA 280 110.81 -3.67 7.75
CA VAL PA 280 111.45 -4.98 7.68
C VAL PA 280 112.35 -5.20 8.88
N LYS PA 281 113.02 -4.14 9.35
CA LYS PA 281 113.84 -4.26 10.54
C LYS PA 281 113.00 -4.65 11.75
N GLU PA 282 111.84 -4.01 11.92
CA GLU PA 282 110.97 -4.34 13.03
C GLU PA 282 110.45 -5.78 12.93
N SER PA 283 110.01 -6.17 11.73
CA SER PA 283 109.48 -7.53 11.55
C SER PA 283 110.55 -8.58 11.81
N PHE PA 284 111.77 -8.35 11.32
CA PHE PA 284 112.86 -9.27 11.60
C PHE PA 284 113.22 -9.25 13.08
N LEU PA 285 113.07 -8.11 13.75
CA LEU PA 285 113.30 -8.07 15.19
C LEU PA 285 112.34 -8.99 15.92
N GLU PA 286 111.04 -8.90 15.60
CA GLU PA 286 110.08 -9.78 16.26
C GLU PA 286 110.35 -11.24 15.93
N SER PA 287 110.67 -11.53 14.65
CA SER PA 287 110.92 -12.90 14.25
C SER PA 287 112.13 -13.48 14.96
N ILE PA 288 113.22 -12.72 15.04
CA ILE PA 288 114.41 -13.21 15.69
C ILE PA 288 114.21 -13.28 17.20
N ASN PA 289 113.34 -12.44 17.76
CA ASN PA 289 113.01 -12.55 19.17
C ASN PA 289 112.29 -13.86 19.46
N THR PA 290 111.29 -14.20 18.64
CA THR PA 290 110.60 -15.46 18.86
C THR PA 290 111.52 -16.65 18.59
N TYR PA 291 112.45 -16.51 17.65
CA TYR PA 291 113.42 -17.58 17.41
C TYR PA 291 114.34 -17.76 18.61
N PHE PA 292 114.84 -16.66 19.17
CA PHE PA 292 115.71 -16.73 20.33
C PHE PA 292 114.98 -17.27 21.55
N ARG PA 293 113.68 -17.02 21.65
CA ARG PA 293 112.91 -17.59 22.74
C ARG PA 293 112.65 -19.07 22.54
N ASP PA 294 112.44 -19.50 21.29
CA ASP PA 294 112.19 -20.91 21.00
C ASP PA 294 113.45 -21.69 20.65
N ILE PA 295 114.61 -21.06 20.67
CA ILE PA 295 115.85 -21.77 20.33
C ILE PA 295 116.38 -22.50 21.54
N ARG PA 296 116.99 -23.65 21.30
CA ARG PA 296 117.75 -24.38 22.30
C ARG PA 296 119.05 -24.83 21.65
N GLY PA 297 120.16 -24.61 22.34
CA GLY PA 297 121.45 -25.01 21.82
C GLY PA 297 122.32 -23.86 21.34
N GLU PA 298 122.45 -23.71 20.03
CA GLU PA 298 123.31 -22.70 19.43
C GLU PA 298 122.55 -21.96 18.34
N ILE PA 299 122.88 -20.68 18.16
CA ILE PA 299 122.24 -19.89 17.11
C ILE PA 299 122.74 -20.41 15.75
N ILE PA 300 121.83 -20.97 14.96
CA ILE PA 300 122.19 -21.59 13.69
C ILE PA 300 122.08 -20.54 12.60
N TYR PA 301 123.20 -20.29 11.92
CA TYR PA 301 123.27 -19.23 10.91
C TYR PA 301 122.23 -19.42 9.81
N THR PA 302 122.02 -20.66 9.38
CA THR PA 302 121.06 -20.92 8.31
C THR PA 302 119.63 -20.66 8.78
N LYS PA 303 119.30 -21.01 10.03
CA LYS PA 303 117.99 -20.66 10.54
C LYS PA 303 117.80 -19.14 10.61
N VAL PA 304 118.86 -18.40 10.89
CA VAL PA 304 118.77 -16.95 10.90
C VAL PA 304 118.51 -16.41 9.50
N MET PA 305 119.22 -16.94 8.50
CA MET PA 305 118.97 -16.46 7.14
C MET PA 305 117.56 -16.85 6.68
N GLY PA 306 117.07 -18.00 7.13
CA GLY PA 306 115.69 -18.37 6.81
C GLY PA 306 114.67 -17.44 7.45
N ILE PA 307 114.89 -17.08 8.71
CA ILE PA 307 113.96 -16.17 9.38
C ILE PA 307 114.09 -14.75 8.83
N LEU PA 308 115.22 -14.42 8.21
CA LEU PA 308 115.37 -13.11 7.59
C LEU PA 308 114.73 -13.06 6.21
N ILE PA 309 114.91 -14.12 5.41
CA ILE PA 309 114.40 -14.11 4.04
C ILE PA 309 112.87 -14.15 4.03
N ASN PA 310 112.25 -14.84 4.99
CA ASN PA 310 110.80 -14.96 5.03
C ASN PA 310 110.12 -13.69 5.53
N THR PA 311 110.89 -12.72 6.01
CA THR PA 311 110.31 -11.43 6.42
C THR PA 311 109.63 -10.80 5.22
N THR PA 312 108.44 -10.25 5.44
CA THR PA 312 107.70 -9.62 4.36
C THR PA 312 108.45 -8.40 3.85
N GLY PA 313 108.47 -8.23 2.53
CA GLY PA 313 109.23 -7.17 1.91
C GLY PA 313 110.65 -7.55 1.53
N VAL PA 314 111.04 -8.80 1.71
CA VAL PA 314 112.37 -9.27 1.36
C VAL PA 314 112.31 -9.99 0.02
N HIS PA 315 113.23 -9.64 -0.88
CA HIS PA 315 113.36 -10.35 -2.15
C HIS PA 315 114.69 -11.09 -2.27
N ASP PA 316 115.80 -10.48 -1.89
CA ASP PA 316 117.09 -11.15 -1.91
C ASP PA 316 118.02 -10.46 -0.94
N LEU PA 317 118.97 -11.25 -0.40
CA LEU PA 317 119.92 -10.77 0.59
C LEU PA 317 121.29 -11.38 0.30
N SER PA 318 122.33 -10.74 0.84
CA SER PA 318 123.69 -11.22 0.63
C SER PA 318 124.55 -10.84 1.83
N ASN PA 319 125.68 -11.55 1.94
CA ASN PA 319 126.69 -11.35 2.99
C ASN PA 319 126.08 -11.09 4.37
N LEU PA 320 125.19 -12.00 4.77
CA LEU PA 320 124.63 -11.93 6.11
C LEU PA 320 125.70 -12.37 7.12
N LEU PA 321 125.78 -11.65 8.24
CA LEU PA 321 126.76 -11.95 9.27
C LEU PA 321 126.11 -11.82 10.64
N ILE PA 322 126.43 -12.76 11.53
CA ILE PA 322 126.09 -12.66 12.95
C ILE PA 322 127.40 -12.52 13.72
N ASN PA 323 127.54 -11.41 14.45
CA ASN PA 323 128.79 -11.05 15.11
C ASN PA 323 129.95 -11.04 14.12
N GLY PA 324 129.68 -10.65 12.88
CA GLY PA 324 130.69 -10.55 11.85
C GLY PA 324 131.11 -11.86 11.22
N SER PA 325 130.46 -12.96 11.56
CA SER PA 325 130.83 -14.28 11.06
C SER PA 325 129.56 -15.04 10.67
N THR PA 326 129.75 -16.14 9.95
CA THR PA 326 128.67 -17.02 9.56
C THR PA 326 128.66 -18.31 10.35
N ASP PA 327 129.41 -18.39 11.44
CA ASP PA 327 129.56 -19.62 12.20
C ASP PA 327 128.58 -19.67 13.37
N ASN PA 328 128.14 -20.88 13.69
CA ASN PA 328 127.21 -21.08 14.80
C ASN PA 328 127.88 -20.72 16.12
N ILE PA 329 127.15 -20.02 16.97
CA ILE PA 329 127.66 -19.53 18.24
C ILE PA 329 126.92 -20.23 19.37
N THR PA 330 127.67 -20.82 20.30
CA THR PA 330 127.08 -21.60 21.38
C THR PA 330 126.40 -20.69 22.39
N ILE PA 331 125.20 -21.06 22.81
CA ILE PA 331 124.47 -20.38 23.87
C ILE PA 331 124.68 -21.20 25.14
N ASN PA 332 125.58 -20.73 25.99
CA ASN PA 332 125.93 -21.47 27.20
C ASN PA 332 124.77 -21.38 28.21
N GLU PA 333 124.94 -22.07 29.33
CA GLU PA 333 123.92 -22.11 30.36
C GLU PA 333 123.71 -20.74 30.97
N ASP PA 334 122.51 -20.55 31.54
CA ASP PA 334 122.07 -19.28 32.13
C ASP PA 334 122.35 -18.09 31.20
N LYS PA 335 122.34 -18.35 29.89
CA LYS PA 335 122.59 -17.33 28.89
C LYS PA 335 121.49 -17.36 27.83
N ILE PA 336 121.08 -16.19 27.37
CA ILE PA 336 120.08 -16.08 26.32
C ILE PA 336 120.58 -15.12 25.25
N PRO PA 337 120.38 -15.42 23.97
CA PRO PA 337 120.75 -14.47 22.92
C PRO PA 337 119.86 -13.24 22.94
N SER PA 338 120.44 -12.11 22.54
CA SER PA 338 119.74 -10.84 22.56
C SER PA 338 120.27 -9.95 21.44
N VAL PA 339 119.35 -9.31 20.73
CA VAL PA 339 119.74 -8.41 19.65
C VAL PA 339 120.17 -7.08 20.25
N THR PA 340 121.38 -6.65 19.91
CA THR PA 340 121.92 -5.36 20.33
C THR PA 340 122.03 -4.36 19.19
N THR PA 341 122.41 -4.83 18.00
CA THR PA 341 122.62 -3.97 16.85
C THR PA 341 122.06 -4.65 15.61
N VAL PA 342 121.41 -3.87 14.75
CA VAL PA 342 120.91 -4.33 13.47
C VAL PA 342 121.43 -3.40 12.38
N ASN PA 343 122.20 -3.95 11.44
CA ASN PA 343 122.80 -3.18 10.35
C ASN PA 343 122.30 -3.75 9.03
N PHE PA 344 121.43 -3.01 8.35
CA PHE PA 344 120.87 -3.44 7.08
C PHE PA 344 121.09 -2.38 6.03
N SER PA 345 121.50 -2.81 4.83
CA SER PA 345 121.74 -1.90 3.71
C SER PA 345 121.19 -2.53 2.44
N GLU PA 346 120.77 -1.67 1.52
CA GLU PA 346 120.24 -2.12 0.24
C GLU PA 346 121.31 -2.04 -0.84
N MET QA 1 55.89 -50.76 -5.18
CA MET QA 1 55.19 -51.64 -4.25
C MET QA 1 54.55 -50.81 -3.13
N LYS QA 2 54.89 -49.53 -3.08
CA LYS QA 2 54.31 -48.62 -2.11
C LYS QA 2 53.63 -47.42 -2.75
N LEU QA 3 54.21 -46.84 -3.81
CA LEU QA 3 53.60 -45.68 -4.43
C LEU QA 3 52.40 -46.05 -5.30
N ILE QA 4 52.37 -47.27 -5.84
CA ILE QA 4 51.25 -47.70 -6.67
C ILE QA 4 49.97 -47.87 -5.88
N ASP QA 5 50.05 -47.91 -4.55
CA ASP QA 5 48.85 -48.08 -3.73
C ASP QA 5 48.01 -46.82 -3.65
N LYS QA 6 48.55 -45.66 -4.04
CA LYS QA 6 47.81 -44.41 -3.99
C LYS QA 6 47.05 -44.14 -5.27
N LEU QA 7 47.05 -45.05 -6.22
CA LEU QA 7 46.41 -44.81 -7.51
C LEU QA 7 45.24 -45.76 -7.72
N PRO QA 8 44.25 -45.35 -8.51
CA PRO QA 8 43.11 -46.23 -8.78
C PRO QA 8 43.54 -47.53 -9.44
N SER QA 9 42.60 -48.48 -9.46
CA SER QA 9 42.93 -49.87 -9.79
C SER QA 9 43.23 -50.08 -11.27
N PHE QA 10 42.84 -49.16 -12.15
CA PHE QA 10 43.17 -49.36 -13.56
C PHE QA 10 44.62 -49.05 -13.87
N ASP QA 11 45.37 -48.49 -12.92
CA ASP QA 11 46.78 -48.17 -13.12
C ASP QA 11 47.70 -49.32 -12.73
N ARG QA 12 47.21 -50.55 -12.78
CA ARG QA 12 47.99 -51.72 -12.40
C ARG QA 12 48.77 -52.32 -13.57
N ASN QA 13 48.97 -51.56 -14.64
CA ASN QA 13 49.75 -52.05 -15.77
C ASN QA 13 51.25 -51.94 -15.48
N TYR QA 14 52.05 -52.56 -16.35
CA TYR QA 14 53.49 -52.65 -16.09
C TYR QA 14 54.19 -51.31 -16.22
N ILE QA 15 53.72 -50.44 -17.11
CA ILE QA 15 54.39 -49.16 -17.33
C ILE QA 15 54.31 -48.30 -16.07
N VAL QA 16 53.11 -48.14 -15.53
CA VAL QA 16 52.92 -47.36 -14.32
C VAL QA 16 53.68 -47.99 -13.16
N GLU QA 17 53.68 -49.33 -13.10
CA GLU QA 17 54.36 -50.01 -12.00
C GLU QA 17 55.86 -49.73 -12.02
N GLU QA 18 56.48 -49.77 -13.19
CA GLU QA 18 57.90 -49.43 -13.28
C GLU QA 18 58.15 -47.97 -12.91
N ILE QA 19 57.30 -47.07 -13.44
CA ILE QA 19 57.49 -45.65 -13.19
C ILE QA 19 57.42 -45.36 -11.70
N GLN QA 20 56.51 -46.03 -10.99
CA GLN QA 20 56.38 -45.79 -9.55
C GLN QA 20 57.46 -46.51 -8.73
N GLY QA 21 57.92 -47.68 -9.17
CA GLY QA 21 59.00 -48.35 -8.45
C GLY QA 21 60.29 -47.56 -8.48
N ALA QA 22 60.55 -46.86 -9.59
CA ALA QA 22 61.73 -45.99 -9.64
C ALA QA 22 61.70 -44.97 -8.51
N TYR QA 23 60.58 -44.25 -8.37
CA TYR QA 23 60.46 -43.26 -7.31
C TYR QA 23 60.45 -43.91 -5.93
N ASP QA 24 59.97 -45.16 -5.82
CA ASP QA 24 60.09 -45.87 -4.55
C ASP QA 24 61.54 -45.96 -4.10
N THR QA 25 62.41 -46.46 -4.98
CA THR QA 25 63.82 -46.58 -4.60
C THR QA 25 64.43 -45.21 -4.34
N GLU QA 26 64.05 -44.21 -5.14
CA GLU QA 26 64.61 -42.87 -4.94
C GLU QA 26 64.24 -42.33 -3.56
N LEU QA 27 62.99 -42.49 -3.15
CA LEU QA 27 62.57 -41.95 -1.86
C LEU QA 27 63.19 -42.72 -0.71
N ASN QA 28 63.40 -44.04 -0.87
CA ASN QA 28 64.15 -44.77 0.15
C ASN QA 28 65.54 -44.20 0.32
N ILE QA 29 66.21 -43.87 -0.80
CA ILE QA 29 67.52 -43.25 -0.73
C ILE QA 29 67.45 -41.93 0.03
N LEU QA 30 66.45 -41.11 -0.28
CA LEU QA 30 66.34 -39.80 0.36
C LEU QA 30 66.17 -39.94 1.86
N LYS QA 31 65.29 -40.84 2.30
CA LYS QA 31 65.06 -40.96 3.73
C LYS QA 31 66.26 -41.56 4.46
N GLU QA 32 66.99 -42.48 3.82
CA GLU QA 32 68.19 -43.00 4.47
C GLU QA 32 69.25 -41.90 4.60
N ASP QA 33 69.36 -41.03 3.60
CA ASP QA 33 70.31 -39.92 3.72
C ASP QA 33 69.91 -38.96 4.82
N ILE QA 34 68.60 -38.69 4.97
CA ILE QA 34 68.15 -37.83 6.06
C ILE QA 34 68.48 -38.46 7.41
N ASP QA 35 68.28 -39.77 7.53
CA ASP QA 35 68.62 -40.46 8.76
C ASP QA 35 70.12 -40.35 9.06
N ASP QA 36 70.96 -40.51 8.04
CA ASP QA 36 72.39 -40.38 8.25
C ASP QA 36 72.78 -38.98 8.70
N THR QA 37 72.20 -37.94 8.06
CA THR QA 37 72.52 -36.57 8.44
C THR QA 37 72.09 -36.30 9.88
N PHE QA 38 70.92 -36.82 10.28
CA PHE QA 38 70.51 -36.67 11.67
C PHE QA 38 71.48 -37.37 12.61
N ASN QA 39 71.92 -38.58 12.24
CA ASN QA 39 72.83 -39.32 13.11
C ASN QA 39 74.17 -38.63 13.24
N GLN QA 40 74.57 -37.84 12.25
CA GLN QA 40 75.82 -37.10 12.34
C GLN QA 40 75.82 -36.03 13.42
N LEU QA 41 74.66 -35.68 13.98
CA LEU QA 41 74.60 -34.56 14.93
C LEU QA 41 75.01 -34.92 16.34
N PHE QA 42 75.14 -36.20 16.67
CA PHE QA 42 75.62 -36.63 17.96
C PHE QA 42 77.12 -36.92 17.90
N VAL QA 43 77.82 -36.63 19.00
CA VAL QA 43 79.27 -36.83 19.04
C VAL QA 43 79.62 -38.30 18.84
N ASP QA 44 78.91 -39.19 19.55
CA ASP QA 44 79.24 -40.61 19.49
C ASP QA 44 78.99 -41.18 18.10
N THR QA 45 77.87 -40.82 17.47
CA THR QA 45 77.50 -41.40 16.19
C THR QA 45 78.13 -40.69 15.00
N ALA QA 46 78.83 -39.57 15.22
CA ALA QA 46 79.37 -38.81 14.11
C ALA QA 46 80.56 -39.54 13.49
N THR QA 47 80.53 -39.70 12.16
CA THR QA 47 81.65 -40.29 11.43
C THR QA 47 82.30 -39.29 10.49
N TRP QA 48 81.55 -38.74 9.53
CA TRP QA 48 82.10 -37.78 8.59
C TRP QA 48 81.78 -36.34 8.96
N GLY QA 49 81.06 -36.11 10.04
CA GLY QA 49 80.77 -34.78 10.52
C GLY QA 49 81.64 -34.31 11.67
N LEU QA 50 82.68 -35.07 12.03
CA LEU QA 50 83.53 -34.69 13.15
C LEU QA 50 84.28 -33.40 12.88
N ASP QA 51 84.62 -33.14 11.61
CA ASP QA 51 85.37 -31.92 11.29
C ASP QA 51 84.60 -30.66 11.68
N MET QA 52 83.27 -30.73 11.67
CA MET QA 52 82.47 -29.60 12.15
C MET QA 52 82.69 -29.40 13.64
N TRP QA 53 82.78 -30.49 14.40
CA TRP QA 53 83.12 -30.41 15.81
C TRP QA 53 84.49 -29.77 16.01
N GLU QA 54 85.47 -30.18 15.19
CA GLU QA 54 86.79 -29.59 15.30
C GLU QA 54 86.76 -28.09 15.02
N ASP QA 55 86.02 -27.70 13.98
CA ASP QA 55 85.90 -26.27 13.65
C ASP QA 55 85.27 -25.50 14.80
N ILE QA 56 84.29 -26.10 15.48
CA ILE QA 56 83.71 -25.45 16.65
C ILE QA 56 84.75 -25.31 17.76
N LEU QA 57 85.51 -26.38 18.01
CA LEU QA 57 86.43 -26.40 19.15
C LEU QA 57 87.84 -25.93 18.80
N CYS QA 58 88.09 -25.55 17.55
CA CYS QA 58 89.36 -24.93 17.14
C CYS QA 58 90.56 -25.84 17.44
N ILE QA 59 90.39 -27.14 17.21
CA ILE QA 59 91.47 -28.10 17.39
C ILE QA 59 91.88 -28.61 16.02
N GLU QA 60 93.19 -28.70 15.79
CA GLU QA 60 93.75 -29.14 14.52
C GLU QA 60 94.53 -30.42 14.72
N LYS QA 61 94.18 -31.45 13.96
CA LYS QA 61 94.70 -32.79 14.21
C LYS QA 61 94.87 -33.51 12.88
N LYS QA 62 95.72 -34.53 12.91
CA LYS QA 62 95.95 -35.41 11.77
C LYS QA 62 95.08 -36.65 11.93
N GLU QA 63 94.38 -37.03 10.85
CA GLU QA 63 93.39 -38.10 10.93
C GLU QA 63 94.03 -39.42 11.30
N LEU QA 64 93.61 -39.98 12.43
CA LEU QA 64 94.06 -41.29 12.88
C LEU QA 64 92.92 -42.30 13.00
N ASP QA 65 91.86 -41.96 13.73
CA ASP QA 65 90.76 -42.89 13.96
C ASP QA 65 89.54 -42.11 14.39
N PHE QA 66 88.39 -42.78 14.36
CA PHE QA 66 87.15 -42.16 14.83
C PHE QA 66 87.13 -42.04 16.34
N ASP QA 67 87.51 -43.12 17.03
CA ASP QA 67 87.43 -43.12 18.50
C ASP QA 67 88.35 -42.08 19.10
N THR QA 68 89.56 -41.94 18.55
CA THR QA 68 90.50 -40.95 19.06
C THR QA 68 89.95 -39.53 18.87
N ARG QA 69 89.38 -39.26 17.69
CA ARG QA 69 88.79 -37.95 17.45
C ARG QA 69 87.66 -37.67 18.44
N ARG QA 70 86.78 -38.65 18.64
CA ARG QA 70 85.67 -38.47 19.55
C ARG QA 70 86.16 -38.25 20.98
N SER QA 71 87.18 -39.00 21.40
CA SER QA 71 87.72 -38.83 22.74
C SER QA 71 88.35 -37.45 22.92
N ASN QA 72 89.10 -36.98 21.92
CA ASN QA 72 89.69 -35.65 22.02
C ASN QA 72 88.61 -34.58 22.14
N ILE QA 73 87.57 -34.69 21.31
CA ILE QA 73 86.46 -33.72 21.38
C ILE QA 73 85.82 -33.76 22.77
N LYS QA 74 85.48 -34.96 23.25
CA LYS QA 74 84.79 -35.11 24.51
C LYS QA 74 85.62 -34.55 25.66
N ALA QA 75 86.91 -34.89 25.70
CA ALA QA 75 87.77 -34.39 26.75
C ALA QA 75 87.92 -32.88 26.67
N LYS QA 76 87.92 -32.31 25.46
CA LYS QA 76 87.94 -30.86 25.33
C LYS QA 76 86.70 -30.24 25.96
N MET QA 77 85.53 -30.84 25.72
CA MET QA 77 84.32 -30.30 26.36
C MET QA 77 84.38 -30.45 27.89
N ARG QA 78 84.87 -31.60 28.37
CA ARG QA 78 84.83 -31.87 29.80
C ARG QA 78 85.87 -31.06 30.58
N SER QA 79 86.99 -30.71 29.94
CA SER QA 79 88.05 -30.01 30.67
C SER QA 79 87.70 -28.56 30.93
N ARG QA 80 86.86 -27.97 30.08
CA ARG QA 80 86.52 -26.55 30.21
C ARG QA 80 85.76 -26.31 31.52
N GLY QA 81 86.02 -25.14 32.12
CA GLY QA 81 85.30 -24.74 33.30
C GLY QA 81 85.96 -25.13 34.60
N THR QA 82 85.15 -25.57 35.57
CA THR QA 82 85.68 -25.92 36.88
C THR QA 82 86.52 -27.19 36.81
N SER QA 83 87.62 -27.20 37.55
CA SER QA 83 88.50 -28.37 37.64
C SER QA 83 88.43 -28.91 39.06
N THR QA 84 87.98 -30.15 39.19
CA THR QA 84 87.87 -30.81 40.49
C THR QA 84 88.33 -32.25 40.32
N ILE QA 85 88.07 -33.07 41.34
CA ILE QA 85 88.40 -34.48 41.27
C ILE QA 85 87.58 -35.15 40.16
N GLU QA 86 86.28 -34.89 40.16
CA GLU QA 86 85.38 -35.58 39.23
C GLU QA 86 85.65 -35.19 37.79
N VAL QA 87 86.09 -33.96 37.53
CA VAL QA 87 86.42 -33.56 36.17
C VAL QA 87 87.59 -34.39 35.64
N ILE QA 88 88.63 -34.55 36.45
CA ILE QA 88 89.78 -35.33 36.05
C ILE QA 88 89.39 -36.79 35.87
N LYS QA 89 88.56 -37.32 36.78
CA LYS QA 89 88.08 -38.70 36.61
C LYS QA 89 87.29 -38.85 35.32
N SER QA 90 86.47 -37.85 34.99
CA SER QA 90 85.68 -37.90 33.76
C SER QA 90 86.58 -37.92 32.53
N ILE QA 91 87.64 -37.09 32.53
CA ILE QA 91 88.56 -37.11 31.41
C ILE QA 91 89.26 -38.46 31.30
N CYS QA 92 89.70 -39.00 32.45
CA CYS QA 92 90.42 -40.26 32.45
C CYS QA 92 89.54 -41.40 31.97
N GLU QA 93 88.25 -41.38 32.32
CA GLU QA 93 87.35 -42.43 31.84
C GLU QA 93 86.95 -42.22 30.38
N ALA QA 94 86.83 -40.96 29.94
CA ALA QA 94 86.56 -40.70 28.54
C ALA QA 94 87.70 -41.19 27.67
N TYR QA 95 88.92 -41.22 28.20
CA TYR QA 95 90.03 -41.77 27.44
C TYR QA 95 90.19 -43.28 27.61
N THR QA 96 90.03 -43.79 28.83
CA THR QA 96 90.28 -45.19 29.14
C THR QA 96 89.03 -46.05 29.11
N LYS QA 97 87.85 -45.46 28.87
CA LYS QA 97 86.60 -46.18 28.67
C LYS QA 97 86.31 -47.17 29.81
N SER QA 98 86.56 -46.72 31.05
CA SER QA 98 86.41 -47.60 32.19
C SER QA 98 86.29 -46.76 33.46
N GLU QA 99 85.91 -47.42 34.55
CA GLU QA 99 85.86 -46.75 35.85
C GLU QA 99 87.27 -46.37 36.29
N THR QA 100 87.37 -45.20 36.95
CA THR QA 100 88.65 -44.66 37.38
C THR QA 100 88.55 -44.24 38.83
N ASP QA 101 89.54 -44.65 39.64
CA ASP QA 101 89.62 -44.26 41.03
C ASP QA 101 90.91 -43.49 41.26
N ILE QA 102 90.83 -42.38 41.98
CA ILE QA 102 91.98 -41.50 42.21
C ILE QA 102 92.34 -41.52 43.69
N LYS QA 103 93.63 -41.56 43.97
CA LYS QA 103 94.17 -41.44 45.32
C LYS QA 103 95.14 -40.28 45.35
N VAL QA 104 95.05 -39.47 46.40
CA VAL QA 104 95.80 -38.22 46.50
C VAL QA 104 96.80 -38.30 47.64
N TYR QA 105 98.00 -37.78 47.41
CA TYR QA 105 99.04 -37.65 48.43
C TYR QA 105 99.30 -36.17 48.65
N SER QA 106 98.67 -35.60 49.69
CA SER QA 106 98.83 -34.18 49.98
C SER QA 106 100.27 -33.86 50.38
N ASP QA 107 100.87 -34.70 51.23
CA ASP QA 107 102.20 -34.41 51.74
C ASP QA 107 103.24 -34.40 50.63
N GLU QA 108 103.17 -35.37 49.73
CA GLU QA 108 104.13 -35.48 48.64
C GLU QA 108 103.73 -34.70 47.40
N PHE QA 109 102.55 -34.07 47.41
CA PHE QA 109 102.04 -33.33 46.25
C PHE QA 109 101.95 -34.23 45.03
N THR QA 110 101.21 -35.33 45.18
CA THR QA 110 101.10 -36.35 44.15
C THR QA 110 99.69 -36.93 44.19
N PHE QA 111 99.17 -37.28 43.02
CA PHE QA 111 97.96 -38.09 42.93
C PHE QA 111 98.17 -39.18 41.89
N VAL QA 112 97.46 -40.30 42.07
CA VAL QA 112 97.57 -41.45 41.19
C VAL QA 112 96.18 -41.82 40.68
N LEU QA 113 96.05 -41.94 39.36
CA LEU QA 113 94.81 -42.37 38.73
C LEU QA 113 94.92 -43.86 38.40
N SER QA 114 93.99 -44.65 38.93
CA SER QA 114 93.96 -46.09 38.71
C SER QA 114 92.74 -46.45 37.86
N PHE QA 115 92.94 -47.39 36.94
CA PHE QA 115 91.88 -47.81 36.02
C PHE QA 115 92.27 -49.15 35.44
N ILE QA 116 91.28 -49.83 34.86
CA ILE QA 116 91.50 -51.13 34.24
C ILE QA 116 91.88 -50.91 32.78
N ALA QA 117 93.06 -51.39 32.41
CA ALA QA 117 93.60 -51.22 31.06
C ALA QA 117 93.67 -52.54 30.31
N ASN QA 118 92.67 -53.40 30.51
CA ASN QA 118 92.61 -54.67 29.78
C ASN QA 118 92.29 -54.48 28.31
N ASN QA 119 91.84 -53.28 27.92
CA ASN QA 119 91.51 -52.97 26.53
C ASN QA 119 92.00 -51.58 26.15
N CYS QA 120 93.12 -51.14 26.74
CA CYS QA 120 93.65 -49.80 26.53
C CYS QA 120 95.04 -49.90 25.91
N ASP QA 121 95.29 -49.07 24.91
CA ASP QA 121 96.55 -49.07 24.19
C ASP QA 121 97.53 -48.06 24.80
N TYR QA 122 98.80 -48.20 24.42
CA TYR QA 122 99.83 -47.31 24.95
C TYR QA 122 99.69 -45.90 24.37
N LYS QA 123 99.37 -45.79 23.08
CA LYS QA 123 99.26 -44.47 22.45
C LYS QA 123 98.12 -43.66 23.04
N THR QA 124 96.95 -44.28 23.23
CA THR QA 124 95.84 -43.57 23.83
C THR QA 124 96.14 -43.19 25.28
N LEU QA 125 96.88 -44.04 26.01
CA LEU QA 125 97.29 -43.69 27.36
C LEU QA 125 98.22 -42.49 27.37
N LEU QA 126 99.15 -42.43 26.42
CA LEU QA 126 100.06 -41.30 26.33
C LEU QA 126 99.30 -40.02 26.01
N ASP QA 127 98.34 -40.11 25.09
CA ASP QA 127 97.53 -38.93 24.76
C ASP QA 127 96.71 -38.47 25.97
N CYS QA 128 96.15 -39.41 26.73
CA CYS QA 128 95.43 -39.07 27.94
C CYS QA 128 96.33 -38.39 28.97
N SER QA 129 97.55 -38.90 29.12
CA SER QA 129 98.49 -38.30 30.06
C SER QA 129 98.84 -36.89 29.63
N ASP QA 130 99.05 -36.65 28.34
CA ASP QA 130 99.34 -35.31 27.87
C ASP QA 130 98.17 -34.37 28.13
N MET QA 131 96.95 -34.85 27.89
CA MET QA 131 95.76 -34.06 28.19
C MET QA 131 95.73 -33.68 29.67
N ILE QA 132 95.97 -34.66 30.55
CA ILE QA 132 95.95 -34.40 31.98
C ILE QA 132 97.03 -33.38 32.35
N GLU QA 133 98.24 -33.56 31.80
CA GLU QA 133 99.33 -32.63 32.09
C GLU QA 133 98.96 -31.22 31.70
N ARG QA 134 98.30 -31.06 30.55
CA ARG QA 134 97.82 -29.74 30.17
C ARG QA 134 96.74 -29.23 31.13
N VAL QA 135 95.95 -30.12 31.70
CA VAL QA 135 94.83 -29.72 32.56
C VAL QA 135 95.25 -29.62 34.02
N LYS QA 136 96.11 -30.53 34.47
CA LYS QA 136 96.44 -30.65 35.89
C LYS QA 136 97.09 -29.37 36.41
N PRO QA 137 96.86 -29.01 37.67
CA PRO QA 137 97.59 -27.88 38.27
C PRO QA 137 99.09 -28.13 38.26
N ALA QA 138 99.85 -27.05 38.05
CA ALA QA 138 101.27 -27.18 37.76
C ALA QA 138 102.06 -27.80 38.91
N HIS QA 139 101.65 -27.54 40.15
CA HIS QA 139 102.44 -27.97 41.29
C HIS QA 139 102.32 -29.46 41.60
N LEU QA 140 101.35 -30.16 41.01
CA LEU QA 140 101.03 -31.52 41.39
C LEU QA 140 101.72 -32.53 40.49
N LEU QA 141 102.10 -33.66 41.09
CA LEU QA 141 102.62 -34.79 40.35
C LEU QA 141 101.47 -35.69 39.90
N HIS QA 142 101.64 -36.33 38.75
CA HIS QA 142 100.64 -37.25 38.23
C HIS QA 142 101.30 -38.56 37.84
N TYR QA 143 100.76 -39.67 38.32
CA TYR QA 143 101.22 -41.01 37.99
C TYR QA 143 100.03 -41.87 37.60
N LEU QA 144 100.20 -42.66 36.55
CA LEU QA 144 99.15 -43.54 36.07
C LEU QA 144 99.33 -44.94 36.66
N GLU QA 145 98.21 -45.61 36.89
CA GLU QA 145 98.20 -46.97 37.45
C GLU QA 145 97.28 -47.84 36.60
N PRO QA 146 97.77 -48.35 35.47
CA PRO QA 146 96.97 -49.26 34.65
C PRO QA 146 96.94 -50.65 35.27
N ILE QA 147 95.74 -51.14 35.56
CA ILE QA 147 95.56 -52.45 36.18
C ILE QA 147 95.21 -53.45 35.09
N ILE QA 148 96.03 -54.49 34.97
CA ILE QA 148 95.82 -55.52 33.95
C ILE QA 148 95.16 -56.74 34.56
N ALA RA 2 17.41 21.39 23.35
CA ALA RA 2 18.27 21.91 22.30
C ALA RA 2 17.60 21.82 20.94
N ASN RA 3 17.32 22.97 20.35
CA ASN RA 3 16.76 23.05 19.01
C ASN RA 3 17.84 22.74 17.97
N PRO RA 4 17.63 21.78 17.08
CA PRO RA 4 18.69 21.39 16.15
C PRO RA 4 19.17 22.49 15.22
N ILE RA 5 18.31 23.45 14.85
CA ILE RA 5 18.74 24.53 13.97
C ILE RA 5 19.79 25.40 14.65
N ASN RA 6 19.55 25.76 15.92
CA ASN RA 6 20.51 26.58 16.66
C ASN RA 6 21.83 25.84 16.83
N GLU RA 7 21.77 24.53 17.08
CA GLU RA 7 22.99 23.73 17.21
C GLU RA 7 23.77 23.70 15.90
N PHE RA 8 23.05 23.56 14.78
CA PHE RA 8 23.72 23.58 13.48
C PHE RA 8 24.39 24.92 13.21
N ILE RA 9 23.72 26.03 13.56
CA ILE RA 9 24.31 27.34 13.38
C ILE RA 9 25.57 27.49 14.24
N GLY RA 10 25.50 27.03 15.50
CA GLY RA 10 26.68 27.08 16.35
C GLY RA 10 27.82 26.24 15.82
N ILE RA 11 27.49 25.08 15.25
CA ILE RA 11 28.52 24.22 14.67
C ILE RA 11 29.19 24.91 13.49
N ILE RA 12 28.41 25.56 12.64
CA ILE RA 12 28.99 26.30 11.51
C ILE RA 12 29.92 27.40 12.01
N ARG RA 13 29.46 28.17 13.01
CA ARG RA 13 30.27 29.25 13.54
C ARG RA 13 31.59 28.73 14.13
N GLU RA 14 31.54 27.58 14.79
CA GLU RA 14 32.76 27.05 15.39
C GLU RA 14 33.70 26.47 14.34
N GLU RA 15 33.18 25.69 13.39
CA GLU RA 15 34.04 25.05 12.39
C GLU RA 15 34.58 26.05 11.37
N GLY RA 16 33.98 27.23 11.25
CA GLY RA 16 34.53 28.21 10.35
C GLY RA 16 35.83 28.82 10.81
N LYS RA 17 36.23 28.57 12.06
CA LYS RA 17 37.39 29.21 12.65
C LYS RA 17 38.60 28.30 12.71
N TYR RA 18 38.56 27.15 12.04
CA TYR RA 18 39.59 26.14 12.21
C TYR RA 18 40.92 26.58 11.62
N HIS RA 19 40.90 27.24 10.47
CA HIS RA 19 42.13 27.55 9.74
C HIS RA 19 42.73 28.89 10.14
N ASN RA 20 42.02 29.69 10.95
CA ASN RA 20 42.49 31.03 11.28
C ASN RA 20 43.70 30.99 12.19
N GLN RA 21 44.57 31.99 12.03
CA GLN RA 21 45.79 32.14 12.79
C GLN RA 21 45.83 33.51 13.42
N PRO RA 22 46.47 33.66 14.58
CA PRO RA 22 46.50 34.95 15.26
C PRO RA 22 47.26 35.99 14.46
N SER RA 23 46.83 37.25 14.60
CA SER RA 23 47.44 38.33 13.82
C SER RA 23 48.87 38.60 14.27
N PHE RA 24 49.10 38.69 15.57
CA PHE RA 24 50.41 39.02 16.10
C PHE RA 24 50.73 38.13 17.28
N PHE RA 25 51.97 38.23 17.75
CA PHE RA 25 52.44 37.48 18.91
C PHE RA 25 53.10 38.44 19.88
N ILE RA 26 53.08 38.08 21.17
CA ILE RA 26 53.74 38.85 22.23
C ILE RA 26 54.88 38.01 22.80
N GLY RA 27 56.07 38.60 22.94
CA GLY RA 27 57.21 37.84 23.43
C GLY RA 27 58.03 38.51 24.52
N LYS RA 28 58.75 37.68 25.29
CA LYS RA 28 59.60 38.18 26.37
C LYS RA 28 61.08 37.84 26.11
N ILE RA 29 61.92 38.86 26.18
CA ILE RA 29 63.36 38.73 25.97
C ILE RA 29 64.09 38.04 27.11
N LYS RA 30 65.16 37.28 26.81
CA LYS RA 30 65.92 36.63 27.86
C LYS RA 30 67.37 37.06 27.86
N SER RA 31 67.89 37.46 26.70
CA SER RA 31 69.25 37.93 26.58
C SER RA 31 69.26 39.29 25.89
N LYS RA 32 70.31 40.05 26.14
CA LYS RA 32 70.42 41.42 25.66
C LYS RA 32 70.50 41.46 24.13
N LEU RA 33 70.45 42.66 23.59
CA LEU RA 33 70.29 42.83 22.14
C LEU RA 33 71.41 42.22 21.30
N PRO RA 34 72.70 42.36 21.63
CA PRO RA 34 73.72 41.78 20.74
C PRO RA 34 73.52 40.30 20.48
N ASP RA 35 73.10 39.53 21.47
CA ASP RA 35 72.73 38.12 21.29
C ASP RA 35 71.29 37.97 21.77
N LEU RA 36 70.34 38.25 20.89
CA LEU RA 36 68.95 38.38 21.27
C LEU RA 36 68.26 37.02 21.36
N LYS RA 37 67.49 36.81 22.42
CA LYS RA 37 66.71 35.60 22.61
C LYS RA 37 65.30 35.99 23.04
N ILE RA 38 64.30 35.40 22.40
CA ILE RA 38 62.91 35.74 22.66
C ILE RA 38 62.11 34.48 22.94
N GLU RA 39 61.26 34.54 23.97
CA GLU RA 39 60.42 33.42 24.38
C GLU RA 39 58.95 33.72 24.13
N THR RA 40 58.29 32.85 23.36
CA THR RA 40 56.86 32.96 23.14
C THR RA 40 56.28 31.56 22.95
N ASN RA 41 55.15 31.30 23.61
CA ASN RA 41 54.44 30.02 23.49
C ASN RA 41 55.36 28.85 23.79
N ASN RA 42 56.15 28.97 24.85
CA ASN RA 42 57.09 27.92 25.28
C ASN RA 42 58.12 27.62 24.20
N ILE RA 43 58.43 28.60 23.37
CA ILE RA 43 59.42 28.46 22.30
C ILE RA 43 60.40 29.60 22.42
N ILE RA 44 61.70 29.28 22.37
CA ILE RA 44 62.76 30.26 22.46
C ILE RA 44 63.33 30.48 21.07
N LEU RA 45 63.36 31.73 20.63
CA LEU RA 45 63.87 32.09 19.32
C LEU RA 45 65.34 32.49 19.41
N GLU RA 46 66.10 32.13 18.39
CA GLU RA 46 67.50 32.47 18.29
C GLU RA 46 67.67 33.54 17.22
N LYS RA 47 68.91 33.87 16.91
CA LYS RA 47 69.12 34.89 15.91
C LYS RA 47 68.85 34.39 14.49
N GLU RA 48 68.81 33.06 14.28
CA GLU RA 48 68.44 32.56 12.97
C GLU RA 48 66.97 32.79 12.67
N ASP RA 49 66.15 33.00 13.70
CA ASP RA 49 64.69 33.05 13.54
C ASP RA 49 64.11 34.45 13.69
N ILE RA 50 64.93 35.50 13.69
CA ILE RA 50 64.45 36.84 14.05
C ILE RA 50 64.78 37.83 12.94
N LEU RA 51 63.78 38.60 12.53
CA LEU RA 51 63.95 39.79 11.70
C LEU RA 51 63.59 41.00 12.55
N ILE RA 52 64.45 42.00 12.56
CA ILE RA 52 64.27 43.13 13.47
C ILE RA 52 64.15 44.43 12.69
N ASP RA 53 63.55 45.42 13.34
CA ASP RA 53 63.44 46.75 12.79
C ASP RA 53 64.83 47.38 12.65
N SER RA 54 65.01 48.15 11.58
CA SER RA 54 66.31 48.75 11.32
C SER RA 54 66.68 49.79 12.36
N TRP RA 55 65.70 50.56 12.85
CA TRP RA 55 65.99 51.61 13.82
C TRP RA 55 66.54 51.03 15.12
N MET RA 56 66.13 49.81 15.48
CA MET RA 56 66.65 49.19 16.69
C MET RA 56 68.15 48.96 16.58
N ILE RA 57 68.62 48.52 15.42
CA ILE RA 57 70.05 48.30 15.23
C ILE RA 57 70.78 49.63 15.09
N ASP RA 58 70.15 50.60 14.42
CA ASP RA 58 70.82 51.87 14.14
C ASP RA 58 71.09 52.66 15.40
N ARG RA 59 70.13 52.67 16.34
CA ARG RA 59 70.25 53.54 17.51
C ARG RA 59 71.32 53.10 18.50
N GLN RA 60 71.87 51.90 18.35
CA GLN RA 60 72.95 51.47 19.25
C GLN RA 60 74.31 51.89 18.72
N LEU RA 61 74.43 53.17 18.35
CA LEU RA 61 75.69 53.76 17.94
C LEU RA 61 76.31 54.43 19.15
N GLU RA 62 77.55 54.07 19.46
CA GLU RA 62 78.17 54.52 20.70
C GLU RA 62 78.44 56.01 20.69
N THR RA 63 79.07 56.52 19.63
CA THR RA 63 79.55 57.89 19.65
C THR RA 63 79.53 58.48 18.25
N PHE RA 64 79.44 59.81 18.19
CA PHE RA 64 79.59 60.54 16.94
C PHE RA 64 80.19 61.90 17.26
N ASP RA 65 80.69 62.58 16.21
CA ASP RA 65 81.48 63.78 16.36
C ASP RA 65 80.81 64.95 15.65
N THR RA 66 81.13 66.16 16.12
CA THR RA 66 80.64 67.38 15.49
C THR RA 66 81.67 67.91 14.49
N GLU RA 67 81.24 68.87 13.68
CA GLU RA 67 82.15 69.50 12.73
C GLU RA 67 83.09 70.45 13.46
N THR RA 68 84.18 70.78 12.77
CA THR RA 68 85.20 71.62 13.36
C THR RA 68 84.83 73.09 13.28
N ASN RA 69 85.25 73.85 14.29
CA ASN RA 69 85.11 75.29 14.35
C ASN RA 69 86.04 75.80 15.43
N GLN RA 70 86.62 76.98 15.20
CA GLN RA 70 87.61 77.57 16.12
C GLN RA 70 88.77 76.62 16.35
N GLU RA 71 89.13 75.85 15.32
CA GLU RA 71 90.30 74.97 15.34
C GLU RA 71 90.22 73.94 16.48
N HIS RA 72 89.01 73.48 16.77
CA HIS RA 72 88.83 72.43 17.77
C HIS RA 72 87.51 71.71 17.50
N GLN RA 73 87.41 70.50 18.02
CA GLN RA 73 86.23 69.66 17.84
C GLN RA 73 85.79 69.12 19.20
N HIS RA 74 84.58 68.58 19.21
CA HIS RA 74 84.03 67.93 20.39
C HIS RA 74 83.49 66.56 20.03
N GLU RA 75 83.45 65.69 21.03
CA GLU RA 75 82.89 64.36 20.92
C GLU RA 75 81.60 64.34 21.74
N VAL RA 76 80.53 63.83 21.16
CA VAL RA 76 79.25 63.77 21.85
C VAL RA 76 78.81 62.32 21.96
N LYS RA 77 78.45 61.89 23.17
CA LYS RA 77 77.97 60.53 23.39
C LYS RA 77 76.50 60.42 23.01
N ASN RA 78 76.16 59.35 22.29
CA ASN RA 78 74.77 59.14 21.87
C ASN RA 78 73.90 58.86 23.07
N PRO RA 79 72.85 59.64 23.33
CA PRO RA 79 71.97 59.38 24.47
C PRO RA 79 70.77 58.50 24.18
N PHE RA 80 70.56 58.10 22.93
CA PHE RA 80 69.40 57.30 22.55
C PHE RA 80 69.67 55.80 22.58
N ILE RA 81 70.86 55.37 22.99
CA ILE RA 81 71.19 53.96 22.99
C ILE RA 81 70.33 53.23 24.03
N ASP RA 82 69.74 52.11 23.62
CA ASP RA 82 68.89 51.33 24.51
C ASP RA 82 69.04 49.87 24.13
N ASN RA 83 69.62 49.09 25.03
CA ASN RA 83 69.66 47.63 24.90
C ASN RA 83 68.55 47.04 25.74
N PHE RA 84 67.74 46.18 25.14
CA PHE RA 84 66.60 45.63 25.86
C PHE RA 84 67.07 44.80 27.05
N GLU RA 85 66.43 45.00 28.19
CA GLU RA 85 66.73 44.22 29.37
C GLU RA 85 65.87 42.96 29.41
N SER RA 86 66.28 42.01 30.24
CA SER RA 86 65.55 40.76 30.35
C SER RA 86 64.21 41.00 31.05
N GLY RA 87 63.13 40.54 30.42
CA GLY RA 87 61.80 40.73 30.93
C GLY RA 87 60.96 41.78 30.22
N ASP RA 88 61.45 42.36 29.13
CA ASP RA 88 60.70 43.35 28.39
C ASP RA 88 59.74 42.69 27.41
N MET RA 89 58.77 43.47 26.95
CA MET RA 89 57.69 42.98 26.10
C MET RA 89 57.81 43.58 24.70
N VAL RA 90 57.59 42.74 23.67
CA VAL RA 90 57.67 43.17 22.29
C VAL RA 90 56.46 42.68 21.52
N ILE RA 91 56.19 43.35 20.40
CA ILE RA 91 55.14 43.00 19.46
C ILE RA 91 55.80 42.47 18.19
N MET RA 92 55.37 41.30 17.72
CA MET RA 92 56.08 40.61 16.67
C MET RA 92 55.10 39.91 15.73
N PHE RA 93 55.45 39.89 14.45
CA PHE RA 93 54.61 39.35 13.39
C PHE RA 93 55.34 38.22 12.68
N ARG RA 94 54.61 37.14 12.39
CA ARG RA 94 55.21 35.92 11.86
C ARG RA 94 55.20 35.95 10.34
N ILE RA 95 56.37 35.80 9.73
CA ILE RA 95 56.54 35.85 8.29
C ILE RA 95 57.23 34.55 7.88
N GLY RA 96 56.46 33.61 7.36
CA GLY RA 96 57.02 32.34 6.94
C GLY RA 96 57.52 31.51 8.10
N GLU RA 97 58.84 31.37 8.21
CA GLU RA 97 59.45 30.56 9.25
C GLU RA 97 60.15 31.36 10.32
N LYS RA 98 60.16 32.69 10.24
CA LYS RA 98 60.80 33.53 11.22
C LYS RA 98 59.88 34.68 11.61
N PHE RA 99 60.09 35.18 12.83
CA PHE RA 99 59.28 36.25 13.37
C PHE RA 99 59.95 37.60 13.16
N ALA RA 100 59.14 38.63 12.96
CA ALA RA 100 59.60 39.98 12.73
C ALA RA 100 59.25 40.86 13.92
N VAL RA 101 60.25 41.46 14.53
CA VAL RA 101 60.06 42.29 15.72
C VAL RA 101 59.88 43.74 15.28
N VAL RA 102 58.73 44.32 15.62
CA VAL RA 102 58.35 45.64 15.14
C VAL RA 102 58.64 46.74 16.15
N SER RA 103 58.22 46.54 17.40
CA SER RA 103 58.46 47.57 18.41
C SER RA 103 58.42 46.94 19.80
N LYS RA 104 58.93 47.70 20.77
CA LYS RA 104 58.91 47.32 22.18
C LYS RA 104 57.91 48.19 22.91
N LEU RA 105 57.09 47.58 23.74
CA LEU RA 105 55.98 48.26 24.40
C LEU RA 105 56.28 48.47 25.88
N VAL RA 106 56.03 49.67 26.37
CA VAL RA 106 56.13 49.98 27.79
C VAL RA 106 54.86 50.70 28.23
N SER RA 107 54.51 50.54 29.50
CA SER RA 107 53.39 51.29 30.06
C SER RA 107 53.82 52.71 30.37
N LEU RA 108 53.11 53.67 29.80
CA LEU RA 108 53.40 55.08 30.05
C LEU RA 108 52.50 55.68 31.11
N ALA SA 795 7.80 18.11 9.95
CA ALA SA 795 8.66 17.70 11.07
C ALA SA 795 9.80 16.82 10.59
N ASP SA 796 9.71 16.35 9.34
CA ASP SA 796 10.76 15.51 8.79
C ASP SA 796 12.09 16.26 8.77
N ILE SA 797 12.05 17.55 8.45
CA ILE SA 797 13.28 18.35 8.41
C ILE SA 797 13.92 18.40 9.80
N GLU SA 798 13.11 18.48 10.84
CA GLU SA 798 13.66 18.54 12.20
C GLU SA 798 14.37 17.23 12.56
N LYS SA 799 13.77 16.09 12.24
CA LYS SA 799 14.42 14.81 12.52
C LYS SA 799 15.70 14.64 11.71
N ILE SA 800 15.67 15.04 10.43
CA ILE SA 800 16.87 14.96 9.61
C ILE SA 800 17.98 15.83 10.16
N THR SA 801 17.64 17.05 10.58
CA THR SA 801 18.64 17.95 11.15
C THR SA 801 19.20 17.39 12.45
N SER SA 802 18.35 16.78 13.27
CA SER SA 802 18.81 16.19 14.53
C SER SA 802 19.83 15.08 14.27
N LYS SA 803 19.52 14.20 13.31
CA LYS SA 803 20.45 13.13 12.98
C LYS SA 803 21.76 13.68 12.43
N LEU SA 804 21.67 14.68 11.56
CA LEU SA 804 22.88 15.27 10.99
C LEU SA 804 23.75 15.90 12.07
N VAL SA 805 23.13 16.61 13.02
CA VAL SA 805 23.88 17.24 14.10
C VAL SA 805 24.56 16.18 14.97
N ALA SA 806 23.85 15.10 15.30
CA ALA SA 806 24.47 14.06 16.11
C ALA SA 806 25.66 13.43 15.40
N SER SA 807 25.52 13.16 14.10
CA SER SA 807 26.63 12.58 13.35
C SER SA 807 27.83 13.52 13.31
N ILE SA 808 27.58 14.81 13.11
CA ILE SA 808 28.68 15.76 13.04
C ILE SA 808 29.39 15.88 14.39
N GLN SA 809 28.63 15.87 15.48
CA GLN SA 809 29.27 15.94 16.80
C GLN SA 809 30.13 14.71 17.08
N LEU SA 810 29.64 13.53 16.72
CA LEU SA 810 30.44 12.33 16.89
C LEU SA 810 31.72 12.41 16.06
N ALA SA 811 31.61 12.88 14.81
CA ALA SA 811 32.78 12.98 13.95
C ALA SA 811 33.78 14.00 14.49
N GLN SA 812 33.29 15.10 15.06
CA GLN SA 812 34.19 16.07 15.68
C GLN SA 812 34.94 15.46 16.85
N LEU SA 813 34.25 14.68 17.68
CA LEU SA 813 34.93 14.02 18.80
C LEU SA 813 35.99 13.06 18.29
N GLY SA 814 35.69 12.31 17.24
CA GLY SA 814 36.66 11.35 16.72
C GLY SA 814 37.88 11.98 16.07
N GLY SA 815 37.77 13.23 15.63
CA GLY SA 815 38.86 13.88 14.94
C GLY SA 815 38.76 13.74 13.44
N VAL SA 816 38.80 14.86 12.71
CA VAL SA 816 38.71 14.85 11.25
C VAL SA 816 39.91 15.58 10.70
N LEU SA 817 40.58 14.96 9.74
CA LEU SA 817 41.75 15.56 9.12
C LEU SA 817 41.36 16.70 8.19
N MET TA 1 -9.47 -35.70 24.00
CA MET TA 1 -8.44 -34.78 24.46
C MET TA 1 -9.05 -33.64 25.28
N GLU TA 2 -8.19 -32.95 26.02
CA GLU TA 2 -8.61 -31.83 26.87
C GLU TA 2 -7.80 -30.60 26.50
N MET TA 3 -8.37 -29.44 26.82
CA MET TA 3 -7.70 -28.16 26.60
C MET TA 3 -7.68 -27.37 27.90
N TRP TA 4 -6.50 -26.87 28.26
CA TRP TA 4 -6.28 -26.20 29.55
C TRP TA 4 -5.57 -24.88 29.36
N LEU TA 5 -5.92 -23.90 30.20
CA LEU TA 5 -5.20 -22.64 30.31
C LEU TA 5 -4.93 -22.40 31.79
N ARG TA 6 -3.67 -22.21 32.14
CA ARG TA 6 -3.27 -22.14 33.54
C ARG TA 6 -2.41 -20.92 33.79
N GLN TA 7 -2.66 -20.23 34.90
CA GLN TA 7 -1.83 -19.12 35.35
C GLN TA 7 -1.41 -19.45 36.77
N ALA TA 8 -0.13 -19.80 36.94
CA ALA TA 8 0.38 -20.30 38.23
C ALA TA 8 -0.54 -21.46 38.64
N GLU TA 9 -1.15 -21.41 39.82
CA GLU TA 9 -2.03 -22.48 40.27
C GLU TA 9 -3.49 -22.25 39.89
N ASP TA 10 -3.78 -21.18 39.15
CA ASP TA 10 -5.15 -20.86 38.74
C ASP TA 10 -5.41 -21.47 37.37
N ARG TA 11 -6.11 -22.59 37.33
CA ARG TA 11 -6.28 -23.36 36.11
C ARG TA 11 -7.72 -23.29 35.62
N PHE TA 12 -7.88 -23.29 34.30
CA PHE TA 12 -9.18 -23.23 33.65
C PHE TA 12 -9.22 -24.29 32.56
N ARG TA 13 -10.27 -25.10 32.56
CA ARG TA 13 -10.47 -26.16 31.57
C ARG TA 13 -11.70 -25.83 30.73
N PHE TA 14 -11.54 -25.87 29.41
CA PHE TA 14 -12.61 -25.48 28.52
C PHE TA 14 -13.75 -26.50 28.55
N PRO TA 15 -15.00 -26.04 28.58
CA PRO TA 15 -16.12 -26.99 28.68
C PRO TA 15 -16.42 -27.72 27.38
N VAL TA 16 -16.28 -27.08 26.23
CA VAL TA 16 -16.57 -27.70 24.94
C VAL TA 16 -15.30 -27.67 24.11
N PHE TA 17 -14.85 -28.84 23.67
CA PHE TA 17 -13.66 -28.95 22.84
C PHE TA 17 -13.98 -28.50 21.40
N PRO TA 18 -13.09 -27.73 20.78
CA PRO TA 18 -13.41 -27.14 19.47
C PRO TA 18 -13.47 -28.20 18.38
N SER TA 19 -13.95 -27.74 17.22
CA SER TA 19 -14.07 -28.63 16.07
C SER TA 19 -12.73 -28.92 15.43
N SER TA 20 -11.76 -28.01 15.55
CA SER TA 20 -10.44 -28.22 14.98
C SER TA 20 -9.46 -27.25 15.64
N PHE TA 21 -8.17 -27.55 15.48
CA PHE TA 21 -7.12 -26.68 16.00
C PHE TA 21 -5.89 -26.83 15.11
N SER TA 22 -5.23 -25.71 14.82
CA SER TA 22 -4.06 -25.72 13.94
C SER TA 22 -2.96 -24.84 14.50
N ILE TA 23 -1.72 -25.28 14.31
CA ILE TA 23 -0.53 -24.57 14.75
C ILE TA 23 0.17 -24.00 13.52
N ASN TA 24 0.55 -22.73 13.57
CA ASN TA 24 1.23 -22.06 12.47
C ASN TA 24 2.67 -21.77 12.84
N GLY TA 25 3.60 -22.20 11.99
CA GLY TA 25 5.01 -21.97 12.21
C GLY TA 25 5.75 -21.50 10.97
N LYS TA 26 6.72 -20.60 11.16
CA LYS TA 26 7.47 -20.03 10.05
C LYS TA 26 8.94 -19.91 10.43
N ALA TA 27 9.78 -19.77 9.40
CA ALA TA 27 11.19 -19.46 9.56
C ALA TA 27 11.52 -18.26 8.70
N ALA TA 28 12.40 -17.40 9.21
CA ALA TA 28 12.77 -16.20 8.48
C ALA TA 28 13.86 -16.52 7.47
N VAL TA 29 13.61 -16.18 6.20
CA VAL TA 29 14.56 -16.41 5.13
C VAL TA 29 14.93 -15.05 4.54
N ASN TA 30 16.19 -14.66 4.68
CA ASN TA 30 16.67 -13.41 4.12
C ASN TA 30 16.91 -13.57 2.63
N SER TA 31 16.53 -12.55 1.86
CA SER TA 31 16.71 -12.55 0.41
C SER TA 31 17.75 -11.52 0.00
N SER TA 32 18.66 -11.91 -0.87
CA SER TA 32 19.64 -11.03 -1.46
C SER TA 32 19.72 -11.34 -2.94
N SER TA 33 20.74 -10.80 -3.61
CA SER TA 33 20.96 -11.09 -5.01
C SER TA 33 22.43 -10.88 -5.32
N ILE TA 34 22.88 -11.52 -6.40
CA ILE TA 34 24.25 -11.41 -6.88
C ILE TA 34 24.20 -11.11 -8.37
N LEU TA 35 25.06 -10.21 -8.82
CA LEU TA 35 25.09 -9.83 -10.23
C LEU TA 35 25.35 -11.05 -11.11
N LYS TA 36 24.55 -11.19 -12.17
CA LYS TA 36 24.64 -12.25 -13.17
C LYS TA 36 24.32 -13.64 -12.63
N ILE TA 37 23.80 -13.75 -11.41
CA ILE TA 37 23.48 -15.06 -10.86
C ILE TA 37 21.99 -15.10 -10.51
N GLY TA 38 21.42 -13.96 -10.13
CA GLY TA 38 20.04 -13.93 -9.69
C GLY TA 38 19.90 -13.86 -8.18
N GLU TA 39 18.85 -14.49 -7.65
CA GLU TA 39 18.48 -14.36 -6.25
C GLU TA 39 19.13 -15.45 -5.40
N ILE TA 40 19.48 -15.12 -4.16
CA ILE TA 40 19.99 -16.06 -3.17
C ILE TA 40 19.25 -15.84 -1.86
N ALA TA 41 19.35 -16.82 -0.97
CA ALA TA 41 18.65 -16.78 0.31
C ALA TA 41 19.51 -17.36 1.42
N THR TA 42 19.29 -16.87 2.64
CA THR TA 42 19.97 -17.37 3.82
C THR TA 42 18.98 -17.53 4.96
N PHE TA 43 19.34 -18.40 5.91
CA PHE TA 43 18.52 -18.63 7.10
C PHE TA 43 18.57 -17.43 8.02
N GLY TA 44 17.42 -17.09 8.61
CA GLY TA 44 17.35 -15.92 9.47
C GLY TA 44 16.72 -16.15 10.83
N GLY TA 45 16.55 -17.40 11.23
CA GLY TA 45 16.01 -17.72 12.54
C GLY TA 45 14.53 -18.08 12.48
N VAL TA 46 14.08 -18.76 13.52
CA VAL TA 46 12.72 -19.28 13.59
C VAL TA 46 11.82 -18.26 14.28
N ALA TA 47 10.56 -18.24 13.87
CA ALA TA 47 9.56 -17.33 14.44
C ALA TA 47 8.70 -18.05 15.48
N LEU TA 48 7.97 -17.26 16.25
CA LEU TA 48 7.09 -17.79 17.29
C LEU TA 48 5.82 -18.36 16.69
N LYS TA 49 5.37 -19.49 17.23
CA LYS TA 49 4.16 -20.15 16.76
C LYS TA 49 2.92 -19.34 17.13
N SER TA 50 1.80 -19.69 16.50
CA SER TA 50 0.53 -19.08 16.84
C SER TA 50 -0.58 -20.10 16.68
N ILE TA 51 -1.66 -19.91 17.45
CA ILE TA 51 -2.82 -20.79 17.39
C ILE TA 51 -4.07 -19.95 17.65
N SER TA 52 -5.18 -20.35 17.04
CA SER TA 52 -6.46 -19.67 17.18
C SER TA 52 -7.55 -20.70 17.47
N ILE TA 53 -8.42 -20.38 18.42
CA ILE TA 53 -9.41 -21.31 18.95
C ILE TA 53 -10.79 -20.71 18.85
N SER TA 54 -11.75 -21.49 18.36
CA SER TA 54 -13.16 -21.08 18.26
C SER TA 54 -14.04 -22.15 18.88
N SER TA 55 -14.91 -21.74 19.79
CA SER TA 55 -15.88 -22.61 20.45
C SER TA 55 -16.95 -21.72 21.08
N PHE TA 56 -17.73 -22.29 22.00
CA PHE TA 56 -18.67 -21.49 22.76
C PHE TA 56 -18.68 -21.93 24.21
N PHE TA 57 -19.15 -21.03 25.08
CA PHE TA 57 -19.37 -21.32 26.50
C PHE TA 57 -20.82 -21.66 26.72
N PRO TA 58 -21.15 -22.88 27.16
CA PRO TA 58 -22.56 -23.26 27.27
C PRO TA 58 -23.23 -22.61 28.47
N ASN TA 59 -24.53 -22.33 28.30
CA ASN TA 59 -25.37 -21.79 29.35
C ASN TA 59 -26.17 -22.88 30.08
N LYS TA 60 -25.96 -24.15 29.74
CA LYS TA 60 -26.65 -25.25 30.37
C LYS TA 60 -25.80 -26.50 30.21
N ASP TA 61 -26.18 -27.55 30.94
CA ASP TA 61 -25.45 -28.81 30.89
C ASP TA 61 -25.87 -29.60 29.66
N TYR TA 62 -24.95 -29.82 28.74
CA TYR TA 62 -25.21 -30.53 27.51
C TYR TA 62 -24.68 -31.95 27.58
N THR TA 63 -25.18 -32.79 26.69
CA THR TA 63 -24.70 -34.18 26.61
C THR TA 63 -23.25 -34.23 26.17
N PHE TA 64 -22.84 -33.34 25.26
CA PHE TA 64 -21.50 -33.35 24.69
C PHE TA 64 -20.50 -32.56 25.50
N CYS TA 65 -20.88 -32.02 26.65
CA CYS TA 65 -19.95 -31.24 27.45
C CYS TA 65 -18.86 -32.13 28.03
N ASP TA 66 -17.67 -31.56 28.19
CA ASP TA 66 -16.51 -32.33 28.63
C ASP TA 66 -16.64 -32.76 30.09
N TYR TA 67 -17.21 -31.91 30.93
CA TYR TA 67 -17.36 -32.22 32.35
C TYR TA 67 -18.44 -31.32 32.92
N THR TA 68 -18.87 -31.62 34.14
CA THR TA 68 -19.87 -30.83 34.84
C THR TA 68 -19.20 -30.00 35.93
N GLY TA 69 -19.80 -28.85 36.23
CA GLY TA 69 -19.29 -27.96 37.25
C GLY TA 69 -18.58 -26.72 36.76
N PHE TA 70 -18.63 -26.45 35.45
CA PHE TA 70 -17.95 -25.29 34.90
C PHE TA 70 -18.73 -24.01 35.24
N PRO TA 71 -18.04 -22.86 35.25
CA PRO TA 71 -18.73 -21.61 35.60
C PRO TA 71 -19.65 -21.09 34.50
N SER TA 72 -20.30 -19.95 34.77
CA SER TA 72 -21.21 -19.34 33.82
C SER TA 72 -20.44 -18.75 32.65
N PRO TA 73 -21.12 -18.54 31.51
CA PRO TA 73 -20.42 -17.98 30.34
C PRO TA 73 -19.70 -16.67 30.61
N TYR TA 74 -20.34 -15.73 31.29
CA TYR TA 74 -19.71 -14.44 31.47
C TYR TA 74 -18.67 -14.44 32.59
N ASP TA 75 -18.70 -15.43 33.48
CA ASP TA 75 -17.58 -15.63 34.39
C ASP TA 75 -16.32 -16.03 33.62
N CYS TA 76 -16.47 -16.96 32.67
CA CYS TA 76 -15.34 -17.32 31.81
C CYS TA 76 -14.85 -16.13 31.00
N VAL TA 77 -15.78 -15.36 30.45
CA VAL TA 77 -15.41 -14.17 29.69
C VAL TA 77 -14.61 -13.21 30.57
N ASN TA 78 -15.09 -12.98 31.79
CA ASN TA 78 -14.40 -12.06 32.69
C ASN TA 78 -13.00 -12.54 33.05
N LYS TA 79 -12.85 -13.83 33.33
CA LYS TA 79 -11.54 -14.37 33.67
C LYS TA 79 -10.55 -14.17 32.52
N ILE TA 80 -10.94 -14.57 31.31
CA ILE TA 80 -10.02 -14.46 30.19
C ILE TA 80 -9.73 -13.00 29.86
N GLU TA 81 -10.73 -12.13 29.99
CA GLU TA 81 -10.52 -10.72 29.70
C GLU TA 81 -9.54 -10.09 30.67
N LYS TA 82 -9.65 -10.44 31.96
CA LYS TA 82 -8.68 -9.95 32.94
C LYS TA 82 -7.28 -10.42 32.60
N TRP TA 83 -7.14 -11.71 32.26
CA TRP TA 83 -5.81 -12.23 31.90
C TRP TA 83 -5.23 -11.47 30.71
N MET TA 84 -6.03 -11.24 29.67
CA MET TA 84 -5.54 -10.53 28.50
C MET TA 84 -5.17 -9.09 28.83
N LYS TA 85 -5.97 -8.43 29.66
CA LYS TA 85 -5.70 -7.03 30.00
C LYS TA 85 -4.41 -6.87 30.78
N GLU TA 86 -4.14 -7.75 31.75
CA GLU TA 86 -2.94 -7.57 32.57
C GLU TA 86 -1.67 -8.02 31.88
N GLY TA 87 -1.75 -8.68 30.73
CA GLY TA 87 -0.56 -9.19 30.06
C GLY TA 87 0.13 -10.32 30.78
N PHE TA 88 -0.63 -11.24 31.36
CA PHE TA 88 -0.07 -12.36 32.10
C PHE TA 88 0.59 -13.36 31.15
N ILE TA 89 1.53 -14.13 31.70
CA ILE TA 89 2.16 -15.23 31.00
C ILE TA 89 1.45 -16.51 31.41
N LEU TA 90 0.97 -17.26 30.42
CA LEU TA 90 0.13 -18.43 30.67
C LEU TA 90 0.73 -19.66 30.05
N ARG TA 91 0.27 -20.83 30.51
CA ARG TA 91 0.65 -22.11 29.94
C ARG TA 91 -0.56 -22.74 29.27
N PHE TA 92 -0.44 -23.07 27.99
CA PHE TA 92 -1.53 -23.64 27.20
C PHE TA 92 -1.14 -25.05 26.78
N THR TA 93 -2.04 -26.00 27.02
CA THR TA 93 -1.74 -27.41 26.74
C THR TA 93 -2.96 -28.12 26.19
N ILE TA 94 -2.74 -28.92 25.15
CA ILE TA 94 -3.73 -29.85 24.61
C ILE TA 94 -3.21 -31.26 24.86
N THR TA 95 -3.99 -32.07 25.56
CA THR TA 95 -3.51 -33.39 25.95
C THR TA 95 -3.49 -34.33 24.75
N GLU TA 96 -2.59 -35.32 24.83
CA GLU TA 96 -2.38 -36.33 23.80
C GLU TA 96 -1.84 -35.75 22.50
N THR TA 97 -1.27 -34.55 22.54
CA THR TA 97 -0.55 -33.98 21.41
C THR TA 97 0.81 -33.50 21.88
N ASN TA 98 1.53 -32.74 21.06
CA ASN TA 98 2.81 -32.18 21.44
C ASN TA 98 2.72 -30.70 21.81
N ILE TA 99 1.52 -30.20 22.08
CA ILE TA 99 1.30 -28.78 22.31
C ILE TA 99 1.32 -28.53 23.83
N ASN TA 100 2.42 -27.97 24.32
CA ASN TA 100 2.54 -27.62 25.74
C ASN TA 100 3.59 -26.51 25.82
N MET TA 101 3.14 -25.26 25.92
CA MET TA 101 4.06 -24.14 25.86
C MET TA 101 3.48 -22.93 26.58
N GLU TA 102 4.35 -21.97 26.85
CA GLU TA 102 3.95 -20.70 27.43
C GLU TA 102 3.47 -19.73 26.34
N VAL TA 103 2.38 -19.03 26.60
CA VAL TA 103 1.73 -18.19 25.61
C VAL TA 103 1.39 -16.84 26.21
N ILE TA 104 0.97 -15.92 25.35
CA ILE TA 104 0.42 -14.64 25.74
C ILE TA 104 -0.77 -14.34 24.83
N ILE TA 105 -1.80 -13.72 25.38
CA ILE TA 105 -3.05 -13.54 24.64
C ILE TA 105 -2.95 -12.30 23.75
N GLU TA 106 -3.36 -12.46 22.48
CA GLU TA 106 -3.31 -11.39 21.51
C GLU TA 106 -4.68 -10.82 21.14
N GLY TA 107 -5.76 -11.56 21.33
CA GLY TA 107 -7.07 -11.07 21.00
C GLY TA 107 -8.19 -11.93 21.58
N PHE TA 108 -9.33 -11.31 21.88
CA PHE TA 108 -10.46 -12.02 22.44
C PHE TA 108 -11.73 -11.36 21.96
N SER TA 109 -12.58 -12.12 21.28
CA SER TA 109 -13.87 -11.64 20.81
C SER TA 109 -14.94 -12.65 21.22
N TYR TA 110 -16.11 -12.14 21.61
CA TYR TA 110 -17.22 -12.99 22.01
C TYR TA 110 -18.52 -12.39 21.52
N GLU TA 111 -19.54 -13.24 21.37
CA GLU TA 111 -20.81 -12.77 20.82
C GLU TA 111 -21.94 -13.73 21.18
N GLU TA 112 -23.16 -13.22 21.04
CA GLU TA 112 -24.39 -14.00 21.17
C GLU TA 112 -25.14 -13.93 19.86
N ARG TA 113 -25.65 -15.06 19.39
CA ARG TA 113 -26.25 -15.08 18.05
C ARG TA 113 -27.51 -15.94 17.93
N ASP TA 114 -28.09 -16.44 19.01
CA ASP TA 114 -29.33 -17.19 18.92
C ASP TA 114 -30.08 -17.06 20.24
N GLY TA 115 -31.11 -17.88 20.41
CA GLY TA 115 -31.97 -17.82 21.57
C GLY TA 115 -31.56 -18.65 22.76
N THR TA 116 -30.38 -19.27 22.73
CA THR TA 116 -29.98 -20.20 23.79
C THR TA 116 -29.13 -19.55 24.89
N ARG TA 117 -28.69 -18.31 24.70
CA ARG TA 117 -27.81 -17.59 25.62
C ARG TA 117 -26.42 -18.22 25.72
N ASP TA 118 -25.99 -18.96 24.70
CA ASP TA 118 -24.62 -19.41 24.63
C ASP TA 118 -23.73 -18.32 24.03
N VAL TA 119 -22.49 -18.25 24.49
CA VAL TA 119 -21.55 -17.21 24.08
C VAL TA 119 -20.46 -17.85 23.23
N TYR TA 120 -20.39 -17.48 21.95
CA TYR TA 120 -19.36 -17.94 21.03
C TYR TA 120 -18.16 -17.00 21.12
N PHE TA 121 -16.96 -17.58 20.98
CA PHE TA 121 -15.73 -16.82 21.18
C PHE TA 121 -14.64 -17.25 20.21
N THR TA 122 -13.67 -16.37 20.04
CA THR TA 122 -12.42 -16.66 19.32
C THR TA 122 -11.25 -16.15 20.14
N LEU TA 123 -10.26 -16.99 20.37
CA LEU TA 123 -9.10 -16.67 21.20
C LEU TA 123 -7.83 -16.85 20.39
N ASP TA 124 -7.00 -15.81 20.34
CA ASP TA 124 -5.75 -15.83 19.59
C ASP TA 124 -4.57 -15.77 20.55
N LEU TA 125 -3.69 -16.77 20.48
CA LEU TA 125 -2.57 -16.88 21.40
C LEU TA 125 -1.26 -16.87 20.63
N LYS TA 126 -0.23 -16.28 21.23
CA LYS TA 126 1.10 -16.21 20.63
C LYS TA 126 2.11 -16.78 21.61
N GLU TA 127 3.08 -17.52 21.08
CA GLU TA 127 4.08 -18.18 21.90
C GLU TA 127 5.01 -17.17 22.56
N TYR TA 128 5.52 -17.54 23.74
CA TYR TA 128 6.38 -16.67 24.53
C TYR TA 128 7.72 -17.34 24.78
N LYS TA 129 8.80 -16.57 24.71
CA LYS TA 129 10.15 -17.09 24.89
C LYS TA 129 10.94 -16.19 25.82
N ARG TA 130 11.85 -16.80 26.58
CA ARG TA 130 12.72 -16.10 27.51
C ARG TA 130 14.16 -16.20 27.04
N ILE TA 131 14.98 -15.22 27.45
CA ILE TA 131 16.40 -15.20 27.13
C ILE TA 131 17.19 -15.36 28.42
N LYS TA 132 18.33 -16.06 28.34
CA LYS TA 132 19.21 -16.20 29.48
C LYS TA 132 19.93 -14.91 29.78
N ILE TA 133 20.10 -14.61 31.06
CA ILE TA 133 20.82 -13.41 31.50
C ILE TA 133 22.29 -13.76 31.68
N PRO TA 134 23.22 -12.95 31.17
CA PRO TA 134 24.64 -13.30 31.28
C PRO TA 134 25.12 -13.31 32.73
N LYS TA 135 26.12 -14.14 32.99
CA LYS TA 135 26.73 -14.27 34.30
C LYS TA 135 28.17 -13.78 34.26
N VAL TA 136 28.58 -13.09 35.31
CA VAL TA 136 29.96 -12.61 35.40
C VAL TA 136 30.89 -13.80 35.60
N THR TA 137 31.96 -13.84 34.82
CA THR TA 137 32.91 -14.93 34.92
C THR TA 137 33.62 -14.87 36.28
N PRO TA 138 33.89 -16.02 36.91
CA PRO TA 138 34.66 -16.08 38.15
C PRO TA 138 36.09 -15.63 37.94
N MET UA 1 5.21 -43.06 -7.79
CA MET UA 1 6.24 -42.12 -7.39
C MET UA 1 6.39 -42.07 -5.88
N GLU UA 2 7.57 -41.67 -5.42
CA GLU UA 2 7.87 -41.56 -4.00
C GLU UA 2 8.40 -40.17 -3.72
N MET UA 3 8.25 -39.74 -2.47
CA MET UA 3 8.72 -38.43 -2.02
C MET UA 3 9.62 -38.60 -0.81
N TRP UA 4 10.80 -37.99 -0.86
CA TRP UA 4 11.82 -38.12 0.18
C TRP UA 4 12.33 -36.76 0.61
N LEU UA 5 12.62 -36.63 1.91
CA LEU UA 5 13.38 -35.52 2.46
C LEU UA 5 14.54 -36.11 3.24
N ARG UA 6 15.77 -35.71 2.90
CA ARG UA 6 16.95 -36.34 3.46
C ARG UA 6 17.94 -35.30 3.95
N GLN UA 7 18.51 -35.55 5.11
CA GLN UA 7 19.59 -34.74 5.69
C GLN UA 7 20.77 -35.67 5.89
N ALA UA 8 21.74 -35.62 4.98
CA ALA UA 8 22.90 -36.51 4.96
C ALA UA 8 22.36 -37.94 4.94
N GLU UA 9 22.74 -38.80 5.89
CA GLU UA 9 22.26 -40.19 5.91
C GLU UA 9 20.88 -40.34 6.54
N ASP UA 10 20.37 -39.31 7.21
CA ASP UA 10 19.07 -39.37 7.86
C ASP UA 10 17.98 -39.09 6.84
N ARG UA 11 17.15 -40.10 6.55
CA ARG UA 11 16.16 -39.99 5.49
C ARG UA 11 14.76 -40.22 6.03
N PHE UA 12 13.80 -39.54 5.42
CA PHE UA 12 12.40 -39.65 5.76
C PHE UA 12 11.60 -39.77 4.47
N ARG UA 13 10.67 -40.71 4.43
CA ARG UA 13 9.82 -40.92 3.26
C ARG UA 13 8.37 -40.70 3.65
N PHE UA 14 7.66 -39.91 2.87
CA PHE UA 14 6.29 -39.54 3.21
C PHE UA 14 5.35 -40.74 3.05
N PRO UA 15 4.48 -41.00 4.03
CA PRO UA 15 3.65 -42.20 3.96
C PRO UA 15 2.45 -42.10 3.01
N VAL UA 16 1.88 -40.92 2.84
CA VAL UA 16 0.75 -40.72 1.94
C VAL UA 16 1.17 -39.71 0.88
N PHE UA 17 1.13 -40.12 -0.39
CA PHE UA 17 1.51 -39.24 -1.47
C PHE UA 17 0.41 -38.21 -1.73
N PRO UA 18 0.76 -36.95 -1.96
CA PRO UA 18 -0.24 -35.89 -2.07
C PRO UA 18 -1.05 -36.00 -3.35
N SER UA 19 -2.10 -35.18 -3.41
CA SER UA 19 -3.00 -35.17 -4.56
C SER UA 19 -2.42 -34.44 -5.76
N SER UA 20 -1.58 -33.44 -5.54
CA SER UA 20 -0.92 -32.75 -6.64
C SER UA 20 0.31 -32.02 -6.11
N PHE UA 21 1.20 -31.65 -7.03
CA PHE UA 21 2.39 -30.88 -6.71
C PHE UA 21 2.72 -29.96 -7.88
N SER UA 22 3.20 -28.75 -7.58
CA SER UA 22 3.51 -27.76 -8.61
C SER UA 22 4.77 -27.00 -8.27
N ILE UA 23 5.56 -26.69 -9.29
CA ILE UA 23 6.82 -25.97 -9.17
C ILE UA 23 6.66 -24.60 -9.82
N ASN UA 24 7.01 -23.54 -9.10
CA ASN UA 24 6.90 -22.17 -9.59
C ASN UA 24 8.28 -21.61 -9.91
N GLY UA 25 8.42 -21.02 -11.09
CA GLY UA 25 9.66 -20.38 -11.48
C GLY UA 25 9.40 -19.02 -12.11
N LYS UA 26 10.34 -18.11 -11.89
CA LYS UA 26 10.21 -16.74 -12.38
C LYS UA 26 11.55 -16.21 -12.83
N ALA UA 27 11.52 -15.15 -13.62
CA ALA UA 27 12.71 -14.43 -14.05
C ALA UA 27 12.45 -12.94 -13.95
N ALA UA 28 13.50 -12.19 -13.62
CA ALA UA 28 13.39 -10.74 -13.48
C ALA UA 28 13.69 -10.04 -14.79
N VAL UA 29 12.91 -9.00 -15.10
CA VAL UA 29 13.05 -8.23 -16.32
C VAL UA 29 13.05 -6.75 -15.96
N ASN UA 30 14.09 -6.04 -16.38
CA ASN UA 30 14.25 -4.62 -16.08
C ASN UA 30 13.75 -3.79 -17.24
N SER UA 31 12.88 -2.82 -16.95
CA SER UA 31 12.20 -2.03 -17.97
C SER UA 31 12.64 -0.57 -17.91
N SER UA 32 12.85 0.02 -19.09
CA SER UA 32 13.14 1.44 -19.23
C SER UA 32 12.31 1.99 -20.39
N SER UA 33 12.24 3.32 -20.46
CA SER UA 33 11.48 4.02 -21.48
C SER UA 33 12.38 4.98 -22.23
N ILE UA 34 12.25 5.04 -23.55
CA ILE UA 34 13.04 5.93 -24.39
C ILE UA 34 12.12 7.03 -24.87
N LEU UA 35 12.63 8.26 -24.91
CA LEU UA 35 11.88 9.33 -25.56
C LEU UA 35 11.56 8.96 -27.00
N LYS UA 36 10.27 8.91 -27.31
CA LYS UA 36 9.72 8.75 -28.67
C LYS UA 36 9.88 7.35 -29.26
N ILE UA 37 10.36 6.37 -28.50
CA ILE UA 37 10.37 5.00 -29.00
C ILE UA 37 9.52 4.11 -28.10
N GLY UA 38 9.46 4.44 -26.81
CA GLY UA 38 8.64 3.66 -25.89
C GLY UA 38 9.44 2.80 -24.94
N GLU UA 39 8.83 1.70 -24.48
CA GLU UA 39 9.41 0.86 -23.45
C GLU UA 39 10.37 -0.17 -24.05
N ILE UA 40 11.45 -0.45 -23.31
CA ILE UA 40 12.38 -1.53 -23.65
C ILE UA 40 12.66 -2.33 -22.37
N ALA UA 41 13.18 -3.53 -22.55
CA ALA UA 41 13.39 -4.44 -21.43
C ALA UA 41 14.65 -5.27 -21.66
N THR UA 42 15.28 -5.67 -20.56
CA THR UA 42 16.46 -6.52 -20.60
C THR UA 42 16.38 -7.57 -19.51
N PHE UA 43 17.09 -8.68 -19.72
CA PHE UA 43 17.12 -9.78 -18.77
C PHE UA 43 17.89 -9.39 -17.52
N GLY UA 44 17.38 -9.82 -16.36
CA GLY UA 44 17.97 -9.41 -15.10
C GLY UA 44 18.36 -10.52 -14.14
N GLY UA 45 18.06 -11.76 -14.47
CA GLY UA 45 18.42 -12.87 -13.61
C GLY UA 45 17.23 -13.70 -13.16
N VAL UA 46 17.49 -14.95 -12.80
CA VAL UA 46 16.43 -15.91 -12.47
C VAL UA 46 16.27 -15.97 -10.95
N ALA UA 47 15.06 -16.29 -10.50
CA ALA UA 47 14.74 -16.39 -9.09
C ALA UA 47 14.78 -17.85 -8.64
N LEU UA 48 14.58 -18.07 -7.34
CA LEU UA 48 14.59 -19.40 -6.76
C LEU UA 48 13.22 -20.06 -6.89
N LYS UA 49 13.22 -21.37 -7.17
CA LYS UA 49 11.98 -22.12 -7.27
C LYS UA 49 11.35 -22.31 -5.89
N SER UA 50 10.04 -22.52 -5.90
CA SER UA 50 9.30 -22.79 -4.67
C SER UA 50 8.32 -23.93 -4.91
N ILE UA 51 7.99 -24.64 -3.83
CA ILE UA 51 7.16 -25.85 -3.88
C ILE UA 51 6.41 -25.96 -2.56
N SER UA 52 5.13 -26.32 -2.64
CA SER UA 52 4.27 -26.48 -1.48
C SER UA 52 3.60 -27.85 -1.52
N ILE UA 53 3.51 -28.51 -0.37
CA ILE UA 53 3.00 -29.87 -0.25
C ILE UA 53 1.91 -29.91 0.81
N SER UA 54 0.80 -30.58 0.50
CA SER UA 54 -0.30 -30.77 1.44
C SER UA 54 -0.70 -32.23 1.46
N SER UA 55 -0.78 -32.80 2.66
CA SER UA 55 -1.16 -34.19 2.86
C SER UA 55 -1.44 -34.38 4.35
N PHE UA 56 -1.53 -35.64 4.78
CA PHE UA 56 -1.68 -35.95 6.20
C PHE UA 56 -0.78 -37.10 6.60
N PHE UA 57 -0.44 -37.16 7.89
CA PHE UA 57 0.26 -38.29 8.46
C PHE UA 57 -0.74 -39.24 9.08
N PRO UA 58 -0.84 -40.48 8.60
CA PRO UA 58 -1.89 -41.39 9.08
C PRO UA 58 -1.60 -41.93 10.47
N ASN UA 59 -2.66 -42.19 11.22
CA ASN UA 59 -2.58 -42.79 12.55
C ASN UA 59 -2.81 -44.29 12.54
N LYS UA 60 -3.00 -44.90 11.38
CA LYS UA 60 -3.19 -46.34 11.29
C LYS UA 60 -2.77 -46.79 9.90
N ASP UA 61 -2.60 -48.10 9.74
CA ASP UA 61 -2.14 -48.67 8.48
C ASP UA 61 -3.30 -48.74 7.51
N TYR UA 62 -3.40 -47.74 6.63
CA TYR UA 62 -4.44 -47.66 5.63
C TYR UA 62 -4.07 -48.49 4.41
N THR UA 63 -5.07 -48.77 3.58
CA THR UA 63 -4.82 -49.51 2.35
C THR UA 63 -4.05 -48.68 1.34
N PHE UA 64 -4.26 -47.36 1.32
CA PHE UA 64 -3.66 -46.49 0.32
C PHE UA 64 -2.28 -45.97 0.72
N CYS UA 65 -1.73 -46.41 1.84
CA CYS UA 65 -0.43 -45.93 2.28
C CYS UA 65 0.68 -46.43 1.37
N ASP UA 66 1.75 -45.64 1.28
CA ASP UA 66 2.85 -45.96 0.39
C ASP UA 66 3.62 -47.19 0.85
N TYR UA 67 3.78 -47.36 2.16
CA TYR UA 67 4.52 -48.48 2.71
C TYR UA 67 4.08 -48.69 4.15
N THR UA 68 4.70 -49.67 4.81
CA THR UA 68 4.39 -49.99 6.20
C THR UA 68 5.63 -49.82 7.06
N GLY UA 69 5.44 -49.23 8.24
CA GLY UA 69 6.54 -49.03 9.16
C GLY UA 69 6.87 -47.59 9.46
N PHE UA 70 6.04 -46.67 8.99
CA PHE UA 70 6.27 -45.26 9.25
C PHE UA 70 5.99 -44.93 10.73
N PRO UA 71 6.56 -43.86 11.25
CA PRO UA 71 6.37 -43.50 12.66
C PRO UA 71 5.00 -42.87 12.91
N SER UA 72 4.77 -42.52 14.17
CA SER UA 72 3.53 -41.88 14.59
C SER UA 72 3.42 -40.48 14.00
N PRO UA 73 2.20 -39.93 13.91
CA PRO UA 73 2.05 -38.58 13.35
C PRO UA 73 2.90 -37.53 14.05
N TYR UA 74 2.91 -37.52 15.38
CA TYR UA 74 3.65 -36.48 16.08
C TYR UA 74 5.14 -36.73 16.09
N ASP UA 75 5.59 -37.96 15.84
CA ASP UA 75 7.01 -38.19 15.60
C ASP UA 75 7.48 -37.51 14.32
N CYS UA 76 6.71 -37.67 13.24
CA CYS UA 76 7.00 -36.96 12.00
C CYS UA 76 6.96 -35.46 12.21
N VAL UA 77 5.96 -34.99 12.96
CA VAL UA 77 5.85 -33.56 13.22
C VAL UA 77 7.07 -33.05 13.95
N ASN UA 78 7.52 -33.77 14.98
CA ASN UA 78 8.66 -33.33 15.77
C ASN UA 78 9.93 -33.31 14.94
N LYS UA 79 10.12 -34.35 14.10
CA LYS UA 79 11.32 -34.42 13.27
C LYS UA 79 11.39 -33.24 12.30
N ILE UA 80 10.29 -32.98 11.58
CA ILE UA 80 10.31 -31.89 10.61
C ILE UA 80 10.43 -30.54 11.30
N GLU UA 81 9.79 -30.39 12.47
CA GLU UA 81 9.90 -29.13 13.20
C GLU UA 81 11.32 -28.86 13.66
N LYS UA 82 12.03 -29.89 14.11
CA LYS UA 82 13.43 -29.71 14.46
C LYS UA 82 14.25 -29.30 13.25
N TRP UA 83 14.03 -29.94 12.10
CA TRP UA 83 14.75 -29.56 10.90
C TRP UA 83 14.52 -28.09 10.55
N MET UA 84 13.27 -27.62 10.66
CA MET UA 84 13.00 -26.21 10.37
C MET UA 84 13.63 -25.30 11.42
N LYS UA 85 13.66 -25.73 12.68
CA LYS UA 85 14.22 -24.90 13.74
C LYS UA 85 15.71 -24.64 13.55
N GLU UA 86 16.47 -25.68 13.19
CA GLU UA 86 17.91 -25.47 13.11
C GLU UA 86 18.37 -24.88 11.79
N GLY UA 87 17.50 -24.74 10.80
CA GLY UA 87 17.90 -24.23 9.50
C GLY UA 87 18.80 -25.16 8.72
N PHE UA 88 18.53 -26.46 8.75
CA PHE UA 88 19.33 -27.42 8.01
C PHE UA 88 19.09 -27.29 6.51
N ILE UA 89 20.11 -27.62 5.72
CA ILE UA 89 19.98 -27.70 4.26
C ILE UA 89 19.67 -29.14 3.90
N LEU UA 90 18.52 -29.36 3.28
CA LEU UA 90 17.99 -30.69 3.02
C LEU UA 90 17.97 -30.96 1.54
N ARG UA 91 17.76 -32.22 1.17
CA ARG UA 91 17.63 -32.63 -0.22
C ARG UA 91 16.24 -33.21 -0.44
N PHE UA 92 15.51 -32.64 -1.39
CA PHE UA 92 14.12 -33.00 -1.67
C PHE UA 92 14.05 -33.61 -3.07
N THR UA 93 13.42 -34.78 -3.16
CA THR UA 93 13.36 -35.49 -4.43
C THR UA 93 12.00 -36.16 -4.59
N ILE UA 94 11.47 -36.10 -5.81
CA ILE UA 94 10.28 -36.85 -6.20
C ILE UA 94 10.69 -37.77 -7.33
N THR UA 95 10.54 -39.07 -7.13
CA THR UA 95 11.03 -40.02 -8.12
C THR UA 95 10.19 -40.00 -9.37
N GLU UA 96 10.80 -40.39 -10.49
CA GLU UA 96 10.21 -40.40 -11.83
C GLU UA 96 9.93 -38.99 -12.36
N THR UA 97 10.54 -37.96 -11.78
CA THR UA 97 10.43 -36.61 -12.33
C THR UA 97 11.82 -35.99 -12.42
N ASN UA 98 11.89 -34.69 -12.71
CA ASN UA 98 13.16 -33.97 -12.74
C ASN UA 98 13.38 -33.14 -11.48
N ILE UA 99 12.66 -33.44 -10.41
CA ILE UA 99 12.69 -32.65 -9.18
C ILE UA 99 13.67 -33.34 -8.23
N ASN UA 100 14.87 -32.78 -8.11
CA ASN UA 100 15.89 -33.31 -7.20
C ASN UA 100 16.86 -32.17 -6.89
N MET UA 101 16.67 -31.54 -5.73
CA MET UA 101 17.41 -30.33 -5.43
C MET UA 101 17.53 -30.12 -3.94
N GLU UA 102 18.44 -29.22 -3.56
CA GLU UA 102 18.64 -28.82 -2.18
C GLU UA 102 17.69 -27.68 -1.84
N VAL UA 103 17.08 -27.75 -0.65
CA VAL UA 103 16.02 -26.85 -0.26
C VAL UA 103 16.21 -26.40 1.18
N ILE UA 104 15.35 -25.48 1.60
CA ILE UA 104 15.26 -25.03 2.98
C ILE UA 104 13.78 -24.83 3.32
N ILE UA 105 13.41 -25.12 4.56
CA ILE UA 105 12.01 -25.12 4.97
C ILE UA 105 11.61 -23.72 5.40
N GLU UA 106 10.53 -23.20 4.82
CA GLU UA 106 10.02 -21.86 5.13
C GLU UA 106 8.85 -21.87 6.09
N GLY UA 107 7.97 -22.86 6.01
CA GLY UA 107 6.80 -22.90 6.88
C GLY UA 107 6.33 -24.31 7.11
N PHE UA 108 5.63 -24.48 8.24
CA PHE UA 108 5.10 -25.79 8.60
C PHE UA 108 3.88 -25.57 9.47
N SER UA 109 2.73 -26.04 9.01
CA SER UA 109 1.47 -25.93 9.73
C SER UA 109 0.80 -27.30 9.77
N TYR UA 110 0.22 -27.64 10.92
CA TYR UA 110 -0.45 -28.93 11.07
C TYR UA 110 -1.70 -28.76 11.91
N GLU UA 111 -2.63 -29.69 11.75
CA GLU UA 111 -3.93 -29.56 12.40
C GLU UA 111 -4.63 -30.91 12.51
N GLU UA 112 -5.66 -30.96 13.35
CA GLU UA 112 -6.55 -32.09 13.48
C GLU UA 112 -7.98 -31.60 13.30
N ARG UA 113 -8.77 -32.30 12.49
CA ARG UA 113 -10.09 -31.79 12.14
C ARG UA 113 -11.19 -32.84 12.06
N ASP UA 114 -10.96 -34.06 12.54
CA ASP UA 114 -12.03 -35.06 12.52
C ASP UA 114 -11.81 -36.02 13.69
N GLY UA 115 -12.47 -37.16 13.63
CA GLY UA 115 -12.42 -38.16 14.68
C GLY UA 115 -11.43 -39.28 14.48
N THR UA 116 -10.50 -39.16 13.54
CA THR UA 116 -9.60 -40.24 13.19
C THR UA 116 -8.21 -40.09 13.80
N ARG UA 117 -7.88 -38.94 14.38
CA ARG UA 117 -6.57 -38.61 14.92
C ARG UA 117 -5.49 -38.53 13.85
N ASP UA 118 -5.86 -38.30 12.59
CA ASP UA 118 -4.88 -38.00 11.55
C ASP UA 118 -4.49 -36.53 11.63
N VAL UA 119 -3.26 -36.24 11.19
CA VAL UA 119 -2.69 -34.91 11.27
C VAL UA 119 -2.43 -34.41 9.86
N TYR UA 120 -3.18 -33.41 9.42
CA TYR UA 120 -2.95 -32.77 8.14
C TYR UA 120 -1.89 -31.68 8.27
N PHE UA 121 -1.11 -31.49 7.20
CA PHE UA 121 0.01 -30.56 7.23
C PHE UA 121 0.12 -29.81 5.91
N THR UA 122 0.88 -28.72 5.96
CA THR UA 122 1.30 -27.97 4.77
C THR UA 122 2.75 -27.57 4.95
N LEU UA 123 3.57 -27.86 3.94
CA LEU UA 123 5.01 -27.65 4.02
C LEU UA 123 5.46 -26.78 2.85
N ASP UA 124 6.18 -25.70 3.16
CA ASP UA 124 6.70 -24.78 2.15
C ASP UA 124 8.21 -24.89 2.08
N LEU UA 125 8.73 -25.15 0.89
CA LEU UA 125 10.16 -25.31 0.66
C LEU UA 125 10.65 -24.30 -0.35
N LYS UA 126 11.93 -23.95 -0.25
CA LYS UA 126 12.54 -22.97 -1.14
C LYS UA 126 13.89 -23.48 -1.60
N GLU UA 127 14.19 -23.25 -2.87
CA GLU UA 127 15.46 -23.69 -3.44
C GLU UA 127 16.62 -22.95 -2.78
N TYR UA 128 17.74 -23.64 -2.60
CA TYR UA 128 18.91 -23.10 -1.94
C TYR UA 128 20.09 -23.10 -2.90
N LYS UA 129 20.77 -21.96 -2.98
CA LYS UA 129 22.00 -21.82 -3.76
C LYS UA 129 23.11 -21.27 -2.87
N ARG UA 130 24.27 -21.93 -2.91
CA ARG UA 130 25.43 -21.47 -2.15
C ARG UA 130 26.21 -20.45 -2.96
N ILE UA 131 26.79 -19.47 -2.28
CA ILE UA 131 27.53 -18.42 -2.95
C ILE UA 131 29.00 -18.82 -3.05
N LYS UA 132 29.60 -18.54 -4.20
CA LYS UA 132 30.99 -18.87 -4.47
C LYS UA 132 31.85 -17.63 -4.31
N ILE UA 133 32.79 -17.67 -3.38
CA ILE UA 133 33.70 -16.56 -3.13
C ILE UA 133 35.03 -16.86 -3.83
N PRO UA 134 35.44 -16.06 -4.81
CA PRO UA 134 36.69 -16.34 -5.52
C PRO UA 134 37.91 -15.99 -4.69
N LYS UA 135 39.00 -16.69 -4.97
CA LYS UA 135 40.26 -16.54 -4.27
C LYS UA 135 41.40 -16.45 -5.28
N VAL UA 136 42.57 -16.08 -4.79
CA VAL UA 136 43.76 -16.06 -5.63
C VAL UA 136 45.01 -16.17 -4.75
N SER VA 2 48.05 -0.10 -18.40
CA SER VA 2 47.83 0.06 -16.97
C SER VA 2 47.19 1.42 -16.66
N THR VA 3 46.94 2.21 -17.70
CA THR VA 3 46.41 3.55 -17.55
C THR VA 3 44.89 3.61 -17.76
N ILE VA 4 44.36 2.81 -18.68
CA ILE VA 4 42.95 2.91 -19.02
C ILE VA 4 42.07 2.43 -17.87
N PHE VA 5 40.83 2.91 -17.87
CA PHE VA 5 39.82 2.61 -16.86
C PHE VA 5 38.63 2.02 -17.61
N PRO VA 6 38.59 0.71 -17.80
CA PRO VA 6 37.64 0.12 -18.74
C PRO VA 6 36.29 -0.24 -18.13
N PHE VA 7 36.00 0.26 -16.94
CA PHE VA 7 34.81 -0.20 -16.24
C PHE VA 7 33.54 0.50 -16.69
N ILE VA 8 33.63 1.77 -17.07
CA ILE VA 8 32.47 2.46 -17.66
C ILE VA 8 32.42 2.20 -19.16
N GLY VA 9 33.55 2.31 -19.83
CA GLY VA 9 33.65 1.99 -21.24
C GLY VA 9 35.09 2.03 -21.68
N VAL VA 10 35.37 1.31 -22.76
CA VAL VA 10 36.74 1.21 -23.26
C VAL VA 10 36.98 2.31 -24.28
N PRO VA 11 38.18 2.87 -24.35
CA PRO VA 11 38.47 3.87 -25.38
C PRO VA 11 38.39 3.26 -26.76
N GLU VA 12 37.98 4.09 -27.71
CA GLU VA 12 37.82 3.69 -29.10
C GLU VA 12 39.13 3.25 -29.75
N ASP VA 13 40.22 3.97 -29.46
CA ASP VA 13 41.50 3.62 -30.05
C ASP VA 13 42.08 2.36 -29.44
N TYR VA 14 41.82 2.12 -28.16
CA TYR VA 14 42.39 0.97 -27.46
C TYR VA 14 41.94 -0.33 -28.11
N ILE VA 15 42.91 -1.23 -28.32
CA ILE VA 15 42.65 -2.54 -28.90
C ILE VA 15 42.70 -3.58 -27.78
N LEU VA 16 41.70 -4.46 -27.75
CA LEU VA 16 41.73 -5.54 -26.78
C LEU VA 16 42.92 -6.46 -27.07
N PRO VA 17 43.65 -6.90 -26.04
CA PRO VA 17 44.87 -7.69 -26.31
C PRO VA 17 44.58 -9.00 -27.02
N LYS VA 18 43.61 -9.78 -26.51
CA LYS VA 18 43.29 -11.07 -27.09
C LYS VA 18 41.89 -11.45 -26.64
N THR VA 19 41.34 -12.48 -27.29
CA THR VA 19 40.14 -13.14 -26.81
C THR VA 19 40.57 -14.44 -26.11
N GLU VA 20 39.89 -14.75 -25.01
CA GLU VA 20 40.30 -15.85 -24.15
C GLU VA 20 39.65 -17.14 -24.63
N GLU VA 21 40.48 -18.12 -24.99
CA GLU VA 21 40.01 -19.41 -25.45
C GLU VA 21 40.90 -20.50 -24.87
N LEU VA 22 40.36 -21.70 -24.78
CA LEU VA 22 41.14 -22.80 -24.27
C LEU VA 22 42.00 -23.40 -25.37
N PRO VA 23 43.19 -23.89 -25.03
CA PRO VA 23 44.01 -24.59 -26.02
C PRO VA 23 43.37 -25.90 -26.44
N ILE VA 24 44.01 -26.56 -27.40
CA ILE VA 24 43.48 -27.82 -27.92
C ILE VA 24 43.75 -28.92 -26.90
N PHE VA 25 42.68 -29.58 -26.46
CA PHE VA 25 42.80 -30.62 -25.46
C PHE VA 25 43.58 -31.80 -26.03
N ARG VA 26 44.66 -32.20 -25.34
CA ARG VA 26 45.51 -33.28 -25.76
C ARG VA 26 45.83 -34.19 -24.58
N GLU VA 27 45.93 -35.48 -24.85
CA GLU VA 27 46.10 -36.46 -23.79
C GLU VA 27 46.82 -37.69 -24.34
N VAL VA 28 47.52 -38.38 -23.46
CA VAL VA 28 48.17 -39.64 -23.83
C VAL VA 28 47.11 -40.68 -24.14
N ALA VA 29 47.24 -41.35 -25.27
CA ALA VA 29 46.25 -42.32 -25.70
C ALA VA 29 46.21 -43.52 -24.77
N TRP VA 30 45.03 -44.11 -24.64
CA TRP VA 30 44.76 -45.19 -23.71
C TRP VA 30 43.85 -46.20 -24.40
N ASP VA 31 44.09 -47.48 -24.15
CA ASP VA 31 43.24 -48.53 -24.70
C ASP VA 31 42.41 -49.15 -23.58
N PHE VA 32 41.14 -49.40 -23.88
CA PHE VA 32 40.16 -49.68 -22.85
C PHE VA 32 39.99 -51.17 -22.56
N GLU VA 33 40.24 -52.04 -23.53
CA GLU VA 33 40.11 -53.47 -23.30
C GLU VA 33 41.27 -54.05 -22.52
N LYS VA 34 42.39 -53.34 -22.43
CA LYS VA 34 43.55 -53.82 -21.69
C LYS VA 34 44.00 -52.86 -20.59
N ASP VA 35 43.48 -51.63 -20.57
CA ASP VA 35 43.76 -50.66 -19.51
C ASP VA 35 45.26 -50.35 -19.43
N GLU VA 36 45.79 -49.85 -20.54
CA GLU VA 36 47.19 -49.48 -20.64
C GLU VA 36 47.35 -48.22 -21.48
N PRO VA 37 48.41 -47.45 -21.27
CA PRO VA 37 48.81 -46.46 -22.27
C PRO VA 37 49.38 -47.15 -23.50
N ILE VA 38 49.32 -46.45 -24.62
CA ILE VA 38 49.66 -47.01 -25.93
C ILE VA 38 51.02 -46.47 -26.37
N LEU VA 39 51.89 -47.37 -26.82
CA LEU VA 39 53.22 -47.02 -27.31
C LEU VA 39 53.21 -47.00 -28.84
N GLU VA 40 53.79 -45.96 -29.42
CA GLU VA 40 53.82 -45.78 -30.87
C GLU VA 40 55.25 -45.45 -31.28
N LYS VA 41 55.85 -46.32 -32.10
CA LYS VA 41 57.24 -46.17 -32.55
C LYS VA 41 58.18 -46.01 -31.36
N GLY VA 42 57.97 -46.82 -30.33
CA GLY VA 42 58.79 -46.76 -29.14
C GLY VA 42 58.63 -45.47 -28.35
N ASP VA 43 57.42 -44.93 -28.30
CA ASP VA 43 57.14 -43.73 -27.51
C ASP VA 43 55.63 -43.65 -27.29
N PHE VA 44 55.25 -42.81 -26.31
CA PHE VA 44 53.83 -42.62 -26.04
C PHE VA 44 53.15 -41.89 -27.20
N LYS VA 45 51.97 -42.35 -27.55
CA LYS VA 45 51.18 -41.76 -28.63
C LYS VA 45 50.20 -40.75 -28.04
N ILE VA 46 50.13 -39.57 -28.66
CA ILE VA 46 49.27 -38.48 -28.19
C ILE VA 46 48.11 -38.32 -29.17
N ILE VA 47 46.90 -38.27 -28.63
CA ILE VA 47 45.71 -37.95 -29.40
C ILE VA 47 45.18 -36.60 -28.93
N GLU VA 48 44.14 -36.10 -29.61
CA GLU VA 48 43.65 -34.77 -29.30
C GLU VA 48 42.12 -34.71 -29.45
N LYS VA 49 41.54 -33.70 -28.80
CA LYS VA 49 40.12 -33.34 -28.89
C LYS VA 49 39.26 -34.51 -28.43
N LYS VA 50 38.34 -35.02 -29.25
CA LYS VA 50 37.26 -35.86 -28.75
C LYS VA 50 37.76 -37.16 -28.16
N GLU VA 51 38.78 -37.76 -28.76
CA GLU VA 51 39.33 -39.01 -28.23
C GLU VA 51 40.00 -38.79 -26.88
N ALA VA 52 40.72 -37.68 -26.73
CA ALA VA 52 41.30 -37.35 -25.44
C ALA VA 52 40.21 -37.15 -24.39
N LEU VA 53 39.12 -36.49 -24.78
CA LEU VA 53 38.00 -36.32 -23.86
C LEU VA 53 37.39 -37.67 -23.48
N LYS VA 54 37.34 -38.61 -24.43
CA LYS VA 54 36.86 -39.94 -24.10
C LYS VA 54 37.74 -40.59 -23.04
N VAL VA 55 39.06 -40.46 -23.20
CA VAL VA 55 39.98 -41.03 -22.21
C VAL VA 55 39.75 -40.41 -20.83
N TRP VA 56 39.62 -39.09 -20.79
CA TRP VA 56 39.42 -38.41 -19.52
C TRP VA 56 38.10 -38.83 -18.87
N ILE VA 57 37.04 -38.94 -19.67
CA ILE VA 57 35.74 -39.34 -19.15
C ILE VA 57 35.80 -40.75 -18.58
N TYR VA 58 36.44 -41.67 -19.30
CA TYR VA 58 36.57 -43.03 -18.81
C TYR VA 58 37.29 -43.05 -17.46
N LYS VA 59 38.41 -42.32 -17.37
CA LYS VA 59 39.16 -42.29 -16.12
C LYS VA 59 38.34 -41.69 -14.99
N CYS VA 60 37.57 -40.64 -15.27
CA CYS VA 60 36.79 -40.00 -14.21
C CYS VA 60 35.66 -40.90 -13.72
N ILE VA 61 34.98 -41.59 -14.63
CA ILE VA 61 33.91 -42.48 -14.21
C ILE VA 61 34.45 -43.66 -13.42
N LYS VA 62 35.63 -44.16 -13.80
CA LYS VA 62 36.13 -45.39 -13.20
C LYS VA 62 36.66 -45.22 -11.78
N THR VA 63 36.81 -44.01 -11.27
CA THR VA 63 37.41 -43.80 -9.95
C THR VA 63 36.36 -43.53 -8.90
N ASN VA 64 36.71 -43.83 -7.65
CA ASN VA 64 35.87 -43.53 -6.50
C ASN VA 64 36.19 -42.14 -5.96
N ARG VA 65 35.25 -41.59 -5.19
CA ARG VA 65 35.31 -40.17 -4.87
C ARG VA 65 36.28 -39.87 -3.74
N TYR VA 66 36.02 -40.39 -2.55
CA TYR VA 66 36.81 -40.05 -1.37
C TYR VA 66 37.88 -41.09 -1.05
N GLU VA 67 38.14 -42.03 -1.94
CA GLU VA 67 38.99 -43.16 -1.59
C GLU VA 67 40.46 -42.75 -1.53
N HIS VA 68 40.91 -41.89 -2.43
CA HIS VA 68 42.33 -41.62 -2.59
C HIS VA 68 42.71 -40.26 -2.02
N GLU VA 69 43.82 -40.22 -1.29
CA GLU VA 69 44.26 -39.01 -0.61
C GLU VA 69 44.82 -37.98 -1.60
N ILE VA 70 45.37 -38.44 -2.73
CA ILE VA 70 45.98 -37.52 -3.68
C ILE VA 70 44.93 -36.61 -4.31
N TYR VA 71 43.72 -37.10 -4.54
CA TYR VA 71 42.69 -36.33 -5.21
C TYR VA 71 42.01 -35.36 -4.24
N SER VA 72 41.29 -34.40 -4.81
CA SER VA 72 40.50 -33.46 -4.03
C SER VA 72 39.12 -34.06 -3.76
N LEU VA 73 38.23 -33.27 -3.16
CA LEU VA 73 36.89 -33.74 -2.86
C LEU VA 73 35.97 -33.71 -4.08
N GLU VA 74 36.37 -33.06 -5.16
CA GLU VA 74 35.52 -32.94 -6.34
C GLU VA 74 35.69 -34.11 -7.30
N TYR VA 75 36.88 -34.65 -7.42
CA TYR VA 75 37.15 -35.69 -8.42
C TYR VA 75 36.64 -37.05 -7.96
N GLY VA 76 35.98 -37.75 -8.86
CA GLY VA 76 35.48 -39.09 -8.61
C GLY VA 76 33.98 -39.17 -8.77
N THR VA 77 33.44 -40.33 -8.39
CA THR VA 77 32.02 -40.62 -8.56
C THR VA 77 31.57 -41.52 -7.42
N GLU VA 78 30.33 -41.31 -6.97
CA GLU VA 78 29.77 -42.05 -5.84
C GLU VA 78 28.93 -43.25 -6.26
N LEU VA 79 29.12 -43.75 -7.49
CA LEU VA 79 28.26 -44.82 -7.98
C LEU VA 79 28.43 -46.12 -7.19
N SER VA 80 29.48 -46.27 -6.40
CA SER VA 80 29.68 -47.48 -5.62
C SER VA 80 28.72 -47.58 -4.44
N GLU VA 81 28.02 -46.50 -4.09
CA GLU VA 81 27.06 -46.55 -3.00
C GLU VA 81 25.73 -47.14 -3.40
N LEU VA 82 25.50 -47.41 -4.68
CA LEU VA 82 24.25 -47.95 -5.15
C LEU VA 82 24.25 -49.46 -5.28
N ILE VA 83 25.42 -50.10 -5.25
CA ILE VA 83 25.51 -51.53 -5.48
C ILE VA 83 24.83 -52.28 -4.34
N GLY VA 84 23.92 -53.18 -4.70
CA GLY VA 84 23.20 -53.96 -3.71
C GLY VA 84 21.81 -53.47 -3.38
N GLN VA 85 21.29 -52.48 -4.10
CA GLN VA 85 19.95 -51.95 -3.90
C GLN VA 85 19.76 -51.39 -2.49
N LYS VA 86 20.70 -50.56 -2.06
CA LYS VA 86 20.55 -49.90 -0.77
C LYS VA 86 19.35 -48.97 -0.75
N TYR VA 87 19.10 -48.27 -1.86
CA TYR VA 87 17.92 -47.44 -2.04
C TYR VA 87 16.87 -48.20 -2.84
N THR VA 88 15.70 -47.58 -3.00
CA THR VA 88 14.69 -48.10 -3.90
C THR VA 88 15.12 -47.84 -5.35
N LYS VA 89 14.31 -48.31 -6.29
CA LYS VA 89 14.70 -48.22 -7.70
C LYS VA 89 14.61 -46.80 -8.23
N GLY VA 90 13.53 -46.08 -7.92
CA GLY VA 90 13.42 -44.70 -8.38
C GLY VA 90 14.47 -43.79 -7.77
N LEU VA 91 14.71 -43.93 -6.47
CA LEU VA 91 15.77 -43.16 -5.83
C LEU VA 91 17.12 -43.51 -6.43
N THR VA 92 17.34 -44.79 -6.78
CA THR VA 92 18.59 -45.19 -7.41
C THR VA 92 18.76 -44.50 -8.77
N GLU VA 93 17.69 -44.44 -9.56
CA GLU VA 93 17.78 -43.76 -10.85
C GLU VA 93 18.14 -42.28 -10.68
N SER VA 94 17.44 -41.60 -9.75
CA SER VA 94 17.71 -40.19 -9.53
C SER VA 94 19.14 -39.97 -9.09
N GLU VA 95 19.61 -40.79 -8.13
CA GLU VA 95 20.96 -40.62 -7.61
C GLU VA 95 22.00 -40.88 -8.69
N ALA VA 96 21.80 -41.90 -9.52
CA ALA VA 96 22.77 -42.20 -10.56
C ALA VA 96 22.89 -41.04 -11.54
N SER VA 97 21.75 -40.50 -11.98
CA SER VA 97 21.79 -39.37 -12.90
C SER VA 97 22.54 -38.19 -12.28
N ARG VA 98 22.20 -37.85 -11.04
CA ARG VA 98 22.83 -36.70 -10.40
C ARG VA 98 24.32 -36.92 -10.19
N PHE VA 99 24.71 -38.12 -9.78
CA PHE VA 99 26.12 -38.42 -9.56
C PHE VA 99 26.93 -38.24 -10.84
N ILE VA 100 26.43 -38.81 -11.95
CA ILE VA 100 27.17 -38.71 -13.21
C ILE VA 100 27.29 -37.25 -13.65
N LYS VA 101 26.18 -36.51 -13.58
CA LYS VA 101 26.22 -35.11 -14.03
C LYS VA 101 27.21 -34.30 -13.22
N GLU VA 102 27.12 -34.39 -11.88
CA GLU VA 102 27.98 -33.58 -11.04
C GLU VA 102 29.45 -33.99 -11.15
N ALA VA 103 29.73 -35.27 -11.36
CA ALA VA 103 31.11 -35.69 -11.53
C ALA VA 103 31.69 -35.17 -12.85
N LEU VA 104 30.94 -35.29 -13.94
CA LEU VA 104 31.48 -34.88 -15.24
C LEU VA 104 31.57 -33.37 -15.41
N LEU VA 105 30.70 -32.61 -14.76
CA LEU VA 105 30.70 -31.19 -15.11
C LEU VA 105 31.91 -30.41 -14.58
N ILE VA 106 32.94 -31.00 -13.96
CA ILE VA 106 34.06 -30.20 -13.48
C ILE VA 106 35.09 -29.92 -14.58
N ASN VA 107 35.05 -30.64 -15.69
CA ASN VA 107 35.96 -30.37 -16.79
C ASN VA 107 35.52 -29.12 -17.53
N PRO VA 108 36.39 -28.13 -17.69
CA PRO VA 108 35.99 -26.90 -18.39
C PRO VA 108 35.68 -27.11 -19.86
N TYR VA 109 36.11 -28.21 -20.47
CA TYR VA 109 35.86 -28.47 -21.88
C TYR VA 109 34.52 -29.15 -22.13
N ILE VA 110 33.78 -29.49 -21.07
CA ILE VA 110 32.49 -30.16 -21.19
C ILE VA 110 31.40 -29.17 -20.80
N LEU VA 111 30.40 -29.02 -21.67
CA LEU VA 111 29.40 -27.97 -21.55
C LEU VA 111 28.09 -28.42 -20.93
N GLU VA 112 27.60 -29.62 -21.28
CA GLU VA 112 26.33 -30.07 -20.73
C GLU VA 112 26.28 -31.59 -20.79
N VAL VA 113 25.67 -32.21 -19.78
CA VAL VA 113 25.54 -33.66 -19.68
C VAL VA 113 24.07 -34.01 -19.46
N ASN VA 114 23.60 -35.02 -20.17
CA ASN VA 114 22.21 -35.48 -20.07
C ASN VA 114 22.19 -36.99 -19.95
N VAL VA 115 21.49 -37.50 -18.95
CA VAL VA 115 21.30 -38.94 -18.76
C VAL VA 115 19.85 -39.23 -19.10
N LYS VA 116 19.62 -39.78 -20.30
CA LYS VA 116 18.28 -39.83 -20.86
C LYS VA 116 17.55 -41.12 -20.51
N SER VA 117 18.08 -42.26 -20.94
CA SER VA 117 17.40 -43.53 -20.76
C SER VA 117 17.87 -44.21 -19.49
N ALA VA 118 17.03 -45.09 -18.95
CA ALA VA 118 17.35 -45.83 -17.74
C ALA VA 118 16.44 -47.04 -17.64
N ASN VA 119 17.02 -48.23 -17.54
CA ASN VA 119 16.26 -49.47 -17.56
C ASN VA 119 16.82 -50.43 -16.53
N PHE VA 120 15.94 -51.23 -15.93
CA PHE VA 120 16.32 -52.25 -14.96
C PHE VA 120 16.01 -53.62 -15.55
N ASN VA 121 17.04 -54.45 -15.69
CA ASN VA 121 16.90 -55.80 -16.23
C ASN VA 121 17.77 -56.72 -15.40
N ARG VA 122 17.15 -57.64 -14.67
CA ARG VA 122 17.83 -58.53 -13.71
C ARG VA 122 18.62 -57.63 -12.75
N ASP VA 123 19.92 -57.82 -12.61
CA ASP VA 123 20.76 -57.04 -11.72
C ASP VA 123 21.55 -55.96 -12.45
N ILE VA 124 21.17 -55.61 -13.67
CA ILE VA 124 21.91 -54.67 -14.49
C ILE VA 124 21.09 -53.40 -14.67
N LEU VA 125 21.73 -52.25 -14.46
CA LEU VA 125 21.16 -50.95 -14.75
C LEU VA 125 21.85 -50.35 -15.97
N SER VA 126 21.06 -49.98 -16.97
CA SER VA 126 21.57 -49.42 -18.22
C SER VA 126 21.11 -47.97 -18.35
N ALA VA 127 21.94 -47.15 -19.01
CA ALA VA 127 21.59 -45.75 -19.22
C ALA VA 127 22.33 -45.23 -20.43
N ASN VA 128 21.82 -44.14 -20.99
CA ASN VA 128 22.43 -43.45 -22.12
C ASN VA 128 22.82 -42.04 -21.70
N VAL VA 129 24.09 -41.71 -21.87
CA VAL VA 129 24.64 -40.42 -21.46
C VAL VA 129 25.09 -39.67 -22.71
N LYS VA 130 24.70 -38.41 -22.82
CA LYS VA 130 25.07 -37.57 -23.95
C LYS VA 130 25.87 -36.39 -23.44
N VAL VA 131 27.10 -36.25 -23.93
CA VAL VA 131 28.03 -35.22 -23.50
C VAL VA 131 28.22 -34.23 -24.64
N SER VA 132 28.09 -32.94 -24.35
CA SER VA 132 28.29 -31.88 -25.33
C SER VA 132 29.55 -31.09 -24.97
N THR VA 133 30.47 -30.99 -25.91
CA THR VA 133 31.72 -30.29 -25.73
C THR VA 133 31.77 -29.04 -26.62
N ILE VA 134 32.87 -28.29 -26.50
CA ILE VA 134 33.04 -27.11 -27.33
C ILE VA 134 33.31 -27.49 -28.78
N TYR VA 135 34.04 -28.57 -29.00
CA TYR VA 135 34.32 -29.04 -30.35
C TYR VA 135 33.09 -29.69 -30.97
N SER WA 2 55.79 3.41 31.53
CA SER WA 2 55.84 4.87 31.40
C SER WA 2 54.68 5.37 30.55
N THR WA 3 53.96 4.44 29.92
CA THR WA 3 52.85 4.77 29.04
C THR WA 3 51.54 4.41 29.73
N ILE WA 4 50.54 5.29 29.59
CA ILE WA 4 49.27 5.07 30.25
C ILE WA 4 48.50 3.93 29.58
N PHE WA 5 47.67 3.26 30.37
CA PHE WA 5 46.81 2.19 29.89
C PHE WA 5 45.38 2.70 29.87
N PRO WA 6 44.80 3.01 28.72
CA PRO WA 6 43.52 3.73 28.69
C PRO WA 6 42.31 2.84 28.79
N PHE WA 7 42.50 1.59 29.20
CA PHE WA 7 41.40 0.64 29.33
C PHE WA 7 41.18 0.29 30.79
N ILE WA 8 39.98 -0.21 31.09
CA ILE WA 8 39.61 -0.53 32.46
C ILE WA 8 40.30 -1.82 32.89
N GLY WA 9 40.97 -1.77 34.03
CA GLY WA 9 41.63 -2.94 34.57
C GLY WA 9 43.12 -2.93 34.35
N VAL WA 10 43.70 -4.12 34.17
CA VAL WA 10 45.14 -4.28 33.97
C VAL WA 10 45.34 -5.21 32.77
N PRO WA 11 46.50 -5.12 32.13
CA PRO WA 11 46.73 -5.93 30.91
C PRO WA 11 46.51 -7.43 31.10
N GLU WA 12 46.52 -7.93 32.33
CA GLU WA 12 46.37 -9.36 32.56
C GLU WA 12 44.94 -9.83 32.33
N ASP WA 13 43.97 -8.92 32.48
CA ASP WA 13 42.57 -9.30 32.34
C ASP WA 13 42.14 -9.48 30.89
N TYR WA 14 42.97 -9.09 29.93
CA TYR WA 14 42.61 -9.11 28.52
C TYR WA 14 43.19 -10.30 27.78
N ILE WA 15 43.66 -11.32 28.49
CA ILE WA 15 44.16 -12.54 27.87
C ILE WA 15 43.05 -13.58 27.92
N LEU WA 16 42.59 -14.00 26.74
CA LEU WA 16 41.53 -14.99 26.67
C LEU WA 16 42.13 -16.32 26.29
N PRO WA 17 41.86 -17.35 27.11
CA PRO WA 17 42.36 -18.71 26.87
C PRO WA 17 41.68 -19.30 25.65
N LYS WA 18 42.40 -20.13 24.89
CA LYS WA 18 41.84 -20.73 23.69
C LYS WA 18 40.67 -21.63 24.10
N THR WA 19 39.60 -21.57 23.31
CA THR WA 19 38.43 -22.40 23.60
C THR WA 19 38.67 -23.82 23.13
N GLU WA 20 38.04 -24.77 23.80
CA GLU WA 20 38.29 -26.18 23.55
C GLU WA 20 37.00 -26.96 23.83
N GLU WA 21 37.00 -28.21 23.37
CA GLU WA 21 35.92 -29.11 23.72
C GLU WA 21 35.88 -29.32 25.24
N LEU WA 22 34.71 -29.66 25.75
CA LEU WA 22 34.58 -29.90 27.17
C LEU WA 22 35.40 -31.12 27.56
N PRO WA 23 36.09 -31.09 28.71
CA PRO WA 23 36.91 -32.22 29.12
C PRO WA 23 36.08 -33.46 29.40
N ILE WA 24 36.74 -34.62 29.32
CA ILE WA 24 36.05 -35.89 29.45
C ILE WA 24 35.35 -35.96 30.80
N PHE WA 25 34.03 -36.20 30.76
CA PHE WA 25 33.23 -36.28 31.96
C PHE WA 25 33.69 -37.43 32.84
N ARG WA 26 33.97 -37.14 34.11
CA ARG WA 26 34.43 -38.15 35.06
C ARG WA 26 33.72 -37.96 36.39
N GLU WA 27 33.38 -39.07 37.03
CA GLU WA 27 32.58 -39.06 38.24
C GLU WA 27 32.89 -40.30 39.06
N VAL WA 28 32.62 -40.21 40.37
CA VAL WA 28 32.79 -41.36 41.25
C VAL WA 28 31.71 -42.39 40.97
N ALA WA 29 32.11 -43.65 40.87
CA ALA WA 29 31.16 -44.73 40.58
C ALA WA 29 30.17 -44.90 41.71
N TRP WA 30 28.98 -45.39 41.36
CA TRP WA 30 27.87 -45.52 42.30
C TRP WA 30 27.21 -46.88 42.11
N ASP WA 31 26.73 -47.44 43.22
CA ASP WA 31 26.02 -48.72 43.22
C ASP WA 31 24.52 -48.41 43.32
N PHE WA 32 23.80 -48.60 42.22
CA PHE WA 32 22.38 -48.25 42.20
C PHE WA 32 21.57 -49.19 43.09
N GLU WA 33 21.91 -50.47 43.11
CA GLU WA 33 21.13 -51.43 43.88
C GLU WA 33 21.19 -51.15 45.38
N LYS WA 34 22.36 -50.74 45.88
CA LYS WA 34 22.56 -50.53 47.30
C LYS WA 34 22.59 -49.05 47.70
N ASP WA 35 22.67 -48.13 46.74
CA ASP WA 35 22.74 -46.70 47.00
C ASP WA 35 23.99 -46.36 47.84
N GLU WA 36 25.16 -46.69 47.29
CA GLU WA 36 26.43 -46.45 47.94
C GLU WA 36 27.47 -46.15 46.89
N PRO WA 37 28.50 -45.37 47.22
CA PRO WA 37 29.68 -45.28 46.36
C PRO WA 37 30.49 -46.56 46.43
N ILE WA 38 31.25 -46.82 45.38
CA ILE WA 38 31.96 -48.08 45.21
C ILE WA 38 33.44 -47.87 45.49
N LEU WA 39 34.01 -48.75 46.31
CA LEU WA 39 35.42 -48.68 46.68
C LEU WA 39 36.20 -49.76 45.94
N GLU WA 40 37.37 -49.38 45.42
CA GLU WA 40 38.20 -50.29 44.65
C GLU WA 40 39.64 -50.14 45.08
N LYS WA 41 40.25 -51.25 45.51
CA LYS WA 41 41.64 -51.26 45.98
C LYS WA 41 41.87 -50.23 47.08
N GLY WA 42 40.93 -50.15 48.00
CA GLY WA 42 41.03 -49.19 49.10
C GLY WA 42 40.95 -47.75 48.68
N ASP WA 43 40.18 -47.43 47.65
CA ASP WA 43 39.97 -46.04 47.24
C ASP WA 43 38.73 -45.97 46.37
N PHE WA 44 38.26 -44.75 46.16
CA PHE WA 44 37.11 -44.52 45.29
C PHE WA 44 37.44 -44.89 43.85
N LYS WA 45 36.46 -45.45 43.16
CA LYS WA 45 36.63 -45.91 41.78
C LYS WA 45 36.01 -44.88 40.85
N ILE WA 46 36.77 -44.47 39.83
CA ILE WA 46 36.40 -43.36 38.96
C ILE WA 46 36.08 -43.92 37.58
N ILE WA 47 34.92 -43.53 37.05
CA ILE WA 47 34.48 -43.91 35.71
C ILE WA 47 34.34 -42.63 34.89
N GLU WA 48 34.12 -42.80 33.58
CA GLU WA 48 34.10 -41.66 32.68
C GLU WA 48 33.08 -41.89 31.57
N LYS WA 49 32.76 -40.78 30.89
CA LYS WA 49 31.84 -40.72 29.74
C LYS WA 49 30.46 -41.20 30.17
N LYS WA 50 29.85 -42.15 29.46
CA LYS WA 50 28.42 -42.43 29.63
C LYS WA 50 28.14 -43.08 30.98
N GLU WA 51 29.05 -43.90 31.48
CA GLU WA 51 28.88 -44.52 32.78
C GLU WA 51 28.78 -43.49 33.89
N ALA WA 52 29.49 -42.36 33.75
CA ALA WA 52 29.38 -41.28 34.72
C ALA WA 52 28.08 -40.50 34.54
N LEU WA 53 27.66 -40.32 33.28
CA LEU WA 53 26.41 -39.63 33.01
C LEU WA 53 25.23 -40.40 33.59
N LYS WA 54 25.32 -41.72 33.65
CA LYS WA 54 24.26 -42.50 34.30
C LYS WA 54 24.12 -42.11 35.76
N VAL WA 55 25.24 -41.98 36.47
CA VAL WA 55 25.20 -41.59 37.87
C VAL WA 55 24.62 -40.20 38.00
N TRP WA 56 25.05 -39.27 37.16
CA TRP WA 56 24.55 -37.90 37.25
C TRP WA 56 23.04 -37.84 37.02
N ILE WA 57 22.56 -38.57 36.01
CA ILE WA 57 21.13 -38.55 35.72
C ILE WA 57 20.33 -39.18 36.84
N TYR WA 58 20.82 -40.30 37.39
CA TYR WA 58 20.13 -40.95 38.50
C TYR WA 58 20.00 -40.00 39.68
N LYS WA 59 21.10 -39.33 40.03
CA LYS WA 59 21.06 -38.41 41.16
C LYS WA 59 20.14 -37.22 40.87
N CYS WA 60 20.16 -36.70 39.64
CA CYS WA 60 19.30 -35.56 39.33
C CYS WA 60 17.83 -35.92 39.41
N ILE WA 61 17.45 -37.09 38.88
CA ILE WA 61 16.06 -37.49 38.91
C ILE WA 61 15.61 -37.75 40.34
N LYS WA 62 16.50 -38.29 41.19
CA LYS WA 62 16.06 -38.72 42.51
C LYS WA 62 15.73 -37.57 43.47
N THR WA 63 16.25 -36.37 43.26
CA THR WA 63 16.03 -35.31 44.22
C THR WA 63 14.84 -34.43 43.85
N ASN WA 64 14.31 -33.73 44.85
CA ASN WA 64 13.21 -32.79 44.67
C ASN WA 64 13.75 -31.38 44.44
N ARG WA 65 12.93 -30.56 43.78
CA ARG WA 65 13.46 -29.34 43.18
C ARG WA 65 13.76 -28.26 44.22
N TYR WA 66 12.76 -27.82 44.98
CA TYR WA 66 12.92 -26.71 45.90
C TYR WA 66 13.14 -27.14 47.34
N GLU WA 67 13.36 -28.43 47.59
CA GLU WA 67 13.37 -28.92 48.97
C GLU WA 67 14.61 -28.47 49.73
N HIS WA 68 15.77 -28.44 49.07
CA HIS WA 68 17.04 -28.27 49.77
C HIS WA 68 17.61 -26.86 49.55
N GLU WA 69 18.22 -26.32 50.60
CA GLU WA 69 18.78 -24.99 50.56
C GLU WA 69 20.10 -24.92 49.80
N ILE WA 70 20.86 -26.01 49.78
CA ILE WA 70 22.18 -26.00 49.16
C ILE WA 70 22.09 -25.92 47.63
N TYR WA 71 20.96 -26.33 47.05
CA TYR WA 71 20.82 -26.32 45.60
C TYR WA 71 20.18 -25.02 45.12
N SER WA 72 20.37 -24.76 43.83
CA SER WA 72 19.78 -23.59 43.21
C SER WA 72 18.32 -23.90 42.84
N LEU WA 73 17.68 -22.99 42.11
CA LEU WA 73 16.28 -23.17 41.75
C LEU WA 73 16.08 -24.00 40.50
N GLU WA 74 17.16 -24.40 39.83
CA GLU WA 74 17.05 -25.16 38.59
C GLU WA 74 17.36 -26.64 38.75
N TYR WA 75 17.99 -27.04 39.85
CA TYR WA 75 18.37 -28.43 40.06
C TYR WA 75 17.23 -29.22 40.69
N GLY WA 76 17.01 -30.42 40.18
CA GLY WA 76 15.98 -31.30 40.69
C GLY WA 76 14.80 -31.41 39.75
N THR WA 77 13.80 -32.17 40.18
CA THR WA 77 12.61 -32.43 39.39
C THR WA 77 11.37 -32.23 40.25
N GLU WA 78 10.22 -32.09 39.59
CA GLU WA 78 8.96 -31.84 40.26
C GLU WA 78 8.00 -33.02 40.18
N LEU WA 79 8.52 -34.24 39.97
CA LEU WA 79 7.65 -35.39 39.75
C LEU WA 79 6.84 -35.76 40.98
N SER WA 80 7.18 -35.23 42.16
CA SER WA 80 6.41 -35.54 43.36
C SER WA 80 5.05 -34.85 43.38
N GLU WA 81 4.87 -33.79 42.58
CA GLU WA 81 3.60 -33.09 42.54
C GLU WA 81 2.53 -33.87 41.80
N LEU WA 82 2.89 -34.94 41.10
CA LEU WA 82 1.92 -35.74 40.37
C LEU WA 82 1.39 -36.93 41.16
N ILE WA 83 2.08 -37.32 42.24
CA ILE WA 83 1.69 -38.50 42.99
C ILE WA 83 0.31 -38.30 43.60
N GLY WA 84 -0.53 -39.32 43.49
CA GLY WA 84 -1.87 -39.28 44.04
C GLY WA 84 -2.94 -38.81 43.09
N GLN WA 85 -2.62 -38.61 41.82
CA GLN WA 85 -3.57 -38.18 40.80
C GLN WA 85 -4.13 -36.79 41.11
N LYS WA 86 -3.24 -35.82 41.32
CA LYS WA 86 -3.66 -34.45 41.52
C LYS WA 86 -4.25 -33.84 40.25
N TYR WA 87 -3.87 -34.35 39.09
CA TYR WA 87 -4.40 -33.92 37.80
C TYR WA 87 -5.04 -35.10 37.08
N THR WA 88 -5.66 -34.81 35.95
CA THR WA 88 -6.17 -35.88 35.10
C THR WA 88 -5.01 -36.67 34.50
N LYS WA 89 -5.33 -37.75 33.79
CA LYS WA 89 -4.29 -38.64 33.29
C LYS WA 89 -3.48 -37.98 32.17
N GLY WA 90 -4.16 -37.34 31.22
CA GLY WA 90 -3.45 -36.68 30.13
C GLY WA 90 -2.59 -35.53 30.61
N LEU WA 91 -3.11 -34.74 31.54
CA LEU WA 91 -2.34 -33.63 32.08
C LEU WA 91 -1.11 -34.14 32.84
N THR WA 92 -1.27 -35.23 33.60
CA THR WA 92 -0.12 -35.81 34.28
C THR WA 92 0.93 -36.31 33.29
N GLU WA 93 0.49 -36.93 32.19
CA GLU WA 93 1.46 -37.41 31.19
C GLU WA 93 2.24 -36.25 30.59
N SER WA 94 1.55 -35.19 30.16
CA SER WA 94 2.23 -34.05 29.58
C SER WA 94 3.19 -33.40 30.56
N GLU WA 95 2.74 -33.24 31.81
CA GLU WA 95 3.58 -32.58 32.81
C GLU WA 95 4.80 -33.43 33.15
N ALA WA 96 4.64 -34.76 33.20
CA ALA WA 96 5.78 -35.62 33.47
C ALA WA 96 6.83 -35.50 32.37
N SER WA 97 6.38 -35.51 31.11
CA SER WA 97 7.31 -35.34 30.01
C SER WA 97 8.08 -34.02 30.14
N ARG WA 98 7.36 -32.93 30.39
CA ARG WA 98 8.00 -31.63 30.49
C ARG WA 98 8.98 -31.57 31.66
N PHE WA 99 8.58 -32.13 32.81
CA PHE WA 99 9.44 -32.10 34.00
C PHE WA 99 10.75 -32.83 33.74
N ILE WA 100 10.67 -34.03 33.16
CA ILE WA 100 11.90 -34.79 32.93
C ILE WA 100 12.82 -34.06 31.94
N LYS WA 101 12.25 -33.56 30.85
CA LYS WA 101 13.06 -32.86 29.86
C LYS WA 101 13.76 -31.66 30.49
N GLU WA 102 13.00 -30.79 31.14
CA GLU WA 102 13.57 -29.56 31.68
C GLU WA 102 14.57 -29.84 32.80
N ALA WA 103 14.32 -30.86 33.62
CA ALA WA 103 15.26 -31.20 34.67
C ALA WA 103 16.59 -31.67 34.11
N LEU WA 104 16.55 -32.57 33.11
CA LEU WA 104 17.79 -33.13 32.59
C LEU WA 104 18.56 -32.19 31.67
N LEU WA 105 17.90 -31.23 31.03
CA LEU WA 105 18.58 -30.49 29.97
C LEU WA 105 19.63 -29.50 30.48
N ILE WA 106 19.73 -29.24 31.79
CA ILE WA 106 20.66 -28.21 32.25
C ILE WA 106 22.13 -28.63 32.10
N ASN WA 107 22.40 -29.92 32.05
CA ASN WA 107 23.78 -30.38 31.90
C ASN WA 107 24.28 -30.08 30.50
N PRO WA 108 25.44 -29.42 30.35
CA PRO WA 108 25.95 -29.12 29.01
C PRO WA 108 26.42 -30.33 28.22
N TYR WA 109 26.62 -31.47 28.88
CA TYR WA 109 27.04 -32.69 28.17
C TYR WA 109 25.88 -33.44 27.56
N ILE WA 110 24.65 -32.98 27.75
CA ILE WA 110 23.45 -33.66 27.27
C ILE WA 110 22.79 -32.79 26.21
N LEU WA 111 22.50 -33.38 25.06
CA LEU WA 111 22.05 -32.61 23.90
C LEU WA 111 20.52 -32.55 23.77
N GLU WA 112 19.84 -33.70 23.85
CA GLU WA 112 18.40 -33.72 23.70
C GLU WA 112 17.81 -34.87 24.50
N VAL WA 113 16.54 -34.71 24.88
CA VAL WA 113 15.81 -35.70 25.67
C VAL WA 113 14.44 -35.92 25.03
N ASN WA 114 14.04 -37.19 24.93
CA ASN WA 114 12.75 -37.55 24.37
C ASN WA 114 12.05 -38.52 25.31
N VAL WA 115 10.79 -38.24 25.62
CA VAL WA 115 9.94 -39.14 26.40
C VAL WA 115 8.83 -39.61 25.48
N LYS WA 116 8.85 -40.89 25.13
CA LYS WA 116 8.09 -41.38 23.99
C LYS WA 116 6.85 -42.18 24.38
N SER WA 117 7.02 -43.25 25.15
CA SER WA 117 5.92 -44.16 25.46
C SER WA 117 5.48 -43.96 26.90
N ALA WA 118 4.17 -43.87 27.12
CA ALA WA 118 3.62 -43.72 28.45
C ALA WA 118 2.38 -44.59 28.58
N ASN WA 119 2.25 -45.28 29.71
CA ASN WA 119 1.14 -46.20 29.91
C ASN WA 119 0.75 -46.21 31.37
N PHE WA 120 -0.56 -46.19 31.62
CA PHE WA 120 -1.10 -46.27 32.97
C PHE WA 120 -1.61 -47.70 33.20
N ASN WA 121 -1.01 -48.39 34.15
CA ASN WA 121 -1.47 -49.73 34.51
C ASN WA 121 -1.59 -49.69 36.02
N ARG WA 122 -2.78 -50.00 36.55
CA ARG WA 122 -3.00 -49.98 37.99
C ARG WA 122 -2.59 -48.60 38.55
N ASP WA 123 -1.68 -48.61 39.51
CA ASP WA 123 -1.15 -47.41 40.13
C ASP WA 123 0.26 -47.05 39.63
N ILE WA 124 0.69 -47.64 38.52
CA ILE WA 124 2.06 -47.44 38.04
C ILE WA 124 2.02 -46.70 36.71
N LEU WA 125 2.91 -45.73 36.56
CA LEU WA 125 3.10 -44.98 35.31
C LEU WA 125 4.47 -45.33 34.75
N SER WA 126 4.50 -45.83 33.52
CA SER WA 126 5.73 -46.27 32.87
C SER WA 126 6.07 -45.34 31.72
N ALA WA 127 7.37 -45.11 31.50
CA ALA WA 127 7.81 -44.25 30.42
C ALA WA 127 9.19 -44.69 29.95
N ASN WA 128 9.51 -44.31 28.71
CA ASN WA 128 10.81 -44.56 28.10
C ASN WA 128 11.47 -43.24 27.75
N VAL WA 129 12.73 -43.08 28.14
CA VAL WA 129 13.47 -41.83 27.95
C VAL WA 129 14.70 -42.11 27.11
N LYS WA 130 14.91 -41.31 26.08
CA LYS WA 130 16.09 -41.40 25.22
C LYS WA 130 16.91 -40.14 25.38
N VAL WA 131 18.21 -40.31 25.65
CA VAL WA 131 19.12 -39.20 25.91
C VAL WA 131 20.25 -39.25 24.89
N SER WA 132 20.55 -38.11 24.29
CA SER WA 132 21.65 -37.98 23.34
C SER WA 132 22.70 -37.06 23.92
N THR WA 133 23.95 -37.52 23.92
CA THR WA 133 25.07 -36.80 24.51
C THR WA 133 26.08 -36.43 23.43
N ILE WA 134 27.14 -35.74 23.84
CA ILE WA 134 28.22 -35.44 22.89
C ILE WA 134 28.95 -36.72 22.52
N TYR WA 135 29.08 -37.66 23.45
CA TYR WA 135 29.68 -38.95 23.15
C TYR WA 135 28.70 -39.85 22.41
N ALA XA 2 3.18 -56.67 49.15
CA ALA XA 2 3.36 -55.69 50.20
C ALA XA 2 3.32 -54.28 49.64
N ILE XA 3 2.53 -53.42 50.26
CA ILE XA 3 2.34 -52.04 49.82
C ILE XA 3 3.27 -51.16 50.62
N GLY XA 4 4.12 -50.40 49.93
CA GLY XA 4 5.08 -49.55 50.60
C GLY XA 4 4.95 -48.08 50.23
N LEU XA 5 6.00 -47.31 50.52
CA LEU XA 5 5.97 -45.90 50.20
C LEU XA 5 6.05 -45.67 48.69
N PRO XA 6 5.47 -44.59 48.19
CA PRO XA 6 5.64 -44.25 46.78
C PRO XA 6 7.10 -43.99 46.44
N SER XA 7 7.49 -44.32 45.23
CA SER XA 7 8.89 -44.27 44.86
C SER XA 7 9.04 -44.09 43.36
N ILE XA 8 10.29 -43.82 42.94
CA ILE XA 8 10.68 -43.74 41.54
C ILE XA 8 11.65 -44.88 41.27
N ASN XA 9 11.36 -45.69 40.27
CA ASN XA 9 12.21 -46.82 39.90
C ASN XA 9 12.86 -46.51 38.56
N ILE XA 10 14.19 -46.57 38.52
CA ILE XA 10 14.96 -46.25 37.32
C ILE XA 10 15.80 -47.47 36.94
N SER XA 11 15.76 -47.82 35.66
CA SER XA 11 16.60 -48.86 35.09
C SER XA 11 17.22 -48.33 33.81
N PHE XA 12 18.43 -48.81 33.50
CA PHE XA 12 19.19 -48.30 32.37
C PHE XA 12 19.31 -49.38 31.29
N LYS XA 13 19.32 -48.92 30.04
CA LYS XA 13 19.35 -49.82 28.89
C LYS XA 13 20.23 -49.22 27.80
N GLU XA 14 20.72 -50.08 26.93
CA GLU XA 14 21.56 -49.67 25.82
C GLU XA 14 20.70 -49.15 24.66
N LEU XA 15 21.18 -48.10 24.00
CA LEU XA 15 20.46 -47.54 22.85
C LEU XA 15 20.95 -48.21 21.58
N ALA XA 16 20.05 -48.97 20.93
CA ALA XA 16 20.34 -49.58 19.64
C ALA XA 16 19.49 -48.90 18.58
N THR XA 17 20.14 -48.48 17.50
CA THR XA 17 19.43 -47.83 16.41
C THR XA 17 18.61 -48.83 15.60
N THR XA 18 19.15 -50.03 15.42
CA THR XA 18 18.45 -51.06 14.65
C THR XA 18 17.24 -51.58 15.42
N VAL XA 19 16.26 -52.07 14.67
CA VAL XA 19 15.03 -52.61 15.23
C VAL XA 19 14.91 -54.07 14.82
N LYS XA 20 14.46 -54.91 15.75
CA LYS XA 20 14.39 -56.34 15.50
C LYS XA 20 13.39 -56.64 14.37
N GLU XA 21 13.72 -57.63 13.55
CA GLU XA 21 12.89 -58.01 12.43
C GLU XA 21 11.75 -58.91 12.88
N ARG XA 22 10.55 -58.64 12.36
CA ARG XA 22 9.33 -59.32 12.78
C ARG XA 22 9.03 -60.60 12.02
N SER XA 23 9.69 -60.85 10.90
CA SER XA 23 9.30 -61.98 10.06
C SER XA 23 9.83 -63.29 10.65
N ALA XA 24 9.34 -64.40 10.09
CA ALA XA 24 9.79 -65.71 10.53
C ALA XA 24 11.25 -65.94 10.18
N ARG XA 25 11.75 -65.30 9.12
CA ARG XA 25 13.17 -65.27 8.87
C ARG XA 25 13.87 -64.44 9.95
N GLY XA 26 15.17 -64.61 10.06
CA GLY XA 26 15.91 -64.00 11.13
C GLY XA 26 16.07 -64.87 12.36
N ILE XA 27 15.46 -66.06 12.38
CA ILE XA 27 15.67 -67.02 13.45
C ILE XA 27 16.91 -67.83 13.10
N ILE XA 28 17.98 -67.65 13.89
CA ILE XA 28 19.24 -68.32 13.65
C ILE XA 28 19.42 -69.42 14.68
N ALA XA 29 19.89 -70.57 14.22
CA ALA XA 29 20.17 -71.71 15.10
C ALA XA 29 21.68 -71.90 15.19
N MET XA 30 22.20 -71.94 16.41
CA MET XA 30 23.62 -72.11 16.66
C MET XA 30 23.85 -73.34 17.52
N VAL XA 31 24.86 -74.13 17.16
CA VAL XA 31 25.26 -75.29 17.93
C VAL XA 31 26.65 -75.04 18.48
N LEU XA 32 26.78 -75.02 19.81
CA LEU XA 32 28.04 -74.79 20.47
C LEU XA 32 28.24 -75.83 21.57
N LYS XA 33 29.44 -76.38 21.64
CA LYS XA 33 29.75 -77.46 22.56
C LYS XA 33 30.32 -76.88 23.85
N ASP XA 34 29.64 -77.13 24.96
CA ASP XA 34 30.05 -76.69 26.27
C ASP XA 34 29.77 -77.80 27.27
N ALA XA 35 30.47 -77.75 28.41
CA ALA XA 35 30.35 -78.77 29.43
C ALA XA 35 29.47 -78.37 30.60
N LYS XA 36 28.88 -77.17 30.58
CA LYS XA 36 28.14 -76.66 31.73
C LYS XA 36 26.65 -76.54 31.50
N ALA XA 37 26.23 -75.80 30.47
CA ALA XA 37 24.81 -75.48 30.29
C ALA XA 37 23.99 -76.73 29.98
N LEU XA 38 24.33 -77.43 28.89
CA LEU XA 38 23.73 -78.70 28.53
C LEU XA 38 22.20 -78.60 28.38
N GLY XA 39 21.80 -77.84 27.37
CA GLY XA 39 20.38 -77.71 27.08
C GLY XA 39 20.15 -76.78 25.92
N LEU XA 40 18.88 -76.41 25.74
CA LEU XA 40 18.48 -75.43 24.74
C LEU XA 40 18.06 -74.14 25.43
N ASN XA 41 18.46 -73.01 24.84
CA ASN XA 41 18.06 -71.69 25.31
C ASN XA 41 17.62 -70.83 24.13
N GLU XA 42 16.63 -69.98 24.35
CA GLU XA 42 16.17 -69.02 23.36
C GLU XA 42 16.56 -67.62 23.82
N ILE XA 43 17.44 -66.98 23.06
CA ILE XA 43 18.01 -65.69 23.43
C ILE XA 43 17.34 -64.62 22.59
N HIS XA 44 16.60 -63.73 23.23
CA HIS XA 44 15.98 -62.62 22.55
C HIS XA 44 16.76 -61.32 22.65
N GLU XA 45 17.65 -61.19 23.63
CA GLU XA 45 18.41 -59.97 23.82
C GLU XA 45 19.67 -60.32 24.59
N LYS XA 46 20.51 -59.31 24.84
CA LYS XA 46 21.78 -59.55 25.51
C LYS XA 46 21.59 -59.87 26.99
N GLU XA 47 20.61 -59.23 27.64
CA GLU XA 47 20.45 -59.37 29.09
C GLU XA 47 20.03 -60.76 29.52
N ASP XA 48 19.54 -61.61 28.62
CA ASP XA 48 19.08 -62.95 28.98
C ASP XA 48 20.03 -64.04 28.47
N ILE XA 49 21.31 -63.72 28.32
CA ILE XA 49 22.32 -64.75 28.05
C ILE XA 49 22.60 -65.49 29.36
N PRO XA 50 22.58 -66.82 29.38
CA PRO XA 50 22.82 -67.55 30.63
C PRO XA 50 24.20 -67.29 31.19
N VAL XA 51 24.27 -67.19 32.52
CA VAL XA 51 25.52 -67.03 33.26
C VAL XA 51 26.22 -68.39 33.26
N ASP XA 52 27.46 -68.42 33.73
CA ASP XA 52 28.30 -69.62 33.83
C ASP XA 52 28.50 -70.31 32.48
N LEU XA 53 28.33 -69.57 31.39
CA LEU XA 53 28.70 -70.01 30.06
C LEU XA 53 30.02 -69.35 29.69
N SER XA 54 30.89 -70.10 29.00
CA SER XA 54 32.25 -69.64 28.76
C SER XA 54 32.26 -68.32 28.00
N ALA XA 55 33.25 -67.47 28.31
CA ALA XA 55 33.33 -66.17 27.66
C ALA XA 55 33.55 -66.29 26.16
N GLU XA 56 34.19 -67.36 25.71
CA GLU XA 56 34.36 -67.59 24.28
C GLU XA 56 33.01 -67.79 23.59
N ASN XA 57 32.16 -68.65 24.16
CA ASN XA 57 30.83 -68.83 23.59
C ASN XA 57 29.99 -67.56 23.75
N LYS XA 58 30.26 -66.79 24.81
CA LYS XA 58 29.60 -65.50 24.95
C LYS XA 58 29.96 -64.56 23.81
N GLU XA 59 31.23 -64.55 23.42
CA GLU XA 59 31.64 -63.69 22.31
C GLU XA 59 31.01 -64.16 21.00
N TYR XA 60 30.90 -65.48 20.81
CA TYR XA 60 30.20 -65.96 19.61
C TYR XA 60 28.73 -65.54 19.61
N ILE XA 61 28.06 -65.65 20.75
CA ILE XA 61 26.66 -65.23 20.83
C ILE XA 61 26.52 -63.74 20.55
N ASN XA 62 27.44 -62.94 21.09
CA ASN XA 62 27.40 -61.50 20.84
C ASN XA 62 27.62 -61.19 19.36
N LEU XA 63 28.53 -61.93 18.71
CA LEU XA 63 28.72 -61.73 17.28
C LEU XA 63 27.45 -62.05 16.51
N ALA XA 64 26.77 -63.14 16.87
CA ALA XA 64 25.54 -63.49 16.18
C ALA XA 64 24.44 -62.47 16.42
N LEU XA 65 24.39 -61.88 17.61
CA LEU XA 65 23.30 -60.95 17.94
C LEU XA 65 23.35 -59.68 17.11
N MET XA 66 24.50 -59.33 16.54
CA MET XA 66 24.58 -58.15 15.69
C MET XA 66 23.97 -58.41 14.33
N GLY XA 67 23.28 -57.41 13.79
CA GLY XA 67 22.65 -57.53 12.49
C GLY XA 67 23.09 -56.39 11.57
N ASN XA 68 22.62 -56.47 10.33
CA ASN XA 68 23.00 -55.49 9.32
C ASN XA 68 22.16 -54.22 9.43
N VAL XA 69 20.86 -54.33 9.17
CA VAL XA 69 19.95 -53.18 9.20
C VAL XA 69 18.92 -53.46 10.28
N ASN XA 70 18.68 -54.74 10.55
CA ASN XA 70 17.81 -55.18 11.62
C ASN XA 70 18.54 -56.24 12.44
N THR XA 71 18.18 -56.33 13.70
CA THR XA 71 18.76 -57.40 14.52
C THR XA 71 18.00 -58.71 14.30
N PRO XA 72 18.67 -59.84 14.52
CA PRO XA 72 17.99 -61.14 14.38
C PRO XA 72 16.78 -61.24 15.27
N ASN XA 73 15.73 -61.90 14.75
CA ASN XA 73 14.49 -62.03 15.51
C ASN XA 73 14.70 -62.83 16.79
N LYS XA 74 15.43 -63.94 16.71
CA LYS XA 74 15.61 -64.83 17.85
C LYS XA 74 16.85 -65.68 17.60
N LEU XA 75 17.34 -66.28 18.69
CA LEU XA 75 18.47 -67.21 18.62
C LEU XA 75 18.10 -68.51 19.31
N LEU XA 76 18.49 -69.63 18.70
CA LEU XA 76 18.34 -70.94 19.31
C LEU XA 76 19.73 -71.52 19.49
N VAL XA 77 20.14 -71.69 20.74
CA VAL XA 77 21.45 -72.22 21.08
C VAL XA 77 21.26 -73.59 21.71
N TYR XA 78 21.84 -74.61 21.09
CA TYR XA 78 21.79 -75.98 21.60
C TYR XA 78 23.16 -76.33 22.16
N VAL XA 79 23.23 -76.52 23.46
CA VAL XA 79 24.48 -76.82 24.14
C VAL XA 79 24.66 -78.33 24.18
N ILE XA 80 25.85 -78.79 23.79
CA ILE XA 80 26.13 -80.20 23.59
C ILE XA 80 27.43 -80.55 24.30
N GLU XA 81 27.47 -81.72 24.92
CA GLU XA 81 28.71 -82.21 25.51
C GLU XA 81 29.71 -82.59 24.42
N GLY XA 82 30.99 -82.41 24.72
CA GLY XA 82 32.03 -82.71 23.74
C GLY XA 82 31.98 -84.15 23.27
N GLU XA 83 31.72 -85.08 24.19
CA GLU XA 83 31.60 -86.48 23.80
C GLU XA 83 30.31 -86.75 23.05
N ALA XA 84 29.28 -85.94 23.29
CA ALA XA 84 28.00 -86.17 22.64
C ALA XA 84 28.11 -85.96 21.13
N ASP XA 85 27.29 -86.69 20.38
CA ASP XA 85 27.35 -86.68 18.94
C ASP XA 85 26.56 -85.52 18.36
N ILE XA 86 27.02 -85.02 17.21
CA ILE XA 86 26.29 -83.98 16.50
C ILE XA 86 24.94 -84.49 16.02
N GLN XA 87 24.81 -85.81 15.81
CA GLN XA 87 23.58 -86.35 15.26
C GLN XA 87 22.41 -86.15 16.21
N THR XA 88 22.66 -86.22 17.52
CA THR XA 88 21.60 -85.96 18.48
C THR XA 88 21.09 -84.53 18.37
N ALA XA 89 22.02 -83.57 18.25
CA ALA XA 89 21.62 -82.17 18.08
C ALA XA 89 20.83 -81.98 16.79
N LEU XA 90 21.28 -82.61 15.70
CA LEU XA 90 20.57 -82.50 14.43
C LEU XA 90 19.16 -83.08 14.52
N ASP XA 91 19.04 -84.25 15.16
CA ASP XA 91 17.73 -84.88 15.31
C ASP XA 91 16.80 -84.02 16.14
N PHE XA 92 17.32 -83.40 17.20
CA PHE XA 92 16.50 -82.49 17.98
C PHE XA 92 16.09 -81.28 17.14
N LEU XA 93 17.00 -80.75 16.33
CA LEU XA 93 16.72 -79.53 15.58
C LEU XA 93 15.77 -79.76 14.42
N GLU XA 94 15.62 -81.01 13.96
CA GLU XA 94 14.70 -81.28 12.86
C GLU XA 94 13.29 -80.78 13.17
N THR XA 95 12.87 -80.87 14.43
CA THR XA 95 11.50 -80.50 14.79
C THR XA 95 11.30 -78.99 14.80
N LYS XA 96 12.28 -78.24 15.32
CA LYS XA 96 12.15 -76.80 15.43
C LYS XA 96 12.21 -76.14 14.07
N GLU XA 97 11.82 -74.86 14.03
CA GLU XA 97 11.86 -74.07 12.81
C GLU XA 97 12.89 -72.95 12.95
N PHE XA 98 13.58 -72.67 11.84
CA PHE XA 98 14.64 -71.66 11.83
C PHE XA 98 14.99 -71.38 10.38
N ASN XA 99 15.84 -70.38 10.18
CA ASN XA 99 16.32 -70.02 8.85
C ASN XA 99 17.72 -70.56 8.56
N TYR XA 100 18.70 -70.19 9.38
CA TYR XA 100 20.09 -70.52 9.12
C TYR XA 100 20.69 -71.25 10.31
N LEU XA 101 21.65 -72.12 10.03
CA LEU XA 101 22.35 -72.91 11.03
C LEU XA 101 23.85 -72.67 10.92
N CYS XA 102 24.51 -72.51 12.07
CA CYS XA 102 25.95 -72.29 12.11
C CYS XA 102 26.55 -73.04 13.29
N MET XA 103 27.79 -73.49 13.12
CA MET XA 103 28.54 -74.16 14.17
C MET XA 103 29.94 -73.56 14.26
N PRO XA 104 30.20 -72.71 15.25
CA PRO XA 104 31.52 -72.07 15.34
C PRO XA 104 32.68 -73.04 15.52
N LYS XA 105 32.44 -74.25 16.02
CA LYS XA 105 33.47 -75.25 16.18
C LYS XA 105 33.00 -76.55 15.54
N ALA XA 106 33.65 -76.95 14.44
CA ALA XA 106 33.22 -78.13 13.72
C ALA XA 106 34.41 -78.76 13.02
N VAL XA 107 34.53 -80.09 13.16
CA VAL XA 107 35.56 -80.86 12.49
C VAL XA 107 35.04 -81.24 11.11
N GLU XA 108 35.92 -81.71 10.23
CA GLU XA 108 35.53 -82.09 8.88
C GLU XA 108 34.39 -83.11 8.89
N ALA XA 109 34.43 -84.07 9.82
CA ALA XA 109 33.33 -85.02 9.94
C ALA XA 109 32.04 -84.32 10.32
N ASP XA 110 32.11 -83.38 11.25
CA ASP XA 110 30.93 -82.61 11.63
C ASP XA 110 30.39 -81.82 10.44
N LYS XA 111 31.29 -81.21 9.67
CA LYS XA 111 30.85 -80.42 8.52
C LYS XA 111 30.17 -81.29 7.48
N THR XA 112 30.73 -82.48 7.19
CA THR XA 112 30.09 -83.32 6.20
C THR XA 112 28.77 -83.88 6.71
N ALA XA 113 28.67 -84.16 8.02
CA ALA XA 113 27.39 -84.60 8.57
C ALA XA 113 26.33 -83.51 8.42
N ILE XA 114 26.68 -82.26 8.73
CA ILE XA 114 25.73 -81.17 8.61
C ILE XA 114 25.33 -80.98 7.15
N LYS XA 115 26.29 -81.07 6.24
CA LYS XA 115 26.00 -80.91 4.81
C LYS XA 115 25.02 -81.99 4.33
N ASN XA 116 25.29 -83.25 4.70
CA ASN XA 116 24.41 -84.34 4.28
C ASN XA 116 23.01 -84.18 4.88
N TRP XA 117 22.94 -83.77 6.14
CA TRP XA 117 21.65 -83.52 6.78
C TRP XA 117 20.87 -82.45 6.05
N ILE XA 118 21.53 -81.34 5.69
CA ILE XA 118 20.85 -80.27 4.99
C ILE XA 118 20.33 -80.74 3.64
N ILE XA 119 21.17 -81.47 2.90
CA ILE XA 119 20.74 -81.99 1.60
C ILE XA 119 19.50 -82.88 1.76
N LYS XA 120 19.57 -83.82 2.71
CA LYS XA 120 18.47 -84.76 2.88
C LYS XA 120 17.18 -84.06 3.28
N LEU XA 121 17.28 -83.11 4.22
CA LEU XA 121 16.09 -82.38 4.65
C LEU XA 121 15.50 -81.56 3.52
N ARG XA 122 16.36 -80.91 2.73
CA ARG XA 122 15.87 -79.99 1.71
C ARG XA 122 15.26 -80.73 0.53
N ASP XA 123 15.87 -81.84 0.12
CA ASP XA 123 15.45 -82.52 -1.10
C ASP XA 123 14.41 -83.61 -0.86
N ILE XA 124 14.56 -84.41 0.19
CA ILE XA 124 13.66 -85.53 0.41
C ILE XA 124 12.45 -85.10 1.24
N ASP XA 125 12.68 -84.52 2.41
CA ASP XA 125 11.62 -84.18 3.34
C ASP XA 125 10.94 -82.86 3.04
N LYS XA 126 11.44 -82.11 2.05
CA LYS XA 126 10.83 -80.85 1.63
C LYS XA 126 10.71 -79.86 2.79
N VAL XA 127 11.80 -79.65 3.49
CA VAL XA 127 11.92 -78.64 4.53
C VAL XA 127 12.99 -77.65 4.10
N LYS XA 128 12.65 -76.37 4.11
CA LYS XA 128 13.54 -75.33 3.60
C LYS XA 128 14.39 -74.78 4.74
N VAL XA 129 15.64 -75.24 4.82
CA VAL XA 129 16.59 -74.76 5.81
C VAL XA 129 17.94 -74.57 5.13
N LYS XA 130 18.81 -73.81 5.79
CA LYS XA 130 20.11 -73.45 5.23
C LYS XA 130 21.17 -73.48 6.34
N ALA XA 131 22.43 -73.59 5.92
CA ALA XA 131 23.55 -73.59 6.85
C ALA XA 131 24.68 -72.73 6.27
N VAL XA 132 25.45 -72.13 7.17
CA VAL XA 132 26.64 -71.37 6.81
C VAL XA 132 27.84 -72.11 7.38
N LEU XA 133 28.75 -72.51 6.50
CA LEU XA 133 29.89 -73.35 6.87
C LEU XA 133 31.17 -72.77 6.27
N GLY XA 134 32.29 -73.13 6.90
CA GLY XA 134 33.60 -72.64 6.47
C GLY XA 134 34.37 -73.70 5.71
N LYS XA 135 34.78 -73.33 4.49
CA LYS XA 135 35.61 -74.19 3.64
C LYS XA 135 34.93 -75.54 3.37
N VAL XA 136 33.70 -75.47 2.89
CA VAL XA 136 32.93 -76.66 2.53
C VAL XA 136 32.42 -76.50 1.10
N VAL XA 137 32.80 -77.42 0.23
CA VAL XA 137 32.27 -77.45 -1.12
C VAL XA 137 30.94 -78.22 -1.06
N GLY XA 138 29.83 -77.49 -1.11
CA GLY XA 138 28.53 -78.10 -0.93
C GLY XA 138 27.80 -78.36 -2.23
N ASN XA 139 27.99 -77.47 -3.20
CA ASN XA 139 27.34 -77.59 -4.52
C ASN XA 139 25.82 -77.69 -4.37
N HIS XA 140 25.26 -76.91 -3.45
CA HIS XA 140 23.83 -76.93 -3.20
C HIS XA 140 23.38 -75.55 -2.76
N GLU XA 141 22.14 -75.21 -3.11
CA GLU XA 141 21.58 -73.90 -2.78
C GLU XA 141 21.40 -73.71 -1.28
N GLY XA 142 21.33 -74.79 -0.51
CA GLY XA 142 21.15 -74.70 0.93
C GLY XA 142 22.41 -74.51 1.74
N ILE XA 143 23.58 -74.45 1.10
CA ILE XA 143 24.85 -74.33 1.79
C ILE XA 143 25.50 -73.01 1.37
N ILE XA 144 25.96 -72.25 2.36
CA ILE XA 144 26.70 -71.00 2.13
C ILE XA 144 28.13 -71.24 2.56
N ASN XA 145 29.07 -71.03 1.64
CA ASN XA 145 30.48 -71.39 1.83
C ASN XA 145 31.29 -70.11 2.05
N PHE XA 146 31.66 -69.87 3.31
CA PHE XA 146 32.40 -68.68 3.70
C PHE XA 146 33.87 -69.03 3.87
N THR XA 147 34.74 -68.49 3.03
CA THR XA 147 36.17 -68.82 3.02
C THR XA 147 37.01 -67.56 3.14
N THR XA 148 37.25 -67.11 4.36
CA THR XA 148 38.19 -66.03 4.64
C THR XA 148 38.94 -66.39 5.91
N GLU XA 149 40.28 -66.48 5.81
CA GLU XA 149 41.05 -67.19 6.82
C GLU XA 149 41.09 -66.44 8.14
N ASP XA 150 41.41 -65.15 8.11
CA ASP XA 150 41.62 -64.39 9.33
C ASP XA 150 40.80 -63.11 9.28
N VAL XA 151 40.05 -62.86 10.36
CA VAL XA 151 39.30 -61.63 10.52
C VAL XA 151 39.73 -61.02 11.85
N LEU XA 152 40.23 -59.79 11.82
CA LEU XA 152 40.75 -59.12 13.00
C LEU XA 152 39.75 -58.05 13.40
N VAL XA 153 39.10 -58.25 14.54
CA VAL XA 153 38.16 -57.28 15.09
C VAL XA 153 38.65 -56.89 16.48
N GLY XA 154 38.59 -55.61 16.80
CA GLY XA 154 39.09 -55.13 18.06
C GLY XA 154 40.57 -55.42 18.23
N GLU XA 155 40.90 -56.41 19.07
CA GLU XA 155 42.28 -56.79 19.30
C GLU XA 155 42.53 -58.28 19.11
N LYS XA 156 41.53 -59.07 18.77
CA LYS XA 156 41.68 -60.51 18.67
C LYS XA 156 41.39 -60.97 17.24
N LYS XA 157 41.87 -62.18 16.92
CA LYS XA 157 41.76 -62.76 15.59
C LYS XA 157 40.76 -63.91 15.61
N TYR XA 158 39.88 -63.95 14.63
CA TYR XA 158 38.87 -64.98 14.50
C TYR XA 158 39.18 -65.87 13.31
N SER XA 159 38.96 -67.17 13.47
CA SER XA 159 39.20 -68.12 12.40
C SER XA 159 38.04 -68.11 11.40
N VAL XA 160 38.15 -68.93 10.37
CA VAL XA 160 37.11 -68.97 9.34
C VAL XA 160 35.81 -69.53 9.92
N ASP XA 161 35.90 -70.49 10.83
CA ASP XA 161 34.71 -71.08 11.43
C ASP XA 161 34.09 -70.17 12.48
N GLU XA 162 34.90 -69.36 13.17
CA GLU XA 162 34.38 -68.56 14.26
C GLU XA 162 33.54 -67.39 13.76
N PHE XA 163 33.83 -66.87 12.57
CA PHE XA 163 33.12 -65.73 12.02
C PHE XA 163 31.81 -66.11 11.34
N THR XA 164 31.49 -67.41 11.28
CA THR XA 164 30.24 -67.83 10.65
C THR XA 164 29.04 -67.34 11.44
N SER XA 165 29.19 -67.15 12.74
CA SER XA 165 28.09 -66.57 13.53
C SER XA 165 27.80 -65.14 13.09
N ARG XA 166 28.86 -64.35 12.90
CA ARG XA 166 28.68 -62.99 12.40
C ARG XA 166 28.08 -63.00 11.01
N VAL XA 167 28.53 -63.91 10.16
CA VAL XA 167 28.00 -63.99 8.80
C VAL XA 167 26.52 -64.35 8.81
N ALA XA 168 26.13 -65.31 9.66
CA ALA XA 168 24.73 -65.70 9.73
C ALA XA 168 23.87 -64.57 10.25
N GLY XA 169 24.34 -63.86 11.27
CA GLY XA 169 23.61 -62.68 11.73
C GLY XA 169 23.48 -61.62 10.64
N LEU XA 170 24.54 -61.44 9.84
CA LEU XA 170 24.51 -60.49 8.75
C LEU XA 170 23.43 -60.87 7.73
N ILE XA 171 23.38 -62.14 7.35
CA ILE XA 171 22.41 -62.57 6.34
C ILE XA 171 21.00 -62.48 6.89
N ALA XA 172 20.82 -62.81 8.17
CA ALA XA 172 19.48 -62.77 8.75
C ALA XA 172 19.03 -61.36 9.13
N GLY XA 173 19.93 -60.39 9.14
CA GLY XA 173 19.57 -59.03 9.48
C GLY XA 173 19.22 -58.13 8.33
N THR XA 174 19.48 -58.55 7.10
CA THR XA 174 19.20 -57.69 5.96
C THR XA 174 17.81 -57.97 5.39
N PRO XA 175 17.08 -56.93 5.00
CA PRO XA 175 15.74 -57.13 4.43
C PRO XA 175 15.81 -57.79 3.06
N LEU XA 176 14.67 -58.36 2.66
CA LEU XA 176 14.61 -59.07 1.40
C LEU XA 176 14.52 -58.15 0.19
N SER XA 177 14.26 -56.86 0.40
CA SER XA 177 14.29 -55.92 -0.71
C SER XA 177 15.71 -55.61 -1.16
N GLN XA 178 16.69 -55.77 -0.28
CA GLN XA 178 18.09 -55.53 -0.58
C GLN XA 178 18.77 -56.83 -0.98
N SER XA 179 20.08 -56.76 -1.16
CA SER XA 179 20.94 -57.94 -1.26
C SER XA 179 22.17 -57.70 -0.41
N VAL XA 180 22.78 -58.79 0.06
CA VAL XA 180 23.93 -58.69 0.95
C VAL XA 180 25.20 -58.22 0.26
N THR XA 181 25.19 -58.15 -1.07
CA THR XA 181 26.38 -57.76 -1.82
C THR XA 181 26.82 -56.34 -1.47
N TYR XA 182 28.12 -56.18 -1.25
CA TYR XA 182 28.78 -54.91 -0.93
C TYR XA 182 28.38 -54.35 0.43
N THR XA 183 27.82 -55.19 1.31
CA THR XA 183 27.56 -54.76 2.67
C THR XA 183 28.87 -54.66 3.44
N LYS XA 184 29.10 -53.53 4.09
CA LYS XA 184 30.36 -53.30 4.77
C LYS XA 184 30.24 -53.52 6.28
N LEU XA 185 31.31 -54.02 6.87
CA LEU XA 185 31.38 -54.34 8.29
C LEU XA 185 32.26 -53.31 8.98
N SER XA 186 31.65 -52.52 9.87
CA SER XA 186 32.41 -51.50 10.59
C SER XA 186 33.30 -52.10 11.67
N ASP XA 187 32.96 -53.29 12.18
CA ASP XA 187 33.74 -53.90 13.24
C ASP XA 187 35.12 -54.33 12.74
N VAL XA 188 35.18 -54.94 11.56
CA VAL XA 188 36.42 -55.52 11.06
C VAL XA 188 37.44 -54.41 10.82
N VAL XA 189 38.69 -54.67 11.22
CA VAL XA 189 39.77 -53.71 11.12
C VAL XA 189 40.63 -53.94 9.88
N ASP XA 190 41.05 -55.19 9.67
CA ASP XA 190 41.85 -55.50 8.49
C ASP XA 190 41.74 -56.99 8.20
N ILE XA 191 42.12 -57.37 6.99
CA ILE XA 191 42.05 -58.76 6.53
C ILE XA 191 43.27 -59.07 5.68
N PRO XA 192 43.61 -60.35 5.53
CA PRO XA 192 44.76 -60.71 4.69
C PRO XA 192 44.60 -60.22 3.27
N LYS XA 193 45.71 -59.76 2.69
CA LYS XA 193 45.69 -59.21 1.34
C LYS XA 193 45.46 -60.30 0.31
N MET XA 194 44.65 -59.99 -0.69
CA MET XA 194 44.47 -60.86 -1.84
C MET XA 194 44.25 -60.00 -3.07
N THR XA 195 44.74 -60.49 -4.20
CA THR XA 195 44.67 -59.73 -5.44
C THR XA 195 43.29 -59.85 -6.08
N LYS XA 196 43.04 -58.98 -7.07
CA LYS XA 196 41.73 -58.93 -7.71
C LYS XA 196 41.41 -60.21 -8.45
N VAL XA 197 42.39 -60.77 -9.16
CA VAL XA 197 42.16 -62.02 -9.88
C VAL XA 197 41.85 -63.15 -8.92
N ASP XA 198 42.50 -63.15 -7.75
CA ASP XA 198 42.19 -64.14 -6.72
C ASP XA 198 40.74 -64.05 -6.28
N ALA XA 199 40.27 -62.83 -6.00
CA ALA XA 199 38.89 -62.65 -5.57
C ALA XA 199 37.92 -63.09 -6.66
N GLU XA 200 38.20 -62.73 -7.91
CA GLU XA 200 37.31 -63.13 -9.00
C GLU XA 200 37.25 -64.65 -9.15
N SER XA 201 38.41 -65.32 -9.06
CA SER XA 201 38.42 -66.77 -9.19
C SER XA 201 37.70 -67.44 -8.03
N ARG XA 202 37.86 -66.89 -6.82
CA ARG XA 202 37.15 -67.44 -5.68
C ARG XA 202 35.64 -67.28 -5.85
N VAL XA 203 35.19 -66.11 -6.32
CA VAL XA 203 33.77 -65.89 -6.52
C VAL XA 203 33.21 -66.82 -7.59
N ASN XA 204 33.96 -67.03 -8.67
CA ASN XA 204 33.50 -67.94 -9.72
C ASN XA 204 33.31 -69.36 -9.19
N LYS XA 205 34.03 -69.73 -8.13
CA LYS XA 205 33.92 -71.07 -7.56
C LYS XA 205 32.77 -71.20 -6.58
N GLY XA 206 32.04 -70.12 -6.31
CA GLY XA 206 30.91 -70.18 -5.40
C GLY XA 206 31.28 -70.02 -3.95
N GLU XA 207 32.10 -69.02 -3.64
CA GLU XA 207 32.52 -68.74 -2.28
C GLU XA 207 32.11 -67.32 -1.88
N LEU XA 208 31.79 -67.15 -0.61
CA LEU XA 208 31.42 -65.86 -0.05
C LEU XA 208 32.64 -65.32 0.71
N ILE XA 209 33.19 -64.20 0.23
CA ILE XA 209 34.46 -63.70 0.73
C ILE XA 209 34.32 -62.23 1.11
N LEU XA 210 35.26 -61.77 1.93
CA LEU XA 210 35.36 -60.37 2.33
C LEU XA 210 36.47 -59.72 1.51
N ILE XA 211 36.19 -58.53 0.97
CA ILE XA 211 37.15 -57.80 0.14
C ILE XA 211 37.25 -56.37 0.62
N LYS XA 212 38.34 -55.71 0.21
CA LYS XA 212 38.57 -54.30 0.48
C LYS XA 212 38.34 -53.52 -0.81
N GLU XA 213 37.32 -52.68 -0.82
CA GLU XA 213 36.97 -51.94 -2.02
C GLU XA 213 36.27 -50.65 -1.64
N ALA XA 214 36.53 -49.59 -2.41
CA ALA XA 214 35.93 -48.28 -2.21
C ALA XA 214 36.17 -47.76 -0.80
N GLY XA 215 37.38 -47.98 -0.28
CA GLY XA 215 37.75 -47.45 1.02
C GLY XA 215 37.01 -48.04 2.19
N ALA XA 216 36.71 -49.33 2.16
CA ALA XA 216 36.05 -50.00 3.26
C ALA XA 216 36.27 -51.50 3.12
N ILE XA 217 35.78 -52.25 4.11
CA ILE XA 217 35.81 -53.71 4.09
C ILE XA 217 34.38 -54.20 3.97
N ARG XA 218 34.11 -54.96 2.92
CA ARG XA 218 32.77 -55.43 2.63
C ARG XA 218 32.87 -56.80 1.98
N ILE XA 219 31.72 -57.43 1.77
CA ILE XA 219 31.69 -58.74 1.14
C ILE XA 219 31.62 -58.53 -0.36
N ALA XA 220 32.14 -59.50 -1.11
CA ALA XA 220 32.24 -59.35 -2.57
C ALA XA 220 30.89 -59.51 -3.25
N ARG XA 221 30.27 -60.67 -3.11
CA ARG XA 221 29.02 -60.95 -3.80
C ARG XA 221 28.21 -61.98 -3.02
N GLY XA 222 26.89 -61.84 -3.08
CA GLY XA 222 26.00 -62.74 -2.37
C GLY XA 222 25.58 -63.97 -3.14
N VAL XA 223 26.51 -64.92 -3.29
CA VAL XA 223 26.25 -66.17 -4.00
C VAL XA 223 26.39 -67.32 -3.03
N ASN XA 224 25.73 -68.43 -3.35
CA ASN XA 224 25.80 -69.64 -2.54
C ASN XA 224 26.73 -70.66 -3.20
N SER XA 225 26.74 -71.88 -2.68
CA SER XA 225 27.74 -72.86 -3.05
C SER XA 225 27.50 -73.47 -4.43
N LEU XA 226 26.31 -73.35 -4.99
CA LEU XA 226 25.99 -74.04 -6.23
C LEU XA 226 26.83 -73.51 -7.38
N THR XA 227 27.43 -74.42 -8.13
CA THR XA 227 28.27 -74.07 -9.29
C THR XA 227 27.78 -74.66 -10.60
N GLU XA 228 27.38 -75.93 -10.60
CA GLU XA 228 26.95 -76.60 -11.82
C GLU XA 228 25.46 -76.37 -12.04
N LEU XA 229 25.11 -75.90 -13.23
CA LEU XA 229 23.75 -75.52 -13.54
C LEU XA 229 23.17 -76.45 -14.60
N THR XA 230 21.94 -76.88 -14.39
CA THR XA 230 21.21 -77.71 -15.34
C THR XA 230 20.06 -76.92 -15.92
N ALA XA 231 19.27 -77.59 -16.77
CA ALA XA 231 18.07 -76.95 -17.31
C ALA XA 231 17.06 -76.68 -16.21
N GLU XA 232 16.96 -77.59 -15.23
CA GLU XA 232 16.00 -77.42 -14.15
C GLU XA 232 16.37 -76.26 -13.23
N LYS XA 233 17.64 -76.18 -12.85
CA LYS XA 233 18.14 -75.15 -11.93
C LYS XA 233 18.94 -74.13 -12.74
N GLY XA 234 18.33 -72.98 -13.00
CA GLY XA 234 18.99 -71.95 -13.77
C GLY XA 234 19.95 -71.12 -12.95
N GLU XA 235 20.51 -70.11 -13.61
CA GLU XA 235 21.47 -69.24 -12.94
C GLU XA 235 20.84 -68.43 -11.81
N MET XA 236 19.51 -68.34 -11.77
CA MET XA 236 18.85 -67.56 -10.72
C MET XA 236 18.92 -68.24 -9.37
N PHE XA 237 19.19 -69.54 -9.32
CA PHE XA 237 19.30 -70.26 -8.06
C PHE XA 237 20.66 -70.10 -7.40
N GLN XA 238 21.59 -69.40 -8.05
CA GLN XA 238 22.89 -69.13 -7.45
C GLN XA 238 22.87 -67.93 -6.50
N LYS XA 239 21.79 -67.17 -6.47
CA LYS XA 239 21.69 -65.96 -5.67
C LYS XA 239 20.99 -66.22 -4.35
N ILE XA 240 21.54 -65.64 -3.28
CA ILE XA 240 20.98 -65.84 -1.94
C ILE XA 240 19.60 -65.21 -1.83
N LYS XA 241 19.43 -64.02 -2.41
CA LYS XA 241 18.16 -63.30 -2.28
C LYS XA 241 17.01 -64.07 -2.92
N ILE XA 242 17.25 -64.66 -4.10
CA ILE XA 242 16.20 -65.39 -4.80
C ILE XA 242 15.74 -66.58 -3.96
N VAL XA 243 16.69 -67.35 -3.43
CA VAL XA 243 16.36 -68.55 -2.66
C VAL XA 243 15.62 -68.17 -1.38
N ASP XA 244 16.07 -67.10 -0.72
CA ASP XA 244 15.38 -66.65 0.49
C ASP XA 244 13.95 -66.25 0.17
N THR XA 245 13.73 -65.54 -0.94
CA THR XA 245 12.37 -65.16 -1.33
C THR XA 245 11.50 -66.38 -1.59
N LEU XA 246 12.04 -67.36 -2.31
CA LEU XA 246 11.26 -68.57 -2.60
C LEU XA 246 10.90 -69.30 -1.31
N ASP XA 247 11.83 -69.40 -0.38
CA ASP XA 247 11.54 -70.10 0.87
C ASP XA 247 10.49 -69.36 1.70
N ILE XA 248 10.55 -68.02 1.70
CA ILE XA 248 9.53 -67.24 2.40
C ILE XA 248 8.15 -67.50 1.79
N ILE XA 249 8.08 -67.51 0.45
CA ILE XA 249 6.79 -67.76 -0.21
C ILE XA 249 6.25 -69.13 0.17
N HIS XA 250 7.12 -70.15 0.11
CA HIS XA 250 6.72 -71.50 0.45
C HIS XA 250 6.17 -71.57 1.87
N SER XA 251 6.92 -71.02 2.83
CA SER XA 251 6.51 -71.11 4.23
C SER XA 251 5.20 -70.40 4.48
N ASP XA 252 5.03 -69.19 3.93
CA ASP XA 252 3.82 -68.42 4.18
C ASP XA 252 2.58 -69.09 3.59
N ILE XA 253 2.68 -69.59 2.36
CA ILE XA 253 1.52 -70.24 1.76
C ILE XA 253 1.18 -71.51 2.54
N ARG XA 254 2.20 -72.26 2.96
CA ARG XA 254 1.95 -73.46 3.76
C ARG XA 254 1.24 -73.11 5.06
N LYS XA 255 1.68 -72.04 5.72
CA LYS XA 255 1.04 -71.64 6.97
C LYS XA 255 -0.43 -71.29 6.76
N VAL XA 256 -0.72 -70.53 5.70
CA VAL XA 256 -2.11 -70.15 5.44
C VAL XA 256 -2.97 -71.39 5.21
N ILE XA 257 -2.50 -72.29 4.34
CA ILE XA 257 -3.29 -73.48 4.01
C ILE XA 257 -3.54 -74.33 5.25
N ILE XA 258 -2.49 -74.56 6.05
CA ILE XA 258 -2.65 -75.42 7.22
C ILE XA 258 -3.55 -74.78 8.25
N ASP XA 259 -3.42 -73.45 8.44
CA ASP XA 259 -4.20 -72.80 9.49
C ASP XA 259 -5.68 -72.77 9.16
N ASP XA 260 -6.04 -72.50 7.90
CA ASP XA 260 -7.43 -72.14 7.63
C ASP XA 260 -8.25 -73.18 6.87
N TYR XA 261 -7.64 -74.18 6.23
CA TYR XA 261 -8.42 -74.99 5.31
C TYR XA 261 -8.31 -76.50 5.51
N ILE XA 262 -7.15 -76.98 5.97
CA ILE XA 262 -6.91 -78.43 6.01
C ILE XA 262 -7.80 -79.05 7.08
N GLY XA 263 -8.70 -79.94 6.65
CA GLY XA 263 -9.54 -80.69 7.57
C GLY XA 263 -10.72 -79.94 8.13
N LYS XA 264 -10.92 -78.68 7.77
CA LYS XA 264 -12.01 -77.88 8.30
C LYS XA 264 -13.06 -77.52 7.27
N VAL XA 265 -12.81 -77.81 5.99
CA VAL XA 265 -13.64 -77.32 4.90
C VAL XA 265 -13.88 -78.46 3.92
N THR XA 266 -15.12 -78.62 3.48
CA THR XA 266 -15.44 -79.68 2.53
C THR XA 266 -14.87 -79.36 1.16
N ASN XA 267 -14.58 -80.41 0.40
CA ASN XA 267 -13.90 -80.26 -0.89
C ASN XA 267 -14.94 -80.07 -1.98
N SER XA 268 -15.34 -78.82 -2.20
CA SER XA 268 -16.25 -78.45 -3.27
C SER XA 268 -15.64 -77.31 -4.07
N TYR XA 269 -16.22 -77.04 -5.23
CA TYR XA 269 -15.66 -76.06 -6.15
C TYR XA 269 -15.68 -74.66 -5.55
N ASP XA 270 -16.73 -74.32 -4.79
CA ASP XA 270 -16.82 -73.00 -4.17
C ASP XA 270 -15.69 -72.78 -3.17
N ASN XA 271 -15.36 -73.80 -2.38
CA ASN XA 271 -14.27 -73.66 -1.43
C ASN XA 271 -12.92 -73.57 -2.13
N LYS XA 272 -12.77 -74.26 -3.26
CA LYS XA 272 -11.56 -74.08 -4.06
C LYS XA 272 -11.43 -72.64 -4.52
N CYS XA 273 -12.54 -72.03 -4.94
CA CYS XA 273 -12.49 -70.62 -5.34
C CYS XA 273 -12.11 -69.72 -4.17
N LEU XA 274 -12.65 -70.00 -2.99
CA LEU XA 274 -12.28 -69.23 -1.81
C LEU XA 274 -10.78 -69.31 -1.53
N LEU XA 275 -10.23 -70.53 -1.60
CA LEU XA 275 -8.81 -70.72 -1.37
C LEU XA 275 -7.97 -69.97 -2.40
N ILE XA 276 -8.40 -70.01 -3.67
CA ILE XA 276 -7.68 -69.29 -4.72
C ILE XA 276 -7.66 -67.79 -4.42
N VAL XA 277 -8.80 -67.25 -3.96
CA VAL XA 277 -8.85 -65.84 -3.63
C VAL XA 277 -7.87 -65.51 -2.50
N ALA XA 278 -7.80 -66.36 -1.49
CA ALA XA 278 -6.87 -66.12 -0.38
C ALA XA 278 -5.41 -66.12 -0.84
N ILE XA 279 -5.04 -67.10 -1.67
CA ILE XA 279 -3.66 -67.17 -2.14
C ILE XA 279 -3.32 -65.96 -3.00
N LYS XA 280 -4.25 -65.54 -3.86
CA LYS XA 280 -4.02 -64.35 -4.68
C LYS XA 280 -3.86 -63.11 -3.81
N SER XA 281 -4.62 -63.03 -2.72
CA SER XA 281 -4.46 -61.90 -1.80
C SER XA 281 -3.06 -61.87 -1.21
N TYR XA 282 -2.53 -63.03 -0.78
CA TYR XA 282 -1.18 -63.04 -0.25
C TYR XA 282 -0.16 -62.63 -1.31
N LEU XA 283 -0.32 -63.12 -2.53
CA LEU XA 283 0.62 -62.76 -3.59
C LEU XA 283 0.58 -61.28 -3.89
N GLU XA 284 -0.61 -60.66 -3.83
CA GLU XA 284 -0.70 -59.22 -4.03
C GLU XA 284 -0.04 -58.45 -2.90
N GLU XA 285 -0.17 -58.95 -1.66
CA GLU XA 285 0.56 -58.36 -0.54
C GLU XA 285 2.06 -58.37 -0.82
N LEU XA 286 2.57 -59.46 -1.38
CA LEU XA 286 3.99 -59.49 -1.77
C LEU XA 286 4.28 -58.55 -2.93
N GLU XA 287 3.32 -58.37 -3.84
CA GLU XA 287 3.54 -57.48 -4.98
C GLU XA 287 3.69 -56.03 -4.52
N LYS XA 288 2.96 -55.62 -3.49
CA LYS XA 288 3.05 -54.23 -3.04
C LYS XA 288 4.45 -53.92 -2.51
N SER XA 289 5.05 -54.85 -1.78
CA SER XA 289 6.47 -54.76 -1.54
C SER XA 289 7.23 -55.05 -2.82
N ALA XA 290 8.51 -54.69 -2.84
CA ALA XA 290 9.30 -54.81 -4.06
C ALA XA 290 9.78 -56.23 -4.31
N LEU XA 291 9.15 -57.24 -3.71
CA LEU XA 291 9.68 -58.60 -3.77
C LEU XA 291 9.44 -59.27 -5.12
N ILE XA 292 8.25 -59.11 -5.70
CA ILE XA 292 7.91 -59.78 -6.95
C ILE XA 292 7.27 -58.77 -7.91
N GLU XA 293 7.10 -59.22 -9.15
CA GLU XA 293 6.54 -58.38 -10.21
C GLU XA 293 5.06 -58.14 -9.99
N SER XA 294 4.50 -57.22 -10.79
CA SER XA 294 3.17 -56.69 -10.52
C SER XA 294 2.04 -57.63 -10.93
N ASP XA 295 2.21 -58.43 -11.98
CA ASP XA 295 1.12 -59.24 -12.51
C ASP XA 295 1.38 -60.72 -12.17
N SER XA 296 0.49 -61.29 -11.35
CA SER XA 296 0.57 -62.68 -10.96
C SER XA 296 -0.81 -63.32 -11.09
N THR XA 297 -0.83 -64.63 -11.28
CA THR XA 297 -2.09 -65.34 -11.51
C THR XA 297 -2.13 -66.62 -10.71
N VAL XA 298 -3.33 -66.97 -10.24
CA VAL XA 298 -3.61 -68.24 -9.59
C VAL XA 298 -4.83 -68.86 -10.26
N GLU XA 299 -4.79 -70.16 -10.49
CA GLU XA 299 -5.81 -70.82 -11.30
C GLU XA 299 -5.95 -72.28 -10.88
N ILE XA 300 -7.03 -72.90 -11.35
CA ILE XA 300 -7.23 -74.33 -11.23
C ILE XA 300 -6.37 -75.03 -12.28
N ASP XA 301 -5.69 -76.10 -11.89
CA ASP XA 301 -4.85 -76.88 -12.80
C ASP XA 301 -5.74 -77.86 -13.55
N PHE XA 302 -6.01 -77.57 -14.82
CA PHE XA 302 -6.96 -78.37 -15.59
C PHE XA 302 -6.37 -79.72 -15.98
N GLU XA 303 -5.11 -79.74 -16.43
CA GLU XA 303 -4.49 -80.99 -16.86
C GLU XA 303 -4.37 -81.98 -15.72
N ALA XA 304 -4.01 -81.50 -14.53
CA ALA XA 304 -3.89 -82.40 -13.39
C ALA XA 304 -5.22 -83.02 -13.01
N GLN XA 305 -6.30 -82.23 -13.04
CA GLN XA 305 -7.62 -82.77 -12.77
C GLN XA 305 -8.02 -83.79 -13.83
N LYS XA 306 -7.72 -83.51 -15.09
CA LYS XA 306 -8.03 -84.47 -16.14
C LYS XA 306 -7.29 -85.78 -15.93
N SER XA 307 -6.00 -85.71 -15.57
CA SER XA 307 -5.22 -86.92 -15.33
C SER XA 307 -5.76 -87.70 -14.14
N TYR XA 308 -6.14 -87.01 -13.07
CA TYR XA 308 -6.70 -87.69 -11.90
C TYR XA 308 -8.01 -88.39 -12.26
N LEU XA 309 -8.88 -87.71 -13.00
CA LEU XA 309 -10.14 -88.32 -13.39
C LEU XA 309 -9.93 -89.51 -14.32
N LYS XA 310 -8.98 -89.41 -15.25
CA LYS XA 310 -8.65 -90.54 -16.11
C LYS XA 310 -8.15 -91.72 -15.29
N SER XA 311 -7.28 -91.46 -14.31
CA SER XA 311 -6.77 -92.54 -13.48
C SER XA 311 -7.89 -93.22 -12.70
N LYS XA 312 -8.82 -92.43 -12.16
CA LYS XA 312 -9.95 -93.03 -11.46
C LYS XA 312 -10.86 -93.82 -12.39
N GLY XA 313 -10.78 -93.58 -13.70
CA GLY XA 313 -11.54 -94.35 -14.67
C GLY XA 313 -12.82 -93.71 -15.17
N VAL XA 314 -13.06 -92.42 -14.87
CA VAL XA 314 -14.28 -91.78 -15.34
C VAL XA 314 -14.17 -91.49 -16.83
N ASP XA 315 -15.30 -91.60 -17.53
CA ASP XA 315 -15.35 -91.36 -18.97
C ASP XA 315 -15.36 -89.86 -19.22
N LEU XA 316 -14.22 -89.34 -19.68
CA LEU XA 316 -14.08 -87.90 -19.87
C LEU XA 316 -14.61 -87.40 -21.20
N SER XA 317 -14.90 -88.29 -22.15
CA SER XA 317 -15.30 -87.85 -23.48
C SER XA 317 -16.70 -87.26 -23.48
N TYR XA 318 -17.60 -87.79 -22.64
CA TYR XA 318 -18.99 -87.35 -22.66
C TYR XA 318 -19.20 -86.01 -21.96
N MET XA 319 -18.38 -85.70 -20.95
CA MET XA 319 -18.56 -84.49 -20.19
C MET XA 319 -17.94 -83.29 -20.90
N THR XA 320 -18.38 -82.09 -20.51
CA THR XA 320 -17.88 -80.85 -21.08
C THR XA 320 -16.88 -80.19 -20.14
N LEU XA 321 -16.25 -79.13 -20.65
CA LEU XA 321 -15.14 -78.50 -19.94
C LEU XA 321 -15.57 -77.96 -18.57
N GLN XA 322 -16.74 -77.35 -18.50
CA GLN XA 322 -17.24 -76.88 -17.22
C GLN XA 322 -17.41 -78.03 -16.24
N GLU XA 323 -17.89 -79.17 -16.73
CA GLU XA 323 -18.05 -80.34 -15.87
C GLU XA 323 -16.71 -80.92 -15.45
N ILE XA 324 -15.69 -80.85 -16.32
CA ILE XA 324 -14.36 -81.29 -15.92
C ILE XA 324 -13.81 -80.39 -14.82
N LYS XA 325 -14.00 -79.09 -14.96
CA LYS XA 325 -13.49 -78.15 -13.96
C LYS XA 325 -14.13 -78.39 -12.60
N GLU XA 326 -15.45 -78.63 -12.57
CA GLU XA 326 -16.21 -78.68 -11.33
C GLU XA 326 -16.45 -80.09 -10.84
N ALA XA 327 -15.77 -81.09 -11.41
CA ALA XA 327 -15.97 -82.46 -10.99
C ALA XA 327 -15.44 -82.68 -9.58
N ASN XA 328 -16.03 -83.64 -8.88
CA ASN XA 328 -15.56 -84.00 -7.55
C ASN XA 328 -14.24 -84.77 -7.65
N THR XA 329 -13.32 -84.48 -6.72
CA THR XA 329 -12.01 -85.10 -6.73
C THR XA 329 -11.67 -85.85 -5.45
N GLY XA 330 -12.47 -85.75 -4.41
CA GLY XA 330 -12.24 -86.54 -3.22
C GLY XA 330 -11.03 -86.15 -2.41
N SER XA 331 -11.11 -84.99 -1.75
CA SER XA 331 -10.12 -84.52 -0.77
C SER XA 331 -8.80 -84.09 -1.40
N LYS XA 332 -8.77 -83.83 -2.71
CA LYS XA 332 -7.55 -83.41 -3.39
C LYS XA 332 -7.83 -82.14 -4.20
N VAL XA 333 -6.86 -81.23 -4.23
CA VAL XA 333 -6.99 -79.95 -4.89
C VAL XA 333 -5.76 -79.73 -5.78
N PHE XA 334 -5.98 -79.19 -6.97
CA PHE XA 334 -4.91 -78.91 -7.91
C PHE XA 334 -4.95 -77.45 -8.32
N LEU XA 335 -3.83 -76.75 -8.15
CA LEU XA 335 -3.74 -75.34 -8.50
C LEU XA 335 -2.43 -75.08 -9.22
N LYS XA 336 -2.36 -73.93 -9.88
CA LYS XA 336 -1.15 -73.47 -10.56
C LYS XA 336 -1.04 -71.97 -10.40
N ALA XA 337 0.18 -71.45 -10.54
CA ALA XA 337 0.41 -70.03 -10.36
C ALA XA 337 1.61 -69.59 -11.18
N LYS XA 338 1.67 -68.27 -11.44
CA LYS XA 338 2.78 -67.66 -12.16
C LYS XA 338 3.26 -66.45 -11.39
N ILE XA 339 4.57 -66.39 -11.12
CA ILE XA 339 5.18 -65.24 -10.47
C ILE XA 339 6.50 -64.94 -11.19
N LYS XA 340 7.02 -63.74 -10.94
CA LYS XA 340 8.36 -63.37 -11.37
C LYS XA 340 9.05 -62.65 -10.21
N VAL XA 341 10.26 -63.10 -9.89
CA VAL XA 341 10.97 -62.65 -8.70
C VAL XA 341 12.00 -61.60 -9.09
N LEU XA 342 12.01 -60.49 -8.36
CA LEU XA 342 12.93 -59.40 -8.63
C LEU XA 342 14.32 -59.71 -8.05
N ASP XA 343 15.32 -59.02 -8.58
CA ASP XA 343 16.68 -59.11 -8.09
C ASP XA 343 17.22 -57.70 -7.84
N ALA XA 344 18.19 -57.61 -6.94
CA ALA XA 344 18.83 -56.33 -6.65
C ALA XA 344 19.76 -55.94 -7.78
N MET XA 345 20.02 -54.64 -7.89
CA MET XA 345 20.92 -54.12 -8.91
C MET XA 345 22.37 -54.26 -8.45
N GLU XA 346 23.20 -54.84 -9.31
CA GLU XA 346 24.60 -55.07 -8.96
C GLU XA 346 25.58 -54.76 -10.08
N ASP XA 347 25.12 -54.31 -11.24
CA ASP XA 347 26.01 -53.94 -12.33
C ASP XA 347 25.46 -52.71 -13.03
N ILE XA 348 26.34 -51.94 -13.65
CA ILE XA 348 25.96 -50.73 -14.38
C ILE XA 348 26.60 -50.78 -15.77
N ASP XA 349 25.79 -50.57 -16.79
CA ASP XA 349 26.25 -50.53 -18.18
C ASP XA 349 25.98 -49.14 -18.75
N LEU XA 350 27.03 -48.40 -19.02
CA LEU XA 350 26.93 -47.04 -19.51
C LEU XA 350 27.27 -47.00 -20.99
N SER XA 351 26.38 -46.41 -21.79
CA SER XA 351 26.62 -46.15 -23.20
C SER XA 351 26.75 -44.63 -23.36
N ILE XA 352 27.97 -44.16 -23.59
CA ILE XA 352 28.27 -42.73 -23.60
C ILE XA 352 28.44 -42.29 -25.04
N GLU XA 353 27.83 -41.16 -25.40
CA GLU XA 353 27.85 -40.64 -26.76
C GLU XA 353 28.74 -39.40 -26.81
N ILE XA 354 29.93 -39.57 -27.38
CA ILE XA 354 30.83 -38.46 -27.68
C ILE XA 354 31.27 -37.70 -26.43
N ASN YA 3 -55.39 -99.48 -30.06
CA ASN YA 3 -54.86 -99.42 -28.71
C ASN YA 3 -55.66 -98.45 -27.84
N MET YA 4 -56.21 -97.42 -28.49
CA MET YA 4 -56.99 -96.40 -27.78
C MET YA 4 -58.45 -96.84 -27.74
N GLU YA 5 -58.93 -97.13 -26.53
CA GLU YA 5 -60.30 -97.55 -26.32
C GLU YA 5 -60.96 -96.64 -25.30
N ALA YA 6 -62.28 -96.49 -25.43
CA ALA YA 6 -63.02 -95.65 -24.50
C ALA YA 6 -63.00 -96.21 -23.08
N ARG YA 7 -62.74 -97.50 -22.92
CA ARG YA 7 -62.66 -98.09 -21.59
C ARG YA 7 -61.43 -97.62 -20.83
N ASN YA 8 -60.39 -97.18 -21.52
CA ASN YA 8 -59.13 -96.82 -20.89
C ASN YA 8 -59.12 -95.41 -20.31
N VAL YA 9 -60.13 -94.60 -20.59
CA VAL YA 9 -60.18 -93.26 -20.05
C VAL YA 9 -60.48 -93.33 -18.56
N MET YA 10 -59.57 -92.78 -17.75
CA MET YA 10 -59.69 -92.90 -16.31
C MET YA 10 -60.89 -92.12 -15.79
N SER YA 11 -61.63 -92.74 -14.87
CA SER YA 11 -62.80 -92.13 -14.26
C SER YA 11 -62.44 -91.58 -12.88
N GLY YA 12 -62.99 -90.43 -12.54
CA GLY YA 12 -62.65 -89.79 -11.29
C GLY YA 12 -63.24 -90.44 -10.06
N THR YA 13 -64.19 -91.36 -10.23
CA THR YA 13 -64.76 -92.07 -9.09
C THR YA 13 -63.73 -92.96 -8.41
N TRP YA 14 -62.71 -93.39 -9.13
CA TRP YA 14 -61.64 -94.23 -8.56
C TRP YA 14 -60.46 -93.40 -8.09
N GLY YA 15 -60.73 -92.38 -7.28
CA GLY YA 15 -59.68 -91.52 -6.74
C GLY YA 15 -59.70 -91.55 -5.22
N GLU YA 16 -58.51 -91.53 -4.62
CA GLU YA 16 -58.36 -91.53 -3.17
C GLU YA 16 -57.33 -90.49 -2.76
N LEU YA 17 -57.52 -89.90 -1.59
CA LEU YA 17 -56.66 -88.83 -1.11
C LEU YA 17 -56.24 -89.08 0.33
N TRP YA 18 -54.95 -88.86 0.60
CA TRP YA 18 -54.40 -88.86 1.95
C TRP YA 18 -53.91 -87.46 2.26
N LEU YA 19 -54.40 -86.88 3.36
CA LEU YA 19 -54.00 -85.54 3.78
C LEU YA 19 -53.42 -85.62 5.18
N ASP YA 20 -52.16 -85.20 5.30
CA ASP YA 20 -51.44 -85.21 6.58
C ASP YA 20 -51.40 -86.62 7.17
N GLY YA 21 -51.25 -87.62 6.32
CA GLY YA 21 -51.11 -88.99 6.74
C GLY YA 21 -52.40 -89.71 7.10
N ASN YA 22 -53.54 -89.03 7.02
CA ASN YA 22 -54.83 -89.64 7.31
C ASN YA 22 -55.67 -89.68 6.04
N LYS YA 23 -56.43 -90.76 5.88
CA LYS YA 23 -57.26 -90.92 4.70
C LYS YA 23 -58.55 -90.13 4.84
N VAL YA 24 -58.90 -89.39 3.80
CA VAL YA 24 -60.17 -88.67 3.75
C VAL YA 24 -61.13 -89.48 2.89
N ALA YA 25 -62.35 -89.66 3.39
CA ALA YA 25 -63.35 -90.44 2.69
C ALA YA 25 -64.44 -89.61 2.06
N GLU YA 26 -64.58 -88.34 2.45
CA GLU YA 26 -65.60 -87.46 1.90
C GLU YA 26 -65.08 -86.58 0.79
N VAL YA 27 -63.88 -86.87 0.27
CA VAL YA 27 -63.33 -86.08 -0.83
C VAL YA 27 -64.27 -86.15 -2.02
N LYS YA 28 -64.48 -85.00 -2.67
CA LYS YA 28 -65.29 -84.90 -3.88
C LYS YA 28 -64.47 -84.63 -5.11
N LYS YA 29 -63.42 -83.81 -5.02
CA LYS YA 29 -62.51 -83.61 -6.14
C LYS YA 29 -61.18 -83.08 -5.64
N PHE YA 30 -60.13 -83.39 -6.39
CA PHE YA 30 -58.77 -82.96 -6.08
C PHE YA 30 -58.10 -82.44 -7.34
N GLN YA 31 -57.26 -81.43 -7.19
CA GLN YA 31 -56.66 -80.77 -8.32
C GLN YA 31 -55.37 -80.07 -7.90
N ALA YA 32 -54.33 -80.20 -8.72
CA ALA YA 32 -53.05 -79.55 -8.46
C ALA YA 32 -52.36 -79.29 -9.79
N LYS YA 33 -51.78 -78.10 -9.94
CA LYS YA 33 -51.19 -77.70 -11.21
C LYS YA 33 -50.02 -76.77 -10.96
N MET YA 34 -49.11 -76.72 -11.94
CA MET YA 34 -47.97 -75.82 -11.95
C MET YA 34 -48.10 -74.86 -13.12
N GLU YA 35 -48.05 -73.56 -12.85
CA GLU YA 35 -48.19 -72.53 -13.88
C GLU YA 35 -46.84 -71.85 -14.08
N PHE YA 36 -46.27 -71.98 -15.27
CA PHE YA 36 -44.95 -71.45 -15.53
C PHE YA 36 -44.99 -69.95 -15.75
N THR YA 37 -43.92 -69.28 -15.34
CA THR YA 37 -43.76 -67.85 -15.56
C THR YA 37 -42.84 -67.63 -16.76
N LYS YA 38 -43.33 -66.87 -17.73
CA LYS YA 38 -42.59 -66.63 -18.97
C LYS YA 38 -42.40 -65.14 -19.18
N GLU YA 39 -41.35 -64.78 -19.91
CA GLU YA 39 -41.04 -63.40 -20.25
C GLU YA 39 -40.84 -63.29 -21.75
N ASP YA 40 -41.51 -62.32 -22.37
CA ASP YA 40 -41.36 -62.12 -23.80
C ASP YA 40 -40.04 -61.47 -24.12
N ILE YA 41 -39.36 -61.97 -25.15
CA ILE YA 41 -38.06 -61.47 -25.56
C ILE YA 41 -38.07 -61.31 -27.08
N ILE YA 42 -37.77 -60.12 -27.56
CA ILE YA 42 -37.74 -59.81 -28.98
C ILE YA 42 -36.29 -59.81 -29.44
N ILE YA 43 -36.00 -60.59 -30.48
CA ILE YA 43 -34.65 -60.77 -31.00
C ILE YA 43 -34.56 -60.07 -32.34
N ALA YA 44 -33.50 -59.29 -32.53
CA ALA YA 44 -33.34 -58.52 -33.76
C ALA YA 44 -33.28 -59.44 -34.97
N GLY YA 45 -34.06 -59.11 -36.00
CA GLY YA 45 -34.10 -59.89 -37.23
C GLY YA 45 -35.12 -60.99 -37.26
N GLN YA 46 -35.80 -61.28 -36.15
CA GLN YA 46 -36.80 -62.34 -36.10
C GLN YA 46 -38.17 -61.73 -35.88
N MET YA 47 -39.14 -62.14 -36.71
CA MET YA 47 -40.51 -61.64 -36.58
C MET YA 47 -41.27 -62.31 -35.44
N GLY YA 48 -41.01 -63.58 -35.17
CA GLY YA 48 -41.72 -64.28 -34.11
C GLY YA 48 -41.12 -64.01 -32.76
N THR YA 49 -41.97 -63.68 -31.79
CA THR YA 49 -41.53 -63.36 -30.44
C THR YA 49 -41.36 -64.64 -29.61
N ASP YA 50 -40.24 -64.73 -28.91
CA ASP YA 50 -39.89 -65.90 -28.11
C ASP YA 50 -40.06 -65.59 -26.62
N THR YA 51 -39.85 -66.60 -25.78
CA THR YA 51 -40.06 -66.46 -24.35
C THR YA 51 -38.90 -67.09 -23.57
N LYS YA 52 -38.70 -66.60 -22.35
CA LYS YA 52 -37.74 -67.16 -21.41
C LYS YA 52 -38.47 -67.66 -20.17
N TYR YA 53 -38.11 -68.85 -19.72
CA TYR YA 53 -38.79 -69.50 -18.60
C TYR YA 53 -38.10 -69.14 -17.28
N MET YA 54 -38.87 -68.61 -16.34
CA MET YA 54 -38.31 -68.06 -15.11
C MET YA 54 -38.69 -68.82 -13.85
N GLY YA 55 -39.72 -69.66 -13.88
CA GLY YA 55 -40.13 -70.39 -12.70
C GLY YA 55 -41.59 -70.79 -12.80
N TYR YA 56 -42.13 -71.23 -11.68
CA TYR YA 56 -43.50 -71.71 -11.65
C TYR YA 56 -44.13 -71.44 -10.29
N LYS YA 57 -45.45 -71.50 -10.26
CA LYS YA 57 -46.24 -71.39 -9.03
C LYS YA 57 -47.22 -72.56 -8.97
N GLY YA 58 -47.33 -73.16 -7.80
CA GLY YA 58 -48.20 -74.32 -7.60
C GLY YA 58 -49.53 -73.90 -7.00
N LYS YA 59 -50.62 -74.30 -7.67
CA LYS YA 59 -51.97 -73.97 -7.25
C LYS YA 59 -52.82 -75.23 -7.26
N GLY YA 60 -53.79 -75.28 -6.35
CA GLY YA 60 -54.67 -76.42 -6.27
C GLY YA 60 -55.83 -76.15 -5.33
N SER YA 61 -56.71 -77.14 -5.21
CA SER YA 61 -57.87 -77.02 -4.34
C SER YA 61 -58.40 -78.40 -4.00
N ILE YA 62 -59.19 -78.46 -2.93
CA ILE YA 62 -59.87 -79.67 -2.49
C ILE YA 62 -61.33 -79.33 -2.23
N THR YA 63 -62.23 -80.21 -2.65
CA THR YA 63 -63.65 -80.11 -2.34
C THR YA 63 -64.08 -81.40 -1.65
N LEU YA 64 -64.86 -81.25 -0.58
CA LEU YA 64 -65.30 -82.43 0.17
C LEU YA 64 -66.65 -82.15 0.81
N TYR YA 65 -67.38 -83.24 1.06
CA TYR YA 65 -68.67 -83.15 1.74
C TYR YA 65 -68.47 -82.74 3.19
N HIS YA 66 -69.40 -81.94 3.71
CA HIS YA 66 -69.30 -81.45 5.08
C HIS YA 66 -69.81 -82.53 6.02
N VAL YA 67 -68.87 -83.28 6.59
CA VAL YA 67 -69.18 -84.40 7.48
C VAL YA 67 -68.58 -84.21 8.86
N SER YA 68 -67.36 -83.68 8.96
CA SER YA 68 -66.66 -83.50 10.22
C SER YA 68 -65.98 -82.14 10.22
N SER YA 69 -65.30 -81.83 11.33
CA SER YA 69 -64.56 -80.57 11.46
C SER YA 69 -63.07 -80.80 11.26
N ARG YA 70 -62.71 -81.27 10.06
CA ARG YA 70 -61.33 -81.64 9.81
C ARG YA 70 -60.42 -80.41 9.70
N MET YA 71 -60.82 -79.42 8.92
CA MET YA 71 -59.94 -78.28 8.65
C MET YA 71 -59.80 -77.36 9.85
N HIS YA 72 -60.87 -77.21 10.65
CA HIS YA 72 -60.77 -76.44 11.87
C HIS YA 72 -59.67 -76.99 12.78
N LYS YA 73 -59.74 -78.29 13.08
CA LYS YA 73 -58.72 -78.92 13.90
C LYS YA 73 -57.35 -78.87 13.25
N LEU YA 74 -57.31 -78.89 11.92
CA LEU YA 74 -56.02 -78.83 11.25
C LEU YA 74 -55.32 -77.49 11.49
N ILE YA 75 -56.03 -76.38 11.29
CA ILE YA 75 -55.28 -75.13 11.16
C ILE YA 75 -55.74 -73.92 11.99
N GLY YA 76 -56.93 -73.98 12.61
CA GLY YA 76 -57.49 -72.76 13.17
C GLY YA 76 -56.70 -72.04 14.26
N GLU YA 77 -56.45 -72.75 15.36
CA GLU YA 77 -55.76 -72.15 16.50
C GLU YA 77 -54.36 -71.72 16.13
N LYS YA 78 -53.65 -72.51 15.33
CA LYS YA 78 -52.32 -72.13 14.89
C LYS YA 78 -52.37 -70.88 14.02
N ILE YA 79 -53.40 -70.77 13.17
CA ILE YA 79 -53.51 -69.60 12.30
C ILE YA 79 -53.69 -68.34 13.12
N LYS YA 80 -54.50 -68.41 14.19
CA LYS YA 80 -54.51 -67.28 15.12
C LYS YA 80 -53.16 -67.02 15.77
N ARG YA 81 -52.50 -68.08 16.24
CA ARG YA 81 -51.35 -67.82 17.10
C ARG YA 81 -50.18 -67.23 16.34
N GLY YA 82 -50.21 -67.27 15.01
CA GLY YA 82 -49.15 -66.74 14.18
C GLY YA 82 -48.26 -67.77 13.52
N SER YA 83 -48.57 -69.05 13.66
CA SER YA 83 -47.77 -70.12 13.09
C SER YA 83 -48.55 -70.80 11.98
N GLU YA 84 -47.95 -70.89 10.80
CA GLU YA 84 -48.61 -71.48 9.64
C GLU YA 84 -48.08 -72.88 9.40
N PRO YA 85 -48.88 -73.92 9.54
CA PRO YA 85 -48.40 -75.28 9.29
C PRO YA 85 -48.38 -75.61 7.80
N ARG YA 86 -47.60 -76.64 7.47
CA ARG YA 86 -47.47 -77.15 6.11
C ARG YA 86 -47.75 -78.65 6.12
N PHE YA 87 -48.40 -79.14 5.08
CA PHE YA 87 -48.87 -80.52 5.02
C PHE YA 87 -48.37 -81.20 3.76
N VAL YA 88 -48.58 -82.51 3.71
CA VAL YA 88 -48.27 -83.34 2.56
C VAL YA 88 -49.52 -84.08 2.15
N ALA YA 89 -49.86 -84.04 0.87
CA ALA YA 89 -51.02 -84.75 0.33
C ALA YA 89 -50.56 -85.82 -0.65
N ILE YA 90 -51.24 -86.97 -0.60
CA ILE YA 90 -51.00 -88.07 -1.52
C ILE YA 90 -52.30 -88.33 -2.27
N SER YA 91 -52.24 -88.28 -3.60
CA SER YA 91 -53.40 -88.53 -4.45
C SER YA 91 -53.16 -89.79 -5.27
N LYS YA 92 -54.16 -90.66 -5.32
CA LYS YA 92 -54.07 -91.92 -6.03
C LYS YA 92 -55.24 -92.05 -6.99
N LEU YA 93 -54.97 -92.62 -8.17
CA LEU YA 93 -55.99 -92.83 -9.19
C LEU YA 93 -55.74 -94.19 -9.81
N ASN YA 94 -56.61 -95.16 -9.53
CA ASN YA 94 -56.45 -96.53 -10.00
C ASN YA 94 -57.77 -97.02 -10.59
N ASP YA 95 -57.90 -96.96 -11.91
CA ASP YA 95 -59.08 -97.45 -12.59
C ASP YA 95 -58.87 -98.90 -13.02
N PRO YA 96 -59.80 -99.80 -12.70
CA PRO YA 96 -59.62 -101.21 -13.07
C PRO YA 96 -59.48 -101.44 -14.57
N ASP YA 97 -60.11 -100.62 -15.40
CA ASP YA 97 -60.04 -100.77 -16.84
C ASP YA 97 -58.91 -99.96 -17.48
N SER YA 98 -58.05 -99.35 -16.68
CA SER YA 98 -56.92 -98.59 -17.19
C SER YA 98 -55.65 -99.44 -17.21
N TYR YA 99 -54.59 -98.89 -17.81
CA TYR YA 99 -53.32 -99.60 -17.88
C TYR YA 99 -52.70 -99.76 -16.49
N GLY YA 100 -52.77 -98.71 -15.67
CA GLY YA 100 -52.15 -98.76 -14.36
C GLY YA 100 -52.67 -97.65 -13.48
N ALA YA 101 -51.95 -97.40 -12.40
CA ALA YA 101 -52.31 -96.39 -11.42
C ALA YA 101 -51.42 -95.16 -11.57
N GLU YA 102 -51.81 -94.10 -10.86
CA GLU YA 102 -51.06 -92.85 -10.84
C GLU YA 102 -51.12 -92.30 -9.42
N ARG YA 103 -49.95 -92.16 -8.78
CA ARG YA 103 -49.87 -91.83 -7.36
C ARG YA 103 -48.83 -90.73 -7.15
N ILE YA 104 -49.29 -89.51 -6.84
CA ILE YA 104 -48.42 -88.35 -6.74
C ILE YA 104 -48.51 -87.79 -5.33
N ALA YA 105 -47.36 -87.37 -4.80
CA ALA YA 105 -47.29 -86.71 -3.50
C ALA YA 105 -47.02 -85.23 -3.71
N VAL YA 106 -47.84 -84.38 -3.09
CA VAL YA 106 -47.70 -82.93 -3.16
C VAL YA 106 -47.24 -82.43 -1.81
N LYS YA 107 -46.17 -81.63 -1.80
CA LYS YA 107 -45.48 -81.27 -0.56
C LYS YA 107 -45.48 -79.76 -0.36
N ASN YA 108 -45.33 -79.37 0.91
CA ASN YA 108 -45.23 -77.97 1.32
C ASN YA 108 -46.52 -77.21 1.03
N ILE YA 109 -47.65 -77.82 1.40
CA ILE YA 109 -48.96 -77.30 1.09
C ILE YA 109 -49.33 -76.22 2.10
N ALA YA 110 -49.80 -75.06 1.60
CA ALA YA 110 -50.26 -73.97 2.44
C ALA YA 110 -51.67 -73.59 2.00
N PHE YA 111 -52.62 -73.65 2.91
CA PHE YA 111 -54.02 -73.40 2.57
C PHE YA 111 -54.30 -71.89 2.49
N ASP YA 112 -55.39 -71.57 1.80
CA ASP YA 112 -55.74 -70.19 1.51
C ASP YA 112 -56.78 -69.61 2.45
N ASP YA 113 -57.60 -70.45 3.08
CA ASP YA 113 -58.60 -69.97 4.04
C ASP YA 113 -59.08 -71.14 4.87
N LEU YA 114 -59.96 -70.85 5.83
CA LEU YA 114 -60.58 -71.84 6.73
C LEU YA 114 -62.07 -71.54 6.85
N THR YA 115 -62.91 -72.46 6.38
CA THR YA 115 -64.34 -72.20 6.35
C THR YA 115 -64.96 -72.51 7.70
N LEU YA 116 -65.51 -71.49 8.35
CA LEU YA 116 -66.10 -71.67 9.67
C LEU YA 116 -67.54 -72.16 9.56
N ALA YA 117 -68.38 -71.44 8.82
CA ALA YA 117 -69.78 -71.80 8.69
C ALA YA 117 -70.28 -71.44 7.29
N ASP YA 118 -71.05 -72.35 6.70
CA ASP YA 118 -71.66 -72.10 5.40
C ASP YA 118 -72.85 -73.05 5.26
N TRP YA 119 -74.06 -72.53 5.46
CA TRP YA 119 -75.24 -73.36 5.31
C TRP YA 119 -76.41 -72.53 4.84
N GLU YA 120 -77.27 -73.17 4.05
CA GLU YA 120 -78.50 -72.56 3.54
C GLU YA 120 -79.60 -73.60 3.65
N VAL YA 121 -80.81 -73.16 4.01
CA VAL YA 121 -81.89 -74.09 4.28
C VAL YA 121 -82.24 -74.86 3.02
N GLY YA 122 -82.34 -76.18 3.14
CA GLY YA 122 -82.66 -77.02 1.99
C GLY YA 122 -81.49 -77.34 1.09
N VAL YA 123 -80.25 -77.15 1.56
CA VAL YA 123 -79.06 -77.41 0.78
C VAL YA 123 -78.11 -78.27 1.62
N LYS YA 124 -77.51 -79.27 1.00
CA LYS YA 124 -76.50 -80.08 1.69
C LYS YA 124 -75.19 -79.31 1.81
N GLY YA 125 -74.31 -79.79 2.69
CA GLY YA 125 -73.09 -79.08 3.01
C GLY YA 125 -71.93 -79.48 2.12
N GLU YA 126 -71.12 -78.48 1.75
CA GLU YA 126 -69.91 -78.70 0.97
C GLU YA 126 -68.89 -77.63 1.35
N ILE YA 127 -67.62 -78.00 1.27
CA ILE YA 127 -66.51 -77.11 1.62
C ILE YA 127 -65.49 -77.15 0.51
N GLU YA 128 -65.03 -75.98 0.07
CA GLU YA 128 -63.96 -75.86 -0.91
C GLU YA 128 -62.75 -75.22 -0.26
N ALA YA 129 -61.57 -75.78 -0.52
CA ALA YA 129 -60.34 -75.36 0.15
C ALA YA 129 -59.20 -75.24 -0.84
N PRO YA 130 -58.91 -74.03 -1.33
CA PRO YA 130 -57.75 -73.82 -2.20
C PRO YA 130 -56.46 -73.78 -1.39
N PHE YA 131 -55.35 -74.03 -2.09
CA PHE YA 131 -54.04 -74.06 -1.44
C PHE YA 131 -52.96 -73.75 -2.47
N THR YA 132 -51.72 -73.68 -2.00
CA THR YA 132 -50.54 -73.54 -2.84
C THR YA 132 -49.47 -74.51 -2.35
N PHE YA 133 -48.55 -74.88 -3.24
CA PHE YA 133 -47.50 -75.83 -2.91
C PHE YA 133 -46.22 -75.48 -3.65
N THR YA 134 -45.16 -76.22 -3.38
CA THR YA 134 -43.85 -75.95 -3.95
C THR YA 134 -43.19 -77.17 -4.59
N GLU YA 135 -43.35 -78.35 -4.00
CA GLU YA 135 -42.64 -79.55 -4.45
C GLU YA 135 -43.62 -80.68 -4.71
N TYR YA 136 -43.13 -81.70 -5.41
CA TYR YA 136 -43.93 -82.88 -5.70
C TYR YA 136 -43.01 -84.05 -6.01
N ASP YA 137 -43.57 -85.26 -5.95
CA ASP YA 137 -42.81 -86.47 -6.22
C ASP YA 137 -43.69 -87.46 -6.98
N PHE YA 138 -43.05 -88.29 -7.80
CA PHE YA 138 -43.74 -89.24 -8.66
C PHE YA 138 -43.64 -90.64 -8.10
N LEU YA 139 -44.79 -91.29 -7.92
CA LEU YA 139 -44.87 -92.70 -7.59
C LEU YA 139 -45.86 -93.35 -8.55
N ASP YA 140 -45.51 -94.51 -9.07
CA ASP YA 140 -46.41 -95.28 -9.94
C ASP YA 140 -46.97 -94.42 -11.08
N ILE YA 141 -46.09 -94.06 -12.01
CA ILE YA 141 -46.54 -93.39 -13.23
C ILE YA 141 -47.02 -94.41 -14.25
N ILE YA 142 -47.71 -93.95 -15.29
CA ILE YA 142 -48.11 -94.82 -16.38
C ILE YA 142 -47.29 -94.49 -17.62
N ASN ZA 3 -29.50 -72.49 4.82
CA ASN ZA 3 -30.76 -72.59 4.08
C ASN ZA 3 -31.73 -71.48 4.51
N MET ZA 4 -32.65 -71.12 3.62
CA MET ZA 4 -33.64 -70.11 3.92
C MET ZA 4 -35.03 -70.66 3.65
N GLU ZA 5 -35.95 -70.39 4.57
CA GLU ZA 5 -37.36 -70.69 4.40
C GLU ZA 5 -38.13 -69.39 4.25
N ALA ZA 6 -39.20 -69.41 3.46
CA ALA ZA 6 -40.02 -68.23 3.32
C ALA ZA 6 -40.71 -67.83 4.62
N ARG ZA 7 -40.86 -68.78 5.55
CA ARG ZA 7 -41.50 -68.48 6.83
C ARG ZA 7 -40.60 -67.67 7.76
N ASN ZA 8 -39.29 -67.64 7.50
CA ASN ZA 8 -38.35 -67.00 8.41
C ASN ZA 8 -38.25 -65.49 8.21
N VAL ZA 9 -38.90 -64.93 7.20
CA VAL ZA 9 -38.88 -63.49 7.02
C VAL ZA 9 -39.75 -62.82 8.08
N MET ZA 10 -39.20 -61.79 8.71
CA MET ZA 10 -39.91 -61.14 9.81
C MET ZA 10 -41.04 -60.26 9.28
N SER ZA 11 -42.22 -60.41 9.86
CA SER ZA 11 -43.37 -59.58 9.53
C SER ZA 11 -43.44 -58.41 10.49
N GLY ZA 12 -43.76 -57.24 9.95
CA GLY ZA 12 -43.76 -56.02 10.74
C GLY ZA 12 -44.94 -55.88 11.69
N THR ZA 13 -45.97 -56.69 11.55
CA THR ZA 13 -47.08 -56.65 12.48
C THR ZA 13 -46.66 -57.06 13.88
N TRP ZA 14 -45.57 -57.82 14.01
CA TRP ZA 14 -45.09 -58.30 15.29
C TRP ZA 14 -44.11 -57.36 15.97
N GLY ZA 15 -44.13 -56.08 15.61
CA GLY ZA 15 -43.26 -55.11 16.27
C GLY ZA 15 -43.93 -54.43 17.45
N GLU ZA 16 -43.09 -53.96 18.38
CA GLU ZA 16 -43.54 -53.23 19.56
C GLU ZA 16 -42.58 -52.08 19.83
N LEU ZA 17 -43.08 -51.08 20.55
CA LEU ZA 17 -42.30 -49.88 20.82
C LEU ZA 17 -42.58 -49.35 22.22
N TRP ZA 18 -41.51 -49.02 22.94
CA TRP ZA 18 -41.57 -48.34 24.23
C TRP ZA 18 -40.92 -46.98 24.07
N LEU ZA 19 -41.59 -45.93 24.49
CA LEU ZA 19 -41.07 -44.57 24.36
C LEU ZA 19 -41.13 -43.89 25.71
N ASP ZA 20 -39.96 -43.54 26.25
CA ASP ZA 20 -39.83 -42.94 27.58
C ASP ZA 20 -40.38 -43.85 28.67
N GLY ZA 21 -40.33 -45.16 28.45
CA GLY ZA 21 -40.80 -46.13 29.42
C GLY ZA 21 -42.23 -46.59 29.27
N ASN ZA 22 -43.00 -46.01 28.34
CA ASN ZA 22 -44.41 -46.32 28.18
C ASN ZA 22 -44.66 -47.00 26.85
N LYS ZA 23 -45.45 -48.06 26.87
CA LYS ZA 23 -45.77 -48.79 25.66
C LYS ZA 23 -46.67 -47.96 24.75
N VAL ZA 24 -46.37 -47.97 23.47
CA VAL ZA 24 -47.11 -47.21 22.47
C VAL ZA 24 -47.89 -48.23 21.63
N ALA ZA 25 -49.16 -48.43 21.96
CA ALA ZA 25 -49.99 -49.42 21.30
C ALA ZA 25 -50.44 -49.00 19.91
N GLU ZA 26 -50.32 -47.72 19.55
CA GLU ZA 26 -50.80 -47.22 18.27
C GLU ZA 26 -49.68 -46.98 17.26
N VAL ZA 27 -48.52 -47.61 17.45
CA VAL ZA 27 -47.41 -47.43 16.52
C VAL ZA 27 -47.77 -48.03 15.17
N LYS ZA 28 -47.27 -47.40 14.11
CA LYS ZA 28 -47.45 -47.86 12.74
C LYS ZA 28 -46.15 -48.32 12.10
N LYS ZA 29 -45.06 -47.55 12.24
CA LYS ZA 29 -43.76 -47.99 11.76
C LYS ZA 29 -42.67 -47.32 12.59
N PHE ZA 30 -41.46 -47.88 12.50
CA PHE ZA 30 -40.31 -47.39 13.24
C PHE ZA 30 -39.06 -47.58 12.39
N GLN ZA 31 -38.22 -46.55 12.34
CA GLN ZA 31 -36.98 -46.58 11.58
C GLN ZA 31 -35.84 -46.04 12.43
N ALA ZA 32 -34.65 -46.61 12.24
CA ALA ZA 32 -33.45 -46.15 12.90
C ALA ZA 32 -32.24 -46.63 12.12
N LYS ZA 33 -31.32 -45.71 11.80
CA LYS ZA 33 -30.24 -46.00 10.87
C LYS ZA 33 -29.05 -45.12 11.15
N MET ZA 34 -27.86 -45.71 11.09
CA MET ZA 34 -26.60 -44.98 11.25
C MET ZA 34 -26.00 -44.68 9.89
N GLU ZA 35 -25.56 -43.44 9.68
CA GLU ZA 35 -24.94 -43.02 8.43
C GLU ZA 35 -23.46 -42.72 8.66
N PHE ZA 36 -22.62 -43.19 7.75
CA PHE ZA 36 -21.17 -43.00 7.84
C PHE ZA 36 -20.70 -41.97 6.83
N THR ZA 37 -19.82 -41.08 7.26
CA THR ZA 37 -19.27 -40.04 6.42
C THR ZA 37 -17.91 -40.46 5.89
N LYS ZA 38 -17.71 -40.32 4.58
CA LYS ZA 38 -16.49 -40.73 3.92
C LYS ZA 38 -15.79 -39.54 3.31
N GLU ZA 39 -14.47 -39.63 3.19
CA GLU ZA 39 -13.67 -38.64 2.48
C GLU ZA 39 -12.91 -39.32 1.36
N ASP ZA 40 -12.99 -38.76 0.16
CA ASP ZA 40 -12.31 -39.33 -1.00
C ASP ZA 40 -10.81 -39.10 -0.92
N ILE ZA 41 -10.04 -40.10 -1.32
CA ILE ZA 41 -8.58 -40.02 -1.32
C ILE ZA 41 -8.11 -40.18 -2.77
N ILE ZA 42 -7.40 -39.18 -3.27
CA ILE ZA 42 -6.87 -39.17 -4.63
C ILE ZA 42 -5.38 -38.95 -4.56
N ILE ZA 43 -4.61 -39.79 -5.26
CA ILE ZA 43 -3.16 -39.75 -5.24
C ILE ZA 43 -2.67 -39.48 -6.66
N ALA ZA 44 -1.79 -38.48 -6.80
CA ALA ZA 44 -1.23 -38.17 -8.10
C ALA ZA 44 -0.38 -39.34 -8.60
N GLY ZA 45 -0.63 -39.76 -9.84
CA GLY ZA 45 0.05 -40.89 -10.41
C GLY ZA 45 -0.66 -42.21 -10.31
N GLN ZA 46 -1.76 -42.28 -9.55
CA GLN ZA 46 -2.55 -43.49 -9.40
C GLN ZA 46 -3.96 -43.25 -9.93
N MET ZA 47 -4.48 -44.22 -10.66
CA MET ZA 47 -5.78 -44.05 -11.31
C MET ZA 47 -6.95 -44.29 -10.35
N GLY ZA 48 -6.79 -45.15 -9.36
CA GLY ZA 48 -7.88 -45.46 -8.46
C GLY ZA 48 -8.19 -44.37 -7.47
N THR ZA 49 -9.34 -44.52 -6.82
CA THR ZA 49 -9.82 -43.59 -5.79
C THR ZA 49 -10.24 -44.39 -4.57
N ASP ZA 50 -9.83 -43.95 -3.38
CA ASP ZA 50 -10.12 -44.65 -2.14
C ASP ZA 50 -10.79 -43.69 -1.16
N THR ZA 51 -11.20 -44.22 0.00
CA THR ZA 51 -11.94 -43.46 0.99
C THR ZA 51 -11.38 -43.72 2.38
N LYS ZA 52 -11.77 -42.85 3.32
CA LYS ZA 52 -11.55 -43.07 4.74
C LYS ZA 52 -12.75 -42.55 5.52
N TYR ZA 53 -13.11 -43.24 6.60
CA TYR ZA 53 -14.25 -42.84 7.41
C TYR ZA 53 -13.93 -41.58 8.21
N MET ZA 54 -14.90 -40.68 8.30
CA MET ZA 54 -14.77 -39.44 9.04
C MET ZA 54 -15.58 -39.42 10.33
N GLY ZA 55 -16.86 -39.77 10.26
CA GLY ZA 55 -17.70 -39.78 11.43
C GLY ZA 55 -19.00 -40.48 11.13
N TYR ZA 56 -19.95 -40.38 12.06
CA TYR ZA 56 -21.25 -41.01 11.85
C TYR ZA 56 -22.35 -40.17 12.50
N LYS ZA 57 -23.58 -40.39 12.03
CA LYS ZA 57 -24.76 -39.71 12.53
C LYS ZA 57 -25.95 -40.67 12.49
N GLY ZA 58 -26.93 -40.44 13.35
CA GLY ZA 58 -28.10 -41.29 13.44
C GLY ZA 58 -29.37 -40.57 13.04
N LYS ZA 59 -30.25 -41.28 12.34
CA LYS ZA 59 -31.51 -40.72 11.86
C LYS ZA 59 -32.61 -41.78 11.94
N GLY ZA 60 -33.85 -41.32 12.03
CA GLY ZA 60 -34.98 -42.23 12.13
C GLY ZA 60 -36.28 -41.44 12.21
N SER ZA 61 -37.38 -42.19 12.32
CA SER ZA 61 -38.69 -41.56 12.41
C SER ZA 61 -39.71 -42.55 12.99
N ILE ZA 62 -40.84 -42.00 13.45
CA ILE ZA 62 -41.94 -42.77 14.01
C ILE ZA 62 -43.24 -42.32 13.34
N THR ZA 63 -44.13 -43.26 13.10
CA THR ZA 63 -45.48 -42.97 12.61
C THR ZA 63 -46.49 -43.64 13.52
N LEU ZA 64 -47.50 -42.88 13.95
CA LEU ZA 64 -48.54 -43.39 14.84
C LEU ZA 64 -49.91 -43.12 14.25
N TYR ZA 65 -50.87 -43.92 14.70
CA TYR ZA 65 -52.28 -43.55 14.56
C TYR ZA 65 -52.61 -42.47 15.57
N HIS ZA 66 -53.50 -41.55 15.17
CA HIS ZA 66 -53.88 -40.43 16.03
C HIS ZA 66 -55.04 -40.85 16.90
N VAL ZA 67 -54.74 -41.28 18.12
CA VAL ZA 67 -55.77 -41.64 19.10
C VAL ZA 67 -55.70 -40.79 20.36
N SER ZA 68 -54.62 -40.06 20.58
CA SER ZA 68 -54.47 -39.24 21.77
C SER ZA 68 -53.40 -38.19 21.49
N SER ZA 69 -53.21 -37.29 22.46
CA SER ZA 69 -52.20 -36.25 22.36
C SER ZA 69 -50.93 -36.64 23.11
N ARG ZA 70 -50.30 -37.72 22.63
CA ARG ZA 70 -49.12 -38.26 23.29
C ARG ZA 70 -47.91 -37.36 23.09
N MET ZA 71 -47.70 -36.88 21.86
CA MET ZA 71 -46.49 -36.12 21.56
C MET ZA 71 -46.49 -34.77 22.25
N HIS ZA 72 -47.64 -34.11 22.32
CA HIS ZA 72 -47.69 -32.81 22.99
C HIS ZA 72 -47.40 -32.95 24.48
N LYS ZA 73 -47.94 -33.98 25.12
CA LYS ZA 73 -47.63 -34.21 26.53
C LYS ZA 73 -46.16 -34.55 26.70
N LEU ZA 74 -45.59 -35.32 25.76
CA LEU ZA 74 -44.19 -35.70 25.86
C LEU ZA 74 -43.28 -34.49 25.76
N ILE ZA 75 -43.51 -33.63 24.76
CA ILE ZA 75 -42.72 -32.42 24.62
C ILE ZA 75 -43.16 -31.38 25.64
N GLY ZA 76 -44.45 -31.10 25.70
CA GLY ZA 76 -44.96 -30.09 26.60
C GLY ZA 76 -44.40 -28.72 26.29
N GLU ZA 77 -43.97 -28.03 27.35
CA GLU ZA 77 -43.39 -26.70 27.26
C GLU ZA 77 -41.87 -26.73 27.34
N LYS ZA 78 -41.27 -27.92 27.27
CA LYS ZA 78 -39.83 -28.04 27.45
C LYS ZA 78 -39.05 -27.29 26.38
N ILE ZA 79 -39.48 -27.41 25.12
CA ILE ZA 79 -38.80 -26.71 24.04
C ILE ZA 79 -39.01 -25.21 24.17
N LYS ZA 80 -40.22 -24.79 24.50
CA LYS ZA 80 -40.53 -23.37 24.61
C LYS ZA 80 -39.73 -22.70 25.71
N ARG ZA 81 -39.57 -23.37 26.85
CA ARG ZA 81 -38.86 -22.77 27.97
C ARG ZA 81 -37.36 -22.71 27.73
N GLY ZA 82 -36.82 -23.60 26.89
CA GLY ZA 82 -35.44 -23.55 26.52
C GLY ZA 82 -34.56 -24.66 27.04
N SER ZA 83 -35.12 -25.70 27.65
CA SER ZA 83 -34.33 -26.85 28.03
C SER ZA 83 -34.05 -27.72 26.80
N GLU ZA 84 -33.39 -28.85 27.01
CA GLU ZA 84 -32.98 -29.73 25.92
C GLU ZA 84 -33.46 -31.14 26.23
N PRO ZA 85 -34.74 -31.43 25.96
CA PRO ZA 85 -35.27 -32.77 26.26
C PRO ZA 85 -34.66 -33.84 25.36
N ARG ZA 86 -34.31 -34.97 25.97
CA ARG ZA 86 -33.81 -36.13 25.26
C ARG ZA 86 -34.56 -37.36 25.74
N PHE ZA 87 -34.75 -38.33 24.86
CA PHE ZA 87 -35.60 -39.47 25.15
C PHE ZA 87 -34.90 -40.78 24.78
N VAL ZA 88 -35.43 -41.87 25.32
CA VAL ZA 88 -34.95 -43.22 25.05
C VAL ZA 88 -36.12 -44.03 24.49
N ALA ZA 89 -35.87 -44.75 23.41
CA ALA ZA 89 -36.87 -45.61 22.80
C ALA ZA 89 -36.34 -47.05 22.73
N ILE ZA 90 -37.25 -48.00 22.86
CA ILE ZA 90 -36.91 -49.42 22.79
C ILE ZA 90 -37.85 -50.09 21.79
N SER ZA 91 -37.27 -50.81 20.82
CA SER ZA 91 -38.03 -51.48 19.79
C SER ZA 91 -37.79 -52.98 19.87
N LYS ZA 92 -38.84 -53.74 19.58
CA LYS ZA 92 -38.78 -55.20 19.63
C LYS ZA 92 -39.46 -55.76 18.40
N LEU ZA 93 -38.88 -56.83 17.85
CA LEU ZA 93 -39.43 -57.53 16.68
C LEU ZA 93 -39.36 -59.02 16.99
N ASN ZA 94 -40.49 -59.64 17.28
CA ASN ZA 94 -40.56 -61.03 17.74
C ASN ZA 94 -41.60 -61.78 16.91
N ASP ZA 95 -41.18 -62.27 15.76
CA ASP ZA 95 -42.05 -63.08 14.92
C ASP ZA 95 -42.04 -64.53 15.41
N PRO ZA 96 -43.20 -65.13 15.67
CA PRO ZA 96 -43.21 -66.52 16.17
C PRO ZA 96 -42.55 -67.52 15.24
N ASP ZA 97 -42.60 -67.28 13.92
CA ASP ZA 97 -42.05 -68.20 12.95
C ASP ZA 97 -40.57 -67.97 12.65
N SER ZA 98 -39.99 -66.87 13.11
CA SER ZA 98 -38.59 -66.59 12.87
C SER ZA 98 -37.73 -67.35 13.89
N TYR ZA 99 -36.41 -67.14 13.79
CA TYR ZA 99 -35.49 -67.83 14.68
C TYR ZA 99 -35.58 -67.30 16.11
N GLY ZA 100 -35.70 -66.00 16.27
CA GLY ZA 100 -35.73 -65.42 17.59
C GLY ZA 100 -36.20 -63.98 17.56
N ALA ZA 101 -35.96 -63.29 18.67
CA ALA ZA 101 -36.35 -61.90 18.84
C ALA ZA 101 -35.18 -60.95 18.56
N GLU ZA 102 -35.50 -59.67 18.51
CA GLU ZA 102 -34.50 -58.62 18.27
C GLU ZA 102 -34.93 -57.39 19.06
N ARG ZA 103 -34.17 -57.02 20.08
CA ARG ZA 103 -34.50 -55.89 20.94
C ARG ZA 103 -33.34 -54.90 20.91
N ILE ZA 104 -33.64 -53.65 20.57
CA ILE ZA 104 -32.65 -52.60 20.43
C ILE ZA 104 -33.11 -51.39 21.22
N ALA ZA 105 -32.18 -50.77 21.95
CA ALA ZA 105 -32.43 -49.52 22.65
C ALA ZA 105 -31.79 -48.39 21.87
N VAL ZA 106 -32.58 -47.39 21.52
CA VAL ZA 106 -32.12 -46.20 20.82
C VAL ZA 106 -32.14 -45.04 21.80
N LYS ZA 107 -31.00 -44.39 21.98
CA LYS ZA 107 -30.82 -43.46 23.08
C LYS ZA 107 -30.45 -42.07 22.59
N ASN ZA 108 -30.76 -41.08 23.43
CA ASN ZA 108 -30.41 -39.68 23.20
C ASN ZA 108 -31.13 -39.11 21.97
N ILE ZA 109 -32.45 -39.19 22.01
CA ILE ZA 109 -33.29 -38.86 20.86
C ILE ZA 109 -33.73 -37.40 20.95
N ALA ZA 110 -33.55 -36.66 19.86
CA ALA ZA 110 -34.07 -35.31 19.71
C ALA ZA 110 -35.02 -35.27 18.52
N PHE ZA 111 -36.25 -34.81 18.75
CA PHE ZA 111 -37.26 -34.79 17.71
C PHE ZA 111 -37.11 -33.55 16.83
N ASP ZA 112 -37.64 -33.65 15.61
CA ASP ZA 112 -37.46 -32.60 14.61
C ASP ZA 112 -38.56 -31.56 14.60
N ASP ZA 113 -39.80 -31.94 14.90
CA ASP ZA 113 -40.90 -30.99 14.91
C ASP ZA 113 -42.03 -31.54 15.77
N LEU ZA 114 -43.14 -30.82 15.80
CA LEU ZA 114 -44.32 -31.22 16.56
C LEU ZA 114 -45.56 -30.87 15.75
N THR ZA 115 -46.51 -31.80 15.69
CA THR ZA 115 -47.72 -31.64 14.92
C THR ZA 115 -48.88 -31.31 15.86
N LEU ZA 116 -49.51 -30.17 15.64
CA LEU ZA 116 -50.63 -29.73 16.48
C LEU ZA 116 -51.96 -30.20 15.93
N ALA ZA 117 -52.24 -29.91 14.67
CA ALA ZA 117 -53.48 -30.33 14.03
C ALA ZA 117 -53.18 -30.75 12.59
N ASP ZA 118 -53.75 -31.87 12.17
CA ASP ZA 118 -53.64 -32.30 10.78
C ASP ZA 118 -54.83 -33.20 10.47
N TRP ZA 119 -55.91 -32.62 9.97
CA TRP ZA 119 -57.10 -33.39 9.67
C TRP ZA 119 -57.71 -32.94 8.36
N GLU ZA 120 -58.53 -33.81 7.79
CA GLU ZA 120 -59.24 -33.57 6.55
C GLU ZA 120 -60.52 -34.38 6.57
N VAL ZA 121 -61.57 -33.87 5.92
CA VAL ZA 121 -62.84 -34.58 5.94
C VAL ZA 121 -62.71 -35.86 5.12
N GLY ZA 122 -63.15 -36.97 5.71
CA GLY ZA 122 -63.09 -38.25 5.04
C GLY ZA 122 -61.77 -38.99 5.13
N VAL ZA 123 -60.89 -38.66 6.07
CA VAL ZA 123 -59.54 -39.22 6.14
C VAL ZA 123 -59.20 -39.56 7.59
N LYS ZA 124 -58.41 -40.62 7.77
CA LYS ZA 124 -57.97 -41.01 9.11
C LYS ZA 124 -56.66 -40.30 9.46
N GLY ZA 125 -56.61 -39.72 10.66
CA GLY ZA 125 -55.47 -38.98 11.12
C GLY ZA 125 -54.30 -39.90 11.43
N GLU ZA 126 -53.11 -39.40 11.10
CA GLU ZA 126 -51.86 -40.08 11.37
C GLU ZA 126 -50.84 -39.02 11.74
N ILE ZA 127 -49.81 -39.44 12.46
CA ILE ZA 127 -48.75 -38.55 12.92
C ILE ZA 127 -47.42 -39.11 12.47
N GLU ZA 128 -46.56 -38.24 11.95
CA GLU ZA 128 -45.21 -38.62 11.55
C GLU ZA 128 -44.22 -37.74 12.31
N ALA ZA 129 -43.18 -38.37 12.85
CA ALA ZA 129 -42.27 -37.70 13.78
C ALA ZA 129 -40.84 -38.13 13.53
N PRO ZA 130 -40.08 -37.38 12.73
CA PRO ZA 130 -38.66 -37.69 12.53
C PRO ZA 130 -37.82 -37.22 13.70
N PHE ZA 131 -36.62 -37.81 13.82
CA PHE ZA 131 -35.72 -37.50 14.92
C PHE ZA 131 -34.29 -37.83 14.53
N THR ZA 132 -33.36 -37.50 15.43
CA THR ZA 132 -31.96 -37.88 15.33
C THR ZA 132 -31.48 -38.38 16.69
N PHE ZA 133 -30.44 -39.20 16.67
CA PHE ZA 133 -29.92 -39.80 17.90
C PHE ZA 133 -28.42 -40.00 17.76
N THR ZA 134 -27.79 -40.45 18.84
CA THR ZA 134 -26.34 -40.57 18.89
C THR ZA 134 -25.81 -41.96 19.20
N GLU ZA 135 -26.54 -42.78 19.96
CA GLU ZA 135 -25.99 -44.05 20.40
C GLU ZA 135 -27.09 -45.10 20.50
N TYR ZA 136 -26.70 -46.37 20.54
CA TYR ZA 136 -27.64 -47.47 20.57
C TYR ZA 136 -27.02 -48.65 21.30
N ASP ZA 137 -27.89 -49.54 21.79
CA ASP ZA 137 -27.51 -50.77 22.47
C ASP ZA 137 -28.35 -51.92 21.95
N PHE ZA 138 -27.74 -53.11 21.85
CA PHE ZA 138 -28.45 -54.31 21.44
C PHE ZA 138 -28.72 -55.17 22.67
N LEU ZA 139 -30.00 -55.41 22.96
CA LEU ZA 139 -30.38 -56.24 24.09
C LEU ZA 139 -30.56 -57.70 23.69
N ASP ZA 140 -31.30 -57.96 22.62
CA ASP ZA 140 -31.52 -59.30 22.10
C ASP ZA 140 -31.06 -59.36 20.66
N ILE ZA 141 -30.26 -60.36 20.32
CA ILE ZA 141 -29.66 -60.48 19.01
C ILE ZA 141 -30.14 -61.78 18.38
N ILE ZA 142 -30.09 -61.83 17.05
CA ILE ZA 142 -30.54 -63.00 16.33
C ILE ZA 142 -29.61 -63.32 15.17
N ILE AB 3 -40.69 -67.45 52.80
CA ILE AB 3 -40.89 -66.08 52.34
C ILE AB 3 -40.55 -65.10 53.46
N GLY AB 4 -39.56 -64.24 53.22
CA GLY AB 4 -39.14 -63.29 54.22
C GLY AB 4 -39.27 -61.86 53.75
N LEU AB 5 -38.34 -61.00 54.17
CA LEU AB 5 -38.35 -59.62 53.73
C LEU AB 5 -37.89 -59.55 52.27
N PRO AB 6 -38.25 -58.50 51.55
CA PRO AB 6 -37.70 -58.30 50.22
C PRO AB 6 -36.18 -58.23 50.27
N SER AB 7 -35.54 -58.92 49.34
CA SER AB 7 -34.09 -59.08 49.32
C SER AB 7 -33.53 -58.31 48.13
N ILE AB 8 -32.63 -57.39 48.41
CA ILE AB 8 -31.96 -56.58 47.39
C ILE AB 8 -30.48 -56.64 47.72
N ASN AB 9 -29.75 -57.58 47.14
CA ASN AB 9 -28.35 -57.79 47.45
C ASN AB 9 -27.51 -57.65 46.20
N ILE AB 10 -26.44 -56.86 46.31
CA ILE AB 10 -25.48 -56.64 45.24
C ILE AB 10 -24.16 -57.22 45.72
N SER AB 11 -23.62 -58.16 44.96
CA SER AB 11 -22.41 -58.87 45.34
C SER AB 11 -21.27 -58.51 44.39
N PHE AB 12 -20.08 -58.31 44.97
CA PHE AB 12 -18.87 -58.02 44.21
C PHE AB 12 -17.95 -59.23 44.27
N LYS AB 13 -17.42 -59.63 43.13
CA LYS AB 13 -16.56 -60.81 43.07
C LYS AB 13 -15.64 -60.70 41.87
N GLU AB 14 -14.62 -61.55 41.84
CA GLU AB 14 -13.59 -61.48 40.82
C GLU AB 14 -14.04 -62.19 39.53
N LEU AB 15 -13.43 -61.78 38.42
CA LEU AB 15 -13.78 -62.33 37.13
C LEU AB 15 -13.41 -63.81 37.04
N ALA AB 16 -14.29 -64.59 36.42
CA ALA AB 16 -14.15 -66.04 36.33
C ALA AB 16 -13.89 -66.46 34.90
N THR AB 17 -13.09 -67.52 34.75
CA THR AB 17 -12.77 -68.04 33.43
C THR AB 17 -14.01 -68.61 32.74
N THR AB 18 -14.04 -68.47 31.42
CA THR AB 18 -15.18 -68.90 30.63
C THR AB 18 -15.00 -70.33 30.16
N VAL AB 19 -15.97 -71.18 30.48
CA VAL AB 19 -15.91 -72.60 30.16
C VAL AB 19 -16.17 -72.81 28.68
N LYS AB 20 -15.48 -73.80 28.10
CA LYS AB 20 -15.67 -74.15 26.71
C LYS AB 20 -17.11 -74.56 26.43
N GLU AB 21 -17.60 -74.23 25.24
CA GLU AB 21 -18.99 -74.46 24.88
C GLU AB 21 -19.30 -75.95 24.75
N ARG AB 22 -20.52 -76.30 25.13
CA ARG AB 22 -21.01 -77.68 25.06
C ARG AB 22 -21.29 -78.08 23.61
N SER AB 23 -21.58 -79.37 23.43
CA SER AB 23 -21.92 -79.92 22.12
C SER AB 23 -23.27 -80.62 22.16
N ALA AB 24 -23.92 -80.71 21.01
CA ALA AB 24 -25.23 -81.34 20.93
C ALA AB 24 -25.14 -82.84 20.77
N ARG AB 25 -24.06 -83.35 20.17
CA ARG AB 25 -23.89 -84.77 19.93
C ARG AB 25 -22.62 -85.27 20.59
N GLY AB 26 -22.55 -86.59 20.79
CA GLY AB 26 -21.36 -87.22 21.31
C GLY AB 26 -21.51 -87.73 22.72
N ILE AB 27 -21.71 -89.04 22.86
CA ILE AB 27 -21.84 -89.70 24.15
C ILE AB 27 -20.72 -90.71 24.28
N ILE AB 28 -19.96 -90.61 25.37
CA ILE AB 28 -18.83 -91.50 25.62
C ILE AB 28 -19.16 -92.37 26.82
N ALA AB 29 -18.87 -93.67 26.69
CA ALA AB 29 -19.02 -94.61 27.80
C ALA AB 29 -17.63 -94.97 28.31
N MET AB 30 -17.39 -94.75 29.60
CA MET AB 30 -16.10 -95.01 30.23
C MET AB 30 -16.25 -96.12 31.26
N VAL AB 31 -15.28 -97.03 31.28
CA VAL AB 31 -15.25 -98.13 32.23
C VAL AB 31 -14.05 -97.94 33.14
N LEU AB 32 -14.30 -97.92 34.45
CA LEU AB 32 -13.27 -97.66 35.45
C LEU AB 32 -13.32 -98.73 36.52
N LYS AB 33 -12.21 -98.89 37.24
CA LYS AB 33 -12.11 -99.84 38.34
C LYS AB 33 -11.71 -99.08 39.60
N ASP AB 34 -12.64 -99.03 40.56
CA ASP AB 34 -12.40 -98.42 41.86
C ASP AB 34 -13.30 -99.08 42.88
N ALA AB 35 -12.92 -98.98 44.15
CA ALA AB 35 -13.61 -99.70 45.21
C ALA AB 35 -14.90 -99.04 45.66
N LYS AB 36 -15.15 -97.79 45.30
CA LYS AB 36 -16.32 -97.07 45.78
C LYS AB 36 -17.02 -96.38 44.62
N ALA AB 37 -18.25 -95.93 44.90
CA ALA AB 37 -19.11 -95.29 43.90
C ALA AB 37 -19.30 -96.18 42.68
N LEU AB 38 -19.63 -97.45 42.95
CA LEU AB 38 -19.83 -98.41 41.88
C LEU AB 38 -21.13 -98.13 41.12
N GLY AB 39 -21.25 -98.74 39.95
CA GLY AB 39 -22.41 -98.54 39.10
C GLY AB 39 -22.26 -97.36 38.18
N LEU AB 40 -23.30 -97.15 37.37
CA LEU AB 40 -23.28 -96.09 36.37
C LEU AB 40 -23.26 -94.72 37.03
N ASN AB 41 -22.49 -93.82 36.44
CA ASN AB 41 -22.43 -92.43 36.86
C ASN AB 41 -22.54 -91.53 35.64
N GLU AB 42 -23.06 -90.33 35.86
CA GLU AB 42 -23.29 -89.37 34.79
C GLU AB 42 -22.47 -88.11 35.05
N ILE AB 43 -21.87 -87.56 33.99
CA ILE AB 43 -21.10 -86.34 34.11
C ILE AB 43 -21.41 -85.39 32.94
N HIS AB 44 -22.19 -84.35 33.22
CA HIS AB 44 -22.42 -83.30 32.23
C HIS AB 44 -21.37 -82.19 32.29
N GLU AB 45 -20.85 -81.90 33.47
CA GLU AB 45 -19.91 -80.81 33.68
C GLU AB 45 -18.70 -81.34 34.41
N LYS AB 46 -17.52 -80.79 34.09
CA LYS AB 46 -16.27 -81.29 34.64
C LYS AB 46 -16.21 -81.13 36.16
N GLU AB 47 -16.93 -80.15 36.71
CA GLU AB 47 -16.88 -79.95 38.15
C GLU AB 47 -17.56 -81.07 38.92
N ASP AB 48 -18.59 -81.69 38.32
CA ASP AB 48 -19.38 -82.70 39.02
C ASP AB 48 -18.74 -84.07 38.81
N ILE AB 49 -17.82 -84.43 39.70
CA ILE AB 49 -17.21 -85.74 39.71
C ILE AB 49 -17.44 -86.32 41.11
N PRO AB 50 -17.66 -87.63 41.25
CA PRO AB 50 -17.77 -88.21 42.59
C PRO AB 50 -16.49 -87.98 43.39
N VAL AB 51 -16.65 -87.50 44.62
CA VAL AB 51 -15.51 -87.10 45.43
C VAL AB 51 -14.69 -88.32 45.85
N ASP AB 52 -15.37 -89.42 46.21
CA ASP AB 52 -14.67 -90.57 46.76
C ASP AB 52 -13.82 -91.32 45.75
N LEU AB 53 -13.93 -90.99 44.47
CA LEU AB 53 -13.14 -91.67 43.45
C LEU AB 53 -11.66 -91.30 43.58
N SER AB 54 -10.80 -92.19 43.12
CA SER AB 54 -9.37 -91.97 43.18
C SER AB 54 -8.96 -90.81 42.28
N ALA AB 55 -7.81 -90.21 42.60
CA ALA AB 55 -7.34 -89.07 41.82
C ALA AB 55 -6.95 -89.47 40.40
N GLU AB 56 -6.41 -90.68 40.22
CA GLU AB 56 -6.06 -91.13 38.87
C GLU AB 56 -7.28 -91.25 37.98
N ASN AB 57 -8.37 -91.82 38.51
CA ASN AB 57 -9.60 -91.90 37.74
C ASN AB 57 -10.16 -90.51 37.46
N LYS AB 58 -10.03 -89.59 38.42
CA LYS AB 58 -10.49 -88.23 38.20
C LYS AB 58 -9.70 -87.55 37.09
N GLU AB 59 -8.40 -87.81 37.03
CA GLU AB 59 -7.61 -87.24 35.94
C GLU AB 59 -7.95 -87.88 34.60
N TYR AB 60 -8.29 -89.17 34.59
CA TYR AB 60 -8.79 -89.77 33.35
C TYR AB 60 -10.07 -89.09 32.89
N ILE AB 61 -10.98 -88.83 33.82
CA ILE AB 61 -12.24 -88.17 33.47
C ILE AB 61 -11.98 -86.76 32.97
N ASN AB 62 -11.02 -86.06 33.59
CA ASN AB 62 -10.67 -84.72 33.12
C ASN AB 62 -10.11 -84.76 31.69
N LEU AB 63 -9.27 -85.76 31.40
CA LEU AB 63 -8.78 -85.93 30.03
C LEU AB 63 -9.92 -86.16 29.07
N ALA AB 64 -10.89 -86.99 29.45
CA ALA AB 64 -12.04 -87.22 28.59
C ALA AB 64 -12.82 -85.93 28.36
N LEU AB 65 -12.97 -85.12 29.39
CA LEU AB 65 -13.74 -83.88 29.29
C LEU AB 65 -12.96 -82.74 28.66
N MET AB 66 -11.67 -82.93 28.38
CA MET AB 66 -10.91 -81.91 27.66
C MET AB 66 -11.59 -81.55 26.33
N GLY AB 67 -11.69 -82.51 25.42
CA GLY AB 67 -12.52 -82.34 24.25
C GLY AB 67 -11.86 -81.59 23.11
N ASN AB 68 -12.70 -80.94 22.31
CA ASN AB 68 -12.30 -80.25 21.08
C ASN AB 68 -13.09 -78.95 21.04
N VAL AB 69 -13.24 -78.37 19.85
CA VAL AB 69 -13.91 -77.08 19.64
C VAL AB 69 -15.21 -76.99 20.43
N ASN AB 70 -15.83 -78.12 20.73
CA ASN AB 70 -16.89 -78.21 21.72
C ASN AB 70 -16.63 -79.40 22.63
N THR AB 71 -17.02 -79.28 23.90
CA THR AB 71 -16.90 -80.39 24.82
C THR AB 71 -17.96 -81.44 24.52
N PRO AB 72 -17.67 -82.72 24.79
CA PRO AB 72 -18.65 -83.77 24.48
C PRO AB 72 -19.96 -83.57 25.22
N ASN AB 73 -21.04 -84.02 24.58
CA ASN AB 73 -22.38 -83.75 25.10
C ASN AB 73 -22.54 -84.27 26.52
N LYS AB 74 -22.24 -85.54 26.75
CA LYS AB 74 -22.30 -86.10 28.09
C LYS AB 74 -21.42 -87.33 28.15
N LEU AB 75 -21.07 -87.70 29.39
CA LEU AB 75 -20.13 -88.79 29.64
C LEU AB 75 -20.77 -89.78 30.60
N LEU AB 76 -20.77 -91.05 30.22
CA LEU AB 76 -21.29 -92.12 31.06
C LEU AB 76 -20.12 -92.88 31.65
N VAL AB 77 -20.04 -92.92 32.98
CA VAL AB 77 -18.94 -93.56 33.68
C VAL AB 77 -19.51 -94.75 34.45
N TYR AB 78 -19.00 -95.94 34.13
CA TYR AB 78 -19.39 -97.17 34.81
C TYR AB 78 -18.19 -97.68 35.60
N VAL AB 79 -18.39 -97.88 36.90
CA VAL AB 79 -17.32 -98.21 37.83
C VAL AB 79 -17.59 -99.59 38.42
N ILE AB 80 -16.55 -100.41 38.51
CA ILE AB 80 -16.62 -101.72 39.14
C ILE AB 80 -15.52 -101.82 40.18
N GLU AB 81 -15.74 -102.68 41.18
CA GLU AB 81 -14.80 -102.78 42.30
C GLU AB 81 -13.43 -103.27 41.85
N GLY AB 82 -13.41 -104.30 41.00
CA GLY AB 82 -12.18 -104.98 40.67
C GLY AB 82 -12.35 -106.46 40.90
N GLU AB 83 -11.53 -107.29 40.25
CA GLU AB 83 -11.74 -108.73 40.22
C GLU AB 83 -13.12 -109.07 39.66
N ALA AB 84 -13.61 -108.25 38.74
CA ALA AB 84 -14.90 -108.43 38.10
C ALA AB 84 -14.71 -108.48 36.59
N ASP AB 85 -15.40 -109.41 35.95
CA ASP AB 85 -15.25 -109.61 34.51
C ASP AB 85 -15.81 -108.41 33.75
N ILE AB 86 -15.14 -108.06 32.65
CA ILE AB 86 -15.59 -106.95 31.83
C ILE AB 86 -16.92 -107.27 31.15
N GLN AB 87 -17.21 -108.56 30.93
CA GLN AB 87 -18.44 -108.93 30.25
C GLN AB 87 -19.68 -108.52 31.04
N THR AB 88 -19.58 -108.44 32.37
CA THR AB 88 -20.70 -107.93 33.15
C THR AB 88 -20.99 -106.47 32.80
N ALA AB 89 -19.93 -105.67 32.69
CA ALA AB 89 -20.10 -104.27 32.30
C ALA AB 89 -20.63 -104.16 30.89
N LEU AB 90 -20.17 -105.03 29.97
CA LEU AB 90 -20.67 -105.00 28.61
C LEU AB 90 -22.16 -105.34 28.56
N ASP AB 91 -22.56 -106.37 29.30
CA ASP AB 91 -23.96 -106.78 29.34
C ASP AB 91 -24.84 -105.66 29.88
N PHE AB 92 -24.36 -104.96 30.91
CA PHE AB 92 -25.11 -103.80 31.38
C PHE AB 92 -25.15 -102.70 30.32
N LEU AB 93 -24.05 -102.46 29.63
CA LEU AB 93 -23.95 -101.36 28.68
C LEU AB 93 -24.73 -101.60 27.40
N GLU AB 94 -25.16 -102.83 27.13
CA GLU AB 94 -25.96 -103.07 25.93
C GLU AB 94 -27.25 -102.26 25.95
N THR AB 95 -27.87 -102.10 27.12
CA THR AB 95 -29.12 -101.38 27.21
C THR AB 95 -28.95 -99.90 26.89
N LYS AB 96 -27.91 -99.27 27.41
CA LYS AB 96 -27.74 -97.83 27.25
C LYS AB 96 -27.36 -97.48 25.81
N GLU AB 97 -27.37 -96.19 25.52
CA GLU AB 97 -26.99 -95.69 24.21
C GLU AB 97 -25.74 -94.82 24.33
N PHE AB 98 -24.80 -95.04 23.42
CA PHE AB 98 -23.53 -94.33 23.44
C PHE AB 98 -22.92 -94.41 22.05
N ASN AB 99 -21.90 -93.58 21.81
CA ASN AB 99 -21.22 -93.53 20.53
C ASN AB 99 -19.82 -94.13 20.58
N TYR AB 100 -19.02 -93.76 21.56
CA TYR AB 100 -17.64 -94.24 21.68
C TYR AB 100 -17.41 -94.79 23.07
N LEU AB 101 -16.62 -95.86 23.15
CA LEU AB 101 -16.33 -96.53 24.41
C LEU AB 101 -14.83 -96.71 24.56
N CYS AB 102 -14.32 -96.49 25.77
CA CYS AB 102 -12.90 -96.61 26.05
C CYS AB 102 -12.68 -97.15 27.45
N MET AB 103 -11.63 -97.93 27.61
CA MET AB 103 -11.20 -98.45 28.91
C MET AB 103 -9.70 -98.22 29.07
N PRO AB 104 -9.28 -97.33 29.97
CA PRO AB 104 -7.85 -97.03 30.10
C PRO AB 104 -7.00 -98.21 30.56
N LYS AB 105 -7.55 -99.16 31.30
CA LYS AB 105 -6.78 -100.18 32.00
C LYS AB 105 -7.03 -101.59 31.46
N ALA AB 106 -7.09 -101.72 30.13
CA ALA AB 106 -7.42 -103.00 29.51
C ALA AB 106 -6.15 -103.83 29.31
N VAL AB 107 -6.21 -105.09 29.75
CA VAL AB 107 -5.21 -106.09 29.38
C VAL AB 107 -5.62 -106.68 28.03
N GLU AB 108 -4.73 -107.49 27.43
CA GLU AB 108 -5.01 -108.02 26.10
C GLU AB 108 -6.31 -108.82 26.07
N ALA AB 109 -6.61 -109.54 27.16
CA ALA AB 109 -7.86 -110.28 27.23
C ALA AB 109 -9.06 -109.34 27.19
N ASP AB 110 -8.99 -108.25 27.96
CA ASP AB 110 -10.08 -107.27 27.95
C ASP AB 110 -10.22 -106.62 26.57
N LYS AB 111 -9.10 -106.32 25.92
CA LYS AB 111 -9.14 -105.75 24.59
C LYS AB 111 -9.80 -106.71 23.60
N THR AB 112 -9.46 -107.99 23.68
CA THR AB 112 -10.07 -108.98 22.79
C THR AB 112 -11.58 -109.07 23.04
N ALA AB 113 -11.97 -109.09 24.32
CA ALA AB 113 -13.39 -109.18 24.65
C ALA AB 113 -14.14 -107.95 24.14
N ILE AB 114 -13.57 -106.76 24.31
CA ILE AB 114 -14.24 -105.54 23.85
C ILE AB 114 -14.35 -105.53 22.34
N LYS AB 115 -13.30 -105.96 21.64
CA LYS AB 115 -13.35 -106.01 20.18
C LYS AB 115 -14.44 -106.96 19.71
N ASN AB 116 -14.51 -108.16 20.31
CA ASN AB 116 -15.53 -109.12 19.91
C ASN AB 116 -16.93 -108.61 20.20
N TRP AB 117 -17.11 -107.95 21.36
CA TRP AB 117 -18.40 -107.40 21.72
C TRP AB 117 -18.84 -106.32 20.73
N ILE AB 118 -17.91 -105.43 20.36
CA ILE AB 118 -18.24 -104.35 19.43
C ILE AB 118 -18.61 -104.91 18.07
N ILE AB 119 -17.83 -105.88 17.57
CA ILE AB 119 -18.11 -106.42 16.25
C ILE AB 119 -19.43 -107.18 16.25
N LYS AB 120 -19.75 -107.87 17.35
CA LYS AB 120 -21.03 -108.57 17.43
C LYS AB 120 -22.19 -107.58 17.45
N LEU AB 121 -22.06 -106.48 18.20
CA LEU AB 121 -23.12 -105.48 18.20
C LEU AB 121 -23.32 -104.86 16.82
N ARG AB 122 -22.23 -104.57 16.12
CA ARG AB 122 -22.37 -103.90 14.83
C ARG AB 122 -22.89 -104.84 13.76
N ASP AB 123 -22.45 -106.11 13.76
CA ASP AB 123 -22.78 -107.00 12.66
C ASP AB 123 -24.03 -107.83 12.90
N ILE AB 124 -24.40 -108.08 14.16
CA ILE AB 124 -25.53 -108.94 14.49
C ILE AB 124 -26.62 -108.16 15.21
N ASP AB 125 -26.27 -107.47 16.29
CA ASP AB 125 -27.25 -106.71 17.05
C ASP AB 125 -27.76 -105.47 16.32
N LYS AB 126 -27.10 -105.08 15.21
CA LYS AB 126 -27.54 -103.95 14.38
C LYS AB 126 -27.58 -102.65 15.19
N VAL AB 127 -26.59 -102.45 16.05
CA VAL AB 127 -26.40 -101.20 16.78
C VAL AB 127 -25.03 -100.66 16.41
N LYS AB 128 -24.99 -99.42 15.92
CA LYS AB 128 -23.76 -98.82 15.40
C LYS AB 128 -23.04 -98.11 16.53
N VAL AB 129 -21.98 -98.73 17.04
CA VAL AB 129 -21.16 -98.16 18.11
C VAL AB 129 -19.70 -98.35 17.75
N LYS AB 130 -18.83 -97.56 18.39
CA LYS AB 130 -17.41 -97.59 18.13
C LYS AB 130 -16.62 -97.68 19.43
N ALA AB 131 -15.42 -98.26 19.34
CA ALA AB 131 -14.52 -98.36 20.48
C ALA AB 131 -13.14 -97.85 20.08
N VAL AB 132 -12.52 -97.09 20.98
CA VAL AB 132 -11.15 -96.62 20.80
C VAL AB 132 -10.26 -97.49 21.68
N LEU AB 133 -9.36 -98.25 21.06
CA LEU AB 133 -8.51 -99.19 21.76
C LEU AB 133 -7.05 -98.86 21.50
N GLY AB 134 -6.19 -99.31 22.42
CA GLY AB 134 -4.77 -99.01 22.33
C GLY AB 134 -4.04 -99.72 21.22
N LYS AB 135 -3.85 -101.04 21.34
CA LYS AB 135 -3.03 -101.80 20.40
C LYS AB 135 -3.82 -103.02 19.96
N VAL AB 136 -4.70 -102.84 18.98
CA VAL AB 136 -5.53 -103.93 18.47
C VAL AB 136 -5.45 -103.92 16.95
N VAL AB 137 -5.22 -105.08 16.36
CA VAL AB 137 -5.08 -105.21 14.92
C VAL AB 137 -6.41 -105.58 14.26
N GLY AB 138 -7.52 -105.24 14.90
CA GLY AB 138 -8.82 -105.56 14.33
C GLY AB 138 -8.99 -104.93 12.95
N ASN AB 139 -9.60 -105.69 12.06
CA ASN AB 139 -9.79 -105.29 10.66
C ASN AB 139 -11.19 -104.75 10.42
N HIS AB 140 -11.76 -104.04 11.38
CA HIS AB 140 -13.15 -103.60 11.31
C HIS AB 140 -13.23 -102.08 11.36
N GLU AB 141 -14.22 -101.54 10.66
CA GLU AB 141 -14.47 -100.10 10.69
C GLU AB 141 -14.99 -99.63 12.03
N GLY AB 142 -15.41 -100.55 12.91
CA GLY AB 142 -15.94 -100.15 14.20
C GLY AB 142 -14.88 -99.66 15.16
N ILE AB 143 -13.72 -100.31 15.16
CA ILE AB 143 -12.68 -100.04 16.15
C ILE AB 143 -11.61 -99.13 15.56
N ILE AB 144 -11.07 -98.26 16.41
CA ILE AB 144 -10.02 -97.32 16.04
C ILE AB 144 -8.76 -97.67 16.82
N ASN AB 145 -7.65 -97.84 16.11
CA ASN AB 145 -6.40 -98.32 16.69
C ASN AB 145 -5.44 -97.14 16.88
N PHE AB 146 -5.29 -96.69 18.12
CA PHE AB 146 -4.44 -95.55 18.44
C PHE AB 146 -3.11 -96.07 19.00
N THR AB 147 -2.05 -95.98 18.21
CA THR AB 147 -0.75 -96.51 18.58
C THR AB 147 0.24 -95.35 18.72
N THR AB 148 0.37 -94.85 19.94
CA THR AB 148 1.39 -93.86 20.27
C THR AB 148 1.67 -93.95 21.76
N GLU AB 149 2.93 -94.13 22.13
CA GLU AB 149 3.31 -94.45 23.49
C GLU AB 149 4.05 -93.28 24.14
N ASP AB 150 3.97 -93.23 25.47
CA ASP AB 150 4.80 -92.34 26.28
C ASP AB 150 4.61 -90.87 25.90
N VAL AB 151 3.38 -90.39 26.07
CA VAL AB 151 3.07 -88.99 25.82
C VAL AB 151 3.20 -88.22 27.12
N LEU AB 152 3.75 -87.01 27.04
CA LEU AB 152 4.02 -86.17 28.19
C LEU AB 152 2.97 -85.07 28.27
N VAL AB 153 2.24 -85.02 29.38
CA VAL AB 153 1.19 -84.02 29.58
C VAL AB 153 1.49 -83.36 30.93
N GLY AB 154 2.21 -82.23 30.89
CA GLY AB 154 2.53 -81.52 32.10
C GLY AB 154 3.42 -82.29 33.06
N GLU AB 155 4.49 -82.88 32.53
CA GLU AB 155 5.54 -83.59 33.26
C GLU AB 155 5.07 -84.98 33.70
N LYS AB 156 3.90 -85.42 33.25
CA LYS AB 156 3.40 -86.76 33.56
C LYS AB 156 3.40 -87.62 32.30
N LYS AB 157 3.77 -88.89 32.47
CA LYS AB 157 3.84 -89.84 31.36
C LYS AB 157 2.55 -90.66 31.31
N TYR AB 158 1.92 -90.69 30.15
CA TYR AB 158 0.70 -91.46 29.93
C TYR AB 158 0.98 -92.54 28.90
N SER AB 159 0.57 -93.77 29.20
CA SER AB 159 0.80 -94.90 28.31
C SER AB 159 -0.17 -94.86 27.14
N VAL AB 160 0.00 -95.82 26.22
CA VAL AB 160 -0.84 -95.84 25.01
C VAL AB 160 -2.29 -96.13 25.35
N ASP AB 161 -2.54 -97.00 26.33
CA ASP AB 161 -3.91 -97.28 26.74
C ASP AB 161 -4.51 -96.14 27.53
N GLU AB 162 -3.66 -95.32 28.18
CA GLU AB 162 -4.15 -94.27 29.04
C GLU AB 162 -4.66 -93.06 28.27
N PHE AB 163 -4.11 -92.78 27.09
CA PHE AB 163 -4.45 -91.59 26.33
C PHE AB 163 -5.65 -91.80 25.41
N THR AB 164 -6.20 -93.02 25.38
CA THR AB 164 -7.39 -93.28 24.58
C THR AB 164 -8.57 -92.45 25.06
N SER AB 165 -8.58 -92.07 26.34
CA SER AB 165 -9.63 -91.20 26.84
C SER AB 165 -9.56 -89.82 26.18
N ARG AB 166 -8.36 -89.25 26.08
CA ARG AB 166 -8.22 -87.97 25.40
C ARG AB 166 -8.57 -88.10 23.93
N VAL AB 167 -8.16 -89.20 23.29
CA VAL AB 167 -8.48 -89.37 21.87
C VAL AB 167 -9.99 -89.48 21.65
N ALA AB 168 -10.68 -90.25 22.49
CA ALA AB 168 -12.11 -90.39 22.37
C ALA AB 168 -12.82 -89.06 22.62
N GLY AB 169 -12.37 -88.31 23.62
CA GLY AB 169 -12.95 -87.00 23.86
C GLY AB 169 -12.75 -86.05 22.70
N LEU AB 170 -11.58 -86.12 22.06
CA LEU AB 170 -11.33 -85.26 20.90
C LEU AB 170 -12.21 -85.64 19.72
N ILE AB 171 -12.39 -86.94 19.49
CA ILE AB 171 -13.25 -87.37 18.39
C ILE AB 171 -14.70 -86.97 18.65
N ALA AB 172 -15.17 -87.15 19.90
CA ALA AB 172 -16.56 -86.84 20.21
C ALA AB 172 -16.86 -85.35 20.11
N GLY AB 173 -15.85 -84.49 20.27
CA GLY AB 173 -16.04 -83.06 20.26
C GLY AB 173 -15.95 -82.39 18.91
N THR AB 174 -15.78 -83.15 17.84
CA THR AB 174 -15.64 -82.60 16.50
C THR AB 174 -17.00 -82.49 15.82
N PRO AB 175 -17.35 -81.33 15.26
CA PRO AB 175 -18.61 -81.22 14.53
C PRO AB 175 -18.61 -82.08 13.28
N LEU AB 176 -19.82 -82.42 12.83
CA LEU AB 176 -19.97 -83.36 11.72
C LEU AB 176 -19.37 -82.82 10.42
N SER AB 177 -19.32 -81.50 10.28
CA SER AB 177 -18.77 -80.92 9.06
C SER AB 177 -17.27 -81.17 8.93
N GLN AB 178 -16.56 -81.18 10.05
CA GLN AB 178 -15.10 -81.20 10.05
C GLN AB 178 -14.56 -82.60 10.26
N SER AB 179 -13.24 -82.72 10.11
CA SER AB 179 -12.52 -83.96 10.34
C SER AB 179 -11.36 -83.69 11.29
N VAL AB 180 -10.88 -84.74 11.93
CA VAL AB 180 -9.86 -84.61 12.96
C VAL AB 180 -8.45 -84.64 12.38
N THR AB 181 -8.35 -84.59 11.06
CA THR AB 181 -7.04 -84.58 10.42
C THR AB 181 -6.32 -83.27 10.73
N TYR AB 182 -5.10 -83.39 11.25
CA TYR AB 182 -4.21 -82.25 11.52
C TYR AB 182 -4.75 -81.33 12.61
N THR AB 183 -5.41 -81.87 13.62
CA THR AB 183 -5.84 -81.08 14.76
C THR AB 183 -4.78 -81.14 15.85
N LYS AB 184 -4.37 -79.98 16.33
CA LYS AB 184 -3.22 -79.88 17.22
C LYS AB 184 -3.63 -79.96 18.68
N LEU AB 185 -2.77 -80.58 19.48
CA LEU AB 185 -2.97 -80.74 20.92
C LEU AB 185 -2.03 -79.81 21.65
N SER AB 186 -2.57 -78.78 22.29
CA SER AB 186 -1.74 -77.82 23.00
C SER AB 186 -1.20 -78.39 24.31
N ASP AB 187 -1.92 -79.34 24.91
CA ASP AB 187 -1.50 -79.88 26.19
C ASP AB 187 -0.32 -80.83 26.06
N VAL AB 188 -0.23 -81.57 24.96
CA VAL AB 188 0.91 -82.47 24.76
C VAL AB 188 2.17 -81.65 24.55
N VAL AB 189 3.24 -82.02 25.25
CA VAL AB 189 4.50 -81.29 25.17
C VAL AB 189 5.57 -82.07 24.40
N ASP AB 190 5.59 -83.39 24.47
CA ASP AB 190 6.59 -84.15 23.75
C ASP AB 190 6.10 -85.57 23.48
N ILE AB 191 6.60 -86.15 22.40
CA ILE AB 191 6.35 -87.55 22.06
C ILE AB 191 7.65 -88.18 21.57
N PRO AB 192 7.75 -89.50 21.63
CA PRO AB 192 8.96 -90.18 21.14
C PRO AB 192 9.22 -89.91 19.67
N LYS AB 193 10.50 -89.91 19.31
CA LYS AB 193 10.91 -89.58 17.95
C LYS AB 193 10.45 -90.64 16.96
N MET AB 194 9.95 -90.19 15.81
CA MET AB 194 9.53 -91.06 14.73
C MET AB 194 9.87 -90.40 13.40
N THR AB 195 10.19 -91.22 12.41
CA THR AB 195 10.57 -90.73 11.09
C THR AB 195 9.36 -90.72 10.16
N LYS AB 196 9.52 -90.01 9.03
CA LYS AB 196 8.42 -89.86 8.09
C LYS AB 196 8.00 -91.19 7.48
N VAL AB 197 8.98 -92.02 7.11
CA VAL AB 197 8.68 -93.29 6.47
C VAL AB 197 7.93 -94.21 7.43
N ASP AB 198 8.36 -94.26 8.69
CA ASP AB 198 7.69 -95.10 9.68
C ASP AB 198 6.25 -94.65 9.90
N ALA AB 199 6.04 -93.33 10.01
CA ALA AB 199 4.69 -92.81 10.18
C ALA AB 199 3.81 -93.12 8.98
N GLU AB 200 4.35 -92.99 7.77
CA GLU AB 200 3.58 -93.32 6.59
C GLU AB 200 3.21 -94.79 6.56
N SER AB 201 4.15 -95.67 6.92
CA SER AB 201 3.83 -97.10 6.95
C SER AB 201 2.77 -97.42 8.00
N ARG AB 202 2.86 -96.77 9.15
CA ARG AB 202 1.85 -96.98 10.19
C ARG AB 202 0.47 -96.54 9.74
N VAL AB 203 0.39 -95.39 9.06
CA VAL AB 203 -0.90 -94.94 8.55
C VAL AB 203 -1.41 -95.91 7.48
N ASN AB 204 -0.50 -96.43 6.66
CA ASN AB 204 -0.90 -97.43 5.66
C ASN AB 204 -1.39 -98.72 6.30
N LYS AB 205 -0.92 -99.03 7.51
CA LYS AB 205 -1.37 -100.23 8.20
C LYS AB 205 -2.66 -100.04 8.98
N GLY AB 206 -3.19 -98.82 9.05
CA GLY AB 206 -4.46 -98.56 9.67
C GLY AB 206 -4.44 -98.02 11.07
N GLU AB 207 -3.41 -97.29 11.46
CA GLU AB 207 -3.28 -96.76 12.82
C GLU AB 207 -3.52 -95.26 12.83
N LEU AB 208 -4.03 -94.76 13.96
CA LEU AB 208 -4.16 -93.34 14.22
C LEU AB 208 -3.08 -92.94 15.21
N ILE AB 209 -2.23 -92.01 14.81
CA ILE AB 209 -0.99 -91.72 15.54
C ILE AB 209 -0.89 -90.22 15.80
N LEU AB 210 0.07 -89.86 16.63
CA LEU AB 210 0.45 -88.47 16.87
C LEU AB 210 1.75 -88.18 16.14
N ILE AB 211 1.90 -86.93 15.69
CA ILE AB 211 3.04 -86.54 14.88
C ILE AB 211 3.42 -85.10 15.18
N LYS AB 212 4.66 -84.74 14.86
CA LYS AB 212 5.16 -83.39 15.02
C LYS AB 212 5.20 -82.72 13.65
N GLU AB 213 4.46 -81.62 13.49
CA GLU AB 213 4.37 -80.99 12.19
C GLU AB 213 3.96 -79.53 12.35
N ALA AB 214 4.57 -78.66 11.54
CA ALA AB 214 4.22 -77.24 11.49
C ALA AB 214 4.32 -76.60 12.87
N GLY AB 215 5.36 -76.96 13.62
CA GLY AB 215 5.59 -76.38 14.92
C GLY AB 215 4.53 -76.69 15.96
N ALA AB 216 4.03 -77.92 15.96
CA ALA AB 216 3.05 -78.37 16.95
C ALA AB 216 2.95 -79.88 16.84
N ILE AB 217 2.11 -80.46 17.69
CA ILE AB 217 1.82 -81.90 17.67
C ILE AB 217 0.35 -82.08 17.31
N ARG AB 218 0.08 -82.88 16.28
CA ARG AB 218 -1.26 -82.98 15.75
C ARG AB 218 -1.50 -84.38 15.21
N ILE AB 219 -2.78 -84.74 15.09
CA ILE AB 219 -3.17 -86.03 14.53
C ILE AB 219 -2.76 -86.10 13.07
N ALA AB 220 -2.10 -87.19 12.70
CA ALA AB 220 -1.63 -87.32 11.32
C ALA AB 220 -2.80 -87.50 10.35
N ARG AB 221 -3.69 -88.44 10.65
CA ARG AB 221 -4.79 -88.76 9.75
C ARG AB 221 -5.95 -89.33 10.56
N GLY AB 222 -7.13 -89.25 9.97
CA GLY AB 222 -8.36 -89.68 10.63
C GLY AB 222 -8.94 -90.97 10.11
N VAL AB 223 -8.10 -91.99 9.95
CA VAL AB 223 -8.53 -93.27 9.43
C VAL AB 223 -8.77 -94.25 10.58
N ASN AB 224 -9.64 -95.22 10.33
CA ASN AB 224 -9.86 -96.33 11.26
C ASN AB 224 -9.03 -97.53 10.82
N SER AB 225 -9.27 -98.67 11.45
CA SER AB 225 -8.39 -99.83 11.34
C SER AB 225 -8.71 -100.75 10.17
N LEU AB 226 -9.66 -100.38 9.31
CA LEU AB 226 -10.02 -101.24 8.19
C LEU AB 226 -8.95 -101.16 7.09
N THR AB 227 -8.45 -102.31 6.66
CA THR AB 227 -7.36 -102.35 5.69
C THR AB 227 -7.68 -103.23 4.50
N GLU AB 228 -8.54 -104.23 4.67
CA GLU AB 228 -8.90 -105.16 3.61
C GLU AB 228 -10.19 -104.68 2.95
N LEU AB 229 -10.11 -104.33 1.67
CA LEU AB 229 -11.22 -103.72 0.96
C LEU AB 229 -11.81 -104.71 -0.05
N THR AB 230 -13.12 -104.84 -0.04
CA THR AB 230 -13.83 -105.70 -0.97
C THR AB 230 -14.39 -104.88 -2.13
N ALA AB 231 -15.11 -105.57 -3.02
CA ALA AB 231 -15.66 -104.90 -4.18
C ALA AB 231 -16.76 -103.91 -3.79
N GLU AB 232 -17.54 -104.24 -2.77
CA GLU AB 232 -18.66 -103.41 -2.34
C GLU AB 232 -18.33 -102.49 -1.18
N LYS AB 233 -17.27 -102.76 -0.42
CA LYS AB 233 -16.95 -101.93 0.74
C LYS AB 233 -16.31 -100.61 0.31
N GLY AB 234 -15.12 -100.68 -0.28
CA GLY AB 234 -14.50 -99.51 -0.86
C GLY AB 234 -13.70 -98.69 0.13
N GLU AB 235 -12.96 -97.72 -0.42
CA GLU AB 235 -12.04 -96.92 0.37
C GLU AB 235 -12.75 -95.87 1.22
N MET AB 236 -13.94 -95.43 0.81
CA MET AB 236 -14.66 -94.40 1.57
C MET AB 236 -14.98 -94.86 2.98
N PHE AB 237 -14.97 -96.16 3.25
CA PHE AB 237 -15.30 -96.69 4.56
C PHE AB 237 -14.14 -96.64 5.54
N GLN AB 238 -12.97 -96.14 5.13
CA GLN AB 238 -11.82 -96.04 6.02
C GLN AB 238 -11.72 -94.71 6.73
N LYS AB 239 -12.64 -93.79 6.48
CA LYS AB 239 -12.60 -92.46 7.09
C LYS AB 239 -13.56 -92.40 8.27
N ILE AB 240 -13.13 -91.75 9.35
CA ILE AB 240 -13.95 -91.66 10.55
C ILE AB 240 -15.19 -90.82 10.29
N LYS AB 241 -15.04 -89.71 9.57
CA LYS AB 241 -16.15 -88.79 9.34
C LYS AB 241 -17.28 -89.44 8.55
N ILE AB 242 -16.93 -90.20 7.50
CA ILE AB 242 -17.95 -90.86 6.68
C ILE AB 242 -18.71 -91.89 7.50
N VAL AB 243 -17.99 -92.70 8.26
CA VAL AB 243 -18.65 -93.71 9.08
C VAL AB 243 -19.54 -93.06 10.11
N ASP AB 244 -19.11 -91.92 10.65
CA ASP AB 244 -19.91 -91.21 11.64
C ASP AB 244 -21.23 -90.73 11.05
N THR AB 245 -21.18 -90.09 9.87
CA THR AB 245 -22.43 -89.61 9.29
C THR AB 245 -23.33 -90.76 8.86
N LEU AB 246 -22.74 -91.85 8.35
CA LEU AB 246 -23.55 -93.01 7.99
C LEU AB 246 -24.24 -93.60 9.22
N ASP AB 247 -23.53 -93.67 10.35
CA ASP AB 247 -24.13 -94.22 11.56
C ASP AB 247 -25.26 -93.33 12.07
N ILE AB 248 -25.10 -92.02 11.96
CA ILE AB 248 -26.18 -91.11 12.37
C ILE AB 248 -27.42 -91.36 11.51
N ILE AB 249 -27.23 -91.47 10.19
CA ILE AB 249 -28.36 -91.74 9.30
C ILE AB 249 -29.03 -93.06 9.68
N HIS AB 250 -28.23 -94.10 9.92
CA HIS AB 250 -28.77 -95.40 10.27
C HIS AB 250 -29.60 -95.32 11.55
N SER AB 251 -29.07 -94.66 12.58
CA SER AB 251 -29.78 -94.58 13.85
C SER AB 251 -31.11 -93.86 13.68
N ASP AB 252 -31.12 -92.72 12.99
CA ASP AB 252 -32.35 -91.96 12.84
C ASP AB 252 -33.41 -92.75 12.06
N ILE AB 253 -33.00 -93.37 10.95
CA ILE AB 253 -33.97 -94.09 10.13
C ILE AB 253 -34.52 -95.29 10.88
N ARG AB 254 -33.66 -96.04 11.57
CA ARG AB 254 -34.16 -97.17 12.35
C ARG AB 254 -35.09 -96.71 13.47
N LYS AB 255 -34.78 -95.57 14.09
CA LYS AB 255 -35.64 -95.04 15.14
C LYS AB 255 -37.03 -94.76 14.62
N VAL AB 256 -37.15 -94.01 13.52
CA VAL AB 256 -38.48 -93.67 13.02
C VAL AB 256 -39.21 -94.92 12.55
N ILE AB 257 -38.50 -95.83 11.86
CA ILE AB 257 -39.14 -97.04 11.35
C ILE AB 257 -39.71 -97.87 12.50
N ILE AB 258 -38.93 -98.06 13.57
CA ILE AB 258 -39.40 -98.85 14.70
C ILE AB 258 -40.54 -98.13 15.40
N ASP AB 259 -40.42 -96.82 15.58
CA ASP AB 259 -41.41 -96.09 16.37
C ASP AB 259 -42.78 -96.10 15.71
N ASP AB 260 -42.83 -95.98 14.38
CA ASP AB 260 -44.11 -95.69 13.74
C ASP AB 260 -44.70 -96.83 12.91
N TYR AB 261 -43.96 -97.89 12.61
CA TYR AB 261 -44.46 -98.84 11.62
C TYR AB 261 -44.34 -100.32 11.97
N ILE AB 262 -43.44 -100.73 12.85
CA ILE AB 262 -43.29 -102.15 13.14
C ILE AB 262 -44.41 -102.58 14.09
N GLY AB 263 -45.19 -103.57 13.65
CA GLY AB 263 -46.28 -104.09 14.43
C GLY AB 263 -47.41 -103.11 14.67
N LYS AB 264 -47.43 -102.00 13.93
CA LYS AB 264 -48.40 -100.93 14.14
C LYS AB 264 -49.49 -100.88 13.09
N VAL AB 265 -49.16 -101.15 11.83
CA VAL AB 265 -50.11 -101.03 10.73
C VAL AB 265 -50.04 -102.30 9.88
N THR AB 266 -51.12 -102.55 9.15
CA THR AB 266 -51.16 -103.71 8.26
C THR AB 266 -50.25 -103.49 7.06
N ASN AB 267 -49.73 -104.59 6.52
CA ASN AB 267 -48.75 -104.53 5.45
C ASN AB 267 -49.46 -104.44 4.10
N SER AB 268 -49.94 -103.24 3.81
CA SER AB 268 -50.58 -102.95 2.54
C SER AB 268 -49.67 -102.05 1.71
N TYR AB 269 -49.98 -101.97 0.41
CA TYR AB 269 -49.17 -101.16 -0.50
C TYR AB 269 -49.24 -99.67 -0.14
N ASP AB 270 -50.41 -99.21 0.27
CA ASP AB 270 -50.57 -97.80 0.62
C ASP AB 270 -49.66 -97.42 1.79
N ASN AB 271 -49.56 -98.31 2.79
CA ASN AB 271 -48.69 -98.03 3.92
C ASN AB 271 -47.22 -98.05 3.52
N LYS AB 272 -46.86 -98.88 2.54
CA LYS AB 272 -45.51 -98.83 2.00
C LYS AB 272 -45.23 -97.48 1.36
N CYS AB 273 -46.19 -96.95 0.60
CA CYS AB 273 -46.01 -95.64 0.00
C CYS AB 273 -45.88 -94.56 1.06
N LEU AB 274 -46.68 -94.65 2.13
CA LEU AB 274 -46.58 -93.68 3.22
C LEU AB 274 -45.20 -93.74 3.88
N LEU AB 275 -44.68 -94.95 4.11
CA LEU AB 275 -43.36 -95.09 4.70
C LEU AB 275 -42.28 -94.51 3.78
N ILE AB 276 -42.41 -94.75 2.48
CA ILE AB 276 -41.46 -94.16 1.53
C ILE AB 276 -41.48 -92.63 1.64
N VAL AB 277 -42.68 -92.05 1.72
CA VAL AB 277 -42.79 -90.60 1.81
C VAL AB 277 -42.13 -90.08 3.08
N ALA AB 278 -42.31 -90.79 4.20
CA ALA AB 278 -41.69 -90.36 5.46
C ALA AB 278 -40.17 -90.40 5.38
N ILE AB 279 -39.61 -91.48 4.81
CA ILE AB 279 -38.17 -91.57 4.69
C ILE AB 279 -37.63 -90.50 3.75
N LYS AB 280 -38.35 -90.23 2.66
CA LYS AB 280 -37.94 -89.19 1.73
C LYS AB 280 -37.93 -87.82 2.40
N SER AB 281 -38.93 -87.55 3.24
CA SER AB 281 -38.96 -86.27 3.95
C SER AB 281 -37.78 -86.15 4.91
N TYR AB 282 -37.43 -87.24 5.61
CA TYR AB 282 -36.27 -87.18 6.48
C TYR AB 282 -34.99 -86.89 5.70
N LEU AB 283 -34.83 -87.56 4.54
CA LEU AB 283 -33.66 -87.32 3.72
C LEU AB 283 -33.63 -85.90 3.20
N GLU AB 284 -34.79 -85.32 2.88
CA GLU AB 284 -34.84 -83.93 2.44
C GLU AB 284 -34.39 -82.99 3.55
N GLU AB 285 -34.80 -83.28 4.79
CA GLU AB 285 -34.33 -82.48 5.91
C GLU AB 285 -32.82 -82.57 6.02
N LEU AB 286 -32.27 -83.78 5.89
CA LEU AB 286 -30.82 -83.94 5.93
C LEU AB 286 -30.13 -83.13 4.83
N GLU AB 287 -30.71 -83.14 3.62
CA GLU AB 287 -30.14 -82.37 2.52
C GLU AB 287 -30.16 -80.88 2.83
N LYS AB 288 -31.24 -80.41 3.45
CA LYS AB 288 -31.31 -79.00 3.83
C LYS AB 288 -30.23 -78.65 4.85
N SER AB 289 -29.95 -79.58 5.77
CA SER AB 289 -28.92 -79.36 6.78
C SER AB 289 -27.51 -79.37 6.21
N ALA AB 290 -27.34 -79.76 4.94
CA ALA AB 290 -26.07 -79.78 4.22
C ALA AB 290 -25.15 -80.90 4.66
N LEU AB 291 -25.66 -81.94 5.31
CA LEU AB 291 -24.84 -83.10 5.64
C LEU AB 291 -24.63 -84.02 4.44
N ILE AB 292 -25.62 -84.13 3.55
CA ILE AB 292 -25.53 -84.98 2.37
C ILE AB 292 -25.84 -84.13 1.13
N GLU AB 293 -25.52 -84.68 -0.03
CA GLU AB 293 -25.77 -83.99 -1.28
C GLU AB 293 -27.23 -84.14 -1.72
N SER AB 294 -27.65 -83.22 -2.57
CA SER AB 294 -29.04 -83.19 -3.02
C SER AB 294 -29.31 -84.27 -4.05
N ASP AB 295 -30.58 -84.42 -4.41
CA ASP AB 295 -31.05 -85.37 -5.43
C ASP AB 295 -30.96 -86.82 -4.96
N SER AB 296 -31.38 -87.07 -3.72
CA SER AB 296 -31.48 -88.42 -3.19
C SER AB 296 -32.84 -89.04 -3.51
N THR AB 297 -32.84 -90.36 -3.71
CA THR AB 297 -34.03 -91.06 -4.15
C THR AB 297 -34.36 -92.20 -3.19
N VAL AB 298 -35.66 -92.46 -3.02
CA VAL AB 298 -36.16 -93.58 -2.25
C VAL AB 298 -37.25 -94.25 -3.08
N GLU AB 299 -37.24 -95.58 -3.13
CA GLU AB 299 -38.07 -96.27 -4.10
C GLU AB 299 -38.26 -97.73 -3.70
N ILE AB 300 -39.40 -98.29 -4.11
CA ILE AB 300 -39.66 -99.71 -3.92
C ILE AB 300 -38.61 -100.53 -4.64
N ASP AB 301 -38.08 -101.55 -3.97
CA ASP AB 301 -37.10 -102.45 -4.56
C ASP AB 301 -37.84 -103.52 -5.36
N PHE AB 302 -37.82 -103.41 -6.69
CA PHE AB 302 -38.55 -104.35 -7.53
C PHE AB 302 -37.85 -105.70 -7.60
N GLU AB 303 -36.53 -105.72 -7.73
CA GLU AB 303 -35.80 -106.96 -7.96
C GLU AB 303 -35.88 -107.89 -6.74
N ALA AB 304 -35.70 -107.32 -5.54
CA ALA AB 304 -35.77 -108.14 -4.33
C ALA AB 304 -37.16 -108.72 -4.14
N GLN AB 305 -38.19 -107.92 -4.38
CA GLN AB 305 -39.56 -108.40 -4.25
C GLN AB 305 -39.85 -109.50 -5.26
N LYS AB 306 -39.37 -109.34 -6.50
CA LYS AB 306 -39.55 -110.37 -7.52
C LYS AB 306 -38.84 -111.65 -7.11
N SER AB 307 -37.62 -111.56 -6.61
CA SER AB 307 -36.89 -112.74 -6.17
C SER AB 307 -37.60 -113.44 -5.02
N TYR AB 308 -38.11 -112.66 -4.06
CA TYR AB 308 -38.85 -113.25 -2.96
C TYR AB 308 -40.10 -113.97 -3.44
N LEU AB 309 -40.84 -113.35 -4.37
CA LEU AB 309 -42.04 -114.00 -4.90
C LEU AB 309 -41.69 -115.29 -5.63
N LYS AB 310 -40.60 -115.29 -6.40
CA LYS AB 310 -40.15 -116.52 -7.04
C LYS AB 310 -39.80 -117.59 -6.01
N SER AB 311 -39.10 -117.19 -4.94
CA SER AB 311 -38.73 -118.14 -3.90
C SER AB 311 -39.95 -118.75 -3.24
N LYS AB 312 -41.01 -117.94 -3.05
CA LYS AB 312 -42.24 -118.44 -2.44
C LYS AB 312 -42.98 -119.41 -3.34
N GLY AB 313 -42.60 -119.51 -4.61
CA GLY AB 313 -43.20 -120.48 -5.51
C GLY AB 313 -44.42 -120.03 -6.28
N VAL AB 314 -44.76 -118.73 -6.22
CA VAL AB 314 -45.90 -118.27 -7.00
C VAL AB 314 -45.57 -118.27 -8.48
N ASP AB 315 -46.60 -118.36 -9.31
CA ASP AB 315 -46.43 -118.38 -10.75
C ASP AB 315 -46.23 -116.95 -11.24
N LEU AB 316 -44.99 -116.60 -11.56
CA LEU AB 316 -44.65 -115.25 -11.99
C LEU AB 316 -44.97 -114.99 -13.45
N SER AB 317 -45.29 -116.03 -14.22
CA SER AB 317 -45.62 -115.83 -15.62
C SER AB 317 -47.01 -115.23 -15.76
N TYR AB 318 -47.23 -114.55 -16.89
CA TYR AB 318 -48.50 -113.88 -17.19
C TYR AB 318 -48.88 -112.90 -16.08
N MET AB 319 -47.90 -112.14 -15.62
CA MET AB 319 -48.10 -111.14 -14.58
C MET AB 319 -47.53 -109.81 -15.04
N THR AB 320 -48.31 -108.76 -14.91
CA THR AB 320 -47.87 -107.43 -15.31
C THR AB 320 -46.94 -106.83 -14.25
N LEU AB 321 -46.16 -105.83 -14.66
CA LEU AB 321 -45.22 -105.20 -13.75
C LEU AB 321 -45.94 -104.58 -12.56
N GLN AB 322 -47.08 -103.95 -12.79
CA GLN AB 322 -47.86 -103.39 -11.69
C GLN AB 322 -48.36 -104.49 -10.76
N GLU AB 323 -48.75 -105.63 -11.32
CA GLU AB 323 -49.21 -106.74 -10.49
C GLU AB 323 -48.11 -107.24 -9.57
N ILE AB 324 -46.88 -107.32 -10.08
CA ILE AB 324 -45.77 -107.76 -9.24
C ILE AB 324 -45.42 -106.70 -8.21
N LYS AB 325 -45.47 -105.43 -8.60
CA LYS AB 325 -45.11 -104.34 -7.69
C LYS AB 325 -46.04 -104.29 -6.49
N GLU AB 326 -47.34 -104.52 -6.72
CA GLU AB 326 -48.34 -104.41 -5.66
C GLU AB 326 -48.75 -105.76 -5.09
N ALA AB 327 -48.03 -106.83 -5.40
CA ALA AB 327 -48.36 -108.14 -4.86
C ALA AB 327 -48.10 -108.20 -3.37
N ASN AB 328 -48.94 -108.95 -2.67
CA ASN AB 328 -48.78 -109.14 -1.24
C ASN AB 328 -47.51 -109.94 -0.95
N THR AB 329 -46.78 -109.53 0.09
CA THR AB 329 -45.50 -110.13 0.44
C THR AB 329 -45.43 -110.45 1.93
N GLY AB 330 -46.54 -110.88 2.51
CA GLY AB 330 -46.55 -111.26 3.91
C GLY AB 330 -46.29 -110.10 4.85
N SER AB 331 -45.23 -110.19 5.66
CA SER AB 331 -44.86 -109.13 6.58
C SER AB 331 -43.54 -108.47 6.22
N LYS AB 332 -43.06 -108.66 4.99
CA LYS AB 332 -41.78 -108.12 4.55
C LYS AB 332 -41.99 -106.84 3.74
N VAL AB 333 -40.99 -105.96 3.80
CA VAL AB 333 -40.94 -104.74 3.00
C VAL AB 333 -39.56 -104.63 2.38
N PHE AB 334 -39.51 -104.37 1.08
CA PHE AB 334 -38.24 -104.23 0.37
C PHE AB 334 -38.11 -102.80 -0.16
N LEU AB 335 -37.00 -102.15 0.18
CA LEU AB 335 -36.76 -100.76 -0.20
C LEU AB 335 -35.30 -100.60 -0.63
N LYS AB 336 -35.04 -99.52 -1.33
CA LYS AB 336 -33.67 -99.14 -1.69
C LYS AB 336 -33.60 -97.64 -1.84
N ALA AB 337 -32.39 -97.11 -1.72
CA ALA AB 337 -32.19 -95.66 -1.75
C ALA AB 337 -30.82 -95.35 -2.33
N LYS AB 338 -30.59 -94.05 -2.55
CA LYS AB 338 -29.32 -93.57 -3.09
C LYS AB 338 -29.01 -92.20 -2.50
N ILE AB 339 -27.80 -92.03 -1.99
CA ILE AB 339 -27.35 -90.78 -1.38
C ILE AB 339 -25.92 -90.51 -1.83
N LYS AB 340 -25.39 -89.37 -1.41
CA LYS AB 340 -24.02 -88.97 -1.74
C LYS AB 340 -23.47 -88.08 -0.65
N VAL AB 341 -22.25 -88.36 -0.21
CA VAL AB 341 -21.61 -87.64 0.89
C VAL AB 341 -20.25 -87.14 0.42
N LEU AB 342 -19.84 -85.99 0.95
CA LEU AB 342 -18.58 -85.36 0.59
C LEU AB 342 -17.52 -85.57 1.66
N ASP AB 343 -16.28 -85.22 1.32
CA ASP AB 343 -15.15 -85.32 2.22
C ASP AB 343 -14.43 -83.98 2.27
N ALA AB 344 -13.71 -83.75 3.36
CA ALA AB 344 -13.03 -82.48 3.59
C ALA AB 344 -11.68 -82.45 2.87
N MET AB 345 -11.14 -81.24 2.74
CA MET AB 345 -9.84 -81.05 2.10
C MET AB 345 -8.73 -81.63 2.95
N GLU AB 346 -7.87 -82.43 2.33
CA GLU AB 346 -6.73 -82.99 3.05
C GLU AB 346 -5.43 -83.02 2.25
N ASP AB 347 -5.45 -82.81 0.94
CA ASP AB 347 -4.24 -82.80 0.13
C ASP AB 347 -4.34 -81.68 -0.90
N ILE AB 348 -3.25 -80.95 -1.10
CA ILE AB 348 -3.23 -79.80 -1.99
C ILE AB 348 -1.94 -79.81 -2.79
N ASP AB 349 -2.05 -79.58 -4.10
CA ASP AB 349 -0.91 -79.45 -4.98
C ASP AB 349 -0.90 -78.04 -5.58
N LEU AB 350 0.22 -77.34 -5.45
CA LEU AB 350 0.36 -75.99 -5.98
C LEU AB 350 1.65 -75.90 -6.77
N SER AB 351 1.54 -75.86 -8.09
CA SER AB 351 2.69 -75.78 -8.98
C SER AB 351 2.89 -74.33 -9.41
N ILE AB 352 4.09 -73.80 -9.15
CA ILE AB 352 4.38 -72.39 -9.37
C ILE AB 352 5.48 -72.27 -10.42
N GLU AB 353 5.26 -71.42 -11.41
CA GLU AB 353 6.24 -71.15 -12.45
C GLU AB 353 6.90 -69.81 -12.16
N ILE AB 354 8.22 -69.82 -12.07
CA ILE AB 354 8.98 -68.61 -11.74
C ILE AB 354 9.63 -68.05 -12.99
N MET BB 1 31.27 -16.78 13.83
CA MET BB 1 31.37 -16.65 15.28
C MET BB 1 31.90 -15.28 15.68
N ILE BB 2 31.05 -14.47 16.27
CA ILE BB 2 31.44 -13.15 16.79
C ILE BB 2 31.11 -13.11 18.28
N LYS BB 3 32.05 -12.62 19.08
CA LYS BB 3 31.89 -12.52 20.53
C LYS BB 3 32.15 -11.09 20.96
N ILE BB 4 31.35 -10.62 21.91
CA ILE BB 4 31.49 -9.29 22.48
C ILE BB 4 31.62 -9.43 23.99
N TRP BB 5 32.67 -8.85 24.56
CA TRP BB 5 32.92 -8.86 25.99
C TRP BB 5 33.00 -7.43 26.50
N VAL BB 6 32.51 -7.21 27.72
CA VAL BB 6 32.47 -5.87 28.30
C VAL BB 6 33.13 -5.92 29.68
N HIS BB 7 34.03 -4.98 29.93
CA HIS BB 7 34.71 -4.84 31.21
C HIS BB 7 34.13 -3.65 31.96
N ILE BB 8 33.67 -3.88 33.18
CA ILE BB 8 33.05 -2.84 34.00
C ILE BB 8 34.06 -2.35 35.03
N LYS BB 9 33.80 -1.16 35.57
CA LYS BB 9 34.80 -0.47 36.40
C LYS BB 9 35.14 -1.26 37.65
N ASN BB 10 34.15 -1.88 38.29
CA ASN BB 10 34.43 -2.56 39.55
C ASN BB 10 35.38 -3.74 39.39
N GLY BB 11 35.42 -4.36 38.21
CA GLY BB 11 36.19 -5.57 38.00
C GLY BB 11 35.40 -6.73 37.41
N SER BB 12 34.11 -6.59 37.12
CA SER BB 12 33.33 -7.67 36.54
C SER BB 12 33.49 -7.70 35.03
N ILE BB 13 33.40 -8.90 34.46
CA ILE BB 13 33.50 -9.12 33.03
C ILE BB 13 32.32 -9.95 32.57
N TYR BB 14 31.61 -9.50 31.55
CA TYR BB 14 30.41 -10.15 31.06
C TYR BB 14 30.57 -10.53 29.59
N ASP BB 15 29.99 -11.66 29.22
CA ASP BB 15 29.86 -12.09 27.83
C ASP BB 15 28.42 -11.83 27.41
N ILE BB 16 28.22 -10.90 26.48
CA ILE BB 16 26.89 -10.43 26.13
C ILE BB 16 26.50 -10.83 24.70
N THR BB 17 27.13 -11.86 24.15
CA THR BB 17 26.84 -12.25 22.78
C THR BB 17 25.40 -12.73 22.62
N ASP BB 18 24.84 -13.35 23.66
CA ASP BB 18 23.47 -13.87 23.58
C ASP BB 18 22.42 -12.79 23.64
N ILE BB 19 22.78 -11.55 23.91
CA ILE BB 19 21.82 -10.45 24.00
C ILE BB 19 21.91 -9.50 22.81
N VAL BB 20 23.04 -9.48 22.09
CA VAL BB 20 23.25 -8.49 21.04
C VAL BB 20 22.23 -8.65 19.93
N ASP BB 21 21.76 -7.51 19.41
CA ASP BB 21 20.76 -7.45 18.36
C ASP BB 21 21.32 -7.07 17.00
N LYS BB 22 22.36 -6.25 16.96
CA LYS BB 22 22.92 -5.74 15.72
C LYS BB 22 24.32 -5.20 16.00
N VAL BB 23 25.22 -5.34 15.03
CA VAL BB 23 26.60 -4.89 15.15
C VAL BB 23 27.02 -4.17 13.88
N SER BB 24 27.82 -3.11 14.03
CA SER BB 24 28.39 -2.40 12.89
C SER BB 24 29.83 -1.99 13.21
N TRP BB 25 30.70 -2.10 12.21
CA TRP BB 25 32.13 -1.85 12.37
C TRP BB 25 32.64 -1.12 11.14
N SER BB 26 33.28 0.04 11.33
CA SER BB 26 33.60 0.89 10.19
C SER BB 26 34.79 1.79 10.50
N GLY BB 27 35.35 2.37 9.45
CA GLY BB 27 36.44 3.33 9.57
C GLY BB 27 36.63 4.07 8.28
N ASP BB 28 37.34 5.20 8.38
CA ASP BB 28 37.59 6.05 7.22
C ASP BB 28 39.05 6.50 7.25
N TYR BB 29 39.56 6.89 6.09
CA TYR BB 29 40.97 7.24 5.98
C TYR BB 29 41.28 8.66 6.43
N LYS BB 30 40.27 9.47 6.70
CA LYS BB 30 40.47 10.85 7.13
C LYS BB 30 40.32 11.03 8.63
N SER BB 31 40.17 9.94 9.39
CA SER BB 31 40.11 10.00 10.83
C SER BB 31 41.03 8.93 11.42
N PRO BB 32 41.62 9.19 12.59
CA PRO BB 32 42.54 8.22 13.18
C PRO BB 32 41.87 7.11 13.98
N SER BB 33 40.56 7.16 14.20
CA SER BB 33 39.89 6.22 15.07
C SER BB 33 38.80 5.47 14.33
N ARG BB 34 38.61 4.22 14.70
CA ARG BB 34 37.53 3.38 14.21
C ARG BB 34 36.39 3.35 15.21
N THR BB 35 35.21 2.97 14.74
CA THR BB 35 34.01 3.03 15.54
C THR BB 35 33.29 1.70 15.53
N LEU BB 36 32.55 1.42 16.60
CA LEU BB 36 31.77 0.21 16.74
C LEU BB 36 30.43 0.55 17.38
N GLU BB 37 29.34 0.08 16.78
CA GLU BB 37 27.99 0.34 17.27
C GLU BB 37 27.26 -0.98 17.44
N PHE BB 38 26.53 -1.12 18.54
CA PHE BB 38 25.78 -2.33 18.79
C PHE BB 38 24.58 -2.02 19.67
N SER BB 39 23.62 -2.95 19.67
CA SER BB 39 22.40 -2.84 20.46
C SER BB 39 22.15 -4.13 21.20
N ILE BB 40 21.48 -4.02 22.35
CA ILE BB 40 21.11 -5.17 23.15
C ILE BB 40 19.61 -5.09 23.45
N ILE BB 41 19.05 -6.24 23.82
CA ILE BB 41 17.63 -6.35 24.13
C ILE BB 41 17.45 -6.20 25.62
N GLN BB 42 16.63 -5.23 26.03
CA GLN BB 42 16.39 -4.95 27.44
C GLN BB 42 15.02 -4.28 27.55
N SER BB 43 14.14 -4.85 28.36
CA SER BB 43 12.79 -4.35 28.53
C SER BB 43 12.57 -3.93 29.98
N SER BB 44 11.95 -2.77 30.16
CA SER BB 44 11.59 -2.31 31.49
C SER BB 44 10.18 -2.73 31.90
N PHE BB 45 9.29 -2.92 30.93
CA PHE BB 45 7.95 -3.39 31.22
C PHE BB 45 7.97 -4.81 31.76
N ASP BB 46 8.77 -5.69 31.16
CA ASP BB 46 8.80 -7.10 31.52
C ASP BB 46 9.99 -7.37 32.44
N ASN BB 47 9.72 -8.08 33.56
CA ASN BB 47 10.78 -8.38 34.52
C ASN BB 47 11.78 -9.39 33.98
N VAL BB 48 11.33 -10.28 33.09
CA VAL BB 48 12.21 -11.32 32.57
C VAL BB 48 13.32 -10.72 31.73
N PHE BB 49 13.04 -9.66 31.00
CA PHE BB 49 13.95 -9.11 30.00
C PHE BB 49 14.83 -8.00 30.54
N GLN BB 50 14.80 -7.75 31.85
CA GLN BB 50 15.75 -6.82 32.45
C GLN BB 50 17.15 -7.39 32.40
N GLN BB 51 18.12 -6.56 32.06
CA GLN BB 51 19.50 -6.97 31.86
C GLN BB 51 20.43 -6.20 32.78
N ILE BB 52 21.73 -6.49 32.66
CA ILE BB 52 22.74 -5.73 33.37
C ILE BB 52 22.90 -4.34 32.74
N ASP BB 53 23.47 -3.43 33.50
CA ASP BB 53 23.75 -2.09 32.99
C ASP BB 53 25.22 -1.95 32.64
N ILE BB 54 25.49 -1.27 31.54
CA ILE BB 54 26.84 -1.01 31.07
C ILE BB 54 27.07 0.49 31.10
N PRO BB 55 27.77 1.00 32.11
CA PRO BB 55 27.92 2.44 32.25
C PRO BB 55 28.85 3.03 31.20
N ILE BB 56 28.79 4.35 31.09
CA ILE BB 56 29.67 5.08 30.18
C ILE BB 56 31.13 4.84 30.59
N ALA BB 57 32.01 4.80 29.58
CA ALA BB 57 33.46 4.69 29.77
C ALA BB 57 33.86 3.32 30.32
N SER BB 58 33.28 2.27 29.76
CA SER BB 58 33.68 0.90 30.03
C SER BB 58 34.16 0.25 28.75
N THR BB 59 35.11 -0.67 28.88
CA THR BB 59 35.79 -1.24 27.74
C THR BB 59 34.97 -2.36 27.10
N VAL BB 60 34.95 -2.38 25.77
CA VAL BB 60 34.25 -3.41 25.00
C VAL BB 60 35.23 -4.04 24.01
N CYS BB 61 35.22 -5.35 23.92
CA CYS BB 61 36.13 -6.11 23.07
C CYS BB 61 35.35 -6.93 22.06
N PHE BB 62 35.82 -6.94 20.82
CA PHE BB 62 35.13 -7.57 19.70
C PHE BB 62 36.01 -8.67 19.11
N TYR BB 63 35.47 -9.88 19.01
CA TYR BB 63 36.19 -11.04 18.53
C TYR BB 63 35.46 -11.66 17.34
N VAL BB 64 36.21 -12.01 16.31
CA VAL BB 64 35.69 -12.77 15.18
C VAL BB 64 36.64 -13.92 14.91
N ASP BB 65 36.13 -15.15 14.98
CA ASP BB 65 36.92 -16.37 14.78
C ASP BB 65 38.11 -16.41 15.73
N GLU BB 66 37.84 -16.13 17.00
CA GLU BB 66 38.85 -16.19 18.07
C GLU BB 66 40.02 -15.23 17.81
N LYS BB 67 39.73 -14.08 17.21
CA LYS BB 67 40.71 -13.05 16.96
C LYS BB 67 40.14 -11.71 17.38
N GLU BB 68 40.94 -10.91 18.08
CA GLU BB 68 40.49 -9.62 18.57
C GLU BB 68 40.74 -8.56 17.51
N LEU BB 69 39.67 -7.87 17.09
CA LEU BB 69 39.77 -6.84 16.07
C LEU BB 69 39.55 -5.43 16.58
N PHE BB 70 38.88 -5.25 17.72
CA PHE BB 70 38.51 -3.93 18.20
C PHE BB 70 38.59 -3.92 19.72
N ARG BB 71 39.06 -2.80 20.26
CA ARG BB 71 39.01 -2.55 21.70
C ARG BB 71 38.82 -1.06 21.89
N GLY BB 72 37.76 -0.66 22.60
CA GLY BB 72 37.46 0.75 22.68
C GLY BB 72 36.58 1.09 23.87
N MET BB 73 36.29 2.38 23.97
CA MET BB 73 35.54 2.95 25.07
C MET BB 73 34.12 3.32 24.65
N ILE BB 74 33.19 3.16 25.57
CA ILE BB 74 31.79 3.50 25.32
C ILE BB 74 31.59 4.99 25.54
N ILE BB 75 30.97 5.66 24.58
CA ILE BB 75 30.88 7.11 24.55
C ILE BB 75 29.44 7.60 24.66
N ASN BB 76 28.51 6.94 23.98
CA ASN BB 76 27.10 7.32 23.99
C ASN BB 76 26.25 6.14 24.43
N ARG BB 77 25.13 6.45 25.08
CA ARG BB 77 24.19 5.43 25.54
C ARG BB 77 22.79 6.01 25.44
N SER BB 78 21.84 5.23 24.93
CA SER BB 78 20.51 5.75 24.68
C SER BB 78 19.47 4.66 24.90
N LYS BB 79 18.30 5.07 25.39
CA LYS BB 79 17.23 4.14 25.74
C LYS BB 79 15.90 4.72 25.30
N ASP BB 80 15.19 3.99 24.45
CA ASP BB 80 13.86 4.38 23.97
C ASP BB 80 12.81 3.58 24.72
N SER BB 81 11.77 4.27 25.21
CA SER BB 81 10.79 3.60 26.06
C SER BB 81 9.85 2.72 25.26
N SER BB 82 9.57 3.07 24.00
CA SER BB 82 8.67 2.26 23.18
C SER BB 82 9.32 0.93 22.81
N SER BB 83 10.56 0.99 22.34
CA SER BB 83 11.26 -0.20 21.87
C SER BB 83 12.06 -0.83 23.01
N ASN BB 84 12.13 -2.16 23.01
CA ASN BB 84 12.86 -2.88 24.05
C ASN BB 84 14.33 -3.05 23.63
N GLU BB 85 15.03 -1.93 23.59
CA GLU BB 85 16.41 -1.91 23.11
C GLU BB 85 17.17 -0.76 23.76
N ILE BB 86 18.47 -0.96 23.92
CA ILE BB 86 19.40 0.08 24.37
C ILE BB 86 20.55 0.14 23.35
N SER BB 87 20.93 1.35 22.96
CA SER BB 87 21.91 1.57 21.90
C SER BB 87 23.21 2.12 22.49
N PHE BB 88 24.33 1.69 21.92
CA PHE BB 88 25.66 2.10 22.37
C PHE BB 88 26.48 2.55 21.17
N VAL BB 89 27.40 3.49 21.42
CA VAL BB 89 28.37 3.91 20.43
C VAL BB 89 29.75 3.90 21.09
N SER BB 90 30.72 3.27 20.43
CA SER BB 90 32.04 3.10 20.98
C SER BB 90 33.09 3.65 20.02
N LYS BB 91 34.24 4.03 20.56
CA LYS BB 91 35.31 4.61 19.75
C LYS BB 91 36.65 3.96 20.11
N ASP BB 92 37.49 3.87 19.09
CA ASP BB 92 38.87 3.40 19.22
C ASP BB 92 39.64 4.33 20.14
N MET BB 93 40.87 3.93 20.49
CA MET BB 93 41.72 4.78 21.30
C MET BB 93 42.30 5.95 20.50
N GLY BB 94 42.23 5.89 19.17
CA GLY BB 94 42.92 6.85 18.33
C GLY BB 94 42.48 8.29 18.52
N PHE BB 95 41.34 8.53 19.16
CA PHE BB 95 40.92 9.91 19.38
C PHE BB 95 41.74 10.61 20.46
N LEU BB 96 42.66 9.90 21.11
CA LEU BB 96 43.49 10.53 22.13
C LEU BB 96 44.55 11.44 21.54
N LEU BB 97 44.88 11.27 20.26
CA LEU BB 97 45.88 12.11 19.62
C LEU BB 97 45.39 13.54 19.48
N THR BB 98 44.13 13.72 19.08
CA THR BB 98 43.61 15.05 18.81
C THR BB 98 43.36 15.86 20.08
N GLN BB 99 43.42 15.25 21.25
CA GLN BB 99 43.28 16.01 22.49
C GLN BB 99 44.56 16.79 22.80
N SER BB 100 45.71 16.19 22.52
CA SER BB 100 46.98 16.84 22.81
C SER BB 100 47.18 18.07 21.93
N GLU BB 101 47.89 19.06 22.49
CA GLU BB 101 48.10 20.32 21.79
C GLU BB 101 49.40 20.93 22.33
N VAL BB 102 50.49 20.75 21.59
CA VAL BB 102 51.81 21.15 22.03
C VAL BB 102 52.46 22.02 20.97
N SER BB 103 53.46 22.80 21.39
CA SER BB 103 54.22 23.67 20.52
C SER BB 103 55.65 23.14 20.39
N TYR BB 104 56.08 22.96 19.15
CA TYR BB 104 57.37 22.34 18.86
C TYR BB 104 58.19 23.26 17.95
N ASN BB 105 59.49 22.99 17.93
CA ASN BB 105 60.43 23.69 17.05
C ASN BB 105 61.37 22.63 16.48
N PHE BB 106 61.13 22.24 15.23
CA PHE BB 106 61.87 21.16 14.59
C PHE BB 106 62.85 21.73 13.57
N LYS BB 107 64.11 21.31 13.65
CA LYS BB 107 65.13 21.72 12.70
C LYS BB 107 65.87 20.48 12.21
N ASP BB 108 65.74 20.18 10.91
CA ASP BB 108 66.51 19.14 10.25
C ASP BB 108 66.35 17.79 10.94
N LYS BB 109 65.10 17.43 11.22
CA LYS BB 109 64.77 16.21 11.94
C LYS BB 109 64.19 15.18 10.98
N LEU BB 110 64.50 13.91 11.23
CA LEU BB 110 63.84 12.84 10.50
C LEU BB 110 62.37 12.78 10.86
N VAL BB 111 61.53 12.49 9.87
CA VAL BB 111 60.09 12.45 10.10
C VAL BB 111 59.74 11.36 11.10
N GLU BB 112 60.44 10.22 11.02
CA GLU BB 112 60.21 9.15 12.00
C GLU BB 112 60.51 9.62 13.41
N ASP BB 113 61.60 10.36 13.59
CA ASP BB 113 61.92 10.89 14.92
C ASP BB 113 60.87 11.89 15.39
N ILE BB 114 60.32 12.68 14.46
CA ILE BB 114 59.25 13.61 14.81
C ILE BB 114 58.04 12.86 15.33
N ALA BB 115 57.63 11.81 14.62
CA ALA BB 115 56.48 11.01 15.06
C ALA BB 115 56.77 10.34 16.40
N LYS BB 116 57.98 9.81 16.57
CA LYS BB 116 58.35 9.16 17.83
C LYS BB 116 58.30 10.14 18.99
N GLN BB 117 58.82 11.36 18.80
CA GLN BB 117 58.79 12.35 19.87
C GLN BB 117 57.36 12.76 20.19
N VAL BB 118 56.52 12.95 19.18
CA VAL BB 118 55.13 13.32 19.44
C VAL BB 118 54.44 12.23 20.25
N PHE BB 119 54.64 10.97 19.87
CA PHE BB 119 54.04 9.89 20.64
C PHE BB 119 54.60 9.81 22.05
N ALA BB 120 55.87 10.17 22.24
CA ALA BB 120 56.47 10.10 23.57
C ALA BB 120 56.03 11.24 24.48
N GLU BB 121 55.77 12.43 23.94
CA GLU BB 121 55.47 13.57 24.81
C GLU BB 121 54.19 13.34 25.59
N ASN BB 122 53.11 13.00 24.91
CA ASN BB 122 51.89 12.53 25.55
C ASN BB 122 51.94 11.01 25.54
N ARG BB 123 52.14 10.41 26.71
CA ARG BB 123 52.61 9.04 26.83
C ARG BB 123 51.71 8.03 26.13
N LEU BB 124 52.21 7.44 25.05
CA LEU BB 124 51.44 6.48 24.26
C LEU BB 124 52.37 5.39 23.75
N SER BB 125 51.83 4.19 23.61
CA SER BB 125 52.60 3.03 23.17
C SER BB 125 52.68 2.99 21.65
N VAL BB 126 53.86 2.66 21.14
CA VAL BB 126 54.14 2.67 19.70
C VAL BB 126 54.41 1.24 19.26
N GLY BB 127 53.65 0.78 18.26
CA GLY BB 127 53.90 -0.52 17.66
C GLY BB 127 55.01 -0.51 16.64
N ILE BB 128 54.81 0.22 15.55
CA ILE BB 128 55.82 0.34 14.51
C ILE BB 128 55.55 1.62 13.73
N ILE BB 129 56.61 2.27 13.27
CA ILE BB 129 56.53 3.52 12.53
C ILE BB 129 57.23 3.33 11.20
N ALA BB 130 56.56 3.73 10.12
CA ALA BB 130 57.14 3.59 8.79
C ALA BB 130 58.40 4.42 8.66
N LYS BB 131 59.38 3.90 7.92
CA LYS BB 131 60.69 4.52 7.79
C LYS BB 131 60.77 5.32 6.50
N THR BB 132 61.32 6.52 6.60
CA THR BB 132 61.59 7.35 5.43
C THR BB 132 62.71 8.31 5.76
N ASN BB 133 63.76 8.31 4.95
CA ASN BB 133 64.94 9.14 5.22
C ASN BB 133 64.75 10.51 4.56
N VAL BB 134 63.76 11.24 5.06
CA VAL BB 134 63.45 12.58 4.62
C VAL BB 134 63.47 13.50 5.83
N LYS BB 135 64.21 14.60 5.74
CA LYS BB 135 64.36 15.54 6.84
C LYS BB 135 63.38 16.69 6.68
N TYR BB 136 62.84 17.17 7.81
CA TYR BB 136 61.79 18.16 7.82
C TYR BB 136 62.15 19.28 8.79
N THR BB 137 61.68 20.48 8.47
CA THR BB 137 61.93 21.66 9.30
C THR BB 137 60.66 22.50 9.34
N LYS BB 138 60.10 22.67 10.55
CA LYS BB 138 58.81 23.33 10.68
C LYS BB 138 58.66 23.86 12.10
N MET BB 139 57.81 24.86 12.25
CA MET BB 139 57.48 25.46 13.53
C MET BB 139 55.99 25.23 13.78
N PHE BB 140 55.66 24.49 14.83
CA PHE BB 140 54.28 24.16 15.15
C PHE BB 140 53.84 24.91 16.39
N ILE BB 141 52.81 25.74 16.25
CA ILE BB 141 52.22 26.48 17.36
C ILE BB 141 50.74 26.17 17.41
N GLY BB 142 50.29 25.63 18.54
CA GLY BB 142 48.88 25.33 18.72
C GLY BB 142 48.31 24.35 17.73
N VAL BB 143 48.99 23.22 17.51
CA VAL BB 143 48.55 22.21 16.55
C VAL BB 143 48.45 20.87 17.26
N ASN BB 144 47.48 20.08 16.83
CA ASN BB 144 47.31 18.73 17.35
C ASN BB 144 48.54 17.87 17.05
N GLY BB 145 48.65 16.76 17.78
CA GLY BB 145 49.65 15.76 17.43
C GLY BB 145 49.32 15.08 16.12
N TYR BB 146 48.04 14.78 15.90
CA TYR BB 146 47.63 14.12 14.68
C TYR BB 146 47.95 14.97 13.46
N ASP BB 147 47.63 16.27 13.52
CA ASP BB 147 47.94 17.17 12.42
C ASP BB 147 49.43 17.32 12.22
N THR BB 148 50.20 17.39 13.31
CA THR BB 148 51.65 17.49 13.20
C THR BB 148 52.22 16.29 12.45
N ILE BB 149 51.87 15.08 12.88
CA ILE BB 149 52.41 13.88 12.26
C ILE BB 149 51.97 13.78 10.81
N MET BB 150 50.70 14.10 10.53
CA MET BB 150 50.21 14.01 9.17
C MET BB 150 50.90 15.01 8.25
N SER BB 151 51.14 16.23 8.73
CA SER BB 151 51.84 17.22 7.91
C SER BB 151 53.26 16.78 7.61
N ALA BB 152 53.97 16.27 8.62
CA ALA BB 152 55.33 15.80 8.39
C ALA BB 152 55.34 14.65 7.39
N TYR BB 153 54.40 13.72 7.50
CA TYR BB 153 54.42 12.59 6.60
C TYR BB 153 53.95 12.96 5.20
N THR BB 154 53.11 13.99 5.06
CA THR BB 154 52.79 14.50 3.74
C THR BB 154 54.03 15.09 3.08
N GLU BB 155 54.84 15.82 3.86
CA GLU BB 155 56.08 16.34 3.29
C GLU BB 155 57.02 15.23 2.88
N ALA BB 156 57.09 14.15 3.67
CA ALA BB 156 57.88 12.99 3.26
C ALA BB 156 57.31 12.34 2.00
N SER BB 157 55.97 12.29 1.90
CA SER BB 157 55.32 11.70 0.74
C SER BB 157 55.57 12.50 -0.52
N LYS BB 158 55.86 13.79 -0.39
CA LYS BB 158 56.21 14.57 -1.57
C LYS BB 158 57.46 14.03 -2.26
N LYS BB 159 58.31 13.30 -1.54
CA LYS BB 159 59.49 12.68 -2.12
C LYS BB 159 59.33 11.18 -2.36
N THR BB 160 58.71 10.46 -1.42
CA THR BB 160 58.65 9.01 -1.56
C THR BB 160 57.58 8.52 -2.52
N LYS BB 161 56.70 9.40 -3.00
CA LYS BB 161 55.59 9.02 -3.87
C LYS BB 161 54.70 7.96 -3.20
N LYS BB 162 54.36 8.20 -1.95
CA LYS BB 162 53.61 7.25 -1.14
C LYS BB 162 52.51 7.96 -0.38
N LYS BB 163 51.66 7.17 0.27
CA LYS BB 163 50.62 7.67 1.16
C LYS BB 163 50.74 6.98 2.50
N TYR BB 164 50.46 7.70 3.57
CA TYR BB 164 50.62 7.19 4.93
C TYR BB 164 49.37 7.46 5.74
N MET BB 165 49.19 6.67 6.80
CA MET BB 165 48.02 6.77 7.65
C MET BB 165 48.39 6.36 9.07
N ILE BB 166 47.56 6.76 10.03
CA ILE BB 166 47.77 6.47 11.44
C ILE BB 166 46.70 5.48 11.87
N GLU BB 167 47.12 4.38 12.47
CA GLU BB 167 46.22 3.30 12.86
C GLU BB 167 46.49 2.91 14.30
N ALA BB 168 45.43 2.77 15.09
CA ALA BB 168 45.51 2.35 16.48
C ALA BB 168 44.91 0.95 16.58
N ASN BB 169 45.77 -0.07 16.62
CA ASN BB 169 45.25 -1.43 16.70
C ASN BB 169 45.43 -1.85 18.13
N LEU BB 170 44.32 -2.19 18.78
CA LEU BB 170 44.32 -2.58 20.19
C LEU BB 170 45.00 -1.47 20.98
N ASP BB 171 46.01 -1.80 21.77
CA ASP BB 171 46.71 -0.78 22.56
C ASP BB 171 47.96 -0.18 21.90
N LYS BB 172 48.18 -0.45 20.62
CA LYS BB 172 49.39 0.05 19.97
C LYS BB 172 49.04 1.11 18.92
N PHE BB 173 49.98 2.00 18.67
CA PHE BB 173 49.88 3.00 17.62
C PHE BB 173 50.87 2.68 16.51
N ASN BB 174 50.41 2.75 15.27
CA ASN BB 174 51.23 2.40 14.11
C ASN BB 174 51.15 3.50 13.06
N VAL BB 175 52.21 3.61 12.27
CA VAL BB 175 52.21 4.44 11.07
C VAL BB 175 52.62 3.55 9.90
N ILE BB 176 51.71 3.37 8.94
CA ILE BB 176 51.93 2.46 7.82
C ILE BB 176 51.67 3.21 6.53
N GLU BB 177 52.21 2.67 5.44
CA GLU BB 177 51.98 3.20 4.11
C GLU BB 177 50.88 2.42 3.42
N LYS BB 178 50.00 3.13 2.73
CA LYS BB 178 48.80 2.52 2.19
C LYS BB 178 49.12 1.57 1.04
N GLY BB 179 48.38 0.48 0.97
CA GLY BB 179 48.45 -0.45 -0.14
C GLY BB 179 49.57 -1.47 -0.09
N THR BB 180 50.40 -1.46 0.96
CA THR BB 180 51.48 -2.43 1.03
C THR BB 180 50.93 -3.85 1.11
N VAL BB 181 49.87 -4.06 1.88
CA VAL BB 181 49.20 -5.34 1.95
C VAL BB 181 48.11 -5.39 0.90
N THR BB 182 48.13 -6.44 0.07
CA THR BB 182 47.09 -6.69 -0.90
C THR BB 182 46.35 -7.96 -0.51
N LEU BB 183 45.02 -7.88 -0.46
CA LEU BB 183 44.23 -9.00 0.00
C LEU BB 183 44.20 -10.12 -1.02
N SER BB 184 43.98 -11.34 -0.53
CA SER BB 184 43.91 -12.49 -1.41
C SER BB 184 42.57 -12.56 -2.15
N VAL BB 185 41.51 -12.03 -1.57
CA VAL BB 185 40.18 -12.16 -2.16
C VAL BB 185 40.01 -11.15 -3.29
N MET BB 186 39.38 -11.59 -4.38
CA MET BB 186 39.11 -10.76 -5.54
C MET BB 186 37.61 -10.69 -5.76
N PHE BB 187 37.11 -9.51 -6.10
CA PHE BB 187 35.69 -9.32 -6.35
C PHE BB 187 35.40 -9.53 -7.83
N GLU BB 188 34.47 -10.44 -8.13
CA GLU BB 188 34.05 -10.72 -9.50
C GLU BB 188 32.54 -10.59 -9.59
N GLU BB 189 32.07 -10.23 -10.78
CA GLU BB 189 30.65 -9.96 -10.98
C GLU BB 189 29.81 -11.20 -10.74
N GLY BB 190 30.25 -12.35 -11.25
CA GLY BB 190 29.46 -13.54 -11.14
C GLY BB 190 29.59 -14.32 -9.85
N PHE BB 191 30.35 -13.83 -8.87
CA PHE BB 191 30.63 -14.62 -7.67
C PHE BB 191 30.17 -13.94 -6.38
N ASN BB 192 30.68 -12.75 -6.05
CA ASN BB 192 30.43 -12.21 -4.72
C ASN BB 192 30.15 -10.71 -4.72
N ILE BB 193 29.57 -10.18 -5.79
CA ILE BB 193 29.26 -8.75 -5.88
C ILE BB 193 27.75 -8.59 -5.89
N ILE BB 194 27.23 -7.75 -4.99
CA ILE BB 194 25.82 -7.41 -5.00
C ILE BB 194 25.53 -6.26 -5.96
N ASN BB 195 26.31 -5.19 -5.88
CA ASN BB 195 26.13 -4.05 -6.77
C ASN BB 195 27.40 -3.22 -6.78
N THR BB 196 27.58 -2.46 -7.86
CA THR BB 196 28.70 -1.54 -7.99
C THR BB 196 28.24 -0.27 -8.70
N THR BB 197 28.99 0.81 -8.48
CA THR BB 197 28.75 2.07 -9.19
C THR BB 197 30.10 2.71 -9.47
N PHE BB 198 30.42 2.88 -10.75
CA PHE BB 198 31.68 3.47 -11.18
C PHE BB 198 31.46 4.91 -11.60
N SER BB 199 32.42 5.77 -11.26
CA SER BB 199 32.30 7.20 -11.53
C SER BB 199 33.64 7.74 -12.01
N GLU BB 200 33.56 8.85 -12.74
CA GLU BB 200 34.72 9.63 -13.16
C GLU BB 200 34.39 11.10 -13.03
N SER BB 201 35.37 11.90 -12.60
CA SER BB 201 35.11 13.30 -12.31
C SER BB 201 36.30 14.15 -12.75
N MET BB 202 36.01 15.41 -13.07
CA MET BB 202 36.99 16.36 -13.56
C MET BB 202 37.10 17.58 -12.64
N GLU BB 203 36.32 17.62 -11.57
CA GLU BB 203 36.17 18.84 -10.78
C GLU BB 203 37.48 19.29 -10.15
N ASN BB 204 38.28 18.36 -9.64
CA ASN BB 204 39.49 18.69 -8.88
C ASN BB 204 40.77 18.56 -9.70
N VAL BB 205 40.71 18.87 -10.99
CA VAL BB 205 41.86 18.76 -11.88
C VAL BB 205 42.71 20.02 -11.79
N LYS BB 206 44.02 19.85 -11.78
CA LYS BB 206 44.97 20.96 -11.84
C LYS BB 206 46.06 20.62 -12.85
N ASN BB 207 46.32 21.52 -13.79
CA ASN BB 207 47.33 21.28 -14.82
C ASN BB 207 48.24 22.48 -15.07
N LYS BB 208 48.22 23.49 -14.20
CA LYS BB 208 49.15 24.60 -14.29
C LYS BB 208 49.56 25.00 -12.88
N VAL BB 209 50.85 25.26 -12.68
CA VAL BB 209 51.40 25.61 -11.38
C VAL BB 209 52.17 26.92 -11.52
N ILE BB 210 51.87 27.88 -10.65
CA ILE BB 210 52.53 29.17 -10.64
C ILE BB 210 53.20 29.36 -9.30
N VAL BB 211 54.48 29.73 -9.32
CA VAL BB 211 55.26 29.96 -8.11
C VAL BB 211 55.44 31.47 -7.94
N VAL BB 212 55.27 31.93 -6.71
CA VAL BB 212 55.46 33.33 -6.37
C VAL BB 212 56.50 33.42 -5.26
N ASP BB 213 57.17 34.56 -5.19
CA ASP BB 213 58.18 34.82 -4.17
C ASP BB 213 57.48 35.31 -2.90
N GLN BB 214 58.25 35.68 -1.89
CA GLN BB 214 57.69 36.16 -0.62
C GLN BB 214 56.84 37.41 -0.80
N TYR BB 215 57.27 38.31 -1.69
CA TYR BB 215 56.58 39.56 -2.00
C TYR BB 215 55.22 39.39 -2.70
N GLY BB 216 54.99 38.24 -3.33
CA GLY BB 216 53.77 37.97 -4.06
C GLY BB 216 53.93 38.08 -5.56
N SER BB 217 55.13 38.46 -5.99
CA SER BB 217 55.47 38.56 -7.39
C SER BB 217 55.80 37.19 -7.99
N LYS BB 218 55.39 36.97 -9.24
CA LYS BB 218 55.55 35.67 -9.88
C LYS BB 218 56.96 35.49 -10.41
N ILE BB 219 57.50 34.28 -10.27
CA ILE BB 219 58.86 33.96 -10.71
C ILE BB 219 58.87 32.93 -11.83
N SER BB 220 58.01 31.92 -11.77
CA SER BB 220 58.02 30.86 -12.78
C SER BB 220 56.65 30.23 -12.89
N GLU BB 221 56.45 29.45 -13.96
CA GLU BB 221 55.21 28.75 -14.20
C GLU BB 221 55.50 27.48 -15.00
N LYS BB 222 54.55 26.55 -14.98
CA LYS BB 222 54.72 25.30 -15.68
C LYS BB 222 53.35 24.73 -16.05
N ILE BB 223 53.32 23.98 -17.16
CA ILE BB 223 52.12 23.32 -17.65
C ILE BB 223 52.42 21.85 -17.87
N ASP BB 224 51.50 20.99 -17.43
CA ASP BB 224 51.63 19.55 -17.63
C ASP BB 224 50.89 19.15 -18.91
N ASN BB 225 51.62 18.57 -19.86
CA ASN BB 225 51.05 18.27 -21.16
C ASN BB 225 50.12 17.06 -21.13
N GLU BB 226 50.44 16.06 -20.31
CA GLU BB 226 49.66 14.83 -20.32
C GLU BB 226 48.24 15.08 -19.81
N ILE BB 227 48.10 15.87 -18.74
CA ILE BB 227 46.76 16.23 -18.27
C ILE BB 227 46.09 17.18 -19.23
N PHE BB 228 46.85 18.13 -19.80
CA PHE BB 228 46.28 19.09 -20.74
C PHE BB 228 45.75 18.40 -21.99
N LYS BB 229 46.30 17.24 -22.34
CA LYS BB 229 45.77 16.49 -23.48
C LYS BB 229 44.35 16.01 -23.20
N GLU BB 230 44.09 15.57 -21.98
CA GLU BB 230 42.77 15.05 -21.63
C GLU BB 230 41.74 16.17 -21.53
N VAL BB 231 42.09 17.28 -20.90
CA VAL BB 231 41.19 18.43 -20.75
C VAL BB 231 41.80 19.60 -21.50
N ASN BB 232 41.04 20.15 -22.46
CA ASN BB 232 41.56 21.24 -23.27
C ASN BB 232 41.81 22.49 -22.44
N VAL BB 233 41.24 22.57 -21.27
CA VAL BB 233 41.24 23.80 -20.49
C VAL BB 233 42.45 23.84 -19.56
N ILE BB 234 42.82 25.06 -19.15
CA ILE BB 234 43.88 25.30 -18.20
C ILE BB 234 43.24 25.67 -16.86
N MET BB 235 43.53 24.89 -15.83
CA MET BB 235 43.09 25.18 -14.47
C MET BB 235 44.34 25.37 -13.62
N GLN BB 236 44.56 26.60 -13.16
CA GLN BB 236 45.83 26.98 -12.57
C GLN BB 236 45.80 26.84 -11.05
N LYS BB 237 47.00 26.72 -10.48
CA LYS BB 237 47.22 26.64 -9.04
C LYS BB 237 48.37 27.56 -8.69
N VAL BB 238 48.30 28.19 -7.52
CA VAL BB 238 49.30 29.16 -7.07
C VAL BB 238 49.88 28.66 -5.76
N ILE BB 239 51.20 28.51 -5.71
CA ILE BB 239 51.91 28.16 -4.49
C ILE BB 239 52.99 29.20 -4.24
N GLN BB 240 53.35 29.37 -2.98
CA GLN BB 240 54.32 30.39 -2.57
C GLN BB 240 55.50 29.70 -1.90
N GLN BB 241 56.71 30.10 -2.29
CA GLN BB 241 57.93 29.61 -1.68
C GLN BB 241 58.54 30.71 -0.81
N GLN BB 242 59.03 30.32 0.36
CA GLN BB 242 59.72 31.23 1.24
C GLN BB 242 61.19 31.25 0.88
N GLU BB 243 62.03 31.85 1.74
CA GLU BB 243 63.44 32.00 1.40
C GLU BB 243 64.18 30.67 1.52
N ASN BB 244 63.83 29.84 2.50
CA ASN BB 244 64.58 28.63 2.80
C ASN BB 244 63.95 27.37 2.22
N GLN BB 245 63.00 27.50 1.31
CA GLN BB 245 62.38 26.35 0.67
C GLN BB 245 62.40 26.53 -0.84
N ASP BB 246 62.69 25.44 -1.56
CA ASP BB 246 62.64 25.39 -3.02
C ASP BB 246 61.62 24.31 -3.39
N VAL BB 247 60.43 24.76 -3.81
CA VAL BB 247 59.32 23.85 -4.01
C VAL BB 247 59.51 23.03 -5.29
N ASP BB 248 58.89 21.85 -5.32
CA ASP BB 248 58.86 21.01 -6.51
C ASP BB 248 57.49 21.15 -7.15
N ILE BB 249 57.46 21.56 -8.41
CA ILE BB 249 56.20 21.84 -9.09
C ILE BB 249 55.44 20.55 -9.37
N ASP BB 250 56.15 19.51 -9.80
CA ASP BB 250 55.51 18.33 -10.37
C ASP BB 250 54.60 17.59 -9.39
N SER BB 251 54.73 17.86 -8.09
CA SER BB 251 53.85 17.23 -7.10
C SER BB 251 52.47 17.86 -7.05
N GLU BB 252 52.34 19.12 -7.48
CA GLU BB 252 51.09 19.85 -7.31
C GLU BB 252 50.05 19.56 -8.38
N PHE BB 253 50.43 18.91 -9.48
CA PHE BB 253 49.48 18.56 -10.51
C PHE BB 253 48.52 17.48 -10.04
N ASN BB 254 47.27 17.56 -10.50
CA ASN BB 254 46.25 16.59 -10.16
C ASN BB 254 45.45 16.24 -11.40
N GLY BB 255 45.13 14.96 -11.57
CA GLY BB 255 44.45 14.46 -12.74
C GLY BB 255 43.01 14.06 -12.48
N ILE BB 256 42.45 13.31 -13.42
CA ILE BB 256 41.08 12.85 -13.32
C ILE BB 256 40.97 11.76 -12.26
N GLU BB 257 39.90 11.80 -11.48
CA GLU BB 257 39.67 10.84 -10.41
C GLU BB 257 38.65 9.80 -10.83
N LYS BB 258 38.97 8.54 -10.61
CA LYS BB 258 38.10 7.42 -10.95
C LYS BB 258 37.88 6.58 -9.70
N SER BB 259 36.61 6.25 -9.43
CA SER BB 259 36.24 5.65 -8.16
C SER BB 259 35.26 4.51 -8.39
N CYS BB 260 34.98 3.77 -7.31
CA CYS BB 260 33.99 2.71 -7.32
C CYS BB 260 33.35 2.61 -5.95
N SER BB 261 32.06 2.29 -5.93
CA SER BB 261 31.29 2.05 -4.71
C SER BB 261 30.76 0.63 -4.77
N LEU BB 262 31.23 -0.23 -3.88
CA LEU BB 262 31.00 -1.66 -3.97
C LEU BB 262 30.30 -2.19 -2.74
N LYS BB 263 29.35 -3.10 -2.94
CA LYS BB 263 28.70 -3.83 -1.87
C LYS BB 263 28.71 -5.31 -2.21
N GLY BB 264 29.16 -6.14 -1.27
CA GLY BB 264 29.28 -7.55 -1.56
C GLY BB 264 29.66 -8.37 -0.36
N TYR BB 265 30.21 -9.56 -0.62
CA TYR BB 265 30.60 -10.51 0.41
C TYR BB 265 32.11 -10.64 0.47
N GLY BB 266 32.65 -10.62 1.68
CA GLY BB 266 34.08 -10.75 1.88
C GLY BB 266 34.36 -11.17 3.29
N ASP BB 267 35.60 -10.94 3.73
CA ASP BB 267 36.04 -11.26 5.08
C ASP BB 267 36.38 -9.98 5.83
N VAL BB 268 36.85 -10.15 7.07
CA VAL BB 268 37.11 -9.03 7.97
C VAL BB 268 38.47 -8.44 7.66
N SER BB 269 39.11 -8.90 6.59
CA SER BB 269 40.40 -8.38 6.19
C SER BB 269 40.31 -7.15 5.29
N CYS BB 270 39.13 -6.84 4.76
CA CYS BB 270 38.95 -5.70 3.86
C CYS BB 270 38.67 -4.46 4.69
N ILE BB 271 39.73 -3.72 5.01
CA ILE BB 271 39.62 -2.53 5.84
C ILE BB 271 40.41 -1.40 5.21
N THR BB 272 40.17 -0.19 5.71
CA THR BB 272 40.78 1.01 5.13
C THR BB 272 42.30 0.94 5.19
N GLY BB 273 42.94 1.25 4.07
CA GLY BB 273 44.38 1.25 3.98
C GLY BB 273 44.99 0.07 3.26
N ARG BB 274 44.18 -0.80 2.66
CA ARG BB 274 44.66 -1.97 1.97
C ARG BB 274 44.24 -1.93 0.51
N GLY BB 275 44.93 -2.69 -0.31
CA GLY BB 275 44.63 -2.78 -1.73
C GLY BB 275 43.79 -4.01 -2.05
N VAL BB 276 42.88 -3.85 -3.01
CA VAL BB 276 41.96 -4.91 -3.39
C VAL BB 276 41.91 -4.99 -4.92
N LYS BB 277 41.39 -6.09 -5.43
CA LYS BB 277 41.33 -6.36 -6.86
C LYS BB 277 39.90 -6.58 -7.31
N VAL BB 278 39.51 -5.92 -8.39
CA VAL BB 278 38.18 -6.05 -8.98
C VAL BB 278 38.34 -6.42 -10.45
N LYS BB 279 37.59 -7.41 -10.89
CA LYS BB 279 37.67 -7.90 -12.27
C LYS BB 279 36.57 -7.28 -13.11
N ASP BB 280 36.94 -6.80 -14.30
CA ASP BB 280 35.98 -6.23 -15.23
C ASP BB 280 35.28 -7.35 -15.99
N SER BB 281 33.96 -7.24 -16.11
CA SER BB 281 33.18 -8.34 -16.68
C SER BB 281 33.33 -8.40 -18.20
N TYR BB 282 33.28 -7.26 -18.88
CA TYR BB 282 33.26 -7.28 -20.35
C TYR BB 282 34.62 -7.66 -20.93
N THR BB 283 35.70 -7.05 -20.43
CA THR BB 283 37.03 -7.28 -21.00
C THR BB 283 37.85 -8.32 -20.23
N LYS BB 284 37.33 -8.83 -19.12
CA LYS BB 284 38.06 -9.79 -18.28
C LYS BB 284 39.43 -9.24 -17.85
N LEU BB 285 39.46 -7.96 -17.51
CA LEU BB 285 40.65 -7.30 -17.02
C LEU BB 285 40.52 -7.01 -15.54
N VAL BB 286 41.65 -7.06 -14.83
CA VAL BB 286 41.68 -6.88 -13.39
C VAL BB 286 42.33 -5.54 -13.07
N GLY BB 287 41.76 -4.81 -12.12
CA GLY BB 287 42.28 -3.53 -11.71
C GLY BB 287 42.56 -3.51 -10.22
N LEU BB 288 43.52 -2.68 -9.82
CA LEU BB 288 43.91 -2.56 -8.42
C LEU BB 288 43.31 -1.29 -7.84
N PHE BB 289 42.71 -1.40 -6.65
CA PHE BB 289 42.07 -0.29 -5.97
C PHE BB 289 42.60 -0.19 -4.54
N TYR BB 290 42.54 1.01 -3.99
CA TYR BB 290 42.86 1.25 -2.58
C TYR BB 290 41.58 1.54 -1.81
N ILE BB 291 41.43 0.92 -0.64
CA ILE BB 291 40.24 1.11 0.16
C ILE BB 291 40.34 2.41 0.93
N ASP BB 292 39.32 3.26 0.80
CA ASP BB 292 39.24 4.53 1.50
C ASP BB 292 38.25 4.54 2.65
N THR BB 293 37.16 3.78 2.53
CA THR BB 293 36.13 3.69 3.55
C THR BB 293 35.56 2.29 3.52
N ASP BB 294 35.20 1.78 4.69
CA ASP BB 294 34.64 0.44 4.77
C ASP BB 294 33.60 0.39 5.88
N LYS BB 295 32.73 -0.61 5.80
CA LYS BB 295 31.69 -0.81 6.80
C LYS BB 295 31.25 -2.26 6.77
N HIS BB 296 31.28 -2.92 7.94
CA HIS BB 296 30.88 -4.30 8.08
C HIS BB 296 29.66 -4.36 9.00
N THR BB 297 28.64 -5.10 8.60
CA THR BB 297 27.42 -5.21 9.38
C THR BB 297 27.03 -6.67 9.57
N TRP BB 298 26.63 -7.02 10.78
CA TRP BB 298 26.06 -8.32 11.11
C TRP BB 298 24.65 -8.12 11.62
N GLN BB 299 23.68 -8.79 11.00
CA GLN BB 299 22.28 -8.66 11.39
C GLN BB 299 21.45 -9.77 10.79
N ASN BB 300 20.61 -10.40 11.61
CA ASN BB 300 19.69 -11.45 11.17
C ASN BB 300 20.42 -12.63 10.52
N GLY BB 301 21.62 -12.92 10.99
CA GLY BB 301 22.36 -14.05 10.43
C GLY BB 301 22.93 -13.83 9.07
N GLU BB 302 23.16 -12.59 8.65
CA GLU BB 302 23.82 -12.31 7.38
C GLU BB 302 24.86 -11.21 7.56
N TYR BB 303 25.89 -11.24 6.72
CA TYR BB 303 27.05 -10.38 6.86
C TYR BB 303 27.41 -9.79 5.50
N GLN BB 304 27.47 -8.46 5.41
CA GLN BB 304 27.74 -7.77 4.16
C GLN BB 304 28.74 -6.65 4.40
N ILE BB 305 29.42 -6.23 3.32
CA ILE BB 305 30.44 -5.20 3.37
C ILE BB 305 30.11 -4.12 2.35
N GLU BB 306 30.54 -2.89 2.65
CA GLU BB 306 30.43 -1.76 1.73
C GLU BB 306 31.76 -1.02 1.70
N LEU BB 307 32.33 -0.86 0.51
CA LEU BB 307 33.65 -0.28 0.34
C LEU BB 307 33.61 0.92 -0.59
N GLU BB 308 34.48 1.87 -0.33
CA GLU BB 308 34.73 3.01 -1.22
C GLU BB 308 36.14 2.86 -1.76
N LEU BB 309 36.26 2.66 -3.06
CA LEU BB 309 37.51 2.27 -3.69
C LEU BB 309 38.03 3.38 -4.58
N ASN BB 310 39.36 3.51 -4.62
CA ASN BB 310 40.06 4.48 -5.43
C ASN BB 310 40.99 3.75 -6.38
N PHE BB 311 40.85 4.03 -7.68
CA PHE BB 311 41.54 3.25 -8.71
C PHE BB 311 43.01 3.66 -8.83
N GLN BB 312 43.90 2.66 -8.87
CA GLN BB 312 45.33 2.88 -9.02
C GLN BB 312 45.81 2.64 -10.45
N ASN BB 313 45.66 1.42 -10.95
CA ASN BB 313 46.12 1.07 -12.29
C ASN BB 313 45.58 -0.31 -12.63
N LEU BB 314 45.74 -0.68 -13.90
CA LEU BB 314 45.33 -1.98 -14.39
C LEU BB 314 46.43 -3.00 -14.10
N MET BB 315 46.05 -4.12 -13.51
CA MET BB 315 47.03 -5.17 -13.24
C MET BB 315 47.53 -5.74 -14.55
N ASP BB 316 48.85 -5.86 -14.68
CA ASP BB 316 49.43 -6.31 -15.93
C ASP BB 316 49.18 -7.79 -16.12
N GLU BB 317 48.76 -8.17 -17.33
CA GLU BB 317 48.57 -9.57 -17.66
C GLU BB 317 49.89 -10.32 -17.47
N LYS BB 318 49.81 -11.46 -16.80
CA LYS BB 318 51.00 -12.24 -16.41
C LYS BB 318 51.87 -11.34 -15.55
N SER BB 319 53.11 -11.05 -15.93
CA SER BB 319 54.00 -10.21 -15.13
C SER BB 319 54.43 -9.01 -15.95
N ALA BB 320 54.35 -7.82 -15.34
CA ALA BB 320 54.71 -6.59 -16.05
C ALA BB 320 56.19 -6.55 -16.37
N GLY BB 321 57.04 -6.51 -15.33
CA GLY BB 321 58.47 -6.58 -15.53
C GLY BB 321 59.01 -7.96 -15.75
N GLN BB 322 58.16 -8.97 -15.62
CA GLN BB 322 58.52 -10.38 -15.79
C GLN BB 322 59.74 -10.72 -14.92
N ASP BB 323 59.54 -10.62 -13.61
CA ASP BB 323 60.58 -10.98 -12.66
C ASP BB 323 60.85 -12.47 -12.73
N GLU BB 324 62.06 -12.84 -13.11
CA GLU BB 324 62.42 -14.24 -13.10
C GLU BB 324 63.36 -14.53 -11.93
N PRO BB 325 63.23 -15.70 -11.28
CA PRO BB 325 64.18 -16.05 -10.22
C PRO BB 325 65.59 -16.23 -10.76
N LYS BB 326 66.49 -15.33 -10.38
CA LYS BB 326 67.84 -15.29 -10.92
C LYS BB 326 68.65 -16.41 -10.28
N GLU BB 327 68.88 -17.48 -11.04
CA GLU BB 327 69.63 -18.64 -10.56
C GLU BB 327 70.77 -18.94 -11.51
N GLU BB 328 71.84 -19.49 -10.95
CA GLU BB 328 72.93 -20.00 -11.78
C GLU BB 328 72.46 -21.24 -12.54
N SER BB 329 73.06 -21.45 -13.72
CA SER BB 329 72.72 -22.63 -14.51
C SER BB 329 73.07 -23.91 -13.77
N ASN BB 330 74.22 -23.94 -13.11
CA ASN BB 330 74.64 -25.08 -12.30
C ASN BB 330 74.86 -24.60 -10.87
N LEU BB 331 74.29 -25.33 -9.91
CA LEU BB 331 74.50 -25.00 -8.50
C LEU BB 331 75.95 -25.17 -8.10
N GLY BB 332 76.58 -26.26 -8.54
CA GLY BB 332 77.97 -26.52 -8.23
C GLY BB 332 78.68 -27.19 -9.39
N GLY BB 333 79.94 -26.80 -9.64
CA GLY BB 333 80.68 -27.31 -10.77
C GLY BB 333 80.09 -26.84 -12.09
N GLU BB 334 80.19 -25.54 -12.34
CA GLU BB 334 79.60 -24.97 -13.55
C GLU BB 334 80.55 -25.12 -14.73
N ASP BB 335 79.96 -25.05 -15.93
CA ASP BB 335 80.72 -25.09 -17.20
C ASP BB 335 81.58 -26.35 -17.30
N TYR BB 336 81.03 -27.48 -16.91
CA TYR BB 336 81.66 -28.77 -17.17
C TYR BB 336 81.30 -29.23 -18.58
N ALA BB 337 82.27 -29.23 -19.48
CA ALA BB 337 82.03 -29.58 -20.86
C ALA BB 337 83.29 -30.20 -21.44
N GLY BB 338 83.13 -30.88 -22.57
CA GLY BB 338 84.23 -31.60 -23.19
C GLY BB 338 84.51 -32.96 -22.58
N GLY BB 339 83.61 -33.47 -21.76
CA GLY BB 339 83.81 -34.70 -21.03
C GLY BB 339 83.53 -35.95 -21.84
N LYS BB 340 84.48 -36.34 -22.69
CA LYS BB 340 84.33 -37.54 -23.48
C LYS BB 340 84.03 -38.73 -22.58
N GLU BB 341 83.08 -39.57 -23.02
CA GLU BB 341 82.55 -40.65 -22.22
C GLU BB 341 83.14 -41.97 -22.68
N PHE BB 342 83.73 -42.72 -21.77
CA PHE BB 342 84.33 -44.02 -22.06
C PHE BB 342 83.72 -45.09 -21.18
N THR BB 343 83.47 -46.26 -21.77
CA THR BB 343 83.02 -47.40 -20.99
C THR BB 343 84.15 -47.88 -20.08
N ALA BB 344 83.80 -48.23 -18.85
CA ALA BB 344 84.79 -48.56 -17.84
C ALA BB 344 84.41 -49.85 -17.12
N GLU BB 345 85.44 -50.50 -16.56
CA GLU BB 345 85.27 -51.70 -15.75
C GLU BB 345 85.86 -51.42 -14.37
N PHE BB 346 85.08 -51.67 -13.33
CA PHE BB 346 85.41 -51.27 -11.97
C PHE BB 346 85.83 -52.47 -11.13
N THR BB 347 86.95 -52.32 -10.43
CA THR BB 347 87.46 -53.33 -9.52
C THR BB 347 87.58 -52.75 -8.12
N ALA BB 348 87.36 -53.60 -7.12
CA ALA BB 348 87.42 -53.20 -5.73
C ALA BB 348 88.85 -53.33 -5.19
N TYR BB 349 89.19 -52.46 -4.25
CA TYR BB 349 90.52 -52.42 -3.66
C TYR BB 349 90.41 -52.42 -2.15
N CYS BB 350 91.25 -53.22 -1.49
CA CYS BB 350 91.31 -53.27 -0.04
C CYS BB 350 92.74 -52.98 0.40
N PRO BB 351 92.94 -52.05 1.34
CA PRO BB 351 94.31 -51.76 1.79
C PRO BB 351 94.86 -52.86 2.68
N ARG BB 352 95.76 -53.68 2.14
CA ARG BB 352 96.32 -54.81 2.87
C ARG BB 352 97.84 -54.72 2.81
N LYS BB 353 98.48 -54.81 3.98
CA LYS BB 353 99.93 -54.67 4.06
C LYS BB 353 100.64 -55.84 3.37
N GLU BB 354 100.12 -57.06 3.54
CA GLU BB 354 100.78 -58.24 2.98
C GLU BB 354 100.83 -58.16 1.45
N GLU BB 355 99.73 -57.73 0.83
CA GLU BB 355 99.72 -57.60 -0.62
C GLU BB 355 100.65 -56.51 -1.11
N GLY BB 356 100.73 -55.40 -0.38
CA GLY BB 356 101.53 -54.27 -0.79
C GLY BB 356 100.78 -53.33 -1.70
N GLY BB 357 101.48 -52.27 -2.12
CA GLY BB 357 100.89 -51.27 -2.98
C GLY BB 357 99.98 -50.28 -2.28
N ASP BB 358 99.95 -50.28 -0.94
CA ASP BB 358 99.10 -49.33 -0.21
C ASP BB 358 99.56 -47.90 -0.36
N THR BB 359 100.79 -47.67 -0.83
CA THR BB 359 101.29 -46.33 -1.07
C THR BB 359 100.92 -45.87 -2.48
N ASP BB 360 100.70 -44.57 -2.61
CA ASP BB 360 100.30 -43.94 -3.87
C ASP BB 360 101.54 -43.49 -4.64
N CYS BB 361 101.33 -42.67 -5.67
CA CYS BB 361 102.45 -42.14 -6.46
C CYS BB 361 103.43 -41.38 -5.59
N ARG BB 362 102.94 -40.70 -4.55
CA ARG BB 362 103.79 -39.93 -3.64
C ARG BB 362 104.05 -40.66 -2.34
N LYS BB 363 103.71 -41.94 -2.25
CA LYS BB 363 104.00 -42.78 -1.08
C LYS BB 363 103.34 -42.23 0.18
N LYS BB 364 102.04 -41.97 0.09
CA LYS BB 364 101.25 -41.55 1.24
C LYS BB 364 100.11 -42.53 1.46
N LYS BB 365 99.75 -42.74 2.73
CA LYS BB 365 98.75 -43.72 3.09
C LYS BB 365 97.39 -43.35 2.50
N LEU BB 366 96.73 -44.34 1.90
CA LEU BB 366 95.46 -44.10 1.23
C LEU BB 366 94.35 -43.78 2.23
N ASP BB 367 93.50 -42.82 1.85
CA ASP BB 367 92.36 -42.42 2.66
C ASP BB 367 91.08 -42.78 1.92
N PRO BB 368 90.23 -43.67 2.46
CA PRO BB 368 89.00 -44.04 1.74
C PRO BB 368 88.07 -42.86 1.49
N SER BB 369 88.07 -41.86 2.37
CA SER BB 369 87.19 -40.70 2.19
C SER BB 369 87.56 -39.84 0.99
N LYS BB 370 88.78 -39.99 0.46
CA LYS BB 370 89.19 -39.18 -0.67
C LYS BB 370 88.51 -39.59 -1.98
N LYS BB 371 87.94 -40.79 -2.03
CA LYS BB 371 87.37 -41.34 -3.26
C LYS BB 371 88.40 -41.37 -4.39
N THR BB 372 89.64 -41.68 -4.04
CA THR BB 372 90.69 -41.83 -5.03
C THR BB 372 90.58 -43.20 -5.72
N CYS BB 373 91.19 -43.29 -6.90
CA CYS BB 373 91.09 -44.48 -7.72
C CYS BB 373 92.42 -44.77 -8.40
N ALA BB 374 92.51 -45.96 -8.99
CA ALA BB 374 93.67 -46.35 -9.78
C ALA BB 374 93.25 -46.41 -11.24
N ALA BB 375 93.88 -45.56 -12.06
CA ALA BB 375 93.58 -45.45 -13.48
C ALA BB 375 94.89 -45.46 -14.27
N PRO BB 376 94.85 -45.90 -15.53
CA PRO BB 376 96.09 -46.00 -16.30
C PRO BB 376 96.79 -44.65 -16.46
N MET BB 377 98.07 -44.62 -16.09
CA MET BB 377 98.88 -43.41 -16.10
C MET BB 377 100.00 -43.56 -17.12
N VAL BB 378 100.44 -42.43 -17.66
CA VAL BB 378 101.38 -42.42 -18.78
C VAL BB 378 102.75 -42.88 -18.30
N GLY BB 379 103.23 -44.00 -18.84
CA GLY BB 379 104.54 -44.51 -18.50
C GLY BB 379 104.57 -45.56 -17.41
N LYS BB 380 103.42 -45.93 -16.86
CA LYS BB 380 103.37 -46.98 -15.83
C LYS BB 380 103.27 -48.37 -16.45
N TYR BB 381 102.22 -48.61 -17.23
CA TYR BB 381 101.99 -49.91 -17.86
C TYR BB 381 101.63 -49.68 -19.31
N GLU BB 382 102.50 -50.11 -20.21
CA GLU BB 382 102.31 -49.95 -21.65
C GLU BB 382 102.32 -51.31 -22.31
N GLN BB 383 101.28 -51.61 -23.09
CA GLN BB 383 101.17 -52.85 -23.84
C GLN BB 383 101.56 -52.60 -25.30
N THR BB 384 101.39 -53.62 -26.13
CA THR BB 384 101.79 -53.52 -27.53
C THR BB 384 100.79 -52.72 -28.37
N TYR BB 385 99.50 -52.83 -28.06
CA TYR BB 385 98.48 -52.16 -28.86
C TYR BB 385 98.32 -50.69 -28.52
N TYR BB 386 99.07 -50.17 -27.55
CA TYR BB 386 99.03 -48.76 -27.19
C TYR BB 386 99.75 -47.93 -28.26
N THR BB 387 99.15 -47.90 -29.44
CA THR BB 387 99.71 -47.16 -30.55
C THR BB 387 99.40 -45.66 -30.41
N LYS BB 388 100.09 -44.85 -31.20
CA LYS BB 388 99.85 -43.41 -31.19
C LYS BB 388 98.42 -43.09 -31.59
N GLU BB 389 97.90 -43.77 -32.61
CA GLU BB 389 96.50 -43.63 -32.98
C GLU BB 389 95.59 -44.05 -31.84
N PHE BB 390 95.90 -45.19 -31.21
CA PHE BB 390 95.10 -45.67 -30.08
C PHE BB 390 95.19 -44.71 -28.90
N LEU BB 391 96.39 -44.22 -28.60
CA LEU BB 391 96.56 -43.30 -27.48
C LEU BB 391 95.80 -42.00 -27.72
N ASN BB 392 95.87 -41.47 -28.94
CA ASN BB 392 95.08 -40.28 -29.26
C ASN BB 392 93.59 -40.56 -29.20
N LYS BB 393 93.19 -41.79 -29.51
CA LYS BB 393 91.78 -42.16 -29.45
C LYS BB 393 91.35 -42.48 -28.02
N HIS BB 394 92.22 -43.13 -27.25
CA HIS BB 394 91.97 -43.45 -25.84
C HIS BB 394 93.10 -42.84 -25.02
N PRO BB 395 92.95 -41.61 -24.55
CA PRO BB 395 94.07 -40.93 -23.89
C PRO BB 395 94.31 -41.47 -22.48
N LEU BB 396 95.60 -41.68 -22.17
CA LEU BB 396 96.00 -42.05 -20.83
C LEU BB 396 95.95 -40.83 -19.91
N LEU BB 397 95.60 -41.06 -18.65
CA LEU BB 397 95.40 -39.99 -17.70
C LEU BB 397 96.71 -39.59 -17.03
N ASN BB 398 96.64 -38.56 -16.20
CA ASN BB 398 97.79 -38.05 -15.46
C ASN BB 398 97.47 -38.06 -13.97
N TYR BB 399 98.52 -37.92 -13.16
CA TYR BB 399 98.37 -37.91 -11.72
C TYR BB 399 97.59 -36.69 -11.26
N GLY BB 400 96.65 -36.90 -10.34
CA GLY BB 400 95.84 -35.82 -9.81
C GLY BB 400 94.66 -35.42 -10.66
N ASP BB 401 94.42 -36.09 -11.78
CA ASP BB 401 93.30 -35.73 -12.64
C ASP BB 401 91.98 -36.13 -12.00
N GLU BB 402 90.96 -35.31 -12.24
CA GLU BB 402 89.63 -35.52 -11.68
C GLU BB 402 88.71 -36.10 -12.76
N ILE BB 403 88.21 -37.30 -12.53
CA ILE BB 403 87.37 -38.00 -13.49
C ILE BB 403 86.05 -38.33 -12.83
N GLN BB 404 85.00 -38.46 -13.65
CA GLN BB 404 83.66 -38.73 -13.17
C GLN BB 404 83.38 -40.23 -13.31
N VAL BB 405 83.03 -40.87 -12.20
CA VAL BB 405 82.85 -42.32 -12.15
C VAL BB 405 81.39 -42.62 -11.84
N ILE BB 406 80.79 -43.48 -12.65
CA ILE BB 406 79.39 -43.89 -12.48
C ILE BB 406 79.38 -45.42 -12.42
N THR BB 407 79.41 -45.96 -11.20
CA THR BB 407 79.36 -47.40 -11.00
C THR BB 407 77.93 -47.94 -10.95
N GLY BB 408 76.93 -47.08 -10.99
CA GLY BB 408 75.55 -47.51 -10.82
C GLY BB 408 75.14 -47.69 -9.39
N VAL BB 409 75.91 -47.19 -8.43
CA VAL BB 409 75.65 -47.37 -7.01
C VAL BB 409 75.47 -46.01 -6.35
N SER BB 410 74.52 -45.92 -5.42
CA SER BB 410 74.32 -44.70 -4.68
C SER BB 410 75.48 -44.49 -3.71
N GLY BB 411 76.25 -43.43 -3.93
CA GLY BB 411 77.41 -43.12 -3.12
C GLY BB 411 78.73 -43.54 -3.73
N ARG BB 412 78.72 -44.55 -4.60
CA ARG BB 412 79.92 -44.97 -5.31
C ARG BB 412 80.09 -44.24 -6.64
N ASP BB 413 79.21 -43.28 -6.95
CA ASP BB 413 79.30 -42.48 -8.15
C ASP BB 413 79.74 -41.07 -7.79
N GLY BB 414 80.62 -40.50 -8.59
CA GLY BB 414 81.09 -39.14 -8.35
C GLY BB 414 82.44 -38.92 -8.99
N VAL BB 415 83.02 -37.76 -8.67
CA VAL BB 415 84.32 -37.39 -9.18
C VAL BB 415 85.39 -38.15 -8.40
N TYR BB 416 86.30 -38.81 -9.14
CA TYR BB 416 87.37 -39.59 -8.54
C TYR BB 416 88.71 -39.04 -9.02
N LYS BB 417 89.63 -38.85 -8.08
CA LYS BB 417 90.96 -38.34 -8.39
C LYS BB 417 91.92 -39.50 -8.63
N VAL BB 418 92.70 -39.40 -9.71
CA VAL BB 418 93.63 -40.45 -10.09
C VAL BB 418 94.90 -40.32 -9.25
N ASN BB 419 94.93 -41.03 -8.12
CA ASN BB 419 96.09 -41.03 -7.23
C ASN BB 419 96.60 -42.43 -6.92
N ASP BB 420 95.70 -43.41 -6.77
CA ASP BB 420 96.10 -44.75 -6.39
C ASP BB 420 96.88 -45.44 -7.51
N VAL BB 421 97.82 -46.29 -7.11
CA VAL BB 421 98.69 -47.02 -8.03
C VAL BB 421 98.30 -48.49 -7.96
N GLY BB 422 97.86 -49.03 -9.10
CA GLY BB 422 97.48 -50.43 -9.18
C GLY BB 422 98.17 -51.17 -10.31
N PRO BB 423 98.75 -52.33 -10.01
CA PRO BB 423 99.43 -53.14 -11.02
C PRO BB 423 98.42 -53.69 -12.03
N ALA BB 424 98.82 -53.76 -13.30
CA ALA BB 424 97.94 -54.27 -14.35
C ALA BB 424 96.68 -53.42 -14.52
N ILE BB 425 96.80 -52.11 -14.33
CA ILE BB 425 95.73 -51.17 -14.64
C ILE BB 425 96.01 -50.58 -16.01
N THR BB 426 95.24 -51.00 -17.00
CA THR BB 426 95.47 -50.63 -18.39
C THR BB 426 94.12 -50.37 -19.05
N ILE BB 427 94.12 -50.34 -20.39
CA ILE BB 427 92.92 -50.23 -21.19
C ILE BB 427 92.89 -51.39 -22.16
N GLU BB 428 91.74 -52.06 -22.26
CA GLU BB 428 91.61 -53.18 -23.18
C GLU BB 428 91.69 -52.70 -24.63
N LYS BB 429 91.71 -53.67 -25.55
CA LYS BB 429 91.82 -53.35 -26.96
C LYS BB 429 90.56 -52.66 -27.47
N ASN BB 430 89.39 -53.09 -26.98
CA ASN BB 430 88.14 -52.43 -27.39
C ASN BB 430 88.03 -51.02 -26.84
N GLY BB 431 88.81 -50.67 -25.82
CA GLY BB 431 88.78 -49.36 -25.23
C GLY BB 431 88.17 -49.28 -23.84
N THR BB 432 87.84 -50.41 -23.22
CA THR BB 432 87.29 -50.39 -21.87
C THR BB 432 88.39 -50.04 -20.87
N TYR BB 433 88.08 -49.11 -19.97
CA TYR BB 433 89.06 -48.64 -18.99
C TYR BB 433 88.90 -49.39 -17.68
N HIS BB 434 90.02 -49.89 -17.15
CA HIS BB 434 90.03 -50.53 -15.84
C HIS BB 434 90.25 -49.44 -14.79
N ILE BB 435 89.22 -49.19 -13.98
CA ILE BB 435 89.28 -48.19 -12.92
C ILE BB 435 89.06 -48.90 -11.60
N ASP BB 436 90.04 -48.79 -10.71
CA ASP BB 436 90.00 -49.48 -9.42
C ASP BB 436 89.43 -48.55 -8.37
N ILE BB 437 88.32 -48.94 -7.77
CA ILE BB 437 87.66 -48.14 -6.74
C ILE BB 437 88.25 -48.50 -5.38
N LEU BB 438 88.66 -47.50 -4.63
CA LEU BB 438 89.23 -47.71 -3.30
C LEU BB 438 88.12 -48.01 -2.30
N PHE BB 439 88.39 -48.93 -1.38
CA PHE BB 439 87.45 -49.29 -0.33
C PHE BB 439 88.18 -49.31 1.00
N GLY BB 440 87.42 -49.11 2.08
CA GLY BB 440 87.99 -49.00 3.41
C GLY BB 440 88.00 -50.28 4.22
N ASN BB 441 87.40 -51.34 3.70
CA ASN BB 441 87.35 -52.60 4.42
C ASN BB 441 87.13 -53.74 3.44
N VAL BB 442 87.33 -54.97 3.94
CA VAL BB 442 87.22 -56.16 3.11
C VAL BB 442 85.79 -56.35 2.64
N GLU BB 443 84.82 -56.17 3.55
CA GLU BB 443 83.43 -56.51 3.25
C GLU BB 443 82.87 -55.66 2.10
N GLU BB 444 83.15 -54.36 2.12
CA GLU BB 444 82.66 -53.49 1.07
C GLU BB 444 83.24 -53.88 -0.28
N ALA BB 445 84.54 -54.17 -0.32
CA ALA BB 445 85.18 -54.59 -1.56
C ALA BB 445 84.59 -55.91 -2.06
N SER BB 446 84.37 -56.87 -1.16
CA SER BB 446 83.81 -58.15 -1.56
C SER BB 446 82.40 -57.99 -2.09
N LYS BB 447 81.60 -57.12 -1.47
CA LYS BB 447 80.25 -56.86 -1.96
C LYS BB 447 80.28 -56.21 -3.34
N PHE BB 448 81.17 -55.23 -3.52
CA PHE BB 448 81.25 -54.54 -4.82
C PHE BB 448 81.74 -55.48 -5.92
N GLY BB 449 82.77 -56.26 -5.63
CA GLY BB 449 83.28 -57.21 -6.61
C GLY BB 449 83.74 -56.54 -7.88
N ARG BB 450 83.42 -57.17 -9.00
CA ARG BB 450 83.75 -56.65 -10.33
C ARG BB 450 82.46 -56.30 -11.06
N ARG BB 451 82.35 -55.06 -11.51
CA ARG BB 451 81.21 -54.58 -12.27
C ARG BB 451 81.68 -53.76 -13.46
N LYS BB 452 80.74 -53.48 -14.36
CA LYS BB 452 80.99 -52.68 -15.56
C LYS BB 452 80.21 -51.38 -15.48
N GLY BB 453 80.82 -50.30 -15.96
CA GLY BB 453 80.20 -48.99 -15.91
C GLY BB 453 80.76 -48.05 -16.95
N LYS BB 454 80.81 -46.76 -16.60
CA LYS BB 454 81.27 -45.72 -17.50
C LYS BB 454 81.95 -44.63 -16.69
N ILE BB 455 82.98 -44.03 -17.29
CA ILE BB 455 83.69 -42.92 -16.68
C ILE BB 455 83.85 -41.80 -17.69
N ILE BB 456 84.08 -40.60 -17.18
CA ILE BB 456 84.24 -39.40 -17.98
C ILE BB 456 85.54 -38.72 -17.58
N ILE BB 457 86.36 -38.37 -18.57
CA ILE BB 457 87.65 -37.74 -18.34
C ILE BB 457 87.80 -36.53 -19.24
N GLY BB 458 88.66 -35.61 -18.83
CA GLY BB 458 89.03 -34.47 -19.66
C GLY BB 458 87.89 -33.54 -20.01
N GLY BB 459 86.95 -33.34 -19.10
CA GLY BB 459 85.87 -32.40 -19.34
C GLY BB 459 85.87 -31.25 -18.35
N TYR BB 460 86.21 -30.05 -18.81
CA TYR BB 460 86.30 -28.90 -17.93
C TYR BB 460 86.48 -27.64 -18.76
N SER BB 461 85.75 -26.58 -18.38
CA SER BB 461 85.99 -25.24 -18.94
C SER BB 461 86.45 -24.26 -17.87
N GLY BB 462 85.72 -24.15 -16.76
CA GLY BB 462 86.10 -23.27 -15.67
C GLY BB 462 86.16 -21.80 -16.02
N ASN BB 463 85.20 -21.33 -16.82
CA ASN BB 463 85.11 -19.94 -17.21
C ASN BB 463 83.94 -19.27 -16.49
N VAL BB 464 83.88 -17.95 -16.60
CA VAL BB 464 82.82 -17.14 -15.98
C VAL BB 464 81.93 -16.51 -17.03
N SER BB 465 82.49 -15.64 -17.88
CA SER BB 465 81.72 -15.04 -18.96
C SER BB 465 82.69 -14.59 -20.05
N ASP BB 466 82.15 -14.47 -21.27
CA ASP BB 466 82.97 -14.06 -22.41
C ASP BB 466 83.42 -12.61 -22.28
N LYS BB 467 82.55 -11.74 -21.76
CA LYS BB 467 82.90 -10.33 -21.61
C LYS BB 467 84.00 -10.11 -20.59
N ALA BB 468 84.20 -11.05 -19.67
CA ALA BB 468 85.26 -10.92 -18.67
C ALA BB 468 86.62 -10.89 -19.34
N LYS BB 469 86.83 -11.74 -20.34
CA LYS BB 469 88.10 -11.73 -21.07
C LYS BB 469 88.34 -10.39 -21.74
N ILE BB 470 87.32 -9.84 -22.38
CA ILE BB 470 87.48 -8.56 -23.09
C ILE BB 470 87.83 -7.46 -22.09
N VAL BB 471 87.11 -7.42 -20.97
CA VAL BB 471 87.37 -6.37 -19.98
C VAL BB 471 88.77 -6.51 -19.40
N ILE BB 472 89.18 -7.74 -19.07
CA ILE BB 472 90.50 -7.96 -18.49
C ILE BB 472 91.58 -7.57 -19.48
N SER BB 473 91.43 -7.94 -20.74
CA SER BB 473 92.42 -7.57 -21.74
C SER BB 473 92.51 -6.07 -21.91
N GLU BB 474 91.36 -5.37 -21.91
CA GLU BB 474 91.38 -3.92 -22.04
C GLU BB 474 92.09 -3.28 -20.83
N ALA BB 475 91.80 -3.79 -19.63
CA ALA BB 475 92.44 -3.26 -18.43
C ALA BB 475 93.95 -3.47 -18.47
N LYS BB 476 94.38 -4.62 -19.00
CA LYS BB 476 95.81 -4.82 -19.22
C LYS BB 476 96.33 -3.87 -20.29
N LYS BB 477 95.49 -3.54 -21.28
CA LYS BB 477 95.91 -2.62 -22.33
C LYS BB 477 96.21 -1.23 -21.77
N HIS BB 478 95.53 -0.85 -20.69
CA HIS BB 478 95.79 0.44 -20.06
C HIS BB 478 96.81 0.40 -18.92
N LEU BB 479 97.65 -0.63 -18.86
CA LEU BB 479 98.66 -0.70 -17.81
C LEU BB 479 99.73 0.37 -18.01
N GLY BB 480 100.14 0.98 -16.90
CA GLY BB 480 101.29 1.86 -16.88
C GLY BB 480 101.06 3.29 -17.34
N LYS BB 481 99.84 3.63 -17.73
CA LYS BB 481 99.57 4.99 -18.19
C LYS BB 481 99.55 5.96 -17.02
N PRO BB 482 99.97 7.21 -17.25
CA PRO BB 482 99.98 8.20 -16.17
C PRO BB 482 98.57 8.49 -15.67
N TYR BB 483 98.48 8.80 -14.39
CA TYR BB 483 97.22 9.05 -13.71
C TYR BB 483 96.73 10.48 -13.93
N LYS BB 484 95.42 10.66 -13.82
CA LYS BB 484 94.82 11.99 -13.88
C LYS BB 484 93.44 11.92 -13.25
N TRP BB 485 93.16 12.82 -12.30
CA TRP BB 485 91.88 12.84 -11.62
C TRP BB 485 90.80 13.41 -12.54
N GLY BB 486 89.71 12.67 -12.72
CA GLY BB 486 88.64 13.11 -13.58
C GLY BB 486 88.89 12.95 -15.06
N GLY BB 487 89.80 12.05 -15.45
CA GLY BB 487 90.08 11.84 -16.86
C GLY BB 487 89.51 10.54 -17.38
N ASN BB 488 88.65 10.64 -18.40
CA ASN BB 488 88.00 9.48 -19.02
C ASN BB 488 88.43 9.44 -20.48
N GLY BB 489 89.57 8.79 -20.73
CA GLY BB 489 90.08 8.64 -22.07
C GLY BB 489 91.25 7.68 -22.11
N PRO BB 490 91.53 7.14 -23.30
CA PRO BB 490 92.68 6.23 -23.43
C PRO BB 490 94.00 6.85 -23.01
N SER BB 491 94.14 8.18 -23.09
CA SER BB 491 95.40 8.81 -22.71
C SER BB 491 95.68 8.65 -21.22
N SER BB 492 94.72 9.00 -20.38
CA SER BB 492 94.89 8.91 -18.93
C SER BB 492 93.58 8.46 -18.30
N PHE BB 493 93.69 7.73 -17.20
CA PHE BB 493 92.54 7.23 -16.47
C PHE BB 493 92.66 7.60 -15.01
N ASP BB 494 91.52 7.88 -14.39
CA ASP BB 494 91.45 7.96 -12.94
C ASP BB 494 91.05 6.59 -12.40
N CYS BB 495 90.72 6.54 -11.12
CA CYS BB 495 90.48 5.26 -10.46
C CYS BB 495 89.25 4.55 -11.02
N SER BB 496 88.18 5.29 -11.26
CA SER BB 496 86.94 4.68 -11.75
C SER BB 496 86.79 4.72 -13.26
N GLY BB 497 87.46 5.67 -13.93
CA GLY BB 497 87.34 5.75 -15.38
C GLY BB 497 87.86 4.50 -16.08
N LEU BB 498 88.80 3.79 -15.47
CA LEU BB 498 89.31 2.56 -16.05
C LEU BB 498 88.20 1.55 -16.28
N MET BB 499 87.46 1.24 -15.21
CA MET BB 499 86.39 0.25 -15.34
C MET BB 499 85.19 0.82 -16.08
N VAL BB 500 84.98 2.13 -16.02
CA VAL BB 500 83.94 2.74 -16.86
C VAL BB 500 84.22 2.42 -18.32
N TYR BB 501 85.46 2.68 -18.76
CA TYR BB 501 85.83 2.40 -20.15
C TYR BB 501 85.75 0.90 -20.43
N CYS BB 502 86.28 0.08 -19.52
CA CYS BB 502 86.35 -1.35 -19.77
C CYS BB 502 84.97 -1.98 -19.91
N PHE BB 503 84.04 -1.62 -19.02
CA PHE BB 503 82.70 -2.18 -19.09
C PHE BB 503 81.85 -1.51 -20.15
N LYS BB 504 82.14 -0.26 -20.51
CA LYS BB 504 81.49 0.33 -21.68
C LYS BB 504 81.89 -0.42 -22.96
N LYS BB 505 83.12 -0.95 -22.99
CA LYS BB 505 83.53 -1.75 -24.12
C LYS BB 505 82.79 -3.08 -24.22
N VAL BB 506 82.08 -3.48 -23.16
CA VAL BB 506 81.24 -4.68 -23.22
C VAL BB 506 79.80 -4.30 -22.93
N ASN BB 507 79.43 -3.06 -23.28
CA ASN BB 507 78.05 -2.58 -23.21
C ASN BB 507 77.51 -2.62 -21.79
N VAL BB 508 78.37 -2.45 -20.80
CA VAL BB 508 77.97 -2.43 -19.39
C VAL BB 508 78.16 -1.01 -18.89
N SER BB 509 77.05 -0.31 -18.68
CA SER BB 509 77.10 1.07 -18.19
C SER BB 509 77.19 1.07 -16.67
N LEU BB 510 78.16 1.81 -16.14
CA LEU BB 510 78.38 1.87 -14.70
C LEU BB 510 78.35 3.32 -14.25
N PRO BB 511 78.10 3.60 -12.97
CA PRO BB 511 78.16 4.98 -12.49
C PRO BB 511 79.56 5.55 -12.65
N ARG BB 512 79.61 6.86 -12.89
CA ARG BB 512 80.90 7.50 -13.12
C ARG BB 512 81.78 7.42 -11.88
N THR BB 513 81.21 7.66 -10.71
CA THR BB 513 81.97 7.63 -9.47
C THR BB 513 81.88 6.26 -8.82
N SER BB 514 83.00 5.83 -8.24
CA SER BB 514 83.10 4.48 -7.71
C SER BB 514 82.21 4.28 -6.49
N ASN BB 515 81.91 5.34 -5.75
CA ASN BB 515 81.02 5.22 -4.61
C ASN BB 515 79.64 4.74 -5.07
N GLN BB 516 79.09 5.36 -6.11
CA GLN BB 516 77.86 4.86 -6.68
C GLN BB 516 78.05 3.49 -7.34
N GLN BB 517 79.25 3.24 -7.88
CA GLN BB 517 79.53 1.94 -8.49
C GLN BB 517 79.40 0.82 -7.48
N SER BB 518 79.68 1.11 -6.21
CA SER BB 518 79.50 0.11 -5.16
C SER BB 518 78.03 -0.29 -5.01
N LYS BB 519 77.10 0.58 -5.42
CA LYS BB 519 75.68 0.37 -5.23
C LYS BB 519 75.02 -0.29 -6.46
N LYS BB 520 75.82 -0.84 -7.37
CA LYS BB 520 75.30 -1.51 -8.54
C LYS BB 520 75.65 -2.99 -8.50
N GLY BB 521 74.71 -3.83 -8.92
CA GLY BB 521 74.96 -5.24 -9.09
C GLY BB 521 74.83 -6.04 -7.82
N LYS BB 522 74.87 -7.36 -7.99
CA LYS BB 522 74.76 -8.28 -6.86
C LYS BB 522 76.00 -8.18 -5.97
N LYS BB 523 75.79 -8.35 -4.67
CA LYS BB 523 76.91 -8.35 -3.73
C LYS BB 523 77.77 -9.59 -3.94
N VAL BB 524 79.09 -9.41 -3.78
CA VAL BB 524 80.07 -10.48 -3.94
C VAL BB 524 80.93 -10.54 -2.68
N GLU BB 525 81.18 -11.74 -2.21
CA GLU BB 525 82.01 -11.96 -1.03
C GLU BB 525 83.48 -12.09 -1.42
N GLN BB 526 84.35 -12.02 -0.41
CA GLN BB 526 85.78 -12.15 -0.67
C GLN BB 526 86.15 -13.57 -1.08
N LYS BB 527 85.47 -14.57 -0.51
CA LYS BB 527 85.70 -15.96 -0.89
C LYS BB 527 85.02 -16.31 -2.22
N ASN BB 528 84.01 -15.55 -2.63
CA ASN BB 528 83.33 -15.75 -3.90
C ASN BB 528 83.82 -14.79 -4.97
N LEU BB 529 85.06 -14.32 -4.86
CA LEU BB 529 85.63 -13.41 -5.86
C LEU BB 529 86.12 -14.20 -7.07
N GLN BB 530 85.75 -13.74 -8.25
CA GLN BB 530 86.14 -14.36 -9.51
C GLN BB 530 86.72 -13.29 -10.43
N ALA BB 531 87.23 -13.73 -11.58
CA ALA BB 531 87.79 -12.81 -12.54
C ALA BB 531 86.72 -11.88 -13.09
N GLY BB 532 87.01 -10.58 -13.07
CA GLY BB 532 86.07 -9.57 -13.53
C GLY BB 532 85.32 -8.85 -12.44
N ASP BB 533 85.46 -9.28 -11.19
CA ASP BB 533 84.76 -8.64 -10.08
C ASP BB 533 85.36 -7.28 -9.78
N LEU BB 534 84.59 -6.46 -9.06
CA LEU BB 534 85.02 -5.13 -8.64
C LEU BB 534 85.20 -5.15 -7.12
N VAL BB 535 86.31 -4.59 -6.65
CA VAL BB 535 86.66 -4.60 -5.24
C VAL BB 535 86.74 -3.17 -4.72
N PHE BB 536 86.11 -2.93 -3.57
CA PHE BB 536 86.12 -1.64 -2.90
C PHE BB 536 86.63 -1.84 -1.48
N PHE BB 537 87.53 -0.97 -1.06
CA PHE BB 537 88.19 -1.15 0.23
C PHE BB 537 87.87 -0.06 1.24
N HIS BB 538 88.36 1.17 1.07
CA HIS BB 538 88.09 2.16 2.10
C HIS BB 538 86.61 2.53 2.13
N ASN BB 539 86.17 3.04 3.29
CA ASN BB 539 84.83 3.58 3.37
C ASN BB 539 84.57 4.68 2.33
N PRO BB 540 85.51 5.59 2.02
CA PRO BB 540 85.37 6.32 0.75
C PRO BB 540 86.06 5.54 -0.35
N VAL BB 541 85.39 5.31 -1.47
CA VAL BB 541 86.06 4.53 -2.49
C VAL BB 541 86.82 5.53 -3.36
N SER BB 542 88.02 5.91 -2.90
CA SER BB 542 88.89 6.76 -3.70
C SER BB 542 89.35 6.03 -4.95
N HIS BB 543 89.61 4.73 -4.83
CA HIS BB 543 89.97 3.90 -5.96
C HIS BB 543 89.38 2.51 -5.84
N VAL BB 544 88.79 2.05 -6.93
CA VAL BB 544 88.17 0.73 -7.03
C VAL BB 544 89.05 -0.12 -7.94
N GLY BB 545 89.22 -1.38 -7.57
CA GLY BB 545 90.00 -2.29 -8.39
C GLY BB 545 89.16 -3.26 -9.18
N LEU BB 546 89.72 -3.81 -10.25
CA LEU BB 546 89.06 -4.84 -11.06
C LEU BB 546 89.73 -6.17 -10.75
N TYR BB 547 89.01 -7.06 -10.09
CA TYR BB 547 89.58 -8.32 -9.62
C TYR BB 547 89.71 -9.29 -10.79
N ILE BB 548 90.93 -9.78 -11.00
CA ILE BB 548 91.23 -10.70 -12.10
C ILE BB 548 91.49 -12.11 -11.59
N GLY BB 549 91.27 -12.36 -10.31
CA GLY BB 549 91.57 -13.65 -9.72
C GLY BB 549 93.01 -13.75 -9.25
N ASN BB 550 93.32 -14.92 -8.70
CA ASN BB 550 94.66 -15.26 -8.22
C ASN BB 550 95.16 -14.30 -7.15
N GLY BB 551 94.25 -13.61 -6.48
CA GLY BB 551 94.66 -12.62 -5.49
C GLY BB 551 95.26 -11.37 -6.08
N GLU BB 552 95.00 -11.09 -7.35
CA GLU BB 552 95.49 -9.89 -8.00
C GLU BB 552 94.33 -9.14 -8.65
N PHE BB 553 94.53 -7.84 -8.84
CA PHE BB 553 93.50 -6.99 -9.41
C PHE BB 553 94.16 -5.75 -10.01
N LEU BB 554 93.49 -5.17 -11.00
CA LEU BB 554 94.00 -4.02 -11.74
C LEU BB 554 93.25 -2.77 -11.34
N HIS BB 555 93.95 -1.65 -11.30
CA HIS BB 555 93.38 -0.39 -10.82
C HIS BB 555 94.33 0.74 -11.18
N ALA BB 556 93.86 1.96 -10.98
CA ALA BB 556 94.70 3.14 -11.00
C ALA BB 556 94.89 3.62 -9.57
N PRO BB 557 96.10 3.51 -9.00
CA PRO BB 557 96.26 3.73 -7.56
C PRO BB 557 95.92 5.14 -7.11
N GLN BB 558 96.62 6.14 -7.63
CA GLN BB 558 96.39 7.53 -7.25
C GLN BB 558 97.22 8.46 -8.11
N LYS BB 559 97.12 9.76 -7.87
CA LYS BB 559 97.96 10.73 -8.59
C LYS BB 559 99.42 10.48 -8.28
N GLY BB 560 100.25 10.47 -9.32
CA GLY BB 560 101.65 10.15 -9.19
C GLY BB 560 102.00 8.69 -9.44
N ASP BB 561 101.02 7.80 -9.37
CA ASP BB 561 101.19 6.39 -9.69
C ASP BB 561 100.56 6.09 -11.05
N VAL BB 562 100.85 4.90 -11.56
CA VAL BB 562 100.40 4.48 -12.87
C VAL BB 562 99.68 3.14 -12.75
N VAL BB 563 98.92 2.81 -13.79
CA VAL BB 563 98.09 1.60 -13.76
C VAL BB 563 98.97 0.37 -13.71
N LYS BB 564 98.70 -0.51 -12.75
CA LYS BB 564 99.53 -1.67 -12.48
C LYS BB 564 98.68 -2.72 -11.78
N ILE BB 565 99.28 -3.86 -11.44
CA ILE BB 565 98.56 -5.00 -10.89
C ILE BB 565 98.92 -5.14 -9.42
N SER BB 566 97.91 -5.20 -8.56
CA SER BB 566 98.10 -5.21 -7.12
C SER BB 566 97.62 -6.51 -6.52
N LYS BB 567 98.29 -6.93 -5.44
CA LYS BB 567 97.89 -8.13 -4.71
C LYS BB 567 96.80 -7.79 -3.71
N LEU BB 568 95.74 -8.60 -3.70
CA LEU BB 568 94.56 -8.27 -2.91
C LEU BB 568 94.85 -8.33 -1.41
N SER BB 569 95.68 -9.27 -0.98
CA SER BB 569 95.96 -9.43 0.45
C SER BB 569 96.66 -8.21 1.02
N SER BB 570 97.46 -7.51 0.21
CA SER BB 570 98.13 -6.31 0.67
C SER BB 570 97.15 -5.20 1.02
N ARG BB 571 95.88 -5.38 0.70
CA ARG BB 571 94.84 -4.40 0.98
C ARG BB 571 93.97 -4.93 2.12
N ARG BB 572 94.37 -4.60 3.35
CA ARG BB 572 93.67 -5.06 4.53
C ARG BB 572 92.29 -4.42 4.69
N ASP BB 573 91.99 -3.41 3.89
CA ASP BB 573 90.86 -2.52 4.10
C ASP BB 573 89.60 -2.95 3.35
N PHE BB 574 89.52 -4.21 2.94
CA PHE BB 574 88.42 -4.68 2.08
C PHE BB 574 87.06 -4.42 2.73
N ASN BB 575 86.13 -3.89 1.92
CA ASN BB 575 84.81 -3.52 2.42
C ASN BB 575 83.70 -4.37 1.81
N THR BB 576 83.57 -4.38 0.48
CA THR BB 576 82.57 -5.19 -0.19
C THR BB 576 82.98 -5.37 -1.64
N ALA BB 577 82.18 -6.14 -2.37
CA ALA BB 577 82.48 -6.45 -3.77
C ALA BB 577 81.17 -6.61 -4.54
N ARG BB 578 81.22 -6.29 -5.83
CA ARG BB 578 80.04 -6.36 -6.68
C ARG BB 578 80.40 -7.01 -8.01
N ARG BB 579 79.38 -7.59 -8.65
CA ARG BB 579 79.49 -8.18 -9.98
C ARG BB 579 78.41 -7.59 -10.87
N VAL BB 580 78.80 -7.14 -12.06
CA VAL BB 580 77.85 -6.59 -13.02
C VAL BB 580 77.86 -7.32 -14.36
N LEU BB 581 78.80 -8.24 -14.59
CA LEU BB 581 78.79 -9.04 -15.80
C LEU BB 581 77.84 -10.23 -15.67
N ALA CB 2 30.09 -67.32 -15.89
CA ALA CB 2 30.01 -67.39 -14.44
C ALA CB 2 29.55 -66.05 -13.86
N ILE CB 3 29.68 -65.91 -12.55
CA ILE CB 3 29.31 -64.69 -11.84
C ILE CB 3 30.56 -64.12 -11.20
N GLY CB 4 30.86 -62.85 -11.49
CA GLY CB 4 32.07 -62.24 -10.98
C GLY CB 4 31.81 -61.02 -10.11
N LEU CB 5 32.85 -60.23 -9.88
CA LEU CB 5 32.71 -59.07 -9.03
C LEU CB 5 31.86 -58.00 -9.73
N PRO CB 6 31.15 -57.17 -8.95
CA PRO CB 6 30.41 -56.06 -9.55
C PRO CB 6 31.37 -55.09 -10.25
N SER CB 7 30.92 -54.54 -11.37
CA SER CB 7 31.79 -53.70 -12.17
C SER CB 7 30.98 -52.71 -12.98
N ILE CB 8 31.65 -51.65 -13.43
CA ILE CB 8 31.08 -50.64 -14.33
C ILE CB 8 31.63 -50.91 -15.73
N ASN CB 9 30.74 -50.91 -16.72
CA ASN CB 9 31.12 -51.10 -18.11
C ASN CB 9 30.76 -49.84 -18.90
N ILE CB 10 31.71 -49.36 -19.69
CA ILE CB 10 31.53 -48.15 -20.49
C ILE CB 10 31.74 -48.48 -21.95
N SER CB 11 30.82 -48.05 -22.79
CA SER CB 11 30.94 -48.17 -24.24
C SER CB 11 30.71 -46.80 -24.86
N PHE CB 12 31.48 -46.48 -25.89
CA PHE CB 12 31.41 -45.19 -26.54
C PHE CB 12 30.70 -45.31 -27.88
N LYS CB 13 30.01 -44.23 -28.25
CA LYS CB 13 29.23 -44.19 -29.48
C LYS CB 13 29.29 -42.79 -30.06
N GLU CB 14 29.00 -42.70 -31.36
CA GLU CB 14 28.92 -41.40 -32.01
C GLU CB 14 27.62 -40.70 -31.63
N LEU CB 15 27.63 -39.38 -31.72
CA LEU CB 15 26.45 -38.58 -31.43
C LEU CB 15 25.81 -38.17 -32.75
N ALA CB 16 24.66 -38.76 -33.07
CA ALA CB 16 23.95 -38.51 -34.31
C ALA CB 16 22.64 -37.79 -33.99
N THR CB 17 22.52 -36.56 -34.47
CA THR CB 17 21.29 -35.80 -34.27
C THR CB 17 20.13 -36.42 -35.03
N THR CB 18 20.40 -36.93 -36.23
CA THR CB 18 19.37 -37.55 -37.05
C THR CB 18 18.86 -38.85 -36.42
N VAL CB 19 17.60 -39.16 -36.68
CA VAL CB 19 16.96 -40.36 -36.16
C VAL CB 19 16.56 -41.23 -37.33
N LYS CB 20 16.80 -42.54 -37.21
CA LYS CB 20 16.44 -43.48 -38.27
C LYS CB 20 14.93 -43.45 -38.50
N GLU CB 21 14.54 -43.60 -39.76
CA GLU CB 21 13.13 -43.53 -40.12
C GLU CB 21 12.50 -44.92 -40.07
N ARG CB 22 11.24 -44.97 -39.66
CA ARG CB 22 10.57 -46.23 -39.37
C ARG CB 22 9.84 -46.83 -40.55
N SER CB 23 9.50 -46.04 -41.57
CA SER CB 23 8.68 -46.52 -42.66
C SER CB 23 9.43 -47.58 -43.46
N ALA CB 24 8.68 -48.26 -44.35
CA ALA CB 24 9.30 -49.20 -45.28
C ALA CB 24 10.19 -48.49 -46.28
N ARG CB 25 10.05 -47.18 -46.44
CA ARG CB 25 11.04 -46.41 -47.15
C ARG CB 25 12.33 -46.36 -46.34
N GLY CB 26 13.41 -45.97 -46.99
CA GLY CB 26 14.70 -46.00 -46.35
C GLY CB 26 15.46 -47.28 -46.57
N ILE CB 27 14.88 -48.26 -47.23
CA ILE CB 27 15.58 -49.48 -47.61
C ILE CB 27 16.21 -49.26 -48.98
N ILE CB 28 17.53 -49.35 -49.04
CA ILE CB 28 18.28 -49.13 -50.27
C ILE CB 28 19.00 -50.42 -50.62
N ALA CB 29 18.80 -50.88 -51.86
CA ALA CB 29 19.48 -52.07 -52.36
C ALA CB 29 20.68 -51.65 -53.18
N MET CB 30 21.87 -52.04 -52.75
CA MET CB 30 23.10 -51.68 -53.43
C MET CB 30 23.83 -52.94 -53.89
N VAL CB 31 24.15 -52.99 -55.17
CA VAL CB 31 24.86 -54.11 -55.78
C VAL CB 31 26.26 -53.66 -56.11
N LEU CB 32 27.24 -54.44 -55.68
CA LEU CB 32 28.64 -54.11 -55.92
C LEU CB 32 29.42 -55.40 -56.11
N LYS CB 33 30.48 -55.34 -56.92
CA LYS CB 33 31.22 -56.53 -57.33
C LYS CB 33 32.50 -56.66 -56.50
N ASP CB 34 32.51 -57.63 -55.60
CA ASP CB 34 33.68 -57.97 -54.82
C ASP CB 34 33.83 -59.49 -54.78
N ALA CB 35 35.07 -59.96 -54.87
CA ALA CB 35 35.32 -61.40 -54.87
C ALA CB 35 35.29 -62.00 -53.46
N LYS CB 36 35.52 -61.18 -52.43
CA LYS CB 36 35.79 -61.72 -51.11
C LYS CB 36 34.54 -62.10 -50.35
N ALA CB 37 33.51 -61.24 -50.34
CA ALA CB 37 32.40 -61.43 -49.41
C ALA CB 37 31.51 -62.59 -49.84
N LEU CB 38 30.91 -62.50 -51.03
CA LEU CB 38 30.01 -63.51 -51.56
C LEU CB 38 28.88 -63.83 -50.58
N GLY CB 39 28.17 -62.79 -50.16
CA GLY CB 39 27.03 -62.97 -49.28
C GLY CB 39 26.21 -61.70 -49.17
N LEU CB 40 24.95 -61.89 -48.77
CA LEU CB 40 24.06 -60.76 -48.51
C LEU CB 40 24.28 -60.25 -47.09
N ASN CB 41 24.32 -58.91 -46.96
CA ASN CB 41 24.53 -58.28 -45.67
C ASN CB 41 23.50 -57.18 -45.46
N GLU CB 42 22.84 -57.21 -44.31
CA GLU CB 42 21.91 -56.16 -43.92
C GLU CB 42 22.59 -55.26 -42.90
N ILE CB 43 22.78 -54.00 -43.26
CA ILE CB 43 23.55 -53.06 -42.46
C ILE CB 43 22.58 -52.08 -41.82
N HIS CB 44 22.60 -52.01 -40.50
CA HIS CB 44 21.81 -51.03 -39.77
C HIS CB 44 22.64 -49.89 -39.22
N GLU CB 45 23.96 -50.04 -39.18
CA GLU CB 45 24.86 -48.99 -38.69
C GLU CB 45 26.26 -49.28 -39.20
N LYS CB 46 27.14 -48.30 -39.01
CA LYS CB 46 28.51 -48.42 -39.49
C LYS CB 46 29.27 -49.54 -38.79
N GLU CB 47 28.94 -49.82 -37.53
CA GLU CB 47 29.73 -50.77 -36.75
C GLU CB 47 29.68 -52.18 -37.33
N ASP CB 48 28.62 -52.52 -38.06
CA ASP CB 48 28.44 -53.88 -38.55
C ASP CB 48 28.82 -54.06 -40.01
N ILE CB 49 29.51 -53.09 -40.60
CA ILE CB 49 30.04 -53.31 -41.96
C ILE CB 49 31.03 -54.46 -41.92
N PRO CB 50 30.90 -55.46 -42.79
CA PRO CB 50 31.80 -56.62 -42.72
C PRO CB 50 33.25 -56.24 -42.96
N VAL CB 51 34.14 -56.97 -42.27
CA VAL CB 51 35.58 -56.75 -42.34
C VAL CB 51 36.12 -57.38 -43.62
N ASP CB 52 37.40 -57.13 -43.91
CA ASP CB 52 38.12 -57.66 -45.08
C ASP CB 52 37.37 -57.41 -46.37
N LEU CB 53 36.64 -56.30 -46.43
CA LEU CB 53 36.02 -55.80 -47.65
C LEU CB 53 36.81 -54.59 -48.13
N SER CB 54 37.02 -54.52 -49.45
CA SER CB 54 37.89 -53.48 -50.00
C SER CB 54 37.40 -52.09 -49.61
N ALA CB 55 38.34 -51.24 -49.18
CA ALA CB 55 37.97 -49.94 -48.61
C ALA CB 55 37.24 -49.07 -49.61
N GLU CB 56 37.50 -49.26 -50.91
CA GLU CB 56 36.76 -48.53 -51.94
C GLU CB 56 35.27 -48.81 -51.85
N ASN CB 57 34.90 -50.05 -51.51
CA ASN CB 57 33.50 -50.38 -51.30
C ASN CB 57 32.99 -49.90 -49.94
N LYS CB 58 33.85 -49.90 -48.92
CA LYS CB 58 33.44 -49.41 -47.61
C LYS CB 58 33.08 -47.93 -47.66
N GLU CB 59 33.79 -47.17 -48.49
CA GLU CB 59 33.47 -45.75 -48.61
C GLU CB 59 32.12 -45.55 -49.29
N TYR CB 60 31.76 -46.40 -50.25
CA TYR CB 60 30.42 -46.34 -50.82
C TYR CB 60 29.36 -46.67 -49.78
N ILE CB 61 29.63 -47.68 -48.95
CA ILE CB 61 28.70 -48.01 -47.87
C ILE CB 61 28.48 -46.80 -46.97
N ASN CB 62 29.58 -46.16 -46.58
CA ASN CB 62 29.49 -45.02 -45.66
C ASN CB 62 28.79 -43.84 -46.32
N LEU CB 63 28.99 -43.63 -47.61
CA LEU CB 63 28.23 -42.61 -48.33
C LEU CB 63 26.74 -42.89 -48.26
N ALA CB 64 26.35 -44.15 -48.49
CA ALA CB 64 24.92 -44.48 -48.48
C ALA CB 64 24.33 -44.36 -47.08
N LEU CB 65 25.12 -44.60 -46.03
CA LEU CB 65 24.58 -44.50 -44.68
C LEU CB 65 24.16 -43.10 -44.28
N MET CB 66 24.67 -42.07 -44.94
CA MET CB 66 24.29 -40.70 -44.61
C MET CB 66 22.96 -40.33 -45.27
N GLY CB 67 22.10 -39.65 -44.50
CA GLY CB 67 20.81 -39.22 -45.00
C GLY CB 67 20.65 -37.72 -44.83
N ASN CB 68 19.58 -37.22 -45.43
CA ASN CB 68 19.34 -35.77 -45.43
C ASN CB 68 18.83 -35.29 -44.07
N VAL CB 69 17.63 -35.72 -43.70
CA VAL CB 69 17.05 -35.37 -42.41
C VAL CB 69 16.95 -36.58 -41.49
N ASN CB 70 16.79 -37.77 -42.04
CA ASN CB 70 16.79 -39.02 -41.29
C ASN CB 70 17.80 -39.96 -41.94
N THR CB 71 18.35 -40.84 -41.13
CA THR CB 71 19.20 -41.88 -41.69
C THR CB 71 18.35 -42.96 -42.35
N PRO CB 72 18.87 -43.61 -43.39
CA PRO CB 72 18.11 -44.68 -44.04
C PRO CB 72 17.77 -45.81 -43.08
N ASN CB 73 16.58 -46.40 -43.28
CA ASN CB 73 16.10 -47.43 -42.38
C ASN CB 73 17.01 -48.65 -42.38
N LYS CB 74 17.41 -49.09 -43.58
CA LYS CB 74 18.18 -50.31 -43.72
C LYS CB 74 18.90 -50.27 -45.06
N LEU CB 75 19.92 -51.10 -45.19
CA LEU CB 75 20.67 -51.21 -46.43
C LEU CB 75 20.90 -52.69 -46.74
N LEU CB 76 20.66 -53.06 -48.00
CA LEU CB 76 20.86 -54.43 -48.46
C LEU CB 76 21.96 -54.42 -49.52
N VAL CB 77 23.14 -54.93 -49.16
CA VAL CB 77 24.26 -55.03 -50.09
C VAL CB 77 24.34 -56.46 -50.60
N TYR CB 78 24.32 -56.62 -51.91
CA TYR CB 78 24.43 -57.92 -52.56
C TYR CB 78 25.69 -57.93 -53.42
N VAL CB 79 26.68 -58.70 -53.01
CA VAL CB 79 27.98 -58.75 -53.67
C VAL CB 79 27.95 -59.80 -54.77
N ILE CB 80 28.65 -59.52 -55.87
CA ILE CB 80 28.63 -60.35 -57.06
C ILE CB 80 30.05 -60.52 -57.58
N GLU CB 81 30.35 -61.71 -58.08
CA GLU CB 81 31.65 -61.94 -58.69
C GLU CB 81 31.79 -61.15 -59.99
N GLY CB 82 33.02 -60.73 -60.28
CA GLY CB 82 33.25 -59.93 -61.46
C GLY CB 82 32.90 -60.66 -62.74
N GLU CB 83 33.13 -61.97 -62.77
CA GLU CB 83 32.79 -62.76 -63.96
C GLU CB 83 31.29 -63.04 -64.04
N ALA CB 84 30.61 -63.14 -62.90
CA ALA CB 84 29.20 -63.51 -62.88
C ALA CB 84 28.35 -62.40 -63.49
N ASP CB 85 27.24 -62.80 -64.10
CA ASP CB 85 26.30 -61.87 -64.68
C ASP CB 85 25.45 -61.20 -63.61
N ILE CB 86 24.98 -59.99 -63.92
CA ILE CB 86 24.11 -59.27 -62.99
C ILE CB 86 22.69 -59.83 -63.01
N GLN CB 87 22.33 -60.63 -64.02
CA GLN CB 87 20.98 -61.17 -64.09
C GLN CB 87 20.67 -62.03 -62.87
N THR CB 88 21.66 -62.76 -62.36
CA THR CB 88 21.44 -63.55 -61.15
C THR CB 88 21.13 -62.65 -59.97
N ALA CB 89 21.85 -61.54 -59.85
CA ALA CB 89 21.58 -60.59 -58.76
C ALA CB 89 20.18 -60.01 -58.87
N LEU CB 90 19.77 -59.64 -60.08
CA LEU CB 90 18.42 -59.10 -60.27
C LEU CB 90 17.35 -60.14 -59.97
N ASP CB 91 17.56 -61.39 -60.42
CA ASP CB 91 16.61 -62.45 -60.13
C ASP CB 91 16.49 -62.68 -58.63
N PHE CB 92 17.61 -62.63 -57.91
CA PHE CB 92 17.56 -62.76 -56.46
C PHE CB 92 16.81 -61.59 -55.83
N LEU CB 93 17.07 -60.37 -56.31
CA LEU CB 93 16.50 -59.19 -55.67
C LEU CB 93 15.02 -59.01 -55.97
N GLU CB 94 14.51 -59.69 -57.00
CA GLU CB 94 13.08 -59.57 -57.31
C GLU CB 94 12.21 -59.91 -56.09
N THR CB 95 12.58 -60.94 -55.34
CA THR CB 95 11.74 -61.38 -54.22
C THR CB 95 11.83 -60.44 -53.03
N LYS CB 96 13.02 -59.90 -52.76
CA LYS CB 96 13.17 -58.97 -51.65
C LYS CB 96 12.46 -57.66 -51.95
N GLU CB 97 12.22 -56.88 -50.89
CA GLU CB 97 11.52 -55.62 -50.99
C GLU CB 97 12.48 -54.46 -50.71
N PHE CB 98 12.32 -53.37 -51.45
CA PHE CB 98 13.18 -52.20 -51.33
C PHE CB 98 12.51 -51.06 -52.08
N ASN CB 99 13.15 -49.89 -52.04
CA ASN CB 99 12.68 -48.72 -52.75
C ASN CB 99 13.61 -48.29 -53.88
N TYR CB 100 14.89 -48.09 -53.59
CA TYR CB 100 15.85 -47.58 -54.56
C TYR CB 100 16.99 -48.58 -54.72
N LEU CB 101 17.46 -48.71 -55.96
CA LEU CB 101 18.55 -49.61 -56.29
C LEU CB 101 19.65 -48.82 -56.99
N CYS CB 102 20.87 -48.95 -56.49
CA CYS CB 102 22.02 -48.25 -57.07
C CYS CB 102 23.20 -49.21 -57.19
N MET CB 103 24.00 -48.99 -58.24
CA MET CB 103 25.18 -49.80 -58.53
C MET CB 103 26.35 -48.88 -58.83
N PRO CB 104 27.29 -48.70 -57.89
CA PRO CB 104 28.37 -47.73 -58.10
C PRO CB 104 29.24 -48.01 -59.31
N LYS CB 105 29.43 -49.27 -59.67
CA LYS CB 105 30.19 -49.64 -60.86
C LYS CB 105 29.26 -50.31 -61.86
N ALA CB 106 29.22 -49.79 -63.08
CA ALA CB 106 28.27 -50.27 -64.07
C ALA CB 106 28.74 -49.89 -65.46
N VAL CB 107 28.80 -50.89 -66.36
CA VAL CB 107 29.05 -50.65 -67.77
C VAL CB 107 27.74 -50.28 -68.44
N GLU CB 108 27.81 -49.87 -69.71
CA GLU CB 108 26.60 -49.50 -70.44
C GLU CB 108 25.62 -50.66 -70.51
N ALA CB 109 26.11 -51.87 -70.77
CA ALA CB 109 25.22 -53.03 -70.85
C ALA CB 109 24.57 -53.32 -69.51
N ASP CB 110 25.32 -53.16 -68.42
CA ASP CB 110 24.76 -53.35 -67.09
C ASP CB 110 23.63 -52.36 -66.81
N LYS CB 111 23.84 -51.09 -67.16
CA LYS CB 111 22.80 -50.09 -66.98
C LYS CB 111 21.58 -50.40 -67.84
N THR CB 112 21.80 -50.86 -69.06
CA THR CB 112 20.67 -51.23 -69.92
C THR CB 112 19.87 -52.38 -69.31
N ALA CB 113 20.57 -53.38 -68.77
CA ALA CB 113 19.87 -54.49 -68.13
C ALA CB 113 19.07 -54.03 -66.93
N ILE CB 114 19.65 -53.15 -66.10
CA ILE CB 114 18.93 -52.66 -64.94
C ILE CB 114 17.69 -51.87 -65.38
N LYS CB 115 17.84 -51.02 -66.40
CA LYS CB 115 16.71 -50.24 -66.87
C LYS CB 115 15.58 -51.15 -67.36
N ASN CB 116 15.92 -52.14 -68.19
CA ASN CB 116 14.89 -53.04 -68.71
C ASN CB 116 14.21 -53.81 -67.58
N TRP CB 117 14.99 -54.27 -66.61
CA TRP CB 117 14.43 -54.99 -65.47
C TRP CB 117 13.47 -54.12 -64.68
N ILE CB 118 13.84 -52.87 -64.42
CA ILE CB 118 12.97 -51.96 -63.69
C ILE CB 118 11.67 -51.72 -64.45
N ILE CB 119 11.78 -51.47 -65.76
CA ILE CB 119 10.59 -51.22 -66.56
C ILE CB 119 9.64 -52.40 -66.50
N LYS CB 120 10.17 -53.61 -66.74
CA LYS CB 120 9.32 -54.79 -66.74
C LYS CB 120 8.69 -55.02 -65.37
N LEU CB 121 9.50 -55.01 -64.31
CA LEU CB 121 8.98 -55.27 -62.98
C LEU CB 121 7.95 -54.23 -62.56
N ARG CB 122 8.05 -53.02 -63.09
CA ARG CB 122 7.13 -51.97 -62.68
C ARG CB 122 5.79 -52.06 -63.42
N ASP CB 123 5.83 -52.05 -64.75
CA ASP CB 123 4.57 -51.88 -65.47
C ASP CB 123 3.83 -53.18 -65.74
N ILE CB 124 4.52 -54.33 -65.76
CA ILE CB 124 3.87 -55.60 -66.03
C ILE CB 124 3.57 -56.37 -64.75
N ASP CB 125 4.57 -56.56 -63.90
CA ASP CB 125 4.38 -57.29 -62.67
C ASP CB 125 3.80 -56.45 -61.55
N LYS CB 126 3.59 -55.15 -61.78
CA LYS CB 126 2.98 -54.25 -60.82
C LYS CB 126 3.72 -54.27 -59.48
N VAL CB 127 5.05 -54.18 -59.57
CA VAL CB 127 5.92 -54.08 -58.40
C VAL CB 127 6.60 -52.72 -58.45
N LYS CB 128 6.43 -51.93 -57.40
CA LYS CB 128 6.87 -50.54 -57.40
C LYS CB 128 8.32 -50.46 -56.92
N VAL CB 129 9.24 -50.30 -57.87
CA VAL CB 129 10.67 -50.19 -57.57
C VAL CB 129 11.27 -49.10 -58.45
N LYS CB 130 12.32 -48.46 -57.95
CA LYS CB 130 12.99 -47.38 -58.64
C LYS CB 130 14.49 -47.58 -58.61
N ALA CB 131 15.18 -46.94 -59.56
CA ALA CB 131 16.63 -47.06 -59.67
C ALA CB 131 17.24 -45.70 -59.95
N VAL CB 132 18.39 -45.43 -59.34
CA VAL CB 132 19.16 -44.22 -59.56
C VAL CB 132 20.36 -44.59 -60.41
N LEU CB 133 20.42 -44.04 -61.63
CA LEU CB 133 21.46 -44.40 -62.59
C LEU CB 133 22.13 -43.13 -63.11
N GLY CB 134 23.35 -43.30 -63.62
CA GLY CB 134 24.14 -42.20 -64.13
C GLY CB 134 24.16 -42.19 -65.65
N LYS CB 135 23.78 -41.04 -66.21
CA LYS CB 135 23.86 -40.80 -67.66
C LYS CB 135 23.04 -41.81 -68.46
N VAL CB 136 21.86 -42.15 -67.97
CA VAL CB 136 20.96 -43.08 -68.66
C VAL CB 136 19.67 -42.34 -68.98
N VAL CB 137 19.29 -42.35 -70.26
CA VAL CB 137 18.04 -41.72 -70.71
C VAL CB 137 16.96 -42.79 -70.64
N GLY CB 138 16.16 -42.74 -69.58
CA GLY CB 138 15.16 -43.76 -69.34
C GLY CB 138 13.76 -43.42 -69.83
N ASN CB 139 13.40 -42.14 -69.77
CA ASN CB 139 12.07 -41.68 -70.14
C ASN CB 139 10.99 -42.42 -69.37
N HIS CB 140 11.22 -42.62 -68.07
CA HIS CB 140 10.29 -43.36 -67.24
C HIS CB 140 10.30 -42.78 -65.82
N GLU CB 141 9.22 -43.03 -65.09
CA GLU CB 141 9.11 -42.52 -63.73
C GLU CB 141 9.99 -43.31 -62.76
N GLY CB 142 10.28 -44.56 -63.06
CA GLY CB 142 11.08 -45.38 -62.18
C GLY CB 142 12.58 -45.21 -62.29
N ILE CB 143 13.05 -44.30 -63.15
CA ILE CB 143 14.46 -44.10 -63.39
C ILE CB 143 14.83 -42.68 -63.00
N ILE CB 144 15.88 -42.54 -62.18
CA ILE CB 144 16.45 -41.25 -61.82
C ILE CB 144 17.79 -41.12 -62.52
N ASN CB 145 17.97 -40.02 -63.25
CA ASN CB 145 19.15 -39.79 -64.06
C ASN CB 145 19.99 -38.69 -63.41
N PHE CB 146 21.11 -39.08 -62.82
CA PHE CB 146 22.02 -38.15 -62.15
C PHE CB 146 23.24 -37.95 -63.04
N THR CB 147 23.37 -36.75 -63.61
CA THR CB 147 24.44 -36.43 -64.57
C THR CB 147 25.26 -35.26 -64.04
N THR CB 148 26.29 -35.56 -63.26
CA THR CB 148 27.25 -34.57 -62.81
C THR CB 148 28.61 -35.25 -62.73
N GLU CB 149 29.58 -34.76 -63.50
CA GLU CB 149 30.79 -35.53 -63.78
C GLU CB 149 31.64 -35.71 -62.53
N ASP CB 150 32.16 -34.62 -61.98
CA ASP CB 150 33.17 -34.70 -60.92
C ASP CB 150 32.63 -34.06 -59.65
N VAL CB 151 32.75 -34.78 -58.53
CA VAL CB 151 32.32 -34.29 -57.24
C VAL CB 151 33.47 -34.46 -56.26
N LEU CB 152 33.96 -33.36 -55.72
CA LEU CB 152 35.13 -33.36 -54.84
C LEU CB 152 34.64 -33.41 -53.40
N VAL CB 153 34.84 -34.55 -52.74
CA VAL CB 153 34.46 -34.76 -51.35
C VAL CB 153 35.74 -34.96 -50.56
N GLY CB 154 35.96 -34.11 -49.56
CA GLY CB 154 37.20 -34.16 -48.82
C GLY CB 154 38.39 -33.80 -49.71
N GLU CB 155 39.16 -34.81 -50.09
CA GLU CB 155 40.30 -34.61 -50.98
C GLU CB 155 40.26 -35.51 -52.21
N LYS CB 156 39.24 -36.34 -52.36
CA LYS CB 156 39.17 -37.29 -53.47
C LYS CB 156 37.96 -37.00 -54.34
N LYS CB 157 38.05 -37.38 -55.60
CA LYS CB 157 37.02 -37.10 -56.59
C LYS CB 157 36.23 -38.37 -56.90
N TYR CB 158 34.91 -38.29 -56.79
CA TYR CB 158 34.02 -39.36 -57.17
C TYR CB 158 33.47 -39.12 -58.57
N SER CB 159 33.23 -40.20 -59.30
CA SER CB 159 32.69 -40.09 -60.65
C SER CB 159 31.17 -40.02 -60.62
N VAL CB 160 30.56 -39.95 -61.80
CA VAL CB 160 29.12 -39.83 -61.90
C VAL CB 160 28.42 -41.08 -61.36
N ASP CB 161 29.07 -42.24 -61.43
CA ASP CB 161 28.45 -43.49 -61.00
C ASP CB 161 28.71 -43.79 -59.54
N GLU CB 162 29.83 -43.34 -59.00
CA GLU CB 162 30.12 -43.60 -57.59
C GLU CB 162 29.29 -42.76 -56.64
N PHE CB 163 28.71 -41.66 -57.12
CA PHE CB 163 27.92 -40.77 -56.27
C PHE CB 163 26.45 -41.13 -56.25
N THR CB 164 25.99 -42.08 -57.08
CA THR CB 164 24.60 -42.49 -57.03
C THR CB 164 24.23 -43.09 -55.68
N SER CB 165 25.20 -43.66 -54.98
CA SER CB 165 24.96 -44.12 -53.62
C SER CB 165 24.57 -42.97 -52.70
N ARG CB 166 25.30 -41.86 -52.81
CA ARG CB 166 24.97 -40.68 -52.01
C ARG CB 166 23.59 -40.15 -52.36
N VAL CB 167 23.26 -40.12 -53.65
CA VAL CB 167 21.97 -39.60 -54.07
C VAL CB 167 20.83 -40.49 -53.57
N ALA CB 168 21.02 -41.82 -53.65
CA ALA CB 168 20.01 -42.74 -53.15
C ALA CB 168 19.82 -42.56 -51.65
N GLY CB 169 20.91 -42.43 -50.90
CA GLY CB 169 20.78 -42.16 -49.48
C GLY CB 169 20.07 -40.84 -49.20
N LEU CB 170 20.36 -39.82 -50.00
CA LEU CB 170 19.70 -38.52 -49.85
C LEU CB 170 18.20 -38.65 -50.04
N ILE CB 171 17.78 -39.30 -51.13
CA ILE CB 171 16.35 -39.40 -51.42
C ILE CB 171 15.66 -40.27 -50.38
N ALA CB 172 16.32 -41.32 -49.90
CA ALA CB 172 15.69 -42.23 -48.96
C ALA CB 172 15.51 -41.59 -47.58
N GLY CB 173 16.38 -40.66 -47.21
CA GLY CB 173 16.35 -40.04 -45.90
C GLY CB 173 15.55 -38.75 -45.79
N THR CB 174 14.82 -38.37 -46.83
CA THR CB 174 13.99 -37.16 -46.80
C THR CB 174 12.57 -37.51 -46.39
N PRO CB 175 11.98 -36.79 -45.44
CA PRO CB 175 10.57 -37.03 -45.10
C PRO CB 175 9.67 -36.70 -46.29
N LEU CB 176 8.57 -37.44 -46.40
CA LEU CB 176 7.69 -37.29 -47.56
C LEU CB 176 6.93 -35.97 -47.54
N SER CB 177 6.89 -35.27 -46.42
CA SER CB 177 6.26 -33.96 -46.40
C SER CB 177 7.10 -32.90 -47.09
N GLN CB 178 8.38 -33.19 -47.35
CA GLN CB 178 9.27 -32.28 -48.02
C GLN CB 178 9.48 -32.71 -49.46
N SER CB 179 10.35 -31.99 -50.16
CA SER CB 179 10.84 -32.39 -51.46
C SER CB 179 12.35 -32.23 -51.47
N VAL CB 180 12.99 -32.96 -52.39
CA VAL CB 180 14.45 -32.97 -52.45
C VAL CB 180 15.02 -31.74 -53.14
N THR CB 181 14.17 -30.88 -53.70
CA THR CB 181 14.63 -29.68 -54.38
C THR CB 181 15.39 -28.77 -53.43
N TYR CB 182 16.53 -28.26 -53.90
CA TYR CB 182 17.32 -27.26 -53.16
C TYR CB 182 17.88 -27.80 -51.84
N THR CB 183 18.08 -29.11 -51.76
CA THR CB 183 18.75 -29.69 -50.60
C THR CB 183 20.25 -29.55 -50.76
N LYS CB 184 20.90 -28.95 -49.76
CA LYS CB 184 22.33 -28.63 -49.85
C LYS CB 184 23.16 -29.73 -49.22
N LEU CB 185 24.32 -30.00 -49.82
CA LEU CB 185 25.24 -31.04 -49.37
C LEU CB 185 26.46 -30.36 -48.74
N SER CB 186 26.71 -30.66 -47.46
CA SER CB 186 27.87 -30.09 -46.79
C SER CB 186 29.17 -30.77 -47.21
N ASP CB 187 29.09 -32.05 -47.60
CA ASP CB 187 30.30 -32.79 -47.94
C ASP CB 187 30.99 -32.22 -49.17
N VAL CB 188 30.22 -31.86 -50.20
CA VAL CB 188 30.80 -31.46 -51.46
C VAL CB 188 31.53 -30.13 -51.30
N VAL CB 189 32.77 -30.07 -51.77
CA VAL CB 189 33.57 -28.85 -51.68
C VAL CB 189 33.37 -27.98 -52.90
N ASP CB 190 33.43 -28.55 -54.10
CA ASP CB 190 33.19 -27.78 -55.31
C ASP CB 190 32.88 -28.73 -56.46
N ILE CB 191 32.35 -28.14 -57.53
CA ILE CB 191 31.94 -28.89 -58.72
C ILE CB 191 32.40 -28.12 -59.95
N PRO CB 192 32.48 -28.80 -61.10
CA PRO CB 192 32.84 -28.10 -62.33
C PRO CB 192 31.90 -26.94 -62.61
N LYS CB 193 32.48 -25.81 -63.02
CA LYS CB 193 31.68 -24.62 -63.26
C LYS CB 193 30.76 -24.84 -64.45
N MET CB 194 29.56 -24.28 -64.36
CA MET CB 194 28.55 -24.48 -65.37
C MET CB 194 27.57 -23.30 -65.31
N THR CB 195 27.06 -22.91 -66.47
CA THR CB 195 26.24 -21.72 -66.57
C THR CB 195 24.79 -22.00 -66.17
N LYS CB 196 24.00 -20.93 -66.10
CA LYS CB 196 22.60 -21.07 -65.74
C LYS CB 196 21.76 -21.59 -66.92
N VAL CB 197 22.05 -21.12 -68.14
CA VAL CB 197 21.29 -21.58 -69.30
C VAL CB 197 21.51 -23.07 -69.53
N ASP CB 198 22.76 -23.52 -69.39
CA ASP CB 198 23.04 -24.95 -69.50
C ASP CB 198 22.29 -25.74 -68.44
N ALA CB 199 22.24 -25.22 -67.21
CA ALA CB 199 21.52 -25.91 -66.15
C ALA CB 199 20.04 -26.02 -66.46
N GLU CB 200 19.44 -24.93 -66.98
CA GLU CB 200 18.03 -24.98 -67.34
C GLU CB 200 17.77 -25.99 -68.44
N SER CB 201 18.65 -26.02 -69.45
CA SER CB 201 18.48 -26.98 -70.54
C SER CB 201 18.61 -28.42 -70.03
N ARG CB 202 19.58 -28.67 -69.14
CA ARG CB 202 19.76 -30.00 -68.59
C ARG CB 202 18.56 -30.42 -67.76
N VAL CB 203 18.01 -29.50 -66.96
CA VAL CB 203 16.84 -29.82 -66.16
C VAL CB 203 15.65 -30.12 -67.05
N ASN CB 204 15.49 -29.36 -68.14
CA ASN CB 204 14.40 -29.61 -69.07
C ASN CB 204 14.49 -31.01 -69.67
N LYS CB 205 15.70 -31.53 -69.82
CA LYS CB 205 15.88 -32.88 -70.36
C LYS CB 205 15.49 -33.96 -69.36
N GLY CB 206 15.27 -33.61 -68.09
CA GLY CB 206 14.89 -34.58 -67.09
C GLY CB 206 16.03 -35.14 -66.28
N GLU CB 207 17.14 -34.42 -66.13
CA GLU CB 207 18.29 -34.90 -65.39
C GLU CB 207 18.31 -34.28 -63.99
N LEU CB 208 18.84 -35.06 -63.04
CA LEU CB 208 19.05 -34.62 -61.68
C LEU CB 208 20.48 -34.13 -61.54
N ILE CB 209 20.67 -32.85 -61.29
CA ILE CB 209 21.99 -32.22 -61.34
C ILE CB 209 22.26 -31.51 -60.01
N LEU CB 210 23.52 -31.15 -59.83
CA LEU CB 210 23.97 -30.33 -58.71
C LEU CB 210 24.36 -28.95 -59.22
N ILE CB 211 24.00 -27.92 -58.47
CA ILE CB 211 24.33 -26.54 -58.83
C ILE CB 211 24.88 -25.82 -57.61
N LYS CB 212 25.53 -24.69 -57.86
CA LYS CB 212 26.03 -23.80 -56.82
C LYS CB 212 25.13 -22.58 -56.79
N GLU CB 213 24.30 -22.48 -55.75
CA GLU CB 213 23.30 -21.42 -55.69
C GLU CB 213 23.07 -21.00 -54.26
N ALA CB 214 22.95 -19.68 -54.05
CA ALA CB 214 22.69 -19.09 -52.74
C ALA CB 214 23.76 -19.47 -51.72
N GLY CB 215 25.01 -19.44 -52.15
CA GLY CB 215 26.13 -19.68 -51.25
C GLY CB 215 26.22 -21.09 -50.71
N ALA CB 216 25.85 -22.09 -51.51
CA ALA CB 216 25.97 -23.49 -51.11
C ALA CB 216 25.81 -24.36 -52.36
N ILE CB 217 26.27 -25.59 -52.25
CA ILE CB 217 26.10 -26.59 -53.30
C ILE CB 217 24.86 -27.40 -52.97
N ARG CB 218 23.94 -27.47 -53.93
CA ARG CB 218 22.65 -28.12 -53.72
C ARG CB 218 22.14 -28.63 -55.05
N ILE CB 219 21.14 -29.50 -54.99
CA ILE CB 219 20.58 -30.02 -56.23
C ILE CB 219 19.54 -29.04 -56.78
N ALA CB 220 19.30 -29.11 -58.08
CA ALA CB 220 18.49 -28.10 -58.75
C ALA CB 220 17.00 -28.35 -58.55
N ARG CB 221 16.51 -29.51 -58.99
CA ARG CB 221 15.09 -29.81 -58.90
C ARG CB 221 14.89 -31.31 -58.82
N GLY CB 222 13.89 -31.73 -58.06
CA GLY CB 222 13.59 -33.13 -57.89
C GLY CB 222 12.72 -33.72 -58.98
N VAL CB 223 13.30 -33.99 -60.14
CA VAL CB 223 12.58 -34.53 -61.28
C VAL CB 223 13.17 -35.90 -61.63
N ASN CB 224 12.33 -36.78 -62.14
CA ASN CB 224 12.78 -38.06 -62.66
C ASN CB 224 12.96 -37.96 -64.17
N SER CB 225 13.15 -39.11 -64.81
CA SER CB 225 13.57 -39.13 -66.22
C SER CB 225 12.43 -38.91 -67.20
N LEU CB 226 11.17 -39.06 -66.77
CA LEU CB 226 10.06 -39.00 -67.71
C LEU CB 226 9.96 -37.62 -68.36
N THR CB 227 9.87 -37.60 -69.68
CA THR CB 227 9.80 -36.35 -70.42
C THR CB 227 8.64 -36.33 -71.40
N GLU CB 228 8.27 -37.49 -71.93
CA GLU CB 228 7.18 -37.60 -72.89
C GLU CB 228 5.87 -37.77 -72.11
N LEU CB 229 4.99 -36.80 -72.21
CA LEU CB 229 3.72 -36.81 -71.48
C LEU CB 229 2.59 -37.17 -72.41
N THR CB 230 1.75 -38.11 -71.99
CA THR CB 230 0.57 -38.51 -72.73
C THR CB 230 -0.67 -37.99 -72.02
N ALA CB 231 -1.84 -38.35 -72.57
CA ALA CB 231 -3.08 -37.97 -71.92
C ALA CB 231 -3.27 -38.68 -70.59
N GLU CB 232 -2.76 -39.91 -70.47
CA GLU CB 232 -2.90 -40.66 -69.23
C GLU CB 232 -1.94 -40.15 -68.17
N LYS CB 233 -0.71 -39.82 -68.55
CA LYS CB 233 0.33 -39.38 -67.61
C LYS CB 233 0.50 -37.87 -67.72
N GLY CB 234 0.05 -37.15 -66.71
CA GLY CB 234 0.20 -35.71 -66.67
C GLY CB 234 1.58 -35.29 -66.22
N GLU CB 235 1.74 -33.98 -66.06
CA GLU CB 235 3.01 -33.44 -65.62
C GLU CB 235 3.31 -33.78 -64.16
N MET CB 236 2.29 -34.17 -63.38
CA MET CB 236 2.52 -34.50 -61.98
C MET CB 236 3.36 -35.76 -61.81
N PHE CB 237 3.48 -36.58 -62.84
CA PHE CB 237 4.30 -37.79 -62.77
C PHE CB 237 5.78 -37.52 -62.98
N GLN CB 238 6.17 -36.27 -63.21
CA GLN CB 238 7.57 -35.91 -63.36
C GLN CB 238 8.26 -35.60 -62.05
N LYS CB 239 7.52 -35.54 -60.95
CA LYS CB 239 8.07 -35.18 -59.65
C LYS CB 239 8.35 -36.45 -58.83
N ILE CB 240 9.48 -36.44 -58.11
CA ILE CB 240 9.84 -37.58 -57.29
C ILE CB 240 8.86 -37.74 -56.13
N LYS CB 241 8.46 -36.62 -55.52
CA LYS CB 241 7.61 -36.67 -54.34
C LYS CB 241 6.26 -37.31 -54.64
N ILE CB 242 5.65 -36.95 -55.78
CA ILE CB 242 4.35 -37.49 -56.14
C ILE CB 242 4.43 -39.00 -56.33
N VAL CB 243 5.45 -39.46 -57.04
CA VAL CB 243 5.60 -40.89 -57.30
C VAL CB 243 5.86 -41.64 -56.00
N ASP CB 244 6.66 -41.06 -55.11
CA ASP CB 244 6.90 -41.70 -53.82
C ASP CB 244 5.61 -41.82 -53.00
N THR CB 245 4.80 -40.77 -52.99
CA THR CB 245 3.54 -40.83 -52.25
C THR CB 245 2.61 -41.91 -52.83
N LEU CB 246 2.51 -41.97 -54.16
CA LEU CB 246 1.67 -42.98 -54.78
C LEU CB 246 2.16 -44.39 -54.44
N ASP CB 247 3.48 -44.60 -54.47
CA ASP CB 247 4.03 -45.91 -54.19
C ASP CB 247 3.78 -46.31 -52.74
N ILE CB 248 3.93 -45.39 -51.79
CA ILE CB 248 3.69 -45.75 -50.40
C ILE CB 248 2.22 -46.05 -50.17
N ILE CB 249 1.32 -45.33 -50.85
CA ILE CB 249 -0.11 -45.62 -50.72
C ILE CB 249 -0.41 -47.02 -51.24
N HIS CB 250 0.11 -47.34 -52.43
CA HIS CB 250 -0.08 -48.67 -52.99
C HIS CB 250 0.40 -49.74 -52.03
N SER CB 251 1.63 -49.60 -51.52
CA SER CB 251 2.20 -50.61 -50.64
C SER CB 251 1.38 -50.79 -49.37
N ASP CB 252 0.96 -49.68 -48.74
CA ASP CB 252 0.27 -49.79 -47.47
C ASP CB 252 -1.12 -50.41 -47.63
N ILE CB 253 -1.87 -49.98 -48.63
CA ILE CB 253 -3.20 -50.56 -48.82
C ILE CB 253 -3.09 -52.03 -49.14
N ARG CB 254 -2.12 -52.41 -49.96
CA ARG CB 254 -1.90 -53.82 -50.27
C ARG CB 254 -1.58 -54.61 -49.01
N LYS CB 255 -0.73 -54.04 -48.14
CA LYS CB 255 -0.38 -54.73 -46.89
C LYS CB 255 -1.61 -54.98 -46.03
N VAL CB 256 -2.45 -53.94 -45.86
CA VAL CB 256 -3.66 -54.10 -45.05
C VAL CB 256 -4.54 -55.19 -45.61
N ILE CB 257 -4.83 -55.13 -46.92
CA ILE CB 257 -5.74 -56.08 -47.54
C ILE CB 257 -5.21 -57.50 -47.40
N ILE CB 258 -3.93 -57.71 -47.70
CA ILE CB 258 -3.37 -59.05 -47.66
C ILE CB 258 -3.34 -59.59 -46.23
N ASP CB 259 -3.04 -58.72 -45.26
CA ASP CB 259 -2.88 -59.19 -43.90
C ASP CB 259 -4.22 -59.57 -43.27
N ASP CB 260 -5.28 -58.80 -43.53
CA ASP CB 260 -6.49 -58.95 -42.72
C ASP CB 260 -7.70 -59.56 -43.43
N TYR CB 261 -7.68 -59.68 -44.77
CA TYR CB 261 -8.93 -60.01 -45.46
C TYR CB 261 -8.85 -61.13 -46.48
N ILE CB 262 -7.69 -61.42 -47.06
CA ILE CB 262 -7.62 -62.39 -48.15
C ILE CB 262 -7.73 -63.79 -47.56
N GLY CB 263 -8.81 -64.50 -47.90
CA GLY CB 263 -8.99 -65.87 -47.50
C GLY CB 263 -9.43 -66.08 -46.07
N LYS CB 264 -9.63 -65.00 -45.30
CA LYS CB 264 -10.05 -65.12 -43.92
C LYS CB 264 -11.50 -64.73 -43.68
N VAL CB 265 -12.13 -64.08 -44.63
CA VAL CB 265 -13.48 -63.54 -44.48
C VAL CB 265 -14.33 -64.01 -45.64
N THR CB 266 -15.59 -64.35 -45.36
CA THR CB 266 -16.52 -64.68 -46.43
C THR CB 266 -16.95 -63.42 -47.17
N ASN CB 267 -17.39 -63.61 -48.41
CA ASN CB 267 -17.70 -62.50 -49.31
C ASN CB 267 -19.17 -62.13 -49.17
N SER CB 268 -19.47 -61.13 -48.36
CA SER CB 268 -20.81 -60.59 -48.22
C SER CB 268 -20.74 -59.08 -48.24
N TYR CB 269 -21.90 -58.44 -48.28
CA TYR CB 269 -21.94 -56.98 -48.35
C TYR CB 269 -21.41 -56.35 -47.06
N ASP CB 270 -21.73 -56.95 -45.91
CA ASP CB 270 -21.33 -56.39 -44.63
C ASP CB 270 -19.81 -56.35 -44.48
N ASN CB 271 -19.14 -57.42 -44.91
CA ASN CB 271 -17.69 -57.43 -44.85
C ASN CB 271 -17.08 -56.43 -45.83
N LYS CB 272 -17.75 -56.18 -46.96
CA LYS CB 272 -17.31 -55.12 -47.85
C LYS CB 272 -17.38 -53.77 -47.17
N CYS CB 273 -18.45 -53.53 -46.40
CA CYS CB 273 -18.53 -52.28 -45.64
C CYS CB 273 -17.41 -52.20 -44.61
N LEU CB 274 -17.08 -53.31 -43.97
CA LEU CB 274 -15.97 -53.31 -43.02
C LEU CB 274 -14.65 -52.95 -43.69
N LEU CB 275 -14.38 -53.54 -44.87
CA LEU CB 275 -13.16 -53.23 -45.60
C LEU CB 275 -13.13 -51.76 -46.02
N ILE CB 276 -14.26 -51.23 -46.46
CA ILE CB 276 -14.32 -49.81 -46.83
C ILE CB 276 -13.99 -48.93 -45.64
N VAL CB 277 -14.53 -49.26 -44.46
CA VAL CB 277 -14.24 -48.46 -43.27
C VAL CB 277 -12.75 -48.48 -42.95
N ALA CB 278 -12.12 -49.66 -43.05
CA ALA CB 278 -10.69 -49.74 -42.76
C ALA CB 278 -9.86 -48.90 -43.73
N ILE CB 279 -10.16 -49.00 -45.02
CA ILE CB 279 -9.40 -48.24 -46.01
C ILE CB 279 -9.58 -46.74 -45.80
N LYS CB 280 -10.82 -46.32 -45.49
CA LYS CB 280 -11.07 -44.91 -45.23
C LYS CB 280 -10.31 -44.44 -44.00
N SER CB 281 -10.19 -45.29 -42.98
CA SER CB 281 -9.43 -44.93 -41.80
C SER CB 281 -7.97 -44.68 -42.15
N TYR CB 282 -7.39 -45.55 -42.98
CA TYR CB 282 -6.00 -45.33 -43.41
C TYR CB 282 -5.87 -44.02 -44.18
N LEU CB 283 -6.83 -43.72 -45.06
CA LEU CB 283 -6.76 -42.49 -45.82
C LEU CB 283 -6.84 -41.27 -44.92
N GLU CB 284 -7.67 -41.32 -43.87
CA GLU CB 284 -7.72 -40.22 -42.91
C GLU CB 284 -6.39 -40.07 -42.17
N GLU CB 285 -5.76 -41.19 -41.84
CA GLU CB 285 -4.43 -41.14 -41.24
C GLU CB 285 -3.46 -40.37 -42.14
N LEU CB 286 -3.50 -40.66 -43.45
CA LEU CB 286 -2.67 -39.90 -44.38
C LEU CB 286 -3.07 -38.44 -44.44
N GLU CB 287 -4.38 -38.16 -44.33
CA GLU CB 287 -4.87 -36.79 -44.41
C GLU CB 287 -4.37 -35.93 -43.26
N LYS CB 288 -4.27 -36.49 -42.05
CA LYS CB 288 -3.83 -35.70 -40.91
C LYS CB 288 -2.40 -35.19 -41.12
N SER CB 289 -1.53 -36.03 -41.66
CA SER CB 289 -0.24 -35.55 -42.12
C SER CB 289 -0.43 -34.67 -43.36
N ALA CB 290 0.65 -34.06 -43.81
CA ALA CB 290 0.56 -33.11 -44.91
C ALA CB 290 0.64 -33.77 -46.28
N LEU CB 291 0.30 -35.05 -46.40
CA LEU CB 291 0.58 -35.78 -47.62
C LEU CB 291 -0.51 -35.60 -48.68
N ILE CB 292 -1.79 -35.65 -48.28
CA ILE CB 292 -2.89 -35.54 -49.23
C ILE CB 292 -3.91 -34.55 -48.71
N GLU CB 293 -4.91 -34.27 -49.54
CA GLU CB 293 -5.94 -33.28 -49.25
C GLU CB 293 -6.96 -33.84 -48.25
N SER CB 294 -7.83 -32.93 -47.77
CA SER CB 294 -8.66 -33.22 -46.61
C SER CB 294 -9.83 -34.14 -46.90
N ASP CB 295 -10.48 -33.99 -48.05
CA ASP CB 295 -11.68 -34.74 -48.36
C ASP CB 295 -11.36 -35.89 -49.31
N SER CB 296 -11.61 -37.11 -48.86
CA SER CB 296 -11.41 -38.30 -49.67
C SER CB 296 -12.62 -39.22 -49.48
N THR CB 297 -12.87 -40.05 -50.48
CA THR CB 297 -14.00 -40.95 -50.45
C THR CB 297 -13.58 -42.35 -50.87
N VAL CB 298 -14.17 -43.36 -50.23
CA VAL CB 298 -14.08 -44.74 -50.66
C VAL CB 298 -15.51 -45.25 -50.84
N GLU CB 299 -15.77 -45.89 -51.97
CA GLU CB 299 -17.14 -46.20 -52.34
C GLU CB 299 -17.17 -47.52 -53.12
N ILE CB 300 -18.35 -48.13 -53.15
CA ILE CB 300 -18.56 -49.32 -53.97
C ILE CB 300 -18.61 -48.90 -55.43
N ASP CB 301 -17.92 -49.67 -56.28
CA ASP CB 301 -17.93 -49.41 -57.72
C ASP CB 301 -19.16 -50.05 -58.34
N PHE CB 302 -20.12 -49.20 -58.74
CA PHE CB 302 -21.39 -49.72 -59.24
C PHE CB 302 -21.26 -50.27 -60.65
N GLU CB 303 -20.55 -49.56 -61.54
CA GLU CB 303 -20.47 -49.98 -62.93
C GLU CB 303 -19.70 -51.27 -63.10
N ALA CB 304 -18.62 -51.45 -62.34
CA ALA CB 304 -17.84 -52.68 -62.42
C ALA CB 304 -18.68 -53.88 -61.99
N GLN CB 305 -19.45 -53.73 -60.91
CA GLN CB 305 -20.35 -54.80 -60.48
C GLN CB 305 -21.40 -55.08 -61.53
N LYS CB 306 -21.96 -54.03 -62.15
CA LYS CB 306 -22.93 -54.22 -63.21
C LYS CB 306 -22.34 -55.01 -64.37
N SER CB 307 -21.12 -54.66 -64.79
CA SER CB 307 -20.47 -55.37 -65.89
C SER CB 307 -20.20 -56.83 -65.54
N TYR CB 308 -19.75 -57.08 -64.32
CA TYR CB 308 -19.51 -58.47 -63.92
C TYR CB 308 -20.80 -59.28 -63.91
N LEU CB 309 -21.89 -58.69 -63.41
CA LEU CB 309 -23.17 -59.38 -63.41
C LEU CB 309 -23.66 -59.64 -64.83
N LYS CB 310 -23.49 -58.67 -65.73
CA LYS CB 310 -23.84 -58.88 -67.13
C LYS CB 310 -23.04 -60.03 -67.73
N SER CB 311 -21.74 -60.07 -67.43
CA SER CB 311 -20.88 -61.13 -67.97
C SER CB 311 -21.34 -62.49 -67.46
N LYS CB 312 -21.75 -62.57 -66.20
CA LYS CB 312 -22.26 -63.82 -65.67
C LYS CB 312 -23.63 -64.19 -66.22
N GLY CB 313 -24.28 -63.28 -66.95
CA GLY CB 313 -25.56 -63.57 -67.56
C GLY CB 313 -26.77 -63.25 -66.73
N VAL CB 314 -26.60 -62.66 -65.55
CA VAL CB 314 -27.73 -62.33 -64.69
C VAL CB 314 -28.60 -61.27 -65.35
N ASP CB 315 -29.90 -61.35 -65.09
CA ASP CB 315 -30.87 -60.40 -65.66
C ASP CB 315 -30.86 -59.12 -64.84
N LEU CB 316 -30.46 -58.02 -65.47
CA LEU CB 316 -30.31 -56.75 -64.78
C LEU CB 316 -31.57 -55.89 -64.80
N SER CB 317 -32.49 -56.14 -65.72
CA SER CB 317 -33.63 -55.24 -65.90
C SER CB 317 -34.59 -55.31 -64.72
N TYR CB 318 -34.85 -56.51 -64.19
CA TYR CB 318 -35.84 -56.66 -63.14
C TYR CB 318 -35.35 -56.17 -61.78
N MET CB 319 -34.05 -56.19 -61.56
CA MET CB 319 -33.50 -55.92 -60.23
C MET CB 319 -33.50 -54.43 -59.93
N THR CB 320 -33.30 -54.10 -58.65
CA THR CB 320 -33.27 -52.75 -58.15
C THR CB 320 -31.84 -52.32 -57.86
N LEU CB 321 -31.64 -51.01 -57.69
CA LEU CB 321 -30.32 -50.48 -57.43
C LEU CB 321 -29.72 -51.07 -56.15
N GLN CB 322 -30.52 -51.14 -55.08
CA GLN CB 322 -30.04 -51.78 -53.86
C GLN CB 322 -29.77 -53.26 -54.10
N GLU CB 323 -30.61 -53.93 -54.88
CA GLU CB 323 -30.37 -55.33 -55.20
C GLU CB 323 -29.09 -55.50 -56.01
N ILE CB 324 -28.80 -54.56 -56.92
CA ILE CB 324 -27.55 -54.62 -57.67
C ILE CB 324 -26.36 -54.46 -56.73
N LYS CB 325 -26.46 -53.50 -55.79
CA LYS CB 325 -25.34 -53.24 -54.88
C LYS CB 325 -25.01 -54.45 -54.04
N GLU CB 326 -26.02 -55.17 -53.55
CA GLU CB 326 -25.83 -56.24 -52.59
C GLU CB 326 -25.80 -57.63 -53.22
N ALA CB 327 -25.71 -57.71 -54.54
CA ALA CB 327 -25.67 -59.01 -55.20
C ALA CB 327 -24.37 -59.74 -54.90
N ASN CB 328 -24.44 -61.07 -54.86
CA ASN CB 328 -23.26 -61.88 -54.62
C ASN CB 328 -22.42 -61.96 -55.89
N THR CB 329 -21.12 -61.69 -55.77
CA THR CB 329 -20.22 -61.63 -56.92
C THR CB 329 -19.17 -62.73 -56.90
N GLY CB 330 -19.25 -63.68 -55.97
CA GLY CB 330 -18.37 -64.83 -56.01
C GLY CB 330 -16.90 -64.52 -55.88
N SER CB 331 -16.46 -64.10 -54.69
CA SER CB 331 -15.06 -63.96 -54.33
C SER CB 331 -14.36 -62.81 -55.05
N LYS CB 332 -15.11 -61.81 -55.54
CA LYS CB 332 -14.51 -60.66 -56.20
C LYS CB 332 -15.10 -59.37 -55.64
N VAL CB 333 -14.26 -58.36 -55.46
CA VAL CB 333 -14.65 -57.08 -54.87
C VAL CB 333 -14.26 -55.96 -55.82
N PHE CB 334 -15.13 -54.95 -55.93
CA PHE CB 334 -14.87 -53.77 -56.74
C PHE CB 334 -15.07 -52.53 -55.89
N LEU CB 335 -14.09 -51.62 -55.88
CA LEU CB 335 -14.16 -50.41 -55.09
C LEU CB 335 -13.65 -49.22 -55.90
N LYS CB 336 -13.96 -48.03 -55.40
CA LYS CB 336 -13.54 -46.77 -56.00
C LYS CB 336 -13.05 -45.84 -54.92
N ALA CB 337 -12.23 -44.87 -55.30
CA ALA CB 337 -11.71 -43.89 -54.34
C ALA CB 337 -11.30 -42.63 -55.07
N LYS CB 338 -11.18 -41.54 -54.31
CA LYS CB 338 -10.77 -40.25 -54.83
C LYS CB 338 -9.81 -39.60 -53.85
N ILE CB 339 -8.63 -39.22 -54.32
CA ILE CB 339 -7.65 -38.51 -53.50
C ILE CB 339 -7.05 -37.38 -54.31
N LYS CB 340 -6.41 -36.45 -53.59
CA LYS CB 340 -5.65 -35.37 -54.20
C LYS CB 340 -4.31 -35.26 -53.46
N VAL CB 341 -3.22 -35.29 -54.20
CA VAL CB 341 -1.88 -35.39 -53.64
C VAL CB 341 -1.24 -34.00 -53.60
N LEU CB 342 -0.68 -33.65 -52.45
CA LEU CB 342 -0.05 -32.36 -52.26
C LEU CB 342 1.35 -32.33 -52.87
N ASP CB 343 1.79 -31.14 -53.23
CA ASP CB 343 3.12 -30.92 -53.78
C ASP CB 343 3.84 -29.83 -52.98
N ALA CB 344 5.16 -29.93 -52.95
CA ALA CB 344 5.96 -28.97 -52.19
C ALA CB 344 5.99 -27.62 -52.88
N MET CB 345 6.32 -26.59 -52.10
CA MET CB 345 6.42 -25.23 -52.62
C MET CB 345 7.79 -25.02 -53.25
N GLU CB 346 7.81 -24.65 -54.53
CA GLU CB 346 9.05 -24.49 -55.26
C GLU CB 346 9.15 -23.22 -56.08
N ASP CB 347 8.08 -22.43 -56.18
CA ASP CB 347 8.10 -21.18 -56.93
C ASP CB 347 7.29 -20.13 -56.18
N ILE CB 348 7.67 -18.87 -56.35
CA ILE CB 348 7.02 -17.76 -55.69
C ILE CB 348 6.63 -16.73 -56.75
N ASP CB 349 5.35 -16.31 -56.73
CA ASP CB 349 4.83 -15.30 -57.63
C ASP CB 349 4.38 -14.10 -56.81
N LEU CB 350 5.08 -12.99 -56.93
CA LEU CB 350 4.77 -11.78 -56.18
C LEU CB 350 4.13 -10.76 -57.10
N SER CB 351 3.00 -10.22 -56.67
CA SER CB 351 2.34 -9.11 -57.36
C SER CB 351 2.43 -7.89 -56.43
N ILE CB 352 3.24 -6.91 -56.82
CA ILE CB 352 3.52 -5.76 -55.98
C ILE CB 352 2.72 -4.58 -56.51
N GLU CB 353 1.88 -4.02 -55.65
CA GLU CB 353 1.10 -2.84 -55.99
C GLU CB 353 1.86 -1.58 -55.61
N ILE CB 354 1.91 -0.64 -56.54
CA ILE CB 354 2.57 0.66 -56.46
C ILE CB 354 3.94 0.54 -55.78
N ASN DB 3 -68.96 -75.09 -57.44
CA ASN DB 3 -67.91 -76.00 -57.02
C ASN DB 3 -67.99 -76.31 -55.53
N MET DB 4 -68.63 -75.42 -54.78
CA MET DB 4 -68.74 -75.56 -53.34
C MET DB 4 -69.94 -76.46 -53.01
N GLU DB 5 -69.66 -77.61 -52.38
CA GLU DB 5 -70.68 -78.53 -51.92
C GLU DB 5 -70.52 -78.73 -50.42
N ALA DB 6 -71.62 -79.12 -49.77
CA ALA DB 6 -71.60 -79.29 -48.33
C ALA DB 6 -70.72 -80.45 -47.88
N ARG DB 7 -70.48 -81.43 -48.77
CA ARG DB 7 -69.64 -82.56 -48.40
C ARG DB 7 -68.17 -82.18 -48.26
N ASN DB 8 -67.74 -81.08 -48.89
CA ASN DB 8 -66.33 -80.72 -48.92
C ASN DB 8 -65.83 -80.09 -47.63
N VAL DB 9 -66.70 -79.81 -46.67
CA VAL DB 9 -66.27 -79.23 -45.41
C VAL DB 9 -65.54 -80.28 -44.58
N MET DB 10 -64.34 -79.96 -44.13
CA MET DB 10 -63.52 -80.92 -43.41
C MET DB 10 -64.07 -81.15 -42.00
N SER DB 11 -64.09 -82.42 -41.60
CA SER DB 11 -64.58 -82.82 -40.29
C SER DB 11 -63.41 -83.03 -39.34
N GLY DB 12 -63.59 -82.62 -38.08
CA GLY DB 12 -62.53 -82.75 -37.11
C GLY DB 12 -62.19 -84.17 -36.72
N THR DB 13 -63.10 -85.11 -36.99
CA THR DB 13 -62.85 -86.50 -36.64
C THR DB 13 -61.69 -87.09 -37.43
N TRP DB 14 -61.38 -86.51 -38.59
CA TRP DB 14 -60.26 -86.97 -39.41
C TRP DB 14 -58.99 -86.18 -39.14
N GLY DB 15 -58.63 -86.05 -37.87
CA GLY DB 15 -57.41 -85.33 -37.48
C GLY DB 15 -56.46 -86.25 -36.76
N GLU DB 16 -55.16 -86.05 -37.01
CA GLU DB 16 -54.10 -86.81 -36.37
C GLU DB 16 -53.01 -85.85 -35.91
N LEU DB 17 -52.23 -86.29 -34.92
CA LEU DB 17 -51.19 -85.45 -34.35
C LEU DB 17 -49.99 -86.28 -33.96
N TRP DB 18 -48.80 -85.80 -34.31
CA TRP DB 18 -47.53 -86.39 -33.88
C TRP DB 18 -46.84 -85.37 -32.98
N LEU DB 19 -46.50 -85.78 -31.76
CA LEU DB 19 -45.82 -84.92 -30.81
C LEU DB 19 -44.48 -85.56 -30.47
N ASP DB 20 -43.39 -84.84 -30.74
CA ASP DB 20 -42.03 -85.32 -30.52
C ASP DB 20 -41.77 -86.60 -31.31
N GLY DB 21 -42.42 -86.74 -32.46
CA GLY DB 21 -42.23 -87.90 -33.31
C GLY DB 21 -43.05 -89.11 -32.93
N ASN DB 22 -43.88 -89.03 -31.90
CA ASN DB 22 -44.70 -90.14 -31.46
C ASN DB 22 -46.17 -89.80 -31.68
N LYS DB 23 -46.91 -90.74 -32.27
CA LYS DB 23 -48.32 -90.52 -32.51
C LYS DB 23 -49.10 -90.51 -31.20
N VAL DB 24 -50.03 -89.56 -31.07
CA VAL DB 24 -50.90 -89.46 -29.91
C VAL DB 24 -52.32 -89.77 -30.37
N ALA DB 25 -52.86 -90.88 -29.88
CA ALA DB 25 -54.16 -91.36 -30.32
C ALA DB 25 -55.31 -90.90 -29.44
N GLU DB 26 -55.03 -90.38 -28.25
CA GLU DB 26 -56.06 -89.87 -27.36
C GLU DB 26 -56.32 -88.39 -27.55
N VAL DB 27 -55.82 -87.79 -28.63
CA VAL DB 27 -56.00 -86.37 -28.86
C VAL DB 27 -57.46 -86.07 -29.12
N LYS DB 28 -57.95 -84.98 -28.53
CA LYS DB 28 -59.32 -84.53 -28.74
C LYS DB 28 -59.40 -83.34 -29.69
N LYS DB 29 -58.57 -82.32 -29.48
CA LYS DB 29 -58.55 -81.18 -30.37
C LYS DB 29 -57.17 -80.54 -30.37
N PHE DB 30 -56.83 -79.92 -31.49
CA PHE DB 30 -55.54 -79.26 -31.68
C PHE DB 30 -55.77 -77.90 -32.32
N GLN DB 31 -54.93 -76.93 -31.96
CA GLN DB 31 -55.07 -75.57 -32.43
C GLN DB 31 -53.72 -74.88 -32.37
N ALA DB 32 -53.47 -74.00 -33.35
CA ALA DB 32 -52.24 -73.22 -33.41
C ALA DB 32 -52.53 -71.89 -34.05
N LYS DB 33 -51.91 -70.83 -33.52
CA LYS DB 33 -52.36 -69.49 -33.83
C LYS DB 33 -51.21 -68.50 -33.83
N MET DB 34 -51.19 -67.65 -34.85
CA MET DB 34 -50.27 -66.52 -34.94
C MET DB 34 -51.07 -65.22 -34.90
N GLU DB 35 -50.81 -64.37 -33.92
CA GLU DB 35 -51.51 -63.11 -33.74
C GLU DB 35 -50.58 -61.95 -34.07
N PHE DB 36 -50.95 -61.15 -35.06
CA PHE DB 36 -50.08 -60.07 -35.52
C PHE DB 36 -50.08 -58.91 -34.53
N THR DB 37 -48.92 -58.28 -34.38
CA THR DB 37 -48.79 -57.06 -33.60
C THR DB 37 -48.90 -55.86 -34.54
N LYS DB 38 -49.79 -54.94 -34.21
CA LYS DB 38 -50.07 -53.79 -35.06
C LYS DB 38 -49.99 -52.51 -34.23
N GLU DB 39 -49.54 -51.43 -34.87
CA GLU DB 39 -49.40 -50.13 -34.24
C GLU DB 39 -50.16 -49.09 -35.03
N ASP DB 40 -51.00 -48.32 -34.33
CA ASP DB 40 -51.76 -47.26 -34.98
C ASP DB 40 -50.86 -46.09 -35.37
N ILE DB 41 -51.06 -45.58 -36.57
CA ILE DB 41 -50.30 -44.43 -37.07
C ILE DB 41 -51.28 -43.46 -37.74
N ILE DB 42 -51.27 -42.22 -37.27
CA ILE DB 42 -52.12 -41.17 -37.83
C ILE DB 42 -51.28 -40.31 -38.74
N ILE DB 43 -51.76 -40.10 -39.96
CA ILE DB 43 -51.05 -39.35 -41.00
C ILE DB 43 -51.78 -38.03 -41.22
N ALA DB 44 -51.01 -36.95 -41.35
CA ALA DB 44 -51.60 -35.64 -41.54
C ALA DB 44 -52.39 -35.57 -42.84
N GLY DB 45 -53.58 -34.96 -42.76
CA GLY DB 45 -54.42 -34.80 -43.92
C GLY DB 45 -55.30 -35.97 -44.26
N GLN DB 46 -55.33 -37.01 -43.43
CA GLN DB 46 -56.07 -38.23 -43.72
C GLN DB 46 -56.96 -38.57 -42.54
N MET DB 47 -58.24 -38.83 -42.82
CA MET DB 47 -59.20 -39.07 -41.75
C MET DB 47 -59.14 -40.50 -41.22
N GLY DB 48 -58.73 -41.46 -42.04
CA GLY DB 48 -58.67 -42.84 -41.62
C GLY DB 48 -57.33 -43.19 -41.01
N THR DB 49 -57.36 -43.88 -39.86
CA THR DB 49 -56.16 -44.27 -39.15
C THR DB 49 -55.62 -45.58 -39.71
N ASP DB 50 -54.33 -45.59 -40.06
CA ASP DB 50 -53.68 -46.75 -40.63
C ASP DB 50 -52.84 -47.46 -39.57
N THR DB 51 -52.21 -48.56 -39.98
CA THR DB 51 -51.45 -49.39 -39.05
C THR DB 51 -50.13 -49.80 -39.69
N LYS DB 52 -49.17 -50.14 -38.83
CA LYS DB 52 -47.89 -50.68 -39.24
C LYS DB 52 -47.71 -52.05 -38.59
N TYR DB 53 -47.21 -53.02 -39.36
CA TYR DB 53 -47.06 -54.39 -38.89
C TYR DB 53 -45.71 -54.56 -38.20
N MET DB 54 -45.73 -55.15 -37.01
CA MET DB 54 -44.56 -55.25 -36.14
C MET DB 54 -44.04 -56.66 -35.91
N GLY DB 55 -44.88 -57.68 -36.04
CA GLY DB 55 -44.47 -59.03 -35.72
C GLY DB 55 -45.68 -59.86 -35.33
N TYR DB 56 -45.40 -61.03 -34.78
CA TYR DB 56 -46.48 -61.92 -34.39
C TYR DB 56 -46.08 -62.74 -33.16
N LYS DB 57 -47.09 -63.32 -32.52
CA LYS DB 57 -46.91 -64.25 -31.41
C LYS DB 57 -47.66 -65.54 -31.72
N GLY DB 58 -46.99 -66.68 -31.57
CA GLY DB 58 -47.61 -67.95 -31.86
C GLY DB 58 -48.23 -68.60 -30.64
N LYS DB 59 -49.52 -68.91 -30.68
CA LYS DB 59 -50.24 -69.48 -29.55
C LYS DB 59 -51.01 -70.71 -29.98
N GLY DB 60 -51.20 -71.63 -29.05
CA GLY DB 60 -51.97 -72.83 -29.35
C GLY DB 60 -52.33 -73.58 -28.09
N SER DB 61 -53.06 -74.68 -28.29
CA SER DB 61 -53.50 -75.52 -27.17
C SER DB 61 -53.75 -76.92 -27.68
N ILE DB 62 -53.66 -77.89 -26.77
CA ILE DB 62 -53.95 -79.29 -27.05
C ILE DB 62 -54.87 -79.82 -25.96
N THR DB 63 -55.88 -80.58 -26.35
CA THR DB 63 -56.78 -81.26 -25.42
C THR DB 63 -56.76 -82.75 -25.74
N LEU DB 64 -56.59 -83.58 -24.72
CA LEU DB 64 -56.52 -85.01 -24.93
C LEU DB 64 -57.13 -85.74 -23.74
N TYR DB 65 -57.64 -86.94 -23.99
CA TYR DB 65 -58.20 -87.76 -22.92
C TYR DB 65 -57.09 -88.23 -21.99
N HIS DB 66 -57.45 -88.42 -20.72
CA HIS DB 66 -56.47 -88.83 -19.71
C HIS DB 66 -56.33 -90.35 -19.74
N VAL DB 67 -55.34 -90.84 -20.47
CA VAL DB 67 -55.09 -92.25 -20.63
C VAL DB 67 -53.78 -92.67 -19.97
N SER DB 68 -52.74 -91.84 -20.06
CA SER DB 68 -51.44 -92.16 -19.49
C SER DB 68 -50.77 -90.87 -19.04
N SER DB 69 -49.56 -91.03 -18.52
CA SER DB 69 -48.77 -89.89 -18.12
C SER DB 69 -47.83 -89.55 -19.26
N ARG DB 70 -48.28 -88.68 -20.15
CA ARG DB 70 -47.46 -88.23 -21.27
C ARG DB 70 -46.71 -86.94 -20.96
N MET DB 71 -47.45 -85.91 -20.54
CA MET DB 71 -46.83 -84.61 -20.28
C MET DB 71 -45.87 -84.69 -19.09
N HIS DB 72 -46.21 -85.49 -18.07
CA HIS DB 72 -45.30 -85.73 -16.96
C HIS DB 72 -43.94 -86.15 -17.48
N LYS DB 73 -43.89 -87.29 -18.17
CA LYS DB 73 -42.64 -87.81 -18.70
C LYS DB 73 -41.98 -86.83 -19.64
N LEU DB 74 -42.77 -86.01 -20.33
CA LEU DB 74 -42.18 -85.06 -21.27
C LEU DB 74 -41.39 -83.97 -20.56
N ILE DB 75 -41.98 -83.36 -19.52
CA ILE DB 75 -41.39 -82.09 -19.07
C ILE DB 75 -41.10 -81.97 -17.57
N GLY DB 76 -41.61 -82.89 -16.74
CA GLY DB 76 -41.58 -82.68 -15.29
C GLY DB 76 -40.23 -82.48 -14.63
N GLU DB 77 -39.37 -83.50 -14.71
CA GLU DB 77 -38.06 -83.43 -14.04
C GLU DB 77 -37.22 -82.31 -14.61
N LYS DB 78 -37.24 -82.14 -15.93
CA LYS DB 78 -36.45 -81.08 -16.55
C LYS DB 78 -36.91 -79.71 -16.10
N ILE DB 79 -38.23 -79.49 -16.01
CA ILE DB 79 -38.73 -78.21 -15.57
C ILE DB 79 -38.34 -77.95 -14.13
N LYS DB 80 -38.35 -78.99 -13.29
CA LYS DB 80 -37.87 -78.81 -11.92
C LYS DB 80 -36.41 -78.42 -11.88
N ARG DB 81 -35.58 -79.05 -12.71
CA ARG DB 81 -34.15 -78.77 -12.70
C ARG DB 81 -33.84 -77.35 -13.15
N GLY DB 82 -34.67 -76.78 -14.03
CA GLY DB 82 -34.43 -75.48 -14.59
C GLY DB 82 -34.14 -75.45 -16.07
N SER DB 83 -34.23 -76.59 -16.76
CA SER DB 83 -34.00 -76.67 -18.20
C SER DB 83 -35.33 -76.82 -18.92
N GLU DB 84 -35.60 -75.93 -19.87
CA GLU DB 84 -36.87 -75.92 -20.58
C GLU DB 84 -36.72 -76.59 -21.94
N PRO DB 85 -37.40 -77.70 -22.19
CA PRO DB 85 -37.31 -78.34 -23.50
C PRO DB 85 -38.20 -77.68 -24.53
N ARG DB 86 -37.92 -77.99 -25.80
CA ARG DB 86 -38.72 -77.54 -26.93
C ARG DB 86 -39.06 -78.73 -27.81
N PHE DB 87 -40.22 -78.68 -28.44
CA PHE DB 87 -40.76 -79.83 -29.17
C PHE DB 87 -41.21 -79.41 -30.56
N VAL DB 88 -41.57 -80.43 -31.35
CA VAL DB 88 -42.12 -80.24 -32.69
C VAL DB 88 -43.40 -81.05 -32.78
N ALA DB 89 -44.47 -80.44 -33.29
CA ALA DB 89 -45.75 -81.11 -33.49
C ALA DB 89 -46.09 -81.13 -34.97
N ILE DB 90 -46.74 -82.21 -35.40
CA ILE DB 90 -47.21 -82.36 -36.77
C ILE DB 90 -48.68 -82.70 -36.73
N SER DB 91 -49.48 -81.93 -37.46
CA SER DB 91 -50.93 -82.10 -37.49
C SER DB 91 -51.37 -82.42 -38.91
N LYS DB 92 -52.24 -83.43 -39.05
CA LYS DB 92 -52.75 -83.85 -40.33
C LYS DB 92 -54.27 -83.83 -40.31
N LEU DB 93 -54.86 -83.34 -41.41
CA LEU DB 93 -56.30 -83.28 -41.58
C LEU DB 93 -56.63 -83.86 -42.95
N ASN DB 94 -57.24 -85.04 -42.98
CA ASN DB 94 -57.48 -85.77 -44.25
C ASN DB 94 -58.88 -86.36 -44.23
N ASP DB 95 -59.85 -85.61 -44.76
CA ASP DB 95 -61.25 -86.02 -44.92
C ASP DB 95 -61.43 -86.64 -46.30
N PRO DB 96 -61.98 -87.86 -46.39
CA PRO DB 96 -62.14 -88.50 -47.70
C PRO DB 96 -63.03 -87.72 -48.66
N ASP DB 97 -63.96 -86.91 -48.13
CA ASP DB 97 -64.85 -86.14 -48.99
C ASP DB 97 -64.26 -84.80 -49.44
N SER DB 98 -63.12 -84.38 -48.90
CA SER DB 98 -62.54 -83.10 -49.23
C SER DB 98 -61.63 -83.21 -50.46
N TYR DB 99 -61.13 -82.06 -50.90
CA TYR DB 99 -60.23 -82.04 -52.05
C TYR DB 99 -58.92 -82.75 -51.75
N GLY DB 100 -58.37 -82.56 -50.57
CA GLY DB 100 -57.10 -83.15 -50.23
C GLY DB 100 -56.81 -83.01 -48.76
N ALA DB 101 -55.57 -83.30 -48.39
CA ALA DB 101 -55.13 -83.27 -47.00
C ALA DB 101 -54.41 -81.96 -46.69
N GLU DB 102 -54.24 -81.71 -45.40
CA GLU DB 102 -53.49 -80.57 -44.89
C GLU DB 102 -52.56 -81.06 -43.79
N ARG DB 103 -51.26 -80.75 -43.92
CA ARG DB 103 -50.25 -81.26 -42.98
C ARG DB 103 -49.27 -80.15 -42.65
N ILE DB 104 -49.42 -79.56 -41.47
CA ILE DB 104 -48.56 -78.46 -41.05
C ILE DB 104 -47.72 -78.91 -39.86
N ALA DB 105 -46.45 -78.54 -39.87
CA ALA DB 105 -45.52 -78.81 -38.78
C ALA DB 105 -45.28 -77.53 -38.00
N VAL DB 106 -45.42 -77.59 -36.69
CA VAL DB 106 -45.23 -76.44 -35.80
C VAL DB 106 -43.98 -76.68 -34.99
N LYS DB 107 -43.12 -75.66 -34.89
CA LYS DB 107 -41.78 -75.82 -34.35
C LYS DB 107 -41.52 -74.86 -33.20
N ASN DB 108 -40.57 -75.26 -32.35
CA ASN DB 108 -40.13 -74.46 -31.20
C ASN DB 108 -41.24 -74.26 -30.18
N ILE DB 109 -41.90 -75.37 -29.83
CA ILE DB 109 -43.05 -75.31 -28.93
C ILE DB 109 -42.57 -75.32 -27.48
N ALA DB 110 -43.09 -74.38 -26.68
CA ALA DB 110 -42.85 -74.33 -25.25
C ALA DB 110 -44.19 -74.34 -24.54
N PHE DB 111 -44.36 -75.27 -23.61
CA PHE DB 111 -45.63 -75.42 -22.93
C PHE DB 111 -45.81 -74.35 -21.84
N ASP DB 112 -47.04 -74.22 -21.37
CA ASP DB 112 -47.41 -73.16 -20.46
C ASP DB 112 -47.63 -73.61 -19.02
N ASP DB 113 -48.00 -74.87 -18.80
CA ASP DB 113 -48.26 -75.35 -17.46
C ASP DB 113 -48.10 -76.87 -17.44
N LEU DB 114 -48.25 -77.45 -16.26
CA LEU DB 114 -48.21 -78.90 -16.10
C LEU DB 114 -49.29 -79.32 -15.11
N THR DB 115 -50.27 -80.06 -15.59
CA THR DB 115 -51.37 -80.55 -14.76
C THR DB 115 -50.93 -81.85 -14.09
N LEU DB 116 -50.81 -81.82 -12.76
CA LEU DB 116 -50.39 -83.00 -12.02
C LEU DB 116 -51.58 -83.92 -11.74
N ALA DB 117 -52.66 -83.39 -11.18
CA ALA DB 117 -53.82 -84.19 -10.86
C ALA DB 117 -55.07 -83.35 -11.04
N ASP DB 118 -56.11 -83.96 -11.61
CA ASP DB 118 -57.39 -83.28 -11.76
C ASP DB 118 -58.46 -84.37 -11.92
N TRP DB 119 -59.20 -84.63 -10.86
CA TRP DB 119 -60.29 -85.60 -10.93
C TRP DB 119 -61.43 -85.20 -10.02
N GLU DB 120 -62.64 -85.54 -10.44
CA GLU DB 120 -63.85 -85.35 -9.66
C GLU DB 120 -64.70 -86.60 -9.78
N VAL DB 121 -65.40 -86.95 -8.71
CA VAL DB 121 -66.23 -88.16 -8.74
C VAL DB 121 -67.33 -88.00 -9.78
N GLY DB 122 -67.53 -89.06 -10.58
CA GLY DB 122 -68.56 -89.05 -11.60
C GLY DB 122 -68.23 -88.29 -12.86
N VAL DB 123 -66.96 -87.96 -13.09
CA VAL DB 123 -66.54 -87.20 -14.26
C VAL DB 123 -65.35 -87.91 -14.90
N LYS DB 124 -65.38 -88.04 -16.22
CA LYS DB 124 -64.25 -88.60 -16.95
C LYS DB 124 -63.11 -87.58 -17.05
N GLY DB 125 -61.89 -88.09 -17.15
CA GLY DB 125 -60.71 -87.24 -17.09
C GLY DB 125 -60.30 -86.68 -18.44
N GLU DB 126 -59.91 -85.41 -18.44
CA GLU DB 126 -59.43 -84.71 -19.62
C GLU DB 126 -58.29 -83.79 -19.22
N ILE DB 127 -57.43 -83.46 -20.18
CA ILE DB 127 -56.27 -82.61 -19.94
C ILE DB 127 -56.19 -81.55 -21.02
N GLU DB 128 -56.02 -80.29 -20.62
CA GLU DB 128 -55.82 -79.18 -21.54
C GLU DB 128 -54.43 -78.61 -21.33
N ALA DB 129 -53.71 -78.39 -22.43
CA ALA DB 129 -52.32 -77.94 -22.38
C ALA DB 129 -52.07 -76.86 -23.42
N PRO DB 130 -51.98 -75.59 -23.00
CA PRO DB 130 -51.62 -74.53 -23.93
C PRO DB 130 -50.10 -74.45 -24.13
N PHE DB 131 -49.70 -73.74 -25.18
CA PHE DB 131 -48.30 -73.61 -25.51
C PHE DB 131 -48.06 -72.34 -26.31
N THR DB 132 -46.79 -72.12 -26.66
CA THR DB 132 -46.34 -71.01 -27.49
C THR DB 132 -45.38 -71.55 -28.54
N PHE DB 133 -45.35 -70.92 -29.70
CA PHE DB 133 -44.43 -71.34 -30.76
C PHE DB 133 -44.00 -70.13 -31.58
N THR DB 134 -42.95 -70.32 -32.38
CA THR DB 134 -42.39 -69.25 -33.19
C THR DB 134 -42.20 -69.57 -34.67
N GLU DB 135 -42.40 -70.82 -35.10
CA GLU DB 135 -42.09 -71.21 -36.46
C GLU DB 135 -43.09 -72.27 -36.95
N TYR DB 136 -43.18 -72.41 -38.26
CA TYR DB 136 -43.89 -73.54 -38.85
C TYR DB 136 -43.44 -73.75 -40.29
N ASP DB 137 -43.91 -74.85 -40.87
CA ASP DB 137 -43.63 -75.21 -42.26
C ASP DB 137 -44.89 -75.81 -42.87
N PHE DB 138 -45.08 -75.56 -44.17
CA PHE DB 138 -46.20 -76.11 -44.92
C PHE DB 138 -45.80 -77.42 -45.60
N LEU DB 139 -46.61 -78.45 -45.42
CA LEU DB 139 -46.55 -79.67 -46.21
C LEU DB 139 -47.96 -80.03 -46.64
N ASP DB 140 -48.07 -80.62 -47.83
CA ASP DB 140 -49.36 -81.07 -48.36
C ASP DB 140 -50.42 -79.98 -48.27
N ILE DB 141 -50.06 -78.76 -48.66
CA ILE DB 141 -51.03 -77.67 -48.63
C ILE DB 141 -52.02 -77.84 -49.79
N ILE DB 142 -53.30 -77.72 -49.49
CA ILE DB 142 -54.33 -77.89 -50.51
C ILE DB 142 -54.24 -76.77 -51.53
N ASN EB 3 -25.81 -65.81 -33.98
CA ASN EB 3 -27.10 -66.41 -33.62
C ASN EB 3 -27.31 -66.39 -32.11
N MET EB 4 -28.48 -65.90 -31.69
CA MET EB 4 -28.85 -65.84 -30.28
C MET EB 4 -30.15 -66.60 -30.07
N GLU EB 5 -30.26 -67.22 -28.90
CA GLU EB 5 -31.49 -67.86 -28.47
C GLU EB 5 -32.05 -67.13 -27.25
N ALA EB 6 -33.37 -67.21 -27.09
CA ALA EB 6 -33.99 -66.62 -25.91
C ALA EB 6 -33.56 -67.33 -24.62
N ARG EB 7 -33.26 -68.63 -24.72
CA ARG EB 7 -32.86 -69.41 -23.56
C ARG EB 7 -31.50 -69.02 -23.00
N ASN EB 8 -30.71 -68.23 -23.74
CA ASN EB 8 -29.37 -67.89 -23.31
C ASN EB 8 -29.31 -66.68 -22.39
N VAL EB 9 -30.43 -66.01 -22.15
CA VAL EB 9 -30.45 -64.85 -21.28
C VAL EB 9 -30.44 -65.33 -19.83
N MET EB 10 -29.48 -64.84 -19.05
CA MET EB 10 -29.31 -65.32 -17.69
C MET EB 10 -30.40 -64.78 -16.77
N SER EB 11 -31.03 -65.68 -16.04
CA SER EB 11 -32.05 -65.33 -15.06
C SER EB 11 -31.39 -65.09 -13.71
N GLY EB 12 -31.84 -64.06 -13.02
CA GLY EB 12 -31.23 -63.68 -11.76
C GLY EB 12 -31.53 -64.60 -10.60
N THR EB 13 -32.49 -65.52 -10.77
CA THR EB 13 -32.79 -66.49 -9.73
C THR EB 13 -31.64 -67.46 -9.48
N TRP EB 14 -30.66 -67.52 -10.38
CA TRP EB 14 -29.55 -68.44 -10.28
C TRP EB 14 -28.30 -67.81 -9.72
N GLY EB 15 -28.40 -66.61 -9.14
CA GLY EB 15 -27.25 -65.98 -8.54
C GLY EB 15 -26.93 -66.50 -7.17
N GLU EB 16 -25.68 -66.30 -6.76
CA GLU EB 16 -25.21 -66.67 -5.42
C GLU EB 16 -24.21 -65.64 -4.94
N LEU EB 17 -24.18 -65.42 -3.63
CA LEU EB 17 -23.31 -64.42 -3.04
C LEU EB 17 -22.59 -64.99 -1.81
N TRP EB 18 -21.30 -64.70 -1.71
CA TRP EB 18 -20.50 -64.97 -0.53
C TRP EB 18 -20.00 -63.65 0.02
N LEU EB 19 -20.13 -63.46 1.33
CA LEU EB 19 -19.69 -62.23 1.98
C LEU EB 19 -18.78 -62.59 3.13
N ASP EB 20 -17.49 -62.25 3.00
CA ASP EB 20 -16.46 -62.58 3.99
C ASP EB 20 -16.37 -64.09 4.22
N GLY EB 21 -16.56 -64.85 3.15
CA GLY EB 21 -16.39 -66.30 3.22
C GLY EB 21 -17.60 -67.08 3.69
N ASN EB 22 -18.70 -66.42 3.99
CA ASN EB 22 -19.92 -67.08 4.46
C ASN EB 22 -21.01 -66.93 3.41
N LYS EB 23 -21.68 -68.03 3.09
CA LYS EB 23 -22.74 -68.00 2.09
C LYS EB 23 -23.96 -67.25 2.63
N VAL EB 24 -24.56 -66.43 1.78
CA VAL EB 24 -25.70 -65.59 2.14
C VAL EB 24 -26.89 -66.11 1.35
N ALA EB 25 -27.78 -66.84 2.03
CA ALA EB 25 -28.92 -67.46 1.35
C ALA EB 25 -30.13 -66.54 1.21
N GLU EB 26 -30.12 -65.39 1.87
CA GLU EB 26 -31.24 -64.45 1.83
C GLU EB 26 -31.02 -63.29 0.87
N VAL EB 27 -30.03 -63.40 -0.02
CA VAL EB 27 -29.73 -62.31 -0.94
C VAL EB 27 -30.88 -62.11 -1.91
N LYS EB 28 -31.14 -60.84 -2.25
CA LYS EB 28 -32.19 -60.46 -3.19
C LYS EB 28 -31.64 -59.89 -4.50
N LYS EB 29 -30.62 -59.04 -4.43
CA LYS EB 29 -29.98 -58.53 -5.64
C LYS EB 29 -28.59 -58.03 -5.29
N PHE EB 30 -27.73 -57.99 -6.31
CA PHE EB 30 -26.34 -57.56 -6.14
C PHE EB 30 -25.92 -56.71 -7.33
N GLN EB 31 -25.33 -55.55 -7.05
CA GLN EB 31 -24.84 -54.65 -8.08
C GLN EB 31 -23.39 -54.31 -7.80
N ALA EB 32 -22.62 -54.12 -8.88
CA ALA EB 32 -21.25 -53.66 -8.76
C ALA EB 32 -20.83 -53.06 -10.10
N LYS EB 33 -20.33 -51.83 -10.09
CA LYS EB 33 -20.05 -51.11 -11.32
C LYS EB 33 -18.83 -50.22 -11.12
N MET EB 34 -18.03 -50.08 -12.18
CA MET EB 34 -16.90 -49.18 -12.21
C MET EB 34 -17.21 -47.98 -13.08
N GLU EB 35 -16.97 -46.78 -12.57
CA GLU EB 35 -17.29 -45.54 -13.26
C GLU EB 35 -16.01 -44.78 -13.59
N PHE EB 36 -15.89 -44.34 -14.84
CA PHE EB 36 -14.70 -43.65 -15.32
C PHE EB 36 -14.94 -42.14 -15.34
N THR EB 37 -13.91 -41.38 -15.01
CA THR EB 37 -13.97 -39.92 -14.99
C THR EB 37 -13.27 -39.35 -16.21
N LYS EB 38 -13.90 -38.38 -16.85
CA LYS EB 38 -13.43 -37.81 -18.11
C LYS EB 38 -13.21 -36.31 -17.97
N GLU EB 39 -12.32 -35.78 -18.81
CA GLU EB 39 -12.06 -34.36 -18.90
C GLU EB 39 -12.20 -33.93 -20.36
N ASP EB 40 -12.95 -32.86 -20.59
CA ASP EB 40 -13.20 -32.38 -21.94
C ASP EB 40 -12.01 -31.58 -22.46
N ILE EB 41 -11.66 -31.82 -23.71
CA ILE EB 41 -10.53 -31.16 -24.36
C ILE EB 41 -11.07 -30.29 -25.48
N ILE EB 42 -10.76 -29.00 -25.42
CA ILE EB 42 -11.23 -28.01 -26.39
C ILE EB 42 -10.02 -27.30 -26.96
N ILE EB 43 -9.96 -27.19 -28.28
CA ILE EB 43 -8.81 -26.61 -28.98
C ILE EB 43 -9.29 -25.45 -29.83
N ALA EB 44 -8.62 -24.30 -29.70
CA ALA EB 44 -9.03 -23.11 -30.44
C ALA EB 44 -8.80 -23.31 -31.93
N GLY EB 45 -9.81 -22.97 -32.73
CA GLY EB 45 -9.76 -23.17 -34.16
C GLY EB 45 -10.35 -24.47 -34.66
N GLN EB 46 -10.72 -25.38 -33.77
CA GLN EB 46 -11.37 -26.63 -34.13
C GLN EB 46 -12.74 -26.69 -33.46
N MET EB 47 -13.73 -27.18 -34.19
CA MET EB 47 -15.10 -27.20 -33.69
C MET EB 47 -15.35 -28.39 -32.76
N GLY EB 48 -14.70 -29.53 -33.00
CA GLY EB 48 -15.02 -30.73 -32.26
C GLY EB 48 -14.37 -30.80 -30.88
N THR EB 49 -15.01 -31.53 -29.98
CA THR EB 49 -14.59 -31.67 -28.59
C THR EB 49 -14.26 -33.12 -28.29
N ASP EB 50 -13.12 -33.35 -27.63
CA ASP EB 50 -12.62 -34.68 -27.30
C ASP EB 50 -12.46 -34.82 -25.80
N THR EB 51 -12.11 -36.03 -25.35
CA THR EB 51 -11.99 -36.34 -23.93
C THR EB 51 -10.74 -37.17 -23.67
N LYS EB 52 -10.29 -37.15 -22.41
CA LYS EB 52 -9.28 -38.07 -21.89
C LYS EB 52 -9.73 -38.58 -20.54
N TYR EB 53 -9.33 -39.82 -20.22
CA TYR EB 53 -9.67 -40.43 -18.94
C TYR EB 53 -8.81 -39.86 -17.82
N MET EB 54 -9.40 -39.77 -16.63
CA MET EB 54 -8.74 -39.23 -15.46
C MET EB 54 -8.57 -40.24 -14.33
N GLY EB 55 -9.56 -41.09 -14.11
CA GLY EB 55 -9.53 -42.04 -13.01
C GLY EB 55 -10.81 -42.85 -13.02
N TYR EB 56 -10.92 -43.74 -12.04
CA TYR EB 56 -12.10 -44.57 -11.92
C TYR EB 56 -12.45 -44.78 -10.45
N LYS EB 57 -13.70 -45.20 -10.22
CA LYS EB 57 -14.24 -45.44 -8.89
C LYS EB 57 -15.24 -46.59 -8.97
N GLY EB 58 -15.46 -47.24 -7.84
CA GLY EB 58 -16.35 -48.40 -7.78
C GLY EB 58 -17.54 -48.15 -6.88
N LYS EB 59 -18.72 -48.57 -7.34
CA LYS EB 59 -19.96 -48.42 -6.59
C LYS EB 59 -20.80 -49.68 -6.72
N GLY EB 60 -21.64 -49.93 -5.72
CA GLY EB 60 -22.50 -51.10 -5.75
C GLY EB 60 -23.44 -51.08 -4.56
N SER EB 61 -24.25 -52.13 -4.47
CA SER EB 61 -25.19 -52.27 -3.35
C SER EB 61 -25.67 -53.71 -3.25
N ILE EB 62 -26.18 -54.05 -2.06
CA ILE EB 62 -26.75 -55.36 -1.76
C ILE EB 62 -28.13 -55.19 -1.16
N THR EB 63 -29.01 -56.15 -1.40
CA THR EB 63 -30.34 -56.18 -0.79
C THR EB 63 -30.61 -57.58 -0.26
N LEU EB 64 -31.12 -57.65 0.98
CA LEU EB 64 -31.34 -58.91 1.66
C LEU EB 64 -32.75 -58.97 2.23
N TYR EB 65 -33.28 -60.18 2.33
CA TYR EB 65 -34.43 -60.42 3.19
C TYR EB 65 -34.00 -60.34 4.64
N HIS EB 66 -34.88 -59.82 5.50
CA HIS EB 66 -34.55 -59.66 6.91
C HIS EB 66 -34.94 -60.93 7.66
N VAL EB 67 -33.94 -61.77 7.92
CA VAL EB 67 -34.14 -62.97 8.73
C VAL EB 67 -33.25 -63.02 9.96
N SER EB 68 -32.21 -62.20 10.04
CA SER EB 68 -31.32 -62.18 11.19
C SER EB 68 -30.52 -60.88 11.14
N SER EB 69 -29.69 -60.66 12.16
CA SER EB 69 -28.90 -59.44 12.28
C SER EB 69 -27.48 -59.70 11.78
N ARG EB 70 -27.38 -59.97 10.48
CA ARG EB 70 -26.09 -60.31 9.88
C ARG EB 70 -25.18 -59.07 9.78
N MET EB 71 -25.73 -57.94 9.36
CA MET EB 71 -24.90 -56.76 9.14
C MET EB 71 -24.34 -56.21 10.44
N HIS EB 72 -25.13 -56.22 11.52
CA HIS EB 72 -24.64 -55.71 12.78
C HIS EB 72 -23.49 -56.55 13.31
N LYS EB 73 -23.60 -57.88 13.21
CA LYS EB 73 -22.51 -58.75 13.62
C LYS EB 73 -21.30 -58.59 12.73
N LEU EB 74 -21.52 -58.38 11.43
CA LEU EB 74 -20.40 -58.16 10.51
C LEU EB 74 -19.65 -56.89 10.86
N ILE EB 75 -20.37 -55.80 11.14
CA ILE EB 75 -19.71 -54.55 11.46
C ILE EB 75 -19.26 -54.53 12.90
N GLY EB 76 -20.17 -54.84 13.83
CA GLY EB 76 -19.82 -54.83 15.24
C GLY EB 76 -19.50 -53.43 15.71
N GLU EB 77 -18.46 -53.33 16.54
CA GLU EB 77 -17.99 -52.05 17.05
C GLU EB 77 -16.78 -51.53 16.28
N LYS EB 78 -16.49 -52.12 15.12
CA LYS EB 78 -15.30 -51.72 14.37
C LYS EB 78 -15.39 -50.26 13.94
N ILE EB 79 -16.57 -49.82 13.49
CA ILE EB 79 -16.73 -48.42 13.11
C ILE EB 79 -16.70 -47.52 14.33
N LYS EB 80 -17.36 -47.93 15.41
CA LYS EB 80 -17.40 -47.12 16.62
C LYS EB 80 -16.02 -46.97 17.24
N ARG EB 81 -15.23 -48.05 17.25
CA ARG EB 81 -13.91 -48.01 17.85
C ARG EB 81 -12.89 -47.27 17.01
N GLY EB 82 -13.23 -46.87 15.79
CA GLY EB 82 -12.34 -46.06 14.99
C GLY EB 82 -11.47 -46.82 14.03
N SER EB 83 -11.57 -48.14 13.97
CA SER EB 83 -10.85 -48.88 12.95
C SER EB 83 -11.53 -48.72 11.60
N GLU EB 84 -10.89 -49.22 10.55
CA GLU EB 84 -11.39 -49.12 9.18
C GLU EB 84 -11.58 -50.53 8.62
N PRO EB 85 -12.78 -51.10 8.74
CA PRO EB 85 -12.99 -52.46 8.25
C PRO EB 85 -13.27 -52.53 6.76
N ARG EB 86 -12.77 -53.60 6.15
CA ARG EB 86 -12.93 -53.86 4.72
C ARG EB 86 -13.34 -55.31 4.52
N PHE EB 87 -14.01 -55.59 3.40
CA PHE EB 87 -14.61 -56.89 3.18
C PHE EB 87 -14.40 -57.33 1.74
N VAL EB 88 -14.58 -58.63 1.52
CA VAL EB 88 -14.44 -59.26 0.21
C VAL EB 88 -15.76 -59.96 -0.11
N ALA EB 89 -16.26 -59.78 -1.34
CA ALA EB 89 -17.50 -60.41 -1.78
C ALA EB 89 -17.28 -61.15 -3.08
N ILE EB 90 -17.90 -62.33 -3.19
CA ILE EB 90 -17.82 -63.16 -4.38
C ILE EB 90 -19.24 -63.46 -4.86
N SER EB 91 -19.52 -63.13 -6.13
CA SER EB 91 -20.83 -63.35 -6.71
C SER EB 91 -20.71 -64.35 -7.85
N LYS EB 92 -21.64 -65.28 -7.93
CA LYS EB 92 -21.69 -66.28 -8.99
C LYS EB 92 -23.03 -66.24 -9.69
N LEU EB 93 -23.02 -66.42 -11.00
CA LEU EB 93 -24.24 -66.48 -11.80
C LEU EB 93 -24.14 -67.68 -12.73
N ASN EB 94 -24.98 -68.69 -12.50
CA ASN EB 94 -24.90 -69.97 -13.19
C ASN EB 94 -26.29 -70.41 -13.61
N ASP EB 95 -26.74 -69.98 -14.78
CA ASP EB 95 -27.99 -70.40 -15.39
C ASP EB 95 -27.76 -71.69 -16.17
N PRO EB 96 -28.53 -72.75 -15.90
CA PRO EB 96 -28.30 -74.01 -16.63
C PRO EB 96 -28.46 -73.89 -18.14
N ASP EB 97 -29.31 -72.99 -18.61
CA ASP EB 97 -29.59 -72.84 -20.03
C ASP EB 97 -28.59 -71.93 -20.75
N SER EB 98 -27.65 -71.31 -20.03
CA SER EB 98 -26.69 -70.41 -20.64
C SER EB 98 -25.42 -71.18 -21.04
N TYR EB 99 -24.44 -70.43 -21.55
CA TYR EB 99 -23.20 -71.06 -21.98
C TYR EB 99 -22.37 -71.55 -20.80
N GLY EB 100 -22.28 -70.76 -19.75
CA GLY EB 100 -21.44 -71.14 -18.62
C GLY EB 100 -21.71 -70.27 -17.42
N ALA EB 101 -20.77 -70.30 -16.49
CA ALA EB 101 -20.85 -69.54 -15.25
C ALA EB 101 -20.00 -68.29 -15.32
N GLU EB 102 -20.32 -67.33 -14.46
CA GLU EB 102 -19.63 -66.05 -14.38
C GLU EB 102 -19.38 -65.75 -12.90
N ARG EB 103 -18.12 -65.76 -12.48
CA ARG EB 103 -17.75 -65.61 -11.08
C ARG EB 103 -16.76 -64.46 -10.93
N ILE EB 104 -17.11 -63.51 -10.08
CA ILE EB 104 -16.33 -62.29 -9.89
C ILE EB 104 -16.06 -62.12 -8.40
N ALA EB 105 -14.87 -61.61 -8.08
CA ALA EB 105 -14.49 -61.28 -6.70
C ALA EB 105 -14.36 -59.78 -6.58
N VAL EB 106 -15.10 -59.18 -5.66
CA VAL EB 106 -15.10 -57.75 -5.43
C VAL EB 106 -14.40 -57.49 -4.10
N LYS EB 107 -13.31 -56.73 -4.12
CA LYS EB 107 -12.42 -56.62 -2.98
C LYS EB 107 -12.35 -55.19 -2.46
N ASN EB 108 -12.01 -55.08 -1.17
CA ASN EB 108 -11.82 -53.81 -0.49
C ASN EB 108 -13.12 -53.01 -0.42
N ILE EB 109 -14.14 -53.64 0.16
CA ILE EB 109 -15.48 -53.08 0.24
C ILE EB 109 -15.62 -52.27 1.52
N ALA EB 110 -16.19 -51.07 1.40
CA ALA EB 110 -16.53 -50.23 2.54
C ALA EB 110 -18.01 -49.88 2.48
N PHE EB 111 -18.76 -50.33 3.49
CA PHE EB 111 -20.20 -50.09 3.51
C PHE EB 111 -20.51 -48.64 3.86
N ASP EB 112 -21.70 -48.19 3.46
CA ASP EB 112 -22.09 -46.80 3.55
C ASP EB 112 -22.95 -46.47 4.77
N ASP EB 113 -23.72 -47.42 5.29
CA ASP EB 113 -24.59 -47.16 6.43
C ASP EB 113 -24.93 -48.49 7.09
N LEU EB 114 -25.66 -48.41 8.20
CA LEU EB 114 -26.14 -49.57 8.93
C LEU EB 114 -27.57 -49.34 9.37
N THR EB 115 -28.45 -50.27 9.03
CA THR EB 115 -29.86 -50.19 9.40
C THR EB 115 -30.09 -51.01 10.66
N LEU EB 116 -30.62 -50.38 11.69
CA LEU EB 116 -30.90 -51.04 12.96
C LEU EB 116 -32.32 -51.59 13.01
N ALA EB 117 -33.30 -50.79 12.60
CA ALA EB 117 -34.69 -51.21 12.61
C ALA EB 117 -35.43 -50.48 11.50
N ASP EB 118 -36.20 -51.21 10.71
CA ASP EB 118 -37.06 -50.61 9.70
C ASP EB 118 -38.23 -51.57 9.46
N TRP EB 119 -39.31 -51.38 10.21
CA TRP EB 119 -40.46 -52.26 10.10
C TRP EB 119 -41.74 -51.43 10.08
N GLU EB 120 -42.81 -52.06 9.59
CA GLU EB 120 -44.12 -51.44 9.47
C GLU EB 120 -45.16 -52.54 9.54
N VAL EB 121 -46.32 -52.23 10.12
CA VAL EB 121 -47.36 -53.25 10.27
C VAL EB 121 -47.86 -53.67 8.91
N GLY EB 122 -47.90 -54.99 8.67
CA GLY EB 122 -48.39 -55.54 7.42
C GLY EB 122 -47.40 -55.57 6.28
N VAL EB 123 -46.11 -55.40 6.53
CA VAL EB 123 -45.09 -55.38 5.50
C VAL EB 123 -43.94 -56.29 5.90
N LYS EB 124 -43.41 -57.05 4.95
CA LYS EB 124 -42.29 -57.94 5.20
C LYS EB 124 -40.97 -57.18 5.08
N GLY EB 125 -40.01 -57.54 5.91
CA GLY EB 125 -38.80 -56.75 6.07
C GLY EB 125 -37.72 -57.03 5.05
N GLU EB 126 -36.99 -55.97 4.69
CA GLU EB 126 -35.85 -56.06 3.79
C GLU EB 126 -34.77 -55.08 4.24
N ILE EB 127 -33.54 -55.35 3.83
CA ILE EB 127 -32.38 -54.54 4.18
C ILE EB 127 -31.68 -54.14 2.89
N GLU EB 128 -31.23 -52.88 2.82
CA GLU EB 128 -30.47 -52.38 1.70
C GLU EB 128 -29.13 -51.83 2.19
N ALA EB 129 -28.05 -52.17 1.47
CA ALA EB 129 -26.69 -51.85 1.92
C ALA EB 129 -25.81 -51.42 0.75
N PRO EB 130 -25.69 -50.12 0.50
CA PRO EB 130 -24.77 -49.62 -0.52
C PRO EB 130 -23.32 -49.64 -0.03
N PHE EB 131 -22.39 -49.64 -0.99
CA PHE EB 131 -20.97 -49.69 -0.66
C PHE EB 131 -20.15 -49.08 -1.79
N THR EB 132 -18.83 -48.99 -1.55
CA THR EB 132 -17.86 -48.64 -2.57
C THR EB 132 -16.66 -49.58 -2.45
N PHE EB 133 -15.96 -49.80 -3.57
CA PHE EB 133 -14.85 -50.73 -3.61
C PHE EB 133 -13.75 -50.17 -4.52
N THR EB 134 -12.62 -50.86 -4.59
CA THR EB 134 -11.47 -50.37 -5.34
C THR EB 134 -10.95 -51.31 -6.41
N GLU EB 135 -11.15 -52.62 -6.30
CA GLU EB 135 -10.62 -53.52 -7.32
C GLU EB 135 -11.43 -54.80 -7.38
N TYR EB 136 -11.21 -55.56 -8.45
CA TYR EB 136 -11.99 -56.77 -8.73
C TYR EB 136 -11.14 -57.77 -9.50
N ASP EB 137 -11.51 -59.04 -9.41
CA ASP EB 137 -10.88 -60.12 -10.15
C ASP EB 137 -11.95 -60.98 -10.80
N PHE EB 138 -11.63 -61.54 -11.97
CA PHE EB 138 -12.52 -62.43 -12.69
C PHE EB 138 -12.01 -63.86 -12.55
N LEU EB 139 -12.89 -64.76 -12.12
CA LEU EB 139 -12.55 -66.16 -11.90
C LEU EB 139 -13.11 -67.09 -12.96
N ASP EB 140 -14.33 -66.83 -13.44
CA ASP EB 140 -14.96 -67.59 -14.51
C ASP EB 140 -15.54 -66.63 -15.51
N ILE EB 141 -15.21 -66.81 -16.79
CA ILE EB 141 -15.65 -65.94 -17.86
C ILE EB 141 -16.55 -66.74 -18.79
N ILE EB 142 -17.72 -66.20 -19.07
CA ILE EB 142 -18.69 -66.85 -19.95
C ILE EB 142 -18.51 -66.43 -21.40
N ILE FB 3 -3.17 -94.86 0.95
CA ILE FB 3 -3.43 -93.62 1.67
C ILE FB 3 -2.36 -93.34 2.74
N GLY FB 4 -1.53 -92.34 2.49
CA GLY FB 4 -0.48 -91.99 3.42
C GLY FB 4 -0.78 -90.73 4.21
N LEU FB 5 0.27 -89.98 4.55
CA LEU FB 5 0.09 -88.73 5.24
C LEU FB 5 -0.50 -87.67 4.31
N PRO FB 6 -1.18 -86.67 4.85
CA PRO FB 6 -1.65 -85.56 4.01
C PRO FB 6 -0.49 -84.90 3.29
N SER FB 7 -0.68 -84.63 2.01
CA SER FB 7 0.37 -84.12 1.15
C SER FB 7 0.10 -82.67 0.82
N ILE FB 8 1.01 -81.79 1.23
CA ILE FB 8 0.95 -80.36 0.90
C ILE FB 8 2.30 -80.00 0.31
N ASN FB 9 2.44 -80.10 -1.00
CA ASN FB 9 3.70 -79.85 -1.67
C ASN FB 9 3.56 -78.66 -2.60
N ILE FB 10 4.48 -77.71 -2.46
CA ILE FB 10 4.55 -76.52 -3.30
C ILE FB 10 5.84 -76.60 -4.09
N SER FB 11 5.73 -76.61 -5.41
CA SER FB 11 6.88 -76.83 -6.28
C SER FB 11 7.16 -75.59 -7.10
N PHE FB 12 8.45 -75.34 -7.36
CA PHE FB 12 8.89 -74.23 -8.19
C PHE FB 12 9.55 -74.81 -9.44
N LYS FB 13 9.14 -74.33 -10.60
CA LYS FB 13 9.68 -74.80 -11.87
C LYS FB 13 9.77 -73.62 -12.84
N GLU FB 14 10.46 -73.85 -13.94
CA GLU FB 14 10.65 -72.82 -14.95
C GLU FB 14 9.44 -72.74 -15.88
N LEU FB 15 9.31 -71.59 -16.53
CA LEU FB 15 8.19 -71.36 -17.44
C LEU FB 15 8.31 -72.25 -18.67
N ALA FB 16 7.18 -72.81 -19.09
CA ALA FB 16 7.14 -73.74 -20.22
C ALA FB 16 6.39 -73.11 -21.39
N THR FB 17 6.73 -73.56 -22.59
CA THR FB 17 6.10 -73.05 -23.80
C THR FB 17 4.64 -73.50 -23.87
N THR FB 18 3.85 -72.74 -24.61
CA THR FB 18 2.43 -73.00 -24.77
C THR FB 18 2.18 -73.64 -26.14
N VAL FB 19 1.67 -74.86 -26.14
CA VAL FB 19 1.39 -75.55 -27.40
C VAL FB 19 0.14 -74.95 -28.04
N LYS FB 20 0.02 -75.18 -29.34
CA LYS FB 20 -1.12 -74.65 -30.08
C LYS FB 20 -2.39 -75.40 -29.73
N GLU FB 21 -3.53 -74.73 -29.87
CA GLU FB 21 -4.81 -75.30 -29.49
C GLU FB 21 -5.24 -76.37 -30.47
N ARG FB 22 -6.11 -77.26 -29.99
CA ARG FB 22 -6.59 -78.40 -30.75
C ARG FB 22 -7.74 -77.99 -31.66
N SER FB 23 -8.16 -78.91 -32.52
CA SER FB 23 -9.30 -78.72 -33.41
C SER FB 23 -10.29 -79.86 -33.23
N ALA FB 24 -11.57 -79.53 -33.37
CA ALA FB 24 -12.63 -80.51 -33.25
C ALA FB 24 -12.92 -81.25 -34.55
N ARG FB 25 -12.29 -80.85 -35.65
CA ARG FB 25 -12.50 -81.51 -36.94
C ARG FB 25 -11.16 -81.70 -37.63
N GLY FB 26 -11.10 -82.72 -38.49
CA GLY FB 26 -9.91 -82.95 -39.29
C GLY FB 26 -9.10 -84.15 -38.84
N ILE FB 27 -9.21 -85.26 -39.56
CA ILE FB 27 -8.49 -86.48 -39.26
C ILE FB 27 -7.62 -86.84 -40.45
N ILE FB 28 -6.35 -87.11 -40.19
CA ILE FB 28 -5.37 -87.43 -41.23
C ILE FB 28 -4.88 -88.86 -40.99
N ALA FB 29 -4.76 -89.61 -42.07
CA ALA FB 29 -4.21 -90.96 -42.03
C ALA FB 29 -2.94 -91.01 -42.86
N MET FB 30 -1.86 -91.52 -42.26
CA MET FB 30 -0.57 -91.64 -42.93
C MET FB 30 -0.17 -93.11 -43.04
N VAL FB 31 0.36 -93.48 -44.20
CA VAL FB 31 0.86 -94.83 -44.45
C VAL FB 31 2.38 -94.77 -44.43
N LEU FB 32 2.99 -95.48 -43.48
CA LEU FB 32 4.44 -95.48 -43.31
C LEU FB 32 4.97 -96.89 -43.46
N LYS FB 33 6.28 -96.99 -43.66
CA LYS FB 33 6.97 -98.27 -43.83
C LYS FB 33 8.16 -98.33 -42.90
N ASP FB 34 8.08 -99.16 -41.86
CA ASP FB 34 9.15 -99.34 -40.91
C ASP FB 34 9.20 -100.80 -40.46
N ALA FB 35 10.39 -101.22 -40.02
CA ALA FB 35 10.59 -102.62 -39.65
C ALA FB 35 9.77 -103.02 -38.43
N LYS FB 36 9.62 -102.13 -37.45
CA LYS FB 36 8.92 -102.44 -36.22
C LYS FB 36 7.82 -101.41 -35.98
N ALA FB 37 7.10 -101.59 -34.87
CA ALA FB 37 5.95 -100.75 -34.52
C ALA FB 37 4.90 -100.77 -35.63
N LEU FB 38 4.37 -101.95 -35.89
CA LEU FB 38 3.45 -102.18 -36.99
C LEU FB 38 2.01 -101.94 -36.56
N GLY FB 39 1.14 -101.84 -37.55
CA GLY FB 39 -0.27 -101.70 -37.29
C GLY FB 39 -0.70 -100.27 -37.02
N LEU FB 40 -1.98 -100.15 -36.66
CA LEU FB 40 -2.58 -98.85 -36.42
C LEU FB 40 -1.97 -98.19 -35.19
N ASN FB 41 -1.88 -96.85 -35.23
CA ASN FB 41 -1.44 -96.04 -34.11
C ASN FB 41 -2.29 -94.79 -34.05
N GLU FB 42 -2.50 -94.29 -32.84
CA GLU FB 42 -3.30 -93.09 -32.61
C GLU FB 42 -2.42 -92.03 -31.97
N ILE FB 43 -2.39 -90.85 -32.56
CA ILE FB 43 -1.53 -89.75 -32.10
C ILE FB 43 -2.41 -88.54 -31.86
N HIS FB 44 -2.62 -88.21 -30.59
CA HIS FB 44 -3.39 -87.03 -30.22
C HIS FB 44 -2.50 -85.83 -29.93
N GLU FB 45 -1.38 -86.06 -29.24
CA GLU FB 45 -0.44 -85.01 -28.89
C GLU FB 45 0.90 -85.25 -29.58
N LYS FB 46 1.59 -84.14 -29.87
CA LYS FB 46 2.83 -84.22 -30.66
C LYS FB 46 3.93 -84.95 -29.91
N GLU FB 47 3.99 -84.80 -28.58
CA GLU FB 47 5.04 -85.46 -27.82
C GLU FB 47 4.96 -86.97 -27.92
N ASP FB 48 3.76 -87.53 -28.04
CA ASP FB 48 3.56 -88.97 -27.99
C ASP FB 48 3.74 -89.57 -29.37
N ILE FB 49 4.96 -90.02 -29.64
CA ILE FB 49 5.27 -90.80 -30.83
C ILE FB 49 5.98 -92.06 -30.35
N PRO FB 50 5.75 -93.22 -30.95
CA PRO FB 50 6.46 -94.43 -30.51
C PRO FB 50 7.97 -94.26 -30.59
N VAL FB 51 8.66 -94.73 -29.54
CA VAL FB 51 10.10 -94.61 -29.48
C VAL FB 51 10.76 -95.50 -30.52
N ASP FB 52 10.12 -96.62 -30.86
CA ASP FB 52 10.72 -97.60 -31.75
C ASP FB 52 10.93 -97.02 -33.15
N LEU FB 53 10.07 -96.09 -33.58
CA LEU FB 53 10.06 -95.63 -34.96
C LEU FB 53 11.37 -94.92 -35.32
N SER FB 54 11.65 -94.87 -36.62
CA SER FB 54 12.82 -94.19 -37.13
C SER FB 54 12.69 -92.68 -36.98
N ALA FB 55 13.84 -92.01 -37.04
CA ALA FB 55 13.86 -90.55 -36.88
C ALA FB 55 13.18 -89.85 -38.05
N GLU FB 56 13.37 -90.38 -39.27
CA GLU FB 56 12.74 -89.76 -40.44
C GLU FB 56 11.22 -89.88 -40.38
N ASN FB 57 10.71 -91.02 -39.93
CA ASN FB 57 9.26 -91.17 -39.74
C ASN FB 57 8.76 -90.22 -38.67
N LYS FB 58 9.53 -90.05 -37.59
CA LYS FB 58 9.15 -89.10 -36.55
C LYS FB 58 9.09 -87.68 -37.09
N GLU FB 59 10.04 -87.31 -37.95
CA GLU FB 59 10.01 -85.98 -38.53
C GLU FB 59 8.84 -85.81 -39.51
N TYR FB 60 8.47 -86.88 -40.22
CA TYR FB 60 7.26 -86.83 -41.03
C TYR FB 60 6.03 -86.57 -40.16
N ILE FB 61 5.95 -87.27 -39.03
CA ILE FB 61 4.80 -87.10 -38.14
C ILE FB 61 4.78 -85.68 -37.57
N ASN FB 62 5.94 -85.15 -37.23
CA ASN FB 62 6.01 -83.77 -36.72
C ASN FB 62 5.59 -82.78 -37.80
N LEU FB 63 6.02 -83.00 -39.04
CA LEU FB 63 5.58 -82.14 -40.14
C LEU FB 63 4.06 -82.17 -40.27
N ALA FB 64 3.46 -83.36 -40.14
CA ALA FB 64 2.00 -83.44 -40.16
C ALA FB 64 1.40 -82.65 -39.00
N LEU FB 65 1.98 -82.79 -37.81
CA LEU FB 65 1.41 -82.20 -36.61
C LEU FB 65 1.62 -80.69 -36.52
N MET FB 66 2.44 -80.11 -37.40
CA MET FB 66 2.57 -78.66 -37.43
C MET FB 66 1.22 -78.00 -37.67
N GLY FB 67 0.64 -78.23 -38.84
CA GLY FB 67 -0.73 -77.81 -39.12
C GLY FB 67 -0.93 -76.34 -39.45
N ASN FB 68 -1.96 -75.76 -38.87
CA ASN FB 68 -2.39 -74.40 -39.14
C ASN FB 68 -2.76 -73.79 -37.80
N VAL FB 69 -3.59 -72.73 -37.83
CA VAL FB 69 -4.06 -72.03 -36.64
C VAL FB 69 -4.46 -73.01 -35.53
N ASN FB 70 -4.98 -74.18 -35.90
CA ASN FB 70 -5.25 -75.24 -34.95
C ASN FB 70 -4.55 -76.53 -35.38
N THR FB 71 -4.14 -77.31 -34.39
CA THR FB 71 -3.58 -78.62 -34.65
C THR FB 71 -4.69 -79.58 -35.12
N PRO FB 72 -4.40 -80.47 -36.06
CA PRO FB 72 -5.44 -81.41 -36.51
C PRO FB 72 -5.97 -82.26 -35.36
N ASN FB 73 -7.23 -82.69 -35.51
CA ASN FB 73 -7.92 -83.40 -34.44
C ASN FB 73 -7.15 -84.63 -33.99
N LYS FB 74 -6.79 -85.50 -34.93
CA LYS FB 74 -6.07 -86.72 -34.58
C LYS FB 74 -5.37 -87.25 -35.81
N LEU FB 75 -4.37 -88.09 -35.58
CA LEU FB 75 -3.56 -88.65 -36.65
C LEU FB 75 -3.54 -90.16 -36.51
N LEU FB 76 -3.83 -90.86 -37.61
CA LEU FB 76 -3.82 -92.32 -37.64
C LEU FB 76 -2.63 -92.78 -38.46
N VAL FB 77 -1.68 -93.45 -37.81
CA VAL FB 77 -0.45 -93.90 -38.44
C VAL FB 77 -0.55 -95.41 -38.64
N TYR FB 78 -0.49 -95.86 -39.89
CA TYR FB 78 -0.49 -97.28 -40.22
C TYR FB 78 0.86 -97.63 -40.82
N VAL FB 79 1.57 -98.56 -40.19
CA VAL FB 79 2.94 -98.88 -40.53
C VAL FB 79 3.01 -100.33 -41.00
N ILE FB 80 3.79 -100.57 -42.05
CA ILE FB 80 4.02 -101.91 -42.59
C ILE FB 80 5.51 -102.17 -42.66
N GLU FB 81 5.87 -103.45 -42.60
CA GLU FB 81 7.28 -103.82 -42.43
C GLU FB 81 8.09 -103.58 -43.71
N GLY FB 82 7.44 -103.59 -44.87
CA GLY FB 82 8.15 -103.43 -46.12
C GLY FB 82 7.92 -104.61 -47.04
N GLU FB 83 8.09 -104.39 -48.35
CA GLU FB 83 7.80 -105.39 -49.37
C GLU FB 83 6.33 -105.84 -49.31
N ALA FB 84 5.48 -105.06 -48.66
CA ALA FB 84 4.07 -105.39 -48.49
C ALA FB 84 3.21 -104.45 -49.31
N ASP FB 85 2.25 -105.02 -50.03
CA ASP FB 85 1.44 -104.22 -50.95
C ASP FB 85 0.65 -103.16 -50.20
N ILE FB 86 0.50 -101.99 -50.84
CA ILE FB 86 -0.27 -100.90 -50.26
C ILE FB 86 -1.75 -101.26 -50.15
N GLN FB 87 -2.22 -102.19 -50.99
CA GLN FB 87 -3.64 -102.55 -50.99
C GLN FB 87 -4.08 -103.13 -49.65
N THR FB 88 -3.18 -103.80 -48.93
CA THR FB 88 -3.53 -104.26 -47.59
C THR FB 88 -3.82 -103.08 -46.67
N ALA FB 89 -2.99 -102.03 -46.74
CA ALA FB 89 -3.23 -100.84 -45.95
C ALA FB 89 -4.55 -100.19 -46.31
N LEU FB 90 -4.86 -100.12 -47.62
CA LEU FB 90 -6.13 -99.55 -48.03
C LEU FB 90 -7.31 -100.37 -47.51
N ASP FB 91 -7.20 -101.69 -47.60
CA ASP FB 91 -8.27 -102.56 -47.11
C ASP FB 91 -8.50 -102.36 -45.61
N PHE FB 92 -7.42 -102.25 -44.84
CA PHE FB 92 -7.60 -101.97 -43.41
C PHE FB 92 -8.22 -100.59 -43.19
N LEU FB 93 -7.77 -99.59 -43.94
CA LEU FB 93 -8.26 -98.24 -43.76
C LEU FB 93 -9.71 -98.08 -44.17
N GLU FB 94 -10.26 -99.02 -44.94
CA GLU FB 94 -11.68 -98.95 -45.31
C GLU FB 94 -12.58 -98.91 -44.08
N THR FB 95 -12.28 -99.72 -43.07
CA THR FB 95 -13.14 -99.80 -41.90
C THR FB 95 -12.98 -98.59 -40.97
N LYS FB 96 -11.90 -97.84 -41.10
CA LYS FB 96 -11.69 -96.66 -40.29
C LYS FB 96 -12.28 -95.43 -40.96
N GLU FB 97 -12.46 -94.37 -40.16
CA GLU FB 97 -12.99 -93.11 -40.66
C GLU FB 97 -11.92 -92.03 -40.58
N PHE FB 98 -11.83 -91.24 -41.64
CA PHE FB 98 -10.80 -90.20 -41.76
C PHE FB 98 -11.24 -89.21 -42.82
N ASN FB 99 -10.49 -88.12 -42.93
CA ASN FB 99 -10.76 -87.07 -43.90
C ASN FB 99 -9.73 -87.00 -45.01
N TYR FB 100 -8.45 -86.99 -44.67
CA TYR FB 100 -7.37 -86.87 -45.64
C TYR FB 100 -6.40 -88.01 -45.48
N LEU FB 101 -5.87 -88.51 -46.59
CA LEU FB 101 -4.89 -89.57 -46.60
C LEU FB 101 -3.64 -89.12 -47.36
N CYS FB 102 -2.48 -89.47 -46.84
CA CYS FB 102 -1.22 -89.14 -47.49
C CYS FB 102 -0.18 -90.19 -47.12
N MET FB 103 0.90 -90.22 -47.88
CA MET FB 103 2.01 -91.10 -47.58
C MET FB 103 3.30 -90.54 -48.21
N PRO FB 104 4.34 -90.33 -47.42
CA PRO FB 104 5.52 -89.61 -47.93
C PRO FB 104 6.41 -90.43 -48.86
N LYS FB 105 6.21 -91.74 -48.96
CA LYS FB 105 7.14 -92.60 -49.69
C LYS FB 105 6.43 -93.36 -50.82
N ALA FB 106 5.60 -92.66 -51.60
CA ALA FB 106 4.81 -93.31 -52.63
C ALA FB 106 5.54 -93.33 -53.96
N VAL FB 107 5.71 -94.52 -54.52
CA VAL FB 107 6.19 -94.69 -55.89
C VAL FB 107 5.01 -94.56 -56.85
N GLU FB 108 5.30 -94.48 -58.15
CA GLU FB 108 4.27 -94.16 -59.13
C GLU FB 108 3.14 -95.19 -59.15
N ALA FB 109 3.47 -96.47 -59.12
CA ALA FB 109 2.43 -97.50 -59.08
C ALA FB 109 1.62 -97.40 -57.82
N ASP FB 110 2.29 -97.07 -56.72
CA ASP FB 110 1.64 -96.87 -55.43
C ASP FB 110 0.69 -95.68 -55.53
N LYS FB 111 1.14 -94.62 -56.20
CA LYS FB 111 0.30 -93.44 -56.41
C LYS FB 111 -0.94 -93.79 -57.21
N THR FB 112 -0.78 -94.59 -58.27
CA THR FB 112 -1.92 -94.99 -59.08
C THR FB 112 -2.91 -95.82 -58.26
N ALA FB 113 -2.39 -96.73 -57.44
CA ALA FB 113 -3.27 -97.53 -56.59
C ALA FB 113 -4.06 -96.65 -55.64
N ILE FB 114 -3.41 -95.66 -55.03
CA ILE FB 114 -4.09 -94.78 -54.09
C ILE FB 114 -5.15 -93.95 -54.81
N LYS FB 115 -4.82 -93.44 -55.99
CA LYS FB 115 -5.79 -92.64 -56.74
C LYS FB 115 -7.01 -93.46 -57.12
N ASN FB 116 -6.78 -94.69 -57.60
CA ASN FB 116 -7.91 -95.55 -57.95
C ASN FB 116 -8.75 -95.89 -56.74
N TRP FB 117 -8.11 -96.13 -55.60
CA TRP FB 117 -8.84 -96.40 -54.37
C TRP FB 117 -9.72 -95.23 -53.97
N ILE FB 118 -9.17 -94.01 -54.07
CA ILE FB 118 -9.93 -92.82 -53.71
C ILE FB 118 -11.14 -92.65 -54.63
N ILE FB 119 -10.92 -92.83 -55.93
CA ILE FB 119 -12.04 -92.68 -56.87
C ILE FB 119 -13.10 -93.73 -56.60
N LYS FB 120 -12.70 -94.98 -56.34
CA LYS FB 120 -13.68 -96.03 -56.06
C LYS FB 120 -14.47 -95.72 -54.80
N LEU FB 121 -13.80 -95.25 -53.75
CA LEU FB 121 -14.52 -94.91 -52.52
C LEU FB 121 -15.50 -93.76 -52.74
N ARG FB 122 -15.09 -92.73 -53.47
CA ARG FB 122 -15.94 -91.57 -53.62
C ARG FB 122 -17.12 -91.84 -54.55
N ASP FB 123 -16.94 -92.66 -55.59
CA ASP FB 123 -17.95 -92.83 -56.61
C ASP FB 123 -18.88 -94.02 -56.38
N ILE FB 124 -18.38 -95.10 -55.79
CA ILE FB 124 -19.16 -96.34 -55.64
C ILE FB 124 -19.54 -96.59 -54.19
N ASP FB 125 -18.57 -96.50 -53.27
CA ASP FB 125 -18.85 -96.77 -51.87
C ASP FB 125 -19.63 -95.65 -51.18
N LYS FB 126 -19.80 -94.51 -51.85
CA LYS FB 126 -20.56 -93.38 -51.30
C LYS FB 126 -19.97 -92.89 -49.97
N VAL FB 127 -18.65 -92.82 -49.91
CA VAL FB 127 -17.93 -92.27 -48.76
C VAL FB 127 -17.02 -91.15 -49.26
N LYS FB 128 -17.13 -89.98 -48.65
CA LYS FB 128 -16.45 -88.78 -49.12
C LYS FB 128 -15.13 -88.62 -48.35
N VAL FB 129 -14.03 -89.01 -49.00
CA VAL FB 129 -12.69 -88.86 -48.45
C VAL FB 129 -11.79 -88.27 -49.51
N LYS FB 130 -10.66 -87.72 -49.06
CA LYS FB 130 -9.71 -87.05 -49.95
C LYS FB 130 -8.31 -87.54 -49.69
N ALA FB 131 -7.43 -87.30 -50.66
CA ALA FB 131 -6.02 -87.67 -50.56
C ALA FB 131 -5.17 -86.59 -51.18
N VAL FB 132 -4.06 -86.26 -50.52
CA VAL FB 132 -3.12 -85.25 -51.01
C VAL FB 132 -1.91 -86.00 -51.57
N LEU FB 133 -1.70 -85.89 -52.88
CA LEU FB 133 -0.69 -86.65 -53.58
C LEU FB 133 0.35 -85.73 -54.21
N GLY FB 134 1.55 -86.27 -54.41
CA GLY FB 134 2.66 -85.48 -54.90
C GLY FB 134 2.54 -85.03 -56.35
N LYS FB 135 2.64 -85.96 -57.29
CA LYS FB 135 2.62 -85.62 -58.71
C LYS FB 135 1.65 -86.55 -59.43
N VAL FB 136 0.38 -86.21 -59.40
CA VAL FB 136 -0.66 -87.00 -60.04
C VAL FB 136 -1.53 -86.07 -60.88
N VAL FB 137 -1.79 -86.46 -62.11
CA VAL FB 137 -2.53 -85.63 -63.05
C VAL FB 137 -4.02 -85.98 -63.04
N GLY FB 138 -4.49 -86.62 -61.96
CA GLY FB 138 -5.89 -87.02 -61.90
C GLY FB 138 -6.83 -85.84 -62.02
N ASN FB 139 -8.00 -86.10 -62.58
CA ASN FB 139 -8.98 -85.08 -62.89
C ASN FB 139 -10.11 -85.00 -61.87
N HIS FB 140 -10.00 -85.71 -60.76
CA HIS FB 140 -11.09 -85.80 -59.80
C HIS FB 140 -10.98 -84.71 -58.75
N GLU FB 141 -12.07 -84.51 -58.02
CA GLU FB 141 -12.13 -83.56 -56.91
C GLU FB 141 -11.68 -84.19 -55.60
N GLY FB 142 -11.38 -85.48 -55.59
CA GLY FB 142 -10.99 -86.16 -54.38
C GLY FB 142 -9.50 -86.15 -54.11
N ILE FB 143 -8.70 -85.85 -55.13
CA ILE FB 143 -7.25 -85.87 -55.00
C ILE FB 143 -6.72 -84.46 -55.27
N ILE FB 144 -5.68 -84.09 -54.54
CA ILE FB 144 -5.08 -82.76 -54.64
C ILE FB 144 -3.65 -82.93 -55.15
N ASN FB 145 -3.32 -82.22 -56.22
CA ASN FB 145 -2.01 -82.30 -56.85
C ASN FB 145 -1.13 -81.17 -56.34
N PHE FB 146 -0.13 -81.50 -55.55
CA PHE FB 146 0.79 -80.52 -54.96
C PHE FB 146 2.15 -80.70 -55.61
N THR FB 147 2.47 -79.82 -56.56
CA THR FB 147 3.69 -79.93 -57.36
C THR FB 147 4.65 -78.80 -56.98
N THR FB 148 5.51 -79.07 -55.99
CA THR FB 148 6.59 -78.17 -55.62
C THR FB 148 7.73 -79.01 -55.09
N GLU FB 149 8.93 -78.80 -55.65
CA GLU FB 149 10.08 -79.65 -55.39
C GLU FB 149 11.17 -78.87 -54.67
N ASP FB 150 12.00 -79.60 -53.93
CA ASP FB 150 13.19 -79.04 -53.27
C ASP FB 150 12.85 -77.85 -52.38
N VAL FB 151 12.10 -78.14 -51.32
CA VAL FB 151 11.71 -77.13 -50.34
C VAL FB 151 12.65 -77.24 -49.14
N LEU FB 152 13.20 -76.10 -48.73
CA LEU FB 152 14.16 -76.05 -47.63
C LEU FB 152 13.44 -75.72 -46.33
N VAL FB 153 13.58 -76.60 -45.34
CA VAL FB 153 13.07 -76.37 -44.00
C VAL FB 153 14.12 -76.87 -43.01
N GLY FB 154 14.64 -75.98 -42.18
CA GLY FB 154 15.65 -76.36 -41.22
C GLY FB 154 16.91 -76.92 -41.85
N GLU FB 155 17.43 -76.20 -42.85
CA GLU FB 155 18.55 -76.62 -43.70
C GLU FB 155 18.47 -78.10 -44.06
N LYS FB 156 17.28 -78.56 -44.46
CA LYS FB 156 17.08 -79.91 -44.95
C LYS FB 156 16.21 -79.87 -46.19
N LYS FB 157 16.54 -80.71 -47.17
CA LYS FB 157 15.80 -80.77 -48.43
C LYS FB 157 14.68 -81.80 -48.31
N TYR FB 158 13.48 -81.40 -48.72
CA TYR FB 158 12.33 -82.29 -48.74
C TYR FB 158 11.85 -82.44 -50.18
N SER FB 159 11.53 -83.67 -50.57
CA SER FB 159 11.01 -83.92 -51.91
C SER FB 159 9.54 -83.50 -51.99
N VAL FB 160 9.02 -83.51 -53.22
CA VAL FB 160 7.63 -83.13 -53.42
C VAL FB 160 6.70 -84.09 -52.70
N ASP FB 161 6.96 -85.39 -52.80
CA ASP FB 161 6.16 -86.38 -52.09
C ASP FB 161 6.32 -86.27 -50.58
N GLU FB 162 7.39 -85.62 -50.11
CA GLU FB 162 7.66 -85.59 -48.68
C GLU FB 162 6.87 -84.49 -47.97
N PHE FB 163 6.54 -83.40 -48.65
CA PHE FB 163 5.81 -82.31 -48.05
C PHE FB 163 4.30 -82.50 -48.07
N THR FB 164 3.79 -83.59 -48.65
CA THR FB 164 2.36 -83.83 -48.60
C THR FB 164 1.87 -83.96 -47.17
N SER FB 165 2.75 -84.37 -46.25
CA SER FB 165 2.40 -84.42 -44.84
C SER FB 165 2.06 -83.05 -44.30
N ARG FB 166 2.94 -82.07 -44.53
CA ARG FB 166 2.70 -80.72 -44.03
C ARG FB 166 1.49 -80.10 -44.72
N VAL FB 167 1.31 -80.37 -46.02
CA VAL FB 167 0.15 -79.84 -46.72
C VAL FB 167 -1.15 -80.38 -46.14
N ALA FB 168 -1.19 -81.70 -45.88
CA ALA FB 168 -2.38 -82.27 -45.27
C ALA FB 168 -2.64 -81.70 -43.90
N GLY FB 169 -1.58 -81.53 -43.10
CA GLY FB 169 -1.75 -80.91 -41.80
C GLY FB 169 -2.28 -79.49 -41.88
N LEU FB 170 -1.80 -78.72 -42.85
CA LEU FB 170 -2.28 -77.35 -43.03
C LEU FB 170 -3.74 -77.33 -43.42
N ILE FB 171 -4.13 -78.17 -44.37
CA ILE FB 171 -5.51 -78.19 -44.83
C ILE FB 171 -6.45 -78.64 -43.73
N ALA FB 172 -6.05 -79.65 -42.96
CA ALA FB 172 -6.91 -80.16 -41.90
C ALA FB 172 -6.97 -79.23 -40.69
N GLY FB 173 -6.01 -78.33 -40.54
CA GLY FB 173 -5.99 -77.40 -39.43
C GLY FB 173 -6.70 -76.10 -39.66
N THR FB 174 -7.37 -75.93 -40.79
CA THR FB 174 -8.05 -74.71 -41.16
C THR FB 174 -9.52 -74.77 -40.76
N PRO FB 175 -10.05 -73.75 -40.10
CA PRO FB 175 -11.48 -73.76 -39.76
C PRO FB 175 -12.36 -73.73 -41.00
N LEU FB 176 -13.57 -74.27 -40.86
CA LEU FB 176 -14.48 -74.40 -41.98
C LEU FB 176 -14.88 -73.07 -42.59
N SER FB 177 -14.77 -71.98 -41.84
CA SER FB 177 -15.17 -70.66 -42.33
C SER FB 177 -14.16 -70.07 -43.30
N GLN FB 178 -12.88 -70.38 -43.14
CA GLN FB 178 -11.81 -69.74 -43.88
C GLN FB 178 -11.38 -70.61 -45.06
N SER FB 179 -10.36 -70.15 -45.77
CA SER FB 179 -9.74 -70.87 -46.88
C SER FB 179 -8.23 -70.88 -46.68
N VAL FB 180 -7.53 -71.64 -47.52
CA VAL FB 180 -6.08 -71.78 -47.39
C VAL FB 180 -5.31 -70.87 -48.33
N THR FB 181 -6.00 -70.02 -49.08
CA THR FB 181 -5.31 -69.16 -50.03
C THR FB 181 -4.45 -68.13 -49.30
N TYR FB 182 -3.20 -68.00 -49.73
CA TYR FB 182 -2.26 -67.00 -49.21
C TYR FB 182 -1.95 -67.20 -47.73
N THR FB 183 -1.97 -68.45 -47.26
CA THR FB 183 -1.54 -68.76 -45.90
C THR FB 183 -0.02 -68.95 -45.91
N LYS FB 184 0.67 -68.17 -45.10
CA LYS FB 184 2.13 -68.15 -45.13
C LYS FB 184 2.72 -69.24 -44.24
N LEU FB 185 3.80 -69.84 -44.72
CA LEU FB 185 4.53 -70.87 -43.99
C LEU FB 185 5.77 -70.25 -43.35
N SER FB 186 5.82 -70.26 -42.03
CA SER FB 186 6.95 -69.66 -41.33
C SER FB 186 8.19 -70.55 -41.34
N ASP FB 187 8.01 -71.87 -41.33
CA ASP FB 187 9.15 -72.76 -41.24
C ASP FB 187 9.94 -72.83 -42.55
N VAL FB 188 9.29 -72.57 -43.68
CA VAL FB 188 9.98 -72.64 -44.96
C VAL FB 188 10.90 -71.44 -45.11
N VAL FB 189 12.09 -71.67 -45.65
CA VAL FB 189 13.08 -70.62 -45.83
C VAL FB 189 13.31 -70.31 -47.31
N ASP FB 190 13.26 -71.31 -48.19
CA ASP FB 190 13.52 -71.04 -49.60
C ASP FB 190 12.84 -72.11 -50.46
N ILE FB 191 12.43 -71.68 -51.66
CA ILE FB 191 11.88 -72.57 -52.68
C ILE FB 191 12.54 -72.24 -54.01
N PRO FB 192 12.53 -73.19 -54.95
CA PRO FB 192 13.15 -72.93 -56.25
C PRO FB 192 12.49 -71.75 -56.95
N LYS FB 193 13.31 -71.01 -57.69
CA LYS FB 193 12.86 -69.82 -58.38
C LYS FB 193 11.82 -70.16 -59.45
N MET FB 194 10.80 -69.32 -59.57
CA MET FB 194 9.73 -69.52 -60.53
C MET FB 194 9.28 -68.15 -61.05
N THR FB 195 8.61 -68.17 -62.20
CA THR FB 195 8.11 -66.95 -62.82
C THR FB 195 6.58 -66.91 -62.78
N LYS FB 196 6.05 -65.70 -62.89
CA LYS FB 196 4.61 -65.49 -62.69
C LYS FB 196 3.80 -66.21 -63.76
N VAL FB 197 4.24 -66.16 -65.02
CA VAL FB 197 3.49 -66.79 -66.10
C VAL FB 197 3.43 -68.30 -65.89
N ASP FB 198 4.56 -68.89 -65.49
CA ASP FB 198 4.58 -70.32 -65.21
C ASP FB 198 3.63 -70.68 -64.08
N ALA FB 199 3.66 -69.90 -62.99
CA ALA FB 199 2.78 -70.19 -61.85
C ALA FB 199 1.32 -70.08 -62.25
N GLU FB 200 0.98 -69.09 -63.06
CA GLU FB 200 -0.39 -68.94 -63.53
C GLU FB 200 -0.82 -70.14 -64.36
N SER FB 201 0.05 -70.59 -65.27
CA SER FB 201 -0.26 -71.77 -66.07
C SER FB 201 -0.47 -73.00 -65.19
N ARG FB 202 0.40 -73.18 -64.19
CA ARG FB 202 0.29 -74.34 -63.32
C ARG FB 202 -1.00 -74.32 -62.51
N VAL FB 203 -1.36 -73.15 -61.97
CA VAL FB 203 -2.60 -73.03 -61.23
C VAL FB 203 -3.79 -73.32 -62.12
N ASN FB 204 -3.75 -72.85 -63.37
CA ASN FB 204 -4.82 -73.17 -64.31
C ASN FB 204 -4.90 -74.67 -64.57
N LYS FB 205 -3.75 -75.33 -64.67
CA LYS FB 205 -3.75 -76.76 -64.97
C LYS FB 205 -4.26 -77.61 -63.82
N GLY FB 206 -4.47 -77.03 -62.65
CA GLY FB 206 -5.04 -77.74 -61.52
C GLY FB 206 -4.06 -78.17 -60.46
N GLU FB 207 -3.01 -77.40 -60.21
CA GLU FB 207 -1.98 -77.76 -59.25
C GLU FB 207 -1.97 -76.80 -58.07
N LEU FB 208 -1.75 -77.34 -56.89
CA LEU FB 208 -1.58 -76.55 -55.67
C LEU FB 208 -0.08 -76.35 -55.46
N ILE FB 209 0.39 -75.11 -55.61
CA ILE FB 209 1.80 -74.81 -55.62
C ILE FB 209 2.12 -73.81 -54.51
N LEU FB 210 3.40 -73.67 -54.23
CA LEU FB 210 3.91 -72.64 -53.33
C LEU FB 210 4.46 -71.47 -54.14
N ILE FB 211 4.44 -70.29 -53.55
CA ILE FB 211 4.86 -69.08 -54.24
C ILE FB 211 5.51 -68.14 -53.25
N LYS FB 212 6.40 -67.29 -53.76
CA LYS FB 212 7.02 -66.22 -52.98
C LYS FB 212 6.28 -64.93 -53.27
N GLU FB 213 5.67 -64.35 -52.24
CA GLU FB 213 4.87 -63.14 -52.41
C GLU FB 213 4.79 -62.42 -51.08
N ALA FB 214 4.79 -61.09 -51.15
CA ALA FB 214 4.59 -60.23 -49.98
C ALA FB 214 5.60 -60.53 -48.87
N GLY FB 215 6.83 -60.81 -49.27
CA GLY FB 215 7.90 -61.05 -48.30
C GLY FB 215 7.70 -62.29 -47.46
N ALA FB 216 7.15 -63.34 -48.04
CA ALA FB 216 6.96 -64.61 -47.33
C ALA FB 216 6.72 -65.69 -48.38
N ILE FB 217 6.52 -66.91 -47.90
CA ILE FB 217 6.20 -68.05 -48.75
C ILE FB 217 4.82 -68.54 -48.35
N ARG FB 218 3.91 -68.60 -49.31
CA ARG FB 218 2.51 -68.88 -49.01
C ARG FB 218 1.89 -69.68 -50.14
N ILE FB 219 0.68 -70.19 -49.86
CA ILE FB 219 -0.08 -70.94 -50.85
C ILE FB 219 -0.62 -69.99 -51.91
N ALA FB 220 -0.62 -70.45 -53.16
CA ALA FB 220 -1.13 -69.62 -54.25
C ALA FB 220 -2.65 -69.62 -54.29
N ARG FB 221 -3.25 -70.79 -54.56
CA ARG FB 221 -4.69 -70.91 -54.67
C ARG FB 221 -5.12 -72.21 -54.00
N GLY FB 222 -6.35 -72.23 -53.50
CA GLY FB 222 -6.87 -73.41 -52.83
C GLY FB 222 -7.73 -74.29 -53.73
N VAL FB 223 -7.24 -74.55 -54.94
CA VAL FB 223 -7.99 -75.36 -55.89
C VAL FB 223 -7.53 -76.82 -55.81
N ASN FB 224 -8.40 -77.72 -56.24
CA ASN FB 224 -8.07 -79.13 -56.36
C ASN FB 224 -7.80 -79.46 -57.82
N SER FB 225 -7.66 -80.76 -58.12
CA SER FB 225 -7.16 -81.22 -59.40
C SER FB 225 -8.22 -81.33 -60.49
N LEU FB 226 -9.47 -81.01 -60.20
CA LEU FB 226 -10.51 -81.11 -61.22
C LEU FB 226 -10.32 -80.00 -62.26
N THR FB 227 -10.34 -80.38 -63.54
CA THR FB 227 -10.07 -79.42 -64.60
C THR FB 227 -11.17 -79.41 -65.66
N GLU FB 228 -11.86 -80.52 -65.83
CA GLU FB 228 -12.92 -80.64 -66.83
C GLU FB 228 -14.26 -80.36 -66.16
N LEU FB 229 -14.97 -79.34 -66.64
CA LEU FB 229 -16.21 -78.88 -66.04
C LEU FB 229 -17.37 -79.21 -66.98
N THR FB 230 -18.41 -79.82 -66.43
CA THR FB 230 -19.63 -80.10 -67.16
C THR FB 230 -20.70 -79.08 -66.78
N ALA FB 231 -21.86 -79.19 -67.45
CA ALA FB 231 -22.96 -78.27 -67.16
C ALA FB 231 -23.46 -78.46 -65.73
N GLU FB 232 -23.63 -79.71 -65.29
CA GLU FB 232 -24.16 -79.96 -63.96
C GLU FB 232 -23.12 -79.81 -62.87
N LYS FB 233 -21.83 -79.88 -63.18
CA LYS FB 233 -20.82 -79.76 -62.14
C LYS FB 233 -20.51 -78.29 -61.85
N GLY FB 234 -19.97 -77.57 -62.81
CA GLY FB 234 -19.70 -76.15 -62.65
C GLY FB 234 -18.34 -75.86 -62.04
N GLU FB 235 -18.03 -74.57 -61.97
CA GLU FB 235 -16.72 -74.11 -61.51
C GLU FB 235 -16.62 -74.10 -59.99
N MET FB 236 -17.75 -74.15 -59.28
CA MET FB 236 -17.72 -74.12 -57.82
C MET FB 236 -17.11 -75.39 -57.23
N PHE FB 237 -16.99 -76.45 -58.01
CA PHE FB 237 -16.45 -77.71 -57.53
C PHE FB 237 -14.94 -77.78 -57.57
N GLN FB 238 -14.27 -76.74 -58.06
CA GLN FB 238 -12.81 -76.69 -58.12
C GLN FB 238 -12.19 -76.10 -56.86
N LYS FB 239 -12.97 -75.73 -55.87
CA LYS FB 239 -12.45 -75.11 -54.66
C LYS FB 239 -12.47 -76.11 -53.50
N ILE FB 240 -11.42 -76.07 -52.68
CA ILE FB 240 -11.28 -77.03 -51.59
C ILE FB 240 -12.34 -76.78 -50.52
N LYS FB 241 -12.62 -75.51 -50.22
CA LYS FB 241 -13.55 -75.17 -49.14
C LYS FB 241 -14.97 -75.66 -49.45
N ILE FB 242 -15.43 -75.47 -50.68
CA ILE FB 242 -16.77 -75.90 -51.06
C ILE FB 242 -16.90 -77.42 -50.95
N VAL FB 243 -15.89 -78.15 -51.43
CA VAL FB 243 -15.94 -79.61 -51.36
C VAL FB 243 -15.91 -80.06 -49.91
N ASP FB 244 -15.15 -79.38 -49.06
CA ASP FB 244 -15.10 -79.74 -47.65
C ASP FB 244 -16.46 -79.61 -46.99
N THR FB 245 -17.13 -78.47 -47.18
CA THR FB 245 -18.44 -78.31 -46.54
C THR FB 245 -19.46 -79.27 -47.13
N LEU FB 246 -19.39 -79.53 -48.43
CA LEU FB 246 -20.30 -80.51 -49.03
C LEU FB 246 -20.10 -81.89 -48.43
N ASP FB 247 -18.84 -82.28 -48.21
CA ASP FB 247 -18.58 -83.60 -47.63
C ASP FB 247 -19.06 -83.69 -46.20
N ILE FB 248 -18.91 -82.61 -45.42
CA ILE FB 248 -19.44 -82.63 -44.05
C ILE FB 248 -20.95 -82.82 -44.07
N ILE FB 249 -21.63 -82.09 -44.95
CA ILE FB 249 -23.09 -82.21 -45.06
C ILE FB 249 -23.47 -83.64 -45.45
N HIS FB 250 -22.77 -84.21 -46.43
CA HIS FB 250 -23.06 -85.57 -46.88
C HIS FB 250 -22.93 -86.55 -45.74
N SER FB 251 -21.82 -86.48 -45.00
CA SER FB 251 -21.58 -87.44 -43.93
C SER FB 251 -22.64 -87.32 -42.84
N ASP FB 252 -22.99 -86.10 -42.44
CA ASP FB 252 -23.97 -85.93 -41.37
C ASP FB 252 -25.35 -86.46 -41.77
N ILE FB 253 -25.80 -86.11 -42.98
CA ILE FB 253 -27.11 -86.58 -43.43
C ILE FB 253 -27.13 -88.10 -43.56
N ARG FB 254 -26.06 -88.67 -44.12
CA ARG FB 254 -25.99 -90.12 -44.25
C ARG FB 254 -26.04 -90.79 -42.88
N LYS FB 255 -25.34 -90.22 -41.90
CA LYS FB 255 -25.36 -90.80 -40.56
C LYS FB 255 -26.76 -90.83 -39.98
N VAL FB 256 -27.46 -89.69 -40.04
CA VAL FB 256 -28.80 -89.68 -39.43
C VAL FB 256 -29.74 -90.62 -40.17
N ILE FB 257 -29.66 -90.66 -41.51
CA ILE FB 257 -30.57 -91.50 -42.27
C ILE FB 257 -30.32 -92.97 -41.96
N ILE FB 258 -29.05 -93.39 -41.92
CA ILE FB 258 -28.75 -94.78 -41.66
C ILE FB 258 -29.11 -95.16 -40.22
N ASP FB 259 -28.88 -94.25 -39.27
CA ASP FB 259 -29.09 -94.59 -37.87
C ASP FB 259 -30.57 -94.71 -37.53
N ASP FB 260 -31.41 -93.82 -38.08
CA ASP FB 260 -32.77 -93.70 -37.57
C ASP FB 260 -33.86 -94.32 -38.43
N TYR FB 261 -33.62 -94.58 -39.71
CA TYR FB 261 -34.73 -94.94 -40.59
C TYR FB 261 -34.52 -96.19 -41.44
N ILE FB 262 -33.28 -96.58 -41.74
CA ILE FB 262 -33.08 -97.75 -42.61
C ILE FB 262 -33.50 -99.01 -41.86
N GLY FB 263 -34.51 -99.71 -42.39
CA GLY FB 263 -35.02 -100.91 -41.78
C GLY FB 263 -35.77 -100.73 -40.49
N LYS FB 264 -35.69 -99.55 -39.85
CA LYS FB 264 -36.32 -99.34 -38.56
C LYS FB 264 -37.82 -99.13 -38.69
N VAL FB 265 -38.27 -98.48 -39.76
CA VAL FB 265 -39.66 -98.07 -39.89
C VAL FB 265 -40.23 -98.59 -41.20
N THR FB 266 -41.56 -98.70 -41.25
CA THR FB 266 -42.24 -99.11 -42.46
C THR FB 266 -42.26 -97.95 -43.46
N ASN FB 267 -42.30 -98.30 -44.74
CA ASN FB 267 -42.25 -97.32 -45.81
C ASN FB 267 -43.66 -96.79 -46.05
N SER FB 268 -44.01 -95.73 -45.34
CA SER FB 268 -45.31 -95.09 -45.48
C SER FB 268 -45.12 -93.58 -45.63
N TYR FB 269 -46.15 -92.92 -46.15
CA TYR FB 269 -46.07 -91.49 -46.42
C TYR FB 269 -45.80 -90.68 -45.16
N ASP FB 270 -46.41 -91.09 -44.04
CA ASP FB 270 -46.22 -90.39 -42.78
C ASP FB 270 -44.76 -90.44 -42.33
N ASN FB 271 -44.13 -91.61 -42.46
CA ASN FB 271 -42.73 -91.74 -42.11
C ASN FB 271 -41.85 -90.91 -43.05
N LYS FB 272 -42.23 -90.81 -44.32
CA LYS FB 272 -41.48 -89.94 -45.23
C LYS FB 272 -41.57 -88.49 -44.78
N CYS FB 273 -42.74 -88.06 -44.34
CA CYS FB 273 -42.88 -86.69 -43.83
C CYS FB 273 -42.03 -86.48 -42.58
N LEU FB 274 -41.99 -87.47 -41.69
CA LEU FB 274 -41.13 -87.36 -40.51
C LEU FB 274 -39.67 -87.23 -40.89
N LEU FB 275 -39.22 -88.03 -41.87
CA LEU FB 275 -37.85 -87.93 -42.35
C LEU FB 275 -37.57 -86.55 -42.94
N ILE FB 276 -38.53 -86.01 -43.70
CA ILE FB 276 -38.37 -84.68 -44.27
C ILE FB 276 -38.18 -83.65 -43.16
N VAL FB 277 -38.98 -83.75 -42.11
CA VAL FB 277 -38.88 -82.81 -40.99
C VAL FB 277 -37.51 -82.93 -40.32
N ALA FB 278 -37.02 -84.16 -40.15
CA ALA FB 278 -35.72 -84.35 -39.52
C ALA FB 278 -34.59 -83.71 -40.34
N ILE FB 279 -34.60 -83.94 -41.65
CA ILE FB 279 -33.57 -83.35 -42.50
C ILE FB 279 -33.66 -81.84 -42.48
N LYS FB 280 -34.88 -81.29 -42.50
CA LYS FB 280 -35.04 -79.84 -42.47
C LYS FB 280 -34.51 -79.26 -41.16
N SER FB 281 -34.74 -79.95 -40.05
CA SER FB 281 -34.22 -79.47 -38.77
C SER FB 281 -32.69 -79.46 -38.78
N TYR FB 282 -32.08 -80.49 -39.35
CA TYR FB 282 -30.62 -80.48 -39.46
C TYR FB 282 -30.14 -79.30 -40.31
N LEU FB 283 -30.82 -79.03 -41.42
CA LEU FB 283 -30.42 -77.92 -42.28
C LEU FB 283 -30.57 -76.60 -41.56
N GLU FB 284 -31.62 -76.45 -40.75
CA GLU FB 284 -31.79 -75.23 -39.97
C GLU FB 284 -30.67 -75.06 -38.95
N GLU FB 285 -30.26 -76.17 -38.31
CA GLU FB 285 -29.11 -76.11 -37.42
C GLU FB 285 -27.88 -75.63 -38.16
N LEU FB 286 -27.65 -76.14 -39.37
CA LEU FB 286 -26.51 -75.68 -40.16
C LEU FB 286 -26.62 -74.19 -40.48
N GLU FB 287 -27.82 -73.73 -40.81
CA GLU FB 287 -28.01 -72.31 -41.12
C GLU FB 287 -27.68 -71.44 -39.91
N LYS FB 288 -28.10 -71.87 -38.72
CA LYS FB 288 -27.79 -71.10 -37.51
C LYS FB 288 -26.29 -71.03 -37.26
N SER FB 289 -25.55 -72.07 -37.62
CA SER FB 289 -24.10 -72.09 -37.48
C SER FB 289 -23.39 -71.24 -38.52
N ALA FB 290 -24.13 -70.69 -39.48
CA ALA FB 290 -23.63 -69.78 -40.51
C ALA FB 290 -22.76 -70.47 -41.55
N LEU FB 291 -22.87 -71.78 -41.70
CA LEU FB 291 -22.15 -72.46 -42.78
C LEU FB 291 -22.81 -72.23 -44.13
N ILE FB 292 -24.15 -72.25 -44.18
CA ILE FB 292 -24.89 -72.05 -45.41
C ILE FB 292 -25.84 -70.88 -45.21
N GLU FB 293 -26.46 -70.47 -46.31
CA GLU FB 293 -27.37 -69.34 -46.29
C GLU FB 293 -28.79 -69.80 -45.94
N SER FB 294 -29.62 -68.84 -45.59
CA SER FB 294 -30.98 -69.12 -45.14
C SER FB 294 -31.87 -69.51 -46.32
N ASP FB 295 -33.09 -69.92 -45.98
CA ASP FB 295 -34.13 -70.27 -46.95
C ASP FB 295 -33.73 -71.49 -47.78
N SER FB 296 -33.42 -72.58 -47.09
CA SER FB 296 -33.18 -73.87 -47.71
C SER FB 296 -34.42 -74.74 -47.54
N THR FB 297 -34.74 -75.52 -48.57
CA THR FB 297 -35.98 -76.28 -48.61
C THR FB 297 -35.71 -77.76 -48.76
N VAL FB 298 -36.66 -78.57 -48.30
CA VAL FB 298 -36.69 -80.02 -48.50
C VAL FB 298 -38.11 -80.42 -48.85
N GLU FB 299 -38.26 -81.30 -49.83
CA GLU FB 299 -39.59 -81.72 -50.25
C GLU FB 299 -39.51 -83.04 -51.01
N ILE FB 300 -40.68 -83.61 -51.26
CA ILE FB 300 -40.79 -84.85 -52.03
C ILE FB 300 -40.46 -84.57 -53.50
N ASP FB 301 -39.61 -85.41 -54.07
CA ASP FB 301 -39.27 -85.31 -55.49
C ASP FB 301 -40.40 -85.92 -56.30
N PHE FB 302 -41.24 -85.06 -56.88
CA PHE FB 302 -42.45 -85.55 -57.54
C PHE FB 302 -42.14 -86.18 -58.89
N GLU FB 303 -41.28 -85.55 -59.69
CA GLU FB 303 -41.00 -86.06 -61.03
C GLU FB 303 -40.36 -87.44 -60.98
N ALA FB 304 -39.42 -87.64 -60.05
CA ALA FB 304 -38.78 -88.95 -59.92
C ALA FB 304 -39.78 -90.01 -59.50
N GLN FB 305 -40.68 -89.68 -58.57
CA GLN FB 305 -41.71 -90.63 -58.16
C GLN FB 305 -42.64 -90.97 -59.33
N LYS FB 306 -43.02 -89.97 -60.12
CA LYS FB 306 -43.88 -90.23 -61.27
C LYS FB 306 -43.18 -91.12 -62.28
N SER FB 307 -41.88 -90.87 -62.53
CA SER FB 307 -41.15 -91.72 -63.45
C SER FB 307 -41.05 -93.14 -62.93
N TYR FB 308 -40.79 -93.30 -61.64
CA TYR FB 308 -40.72 -94.65 -61.08
C TYR FB 308 -42.05 -95.38 -61.20
N LEU FB 309 -43.16 -94.69 -60.89
CA LEU FB 309 -44.47 -95.31 -61.00
C LEU FB 309 -44.78 -95.69 -62.44
N LYS FB 310 -44.39 -94.85 -63.40
CA LYS FB 310 -44.57 -95.20 -64.81
C LYS FB 310 -43.73 -96.41 -65.17
N SER FB 311 -42.52 -96.51 -64.62
CA SER FB 311 -41.66 -97.65 -64.90
C SER FB 311 -42.28 -98.95 -64.40
N LYS FB 312 -42.96 -98.89 -63.25
CA LYS FB 312 -43.62 -100.10 -62.73
C LYS FB 312 -44.82 -100.50 -63.55
N GLY FB 313 -45.25 -99.67 -64.51
CA GLY FB 313 -46.36 -100.01 -65.36
C GLY FB 313 -47.72 -99.65 -64.84
N VAL FB 314 -47.83 -98.94 -63.72
CA VAL FB 314 -49.14 -98.53 -63.24
C VAL FB 314 -49.70 -97.43 -64.14
N ASP FB 315 -51.02 -97.33 -64.16
CA ASP FB 315 -51.69 -96.35 -65.01
C ASP FB 315 -51.73 -95.00 -64.32
N LEU FB 316 -51.30 -93.97 -65.03
CA LEU FB 316 -51.26 -92.62 -64.48
C LEU FB 316 -52.50 -91.80 -64.81
N SER FB 317 -53.37 -92.30 -65.68
CA SER FB 317 -54.59 -91.59 -66.03
C SER FB 317 -55.62 -91.67 -64.91
N TYR FB 318 -56.49 -90.66 -64.85
CA TYR FB 318 -57.58 -90.60 -63.88
C TYR FB 318 -57.06 -90.70 -62.45
N MET FB 319 -55.92 -90.05 -62.19
CA MET FB 319 -55.31 -90.05 -60.87
C MET FB 319 -55.01 -88.63 -60.45
N THR FB 320 -55.38 -88.28 -59.23
CA THR FB 320 -55.13 -86.96 -58.70
C THR FB 320 -53.65 -86.81 -58.33
N LEU FB 321 -53.20 -85.56 -58.20
CA LEU FB 321 -51.82 -85.30 -57.83
C LEU FB 321 -51.51 -85.85 -56.45
N GLN FB 322 -52.44 -85.69 -55.50
CA GLN FB 322 -52.23 -86.24 -54.16
C GLN FB 322 -52.15 -87.76 -54.20
N GLU FB 323 -52.92 -88.39 -55.09
CA GLU FB 323 -52.85 -89.84 -55.21
C GLU FB 323 -51.47 -90.31 -55.68
N ILE FB 324 -50.90 -89.60 -56.66
CA ILE FB 324 -49.55 -89.93 -57.11
C ILE FB 324 -48.54 -89.67 -55.99
N LYS FB 325 -48.68 -88.54 -55.30
CA LYS FB 325 -47.72 -88.18 -54.26
C LYS FB 325 -47.70 -89.20 -53.12
N GLU FB 326 -48.87 -89.68 -52.72
CA GLU FB 326 -49.01 -90.60 -51.60
C GLU FB 326 -49.00 -92.06 -52.02
N ALA FB 327 -48.79 -92.37 -53.29
CA ALA FB 327 -48.76 -93.74 -53.75
C ALA FB 327 -47.55 -94.47 -53.18
N ASN FB 328 -47.70 -95.78 -52.97
CA ASN FB 328 -46.64 -96.60 -52.40
C ASN FB 328 -45.59 -96.95 -53.44
N THR FB 329 -44.33 -96.89 -53.04
CA THR FB 329 -43.19 -97.14 -53.92
C THR FB 329 -42.30 -98.24 -53.37
N GLY FB 330 -42.91 -99.32 -52.88
CA GLY FB 330 -42.14 -100.44 -52.36
C GLY FB 330 -41.29 -100.09 -51.17
N SER FB 331 -39.98 -100.01 -51.39
CA SER FB 331 -39.03 -99.61 -50.35
C SER FB 331 -38.28 -98.34 -50.69
N LYS FB 332 -38.54 -97.73 -51.84
CA LYS FB 332 -37.77 -96.58 -52.30
C LYS FB 332 -38.35 -95.28 -51.77
N VAL FB 333 -37.48 -94.30 -51.59
CA VAL FB 333 -37.84 -92.96 -51.15
C VAL FB 333 -37.15 -91.95 -52.07
N PHE FB 334 -37.89 -90.96 -52.55
CA PHE FB 334 -37.35 -89.93 -53.43
C PHE FB 334 -37.50 -88.57 -52.76
N LEU FB 335 -36.38 -87.83 -52.67
CA LEU FB 335 -36.38 -86.52 -52.04
C LEU FB 335 -35.51 -85.57 -52.84
N LYS FB 336 -35.64 -84.27 -52.55
CA LYS FB 336 -34.80 -83.25 -53.15
C LYS FB 336 -34.73 -82.05 -52.22
N ALA FB 337 -33.69 -81.23 -52.41
CA ALA FB 337 -33.45 -80.11 -51.52
C ALA FB 337 -32.70 -79.02 -52.26
N LYS FB 338 -32.45 -77.90 -51.58
CA LYS FB 338 -31.76 -76.75 -52.16
C LYS FB 338 -31.00 -76.02 -51.06
N ILE FB 339 -29.73 -75.69 -51.33
CA ILE FB 339 -28.87 -74.97 -50.39
C ILE FB 339 -28.07 -73.93 -51.15
N LYS FB 340 -27.40 -73.07 -50.40
CA LYS FB 340 -26.55 -72.02 -50.97
C LYS FB 340 -25.33 -71.83 -50.08
N VAL FB 341 -24.15 -71.86 -50.68
CA VAL FB 341 -22.88 -71.76 -49.97
C VAL FB 341 -22.10 -70.57 -50.50
N LEU FB 342 -21.56 -69.76 -49.59
CA LEU FB 342 -20.79 -68.58 -49.96
C LEU FB 342 -19.30 -68.91 -50.07
N ASP FB 343 -18.57 -67.98 -50.67
CA ASP FB 343 -17.13 -68.08 -50.89
C ASP FB 343 -16.42 -66.96 -50.15
N ALA FB 344 -15.10 -67.04 -50.09
CA ALA FB 344 -14.28 -66.09 -49.35
C ALA FB 344 -13.67 -65.05 -50.29
N MET FB 345 -13.29 -63.91 -49.71
CA MET FB 345 -12.65 -62.85 -50.48
C MET FB 345 -11.27 -63.31 -50.94
N GLU FB 346 -11.03 -63.23 -52.25
CA GLU FB 346 -9.73 -63.59 -52.81
C GLU FB 346 -9.21 -62.63 -53.87
N ASP FB 347 -10.07 -61.85 -54.52
CA ASP FB 347 -9.66 -60.89 -55.53
C ASP FB 347 -10.28 -59.55 -55.23
N ILE FB 348 -9.47 -58.49 -55.22
CA ILE FB 348 -9.94 -57.15 -54.89
C ILE FB 348 -9.46 -56.19 -55.96
N ASP FB 349 -10.39 -55.39 -56.51
CA ASP FB 349 -10.10 -54.42 -57.55
C ASP FB 349 -10.43 -53.03 -57.04
N LEU FB 350 -9.40 -52.20 -56.86
CA LEU FB 350 -9.56 -50.84 -56.36
C LEU FB 350 -9.07 -49.86 -57.41
N SER FB 351 -9.93 -48.92 -57.77
CA SER FB 351 -9.61 -47.90 -58.76
C SER FB 351 -9.59 -46.54 -58.07
N ILE FB 352 -8.47 -45.84 -58.18
CA ILE FB 352 -8.25 -44.57 -57.48
C ILE FB 352 -8.08 -43.47 -58.52
N GLU FB 353 -8.82 -42.38 -58.35
CA GLU FB 353 -8.69 -41.20 -59.21
C GLU FB 353 -7.86 -40.16 -58.48
N ILE FB 354 -6.77 -39.73 -59.10
CA ILE FB 354 -5.89 -38.74 -58.50
C ILE FB 354 -6.07 -37.40 -59.18
N SER GB 2 44.23 34.84 -31.16
CA SER GB 2 44.35 35.52 -29.88
C SER GB 2 43.53 34.80 -28.81
N THR GB 3 42.21 34.74 -29.02
CA THR GB 3 41.31 34.13 -28.07
C THR GB 3 41.31 32.61 -28.21
N ILE GB 4 41.25 31.93 -27.09
CA ILE GB 4 41.26 30.47 -27.08
C ILE GB 4 39.91 29.92 -27.52
N PHE GB 5 39.93 28.70 -28.05
CA PHE GB 5 38.72 27.98 -28.43
C PHE GB 5 38.57 26.79 -27.50
N PRO GB 6 37.66 26.84 -26.53
CA PRO GB 6 37.66 25.83 -25.46
C PRO GB 6 36.88 24.57 -25.80
N PHE GB 7 36.57 24.35 -27.07
CA PHE GB 7 35.80 23.19 -27.47
C PHE GB 7 36.64 22.29 -28.36
N ILE GB 8 36.22 21.01 -28.45
CA ILE GB 8 36.96 20.03 -29.21
C ILE GB 8 36.77 20.28 -30.69
N GLY GB 9 37.87 20.42 -31.41
CA GLY GB 9 37.83 20.60 -32.85
C GLY GB 9 38.13 22.03 -33.29
N VAL GB 10 37.43 22.48 -34.33
CA VAL GB 10 37.60 23.82 -34.89
C VAL GB 10 36.23 24.40 -35.18
N PRO GB 11 36.15 25.73 -35.26
CA PRO GB 11 34.84 26.37 -35.51
C PRO GB 11 34.11 25.84 -36.74
N GLU GB 12 34.83 25.28 -37.71
CA GLU GB 12 34.19 24.80 -38.93
C GLU GB 12 33.29 23.59 -38.67
N ASP GB 13 33.63 22.76 -37.69
CA ASP GB 13 32.85 21.56 -37.44
C ASP GB 13 31.52 21.84 -36.79
N TYR GB 14 31.29 23.05 -36.29
CA TYR GB 14 30.07 23.38 -35.58
C TYR GB 14 29.05 24.11 -36.44
N ILE GB 15 29.27 24.16 -37.75
CA ILE GB 15 28.29 24.70 -38.68
C ILE GB 15 27.38 23.57 -39.11
N LEU GB 16 26.09 23.69 -38.80
CA LEU GB 16 25.15 22.64 -39.15
C LEU GB 16 24.34 23.03 -40.38
N PRO GB 17 24.40 22.19 -41.42
CA PRO GB 17 23.64 22.43 -42.65
C PRO GB 17 22.16 22.28 -42.35
N LYS GB 18 21.33 23.11 -42.98
CA LYS GB 18 19.89 23.02 -42.73
C LYS GB 18 19.35 21.67 -43.16
N THR GB 19 18.49 21.09 -42.34
CA THR GB 19 17.87 19.82 -42.67
C THR GB 19 16.68 20.04 -43.59
N GLU GB 20 16.66 19.29 -44.68
CA GLU GB 20 15.66 19.45 -45.72
C GLU GB 20 15.04 18.09 -46.03
N GLU GB 21 13.99 18.12 -46.83
CA GLU GB 21 13.36 16.88 -47.28
C GLU GB 21 14.35 16.06 -48.10
N LEU GB 22 14.06 14.79 -48.23
CA LEU GB 22 14.93 13.92 -49.02
C LEU GB 22 14.91 14.38 -50.48
N PRO GB 23 16.07 14.42 -51.14
CA PRO GB 23 16.10 14.80 -52.55
C PRO GB 23 15.35 13.79 -53.41
N ILE GB 24 14.88 14.27 -54.56
CA ILE GB 24 14.01 13.46 -55.40
C ILE GB 24 14.74 12.20 -55.84
N PHE GB 25 14.07 11.05 -55.69
CA PHE GB 25 14.68 9.75 -55.95
C PHE GB 25 14.81 9.53 -57.45
N ARG GB 26 16.03 9.29 -57.91
CA ARG GB 26 16.33 9.11 -59.34
C ARG GB 26 17.24 7.90 -59.54
N GLU GB 27 17.03 7.17 -60.62
CA GLU GB 27 17.73 5.92 -60.86
C GLU GB 27 17.76 5.64 -62.35
N VAL GB 28 18.73 4.84 -62.77
CA VAL GB 28 18.83 4.42 -64.17
C VAL GB 28 17.69 3.46 -64.50
N ALA GB 29 17.05 3.67 -65.65
CA ALA GB 29 15.94 2.84 -66.07
C ALA GB 29 16.40 1.41 -66.35
N TRP GB 30 15.49 0.46 -66.12
CA TRP GB 30 15.79 -0.97 -66.23
C TRP GB 30 14.70 -1.65 -67.03
N ASP GB 31 15.07 -2.71 -67.74
CA ASP GB 31 14.14 -3.50 -68.54
C ASP GB 31 13.96 -4.85 -67.86
N PHE GB 32 12.78 -5.07 -67.27
CA PHE GB 32 12.56 -6.27 -66.48
C PHE GB 32 12.47 -7.52 -67.33
N GLU GB 33 11.91 -7.41 -68.55
CA GLU GB 33 11.71 -8.59 -69.37
C GLU GB 33 13.03 -9.23 -69.78
N LYS GB 34 14.04 -8.42 -70.09
CA LYS GB 34 15.32 -8.91 -70.56
C LYS GB 34 16.45 -8.70 -69.57
N ASP GB 35 16.21 -8.02 -68.45
CA ASP GB 35 17.20 -7.80 -67.40
C ASP GB 35 18.41 -7.02 -67.95
N GLU GB 36 18.13 -5.81 -68.42
CA GLU GB 36 19.16 -4.94 -68.98
C GLU GB 36 18.83 -3.49 -68.66
N PRO GB 37 19.83 -2.64 -68.51
CA PRO GB 37 19.59 -1.20 -68.49
C PRO GB 37 19.18 -0.70 -69.86
N ILE GB 38 18.46 0.41 -69.87
CA ILE GB 38 17.84 0.95 -71.08
C ILE GB 38 18.62 2.17 -71.55
N LEU GB 39 19.00 2.17 -72.82
CA LEU GB 39 19.72 3.29 -73.43
C LEU GB 39 18.76 4.14 -74.24
N GLU GB 40 18.96 5.45 -74.21
CA GLU GB 40 18.10 6.39 -74.91
C GLU GB 40 18.96 7.48 -75.53
N LYS GB 41 18.86 7.62 -76.85
CA LYS GB 41 19.64 8.62 -77.61
C LYS GB 41 21.13 8.50 -77.33
N GLY GB 42 21.61 7.26 -77.31
CA GLY GB 42 23.02 7.02 -77.05
C GLY GB 42 23.48 7.40 -75.66
N ASP GB 43 22.66 7.16 -74.65
CA ASP GB 43 23.04 7.39 -73.26
C ASP GB 43 22.06 6.68 -72.35
N PHE GB 44 22.42 6.58 -71.08
CA PHE GB 44 21.54 5.99 -70.08
C PHE GB 44 20.31 6.87 -69.87
N LYS GB 45 19.18 6.23 -69.60
CA LYS GB 45 17.92 6.93 -69.40
C LYS GB 45 17.58 6.94 -67.92
N ILE GB 46 17.29 8.12 -67.39
CA ILE GB 46 17.07 8.32 -65.96
C ILE GB 46 15.58 8.55 -65.72
N ILE GB 47 15.02 7.78 -64.79
CA ILE GB 47 13.62 7.91 -64.42
C ILE GB 47 13.54 8.44 -62.99
N GLU GB 48 12.32 8.78 -62.57
CA GLU GB 48 12.13 9.57 -61.37
C GLU GB 48 10.98 9.01 -60.54
N LYS GB 49 11.07 9.23 -59.23
CA LYS GB 49 10.01 8.90 -58.26
C LYS GB 49 9.70 7.41 -58.32
N LYS GB 50 8.46 7.01 -58.59
CA LYS GB 50 8.02 5.64 -58.29
C LYS GB 50 8.63 4.62 -59.23
N GLU GB 51 8.94 5.00 -60.47
CA GLU GB 51 9.59 4.07 -61.38
C GLU GB 51 10.97 3.67 -60.88
N ALA GB 52 11.73 4.65 -60.38
CA ALA GB 52 13.02 4.34 -59.76
C ALA GB 52 12.84 3.43 -58.55
N LEU GB 53 11.78 3.66 -57.77
CA LEU GB 53 11.51 2.79 -56.64
C LEU GB 53 11.20 1.37 -57.10
N LYS GB 54 10.50 1.24 -58.22
CA LYS GB 54 10.24 -0.10 -58.77
C LYS GB 54 11.54 -0.80 -59.11
N VAL GB 55 12.46 -0.08 -59.75
CA VAL GB 55 13.76 -0.67 -60.08
C VAL GB 55 14.47 -1.13 -58.81
N TRP GB 56 14.50 -0.27 -57.80
CA TRP GB 56 15.21 -0.60 -56.56
C TRP GB 56 14.58 -1.79 -55.87
N ILE GB 57 13.25 -1.85 -55.82
CA ILE GB 57 12.57 -2.96 -55.17
C ILE GB 57 12.83 -4.27 -55.91
N TYR GB 58 12.77 -4.24 -57.24
CA TYR GB 58 13.06 -5.43 -58.02
C TYR GB 58 14.46 -5.96 -57.71
N LYS GB 59 15.45 -5.05 -57.74
CA LYS GB 59 16.82 -5.47 -57.49
C LYS GB 59 16.98 -6.01 -56.07
N CYS GB 60 16.33 -5.36 -55.09
CA CYS GB 60 16.47 -5.81 -53.71
C CYS GB 60 15.86 -7.19 -53.50
N ILE GB 61 14.68 -7.43 -54.06
CA ILE GB 61 14.05 -8.73 -53.88
C ILE GB 61 14.85 -9.82 -54.57
N LYS GB 62 15.48 -9.50 -55.70
CA LYS GB 62 16.13 -10.55 -56.48
C LYS GB 62 17.40 -11.11 -55.83
N THR GB 63 18.02 -10.39 -54.90
CA THR GB 63 19.30 -10.83 -54.36
C THR GB 63 19.13 -11.64 -53.07
N ASN GB 64 20.14 -12.46 -52.79
CA ASN GB 64 20.21 -13.24 -51.55
C ASN GB 64 20.99 -12.47 -50.49
N ARG GB 65 20.67 -12.76 -49.22
CA ARG GB 65 21.05 -11.85 -48.14
C ARG GB 65 22.55 -11.89 -47.84
N TYR GB 66 23.09 -13.07 -47.57
CA TYR GB 66 24.47 -13.19 -47.11
C TYR GB 66 25.42 -13.73 -48.16
N GLU GB 67 25.01 -13.79 -49.44
CA GLU GB 67 25.83 -14.47 -50.44
C GLU GB 67 27.03 -13.65 -50.88
N HIS GB 68 26.88 -12.32 -50.95
CA HIS GB 68 27.88 -11.47 -51.58
C HIS GB 68 28.66 -10.67 -50.56
N GLU GB 69 29.96 -10.54 -50.78
CA GLU GB 69 30.84 -9.85 -49.85
C GLU GB 69 30.68 -8.34 -49.92
N ILE GB 70 30.28 -7.81 -51.08
CA ILE GB 70 30.21 -6.36 -51.25
C ILE GB 70 29.07 -5.77 -50.44
N TYR GB 71 28.04 -6.55 -50.15
CA TYR GB 71 26.88 -6.03 -49.43
C TYR GB 71 27.03 -6.20 -47.92
N SER GB 72 26.28 -5.40 -47.19
CA SER GB 72 26.24 -5.51 -45.74
C SER GB 72 25.33 -6.65 -45.33
N LEU GB 73 25.13 -6.81 -44.03
CA LEU GB 73 24.32 -7.92 -43.54
C LEU GB 73 22.83 -7.65 -43.58
N GLU GB 74 22.42 -6.43 -43.95
CA GLU GB 74 21.01 -6.06 -43.97
C GLU GB 74 20.42 -6.00 -45.37
N TYR GB 75 21.23 -6.16 -46.42
CA TYR GB 75 20.73 -6.05 -47.79
C TYR GB 75 20.39 -7.44 -48.34
N GLY GB 76 19.22 -7.55 -48.94
CA GLY GB 76 18.78 -8.78 -49.56
C GLY GB 76 17.65 -9.43 -48.78
N THR GB 77 17.19 -10.56 -49.30
CA THR GB 77 16.08 -11.30 -48.73
C THR GB 77 16.50 -12.74 -48.50
N GLU GB 78 15.71 -13.47 -47.71
CA GLU GB 78 15.99 -14.85 -47.35
C GLU GB 78 14.98 -15.83 -47.94
N LEU GB 79 14.32 -15.46 -49.03
CA LEU GB 79 13.26 -16.29 -49.58
C LEU GB 79 13.77 -17.61 -50.14
N SER GB 80 15.08 -17.77 -50.31
CA SER GB 80 15.61 -19.03 -50.82
C SER GB 80 15.59 -20.15 -49.78
N GLU GB 81 15.49 -19.80 -48.50
CA GLU GB 81 15.43 -20.82 -47.46
C GLU GB 81 14.09 -21.55 -47.44
N LEU GB 82 13.06 -20.99 -48.08
CA LEU GB 82 11.74 -21.58 -48.08
C LEU GB 82 11.51 -22.56 -49.22
N ILE GB 83 12.39 -22.58 -50.23
CA ILE GB 83 12.19 -23.43 -51.40
C ILE GB 83 12.36 -24.89 -51.01
N GLY GB 84 11.43 -25.73 -51.46
CA GLY GB 84 11.48 -27.14 -51.15
C GLY GB 84 10.66 -27.57 -49.95
N GLN GB 85 9.88 -26.67 -49.37
CA GLN GB 85 9.03 -26.97 -48.21
C GLN GB 85 9.86 -27.40 -47.01
N LYS GB 86 10.82 -26.57 -46.63
CA LYS GB 86 11.61 -26.85 -45.43
C LYS GB 86 10.79 -26.67 -44.17
N TYR GB 87 9.68 -25.94 -44.24
CA TYR GB 87 8.78 -25.73 -43.11
C TYR GB 87 7.37 -26.10 -43.53
N THR GB 88 6.46 -26.15 -42.55
CA THR GB 88 5.06 -26.34 -42.86
C THR GB 88 4.52 -25.13 -43.62
N LYS GB 89 3.30 -25.27 -44.14
CA LYS GB 89 2.75 -24.22 -44.98
C LYS GB 89 2.51 -22.93 -44.22
N GLY GB 90 1.94 -23.02 -43.01
CA GLY GB 90 1.71 -21.83 -42.23
C GLY GB 90 2.99 -21.12 -41.82
N LEU GB 91 3.99 -21.89 -41.40
CA LEU GB 91 5.27 -21.29 -41.03
C LEU GB 91 5.92 -20.62 -42.24
N THR GB 92 5.84 -21.26 -43.41
CA THR GB 92 6.41 -20.65 -44.61
C THR GB 92 5.70 -19.34 -44.94
N GLU GB 93 4.38 -19.30 -44.80
CA GLU GB 93 3.65 -18.08 -45.10
C GLU GB 93 4.06 -16.94 -44.16
N SER GB 94 4.10 -17.23 -42.86
CA SER GB 94 4.49 -16.19 -41.90
C SER GB 94 5.90 -15.71 -42.16
N GLU GB 95 6.83 -16.64 -42.41
CA GLU GB 95 8.21 -16.25 -42.62
C GLU GB 95 8.38 -15.47 -43.91
N ALA GB 96 7.64 -15.81 -44.96
CA ALA GB 96 7.73 -15.04 -46.20
C ALA GB 96 7.26 -13.61 -45.99
N SER GB 97 6.14 -13.43 -45.27
CA SER GB 97 5.69 -12.09 -44.97
C SER GB 97 6.76 -11.30 -44.22
N ARG GB 98 7.33 -11.91 -43.18
CA ARG GB 98 8.35 -11.21 -42.40
C ARG GB 98 9.58 -10.87 -43.23
N PHE GB 99 10.04 -11.82 -44.06
CA PHE GB 99 11.23 -11.59 -44.88
C PHE GB 99 11.03 -10.42 -45.82
N ILE GB 100 9.88 -10.39 -46.51
CA ILE GB 100 9.64 -9.31 -47.47
C ILE GB 100 9.57 -7.96 -46.76
N LYS GB 101 8.81 -7.89 -45.66
CA LYS GB 101 8.69 -6.63 -44.94
C LYS GB 101 10.05 -6.11 -44.49
N GLU GB 102 10.81 -6.96 -43.80
CA GLU GB 102 12.08 -6.51 -43.23
C GLU GB 102 13.08 -6.16 -44.31
N ALA GB 103 13.09 -6.92 -45.42
CA ALA GB 103 14.00 -6.61 -46.50
C ALA GB 103 13.68 -5.25 -47.12
N LEU GB 104 12.40 -4.97 -47.35
CA LEU GB 104 12.06 -3.74 -48.06
C LEU GB 104 12.15 -2.50 -47.17
N LEU GB 105 12.00 -2.64 -45.86
CA LEU GB 105 11.83 -1.46 -45.02
C LEU GB 105 13.12 -0.67 -44.78
N ILE GB 106 14.28 -1.13 -45.26
CA ILE GB 106 15.50 -0.38 -44.97
C ILE GB 106 15.60 0.92 -45.77
N ASN GB 107 14.87 1.04 -46.88
CA ASN GB 107 14.92 2.25 -47.68
C ASN GB 107 14.17 3.38 -46.97
N PRO GB 108 14.80 4.53 -46.74
CA PRO GB 108 14.10 5.64 -46.09
C PRO GB 108 12.96 6.24 -46.90
N TYR GB 109 12.91 5.97 -48.20
CA TYR GB 109 11.82 6.48 -49.04
C TYR GB 109 10.57 5.61 -48.95
N ILE GB 110 10.60 4.51 -48.22
CA ILE GB 110 9.50 3.56 -48.14
C ILE GB 110 8.96 3.59 -46.71
N LEU GB 111 7.65 3.75 -46.56
CA LEU GB 111 7.04 4.00 -45.27
C LEU GB 111 6.44 2.75 -44.62
N GLU GB 112 5.73 1.92 -45.38
CA GLU GB 112 5.15 0.71 -44.82
C GLU GB 112 4.92 -0.32 -45.91
N VAL GB 113 4.94 -1.60 -45.51
CA VAL GB 113 4.77 -2.73 -46.42
C VAL GB 113 3.77 -3.70 -45.80
N ASN GB 114 2.85 -4.21 -46.62
CA ASN GB 114 1.86 -5.20 -46.18
C ASN GB 114 1.82 -6.34 -47.18
N VAL GB 115 1.84 -7.57 -46.66
CA VAL GB 115 1.63 -8.78 -47.45
C VAL GB 115 0.28 -9.33 -47.04
N LYS GB 116 -0.68 -9.29 -47.97
CA LYS GB 116 -2.09 -9.49 -47.63
C LYS GB 116 -2.63 -10.84 -48.05
N SER GB 117 -2.55 -11.17 -49.34
CA SER GB 117 -3.12 -12.41 -49.85
C SER GB 117 -2.02 -13.44 -50.01
N ALA GB 118 -2.31 -14.69 -49.64
CA ALA GB 118 -1.33 -15.76 -49.74
C ALA GB 118 -2.07 -17.06 -50.02
N ASN GB 119 -1.73 -17.70 -51.14
CA ASN GB 119 -2.43 -18.90 -51.57
C ASN GB 119 -1.42 -19.92 -52.09
N PHE GB 120 -1.61 -21.18 -51.71
CA PHE GB 120 -0.80 -22.29 -52.20
C PHE GB 120 -1.59 -23.03 -53.26
N ASN GB 121 -1.13 -23.00 -54.50
CA ASN GB 121 -1.76 -23.76 -55.56
C ASN GB 121 -0.62 -24.56 -56.16
N ARG GB 122 -0.76 -25.88 -56.23
CA ARG GB 122 0.29 -26.73 -56.79
C ARG GB 122 1.62 -26.48 -56.06
N ASP GB 123 2.65 -26.14 -56.82
CA ASP GB 123 3.97 -25.83 -56.26
C ASP GB 123 4.28 -24.32 -56.27
N ILE GB 124 3.26 -23.48 -56.41
CA ILE GB 124 3.44 -22.04 -56.53
C ILE GB 124 2.83 -21.36 -55.32
N LEU GB 125 3.53 -20.36 -54.79
CA LEU GB 125 3.05 -19.51 -53.71
C LEU GB 125 2.84 -18.11 -54.26
N SER GB 126 1.64 -17.58 -54.09
CA SER GB 126 1.27 -16.26 -54.60
C SER GB 126 1.02 -15.31 -53.44
N ALA GB 127 1.36 -14.04 -53.65
CA ALA GB 127 1.17 -13.04 -52.62
C ALA GB 127 0.95 -11.67 -53.26
N ASN GB 128 0.33 -10.78 -52.48
CA ASN GB 128 0.10 -9.40 -52.87
C ASN GB 128 0.85 -8.49 -51.90
N VAL GB 129 1.60 -7.53 -52.43
CA VAL GB 129 2.42 -6.63 -51.63
C VAL GB 129 2.01 -5.20 -51.95
N LYS GB 130 1.72 -4.42 -50.91
CA LYS GB 130 1.40 -3.01 -51.05
C LYS GB 130 2.46 -2.18 -50.34
N VAL GB 131 3.02 -1.22 -51.06
CA VAL GB 131 4.10 -0.38 -50.56
C VAL GB 131 3.63 1.07 -50.56
N SER GB 132 3.86 1.77 -49.45
CA SER GB 132 3.51 3.18 -49.33
C SER GB 132 4.79 4.00 -49.18
N THR GB 133 4.92 5.03 -50.00
CA THR GB 133 6.11 5.85 -50.06
C THR GB 133 5.78 7.28 -49.62
N ILE GB 134 6.78 8.16 -49.72
CA ILE GB 134 6.54 9.57 -49.45
C ILE GB 134 5.85 10.26 -50.62
N TYR GB 135 5.92 9.68 -51.82
CA TYR GB 135 5.19 10.21 -52.96
C TYR GB 135 3.82 9.58 -53.05
N MET HB 1 -4.32 -24.15 -36.46
CA MET HB 1 -3.12 -23.34 -36.30
C MET HB 1 -2.02 -24.14 -35.64
N GLU HB 2 -0.82 -23.57 -35.58
CA GLU HB 2 0.32 -24.19 -34.92
C GLU HB 2 1.01 -23.17 -34.04
N MET HB 3 1.73 -23.66 -33.04
CA MET HB 3 2.47 -22.82 -32.12
C MET HB 3 3.93 -23.27 -32.09
N TRP HB 4 4.85 -22.33 -32.30
CA TRP HB 4 6.27 -22.62 -32.39
C TRP HB 4 7.07 -21.69 -31.48
N LEU HB 5 8.13 -22.24 -30.88
CA LEU HB 5 9.16 -21.47 -30.20
C LEU HB 5 10.50 -21.87 -30.78
N ARG HB 6 11.25 -20.90 -31.29
CA ARG HB 6 12.48 -21.19 -32.02
C ARG HB 6 13.62 -20.36 -31.46
N GLN HB 7 14.75 -21.01 -31.20
CA GLN HB 7 15.98 -20.33 -30.80
C GLN HB 7 17.02 -20.64 -31.86
N ALA HB 8 17.34 -19.65 -32.70
CA ALA HB 8 18.19 -19.84 -33.86
C ALA HB 8 17.60 -21.00 -34.67
N GLU HB 9 18.33 -22.08 -34.92
CA GLU HB 9 17.83 -23.22 -35.66
C GLU HB 9 17.20 -24.29 -34.78
N ASP HB 10 17.14 -24.08 -33.47
CA ASP HB 10 16.59 -25.06 -32.55
C ASP HB 10 15.10 -24.78 -32.37
N ARG HB 11 14.26 -25.57 -33.03
CA ARG HB 11 12.83 -25.32 -33.09
C ARG HB 11 12.04 -26.31 -32.24
N PHE HB 12 11.00 -25.81 -31.59
CA PHE HB 12 10.11 -26.61 -30.76
C PHE HB 12 8.68 -26.29 -31.11
N ARG HB 13 7.87 -27.33 -31.32
CA ARG HB 13 6.46 -27.19 -31.66
C ARG HB 13 5.62 -27.85 -30.59
N PHE HB 14 4.62 -27.13 -30.09
CA PHE HB 14 3.82 -27.61 -28.96
C PHE HB 14 2.92 -28.76 -29.40
N PRO HB 15 2.96 -29.90 -28.71
CA PRO HB 15 2.13 -31.04 -29.13
C PRO HB 15 0.62 -30.79 -29.05
N VAL HB 16 0.15 -30.03 -28.06
CA VAL HB 16 -1.28 -29.79 -27.88
C VAL HB 16 -1.52 -28.29 -27.95
N PHE HB 17 -2.41 -27.88 -28.84
CA PHE HB 17 -2.76 -26.47 -28.99
C PHE HB 17 -3.70 -26.05 -27.86
N PRO HB 18 -3.48 -24.88 -27.26
CA PRO HB 18 -4.23 -24.50 -26.06
C PRO HB 18 -5.68 -24.18 -26.37
N SER HB 19 -6.45 -24.03 -25.29
CA SER HB 19 -7.87 -23.74 -25.41
C SER HB 19 -8.14 -22.29 -25.82
N SER HB 20 -7.23 -21.38 -25.51
CA SER HB 20 -7.36 -19.99 -25.93
C SER HB 20 -6.03 -19.30 -25.79
N PHE HB 21 -5.91 -18.15 -26.46
CA PHE HB 21 -4.72 -17.31 -26.37
C PHE HB 21 -5.15 -15.85 -26.50
N SER HB 22 -4.41 -14.96 -25.86
CA SER HB 22 -4.77 -13.54 -25.88
C SER HB 22 -3.54 -12.65 -25.78
N ILE HB 23 -3.57 -11.53 -26.49
CA ILE HB 23 -2.50 -10.54 -26.52
C ILE HB 23 -2.95 -9.33 -25.72
N ASN HB 24 -2.06 -8.80 -24.88
CA ASN HB 24 -2.33 -7.62 -24.07
C ASN HB 24 -1.44 -6.48 -24.51
N GLY HB 25 -2.04 -5.35 -24.84
CA GLY HB 25 -1.29 -4.20 -25.29
C GLY HB 25 -1.76 -2.94 -24.59
N LYS HB 26 -0.81 -2.04 -24.33
CA LYS HB 26 -1.10 -0.81 -23.61
C LYS HB 26 -0.27 0.33 -24.18
N ALA HB 27 -0.73 1.55 -23.89
CA ALA HB 27 0.00 2.77 -24.22
C ALA HB 27 0.10 3.63 -22.97
N ALA HB 28 1.21 4.32 -22.82
CA ALA HB 28 1.47 5.13 -21.64
C ALA HB 28 0.85 6.51 -21.83
N VAL HB 29 -0.03 6.91 -20.91
CA VAL HB 29 -0.68 8.21 -20.94
C VAL HB 29 -0.27 8.97 -19.71
N ASN HB 30 0.39 10.11 -19.91
CA ASN HB 30 0.82 10.96 -18.80
C ASN HB 30 -0.33 11.83 -18.33
N SER HB 31 -0.46 11.98 -17.02
CA SER HB 31 -1.51 12.78 -16.42
C SER HB 31 -0.93 14.02 -15.76
N SER HB 32 -1.59 15.15 -15.98
CA SER HB 32 -1.22 16.41 -15.35
C SER HB 32 -2.51 17.11 -14.94
N SER HB 33 -2.41 18.39 -14.63
CA SER HB 33 -3.57 19.19 -14.32
C SER HB 33 -3.23 20.66 -14.55
N ILE HB 34 -4.26 21.45 -14.79
CA ILE HB 34 -4.14 22.89 -14.97
C ILE HB 34 -5.12 23.56 -14.02
N LEU HB 35 -4.68 24.64 -13.37
CA LEU HB 35 -5.55 25.35 -12.44
C LEU HB 35 -6.82 25.83 -13.14
N LYS HB 36 -7.96 25.54 -12.51
CA LYS HB 36 -9.28 25.95 -12.95
C LYS HB 36 -9.74 25.27 -14.24
N ILE HB 37 -9.05 24.24 -14.69
CA ILE HB 37 -9.47 23.54 -15.91
C ILE HB 37 -9.64 22.05 -15.61
N GLY HB 38 -8.89 21.54 -14.65
CA GLY HB 38 -8.96 20.12 -14.32
C GLY HB 38 -7.85 19.30 -14.91
N GLU HB 39 -8.10 18.00 -15.10
CA GLU HB 39 -7.08 17.06 -15.53
C GLU HB 39 -6.88 17.12 -17.05
N ILE HB 40 -5.62 16.94 -17.47
CA ILE HB 40 -5.25 16.82 -18.88
C ILE HB 40 -4.33 15.61 -19.04
N ALA HB 41 -4.17 15.17 -20.28
CA ALA HB 41 -3.39 13.97 -20.58
C ALA HB 41 -2.58 14.16 -21.85
N THR HB 42 -1.45 13.45 -21.92
CA THR HB 42 -0.59 13.43 -23.09
C THR HB 42 -0.15 12.00 -23.37
N PHE HB 43 0.41 11.79 -24.56
CA PHE HB 43 0.85 10.49 -25.02
C PHE HB 43 2.30 10.24 -24.61
N GLY HB 44 2.57 9.07 -24.04
CA GLY HB 44 3.91 8.76 -23.57
C GLY HB 44 4.54 7.50 -24.11
N GLY HB 45 4.16 7.08 -25.31
CA GLY HB 45 4.78 5.93 -25.94
C GLY HB 45 4.05 4.63 -25.67
N VAL HB 46 4.34 3.64 -26.50
CA VAL HB 46 3.67 2.35 -26.47
C VAL HB 46 4.47 1.40 -25.58
N ALA HB 47 3.77 0.47 -24.94
CA ALA HB 47 4.38 -0.53 -24.08
C ALA HB 47 4.54 -1.86 -24.82
N LEU HB 48 5.33 -2.74 -24.22
CA LEU HB 48 5.57 -4.06 -24.80
C LEU HB 48 4.39 -4.99 -24.56
N LYS HB 49 4.09 -5.81 -25.56
CA LYS HB 49 2.98 -6.75 -25.45
C LYS HB 49 3.34 -7.90 -24.52
N SER HB 50 2.33 -8.68 -24.16
CA SER HB 50 2.54 -9.87 -23.34
C SER HB 50 1.46 -10.90 -23.66
N ILE HB 51 1.82 -12.17 -23.49
CA ILE HB 51 0.89 -13.27 -23.74
C ILE HB 51 1.17 -14.37 -22.72
N SER HB 52 0.13 -15.11 -22.37
CA SER HB 52 0.22 -16.23 -21.43
C SER HB 52 -0.42 -17.47 -22.05
N ILE HB 53 0.23 -18.62 -21.88
CA ILE HB 53 -0.16 -19.86 -22.53
C ILE HB 53 -0.37 -20.94 -21.46
N SER HB 54 -1.44 -21.71 -21.60
CA SER HB 54 -1.77 -22.80 -20.70
C SER HB 54 -2.18 -24.03 -21.49
N SER HB 55 -1.49 -25.14 -21.28
CA SER HB 55 -1.80 -26.41 -21.92
C SER HB 55 -1.09 -27.51 -21.12
N PHE HB 56 -0.95 -28.69 -21.72
CA PHE HB 56 -0.21 -29.76 -21.07
C PHE HB 56 0.67 -30.48 -22.08
N PHE HB 57 1.66 -31.21 -21.55
CA PHE HB 57 2.54 -32.06 -22.34
C PHE HB 57 2.08 -33.51 -22.21
N PRO HB 58 1.59 -34.14 -23.27
CA PRO HB 58 1.07 -35.51 -23.13
C PRO HB 58 2.16 -36.54 -22.88
N ASN HB 59 1.80 -37.57 -22.12
CA ASN HB 59 2.66 -38.72 -21.87
C ASN HB 59 2.37 -39.89 -22.79
N LYS HB 60 1.43 -39.73 -23.72
CA LYS HB 60 1.09 -40.78 -24.66
C LYS HB 60 0.51 -40.14 -25.91
N ASP HB 61 0.40 -40.92 -26.98
CA ASP HB 61 -0.13 -40.41 -28.24
C ASP HB 61 -1.65 -40.36 -28.17
N TYR HB 62 -2.20 -39.16 -28.30
CA TYR HB 62 -3.63 -38.93 -28.23
C TYR HB 62 -4.18 -38.68 -29.62
N THR HB 63 -5.50 -38.83 -29.76
CA THR HB 63 -6.14 -38.57 -31.04
C THR HB 63 -6.19 -37.08 -31.37
N PHE HB 64 -6.14 -36.21 -30.35
CA PHE HB 64 -6.18 -34.77 -30.56
C PHE HB 64 -4.80 -34.13 -30.57
N CYS HB 65 -3.74 -34.93 -30.61
CA CYS HB 65 -2.40 -34.37 -30.68
C CYS HB 65 -2.12 -33.78 -32.06
N ASP HB 66 -1.32 -32.72 -32.08
CA ASP HB 66 -1.05 -32.02 -33.33
C ASP HB 66 -0.22 -32.86 -34.29
N TYR HB 67 0.72 -33.64 -33.76
CA TYR HB 67 1.60 -34.45 -34.59
C TYR HB 67 2.21 -35.53 -33.71
N THR HB 68 2.79 -36.53 -34.36
CA THR HB 68 3.50 -37.60 -33.67
C THR HB 68 5.01 -37.37 -33.74
N GLY HB 69 5.71 -37.82 -32.71
CA GLY HB 69 7.15 -37.70 -32.64
C GLY HB 69 7.67 -36.71 -31.62
N PHE HB 70 6.80 -36.12 -30.81
CA PHE HB 70 7.22 -35.12 -29.84
C PHE HB 70 7.96 -35.80 -28.69
N PRO HB 71 8.81 -35.04 -27.97
CA PRO HB 71 9.57 -35.63 -26.86
C PRO HB 71 8.74 -35.91 -25.62
N SER HB 72 9.39 -36.47 -24.60
CA SER HB 72 8.74 -36.76 -23.33
C SER HB 72 8.42 -35.46 -22.60
N PRO HB 73 7.44 -35.48 -21.68
CA PRO HB 73 7.07 -34.24 -20.99
C PRO HB 73 8.21 -33.55 -20.27
N TYR HB 74 9.06 -34.31 -19.58
CA TYR HB 74 10.13 -33.66 -18.83
C TYR HB 74 11.29 -33.25 -19.71
N ASP HB 75 11.42 -33.82 -20.91
CA ASP HB 75 12.35 -33.26 -21.89
C ASP HB 75 11.92 -31.87 -22.32
N CYS HB 76 10.63 -31.69 -22.61
CA CYS HB 76 10.11 -30.36 -22.94
C CYS HB 76 10.31 -29.40 -21.78
N VAL HB 77 10.02 -29.85 -20.57
CA VAL HB 77 10.20 -29.01 -19.40
C VAL HB 77 11.66 -28.58 -19.27
N ASN HB 78 12.58 -29.52 -19.44
CA ASN HB 78 14.00 -29.21 -19.32
C ASN HB 78 14.45 -28.20 -20.37
N LYS HB 79 14.01 -28.38 -21.61
CA LYS HB 79 14.37 -27.44 -22.67
C LYS HB 79 13.91 -26.02 -22.35
N ILE HB 80 12.63 -25.87 -21.99
CA ILE HB 80 12.10 -24.54 -21.74
C ILE HB 80 12.74 -23.93 -20.50
N GLU HB 81 13.00 -24.75 -19.48
CA GLU HB 81 13.65 -24.24 -18.27
C GLU HB 81 15.06 -23.74 -18.55
N LYS HB 82 15.82 -24.47 -19.37
CA LYS HB 82 17.15 -24.01 -19.73
C LYS HB 82 17.08 -22.68 -20.47
N TRP HB 83 16.15 -22.55 -21.41
CA TRP HB 83 16.00 -21.29 -22.13
C TRP HB 83 15.66 -20.14 -21.18
N MET HB 84 14.76 -20.37 -20.23
CA MET HB 84 14.40 -19.32 -19.29
C MET HB 84 15.57 -18.95 -18.39
N LYS HB 85 16.35 -19.95 -17.97
CA LYS HB 85 17.48 -19.69 -17.09
C LYS HB 85 18.54 -18.84 -17.76
N GLU HB 86 18.87 -19.14 -19.02
CA GLU HB 86 19.95 -18.40 -19.66
C GLU HB 86 19.53 -17.04 -20.22
N GLY HB 87 18.25 -16.72 -20.24
CA GLY HB 87 17.80 -15.45 -20.79
C GLY HB 87 17.98 -15.30 -22.29
N PHE HB 88 17.67 -16.35 -23.06
CA PHE HB 88 17.80 -16.31 -24.50
C PHE HB 88 16.73 -15.42 -25.13
N ILE HB 89 17.00 -14.95 -26.34
CA ILE HB 89 16.02 -14.25 -27.16
C ILE HB 89 15.43 -15.26 -28.13
N LEU HB 90 14.11 -15.39 -28.14
CA LEU HB 90 13.43 -16.40 -28.92
C LEU HB 90 12.45 -15.75 -29.88
N ARG HB 91 11.96 -16.53 -30.82
CA ARG HB 91 10.92 -16.10 -31.75
C ARG HB 91 9.67 -16.93 -31.51
N PHE HB 92 8.53 -16.25 -31.34
CA PHE HB 92 7.26 -16.90 -31.05
C PHE HB 92 6.30 -16.61 -32.19
N THR HB 93 5.65 -17.65 -32.69
CA THR HB 93 4.75 -17.49 -33.83
C THR HB 93 3.54 -18.41 -33.67
N ILE HB 94 2.37 -17.86 -33.97
CA ILE HB 94 1.13 -18.62 -34.12
C ILE HB 94 0.69 -18.46 -35.56
N THR HB 95 0.61 -19.57 -36.28
CA THR HB 95 0.31 -19.50 -37.70
C THR HB 95 -1.14 -19.11 -37.93
N GLU HB 96 -1.40 -18.49 -39.09
CA GLU HB 96 -2.71 -18.00 -39.50
C GLU HB 96 -3.19 -16.83 -38.67
N THR HB 97 -2.29 -16.12 -37.99
CA THR HB 97 -2.63 -14.92 -37.24
C THR HB 97 -1.58 -13.86 -37.56
N ASN HB 98 -1.55 -12.79 -36.77
CA ASN HB 98 -0.56 -11.73 -36.91
C ASN HB 98 0.51 -11.78 -35.83
N ILE HB 99 0.62 -12.89 -35.11
CA ILE HB 99 1.54 -13.01 -33.98
C ILE HB 99 2.84 -13.62 -34.47
N ASN HB 100 3.88 -12.81 -34.60
CA ASN HB 100 5.19 -13.28 -35.02
C ASN HB 100 6.22 -12.24 -34.54
N MET HB 101 6.90 -12.53 -33.44
CA MET HB 101 7.75 -11.53 -32.82
C MET HB 101 8.81 -12.20 -31.96
N GLU HB 102 9.75 -11.40 -31.48
CA GLU HB 102 10.79 -11.87 -30.57
C GLU HB 102 10.36 -11.65 -29.13
N VAL HB 103 10.65 -12.64 -28.28
CA VAL HB 103 10.14 -12.66 -26.92
C VAL HB 103 11.27 -13.03 -25.96
N ILE HB 104 10.98 -12.89 -24.67
CA ILE HB 104 11.83 -13.36 -23.59
C ILE HB 104 10.93 -13.93 -22.49
N ILE HB 105 11.35 -15.03 -21.88
CA ILE HB 105 10.49 -15.77 -20.95
C ILE HB 105 10.54 -15.12 -19.58
N GLU HB 106 9.36 -14.93 -18.98
CA GLU HB 106 9.21 -14.29 -17.68
C GLU HB 106 8.84 -15.25 -16.56
N GLY HB 107 8.08 -16.29 -16.85
CA GLY HB 107 7.70 -17.24 -15.82
C GLY HB 107 7.34 -18.58 -16.42
N PHE HB 108 7.56 -19.63 -15.66
CA PHE HB 108 7.27 -20.99 -16.09
C PHE HB 108 6.92 -21.83 -14.89
N SER HB 109 5.73 -22.42 -14.88
CA SER HB 109 5.27 -23.27 -13.80
C SER HB 109 4.65 -24.53 -14.38
N TYR HB 110 4.86 -25.66 -13.73
CA TYR HB 110 4.32 -26.93 -14.20
C TYR HB 110 3.90 -27.78 -13.02
N GLU HB 111 3.00 -28.74 -13.29
CA GLU HB 111 2.43 -29.53 -12.22
C GLU HB 111 1.87 -30.85 -12.75
N GLU HB 112 1.60 -31.77 -11.84
CA GLU HB 112 0.91 -33.02 -12.10
C GLU HB 112 -0.29 -33.11 -11.17
N ARG HB 113 -1.45 -33.53 -11.70
CA ARG HB 113 -2.65 -33.48 -10.89
C ARG HB 113 -3.62 -34.63 -11.12
N ASP HB 114 -3.20 -35.73 -11.74
CA ASP HB 114 -4.08 -36.90 -11.88
C ASP HB 114 -3.20 -38.13 -12.10
N GLY HB 115 -3.83 -39.22 -12.52
CA GLY HB 115 -3.15 -40.49 -12.72
C GLY HB 115 -2.60 -40.76 -14.10
N THR HB 116 -2.58 -39.76 -14.98
CA THR HB 116 -2.18 -39.96 -16.37
C THR HB 116 -0.73 -39.60 -16.66
N ARG HB 117 -0.02 -39.01 -15.70
CA ARG HB 117 1.37 -38.57 -15.85
C ARG HB 117 1.53 -37.47 -16.90
N ASP HB 118 0.46 -36.75 -17.23
CA ASP HB 118 0.57 -35.58 -18.08
C ASP HB 118 1.00 -34.38 -17.26
N VAL HB 119 1.78 -33.49 -17.87
CA VAL HB 119 2.34 -32.32 -17.19
C VAL HB 119 1.64 -31.07 -17.70
N TYR HB 120 0.93 -30.37 -16.81
CA TYR HB 120 0.26 -29.12 -17.12
C TYR HB 120 1.18 -27.94 -16.84
N PHE HB 121 1.16 -26.94 -17.71
CA PHE HB 121 2.10 -25.83 -17.61
C PHE HB 121 1.43 -24.49 -17.89
N THR HB 122 2.09 -23.42 -17.46
CA THR HB 122 1.74 -22.05 -17.80
C THR HB 122 3.01 -21.29 -18.13
N LEU HB 123 3.03 -20.61 -19.27
CA LEU HB 123 4.20 -19.91 -19.78
C LEU HB 123 3.87 -18.45 -20.02
N ASP HB 124 4.70 -17.56 -19.48
CA ASP HB 124 4.55 -16.11 -19.64
C ASP HB 124 5.67 -15.56 -20.49
N LEU HB 125 5.31 -14.87 -21.56
CA LEU HB 125 6.27 -14.31 -22.51
C LEU HB 125 6.10 -12.80 -22.62
N LYS HB 126 7.22 -12.11 -22.84
CA LYS HB 126 7.22 -10.66 -22.98
C LYS HB 126 7.97 -10.28 -24.25
N GLU HB 127 7.43 -9.31 -24.98
CA GLU HB 127 8.02 -8.89 -26.23
C GLU HB 127 9.36 -8.21 -26.01
N TYR HB 128 10.26 -8.38 -26.98
CA TYR HB 128 11.62 -7.85 -26.90
C TYR HB 128 11.87 -6.89 -28.06
N LYS HB 129 12.57 -5.80 -27.76
CA LYS HB 129 12.84 -4.77 -28.75
C LYS HB 129 14.31 -4.39 -28.74
N ARG HB 130 14.82 -4.00 -29.90
CA ARG HB 130 16.20 -3.59 -30.09
C ARG HB 130 16.24 -2.11 -30.46
N ILE HB 131 17.27 -1.41 -30.00
CA ILE HB 131 17.48 -0.01 -30.37
C ILE HB 131 18.64 0.06 -31.35
N LYS HB 132 18.52 0.94 -32.33
CA LYS HB 132 19.60 1.18 -33.29
C LYS HB 132 20.76 1.90 -32.62
N ILE HB 133 21.97 1.60 -33.09
CA ILE HB 133 23.19 2.19 -32.57
C ILE HB 133 23.56 3.39 -33.45
N PRO HB 134 23.94 4.53 -32.88
CA PRO HB 134 24.30 5.68 -33.70
C PRO HB 134 25.55 5.41 -34.54
N LYS HB 135 25.61 6.08 -35.68
CA LYS HB 135 26.74 5.95 -36.61
C LYS HB 135 27.45 7.28 -36.73
N VAL HB 136 28.78 7.24 -36.78
CA VAL HB 136 29.57 8.45 -36.93
C VAL HB 136 29.35 9.03 -38.32
N THR HB 137 29.10 10.33 -38.38
CA THR HB 137 28.86 10.98 -39.65
C THR HB 137 30.14 10.97 -40.49
N PRO HB 138 30.03 10.75 -41.81
CA PRO HB 138 31.17 10.85 -42.73
C PRO HB 138 31.75 12.26 -42.77
N MET IB 1 57.97 3.07 -64.23
CA MET IB 1 56.70 2.41 -64.46
C MET IB 1 55.56 3.03 -63.66
N TYR IB 2 55.74 3.25 -62.36
CA TYR IB 2 54.70 3.93 -61.60
C TYR IB 2 54.56 5.38 -62.05
N SER IB 3 55.68 6.03 -62.38
CA SER IB 3 55.62 7.38 -62.91
C SER IB 3 55.01 7.40 -64.31
N ASP IB 4 55.22 6.33 -65.08
CA ASP IB 4 54.70 6.28 -66.44
C ASP IB 4 53.18 6.31 -66.45
N GLN IB 5 52.55 5.57 -65.55
CA GLN IB 5 51.09 5.55 -65.46
C GLN IB 5 50.63 6.82 -64.75
N THR IB 6 49.98 7.71 -65.49
CA THR IB 6 49.47 8.95 -64.93
C THR IB 6 47.95 8.97 -65.02
N TYR IB 7 47.36 9.99 -64.39
CA TYR IB 7 45.91 10.10 -64.32
C TYR IB 7 45.28 10.12 -65.70
N GLU IB 8 45.78 10.98 -66.58
CA GLU IB 8 45.17 11.12 -67.90
C GLU IB 8 45.28 9.84 -68.71
N VAL IB 9 46.44 9.19 -68.65
CA VAL IB 9 46.66 7.99 -69.46
C VAL IB 9 45.74 6.86 -69.01
N ILE IB 10 45.65 6.63 -67.70
CA ILE IB 10 44.82 5.54 -67.22
C ILE IB 10 43.34 5.85 -67.46
N LYS IB 11 42.94 7.11 -67.32
CA LYS IB 11 41.56 7.48 -67.61
C LYS IB 11 41.21 7.22 -69.07
N ASN IB 12 42.12 7.62 -69.98
CA ASN IB 12 41.89 7.36 -71.40
C ASN IB 12 41.85 5.87 -71.70
N ARG IB 13 42.74 5.09 -71.08
CA ARG IB 13 42.75 3.65 -71.33
C ARG IB 13 41.45 3.00 -70.85
N THR IB 14 40.99 3.37 -69.66
CA THR IB 14 39.73 2.82 -69.17
C THR IB 14 38.56 3.21 -70.06
N LEU IB 15 38.53 4.47 -70.51
CA LEU IB 15 37.44 4.89 -71.39
C LEU IB 15 37.47 4.13 -72.71
N GLU IB 16 38.66 3.92 -73.27
CA GLU IB 16 38.76 3.24 -74.56
C GLU IB 16 38.48 1.75 -74.44
N ASN IB 17 38.72 1.16 -73.26
CA ASN IB 17 38.49 -0.27 -73.09
C ASN IB 17 37.02 -0.64 -73.13
N ILE IB 18 36.12 0.32 -72.93
CA ILE IB 18 34.69 0.07 -72.97
C ILE IB 18 34.22 0.19 -74.41
N ASN IB 19 33.86 -0.93 -75.03
CA ASN IB 19 33.40 -0.96 -76.41
C ASN IB 19 31.87 -0.96 -76.41
N LEU IB 20 31.30 0.23 -76.21
CA LEU IB 20 29.86 0.40 -76.18
C LEU IB 20 29.46 1.61 -77.02
N ASP IB 21 28.20 1.60 -77.46
CA ASP IB 21 27.70 2.66 -78.33
C ASP IB 21 27.44 3.98 -77.61
N ILE IB 22 27.38 3.97 -76.27
CA ILE IB 22 27.12 5.20 -75.55
C ILE IB 22 28.28 6.18 -75.72
N TYR IB 23 28.03 7.43 -75.30
CA TYR IB 23 28.97 8.52 -75.53
C TYR IB 23 29.88 8.72 -74.33
N LYS IB 24 31.14 9.03 -74.60
CA LYS IB 24 32.11 9.39 -73.59
C LYS IB 24 32.60 10.81 -73.82
N GLY IB 25 32.45 11.66 -72.81
CA GLY IB 25 32.88 13.04 -72.95
C GLY IB 25 32.49 13.84 -71.72
N GLU IB 26 32.72 15.15 -71.81
CA GLU IB 26 32.43 16.04 -70.68
C GLU IB 26 30.95 15.96 -70.32
N GLY IB 27 30.68 15.85 -69.03
CA GLY IB 27 29.31 15.78 -68.55
C GLY IB 27 28.58 14.53 -68.98
N SER IB 28 29.26 13.38 -69.00
CA SER IB 28 28.66 12.11 -69.36
C SER IB 28 28.67 11.18 -68.15
N PHE IB 29 27.69 10.28 -68.11
CA PHE IB 29 27.57 9.35 -66.99
C PHE IB 29 28.84 8.51 -66.86
N LEU IB 30 29.23 7.85 -67.96
CA LEU IB 30 30.38 6.97 -67.92
C LEU IB 30 31.66 7.74 -67.63
N ASN IB 31 31.82 8.92 -68.23
CA ASN IB 31 33.03 9.71 -68.03
C ASN IB 31 33.18 10.11 -66.57
N ASN IB 32 32.09 10.58 -65.95
CA ASN IB 32 32.16 11.01 -64.56
C ASN IB 32 32.45 9.83 -63.63
N MET IB 33 31.76 8.70 -63.83
CA MET IB 33 32.03 7.54 -62.99
C MET IB 33 33.47 7.06 -63.15
N VAL IB 34 33.96 7.03 -64.38
CA VAL IB 34 35.32 6.56 -64.65
C VAL IB 34 36.35 7.47 -63.99
N SER IB 35 36.16 8.78 -64.09
CA SER IB 35 37.10 9.70 -63.45
C SER IB 35 37.08 9.55 -61.94
N GLY IB 36 35.89 9.42 -61.35
CA GLY IB 36 35.79 9.26 -59.91
C GLY IB 36 36.49 7.99 -59.43
N ASN IB 37 36.44 6.93 -60.21
CA ASN IB 37 37.19 5.72 -59.84
C ASN IB 37 38.69 5.88 -60.07
N ASN IB 38 39.07 6.51 -61.18
CA ASN IB 38 40.48 6.58 -61.51
C ASN IB 38 41.27 7.47 -60.59
N LEU IB 39 40.63 8.43 -59.92
CA LEU IB 39 41.34 9.19 -58.90
C LEU IB 39 41.91 8.26 -57.83
N GLU IB 40 41.06 7.42 -57.26
CA GLU IB 40 41.51 6.44 -56.26
C GLU IB 40 42.46 5.43 -56.89
N LEU IB 41 42.28 5.13 -58.17
CA LEU IB 41 43.21 4.21 -58.83
C LEU IB 41 44.63 4.77 -58.86
N SER IB 42 44.78 6.05 -59.21
CA SER IB 42 46.09 6.68 -59.33
C SER IB 42 46.70 7.03 -57.97
N LYS IB 43 45.87 7.18 -56.93
CA LYS IB 43 46.41 7.35 -55.58
C LYS IB 43 47.39 6.23 -55.24
N ILE IB 44 47.08 5.01 -55.66
CA ILE IB 44 47.93 3.86 -55.35
C ILE IB 44 49.28 3.98 -56.05
N TYR IB 45 49.28 4.40 -57.32
CA TYR IB 45 50.55 4.57 -58.02
C TYR IB 45 51.40 5.65 -57.37
N LEU IB 46 50.77 6.75 -56.96
CA LEU IB 46 51.53 7.79 -56.28
C LEU IB 46 52.12 7.27 -54.97
N GLU IB 47 51.33 6.50 -54.21
CA GLU IB 47 51.84 5.95 -52.96
C GLU IB 47 52.97 4.96 -53.21
N LEU IB 48 52.88 4.19 -54.31
CA LEU IB 48 53.96 3.27 -54.66
C LEU IB 48 55.25 4.02 -54.95
N SER IB 49 55.14 5.14 -55.67
CA SER IB 49 56.31 5.98 -55.91
C SER IB 49 56.93 6.46 -54.60
N LYS IB 50 56.08 6.99 -53.70
CA LYS IB 50 56.59 7.47 -52.42
C LYS IB 50 57.24 6.34 -51.62
N MET IB 51 56.65 5.16 -51.66
CA MET IB 51 57.18 3.99 -50.97
C MET IB 51 58.57 3.64 -51.49
N HIS IB 52 58.72 3.61 -52.82
CA HIS IB 52 60.04 3.32 -53.39
C HIS IB 52 61.06 4.37 -53.01
N LYS IB 53 60.65 5.64 -53.01
CA LYS IB 53 61.59 6.70 -52.61
C LYS IB 53 62.03 6.53 -51.16
N MET IB 54 61.09 6.20 -50.27
CA MET IB 54 61.46 5.99 -48.87
C MET IB 54 62.39 4.79 -48.71
N ALA IB 55 62.19 3.75 -49.53
CA ALA IB 55 62.97 2.53 -49.36
C ALA IB 55 64.45 2.78 -49.55
N PHE IB 56 64.83 3.59 -50.54
CA PHE IB 56 66.23 3.84 -50.85
C PHE IB 56 66.72 5.16 -50.28
N ILE IB 57 66.05 5.68 -49.25
CA ILE IB 57 66.41 6.89 -48.50
C ILE IB 57 67.00 7.97 -49.41
N GLN IB 58 66.22 8.42 -50.39
CA GLN IB 58 66.75 9.46 -51.27
C GLN IB 58 66.68 10.84 -50.63
N ASP IB 59 65.57 11.19 -49.98
CA ASP IB 59 65.36 12.58 -49.59
C ASP IB 59 64.41 12.66 -48.41
N THR IB 60 64.21 13.88 -47.92
CA THR IB 60 63.12 14.29 -47.01
C THR IB 60 63.03 13.44 -45.74
N TYR IB 61 64.16 12.89 -45.29
CA TYR IB 61 64.25 12.18 -44.01
C TYR IB 61 63.21 11.05 -43.97
N ASN IB 62 63.46 10.07 -44.81
CA ASN IB 62 62.71 8.82 -44.73
C ASN IB 62 63.23 8.01 -43.55
N GLN IB 63 62.31 7.48 -42.74
CA GLN IB 63 62.65 6.89 -41.45
C GLN IB 63 63.53 5.65 -41.59
N PHE IB 64 63.83 5.27 -42.82
CA PHE IB 64 64.58 4.06 -43.10
C PHE IB 64 66.08 4.31 -43.24
N LEU IB 65 66.52 5.55 -43.06
CA LEU IB 65 67.95 5.83 -43.07
C LEU IB 65 68.66 5.14 -41.91
N ASP IB 66 68.01 5.10 -40.75
CA ASP IB 66 68.60 4.49 -39.57
C ASP IB 66 68.89 3.01 -39.80
N LYS IB 67 67.93 2.30 -40.37
CA LYS IB 67 68.12 0.87 -40.60
C LYS IB 67 69.17 0.63 -41.69
N ARG IB 68 69.19 1.47 -42.71
CA ARG IB 68 70.21 1.31 -43.76
C ARG IB 68 71.62 1.56 -43.22
N VAL IB 69 71.78 2.58 -42.38
CA VAL IB 69 73.12 2.83 -41.84
C VAL IB 69 73.48 1.78 -40.78
N ASN IB 70 72.49 1.21 -40.09
CA ASN IB 70 72.79 0.06 -39.24
C ASN IB 70 73.22 -1.14 -40.08
N GLU IB 71 72.66 -1.28 -41.28
CA GLU IB 71 73.14 -2.28 -42.23
C GLU IB 71 74.59 -2.01 -42.60
N PHE IB 72 74.93 -0.75 -42.84
CA PHE IB 72 76.27 -0.38 -43.29
C PHE IB 72 77.22 -0.11 -42.13
N GLY IB 73 76.79 -0.31 -40.89
CA GLY IB 73 77.66 -0.19 -39.74
C GLY IB 73 77.71 1.18 -39.10
N VAL IB 74 77.16 2.21 -39.74
CA VAL IB 74 77.19 3.55 -39.18
C VAL IB 74 76.32 3.60 -37.92
N TYR IB 75 76.78 4.34 -36.93
CA TYR IB 75 76.06 4.52 -35.67
C TYR IB 75 75.92 6.00 -35.36
N ARG IB 76 74.76 6.37 -34.84
CA ARG IB 76 74.56 7.74 -34.39
C ARG IB 76 75.27 7.97 -33.06
N LYS IB 77 75.58 9.23 -32.77
CA LYS IB 77 76.22 9.62 -31.54
C LYS IB 77 75.22 10.38 -30.67
N LEU IB 78 75.13 9.99 -29.39
CA LEU IB 78 74.25 10.65 -28.45
C LEU IB 78 74.89 11.88 -27.80
N GLY IB 79 76.16 12.17 -28.11
CA GLY IB 79 76.88 13.24 -27.48
C GLY IB 79 77.67 12.77 -26.27
N THR IB 80 78.61 13.62 -25.86
CA THR IB 80 79.41 13.36 -24.66
C THR IB 80 79.07 14.37 -23.59
N GLU IB 81 79.16 13.92 -22.33
CA GLU IB 81 78.78 14.74 -21.19
C GLU IB 81 79.81 15.82 -20.91
N SER IB 82 79.33 16.97 -20.45
CA SER IB 82 80.23 18.06 -20.09
C SER IB 82 80.96 17.74 -18.79
N ASN IB 83 82.24 18.11 -18.73
CA ASN IB 83 83.08 17.84 -17.58
C ASN IB 83 83.65 19.14 -17.03
N GLY IB 84 83.91 19.16 -15.73
CA GLY IB 84 84.41 20.35 -15.08
C GLY IB 84 84.79 20.09 -13.65
N GLU IB 85 85.08 21.17 -12.93
CA GLU IB 85 85.47 21.11 -11.53
C GLU IB 85 84.91 22.33 -10.80
N VAL IB 86 84.50 22.13 -9.55
CA VAL IB 86 83.92 23.19 -8.75
C VAL IB 86 84.71 23.31 -7.45
N GLU IB 87 84.56 24.46 -6.80
CA GLU IB 87 85.23 24.76 -5.55
C GLU IB 87 84.21 24.80 -4.42
N PHE IB 88 84.56 24.17 -3.30
CA PHE IB 88 83.68 24.05 -2.14
C PHE IB 88 84.15 25.04 -1.08
N ILE IB 89 83.33 26.05 -0.79
CA ILE IB 89 83.62 27.03 0.25
C ILE IB 89 82.71 26.74 1.43
N GLY IB 90 83.31 26.45 2.57
CA GLY IB 90 82.52 26.13 3.75
C GLY IB 90 83.41 25.87 4.94
N GLU IB 91 82.83 25.18 5.92
CA GLU IB 91 83.52 24.93 7.18
C GLU IB 91 84.60 23.86 7.00
N LYS IB 92 85.75 24.08 7.64
CA LYS IB 92 86.84 23.11 7.57
C LYS IB 92 86.46 21.83 8.30
N GLY IB 93 86.85 20.70 7.72
CA GLY IB 93 86.51 19.40 8.25
C GLY IB 93 85.28 18.76 7.62
N THR IB 94 84.47 19.54 6.92
CA THR IB 94 83.33 18.99 6.21
C THR IB 94 83.79 18.27 4.96
N VAL IB 95 83.37 17.01 4.83
CA VAL IB 95 83.76 16.16 3.71
C VAL IB 95 82.56 15.98 2.80
N ILE IB 96 82.78 16.14 1.50
CA ILE IB 96 81.75 15.95 0.49
C ILE IB 96 81.98 14.58 -0.14
N ASN IB 97 81.06 13.66 0.08
CA ASN IB 97 81.23 12.29 -0.37
C ASN IB 97 81.15 12.18 -1.89
N ASN IB 98 81.85 11.18 -2.43
CA ASN IB 98 81.81 10.92 -3.86
C ASN IB 98 80.40 10.52 -4.27
N GLY IB 99 79.89 11.18 -5.31
CA GLY IB 99 78.53 10.98 -5.75
C GLY IB 99 77.53 11.99 -5.26
N THR IB 100 77.96 12.97 -4.47
CA THR IB 100 77.06 14.02 -4.00
C THR IB 100 76.50 14.80 -5.19
N ILE IB 101 75.20 15.02 -5.19
CA ILE IB 101 74.50 15.59 -6.33
C ILE IB 101 74.26 17.08 -6.07
N ILE IB 102 74.47 17.89 -7.11
CA ILE IB 102 74.19 19.32 -7.11
C ILE IB 102 73.45 19.66 -8.38
N SER IB 103 72.96 20.89 -8.46
CA SER IB 103 72.17 21.31 -9.61
C SER IB 103 72.53 22.73 -10.01
N TYR IB 104 72.34 23.02 -11.30
CA TYR IB 104 72.44 24.39 -11.84
C TYR IB 104 71.13 24.64 -12.57
N ARG IB 105 70.22 25.37 -11.93
CA ARG IB 105 68.89 25.65 -12.47
C ARG IB 105 68.26 24.30 -12.83
N ASP IB 106 67.78 24.11 -14.06
CA ASP IB 106 67.23 22.82 -14.47
C ASP IB 106 68.30 21.76 -14.62
N LEU IB 107 69.56 22.15 -14.78
CA LEU IB 107 70.64 21.20 -14.96
C LEU IB 107 71.08 20.63 -13.62
N LEU IB 108 71.61 19.41 -13.66
CA LEU IB 108 72.05 18.69 -12.46
C LEU IB 108 73.43 18.10 -12.70
N PHE IB 109 74.23 18.05 -11.64
CA PHE IB 109 75.63 17.62 -11.73
C PHE IB 109 75.98 16.77 -10.51
N VAL IB 110 77.02 15.96 -10.67
CA VAL IB 110 77.48 15.02 -9.64
C VAL IB 110 78.96 15.25 -9.39
N VAL IB 111 79.36 15.16 -8.12
CA VAL IB 111 80.76 15.33 -7.73
C VAL IB 111 81.51 14.02 -7.95
N ILE IB 112 82.73 14.12 -8.46
CA ILE IB 112 83.49 12.95 -8.86
C ILE IB 112 84.59 12.58 -7.86
N LYS IB 113 84.98 13.47 -6.96
CA LYS IB 113 86.06 13.23 -6.02
C LYS IB 113 85.60 13.49 -4.60
N ASP IB 114 86.10 12.68 -3.67
CA ASP IB 114 85.91 12.92 -2.24
C ASP IB 114 86.75 14.12 -1.81
N VAL IB 115 86.08 15.24 -1.55
CA VAL IB 115 86.73 16.51 -1.26
C VAL IB 115 86.35 16.95 0.13
N THR IB 116 87.34 17.45 0.88
CA THR IB 116 87.13 18.00 2.21
C THR IB 116 87.60 19.45 2.25
N ILE IB 117 86.79 20.30 2.88
CA ILE IB 117 87.04 21.74 2.84
C ILE IB 117 88.23 22.10 3.72
N GLY IB 118 89.09 22.97 3.20
CA GLY IB 118 90.26 23.44 3.93
C GLY IB 118 91.44 22.51 3.92
N SER IB 119 91.37 21.39 3.21
CA SER IB 119 92.40 20.37 3.27
C SER IB 119 93.64 20.80 2.48
N GLU IB 120 94.73 20.06 2.70
CA GLU IB 120 95.95 20.27 1.93
C GLU IB 120 95.78 19.87 0.47
N GLU IB 121 94.71 19.14 0.14
CA GLU IB 121 94.39 18.79 -1.24
C GLU IB 121 93.57 19.87 -1.94
N GLY IB 122 93.21 20.94 -1.24
CA GLY IB 122 92.38 21.98 -1.81
C GLY IB 122 90.90 21.65 -1.74
N ASP IB 123 90.09 22.64 -2.10
CA ASP IB 123 88.63 22.52 -2.05
C ASP IB 123 88.03 22.37 -3.44
N ASN IB 124 88.79 21.88 -4.41
CA ASN IB 124 88.33 21.70 -5.78
C ASN IB 124 88.14 20.22 -6.06
N SER IB 125 87.01 19.89 -6.70
CA SER IB 125 86.66 18.51 -7.02
C SER IB 125 86.05 18.46 -8.43
N PRO IB 126 86.47 17.50 -9.26
CA PRO IB 126 85.89 17.40 -10.60
C PRO IB 126 84.41 17.09 -10.54
N VAL IB 127 83.69 17.60 -11.54
CA VAL IB 127 82.23 17.48 -11.61
C VAL IB 127 81.83 17.17 -13.04
N GLN IB 128 80.91 16.22 -13.21
CA GLN IB 128 80.45 15.78 -14.52
C GLN IB 128 78.93 15.90 -14.61
N ALA IB 129 78.45 16.34 -15.76
CA ALA IB 129 77.02 16.45 -16.01
C ALA IB 129 76.37 15.07 -16.08
N LEU IB 130 75.13 14.98 -15.58
CA LEU IB 130 74.38 13.74 -15.61
C LEU IB 130 73.85 13.40 -16.98
N GLU IB 131 73.70 14.39 -17.86
CA GLU IB 131 73.09 14.18 -19.17
C GLU IB 131 73.95 14.82 -20.26
N VAL IB 132 73.82 14.29 -21.47
CA VAL IB 132 74.51 14.80 -22.64
C VAL IB 132 73.82 16.05 -23.15
N GLY IB 133 74.48 16.79 -24.02
CA GLY IB 133 73.94 18.02 -24.58
C GLY IB 133 74.87 19.20 -24.41
N LYS IB 134 74.85 20.09 -25.41
CA LYS IB 134 75.65 21.31 -25.33
C LYS IB 134 75.12 22.29 -24.29
N LYS IB 135 73.91 22.06 -23.77
CA LYS IB 135 73.37 22.91 -22.71
C LYS IB 135 74.18 22.79 -21.42
N TYR IB 136 74.87 21.67 -21.22
CA TYR IB 136 75.69 21.47 -20.03
C TYR IB 136 77.08 22.05 -20.15
N ASN IB 137 77.44 22.62 -21.30
CA ASN IB 137 78.70 23.36 -21.44
C ASN IB 137 78.54 24.68 -20.70
N LEU IB 138 78.72 24.62 -19.39
CA LEU IB 138 78.49 25.78 -18.53
C LEU IB 138 79.55 26.85 -18.78
N PRO IB 139 79.19 28.13 -18.57
CA PRO IB 139 80.21 29.18 -18.56
C PRO IB 139 80.97 29.21 -17.24
N THR IB 140 81.84 30.21 -17.06
CA THR IB 140 82.61 30.34 -15.84
C THR IB 140 81.85 31.11 -14.78
N ASN IB 141 82.28 30.94 -13.53
CA ASN IB 141 81.73 31.66 -12.38
C ASN IB 141 80.21 31.44 -12.26
N CYS IB 142 79.83 30.20 -12.02
CA CYS IB 142 78.44 29.82 -11.84
C CYS IB 142 78.21 29.30 -10.43
N GLU IB 143 77.06 29.63 -9.86
CA GLU IB 143 76.71 29.18 -8.52
C GLU IB 143 75.92 27.89 -8.60
N PHE IB 144 76.35 26.89 -7.84
CA PHE IB 144 75.77 25.56 -7.88
C PHE IB 144 75.02 25.30 -6.58
N LYS IB 145 73.78 24.83 -6.70
CA LYS IB 145 72.93 24.54 -5.56
C LYS IB 145 72.86 23.04 -5.34
N LEU IB 146 73.00 22.61 -4.08
CA LEU IB 146 72.99 21.19 -3.74
C LEU IB 146 71.55 20.70 -3.64
N VAL IB 147 71.25 19.62 -4.37
CA VAL IB 147 69.94 19.00 -4.27
C VAL IB 147 69.72 18.44 -2.88
N ASP IB 148 70.73 17.79 -2.31
CA ASP IB 148 70.67 17.20 -0.98
C ASP IB 148 71.52 18.04 -0.03
N ASN IB 149 70.93 18.42 1.10
CA ASN IB 149 71.59 19.33 2.03
C ASN IB 149 72.68 18.62 2.81
N ILE IB 150 73.86 19.23 2.86
CA ILE IB 150 74.98 18.76 3.66
C ILE IB 150 75.46 19.91 4.54
N SER IB 151 75.64 19.65 5.83
CA SER IB 151 76.07 20.68 6.76
C SER IB 151 77.52 21.09 6.49
N GLY IB 152 77.83 22.34 6.81
CA GLY IB 152 79.18 22.86 6.68
C GLY IB 152 79.48 23.56 5.38
N VAL IB 153 78.62 23.45 4.37
CA VAL IB 153 78.86 24.06 3.08
C VAL IB 153 78.13 25.40 3.03
N THR IB 154 78.73 26.35 2.31
CA THR IB 154 78.15 27.68 2.11
C THR IB 154 77.95 28.01 0.65
N LYS IB 155 78.97 27.83 -0.18
CA LYS IB 155 78.91 28.24 -1.58
C LYS IB 155 79.73 27.26 -2.41
N ILE IB 156 79.24 26.95 -3.60
CA ILE IB 156 79.90 26.02 -4.50
C ILE IB 156 79.96 26.69 -5.87
N THR IB 157 81.16 26.81 -6.43
CA THR IB 157 81.30 27.48 -7.72
C THR IB 157 82.48 26.88 -8.48
N ASN IB 158 82.50 27.15 -9.78
CA ASN IB 158 83.55 26.70 -10.68
C ASN IB 158 84.39 27.90 -11.12
N THR IB 159 85.70 27.70 -11.19
CA THR IB 159 86.59 28.77 -11.58
C THR IB 159 86.59 29.04 -13.08
N ARG IB 160 86.22 28.06 -13.91
CA ARG IB 160 86.20 28.26 -15.35
C ARG IB 160 85.10 27.42 -15.97
N SER IB 161 84.84 27.69 -17.24
CA SER IB 161 83.66 27.17 -17.91
C SER IB 161 83.73 25.66 -18.08
N PHE IB 162 82.57 25.01 -17.95
CA PHE IB 162 82.46 23.59 -18.25
C PHE IB 162 82.58 23.36 -19.75
N GLU IB 163 83.23 22.26 -20.13
CA GLU IB 163 83.43 21.93 -21.52
C GLU IB 163 83.09 20.47 -21.77
N GLY IB 164 82.84 20.14 -23.04
CA GLY IB 164 82.63 18.77 -23.47
C GLY IB 164 81.19 18.39 -23.74
N GLY IB 165 80.22 19.15 -23.26
CA GLY IB 165 78.82 18.82 -23.48
C GLY IB 165 78.45 18.92 -24.94
N THR IB 166 77.90 17.84 -25.51
CA THR IB 166 77.54 17.81 -26.92
C THR IB 166 76.18 17.13 -27.09
N ASP IB 167 75.44 17.57 -28.10
CA ASP IB 167 74.11 17.04 -28.36
C ASP IB 167 74.18 15.75 -29.17
N ILE IB 168 73.03 15.07 -29.22
CA ILE IB 168 72.91 13.86 -30.04
C ILE IB 168 73.15 14.21 -31.50
N GLU IB 169 73.77 13.27 -32.23
CA GLU IB 169 74.09 13.50 -33.62
C GLU IB 169 72.81 13.60 -34.45
N THR IB 170 72.59 14.77 -35.04
CA THR IB 170 71.38 14.98 -35.84
C THR IB 170 71.46 14.19 -37.14
N ASP IB 171 70.28 13.96 -37.73
CA ASP IB 171 70.18 13.04 -38.86
C ASP IB 171 70.90 13.57 -40.10
N GLU IB 172 70.88 14.89 -40.33
CA GLU IB 172 71.57 15.45 -41.48
C GLU IB 172 73.07 15.22 -41.38
N GLU IB 173 73.63 15.42 -40.19
CA GLU IB 173 75.04 15.12 -39.98
C GLU IB 173 75.32 13.64 -40.18
N LEU IB 174 74.40 12.78 -39.75
CA LEU IB 174 74.54 11.34 -39.96
C LEU IB 174 74.60 11.01 -41.43
N LYS IB 175 73.68 11.58 -42.22
CA LYS IB 175 73.67 11.32 -43.66
C LYS IB 175 74.95 11.83 -44.31
N GLU IB 176 75.40 13.03 -43.94
CA GLU IB 176 76.62 13.57 -44.51
C GLU IB 176 77.82 12.69 -44.18
N ARG IB 177 77.93 12.25 -42.92
CA ARG IB 177 79.03 11.39 -42.53
C ARG IB 177 78.99 10.07 -43.27
N PHE IB 178 77.80 9.50 -43.43
CA PHE IB 178 77.67 8.25 -44.19
C PHE IB 178 78.14 8.45 -45.61
N TYR IB 179 77.76 9.56 -46.25
CA TYR IB 179 78.20 9.84 -47.61
C TYR IB 179 79.72 9.98 -47.68
N LYS IB 180 80.32 10.69 -46.72
CA LYS IB 180 81.77 10.88 -46.74
C LYS IB 180 82.50 9.56 -46.52
N ILE IB 181 82.00 8.72 -45.61
CA ILE IB 181 82.64 7.43 -45.38
C ILE IB 181 82.49 6.54 -46.60
N GLN IB 182 81.35 6.61 -47.28
CA GLN IB 182 81.17 5.82 -48.49
C GLN IB 182 82.09 6.30 -49.60
N ARG IB 183 82.39 7.60 -49.65
CA ARG IB 183 83.37 8.08 -50.62
C ARG IB 183 84.76 7.55 -50.30
N ASN IB 184 85.09 7.42 -49.01
CA ASN IB 184 86.39 6.90 -48.62
C ASN IB 184 86.44 5.39 -48.80
N GLN IB 185 87.62 4.88 -49.16
CA GLN IB 185 87.86 3.45 -49.31
C GLN IB 185 88.92 3.05 -48.28
N ALA IB 186 88.47 2.56 -47.13
CA ALA IB 186 89.36 2.20 -46.03
C ALA IB 186 89.43 0.69 -45.95
N THR IB 187 90.58 0.13 -46.36
CA THR IB 187 90.78 -1.31 -46.36
C THR IB 187 92.16 -1.63 -45.82
N SER IB 188 92.32 -2.87 -45.35
CA SER IB 188 93.49 -3.26 -44.57
C SER IB 188 94.79 -3.08 -45.34
N GLY IB 189 95.58 -2.08 -44.93
CA GLY IB 189 96.91 -1.89 -45.44
C GLY IB 189 97.03 -1.19 -46.77
N ASN IB 190 95.92 -0.81 -47.39
CA ASN IB 190 95.98 -0.29 -48.75
C ASN IB 190 96.61 1.11 -48.77
N LYS IB 191 96.89 1.57 -50.00
CA LYS IB 191 97.48 2.89 -50.19
C LYS IB 191 96.62 3.98 -49.56
N ALA IB 192 95.29 3.82 -49.64
CA ALA IB 192 94.39 4.78 -49.01
C ALA IB 192 94.55 4.77 -47.50
N HIS IB 193 94.80 3.60 -46.91
CA HIS IB 193 95.08 3.56 -45.47
C HIS IB 193 96.35 4.31 -45.13
N TYR IB 194 97.40 4.16 -45.94
CA TYR IB 194 98.62 4.93 -45.73
C TYR IB 194 98.33 6.43 -45.81
N GLU IB 195 97.56 6.84 -46.81
CA GLU IB 195 97.19 8.24 -46.94
C GLU IB 195 96.45 8.73 -45.70
N GLU IB 196 95.49 7.94 -45.21
CA GLU IB 196 94.70 8.35 -44.06
C GLU IB 196 95.57 8.45 -42.81
N TRP IB 197 96.39 7.42 -42.55
CA TRP IB 197 97.30 7.46 -41.41
C TRP IB 197 98.25 8.64 -41.49
N ALA IB 198 98.64 9.04 -42.70
CA ALA IB 198 99.55 10.19 -42.83
C ALA IB 198 98.83 11.52 -42.60
N LEU IB 199 97.59 11.65 -43.07
CA LEU IB 199 96.91 12.94 -42.93
C LEU IB 199 96.42 13.21 -41.51
N GLU IB 200 96.27 12.16 -40.68
CA GLU IB 200 95.91 12.38 -39.28
C GLU IB 200 96.95 13.22 -38.56
N VAL IB 201 98.21 13.16 -39.00
CA VAL IB 201 99.30 13.78 -38.28
C VAL IB 201 99.37 15.27 -38.58
N ASP IB 202 99.75 16.05 -37.57
CA ASP IB 202 99.94 17.48 -37.74
C ASP IB 202 101.15 17.76 -38.62
N GLY IB 203 101.12 18.92 -39.26
CA GLY IB 203 102.20 19.32 -40.13
C GLY IB 203 102.21 18.65 -41.49
N VAL IB 204 101.20 17.86 -41.81
CA VAL IB 204 101.07 17.21 -43.11
C VAL IB 204 99.73 17.61 -43.70
N TYR IB 205 99.79 18.31 -44.84
CA TYR IB 205 98.59 18.77 -45.52
C TYR IB 205 98.31 18.05 -46.82
N ASN IB 206 99.30 17.32 -47.36
CA ASN IB 206 99.13 16.56 -48.59
C ASN IB 206 99.94 15.27 -48.46
N VAL IB 207 99.41 14.19 -49.01
CA VAL IB 207 100.03 12.86 -48.90
C VAL IB 207 100.10 12.23 -50.29
N LYS IB 208 101.27 11.72 -50.64
CA LYS IB 208 101.45 10.87 -51.82
C LYS IB 208 102.16 9.60 -51.40
N VAL IB 209 101.67 8.46 -51.87
CA VAL IB 209 102.15 7.15 -51.45
C VAL IB 209 102.75 6.43 -52.65
N TYR IB 210 103.97 5.92 -52.48
CA TYR IB 210 104.69 5.22 -53.54
C TYR IB 210 104.94 3.77 -53.14
N PRO IB 211 104.12 2.82 -53.60
CA PRO IB 211 104.35 1.42 -53.25
C PRO IB 211 105.56 0.84 -53.96
N ARG IB 212 106.15 -0.18 -53.34
CA ARG IB 212 107.27 -0.96 -53.84
C ARG IB 212 108.36 -0.10 -54.49
N TRP IB 213 108.62 1.06 -53.90
CA TRP IB 213 109.68 1.93 -54.42
C TRP IB 213 111.05 1.27 -54.30
N ASP IB 214 111.25 0.45 -53.27
CA ASP IB 214 112.54 -0.19 -53.06
C ASP IB 214 112.22 -1.69 -53.03
N GLY IB 215 111.56 -2.16 -54.09
CA GLY IB 215 111.18 -3.55 -54.17
C GLY IB 215 110.01 -3.87 -53.27
N PRO IB 216 109.65 -5.14 -53.18
CA PRO IB 216 108.48 -5.54 -52.37
C PRO IB 216 108.71 -5.24 -50.90
N GLY IB 217 107.61 -4.94 -50.20
CA GLY IB 217 107.68 -4.66 -48.78
C GLY IB 217 108.24 -3.30 -48.43
N THR IB 218 108.26 -2.37 -49.36
CA THR IB 218 108.74 -1.02 -49.12
C THR IB 218 107.69 -0.03 -49.60
N VAL IB 219 107.35 0.93 -48.74
CA VAL IB 219 106.39 1.98 -49.05
C VAL IB 219 107.07 3.32 -48.88
N LYS IB 220 107.02 4.15 -49.92
CA LYS IB 220 107.60 5.49 -49.90
C LYS IB 220 106.48 6.50 -49.65
N VAL IB 221 106.58 7.22 -48.54
CA VAL IB 221 105.57 8.19 -48.15
C VAL IB 221 106.07 9.59 -48.47
N LEU IB 222 105.37 10.26 -49.37
CA LEU IB 222 105.71 11.62 -49.78
C LEU IB 222 104.67 12.56 -49.17
N ILE IB 223 105.09 13.35 -48.19
CA ILE IB 223 104.20 14.28 -47.50
C ILE IB 223 104.57 15.70 -47.88
N PHE IB 224 103.60 16.60 -47.78
CA PHE IB 224 103.77 17.99 -48.19
C PHE IB 224 103.30 18.90 -47.06
N GLY IB 225 103.97 20.06 -46.94
CA GLY IB 225 103.61 21.05 -45.95
C GLY IB 225 102.53 21.99 -46.45
N LYS IB 226 102.24 22.99 -45.63
CA LYS IB 226 101.26 24.00 -46.01
C LYS IB 226 101.77 24.77 -47.23
N ASN IB 227 100.86 25.00 -48.18
CA ASN IB 227 101.19 25.63 -49.47
C ASN IB 227 102.22 24.82 -50.24
N ASN IB 228 102.16 23.50 -50.10
CA ASN IB 228 103.08 22.57 -50.77
C ASN IB 228 104.54 22.93 -50.46
N GLN IB 229 104.84 23.02 -49.16
CA GLN IB 229 106.18 23.30 -48.69
C GLN IB 229 106.80 22.04 -48.10
N ALA IB 230 108.10 22.12 -47.81
CA ALA IB 230 108.81 20.99 -47.25
C ALA IB 230 108.34 20.70 -45.83
N VAL IB 231 108.32 19.43 -45.48
CA VAL IB 231 107.93 18.97 -44.16
C VAL IB 231 109.17 18.87 -43.29
N ASP IB 232 109.10 19.44 -42.08
CA ASP IB 232 110.27 19.49 -41.20
C ASP IB 232 110.64 18.10 -40.70
N THR IB 233 111.88 17.99 -40.20
CA THR IB 233 112.40 16.71 -39.76
C THR IB 233 111.63 16.14 -38.58
N GLU IB 234 111.28 16.99 -37.61
CA GLU IB 234 110.52 16.51 -36.47
C GLU IB 234 109.12 16.07 -36.89
N THR IB 235 108.49 16.83 -37.78
CA THR IB 235 107.18 16.44 -38.29
C THR IB 235 107.26 15.13 -39.08
N ILE IB 236 108.33 14.97 -39.87
CA ILE IB 236 108.54 13.70 -40.56
C ILE IB 236 108.69 12.57 -39.56
N GLU IB 237 109.39 12.83 -38.45
CA GLU IB 237 109.59 11.79 -37.44
C GLU IB 237 108.26 11.39 -36.79
N ARG IB 238 107.43 12.36 -36.43
CA ARG IB 238 106.16 12.00 -35.80
C ARG IB 238 105.24 11.29 -36.78
N CYS IB 239 105.25 11.72 -38.05
CA CYS IB 239 104.49 11.00 -39.06
C CYS IB 239 104.99 9.57 -39.20
N GLN IB 240 106.31 9.38 -39.17
CA GLN IB 240 106.89 8.05 -39.30
C GLN IB 240 106.49 7.16 -38.13
N GLN IB 241 106.54 7.69 -36.90
CA GLN IB 241 106.18 6.85 -35.76
C GLN IB 241 104.68 6.56 -35.76
N HIS IB 242 103.86 7.51 -36.21
CA HIS IB 242 102.43 7.28 -36.27
C HIS IB 242 102.09 6.19 -37.29
N ILE IB 243 102.70 6.25 -38.48
CA ILE IB 243 102.43 5.22 -39.47
C ILE IB 243 102.98 3.88 -39.01
N ASP IB 244 104.16 3.88 -38.36
CA ASP IB 244 104.72 2.65 -37.83
C ASP IB 244 103.78 2.01 -36.82
N GLU IB 245 103.18 2.82 -35.95
CA GLU IB 245 102.14 2.30 -35.07
C GLU IB 245 100.94 1.78 -35.85
N GLU IB 246 100.63 2.42 -36.99
CA GLU IB 246 99.47 2.03 -37.79
C GLU IB 246 99.82 1.21 -39.02
N LYS IB 247 101.10 0.94 -39.27
CA LYS IB 247 101.46 0.11 -40.40
C LYS IB 247 101.35 -1.37 -40.04
N PRO IB 248 101.08 -2.24 -41.02
CA PRO IB 248 101.07 -3.68 -40.75
C PRO IB 248 102.45 -4.18 -40.36
N ILE IB 249 102.47 -5.33 -39.72
CA ILE IB 249 103.73 -5.92 -39.23
C ILE IB 249 104.45 -6.57 -40.40
N GLY IB 250 105.67 -6.08 -40.70
CA GLY IB 250 106.46 -6.60 -41.78
C GLY IB 250 106.91 -5.56 -42.80
N PRO IB 251 106.03 -4.65 -43.21
CA PRO IB 251 106.45 -3.58 -44.11
C PRO IB 251 107.44 -2.62 -43.45
N THR IB 252 108.17 -1.90 -44.30
CA THR IB 252 109.09 -0.86 -43.88
C THR IB 252 108.72 0.44 -44.57
N ILE IB 253 108.63 1.52 -43.81
CA ILE IB 253 108.13 2.81 -44.29
C ILE IB 253 109.29 3.79 -44.37
N THR IB 254 109.44 4.43 -45.52
CA THR IB 254 110.43 5.48 -45.75
C THR IB 254 109.73 6.76 -46.15
N VAL IB 255 110.13 7.87 -45.54
CA VAL IB 255 109.50 9.16 -45.73
C VAL IB 255 110.53 10.15 -46.25
N VAL IB 256 110.16 10.88 -47.30
CA VAL IB 256 111.00 11.94 -47.86
C VAL IB 256 110.18 13.20 -48.02
N THR IB 257 110.87 14.34 -48.07
CA THR IB 257 110.22 15.63 -48.16
C THR IB 257 110.55 16.29 -49.50
N PRO IB 258 109.63 17.08 -50.05
CA PRO IB 258 109.89 17.74 -51.33
C PRO IB 258 110.84 18.92 -51.17
N LEU IB 259 111.30 19.42 -52.31
CA LEU IB 259 112.17 20.58 -52.35
C LEU IB 259 111.49 21.69 -53.15
N PRO IB 260 111.39 22.89 -52.60
CA PRO IB 260 110.57 23.93 -53.21
C PRO IB 260 111.22 24.57 -54.42
N ILE IB 261 110.38 25.21 -55.23
CA ILE IB 261 110.80 26.06 -56.34
C ILE IB 261 110.18 27.43 -56.13
N GLU IB 262 111.02 28.46 -56.05
CA GLU IB 262 110.55 29.82 -55.83
C GLU IB 262 110.02 30.42 -57.13
N ILE IB 263 108.77 30.87 -57.11
CA ILE IB 263 108.11 31.43 -58.28
C ILE IB 263 107.54 32.79 -57.93
N SER IB 264 107.73 33.75 -58.81
CA SER IB 264 107.13 35.08 -58.68
C SER IB 264 105.93 35.17 -59.61
N ILE IB 265 104.78 35.52 -59.06
CA ILE IB 265 103.54 35.64 -59.83
C ILE IB 265 103.06 37.08 -59.73
N SER IB 266 102.58 37.62 -60.86
CA SER IB 266 102.15 39.00 -60.94
C SER IB 266 101.12 39.14 -62.05
N ALA IB 267 100.07 39.90 -61.78
CA ALA IB 267 99.01 40.08 -62.77
C ALA IB 267 98.27 41.39 -62.48
N VAL IB 268 97.60 41.88 -63.52
CA VAL IB 268 96.68 43.00 -63.40
C VAL IB 268 95.28 42.45 -63.63
N MET IB 269 94.39 42.67 -62.66
CA MET IB 269 93.08 42.05 -62.68
C MET IB 269 92.00 43.05 -62.29
N LYS IB 270 90.79 42.79 -62.75
CA LYS IB 270 89.61 43.56 -62.38
C LYS IB 270 88.71 42.70 -61.52
N LEU IB 271 88.31 43.23 -60.37
CA LEU IB 271 87.50 42.48 -59.42
C LEU IB 271 86.03 42.76 -59.63
N GLU IB 272 85.21 41.73 -59.39
CA GLU IB 272 83.77 41.94 -59.37
C GLU IB 272 83.37 42.69 -58.11
N ASP IB 273 82.12 43.15 -58.09
CA ASP IB 273 81.62 43.90 -56.95
C ASP IB 273 81.54 43.01 -55.71
N GLY IB 274 82.03 43.52 -54.59
CA GLY IB 274 81.92 42.82 -53.32
C GLY IB 274 83.08 41.93 -52.94
N TYR IB 275 84.17 41.95 -53.69
CA TYR IB 275 85.35 41.15 -53.37
C TYR IB 275 86.57 42.04 -53.24
N THR IB 276 87.55 41.56 -52.46
CA THR IB 276 88.77 42.28 -52.20
C THR IB 276 89.97 41.52 -52.75
N LEU IB 277 91.13 42.18 -52.77
CA LEU IB 277 92.33 41.57 -53.29
C LEU IB 277 92.83 40.44 -52.39
N ASP IB 278 92.61 40.53 -51.08
CA ASP IB 278 93.06 39.49 -50.17
C ASP IB 278 92.34 38.16 -50.43
N ASN IB 279 91.02 38.23 -50.65
CA ASN IB 279 90.26 37.02 -50.94
C ASN IB 279 90.72 36.38 -52.25
N VAL IB 280 90.94 37.20 -53.27
CA VAL IB 280 91.46 36.70 -54.54
C VAL IB 280 92.81 36.04 -54.32
N LYS IB 281 93.68 36.68 -53.52
CA LYS IB 281 95.00 36.12 -53.28
C LYS IB 281 94.94 34.78 -52.57
N GLU IB 282 94.09 34.66 -51.54
CA GLU IB 282 94.05 33.41 -50.79
C GLU IB 282 93.42 32.28 -51.62
N SER IB 283 92.36 32.58 -52.35
CA SER IB 283 91.76 31.58 -53.23
C SER IB 283 92.73 31.15 -54.32
N PHE IB 284 93.49 32.11 -54.87
CA PHE IB 284 94.51 31.78 -55.85
C PHE IB 284 95.59 30.89 -55.24
N LEU IB 285 95.99 31.19 -54.00
CA LEU IB 285 97.00 30.37 -53.33
C LEU IB 285 96.52 28.93 -53.22
N GLU IB 286 95.27 28.74 -52.78
CA GLU IB 286 94.75 27.38 -52.64
C GLU IB 286 94.68 26.69 -54.00
N SER IB 287 94.15 27.39 -55.01
CA SER IB 287 93.98 26.78 -56.33
C SER IB 287 95.33 26.44 -56.96
N ILE IB 288 96.32 27.32 -56.81
CA ILE IB 288 97.62 27.06 -57.41
C ILE IB 288 98.36 25.96 -56.66
N ASN IB 289 98.15 25.83 -55.35
CA ASN IB 289 98.71 24.68 -54.65
C ASN IB 289 98.07 23.39 -55.13
N THR IB 290 96.75 23.41 -55.36
CA THR IB 290 96.06 22.23 -55.87
C THR IB 290 96.60 21.85 -57.25
N TYR IB 291 96.81 22.85 -58.11
CA TYR IB 291 97.42 22.58 -59.41
C TYR IB 291 98.86 22.10 -59.29
N PHE IB 292 99.58 22.56 -58.26
CA PHE IB 292 100.96 22.14 -58.07
C PHE IB 292 101.05 20.67 -57.70
N ARG IB 293 100.19 20.20 -56.78
CA ARG IB 293 100.33 18.81 -56.35
C ARG IB 293 100.04 17.83 -57.47
N ASP IB 294 99.10 18.14 -58.37
CA ASP IB 294 98.74 17.19 -59.41
C ASP IB 294 99.64 17.25 -60.65
N ILE IB 295 100.49 18.28 -60.77
CA ILE IB 295 101.24 18.49 -62.00
C ILE IB 295 102.50 17.63 -62.02
N ARG IB 296 102.87 17.20 -63.22
CA ARG IB 296 104.14 16.56 -63.49
C ARG IB 296 104.70 17.13 -64.77
N GLY IB 297 106.01 17.36 -64.80
CA GLY IB 297 106.66 17.89 -65.98
C GLY IB 297 107.07 19.34 -65.86
N GLU IB 298 106.33 20.23 -66.50
CA GLU IB 298 106.64 21.66 -66.50
C GLU IB 298 105.40 22.44 -66.12
N ILE IB 299 105.60 23.54 -65.37
CA ILE IB 299 104.50 24.44 -65.09
C ILE IB 299 104.11 25.15 -66.37
N ILE IB 300 102.82 25.37 -66.56
CA ILE IB 300 102.27 25.83 -67.82
C ILE IB 300 101.62 27.19 -67.62
N TYR IB 301 102.01 28.15 -68.45
CA TYR IB 301 101.52 29.51 -68.29
C TYR IB 301 100.01 29.60 -68.46
N THR IB 302 99.47 28.88 -69.46
CA THR IB 302 98.04 28.99 -69.76
C THR IB 302 97.17 28.23 -68.78
N LYS IB 303 97.64 27.09 -68.24
CA LYS IB 303 96.91 26.49 -67.12
C LYS IB 303 96.84 27.46 -65.94
N VAL IB 304 97.94 28.14 -65.64
CA VAL IB 304 97.93 29.11 -64.55
C VAL IB 304 96.96 30.24 -64.87
N MET IB 305 96.95 30.70 -66.12
CA MET IB 305 96.01 31.75 -66.52
C MET IB 305 94.58 31.29 -66.33
N GLY IB 306 94.27 30.05 -66.72
CA GLY IB 306 92.92 29.54 -66.55
C GLY IB 306 92.53 29.38 -65.09
N ILE IB 307 93.43 28.85 -64.27
CA ILE IB 307 93.13 28.69 -62.84
C ILE IB 307 92.93 30.04 -62.19
N LEU IB 308 93.78 31.02 -62.52
CA LEU IB 308 93.62 32.36 -61.97
C LEU IB 308 92.31 32.99 -62.42
N ILE IB 309 91.94 32.80 -63.69
CA ILE IB 309 90.76 33.48 -64.20
C ILE IB 309 89.49 32.82 -63.66
N ASN IB 310 89.54 31.51 -63.40
CA ASN IB 310 88.41 30.80 -62.81
C ASN IB 310 88.20 31.16 -61.34
N THR IB 311 89.16 31.83 -60.72
CA THR IB 311 89.07 32.16 -59.30
C THR IB 311 87.91 33.11 -59.07
N THR IB 312 87.13 32.84 -58.02
CA THR IB 312 85.98 33.66 -57.71
C THR IB 312 86.43 35.01 -57.16
N GLY IB 313 85.93 36.08 -57.77
CA GLY IB 313 86.33 37.43 -57.44
C GLY IB 313 87.10 38.14 -58.52
N VAL IB 314 87.55 37.42 -59.55
CA VAL IB 314 88.34 38.00 -60.64
C VAL IB 314 87.46 38.09 -61.88
N HIS IB 315 87.16 39.31 -62.30
CA HIS IB 315 86.37 39.56 -63.49
C HIS IB 315 87.22 39.67 -64.75
N ASP IB 316 88.52 39.90 -64.60
CA ASP IB 316 89.42 40.02 -65.73
C ASP IB 316 90.84 39.81 -65.24
N LEU IB 317 91.73 39.41 -66.16
CA LEU IB 317 93.15 39.44 -65.88
C LEU IB 317 93.89 40.03 -67.07
N SER IB 318 95.06 40.60 -66.78
CA SER IB 318 95.94 41.12 -67.82
C SER IB 318 97.34 41.20 -67.23
N ASN IB 319 98.33 41.18 -68.13
CA ASN IB 319 99.74 41.30 -67.75
C ASN IB 319 100.12 40.24 -66.71
N LEU IB 320 100.05 38.98 -67.14
CA LEU IB 320 100.37 37.85 -66.28
C LEU IB 320 101.79 37.39 -66.57
N LEU IB 321 102.64 37.37 -65.53
CA LEU IB 321 104.05 37.02 -65.67
C LEU IB 321 104.40 35.95 -64.65
N ILE IB 322 104.93 34.83 -65.13
CA ILE IB 322 105.47 33.78 -64.27
C ILE IB 322 106.99 33.88 -64.35
N ASN IB 323 107.61 34.27 -63.25
CA ASN IB 323 109.06 34.54 -63.20
C ASN IB 323 109.46 35.53 -64.29
N GLY IB 324 108.64 36.56 -64.47
CA GLY IB 324 108.94 37.59 -65.44
C GLY IB 324 108.88 37.16 -66.89
N SER IB 325 108.10 36.13 -67.20
CA SER IB 325 108.00 35.64 -68.57
C SER IB 325 106.67 34.92 -68.75
N THR IB 326 106.30 34.73 -70.02
CA THR IB 326 105.10 33.99 -70.38
C THR IB 326 105.41 32.60 -70.95
N ASP IB 327 106.52 32.02 -70.52
CA ASP IB 327 106.96 30.72 -71.00
C ASP IB 327 106.83 29.66 -69.91
N ASN IB 328 106.79 28.41 -70.35
CA ASN IB 328 106.71 27.29 -69.42
C ASN IB 328 108.02 27.14 -68.65
N ILE IB 329 107.90 26.86 -67.36
CA ILE IB 329 109.06 26.67 -66.48
C ILE IB 329 109.19 25.18 -66.20
N THR IB 330 110.30 24.59 -66.60
CA THR IB 330 110.51 23.16 -66.44
C THR IB 330 110.75 22.82 -64.97
N ILE IB 331 110.05 21.80 -64.49
CA ILE IB 331 110.20 21.31 -63.12
C ILE IB 331 111.04 20.04 -63.18
N ASN IB 332 112.14 20.02 -62.43
CA ASN IB 332 113.05 18.89 -62.48
C ASN IB 332 112.75 17.90 -61.37
N GLU IB 333 113.53 16.83 -61.30
CA GLU IB 333 113.28 15.77 -60.34
C GLU IB 333 113.56 16.25 -58.92
N ASP IB 334 112.74 15.76 -57.97
CA ASP IB 334 112.82 16.16 -56.57
C ASP IB 334 112.63 17.66 -56.39
N LYS IB 335 111.85 18.27 -57.28
CA LYS IB 335 111.57 19.70 -57.19
C LYS IB 335 110.07 19.92 -57.31
N ILE IB 336 109.55 20.84 -56.49
CA ILE IB 336 108.13 21.17 -56.52
C ILE IB 336 107.97 22.68 -56.53
N PRO IB 337 107.10 23.25 -57.36
CA PRO IB 337 106.86 24.68 -57.30
C PRO IB 337 106.29 25.08 -55.95
N SER IB 338 106.69 26.28 -55.49
CA SER IB 338 106.25 26.81 -54.21
C SER IB 338 106.00 28.29 -54.38
N VAL IB 339 104.75 28.72 -54.14
CA VAL IB 339 104.43 30.13 -54.26
C VAL IB 339 105.22 30.92 -53.24
N THR IB 340 105.74 32.07 -53.66
CA THR IB 340 106.59 32.89 -52.82
C THR IB 340 106.02 34.29 -52.60
N THR IB 341 105.62 34.97 -53.67
CA THR IB 341 105.08 36.32 -53.56
C THR IB 341 103.87 36.46 -54.48
N VAL IB 342 102.94 37.30 -54.07
CA VAL IB 342 101.71 37.55 -54.80
C VAL IB 342 101.60 39.06 -55.00
N ASN IB 343 102.04 39.54 -56.16
CA ASN IB 343 101.94 40.96 -56.51
C ASN IB 343 100.76 41.12 -57.46
N PHE IB 344 99.66 41.65 -56.95
CA PHE IB 344 98.44 41.85 -57.72
C PHE IB 344 98.08 43.33 -57.74
N SER IB 345 97.77 43.84 -58.92
CA SER IB 345 97.34 45.22 -59.10
C SER IB 345 95.94 45.25 -59.69
N GLU IB 346 95.08 46.07 -59.09
CA GLU IB 346 93.72 46.25 -59.60
C GLU IB 346 93.67 47.46 -60.52
N MET JB 1 46.40 6.21 -43.81
CA MET JB 1 47.34 5.26 -43.22
C MET JB 1 46.77 3.90 -43.63
N TYR JB 2 47.63 3.00 -44.11
CA TYR JB 2 47.17 1.79 -44.80
C TYR JB 2 46.12 1.04 -43.99
N SER JB 3 46.32 0.95 -42.67
CA SER JB 3 45.32 0.31 -41.82
C SER JB 3 44.01 1.07 -41.83
N ASP JB 4 44.07 2.40 -41.80
CA ASP JB 4 42.85 3.20 -41.79
C ASP JB 4 42.10 3.08 -43.11
N GLN JB 5 42.84 2.95 -44.22
CA GLN JB 5 42.20 2.76 -45.52
C GLN JB 5 41.51 1.41 -45.57
N THR JB 6 40.19 1.41 -45.63
CA THR JB 6 39.40 0.19 -45.65
C THR JB 6 38.41 0.25 -46.80
N TYR JB 7 37.69 -0.85 -47.00
CA TYR JB 7 36.73 -0.93 -48.09
C TYR JB 7 35.64 0.12 -47.95
N GLU JB 8 35.14 0.31 -46.73
CA GLU JB 8 34.08 1.30 -46.50
C GLU JB 8 34.58 2.71 -46.78
N VAL JB 9 35.77 3.05 -46.30
CA VAL JB 9 36.30 4.40 -46.49
C VAL JB 9 36.57 4.67 -47.97
N ILE JB 10 37.18 3.71 -48.65
CA ILE JB 10 37.47 3.89 -50.08
C ILE JB 10 36.18 4.07 -50.86
N LYS JB 11 35.18 3.22 -50.57
CA LYS JB 11 33.90 3.31 -51.28
C LYS JB 11 33.23 4.65 -51.03
N ASN JB 12 33.22 5.10 -49.77
CA ASN JB 12 32.58 6.36 -49.43
C ASN JB 12 33.26 7.53 -50.15
N ARG JB 13 34.59 7.55 -50.15
CA ARG JB 13 35.31 8.62 -50.82
C ARG JB 13 35.05 8.60 -52.33
N THR JB 14 35.08 7.41 -52.93
CA THR JB 14 34.84 7.31 -54.37
C THR JB 14 33.45 7.80 -54.73
N LEU JB 15 32.44 7.42 -53.94
CA LEU JB 15 31.08 7.88 -54.22
C LEU JB 15 30.96 9.39 -54.03
N GLU JB 16 31.62 9.93 -53.02
CA GLU JB 16 31.59 11.38 -52.83
C GLU JB 16 32.25 12.12 -53.98
N ASN JB 17 33.28 11.54 -54.59
CA ASN JB 17 33.96 12.21 -55.70
C ASN JB 17 33.09 12.28 -56.94
N ILE JB 18 32.22 11.29 -57.17
CA ILE JB 18 31.42 11.25 -58.38
C ILE JB 18 30.35 12.33 -58.33
N ASN JB 19 30.26 13.13 -59.38
CA ASN JB 19 29.29 14.23 -59.46
C ASN JB 19 28.17 13.81 -60.41
N LEU JB 20 27.21 13.05 -59.88
CA LEU JB 20 26.00 12.68 -60.59
C LEU JB 20 24.78 13.05 -59.77
N ASP JB 21 23.65 13.18 -60.46
CA ASP JB 21 22.39 13.56 -59.82
C ASP JB 21 21.67 12.38 -59.21
N ILE JB 22 21.94 11.16 -59.68
CA ILE JB 22 21.18 9.98 -59.28
C ILE JB 22 21.45 9.61 -57.84
N TYR JB 23 20.66 8.68 -57.31
CA TYR JB 23 20.73 8.29 -55.91
C TYR JB 23 21.88 7.29 -55.70
N LYS JB 24 22.71 7.57 -54.71
CA LYS JB 24 23.87 6.73 -54.38
C LYS JB 24 23.61 6.08 -53.03
N GLY JB 25 23.32 4.79 -53.05
CA GLY JB 25 23.04 4.07 -51.83
C GLY JB 25 23.12 2.59 -52.10
N GLU JB 26 23.03 1.80 -51.04
CA GLU JB 26 23.11 0.35 -51.18
C GLU JB 26 21.99 -0.15 -52.07
N GLY JB 27 22.35 -0.94 -53.08
CA GLY JB 27 21.38 -1.47 -54.01
C GLY JB 27 21.16 -0.67 -55.27
N SER JB 28 21.91 0.40 -55.48
CA SER JB 28 21.76 1.24 -56.67
C SER JB 28 22.70 0.77 -57.77
N PHE JB 29 22.43 1.25 -58.99
CA PHE JB 29 23.25 0.88 -60.13
C PHE JB 29 24.67 1.42 -59.99
N LEU JB 30 24.81 2.71 -59.67
CA LEU JB 30 26.14 3.30 -59.54
C LEU JB 30 26.92 2.66 -58.40
N ASN JB 31 26.24 2.41 -57.28
CA ASN JB 31 26.89 1.74 -56.15
C ASN JB 31 27.35 0.35 -56.53
N ASN JB 32 26.52 -0.40 -57.26
CA ASN JB 32 26.90 -1.73 -57.70
C ASN JB 32 28.10 -1.68 -58.64
N MET JB 33 28.11 -0.71 -59.56
CA MET JB 33 29.23 -0.62 -60.50
C MET JB 33 30.52 -0.28 -59.80
N VAL JB 34 30.48 0.71 -58.90
CA VAL JB 34 31.70 1.14 -58.21
C VAL JB 34 32.22 0.04 -57.29
N SER JB 35 31.34 -0.58 -56.52
CA SER JB 35 31.76 -1.62 -55.61
C SER JB 35 32.25 -2.84 -56.38
N GLY JB 36 33.25 -3.52 -55.81
CA GLY JB 36 33.83 -4.69 -56.46
C GLY JB 36 35.30 -4.52 -56.75
N ASN JB 37 35.70 -3.34 -57.23
CA ASN JB 37 37.12 -3.06 -57.39
C ASN JB 37 37.70 -2.26 -56.24
N ASN JB 38 36.86 -1.55 -55.48
CA ASN JB 38 37.33 -0.93 -54.25
C ASN JB 38 37.68 -1.99 -53.20
N LEU JB 39 36.93 -3.08 -53.17
CA LEU JB 39 37.30 -4.20 -52.30
C LEU JB 39 38.66 -4.75 -52.68
N GLU JB 40 38.95 -4.82 -53.98
CA GLU JB 40 40.27 -5.26 -54.43
C GLU JB 40 41.36 -4.29 -54.00
N LEU JB 41 41.09 -2.99 -54.05
CA LEU JB 41 42.08 -2.02 -53.58
C LEU JB 41 42.34 -2.19 -52.09
N SER JB 42 41.28 -2.41 -51.31
CA SER JB 42 41.46 -2.67 -49.88
C SER JB 42 42.28 -3.93 -49.66
N LYS JB 43 42.10 -4.94 -50.51
CA LYS JB 43 42.94 -6.12 -50.45
C LYS JB 43 44.40 -5.77 -50.73
N ILE JB 44 44.64 -4.96 -51.76
CA ILE JB 44 45.99 -4.64 -52.20
C ILE JB 44 46.75 -3.85 -51.13
N TYR JB 45 46.04 -2.99 -50.38
CA TYR JB 45 46.72 -2.18 -49.38
C TYR JB 45 47.46 -3.02 -48.34
N LEU JB 46 46.92 -4.19 -47.99
CA LEU JB 46 47.59 -5.02 -46.99
C LEU JB 46 48.90 -5.59 -47.51
N GLU JB 47 48.91 -6.06 -48.76
CA GLU JB 47 50.17 -6.51 -49.35
C GLU JB 47 51.17 -5.36 -49.43
N LEU JB 48 50.69 -4.17 -49.76
CA LEU JB 48 51.57 -3.01 -49.78
C LEU JB 48 52.17 -2.76 -48.41
N SER JB 49 51.38 -2.94 -47.36
CA SER JB 49 51.92 -2.81 -46.01
C SER JB 49 53.00 -3.85 -45.73
N LYS JB 50 52.76 -5.10 -46.14
CA LYS JB 50 53.71 -6.16 -45.82
C LYS JB 50 55.01 -6.05 -46.60
N MET JB 51 54.98 -5.40 -47.77
CA MET JB 51 56.14 -5.39 -48.64
C MET JB 51 57.34 -4.72 -47.98
N HIS JB 52 57.13 -3.56 -47.36
CA HIS JB 52 58.25 -2.85 -46.74
C HIS JB 52 58.83 -3.63 -45.57
N LYS JB 53 57.98 -4.40 -44.87
CA LYS JB 53 58.51 -5.27 -43.83
C LYS JB 53 59.39 -6.36 -44.42
N MET JB 54 58.94 -7.02 -45.49
CA MET JB 54 59.79 -8.07 -46.02
C MET JB 54 60.99 -7.53 -46.80
N ALA JB 55 61.07 -6.21 -47.01
CA ALA JB 55 62.21 -5.67 -47.76
C ALA JB 55 63.49 -5.66 -46.93
N PHE JB 56 63.40 -5.31 -45.65
CA PHE JB 56 64.58 -5.02 -44.85
C PHE JB 56 65.39 -6.28 -44.53
N ILE JB 57 66.43 -6.10 -43.73
CA ILE JB 57 67.35 -7.19 -43.36
C ILE JB 57 67.02 -7.70 -41.96
N GLN JB 58 66.47 -6.83 -41.11
CA GLN JB 58 66.15 -7.25 -39.75
C GLN JB 58 65.07 -8.33 -39.74
N ASP JB 59 64.10 -8.21 -40.64
CA ASP JB 59 62.99 -9.17 -40.76
C ASP JB 59 62.81 -9.48 -42.23
N THR JB 60 63.56 -10.46 -42.72
CA THR JB 60 63.48 -10.88 -44.13
C THR JB 60 62.99 -12.31 -44.38
N TYR JB 61 62.49 -12.95 -43.33
CA TYR JB 61 62.02 -14.35 -43.40
C TYR JB 61 63.21 -15.23 -43.79
N ASN JB 62 63.04 -16.17 -44.72
CA ASN JB 62 64.04 -17.19 -44.99
C ASN JB 62 64.72 -17.02 -46.35
N GLN JB 63 63.96 -16.98 -47.44
CA GLN JB 63 64.57 -17.00 -48.76
C GLN JB 63 65.13 -15.64 -49.14
N PHE JB 64 64.33 -14.58 -48.96
CA PHE JB 64 64.82 -13.24 -49.25
C PHE JB 64 65.97 -12.86 -48.32
N LEU JB 65 65.95 -13.36 -47.09
CA LEU JB 65 67.10 -13.18 -46.22
C LEU JB 65 68.34 -13.82 -46.82
N ASP JB 66 68.18 -15.01 -47.40
CA ASP JB 66 69.30 -15.66 -48.08
C ASP JB 66 69.80 -14.81 -49.24
N LYS JB 67 68.89 -14.23 -50.01
CA LYS JB 67 69.32 -13.37 -51.12
C LYS JB 67 70.10 -12.16 -50.61
N ARG JB 68 69.62 -11.53 -49.55
CA ARG JB 68 70.29 -10.34 -49.04
C ARG JB 68 71.68 -10.68 -48.50
N VAL JB 69 71.79 -11.76 -47.71
CA VAL JB 69 73.10 -12.10 -47.16
C VAL JB 69 74.05 -12.55 -48.26
N ASN JB 70 73.54 -13.27 -49.27
CA ASN JB 70 74.38 -13.65 -50.40
C ASN JB 70 74.84 -12.42 -51.17
N GLU JB 71 74.03 -11.35 -51.17
CA GLU JB 71 74.53 -10.06 -51.64
C GLU JB 71 75.70 -9.60 -50.78
N PHE JB 72 75.57 -9.72 -49.46
CA PHE JB 72 76.70 -9.43 -48.58
C PHE JB 72 77.77 -10.51 -48.59
N GLY JB 73 77.47 -11.68 -49.13
CA GLY JB 73 78.45 -12.74 -49.23
C GLY JB 73 78.42 -13.74 -48.10
N VAL JB 74 77.70 -13.45 -47.02
CA VAL JB 74 77.58 -14.39 -45.91
C VAL JB 74 76.66 -15.53 -46.34
N TYR JB 75 77.10 -16.75 -46.13
CA TYR JB 75 76.34 -17.93 -46.48
C TYR JB 75 75.83 -18.62 -45.23
N ARG JB 76 74.65 -19.21 -45.33
CA ARG JB 76 74.11 -19.99 -44.22
C ARG JB 76 74.94 -21.24 -44.01
N LYS JB 77 75.23 -21.55 -42.75
CA LYS JB 77 76.04 -22.72 -42.41
C LYS JB 77 75.15 -23.93 -42.26
N LEU JB 78 75.48 -24.99 -42.97
CA LEU JB 78 74.79 -26.26 -42.87
C LEU JB 78 75.51 -27.16 -41.88
N GLY JB 79 74.75 -28.07 -41.27
CA GLY JB 79 75.34 -28.98 -40.31
C GLY JB 79 76.27 -29.98 -40.95
N THR JB 80 77.09 -30.61 -40.11
CA THR JB 80 77.93 -31.72 -40.50
C THR JB 80 77.55 -32.94 -39.67
N GLU JB 81 77.47 -34.09 -40.33
CA GLU JB 81 77.04 -35.30 -39.64
C GLU JB 81 78.09 -35.72 -38.61
N SER JB 82 77.63 -36.43 -37.59
CA SER JB 82 78.52 -36.84 -36.51
C SER JB 82 79.45 -37.97 -36.97
N ASN JB 83 80.58 -38.09 -36.26
CA ASN JB 83 81.55 -39.13 -36.50
C ASN JB 83 81.74 -39.96 -35.23
N GLY JB 84 81.87 -41.27 -35.40
CA GLY JB 84 82.01 -42.16 -34.26
C GLY JB 84 82.59 -43.49 -34.68
N GLU JB 85 82.83 -44.33 -33.67
CA GLU JB 85 83.41 -45.66 -33.89
C GLU JB 85 82.63 -46.68 -33.06
N VAL JB 86 82.30 -47.81 -33.69
CA VAL JB 86 81.59 -48.89 -33.01
C VAL JB 86 82.41 -50.17 -33.12
N GLU JB 87 82.03 -51.15 -32.32
CA GLU JB 87 82.69 -52.46 -32.31
C GLU JB 87 81.71 -53.52 -32.78
N PHE JB 88 82.23 -54.48 -33.55
CA PHE JB 88 81.43 -55.60 -34.06
C PHE JB 88 81.89 -56.87 -33.35
N ILE JB 89 80.95 -57.58 -32.73
CA ILE JB 89 81.23 -58.81 -32.00
C ILE JB 89 80.40 -59.92 -32.63
N GLY JB 90 81.02 -61.06 -32.86
CA GLY JB 90 80.33 -62.20 -33.45
C GLY JB 90 81.30 -63.31 -33.75
N GLU JB 91 80.95 -64.12 -34.75
CA GLU JB 91 81.82 -65.19 -35.20
C GLU JB 91 83.05 -64.61 -35.89
N LYS JB 92 84.18 -65.29 -35.73
CA LYS JB 92 85.41 -64.89 -36.40
C LYS JB 92 85.27 -65.10 -37.91
N GLY JB 93 85.73 -64.12 -38.68
CA GLY JB 93 85.79 -64.22 -40.12
C GLY JB 93 84.69 -63.48 -40.87
N THR JB 94 83.64 -63.06 -40.19
CA THR JB 94 82.58 -62.30 -40.85
C THR JB 94 83.12 -60.95 -41.29
N VAL JB 95 82.87 -60.61 -42.56
CA VAL JB 95 83.47 -59.44 -43.20
C VAL JB 95 82.39 -58.38 -43.37
N ILE JB 96 82.67 -57.19 -42.84
CA ILE JB 96 81.74 -56.07 -42.90
C ILE JB 96 82.38 -55.02 -43.81
N ASN JB 97 81.79 -54.85 -44.99
CA ASN JB 97 82.36 -53.97 -46.01
C ASN JB 97 81.86 -52.55 -45.87
N ASN JB 98 82.55 -51.63 -46.53
CA ASN JB 98 82.19 -50.22 -46.49
C ASN JB 98 80.82 -50.02 -47.13
N GLY JB 99 80.11 -48.99 -46.65
CA GLY JB 99 78.77 -48.73 -47.10
C GLY JB 99 77.70 -49.47 -46.33
N THR JB 100 78.08 -50.38 -45.43
CA THR JB 100 77.10 -51.06 -44.60
C THR JB 100 76.49 -50.08 -43.61
N ILE JB 101 75.18 -50.20 -43.40
CA ILE JB 101 74.42 -49.25 -42.60
C ILE JB 101 74.03 -49.92 -41.28
N ILE JB 102 74.32 -49.23 -40.18
CA ILE JB 102 73.87 -49.64 -38.86
C ILE JB 102 72.81 -48.65 -38.39
N SER JB 103 72.00 -49.10 -37.43
CA SER JB 103 70.91 -48.27 -36.93
C SER JB 103 70.83 -48.34 -35.42
N TYR JB 104 70.58 -47.19 -34.79
CA TYR JB 104 70.17 -47.11 -33.40
C TYR JB 104 68.91 -46.25 -33.33
N ARG JB 105 67.88 -46.77 -32.66
CA ARG JB 105 66.56 -46.14 -32.61
C ARG JB 105 66.09 -45.95 -34.05
N ASP JB 106 65.82 -44.73 -34.50
CA ASP JB 106 65.42 -44.48 -35.89
C ASP JB 106 66.52 -43.77 -36.67
N LEU JB 107 67.71 -43.62 -36.09
CA LEU JB 107 68.83 -42.97 -36.76
C LEU JB 107 69.68 -44.00 -37.48
N LEU JB 108 70.26 -43.59 -38.60
CA LEU JB 108 71.02 -44.48 -39.48
C LEU JB 108 72.46 -44.00 -39.59
N PHE JB 109 73.39 -44.95 -39.66
CA PHE JB 109 74.81 -44.65 -39.73
C PHE JB 109 75.47 -45.62 -40.72
N VAL JB 110 76.62 -45.22 -41.25
CA VAL JB 110 77.32 -45.98 -42.28
C VAL JB 110 78.69 -46.38 -41.76
N VAL JB 111 79.09 -47.62 -42.04
CA VAL JB 111 80.42 -48.10 -41.72
C VAL JB 111 81.38 -47.65 -42.82
N ILE JB 112 82.46 -46.98 -42.43
CA ILE JB 112 83.35 -46.34 -43.39
C ILE JB 112 84.41 -47.30 -43.91
N LYS JB 113 85.06 -48.05 -43.03
CA LYS JB 113 86.21 -48.86 -43.39
C LYS JB 113 85.87 -50.35 -43.29
N ASP JB 114 86.41 -51.13 -44.23
CA ASP JB 114 86.28 -52.57 -44.19
C ASP JB 114 86.89 -53.12 -42.91
N VAL JB 115 86.12 -53.96 -42.20
CA VAL JB 115 86.54 -54.52 -40.93
C VAL JB 115 86.13 -55.99 -40.87
N THR JB 116 87.01 -56.83 -40.33
CA THR JB 116 86.75 -58.24 -40.17
C THR JB 116 86.75 -58.58 -38.68
N ILE JB 117 85.75 -59.36 -38.27
CA ILE JB 117 85.65 -59.77 -36.87
C ILE JB 117 86.74 -60.80 -36.57
N GLY JB 118 87.46 -60.60 -35.48
CA GLY JB 118 88.55 -61.48 -35.12
C GLY JB 118 89.83 -61.27 -35.88
N SER JB 119 89.91 -60.24 -36.70
CA SER JB 119 91.12 -59.93 -37.42
C SER JB 119 92.10 -59.17 -36.53
N GLU JB 120 93.36 -59.08 -36.99
CA GLU JB 120 94.40 -58.48 -36.17
C GLU JB 120 94.23 -56.97 -36.06
N GLU JB 121 93.74 -56.30 -37.10
CA GLU JB 121 93.61 -54.85 -37.06
C GLU JB 121 92.52 -54.39 -36.10
N GLY JB 122 91.68 -55.29 -35.61
CA GLY JB 122 90.65 -54.97 -34.66
C GLY JB 122 89.26 -55.09 -35.26
N ASP JB 123 88.27 -54.99 -34.37
CA ASP JB 123 86.86 -55.06 -34.76
C ASP JB 123 86.19 -53.69 -34.78
N ASN JB 124 86.96 -52.63 -34.68
CA ASN JB 124 86.43 -51.26 -34.61
C ASN JB 124 86.64 -50.56 -35.95
N SER JB 125 85.57 -49.99 -36.48
CA SER JB 125 85.55 -49.30 -37.76
C SER JB 125 84.86 -47.95 -37.58
N PRO JB 126 85.21 -46.96 -38.42
CA PRO JB 126 84.56 -45.64 -38.29
C PRO JB 126 83.10 -45.70 -38.66
N VAL JB 127 82.33 -44.81 -38.03
CA VAL JB 127 80.90 -44.72 -38.24
C VAL JB 127 80.54 -43.27 -38.53
N GLN JB 128 79.73 -43.05 -39.56
CA GLN JB 128 79.36 -41.70 -39.99
C GLN JB 128 77.84 -41.62 -40.07
N ALA JB 129 77.28 -40.51 -39.59
CA ALA JB 129 75.84 -40.33 -39.63
C ALA JB 129 75.36 -40.06 -41.05
N LEU JB 130 74.23 -40.67 -41.43
CA LEU JB 130 73.70 -40.48 -42.77
C LEU JB 130 73.09 -39.10 -42.97
N GLU JB 131 72.71 -38.44 -41.88
CA GLU JB 131 72.12 -37.11 -41.95
C GLU JB 131 72.76 -36.23 -40.88
N VAL JB 132 72.83 -34.93 -41.17
CA VAL JB 132 73.40 -33.96 -40.24
C VAL JB 132 72.47 -33.84 -39.03
N GLY JB 133 72.93 -33.15 -38.00
CA GLY JB 133 72.11 -32.88 -36.83
C GLY JB 133 72.83 -33.16 -35.52
N LYS JB 134 72.41 -32.45 -34.48
CA LYS JB 134 72.93 -32.69 -33.14
C LYS JB 134 72.33 -33.92 -32.49
N LYS JB 135 71.20 -34.43 -33.01
CA LYS JB 135 70.56 -35.59 -32.41
C LYS JB 135 71.34 -36.88 -32.63
N TYR JB 136 72.30 -36.88 -33.55
CA TYR JB 136 73.06 -38.08 -33.86
C TYR JB 136 74.25 -38.29 -32.93
N ASN JB 137 74.50 -37.35 -32.01
CA ASN JB 137 75.60 -37.48 -31.06
C ASN JB 137 75.18 -38.42 -29.93
N LEU JB 138 75.14 -39.71 -30.27
CA LEU JB 138 74.66 -40.72 -29.33
C LEU JB 138 75.65 -40.88 -28.18
N PRO JB 139 75.13 -41.20 -26.98
CA PRO JB 139 76.03 -41.50 -25.85
C PRO JB 139 76.68 -42.86 -26.01
N THR JB 140 77.44 -43.29 -25.01
CA THR JB 140 78.16 -44.55 -25.13
C THR JB 140 77.24 -45.72 -24.79
N ASN JB 141 77.75 -46.93 -25.02
CA ASN JB 141 77.06 -48.17 -24.70
C ASN JB 141 75.70 -48.25 -25.39
N CYS JB 142 75.62 -47.75 -26.62
CA CYS JB 142 74.41 -47.83 -27.41
C CYS JB 142 74.50 -49.03 -28.33
N GLU JB 143 73.48 -49.88 -28.30
CA GLU JB 143 73.45 -51.12 -29.08
C GLU JB 143 72.91 -50.81 -30.47
N PHE JB 144 73.79 -50.84 -31.48
CA PHE JB 144 73.39 -50.60 -32.84
C PHE JB 144 72.91 -51.90 -33.50
N LYS JB 145 72.08 -51.76 -34.52
CA LYS JB 145 71.51 -52.89 -35.24
C LYS JB 145 71.71 -52.69 -36.74
N LEU JB 146 71.87 -53.82 -37.44
CA LEU JB 146 72.08 -53.81 -38.88
C LEU JB 146 70.74 -53.74 -39.61
N VAL JB 147 70.66 -52.84 -40.59
CA VAL JB 147 69.45 -52.78 -41.42
C VAL JB 147 69.30 -54.05 -42.23
N ASP JB 148 70.39 -54.53 -42.82
CA ASP JB 148 70.41 -55.80 -43.55
C ASP JB 148 71.16 -56.83 -42.72
N ASN JB 149 70.54 -57.99 -42.53
CA ASN JB 149 71.09 -59.00 -41.64
C ASN JB 149 72.27 -59.69 -42.30
N ILE JB 150 73.43 -59.64 -41.65
CA ILE JB 150 74.66 -60.25 -42.15
C ILE JB 150 75.05 -61.36 -41.19
N SER JB 151 75.14 -62.58 -41.71
CA SER JB 151 75.40 -63.74 -40.86
C SER JB 151 76.77 -63.64 -40.22
N GLY JB 152 76.83 -63.96 -38.92
CA GLY JB 152 78.07 -63.94 -38.18
C GLY JB 152 78.27 -62.75 -37.26
N VAL JB 153 77.44 -61.72 -37.39
CA VAL JB 153 77.53 -60.53 -36.54
C VAL JB 153 76.47 -60.64 -35.45
N THR JB 154 76.89 -60.51 -34.19
CA THR JB 154 76.00 -60.67 -33.05
C THR JB 154 75.52 -59.33 -32.49
N LYS JB 155 76.43 -58.50 -32.01
CA LYS JB 155 76.06 -57.25 -31.36
C LYS JB 155 76.97 -56.12 -31.83
N ILE JB 156 76.38 -54.95 -32.00
CA ILE JB 156 77.11 -53.73 -32.33
C ILE JB 156 76.98 -52.79 -31.13
N THR JB 157 78.08 -52.15 -30.75
CA THR JB 157 78.06 -51.17 -29.68
C THR JB 157 79.17 -50.17 -29.89
N ASN JB 158 78.99 -48.99 -29.29
CA ASN JB 158 79.98 -47.93 -29.34
C ASN JB 158 80.71 -47.84 -28.00
N THR JB 159 82.01 -47.57 -28.06
CA THR JB 159 82.82 -47.51 -26.86
C THR JB 159 82.98 -46.10 -26.32
N ARG JB 160 82.79 -45.08 -27.16
CA ARG JB 160 82.85 -43.68 -26.74
C ARG JB 160 81.58 -42.98 -27.19
N SER JB 161 81.53 -41.68 -26.94
CA SER JB 161 80.40 -40.86 -27.35
C SER JB 161 80.59 -40.34 -28.76
N PHE JB 162 79.47 -40.12 -29.45
CA PHE JB 162 79.51 -39.58 -30.80
C PHE JB 162 79.66 -38.06 -30.74
N GLU JB 163 80.45 -37.52 -31.67
CA GLU JB 163 80.74 -36.10 -31.72
C GLU JB 163 80.86 -35.64 -33.16
N GLY JB 164 80.73 -34.33 -33.36
CA GLY JB 164 80.81 -33.75 -34.68
C GLY JB 164 79.49 -33.36 -35.29
N GLY JB 165 78.37 -33.85 -34.75
CA GLY JB 165 77.08 -33.46 -35.27
C GLY JB 165 76.81 -31.97 -35.09
N THR JB 166 76.30 -31.36 -36.14
CA THR JB 166 76.02 -29.93 -36.13
C THR JB 166 74.66 -29.69 -36.77
N ASP JB 167 73.91 -28.72 -36.24
CA ASP JB 167 72.60 -28.37 -36.75
C ASP JB 167 72.70 -27.25 -37.77
N ILE JB 168 71.58 -26.98 -38.44
CA ILE JB 168 71.51 -25.88 -39.39
C ILE JB 168 71.44 -24.56 -38.64
N GLU JB 169 72.27 -23.60 -39.06
CA GLU JB 169 72.24 -22.27 -38.49
C GLU JB 169 70.94 -21.57 -38.88
N THR JB 170 70.26 -21.00 -37.90
CA THR JB 170 68.96 -20.38 -38.12
C THR JB 170 69.14 -18.97 -38.68
N ASP JB 171 68.04 -18.22 -38.74
CA ASP JB 171 68.07 -16.87 -39.27
C ASP JB 171 68.64 -15.87 -38.26
N GLU JB 172 68.29 -16.03 -36.99
CA GLU JB 172 68.74 -15.10 -35.96
C GLU JB 172 70.26 -15.15 -35.80
N GLU JB 173 70.82 -16.34 -35.80
CA GLU JB 173 72.27 -16.48 -35.73
C GLU JB 173 72.94 -15.85 -36.95
N LEU JB 174 72.35 -16.04 -38.13
CA LEU JB 174 72.89 -15.45 -39.34
C LEU JB 174 72.89 -13.93 -39.24
N LYS JB 175 71.78 -13.35 -38.78
CA LYS JB 175 71.70 -11.90 -38.65
C LYS JB 175 72.72 -11.39 -37.63
N GLU JB 176 72.85 -12.08 -36.51
CA GLU JB 176 73.81 -11.64 -35.50
C GLU JB 176 75.23 -11.69 -36.03
N ARG JB 177 75.59 -12.77 -36.72
CA ARG JB 177 76.93 -12.88 -37.28
C ARG JB 177 77.18 -11.79 -38.33
N PHE JB 178 76.20 -11.54 -39.19
CA PHE JB 178 76.33 -10.48 -40.18
C PHE JB 178 76.53 -9.12 -39.51
N TYR JB 179 75.71 -8.83 -38.50
CA TYR JB 179 75.81 -7.54 -37.81
C TYR JB 179 77.17 -7.38 -37.14
N LYS JB 180 77.66 -8.44 -36.49
CA LYS JB 180 78.96 -8.35 -35.85
C LYS JB 180 80.09 -8.23 -36.86
N ILE JB 181 79.95 -8.85 -38.04
CA ILE JB 181 80.98 -8.74 -39.06
C ILE JB 181 81.03 -7.33 -39.61
N GLN JB 182 79.88 -6.76 -39.94
CA GLN JB 182 79.86 -5.42 -40.51
C GLN JB 182 80.28 -4.37 -39.49
N ARG JB 183 79.85 -4.54 -38.23
CA ARG JB 183 80.25 -3.60 -37.19
C ARG JB 183 81.76 -3.66 -36.95
N ASN JB 184 82.32 -4.87 -36.96
CA ASN JB 184 83.75 -5.03 -36.71
C ASN JB 184 84.56 -4.42 -37.84
N GLN JB 185 85.61 -3.70 -37.48
CA GLN JB 185 86.56 -3.13 -38.43
C GLN JB 185 87.90 -3.83 -38.21
N ALA JB 186 88.42 -4.46 -39.25
CA ALA JB 186 89.66 -5.24 -39.17
C ALA JB 186 90.66 -4.69 -40.19
N THR JB 187 91.49 -3.76 -39.74
CA THR JB 187 92.61 -3.30 -40.53
C THR JB 187 93.84 -4.15 -40.22
N SER JB 188 94.81 -4.12 -41.13
CA SER JB 188 96.00 -4.94 -40.99
C SER JB 188 97.11 -4.25 -40.22
N GLY JB 189 96.94 -2.97 -39.86
CA GLY JB 189 98.06 -2.20 -39.37
C GLY JB 189 98.59 -2.55 -38.00
N ASN JB 190 97.86 -2.20 -36.94
CA ASN JB 190 98.46 -2.26 -35.62
C ASN JB 190 98.63 -3.71 -35.17
N LYS JB 191 99.49 -3.89 -34.18
CA LYS JB 191 99.77 -5.23 -33.66
C LYS JB 191 98.62 -5.80 -32.83
N ALA JB 192 97.65 -4.96 -32.45
CA ALA JB 192 96.60 -5.41 -31.53
C ALA JB 192 95.67 -6.43 -32.16
N HIS JB 193 95.54 -6.46 -33.50
CA HIS JB 193 94.63 -7.43 -34.11
C HIS JB 193 95.07 -8.85 -33.82
N TYR JB 194 96.39 -9.10 -33.79
CA TYR JB 194 96.88 -10.46 -33.57
C TYR JB 194 96.52 -10.95 -32.17
N GLU JB 195 96.78 -10.13 -31.15
CA GLU JB 195 96.40 -10.55 -29.80
C GLU JB 195 94.89 -10.65 -29.65
N GLU JB 196 94.13 -9.77 -30.30
CA GLU JB 196 92.68 -9.89 -30.26
C GLU JB 196 92.21 -11.21 -30.84
N TRP JB 197 92.70 -11.56 -32.03
CA TRP JB 197 92.30 -12.80 -32.67
C TRP JB 197 92.72 -14.00 -31.84
N ALA JB 198 93.91 -13.95 -31.24
CA ALA JB 198 94.32 -15.02 -30.35
C ALA JB 198 93.38 -15.14 -29.16
N LEU JB 199 92.94 -14.00 -28.61
CA LEU JB 199 92.06 -14.03 -27.45
C LEU JB 199 90.67 -14.53 -27.80
N GLU JB 200 90.24 -14.35 -29.07
CA GLU JB 200 88.94 -14.86 -29.48
C GLU JB 200 88.82 -16.36 -29.32
N VAL JB 201 89.94 -17.08 -29.31
CA VAL JB 201 89.92 -18.53 -29.16
C VAL JB 201 89.89 -18.88 -27.68
N ASP JB 202 89.01 -19.82 -27.32
CA ASP JB 202 88.86 -20.21 -25.93
C ASP JB 202 90.07 -21.02 -25.47
N GLY JB 203 90.27 -21.03 -24.15
CA GLY JB 203 91.37 -21.73 -23.54
C GLY JB 203 92.67 -20.96 -23.50
N VAL JB 204 92.67 -19.69 -23.91
CA VAL JB 204 93.86 -18.86 -23.94
C VAL JB 204 93.65 -17.67 -23.02
N TYR JB 205 94.68 -17.33 -22.25
CA TYR JB 205 94.59 -16.28 -21.25
C TYR JB 205 95.61 -15.17 -21.42
N ASN JB 206 96.81 -15.46 -21.94
CA ASN JB 206 97.81 -14.44 -22.18
C ASN JB 206 98.42 -14.69 -23.55
N VAL JB 207 98.72 -13.61 -24.27
CA VAL JB 207 99.17 -13.69 -25.66
C VAL JB 207 100.38 -12.79 -25.85
N LYS JB 208 101.45 -13.34 -26.43
CA LYS JB 208 102.63 -12.57 -26.81
C LYS JB 208 102.92 -12.82 -28.28
N VAL JB 209 103.34 -11.76 -28.99
CA VAL JB 209 103.60 -11.83 -30.42
C VAL JB 209 105.00 -11.33 -30.69
N TYR JB 210 105.74 -12.06 -31.52
CA TYR JB 210 107.13 -11.71 -31.87
C TYR JB 210 107.21 -11.39 -33.36
N PRO JB 211 107.29 -10.12 -33.73
CA PRO JB 211 107.43 -9.78 -35.15
C PRO JB 211 108.74 -10.28 -35.72
N ARG JB 212 108.72 -10.59 -37.02
CA ARG JB 212 109.87 -11.05 -37.79
C ARG JB 212 110.73 -12.07 -37.04
N TRP JB 213 110.08 -13.02 -36.38
CA TRP JB 213 110.82 -14.03 -35.62
C TRP JB 213 111.67 -14.92 -36.53
N ASP JB 214 111.23 -15.14 -37.77
CA ASP JB 214 111.94 -16.01 -38.70
C ASP JB 214 112.24 -15.30 -40.00
N GLY JB 215 112.52 -14.00 -39.93
CA GLY JB 215 112.78 -13.19 -41.09
C GLY JB 215 111.59 -12.34 -41.47
N PRO JB 216 111.74 -11.55 -42.53
CA PRO JB 216 110.61 -10.74 -42.99
C PRO JB 216 109.44 -11.60 -43.41
N GLY JB 217 108.23 -11.10 -43.15
CA GLY JB 217 107.02 -11.84 -43.46
C GLY JB 217 106.74 -13.00 -42.52
N THR JB 218 107.32 -13.00 -41.33
CA THR JB 218 107.13 -14.07 -40.34
C THR JB 218 106.64 -13.48 -39.03
N VAL JB 219 105.67 -14.16 -38.42
CA VAL JB 219 105.09 -13.75 -37.14
C VAL JB 219 104.97 -14.98 -36.25
N LYS JB 220 105.40 -14.84 -34.99
CA LYS JB 220 105.32 -15.92 -34.01
C LYS JB 220 104.46 -15.45 -32.84
N VAL JB 221 103.28 -16.05 -32.70
CA VAL JB 221 102.37 -15.73 -31.61
C VAL JB 221 102.56 -16.74 -30.50
N LEU JB 222 102.38 -16.29 -29.26
CA LEU JB 222 102.67 -17.09 -28.06
C LEU JB 222 101.44 -17.04 -27.16
N ILE JB 223 100.68 -18.14 -27.12
CA ILE JB 223 99.45 -18.20 -26.34
C ILE JB 223 99.75 -18.84 -24.99
N PHE JB 224 98.97 -18.43 -23.98
CA PHE JB 224 99.14 -18.92 -22.62
C PHE JB 224 97.79 -19.34 -22.06
N GLY JB 225 97.78 -20.47 -21.35
CA GLY JB 225 96.59 -20.98 -20.71
C GLY JB 225 96.36 -20.37 -19.35
N LYS JB 226 95.51 -21.04 -18.56
CA LYS JB 226 95.23 -20.58 -17.20
C LYS JB 226 96.52 -20.57 -16.38
N ASN JB 227 96.74 -19.46 -15.68
CA ASN JB 227 97.98 -19.23 -14.92
C ASN JB 227 99.20 -19.34 -15.82
N ASN JB 228 99.05 -18.89 -17.07
CA ASN JB 228 100.14 -18.84 -18.05
C ASN JB 228 100.80 -20.21 -18.21
N GLN JB 229 99.98 -21.25 -18.25
CA GLN JB 229 100.47 -22.62 -18.33
C GLN JB 229 100.34 -23.15 -19.75
N ALA JB 230 100.85 -24.36 -19.96
CA ALA JB 230 100.85 -24.97 -21.28
C ALA JB 230 99.42 -25.27 -21.74
N VAL JB 231 99.15 -24.94 -23.00
CA VAL JB 231 97.86 -25.22 -23.60
C VAL JB 231 97.93 -26.54 -24.36
N ASP JB 232 96.77 -27.14 -24.58
CA ASP JB 232 96.70 -28.41 -25.29
C ASP JB 232 96.88 -28.19 -26.80
N THR JB 233 97.07 -29.31 -27.51
CA THR JB 233 97.19 -29.23 -28.96
C THR JB 233 95.91 -28.75 -29.62
N GLU JB 234 94.75 -29.08 -29.02
CA GLU JB 234 93.47 -28.67 -29.60
C GLU JB 234 93.32 -27.15 -29.57
N THR JB 235 93.62 -26.53 -28.43
CA THR JB 235 93.53 -25.07 -28.36
C THR JB 235 94.54 -24.40 -29.29
N ILE JB 236 95.73 -24.97 -29.40
CA ILE JB 236 96.74 -24.42 -30.30
C ILE JB 236 96.26 -24.48 -31.74
N GLU JB 237 95.70 -25.63 -32.14
CA GLU JB 237 95.18 -25.77 -33.50
C GLU JB 237 94.03 -24.80 -33.75
N ARG JB 238 93.12 -24.66 -32.78
CA ARG JB 238 91.99 -23.76 -32.95
C ARG JB 238 92.47 -22.32 -33.09
N CYS JB 239 93.44 -21.92 -32.26
CA CYS JB 239 93.97 -20.57 -32.35
C CYS JB 239 94.66 -20.34 -33.69
N GLN JB 240 95.42 -21.34 -34.17
CA GLN JB 240 96.07 -21.22 -35.47
C GLN JB 240 95.03 -21.01 -36.58
N GLN JB 241 93.99 -21.86 -36.61
CA GLN JB 241 92.99 -21.73 -37.66
C GLN JB 241 92.24 -20.41 -37.57
N HIS JB 242 91.89 -19.97 -36.36
CA HIS JB 242 91.17 -18.72 -36.23
C HIS JB 242 92.02 -17.54 -36.69
N ILE JB 243 93.27 -17.48 -36.22
CA ILE JB 243 94.16 -16.39 -36.61
C ILE JB 243 94.39 -16.40 -38.11
N ASP JB 244 94.48 -17.59 -38.72
CA ASP JB 244 94.60 -17.67 -40.17
C ASP JB 244 93.34 -17.12 -40.84
N GLU JB 245 92.16 -17.42 -40.27
CA GLU JB 245 90.92 -16.93 -40.84
C GLU JB 245 90.76 -15.42 -40.69
N GLU JB 246 91.45 -14.81 -39.73
CA GLU JB 246 91.35 -13.37 -39.57
C GLU JB 246 92.57 -12.59 -40.07
N LYS JB 247 93.69 -13.27 -40.33
CA LYS JB 247 94.88 -12.54 -40.75
C LYS JB 247 94.75 -12.07 -42.20
N PRO JB 248 95.33 -10.92 -42.52
CA PRO JB 248 95.33 -10.46 -43.92
C PRO JB 248 96.44 -11.12 -44.73
N ILE JB 249 96.61 -10.69 -45.98
CA ILE JB 249 97.61 -11.28 -46.86
C ILE JB 249 99.00 -10.81 -46.44
N GLY JB 250 99.96 -11.72 -46.46
CA GLY JB 250 101.35 -11.38 -46.29
C GLY JB 250 102.14 -12.09 -45.19
N PRO JB 251 101.57 -12.25 -44.00
CA PRO JB 251 102.33 -12.92 -42.93
C PRO JB 251 102.02 -14.40 -42.79
N THR JB 252 103.00 -15.12 -42.26
CA THR JB 252 102.83 -16.50 -41.83
C THR JB 252 102.74 -16.55 -40.30
N ILE JB 253 101.93 -17.47 -39.79
CA ILE JB 253 101.58 -17.52 -38.39
C ILE JB 253 102.08 -18.85 -37.81
N THR JB 254 102.76 -18.76 -36.66
CA THR JB 254 103.20 -19.93 -35.91
C THR JB 254 102.83 -19.75 -34.45
N VAL JB 255 102.23 -20.78 -33.86
CA VAL JB 255 101.83 -20.76 -32.45
C VAL JB 255 102.38 -22.01 -31.78
N VAL JB 256 102.94 -21.84 -30.59
CA VAL JB 256 103.61 -22.90 -29.86
C VAL JB 256 103.18 -22.86 -28.39
N THR JB 257 103.78 -23.74 -27.60
CA THR JB 257 103.43 -23.93 -26.19
C THR JB 257 104.70 -23.87 -25.34
N PRO JB 258 104.57 -23.49 -24.07
CA PRO JB 258 105.75 -23.45 -23.20
C PRO JB 258 106.35 -24.82 -22.95
N LEU JB 259 107.66 -24.83 -22.75
CA LEU JB 259 108.41 -26.05 -22.49
C LEU JB 259 109.11 -25.93 -21.14
N PRO JB 260 108.96 -26.95 -20.28
CA PRO JB 260 109.58 -26.94 -18.95
C PRO JB 260 111.11 -27.01 -19.00
N ILE JB 261 111.76 -26.28 -18.11
CA ILE JB 261 113.21 -26.25 -18.02
C ILE JB 261 113.65 -27.25 -16.96
N GLU JB 262 114.71 -27.99 -17.24
CA GLU JB 262 115.22 -29.00 -16.32
C GLU JB 262 116.07 -28.33 -15.24
N ILE JB 263 115.73 -28.60 -13.99
CA ILE JB 263 116.41 -28.02 -12.83
C ILE JB 263 116.90 -29.15 -11.94
N SER JB 264 118.18 -29.10 -11.55
CA SER JB 264 118.78 -30.06 -10.63
C SER JB 264 119.24 -29.34 -9.38
N ILE JB 265 118.86 -29.87 -8.22
CA ILE JB 265 119.15 -29.27 -6.93
C ILE JB 265 119.99 -30.25 -6.12
N SER JB 266 121.10 -29.75 -5.54
CA SER JB 266 121.97 -30.56 -4.72
C SER JB 266 122.37 -29.77 -3.48
N ALA JB 267 122.44 -30.45 -2.34
CA ALA JB 267 122.79 -29.79 -1.09
C ALA JB 267 123.32 -30.80 -0.10
N VAL JB 268 123.98 -30.29 0.94
CA VAL JB 268 124.41 -31.05 2.11
C VAL JB 268 123.70 -30.47 3.32
N MET JB 269 122.98 -31.31 4.06
CA MET JB 269 122.16 -30.80 5.15
C MET JB 269 122.27 -31.71 6.37
N LYS JB 270 121.92 -31.16 7.52
CA LYS JB 270 121.77 -31.89 8.77
C LYS JB 270 120.29 -31.93 9.13
N LEU JB 271 119.78 -33.14 9.34
CA LEU JB 271 118.36 -33.35 9.58
C LEU JB 271 118.07 -33.42 11.08
N GLU JB 272 116.85 -33.03 11.45
CA GLU JB 272 116.42 -33.13 12.82
C GLU JB 272 116.16 -34.59 13.19
N ASP JB 273 116.04 -34.84 14.49
CA ASP JB 273 115.83 -36.19 14.99
C ASP JB 273 114.47 -36.73 14.53
N GLY JB 274 114.46 -38.01 14.15
CA GLY JB 274 113.25 -38.68 13.71
C GLY JB 274 112.86 -38.41 12.28
N TYR JB 275 113.60 -37.57 11.57
CA TYR JB 275 113.31 -37.25 10.18
C TYR JB 275 114.38 -37.85 9.28
N THR JB 276 113.94 -38.52 8.22
CA THR JB 276 114.84 -39.09 7.22
C THR JB 276 114.96 -38.15 6.04
N LEU JB 277 115.76 -38.56 5.04
CA LEU JB 277 115.94 -37.75 3.85
C LEU JB 277 114.70 -37.72 2.98
N ASP JB 278 113.94 -38.82 2.94
CA ASP JB 278 112.82 -38.93 2.02
C ASP JB 278 111.69 -37.95 2.37
N ASN JB 279 111.37 -37.82 3.65
CA ASN JB 279 110.26 -36.95 4.04
C ASN JB 279 110.57 -35.49 3.74
N VAL JB 280 111.77 -35.03 4.10
CA VAL JB 280 112.16 -33.66 3.78
C VAL JB 280 112.28 -33.48 2.28
N LYS JB 281 112.68 -34.52 1.55
CA LYS JB 281 112.71 -34.43 0.09
C LYS JB 281 111.32 -34.18 -0.47
N GLU JB 282 110.33 -34.91 0.02
CA GLU JB 282 108.96 -34.72 -0.44
C GLU JB 282 108.45 -33.33 -0.11
N SER JB 283 108.69 -32.87 1.13
CA SER JB 283 108.21 -31.55 1.54
C SER JB 283 108.87 -30.45 0.71
N PHE JB 284 110.18 -30.56 0.49
CA PHE JB 284 110.87 -29.61 -0.38
C PHE JB 284 110.33 -29.65 -1.80
N LEU JB 285 110.03 -30.84 -2.31
CA LEU JB 285 109.48 -30.93 -3.66
C LEU JB 285 108.16 -30.18 -3.76
N GLU JB 286 107.29 -30.37 -2.77
CA GLU JB 286 106.00 -29.67 -2.78
C GLU JB 286 106.19 -28.16 -2.71
N SER JB 287 107.02 -27.70 -1.75
CA SER JB 287 107.21 -26.27 -1.59
C SER JB 287 107.85 -25.65 -2.82
N ILE JB 288 108.83 -26.33 -3.41
CA ILE JB 288 109.54 -25.79 -4.55
C ILE JB 288 108.65 -25.79 -5.79
N ASN JB 289 107.77 -26.77 -5.95
CA ASN JB 289 106.85 -26.72 -7.09
C ASN JB 289 105.83 -25.59 -6.91
N THR JB 290 105.40 -25.35 -5.67
CA THR JB 290 104.53 -24.20 -5.42
C THR JB 290 105.25 -22.89 -5.74
N TYR JB 291 106.51 -22.77 -5.34
CA TYR JB 291 107.27 -21.57 -5.65
C TYR JB 291 107.44 -21.39 -7.15
N PHE JB 292 107.75 -22.48 -7.87
CA PHE JB 292 107.86 -22.41 -9.31
C PHE JB 292 106.53 -22.00 -9.95
N ARG JB 293 105.42 -22.43 -9.37
CA ARG JB 293 104.12 -21.93 -9.81
C ARG JB 293 104.01 -20.43 -9.61
N ASP JB 294 104.51 -19.93 -8.48
CA ASP JB 294 104.43 -18.51 -8.18
C ASP JB 294 105.59 -17.69 -8.75
N ILE JB 295 106.61 -18.33 -9.29
CA ILE JB 295 107.80 -17.59 -9.73
C ILE JB 295 107.52 -16.94 -11.08
N ARG JB 296 108.23 -15.83 -11.33
CA ARG JB 296 108.19 -15.15 -12.63
C ARG JB 296 109.61 -14.82 -13.04
N GLY JB 297 109.94 -15.12 -14.29
CA GLY JB 297 111.27 -14.78 -14.78
C GLY JB 297 112.34 -15.62 -14.14
N GLU JB 298 113.44 -14.97 -13.76
CA GLU JB 298 114.60 -15.67 -13.23
C GLU JB 298 114.30 -16.30 -11.88
N ILE JB 299 114.99 -17.40 -11.60
CA ILE JB 299 114.92 -18.03 -10.28
C ILE JB 299 115.93 -17.36 -9.36
N ILE JB 300 115.54 -17.19 -8.11
CA ILE JB 300 116.36 -16.50 -7.11
C ILE JB 300 116.94 -17.53 -6.16
N TYR JB 301 118.27 -17.52 -6.02
CA TYR JB 301 118.95 -18.50 -5.18
C TYR JB 301 118.53 -18.36 -3.72
N THR JB 302 118.35 -17.12 -3.26
CA THR JB 302 118.02 -16.90 -1.85
C THR JB 302 116.67 -17.49 -1.49
N LYS JB 303 115.69 -17.39 -2.39
CA LYS JB 303 114.41 -18.04 -2.13
C LYS JB 303 114.57 -19.55 -2.10
N VAL JB 304 115.48 -20.08 -2.93
CA VAL JB 304 115.68 -21.53 -2.96
C VAL JB 304 116.25 -22.02 -1.64
N MET JB 305 117.32 -21.41 -1.15
CA MET JB 305 117.89 -21.97 0.08
C MET JB 305 117.06 -21.60 1.29
N GLY JB 306 116.28 -20.51 1.21
CA GLY JB 306 115.31 -20.25 2.25
C GLY JB 306 114.21 -21.30 2.30
N ILE JB 307 113.76 -21.78 1.14
CA ILE JB 307 112.70 -22.78 1.16
C ILE JB 307 113.27 -24.15 1.53
N LEU JB 308 114.57 -24.32 1.28
CA LEU JB 308 115.31 -25.51 1.70
C LEU JB 308 115.48 -25.58 3.23
N ILE JB 309 115.76 -24.43 3.86
CA ILE JB 309 115.98 -24.36 5.30
C ILE JB 309 114.67 -24.32 6.07
N ASN JB 310 113.59 -23.84 5.45
CA ASN JB 310 112.28 -23.78 6.09
C ASN JB 310 111.48 -25.06 5.90
N THR JB 311 112.05 -26.07 5.28
CA THR JB 311 111.39 -27.37 5.20
C THR JB 311 111.28 -27.99 6.58
N THR JB 312 110.19 -28.72 6.81
CA THR JB 312 109.98 -29.37 8.10
C THR JB 312 110.91 -30.56 8.25
N GLY JB 313 111.70 -30.57 9.32
CA GLY JB 313 112.56 -31.70 9.65
C GLY JB 313 114.04 -31.48 9.39
N VAL JB 314 114.42 -30.42 8.69
CA VAL JB 314 115.83 -30.16 8.40
C VAL JB 314 116.37 -29.21 9.46
N HIS JB 315 117.56 -29.51 9.96
CA HIS JB 315 118.17 -28.77 11.06
C HIS JB 315 119.20 -27.74 10.57
N ASP JB 316 120.08 -28.13 9.65
CA ASP JB 316 121.10 -27.23 9.13
C ASP JB 316 121.36 -27.59 7.67
N LEU JB 317 121.95 -26.63 6.95
CA LEU JB 317 122.16 -26.76 5.51
C LEU JB 317 123.56 -26.31 5.15
N SER JB 318 124.03 -26.78 3.99
CA SER JB 318 125.33 -26.39 3.46
C SER JB 318 125.44 -26.80 2.00
N ASN JB 319 126.17 -26.00 1.23
CA ASN JB 319 126.61 -26.36 -0.12
C ASN JB 319 125.44 -26.62 -1.07
N LEU JB 320 124.45 -25.72 -1.06
CA LEU JB 320 123.37 -25.83 -2.04
C LEU JB 320 123.87 -25.42 -3.41
N LEU JB 321 123.62 -26.26 -4.41
CA LEU JB 321 123.97 -25.96 -5.79
C LEU JB 321 122.73 -26.08 -6.66
N ILE JB 322 122.45 -25.03 -7.41
CA ILE JB 322 121.30 -24.99 -8.32
C ILE JB 322 121.86 -25.25 -9.72
N ASN JB 323 121.64 -26.47 -10.23
CA ASN JB 323 122.18 -26.90 -11.51
C ASN JB 323 123.70 -26.77 -11.53
N GLY JB 324 124.33 -27.05 -10.39
CA GLY JB 324 125.77 -26.95 -10.26
C GLY JB 324 126.30 -25.57 -9.95
N SER JB 325 125.43 -24.58 -9.74
CA SER JB 325 125.88 -23.22 -9.47
C SER JB 325 124.92 -22.56 -8.49
N THR JB 326 125.38 -21.49 -7.86
CA THR JB 326 124.56 -20.71 -6.93
C THR JB 326 123.99 -19.45 -7.57
N ASP JB 327 124.27 -19.20 -8.84
CA ASP JB 327 123.81 -18.00 -9.50
C ASP JB 327 122.37 -18.13 -9.96
N ASN JB 328 121.72 -16.98 -10.18
CA ASN JB 328 120.33 -16.97 -10.60
C ASN JB 328 120.18 -17.59 -11.98
N ILE JB 329 119.11 -18.37 -12.14
CA ILE JB 329 118.76 -19.00 -13.41
C ILE JB 329 117.74 -18.08 -14.07
N THR JB 330 118.17 -17.33 -15.08
CA THR JB 330 117.26 -16.49 -15.84
C THR JB 330 116.44 -17.35 -16.78
N ILE JB 331 115.11 -17.22 -16.70
CA ILE JB 331 114.19 -18.01 -17.50
C ILE JB 331 113.67 -17.16 -18.64
N ASN JB 332 113.79 -17.67 -19.86
CA ASN JB 332 113.24 -17.00 -21.02
C ASN JB 332 111.72 -17.09 -21.02
N GLU JB 333 111.10 -16.39 -21.96
CA GLU JB 333 109.66 -16.48 -22.10
C GLU JB 333 109.26 -17.84 -22.66
N ASP JB 334 108.02 -18.23 -22.38
CA ASP JB 334 107.46 -19.51 -22.84
C ASP JB 334 108.28 -20.68 -22.28
N LYS JB 335 108.63 -20.58 -21.00
CA LYS JB 335 109.36 -21.63 -20.31
C LYS JB 335 109.04 -21.57 -18.82
N ILE JB 336 109.11 -22.74 -18.17
CA ILE JB 336 108.89 -22.84 -16.73
C ILE JB 336 109.94 -23.74 -16.12
N PRO JB 337 110.28 -23.50 -14.85
CA PRO JB 337 111.24 -24.37 -14.18
C PRO JB 337 110.59 -25.62 -13.63
N SER JB 338 111.25 -26.75 -13.84
CA SER JB 338 110.75 -28.04 -13.38
C SER JB 338 111.88 -28.81 -12.70
N VAL JB 339 111.56 -29.45 -11.58
CA VAL JB 339 112.54 -30.26 -10.88
C VAL JB 339 112.84 -31.52 -11.68
N THR JB 340 114.12 -31.90 -11.73
CA THR JB 340 114.54 -33.09 -12.45
C THR JB 340 115.12 -34.15 -11.52
N THR JB 341 116.17 -33.82 -10.77
CA THR JB 341 116.83 -34.76 -9.89
C THR JB 341 117.31 -34.03 -8.65
N VAL JB 342 117.11 -34.64 -7.49
CA VAL JB 342 117.57 -34.10 -6.21
C VAL JB 342 118.75 -34.92 -5.74
N ASN JB 343 119.80 -34.23 -5.29
CA ASN JB 343 120.99 -34.88 -4.74
C ASN JB 343 121.17 -34.31 -3.33
N PHE JB 344 120.52 -34.94 -2.36
CA PHE JB 344 120.59 -34.54 -0.96
C PHE JB 344 121.34 -35.60 -0.17
N SER JB 345 122.37 -35.17 0.57
CA SER JB 345 123.23 -36.06 1.33
C SER JB 345 123.31 -35.60 2.77
N GLU JB 346 123.10 -36.53 3.70
CA GLU JB 346 123.19 -36.23 5.12
C GLU JB 346 124.65 -35.98 5.52
N MET KB 1 35.77 -11.38 -66.18
CA MET KB 1 35.43 -12.77 -65.93
C MET KB 1 35.73 -13.14 -64.49
N LYS KB 2 36.28 -12.18 -63.74
CA LYS KB 2 36.56 -12.35 -62.33
C LYS KB 2 35.81 -11.35 -61.46
N LEU KB 3 35.77 -10.08 -61.85
CA LEU KB 3 35.03 -9.09 -61.07
C LEU KB 3 33.53 -9.30 -61.20
N ILE KB 4 33.07 -9.87 -62.31
CA ILE KB 4 31.64 -10.04 -62.52
C ILE KB 4 31.06 -11.15 -61.64
N ASP KB 5 31.90 -12.00 -61.07
CA ASP KB 5 31.42 -13.05 -60.18
C ASP KB 5 31.05 -12.54 -58.81
N LYS KB 6 31.30 -11.26 -58.52
CA LYS KB 6 30.96 -10.66 -57.24
C LYS KB 6 29.59 -10.01 -57.24
N LEU KB 7 28.85 -10.07 -58.33
CA LEU KB 7 27.57 -9.42 -58.47
C LEU KB 7 26.43 -10.44 -58.59
N PRO KB 8 25.21 -10.05 -58.26
CA PRO KB 8 24.07 -10.96 -58.43
C PRO KB 8 23.88 -11.34 -59.89
N SER KB 9 23.02 -12.34 -60.10
CA SER KB 9 22.93 -13.01 -61.39
C SER KB 9 22.11 -12.23 -62.42
N PHE KB 10 21.47 -11.12 -62.04
CA PHE KB 10 20.79 -10.29 -63.02
C PHE KB 10 21.71 -9.25 -63.66
N ASP KB 11 22.98 -9.24 -63.28
CA ASP KB 11 23.96 -8.30 -63.83
C ASP KB 11 24.75 -8.90 -64.99
N ARG KB 12 24.25 -9.98 -65.59
CA ARG KB 12 24.97 -10.69 -66.64
C ARG KB 12 24.77 -10.10 -68.02
N ASN KB 13 24.20 -8.89 -68.13
CA ASN KB 13 24.02 -8.25 -69.42
C ASN KB 13 25.37 -7.75 -69.96
N TYR KB 14 25.41 -7.55 -71.28
CA TYR KB 14 26.68 -7.24 -71.95
C TYR KB 14 27.24 -5.88 -71.52
N ILE KB 15 26.38 -4.92 -71.17
CA ILE KB 15 26.85 -3.61 -70.73
C ILE KB 15 27.68 -3.74 -69.46
N VAL KB 16 27.11 -4.42 -68.45
CA VAL KB 16 27.81 -4.63 -67.19
C VAL KB 16 29.06 -5.46 -67.40
N GLU KB 17 28.99 -6.42 -68.32
CA GLU KB 17 30.15 -7.26 -68.60
C GLU KB 17 31.31 -6.44 -69.13
N GLU KB 18 31.04 -5.54 -70.07
CA GLU KB 18 32.09 -4.68 -70.60
C GLU KB 18 32.66 -3.77 -69.52
N ILE KB 19 31.78 -3.15 -68.73
CA ILE KB 19 32.23 -2.23 -67.70
C ILE KB 19 33.13 -2.94 -66.70
N GLN KB 20 32.76 -4.17 -66.32
CA GLN KB 20 33.58 -4.90 -65.35
C GLN KB 20 34.86 -5.42 -65.96
N GLY KB 21 34.85 -5.78 -67.25
CA GLY KB 21 36.07 -6.25 -67.89
C GLY KB 21 37.14 -5.18 -67.96
N ALA KB 22 36.72 -3.92 -68.19
CA ALA KB 22 37.69 -2.82 -68.20
C ALA KB 22 38.46 -2.76 -66.88
N TYR KB 23 37.72 -2.82 -65.77
CA TYR KB 23 38.38 -2.75 -64.47
C TYR KB 23 39.16 -4.02 -64.16
N ASP KB 24 38.74 -5.15 -64.71
CA ASP KB 24 39.55 -6.36 -64.62
C ASP KB 24 40.94 -6.16 -65.21
N THR KB 25 40.99 -5.63 -66.44
CA THR KB 25 42.28 -5.37 -67.07
C THR KB 25 43.10 -4.35 -66.28
N GLU KB 26 42.44 -3.31 -65.80
CA GLU KB 26 43.16 -2.29 -65.03
C GLU KB 26 43.78 -2.88 -63.77
N LEU KB 27 43.03 -3.73 -63.05
CA LEU KB 27 43.56 -4.35 -61.84
C LEU KB 27 44.72 -5.29 -62.16
N ASN KB 28 44.62 -6.04 -63.27
CA ASN KB 28 45.74 -6.90 -63.65
C ASN KB 28 47.00 -6.07 -63.89
N ILE KB 29 46.86 -4.94 -64.59
CA ILE KB 29 48.01 -4.07 -64.85
C ILE KB 29 48.59 -3.57 -63.53
N LEU KB 30 47.73 -3.15 -62.60
CA LEU KB 30 48.23 -2.63 -61.32
C LEU KB 30 48.99 -3.69 -60.54
N LYS KB 31 48.47 -4.92 -60.50
CA LYS KB 31 49.17 -5.98 -59.79
C LYS KB 31 50.51 -6.29 -60.43
N GLU KB 32 50.56 -6.30 -61.77
CA GLU KB 32 51.83 -6.53 -62.43
C GLU KB 32 52.84 -5.44 -62.09
N ASP KB 33 52.39 -4.19 -62.05
CA ASP KB 33 53.28 -3.08 -61.70
C ASP KB 33 53.78 -3.23 -60.27
N ILE KB 34 52.90 -3.63 -59.34
CA ILE KB 34 53.33 -3.81 -57.95
C ILE KB 34 54.39 -4.91 -57.87
N ASP KB 35 54.18 -6.02 -58.58
CA ASP KB 35 55.17 -7.09 -58.57
C ASP KB 35 56.50 -6.63 -59.14
N ASP KB 36 56.47 -5.86 -60.22
CA ASP KB 36 57.73 -5.35 -60.78
C ASP KB 36 58.44 -4.42 -59.81
N THR KB 37 57.68 -3.55 -59.13
CA THR KB 37 58.30 -2.64 -58.17
C THR KB 37 58.94 -3.42 -57.03
N PHE KB 38 58.28 -4.48 -56.56
CA PHE KB 38 58.89 -5.31 -55.52
C PHE KB 38 60.17 -5.97 -56.03
N ASN KB 39 60.14 -6.49 -57.26
CA ASN KB 39 61.33 -7.11 -57.82
C ASN KB 39 62.48 -6.12 -57.93
N GLN KB 40 62.16 -4.83 -58.10
CA GLN KB 40 63.21 -3.82 -58.22
C GLN KB 40 63.96 -3.57 -56.92
N LEU KB 41 63.49 -4.10 -55.79
CA LEU KB 41 64.16 -3.81 -54.52
C LEU KB 41 65.50 -4.53 -54.44
N PHE KB 42 65.55 -5.80 -54.81
CA PHE KB 42 66.76 -6.59 -54.67
C PHE KB 42 67.77 -6.25 -55.75
N VAL KB 43 69.06 -6.43 -55.42
CA VAL KB 43 70.13 -6.05 -56.34
C VAL KB 43 70.08 -6.90 -57.60
N ASP KB 44 69.94 -8.22 -57.43
CA ASP KB 44 70.01 -9.13 -58.57
C ASP KB 44 68.88 -8.88 -59.56
N THR KB 45 67.66 -8.71 -59.06
CA THR KB 45 66.50 -8.61 -59.94
C THR KB 45 66.35 -7.23 -60.56
N ALA KB 46 66.76 -6.17 -59.86
CA ALA KB 46 66.50 -4.82 -60.32
C ALA KB 46 67.19 -4.53 -61.65
N THR KB 47 66.45 -3.91 -62.57
CA THR KB 47 67.02 -3.42 -63.82
C THR KB 47 66.90 -1.91 -63.94
N TRP KB 48 65.70 -1.36 -63.89
CA TRP KB 48 65.53 0.08 -63.99
C TRP KB 48 65.70 0.79 -62.64
N GLY KB 49 65.66 0.03 -61.54
CA GLY KB 49 65.96 0.56 -60.24
C GLY KB 49 67.41 0.44 -59.84
N LEU KB 50 68.26 -0.04 -60.75
CA LEU KB 50 69.69 -0.18 -60.44
C LEU KB 50 70.34 1.17 -60.16
N ASP KB 51 69.96 2.19 -60.94
CA ASP KB 51 70.61 3.49 -60.81
C ASP KB 51 70.40 4.09 -59.43
N MET KB 52 69.33 3.71 -58.75
CA MET KB 52 69.01 4.32 -57.46
C MET KB 52 69.88 3.77 -56.34
N TRP KB 53 70.61 2.68 -56.59
CA TRP KB 53 71.67 2.24 -55.68
C TRP KB 53 72.91 3.11 -55.83
N GLU KB 54 73.17 3.63 -57.03
CA GLU KB 54 74.33 4.48 -57.25
C GLU KB 54 74.30 5.71 -56.35
N ASP KB 55 73.10 6.22 -56.06
CA ASP KB 55 72.97 7.35 -55.14
C ASP KB 55 73.36 6.99 -53.72
N ILE KB 56 73.32 5.71 -53.36
CA ILE KB 56 73.66 5.29 -52.01
C ILE KB 56 75.07 4.73 -51.90
N LEU KB 57 75.68 4.30 -53.01
CA LEU KB 57 77.03 3.76 -52.99
C LEU KB 57 78.04 4.67 -53.68
N CYS KB 58 77.63 5.86 -54.13
CA CYS KB 58 78.52 6.85 -54.70
C CYS KB 58 79.33 6.29 -55.87
N ILE KB 59 78.69 5.45 -56.68
CA ILE KB 59 79.39 4.85 -57.81
C ILE KB 59 79.71 5.91 -58.86
N GLU KB 60 78.72 6.72 -59.23
CA GLU KB 60 78.89 7.84 -60.16
C GLU KB 60 79.64 7.44 -61.42
N LYS KB 61 79.02 6.55 -62.20
CA LYS KB 61 79.56 6.17 -63.49
C LYS KB 61 78.45 5.65 -64.37
N LYS KB 62 78.76 5.53 -65.67
CA LYS KB 62 77.82 5.04 -66.67
C LYS KB 62 78.31 3.70 -67.19
N GLU KB 63 77.41 2.73 -67.27
CA GLU KB 63 77.70 1.43 -67.86
C GLU KB 63 76.53 1.03 -68.74
N LEU KB 64 76.81 0.21 -69.75
CA LEU KB 64 75.78 -0.21 -70.69
C LEU KB 64 75.01 -1.45 -70.24
N ASP KB 65 75.66 -2.38 -69.56
CA ASP KB 65 75.03 -3.64 -69.18
C ASP KB 65 74.59 -3.61 -67.72
N PHE KB 66 73.43 -4.19 -67.44
CA PHE KB 66 72.94 -4.28 -66.08
C PHE KB 66 73.85 -5.16 -65.22
N ASP KB 67 74.35 -6.26 -65.80
CA ASP KB 67 75.16 -7.20 -65.03
C ASP KB 67 76.42 -6.53 -64.50
N THR KB 68 77.08 -5.71 -65.32
CA THR KB 68 78.30 -5.05 -64.88
C THR KB 68 78.00 -4.12 -63.71
N ARG KB 69 76.92 -3.35 -63.79
CA ARG KB 69 76.56 -2.46 -62.69
C ARG KB 69 76.25 -3.26 -61.43
N ARG KB 70 75.53 -4.37 -61.57
CA ARG KB 70 75.27 -5.23 -60.42
C ARG KB 70 76.57 -5.72 -59.78
N SER KB 71 77.53 -6.11 -60.62
CA SER KB 71 78.80 -6.61 -60.10
C SER KB 71 79.59 -5.51 -59.39
N ASN KB 72 79.59 -4.30 -59.96
CA ASN KB 72 80.25 -3.19 -59.28
C ASN KB 72 79.59 -2.86 -57.95
N ILE KB 73 78.25 -2.95 -57.90
CA ILE KB 73 77.54 -2.72 -56.65
C ILE KB 73 77.94 -3.77 -55.62
N LYS KB 74 77.99 -5.03 -56.05
CA LYS KB 74 78.40 -6.11 -55.16
C LYS KB 74 79.83 -5.88 -54.65
N ALA KB 75 80.72 -5.42 -55.53
CA ALA KB 75 82.10 -5.15 -55.14
C ALA KB 75 82.17 -4.03 -54.12
N LYS KB 76 81.51 -2.89 -54.41
CA LYS KB 76 81.54 -1.78 -53.48
C LYS KB 76 80.97 -2.17 -52.13
N MET KB 77 79.96 -3.04 -52.12
CA MET KB 77 79.31 -3.43 -50.88
C MET KB 77 80.02 -4.61 -50.20
N ARG KB 78 80.98 -5.25 -50.87
CA ARG KB 78 81.79 -6.32 -50.29
C ARG KB 78 83.12 -5.81 -49.75
N SER KB 79 83.84 -5.01 -50.55
CA SER KB 79 85.19 -4.55 -50.21
C SER KB 79 85.21 -3.64 -49.00
N ARG KB 80 84.06 -3.14 -48.57
CA ARG KB 80 84.00 -2.30 -47.38
C ARG KB 80 84.36 -3.10 -46.14
N GLY KB 81 84.98 -2.43 -45.17
CA GLY KB 81 85.26 -3.07 -43.90
C GLY KB 81 86.52 -3.91 -43.96
N THR KB 82 86.37 -5.17 -43.57
CA THR KB 82 87.52 -6.06 -43.46
C THR KB 82 88.13 -6.36 -44.83
N SER KB 83 89.46 -6.46 -44.86
CA SER KB 83 90.21 -6.79 -46.08
C SER KB 83 91.22 -7.88 -45.74
N THR KB 84 90.77 -9.14 -45.81
CA THR KB 84 91.59 -10.31 -45.50
C THR KB 84 91.78 -11.15 -46.75
N ILE KB 85 92.51 -12.26 -46.59
CA ILE KB 85 92.82 -13.11 -47.74
C ILE KB 85 91.55 -13.73 -48.31
N GLU KB 86 90.74 -14.34 -47.44
CA GLU KB 86 89.61 -15.11 -47.92
C GLU KB 86 88.51 -14.22 -48.48
N VAL KB 87 88.25 -13.08 -47.84
CA VAL KB 87 87.19 -12.20 -48.33
C VAL KB 87 87.61 -11.54 -49.65
N ILE KB 88 88.88 -11.17 -49.78
CA ILE KB 88 89.36 -10.61 -51.03
C ILE KB 88 89.28 -11.65 -52.14
N LYS KB 89 89.67 -12.88 -51.82
CA LYS KB 89 89.57 -13.95 -52.82
C LYS KB 89 88.11 -14.21 -53.19
N SER KB 90 87.18 -14.05 -52.25
CA SER KB 90 85.77 -14.22 -52.57
C SER KB 90 85.25 -13.09 -53.45
N ILE KB 91 85.74 -11.87 -53.22
CA ILE KB 91 85.38 -10.75 -54.10
C ILE KB 91 85.89 -10.99 -55.51
N CYS KB 92 87.13 -11.49 -55.62
CA CYS KB 92 87.66 -11.84 -56.94
C CYS KB 92 86.86 -12.99 -57.56
N GLU KB 93 86.37 -13.91 -56.73
CA GLU KB 93 85.48 -14.95 -57.22
C GLU KB 93 84.20 -14.36 -57.78
N ALA KB 94 83.62 -13.38 -57.07
CA ALA KB 94 82.39 -12.74 -57.53
C ALA KB 94 82.59 -12.02 -58.86
N TYR KB 95 83.72 -11.32 -59.00
CA TYR KB 95 84.01 -10.64 -60.26
C TYR KB 95 84.25 -11.64 -61.39
N THR KB 96 85.13 -12.61 -61.17
CA THR KB 96 85.50 -13.55 -62.23
C THR KB 96 84.48 -14.66 -62.43
N LYS KB 97 83.49 -14.76 -61.54
CA LYS KB 97 82.45 -15.80 -61.61
C LYS KB 97 83.05 -17.20 -61.56
N SER KB 98 84.17 -17.35 -60.86
CA SER KB 98 84.82 -18.65 -60.71
C SER KB 98 85.62 -18.65 -59.43
N GLU KB 99 85.95 -19.85 -58.95
CA GLU KB 99 86.70 -19.98 -57.71
C GLU KB 99 88.13 -19.48 -57.89
N THR KB 100 88.62 -18.75 -56.90
CA THR KB 100 89.95 -18.16 -56.93
C THR KB 100 90.75 -18.64 -55.72
N ASP KB 101 92.01 -18.99 -55.96
CA ASP KB 101 92.92 -19.46 -54.92
C ASP KB 101 94.11 -18.50 -54.84
N ILE KB 102 94.37 -17.99 -53.64
CA ILE KB 102 95.43 -17.00 -53.43
C ILE KB 102 96.62 -17.70 -52.77
N LYS KB 103 97.77 -17.65 -53.43
CA LYS KB 103 99.02 -18.19 -52.90
C LYS KB 103 99.92 -17.03 -52.51
N VAL KB 104 100.35 -17.00 -51.26
CA VAL KB 104 101.09 -15.88 -50.69
C VAL KB 104 102.54 -16.29 -50.49
N TYR KB 105 103.46 -15.40 -50.86
CA TYR KB 105 104.90 -15.61 -50.70
C TYR KB 105 105.42 -14.53 -49.77
N SER KB 106 105.54 -14.87 -48.48
CA SER KB 106 105.92 -13.88 -47.47
C SER KB 106 107.32 -13.34 -47.72
N ASP KB 107 108.25 -14.22 -48.10
CA ASP KB 107 109.62 -13.77 -48.35
C ASP KB 107 109.69 -12.81 -49.53
N GLU KB 108 108.94 -13.09 -50.59
CA GLU KB 108 108.90 -12.23 -51.76
C GLU KB 108 107.89 -11.10 -51.63
N PHE KB 109 107.07 -11.09 -50.58
CA PHE KB 109 106.03 -10.09 -50.37
C PHE KB 109 105.12 -9.97 -51.60
N THR KB 110 104.74 -11.12 -52.15
CA THR KB 110 103.95 -11.17 -53.37
C THR KB 110 102.88 -12.23 -53.25
N PHE KB 111 101.66 -11.89 -53.68
CA PHE KB 111 100.55 -12.83 -53.72
C PHE KB 111 100.10 -13.00 -55.17
N VAL KB 112 99.62 -14.20 -55.49
CA VAL KB 112 99.15 -14.52 -56.82
C VAL KB 112 97.77 -15.14 -56.70
N LEU KB 113 96.84 -14.70 -57.55
CA LEU KB 113 95.49 -15.24 -57.59
C LEU KB 113 95.39 -16.25 -58.72
N SER KB 114 95.08 -17.50 -58.38
CA SER KB 114 94.87 -18.56 -59.35
C SER KB 114 93.37 -18.87 -59.41
N PHE KB 115 92.82 -18.92 -60.61
CA PHE KB 115 91.38 -19.01 -60.77
C PHE KB 115 91.07 -19.48 -62.19
N ILE KB 116 89.80 -19.37 -62.56
CA ILE KB 116 89.31 -19.73 -63.90
C ILE KB 116 88.78 -18.46 -64.55
N ALA KB 117 89.24 -18.19 -65.77
CA ALA KB 117 88.81 -17.02 -66.53
C ALA KB 117 88.12 -17.43 -67.82
N ASN KB 118 87.36 -18.53 -67.76
CA ASN KB 118 86.61 -18.97 -68.94
C ASN KB 118 85.54 -17.95 -69.30
N ASN KB 119 84.76 -17.51 -68.32
CA ASN KB 119 83.67 -16.56 -68.54
C ASN KB 119 84.02 -15.15 -68.09
N CYS KB 120 85.30 -14.87 -67.82
CA CYS KB 120 85.74 -13.58 -67.32
C CYS KB 120 86.53 -12.87 -68.41
N ASP KB 121 86.07 -11.68 -68.80
CA ASP KB 121 86.79 -10.89 -69.79
C ASP KB 121 88.08 -10.33 -69.20
N TYR KB 122 89.11 -10.22 -70.05
CA TYR KB 122 90.39 -9.72 -69.58
C TYR KB 122 90.28 -8.28 -69.08
N LYS KB 123 89.43 -7.47 -69.70
CA LYS KB 123 89.22 -6.11 -69.21
C LYS KB 123 88.49 -6.09 -67.88
N THR KB 124 87.49 -6.97 -67.72
CA THR KB 124 86.83 -7.11 -66.42
C THR KB 124 87.80 -7.60 -65.36
N LEU KB 125 88.66 -8.56 -65.73
CA LEU KB 125 89.68 -9.03 -64.80
C LEU KB 125 90.65 -7.91 -64.44
N LEU KB 126 90.96 -7.04 -65.40
CA LEU KB 126 91.84 -5.91 -65.10
C LEU KB 126 91.17 -4.91 -64.19
N ASP KB 127 89.86 -4.67 -64.37
CA ASP KB 127 89.13 -3.80 -63.46
C ASP KB 127 89.13 -4.39 -62.04
N CYS KB 128 88.89 -5.69 -61.94
CA CYS KB 128 88.95 -6.36 -60.65
C CYS KB 128 90.35 -6.24 -60.05
N SER KB 129 91.38 -6.39 -60.88
CA SER KB 129 92.76 -6.28 -60.40
C SER KB 129 93.05 -4.88 -59.88
N ASP KB 130 92.54 -3.85 -60.57
CA ASP KB 130 92.76 -2.48 -60.12
C ASP KB 130 92.02 -2.21 -58.80
N MET KB 131 90.78 -2.70 -58.67
CA MET KB 131 90.08 -2.57 -57.40
C MET KB 131 90.82 -3.29 -56.29
N ILE KB 132 91.32 -4.50 -56.58
CA ILE KB 132 92.10 -5.25 -55.60
C ILE KB 132 93.38 -4.50 -55.26
N GLU KB 133 93.97 -3.83 -56.26
CA GLU KB 133 95.16 -3.02 -56.02
C GLU KB 133 94.85 -1.92 -55.02
N ARG KB 134 93.70 -1.25 -55.18
CA ARG KB 134 93.37 -0.18 -54.25
C ARG KB 134 92.84 -0.70 -52.91
N VAL KB 135 92.54 -1.99 -52.79
CA VAL KB 135 92.21 -2.58 -51.49
C VAL KB 135 93.41 -3.34 -50.91
N LYS KB 136 94.23 -3.95 -51.74
CA LYS KB 136 95.38 -4.72 -51.26
C LYS KB 136 96.37 -3.80 -50.55
N PRO KB 137 97.18 -4.36 -49.64
CA PRO KB 137 98.26 -3.57 -49.05
C PRO KB 137 99.23 -3.06 -50.11
N ALA KB 138 99.71 -1.83 -49.91
CA ALA KB 138 100.56 -1.18 -50.91
C ALA KB 138 101.89 -1.91 -51.07
N HIS KB 139 102.52 -2.31 -49.97
CA HIS KB 139 103.83 -2.92 -50.04
C HIS KB 139 103.79 -4.26 -50.76
N LEU KB 140 102.73 -5.04 -50.55
CA LEU KB 140 102.62 -6.33 -51.20
C LEU KB 140 102.45 -6.17 -52.70
N LEU KB 141 102.89 -7.18 -53.44
CA LEU KB 141 102.83 -7.20 -54.89
C LEU KB 141 101.79 -8.21 -55.35
N HIS KB 142 101.03 -7.83 -56.38
CA HIS KB 142 99.95 -8.66 -56.90
C HIS KB 142 100.27 -9.11 -58.32
N TYR KB 143 99.87 -10.35 -58.63
CA TYR KB 143 99.95 -10.88 -59.99
C TYR KB 143 98.68 -11.62 -60.29
N LEU KB 144 98.17 -11.44 -61.51
CA LEU KB 144 96.98 -12.14 -61.97
C LEU KB 144 97.38 -13.39 -62.75
N GLU KB 145 96.79 -14.52 -62.39
CA GLU KB 145 97.11 -15.81 -63.01
C GLU KB 145 95.80 -16.45 -63.45
N PRO KB 146 95.21 -15.97 -64.55
CA PRO KB 146 93.98 -16.61 -65.06
C PRO KB 146 94.32 -17.93 -65.74
N ILE KB 147 93.63 -18.99 -65.32
CA ILE KB 147 93.81 -20.31 -65.88
C ILE KB 147 92.52 -20.66 -66.63
N ILE KB 148 92.55 -20.52 -67.95
CA ILE KB 148 91.37 -20.77 -68.76
C ILE KB 148 91.15 -22.27 -68.91
#